data_8HC1
#
_entry.id   8HC1
#
_cell.length_a   1.00
_cell.length_b   1.00
_cell.length_c   1.00
_cell.angle_alpha   90.00
_cell.angle_beta   90.00
_cell.angle_gamma   90.00
#
_symmetry.space_group_name_H-M   'P 1'
#
loop_
_entity.id
_entity.type
_entity.pdbx_description
1 polymer 'Urease subunit alpha'
2 polymer 'Urease subunit beta'
3 polymer 'Urease accessory protein UreH'
4 polymer 'Urease accessory protein UreF'
#
loop_
_entity_poly.entity_id
_entity_poly.type
_entity_poly.pdbx_seq_one_letter_code
_entity_poly.pdbx_strand_id
1 'polypeptide(L)'
;MKLTPKELDKLMLHYAGELAKKRKEKGIKLNYVEAVALISAHIMEEARAGKKTAAELMQEGRTLLKPDDVMDGVASMIHE
VGIEAMFPDGTKLVTVHTPIEANGKLVPGELFLKNEDITINEGKKAVSVKVKNVGDRPVQIGSHFHFFEVNRCLDFDREK
TFGKRLDIASGTAVRFEPGEEKSVELIDIGGNRRIFGFNALVDRQADNESKKIALHRAKERGFHGAKSDDNYVKTIKE
;
A,E,I,M,Q,U,Y,c,g,k,o,s
2 'polypeptide(L)'
;MKKISRKEYVSMYGPTTGDKVRLGDTDLIAEVEHDYTIYGEELKFGGGKTLREGMSQSNNPSKEELDLIITNALIVDYTG
IYKADIGIKDGKIAGIGKGGNKDMQDGVKNNLSVGPATEALAGEGLIVTAGGIDTHIHFISPQQIPTAFASGVTTMIGGG
TGPADGTNATTITPGRRNLKWMLRAAEEYSMNLGFLAKGNASNDASLADQIEAGAIGFKIHEDWGTTPSAINHALDVADK
YDVQVAIHTDTLNEAGCVEDTMAAIAGRTMHTFHTEGAGGGHAPDIIKVAGEHNILPASTNPTIPFTVNTEAEHMDMLMV
CHHLDKSIKEDVQFADSRIRPQTIAAEDTLHDMGIFSITSSDSQAMGRVGEVITRTWQTADKNKKEFGRLKEEKGDNDNF
RIKRYLSKYTINPAIAHGISEYVGSVEVGKVADLVLWSPAFFGVKPNMIIKGGFIALSQMGDANASIPTPQPVYYREMFA
HHGKAKYDANITFVSQAAYDKGIKEELGLERQVLPVKNCRNITKKDMQFNDTTAHIEVNPETYHVFVDGKEVTSKPANKV
SLAQLFSIF
;
B,F,J,N,R,V,Z,d,h,l,p,t
3 'polypeptide(L)'
;MNTYAQESKLRLKTKIGADGRCVIEDNFFTPPFKLMAPFYPKDDLAEIMLLAVSPGMMRGDAQDVQLNIGPNCKLRITSQ
SFEKIHNTEDGFASRDMHIVVGENAFLDFAPFPLIPFENAHFKGNTTISLRSSSQLLYSAIIVAGRVARNELFKFNRLHT
KISILQDEKPIYYDNTILDPKTTDLNNMCMFDGYTHYLNLVLVNCPIELSGVRECIEESEGVDGAVSETASSHLCVKALA
KGSEPLLHLREKIARLVTQTTTQKVWSHPQFEK
;
C,G,K,O,S,W,a,e,i,m,q,u
4 'polypeptide(L)'
;MDKGKSVKSTEKSVGMPPKTPKTDNNAHVDNEFLILQVNDAVFPIGSYTHSFGLETYIQQKKVTNKESALEYLKANLSSQ
FLYTEMLSLKLTYESALQQDLKKILGVEEVIMLSTSPMELRLANQKLGNRFIKTLQAMNELDMGEFFNAYAQKTKDPTHA
TSYGVFAASLGIELKKALAHYLDAQTSNMVINCVKSVPLSQNDGQKILLSLQSPFNQLIEKTLELDESHLCTASVQNDIK
AMQHESLYSRLYMS
;
D,H,L,P,T,X,b,f,j,n,r,v
#
# COMPACT_ATOMS: atom_id res chain seq x y z
N MET A 1 3.42 -59.81 12.24
CA MET A 1 4.81 -60.00 11.80
C MET A 1 5.35 -58.72 11.21
N LYS A 2 5.61 -57.73 12.07
CA LYS A 2 5.97 -56.39 11.61
C LYS A 2 7.17 -56.44 10.66
N LEU A 3 6.93 -56.13 9.40
CA LEU A 3 7.94 -56.27 8.35
C LEU A 3 8.51 -54.91 8.02
N THR A 4 9.81 -54.82 8.04
CA THR A 4 10.48 -53.58 7.70
C THR A 4 10.70 -53.50 6.19
N PRO A 5 10.93 -52.30 5.67
CA PRO A 5 11.23 -52.18 4.23
C PRO A 5 12.43 -52.99 3.81
N LYS A 6 13.43 -53.11 4.69
CA LYS A 6 14.57 -53.97 4.39
C LYS A 6 14.12 -55.42 4.22
N GLU A 7 13.24 -55.90 5.09
CA GLU A 7 12.76 -57.27 4.97
C GLU A 7 11.96 -57.47 3.68
N LEU A 8 11.16 -56.47 3.30
CA LEU A 8 10.42 -56.60 2.05
C LEU A 8 11.36 -56.66 0.84
N ASP A 9 12.41 -55.83 0.84
CA ASP A 9 13.39 -55.87 -0.22
C ASP A 9 14.10 -57.22 -0.27
N LYS A 10 14.49 -57.75 0.90
CA LYS A 10 15.15 -59.04 0.92
C LYS A 10 14.23 -60.15 0.45
N LEU A 11 12.93 -60.05 0.74
CA LEU A 11 11.99 -61.05 0.24
C LEU A 11 11.91 -61.01 -1.28
N MET A 12 11.85 -59.81 -1.85
CA MET A 12 11.88 -59.70 -3.30
C MET A 12 13.15 -60.30 -3.89
N LEU A 13 14.30 -60.02 -3.25
CA LEU A 13 15.56 -60.56 -3.74
C LEU A 13 15.58 -62.08 -3.63
N HIS A 14 15.06 -62.63 -2.54
CA HIS A 14 15.03 -64.08 -2.40
C HIS A 14 14.19 -64.72 -3.48
N TYR A 15 13.07 -64.10 -3.84
CA TYR A 15 12.24 -64.74 -4.85
C TYR A 15 12.78 -64.52 -6.26
N ALA A 16 13.51 -63.43 -6.49
CA ALA A 16 14.28 -63.34 -7.72
C ALA A 16 15.32 -64.45 -7.81
N GLY A 17 15.99 -64.74 -6.70
CA GLY A 17 16.93 -65.85 -6.69
C GLY A 17 16.25 -67.19 -6.90
N GLU A 18 15.05 -67.36 -6.36
CA GLU A 18 14.30 -68.59 -6.57
C GLU A 18 13.93 -68.75 -8.04
N LEU A 19 13.51 -67.67 -8.69
CA LEU A 19 13.23 -67.72 -10.12
C LEU A 19 14.48 -68.09 -10.91
N ALA A 20 15.62 -67.50 -10.55
CA ALA A 20 16.87 -67.84 -11.22
C ALA A 20 17.22 -69.30 -11.04
N LYS A 21 17.02 -69.83 -9.82
CA LYS A 21 17.31 -71.23 -9.56
C LYS A 21 16.42 -72.15 -10.37
N LYS A 22 15.13 -71.80 -10.48
CA LYS A 22 14.22 -72.61 -11.28
C LYS A 22 14.63 -72.60 -12.75
N ARG A 23 15.03 -71.44 -13.27
CA ARG A 23 15.49 -71.39 -14.65
C ARG A 23 16.75 -72.22 -14.84
N LYS A 24 17.67 -72.17 -13.89
CA LYS A 24 18.89 -72.97 -13.98
C LYS A 24 18.56 -74.46 -13.96
N GLU A 25 17.58 -74.86 -13.16
CA GLU A 25 17.15 -76.26 -13.18
C GLU A 25 16.53 -76.63 -14.52
N LYS A 26 15.74 -75.74 -15.10
CA LYS A 26 15.20 -75.96 -16.44
C LYS A 26 16.31 -76.04 -17.48
N GLY A 27 17.49 -75.49 -17.19
CA GLY A 27 18.58 -75.54 -18.12
C GLY A 27 18.81 -74.28 -18.91
N ILE A 28 18.10 -73.20 -18.60
CA ILE A 28 18.34 -71.92 -19.24
C ILE A 28 19.62 -71.33 -18.71
N LYS A 29 20.49 -70.87 -19.60
CA LYS A 29 21.72 -70.20 -19.19
C LYS A 29 21.37 -68.86 -18.55
N LEU A 30 21.88 -68.63 -17.36
CA LEU A 30 21.48 -67.44 -16.60
C LEU A 30 22.13 -66.19 -17.17
N ASN A 31 21.43 -65.08 -17.05
CA ASN A 31 21.96 -63.79 -17.43
C ASN A 31 22.54 -63.09 -16.21
N TYR A 32 22.90 -61.82 -16.36
CA TYR A 32 23.56 -61.09 -15.30
C TYR A 32 22.67 -60.98 -14.06
N VAL A 33 21.42 -60.57 -14.26
CA VAL A 33 20.51 -60.37 -13.14
C VAL A 33 20.24 -61.68 -12.43
N GLU A 34 19.99 -62.74 -13.21
CA GLU A 34 19.70 -64.04 -12.61
C GLU A 34 20.88 -64.56 -11.81
N ALA A 35 22.09 -64.41 -12.35
CA ALA A 35 23.26 -64.89 -11.65
C ALA A 35 23.45 -64.16 -10.33
N VAL A 36 23.34 -62.83 -10.36
CA VAL A 36 23.53 -62.06 -9.14
C VAL A 36 22.47 -62.43 -8.10
N ALA A 37 21.22 -62.53 -8.55
CA ALA A 37 20.14 -62.89 -7.63
C ALA A 37 20.35 -64.27 -7.04
N LEU A 38 20.79 -65.23 -7.86
CA LEU A 38 20.97 -66.59 -7.38
C LEU A 38 22.04 -66.64 -6.30
N ILE A 39 23.18 -65.98 -6.54
CA ILE A 39 24.25 -65.99 -5.56
C ILE A 39 23.78 -65.32 -4.26
N SER A 40 23.14 -64.16 -4.37
CA SER A 40 22.71 -63.45 -3.17
C SER A 40 21.69 -64.24 -2.37
N ALA A 41 20.71 -64.84 -3.05
CA ALA A 41 19.70 -65.61 -2.34
C ALA A 41 20.29 -66.83 -1.66
N HIS A 42 21.24 -67.50 -2.33
CA HIS A 42 21.87 -68.65 -1.70
C HIS A 42 22.63 -68.24 -0.45
N ILE A 43 23.36 -67.13 -0.50
CA ILE A 43 24.09 -66.67 0.68
C ILE A 43 23.12 -66.36 1.81
N MET A 44 22.02 -65.68 1.49
CA MET A 44 21.04 -65.33 2.52
C MET A 44 20.47 -66.59 3.18
N GLU A 45 20.13 -67.60 2.38
CA GLU A 45 19.56 -68.81 2.95
C GLU A 45 20.57 -69.54 3.83
N GLU A 46 21.84 -69.60 3.40
CA GLU A 46 22.86 -70.26 4.22
C GLU A 46 23.05 -69.53 5.54
N ALA A 47 23.11 -68.20 5.51
CA ALA A 47 23.25 -67.45 6.75
C ALA A 47 22.07 -67.67 7.67
N ARG A 48 20.86 -67.72 7.11
CA ARG A 48 19.69 -68.01 7.93
C ARG A 48 19.80 -69.39 8.56
N ALA A 49 20.27 -70.37 7.81
CA ALA A 49 20.48 -71.70 8.37
C ALA A 49 21.46 -71.63 9.55
N GLY A 50 22.50 -70.82 9.43
CA GLY A 50 23.34 -70.54 10.57
C GLY A 50 24.38 -71.58 10.89
N LYS A 51 24.66 -72.51 9.99
CA LYS A 51 25.71 -73.50 10.21
C LYS A 51 27.06 -73.06 9.68
N LYS A 52 27.13 -71.93 8.98
CA LYS A 52 28.34 -71.47 8.34
C LYS A 52 28.70 -70.08 8.85
N THR A 53 29.98 -69.75 8.74
CA THR A 53 30.46 -68.42 9.07
C THR A 53 30.49 -67.55 7.81
N ALA A 54 30.76 -66.26 8.01
CA ALA A 54 30.84 -65.36 6.88
C ALA A 54 31.98 -65.74 5.94
N ALA A 55 33.10 -66.19 6.49
CA ALA A 55 34.21 -66.66 5.66
C ALA A 55 33.81 -67.89 4.86
N GLU A 56 33.12 -68.83 5.49
CA GLU A 56 32.66 -70.01 4.78
C GLU A 56 31.70 -69.63 3.65
N LEU A 57 30.83 -68.65 3.91
CA LEU A 57 29.90 -68.22 2.87
C LEU A 57 30.63 -67.51 1.73
N MET A 58 31.64 -66.72 2.06
CA MET A 58 32.43 -66.08 1.01
C MET A 58 33.10 -67.11 0.13
N GLN A 59 33.61 -68.18 0.73
CA GLN A 59 34.18 -69.27 -0.06
C GLN A 59 33.11 -69.98 -0.88
N GLU A 60 31.95 -70.25 -0.28
CA GLU A 60 30.94 -71.08 -0.93
C GLU A 60 30.24 -70.36 -2.07
N GLY A 61 30.12 -69.04 -2.00
CA GLY A 61 29.46 -68.30 -3.06
C GLY A 61 30.15 -68.41 -4.40
N ARG A 62 31.43 -68.75 -4.42
CA ARG A 62 32.18 -68.85 -5.66
C ARG A 62 32.03 -70.22 -6.33
N THR A 63 31.29 -71.13 -5.72
CA THR A 63 31.11 -72.46 -6.28
C THR A 63 29.71 -72.70 -6.82
N LEU A 64 28.83 -71.70 -6.76
CA LEU A 64 27.43 -71.92 -7.11
C LEU A 64 27.25 -72.04 -8.62
N LEU A 65 27.91 -71.20 -9.39
CA LEU A 65 27.70 -71.11 -10.83
C LEU A 65 28.95 -71.53 -11.57
N LYS A 66 28.81 -72.49 -12.46
CA LYS A 66 29.89 -72.86 -13.36
C LYS A 66 29.90 -71.91 -14.55
N PRO A 67 31.04 -71.82 -15.25
CA PRO A 67 31.08 -70.95 -16.44
C PRO A 67 30.07 -71.33 -17.51
N ASP A 68 29.68 -72.60 -17.57
CA ASP A 68 28.70 -73.04 -18.56
C ASP A 68 27.26 -72.84 -18.12
N ASP A 69 27.04 -72.37 -16.90
CA ASP A 69 25.69 -72.13 -16.41
C ASP A 69 25.18 -70.74 -16.72
N VAL A 70 26.03 -69.86 -17.27
CA VAL A 70 25.65 -68.47 -17.49
C VAL A 70 25.92 -68.11 -18.95
N MET A 71 25.25 -67.06 -19.39
CA MET A 71 25.44 -66.57 -20.75
C MET A 71 26.83 -65.93 -20.88
N ASP A 72 27.25 -65.74 -22.12
CA ASP A 72 28.55 -65.13 -22.38
C ASP A 72 28.53 -63.66 -21.97
N GLY A 73 29.56 -63.25 -21.21
CA GLY A 73 29.68 -61.91 -20.72
C GLY A 73 29.24 -61.72 -19.28
N VAL A 74 28.46 -62.66 -18.74
CA VAL A 74 27.99 -62.52 -17.37
C VAL A 74 29.15 -62.56 -16.39
N ALA A 75 30.09 -63.48 -16.61
CA ALA A 75 31.22 -63.60 -15.69
C ALA A 75 32.09 -62.36 -15.72
N SER A 76 32.27 -61.77 -16.90
CA SER A 76 33.00 -60.51 -16.99
C SER A 76 32.26 -59.38 -16.29
N MET A 77 30.92 -59.35 -16.42
CA MET A 77 30.17 -58.26 -15.85
C MET A 77 30.11 -58.34 -14.33
N ILE A 78 30.09 -59.54 -13.76
CA ILE A 78 29.97 -59.71 -12.32
C ILE A 78 31.36 -59.71 -11.70
N HIS A 79 31.69 -58.64 -10.97
CA HIS A 79 32.98 -58.56 -10.31
C HIS A 79 32.89 -59.02 -8.86
N GLU A 80 31.89 -58.54 -8.13
CA GLU A 80 31.66 -59.01 -6.77
C GLU A 80 30.19 -58.83 -6.43
N VAL A 81 29.69 -59.76 -5.62
CA VAL A 81 28.33 -59.72 -5.13
C VAL A 81 28.38 -59.52 -3.62
N GLY A 82 27.87 -58.40 -3.17
CA GLY A 82 27.73 -58.14 -1.75
C GLY A 82 26.31 -58.39 -1.32
N ILE A 83 26.14 -58.89 -0.10
CA ILE A 83 24.81 -59.14 0.44
C ILE A 83 24.89 -59.08 1.95
N GLU A 84 23.98 -58.32 2.57
CA GLU A 84 23.92 -58.23 4.01
C GLU A 84 22.99 -59.31 4.52
N ALA A 85 23.56 -60.30 5.20
CA ALA A 85 22.83 -61.47 5.65
C ALA A 85 22.75 -61.48 7.17
N MET A 86 21.62 -61.93 7.69
CA MET A 86 21.37 -61.97 9.12
C MET A 86 21.86 -63.30 9.67
N PHE A 87 22.99 -63.29 10.35
CA PHE A 87 23.56 -64.47 10.98
C PHE A 87 23.03 -64.62 12.38
N PRO A 88 23.33 -65.71 13.08
CA PRO A 88 22.96 -65.80 14.50
C PRO A 88 23.58 -64.71 15.34
N ASP A 89 24.66 -64.09 14.89
CA ASP A 89 25.31 -63.01 15.61
C ASP A 89 25.14 -61.67 14.89
N GLY A 90 23.98 -61.45 14.30
CA GLY A 90 23.64 -60.17 13.72
C GLY A 90 23.84 -60.13 12.22
N THR A 91 23.65 -58.93 11.68
CA THR A 91 23.76 -58.71 10.24
C THR A 91 25.20 -58.47 9.86
N LYS A 92 25.68 -59.23 8.88
CA LYS A 92 27.05 -59.12 8.39
C LYS A 92 27.02 -59.04 6.87
N LEU A 93 27.98 -58.30 6.32
CA LEU A 93 28.10 -58.16 4.87
C LEU A 93 29.00 -59.27 4.34
N VAL A 94 28.43 -60.15 3.53
CA VAL A 94 29.16 -61.20 2.86
C VAL A 94 29.47 -60.71 1.45
N THR A 95 30.74 -60.69 1.09
CA THR A 95 31.18 -60.27 -0.24
C THR A 95 31.83 -61.44 -0.95
N VAL A 96 31.31 -61.78 -2.12
CA VAL A 96 31.86 -62.85 -2.95
C VAL A 96 32.51 -62.20 -4.15
N HIS A 97 33.82 -62.36 -4.29
CA HIS A 97 34.55 -61.75 -5.40
CA HIS A 97 34.55 -61.75 -5.40
C HIS A 97 34.73 -62.77 -6.51
N THR A 98 34.56 -62.30 -7.75
CA THR A 98 34.64 -63.10 -8.97
C THR A 98 33.94 -64.45 -8.80
N PRO A 99 32.63 -64.46 -8.55
CA PRO A 99 31.93 -65.73 -8.31
C PRO A 99 31.91 -66.66 -9.51
N ILE A 100 32.09 -66.16 -10.72
CA ILE A 100 32.06 -66.97 -11.93
C ILE A 100 33.33 -66.74 -12.72
N GLU A 101 33.93 -67.83 -13.20
CA GLU A 101 35.13 -67.72 -14.02
C GLU A 101 34.77 -67.22 -15.42
N ALA A 102 35.57 -66.29 -15.93
CA ALA A 102 35.29 -65.71 -17.23
C ALA A 102 35.61 -66.70 -18.34
N ASN A 103 34.66 -66.86 -19.27
CA ASN A 103 34.90 -67.71 -20.43
C ASN A 103 35.80 -67.02 -21.46
N GLY A 104 35.75 -65.70 -21.51
CA GLY A 104 36.59 -64.93 -22.42
C GLY A 104 36.02 -64.69 -23.79
N LYS A 105 34.88 -65.30 -24.12
CA LYS A 105 34.30 -65.11 -25.45
C LYS A 105 33.87 -63.67 -25.67
N LEU A 106 32.92 -63.19 -24.89
CA LEU A 106 32.39 -61.84 -25.03
C LEU A 106 32.61 -61.08 -23.74
N VAL A 107 33.18 -59.89 -23.86
CA VAL A 107 33.44 -59.02 -22.72
C VAL A 107 32.70 -57.71 -22.94
N PRO A 108 31.53 -57.53 -22.34
CA PRO A 108 30.82 -56.26 -22.47
C PRO A 108 31.63 -55.11 -21.90
N GLY A 109 31.63 -54.00 -22.63
CA GLY A 109 32.35 -52.82 -22.18
C GLY A 109 33.84 -52.99 -22.06
N GLU A 110 34.43 -53.90 -22.84
CA GLU A 110 35.85 -54.16 -22.71
C GLU A 110 36.68 -53.04 -23.33
N LEU A 111 37.87 -52.85 -22.80
CA LEU A 111 38.78 -51.81 -23.24
C LEU A 111 39.76 -52.37 -24.25
N PHE A 112 40.00 -51.61 -25.32
CA PHE A 112 41.02 -51.94 -26.31
C PHE A 112 42.10 -50.87 -26.20
N LEU A 113 43.07 -51.11 -25.33
CA LEU A 113 44.08 -50.12 -25.01
C LEU A 113 45.21 -50.14 -26.03
N LYS A 114 45.84 -48.97 -26.19
CA LYS A 114 47.07 -48.89 -26.95
C LYS A 114 48.21 -49.49 -26.16
N ASN A 115 49.23 -49.96 -26.86
CA ASN A 115 50.43 -50.49 -26.19
C ASN A 115 51.50 -49.41 -26.06
N GLU A 116 51.13 -48.28 -25.47
CA GLU A 116 52.05 -47.17 -25.28
C GLU A 116 51.87 -46.62 -23.87
N ASP A 117 52.98 -46.37 -23.19
CA ASP A 117 52.94 -45.92 -21.81
C ASP A 117 52.58 -44.45 -21.73
N ILE A 118 51.93 -44.07 -20.63
CA ILE A 118 51.54 -42.69 -20.38
C ILE A 118 52.66 -42.03 -19.59
N THR A 119 53.16 -40.91 -20.11
CA THR A 119 54.20 -40.15 -19.43
C THR A 119 53.55 -39.06 -18.60
N ILE A 120 53.58 -39.20 -17.30
CA ILE A 120 52.95 -38.25 -16.40
C ILE A 120 53.98 -37.21 -15.97
N ASN A 121 53.50 -36.03 -15.60
CA ASN A 121 54.35 -34.93 -15.16
C ASN A 121 55.44 -34.63 -16.17
N GLU A 122 55.07 -34.65 -17.45
CA GLU A 122 56.02 -34.41 -18.51
C GLU A 122 56.55 -32.99 -18.45
N GLY A 123 57.85 -32.84 -18.69
CA GLY A 123 58.50 -31.55 -18.63
C GLY A 123 58.90 -31.10 -17.25
N LYS A 124 58.73 -31.95 -16.23
CA LYS A 124 59.10 -31.63 -14.86
C LYS A 124 60.26 -32.52 -14.45
N LYS A 125 61.35 -31.90 -13.98
CA LYS A 125 62.52 -32.64 -13.56
C LYS A 125 62.37 -33.04 -12.10
N ALA A 126 62.70 -34.29 -11.79
CA ALA A 126 62.50 -34.86 -10.47
C ALA A 126 63.82 -34.93 -9.73
N VAL A 127 63.81 -34.53 -8.46
CA VAL A 127 64.94 -34.69 -7.58
C VAL A 127 64.68 -35.86 -6.66
N SER A 128 65.76 -36.47 -6.17
CA SER A 128 65.66 -37.64 -5.30
C SER A 128 66.01 -37.25 -3.87
N VAL A 129 65.21 -37.72 -2.93
CA VAL A 129 65.36 -37.40 -1.52
C VAL A 129 65.24 -38.69 -0.72
N LYS A 130 66.13 -38.87 0.25
CA LYS A 130 66.08 -40.02 1.15
C LYS A 130 65.28 -39.67 2.38
N VAL A 131 64.26 -40.48 2.67
CA VAL A 131 63.33 -40.23 3.77
C VAL A 131 63.38 -41.41 4.72
N LYS A 132 63.56 -41.14 6.00
CA LYS A 132 63.49 -42.15 7.05
C LYS A 132 62.29 -41.89 7.94
N ASN A 133 61.56 -42.95 8.26
CA ASN A 133 60.43 -42.87 9.17
C ASN A 133 60.95 -43.25 10.56
N VAL A 134 61.19 -42.24 11.40
CA VAL A 134 61.66 -42.49 12.76
C VAL A 134 60.51 -42.63 13.75
N GLY A 135 59.26 -42.57 13.27
CA GLY A 135 58.12 -42.81 14.11
C GLY A 135 57.84 -44.29 14.27
N ASP A 136 56.77 -44.58 15.01
CA ASP A 136 56.40 -45.95 15.32
C ASP A 136 55.27 -46.48 14.44
N ARG A 137 54.73 -45.66 13.53
CA ARG A 137 53.64 -46.09 12.68
C ARG A 137 53.98 -45.80 11.22
N PRO A 138 53.45 -46.59 10.30
CA PRO A 138 53.66 -46.28 8.88
C PRO A 138 52.96 -44.99 8.48
N VAL A 139 53.53 -44.33 7.48
CA VAL A 139 53.03 -43.04 7.02
C VAL A 139 52.81 -43.12 5.52
N GLN A 140 51.61 -42.77 5.08
CA GLN A 140 51.28 -42.74 3.66
C GLN A 140 51.19 -41.31 3.19
N ILE A 141 51.86 -41.00 2.08
CA ILE A 141 51.88 -39.67 1.51
C ILE A 141 51.26 -39.73 0.13
N GLY A 142 50.30 -38.85 -0.13
CA GLY A 142 49.65 -38.79 -1.42
C GLY A 142 50.48 -38.10 -2.47
N SER A 143 50.05 -38.26 -3.71
CA SER A 143 50.79 -37.72 -4.85
C SER A 143 50.83 -36.20 -4.85
N HIS A 144 49.89 -35.55 -4.19
CA HIS A 144 49.78 -34.09 -4.27
C HIS A 144 49.92 -33.42 -2.92
N PHE A 145 50.34 -34.14 -1.89
CA PHE A 145 50.66 -33.51 -0.62
C PHE A 145 51.97 -32.73 -0.76
N HIS A 146 51.99 -31.52 -0.21
CA HIS A 146 53.21 -30.73 -0.18
C HIS A 146 54.23 -31.44 0.70
N PHE A 147 55.26 -32.02 0.09
CA PHE A 147 56.12 -32.93 0.82
C PHE A 147 56.89 -32.25 1.93
N PHE A 148 57.06 -30.93 1.87
CA PHE A 148 57.74 -30.22 2.94
C PHE A 148 57.02 -30.35 4.27
N GLU A 149 55.70 -30.49 4.24
CA GLU A 149 54.88 -30.42 5.45
C GLU A 149 54.38 -31.79 5.91
N VAL A 150 55.00 -32.87 5.46
CA VAL A 150 54.56 -34.21 5.83
C VAL A 150 54.83 -34.43 7.32
N ASN A 151 54.30 -35.53 7.85
CA ASN A 151 54.46 -35.92 9.24
C ASN A 151 55.86 -35.62 9.75
N ARG A 152 55.93 -34.97 10.92
CA ARG A 152 57.21 -34.57 11.47
C ARG A 152 58.04 -35.76 11.93
N CYS A 153 57.46 -36.95 12.01
CA CYS A 153 58.24 -38.15 12.29
C CYS A 153 59.03 -38.64 11.09
N LEU A 154 58.79 -38.09 9.90
CA LEU A 154 59.63 -38.39 8.76
C LEU A 154 60.87 -37.52 8.79
N ASP A 155 62.02 -38.11 8.53
CA ASP A 155 63.30 -37.42 8.59
C ASP A 155 63.90 -37.34 7.19
N PHE A 156 64.16 -36.12 6.74
CA PHE A 156 64.75 -35.87 5.43
C PHE A 156 65.10 -34.39 5.37
N ASP A 157 65.86 -34.02 4.34
CA ASP A 157 66.25 -32.63 4.14
C ASP A 157 65.05 -31.85 3.62
N ARG A 158 64.32 -31.21 4.54
CA ARG A 158 63.10 -30.50 4.16
C ARG A 158 63.38 -29.32 3.25
N GLU A 159 64.56 -28.71 3.39
CA GLU A 159 64.94 -27.60 2.52
C GLU A 159 64.94 -28.03 1.06
N LYS A 160 65.38 -29.25 0.78
CA LYS A 160 65.40 -29.73 -0.59
C LYS A 160 63.99 -29.95 -1.13
N THR A 161 63.02 -30.20 -0.25
CA THR A 161 61.69 -30.59 -0.67
C THR A 161 60.66 -29.48 -0.55
N PHE A 162 61.05 -28.29 -0.10
CA PHE A 162 60.11 -27.19 -0.09
C PHE A 162 59.57 -26.91 -1.49
N GLY A 163 58.25 -26.80 -1.61
CA GLY A 163 57.62 -26.51 -2.89
C GLY A 163 57.47 -27.69 -3.81
N LYS A 164 57.62 -28.91 -3.31
CA LYS A 164 57.61 -30.10 -4.16
C LYS A 164 56.59 -31.10 -3.66
N ARG A 165 56.26 -32.03 -4.55
CA ARG A 165 55.34 -33.12 -4.27
C ARG A 165 55.90 -34.39 -4.87
N LEU A 166 55.33 -35.53 -4.48
CA LEU A 166 55.79 -36.81 -4.98
C LEU A 166 55.52 -36.92 -6.48
N ASP A 167 56.46 -37.55 -7.19
CA ASP A 167 56.33 -37.76 -8.64
C ASP A 167 55.80 -39.16 -8.91
N ILE A 168 54.52 -39.33 -8.58
CA ILE A 168 53.83 -40.59 -8.75
C ILE A 168 52.50 -40.31 -9.44
N ALA A 169 51.82 -41.39 -9.84
CA ALA A 169 50.51 -41.24 -10.45
C ALA A 169 49.56 -40.59 -9.45
N SER A 170 48.84 -39.57 -9.91
CA SER A 170 47.94 -38.84 -9.03
C SER A 170 46.87 -39.77 -8.49
N GLY A 171 46.64 -39.70 -7.19
CA GLY A 171 45.73 -40.59 -6.51
C GLY A 171 46.41 -41.79 -5.87
N THR A 172 47.65 -42.08 -6.23
CA THR A 172 48.40 -43.12 -5.56
C THR A 172 49.14 -42.54 -4.37
N ALA A 173 49.74 -43.42 -3.57
CA ALA A 173 50.41 -43.00 -2.35
C ALA A 173 51.68 -43.80 -2.17
N VAL A 174 52.61 -43.22 -1.40
CA VAL A 174 53.86 -43.86 -1.03
C VAL A 174 53.83 -44.12 0.46
N ARG A 175 54.14 -45.35 0.86
CA ARG A 175 54.11 -45.75 2.25
C ARG A 175 55.52 -45.88 2.79
N PHE A 176 55.77 -45.25 3.93
CA PHE A 176 57.03 -45.34 4.65
C PHE A 176 56.75 -46.13 5.92
N GLU A 177 57.30 -47.34 6.01
CA GLU A 177 57.17 -48.13 7.21
C GLU A 177 58.08 -47.59 8.30
N PRO A 178 57.74 -47.81 9.57
CA PRO A 178 58.59 -47.30 10.65
C PRO A 178 59.99 -47.87 10.56
N GLY A 179 60.98 -47.01 10.79
CA GLY A 179 62.37 -47.41 10.72
C GLY A 179 62.90 -47.54 9.30
N GLU A 180 62.00 -47.75 8.35
CA GLU A 180 62.41 -47.95 6.96
C GLU A 180 62.86 -46.63 6.34
N GLU A 181 63.89 -46.71 5.52
CA GLU A 181 64.40 -45.56 4.77
C GLU A 181 64.17 -45.79 3.29
N LYS A 182 63.53 -44.82 2.63
CA LYS A 182 63.22 -44.91 1.21
C LYS A 182 63.76 -43.68 0.50
N SER A 183 63.97 -43.82 -0.80
CA SER A 183 64.31 -42.71 -1.67
C SER A 183 63.11 -42.41 -2.55
N VAL A 184 62.69 -41.15 -2.56
CA VAL A 184 61.51 -40.74 -3.31
C VAL A 184 61.92 -39.67 -4.32
N GLU A 185 61.12 -39.55 -5.37
CA GLU A 185 61.33 -38.54 -6.40
C GLU A 185 60.32 -37.42 -6.22
N LEU A 186 60.78 -36.18 -6.24
CA LEU A 186 59.93 -35.04 -6.02
C LEU A 186 60.00 -34.08 -7.20
N ILE A 187 58.87 -33.46 -7.51
CA ILE A 187 58.75 -32.53 -8.61
C ILE A 187 58.11 -31.26 -8.09
N ASP A 188 58.38 -30.15 -8.77
CA ASP A 188 57.84 -28.87 -8.33
C ASP A 188 56.32 -28.87 -8.40
N ILE A 189 55.70 -28.24 -7.41
CA ILE A 189 54.25 -28.04 -7.45
C ILE A 189 53.94 -27.04 -8.55
N GLY A 190 52.94 -27.33 -9.37
CA GLY A 190 52.61 -26.51 -10.51
C GLY A 190 51.61 -25.42 -10.17
N GLY A 191 51.09 -24.80 -11.22
CA GLY A 191 50.10 -23.76 -11.05
C GLY A 191 50.67 -22.51 -10.43
N ASN A 192 49.85 -21.84 -9.62
CA ASN A 192 50.26 -20.64 -8.92
C ASN A 192 51.28 -20.91 -7.83
N ARG A 193 51.47 -22.18 -7.45
CA ARG A 193 52.39 -22.56 -6.37
C ARG A 193 52.03 -21.84 -5.07
N ARG A 194 50.75 -21.75 -4.79
CA ARG A 194 50.26 -21.20 -3.52
C ARG A 194 49.92 -22.36 -2.61
N ILE A 195 50.67 -22.51 -1.53
CA ILE A 195 50.46 -23.61 -0.60
C ILE A 195 49.58 -23.11 0.53
N PHE A 196 48.40 -23.71 0.68
CA PHE A 196 47.49 -23.38 1.76
C PHE A 196 47.02 -24.67 2.42
N GLY A 197 46.83 -24.62 3.73
CA GLY A 197 46.44 -25.80 4.45
C GLY A 197 47.64 -26.65 4.83
N PHE A 198 47.51 -27.97 4.70
CA PHE A 198 48.54 -28.94 5.05
C PHE A 198 48.85 -28.74 6.54
N ASN A 199 50.09 -28.47 6.93
CA ASN A 199 50.44 -28.25 8.32
C ASN A 199 50.54 -26.77 8.66
N ALA A 200 50.06 -25.89 7.78
CA ALA A 200 50.10 -24.45 7.99
C ALA A 200 51.53 -23.94 8.19
N LEU A 201 52.49 -24.57 7.51
CA LEU A 201 53.86 -24.12 7.58
C LEU A 201 54.17 -23.05 6.54
N VAL A 202 53.42 -22.98 5.46
CA VAL A 202 53.62 -21.98 4.41
C VAL A 202 52.46 -21.00 4.35
N ASP A 203 51.27 -21.49 4.01
CA ASP A 203 50.05 -20.68 3.99
C ASP A 203 50.19 -19.43 3.13
N ARG A 204 50.98 -19.52 2.06
CA ARG A 204 51.25 -18.37 1.21
C ARG A 204 51.92 -18.86 -0.06
N GLN A 205 52.33 -17.93 -0.91
CA GLN A 205 53.05 -18.26 -2.13
C GLN A 205 54.38 -18.93 -1.80
N ALA A 206 54.69 -19.98 -2.54
CA ALA A 206 55.92 -20.74 -2.32
C ALA A 206 57.04 -20.13 -3.14
N ASP A 207 57.92 -19.38 -2.48
CA ASP A 207 59.11 -18.82 -3.11
C ASP A 207 60.26 -18.90 -2.12
N ASN A 208 61.42 -18.39 -2.52
CA ASN A 208 62.60 -18.48 -1.67
C ASN A 208 62.45 -17.70 -0.38
N GLU A 209 61.72 -16.58 -0.41
CA GLU A 209 61.52 -15.81 0.80
C GLU A 209 60.59 -16.53 1.77
N SER A 210 59.54 -17.16 1.27
CA SER A 210 58.68 -17.96 2.14
C SER A 210 59.34 -19.24 2.57
N LYS A 211 60.38 -19.67 1.87
CA LYS A 211 61.11 -20.87 2.28
C LYS A 211 61.76 -20.69 3.65
N LYS A 212 62.37 -19.53 3.90
CA LYS A 212 62.98 -19.29 5.20
C LYS A 212 61.96 -19.30 6.32
N ILE A 213 60.81 -18.64 6.10
CA ILE A 213 59.76 -18.63 7.11
C ILE A 213 59.25 -20.04 7.36
N ALA A 214 59.05 -20.81 6.29
CA ALA A 214 58.58 -22.18 6.45
C ALA A 214 59.58 -23.02 7.22
N LEU A 215 60.87 -22.86 6.92
CA LEU A 215 61.90 -23.63 7.62
C LEU A 215 61.95 -23.27 9.09
N HIS A 216 61.86 -21.97 9.41
CA HIS A 216 61.85 -21.57 10.80
C HIS A 216 60.62 -22.11 11.52
N ARG A 217 59.46 -22.07 10.88
CA ARG A 217 58.25 -22.61 11.48
C ARG A 217 58.38 -24.11 11.72
N ALA A 218 58.93 -24.83 10.74
CA ALA A 218 59.08 -26.27 10.89
C ALA A 218 60.05 -26.61 12.01
N LYS A 219 61.14 -25.87 12.11
CA LYS A 219 62.10 -26.10 13.20
C LYS A 219 61.45 -25.83 14.55
N GLU A 220 60.65 -24.75 14.64
CA GLU A 220 59.97 -24.46 15.90
C GLU A 220 58.97 -25.54 16.26
N ARG A 221 58.23 -26.04 15.28
CA ARG A 221 57.22 -27.06 15.54
C ARG A 221 57.79 -28.46 15.58
N GLY A 222 59.10 -28.62 15.40
CA GLY A 222 59.73 -29.90 15.62
C GLY A 222 59.68 -30.85 14.45
N PHE A 223 59.66 -30.33 13.23
CA PHE A 223 59.68 -31.20 12.06
C PHE A 223 61.09 -31.69 11.81
N HIS A 224 61.25 -33.00 11.72
CA HIS A 224 62.58 -33.59 11.63
C HIS A 224 63.24 -33.24 10.31
N GLY A 225 64.52 -32.91 10.37
CA GLY A 225 65.28 -32.56 9.19
C GLY A 225 65.14 -31.12 8.75
N ALA A 226 64.31 -30.32 9.42
CA ALA A 226 64.17 -28.91 9.09
C ALA A 226 65.27 -28.13 9.78
N LYS A 227 66.16 -27.53 9.01
CA LYS A 227 67.29 -26.78 9.54
C LYS A 227 67.09 -25.30 9.27
N SER A 228 66.94 -24.53 10.33
CA SER A 228 66.87 -23.08 10.26
C SER A 228 68.00 -22.49 11.08
N ASP A 229 68.53 -21.36 10.61
CA ASP A 229 69.63 -20.71 11.30
C ASP A 229 69.20 -20.28 12.69
N ASP A 230 70.14 -20.36 13.63
CA ASP A 230 69.85 -19.95 15.01
C ASP A 230 69.51 -18.46 15.07
N ASN A 231 70.25 -17.63 14.33
CA ASN A 231 70.00 -16.20 14.30
C ASN A 231 69.07 -15.90 13.13
N TYR A 232 67.78 -16.14 13.37
CA TYR A 232 66.74 -15.96 12.36
C TYR A 232 66.14 -14.58 12.51
N VAL A 233 66.04 -13.85 11.40
CA VAL A 233 65.50 -12.50 11.38
C VAL A 233 64.04 -12.57 10.98
N LYS A 234 63.17 -12.11 11.87
CA LYS A 234 61.74 -12.14 11.60
C LYS A 234 61.35 -11.06 10.60
N THR A 235 60.23 -11.29 9.92
CA THR A 235 59.64 -10.31 9.03
C THR A 235 58.45 -9.65 9.71
N ILE A 236 57.88 -8.64 9.03
CA ILE A 236 56.74 -7.93 9.59
C ILE A 236 55.53 -8.84 9.67
N LYS A 237 55.37 -9.75 8.71
CA LYS A 237 54.26 -10.69 8.70
C LYS A 237 54.81 -12.10 8.55
N GLU A 238 54.64 -12.91 9.58
CA GLU A 238 55.09 -14.30 9.55
C GLU A 238 54.55 -15.08 10.75
N MET B 1 -12.23 -49.22 50.00
CA MET B 1 -10.99 -49.73 49.42
C MET B 1 -11.11 -51.22 49.14
N LYS B 2 -10.20 -51.70 48.30
CA LYS B 2 -10.18 -53.10 47.89
C LYS B 2 -8.78 -53.42 47.41
N LYS B 3 -8.41 -54.69 47.51
CA LYS B 3 -7.11 -55.15 47.04
C LYS B 3 -7.31 -56.17 45.93
N ILE B 4 -6.60 -55.98 44.82
CA ILE B 4 -6.64 -56.90 43.70
C ILE B 4 -5.25 -57.47 43.52
N SER B 5 -5.19 -58.68 42.95
CA SER B 5 -3.91 -59.35 42.78
C SER B 5 -3.02 -58.55 41.86
N ARG B 6 -1.72 -58.57 42.15
CA ARG B 6 -0.79 -57.79 41.32
C ARG B 6 -0.76 -58.29 39.89
N LYS B 7 -0.95 -59.60 39.68
CA LYS B 7 -0.96 -60.12 38.32
C LYS B 7 -2.13 -59.54 37.53
N GLU B 8 -3.32 -59.51 38.13
CA GLU B 8 -4.48 -58.92 37.47
C GLU B 8 -4.29 -57.43 37.25
N TYR B 9 -3.75 -56.73 38.24
CA TYR B 9 -3.52 -55.30 38.08
C TYR B 9 -2.56 -55.03 36.93
N VAL B 10 -1.48 -55.80 36.84
CA VAL B 10 -0.49 -55.57 35.81
C VAL B 10 -1.05 -55.92 34.44
N SER B 11 -1.87 -56.98 34.36
CA SER B 11 -2.51 -57.29 33.09
C SER B 11 -3.43 -56.15 32.66
N MET B 12 -4.13 -55.53 33.61
CA MET B 12 -5.05 -54.46 33.24
C MET B 12 -4.32 -53.17 32.87
N TYR B 13 -3.31 -52.79 33.64
CA TYR B 13 -2.72 -51.46 33.53
C TYR B 13 -1.23 -51.44 33.23
N GLY B 14 -0.57 -52.58 33.16
CA GLY B 14 0.86 -52.59 33.00
C GLY B 14 1.57 -52.54 34.33
N PRO B 15 2.90 -52.73 34.30
CA PRO B 15 3.65 -52.85 35.56
C PRO B 15 3.61 -51.56 36.37
N THR B 16 3.61 -51.71 37.68
CA THR B 16 3.63 -50.60 38.61
C THR B 16 4.92 -50.65 39.42
N THR B 17 5.01 -49.80 40.44
CA THR B 17 6.26 -49.62 41.17
C THR B 17 6.75 -50.94 41.74
N GLY B 18 8.04 -51.21 41.51
CA GLY B 18 8.67 -52.43 41.97
C GLY B 18 8.55 -53.60 41.03
N ASP B 19 7.79 -53.47 39.95
CA ASP B 19 7.65 -54.55 38.99
C ASP B 19 8.76 -54.47 37.95
N LYS B 20 9.23 -55.63 37.52
CA LYS B 20 10.35 -55.75 36.61
C LYS B 20 9.87 -56.31 35.28
N VAL B 21 10.44 -55.84 34.20
CA VAL B 21 10.10 -56.28 32.85
C VAL B 21 11.41 -56.53 32.10
N ARG B 22 11.49 -57.68 31.43
CA ARG B 22 12.62 -57.97 30.58
C ARG B 22 12.52 -57.17 29.29
N LEU B 23 13.63 -56.60 28.85
CA LEU B 23 13.65 -55.80 27.64
C LEU B 23 13.96 -56.70 26.45
N GLY B 24 12.96 -56.90 25.60
CA GLY B 24 13.15 -57.78 24.47
C GLY B 24 13.45 -59.20 24.91
N ASP B 25 14.25 -59.90 24.12
CA ASP B 25 14.74 -61.21 24.49
C ASP B 25 16.12 -61.14 25.15
N THR B 26 16.56 -59.96 25.52
CA THR B 26 17.86 -59.78 26.16
C THR B 26 17.79 -60.22 27.61
N ASP B 27 18.88 -60.00 28.34
CA ASP B 27 18.96 -60.31 29.76
C ASP B 27 18.78 -59.08 30.63
N LEU B 28 18.41 -57.96 30.05
CA LEU B 28 18.26 -56.70 30.79
C LEU B 28 16.89 -56.61 31.40
N ILE B 29 16.84 -56.28 32.70
CA ILE B 29 15.60 -56.21 33.45
C ILE B 29 15.44 -54.77 33.92
N ALA B 30 14.33 -54.15 33.54
CA ALA B 30 14.02 -52.79 33.95
C ALA B 30 12.98 -52.82 35.05
N GLU B 31 13.23 -52.10 36.12
CA GLU B 31 12.32 -52.04 37.26
C GLU B 31 11.64 -50.69 37.28
N VAL B 32 10.32 -50.69 37.48
CA VAL B 32 9.57 -49.44 37.56
C VAL B 32 9.95 -48.73 38.85
N GLU B 33 10.60 -47.57 38.72
CA GLU B 33 11.12 -46.89 39.89
C GLU B 33 10.01 -46.21 40.70
N HIS B 34 9.05 -45.61 40.02
N HIS B 34 9.01 -45.66 40.01
CA HIS B 34 7.92 -45.01 40.73
CA HIS B 34 8.00 -44.81 40.61
C HIS B 34 6.77 -44.88 39.76
C HIS B 34 6.76 -44.82 39.72
N ASP B 35 5.59 -44.60 40.32
CA ASP B 35 4.34 -44.55 39.57
C ASP B 35 3.59 -43.29 39.92
N TYR B 36 3.13 -42.56 38.91
CA TYR B 36 2.37 -41.35 39.12
C TYR B 36 0.88 -41.62 39.31
N THR B 37 0.41 -42.81 38.97
CA THR B 37 -1.01 -43.08 39.03
C THR B 37 -1.49 -43.20 40.47
N ILE B 38 -2.77 -42.97 40.66
CA ILE B 38 -3.45 -43.22 41.92
C ILE B 38 -4.27 -44.48 41.75
N TYR B 39 -4.01 -45.48 42.59
CA TYR B 39 -4.61 -46.80 42.39
C TYR B 39 -6.12 -46.72 42.49
N GLY B 40 -6.80 -47.34 41.53
CA GLY B 40 -8.24 -47.26 41.44
C GLY B 40 -8.76 -46.13 40.58
N GLU B 41 -7.90 -45.23 40.12
CA GLU B 41 -8.30 -44.12 39.25
C GLU B 41 -7.60 -44.17 37.90
N GLU B 42 -7.12 -45.34 37.50
CA GLU B 42 -6.35 -45.44 36.26
C GLU B 42 -7.22 -45.11 35.05
N LEU B 43 -6.59 -44.50 34.05
CA LEU B 43 -7.28 -44.14 32.82
C LEU B 43 -7.28 -45.35 31.89
N LYS B 44 -8.46 -45.75 31.45
CA LYS B 44 -8.60 -46.85 30.51
C LYS B 44 -9.58 -46.44 29.43
N PHE B 45 -9.31 -46.84 28.20
CA PHE B 45 -10.20 -46.59 27.08
C PHE B 45 -10.77 -47.90 26.56
N GLY B 46 -12.07 -47.91 26.30
CA GLY B 46 -12.72 -49.11 25.84
C GLY B 46 -14.23 -48.96 25.93
N GLY B 47 -14.91 -50.11 25.92
CA GLY B 47 -16.36 -50.13 25.95
C GLY B 47 -16.96 -49.43 27.13
N GLY B 48 -16.75 -49.97 28.32
CA GLY B 48 -17.27 -49.34 29.53
C GLY B 48 -16.16 -48.91 30.46
N LYS B 49 -15.08 -48.40 29.89
CA LYS B 49 -13.90 -48.03 30.65
C LYS B 49 -14.05 -46.61 31.17
N THR B 50 -12.96 -46.04 31.70
CA THR B 50 -13.06 -44.78 32.42
C THR B 50 -12.97 -43.56 31.50
N LEU B 51 -12.25 -43.66 30.39
CA LEU B 51 -12.08 -42.51 29.52
C LEU B 51 -13.37 -42.23 28.75
N ARG B 52 -14.39 -41.79 29.46
CA ARG B 52 -15.69 -41.53 28.88
C ARG B 52 -16.17 -40.15 29.31
N GLU B 53 -17.16 -39.65 28.59
CA GLU B 53 -17.70 -38.33 28.84
C GLU B 53 -18.24 -38.23 30.26
N GLY B 54 -17.62 -37.39 31.08
CA GLY B 54 -18.06 -37.13 32.42
C GLY B 54 -17.33 -37.91 33.50
N MET B 55 -16.66 -39.00 33.15
CA MET B 55 -15.93 -39.80 34.13
C MET B 55 -14.45 -39.44 34.19
N SER B 56 -13.73 -39.66 33.10
CA SER B 56 -12.34 -39.25 33.00
C SER B 56 -12.10 -38.20 31.94
N GLN B 57 -12.99 -38.09 30.96
CA GLN B 57 -12.96 -36.97 30.03
C GLN B 57 -13.80 -35.85 30.62
N SER B 58 -13.17 -34.72 30.92
CA SER B 58 -13.85 -33.64 31.61
C SER B 58 -14.90 -33.00 30.71
N ASN B 59 -16.04 -32.66 31.30
CA ASN B 59 -17.03 -31.84 30.63
C ASN B 59 -16.76 -30.35 30.82
N ASN B 60 -15.90 -29.99 31.76
CA ASN B 60 -15.41 -28.61 31.91
C ASN B 60 -13.89 -28.68 31.97
N PRO B 61 -13.25 -28.96 30.84
CA PRO B 61 -11.80 -29.13 30.85
C PRO B 61 -11.07 -27.81 31.08
N SER B 62 -9.83 -27.92 31.52
CA SER B 62 -9.00 -26.75 31.65
C SER B 62 -8.67 -26.20 30.27
N LYS B 63 -8.22 -24.94 30.23
CA LYS B 63 -7.84 -24.34 28.97
C LYS B 63 -6.60 -24.99 28.37
N GLU B 64 -5.83 -25.72 29.18
CA GLU B 64 -4.69 -26.49 28.70
C GLU B 64 -5.07 -27.91 28.34
N GLU B 65 -6.30 -28.12 27.89
CA GLU B 65 -6.80 -29.44 27.56
C GLU B 65 -5.92 -30.12 26.51
N LEU B 66 -5.55 -31.36 26.77
CA LEU B 66 -4.61 -32.07 25.93
C LEU B 66 -5.20 -32.39 24.56
N ASP B 67 -4.33 -32.46 23.56
CA ASP B 67 -4.71 -32.96 22.26
C ASP B 67 -4.63 -34.47 22.20
N LEU B 68 -3.64 -35.06 22.86
CA LEU B 68 -3.47 -36.50 22.88
C LEU B 68 -2.95 -36.90 24.25
N ILE B 69 -3.43 -38.02 24.77
CA ILE B 69 -2.94 -38.56 26.04
C ILE B 69 -2.57 -40.02 25.83
N ILE B 70 -1.38 -40.39 26.27
CA ILE B 70 -0.93 -41.77 26.29
C ILE B 70 -1.09 -42.29 27.71
N THR B 71 -1.92 -43.30 27.89
CA THR B 71 -2.32 -43.75 29.22
C THR B 71 -1.48 -44.91 29.69
N ASN B 72 -1.07 -44.86 30.96
CA ASN B 72 -0.42 -45.98 31.64
C ASN B 72 0.86 -46.42 30.93
N ALA B 73 1.60 -45.46 30.38
CA ALA B 73 2.80 -45.80 29.64
C ALA B 73 3.97 -45.98 30.60
N LEU B 74 4.80 -46.98 30.33
CA LEU B 74 6.04 -47.17 31.07
C LEU B 74 7.10 -46.33 30.36
N ILE B 75 7.36 -45.15 30.90
CA ILE B 75 8.34 -44.25 30.31
C ILE B 75 9.73 -44.76 30.69
N VAL B 76 10.54 -45.07 29.69
CA VAL B 76 11.93 -45.43 29.87
C VAL B 76 12.76 -44.29 29.31
N ASP B 77 13.47 -43.58 30.17
CA ASP B 77 14.18 -42.38 29.78
C ASP B 77 15.42 -42.25 30.65
N TYR B 78 16.35 -41.42 30.21
CA TYR B 78 17.53 -41.16 31.02
C TYR B 78 17.17 -40.49 32.34
N THR B 79 16.02 -39.82 32.41
CA THR B 79 15.57 -39.21 33.65
C THR B 79 14.98 -40.22 34.62
N GLY B 80 14.71 -41.43 34.18
CA GLY B 80 14.19 -42.46 35.06
C GLY B 80 13.27 -43.41 34.31
N ILE B 81 13.06 -44.57 34.90
CA ILE B 81 12.16 -45.57 34.37
C ILE B 81 10.94 -45.60 35.29
N TYR B 82 9.84 -44.98 34.85
CA TYR B 82 8.69 -44.82 35.72
C TYR B 82 7.42 -45.05 34.90
N LYS B 83 6.28 -44.94 35.57
CA LYS B 83 4.99 -45.20 34.95
C LYS B 83 4.16 -43.92 35.04
N ALA B 84 3.60 -43.49 33.91
CA ALA B 84 2.86 -42.24 33.92
C ALA B 84 1.97 -42.15 32.70
N ASP B 85 1.13 -41.12 32.69
CA ASP B 85 0.39 -40.72 31.51
C ASP B 85 1.11 -39.54 30.86
N ILE B 86 1.30 -39.61 29.56
CA ILE B 86 1.97 -38.56 28.81
C ILE B 86 0.91 -37.75 28.09
N GLY B 87 0.87 -36.45 28.37
CA GLY B 87 -0.03 -35.55 27.68
C GLY B 87 0.73 -34.77 26.63
N ILE B 88 0.14 -34.71 25.44
CA ILE B 88 0.73 -34.00 24.32
C ILE B 88 -0.22 -32.91 23.90
N LYS B 89 0.30 -31.69 23.77
CA LYS B 89 -0.52 -30.55 23.37
C LYS B 89 0.30 -29.66 22.46
N ASP B 90 -0.25 -29.34 21.29
CA ASP B 90 0.39 -28.45 20.32
C ASP B 90 1.76 -28.97 19.89
N GLY B 91 1.88 -30.28 19.76
CA GLY B 91 3.10 -30.89 19.29
C GLY B 91 4.21 -31.02 20.31
N LYS B 92 3.98 -30.57 21.54
CA LYS B 92 4.95 -30.71 22.60
C LYS B 92 4.43 -31.66 23.67
N ILE B 93 5.32 -32.11 24.54
CA ILE B 93 4.91 -32.90 25.68
C ILE B 93 4.39 -31.92 26.73
N ALA B 94 3.06 -31.89 26.90
CA ALA B 94 2.45 -30.89 27.77
C ALA B 94 2.61 -31.23 29.24
N GLY B 95 2.55 -32.51 29.58
CA GLY B 95 2.70 -32.91 30.95
C GLY B 95 2.92 -34.39 31.12
N ILE B 96 3.58 -34.78 32.21
CA ILE B 96 3.81 -36.18 32.53
C ILE B 96 3.35 -36.39 33.97
N GLY B 97 2.42 -37.32 34.16
CA GLY B 97 1.90 -37.58 35.47
C GLY B 97 0.54 -38.25 35.43
N LYS B 98 -0.33 -37.89 36.36
CA LYS B 98 -1.67 -38.45 36.41
C LYS B 98 -2.61 -37.54 35.63
N GLY B 99 -3.19 -38.06 34.56
CA GLY B 99 -4.14 -37.33 33.76
C GLY B 99 -5.56 -37.76 34.07
N GLY B 100 -6.51 -36.98 33.55
CA GLY B 100 -7.90 -37.32 33.71
C GLY B 100 -8.82 -36.14 33.91
N ASN B 101 -9.89 -36.36 34.66
CA ASN B 101 -10.92 -35.35 34.89
C ASN B 101 -10.79 -34.84 36.31
N LYS B 102 -10.54 -33.54 36.45
CA LYS B 102 -10.44 -32.94 37.77
C LYS B 102 -11.78 -32.97 38.51
N ASP B 103 -12.89 -33.07 37.80
CA ASP B 103 -14.20 -33.03 38.45
C ASP B 103 -14.50 -34.32 39.20
N MET B 104 -13.89 -35.43 38.80
CA MET B 104 -14.23 -36.72 39.39
C MET B 104 -13.02 -37.50 39.89
N GLN B 105 -11.81 -36.97 39.76
CA GLN B 105 -10.62 -37.65 40.22
C GLN B 105 -9.72 -36.65 40.94
N ASP B 106 -8.93 -37.15 41.86
CA ASP B 106 -8.03 -36.32 42.65
C ASP B 106 -6.62 -36.33 42.05
N GLY B 107 -5.89 -35.25 42.32
CA GLY B 107 -4.51 -35.16 41.87
C GLY B 107 -4.33 -35.06 40.37
N VAL B 108 -5.15 -34.27 39.70
CA VAL B 108 -5.04 -34.04 38.27
C VAL B 108 -4.64 -32.60 38.06
N LYS B 109 -3.43 -32.38 37.55
CA LYS B 109 -2.95 -31.03 37.29
C LYS B 109 -3.64 -30.45 36.07
N ASN B 110 -3.57 -29.13 35.95
CA ASN B 110 -4.26 -28.45 34.86
C ASN B 110 -3.68 -28.82 33.50
N ASN B 111 -2.38 -29.12 33.44
CA ASN B 111 -1.73 -29.44 32.18
C ASN B 111 -1.93 -30.89 31.76
N LEU B 112 -2.56 -31.72 32.58
CA LEU B 112 -2.87 -33.09 32.23
C LEU B 112 -4.37 -33.31 32.15
N SER B 113 -5.11 -32.29 31.74
CA SER B 113 -6.56 -32.34 31.73
C SER B 113 -7.05 -32.99 30.45
N VAL B 114 -7.78 -34.09 30.58
CA VAL B 114 -8.39 -34.76 29.44
C VAL B 114 -9.76 -34.16 29.20
N GLY B 115 -10.02 -33.78 27.95
CA GLY B 115 -11.28 -33.16 27.63
C GLY B 115 -11.86 -33.69 26.33
N PRO B 116 -12.92 -33.05 25.86
CA PRO B 116 -13.56 -33.51 24.60
C PRO B 116 -12.66 -33.36 23.38
N ALA B 117 -11.61 -32.56 23.44
CA ALA B 117 -10.70 -32.40 22.32
C ALA B 117 -9.52 -33.35 22.39
N THR B 118 -9.56 -34.34 23.28
CA THR B 118 -8.42 -35.21 23.54
C THR B 118 -8.61 -36.55 22.85
N GLU B 119 -7.59 -36.99 22.13
CA GLU B 119 -7.50 -38.35 21.62
C GLU B 119 -6.77 -39.21 22.64
N ALA B 120 -7.14 -40.48 22.69
CA ALA B 120 -6.59 -41.42 23.66
C ALA B 120 -5.72 -42.44 22.96
N LEU B 121 -4.60 -42.79 23.60
CA LEU B 121 -3.70 -43.81 23.10
C LEU B 121 -3.33 -44.72 24.25
N ALA B 122 -3.71 -45.99 24.14
CA ALA B 122 -3.51 -46.94 25.23
C ALA B 122 -2.05 -47.38 25.25
N GLY B 123 -1.32 -46.90 26.26
CA GLY B 123 0.05 -47.33 26.47
C GLY B 123 0.22 -48.38 27.54
N GLU B 124 -0.88 -48.97 28.04
CA GLU B 124 -0.76 -49.96 29.09
C GLU B 124 -0.03 -51.19 28.56
N GLY B 125 1.02 -51.59 29.29
CA GLY B 125 1.87 -52.65 28.81
C GLY B 125 2.83 -52.24 27.71
N LEU B 126 3.00 -50.94 27.48
CA LEU B 126 3.87 -50.43 26.44
C LEU B 126 4.91 -49.51 27.02
N ILE B 127 6.12 -49.61 26.48
CA ILE B 127 7.24 -48.75 26.87
C ILE B 127 7.26 -47.55 25.93
N VAL B 128 7.43 -46.36 26.49
CA VAL B 128 7.58 -45.15 25.71
C VAL B 128 9.01 -44.66 25.89
N THR B 129 9.70 -44.47 24.78
CA THR B 129 11.01 -43.83 24.81
C THR B 129 11.01 -42.64 23.87
N ALA B 130 12.04 -41.81 23.99
CA ALA B 130 12.24 -40.75 23.01
C ALA B 130 12.73 -41.36 21.71
N GLY B 131 12.45 -40.68 20.61
CA GLY B 131 12.95 -41.15 19.33
C GLY B 131 14.46 -41.10 19.28
N GLY B 132 15.03 -42.00 18.49
CA GLY B 132 16.47 -42.02 18.33
C GLY B 132 16.99 -40.82 17.57
N ILE B 133 18.27 -40.54 17.81
CA ILE B 133 18.98 -39.46 17.15
C ILE B 133 20.24 -40.06 16.55
N ASP B 134 20.30 -40.13 15.24
CA ASP B 134 21.45 -40.69 14.53
C ASP B 134 22.23 -39.53 13.92
N THR B 135 23.47 -39.37 14.36
CA THR B 135 24.25 -38.18 14.03
C THR B 135 25.35 -38.43 13.01
N HIS B 136 25.45 -39.63 12.45
CA HIS B 136 26.51 -39.95 11.50
C HIS B 136 25.93 -40.29 10.13
N ILE B 137 24.77 -39.74 9.79
CA ILE B 137 24.03 -40.22 8.63
C ILE B 137 24.71 -39.75 7.35
N HIS B 138 25.18 -40.69 6.54
CA HIS B 138 25.56 -40.40 5.17
C HIS B 138 24.30 -40.38 4.33
N PHE B 139 23.88 -39.19 3.90
CA PHE B 139 22.65 -39.11 3.13
C PHE B 139 22.90 -39.61 1.72
N ILE B 140 23.03 -40.93 1.59
CA ILE B 140 23.33 -41.53 0.30
C ILE B 140 22.06 -41.74 -0.50
N SER B 141 21.04 -42.30 0.12
CA SER B 141 19.76 -42.45 -0.53
C SER B 141 18.66 -42.02 0.42
N PRO B 142 17.56 -41.47 -0.11
CA PRO B 142 16.42 -41.13 0.76
C PRO B 142 15.74 -42.34 1.33
N GLN B 143 15.97 -43.54 0.79
CA GLN B 143 15.35 -44.74 1.35
C GLN B 143 15.92 -45.10 2.72
N GLN B 144 17.05 -44.51 3.11
CA GLN B 144 17.55 -44.69 4.47
C GLN B 144 16.56 -44.13 5.49
N ILE B 145 15.90 -43.03 5.14
CA ILE B 145 15.07 -42.34 6.13
C ILE B 145 13.90 -43.19 6.59
N PRO B 146 13.08 -43.80 5.72
CA PRO B 146 12.05 -44.70 6.23
C PRO B 146 12.61 -45.90 6.99
N THR B 147 13.78 -46.39 6.62
CA THR B 147 14.38 -47.52 7.35
C THR B 147 14.72 -47.14 8.78
N ALA B 148 15.40 -46.00 8.96
CA ALA B 148 15.71 -45.54 10.30
C ALA B 148 14.44 -45.22 11.08
N PHE B 149 13.48 -44.60 10.40
CA PHE B 149 12.22 -44.28 11.06
C PHE B 149 11.52 -45.52 11.58
N ALA B 150 11.48 -46.58 10.77
CA ALA B 150 10.88 -47.83 11.23
C ALA B 150 11.70 -48.49 12.31
N SER B 151 13.01 -48.23 12.33
CA SER B 151 13.83 -48.77 13.41
C SER B 151 13.63 -48.01 14.72
N GLY B 152 13.15 -46.78 14.66
CA GLY B 152 12.86 -46.05 15.88
C GLY B 152 13.67 -44.78 16.03
N VAL B 153 14.26 -44.33 14.94
CA VAL B 153 15.06 -43.11 14.90
C VAL B 153 14.17 -42.00 14.35
N THR B 154 14.08 -40.89 15.07
CA THR B 154 13.25 -39.79 14.65
C THR B 154 14.05 -38.55 14.24
N THR B 155 15.33 -38.48 14.57
CA THR B 155 16.16 -37.36 14.13
C THR B 155 17.39 -37.91 13.43
N MET B 156 17.71 -37.35 12.28
CA MET B 156 18.89 -37.71 11.51
C MET B 156 19.69 -36.45 11.25
N ILE B 157 20.90 -36.41 11.78
CA ILE B 157 21.87 -35.36 11.50
C ILE B 157 22.99 -35.97 10.69
N GLY B 158 23.26 -35.37 9.55
CA GLY B 158 24.31 -35.91 8.70
C GLY B 158 24.56 -35.01 7.54
N GLY B 159 25.17 -35.58 6.51
CA GLY B 159 25.49 -34.82 5.33
C GLY B 159 25.48 -35.72 4.12
N GLY B 160 25.46 -35.09 2.96
CA GLY B 160 25.45 -35.83 1.73
C GLY B 160 24.58 -35.19 0.68
N THR B 161 24.73 -35.64 -0.56
CA THR B 161 23.98 -35.08 -1.68
C THR B 161 23.48 -36.18 -2.60
N GLY B 162 23.19 -37.35 -2.05
CA GLY B 162 22.87 -38.50 -2.87
C GLY B 162 24.09 -39.37 -3.06
N PRO B 163 24.00 -40.35 -3.94
CA PRO B 163 25.08 -41.32 -4.06
C PRO B 163 26.28 -40.82 -4.84
N ALA B 164 26.71 -39.59 -4.55
CA ALA B 164 27.99 -39.14 -5.04
C ALA B 164 29.09 -39.83 -4.25
N ASP B 165 30.29 -39.86 -4.81
CA ASP B 165 31.39 -40.51 -4.11
C ASP B 165 31.80 -39.74 -2.87
N GLY B 166 31.73 -38.41 -2.93
CA GLY B 166 31.99 -37.62 -1.75
C GLY B 166 31.03 -37.94 -0.61
N THR B 167 29.77 -38.20 -0.94
CA THR B 167 28.80 -38.57 0.08
C THR B 167 28.99 -40.02 0.53
N ASN B 168 29.33 -40.91 -0.39
CA ASN B 168 29.60 -42.29 -0.03
C ASN B 168 30.74 -42.37 0.98
N ALA B 169 31.72 -41.49 0.85
CA ALA B 169 32.83 -41.50 1.79
C ALA B 169 32.57 -40.67 3.04
N THR B 170 31.92 -39.52 2.91
CA THR B 170 31.90 -38.52 3.96
C THR B 170 30.48 -38.11 4.31
N THR B 171 30.32 -37.60 5.52
CA THR B 171 29.04 -37.11 6.02
C THR B 171 28.93 -35.60 5.81
N ILE B 172 29.04 -35.18 4.56
CA ILE B 172 29.25 -33.77 4.24
C ILE B 172 28.26 -33.33 3.17
N THR B 173 27.60 -32.20 3.41
CA THR B 173 26.78 -31.50 2.41
C THR B 173 27.52 -30.22 2.05
N PRO B 174 28.32 -30.22 0.99
CA PRO B 174 29.22 -29.10 0.77
C PRO B 174 28.60 -27.94 0.01
N GLY B 175 28.63 -26.76 0.60
CA GLY B 175 28.32 -25.56 -0.14
C GLY B 175 26.89 -25.08 0.06
N ARG B 176 26.70 -23.79 -0.21
CA ARG B 176 25.39 -23.17 -0.04
C ARG B 176 24.36 -23.78 -0.98
N ARG B 177 24.73 -24.02 -2.24
CA ARG B 177 23.77 -24.54 -3.19
C ARG B 177 23.36 -25.97 -2.86
N ASN B 178 24.32 -26.82 -2.49
CA ASN B 178 23.98 -28.18 -2.13
C ASN B 178 23.19 -28.21 -0.83
N LEU B 179 23.49 -27.30 0.10
CA LEU B 179 22.69 -27.21 1.31
C LEU B 179 21.26 -26.82 0.97
N LYS B 180 21.07 -25.91 0.03
CA LYS B 180 19.72 -25.55 -0.40
C LYS B 180 19.01 -26.75 -1.03
N TRP B 181 19.73 -27.49 -1.86
CA TRP B 181 19.17 -28.72 -2.45
C TRP B 181 18.65 -29.65 -1.37
N MET B 182 19.50 -29.94 -0.38
CA MET B 182 19.11 -30.89 0.65
C MET B 182 18.00 -30.36 1.54
N LEU B 183 18.05 -29.07 1.88
CA LEU B 183 17.02 -28.49 2.73
C LEU B 183 15.66 -28.51 2.04
N ARG B 184 15.64 -28.25 0.74
CA ARG B 184 14.37 -28.29 0.02
C ARG B 184 13.91 -29.71 -0.23
N ALA B 185 14.83 -30.67 -0.41
CA ALA B 185 14.42 -32.06 -0.53
C ALA B 185 13.90 -32.59 0.80
N ALA B 186 14.36 -32.04 1.92
CA ALA B 186 13.96 -32.53 3.23
C ALA B 186 12.48 -32.36 3.50
N GLU B 187 11.78 -31.52 2.74
CA GLU B 187 10.36 -31.31 2.96
C GLU B 187 9.56 -32.59 2.74
N GLU B 188 10.12 -33.56 2.04
CA GLU B 188 9.40 -34.78 1.71
C GLU B 188 9.28 -35.75 2.89
N TYR B 189 10.25 -35.76 3.79
CA TYR B 189 10.43 -36.88 4.70
C TYR B 189 9.82 -36.62 6.07
N SER B 190 9.43 -37.72 6.72
CA SER B 190 8.90 -37.68 8.08
C SER B 190 10.04 -38.04 9.03
N MET B 191 10.88 -37.05 9.29
CA MET B 191 12.05 -37.22 10.14
C MET B 191 12.64 -35.84 10.39
N ASN B 192 13.03 -35.56 11.63
CA ASN B 192 13.78 -34.34 11.88
C ASN B 192 15.13 -34.45 11.22
N LEU B 193 15.57 -33.40 10.55
CA LEU B 193 16.76 -33.49 9.73
C LEU B 193 17.70 -32.32 10.04
N GLY B 194 18.98 -32.62 10.08
CA GLY B 194 20.00 -31.60 10.21
C GLY B 194 21.17 -31.91 9.29
N PHE B 195 21.80 -30.88 8.73
CA PHE B 195 22.82 -31.08 7.72
C PHE B 195 24.14 -30.46 8.16
N LEU B 196 25.22 -31.18 7.90
CA LEU B 196 26.57 -30.75 8.21
C LEU B 196 27.28 -30.31 6.94
N ALA B 197 28.06 -29.24 7.07
CA ALA B 197 28.79 -28.69 5.94
C ALA B 197 30.20 -29.28 5.88
N LYS B 198 30.93 -28.90 4.85
CA LYS B 198 32.32 -29.33 4.70
C LYS B 198 33.21 -28.45 5.55
N GLY B 199 33.94 -29.07 6.48
CA GLY B 199 34.84 -28.34 7.33
C GLY B 199 36.26 -28.37 6.81
N ASN B 200 36.52 -29.22 5.81
CA ASN B 200 37.85 -29.37 5.24
C ASN B 200 38.11 -28.19 4.32
N ALA B 201 38.45 -27.06 4.93
CA ALA B 201 38.77 -25.86 4.18
C ALA B 201 39.53 -24.92 5.09
N SER B 202 40.59 -24.33 4.57
CA SER B 202 41.33 -23.30 5.28
C SER B 202 40.80 -21.91 4.96
N ASN B 203 39.54 -21.81 4.55
CA ASN B 203 38.92 -20.54 4.17
C ASN B 203 37.78 -20.23 5.13
N ASP B 204 38.03 -19.28 6.02
CA ASP B 204 37.01 -18.88 6.98
C ASP B 204 35.76 -18.37 6.29
N ALA B 205 35.94 -17.65 5.17
CA ALA B 205 34.78 -17.13 4.44
C ALA B 205 33.90 -18.27 3.92
N SER B 206 34.51 -19.31 3.35
CA SER B 206 33.73 -20.43 2.86
C SER B 206 33.03 -21.18 3.98
N LEU B 207 33.73 -21.41 5.09
CA LEU B 207 33.10 -22.10 6.21
C LEU B 207 31.92 -21.31 6.76
N ALA B 208 32.12 -20.00 6.95
CA ALA B 208 31.04 -19.15 7.43
C ALA B 208 29.88 -19.10 6.45
N ASP B 209 30.19 -19.12 5.15
CA ASP B 209 29.13 -19.11 4.14
C ASP B 209 28.28 -20.36 4.25
N GLN B 210 28.91 -21.51 4.47
CA GLN B 210 28.13 -22.73 4.64
C GLN B 210 27.25 -22.66 5.89
N ILE B 211 27.80 -22.16 7.00
CA ILE B 211 27.00 -22.09 8.22
C ILE B 211 25.81 -21.16 8.03
N GLU B 212 26.03 -20.00 7.40
CA GLU B 212 24.93 -19.09 7.14
C GLU B 212 23.96 -19.66 6.12
N ALA B 213 24.43 -20.54 5.24
CA ALA B 213 23.54 -21.21 4.30
C ALA B 213 22.65 -22.24 4.99
N GLY B 214 23.05 -22.72 6.16
CA GLY B 214 22.09 -23.46 6.93
C GLY B 214 22.57 -24.73 7.61
N ALA B 215 23.85 -25.05 7.47
CA ALA B 215 24.38 -26.21 8.14
C ALA B 215 24.37 -26.01 9.66
N ILE B 216 24.14 -27.11 10.39
CA ILE B 216 24.16 -27.06 11.84
C ILE B 216 25.54 -27.35 12.40
N GLY B 217 26.52 -27.59 11.56
CA GLY B 217 27.86 -27.88 12.04
C GLY B 217 28.75 -28.22 10.88
N PHE B 218 29.99 -28.57 11.22
CA PHE B 218 30.99 -28.93 10.24
C PHE B 218 31.35 -30.40 10.40
N LYS B 219 31.70 -31.02 9.29
CA LYS B 219 32.29 -32.34 9.30
C LYS B 219 33.65 -32.25 8.62
N ILE B 220 34.69 -32.65 9.33
CA ILE B 220 36.04 -32.70 8.80
C ILE B 220 36.35 -34.17 8.56
N HIS B 221 36.34 -34.60 7.31
CA HIS B 221 36.53 -35.99 6.96
C HIS B 221 37.86 -36.18 6.28
N GLU B 222 38.54 -37.29 6.59
CA GLU B 222 39.84 -37.56 6.00
C GLU B 222 39.81 -37.57 4.47
N ASP B 223 38.69 -38.01 3.87
CA ASP B 223 38.65 -38.13 2.42
C ASP B 223 38.67 -36.78 1.72
N TRP B 224 38.25 -35.71 2.38
CA TRP B 224 38.42 -34.36 1.87
C TRP B 224 39.69 -33.70 2.38
N GLY B 225 40.45 -34.40 3.21
CA GLY B 225 41.69 -33.88 3.75
C GLY B 225 41.54 -33.38 5.17
N THR B 226 41.92 -34.19 6.14
CA THR B 226 41.87 -33.81 7.55
C THR B 226 43.27 -33.34 7.93
N THR B 227 43.50 -32.06 7.75
CA THR B 227 44.78 -31.49 8.08
C THR B 227 44.65 -30.60 9.32
N PRO B 228 45.74 -30.41 10.07
CA PRO B 228 45.65 -29.55 11.25
C PRO B 228 45.18 -28.15 10.93
N SER B 229 45.58 -27.61 9.78
CA SER B 229 45.12 -26.29 9.38
C SER B 229 43.61 -26.24 9.22
N ALA B 230 43.05 -27.26 8.55
CA ALA B 230 41.60 -27.32 8.37
C ALA B 230 40.90 -27.48 9.69
N ILE B 231 41.42 -28.32 10.58
CA ILE B 231 40.82 -28.50 11.89
C ILE B 231 40.79 -27.17 12.64
N ASN B 232 41.91 -26.45 12.61
CA ASN B 232 42.00 -25.19 13.32
C ASN B 232 41.01 -24.17 12.78
N HIS B 233 40.96 -24.01 11.46
CA HIS B 233 40.06 -23.02 10.88
C HIS B 233 38.60 -23.38 11.13
N ALA B 234 38.25 -24.64 10.96
CA ALA B 234 36.87 -25.06 11.20
C ALA B 234 36.48 -24.82 12.65
N LEU B 235 37.37 -25.13 13.59
CA LEU B 235 37.03 -24.90 14.98
C LEU B 235 36.89 -23.43 15.30
N ASP B 236 37.70 -22.57 14.67
CA ASP B 236 37.56 -21.14 14.86
C ASP B 236 36.19 -20.65 14.37
N VAL B 237 35.82 -21.03 13.16
CA VAL B 237 34.54 -20.59 12.61
C VAL B 237 33.38 -21.15 13.42
N ALA B 238 33.50 -22.39 13.88
CA ALA B 238 32.45 -23.00 14.67
C ALA B 238 32.30 -22.33 16.03
N ASP B 239 33.41 -21.91 16.64
CA ASP B 239 33.30 -21.15 17.88
C ASP B 239 32.66 -19.79 17.63
N LYS B 240 32.90 -19.22 16.46
CA LYS B 240 32.24 -17.96 16.12
C LYS B 240 30.73 -18.14 15.96
N TYR B 241 30.30 -19.22 15.31
CA TYR B 241 28.90 -19.38 14.94
C TYR B 241 28.12 -20.34 15.83
N ASP B 242 28.73 -20.87 16.88
CA ASP B 242 28.08 -21.80 17.81
C ASP B 242 27.47 -23.00 17.08
N VAL B 243 28.32 -23.75 16.40
CA VAL B 243 27.91 -24.99 15.75
C VAL B 243 28.90 -26.08 16.09
N GLN B 244 28.44 -27.32 16.06
CA GLN B 244 29.29 -28.45 16.38
C GLN B 244 30.28 -28.72 15.26
N VAL B 245 31.40 -29.34 15.61
CA VAL B 245 32.35 -29.87 14.64
C VAL B 245 32.52 -31.35 14.92
N ALA B 246 32.32 -32.17 13.91
CA ALA B 246 32.60 -33.59 13.97
C ALA B 246 33.82 -33.88 13.10
N ILE B 247 34.59 -34.88 13.50
CA ILE B 247 35.83 -35.19 12.82
C ILE B 247 35.95 -36.70 12.61
N HIS B 248 36.39 -37.07 11.40
CA HIS B 248 36.84 -38.40 11.06
C HIS B 248 38.30 -38.25 10.64
N THR B 249 39.20 -38.64 11.54
CA THR B 249 40.59 -38.23 11.50
C THR B 249 41.34 -38.89 10.35
N ASP B 250 42.57 -38.41 10.14
CA ASP B 250 43.42 -38.87 9.05
C ASP B 250 43.88 -40.30 9.31
N THR B 251 43.56 -41.20 8.39
CA THR B 251 43.98 -42.60 8.50
C THR B 251 45.45 -42.79 8.17
N LEU B 252 45.99 -41.99 7.27
CA LEU B 252 47.32 -42.24 6.71
C LEU B 252 48.45 -41.62 7.52
N ASN B 253 48.16 -40.82 8.54
CA ASN B 253 49.17 -40.08 9.29
C ASN B 253 49.99 -39.19 8.36
N GLU B 254 49.35 -38.68 7.30
CA GLU B 254 50.05 -37.88 6.31
C GLU B 254 50.64 -36.62 6.93
N ALA B 255 49.81 -35.85 7.64
CA ALA B 255 50.26 -34.60 8.23
C ALA B 255 50.68 -34.74 9.69
N GLY B 256 50.27 -35.80 10.36
CA GLY B 256 50.66 -35.99 11.75
C GLY B 256 49.86 -37.12 12.36
N CYS B 257 50.18 -37.39 13.62
CA CYS B 257 49.57 -38.46 14.38
C CYS B 257 48.43 -37.90 15.24
N VAL B 258 47.95 -38.75 16.16
CA VAL B 258 46.85 -38.37 17.05
C VAL B 258 47.25 -37.17 17.89
N GLU B 259 48.51 -37.10 18.30
CA GLU B 259 48.96 -35.95 19.10
C GLU B 259 48.87 -34.66 18.29
N ASP B 260 49.25 -34.70 17.02
CA ASP B 260 49.15 -33.51 16.18
C ASP B 260 47.69 -33.12 15.93
N THR B 261 46.82 -34.11 15.72
CA THR B 261 45.41 -33.81 15.57
C THR B 261 44.84 -33.18 16.83
N MET B 262 45.20 -33.71 18.00
CA MET B 262 44.73 -33.14 19.26
C MET B 262 45.30 -31.76 19.51
N ALA B 263 46.53 -31.50 19.07
CA ALA B 263 47.10 -30.17 19.18
C ALA B 263 46.35 -29.19 18.30
N ALA B 264 45.97 -29.61 17.10
CA ALA B 264 45.16 -28.76 16.23
C ALA B 264 43.80 -28.50 16.85
N ILE B 265 43.20 -29.51 17.47
CA ILE B 265 41.92 -29.32 18.16
C ILE B 265 42.08 -28.31 19.29
N ALA B 266 43.18 -28.41 20.05
CA ALA B 266 43.53 -27.42 21.06
C ALA B 266 42.44 -27.29 22.13
N GLY B 267 41.94 -28.42 22.61
CA GLY B 267 41.03 -28.43 23.73
C GLY B 267 39.71 -27.74 23.48
N ARG B 268 39.19 -27.83 22.26
CA ARG B 268 37.88 -27.31 21.91
C ARG B 268 36.93 -28.47 21.68
N THR B 269 35.64 -28.23 21.93
CA THR B 269 34.66 -29.29 21.85
C THR B 269 34.62 -29.87 20.45
N MET B 270 34.85 -31.17 20.35
CA MET B 270 34.89 -31.86 19.07
C MET B 270 34.19 -33.20 19.21
N HIS B 271 33.35 -33.53 18.24
CA HIS B 271 32.61 -34.78 18.22
C HIS B 271 33.34 -35.73 17.27
N THR B 272 33.84 -36.84 17.80
CA THR B 272 34.70 -37.73 17.02
C THR B 272 33.93 -38.95 16.55
N PHE B 273 34.02 -39.22 15.25
CA PHE B 273 33.50 -40.45 14.67
C PHE B 273 34.59 -41.51 14.74
N HIS B 274 34.19 -42.77 14.97
CA HIS B 274 35.11 -43.89 15.04
C HIS B 274 36.24 -43.61 16.02
N THR B 275 35.86 -43.28 17.26
CA THR B 275 36.87 -42.98 18.26
C THR B 275 37.73 -44.20 18.56
N GLU B 276 37.27 -45.39 18.19
CA GLU B 276 38.10 -46.59 18.24
C GLU B 276 39.10 -46.67 17.10
N GLY B 277 38.99 -45.80 16.12
CA GLY B 277 39.92 -45.79 14.99
C GLY B 277 39.34 -46.38 13.73
N ALA B 278 38.57 -47.46 13.88
CA ALA B 278 37.98 -48.18 12.75
C ALA B 278 39.06 -48.60 11.75
N GLY B 279 40.20 -49.03 12.29
CA GLY B 279 41.30 -49.48 11.46
C GLY B 279 42.20 -48.40 10.92
N GLY B 280 41.98 -47.14 11.30
CA GLY B 280 42.81 -46.06 10.80
C GLY B 280 44.20 -46.09 11.40
N GLY B 281 45.09 -45.30 10.79
CA GLY B 281 46.45 -45.20 11.31
C GLY B 281 46.54 -44.57 12.68
N HIS B 282 45.55 -43.77 13.07
CA HIS B 282 45.50 -43.24 14.42
C HIS B 282 45.17 -44.32 15.44
N ALA B 283 44.61 -45.44 15.00
CA ALA B 283 44.36 -46.56 15.91
C ALA B 283 45.68 -47.22 16.30
N PRO B 284 45.77 -47.74 17.53
CA PRO B 284 44.72 -47.67 18.55
C PRO B 284 44.86 -46.44 19.43
N ASP B 285 45.85 -45.60 19.12
CA ASP B 285 46.13 -44.45 19.97
C ASP B 285 44.99 -43.43 19.95
N ILE B 286 44.16 -43.43 18.91
CA ILE B 286 43.04 -42.49 18.88
C ILE B 286 42.02 -42.79 19.96
N ILE B 287 42.00 -44.02 20.48
CA ILE B 287 41.13 -44.32 21.62
C ILE B 287 41.52 -43.48 22.83
N LYS B 288 42.75 -42.98 22.86
CA LYS B 288 43.18 -42.14 23.98
C LYS B 288 42.35 -40.86 24.06
N VAL B 289 41.90 -40.34 22.93
CA VAL B 289 41.15 -39.09 22.96
C VAL B 289 39.78 -39.28 23.61
N ALA B 290 39.33 -40.53 23.77
CA ALA B 290 38.06 -40.77 24.44
C ALA B 290 38.13 -40.47 25.92
N GLY B 291 39.32 -40.24 26.48
CA GLY B 291 39.44 -39.82 27.85
C GLY B 291 39.50 -38.32 28.06
N GLU B 292 39.62 -37.55 26.99
CA GLU B 292 39.68 -36.11 27.10
C GLU B 292 38.29 -35.53 27.37
N HIS B 293 38.27 -34.37 28.03
CA HIS B 293 37.00 -33.72 28.33
C HIS B 293 36.36 -33.16 27.07
N ASN B 294 37.15 -32.52 26.21
CA ASN B 294 36.60 -31.80 25.07
C ASN B 294 36.14 -32.71 23.94
N ILE B 295 36.41 -33.99 24.01
CA ILE B 295 36.06 -34.92 22.94
C ILE B 295 34.77 -35.64 23.32
N LEU B 296 33.78 -35.57 22.45
CA LEU B 296 32.59 -36.39 22.58
C LEU B 296 32.75 -37.58 21.66
N PRO B 297 32.99 -38.78 22.19
CA PRO B 297 33.29 -39.91 21.33
C PRO B 297 32.05 -40.69 20.91
N ALA B 298 32.02 -41.06 19.64
CA ALA B 298 30.96 -41.90 19.12
C ALA B 298 31.55 -43.14 18.49
N SER B 299 30.78 -44.21 18.52
CA SER B 299 31.18 -45.48 17.92
C SER B 299 30.11 -45.92 16.95
N THR B 300 30.54 -46.62 15.91
CA THR B 300 29.66 -46.99 14.82
C THR B 300 29.06 -48.38 15.03
N ASN B 301 27.99 -48.63 14.30
CA ASN B 301 27.30 -49.91 14.38
C ASN B 301 28.17 -51.12 14.10
N PRO B 302 28.92 -51.21 12.99
CA PRO B 302 29.44 -52.52 12.56
C PRO B 302 30.34 -53.20 13.58
N THR B 303 31.06 -52.44 14.39
CA THR B 303 32.02 -53.04 15.31
C THR B 303 31.41 -53.34 16.67
N ILE B 304 30.13 -53.06 16.89
CA ILE B 304 29.48 -53.43 18.14
C ILE B 304 28.21 -54.22 17.82
N PRO B 305 27.96 -55.34 18.52
CA PRO B 305 28.91 -55.92 19.48
C PRO B 305 29.97 -56.74 18.76
N PHE B 306 31.07 -57.04 19.44
CA PHE B 306 32.13 -57.86 18.84
C PHE B 306 31.66 -59.29 18.73
N THR B 307 31.60 -59.81 17.50
CA THR B 307 31.10 -61.15 17.23
C THR B 307 32.16 -61.93 16.44
N VAL B 308 31.80 -63.17 16.11
CA VAL B 308 32.72 -64.03 15.37
C VAL B 308 32.95 -63.50 13.96
N ASN B 309 31.92 -62.92 13.36
CA ASN B 309 31.99 -62.45 11.97
C ASN B 309 32.34 -60.98 11.85
N THR B 310 32.66 -60.31 12.95
CA THR B 310 32.88 -58.86 12.91
C THR B 310 34.07 -58.50 12.03
N GLU B 311 35.17 -59.24 12.14
CA GLU B 311 36.40 -58.88 11.46
C GLU B 311 36.40 -59.25 9.98
N ALA B 312 35.47 -60.10 9.53
CA ALA B 312 35.53 -60.59 8.16
C ALA B 312 35.12 -59.51 7.15
N GLU B 313 34.12 -58.70 7.49
CA GLU B 313 33.56 -57.74 6.54
C GLU B 313 34.25 -56.39 6.54
N HIS B 314 35.19 -56.17 7.46
CA HIS B 314 35.72 -54.82 7.68
C HIS B 314 36.48 -54.32 6.46
N MET B 315 37.30 -55.16 5.84
CA MET B 315 38.10 -54.68 4.73
C MET B 315 37.24 -54.34 3.52
N ASP B 316 36.23 -55.17 3.24
CA ASP B 316 35.32 -54.87 2.12
C ASP B 316 34.57 -53.57 2.38
N MET B 317 34.06 -53.41 3.60
CA MET B 317 33.35 -52.17 3.91
C MET B 317 34.27 -50.96 3.79
N LEU B 318 35.51 -51.08 4.28
CA LEU B 318 36.46 -49.98 4.22
C LEU B 318 36.77 -49.61 2.77
N MET B 319 37.04 -50.60 1.94
CA MET B 319 37.40 -50.32 0.55
C MET B 319 36.25 -49.66 -0.19
N VAL B 320 35.03 -50.20 -0.03
CA VAL B 320 33.90 -49.62 -0.76
C VAL B 320 33.59 -48.22 -0.24
N CYS B 321 33.66 -48.01 1.08
CA CYS B 321 33.38 -46.69 1.63
C CYS B 321 34.41 -45.65 1.17
N HIS B 322 35.70 -46.01 1.18
CA HIS B 322 36.74 -45.07 0.81
C HIS B 322 36.97 -45.00 -0.69
N HIS B 323 36.22 -45.77 -1.49
CA HIS B 323 36.26 -45.68 -2.94
C HIS B 323 37.63 -46.08 -3.48
N LEU B 324 38.10 -47.23 -3.07
CA LEU B 324 39.33 -47.82 -3.59
C LEU B 324 38.96 -49.04 -4.42
N ASP B 325 39.34 -49.02 -5.69
CA ASP B 325 38.98 -50.11 -6.59
C ASP B 325 39.68 -51.39 -6.16
N LYS B 326 38.91 -52.48 -6.06
CA LYS B 326 39.46 -53.76 -5.64
C LYS B 326 40.19 -54.48 -6.78
N SER B 327 40.14 -53.93 -8.00
CA SER B 327 40.84 -54.50 -9.14
C SER B 327 42.13 -53.75 -9.44
N ILE B 328 42.55 -52.84 -8.57
CA ILE B 328 43.74 -52.03 -8.79
C ILE B 328 44.76 -52.38 -7.72
N LYS B 329 45.98 -52.73 -8.16
CA LYS B 329 47.04 -53.07 -7.23
C LYS B 329 47.37 -51.90 -6.32
N GLU B 330 47.44 -50.69 -6.87
CA GLU B 330 47.78 -49.52 -6.07
C GLU B 330 46.73 -49.28 -4.99
N ASP B 331 45.46 -49.35 -5.35
CA ASP B 331 44.40 -49.12 -4.36
C ASP B 331 44.39 -50.22 -3.30
N VAL B 332 44.59 -51.48 -3.70
CA VAL B 332 44.61 -52.56 -2.74
C VAL B 332 45.78 -52.39 -1.77
N GLN B 333 46.96 -52.03 -2.28
CA GLN B 333 48.10 -51.79 -1.42
C GLN B 333 47.86 -50.59 -0.49
N PHE B 334 47.19 -49.56 -1.01
CA PHE B 334 46.86 -48.41 -0.18
C PHE B 334 45.92 -48.79 0.96
N ALA B 335 44.98 -49.69 0.68
CA ALA B 335 43.97 -50.07 1.67
C ALA B 335 44.61 -50.91 2.76
N ASP B 336 45.32 -50.23 3.66
CA ASP B 336 45.98 -50.86 4.80
C ASP B 336 45.22 -50.51 6.07
N SER B 337 44.88 -51.54 6.85
CA SER B 337 44.09 -51.37 8.06
C SER B 337 44.91 -51.74 9.28
N ARG B 338 44.70 -51.00 10.37
CA ARG B 338 45.32 -51.30 11.65
C ARG B 338 44.29 -51.82 12.65
N ILE B 339 43.23 -52.46 12.14
CA ILE B 339 42.19 -52.97 13.00
C ILE B 339 42.69 -54.21 13.75
N ARG B 340 42.26 -54.35 14.99
CA ARG B 340 42.62 -55.52 15.78
C ARG B 340 41.40 -56.00 16.54
N PRO B 341 41.27 -57.32 16.73
CA PRO B 341 40.20 -57.82 17.60
C PRO B 341 40.31 -57.29 19.01
N GLN B 342 41.51 -56.96 19.47
CA GLN B 342 41.66 -56.33 20.78
C GLN B 342 40.94 -55.00 20.83
N THR B 343 41.11 -54.16 19.81
CA THR B 343 40.42 -52.88 19.78
C THR B 343 38.91 -53.06 19.63
N ILE B 344 38.50 -53.98 18.76
CA ILE B 344 37.07 -54.20 18.57
C ILE B 344 36.42 -54.66 19.87
N ALA B 345 37.10 -55.54 20.61
CA ALA B 345 36.57 -56.01 21.88
C ALA B 345 36.60 -54.90 22.93
N ALA B 346 37.65 -54.07 22.92
CA ALA B 346 37.73 -52.99 23.89
C ALA B 346 36.63 -51.96 23.68
N GLU B 347 36.15 -51.83 22.44
CA GLU B 347 35.08 -50.86 22.17
C GLU B 347 33.83 -51.15 22.98
N ASP B 348 33.41 -52.42 23.04
CA ASP B 348 32.22 -52.77 23.80
C ASP B 348 32.40 -52.50 25.29
N THR B 349 33.57 -52.81 25.84
CA THR B 349 33.81 -52.55 27.24
C THR B 349 33.84 -51.06 27.53
N LEU B 350 34.40 -50.27 26.62
CA LEU B 350 34.39 -48.82 26.81
C LEU B 350 32.97 -48.28 26.79
N HIS B 351 32.13 -48.83 25.92
CA HIS B 351 30.71 -48.48 25.93
C HIS B 351 30.09 -48.82 27.27
N ASP B 352 30.38 -50.00 27.81
CA ASP B 352 29.80 -50.39 29.08
C ASP B 352 30.27 -49.47 30.21
N MET B 353 31.53 -49.07 30.18
CA MET B 353 32.08 -48.20 31.21
C MET B 353 31.66 -46.74 31.03
N GLY B 354 31.09 -46.39 29.88
CA GLY B 354 30.71 -45.01 29.64
C GLY B 354 31.81 -44.15 29.08
N ILE B 355 32.90 -44.75 28.61
CA ILE B 355 33.95 -43.98 27.96
C ILE B 355 33.47 -43.46 26.61
N PHE B 356 32.73 -44.29 25.87
CA PHE B 356 32.12 -43.88 24.63
C PHE B 356 30.71 -43.38 24.92
N SER B 357 30.40 -42.19 24.44
CA SER B 357 29.16 -41.53 24.82
C SER B 357 28.05 -41.65 23.79
N ILE B 358 28.38 -41.80 22.51
CA ILE B 358 27.37 -41.80 21.47
C ILE B 358 27.52 -43.04 20.62
N THR B 359 26.40 -43.67 20.29
CA THR B 359 26.35 -44.72 19.28
C THR B 359 25.70 -44.16 18.02
N SER B 360 26.21 -44.56 16.87
CA SER B 360 25.67 -44.07 15.62
C SER B 360 25.85 -45.13 14.55
N SER B 361 25.40 -44.80 13.34
CA SER B 361 25.43 -45.74 12.23
C SER B 361 26.58 -45.51 11.27
N ASP B 362 26.73 -44.29 10.76
CA ASP B 362 27.46 -44.03 9.52
C ASP B 362 26.81 -44.81 8.38
N SER B 363 25.56 -44.45 8.11
CA SER B 363 24.67 -45.24 7.28
C SER B 363 25.26 -45.48 5.89
N GLN B 364 25.23 -46.73 5.46
CA GLN B 364 25.69 -47.17 4.15
C GLN B 364 27.11 -46.75 3.83
N ALA B 365 27.87 -46.31 4.84
CA ALA B 365 29.31 -46.14 4.74
C ALA B 365 29.90 -46.71 6.04
N MET B 366 30.13 -48.02 6.04
CA MET B 366 30.56 -48.75 7.24
C MET B 366 29.60 -48.50 8.40
N GLY B 367 28.36 -48.93 8.21
CA GLY B 367 27.34 -48.79 9.22
C GLY B 367 25.94 -48.97 8.71
N ARG B 368 25.03 -49.45 9.56
CA ARG B 368 23.69 -49.79 9.16
C ARG B 368 22.71 -48.85 9.83
N VAL B 369 21.91 -48.16 9.02
CA VAL B 369 21.09 -47.06 9.53
C VAL B 369 19.96 -47.58 10.41
N GLY B 370 19.43 -48.76 10.10
CA GLY B 370 18.29 -49.27 10.81
C GLY B 370 18.66 -50.18 11.96
N GLU B 371 19.90 -50.08 12.43
CA GLU B 371 20.39 -50.98 13.46
C GLU B 371 21.11 -50.26 14.59
N VAL B 372 21.00 -48.94 14.69
CA VAL B 372 21.66 -48.23 15.79
C VAL B 372 21.12 -48.69 17.12
N ILE B 373 19.80 -48.67 17.27
CA ILE B 373 19.18 -49.04 18.53
C ILE B 373 19.38 -50.52 18.81
N THR B 374 19.19 -51.36 17.79
CA THR B 374 19.33 -52.80 17.99
C THR B 374 20.74 -53.16 18.40
N ARG B 375 21.74 -52.56 17.77
CA ARG B 375 23.11 -52.89 18.11
C ARG B 375 23.53 -52.30 19.45
N THR B 376 22.97 -51.14 19.81
CA THR B 376 23.20 -50.63 21.16
C THR B 376 22.69 -51.60 22.21
N TRP B 377 21.49 -52.14 22.02
CA TRP B 377 20.95 -53.05 23.01
C TRP B 377 21.61 -54.41 22.96
N GLN B 378 22.09 -54.83 21.79
CA GLN B 378 22.88 -56.04 21.72
C GLN B 378 24.17 -55.89 22.50
N THR B 379 24.83 -54.73 22.38
CA THR B 379 26.04 -54.49 23.16
C THR B 379 25.72 -54.47 24.65
N ALA B 380 24.62 -53.82 25.04
CA ALA B 380 24.26 -53.80 26.46
C ALA B 380 24.02 -55.20 26.98
N ASP B 381 23.29 -56.03 26.23
CA ASP B 381 23.02 -57.39 26.66
C ASP B 381 24.28 -58.22 26.73
N LYS B 382 25.17 -58.07 25.75
CA LYS B 382 26.42 -58.82 25.75
C LYS B 382 27.28 -58.43 26.95
N ASN B 383 27.35 -57.15 27.26
CA ASN B 383 28.13 -56.71 28.41
C ASN B 383 27.50 -57.17 29.71
N LYS B 384 26.16 -57.21 29.78
CA LYS B 384 25.51 -57.74 30.97
C LYS B 384 25.82 -59.21 31.15
N LYS B 385 25.80 -59.98 30.06
CA LYS B 385 26.14 -61.40 30.16
C LYS B 385 27.59 -61.60 30.57
N GLU B 386 28.49 -60.77 30.06
CA GLU B 386 29.91 -60.95 30.34
C GLU B 386 30.28 -60.51 31.74
N PHE B 387 30.10 -59.22 32.04
CA PHE B 387 30.57 -58.64 33.29
C PHE B 387 29.52 -58.59 34.38
N GLY B 388 28.31 -59.05 34.12
CA GLY B 388 27.29 -59.01 35.14
C GLY B 388 26.74 -57.61 35.37
N ARG B 389 26.02 -57.47 36.48
CA ARG B 389 25.41 -56.20 36.82
C ARG B 389 26.49 -55.16 37.14
N LEU B 390 26.25 -53.92 36.71
CA LEU B 390 27.15 -52.83 37.03
C LEU B 390 27.15 -52.57 38.52
N LYS B 391 28.27 -52.03 39.02
CA LYS B 391 28.36 -51.70 40.43
C LYS B 391 27.50 -50.50 40.80
N GLU B 392 27.05 -49.73 39.82
CA GLU B 392 26.22 -48.57 40.06
C GLU B 392 24.74 -48.91 40.21
N GLU B 393 24.36 -50.17 40.05
CA GLU B 393 22.96 -50.56 40.16
C GLU B 393 22.52 -50.50 41.62
N LYS B 394 21.54 -49.65 41.91
CA LYS B 394 20.98 -49.54 43.25
C LYS B 394 19.71 -50.37 43.36
N GLY B 395 19.87 -51.67 43.20
CA GLY B 395 18.75 -52.59 43.27
C GLY B 395 19.03 -53.83 42.45
N ASP B 396 18.05 -54.73 42.46
CA ASP B 396 18.15 -55.98 41.69
C ASP B 396 17.56 -55.79 40.30
N ASN B 397 18.12 -54.82 39.58
CA ASN B 397 17.66 -54.50 38.24
C ASN B 397 18.83 -53.91 37.47
N ASP B 398 18.61 -53.73 36.17
CA ASP B 398 19.61 -53.17 35.29
C ASP B 398 19.27 -51.74 34.88
N ASN B 399 18.66 -50.98 35.80
CA ASN B 399 18.18 -49.65 35.44
C ASN B 399 19.30 -48.73 35.05
N PHE B 400 20.43 -48.78 35.77
CA PHE B 400 21.54 -47.92 35.43
C PHE B 400 22.09 -48.23 34.05
N ARG B 401 22.26 -49.51 33.73
CA ARG B 401 22.74 -49.89 32.41
C ARG B 401 21.75 -49.49 31.33
N ILE B 402 20.45 -49.68 31.59
CA ILE B 402 19.43 -49.27 30.64
C ILE B 402 19.55 -47.78 30.36
N LYS B 403 19.69 -46.97 31.41
CA LYS B 403 19.76 -45.54 31.22
C LYS B 403 21.03 -45.12 30.49
N ARG B 404 22.15 -45.76 30.79
CA ARG B 404 23.40 -45.44 30.11
C ARG B 404 23.29 -45.74 28.61
N TYR B 405 22.85 -46.94 28.27
CA TYR B 405 22.79 -47.30 26.86
C TYR B 405 21.70 -46.58 26.12
N LEU B 406 20.63 -46.16 26.82
CA LEU B 406 19.59 -45.38 26.17
C LEU B 406 20.06 -43.95 25.91
N SER B 407 20.81 -43.38 26.86
CA SER B 407 21.41 -42.08 26.63
C SER B 407 22.37 -42.11 25.47
N LYS B 408 23.01 -43.27 25.23
CA LYS B 408 23.96 -43.35 24.13
C LYS B 408 23.36 -42.94 22.79
N TYR B 409 22.06 -43.15 22.59
CA TYR B 409 21.46 -42.77 21.32
C TYR B 409 20.26 -41.85 21.43
N THR B 410 19.88 -41.40 22.63
CA THR B 410 18.77 -40.47 22.74
C THR B 410 19.21 -39.07 23.15
N ILE B 411 19.83 -38.91 24.31
CA ILE B 411 20.03 -37.57 24.85
C ILE B 411 21.46 -37.11 24.58
N ASN B 412 22.41 -38.03 24.54
CA ASN B 412 23.79 -37.63 24.31
C ASN B 412 24.03 -37.04 22.93
N PRO B 413 23.56 -37.63 21.84
CA PRO B 413 23.70 -36.95 20.54
C PRO B 413 22.94 -35.64 20.48
N ALA B 414 21.79 -35.53 21.15
CA ALA B 414 21.06 -34.28 21.17
C ALA B 414 21.87 -33.18 21.85
N ILE B 415 22.51 -33.51 22.98
CA ILE B 415 23.38 -32.55 23.64
C ILE B 415 24.57 -32.22 22.76
N ALA B 416 25.14 -33.23 22.11
CA ALA B 416 26.32 -33.00 21.29
C ALA B 416 26.04 -32.04 20.15
N HIS B 417 24.88 -32.16 19.53
CA HIS B 417 24.54 -31.32 18.39
C HIS B 417 23.62 -30.17 18.75
N GLY B 418 23.41 -29.90 20.03
CA GLY B 418 22.75 -28.68 20.41
C GLY B 418 21.26 -28.66 20.18
N ILE B 419 20.62 -29.82 20.13
CA ILE B 419 19.17 -29.91 19.95
C ILE B 419 18.49 -30.51 21.17
N SER B 420 19.20 -30.61 22.29
CA SER B 420 18.62 -31.20 23.49
C SER B 420 17.51 -30.35 24.08
N GLU B 421 17.35 -29.10 23.64
CA GLU B 421 16.21 -28.31 24.08
C GLU B 421 14.92 -28.81 23.46
N TYR B 422 14.99 -29.42 22.28
CA TYR B 422 13.81 -29.83 21.53
C TYR B 422 13.56 -31.33 21.62
N VAL B 423 14.58 -32.15 21.41
CA VAL B 423 14.41 -33.59 21.28
C VAL B 423 15.37 -34.28 22.23
N GLY B 424 15.27 -35.61 22.29
CA GLY B 424 16.22 -36.44 22.99
C GLY B 424 15.69 -37.11 24.23
N SER B 425 14.59 -36.63 24.80
CA SER B 425 14.08 -37.25 26.02
C SER B 425 12.59 -36.98 26.14
N VAL B 426 11.96 -37.74 27.01
CA VAL B 426 10.53 -37.58 27.30
C VAL B 426 10.45 -36.62 28.49
N GLU B 427 10.42 -35.33 28.19
CA GLU B 427 10.35 -34.29 29.20
C GLU B 427 9.31 -33.27 28.77
N VAL B 428 8.75 -32.57 29.76
CA VAL B 428 7.75 -31.56 29.48
C VAL B 428 8.40 -30.40 28.73
N GLY B 429 7.76 -29.96 27.66
CA GLY B 429 8.26 -28.88 26.85
C GLY B 429 9.02 -29.30 25.61
N LYS B 430 9.49 -30.54 25.57
CA LYS B 430 10.15 -31.04 24.39
C LYS B 430 9.14 -31.43 23.33
N VAL B 431 9.60 -31.56 22.09
CA VAL B 431 8.70 -31.96 21.03
C VAL B 431 8.33 -33.43 21.21
N ALA B 432 7.11 -33.77 20.80
CA ALA B 432 6.57 -35.10 21.03
C ALA B 432 7.04 -36.04 19.92
N ASP B 433 8.32 -36.42 20.02
CA ASP B 433 8.92 -37.43 19.16
C ASP B 433 9.08 -38.69 20.01
N LEU B 434 8.03 -39.49 20.06
CA LEU B 434 7.98 -40.61 20.97
C LEU B 434 7.89 -41.92 20.19
N VAL B 435 8.45 -42.97 20.78
CA VAL B 435 8.40 -44.31 20.20
C VAL B 435 7.73 -45.22 21.21
N LEU B 436 6.70 -45.93 20.75
CA LEU B 436 5.97 -46.90 21.55
C LEU B 436 6.46 -48.28 21.17
N TRP B 437 7.02 -48.99 22.15
CA TRP B 437 7.50 -50.35 22.00
C TRP B 437 6.65 -51.29 22.83
N SER B 438 6.44 -52.47 22.32
CA SER B 438 6.04 -53.51 23.24
C SER B 438 7.27 -54.14 23.85
N PRO B 439 7.26 -54.43 25.15
CA PRO B 439 8.48 -54.88 25.83
C PRO B 439 9.06 -56.14 25.23
N ALA B 440 8.25 -57.00 24.63
CA ALA B 440 8.79 -58.18 23.96
C ALA B 440 9.62 -57.81 22.75
N PHE B 441 9.31 -56.70 22.10
CA PHE B 441 10.00 -56.26 20.90
C PHE B 441 10.86 -55.04 21.14
N PHE B 442 11.17 -54.73 22.40
CA PHE B 442 11.91 -53.52 22.71
C PHE B 442 13.29 -53.56 22.07
N GLY B 443 13.66 -52.46 21.42
CA GLY B 443 14.97 -52.32 20.83
C GLY B 443 15.10 -52.84 19.42
N VAL B 444 14.09 -53.54 18.89
CA VAL B 444 14.21 -54.09 17.55
C VAL B 444 13.07 -53.61 16.65
N LYS B 445 11.84 -53.64 17.13
CA LYS B 445 10.69 -53.28 16.31
C LYS B 445 9.66 -52.50 17.13
N PRO B 446 9.51 -51.20 16.88
CA PRO B 446 8.56 -50.40 17.65
C PRO B 446 7.12 -50.72 17.28
N ASN B 447 6.22 -50.39 18.22
CA ASN B 447 4.80 -50.48 17.92
C ASN B 447 4.36 -49.29 17.08
N MET B 448 4.74 -48.09 17.48
CA MET B 448 4.34 -46.93 16.68
C MET B 448 5.24 -45.74 16.99
N ILE B 449 5.21 -44.77 16.10
CA ILE B 449 6.00 -43.56 16.23
C ILE B 449 5.05 -42.36 16.25
N ILE B 450 5.19 -41.53 17.26
CA ILE B 450 4.46 -40.28 17.37
C ILE B 450 5.40 -39.16 17.01
N LYS B 451 5.10 -38.45 15.93
CA LYS B 451 5.96 -37.40 15.41
C LYS B 451 5.23 -36.07 15.56
N GLY B 452 5.75 -35.20 16.40
CA GLY B 452 5.14 -33.89 16.59
C GLY B 452 3.73 -33.95 17.11
N GLY B 453 3.43 -34.90 17.98
CA GLY B 453 2.12 -35.02 18.55
C GLY B 453 1.11 -35.80 17.74
N PHE B 454 1.50 -36.33 16.60
CA PHE B 454 0.61 -37.12 15.76
C PHE B 454 1.33 -38.39 15.33
N ILE B 455 0.57 -39.46 15.17
CA ILE B 455 1.15 -40.74 14.79
C ILE B 455 1.63 -40.66 13.34
N ALA B 456 2.91 -40.94 13.12
CA ALA B 456 3.51 -40.85 11.80
C ALA B 456 3.76 -42.20 11.17
N LEU B 457 4.07 -43.21 11.96
CA LEU B 457 4.32 -44.54 11.45
C LEU B 457 3.74 -45.56 12.41
N SER B 458 3.22 -46.65 11.87
CA SER B 458 2.64 -47.64 12.77
C SER B 458 2.62 -49.00 12.09
N GLN B 459 2.70 -50.05 12.90
CA GLN B 459 2.46 -51.38 12.39
C GLN B 459 0.97 -51.52 12.09
N MET B 460 0.65 -51.83 10.84
CA MET B 460 -0.72 -51.92 10.40
C MET B 460 -0.92 -53.21 9.63
N GLY B 461 -2.12 -53.75 9.74
CA GLY B 461 -2.49 -54.96 9.02
C GLY B 461 -3.12 -54.64 7.68
N ASP B 462 -3.85 -55.61 7.15
CA ASP B 462 -4.52 -55.44 5.88
C ASP B 462 -5.48 -54.27 5.93
N ALA B 463 -5.42 -53.42 4.90
CA ALA B 463 -6.29 -52.24 4.87
C ALA B 463 -7.74 -52.63 4.64
N ASN B 464 -7.99 -53.75 3.95
CA ASN B 464 -9.33 -54.24 3.73
C ASN B 464 -9.88 -55.04 4.89
N ALA B 465 -9.09 -55.24 5.95
CA ALA B 465 -9.51 -56.06 7.05
C ALA B 465 -10.57 -55.37 7.90
N SER B 466 -11.30 -56.16 8.67
CA SER B 466 -12.30 -55.63 9.58
C SER B 466 -11.71 -55.16 10.91
N ILE B 467 -10.44 -55.45 11.16
CA ILE B 467 -9.72 -54.91 12.31
C ILE B 467 -8.29 -54.61 11.88
N PRO B 468 -7.57 -53.78 12.64
CA PRO B 468 -6.19 -53.43 12.26
C PRO B 468 -5.16 -54.53 12.47
N THR B 469 -5.48 -55.57 13.21
CA THR B 469 -4.50 -56.61 13.59
C THR B 469 -4.16 -57.66 12.53
N PRO B 470 -5.10 -58.13 11.69
CA PRO B 470 -4.80 -59.30 10.86
C PRO B 470 -3.71 -59.06 9.83
N GLN B 471 -3.07 -60.16 9.45
CA GLN B 471 -1.90 -60.14 8.59
C GLN B 471 -2.29 -59.74 7.16
N PRO B 472 -1.33 -59.22 6.39
CA PRO B 472 0.05 -58.96 6.77
C PRO B 472 0.20 -57.64 7.53
N VAL B 473 0.96 -57.67 8.62
CA VAL B 473 1.21 -56.49 9.43
C VAL B 473 2.62 -56.01 9.10
N TYR B 474 2.74 -54.77 8.65
CA TYR B 474 4.06 -54.19 8.50
C TYR B 474 3.95 -52.69 8.73
N TYR B 475 5.09 -52.01 8.64
CA TYR B 475 5.17 -50.62 9.02
C TYR B 475 4.64 -49.75 7.90
N ARG B 476 3.59 -49.00 8.18
CA ARG B 476 2.96 -48.14 7.20
C ARG B 476 2.96 -46.71 7.70
N GLU B 477 3.12 -45.78 6.76
CA GLU B 477 3.02 -44.37 7.07
C GLU B 477 1.60 -44.04 7.51
N MET B 478 1.50 -43.23 8.55
CA MET B 478 0.22 -42.78 9.05
C MET B 478 -0.02 -41.35 8.59
N PHE B 479 -1.04 -40.70 9.12
CA PHE B 479 -1.50 -39.43 8.57
C PHE B 479 -0.50 -38.30 8.79
N ALA B 480 0.28 -38.36 9.87
CA ALA B 480 1.31 -37.34 10.07
C ALA B 480 2.42 -37.42 9.04
N HIS B 481 2.45 -38.48 8.25
CA HIS B 481 3.44 -38.69 7.21
C HIS B 481 3.03 -38.08 5.88
N HIS B 482 1.82 -37.56 5.76
CA HIS B 482 1.24 -37.23 4.46
C HIS B 482 0.78 -35.78 4.43
N GLY B 483 0.48 -35.32 3.21
CA GLY B 483 -0.11 -34.01 2.97
C GLY B 483 0.75 -32.89 3.51
N LYS B 484 0.07 -31.89 4.06
CA LYS B 484 0.76 -30.80 4.74
C LYS B 484 0.89 -31.06 6.23
N ALA B 485 0.45 -32.21 6.71
CA ALA B 485 0.64 -32.55 8.11
C ALA B 485 2.10 -32.79 8.43
N LYS B 486 2.87 -33.32 7.48
CA LYS B 486 4.28 -33.59 7.75
C LYS B 486 5.07 -32.30 7.96
N TYR B 487 4.64 -31.21 7.33
CA TYR B 487 5.29 -29.93 7.57
C TYR B 487 5.15 -29.50 9.02
N ASP B 488 3.98 -29.71 9.61
CA ASP B 488 3.80 -29.38 11.02
C ASP B 488 4.47 -30.39 11.92
N ALA B 489 4.57 -31.64 11.48
CA ALA B 489 5.13 -32.69 12.33
C ALA B 489 6.64 -32.64 12.41
N ASN B 490 7.33 -32.26 11.34
CA ASN B 490 8.77 -32.44 11.26
C ASN B 490 9.53 -31.13 11.47
N ILE B 491 10.80 -31.27 11.83
CA ILE B 491 11.66 -30.14 12.15
C ILE B 491 12.91 -30.23 11.29
N THR B 492 13.32 -29.10 10.74
CA THR B 492 14.62 -28.94 10.12
C THR B 492 15.47 -28.08 11.05
N PHE B 493 16.60 -28.61 11.47
CA PHE B 493 17.50 -27.88 12.33
C PHE B 493 18.49 -27.11 11.47
N VAL B 494 18.70 -25.84 11.80
CA VAL B 494 19.66 -25.00 11.12
C VAL B 494 20.48 -24.27 12.17
N SER B 495 21.48 -23.53 11.72
CA SER B 495 22.26 -22.72 12.63
C SER B 495 21.46 -21.49 13.05
N GLN B 496 21.86 -20.91 14.17
CA GLN B 496 21.22 -19.67 14.61
C GLN B 496 21.43 -18.56 13.59
N ALA B 497 22.57 -18.54 12.91
CA ALA B 497 22.81 -17.51 11.91
C ALA B 497 21.83 -17.62 10.75
N ALA B 498 21.65 -18.83 10.23
CA ALA B 498 20.69 -19.03 9.14
C ALA B 498 19.28 -18.72 9.61
N TYR B 499 18.94 -19.12 10.83
CA TYR B 499 17.62 -18.84 11.37
C TYR B 499 17.38 -17.34 11.45
N ASP B 500 18.35 -16.57 11.92
CA ASP B 500 18.21 -15.13 12.00
C ASP B 500 18.12 -14.51 10.62
N LYS B 501 18.92 -14.98 9.67
CA LYS B 501 18.85 -14.48 8.31
C LYS B 501 17.57 -14.88 7.61
N GLY B 502 16.79 -15.80 8.18
CA GLY B 502 15.51 -16.12 7.61
C GLY B 502 15.62 -17.16 6.51
N ILE B 503 16.33 -18.25 6.81
CA ILE B 503 16.51 -19.31 5.85
C ILE B 503 15.16 -19.93 5.47
N LYS B 504 14.23 -19.98 6.42
CA LYS B 504 12.94 -20.61 6.16
C LYS B 504 12.19 -19.89 5.04
N GLU B 505 12.04 -18.58 5.16
CA GLU B 505 11.35 -17.82 4.13
C GLU B 505 12.18 -17.73 2.85
N GLU B 506 13.50 -17.64 2.98
CA GLU B 506 14.35 -17.52 1.80
C GLU B 506 14.28 -18.77 0.93
N LEU B 507 14.31 -19.95 1.54
CA LEU B 507 14.23 -21.19 0.80
C LEU B 507 12.82 -21.72 0.65
N GLY B 508 11.83 -21.02 1.21
CA GLY B 508 10.46 -21.48 1.07
C GLY B 508 10.18 -22.79 1.77
N LEU B 509 10.83 -23.04 2.89
CA LEU B 509 10.58 -24.26 3.64
C LEU B 509 9.26 -24.18 4.39
N GLU B 510 8.52 -25.29 4.39
CA GLU B 510 7.28 -25.36 5.12
C GLU B 510 7.41 -26.09 6.45
N ARG B 511 8.48 -26.85 6.65
CA ARG B 511 8.72 -27.49 7.93
C ARG B 511 9.02 -26.44 9.00
N GLN B 512 8.81 -26.81 10.25
CA GLN B 512 9.34 -26.00 11.33
C GLN B 512 10.85 -25.93 11.19
N VAL B 513 11.40 -24.75 11.38
CA VAL B 513 12.84 -24.54 11.26
C VAL B 513 13.33 -24.05 12.61
N LEU B 514 14.24 -24.81 13.21
CA LEU B 514 14.68 -24.47 14.55
C LEU B 514 16.19 -24.33 14.60
N PRO B 515 16.70 -23.36 15.35
CA PRO B 515 18.15 -23.20 15.48
C PRO B 515 18.74 -24.11 16.55
N VAL B 516 19.93 -24.62 16.27
CA VAL B 516 20.69 -25.34 17.28
C VAL B 516 21.41 -24.34 18.16
N LYS B 517 21.67 -24.75 19.41
CA LYS B 517 22.31 -23.85 20.35
C LYS B 517 23.06 -24.66 21.40
N ASN B 518 24.04 -24.01 22.03
CA ASN B 518 24.86 -24.62 23.08
C ASN B 518 25.64 -25.83 22.57
N CYS B 519 26.34 -25.63 21.46
CA CYS B 519 27.19 -26.68 20.90
C CYS B 519 28.65 -26.56 21.30
N ARG B 520 29.12 -25.36 21.63
CA ARG B 520 30.53 -25.14 21.86
C ARG B 520 30.95 -25.27 23.32
N ASN B 521 30.02 -25.10 24.25
CA ASN B 521 30.35 -25.08 25.68
C ASN B 521 30.01 -26.39 26.37
N ILE B 522 30.09 -27.51 25.66
CA ILE B 522 29.80 -28.82 26.22
C ILE B 522 31.06 -29.66 26.18
N THR B 523 31.24 -30.49 27.20
CA THR B 523 32.35 -31.42 27.22
C THR B 523 31.84 -32.83 27.47
N LYS B 524 32.76 -33.77 27.67
CA LYS B 524 32.37 -35.13 28.00
C LYS B 524 31.58 -35.17 29.30
N LYS B 525 31.82 -34.22 30.21
CA LYS B 525 31.12 -34.19 31.49
C LYS B 525 29.63 -33.91 31.32
N ASP B 526 29.21 -33.39 30.18
CA ASP B 526 27.80 -33.07 29.96
C ASP B 526 27.02 -34.23 29.38
N MET B 527 27.69 -35.32 29.01
CA MET B 527 26.98 -36.51 28.56
C MET B 527 26.33 -37.20 29.76
N GLN B 528 25.14 -37.74 29.55
CA GLN B 528 24.38 -38.37 30.62
C GLN B 528 24.79 -39.84 30.72
N PHE B 529 25.20 -40.24 31.92
CA PHE B 529 25.55 -41.62 32.23
C PHE B 529 26.74 -42.12 31.42
N ASN B 530 27.34 -41.25 30.62
CA ASN B 530 28.48 -41.59 29.79
C ASN B 530 29.53 -40.50 29.85
N ASP B 531 29.78 -39.98 31.05
CA ASP B 531 30.70 -38.87 31.26
C ASP B 531 32.03 -39.32 31.86
N THR B 532 32.37 -40.59 31.72
CA THR B 532 33.58 -41.13 32.33
C THR B 532 34.79 -40.62 31.56
N THR B 533 35.57 -39.75 32.20
CA THR B 533 36.85 -39.32 31.68
C THR B 533 37.95 -40.05 32.45
N ALA B 534 38.63 -40.96 31.79
CA ALA B 534 39.70 -41.72 32.40
C ALA B 534 40.92 -41.69 31.49
N HIS B 535 42.10 -41.61 32.09
CA HIS B 535 43.32 -41.70 31.31
C HIS B 535 43.40 -43.06 30.65
N ILE B 536 43.30 -43.09 29.33
CA ILE B 536 43.29 -44.34 28.58
C ILE B 536 44.71 -44.60 28.12
N GLU B 537 45.40 -45.48 28.82
CA GLU B 537 46.76 -45.86 28.43
C GLU B 537 46.66 -46.89 27.33
N VAL B 538 47.09 -46.52 26.13
CA VAL B 538 47.08 -47.41 24.99
C VAL B 538 48.52 -47.78 24.68
N ASN B 539 48.84 -49.07 24.83
CA ASN B 539 50.13 -49.58 24.41
C ASN B 539 50.00 -50.02 22.96
N PRO B 540 50.59 -49.30 22.00
CA PRO B 540 50.47 -49.70 20.59
C PRO B 540 51.38 -50.86 20.22
N GLU B 541 52.44 -51.11 21.00
CA GLU B 541 53.25 -52.29 20.76
C GLU B 541 52.43 -53.56 20.96
N THR B 542 51.56 -53.56 21.97
CA THR B 542 50.73 -54.72 22.29
C THR B 542 49.27 -54.52 21.95
N TYR B 543 48.89 -53.33 21.45
CA TYR B 543 47.49 -53.00 21.18
C TYR B 543 46.62 -53.23 22.40
N HIS B 544 47.15 -52.83 23.56
CA HIS B 544 46.49 -53.08 24.83
C HIS B 544 45.94 -51.78 25.39
N VAL B 545 44.67 -51.80 25.76
CA VAL B 545 43.98 -50.62 26.29
C VAL B 545 43.78 -50.82 27.78
N PHE B 546 44.19 -49.82 28.56
CA PHE B 546 44.01 -49.84 30.01
C PHE B 546 43.30 -48.57 30.41
N VAL B 547 42.33 -48.69 31.33
CA VAL B 547 41.70 -47.55 31.96
C VAL B 547 41.88 -47.69 33.46
N ASP B 548 42.48 -46.67 34.08
CA ASP B 548 42.83 -46.71 35.49
C ASP B 548 43.66 -47.95 35.82
N GLY B 549 44.55 -48.31 34.90
CA GLY B 549 45.42 -49.47 35.05
C GLY B 549 44.86 -50.79 34.55
N LYS B 550 43.60 -51.07 34.87
CA LYS B 550 43.00 -52.34 34.49
C LYS B 550 42.85 -52.43 32.98
N GLU B 551 43.21 -53.57 32.42
CA GLU B 551 43.07 -53.81 30.99
C GLU B 551 41.62 -54.08 30.65
N VAL B 552 41.22 -53.64 29.45
CA VAL B 552 39.85 -53.79 28.99
C VAL B 552 39.83 -54.71 27.78
N THR B 553 38.92 -55.67 27.79
CA THR B 553 38.78 -56.62 26.69
C THR B 553 37.43 -57.30 26.86
N SER B 554 36.98 -57.95 25.79
CA SER B 554 35.75 -58.71 25.83
C SER B 554 35.87 -59.88 24.88
N LYS B 555 35.07 -60.85 25.10
CA LYS B 555 35.13 -62.00 24.22
C LYS B 555 34.10 -61.86 23.10
N PRO B 556 34.41 -62.38 21.91
CA PRO B 556 33.43 -62.32 20.83
C PRO B 556 32.18 -63.10 21.19
N ALA B 557 31.03 -62.57 20.78
CA ALA B 557 29.75 -63.20 21.05
C ALA B 557 29.41 -64.18 19.93
N ASN B 558 29.13 -65.42 20.29
CA ASN B 558 28.74 -66.42 19.31
C ASN B 558 27.30 -66.22 18.84
N LYS B 559 26.45 -65.65 19.68
CA LYS B 559 25.05 -65.45 19.34
C LYS B 559 24.53 -64.26 20.12
N VAL B 560 24.01 -63.27 19.41
CA VAL B 560 23.49 -62.06 20.02
C VAL B 560 21.98 -62.15 20.09
N SER B 561 21.38 -61.33 20.95
CA SER B 561 19.94 -61.24 21.05
C SER B 561 19.40 -60.24 20.04
N LEU B 562 18.08 -60.24 19.88
CA LEU B 562 17.37 -59.31 19.00
C LEU B 562 17.85 -59.39 17.56
N ALA B 563 18.36 -60.54 17.13
CA ALA B 563 18.90 -60.66 15.78
C ALA B 563 18.09 -61.59 14.90
N GLN B 564 17.99 -62.87 15.25
CA GLN B 564 17.33 -63.83 14.38
C GLN B 564 15.94 -64.23 14.86
N LEU B 565 15.62 -63.95 16.12
CA LEU B 565 14.27 -64.21 16.61
C LEU B 565 13.25 -63.28 15.97
N PHE B 566 13.66 -62.11 15.50
CA PHE B 566 12.72 -61.06 15.14
C PHE B 566 12.66 -60.74 13.66
N SER B 567 13.62 -61.20 12.86
CA SER B 567 13.73 -60.78 11.48
C SER B 567 13.72 -61.99 10.56
N ILE B 568 12.93 -61.92 9.49
CA ILE B 568 12.92 -62.99 8.51
C ILE B 568 14.21 -62.99 7.70
N PHE B 569 14.82 -61.82 7.50
CA PHE B 569 16.05 -61.70 6.75
C PHE B 569 17.06 -60.84 7.50
N MET C 1 46.57 -68.62 22.91
CA MET C 1 45.79 -67.45 23.30
C MET C 1 45.50 -66.57 22.09
N ASN C 2 44.76 -67.13 21.13
CA ASN C 2 44.42 -66.39 19.93
C ASN C 2 43.39 -65.32 20.23
N THR C 3 43.71 -64.07 19.92
CA THR C 3 42.77 -62.98 20.15
C THR C 3 41.65 -62.96 19.13
N TYR C 4 41.85 -63.57 17.97
CA TYR C 4 40.80 -63.62 16.97
C TYR C 4 39.71 -64.60 17.38
N ALA C 5 38.50 -64.38 16.87
CA ALA C 5 37.37 -65.24 17.21
C ALA C 5 37.59 -66.66 16.71
N GLN C 6 38.11 -66.81 15.51
CA GLN C 6 38.40 -68.11 14.93
C GLN C 6 39.87 -68.17 14.54
N GLU C 7 40.32 -69.38 14.18
CA GLU C 7 41.71 -69.59 13.80
C GLU C 7 42.02 -68.90 12.49
N SER C 8 43.19 -68.28 12.41
CA SER C 8 43.61 -67.54 11.22
C SER C 8 44.10 -68.53 10.18
N LYS C 9 43.29 -68.76 9.16
CA LYS C 9 43.61 -69.70 8.08
C LYS C 9 43.47 -69.00 6.74
N LEU C 10 44.23 -69.49 5.76
CA LEU C 10 44.16 -68.97 4.40
C LEU C 10 44.47 -70.12 3.45
N ARG C 11 43.43 -70.77 2.95
CA ARG C 11 43.57 -71.86 1.99
C ARG C 11 43.26 -71.31 0.61
N LEU C 12 44.27 -71.27 -0.26
CA LEU C 12 44.12 -70.75 -1.60
C LEU C 12 44.51 -71.82 -2.60
N LYS C 13 43.73 -71.95 -3.67
CA LYS C 13 44.00 -72.90 -4.74
C LYS C 13 43.72 -72.21 -6.06
N THR C 14 44.76 -72.04 -6.88
CA THR C 14 44.65 -71.36 -8.16
C THR C 14 44.82 -72.35 -9.30
N LYS C 15 44.09 -72.09 -10.39
CA LYS C 15 44.14 -72.92 -11.59
C LYS C 15 44.03 -72.01 -12.81
N ILE C 16 44.23 -72.60 -13.98
CA ILE C 16 44.13 -71.86 -15.23
C ILE C 16 42.66 -71.74 -15.63
N GLY C 17 42.22 -70.52 -15.89
CA GLY C 17 40.83 -70.27 -16.22
C GLY C 17 40.49 -70.61 -17.65
N ALA C 18 39.21 -70.42 -17.99
CA ALA C 18 38.73 -70.70 -19.34
C ALA C 18 39.38 -69.77 -20.36
N ASP C 19 39.55 -68.49 -20.00
CA ASP C 19 40.14 -67.52 -20.92
C ASP C 19 41.67 -67.59 -20.96
N GLY C 20 42.27 -68.56 -20.27
CA GLY C 20 43.71 -68.72 -20.29
C GLY C 20 44.45 -67.98 -19.20
N ARG C 21 43.77 -67.14 -18.43
CA ARG C 21 44.42 -66.44 -17.33
C ARG C 21 44.44 -67.31 -16.08
N CYS C 22 45.30 -66.93 -15.14
CA CYS C 22 45.40 -67.63 -13.86
C CYS C 22 44.30 -67.12 -12.94
N VAL C 23 43.36 -68.00 -12.57
CA VAL C 23 42.22 -67.62 -11.75
C VAL C 23 42.29 -68.40 -10.44
N ILE C 24 41.57 -67.88 -9.45
CA ILE C 24 41.47 -68.52 -8.15
C ILE C 24 40.36 -69.56 -8.22
N GLU C 25 40.74 -70.83 -8.21
CA GLU C 25 39.73 -71.89 -8.21
C GLU C 25 38.98 -71.94 -6.89
N ASP C 26 39.69 -71.85 -5.78
CA ASP C 26 39.05 -71.91 -4.47
C ASP C 26 39.84 -71.06 -3.48
N ASN C 27 39.15 -70.52 -2.48
CA ASN C 27 39.81 -69.76 -1.45
C ASN C 27 38.93 -69.66 -0.23
N PHE C 28 39.55 -69.80 0.93
CA PHE C 28 38.86 -69.69 2.22
C PHE C 28 39.81 -68.98 3.17
N PHE C 29 39.41 -67.81 3.65
CA PHE C 29 40.26 -67.00 4.51
C PHE C 29 39.48 -66.53 5.73
N THR C 30 40.04 -66.73 6.89
CA THR C 30 39.58 -66.16 8.14
C THR C 30 40.44 -64.96 8.51
N PRO C 31 39.95 -64.07 9.35
CA PRO C 31 40.75 -62.89 9.71
C PRO C 31 42.05 -63.32 10.37
N PRO C 32 43.14 -62.56 10.15
CA PRO C 32 43.16 -61.31 9.41
C PRO C 32 43.40 -61.48 7.91
N PHE C 33 43.37 -62.71 7.42
CA PHE C 33 43.66 -62.97 6.03
C PHE C 33 42.51 -62.52 5.13
N LYS C 34 42.85 -62.18 3.89
CA LYS C 34 41.85 -61.83 2.89
C LYS C 34 42.46 -62.00 1.51
N LEU C 35 41.62 -62.41 0.57
CA LEU C 35 42.04 -62.60 -0.82
C LEU C 35 41.12 -61.81 -1.74
N MET C 36 41.72 -61.04 -2.64
CA MET C 36 40.97 -60.34 -3.68
C MET C 36 41.13 -61.09 -5.00
N ALA C 37 40.53 -60.55 -6.04
CA ALA C 37 40.70 -61.13 -7.36
C ALA C 37 42.15 -60.94 -7.82
N PRO C 38 42.71 -61.91 -8.55
CA PRO C 38 44.08 -61.75 -9.04
C PRO C 38 44.20 -60.54 -9.96
N PHE C 39 45.34 -59.87 -9.89
CA PHE C 39 45.65 -58.77 -10.78
C PHE C 39 46.44 -59.28 -11.97
N TYR C 40 46.16 -58.72 -13.15
CA TYR C 40 46.76 -59.17 -14.40
C TYR C 40 47.47 -58.00 -15.06
N PRO C 41 48.72 -57.74 -14.71
CA PRO C 41 49.49 -56.73 -15.44
C PRO C 41 49.63 -57.10 -16.91
N LYS C 42 49.96 -56.10 -17.72
CA LYS C 42 49.93 -56.28 -19.17
C LYS C 42 50.90 -57.36 -19.63
N ASP C 43 52.11 -57.37 -19.08
CA ASP C 43 53.15 -58.29 -19.54
C ASP C 43 53.63 -59.29 -18.51
N ASP C 44 53.43 -59.03 -17.22
CA ASP C 44 54.02 -59.87 -16.18
C ASP C 44 53.10 -61.06 -15.89
N LEU C 45 53.43 -61.80 -14.83
CA LEU C 45 52.64 -62.93 -14.39
C LEU C 45 51.41 -62.45 -13.64
N ALA C 46 50.47 -63.37 -13.40
CA ALA C 46 49.29 -63.02 -12.63
C ALA C 46 49.68 -62.78 -11.18
N GLU C 47 49.33 -61.62 -10.64
CA GLU C 47 49.75 -61.24 -9.30
C GLU C 47 48.62 -61.45 -8.30
N ILE C 48 48.95 -62.09 -7.19
CA ILE C 48 48.03 -62.30 -6.08
C ILE C 48 48.64 -61.67 -4.84
N MET C 49 47.88 -60.80 -4.19
CA MET C 49 48.34 -60.12 -2.98
C MET C 49 47.70 -60.79 -1.77
N LEU C 50 48.52 -61.34 -0.89
CA LEU C 50 48.04 -61.93 0.35
C LEU C 50 47.77 -60.80 1.33
N LEU C 51 46.51 -60.39 1.42
CA LEU C 51 46.16 -59.28 2.30
C LEU C 51 46.16 -59.75 3.75
N ALA C 52 46.74 -58.92 4.62
CA ALA C 52 46.68 -59.14 6.06
C ALA C 52 46.04 -57.90 6.68
N VAL C 53 44.81 -58.05 7.16
CA VAL C 53 44.06 -56.93 7.72
C VAL C 53 44.43 -56.87 9.20
N SER C 54 45.58 -56.26 9.47
CA SER C 54 46.11 -56.11 10.82
C SER C 54 47.35 -55.23 10.78
N PRO C 55 47.65 -54.49 11.85
CA PRO C 55 48.90 -53.74 11.89
C PRO C 55 50.14 -54.62 11.90
N GLY C 56 49.99 -55.90 12.25
CA GLY C 56 51.11 -56.81 12.30
C GLY C 56 50.82 -57.94 13.25
N MET C 57 51.71 -58.93 13.23
CA MET C 57 51.55 -60.09 14.09
C MET C 57 51.81 -59.70 15.55
N MET C 58 50.90 -60.10 16.43
CA MET C 58 51.00 -59.81 17.85
C MET C 58 51.05 -61.13 18.62
N ARG C 59 51.04 -61.02 19.96
CA ARG C 59 51.13 -62.21 20.79
C ARG C 59 49.94 -63.13 20.56
N GLY C 60 50.22 -64.42 20.43
CA GLY C 60 49.19 -65.41 20.25
C GLY C 60 48.72 -65.60 18.83
N ASP C 61 49.22 -64.82 17.88
CA ASP C 61 48.84 -65.00 16.49
C ASP C 61 49.40 -66.31 15.96
N ALA C 62 48.54 -67.11 15.33
CA ALA C 62 48.93 -68.41 14.77
C ALA C 62 48.29 -68.53 13.40
N GLN C 63 49.04 -68.18 12.37
CA GLN C 63 48.53 -68.15 11.00
C GLN C 63 48.85 -69.46 10.29
N ASP C 64 47.88 -69.98 9.54
CA ASP C 64 48.02 -71.23 8.81
C ASP C 64 47.68 -70.95 7.34
N VAL C 65 48.70 -70.85 6.50
CA VAL C 65 48.55 -70.56 5.08
C VAL C 65 48.81 -71.83 4.29
N GLN C 66 47.96 -72.09 3.30
CA GLN C 66 48.10 -73.26 2.43
C GLN C 66 47.81 -72.83 1.00
N LEU C 67 48.86 -72.64 0.23
CA LEU C 67 48.74 -72.23 -1.17
C LEU C 67 48.93 -73.43 -2.08
N ASN C 68 48.10 -73.51 -3.11
CA ASN C 68 48.15 -74.62 -4.06
C ASN C 68 48.05 -74.04 -5.47
N ILE C 69 49.20 -73.90 -6.12
CA ILE C 69 49.26 -73.44 -7.50
C ILE C 69 49.13 -74.65 -8.41
N GLY C 70 48.17 -74.61 -9.33
CA GLY C 70 47.94 -75.72 -10.22
C GLY C 70 48.88 -75.70 -11.41
N PRO C 71 48.71 -76.70 -12.28
CA PRO C 71 49.61 -76.83 -13.44
C PRO C 71 49.51 -75.63 -14.37
N ASN C 72 50.64 -75.31 -14.98
CA ASN C 72 50.73 -74.28 -16.04
C ASN C 72 50.27 -72.92 -15.56
N CYS C 73 50.49 -72.60 -14.28
CA CYS C 73 50.11 -71.31 -13.71
C CYS C 73 51.35 -70.47 -13.48
N LYS C 74 51.35 -69.24 -14.00
CA LYS C 74 52.44 -68.29 -13.85
C LYS C 74 51.99 -67.21 -12.86
N LEU C 75 52.29 -67.43 -11.59
CA LEU C 75 51.74 -66.63 -10.50
C LEU C 75 52.87 -65.99 -9.71
N ARG C 76 52.69 -64.71 -9.40
CA ARG C 76 53.56 -63.98 -8.50
C ARG C 76 52.74 -63.59 -7.27
N ILE C 77 53.17 -64.03 -6.10
CA ILE C 77 52.45 -63.82 -4.86
C ILE C 77 53.22 -62.82 -4.02
N THR C 78 52.61 -61.66 -3.78
CA THR C 78 53.18 -60.60 -2.98
C THR C 78 52.32 -60.37 -1.74
N SER C 79 52.72 -59.39 -0.94
CA SER C 79 51.98 -59.01 0.26
C SER C 79 51.66 -57.53 0.20
N GLN C 80 50.75 -57.10 1.09
CA GLN C 80 50.29 -55.72 1.07
C GLN C 80 51.41 -54.75 1.46
N SER C 81 52.10 -55.03 2.56
CA SER C 81 53.12 -54.12 3.05
C SER C 81 54.10 -54.93 3.89
N PHE C 82 55.03 -54.23 4.55
CA PHE C 82 56.02 -54.88 5.40
C PHE C 82 55.33 -55.64 6.52
N GLU C 83 55.78 -56.88 6.76
CA GLU C 83 55.23 -57.69 7.84
C GLU C 83 55.94 -57.34 9.13
N LYS C 84 55.21 -56.74 10.07
CA LYS C 84 55.78 -56.28 11.33
C LYS C 84 55.39 -57.24 12.45
N ILE C 85 56.38 -57.69 13.20
CA ILE C 85 56.16 -58.51 14.38
C ILE C 85 56.19 -57.57 15.58
N HIS C 86 55.06 -57.47 16.28
CA HIS C 86 54.94 -56.55 17.39
C HIS C 86 55.53 -57.18 18.65
N ASN C 87 55.53 -56.40 19.73
CA ASN C 87 56.03 -56.88 21.01
C ASN C 87 55.11 -58.00 21.52
N THR C 88 55.59 -59.23 21.46
CA THR C 88 54.91 -60.36 22.08
C THR C 88 55.41 -60.47 23.51
N GLU C 89 54.54 -60.12 24.46
CA GLU C 89 54.95 -59.96 25.85
C GLU C 89 55.51 -61.25 26.43
N ASP C 90 54.67 -62.28 26.55
CA ASP C 90 55.10 -63.57 27.05
C ASP C 90 54.98 -64.69 26.02
N GLY C 91 54.18 -64.51 24.98
CA GLY C 91 53.98 -65.50 23.95
C GLY C 91 54.79 -65.22 22.71
N PHE C 92 54.27 -65.70 21.57
CA PHE C 92 54.99 -65.58 20.31
C PHE C 92 53.97 -65.54 19.18
N ALA C 93 54.43 -65.09 18.01
CA ALA C 93 53.63 -65.09 16.80
C ALA C 93 54.20 -66.15 15.86
N SER C 94 53.33 -67.02 15.35
CA SER C 94 53.75 -68.14 14.53
C SER C 94 53.02 -68.11 13.18
N ARG C 95 53.76 -68.43 12.13
CA ARG C 95 53.19 -68.59 10.80
C ARG C 95 53.63 -69.93 10.25
N ASP C 96 52.67 -70.69 9.70
CA ASP C 96 52.94 -71.98 9.10
C ASP C 96 52.39 -71.95 7.68
N MET C 97 53.28 -71.89 6.70
CA MET C 97 52.89 -71.74 5.30
C MET C 97 53.32 -72.97 4.52
N HIS C 98 52.34 -73.69 3.99
CA HIS C 98 52.57 -74.86 3.15
C HIS C 98 52.17 -74.52 1.72
N ILE C 99 53.09 -74.66 0.79
CA ILE C 99 52.88 -74.32 -0.61
C ILE C 99 53.08 -75.58 -1.44
N VAL C 100 52.18 -75.78 -2.41
CA VAL C 100 52.26 -76.91 -3.33
C VAL C 100 52.20 -76.36 -4.74
N VAL C 101 53.25 -76.58 -5.52
CA VAL C 101 53.34 -76.11 -6.90
C VAL C 101 53.17 -77.30 -7.82
N GLY C 102 52.30 -77.17 -8.82
CA GLY C 102 52.02 -78.24 -9.74
C GLY C 102 53.02 -78.29 -10.89
N GLU C 103 52.74 -79.19 -11.83
CA GLU C 103 53.61 -79.39 -12.96
C GLU C 103 53.63 -78.18 -13.87
N ASN C 104 54.83 -77.81 -14.35
CA ASN C 104 55.02 -76.72 -15.31
C ASN C 104 54.48 -75.40 -14.78
N ALA C 105 54.48 -75.22 -13.46
CA ALA C 105 53.95 -74.03 -12.83
C ALA C 105 55.09 -73.18 -12.26
N PHE C 106 55.01 -71.87 -12.48
CA PHE C 106 55.99 -70.93 -11.95
C PHE C 106 55.34 -70.12 -10.84
N LEU C 107 55.98 -70.12 -9.67
CA LEU C 107 55.54 -69.33 -8.53
C LEU C 107 56.67 -68.42 -8.10
N ASP C 108 56.39 -67.13 -8.06
CA ASP C 108 57.35 -66.12 -7.60
C ASP C 108 56.80 -65.58 -6.28
N PHE C 109 57.26 -66.16 -5.18
CA PHE C 109 56.83 -65.75 -3.85
C PHE C 109 57.74 -64.62 -3.40
N ALA C 110 57.25 -63.39 -3.47
CA ALA C 110 58.05 -62.20 -3.16
C ALA C 110 57.30 -61.36 -2.12
N PRO C 111 57.32 -61.77 -0.87
CA PRO C 111 56.71 -60.96 0.19
C PRO C 111 57.58 -59.78 0.57
N PHE C 112 56.98 -58.83 1.27
CA PHE C 112 57.69 -57.66 1.74
C PHE C 112 58.59 -58.02 2.92
N PRO C 113 59.60 -57.20 3.21
CA PRO C 113 60.52 -57.51 4.30
C PRO C 113 59.81 -57.61 5.64
N LEU C 114 60.35 -58.47 6.50
CA LEU C 114 59.84 -58.66 7.85
C LEU C 114 60.58 -57.75 8.83
N ILE C 115 59.82 -56.97 9.59
CA ILE C 115 60.38 -56.03 10.55
C ILE C 115 59.96 -56.46 11.94
N PRO C 116 60.87 -57.08 12.71
CA PRO C 116 60.55 -57.43 14.10
C PRO C 116 60.77 -56.24 15.01
N PHE C 117 59.79 -55.94 15.86
CA PHE C 117 59.89 -54.84 16.79
C PHE C 117 60.65 -55.30 18.03
N GLU C 118 60.71 -54.44 19.04
CA GLU C 118 61.41 -54.79 20.28
C GLU C 118 60.67 -55.90 21.01
N ASN C 119 61.43 -56.87 21.51
CA ASN C 119 60.89 -58.03 22.23
C ASN C 119 59.89 -58.81 21.38
N ALA C 120 60.23 -59.02 20.12
CA ALA C 120 59.40 -59.76 19.19
C ALA C 120 59.87 -61.20 19.12
N HIS C 121 58.94 -62.15 19.24
CA HIS C 121 59.23 -63.57 19.14
C HIS C 121 58.39 -64.14 18.00
N PHE C 122 59.07 -64.59 16.95
CA PHE C 122 58.40 -65.07 15.75
C PHE C 122 58.91 -66.45 15.38
N LYS C 123 57.99 -67.32 14.97
CA LYS C 123 58.30 -68.68 14.52
C LYS C 123 57.63 -68.91 13.17
N GLY C 124 58.41 -68.90 12.11
CA GLY C 124 57.91 -69.15 10.76
C GLY C 124 58.36 -70.52 10.29
N ASN C 125 57.45 -71.24 9.65
CA ASN C 125 57.72 -72.59 9.13
C ASN C 125 57.11 -72.68 7.74
N THR C 126 57.96 -72.62 6.72
CA THR C 126 57.52 -72.69 5.33
C THR C 126 57.94 -74.03 4.75
N THR C 127 56.98 -74.73 4.17
CA THR C 127 57.22 -76.02 3.51
C THR C 127 56.71 -75.92 2.09
N ILE C 128 57.62 -75.92 1.13
CA ILE C 128 57.28 -75.82 -0.29
C ILE C 128 57.51 -77.18 -0.92
N SER C 129 56.52 -77.66 -1.67
CA SER C 129 56.58 -78.91 -2.40
C SER C 129 56.44 -78.62 -3.88
N LEU C 130 57.30 -79.24 -4.69
CA LEU C 130 57.35 -78.97 -6.12
C LEU C 130 57.32 -80.28 -6.89
N ARG C 131 56.96 -80.18 -8.16
CA ARG C 131 57.13 -81.27 -9.09
C ARG C 131 58.48 -81.14 -9.79
N SER C 132 58.79 -82.09 -10.68
CA SER C 132 60.05 -82.03 -11.41
C SER C 132 60.10 -80.79 -12.30
N SER C 133 58.98 -80.45 -12.95
CA SER C 133 58.92 -79.32 -13.86
C SER C 133 58.57 -78.01 -13.18
N SER C 134 58.22 -78.04 -11.89
CA SER C 134 57.83 -76.82 -11.19
C SER C 134 59.01 -75.87 -11.06
N GLN C 135 58.72 -74.58 -11.17
CA GLN C 135 59.71 -73.53 -10.96
C GLN C 135 59.31 -72.69 -9.75
N LEU C 136 60.29 -72.38 -8.91
CA LEU C 136 60.05 -71.62 -7.69
C LEU C 136 61.09 -70.51 -7.57
N LEU C 137 60.63 -69.33 -7.16
CA LEU C 137 61.51 -68.20 -6.84
C LEU C 137 61.08 -67.72 -5.46
N TYR C 138 61.63 -68.33 -4.43
CA TYR C 138 61.28 -67.99 -3.05
C TYR C 138 62.21 -66.90 -2.55
N SER C 139 61.69 -66.05 -1.67
CA SER C 139 62.48 -64.96 -1.13
C SER C 139 62.03 -64.65 0.29
N ALA C 140 62.95 -64.07 1.06
CA ALA C 140 62.64 -63.62 2.41
C ALA C 140 63.64 -62.55 2.81
N ILE C 141 63.15 -61.41 3.26
CA ILE C 141 63.98 -60.32 3.75
C ILE C 141 63.70 -60.14 5.23
N ILE C 142 64.76 -60.08 6.02
CA ILE C 142 64.68 -59.88 7.46
C ILE C 142 65.41 -58.60 7.81
N VAL C 143 64.76 -57.72 8.55
CA VAL C 143 65.35 -56.47 8.99
C VAL C 143 65.75 -56.60 10.45
N ALA C 144 66.80 -55.88 10.84
CA ALA C 144 67.24 -55.90 12.23
C ALA C 144 66.27 -55.22 13.18
N GLY C 145 65.28 -54.52 12.66
CA GLY C 145 64.32 -53.80 13.46
C GLY C 145 64.05 -52.44 12.85
N ARG C 146 63.48 -51.55 13.64
CA ARG C 146 63.23 -50.18 13.18
C ARG C 146 64.56 -49.43 13.22
N VAL C 147 65.30 -49.53 12.11
CA VAL C 147 66.68 -49.07 12.07
C VAL C 147 66.75 -47.55 12.26
N ALA C 148 65.86 -46.82 11.60
CA ALA C 148 65.95 -45.36 11.61
C ALA C 148 65.73 -44.77 13.00
N ARG C 149 65.16 -45.52 13.93
CA ARG C 149 65.01 -45.06 15.30
C ARG C 149 65.90 -45.82 16.28
N ASN C 150 67.01 -46.37 15.79
CA ASN C 150 68.01 -47.04 16.62
C ASN C 150 67.43 -48.22 17.40
N GLU C 151 66.53 -48.96 16.76
CA GLU C 151 65.99 -50.20 17.32
C GLU C 151 66.65 -51.35 16.56
N LEU C 152 67.84 -51.75 17.01
CA LEU C 152 68.65 -52.76 16.34
C LEU C 152 68.71 -54.01 17.20
N PHE C 153 68.20 -55.12 16.67
CA PHE C 153 68.28 -56.43 17.32
C PHE C 153 67.72 -56.38 18.74
N LYS C 154 66.62 -55.65 18.92
CA LYS C 154 65.95 -55.58 20.21
C LYS C 154 64.84 -56.61 20.35
N PHE C 155 64.63 -57.44 19.34
CA PHE C 155 63.58 -58.44 19.39
C PHE C 155 64.00 -59.62 20.27
N ASN C 156 63.02 -60.43 20.64
CA ASN C 156 63.28 -61.59 21.49
C ASN C 156 63.97 -62.71 20.70
N ARG C 157 63.32 -63.20 19.65
CA ARG C 157 63.83 -64.34 18.91
C ARG C 157 63.12 -64.45 17.57
N LEU C 158 63.88 -64.75 16.53
CA LEU C 158 63.34 -64.97 15.20
C LEU C 158 63.79 -66.35 14.73
N HIS C 159 62.85 -67.30 14.66
CA HIS C 159 63.13 -68.62 14.12
C HIS C 159 62.38 -68.75 12.80
N THR C 160 63.10 -69.14 11.76
CA THR C 160 62.50 -69.29 10.43
C THR C 160 63.05 -70.55 9.80
N LYS C 161 62.19 -71.54 9.59
CA LYS C 161 62.56 -72.78 8.94
C LYS C 161 61.95 -72.82 7.56
N ILE C 162 62.76 -73.15 6.56
CA ILE C 162 62.30 -73.32 5.19
C ILE C 162 62.71 -74.71 4.72
N SER C 163 61.74 -75.45 4.18
CA SER C 163 61.97 -76.80 3.69
C SER C 163 61.39 -76.92 2.30
N ILE C 164 62.25 -77.04 1.29
CA ILE C 164 61.83 -77.15 -0.09
C ILE C 164 62.10 -78.57 -0.56
N LEU C 165 61.05 -79.26 -0.97
CA LEU C 165 61.11 -80.63 -1.46
C LEU C 165 60.69 -80.65 -2.92
N GLN C 166 61.40 -81.46 -3.72
CA GLN C 166 61.10 -81.64 -5.12
C GLN C 166 60.82 -83.12 -5.37
N ASP C 167 59.67 -83.42 -5.97
CA ASP C 167 59.21 -84.80 -6.17
C ASP C 167 59.22 -85.58 -4.86
N GLU C 168 58.77 -84.91 -3.79
CA GLU C 168 58.74 -85.48 -2.45
C GLU C 168 60.12 -85.95 -2.00
N LYS C 169 61.14 -85.17 -2.34
CA LYS C 169 62.50 -85.43 -1.91
C LYS C 169 63.11 -84.10 -1.48
N PRO C 170 63.74 -84.04 -0.30
CA PRO C 170 64.26 -82.75 0.19
C PRO C 170 65.38 -82.24 -0.70
N ILE C 171 65.27 -80.99 -1.12
CA ILE C 171 66.30 -80.35 -1.93
C ILE C 171 66.83 -79.08 -1.32
N TYR C 172 66.14 -78.47 -0.35
CA TYR C 172 66.67 -77.27 0.28
C TYR C 172 66.21 -77.22 1.73
N TYR C 173 67.13 -76.91 2.63
CA TYR C 173 66.84 -76.74 4.05
C TYR C 173 67.46 -75.44 4.50
N ASP C 174 66.70 -74.65 5.27
CA ASP C 174 67.22 -73.41 5.84
C ASP C 174 66.67 -73.25 7.25
N ASN C 175 67.53 -72.89 8.19
CA ASN C 175 67.15 -72.70 9.59
C ASN C 175 67.80 -71.41 10.06
N THR C 176 67.09 -70.30 9.88
CA THR C 176 67.58 -68.99 10.31
C THR C 176 67.12 -68.72 11.73
N ILE C 177 68.06 -68.67 12.67
CA ILE C 177 67.76 -68.37 14.06
C ILE C 177 68.52 -67.10 14.44
N LEU C 178 67.78 -66.09 14.87
CA LEU C 178 68.34 -64.83 15.32
C LEU C 178 67.90 -64.63 16.77
N ASP C 179 68.84 -64.79 17.70
CA ASP C 179 68.58 -64.60 19.12
C ASP C 179 69.64 -63.64 19.67
N PRO C 180 69.32 -62.35 19.79
CA PRO C 180 70.31 -61.40 20.31
C PRO C 180 70.78 -61.72 21.72
N LYS C 181 69.93 -62.38 22.53
CA LYS C 181 70.33 -62.72 23.89
C LYS C 181 71.49 -63.71 23.90
N THR C 182 71.44 -64.72 23.02
CA THR C 182 72.46 -65.76 23.03
C THR C 182 73.78 -65.26 22.44
N THR C 183 73.71 -64.43 21.39
CA THR C 183 74.90 -63.97 20.72
C THR C 183 74.65 -62.59 20.12
N ASP C 184 75.73 -61.87 19.86
CA ASP C 184 75.66 -60.56 19.24
C ASP C 184 75.54 -60.73 17.74
N LEU C 185 74.35 -60.44 17.19
CA LEU C 185 74.13 -60.54 15.76
C LEU C 185 74.86 -59.46 14.98
N ASN C 186 75.45 -58.47 15.64
CA ASN C 186 76.21 -57.42 15.00
C ASN C 186 77.66 -57.82 14.75
N ASN C 187 78.05 -59.05 15.07
CA ASN C 187 79.44 -59.46 14.91
C ASN C 187 79.79 -59.58 13.43
N MET C 188 81.08 -59.84 13.17
CA MET C 188 81.59 -59.87 11.81
C MET C 188 81.08 -61.04 10.99
N CYS C 189 80.48 -62.06 11.63
CA CYS C 189 80.02 -63.24 10.90
C CYS C 189 78.51 -63.28 10.71
N MET C 190 77.74 -62.54 11.50
CA MET C 190 76.29 -62.56 11.38
C MET C 190 75.78 -61.45 10.47
N PHE C 191 76.04 -60.19 10.83
CA PHE C 191 75.52 -59.08 10.03
C PHE C 191 76.62 -58.10 9.66
N ASP C 192 77.65 -58.00 10.49
CA ASP C 192 78.80 -57.12 10.23
C ASP C 192 78.36 -55.68 10.00
N GLY C 193 77.44 -55.20 10.83
CA GLY C 193 76.95 -53.85 10.73
C GLY C 193 75.83 -53.62 9.75
N TYR C 194 75.45 -54.65 8.99
CA TYR C 194 74.31 -54.53 8.09
C TYR C 194 73.01 -54.75 8.84
N THR C 195 71.93 -54.21 8.30
CA THR C 195 70.63 -54.25 8.95
C THR C 195 69.57 -55.04 8.20
N HIS C 196 69.75 -55.28 6.90
CA HIS C 196 68.77 -55.98 6.09
C HIS C 196 69.43 -57.18 5.43
N TYR C 197 68.77 -58.34 5.52
CA TYR C 197 69.31 -59.58 5.00
C TYR C 197 68.30 -60.23 4.06
N LEU C 198 68.72 -60.51 2.84
CA LEU C 198 67.86 -61.13 1.83
C LEU C 198 68.35 -62.54 1.55
N ASN C 199 67.43 -63.50 1.63
CA ASN C 199 67.69 -64.89 1.27
C ASN C 199 66.75 -65.27 0.16
N LEU C 200 67.30 -65.67 -0.99
CA LEU C 200 66.52 -65.99 -2.17
C LEU C 200 66.91 -67.36 -2.68
N VAL C 201 65.92 -68.13 -3.11
CA VAL C 201 66.14 -69.49 -3.62
C VAL C 201 65.49 -69.59 -4.98
N LEU C 202 66.28 -69.94 -6.00
CA LEU C 202 65.80 -70.18 -7.35
C LEU C 202 65.88 -71.69 -7.61
N VAL C 203 64.73 -72.32 -7.81
CA VAL C 203 64.64 -73.75 -8.06
C VAL C 203 64.13 -73.93 -9.48
N ASN C 204 64.91 -74.64 -10.30
CA ASN C 204 64.59 -74.97 -11.68
C ASN C 204 64.44 -73.75 -12.57
N CYS C 205 64.87 -72.58 -12.10
CA CYS C 205 64.77 -71.38 -12.93
C CYS C 205 65.83 -71.43 -14.03
N PRO C 206 65.50 -70.93 -15.23
CA PRO C 206 66.44 -70.96 -16.36
C PRO C 206 67.39 -69.77 -16.38
N ILE C 207 68.08 -69.54 -15.27
CA ILE C 207 69.02 -68.44 -15.13
C ILE C 207 70.37 -69.03 -14.73
N GLU C 208 71.44 -68.44 -15.27
CA GLU C 208 72.78 -68.93 -15.03
C GLU C 208 73.41 -68.27 -13.82
N LEU C 209 74.31 -69.01 -13.17
CA LEU C 209 75.05 -68.48 -12.03
C LEU C 209 75.85 -67.25 -12.44
N SER C 210 76.39 -67.24 -13.65
CA SER C 210 77.10 -66.07 -14.14
C SER C 210 76.18 -64.86 -14.24
N GLY C 211 74.96 -65.05 -14.75
CA GLY C 211 74.01 -63.95 -14.83
C GLY C 211 73.61 -63.43 -13.47
N VAL C 212 73.34 -64.34 -12.53
CA VAL C 212 72.98 -63.91 -11.18
C VAL C 212 74.14 -63.16 -10.53
N ARG C 213 75.36 -63.64 -10.73
CA ARG C 213 76.52 -62.98 -10.15
C ARG C 213 76.71 -61.59 -10.75
N GLU C 214 76.50 -61.46 -12.07
CA GLU C 214 76.60 -60.14 -12.69
C GLU C 214 75.53 -59.20 -12.13
N CYS C 215 74.32 -59.70 -11.93
CA CYS C 215 73.27 -58.86 -11.35
C CYS C 215 73.65 -58.41 -9.94
N ILE C 216 74.16 -59.33 -9.12
CA ILE C 216 74.55 -58.99 -7.75
C ILE C 216 75.67 -57.96 -7.76
N GLU C 217 76.68 -58.16 -8.64
CA GLU C 217 77.80 -57.23 -8.70
C GLU C 217 77.36 -55.84 -9.15
N GLU C 218 76.49 -55.77 -10.15
CA GLU C 218 76.05 -54.46 -10.63
C GLU C 218 75.05 -53.81 -9.67
N SER C 219 74.42 -54.58 -8.80
CA SER C 219 73.57 -53.98 -7.78
C SER C 219 74.43 -53.21 -6.78
N GLU C 220 74.03 -51.97 -6.49
CA GLU C 220 74.81 -51.07 -5.66
C GLU C 220 74.32 -51.09 -4.22
N GLY C 221 75.25 -50.87 -3.29
CA GLY C 221 74.92 -50.80 -1.88
C GLY C 221 74.63 -52.11 -1.21
N VAL C 222 74.91 -53.23 -1.87
CA VAL C 222 74.58 -54.55 -1.35
C VAL C 222 75.83 -55.41 -1.37
N ASP C 223 76.09 -56.10 -0.25
CA ASP C 223 77.14 -57.11 -0.17
C ASP C 223 76.47 -58.47 -0.28
N GLY C 224 76.50 -59.05 -1.48
CA GLY C 224 75.75 -60.25 -1.76
C GLY C 224 76.57 -61.27 -2.50
N ALA C 225 76.04 -62.49 -2.55
CA ALA C 225 76.69 -63.60 -3.23
C ALA C 225 75.65 -64.63 -3.61
N VAL C 226 76.01 -65.46 -4.60
CA VAL C 226 75.13 -66.51 -5.10
C VAL C 226 75.95 -67.78 -5.28
N SER C 227 75.38 -68.90 -4.86
CA SER C 227 76.04 -70.19 -5.00
C SER C 227 75.01 -71.23 -5.44
N GLU C 228 75.49 -72.45 -5.65
CA GLU C 228 74.65 -73.57 -6.05
C GLU C 228 74.54 -74.55 -4.88
N THR C 229 73.31 -74.95 -4.56
CA THR C 229 73.07 -75.88 -3.46
C THR C 229 73.45 -77.30 -3.89
N ALA C 230 73.20 -78.26 -3.01
CA ALA C 230 73.50 -79.65 -3.34
C ALA C 230 72.67 -80.14 -4.51
N SER C 231 71.39 -79.73 -4.55
CA SER C 231 70.47 -80.16 -5.60
C SER C 231 70.56 -79.32 -6.86
N SER C 232 71.67 -78.60 -7.05
CA SER C 232 71.91 -77.82 -8.27
C SER C 232 70.83 -76.78 -8.50
N HIS C 233 70.53 -76.01 -7.45
CA HIS C 233 69.61 -74.89 -7.53
C HIS C 233 70.26 -73.67 -6.87
N LEU C 234 69.90 -72.49 -7.34
CA LEU C 234 70.64 -71.29 -6.96
C LEU C 234 70.17 -70.76 -5.60
N CYS C 235 71.12 -70.32 -4.79
CA CYS C 235 70.83 -69.69 -3.52
C CYS C 235 71.60 -68.38 -3.44
N VAL C 236 70.88 -67.30 -3.15
CA VAL C 236 71.44 -65.96 -3.09
C VAL C 236 71.29 -65.44 -1.68
N LYS C 237 72.38 -64.95 -1.10
CA LYS C 237 72.36 -64.31 0.20
C LYS C 237 72.96 -62.92 0.07
N ALA C 238 72.23 -61.91 0.52
CA ALA C 238 72.67 -60.54 0.38
C ALA C 238 72.45 -59.78 1.67
N LEU C 239 73.30 -58.78 1.93
CA LEU C 239 73.16 -57.90 3.07
C LEU C 239 73.19 -56.46 2.58
N ALA C 240 72.44 -55.60 3.26
CA ALA C 240 72.37 -54.20 2.87
C ALA C 240 72.01 -53.35 4.06
N LYS C 241 72.30 -52.05 3.95
CA LYS C 241 71.94 -51.12 5.00
C LYS C 241 70.45 -50.80 5.01
N GLY C 242 69.83 -50.80 3.83
CA GLY C 242 68.40 -50.57 3.72
C GLY C 242 67.74 -51.62 2.87
N SER C 243 66.41 -51.63 2.91
CA SER C 243 65.65 -52.62 2.15
C SER C 243 65.52 -52.26 0.68
N GLU C 244 65.79 -51.01 0.32
CA GLU C 244 65.69 -50.61 -1.09
C GLU C 244 66.67 -51.36 -1.98
N PRO C 245 67.97 -51.44 -1.68
CA PRO C 245 68.85 -52.23 -2.55
C PRO C 245 68.47 -53.70 -2.63
N LEU C 246 68.00 -54.28 -1.52
CA LEU C 246 67.61 -55.69 -1.54
C LEU C 246 66.39 -55.90 -2.40
N LEU C 247 65.38 -55.04 -2.30
CA LEU C 247 64.19 -55.16 -3.13
C LEU C 247 64.54 -54.96 -4.60
N HIS C 248 65.41 -53.99 -4.89
CA HIS C 248 65.82 -53.77 -6.28
C HIS C 248 66.56 -54.99 -6.83
N LEU C 249 67.44 -55.58 -6.03
CA LEU C 249 68.15 -56.78 -6.47
C LEU C 249 67.19 -57.94 -6.70
N ARG C 250 66.22 -58.12 -5.80
CA ARG C 250 65.26 -59.20 -5.95
C ARG C 250 64.42 -59.02 -7.21
N GLU C 251 63.96 -57.79 -7.48
CA GLU C 251 63.17 -57.57 -8.69
C GLU C 251 64.02 -57.70 -9.95
N LYS C 252 65.31 -57.33 -9.87
CA LYS C 252 66.20 -57.54 -11.00
C LYS C 252 66.36 -59.02 -11.31
N ILE C 253 66.56 -59.84 -10.28
CA ILE C 253 66.70 -61.27 -10.48
C ILE C 253 65.39 -61.87 -11.01
N ALA C 254 64.26 -61.41 -10.47
CA ALA C 254 62.96 -61.90 -10.95
C ALA C 254 62.75 -61.55 -12.42
N ARG C 255 63.10 -60.33 -12.81
CA ARG C 255 62.97 -59.94 -14.22
C ARG C 255 63.89 -60.78 -15.10
N LEU C 256 65.12 -61.04 -14.64
CA LEU C 256 66.04 -61.87 -15.41
C LEU C 256 65.49 -63.28 -15.57
N VAL C 257 64.82 -63.81 -14.54
CA VAL C 257 64.24 -65.14 -14.63
C VAL C 257 63.06 -65.14 -15.59
N THR C 258 62.19 -64.12 -15.51
CA THR C 258 60.97 -64.12 -16.29
C THR C 258 61.20 -63.77 -17.75
N GLN C 259 62.22 -62.97 -18.07
CA GLN C 259 62.46 -62.58 -19.45
C GLN C 259 62.87 -63.76 -20.32
N THR C 260 63.28 -64.87 -19.71
CA THR C 260 63.62 -66.07 -20.47
C THR C 260 62.37 -66.68 -21.09
N ASP D 30 98.08 -94.27 22.76
CA ASP D 30 96.77 -94.85 23.05
C ASP D 30 95.69 -94.17 22.22
N ASN D 31 94.52 -93.96 22.84
CA ASN D 31 93.41 -93.30 22.14
C ASN D 31 93.80 -91.89 21.72
N GLU D 32 94.42 -91.13 22.61
CA GLU D 32 94.83 -89.77 22.28
C GLU D 32 95.89 -89.77 21.18
N PHE D 33 96.84 -90.71 21.25
CA PHE D 33 97.87 -90.79 20.22
C PHE D 33 97.27 -91.11 18.86
N LEU D 34 96.32 -92.06 18.80
CA LEU D 34 95.69 -92.39 17.52
C LEU D 34 94.84 -91.23 17.02
N ILE D 35 94.16 -90.52 17.93
CA ILE D 35 93.38 -89.35 17.54
C ILE D 35 94.29 -88.30 16.91
N LEU D 36 95.42 -88.01 17.55
CA LEU D 36 96.35 -87.03 17.01
C LEU D 36 96.91 -87.49 15.68
N GLN D 37 97.23 -88.77 15.55
CA GLN D 37 97.78 -89.29 14.30
C GLN D 37 96.79 -89.14 13.15
N VAL D 38 95.54 -89.54 13.38
CA VAL D 38 94.55 -89.45 12.30
C VAL D 38 94.22 -88.00 11.98
N ASN D 39 94.18 -87.14 13.01
CA ASN D 39 93.94 -85.72 12.76
C ASN D 39 95.05 -85.11 11.92
N ASP D 40 96.30 -85.43 12.24
CA ASP D 40 97.42 -84.92 11.46
C ASP D 40 97.42 -85.47 10.05
N ALA D 41 97.07 -86.75 9.89
CA ALA D 41 97.06 -87.35 8.57
C ALA D 41 95.89 -86.86 7.72
N VAL D 42 94.83 -86.33 8.33
CA VAL D 42 93.66 -85.89 7.57
C VAL D 42 93.71 -84.39 7.32
N PHE D 43 93.72 -83.59 8.38
CA PHE D 43 93.45 -82.16 8.22
C PHE D 43 94.65 -81.39 7.68
N PRO D 44 95.84 -81.44 8.29
CA PRO D 44 96.99 -80.76 7.66
C PRO D 44 97.35 -81.31 6.30
N ILE D 45 97.14 -82.60 6.07
CA ILE D 45 97.44 -83.21 4.79
C ILE D 45 96.26 -83.07 3.84
N THR D 49 94.70 -75.82 4.05
CA THR D 49 94.40 -75.37 2.69
C THR D 49 93.00 -74.81 2.59
N HIS D 50 92.17 -75.09 3.60
CA HIS D 50 90.80 -74.63 3.65
C HIS D 50 90.70 -73.41 4.54
N SER D 51 90.06 -72.35 4.01
CA SER D 51 89.94 -71.08 4.73
C SER D 51 88.55 -70.87 5.33
N PHE D 52 87.52 -71.45 4.73
CA PHE D 52 86.13 -71.27 5.18
C PHE D 52 85.75 -69.79 5.24
N GLY D 53 86.18 -69.03 4.23
CA GLY D 53 85.84 -67.63 4.12
C GLY D 53 86.84 -66.66 4.74
N LEU D 54 87.83 -67.16 5.48
CA LEU D 54 88.85 -66.28 6.05
C LEU D 54 89.64 -65.58 4.96
N GLU D 55 89.91 -66.27 3.86
CA GLU D 55 90.58 -65.64 2.73
C GLU D 55 89.74 -64.51 2.15
N THR D 56 88.42 -64.72 2.05
CA THR D 56 87.55 -63.65 1.58
C THR D 56 87.56 -62.47 2.54
N TYR D 57 87.55 -62.73 3.85
CA TYR D 57 87.61 -61.64 4.81
C TYR D 57 88.90 -60.85 4.67
N ILE D 58 90.03 -61.54 4.52
CA ILE D 58 91.31 -60.86 4.37
C ILE D 58 91.34 -60.05 3.09
N GLN D 59 90.85 -60.62 1.98
CA GLN D 59 90.84 -59.91 0.71
C GLN D 59 89.93 -58.69 0.76
N GLN D 60 88.82 -58.77 1.48
CA GLN D 60 87.94 -57.63 1.67
C GLN D 60 88.41 -56.70 2.77
N LYS D 61 89.51 -57.05 3.45
CA LYS D 61 90.17 -56.16 4.42
C LYS D 61 89.33 -55.98 5.68
N LYS D 62 88.63 -57.03 6.07
CA LYS D 62 87.90 -57.02 7.35
C LYS D 62 88.74 -57.61 8.47
N VAL D 63 89.68 -58.49 8.16
CA VAL D 63 90.62 -59.04 9.12
C VAL D 63 92.01 -58.53 8.76
N THR D 64 92.60 -57.76 9.67
CA THR D 64 93.87 -57.11 9.38
C THR D 64 94.93 -57.37 10.45
N ASN D 65 94.55 -57.42 11.73
CA ASN D 65 95.50 -57.51 12.82
C ASN D 65 95.02 -58.53 13.82
N LYS D 66 95.69 -58.56 14.99
CA LYS D 66 95.41 -59.59 15.99
C LYS D 66 93.99 -59.48 16.53
N GLU D 67 93.56 -58.26 16.88
CA GLU D 67 92.23 -58.11 17.47
C GLU D 67 91.13 -58.41 16.44
N SER D 68 91.33 -57.99 15.19
CA SER D 68 90.35 -58.31 14.15
C SER D 68 90.27 -59.80 13.90
N ALA D 69 91.42 -60.47 13.85
CA ALA D 69 91.43 -61.92 13.67
C ALA D 69 90.77 -62.63 14.85
N LEU D 70 91.03 -62.15 16.06
CA LEU D 70 90.40 -62.74 17.24
C LEU D 70 88.88 -62.57 17.20
N GLU D 71 88.41 -61.38 16.82
CA GLU D 71 86.98 -61.16 16.71
C GLU D 71 86.35 -62.05 15.66
N TYR D 72 87.01 -62.18 14.49
CA TYR D 72 86.48 -63.05 13.46
C TYR D 72 86.43 -64.50 13.92
N LEU D 73 87.50 -64.96 14.57
CA LEU D 73 87.53 -66.36 15.03
C LEU D 73 86.45 -66.60 16.08
N LYS D 74 86.28 -65.67 17.02
CA LYS D 74 85.25 -65.83 18.03
C LYS D 74 83.86 -65.87 17.40
N ALA D 75 83.59 -64.97 16.45
CA ALA D 75 82.28 -64.95 15.80
C ALA D 75 82.04 -66.22 15.01
N ASN D 76 83.04 -66.69 14.27
CA ASN D 76 82.88 -67.90 13.47
C ASN D 76 82.64 -69.11 14.37
N LEU D 77 83.43 -69.24 15.43
CA LEU D 77 83.24 -70.35 16.37
C LEU D 77 81.86 -70.29 17.03
N SER D 78 81.41 -69.08 17.38
CA SER D 78 80.12 -68.93 18.04
C SER D 78 78.97 -69.31 17.10
N SER D 79 79.05 -68.90 15.84
CA SER D 79 77.91 -69.16 14.95
C SER D 79 78.07 -70.43 14.13
N GLN D 80 79.04 -70.45 13.22
CA GLN D 80 79.04 -71.49 12.19
C GLN D 80 79.61 -72.79 12.73
N PHE D 81 80.77 -72.71 13.38
CA PHE D 81 81.37 -73.91 13.98
C PHE D 81 80.45 -74.51 15.02
N LEU D 82 79.79 -73.67 15.83
CA LEU D 82 78.92 -74.16 16.88
C LEU D 82 77.68 -74.83 16.31
N TYR D 83 76.99 -74.18 15.38
CA TYR D 83 75.70 -74.66 14.94
C TYR D 83 75.77 -75.57 13.72
N THR D 84 76.95 -75.82 13.17
CA THR D 84 77.09 -76.73 12.03
C THR D 84 78.04 -77.89 12.27
N GLU D 85 79.08 -77.70 13.08
CA GLU D 85 80.09 -78.74 13.29
C GLU D 85 80.00 -79.38 14.67
N MET D 86 80.03 -78.59 15.74
CA MET D 86 79.97 -79.17 17.08
C MET D 86 78.61 -79.78 17.37
N LEU D 87 77.54 -79.09 16.98
CA LEU D 87 76.19 -79.63 17.17
C LEU D 87 76.00 -80.91 16.38
N SER D 88 76.48 -80.93 15.13
CA SER D 88 76.39 -82.13 14.32
C SER D 88 77.21 -83.27 14.92
N LEU D 89 78.37 -82.94 15.48
CA LEU D 89 79.20 -83.95 16.14
C LEU D 89 78.47 -84.56 17.33
N LYS D 90 77.87 -83.72 18.17
CA LYS D 90 77.12 -84.23 19.31
C LYS D 90 75.94 -85.07 18.88
N LEU D 91 75.21 -84.61 17.85
CA LEU D 91 74.05 -85.35 17.37
C LEU D 91 74.45 -86.72 16.82
N THR D 92 75.55 -86.76 16.05
CA THR D 92 76.02 -88.02 15.52
C THR D 92 76.52 -88.94 16.62
N TYR D 93 77.16 -88.38 17.64
CA TYR D 93 77.60 -89.19 18.78
C TYR D 93 76.41 -89.83 19.48
N GLU D 94 75.37 -89.04 19.75
CA GLU D 94 74.17 -89.58 20.38
C GLU D 94 73.50 -90.62 19.50
N SER D 95 73.42 -90.36 18.20
CA SER D 95 72.76 -91.28 17.29
C SER D 95 73.53 -92.59 17.17
N ALA D 96 74.86 -92.54 17.23
CA ALA D 96 75.66 -93.75 17.18
C ALA D 96 75.60 -94.50 18.51
N LEU D 97 75.50 -93.79 19.63
CA LEU D 97 75.30 -94.45 20.91
C LEU D 97 73.97 -95.17 20.94
N GLN D 98 72.94 -94.59 20.32
CA GLN D 98 71.65 -95.25 20.18
C GLN D 98 71.60 -96.20 18.99
N GLN D 99 72.67 -96.26 18.20
CA GLN D 99 72.74 -97.11 16.99
C GLN D 99 71.63 -96.75 16.00
N ASP D 100 71.49 -95.45 15.73
CA ASP D 100 70.48 -94.94 14.82
C ASP D 100 71.16 -94.51 13.51
N LEU D 101 71.36 -95.50 12.63
CA LEU D 101 71.96 -95.21 11.32
C LEU D 101 71.06 -94.31 10.50
N LYS D 102 69.73 -94.51 10.59
CA LYS D 102 68.81 -93.64 9.88
C LYS D 102 68.92 -92.20 10.37
N LYS D 103 69.04 -92.01 11.68
CA LYS D 103 69.20 -90.67 12.23
C LYS D 103 70.52 -90.04 11.77
N ILE D 104 71.60 -90.83 11.74
CA ILE D 104 72.88 -90.30 11.27
C ILE D 104 72.77 -89.85 9.81
N LEU D 105 72.15 -90.69 8.98
CA LEU D 105 72.00 -90.34 7.57
C LEU D 105 71.10 -89.13 7.38
N GLY D 106 70.04 -89.02 8.18
CA GLY D 106 69.19 -87.85 8.11
C GLY D 106 69.90 -86.58 8.50
N VAL D 107 70.72 -86.65 9.55
CA VAL D 107 71.52 -85.48 9.96
C VAL D 107 72.48 -85.09 8.85
N GLU D 108 73.14 -86.07 8.24
CA GLU D 108 74.06 -85.77 7.14
C GLU D 108 73.33 -85.13 5.97
N GLU D 109 72.14 -85.64 5.63
CA GLU D 109 71.35 -85.07 4.55
C GLU D 109 70.94 -83.65 4.86
N VAL D 110 70.53 -83.39 6.11
CA VAL D 110 70.15 -82.04 6.50
C VAL D 110 71.34 -81.09 6.36
N ILE D 111 72.52 -81.53 6.82
CA ILE D 111 73.71 -80.69 6.71
C ILE D 111 74.02 -80.39 5.25
N MET D 112 73.97 -81.42 4.40
CA MET D 112 74.29 -81.24 2.99
C MET D 112 73.32 -80.29 2.32
N LEU D 113 72.02 -80.42 2.61
CA LEU D 113 71.02 -79.58 1.97
C LEU D 113 70.95 -78.18 2.58
N SER D 114 71.51 -77.99 3.78
CA SER D 114 71.56 -76.66 4.38
C SER D 114 72.83 -75.90 4.05
N THR D 115 73.91 -76.61 3.67
CA THR D 115 75.18 -75.95 3.35
C THR D 115 75.06 -75.29 1.99
N SER D 116 74.54 -74.05 2.00
CA SER D 116 74.40 -73.29 0.76
C SER D 116 75.73 -73.01 0.07
N PRO D 117 76.79 -72.57 0.75
CA PRO D 117 78.03 -72.26 0.02
C PRO D 117 78.65 -73.50 -0.60
N MET D 118 78.91 -73.41 -1.91
CA MET D 118 79.50 -74.53 -2.63
C MET D 118 80.89 -74.86 -2.11
N GLU D 119 81.70 -73.84 -1.81
CA GLU D 119 83.04 -74.09 -1.30
C GLU D 119 82.99 -74.79 0.04
N LEU D 120 82.12 -74.34 0.95
CA LEU D 120 82.00 -75.00 2.24
C LEU D 120 81.52 -76.43 2.10
N ARG D 121 80.53 -76.66 1.23
CA ARG D 121 80.01 -78.01 1.03
C ARG D 121 81.10 -78.93 0.48
N LEU D 122 81.84 -78.45 -0.52
CA LEU D 122 82.89 -79.26 -1.12
C LEU D 122 84.01 -79.55 -0.12
N ALA D 123 84.38 -78.55 0.68
CA ALA D 123 85.42 -78.75 1.68
C ALA D 123 84.98 -79.78 2.71
N ASN D 124 83.73 -79.68 3.19
CA ASN D 124 83.25 -80.64 4.18
C ASN D 124 83.20 -82.06 3.60
N GLN D 125 82.72 -82.18 2.36
CA GLN D 125 82.66 -83.51 1.73
C GLN D 125 84.06 -84.08 1.54
N LYS D 126 85.01 -83.27 1.09
CA LYS D 126 86.37 -83.74 0.89
C LYS D 126 87.01 -84.16 2.20
N LEU D 127 86.82 -83.37 3.26
CA LEU D 127 87.39 -83.72 4.55
C LEU D 127 86.77 -84.99 5.11
N GLY D 128 85.45 -85.16 4.97
CA GLY D 128 84.82 -86.38 5.42
C GLY D 128 85.29 -87.60 4.66
N ASN D 129 85.41 -87.48 3.34
CA ASN D 129 85.92 -88.58 2.53
C ASN D 129 87.35 -88.92 2.91
N ARG D 130 88.19 -87.91 3.14
CA ARG D 130 89.57 -88.15 3.54
C ARG D 130 89.63 -88.85 4.89
N PHE D 131 88.81 -88.41 5.84
CA PHE D 131 88.79 -89.05 7.15
C PHE D 131 88.35 -90.51 7.04
N ILE D 132 87.29 -90.77 6.25
CA ILE D 132 86.82 -92.14 6.09
C ILE D 132 87.88 -93.01 5.44
N LYS D 133 88.53 -92.51 4.40
CA LYS D 133 89.57 -93.28 3.72
C LYS D 133 90.75 -93.55 4.63
N THR D 134 91.16 -92.56 5.41
CA THR D 134 92.27 -92.74 6.34
C THR D 134 91.95 -93.79 7.39
N LEU D 135 90.75 -93.73 7.97
CA LEU D 135 90.35 -94.76 8.94
C LEU D 135 90.27 -96.13 8.29
N GLN D 136 89.80 -96.21 7.05
CA GLN D 136 89.70 -97.50 6.37
C GLN D 136 91.07 -98.09 6.09
N ALA D 137 92.03 -97.27 5.68
CA ALA D 137 93.30 -97.76 5.16
C ALA D 137 94.41 -97.76 6.20
N MET D 138 94.73 -96.59 6.76
CA MET D 138 95.91 -96.48 7.62
C MET D 138 95.69 -97.15 8.97
N ASN D 139 94.51 -96.97 9.56
CA ASN D 139 94.20 -97.54 10.88
C ASN D 139 93.93 -99.02 10.72
N GLU D 140 94.98 -99.84 10.80
CA GLU D 140 94.87 -101.29 10.65
C GLU D 140 94.51 -101.90 12.00
N LEU D 141 93.27 -101.66 12.41
CA LEU D 141 92.76 -102.15 13.67
C LEU D 141 91.25 -102.22 13.59
N ASP D 142 90.66 -102.94 14.54
CA ASP D 142 89.21 -103.13 14.56
C ASP D 142 88.50 -101.86 15.01
N MET D 143 88.19 -100.97 14.05
CA MET D 143 87.51 -99.73 14.39
C MET D 143 86.11 -99.99 14.94
N GLY D 144 85.40 -100.93 14.34
CA GLY D 144 84.06 -101.26 14.79
C GLY D 144 83.11 -101.62 13.67
N GLU D 145 82.25 -102.62 13.89
CA GLU D 145 81.31 -103.03 12.86
C GLU D 145 80.34 -101.92 12.51
N PHE D 146 79.89 -101.16 13.52
CA PHE D 146 78.97 -100.06 13.25
C PHE D 146 79.64 -98.99 12.39
N PHE D 147 80.88 -98.63 12.71
CA PHE D 147 81.58 -97.63 11.92
C PHE D 147 81.84 -98.12 10.50
N ASN D 148 82.20 -99.40 10.35
CA ASN D 148 82.43 -99.95 9.01
C ASN D 148 81.14 -99.93 8.19
N ALA D 149 80.02 -100.32 8.80
CA ALA D 149 78.75 -100.30 8.09
C ALA D 149 78.35 -98.87 7.72
N TYR D 150 78.56 -97.92 8.63
CA TYR D 150 78.26 -96.53 8.33
C TYR D 150 79.10 -96.02 7.18
N ALA D 151 80.39 -96.36 7.16
CA ALA D 151 81.26 -95.93 6.07
C ALA D 151 80.83 -96.55 4.76
N GLN D 152 80.42 -97.82 4.77
CA GLN D 152 80.01 -98.49 3.54
C GLN D 152 78.64 -98.03 3.06
N LYS D 153 77.81 -97.47 3.94
CA LYS D 153 76.47 -97.06 3.56
C LYS D 153 76.30 -95.56 3.39
N THR D 154 77.27 -94.76 3.82
CA THR D 154 77.14 -93.31 3.74
C THR D 154 77.39 -92.81 2.32
N LYS D 155 76.88 -91.62 2.04
CA LYS D 155 77.07 -90.97 0.74
C LYS D 155 77.87 -89.69 0.84
N ASP D 156 77.45 -88.76 1.70
CA ASP D 156 78.10 -87.45 1.85
C ASP D 156 78.42 -87.25 3.32
N PRO D 157 79.51 -87.86 3.81
CA PRO D 157 79.84 -87.77 5.23
C PRO D 157 80.61 -86.48 5.53
N THR D 158 80.06 -85.66 6.41
CA THR D 158 80.76 -84.48 6.88
C THR D 158 81.87 -84.88 7.83
N HIS D 159 82.91 -84.04 7.90
CA HIS D 159 84.04 -84.34 8.77
C HIS D 159 83.63 -84.38 10.24
N ALA D 160 82.79 -83.43 10.66
CA ALA D 160 82.35 -83.40 12.06
C ALA D 160 81.52 -84.63 12.41
N THR D 161 80.60 -85.01 11.52
CA THR D 161 79.79 -86.19 11.78
C THR D 161 80.63 -87.45 11.78
N SER D 162 81.60 -87.54 10.87
CA SER D 162 82.49 -88.70 10.85
C SER D 162 83.30 -88.79 12.14
N TYR D 163 83.84 -87.67 12.61
CA TYR D 163 84.58 -87.67 13.87
C TYR D 163 83.67 -88.06 15.03
N GLY D 164 82.44 -87.56 15.02
CA GLY D 164 81.51 -87.90 16.09
C GLY D 164 81.19 -89.37 16.16
N VAL D 165 80.87 -89.97 15.00
CA VAL D 165 80.55 -91.40 14.99
C VAL D 165 81.80 -92.22 15.32
N PHE D 166 82.98 -91.77 14.88
CA PHE D 166 84.20 -92.47 15.21
C PHE D 166 84.44 -92.46 16.72
N ALA D 167 84.25 -91.31 17.36
CA ALA D 167 84.42 -91.22 18.81
C ALA D 167 83.38 -92.07 19.53
N ALA D 168 82.14 -92.07 19.05
CA ALA D 168 81.09 -92.86 19.68
C ALA D 168 81.42 -94.35 19.60
N SER D 169 81.90 -94.81 18.44
CA SER D 169 82.26 -96.21 18.30
C SER D 169 83.49 -96.56 19.13
N LEU D 170 84.43 -95.63 19.26
CA LEU D 170 85.64 -95.88 20.04
C LEU D 170 85.42 -95.71 21.54
N GLY D 171 84.26 -95.19 21.96
CA GLY D 171 83.98 -95.01 23.36
C GLY D 171 84.53 -93.74 23.97
N ILE D 172 85.02 -92.82 23.15
CA ILE D 172 85.59 -91.57 23.66
C ILE D 172 84.50 -90.73 24.30
N GLU D 173 84.88 -89.96 25.32
CA GLU D 173 83.95 -89.09 26.00
C GLU D 173 83.49 -87.97 25.08
N LEU D 174 82.23 -87.57 25.22
CA LEU D 174 81.65 -86.54 24.36
C LEU D 174 82.38 -85.21 24.54
N LYS D 175 82.54 -84.76 25.78
CA LYS D 175 83.17 -83.48 26.04
C LYS D 175 84.62 -83.48 25.58
N LYS D 176 85.34 -84.57 25.83
CA LYS D 176 86.74 -84.66 25.39
C LYS D 176 86.84 -84.64 23.87
N ALA D 177 85.97 -85.37 23.17
CA ALA D 177 86.00 -85.39 21.72
C ALA D 177 85.70 -84.01 21.15
N LEU D 178 84.70 -83.33 21.70
CA LEU D 178 84.39 -81.99 21.24
C LEU D 178 85.55 -81.03 21.49
N ALA D 179 86.17 -81.11 22.67
CA ALA D 179 87.29 -80.23 22.98
C ALA D 179 88.45 -80.48 22.02
N HIS D 180 88.76 -81.74 21.75
CA HIS D 180 89.86 -82.07 20.85
C HIS D 180 89.58 -81.58 19.43
N TYR D 181 88.37 -81.84 18.93
CA TYR D 181 88.01 -81.41 17.58
C TYR D 181 88.06 -79.90 17.45
N LEU D 182 87.49 -79.19 18.43
CA LEU D 182 87.50 -77.73 18.40
C LEU D 182 88.93 -77.18 18.48
N ASP D 183 89.77 -77.78 19.33
CA ASP D 183 91.15 -77.33 19.45
C ASP D 183 91.92 -77.53 18.15
N ALA D 184 91.74 -78.69 17.51
CA ALA D 184 92.43 -78.93 16.25
C ALA D 184 91.96 -77.98 15.16
N GLN D 185 90.65 -77.77 15.05
CA GLN D 185 90.13 -76.87 14.03
C GLN D 185 90.62 -75.44 14.27
N THR D 186 90.64 -75.00 15.54
CA THR D 186 91.11 -73.66 15.84
C THR D 186 92.62 -73.52 15.61
N SER D 187 93.38 -74.58 15.84
CA SER D 187 94.81 -74.55 15.51
C SER D 187 95.01 -74.37 14.02
N ASN D 188 94.25 -75.11 13.21
CA ASN D 188 94.34 -74.93 11.77
C ASN D 188 93.92 -73.52 11.36
N MET D 189 92.86 -73.00 11.99
CA MET D 189 92.39 -71.66 11.66
C MET D 189 93.44 -70.60 12.01
N VAL D 190 94.08 -70.71 13.17
CA VAL D 190 95.05 -69.70 13.56
C VAL D 190 96.30 -69.79 12.70
N ILE D 191 96.73 -70.99 12.33
CA ILE D 191 97.91 -71.08 11.45
C ILE D 191 97.58 -70.54 10.06
N ASN D 192 96.36 -70.80 9.58
CA ASN D 192 95.96 -70.22 8.30
C ASN D 192 95.92 -68.69 8.37
N CYS D 193 95.39 -68.14 9.46
CA CYS D 193 95.34 -66.70 9.61
C CYS D 193 96.73 -66.09 9.70
N VAL D 194 97.63 -66.74 10.43
CA VAL D 194 99.00 -66.23 10.55
C VAL D 194 99.74 -66.33 9.23
N LYS D 195 99.38 -67.31 8.39
CA LYS D 195 100.00 -67.41 7.08
C LYS D 195 99.44 -66.37 6.11
N SER D 196 98.16 -66.07 6.20
CA SER D 196 97.46 -65.34 5.15
C SER D 196 97.30 -63.85 5.42
N VAL D 197 97.23 -63.43 6.69
CA VAL D 197 96.98 -62.01 6.98
C VAL D 197 98.08 -61.11 6.45
N PRO D 198 99.38 -61.36 6.73
CA PRO D 198 100.01 -62.34 7.61
C PRO D 198 100.24 -61.77 9.01
N LEU D 199 100.36 -62.66 10.00
CA LEU D 199 100.67 -62.27 11.37
C LEU D 199 102.00 -62.89 11.76
N SER D 200 102.36 -62.74 13.03
CA SER D 200 103.56 -63.35 13.59
C SER D 200 103.18 -64.58 14.41
N GLN D 201 104.15 -65.49 14.54
CA GLN D 201 103.95 -66.67 15.38
C GLN D 201 103.59 -66.29 16.80
N ASN D 202 104.11 -65.16 17.28
CA ASN D 202 103.73 -64.68 18.60
C ASN D 202 102.24 -64.37 18.67
N ASP D 203 101.72 -63.69 17.66
CA ASP D 203 100.28 -63.39 17.63
C ASP D 203 99.46 -64.66 17.49
N GLY D 204 99.94 -65.63 16.70
CA GLY D 204 99.25 -66.89 16.60
C GLY D 204 99.15 -67.61 17.92
N GLN D 205 100.27 -67.66 18.66
CA GLN D 205 100.26 -68.27 19.98
C GLN D 205 99.37 -67.50 20.93
N LYS D 206 99.36 -66.17 20.83
CA LYS D 206 98.52 -65.35 21.72
C LYS D 206 97.04 -65.63 21.47
N ILE D 207 96.62 -65.68 20.21
CA ILE D 207 95.21 -65.93 19.92
C ILE D 207 94.84 -67.38 20.24
N LEU D 208 95.78 -68.31 20.09
CA LEU D 208 95.52 -69.68 20.53
C LEU D 208 95.31 -69.75 22.04
N LEU D 209 96.12 -69.01 22.80
CA LEU D 209 96.03 -69.05 24.26
C LEU D 209 94.83 -68.29 24.80
N SER D 210 94.40 -67.23 24.10
CA SER D 210 93.33 -66.38 24.59
C SER D 210 91.94 -66.91 24.27
N LEU D 211 91.84 -68.05 23.59
CA LEU D 211 90.55 -68.62 23.22
C LEU D 211 90.13 -69.77 24.13
N GLN D 212 90.81 -69.97 25.26
CA GLN D 212 90.51 -71.10 26.12
C GLN D 212 89.13 -70.98 26.75
N SER D 213 88.81 -69.81 27.30
CA SER D 213 87.49 -69.62 27.90
C SER D 213 86.37 -69.74 26.88
N PRO D 214 86.43 -69.13 25.69
CA PRO D 214 85.37 -69.38 24.70
C PRO D 214 85.24 -70.84 24.32
N PHE D 215 86.32 -71.61 24.35
CA PHE D 215 86.23 -73.05 24.08
C PHE D 215 85.33 -73.73 25.10
N ASN D 216 85.56 -73.46 26.39
CA ASN D 216 84.74 -74.04 27.43
C ASN D 216 83.30 -73.59 27.31
N GLN D 217 83.09 -72.30 26.99
CA GLN D 217 81.73 -71.80 26.86
C GLN D 217 81.01 -72.46 25.69
N LEU D 218 81.69 -72.66 24.57
CA LEU D 218 81.09 -73.33 23.43
C LEU D 218 80.76 -74.78 23.74
N ILE D 219 81.65 -75.47 24.45
CA ILE D 219 81.38 -76.85 24.83
C ILE D 219 80.16 -76.91 25.76
N GLU D 220 80.08 -75.98 26.70
CA GLU D 220 78.92 -75.93 27.59
C GLU D 220 77.63 -75.66 26.82
N LYS D 221 77.70 -74.77 25.82
CA LYS D 221 76.52 -74.49 25.00
C LYS D 221 76.09 -75.73 24.23
N THR D 222 77.04 -76.44 23.63
CA THR D 222 76.70 -77.66 22.92
C THR D 222 76.13 -78.71 23.86
N LEU D 223 76.59 -78.72 25.11
CA LEU D 223 76.08 -79.66 26.11
C LEU D 223 74.60 -79.46 26.40
N GLU D 224 74.02 -78.32 26.02
CA GLU D 224 72.59 -78.08 26.19
C GLU D 224 71.87 -77.79 24.89
N LEU D 225 72.56 -77.78 23.75
CA LEU D 225 71.91 -77.56 22.47
C LEU D 225 71.06 -78.77 22.09
N ASP D 226 70.41 -78.69 20.92
CA ASP D 226 69.53 -79.74 20.46
C ASP D 226 69.51 -79.72 18.93
N GLU D 227 68.77 -80.68 18.35
CA GLU D 227 68.72 -80.82 16.90
C GLU D 227 67.93 -79.70 16.23
N SER D 228 67.12 -78.96 16.98
CA SER D 228 66.35 -77.87 16.39
C SER D 228 67.26 -76.75 15.87
N HIS D 229 68.44 -76.61 16.46
CA HIS D 229 69.39 -75.57 16.06
C HIS D 229 70.39 -76.03 15.03
N LEU D 230 70.25 -77.26 14.52
CA LEU D 230 71.22 -77.81 13.59
C LEU D 230 71.28 -76.97 12.32
N CYS D 231 72.51 -76.67 11.89
CA CYS D 231 72.77 -75.90 10.67
C CYS D 231 72.04 -74.56 10.69
N THR D 232 72.16 -73.85 11.83
CA THR D 232 71.61 -72.50 11.91
C THR D 232 72.29 -71.62 10.88
N ALA D 233 71.49 -70.88 10.12
CA ALA D 233 71.98 -70.15 8.96
C ALA D 233 72.80 -68.94 9.41
N SER D 234 74.12 -69.03 9.26
CA SER D 234 74.97 -67.85 9.34
C SER D 234 74.83 -67.04 8.06
N VAL D 235 74.99 -65.73 8.17
CA VAL D 235 74.70 -64.85 7.05
C VAL D 235 75.97 -64.34 6.39
N GLN D 236 76.76 -63.56 7.13
CA GLN D 236 77.95 -62.95 6.54
C GLN D 236 79.01 -63.99 6.25
N ASN D 237 79.12 -65.01 7.10
CA ASN D 237 80.07 -66.09 6.84
C ASN D 237 79.75 -66.80 5.54
N ASP D 238 78.47 -67.12 5.33
CA ASP D 238 78.07 -67.79 4.10
C ASP D 238 78.25 -66.88 2.89
N ILE D 239 77.96 -65.59 3.05
CA ILE D 239 78.14 -64.65 1.95
C ILE D 239 79.60 -64.57 1.54
N LYS D 240 80.51 -64.50 2.53
CA LYS D 240 81.93 -64.46 2.23
C LYS D 240 82.40 -65.77 1.61
N ALA D 241 81.89 -66.90 2.09
CA ALA D 241 82.25 -68.18 1.51
C ALA D 241 81.82 -68.28 0.05
N MET D 242 80.64 -67.74 -0.27
CA MET D 242 80.19 -67.78 -1.66
C MET D 242 80.91 -66.75 -2.52
N GLN D 243 81.35 -65.64 -1.93
CA GLN D 243 82.15 -64.66 -2.67
C GLN D 243 83.58 -65.16 -2.89
N HIS D 244 84.01 -66.15 -2.10
CA HIS D 244 85.31 -66.76 -2.33
C HIS D 244 85.44 -67.30 -3.74
N GLU D 245 84.35 -67.81 -4.32
CA GLU D 245 84.39 -68.26 -5.70
C GLU D 245 84.67 -67.10 -6.66
N SER D 246 84.07 -65.93 -6.40
CA SER D 246 84.25 -64.76 -7.24
C SER D 246 85.52 -63.99 -6.90
N LEU D 247 86.28 -64.42 -5.89
CA LEU D 247 87.55 -63.78 -5.58
C LEU D 247 88.50 -63.85 -6.78
N TYR D 248 89.36 -62.84 -6.89
CA TYR D 248 90.29 -62.76 -8.02
C TYR D 248 91.25 -63.95 -8.02
N SER D 249 92.08 -64.06 -6.99
CA SER D 249 93.02 -65.16 -6.85
C SER D 249 92.73 -65.88 -5.54
N ARG D 250 92.58 -67.21 -5.62
CA ARG D 250 92.22 -68.03 -4.47
C ARG D 250 93.45 -68.82 -4.02
N LEU D 251 94.05 -68.38 -2.92
CA LEU D 251 95.16 -69.12 -2.32
C LEU D 251 94.69 -70.27 -1.44
N TYR D 252 93.38 -70.38 -1.20
CA TYR D 252 92.80 -71.45 -0.42
C TYR D 252 91.74 -72.17 -1.23
N MET D 253 91.58 -73.47 -0.96
CA MET D 253 90.63 -74.26 -1.73
C MET D 253 89.20 -73.77 -1.54
N SER D 254 88.82 -73.44 -0.31
CA SER D 254 87.47 -73.00 -0.02
C SER D 254 87.46 -71.71 0.79
N MET E 1 22.37 -56.12 -9.48
CA MET E 1 21.40 -56.52 -10.49
C MET E 1 20.34 -55.46 -10.67
N LYS E 2 20.73 -54.36 -11.32
CA LYS E 2 19.86 -53.20 -11.44
C LYS E 2 18.50 -53.57 -12.00
N LEU E 3 17.47 -53.47 -11.17
CA LEU E 3 16.14 -53.92 -11.53
C LEU E 3 15.26 -52.73 -11.86
N THR E 4 14.64 -52.78 -13.00
CA THR E 4 13.73 -51.72 -13.40
C THR E 4 12.34 -51.97 -12.84
N PRO E 5 11.52 -50.92 -12.75
CA PRO E 5 10.13 -51.13 -12.29
C PRO E 5 9.37 -52.12 -13.13
N LYS E 6 9.65 -52.16 -14.43
CA LYS E 6 9.04 -53.18 -15.29
C LYS E 6 9.42 -54.58 -14.85
N GLU E 7 10.71 -54.77 -14.51
CA GLU E 7 11.16 -56.08 -14.05
C GLU E 7 10.49 -56.45 -12.73
N LEU E 8 10.32 -55.49 -11.83
CA LEU E 8 9.65 -55.78 -10.57
C LEU E 8 8.19 -56.19 -10.80
N ASP E 9 7.51 -55.48 -11.70
CA ASP E 9 6.13 -55.85 -12.04
C ASP E 9 6.07 -57.24 -12.64
N LYS E 10 6.99 -57.56 -13.54
CA LYS E 10 7.00 -58.89 -14.14
C LYS E 10 7.30 -59.97 -13.12
N LEU E 11 8.14 -59.67 -12.12
CA LEU E 11 8.39 -60.65 -11.06
C LEU E 11 7.13 -60.92 -10.25
N MET E 12 6.39 -59.85 -9.93
CA MET E 12 5.13 -60.05 -9.23
C MET E 12 4.17 -60.87 -10.06
N LEU E 13 4.09 -60.60 -11.37
CA LEU E 13 3.20 -61.35 -12.23
C LEU E 13 3.62 -62.81 -12.31
N HIS E 14 4.92 -63.07 -12.39
CA HIS E 14 5.40 -64.45 -12.45
C HIS E 14 5.02 -65.20 -11.20
N TYR E 15 5.13 -64.57 -10.04
CA TYR E 15 4.81 -65.32 -8.83
C TYR E 15 3.31 -65.43 -8.60
N ALA E 16 2.51 -64.51 -9.11
CA ALA E 16 1.07 -64.74 -9.16
C ALA E 16 0.75 -65.94 -10.04
N GLY E 17 1.42 -66.06 -11.19
CA GLY E 17 1.23 -67.23 -12.03
C GLY E 17 1.67 -68.51 -11.34
N GLU E 18 2.75 -68.44 -10.56
CA GLU E 18 3.20 -69.61 -9.82
C GLU E 18 2.17 -70.03 -8.78
N LEU E 19 1.58 -69.06 -8.09
CA LEU E 19 0.53 -69.37 -7.14
C LEU E 19 -0.67 -70.03 -7.83
N ALA E 20 -1.04 -69.50 -8.99
CA ALA E 20 -2.14 -70.09 -9.75
C ALA E 20 -1.81 -71.52 -10.15
N LYS E 21 -0.57 -71.76 -10.58
CA LYS E 21 -0.16 -73.10 -10.97
C LYS E 21 -0.20 -74.06 -9.80
N LYS E 22 0.24 -73.61 -8.62
CA LYS E 22 0.19 -74.47 -7.44
C LYS E 22 -1.24 -74.80 -7.07
N ARG E 23 -2.15 -73.81 -7.14
CA ARG E 23 -3.55 -74.09 -6.87
C ARG E 23 -4.13 -75.09 -7.87
N LYS E 24 -3.78 -74.93 -9.14
CA LYS E 24 -4.25 -75.86 -10.16
C LYS E 24 -3.74 -77.28 -9.89
N GLU E 25 -2.50 -77.40 -9.44
CA GLU E 25 -1.98 -78.72 -9.07
C GLU E 25 -2.74 -79.29 -7.88
N LYS E 26 -3.05 -78.44 -6.89
CA LYS E 26 -3.88 -78.88 -5.78
C LYS E 26 -5.27 -79.29 -6.22
N GLY E 27 -5.72 -78.82 -7.39
CA GLY E 27 -7.02 -79.17 -7.90
C GLY E 27 -8.10 -78.14 -7.72
N ILE E 28 -7.74 -76.94 -7.25
CA ILE E 28 -8.70 -75.86 -7.13
C ILE E 28 -9.00 -75.31 -8.52
N LYS E 29 -10.28 -75.14 -8.82
CA LYS E 29 -10.66 -74.52 -10.09
C LYS E 29 -10.25 -73.05 -10.08
N LEU E 30 -9.55 -72.63 -11.12
CA LEU E 30 -8.99 -71.28 -11.14
C LEU E 30 -10.06 -70.25 -11.40
N ASN E 31 -9.89 -69.08 -10.82
CA ASN E 31 -10.76 -67.96 -11.08
C ASN E 31 -10.14 -67.08 -12.17
N TYR E 32 -10.73 -65.91 -12.40
CA TYR E 32 -10.31 -65.05 -13.49
C TYR E 32 -8.86 -64.61 -13.32
N VAL E 33 -8.52 -64.11 -12.13
CA VAL E 33 -7.18 -63.59 -11.88
C VAL E 33 -6.15 -64.71 -12.01
N GLU E 34 -6.45 -65.86 -11.42
CA GLU E 34 -5.52 -66.97 -11.48
C GLU E 34 -5.29 -67.44 -12.90
N ALA E 35 -6.37 -67.52 -13.69
CA ALA E 35 -6.22 -67.98 -15.07
C ALA E 35 -5.36 -67.02 -15.88
N VAL E 36 -5.64 -65.72 -15.77
CA VAL E 36 -4.87 -64.74 -16.53
C VAL E 36 -3.41 -64.78 -16.11
N ALA E 37 -3.15 -64.84 -14.80
CA ALA E 37 -1.77 -64.88 -14.32
C ALA E 37 -1.06 -66.14 -14.79
N LEU E 38 -1.74 -67.28 -14.78
CA LEU E 38 -1.11 -68.53 -15.20
C LEU E 38 -0.71 -68.47 -16.66
N ILE E 39 -1.61 -67.99 -17.52
CA ILE E 39 -1.29 -67.92 -18.94
C ILE E 39 -0.14 -66.96 -19.18
N SER E 40 -0.19 -65.78 -18.55
CA SER E 40 0.87 -64.80 -18.77
C SER E 40 2.22 -65.30 -18.28
N ALA E 41 2.26 -65.91 -17.10
CA ALA E 41 3.52 -66.41 -16.57
C ALA E 41 4.08 -67.53 -17.43
N HIS E 42 3.22 -68.41 -17.93
CA HIS E 42 3.71 -69.47 -18.81
C HIS E 42 4.31 -68.90 -20.08
N ILE E 43 3.65 -67.91 -20.67
CA ILE E 43 4.20 -67.30 -21.89
C ILE E 43 5.55 -66.67 -21.60
N MET E 44 5.66 -65.95 -20.48
CA MET E 44 6.92 -65.31 -20.14
C MET E 44 8.04 -66.33 -19.97
N GLU E 45 7.75 -67.44 -19.30
CA GLU E 45 8.77 -68.45 -19.09
C GLU E 45 9.20 -69.09 -20.40
N GLU E 46 8.24 -69.37 -21.29
CA GLU E 46 8.60 -69.94 -22.59
C GLU E 46 9.47 -68.99 -23.40
N ALA E 47 9.12 -67.71 -23.40
CA ALA E 47 9.91 -66.74 -24.13
C ALA E 47 11.33 -66.64 -23.56
N ARG E 48 11.45 -66.68 -22.23
CA ARG E 48 12.78 -66.67 -21.63
C ARG E 48 13.58 -67.91 -22.04
N ALA E 49 12.92 -69.07 -22.08
CA ALA E 49 13.59 -70.27 -22.57
C ALA E 49 14.10 -70.07 -23.99
N GLY E 50 13.32 -69.39 -24.83
CA GLY E 50 13.81 -68.97 -26.12
C GLY E 50 13.84 -70.04 -27.19
N LYS E 51 13.16 -71.16 -27.00
CA LYS E 51 13.07 -72.19 -28.02
C LYS E 51 11.86 -72.00 -28.94
N LYS E 52 10.97 -71.07 -28.63
CA LYS E 52 9.75 -70.87 -29.38
C LYS E 52 9.69 -69.45 -29.93
N THR E 53 8.90 -69.29 -30.99
CA THR E 53 8.65 -67.97 -31.55
C THR E 53 7.37 -67.39 -30.97
N ALA E 54 7.12 -66.13 -31.28
CA ALA E 54 5.91 -65.47 -30.79
C ALA E 54 4.66 -66.16 -31.33
N ALA E 55 4.70 -66.61 -32.58
CA ALA E 55 3.56 -67.34 -33.14
C ALA E 55 3.35 -68.66 -32.41
N GLU E 56 4.43 -69.39 -32.12
CA GLU E 56 4.31 -70.64 -31.37
C GLU E 56 3.73 -70.39 -30.00
N LEU E 57 4.13 -69.29 -29.35
CA LEU E 57 3.60 -68.99 -28.03
C LEU E 57 2.13 -68.60 -28.09
N MET E 58 1.74 -67.86 -29.13
CA MET E 58 0.32 -67.53 -29.31
C MET E 58 -0.50 -68.80 -29.46
N GLN E 59 0.02 -69.77 -30.21
CA GLN E 59 -0.68 -71.04 -30.31
C GLN E 59 -0.70 -71.79 -28.98
N GLU E 60 0.42 -71.79 -28.27
CA GLU E 60 0.54 -72.63 -27.08
C GLU E 60 -0.26 -72.09 -25.90
N GLY E 61 -0.45 -70.78 -25.83
CA GLY E 61 -1.20 -70.20 -24.73
C GLY E 61 -2.63 -70.66 -24.66
N ARG E 62 -3.20 -71.12 -25.78
CA ARG E 62 -4.58 -71.56 -25.84
C ARG E 62 -4.77 -73.00 -25.39
N THR E 63 -3.70 -73.69 -25.04
CA THR E 63 -3.78 -75.08 -24.62
C THR E 63 -3.49 -75.28 -23.14
N LEU E 64 -3.23 -74.20 -22.41
CA LEU E 64 -2.81 -74.35 -21.02
C LEU E 64 -3.96 -74.75 -20.11
N LEU E 65 -5.13 -74.15 -20.30
CA LEU E 65 -6.25 -74.35 -19.40
C LEU E 65 -7.39 -75.03 -20.14
N LYS E 66 -7.84 -76.15 -19.60
CA LYS E 66 -9.04 -76.80 -20.09
C LYS E 66 -10.27 -76.13 -19.50
N PRO E 67 -11.43 -76.29 -20.14
CA PRO E 67 -12.65 -75.68 -19.58
C PRO E 67 -12.98 -76.16 -18.19
N ASP E 68 -12.55 -77.36 -17.80
CA ASP E 68 -12.82 -77.89 -16.48
C ASP E 68 -11.81 -77.43 -15.44
N ASP E 69 -10.77 -76.71 -15.84
CA ASP E 69 -9.77 -76.23 -14.90
C ASP E 69 -10.11 -74.88 -14.31
N VAL E 70 -11.20 -74.24 -14.75
CA VAL E 70 -11.54 -72.89 -14.32
C VAL E 70 -12.97 -72.87 -13.81
N MET E 71 -13.28 -71.86 -13.01
CA MET E 71 -14.62 -71.68 -12.51
C MET E 71 -15.55 -71.25 -13.65
N ASP E 72 -16.85 -71.34 -13.39
CA ASP E 72 -17.83 -70.93 -14.38
C ASP E 72 -17.79 -69.42 -14.58
N GLY E 73 -17.74 -69.00 -15.83
CA GLY E 73 -17.68 -67.60 -16.19
C GLY E 73 -16.29 -67.08 -16.51
N VAL E 74 -15.24 -67.79 -16.09
CA VAL E 74 -13.88 -67.34 -16.34
C VAL E 74 -13.61 -67.30 -17.84
N ALA E 75 -14.03 -68.34 -18.56
CA ALA E 75 -13.77 -68.38 -19.99
C ALA E 75 -14.48 -67.26 -20.72
N SER E 76 -15.71 -66.95 -20.31
CA SER E 76 -16.41 -65.81 -20.90
C SER E 76 -15.72 -64.50 -20.58
N MET E 77 -15.21 -64.37 -19.35
CA MET E 77 -14.60 -63.10 -18.95
C MET E 77 -13.28 -62.86 -19.66
N ILE E 78 -12.52 -63.92 -19.92
CA ILE E 78 -11.20 -63.78 -20.53
C ILE E 78 -11.36 -63.80 -22.05
N HIS E 79 -11.16 -62.65 -22.68
CA HIS E 79 -11.24 -62.56 -24.13
C HIS E 79 -9.87 -62.71 -24.78
N GLU E 80 -8.88 -62.00 -24.25
CA GLU E 80 -7.51 -62.16 -24.73
C GLU E 80 -6.56 -61.76 -23.62
N VAL E 81 -5.42 -62.45 -23.58
CA VAL E 81 -4.35 -62.18 -22.62
C VAL E 81 -3.16 -61.68 -23.41
N GLY E 82 -2.77 -60.43 -23.17
CA GLY E 82 -1.58 -59.87 -23.76
C GLY E 82 -0.45 -59.88 -22.74
N ILE E 83 0.76 -60.10 -23.22
CA ILE E 83 1.92 -60.08 -22.33
C ILE E 83 3.15 -59.72 -23.15
N GLU E 84 3.92 -58.77 -22.66
CA GLU E 84 5.16 -58.38 -23.32
C GLU E 84 6.28 -59.25 -22.76
N ALA E 85 6.82 -60.13 -23.59
CA ALA E 85 7.81 -61.09 -23.18
C ALA E 85 9.14 -60.79 -23.86
N MET E 86 10.23 -61.00 -23.14
CA MET E 86 11.57 -60.71 -23.64
C MET E 86 12.10 -61.96 -24.35
N PHE E 87 12.12 -61.93 -25.66
CA PHE E 87 12.66 -63.00 -26.49
C PHE E 87 14.14 -62.80 -26.70
N PRO E 88 14.82 -63.76 -27.31
CA PRO E 88 16.24 -63.53 -27.67
C PRO E 88 16.41 -62.36 -28.62
N ASP E 89 15.38 -61.96 -29.35
CA ASP E 89 15.44 -60.83 -30.26
C ASP E 89 14.62 -59.65 -29.74
N GLY E 90 14.62 -59.45 -28.42
CA GLY E 90 14.01 -58.28 -27.83
C GLY E 90 12.63 -58.57 -27.26
N THR E 91 11.99 -57.49 -26.83
CA THR E 91 10.67 -57.58 -26.23
C THR E 91 9.59 -57.57 -27.29
N LYS E 92 8.70 -58.56 -27.24
CA LYS E 92 7.61 -58.69 -28.19
C LYS E 92 6.31 -58.91 -27.43
N LEU E 93 5.22 -58.43 -28.00
CA LEU E 93 3.90 -58.59 -27.40
C LEU E 93 3.27 -59.86 -27.92
N VAL E 94 3.02 -60.81 -27.02
CA VAL E 94 2.33 -62.05 -27.34
C VAL E 94 0.89 -61.89 -26.90
N THR E 95 -0.05 -62.09 -27.82
CA THR E 95 -1.47 -62.00 -27.54
C THR E 95 -2.12 -63.36 -27.76
N VAL E 96 -2.75 -63.89 -26.73
CA VAL E 96 -3.48 -65.16 -26.81
C VAL E 96 -4.95 -64.82 -26.78
N HIS E 97 -5.67 -65.15 -27.85
CA HIS E 97 -7.09 -64.85 -27.94
CA HIS E 97 -7.09 -64.85 -27.94
C HIS E 97 -7.90 -66.08 -27.55
N THR E 98 -8.97 -65.85 -26.79
CA THR E 98 -9.86 -66.88 -26.25
C THR E 98 -9.07 -68.09 -25.75
N PRO E 99 -8.23 -67.91 -24.74
CA PRO E 99 -7.39 -69.04 -24.29
C PRO E 99 -8.18 -70.19 -23.69
N ILE E 100 -9.40 -69.97 -23.24
CA ILE E 100 -10.21 -71.01 -22.62
C ILE E 100 -11.55 -71.10 -23.34
N GLU E 101 -11.99 -72.32 -23.63
CA GLU E 101 -13.29 -72.51 -24.25
C GLU E 101 -14.40 -72.24 -23.25
N ALA E 102 -15.43 -71.52 -23.70
CA ALA E 102 -16.53 -71.18 -22.82
C ALA E 102 -17.41 -72.40 -22.55
N ASN E 103 -17.70 -72.63 -21.28
CA ASN E 103 -18.62 -73.71 -20.92
C ASN E 103 -20.07 -73.35 -21.19
N GLY E 104 -20.40 -72.06 -21.09
CA GLY E 104 -21.75 -71.59 -21.36
C GLY E 104 -22.69 -71.58 -20.19
N LYS E 105 -22.28 -72.13 -19.03
CA LYS E 105 -23.16 -72.15 -17.87
C LYS E 105 -23.48 -70.75 -17.38
N LEU E 106 -22.46 -70.02 -16.93
CA LEU E 106 -22.62 -68.69 -16.39
C LEU E 106 -21.82 -67.70 -17.22
N VAL E 107 -22.47 -66.63 -17.66
CA VAL E 107 -21.83 -65.58 -18.43
C VAL E 107 -21.96 -64.27 -17.67
N PRO E 108 -20.93 -63.85 -16.96
CA PRO E 108 -20.98 -62.56 -16.28
C PRO E 108 -21.16 -61.42 -17.27
N GLY E 109 -22.01 -60.46 -16.90
CA GLY E 109 -22.23 -59.29 -17.74
C GLY E 109 -22.82 -59.61 -19.09
N GLU E 110 -23.55 -60.71 -19.23
CA GLU E 110 -24.08 -61.09 -20.52
C GLU E 110 -25.26 -60.21 -20.92
N LEU E 111 -25.47 -60.07 -22.21
CA LEU E 111 -26.53 -59.25 -22.77
C LEU E 111 -27.72 -60.11 -23.11
N PHE E 112 -28.91 -59.60 -22.83
CA PHE E 112 -30.17 -60.22 -23.22
C PHE E 112 -30.85 -59.27 -24.20
N LEU E 113 -30.52 -59.42 -25.48
CA LEU E 113 -30.96 -58.50 -26.49
C LEU E 113 -32.37 -58.84 -26.98
N LYS E 114 -33.09 -57.80 -27.40
CA LYS E 114 -34.33 -58.00 -28.11
C LYS E 114 -34.06 -58.56 -29.49
N ASN E 115 -35.04 -59.26 -30.05
CA ASN E 115 -34.92 -59.77 -31.42
C ASN E 115 -35.56 -58.81 -32.41
N GLU E 116 -35.15 -57.54 -32.35
CA GLU E 116 -35.68 -56.51 -33.23
C GLU E 116 -34.53 -55.68 -33.77
N ASP E 117 -34.53 -55.43 -35.07
CA ASP E 117 -33.44 -54.70 -35.70
C ASP E 117 -33.53 -53.21 -35.43
N ILE E 118 -32.38 -52.57 -35.38
CA ILE E 118 -32.28 -51.13 -35.16
C ILE E 118 -32.31 -50.44 -36.51
N THR E 119 -33.23 -49.50 -36.69
CA THR E 119 -33.34 -48.74 -37.93
C THR E 119 -32.56 -47.43 -37.75
N ILE E 120 -31.45 -47.32 -38.45
CA ILE E 120 -30.61 -46.13 -38.35
C ILE E 120 -30.99 -45.15 -39.45
N ASN E 121 -30.71 -43.87 -39.20
CA ASN E 121 -30.98 -42.80 -40.15
C ASN E 121 -32.44 -42.82 -40.61
N GLU E 122 -33.33 -43.06 -39.66
CA GLU E 122 -34.76 -43.14 -39.97
C GLU E 122 -35.27 -41.79 -40.46
N GLY E 123 -36.14 -41.83 -41.47
CA GLY E 123 -36.67 -40.62 -42.04
C GLY E 123 -35.79 -39.96 -43.08
N LYS E 124 -34.66 -40.54 -43.41
CA LYS E 124 -33.75 -40.01 -44.41
C LYS E 124 -33.76 -40.92 -45.63
N LYS E 125 -34.03 -40.34 -46.79
CA LYS E 125 -34.06 -41.10 -48.04
C LYS E 125 -32.66 -41.17 -48.63
N ALA E 126 -32.28 -42.37 -49.07
CA ALA E 126 -30.95 -42.64 -49.55
C ALA E 126 -30.94 -42.70 -51.08
N VAL E 127 -29.95 -42.04 -51.67
CA VAL E 127 -29.72 -42.12 -53.10
C VAL E 127 -28.55 -43.05 -53.35
N SER E 128 -28.51 -43.65 -54.54
CA SER E 128 -27.49 -44.62 -54.90
C SER E 128 -26.52 -43.99 -55.89
N VAL E 129 -25.23 -44.17 -55.64
CA VAL E 129 -24.18 -43.59 -56.46
C VAL E 129 -23.15 -44.67 -56.75
N LYS E 130 -22.71 -44.74 -58.01
CA LYS E 130 -21.67 -45.68 -58.40
C LYS E 130 -20.30 -45.00 -58.32
N VAL E 131 -19.39 -45.62 -57.57
CA VAL E 131 -18.08 -45.04 -57.30
C VAL E 131 -17.01 -46.02 -57.80
N LYS E 132 -16.05 -45.50 -58.56
CA LYS E 132 -14.92 -46.28 -59.03
C LYS E 132 -13.64 -45.72 -58.42
N ASN E 133 -12.78 -46.61 -57.94
CA ASN E 133 -11.47 -46.24 -57.42
C ASN E 133 -10.48 -46.37 -58.56
N VAL E 134 -10.12 -45.25 -59.18
CA VAL E 134 -9.16 -45.26 -60.28
C VAL E 134 -7.74 -45.09 -59.80
N GLY E 135 -7.52 -44.96 -58.49
CA GLY E 135 -6.19 -44.90 -57.95
C GLY E 135 -5.60 -46.29 -57.77
N ASP E 136 -4.40 -46.32 -57.20
CA ASP E 136 -3.65 -47.55 -57.03
C ASP E 136 -3.75 -48.12 -55.62
N ARG E 137 -4.47 -47.46 -54.72
CA ARG E 137 -4.57 -47.94 -53.35
C ARG E 137 -6.03 -47.98 -52.92
N PRO E 138 -6.37 -48.88 -52.00
CA PRO E 138 -7.73 -48.89 -51.46
C PRO E 138 -8.01 -47.64 -50.66
N VAL E 139 -9.28 -47.26 -50.64
CA VAL E 139 -9.73 -46.05 -49.98
C VAL E 139 -10.87 -46.41 -49.03
N GLN E 140 -10.75 -46.03 -47.77
CA GLN E 140 -11.80 -46.26 -46.78
C GLN E 140 -12.48 -44.95 -46.46
N ILE E 141 -13.80 -44.93 -46.54
CA ILE E 141 -14.61 -43.75 -46.25
C ILE E 141 -15.46 -44.03 -45.02
N GLY E 142 -15.40 -43.12 -44.06
CA GLY E 142 -16.20 -43.26 -42.87
C GLY E 142 -17.66 -42.89 -43.08
N SER E 143 -18.46 -43.26 -42.09
CA SER E 143 -19.91 -43.05 -42.18
C SER E 143 -20.26 -41.57 -42.21
N HIS E 144 -19.43 -40.70 -41.66
CA HIS E 144 -19.78 -39.30 -41.52
C HIS E 144 -18.87 -38.37 -42.30
N PHE E 145 -17.98 -38.92 -43.14
CA PHE E 145 -17.23 -38.08 -44.05
C PHE E 145 -18.16 -37.50 -45.11
N HIS E 146 -17.99 -36.22 -45.41
CA HIS E 146 -18.74 -35.58 -46.48
C HIS E 146 -18.31 -36.19 -47.80
N PHE E 147 -19.19 -36.99 -48.40
CA PHE E 147 -18.78 -37.82 -49.53
C PHE E 147 -18.37 -37.00 -50.75
N PHE E 148 -18.81 -35.74 -50.84
CA PHE E 148 -18.41 -34.90 -51.95
C PHE E 148 -16.90 -34.68 -51.97
N GLU E 149 -16.25 -34.67 -50.80
CA GLU E 149 -14.86 -34.27 -50.69
C GLU E 149 -13.91 -35.45 -50.50
N VAL E 150 -14.34 -36.66 -50.85
CA VAL E 150 -13.50 -37.84 -50.66
C VAL E 150 -12.31 -37.78 -51.60
N ASN E 151 -11.36 -38.70 -51.42
CA ASN E 151 -10.17 -38.81 -52.23
C ASN E 151 -10.46 -38.55 -53.69
N ARG E 152 -9.64 -37.70 -54.31
CA ARG E 152 -9.88 -37.32 -55.70
C ARG E 152 -9.63 -38.47 -56.67
N CYS E 153 -9.04 -39.57 -56.21
CA CYS E 153 -8.90 -40.74 -57.06
C CYS E 153 -10.19 -41.56 -57.16
N LEU E 154 -11.19 -41.25 -56.36
CA LEU E 154 -12.51 -41.86 -56.52
C LEU E 154 -13.28 -41.13 -57.62
N ASP E 155 -13.91 -41.88 -58.49
CA ASP E 155 -14.63 -41.33 -59.63
C ASP E 155 -16.11 -41.60 -59.48
N PHE E 156 -16.90 -40.54 -59.47
CA PHE E 156 -18.35 -40.61 -59.35
C PHE E 156 -18.91 -39.22 -59.62
N ASP E 157 -20.22 -39.15 -59.77
CA ASP E 157 -20.89 -37.87 -60.01
C ASP E 157 -20.95 -37.11 -58.70
N ARG E 158 -19.98 -36.22 -58.48
CA ARG E 158 -19.88 -35.50 -57.23
C ARG E 158 -21.06 -34.56 -57.01
N GLU E 159 -21.64 -34.05 -58.11
CA GLU E 159 -22.81 -33.19 -58.00
C GLU E 159 -23.96 -33.90 -57.30
N LYS E 160 -24.11 -35.20 -57.55
CA LYS E 160 -25.17 -35.95 -56.90
C LYS E 160 -24.92 -36.12 -55.41
N THR E 161 -23.65 -36.08 -54.99
CA THR E 161 -23.29 -36.40 -53.62
C THR E 161 -22.95 -35.20 -52.77
N PHE E 162 -23.01 -33.98 -53.32
CA PHE E 162 -22.78 -32.81 -52.49
C PHE E 162 -23.78 -32.76 -51.33
N GLY E 163 -23.27 -32.54 -50.13
CA GLY E 163 -24.10 -32.45 -48.94
C GLY E 163 -24.55 -33.78 -48.37
N LYS E 164 -23.93 -34.88 -48.78
CA LYS E 164 -24.39 -36.20 -48.37
C LYS E 164 -23.26 -36.98 -47.74
N ARG E 165 -23.63 -38.02 -47.00
CA ARG E 165 -22.70 -38.92 -46.36
C ARG E 165 -23.20 -40.34 -46.54
N LEU E 166 -22.34 -41.31 -46.25
CA LEU E 166 -22.69 -42.71 -46.42
C LEU E 166 -23.81 -43.10 -45.45
N ASP E 167 -24.71 -43.96 -45.92
CA ASP E 167 -25.81 -44.45 -45.10
C ASP E 167 -25.46 -45.80 -44.51
N ILE E 168 -24.52 -45.76 -43.56
CA ILE E 168 -24.03 -46.95 -42.88
C ILE E 168 -24.03 -46.66 -41.38
N ALA E 169 -23.83 -47.72 -40.61
CA ALA E 169 -23.72 -47.56 -39.17
C ALA E 169 -22.57 -46.64 -38.82
N SER E 170 -22.85 -45.65 -37.97
CA SER E 170 -21.82 -44.68 -37.62
C SER E 170 -20.65 -45.38 -36.95
N GLY E 171 -19.45 -45.02 -37.38
CA GLY E 171 -18.24 -45.67 -36.93
C GLY E 171 -17.75 -46.77 -37.83
N THR E 172 -18.58 -47.23 -38.77
CA THR E 172 -18.13 -48.19 -39.77
C THR E 172 -17.61 -47.44 -41.00
N ALA E 173 -17.01 -48.20 -41.91
CA ALA E 173 -16.41 -47.61 -43.09
C ALA E 173 -16.68 -48.49 -44.30
N VAL E 174 -16.62 -47.88 -45.47
CA VAL E 174 -16.77 -48.56 -46.75
C VAL E 174 -15.42 -48.52 -47.45
N ARG E 175 -14.96 -49.66 -47.93
CA ARG E 175 -13.66 -49.77 -48.59
C ARG E 175 -13.87 -49.94 -50.09
N PHE E 176 -13.17 -49.12 -50.87
CA PHE E 176 -13.13 -49.19 -52.32
C PHE E 176 -11.74 -49.66 -52.71
N GLU E 177 -11.66 -50.88 -53.23
CA GLU E 177 -10.39 -51.40 -53.72
C GLU E 177 -10.04 -50.75 -55.05
N PRO E 178 -8.74 -50.67 -55.38
CA PRO E 178 -8.35 -50.04 -56.65
C PRO E 178 -8.97 -50.77 -57.83
N GLY E 179 -9.47 -49.99 -58.79
CA GLY E 179 -10.10 -50.53 -59.97
C GLY E 179 -11.53 -51.00 -59.73
N GLU E 180 -11.85 -51.32 -58.48
CA GLU E 180 -13.17 -51.82 -58.16
C GLU E 180 -14.21 -50.71 -58.23
N GLU E 181 -15.40 -51.07 -58.72
CA GLU E 181 -16.52 -50.15 -58.79
C GLU E 181 -17.62 -50.65 -57.86
N LYS E 182 -18.08 -49.78 -56.95
CA LYS E 182 -19.11 -50.12 -55.99
C LYS E 182 -20.25 -49.12 -56.09
N SER E 183 -21.42 -49.55 -55.63
CA SER E 183 -22.57 -48.67 -55.49
C SER E 183 -22.81 -48.43 -54.01
N VAL E 184 -22.93 -47.17 -53.63
CA VAL E 184 -23.12 -46.80 -52.24
C VAL E 184 -24.40 -46.00 -52.11
N GLU E 185 -24.95 -46.01 -50.89
CA GLU E 185 -26.15 -45.26 -50.57
C GLU E 185 -25.77 -44.04 -49.75
N LEU E 186 -26.29 -42.88 -50.13
CA LEU E 186 -25.95 -41.62 -49.50
C LEU E 186 -27.21 -40.95 -48.98
N ILE E 187 -27.08 -40.32 -47.82
CA ILE E 187 -28.17 -39.60 -47.17
C ILE E 187 -27.69 -38.20 -46.86
N ASP E 188 -28.64 -37.26 -46.77
CA ASP E 188 -28.29 -35.88 -46.51
C ASP E 188 -27.63 -35.74 -45.15
N ILE E 189 -26.62 -34.86 -45.08
CA ILE E 189 -26.02 -34.51 -43.80
C ILE E 189 -27.03 -33.72 -42.98
N GLY E 190 -27.17 -34.07 -41.70
CA GLY E 190 -28.17 -33.46 -40.85
C GLY E 190 -27.65 -32.23 -40.12
N GLY E 191 -28.43 -31.79 -39.13
CA GLY E 191 -28.03 -30.65 -38.33
C GLY E 191 -28.09 -29.36 -39.12
N ASN E 192 -27.14 -28.48 -38.82
CA ASN E 192 -27.03 -27.21 -39.52
C ASN E 192 -26.52 -27.35 -40.94
N ARG E 193 -26.01 -28.53 -41.32
CA ARG E 193 -25.45 -28.77 -42.65
C ARG E 193 -24.36 -27.76 -42.98
N ARG E 194 -23.51 -27.47 -42.01
CA ARG E 194 -22.34 -26.63 -42.21
C ARG E 194 -21.14 -27.56 -42.36
N ILE E 195 -20.54 -27.55 -43.55
CA ILE E 195 -19.39 -28.41 -43.83
C ILE E 195 -18.13 -27.61 -43.61
N PHE E 196 -17.32 -28.03 -42.65
CA PHE E 196 -16.04 -27.39 -42.39
C PHE E 196 -14.96 -28.46 -42.32
N GLY E 197 -13.78 -28.12 -42.80
CA GLY E 197 -12.69 -29.08 -42.83
C GLY E 197 -12.73 -29.95 -44.06
N PHE E 198 -12.50 -31.25 -43.88
CA PHE E 198 -12.47 -32.23 -44.98
C PHE E 198 -11.39 -31.77 -45.96
N ASN E 199 -11.71 -31.56 -47.24
CA ASN E 199 -10.75 -31.11 -48.22
C ASN E 199 -10.84 -29.60 -48.48
N ALA E 200 -11.55 -28.87 -47.62
CA ALA E 200 -11.73 -27.43 -47.75
C ALA E 200 -12.36 -27.06 -49.10
N LEU E 201 -13.25 -27.90 -49.60
CA LEU E 201 -13.97 -27.59 -50.83
C LEU E 201 -15.24 -26.79 -50.58
N VAL E 202 -15.81 -26.87 -49.37
CA VAL E 202 -17.02 -26.15 -49.04
C VAL E 202 -16.74 -25.07 -47.99
N ASP E 203 -16.35 -25.49 -46.78
CA ASP E 203 -15.97 -24.57 -45.70
C ASP E 203 -17.05 -23.55 -45.40
N ARG E 204 -18.31 -23.93 -45.55
CA ARG E 204 -19.44 -23.02 -45.35
C ARG E 204 -20.71 -23.84 -45.31
N GLN E 205 -21.85 -23.14 -45.27
CA GLN E 205 -23.15 -23.79 -45.28
C GLN E 205 -23.35 -24.53 -46.60
N ALA E 206 -23.94 -25.72 -46.52
CA ALA E 206 -24.17 -26.55 -47.70
C ALA E 206 -25.54 -26.23 -48.26
N ASP E 207 -25.56 -25.46 -49.35
CA ASP E 207 -26.79 -25.16 -50.08
C ASP E 207 -26.48 -25.16 -51.57
N ASN E 208 -27.49 -24.85 -52.38
CA ASN E 208 -27.33 -24.91 -53.82
C ASN E 208 -26.34 -23.88 -54.32
N GLU E 209 -26.26 -22.71 -53.67
CA GLU E 209 -25.30 -21.70 -54.09
C GLU E 209 -23.88 -22.10 -53.77
N SER E 210 -23.65 -22.70 -52.61
CA SER E 210 -22.32 -23.19 -52.30
C SER E 210 -21.98 -24.45 -53.08
N LYS E 211 -22.98 -25.12 -53.65
CA LYS E 211 -22.72 -26.28 -54.49
C LYS E 211 -21.91 -25.90 -55.72
N LYS E 212 -22.25 -24.78 -56.36
CA LYS E 212 -21.51 -24.36 -57.55
C LYS E 212 -20.07 -24.03 -57.21
N ILE E 213 -19.85 -23.33 -56.10
CA ILE E 213 -18.49 -22.98 -55.69
C ILE E 213 -17.71 -24.25 -55.37
N ALA E 214 -18.33 -25.19 -54.67
CA ALA E 214 -17.65 -26.43 -54.34
C ALA E 214 -17.30 -27.21 -55.61
N LEU E 215 -18.21 -27.25 -56.57
CA LEU E 215 -17.94 -27.96 -57.81
C LEU E 215 -16.80 -27.31 -58.58
N HIS E 216 -16.79 -25.98 -58.65
CA HIS E 216 -15.69 -25.31 -59.32
C HIS E 216 -14.36 -25.56 -58.62
N ARG E 217 -14.36 -25.52 -57.29
CA ARG E 217 -13.13 -25.80 -56.54
C ARG E 217 -12.66 -27.23 -56.79
N ALA E 218 -13.58 -28.19 -56.79
CA ALA E 218 -13.20 -29.57 -57.00
C ALA E 218 -12.65 -29.78 -58.40
N LYS E 219 -13.26 -29.15 -59.40
CA LYS E 219 -12.76 -29.26 -60.76
C LYS E 219 -11.36 -28.65 -60.88
N GLU E 220 -11.14 -27.50 -60.24
CA GLU E 220 -9.83 -26.88 -60.26
C GLU E 220 -8.79 -27.76 -59.58
N ARG E 221 -9.14 -28.36 -58.44
CA ARG E 221 -8.21 -29.21 -57.71
C ARG E 221 -8.13 -30.62 -58.25
N GLY E 222 -8.87 -30.93 -59.31
CA GLY E 222 -8.69 -32.20 -59.99
C GLY E 222 -9.44 -33.36 -59.40
N PHE E 223 -10.54 -33.10 -58.72
CA PHE E 223 -11.35 -34.19 -58.18
C PHE E 223 -12.12 -34.86 -59.29
N HIS E 224 -11.98 -36.18 -59.37
CA HIS E 224 -12.57 -36.93 -60.48
C HIS E 224 -14.09 -36.91 -60.39
N GLY E 225 -14.73 -36.70 -61.54
CA GLY E 225 -16.17 -36.68 -61.61
C GLY E 225 -16.81 -35.37 -61.25
N ALA E 226 -16.02 -34.37 -60.85
CA ALA E 226 -16.56 -33.05 -60.55
C ALA E 226 -16.67 -32.25 -61.84
N LYS E 227 -17.89 -31.93 -62.22
CA LYS E 227 -18.16 -31.22 -63.47
C LYS E 227 -18.63 -29.82 -63.15
N SER E 228 -17.85 -28.82 -63.55
CA SER E 228 -18.22 -27.43 -63.44
C SER E 228 -18.20 -26.80 -64.83
N ASP E 229 -19.11 -25.85 -65.05
CA ASP E 229 -19.20 -25.19 -66.33
C ASP E 229 -17.90 -24.45 -66.65
N ASP E 230 -17.54 -24.43 -67.94
CA ASP E 230 -16.35 -23.72 -68.36
C ASP E 230 -16.47 -22.22 -68.09
N ASN E 231 -17.64 -21.65 -68.34
CA ASN E 231 -17.88 -20.23 -68.10
C ASN E 231 -18.48 -20.07 -66.71
N TYR E 232 -17.61 -20.13 -65.72
CA TYR E 232 -18.00 -20.05 -64.31
C TYR E 232 -17.89 -18.61 -63.85
N VAL E 233 -18.95 -18.12 -63.21
CA VAL E 233 -19.01 -16.74 -62.72
C VAL E 233 -18.63 -16.73 -61.26
N LYS E 234 -17.55 -16.02 -60.93
CA LYS E 234 -17.09 -15.96 -59.55
C LYS E 234 -18.00 -15.06 -58.72
N THR E 235 -18.00 -15.31 -57.42
CA THR E 235 -18.71 -14.47 -56.47
C THR E 235 -17.72 -13.58 -55.74
N ILE E 236 -18.25 -12.68 -54.91
CA ILE E 236 -17.40 -11.74 -54.19
C ILE E 236 -16.53 -12.49 -53.17
N LYS E 237 -17.07 -13.54 -52.57
CA LYS E 237 -16.33 -14.35 -51.60
C LYS E 237 -16.41 -15.80 -52.02
N GLU E 238 -15.27 -16.36 -52.42
CA GLU E 238 -15.20 -17.77 -52.81
C GLU E 238 -13.76 -18.22 -52.94
N MET F 1 59.44 -36.48 -14.40
CA MET F 1 58.47 -37.23 -15.19
C MET F 1 58.61 -38.72 -14.96
N LYS F 2 57.58 -39.46 -15.37
CA LYS F 2 57.56 -40.90 -15.20
C LYS F 2 56.54 -41.47 -16.17
N LYS F 3 56.75 -42.72 -16.57
CA LYS F 3 55.83 -43.41 -17.46
C LYS F 3 55.23 -44.60 -16.76
N ILE F 4 53.90 -44.71 -16.81
CA ILE F 4 53.19 -45.83 -16.23
C ILE F 4 52.48 -46.58 -17.35
N SER F 5 52.26 -47.87 -17.13
CA SER F 5 51.65 -48.69 -18.16
C SER F 5 50.25 -48.20 -18.47
N ARG F 6 49.87 -48.29 -19.75
CA ARG F 6 48.56 -47.81 -20.15
C ARG F 6 47.45 -48.59 -19.46
N LYS F 7 47.66 -49.87 -19.21
CA LYS F 7 46.63 -50.66 -18.53
C LYS F 7 46.40 -50.12 -17.12
N GLU F 8 47.48 -49.85 -16.39
CA GLU F 8 47.33 -49.28 -15.06
C GLU F 8 46.71 -47.90 -15.11
N TYR F 9 47.14 -47.07 -16.06
CA TYR F 9 46.57 -45.74 -16.17
C TYR F 9 45.07 -45.81 -16.43
N VAL F 10 44.65 -46.69 -17.33
CA VAL F 10 43.23 -46.77 -17.68
C VAL F 10 42.43 -47.33 -16.52
N SER F 11 42.99 -48.29 -15.79
CA SER F 11 42.31 -48.78 -14.59
C SER F 11 42.13 -47.67 -13.56
N MET F 12 43.12 -46.79 -13.44
CA MET F 12 43.02 -45.73 -12.45
C MET F 12 42.07 -44.63 -12.89
N TYR F 13 42.14 -44.20 -14.15
CA TYR F 13 41.47 -42.99 -14.59
C TYR F 13 40.52 -43.17 -15.75
N GLY F 14 40.38 -44.37 -16.30
CA GLY F 14 39.55 -44.56 -17.45
C GLY F 14 40.31 -44.33 -18.73
N PRO F 15 39.71 -44.67 -19.86
CA PRO F 15 40.44 -44.61 -21.14
C PRO F 15 40.83 -43.19 -21.50
N THR F 16 41.97 -43.06 -22.16
CA THR F 16 42.48 -41.79 -22.63
C THR F 16 42.55 -41.81 -24.16
N THR F 17 43.16 -40.78 -24.74
CA THR F 17 43.15 -40.61 -26.18
C THR F 17 43.70 -41.83 -26.90
N GLY F 18 42.98 -42.29 -27.91
CA GLY F 18 43.37 -43.46 -28.67
C GLY F 18 42.89 -44.77 -28.11
N ASP F 19 42.30 -44.77 -26.93
CA ASP F 19 41.79 -45.99 -26.33
C ASP F 19 40.36 -46.23 -26.79
N LYS F 20 40.04 -47.50 -27.01
CA LYS F 20 38.74 -47.92 -27.51
C LYS F 20 37.99 -48.69 -26.45
N VAL F 21 36.68 -48.49 -26.39
CA VAL F 21 35.81 -49.17 -25.45
C VAL F 21 34.60 -49.72 -26.21
N ARG F 22 34.24 -50.96 -25.94
CA ARG F 22 33.05 -51.55 -26.53
C ARG F 22 31.82 -51.02 -25.81
N LEU F 23 30.79 -50.68 -26.57
CA LEU F 23 29.56 -50.13 -26.00
C LEU F 23 28.62 -51.28 -25.69
N GLY F 24 28.40 -51.55 -24.40
CA GLY F 24 27.57 -52.66 -24.01
C GLY F 24 28.14 -53.97 -24.50
N ASP F 25 27.25 -54.90 -24.82
CA ASP F 25 27.63 -56.16 -25.44
C ASP F 25 27.51 -56.11 -26.95
N THR F 26 27.34 -54.92 -27.51
CA THR F 26 27.20 -54.75 -28.96
C THR F 26 28.56 -54.89 -29.64
N ASP F 27 28.60 -54.64 -30.93
CA ASP F 27 29.82 -54.67 -31.70
C ASP F 27 30.37 -53.29 -31.97
N LEU F 28 29.83 -52.26 -31.32
CA LEU F 28 30.23 -50.88 -31.55
C LEU F 28 31.40 -50.53 -30.64
N ILE F 29 32.43 -49.95 -31.24
CA ILE F 29 33.65 -49.58 -30.53
C ILE F 29 33.80 -48.07 -30.62
N ALA F 30 33.85 -47.42 -29.46
CA ALA F 30 34.02 -45.98 -29.39
C ALA F 30 35.45 -45.67 -29.01
N GLU F 31 36.09 -44.78 -29.76
CA GLU F 31 37.47 -44.40 -29.52
C GLU F 31 37.51 -43.00 -28.92
N VAL F 32 38.31 -42.82 -27.88
CA VAL F 32 38.45 -41.51 -27.25
C VAL F 32 39.20 -40.61 -28.20
N GLU F 33 38.52 -39.57 -28.71
CA GLU F 33 39.12 -38.73 -29.75
C GLU F 33 40.19 -37.81 -29.17
N HIS F 34 39.93 -37.23 -28.00
N HIS F 34 39.95 -37.30 -27.96
CA HIS F 34 40.93 -36.39 -27.36
CA HIS F 34 40.73 -36.22 -27.37
C HIS F 34 40.63 -36.33 -25.87
C HIS F 34 40.59 -36.29 -25.85
N ASP F 35 41.60 -35.81 -25.13
CA ASP F 35 41.57 -35.79 -23.68
C ASP F 35 41.94 -34.42 -23.18
N TYR F 36 41.16 -33.88 -22.26
CA TYR F 36 41.43 -32.57 -21.69
C TYR F 36 42.36 -32.64 -20.48
N THR F 37 42.58 -33.82 -19.92
CA THR F 37 43.37 -33.92 -18.71
C THR F 37 44.85 -33.70 -19.00
N ILE F 38 45.57 -33.30 -17.97
CA ILE F 38 47.03 -33.21 -18.00
C ILE F 38 47.57 -34.39 -17.20
N TYR F 39 48.37 -35.22 -17.85
CA TYR F 39 48.79 -36.48 -17.24
C TYR F 39 49.58 -36.23 -15.98
N GLY F 40 49.24 -36.95 -14.91
CA GLY F 40 49.83 -36.73 -13.61
C GLY F 40 49.08 -35.76 -12.73
N GLU F 41 48.08 -35.06 -13.26
CA GLU F 41 47.30 -34.10 -12.49
C GLU F 41 45.83 -34.50 -12.43
N GLU F 42 45.52 -35.78 -12.66
CA GLU F 42 44.14 -36.21 -12.71
C GLU F 42 43.45 -36.04 -11.37
N LEU F 43 42.15 -35.71 -11.43
CA LEU F 43 41.36 -35.54 -10.22
C LEU F 43 40.84 -36.90 -9.77
N LYS F 44 41.14 -37.26 -8.53
CA LYS F 44 40.65 -38.50 -7.96
C LYS F 44 40.11 -38.22 -6.57
N PHE F 45 39.03 -38.90 -6.20
CA PHE F 45 38.46 -38.79 -4.87
C PHE F 45 38.61 -40.12 -4.15
N GLY F 46 39.00 -40.03 -2.87
CA GLY F 46 39.21 -41.23 -2.09
C GLY F 46 39.95 -40.91 -0.81
N GLY F 47 40.55 -41.94 -0.22
CA GLY F 47 41.25 -41.80 1.03
C GLY F 47 42.40 -40.81 0.99
N GLY F 48 43.44 -41.12 0.22
CA GLY F 48 44.56 -40.22 0.09
C GLY F 48 44.72 -39.74 -1.34
N LYS F 49 43.61 -39.46 -1.99
CA LYS F 49 43.61 -39.08 -3.39
C LYS F 49 43.79 -37.57 -3.51
N THR F 50 43.60 -37.02 -4.71
CA THR F 50 43.97 -35.64 -4.97
C THR F 50 42.87 -34.65 -4.61
N LEU F 51 41.60 -35.05 -4.68
CA LEU F 51 40.52 -34.13 -4.39
C LEU F 51 40.43 -33.88 -2.90
N ARG F 52 41.42 -33.19 -2.35
CA ARG F 52 41.49 -32.92 -0.93
C ARG F 52 41.77 -31.45 -0.71
N GLU F 53 41.51 -30.99 0.51
CA GLU F 53 41.68 -29.60 0.87
C GLU F 53 43.11 -29.14 0.63
N GLY F 54 43.31 -28.23 -0.30
CA GLY F 54 44.60 -27.66 -0.59
C GLY F 54 45.32 -28.27 -1.77
N MET F 55 44.95 -29.48 -2.18
CA MET F 55 45.61 -30.13 -3.30
C MET F 55 44.85 -29.92 -4.61
N SER F 56 43.62 -30.43 -4.70
CA SER F 56 42.78 -30.19 -5.85
C SER F 56 41.51 -29.44 -5.52
N GLN F 57 41.09 -29.42 -4.27
CA GLN F 57 40.04 -28.54 -3.81
C GLN F 57 40.70 -27.24 -3.35
N SER F 58 40.40 -26.15 -4.04
CA SER F 58 41.07 -24.89 -3.78
C SER F 58 40.68 -24.33 -2.42
N ASN F 59 41.66 -23.75 -1.72
CA ASN F 59 41.39 -22.98 -0.53
C ASN F 59 41.08 -21.52 -0.84
N ASN F 60 41.38 -21.07 -2.05
CA ASN F 60 40.97 -19.76 -2.55
C ASN F 60 40.30 -19.96 -3.90
N PRO F 61 39.09 -20.51 -3.91
CA PRO F 61 38.46 -20.84 -5.18
C PRO F 61 37.98 -19.59 -5.91
N SER F 62 37.77 -19.74 -7.21
CA SER F 62 37.20 -18.66 -7.98
C SER F 62 35.74 -18.46 -7.61
N LYS F 63 35.20 -17.29 -7.96
CA LYS F 63 33.81 -17.01 -7.67
C LYS F 63 32.85 -17.89 -8.47
N GLU F 64 33.34 -18.51 -9.55
CA GLU F 64 32.58 -19.47 -10.32
C GLU F 64 32.79 -20.89 -9.83
N GLU F 65 33.05 -21.05 -8.53
CA GLU F 65 33.33 -22.36 -7.95
C GLU F 65 32.17 -23.31 -8.20
N LEU F 66 32.50 -24.52 -8.65
CA LEU F 66 31.50 -25.48 -9.06
C LEU F 66 30.69 -25.99 -7.87
N ASP F 67 29.44 -26.35 -8.14
CA ASP F 67 28.63 -27.06 -7.18
C ASP F 67 28.89 -28.56 -7.23
N LEU F 68 29.09 -29.11 -8.42
CA LEU F 68 29.37 -30.52 -8.59
C LEU F 68 30.37 -30.69 -9.71
N ILE F 69 31.30 -31.63 -9.56
CA ILE F 69 32.25 -31.94 -10.61
C ILE F 69 32.24 -33.43 -10.85
N ILE F 70 32.13 -33.83 -12.11
CA ILE F 70 32.24 -35.22 -12.52
C ILE F 70 33.65 -35.41 -13.07
N THR F 71 34.44 -36.26 -12.41
CA THR F 71 35.85 -36.40 -12.72
C THR F 71 36.09 -37.54 -13.70
N ASN F 72 36.95 -37.29 -14.69
CA ASN F 72 37.46 -38.32 -15.59
C ASN F 72 36.34 -39.03 -16.34
N ALA F 73 35.33 -38.28 -16.77
CA ALA F 73 34.21 -38.87 -17.46
C ALA F 73 34.49 -38.97 -18.95
N LEU F 74 34.10 -40.09 -19.55
CA LEU F 74 34.16 -40.25 -20.99
C LEU F 74 32.86 -39.69 -21.55
N ILE F 75 32.91 -38.46 -22.02
CA ILE F 75 31.73 -37.81 -22.60
C ILE F 75 31.50 -38.39 -23.99
N VAL F 76 30.33 -38.97 -24.19
CA VAL F 76 29.90 -39.43 -25.50
C VAL F 76 28.76 -38.52 -25.91
N ASP F 77 28.98 -37.73 -26.96
CA ASP F 77 28.05 -36.71 -27.36
C ASP F 77 28.15 -36.54 -28.86
N TYR F 78 27.15 -35.89 -29.45
CA TYR F 78 27.22 -35.60 -30.87
C TYR F 78 28.34 -34.63 -31.20
N THR F 79 28.81 -33.87 -30.22
CA THR F 79 29.95 -32.98 -30.41
C THR F 79 31.28 -33.71 -30.40
N GLY F 80 31.32 -34.95 -29.96
CA GLY F 80 32.54 -35.73 -29.96
C GLY F 80 32.58 -36.69 -28.79
N ILE F 81 33.43 -37.69 -28.91
CA ILE F 81 33.66 -38.68 -27.87
C ILE F 81 35.02 -38.38 -27.27
N TYR F 82 35.03 -37.76 -26.10
CA TYR F 82 36.29 -37.31 -25.53
C TYR F 82 36.27 -37.54 -24.02
N LYS F 83 37.36 -37.19 -23.36
CA LYS F 83 37.52 -37.43 -21.93
C LYS F 83 37.72 -36.09 -21.24
N ALA F 84 36.93 -35.83 -20.20
CA ALA F 84 36.99 -34.53 -19.56
C ALA F 84 36.37 -34.59 -18.18
N ASP F 85 36.50 -33.49 -17.46
CA ASP F 85 35.75 -33.27 -16.22
C ASP F 85 34.60 -32.34 -16.52
N ILE F 86 33.42 -32.68 -16.02
CA ILE F 86 32.21 -31.88 -16.22
C ILE F 86 31.92 -31.15 -14.94
N GLY F 87 31.90 -29.81 -15.01
CA GLY F 87 31.55 -29.00 -13.87
C GLY F 87 30.11 -28.52 -13.99
N ILE F 88 29.36 -28.65 -12.92
CA ILE F 88 27.97 -28.24 -12.87
C ILE F 88 27.82 -27.17 -11.82
N LYS F 89 27.21 -26.05 -12.21
CA LYS F 89 26.99 -24.95 -11.29
C LYS F 89 25.62 -24.35 -11.56
N ASP F 90 24.82 -24.22 -10.51
CA ASP F 90 23.50 -23.62 -10.59
C ASP F 90 22.60 -24.33 -11.60
N GLY F 91 22.73 -25.65 -11.66
CA GLY F 91 21.86 -26.46 -12.49
C GLY F 91 22.23 -26.50 -13.95
N LYS F 92 23.27 -25.79 -14.37
CA LYS F 92 23.74 -25.81 -15.73
C LYS F 92 25.12 -26.47 -15.79
N ILE F 93 25.55 -26.80 -17.00
CA ILE F 93 26.90 -27.30 -17.21
C ILE F 93 27.83 -26.09 -17.24
N ALA F 94 28.59 -25.89 -16.18
CA ALA F 94 29.40 -24.67 -16.06
C ALA F 94 30.64 -24.74 -16.93
N GLY F 95 31.25 -25.92 -17.04
CA GLY F 95 32.45 -26.05 -17.84
C GLY F 95 32.79 -27.48 -18.15
N ILE F 96 33.49 -27.69 -19.26
CA ILE F 96 33.97 -29.01 -19.64
C ILE F 96 35.45 -28.89 -19.95
N GLY F 97 36.27 -29.66 -19.26
CA GLY F 97 37.70 -29.59 -19.45
C GLY F 97 38.46 -30.09 -18.25
N LYS F 98 39.58 -29.46 -17.93
CA LYS F 98 40.39 -29.85 -16.79
C LYS F 98 39.99 -29.04 -15.57
N GLY F 99 39.42 -29.70 -14.58
CA GLY F 99 39.05 -29.05 -13.34
C GLY F 99 40.12 -29.24 -12.27
N GLY F 100 39.92 -28.54 -11.17
CA GLY F 100 40.83 -28.67 -10.05
C GLY F 100 41.18 -27.38 -9.35
N ASN F 101 42.40 -27.30 -8.83
CA ASN F 101 42.85 -26.18 -8.02
C ASN F 101 43.89 -25.40 -8.81
N LYS F 102 43.60 -24.13 -9.07
CA LYS F 102 44.53 -23.29 -9.79
C LYS F 102 45.81 -23.03 -9.00
N ASP F 103 45.76 -23.15 -7.67
CA ASP F 103 46.93 -22.87 -6.86
C ASP F 103 48.00 -23.94 -6.99
N MET F 104 47.62 -25.17 -7.32
CA MET F 104 48.56 -26.27 -7.33
C MET F 104 48.57 -27.05 -8.62
N GLN F 105 47.77 -26.68 -9.61
CA GLN F 105 47.75 -27.36 -10.90
C GLN F 105 47.72 -26.33 -12.02
N ASP F 106 48.20 -26.73 -13.18
CA ASP F 106 48.24 -25.85 -14.35
C ASP F 106 47.07 -26.14 -15.27
N GLY F 107 46.70 -25.13 -16.05
CA GLY F 107 45.63 -25.27 -17.02
C GLY F 107 44.26 -25.49 -16.44
N VAL F 108 43.92 -24.77 -15.38
CA VAL F 108 42.60 -24.86 -14.76
C VAL F 108 41.90 -23.53 -15.00
N LYS F 109 40.82 -23.55 -15.77
CA LYS F 109 40.07 -22.34 -16.05
C LYS F 109 39.24 -21.93 -14.84
N ASN F 110 38.79 -20.67 -14.84
CA ASN F 110 38.02 -20.16 -13.71
C ASN F 110 36.69 -20.87 -13.55
N ASN F 111 36.10 -21.32 -14.65
CA ASN F 111 34.79 -21.95 -14.59
C ASN F 111 34.85 -23.42 -14.22
N LEU F 112 36.04 -23.99 -14.07
CA LEU F 112 36.20 -25.37 -13.63
C LEU F 112 36.93 -25.43 -12.28
N SER F 113 36.74 -24.44 -11.44
CA SER F 113 37.45 -24.36 -10.17
C SER F 113 36.74 -25.19 -9.12
N VAL F 114 37.44 -26.16 -8.56
CA VAL F 114 36.92 -26.98 -7.48
C VAL F 114 37.24 -26.30 -6.16
N GLY F 115 36.24 -26.15 -5.32
CA GLY F 115 36.41 -25.49 -4.05
C GLY F 115 35.70 -26.20 -2.92
N PRO F 116 35.67 -25.56 -1.75
CA PRO F 116 35.01 -26.18 -0.59
C PRO F 116 33.52 -26.39 -0.77
N ALA F 117 32.88 -25.71 -1.72
CA ALA F 117 31.46 -25.88 -1.97
C ALA F 117 31.16 -26.93 -3.02
N THR F 118 32.15 -27.71 -3.44
CA THR F 118 32.02 -28.61 -4.57
C THR F 118 31.86 -30.05 -4.10
N GLU F 119 30.82 -30.71 -4.57
CA GLU F 119 30.65 -32.14 -4.43
C GLU F 119 31.34 -32.84 -5.59
N ALA F 120 31.89 -34.02 -5.32
CA ALA F 120 32.65 -34.77 -6.29
C ALA F 120 31.89 -36.03 -6.70
N LEU F 121 31.96 -36.36 -7.98
CA LEU F 121 31.33 -37.56 -8.53
C LEU F 121 32.35 -38.25 -9.42
N ALA F 122 32.70 -39.47 -9.07
CA ALA F 122 33.74 -40.20 -9.79
C ALA F 122 33.16 -40.77 -11.07
N GLY F 123 33.55 -40.20 -12.20
CA GLY F 123 33.18 -40.71 -13.50
C GLY F 123 34.25 -41.53 -14.18
N GLU F 124 35.33 -41.90 -13.48
CA GLU F 124 36.38 -42.67 -14.10
C GLU F 124 35.87 -44.04 -14.50
N GLY F 125 36.10 -44.40 -15.76
CA GLY F 125 35.51 -45.62 -16.28
C GLY F 125 34.04 -45.54 -16.57
N LEU F 126 33.47 -44.34 -16.59
CA LEU F 126 32.05 -44.14 -16.83
C LEU F 126 31.83 -43.23 -18.01
N ILE F 127 30.81 -43.55 -18.78
CA ILE F 127 30.40 -42.76 -19.94
C ILE F 127 29.33 -41.78 -19.48
N VAL F 128 29.42 -40.55 -19.93
CA VAL F 128 28.41 -39.53 -19.66
C VAL F 128 27.76 -39.17 -20.98
N THR F 129 26.45 -39.29 -21.05
CA THR F 129 25.69 -38.80 -22.18
C THR F 129 24.64 -37.81 -21.70
N ALA F 130 24.06 -37.08 -22.64
CA ALA F 130 22.90 -36.29 -22.33
C ALA F 130 21.70 -37.20 -22.12
N GLY F 131 20.73 -36.73 -21.35
CA GLY F 131 19.52 -37.49 -21.17
C GLY F 131 18.74 -37.63 -22.45
N GLY F 132 18.03 -38.73 -22.58
CA GLY F 132 17.20 -38.94 -23.75
C GLY F 132 16.04 -37.98 -23.80
N ILE F 133 15.57 -37.75 -25.03
CA ILE F 133 14.42 -36.93 -25.30
C ILE F 133 13.46 -37.75 -26.13
N ASP F 134 12.32 -38.10 -25.53
CA ASP F 134 11.30 -38.91 -26.21
C ASP F 134 10.15 -37.99 -26.57
N THR F 135 9.84 -37.88 -27.86
CA THR F 135 8.93 -36.87 -28.36
C THR F 135 7.59 -37.43 -28.83
N HIS F 136 7.34 -38.73 -28.64
CA HIS F 136 6.09 -39.34 -29.08
C HIS F 136 5.28 -39.88 -27.91
N ILE F 137 5.43 -39.28 -26.74
CA ILE F 137 4.92 -39.92 -25.53
C ILE F 137 3.42 -39.79 -25.47
N HIS F 138 2.73 -40.93 -25.46
CA HIS F 138 1.31 -40.96 -25.12
C HIS F 138 1.21 -40.98 -23.61
N PHE F 139 0.77 -39.87 -23.01
CA PHE F 139 0.69 -39.83 -21.57
C PHE F 139 -0.51 -40.62 -21.08
N ILE F 140 -0.40 -41.95 -21.17
CA ILE F 140 -1.50 -42.82 -20.81
C ILE F 140 -1.52 -43.06 -19.32
N SER F 141 -0.36 -43.37 -18.74
CA SER F 141 -0.26 -43.52 -17.30
C SER F 141 0.97 -42.79 -16.80
N PRO F 142 0.94 -42.27 -15.58
CA PRO F 142 2.14 -41.64 -15.01
C PRO F 142 3.23 -42.63 -14.69
N GLN F 143 2.95 -43.92 -14.69
CA GLN F 143 3.99 -44.91 -14.45
C GLN F 143 4.96 -45.04 -15.61
N GLN F 144 4.61 -44.50 -16.77
CA GLN F 144 5.56 -44.43 -17.88
C GLN F 144 6.75 -43.57 -17.52
N ILE F 145 6.53 -42.51 -16.75
CA ILE F 145 7.60 -41.55 -16.50
C ILE F 145 8.76 -42.17 -15.72
N PRO F 146 8.55 -42.86 -14.60
CA PRO F 146 9.69 -43.53 -13.96
C PRO F 146 10.34 -44.60 -14.83
N THR F 147 9.56 -45.28 -15.67
CA THR F 147 10.14 -46.29 -16.56
C THR F 147 11.11 -45.66 -17.55
N ALA F 148 10.67 -44.59 -18.22
CA ALA F 148 11.55 -43.89 -19.15
C ALA F 148 12.75 -43.29 -18.41
N PHE F 149 12.51 -42.74 -17.23
CA PHE F 149 13.59 -42.15 -16.45
C PHE F 149 14.65 -43.19 -16.12
N ALA F 150 14.23 -44.38 -15.70
CA ALA F 150 15.18 -45.43 -15.40
C ALA F 150 15.86 -45.94 -16.65
N SER F 151 15.19 -45.84 -17.80
CA SER F 151 15.84 -46.21 -19.05
C SER F 151 16.89 -45.20 -19.48
N GLY F 152 16.77 -43.95 -19.04
CA GLY F 152 17.77 -42.96 -19.36
C GLY F 152 17.24 -41.79 -20.15
N VAL F 153 15.93 -41.62 -20.14
CA VAL F 153 15.25 -40.52 -20.81
C VAL F 153 14.96 -39.45 -19.77
N THR F 154 15.35 -38.22 -20.05
CA THR F 154 15.13 -37.14 -19.11
C THR F 154 14.12 -36.11 -19.57
N THR F 155 13.76 -36.10 -20.86
CA THR F 155 12.75 -35.20 -21.36
C THR F 155 11.69 -35.99 -22.10
N MET F 156 10.42 -35.72 -21.79
CA MET F 156 9.29 -36.35 -22.45
C MET F 156 8.40 -35.26 -23.01
N ILE F 157 8.23 -35.26 -24.32
CA ILE F 157 7.30 -34.39 -25.01
C ILE F 157 6.21 -35.27 -25.60
N GLY F 158 4.97 -34.94 -25.30
CA GLY F 158 3.88 -35.74 -25.78
C GLY F 158 2.57 -35.13 -25.40
N GLY F 159 1.54 -35.98 -25.39
CA GLY F 159 0.23 -35.49 -25.04
C GLY F 159 -0.60 -36.62 -24.47
N GLY F 160 -1.73 -36.23 -23.88
CA GLY F 160 -2.62 -37.19 -23.29
C GLY F 160 -3.23 -36.70 -22.01
N THR F 161 -4.25 -37.39 -21.54
CA THR F 161 -4.95 -37.00 -20.33
C THR F 161 -5.19 -38.20 -19.43
N GLY F 162 -4.35 -39.22 -19.53
CA GLY F 162 -4.59 -40.47 -18.85
C GLY F 162 -5.16 -41.48 -19.81
N PRO F 163 -5.65 -42.60 -19.28
CA PRO F 163 -6.06 -43.69 -20.17
C PRO F 163 -7.42 -43.46 -20.82
N ALA F 164 -7.66 -42.26 -21.32
CA ALA F 164 -8.79 -42.06 -22.21
C ALA F 164 -8.48 -42.69 -23.56
N ASP F 165 -9.53 -42.95 -24.34
CA ASP F 165 -9.31 -43.57 -25.64
C ASP F 165 -8.64 -42.62 -26.61
N GLY F 166 -8.97 -41.33 -26.52
CA GLY F 166 -8.28 -40.34 -27.32
C GLY F 166 -6.79 -40.32 -27.05
N THR F 167 -6.40 -40.51 -25.78
CA THR F 167 -4.99 -40.57 -25.44
C THR F 167 -4.37 -41.89 -25.85
N ASN F 168 -5.10 -42.99 -25.68
CA ASN F 168 -4.59 -44.29 -26.11
C ASN F 168 -4.27 -44.29 -27.60
N ALA F 169 -5.05 -43.55 -28.39
CA ALA F 169 -4.78 -43.48 -29.82
C ALA F 169 -3.76 -42.40 -30.17
N THR F 170 -3.86 -41.22 -29.56
CA THR F 170 -3.18 -40.04 -30.05
C THR F 170 -2.30 -39.43 -28.97
N THR F 171 -1.31 -38.66 -29.42
CA THR F 171 -0.38 -37.94 -28.56
C THR F 171 -0.85 -36.51 -28.34
N ILE F 172 -2.06 -36.36 -27.83
CA ILE F 172 -2.76 -35.09 -27.84
C ILE F 172 -3.29 -34.77 -26.45
N THR F 173 -3.03 -33.56 -25.97
CA THR F 173 -3.66 -32.99 -24.78
C THR F 173 -4.61 -31.90 -25.26
N PRO F 174 -5.90 -32.20 -25.40
CA PRO F 174 -6.79 -31.24 -26.06
C PRO F 174 -7.38 -30.20 -25.15
N GLY F 175 -7.15 -28.93 -25.45
CA GLY F 175 -7.90 -27.87 -24.80
C GLY F 175 -7.16 -27.23 -23.66
N ARG F 176 -7.58 -26.01 -23.33
CA ARG F 176 -6.95 -25.23 -22.26
C ARG F 176 -7.11 -25.92 -20.91
N ARG F 177 -8.30 -26.44 -20.63
CA ARG F 177 -8.53 -27.05 -19.32
C ARG F 177 -7.74 -28.33 -19.15
N ASN F 178 -7.69 -29.17 -20.17
CA ASN F 178 -6.90 -30.40 -20.07
C ASN F 178 -5.41 -30.08 -20.01
N LEU F 179 -4.99 -29.04 -20.72
CA LEU F 179 -3.60 -28.61 -20.62
C LEU F 179 -3.28 -28.16 -19.21
N LYS F 180 -4.21 -27.44 -18.56
CA LYS F 180 -4.00 -27.04 -17.18
C LYS F 180 -3.92 -28.25 -16.27
N TRP F 181 -4.80 -29.23 -16.47
CA TRP F 181 -4.74 -30.47 -15.71
C TRP F 181 -3.37 -31.10 -15.81
N MET F 182 -2.87 -31.27 -17.03
CA MET F 182 -1.59 -31.95 -17.21
C MET F 182 -0.42 -31.13 -16.69
N LEU F 183 -0.46 -29.81 -16.89
CA LEU F 183 0.62 -28.97 -16.39
C LEU F 183 0.69 -28.99 -14.87
N ARG F 184 -0.46 -28.99 -14.20
CA ARG F 184 -0.46 -29.05 -12.76
C ARG F 184 -0.13 -30.44 -12.23
N ALA F 185 -0.47 -31.48 -12.98
CA ALA F 185 -0.05 -32.82 -12.57
C ALA F 185 1.44 -33.04 -12.78
N ALA F 186 2.05 -32.32 -13.74
CA ALA F 186 3.46 -32.48 -14.04
C ALA F 186 4.35 -32.12 -12.88
N GLU F 187 3.86 -31.38 -11.89
CA GLU F 187 4.69 -30.98 -10.76
C GLU F 187 5.18 -32.18 -9.97
N GLU F 188 4.55 -33.33 -10.12
CA GLU F 188 4.90 -34.51 -9.33
C GLU F 188 6.17 -35.19 -9.82
N TYR F 189 6.46 -35.13 -11.11
CA TYR F 189 7.40 -36.06 -11.72
C TYR F 189 8.79 -35.46 -11.84
N SER F 190 9.78 -36.35 -11.86
CA SER F 190 11.18 -35.97 -12.08
C SER F 190 11.50 -36.24 -13.54
N MET F 191 11.10 -35.31 -14.40
CA MET F 191 11.29 -35.43 -15.84
C MET F 191 10.89 -34.10 -16.46
N ASN F 192 11.70 -33.62 -17.41
CA ASN F 192 11.27 -32.46 -18.18
C ASN F 192 10.07 -32.84 -19.04
N LEU F 193 9.07 -31.98 -19.09
CA LEU F 193 7.82 -32.36 -19.72
C LEU F 193 7.37 -31.28 -20.68
N GLY F 194 6.83 -31.71 -21.80
CA GLY F 194 6.21 -30.80 -22.75
C GLY F 194 4.94 -31.40 -23.32
N PHE F 195 3.92 -30.58 -23.57
CA PHE F 195 2.63 -31.09 -23.97
C PHE F 195 2.21 -30.54 -25.32
N LEU F 196 1.64 -31.40 -26.14
CA LEU F 196 1.18 -31.07 -27.48
C LEU F 196 -0.34 -30.95 -27.46
N ALA F 197 -0.85 -29.98 -28.19
CA ALA F 197 -2.27 -29.73 -28.26
C ALA F 197 -2.88 -30.47 -29.46
N LYS F 198 -4.19 -30.41 -29.57
CA LYS F 198 -4.90 -31.01 -30.69
C LYS F 198 -4.78 -30.08 -31.89
N GLY F 199 -4.20 -30.57 -32.97
CA GLY F 199 -4.09 -29.80 -34.18
C GLY F 199 -5.21 -30.06 -35.15
N ASN F 200 -5.97 -31.13 -34.90
CA ASN F 200 -7.07 -31.51 -35.79
C ASN F 200 -8.25 -30.57 -35.54
N ALA F 201 -8.16 -29.39 -36.12
CA ALA F 201 -9.22 -28.40 -36.02
C ALA F 201 -9.02 -27.38 -37.12
N SER F 202 -10.12 -27.03 -37.79
CA SER F 202 -10.11 -25.96 -38.77
C SER F 202 -10.42 -24.61 -38.15
N ASN F 203 -10.19 -24.46 -36.85
CA ASN F 203 -10.50 -23.24 -36.11
C ASN F 203 -9.21 -22.63 -35.58
N ASP F 204 -8.79 -21.53 -36.22
CA ASP F 204 -7.57 -20.85 -35.81
C ASP F 204 -7.68 -20.36 -34.37
N ALA F 205 -8.87 -19.91 -33.98
CA ALA F 205 -9.06 -19.44 -32.61
C ALA F 205 -8.82 -20.56 -31.60
N SER F 206 -9.36 -21.75 -31.86
CA SER F 206 -9.16 -22.87 -30.95
C SER F 206 -7.70 -23.29 -30.89
N LEU F 207 -7.04 -23.36 -32.06
CA LEU F 207 -5.62 -23.75 -32.06
C LEU F 207 -4.78 -22.74 -31.29
N ALA F 208 -5.03 -21.45 -31.52
CA ALA F 208 -4.27 -20.41 -30.82
C ALA F 208 -4.57 -20.43 -29.33
N ASP F 209 -5.82 -20.74 -28.96
CA ASP F 209 -6.15 -20.83 -27.55
C ASP F 209 -5.37 -21.94 -26.86
N GLN F 210 -5.22 -23.09 -27.54
CA GLN F 210 -4.41 -24.15 -26.96
C GLN F 210 -2.95 -23.73 -26.81
N ILE F 211 -2.40 -23.07 -27.82
CA ILE F 211 -1.00 -22.66 -27.73
C ILE F 211 -0.82 -21.67 -26.58
N GLU F 212 -1.71 -20.70 -26.45
CA GLU F 212 -1.61 -19.76 -25.34
C GLU F 212 -1.88 -20.43 -23.99
N ALA F 213 -2.65 -21.52 -23.99
CA ALA F 213 -2.86 -22.27 -22.77
C ALA F 213 -1.61 -23.03 -22.35
N GLY F 214 -0.71 -23.31 -23.28
CA GLY F 214 0.59 -23.74 -22.85
C GLY F 214 1.23 -24.88 -23.61
N ALA F 215 0.56 -25.37 -24.64
CA ALA F 215 1.14 -26.44 -25.45
C ALA F 215 2.36 -25.94 -26.21
N ILE F 216 3.36 -26.81 -26.36
CA ILE F 216 4.57 -26.46 -27.10
C ILE F 216 4.45 -26.78 -28.58
N GLY F 217 3.32 -27.31 -29.03
CA GLY F 217 3.17 -27.64 -30.43
C GLY F 217 1.83 -28.29 -30.65
N PHE F 218 1.61 -28.69 -31.89
CA PHE F 218 0.38 -29.35 -32.29
C PHE F 218 0.66 -30.78 -32.70
N LYS F 219 -0.31 -31.64 -32.46
CA LYS F 219 -0.28 -32.99 -32.99
C LYS F 219 -1.52 -33.18 -33.83
N ILE F 220 -1.33 -33.51 -35.09
CA ILE F 220 -2.42 -33.82 -36.01
C ILE F 220 -2.42 -35.34 -36.17
N HIS F 221 -3.39 -36.00 -35.57
CA HIS F 221 -3.45 -37.45 -35.57
C HIS F 221 -4.63 -37.92 -36.41
N GLU F 222 -4.43 -39.03 -37.12
CA GLU F 222 -5.50 -39.55 -37.97
C GLU F 222 -6.76 -39.87 -37.19
N ASP F 223 -6.64 -40.29 -35.92
CA ASP F 223 -7.81 -40.69 -35.17
C ASP F 223 -8.73 -39.53 -34.82
N TRP F 224 -8.20 -38.31 -34.78
CA TRP F 224 -9.03 -37.12 -34.67
C TRP F 224 -9.35 -36.50 -36.01
N GLY F 225 -8.86 -37.09 -37.10
CA GLY F 225 -9.12 -36.59 -38.43
C GLY F 225 -7.94 -35.82 -38.99
N THR F 226 -7.13 -36.46 -39.83
CA THR F 226 -6.00 -35.82 -40.48
C THR F 226 -6.48 -35.41 -41.86
N THR F 227 -7.03 -34.23 -41.95
CA THR F 227 -7.50 -33.72 -43.22
C THR F 227 -6.60 -32.59 -43.70
N PRO F 228 -6.54 -32.37 -45.02
CA PRO F 228 -5.69 -31.28 -45.52
C PRO F 228 -6.08 -29.92 -44.94
N SER F 229 -7.36 -29.69 -44.71
CA SER F 229 -7.78 -28.43 -44.10
C SER F 229 -7.19 -28.27 -42.70
N ALA F 230 -7.26 -29.34 -41.90
CA ALA F 230 -6.70 -29.28 -40.55
C ALA F 230 -5.20 -29.09 -40.59
N ILE F 231 -4.51 -29.79 -41.48
CA ILE F 231 -3.07 -29.62 -41.61
C ILE F 231 -2.74 -28.18 -41.95
N ASN F 232 -3.47 -27.61 -42.91
CA ASN F 232 -3.20 -26.24 -43.34
C ASN F 232 -3.39 -25.25 -42.20
N HIS F 233 -4.53 -25.34 -41.51
CA HIS F 233 -4.81 -24.39 -40.44
C HIS F 233 -3.83 -24.54 -39.29
N ALA F 234 -3.51 -25.78 -38.91
CA ALA F 234 -2.57 -25.98 -37.81
C ALA F 234 -1.19 -25.43 -38.18
N LEU F 235 -0.76 -25.62 -39.41
CA LEU F 235 0.54 -25.09 -39.81
C LEU F 235 0.54 -23.58 -39.84
N ASP F 236 -0.57 -22.97 -40.26
CA ASP F 236 -0.66 -21.51 -40.22
C ASP F 236 -0.53 -20.99 -38.79
N VAL F 237 -1.29 -21.57 -37.86
CA VAL F 237 -1.25 -21.10 -36.47
C VAL F 237 0.12 -21.36 -35.86
N ALA F 238 0.73 -22.50 -36.20
CA ALA F 238 2.05 -22.80 -35.66
C ALA F 238 3.12 -21.88 -36.20
N ASP F 239 3.01 -21.47 -37.46
CA ASP F 239 3.94 -20.48 -37.97
C ASP F 239 3.73 -19.14 -37.28
N LYS F 240 2.49 -18.83 -36.92
CA LYS F 240 2.24 -17.61 -36.17
C LYS F 240 2.87 -17.65 -34.78
N TYR F 241 2.76 -18.79 -34.09
CA TYR F 241 3.15 -18.86 -32.69
C TYR F 241 4.49 -19.54 -32.44
N ASP F 242 5.22 -19.91 -33.49
CA ASP F 242 6.54 -20.55 -33.38
C ASP F 242 6.49 -21.81 -32.51
N VAL F 243 5.69 -22.78 -32.94
CA VAL F 243 5.61 -24.06 -32.27
C VAL F 243 5.68 -25.16 -33.32
N GLN F 244 6.19 -26.32 -32.92
CA GLN F 244 6.30 -27.45 -33.82
C GLN F 244 4.92 -28.04 -34.12
N VAL F 245 4.81 -28.68 -35.29
CA VAL F 245 3.66 -29.50 -35.63
C VAL F 245 4.16 -30.90 -35.93
N ALA F 246 3.56 -31.89 -35.28
CA ALA F 246 3.80 -33.28 -35.57
C ALA F 246 2.56 -33.87 -36.20
N ILE F 247 2.75 -34.85 -37.08
CA ILE F 247 1.65 -35.42 -37.83
C ILE F 247 1.76 -36.94 -37.84
N HIS F 248 0.62 -37.59 -37.64
CA HIS F 248 0.42 -39.02 -37.87
C HIS F 248 -0.68 -39.11 -38.92
N THR F 249 -0.27 -39.41 -40.15
CA THR F 249 -1.08 -39.16 -41.33
C THR F 249 -2.26 -40.13 -41.42
N ASP F 250 -3.14 -39.84 -42.37
CA ASP F 250 -4.37 -40.60 -42.56
C ASP F 250 -4.04 -41.97 -43.12
N THR F 251 -4.44 -43.01 -42.38
CA THR F 251 -4.23 -44.39 -42.82
C THR F 251 -5.19 -44.79 -43.93
N LEU F 252 -6.39 -44.24 -43.95
CA LEU F 252 -7.45 -44.73 -44.83
C LEU F 252 -7.45 -44.07 -46.20
N ASN F 253 -6.62 -43.06 -46.44
CA ASN F 253 -6.65 -42.29 -47.68
C ASN F 253 -8.04 -41.72 -47.94
N GLU F 254 -8.74 -41.37 -46.86
CA GLU F 254 -10.11 -40.86 -46.98
C GLU F 254 -10.14 -39.57 -47.79
N ALA F 255 -9.31 -38.61 -47.43
CA ALA F 255 -9.31 -37.31 -48.08
C ALA F 255 -8.26 -37.18 -49.17
N GLY F 256 -7.25 -38.04 -49.17
CA GLY F 256 -6.22 -37.98 -50.19
C GLY F 256 -5.05 -38.86 -49.81
N CYS F 257 -4.09 -38.91 -50.72
CA CYS F 257 -2.91 -39.73 -50.56
C CYS F 257 -1.75 -38.90 -50.01
N VAL F 258 -0.55 -39.49 -50.04
CA VAL F 258 0.63 -38.82 -49.52
C VAL F 258 0.89 -37.52 -50.27
N GLU F 259 0.62 -37.50 -51.57
CA GLU F 259 0.82 -36.27 -52.33
C GLU F 259 -0.10 -35.16 -51.86
N ASP F 260 -1.36 -35.49 -51.54
CA ASP F 260 -2.28 -34.48 -51.04
C ASP F 260 -1.87 -34.01 -49.64
N THR F 261 -1.41 -34.93 -48.80
CA THR F 261 -0.93 -34.53 -47.48
C THR F 261 0.27 -33.61 -47.60
N MET F 262 1.21 -33.92 -48.49
CA MET F 262 2.37 -33.07 -48.70
C MET F 262 1.98 -31.72 -49.30
N ALA F 263 0.97 -31.70 -50.16
CA ALA F 263 0.47 -30.43 -50.68
C ALA F 263 -0.11 -29.57 -49.58
N ALA F 264 -0.86 -30.19 -48.67
CA ALA F 264 -1.38 -29.45 -47.52
C ALA F 264 -0.25 -28.92 -46.64
N ILE F 265 0.78 -29.74 -46.44
CA ILE F 265 1.94 -29.28 -45.67
C ILE F 265 2.59 -28.08 -46.35
N ALA F 266 2.69 -28.13 -47.68
CA ALA F 266 3.12 -26.98 -48.49
C ALA F 266 4.54 -26.54 -48.12
N GLY F 267 5.42 -27.50 -47.93
CA GLY F 267 6.83 -27.20 -47.69
C GLY F 267 7.09 -26.43 -46.41
N ARG F 268 6.32 -26.69 -45.37
CA ARG F 268 6.55 -26.11 -44.06
C ARG F 268 7.06 -27.19 -43.12
N THR F 269 7.81 -26.77 -42.12
CA THR F 269 8.46 -27.73 -41.23
C THR F 269 7.42 -28.57 -40.52
N MET F 270 7.57 -29.89 -40.62
CA MET F 270 6.63 -30.82 -40.02
C MET F 270 7.40 -32.02 -39.51
N HIS F 271 7.08 -32.43 -38.28
CA HIS F 271 7.71 -33.59 -37.66
C HIS F 271 6.76 -34.77 -37.82
N THR F 272 7.22 -35.81 -38.52
CA THR F 272 6.34 -36.91 -38.89
C THR F 272 6.59 -38.12 -38.01
N PHE F 273 5.50 -38.67 -37.46
CA PHE F 273 5.54 -39.92 -36.74
C PHE F 273 5.31 -41.06 -37.72
N HIS F 274 5.99 -42.18 -37.51
CA HIS F 274 5.86 -43.37 -38.35
C HIS F 274 6.09 -43.02 -39.81
N THR F 275 7.23 -42.40 -40.09
CA THR F 275 7.53 -42.02 -41.46
C THR F 275 7.65 -43.25 -42.37
N GLU F 276 7.84 -44.43 -41.77
CA GLU F 276 7.79 -45.68 -42.53
C GLU F 276 6.36 -46.10 -42.85
N GLY F 277 5.36 -45.43 -42.28
CA GLY F 277 3.98 -45.76 -42.56
C GLY F 277 3.30 -46.52 -41.44
N ALA F 278 4.03 -47.46 -40.83
CA ALA F 278 3.51 -48.31 -39.77
C ALA F 278 2.24 -49.03 -40.22
N GLY F 279 2.23 -49.46 -41.48
CA GLY F 279 1.11 -50.19 -42.03
C GLY F 279 -0.03 -49.33 -42.54
N GLY F 280 0.10 -48.01 -42.52
CA GLY F 280 -0.96 -47.15 -43.00
C GLY F 280 -1.12 -47.20 -44.50
N GLY F 281 -2.23 -46.64 -44.97
CA GLY F 281 -2.47 -46.57 -46.41
C GLY F 281 -1.49 -45.71 -47.14
N HIS F 282 -0.87 -44.73 -46.47
CA HIS F 282 0.17 -43.95 -47.08
C HIS F 282 1.44 -44.76 -47.30
N ALA F 283 1.59 -45.89 -46.61
CA ALA F 283 2.73 -46.76 -46.83
C ALA F 283 2.59 -47.47 -48.17
N PRO F 284 3.71 -47.72 -48.86
CA PRO F 284 5.06 -47.34 -48.45
C PRO F 284 5.45 -45.98 -48.99
N ASP F 285 4.51 -45.33 -49.69
CA ASP F 285 4.81 -44.05 -50.34
C ASP F 285 5.13 -42.95 -49.34
N ILE F 286 4.66 -43.06 -48.11
CA ILE F 286 4.96 -42.03 -47.12
C ILE F 286 6.44 -42.00 -46.77
N ILE F 287 7.17 -43.09 -47.02
CA ILE F 287 8.61 -43.07 -46.83
C ILE F 287 9.26 -42.05 -47.75
N LYS F 288 8.59 -41.69 -48.86
CA LYS F 288 9.15 -40.70 -49.76
C LYS F 288 9.32 -39.35 -49.08
N VAL F 289 8.46 -39.02 -48.11
CA VAL F 289 8.57 -37.72 -47.46
C VAL F 289 9.82 -37.63 -46.59
N ALA F 290 10.45 -38.76 -46.29
CA ALA F 290 11.69 -38.74 -45.52
C ALA F 290 12.85 -38.14 -46.30
N GLY F 291 12.70 -37.94 -47.60
CA GLY F 291 13.71 -37.25 -48.38
C GLY F 291 13.50 -35.77 -48.54
N GLU F 292 12.37 -35.25 -48.10
CA GLU F 292 12.12 -33.83 -48.20
C GLU F 292 12.86 -33.06 -47.12
N HIS F 293 13.18 -31.80 -47.41
CA HIS F 293 13.90 -30.99 -46.45
C HIS F 293 13.01 -30.62 -45.26
N ASN F 294 11.76 -30.27 -45.51
CA ASN F 294 10.89 -29.72 -44.47
C ASN F 294 10.35 -30.78 -43.53
N ILE F 295 10.59 -32.06 -43.79
CA ILE F 295 10.05 -33.13 -42.97
C ILE F 295 11.15 -33.63 -42.05
N LEU F 296 10.86 -33.63 -40.75
CA LEU F 296 11.74 -34.27 -39.78
C LEU F 296 11.17 -35.64 -39.47
N PRO F 297 11.76 -36.72 -39.96
CA PRO F 297 11.14 -38.03 -39.81
C PRO F 297 11.57 -38.75 -38.54
N ALA F 298 10.59 -39.36 -37.89
CA ALA F 298 10.85 -40.17 -36.72
C ALA F 298 10.31 -41.58 -36.95
N SER F 299 10.96 -42.53 -36.31
CA SER F 299 10.56 -43.92 -36.37
C SER F 299 10.36 -44.45 -34.95
N THR F 300 9.43 -45.38 -34.83
CA THR F 300 9.02 -45.86 -33.52
C THR F 300 9.80 -47.10 -33.12
N ASN F 301 9.75 -47.39 -31.82
CA ASN F 301 10.45 -48.55 -31.27
C ASN F 301 10.07 -49.88 -31.90
N PRO F 302 8.79 -50.27 -32.01
CA PRO F 302 8.48 -51.69 -32.27
C PRO F 302 9.08 -52.23 -33.55
N THR F 303 9.24 -51.41 -34.58
CA THR F 303 9.69 -51.90 -35.87
C THR F 303 11.20 -51.87 -36.01
N ILE F 304 11.93 -51.39 -35.02
CA ILE F 304 13.39 -51.41 -35.05
C ILE F 304 13.91 -52.13 -33.81
N PRO F 305 14.87 -53.05 -33.95
CA PRO F 305 15.36 -53.52 -35.24
C PRO F 305 14.44 -54.58 -35.83
N PHE F 306 14.55 -54.85 -37.13
CA PHE F 306 13.73 -55.87 -37.76
C PHE F 306 14.18 -57.26 -37.31
N THR F 307 13.29 -57.98 -36.65
CA THR F 307 13.59 -59.30 -36.11
C THR F 307 12.58 -60.32 -36.63
N VAL F 308 12.77 -61.56 -36.20
CA VAL F 308 11.90 -62.65 -36.63
C VAL F 308 10.47 -62.44 -36.11
N ASN F 309 10.34 -61.90 -34.91
CA ASN F 309 9.03 -61.73 -34.27
C ASN F 309 8.43 -60.36 -34.50
N THR F 310 9.05 -59.52 -35.31
CA THR F 310 8.57 -58.14 -35.48
C THR F 310 7.16 -58.10 -36.06
N GLU F 311 6.90 -58.89 -37.09
CA GLU F 311 5.65 -58.81 -37.83
C GLU F 311 4.47 -59.46 -37.10
N ALA F 312 4.73 -60.30 -36.09
CA ALA F 312 3.64 -61.06 -35.49
C ALA F 312 2.76 -60.18 -34.61
N GLU F 313 3.34 -59.22 -33.90
CA GLU F 313 2.60 -58.42 -32.93
C GLU F 313 1.97 -57.18 -33.52
N HIS F 314 2.25 -56.86 -34.78
CA HIS F 314 1.88 -55.56 -35.33
C HIS F 314 0.36 -55.40 -35.40
N MET F 315 -0.36 -56.43 -35.82
CA MET F 315 -1.81 -56.29 -35.97
C MET F 315 -2.50 -56.10 -34.63
N ASP F 316 -2.07 -56.86 -33.61
CA ASP F 316 -2.65 -56.69 -32.28
C ASP F 316 -2.37 -55.29 -31.75
N MET F 317 -1.12 -54.84 -31.89
CA MET F 317 -0.79 -53.49 -31.43
C MET F 317 -1.62 -52.44 -32.15
N LEU F 318 -1.77 -52.59 -33.46
CA LEU F 318 -2.53 -51.63 -34.26
C LEU F 318 -3.98 -51.58 -33.82
N MET F 319 -4.61 -52.76 -33.65
CA MET F 319 -6.02 -52.80 -33.29
C MET F 319 -6.24 -52.19 -31.91
N VAL F 320 -5.40 -52.56 -30.93
CA VAL F 320 -5.60 -52.03 -29.59
C VAL F 320 -5.34 -50.52 -29.56
N CYS F 321 -4.31 -50.06 -30.26
CA CYS F 321 -4.00 -48.63 -30.27
C CYS F 321 -5.11 -47.82 -30.94
N HIS F 322 -5.64 -48.31 -32.06
CA HIS F 322 -6.67 -47.57 -32.78
C HIS F 322 -8.07 -47.83 -32.25
N HIS F 323 -8.21 -48.67 -31.22
CA HIS F 323 -9.48 -48.87 -30.53
C HIS F 323 -10.51 -49.52 -31.45
N LEU F 324 -10.11 -50.61 -32.08
CA LEU F 324 -11.00 -51.42 -32.90
C LEU F 324 -11.26 -52.73 -32.17
N ASP F 325 -12.52 -53.01 -31.87
CA ASP F 325 -12.86 -54.21 -31.12
C ASP F 325 -12.55 -55.45 -31.94
N LYS F 326 -11.84 -56.40 -31.34
CA LYS F 326 -11.48 -57.64 -32.02
C LYS F 326 -12.63 -58.63 -32.09
N SER F 327 -13.76 -58.34 -31.45
CA SER F 327 -14.93 -59.18 -31.52
C SER F 327 -15.99 -58.65 -32.49
N ILE F 328 -15.66 -57.64 -33.27
CA ILE F 328 -16.58 -57.01 -34.21
C ILE F 328 -16.09 -57.25 -35.62
N LYS F 329 -16.97 -57.81 -36.46
CA LYS F 329 -16.62 -58.07 -37.85
C LYS F 329 -16.27 -56.79 -38.58
N GLU F 330 -17.06 -55.72 -38.36
CA GLU F 330 -16.79 -54.46 -39.04
C GLU F 330 -15.44 -53.90 -38.65
N ASP F 331 -15.11 -53.91 -37.37
CA ASP F 331 -13.82 -53.38 -36.92
C ASP F 331 -12.67 -54.22 -37.44
N VAL F 332 -12.82 -55.55 -37.44
CA VAL F 332 -11.76 -56.41 -37.95
C VAL F 332 -11.54 -56.17 -39.45
N GLN F 333 -12.63 -56.05 -40.21
CA GLN F 333 -12.51 -55.75 -41.63
C GLN F 333 -11.88 -54.38 -41.86
N PHE F 334 -12.21 -53.41 -41.00
CA PHE F 334 -11.63 -52.09 -41.11
C PHE F 334 -10.13 -52.12 -40.85
N ALA F 335 -9.69 -52.96 -39.91
CA ALA F 335 -8.29 -53.02 -39.53
C ALA F 335 -7.48 -53.69 -40.64
N ASP F 336 -7.23 -52.92 -41.69
CA ASP F 336 -6.44 -53.36 -42.83
C ASP F 336 -5.08 -52.70 -42.79
N SER F 337 -4.02 -53.50 -42.89
CA SER F 337 -2.66 -53.01 -42.80
C SER F 337 -1.94 -53.20 -44.12
N ARG F 338 -1.09 -52.24 -44.47
CA ARG F 338 -0.22 -52.33 -45.63
C ARG F 338 1.22 -52.53 -45.23
N ILE F 339 1.44 -53.14 -44.06
CA ILE F 339 2.80 -53.35 -43.56
C ILE F 339 3.46 -54.46 -44.37
N ARG F 340 4.76 -54.31 -44.62
CA ARG F 340 5.52 -55.32 -45.33
C ARG F 340 6.87 -55.51 -44.66
N PRO F 341 7.39 -56.74 -44.66
CA PRO F 341 8.75 -56.95 -44.16
C PRO F 341 9.77 -56.16 -44.94
N GLN F 342 9.51 -55.85 -46.21
CA GLN F 342 10.41 -55.01 -46.97
C GLN F 342 10.50 -53.61 -46.36
N THR F 343 9.36 -53.03 -46.01
CA THR F 343 9.38 -51.71 -45.38
C THR F 343 10.02 -51.76 -44.00
N ILE F 344 9.68 -52.78 -43.21
CA ILE F 344 10.26 -52.88 -41.87
C ILE F 344 11.77 -53.01 -41.97
N ALA F 345 12.27 -53.80 -42.92
CA ALA F 345 13.71 -53.94 -43.10
C ALA F 345 14.33 -52.65 -43.61
N ALA F 346 13.65 -51.96 -44.52
CA ALA F 346 14.19 -50.72 -45.06
C ALA F 346 14.30 -49.64 -43.99
N GLU F 347 13.45 -49.72 -42.97
CA GLU F 347 13.51 -48.71 -41.91
C GLU F 347 14.86 -48.69 -41.20
N ASP F 348 15.41 -49.87 -40.88
CA ASP F 348 16.70 -49.93 -40.21
C ASP F 348 17.80 -49.37 -41.09
N THR F 349 17.77 -49.70 -42.38
CA THR F 349 18.80 -49.18 -43.29
C THR F 349 18.68 -47.68 -43.45
N LEU F 350 17.45 -47.15 -43.46
CA LEU F 350 17.29 -45.71 -43.53
C LEU F 350 17.83 -45.03 -42.29
N HIS F 351 17.63 -45.66 -41.12
CA HIS F 351 18.25 -45.16 -39.91
C HIS F 351 19.77 -45.15 -40.03
N ASP F 352 20.34 -46.23 -40.55
CA ASP F 352 21.80 -46.28 -40.71
C ASP F 352 22.30 -45.21 -41.66
N MET F 353 21.56 -44.96 -42.74
CA MET F 353 21.96 -43.96 -43.72
C MET F 353 21.68 -42.54 -43.27
N GLY F 354 20.92 -42.36 -42.18
CA GLY F 354 20.60 -41.04 -41.72
C GLY F 354 19.39 -40.43 -42.39
N ILE F 355 18.62 -41.21 -43.13
CA ILE F 355 17.38 -40.71 -43.72
C ILE F 355 16.36 -40.45 -42.62
N PHE F 356 16.31 -41.31 -41.61
CA PHE F 356 15.44 -41.09 -40.46
C PHE F 356 16.25 -40.41 -39.38
N SER F 357 15.71 -39.32 -38.84
CA SER F 357 16.47 -38.46 -37.95
C SER F 357 16.15 -38.67 -36.48
N ILE F 358 14.95 -39.11 -36.14
CA ILE F 358 14.53 -39.21 -34.75
C ILE F 358 14.03 -40.62 -34.48
N THR F 359 14.44 -41.18 -33.33
CA THR F 359 13.85 -42.39 -32.81
C THR F 359 12.96 -42.04 -31.63
N SER F 360 11.84 -42.72 -31.51
CA SER F 360 10.92 -42.44 -30.42
C SER F 360 10.18 -43.71 -30.04
N SER F 361 9.27 -43.58 -29.09
CA SER F 361 8.53 -44.72 -28.57
C SER F 361 7.11 -44.81 -29.09
N ASP F 362 6.32 -43.73 -28.95
CA ASP F 362 4.87 -43.82 -28.95
C ASP F 362 4.41 -44.75 -27.83
N SER F 363 4.71 -44.31 -26.60
CA SER F 363 4.62 -45.15 -25.42
C SER F 363 3.22 -45.72 -25.25
N GLN F 364 3.16 -47.03 -25.03
CA GLN F 364 1.93 -47.78 -24.79
C GLN F 364 0.88 -47.59 -25.88
N ALA F 365 1.28 -47.04 -27.03
CA ALA F 365 0.46 -47.05 -28.24
C ALA F 365 1.41 -47.41 -29.38
N MET F 366 1.62 -48.70 -29.60
CA MET F 366 2.58 -49.20 -30.58
C MET F 366 3.97 -48.62 -30.31
N GLY F 367 4.51 -48.96 -29.14
CA GLY F 367 5.83 -48.50 -28.76
C GLY F 367 6.11 -48.64 -27.29
N ARG F 368 7.37 -48.82 -26.93
CA ARG F 368 7.76 -49.09 -25.55
C ARG F 368 8.58 -47.93 -25.03
N VAL F 369 8.12 -47.33 -23.92
CA VAL F 369 8.70 -46.08 -23.45
C VAL F 369 10.10 -46.29 -22.90
N GLY F 370 10.35 -47.46 -22.30
CA GLY F 370 11.62 -47.70 -21.67
C GLY F 370 12.63 -48.39 -22.57
N GLU F 371 12.40 -48.32 -23.89
CA GLU F 371 13.25 -49.04 -24.83
C GLU F 371 13.68 -48.19 -26.01
N VAL F 372 13.50 -46.86 -25.96
CA VAL F 372 13.95 -46.02 -27.06
C VAL F 372 15.46 -46.13 -27.25
N ILE F 373 16.21 -45.94 -26.16
CA ILE F 373 17.66 -45.99 -26.25
C ILE F 373 18.13 -47.39 -26.57
N THR F 374 17.57 -48.39 -25.91
CA THR F 374 17.99 -49.77 -26.13
C THR F 374 17.75 -50.19 -27.56
N ARG F 375 16.60 -49.84 -28.13
CA ARG F 375 16.31 -50.24 -29.50
C ARG F 375 17.11 -49.43 -30.50
N THR F 376 17.42 -48.17 -30.19
CA THR F 376 18.32 -47.42 -31.05
C THR F 376 19.67 -48.10 -31.14
N TRP F 377 20.21 -48.53 -30.00
CA TRP F 377 21.52 -49.16 -30.03
C TRP F 377 21.47 -50.58 -30.59
N GLN F 378 20.35 -51.27 -30.42
CA GLN F 378 20.18 -52.56 -31.09
C GLN F 378 20.18 -52.40 -32.59
N THR F 379 19.49 -51.37 -33.10
CA THR F 379 19.52 -51.09 -34.52
C THR F 379 20.92 -50.74 -35.00
N ALA F 380 21.63 -49.92 -34.23
CA ALA F 380 23.00 -49.56 -34.61
C ALA F 380 23.89 -50.80 -34.67
N ASP F 381 23.79 -51.68 -33.67
CA ASP F 381 24.59 -52.89 -33.66
C ASP F 381 24.23 -53.82 -34.82
N LYS F 382 22.93 -53.95 -35.11
CA LYS F 382 22.51 -54.81 -36.21
C LYS F 382 23.02 -54.27 -37.55
N ASN F 383 22.94 -52.96 -37.74
CA ASN F 383 23.45 -52.37 -38.98
C ASN F 383 24.95 -52.52 -39.08
N LYS F 384 25.67 -52.40 -37.96
CA LYS F 384 27.11 -52.62 -37.97
C LYS F 384 27.44 -54.05 -38.36
N LYS F 385 26.69 -55.02 -37.82
CA LYS F 385 26.94 -56.41 -38.16
C LYS F 385 26.63 -56.68 -39.62
N GLU F 386 25.59 -56.05 -40.16
CA GLU F 386 25.18 -56.33 -41.53
C GLU F 386 26.10 -55.64 -42.54
N PHE F 387 26.15 -54.31 -42.50
CA PHE F 387 26.85 -53.54 -43.51
C PHE F 387 28.28 -53.17 -43.13
N GLY F 388 28.74 -53.55 -41.94
CA GLY F 388 30.08 -53.20 -41.54
C GLY F 388 30.21 -51.72 -41.19
N ARG F 389 31.46 -51.28 -41.12
CA ARG F 389 31.75 -49.91 -40.75
C ARG F 389 31.26 -48.95 -41.83
N LEU F 390 30.75 -47.79 -41.38
CA LEU F 390 30.34 -46.76 -42.31
C LEU F 390 31.55 -46.21 -43.05
N LYS F 391 31.31 -45.70 -44.25
CA LYS F 391 32.39 -45.10 -45.02
C LYS F 391 32.83 -43.76 -44.44
N GLU F 392 32.03 -43.16 -43.56
CA GLU F 392 32.37 -41.90 -42.94
C GLU F 392 33.28 -42.05 -41.72
N GLU F 393 33.64 -43.27 -41.34
CA GLU F 393 34.50 -43.47 -40.19
C GLU F 393 35.93 -43.07 -40.51
N LYS F 394 36.44 -42.09 -39.78
CA LYS F 394 37.82 -41.65 -39.94
C LYS F 394 38.72 -42.32 -38.90
N GLY F 395 38.81 -43.62 -38.99
CA GLY F 395 39.64 -44.39 -38.09
C GLY F 395 39.07 -45.79 -37.92
N ASP F 396 39.77 -46.57 -37.09
CA ASP F 396 39.37 -47.95 -36.79
C ASP F 396 38.42 -47.98 -35.60
N ASN F 397 37.32 -47.24 -35.73
CA ASN F 397 36.34 -47.15 -34.67
C ASN F 397 35.00 -46.86 -35.30
N ASP F 398 33.95 -46.91 -34.47
CA ASP F 398 32.60 -46.65 -34.90
C ASP F 398 32.09 -45.31 -34.40
N ASN F 399 32.98 -44.32 -34.29
CA ASN F 399 32.60 -43.05 -33.68
C ASN F 399 31.51 -42.34 -34.46
N PHE F 400 31.60 -42.37 -35.80
CA PHE F 400 30.58 -41.71 -36.60
C PHE F 400 29.22 -42.35 -36.40
N ARG F 401 29.16 -43.68 -36.40
CA ARG F 401 27.90 -44.37 -36.17
C ARG F 401 27.37 -44.09 -34.77
N ILE F 402 28.26 -44.09 -33.78
CA ILE F 402 27.85 -43.78 -32.41
C ILE F 402 27.21 -42.41 -32.35
N LYS F 403 27.84 -41.42 -32.98
CA LYS F 403 27.33 -40.06 -32.93
C LYS F 403 26.01 -39.95 -33.67
N ARG F 404 25.87 -40.62 -34.81
CA ARG F 404 24.62 -40.56 -35.56
C ARG F 404 23.47 -41.16 -34.74
N TYR F 405 23.68 -42.34 -34.18
CA TYR F 405 22.59 -42.99 -33.46
C TYR F 405 22.32 -42.30 -32.13
N LEU F 406 23.33 -41.66 -31.54
CA LEU F 406 23.10 -40.92 -30.30
C LEU F 406 22.33 -39.64 -30.58
N SER F 407 22.63 -38.99 -31.70
CA SER F 407 21.85 -37.81 -32.10
C SER F 407 20.41 -38.19 -32.37
N LYS F 408 20.16 -39.42 -32.82
CA LYS F 408 18.79 -39.82 -33.12
C LYS F 408 17.86 -39.62 -31.92
N TYR F 409 18.36 -39.74 -30.70
CA TYR F 409 17.49 -39.56 -29.54
C TYR F 409 17.96 -38.52 -28.54
N THR F 410 19.05 -37.80 -28.80
CA THR F 410 19.46 -36.76 -27.86
C THR F 410 19.28 -35.35 -28.43
N ILE F 411 19.93 -35.03 -29.54
CA ILE F 411 19.98 -33.64 -29.98
C ILE F 411 18.95 -33.39 -31.06
N ASN F 412 18.67 -34.40 -31.88
CA ASN F 412 17.73 -34.19 -32.99
C ASN F 412 16.31 -33.92 -32.51
N PRO F 413 15.74 -34.68 -31.58
CA PRO F 413 14.41 -34.28 -31.05
C PRO F 413 14.44 -32.94 -30.35
N ALA F 414 15.53 -32.59 -29.68
CA ALA F 414 15.62 -31.28 -29.04
C ALA F 414 15.56 -30.17 -30.07
N ILE F 415 16.28 -30.33 -31.18
CA ILE F 415 16.20 -29.34 -32.26
C ILE F 415 14.79 -29.32 -32.84
N ALA F 416 14.21 -30.50 -33.07
CA ALA F 416 12.90 -30.57 -33.70
C ALA F 416 11.85 -29.85 -32.88
N HIS F 417 11.93 -29.95 -31.56
CA HIS F 417 10.94 -29.31 -30.70
C HIS F 417 11.42 -28.02 -30.07
N GLY F 418 12.56 -27.50 -30.51
CA GLY F 418 12.94 -26.16 -30.10
C GLY F 418 13.42 -26.04 -28.68
N ILE F 419 13.92 -27.13 -28.09
CA ILE F 419 14.49 -27.09 -26.76
C ILE F 419 15.99 -27.35 -26.78
N SER F 420 16.61 -27.31 -27.96
CA SER F 420 18.04 -27.58 -28.06
C SER F 420 18.88 -26.53 -27.37
N GLU F 421 18.31 -25.36 -27.04
CA GLU F 421 19.05 -24.38 -26.27
C GLU F 421 19.25 -24.84 -24.83
N TYR F 422 18.37 -25.68 -24.32
CA TYR F 422 18.42 -26.12 -22.93
C TYR F 422 18.97 -27.52 -22.76
N VAL F 423 18.50 -28.48 -23.54
CA VAL F 423 18.80 -29.88 -23.35
C VAL F 423 19.30 -30.47 -24.66
N GLY F 424 19.64 -31.75 -24.61
CA GLY F 424 19.98 -32.52 -25.80
C GLY F 424 21.44 -32.87 -25.94
N SER F 425 22.33 -32.17 -25.24
CA SER F 425 23.74 -32.47 -25.39
C SER F 425 24.49 -32.02 -24.15
N VAL F 426 25.72 -32.52 -24.02
CA VAL F 426 26.61 -32.15 -22.92
C VAL F 426 27.44 -30.98 -23.41
N GLU F 427 26.90 -29.78 -23.23
CA GLU F 427 27.56 -28.55 -23.67
C GLU F 427 27.46 -27.52 -22.55
N VAL F 428 28.41 -26.58 -22.55
CA VAL F 428 28.42 -25.54 -21.53
C VAL F 428 27.22 -24.64 -21.72
N GLY F 429 26.50 -24.37 -20.63
CA GLY F 429 25.34 -23.52 -20.65
C GLY F 429 24.03 -24.27 -20.71
N LYS F 430 24.04 -25.53 -21.11
CA LYS F 430 22.84 -26.33 -21.12
C LYS F 430 22.53 -26.82 -19.71
N VAL F 431 21.28 -27.23 -19.51
CA VAL F 431 20.90 -27.75 -18.20
C VAL F 431 21.57 -29.10 -17.99
N ALA F 432 21.92 -29.40 -16.75
CA ALA F 432 22.69 -30.59 -16.42
C ALA F 432 21.74 -31.78 -16.27
N ASP F 433 21.27 -32.27 -17.42
CA ASP F 433 20.48 -33.49 -17.52
C ASP F 433 21.40 -34.55 -18.09
N LEU F 434 22.15 -35.21 -17.21
CA LEU F 434 23.20 -36.12 -17.61
C LEU F 434 22.87 -37.54 -17.17
N VAL F 435 23.36 -38.50 -17.93
CA VAL F 435 23.20 -39.91 -17.63
C VAL F 435 24.58 -40.53 -17.55
N LEU F 436 24.85 -41.19 -16.42
CA LEU F 436 26.10 -41.90 -16.19
C LEU F 436 25.87 -43.38 -16.45
N TRP F 437 26.58 -43.92 -17.42
CA TRP F 437 26.53 -45.32 -17.81
C TRP F 437 27.85 -46.00 -17.47
N SER F 438 27.79 -47.23 -17.08
CA SER F 438 29.01 -48.00 -17.19
C SER F 438 29.07 -48.61 -18.59
N PRO F 439 30.26 -48.64 -19.20
CA PRO F 439 30.34 -49.08 -20.61
C PRO F 439 29.84 -50.49 -20.82
N ALA F 440 29.91 -51.36 -19.82
CA ALA F 440 29.35 -52.69 -19.95
C ALA F 440 27.84 -52.66 -20.09
N PHE F 441 27.18 -51.70 -19.44
CA PHE F 441 25.73 -51.59 -19.46
C PHE F 441 25.24 -50.44 -20.33
N PHE F 442 26.10 -49.94 -21.22
CA PHE F 442 25.72 -48.77 -22.00
C PHE F 442 24.54 -49.07 -22.89
N GLY F 443 23.56 -48.17 -22.88
CA GLY F 443 22.40 -48.28 -23.74
C GLY F 443 21.27 -49.09 -23.16
N VAL F 444 21.46 -49.76 -22.04
CA VAL F 444 20.40 -50.60 -21.49
C VAL F 444 20.06 -50.19 -20.05
N LYS F 445 21.06 -50.01 -19.21
CA LYS F 445 20.83 -49.69 -17.80
C LYS F 445 21.82 -48.66 -17.30
N PRO F 446 21.40 -47.42 -17.06
CA PRO F 446 22.33 -46.39 -16.60
C PRO F 446 22.78 -46.60 -15.17
N ASN F 447 23.92 -46.02 -14.84
CA ASN F 447 24.37 -46.01 -13.46
C ASN F 447 23.60 -44.99 -12.65
N MET F 448 23.51 -43.76 -13.16
CA MET F 448 22.76 -42.76 -12.40
C MET F 448 22.30 -41.64 -13.32
N ILE F 449 21.33 -40.87 -12.84
CA ILE F 449 20.77 -39.75 -13.58
C ILE F 449 20.98 -38.49 -12.77
N ILE F 450 21.60 -37.48 -13.38
CA ILE F 450 21.76 -36.17 -12.78
C ILE F 450 20.75 -35.26 -13.42
N LYS F 451 19.83 -34.74 -12.62
CA LYS F 451 18.72 -33.91 -13.10
C LYS F 451 18.87 -32.53 -12.52
N GLY F 452 19.13 -31.55 -13.38
CA GLY F 452 19.27 -30.17 -12.93
C GLY F 452 20.43 -29.97 -11.96
N GLY F 453 21.51 -30.71 -12.14
CA GLY F 453 22.67 -30.57 -11.30
C GLY F 453 22.65 -31.38 -10.02
N PHE F 454 21.62 -32.17 -9.79
CA PHE F 454 21.51 -33.00 -8.60
C PHE F 454 21.10 -34.40 -9.01
N ILE F 455 21.60 -35.40 -8.29
CA ILE F 455 21.29 -36.78 -8.63
C ILE F 455 19.82 -37.05 -8.32
N ALA F 456 19.08 -37.49 -9.33
CA ALA F 456 17.66 -37.75 -9.19
C ALA F 456 17.32 -39.22 -9.12
N LEU F 457 18.06 -40.07 -9.83
CA LEU F 457 17.81 -41.50 -9.81
C LEU F 457 19.14 -42.22 -9.77
N SER F 458 19.17 -43.34 -9.07
CA SER F 458 20.43 -44.06 -9.01
C SER F 458 20.18 -45.52 -8.69
N GLN F 459 21.09 -46.37 -9.15
CA GLN F 459 21.12 -47.74 -8.68
C GLN F 459 21.55 -47.74 -7.22
N MET F 460 20.75 -48.35 -6.36
CA MET F 460 21.02 -48.37 -4.94
C MET F 460 20.77 -49.76 -4.40
N GLY F 461 21.56 -50.14 -3.42
CA GLY F 461 21.41 -51.41 -2.74
C GLY F 461 20.50 -51.31 -1.53
N ASP F 462 20.64 -52.28 -0.64
CA ASP F 462 19.84 -52.32 0.57
C ASP F 462 20.06 -51.05 1.39
N ALA F 463 18.96 -50.44 1.83
CA ALA F 463 19.06 -49.21 2.62
C ALA F 463 19.68 -49.48 3.98
N ASN F 464 19.47 -50.67 4.53
CA ASN F 464 20.03 -51.06 5.81
C ASN F 464 21.47 -51.55 5.70
N ALA F 465 22.02 -51.60 4.51
CA ALA F 465 23.35 -52.15 4.33
C ALA F 465 24.42 -51.18 4.83
N SER F 466 25.61 -51.71 5.06
CA SER F 466 26.74 -50.90 5.50
C SER F 466 27.47 -50.24 4.34
N ILE F 467 27.16 -50.61 3.10
CA ILE F 467 27.65 -49.93 1.90
C ILE F 467 26.53 -49.89 0.88
N PRO F 468 26.63 -48.99 -0.12
CA PRO F 468 25.55 -48.88 -1.11
C PRO F 468 25.48 -50.01 -2.12
N THR F 469 26.50 -50.83 -2.24
CA THR F 469 26.60 -51.87 -3.28
C THR F 469 25.77 -53.14 -3.07
N PRO F 470 25.61 -53.67 -1.85
CA PRO F 470 25.05 -55.01 -1.70
C PRO F 470 23.60 -55.11 -2.14
N GLN F 471 23.21 -56.32 -2.52
CA GLN F 471 21.92 -56.60 -3.11
C GLN F 471 20.81 -56.43 -2.07
N PRO F 472 19.57 -56.19 -2.51
CA PRO F 472 19.16 -56.01 -3.92
C PRO F 472 19.42 -54.60 -4.42
N VAL F 473 20.01 -54.50 -5.60
CA VAL F 473 20.31 -53.21 -6.21
C VAL F 473 19.26 -52.95 -7.27
N TYR F 474 18.55 -51.84 -7.15
CA TYR F 474 17.65 -51.44 -8.21
C TYR F 474 17.56 -49.92 -8.24
N TYR F 475 16.77 -49.42 -9.17
CA TYR F 475 16.73 -47.99 -9.42
C TYR F 475 15.83 -47.32 -8.41
N ARG F 476 16.39 -46.42 -7.61
CA ARG F 476 15.67 -45.72 -6.58
C ARG F 476 15.77 -44.21 -6.81
N GLU F 477 14.69 -43.52 -6.47
CA GLU F 477 14.68 -42.08 -6.53
C GLU F 477 15.63 -41.51 -5.50
N MET F 478 16.40 -40.51 -5.90
CA MET F 478 17.32 -39.83 -5.02
C MET F 478 16.71 -38.51 -4.58
N PHE F 479 17.52 -37.67 -3.94
CA PHE F 479 16.98 -36.49 -3.27
C PHE F 479 16.43 -35.46 -4.25
N ALA F 480 16.97 -35.38 -5.46
CA ALA F 480 16.43 -34.45 -6.45
C ALA F 480 15.05 -34.85 -6.92
N HIS F 481 14.60 -36.04 -6.56
CA HIS F 481 13.28 -36.56 -6.90
C HIS F 481 12.20 -36.20 -5.89
N HIS F 482 12.56 -35.58 -4.77
CA HIS F 482 11.67 -35.46 -3.63
C HIS F 482 11.55 -34.02 -3.19
N GLY F 483 10.53 -33.77 -2.36
CA GLY F 483 10.33 -32.49 -1.72
C GLY F 483 10.14 -31.37 -2.71
N LYS F 484 10.66 -30.21 -2.36
CA LYS F 484 10.67 -29.08 -3.28
C LYS F 484 11.92 -29.04 -4.14
N ALA F 485 12.82 -30.00 -3.97
CA ALA F 485 14.00 -30.08 -4.82
C ALA F 485 13.63 -30.41 -6.26
N LYS F 486 12.58 -31.21 -6.45
CA LYS F 486 12.19 -31.57 -7.81
C LYS F 486 11.67 -30.37 -8.59
N TYR F 487 11.11 -29.38 -7.89
CA TYR F 487 10.69 -28.16 -8.57
C TYR F 487 11.88 -27.43 -9.17
N ASP F 488 12.99 -27.38 -8.44
CA ASP F 488 14.19 -26.75 -8.99
C ASP F 488 14.85 -27.63 -10.03
N ALA F 489 14.74 -28.94 -9.90
CA ALA F 489 15.43 -29.84 -10.81
C ALA F 489 14.75 -29.96 -12.17
N ASN F 490 13.43 -29.86 -12.23
CA ASN F 490 12.72 -30.21 -13.44
C ASN F 490 12.20 -28.99 -14.18
N ILE F 491 11.94 -29.17 -15.47
CA ILE F 491 11.51 -28.10 -16.36
C ILE F 491 10.21 -28.50 -17.02
N THR F 492 9.27 -27.56 -17.09
CA THR F 492 8.10 -27.67 -17.95
C THR F 492 8.31 -26.73 -19.13
N PHE F 493 8.25 -27.28 -20.33
CA PHE F 493 8.37 -26.48 -21.53
C PHE F 493 6.99 -26.01 -21.96
N VAL F 494 6.90 -24.72 -22.30
CA VAL F 494 5.66 -24.13 -22.78
C VAL F 494 5.98 -23.31 -24.01
N SER F 495 4.94 -22.81 -24.65
CA SER F 495 5.15 -21.91 -25.77
C SER F 495 5.59 -20.54 -25.29
N GLN F 496 6.23 -19.80 -26.18
CA GLN F 496 6.63 -18.44 -25.84
C GLN F 496 5.42 -17.57 -25.50
N ALA F 497 4.29 -17.80 -26.15
CA ALA F 497 3.09 -17.01 -25.87
C ALA F 497 2.60 -17.26 -24.45
N ALA F 498 2.53 -18.52 -24.05
CA ALA F 498 2.12 -18.84 -22.68
C ALA F 498 3.12 -18.30 -21.68
N TYR F 499 4.41 -18.41 -21.98
CA TYR F 499 5.43 -17.88 -21.09
C TYR F 499 5.29 -16.38 -20.90
N ASP F 500 5.04 -15.65 -21.99
CA ASP F 500 4.85 -14.21 -21.88
C ASP F 500 3.57 -13.87 -21.12
N LYS F 501 2.49 -14.62 -21.37
CA LYS F 501 1.26 -14.38 -20.63
C LYS F 501 1.37 -14.78 -19.17
N GLY F 502 2.43 -15.47 -18.79
CA GLY F 502 2.64 -15.77 -17.38
C GLY F 502 1.91 -17.02 -16.96
N ILE F 503 2.10 -18.09 -17.72
CA ILE F 503 1.44 -19.36 -17.40
C ILE F 503 1.89 -19.89 -16.06
N LYS F 504 3.15 -19.64 -15.69
CA LYS F 504 3.69 -20.17 -14.44
C LYS F 504 2.94 -19.63 -13.24
N GLU F 505 2.80 -18.31 -13.16
CA GLU F 505 2.09 -17.71 -12.04
C GLU F 505 0.59 -17.97 -12.14
N GLU F 506 0.04 -17.99 -13.34
CA GLU F 506 -1.40 -18.21 -13.50
C GLU F 506 -1.81 -19.60 -13.01
N LEU F 507 -1.03 -20.62 -13.37
CA LEU F 507 -1.34 -21.98 -12.95
C LEU F 507 -0.66 -22.36 -11.64
N GLY F 508 0.12 -21.47 -11.05
CA GLY F 508 0.79 -21.78 -9.80
C GLY F 508 1.81 -22.88 -9.91
N LEU F 509 2.48 -23.00 -11.04
CA LEU F 509 3.51 -24.01 -11.22
C LEU F 509 4.75 -23.64 -10.43
N GLU F 510 5.35 -24.64 -9.79
CA GLU F 510 6.60 -24.43 -9.07
C GLU F 510 7.82 -24.88 -9.85
N ARG F 511 7.65 -25.69 -10.88
CA ARG F 511 8.76 -26.08 -11.71
C ARG F 511 9.28 -24.88 -12.49
N GLN F 512 10.53 -24.98 -12.93
CA GLN F 512 11.00 -24.02 -13.91
C GLN F 512 10.13 -24.12 -15.15
N VAL F 513 9.79 -22.98 -15.73
CA VAL F 513 8.95 -22.95 -16.92
C VAL F 513 9.76 -22.27 -18.00
N LEU F 514 9.99 -22.98 -19.10
CA LEU F 514 10.84 -22.43 -20.14
C LEU F 514 10.13 -22.44 -21.48
N PRO F 515 10.31 -21.40 -22.29
CA PRO F 515 9.67 -21.37 -23.61
C PRO F 515 10.51 -22.08 -24.67
N VAL F 516 9.81 -22.76 -25.57
CA VAL F 516 10.45 -23.34 -26.73
C VAL F 516 10.64 -22.26 -27.79
N LYS F 517 11.65 -22.43 -28.64
CA LYS F 517 11.93 -21.43 -29.66
C LYS F 517 12.65 -22.09 -30.83
N ASN F 518 12.57 -21.43 -31.99
CA ASN F 518 13.22 -21.89 -33.21
C ASN F 518 12.69 -23.26 -33.64
N CYS F 519 11.36 -23.37 -33.74
CA CYS F 519 10.72 -24.60 -34.18
C CYS F 519 10.32 -24.56 -35.65
N ARG F 520 10.13 -23.37 -36.22
CA ARG F 520 9.58 -23.25 -37.56
C ARG F 520 10.64 -23.14 -38.64
N ASN F 521 11.83 -22.65 -38.32
CA ASN F 521 12.87 -22.39 -39.31
C ASN F 521 13.91 -23.49 -39.36
N ILE F 522 13.54 -24.73 -39.05
CA ILE F 522 14.45 -25.86 -39.08
C ILE F 522 13.99 -26.83 -40.16
N THR F 523 14.95 -27.45 -40.83
CA THR F 523 14.64 -28.47 -41.82
C THR F 523 15.41 -29.74 -41.51
N LYS F 524 15.37 -30.69 -42.43
CA LYS F 524 16.15 -31.91 -42.26
C LYS F 524 17.64 -31.60 -42.21
N LYS F 525 18.07 -30.53 -42.85
CA LYS F 525 19.49 -30.17 -42.87
C LYS F 525 20.00 -29.78 -41.49
N ASP F 526 19.13 -29.46 -40.55
CA ASP F 526 19.54 -29.04 -39.22
C ASP F 526 19.68 -30.20 -38.26
N MET F 527 19.29 -31.41 -38.65
CA MET F 527 19.53 -32.58 -37.82
C MET F 527 21.01 -32.94 -37.86
N GLN F 528 21.53 -33.38 -36.72
CA GLN F 528 22.94 -33.72 -36.61
C GLN F 528 23.17 -35.15 -37.05
N PHE F 529 24.08 -35.34 -38.01
CA PHE F 529 24.49 -36.66 -38.49
C PHE F 529 23.34 -37.42 -39.13
N ASN F 530 22.18 -36.80 -39.25
CA ASN F 530 21.00 -37.43 -39.82
C ASN F 530 20.29 -36.46 -40.75
N ASP F 531 21.06 -35.73 -41.54
CA ASP F 531 20.53 -34.72 -42.45
C ASP F 531 20.51 -35.17 -43.89
N THR F 532 20.52 -36.48 -44.13
CA THR F 532 20.57 -37.01 -45.48
C THR F 532 19.23 -36.80 -46.17
N THR F 533 19.21 -35.90 -47.15
CA THR F 533 18.04 -35.71 -48.01
C THR F 533 18.34 -36.36 -49.35
N ALA F 534 17.69 -37.48 -49.63
CA ALA F 534 17.87 -38.20 -50.88
C ALA F 534 16.52 -38.50 -51.48
N HIS F 535 16.43 -38.42 -52.81
CA HIS F 535 15.19 -38.80 -53.48
C HIS F 535 14.91 -40.26 -53.22
N ILE F 536 13.83 -40.56 -52.51
CA ILE F 536 13.48 -41.91 -52.13
C ILE F 536 12.47 -42.41 -53.15
N GLU F 537 12.94 -43.21 -54.11
CA GLU F 537 12.05 -43.80 -55.10
C GLU F 537 11.39 -45.02 -54.47
N VAL F 538 10.09 -44.94 -54.24
CA VAL F 538 9.33 -46.05 -53.70
C VAL F 538 8.46 -46.61 -54.81
N ASN F 539 8.73 -47.86 -55.17
CA ASN F 539 7.86 -48.58 -56.09
C ASN F 539 6.80 -49.29 -55.26
N PRO F 540 5.54 -48.84 -55.31
CA PRO F 540 4.50 -49.50 -54.51
C PRO F 540 4.02 -50.79 -55.13
N GLU F 541 4.22 -51.00 -56.43
CA GLU F 541 3.89 -52.28 -57.03
C GLU F 541 4.74 -53.39 -56.43
N THR F 542 6.01 -53.09 -56.17
CA THR F 542 6.95 -54.07 -55.62
C THR F 542 7.32 -53.78 -54.17
N TYR F 543 6.81 -52.70 -53.59
CA TYR F 543 7.17 -52.29 -52.23
C TYR F 543 8.68 -52.19 -52.09
N HIS F 544 9.31 -51.60 -53.09
CA HIS F 544 10.77 -51.52 -53.15
C HIS F 544 11.21 -50.09 -52.92
N VAL F 545 12.14 -49.90 -51.99
CA VAL F 545 12.64 -48.57 -51.65
C VAL F 545 14.04 -48.44 -52.21
N PHE F 546 14.29 -47.36 -52.95
CA PHE F 546 15.60 -47.06 -53.51
C PHE F 546 16.00 -45.66 -53.08
N VAL F 547 17.26 -45.50 -52.71
CA VAL F 547 17.83 -44.18 -52.45
C VAL F 547 19.06 -44.04 -53.35
N ASP F 548 19.08 -42.99 -54.17
CA ASP F 548 20.13 -42.78 -55.17
C ASP F 548 20.27 -44.01 -56.07
N GLY F 549 19.14 -44.62 -56.40
CA GLY F 549 19.11 -45.80 -57.24
C GLY F 549 19.25 -47.13 -56.53
N LYS F 550 20.20 -47.22 -55.60
CA LYS F 550 20.45 -48.47 -54.90
C LYS F 550 19.27 -48.84 -54.02
N GLU F 551 18.88 -50.10 -54.07
CA GLU F 551 17.80 -50.61 -53.23
C GLU F 551 18.27 -50.79 -51.79
N VAL F 552 17.36 -50.56 -50.85
CA VAL F 552 17.68 -50.66 -49.44
C VAL F 552 16.86 -51.80 -48.84
N THR F 553 17.53 -52.65 -48.08
CA THR F 553 16.89 -53.76 -47.40
C THR F 553 17.82 -54.26 -46.32
N SER F 554 17.27 -55.03 -45.40
CA SER F 554 18.07 -55.64 -44.35
C SER F 554 17.48 -57.00 -44.01
N LYS F 555 18.28 -57.82 -43.44
CA LYS F 555 17.75 -59.12 -43.08
C LYS F 555 17.27 -59.11 -41.63
N PRO F 556 16.24 -59.89 -41.33
CA PRO F 556 15.78 -59.98 -39.93
C PRO F 556 16.87 -60.51 -39.03
N ALA F 557 16.92 -59.97 -37.82
CA ALA F 557 17.91 -60.38 -36.82
C ALA F 557 17.35 -61.53 -36.01
N ASN F 558 18.10 -62.62 -35.94
CA ASN F 558 17.67 -63.76 -35.13
C ASN F 558 17.91 -63.51 -33.65
N LYS F 559 18.91 -62.69 -33.30
CA LYS F 559 19.26 -62.43 -31.91
C LYS F 559 19.88 -61.04 -31.83
N VAL F 560 19.31 -60.18 -31.01
CA VAL F 560 19.81 -58.83 -30.84
C VAL F 560 20.62 -58.75 -29.55
N SER F 561 21.43 -57.71 -29.45
CA SER F 561 22.21 -57.44 -28.26
C SER F 561 21.39 -56.62 -27.27
N LEU F 562 21.91 -56.51 -26.05
CA LEU F 562 21.29 -55.70 -25.00
C LEU F 562 19.86 -56.13 -24.69
N ALA F 563 19.52 -57.39 -24.93
CA ALA F 563 18.14 -57.83 -24.74
C ALA F 563 17.99 -58.84 -23.61
N GLN F 564 18.64 -59.99 -23.69
CA GLN F 564 18.42 -61.04 -22.70
C GLN F 564 19.58 -61.19 -21.73
N LEU F 565 20.74 -60.63 -22.05
CA LEU F 565 21.87 -60.64 -21.13
C LEU F 565 21.61 -59.75 -19.91
N PHE F 566 20.74 -58.75 -20.03
CA PHE F 566 20.65 -57.71 -19.02
C PHE F 566 19.35 -57.69 -18.24
N SER F 567 18.32 -58.40 -18.69
CA SER F 567 16.99 -58.29 -18.10
C SER F 567 16.50 -59.66 -17.66
N ILE F 568 15.98 -59.71 -16.43
CA ILE F 568 15.38 -60.96 -15.94
C ILE F 568 14.09 -61.25 -16.68
N PHE F 569 13.37 -60.22 -17.11
CA PHE F 569 12.11 -60.40 -17.82
C PHE F 569 12.06 -59.51 -19.05
N MET G 1 12.64 -67.05 -52.41
CA MET G 1 13.08 -65.76 -51.91
C MET G 1 12.01 -65.11 -51.04
N ASN G 2 11.66 -65.78 -49.95
CA ASN G 2 10.63 -65.28 -49.05
C ASN G 2 11.15 -64.06 -48.30
N THR G 3 10.43 -62.94 -48.44
CA THR G 3 10.83 -61.72 -47.73
C THR G 3 10.50 -61.78 -46.25
N TYR G 4 9.57 -62.63 -45.85
CA TYR G 4 9.23 -62.78 -44.45
C TYR G 4 10.34 -63.54 -43.72
N ALA G 5 10.43 -63.29 -42.40
CA ALA G 5 11.47 -63.92 -41.61
C ALA G 5 11.28 -65.43 -41.55
N GLN G 6 10.04 -65.89 -41.40
CA GLN G 6 9.71 -67.30 -41.38
C GLN G 6 8.69 -67.61 -42.47
N GLU G 7 8.46 -68.90 -42.69
CA GLU G 7 7.52 -69.33 -43.71
C GLU G 7 6.10 -68.96 -43.32
N SER G 8 5.32 -68.48 -44.29
CA SER G 8 3.95 -68.06 -44.05
C SER G 8 3.06 -69.29 -43.99
N LYS G 9 2.63 -69.64 -42.78
CA LYS G 9 1.78 -70.81 -42.55
C LYS G 9 0.56 -70.39 -41.75
N LEU G 10 -0.52 -71.13 -41.95
CA LEU G 10 -1.76 -70.88 -41.21
C LEU G 10 -2.46 -72.23 -41.02
N ARG G 11 -2.23 -72.85 -39.88
CA ARG G 11 -2.87 -74.12 -39.53
C ARG G 11 -4.02 -73.83 -38.58
N LEU G 12 -5.25 -74.09 -39.03
CA LEU G 12 -6.44 -73.84 -38.23
C LEU G 12 -7.21 -75.14 -38.08
N LYS G 13 -7.71 -75.40 -36.86
CA LYS G 13 -8.52 -76.57 -36.59
C LYS G 13 -9.66 -76.13 -35.68
N THR G 14 -10.89 -76.25 -36.18
CA THR G 14 -12.08 -75.83 -35.46
C THR G 14 -12.90 -77.04 -35.06
N LYS G 15 -13.54 -76.92 -33.90
CA LYS G 15 -14.39 -77.98 -33.36
C LYS G 15 -15.58 -77.34 -32.65
N ILE G 16 -16.55 -78.16 -32.27
CA ILE G 16 -17.73 -77.69 -31.56
C ILE G 16 -17.39 -77.50 -30.09
N GLY G 17 -17.67 -76.32 -29.56
CA GLY G 17 -17.34 -75.99 -28.20
C GLY G 17 -18.30 -76.58 -27.19
N ALA G 18 -18.00 -76.32 -25.91
CA ALA G 18 -18.85 -76.80 -24.83
C ALA G 18 -20.23 -76.18 -24.87
N ASP G 19 -20.32 -74.90 -25.19
CA ASP G 19 -21.60 -74.19 -25.24
C ASP G 19 -22.35 -74.43 -26.55
N GLY G 20 -21.85 -75.30 -27.42
CA GLY G 20 -22.52 -75.61 -28.67
C GLY G 20 -22.12 -74.75 -29.84
N ARG G 21 -21.33 -73.70 -29.61
CA ARG G 21 -20.86 -72.87 -30.70
C ARG G 21 -19.61 -73.46 -31.33
N CYS G 22 -19.30 -72.99 -32.53
CA CYS G 22 -18.10 -73.42 -33.25
C CYS G 22 -16.91 -72.63 -32.73
N VAL G 23 -15.95 -73.31 -32.12
CA VAL G 23 -14.78 -72.66 -31.53
C VAL G 23 -13.54 -73.15 -32.25
N ILE G 24 -12.46 -72.38 -32.09
CA ILE G 24 -11.17 -72.73 -32.67
C ILE G 24 -10.45 -73.63 -31.68
N GLU G 25 -10.34 -74.91 -32.02
CA GLU G 25 -9.62 -75.84 -31.16
C GLU G 25 -8.13 -75.55 -31.15
N ASP G 26 -7.55 -75.29 -32.32
CA ASP G 26 -6.13 -75.02 -32.41
C ASP G 26 -5.87 -74.08 -33.58
N ASN G 27 -4.82 -73.29 -33.46
CA ASN G 27 -4.46 -72.39 -34.54
C ASN G 27 -3.00 -71.95 -34.38
N PHE G 28 -2.28 -71.91 -35.49
CA PHE G 28 -0.90 -71.48 -35.54
C PHE G 28 -0.70 -70.69 -36.81
N PHE G 29 -0.37 -69.41 -36.68
CA PHE G 29 -0.24 -68.54 -37.85
C PHE G 29 1.06 -67.74 -37.75
N THR G 30 1.81 -67.76 -38.82
CA THR G 30 2.97 -66.90 -39.02
C THR G 30 2.58 -65.76 -39.94
N PRO G 31 3.33 -64.65 -39.94
CA PRO G 31 2.99 -63.54 -40.81
C PRO G 31 3.01 -63.97 -42.26
N PRO G 32 2.13 -63.39 -43.10
CA PRO G 32 1.19 -62.31 -42.75
C PRO G 32 -0.14 -62.81 -42.22
N PHE G 33 -0.26 -64.11 -41.94
CA PHE G 33 -1.53 -64.67 -41.51
C PHE G 33 -1.82 -64.30 -40.07
N LYS G 34 -3.11 -64.25 -39.74
CA LYS G 34 -3.55 -64.00 -38.37
C LYS G 34 -4.97 -64.52 -38.22
N LEU G 35 -5.28 -65.02 -37.03
CA LEU G 35 -6.60 -65.52 -36.72
C LEU G 35 -7.13 -64.86 -35.46
N MET G 36 -8.35 -64.34 -35.52
CA MET G 36 -9.04 -63.80 -34.36
C MET G 36 -10.07 -64.81 -33.87
N ALA G 37 -10.79 -64.44 -32.83
CA ALA G 37 -11.86 -65.29 -32.34
C ALA G 37 -12.98 -65.36 -33.37
N PRO G 38 -13.66 -66.49 -33.50
CA PRO G 38 -14.77 -66.58 -34.45
C PRO G 38 -15.88 -65.59 -34.10
N PHE G 39 -16.51 -65.06 -35.13
CA PHE G 39 -17.66 -64.20 -34.97
C PHE G 39 -18.93 -65.01 -35.09
N TYR G 40 -19.92 -64.70 -34.26
CA TYR G 40 -21.16 -65.45 -34.16
C TYR G 40 -22.34 -64.51 -34.43
N PRO G 41 -22.72 -64.32 -35.69
CA PRO G 41 -23.94 -63.57 -35.98
C PRO G 41 -25.16 -64.24 -35.37
N LYS G 42 -26.24 -63.46 -35.27
CA LYS G 42 -27.41 -63.91 -34.52
C LYS G 42 -28.01 -65.18 -35.12
N ASP G 43 -28.13 -65.23 -36.45
CA ASP G 43 -28.81 -66.33 -37.11
C ASP G 43 -27.95 -67.14 -38.07
N ASP G 44 -26.83 -66.59 -38.53
CA ASP G 44 -26.02 -67.26 -39.55
C ASP G 44 -25.07 -68.26 -38.92
N LEU G 45 -24.15 -68.79 -39.73
CA LEU G 45 -23.13 -69.71 -39.28
C LEU G 45 -22.02 -68.96 -38.55
N ALA G 46 -21.13 -69.72 -37.91
CA ALA G 46 -20.00 -69.09 -37.25
C ALA G 46 -19.00 -68.61 -38.30
N GLU G 47 -18.66 -67.32 -38.25
CA GLU G 47 -17.81 -66.72 -39.27
C GLU G 47 -16.37 -66.61 -38.77
N ILE G 48 -15.44 -67.05 -39.61
CA ILE G 48 -14.02 -66.92 -39.35
C ILE G 48 -13.40 -66.12 -40.49
N MET G 49 -12.69 -65.06 -40.15
CA MET G 49 -12.04 -64.21 -41.13
C MET G 49 -10.55 -64.55 -41.17
N LEU G 50 -10.08 -65.01 -42.33
CA LEU G 50 -8.66 -65.29 -42.53
C LEU G 50 -7.95 -63.95 -42.76
N LEU G 51 -7.41 -63.39 -41.69
CA LEU G 51 -6.74 -62.10 -41.80
C LEU G 51 -5.41 -62.25 -42.52
N ALA G 52 -5.15 -61.33 -43.45
CA ALA G 52 -3.87 -61.24 -44.13
C ALA G 52 -3.31 -59.86 -43.86
N VAL G 53 -2.28 -59.79 -43.03
CA VAL G 53 -1.69 -58.50 -42.65
C VAL G 53 -0.63 -58.18 -43.69
N SER G 54 -1.09 -57.65 -44.82
CA SER G 54 -0.24 -57.29 -45.95
C SER G 54 -1.07 -56.56 -47.00
N PRO G 55 -0.46 -55.66 -47.77
CA PRO G 55 -1.19 -55.05 -48.89
C PRO G 55 -1.56 -56.03 -49.97
N GLY G 56 -0.92 -57.19 -50.01
CA GLY G 56 -1.20 -58.18 -51.03
C GLY G 56 0.01 -59.06 -51.25
N MET G 57 -0.22 -60.12 -52.03
CA MET G 57 0.86 -61.06 -52.33
C MET G 57 1.87 -60.42 -53.27
N MET G 58 3.14 -60.52 -52.91
CA MET G 58 4.24 -59.97 -53.70
C MET G 58 5.17 -61.09 -54.12
N ARG G 59 6.27 -60.72 -54.77
CA ARG G 59 7.21 -61.72 -55.28
C ARG G 59 7.81 -62.53 -54.14
N GLY G 60 7.86 -63.84 -54.33
CA GLY G 60 8.44 -64.74 -53.35
C GLY G 60 7.50 -65.16 -52.25
N ASP G 61 6.28 -64.64 -52.21
CA ASP G 61 5.33 -65.05 -51.18
C ASP G 61 4.91 -66.49 -51.43
N ALA G 62 4.94 -67.30 -50.37
CA ALA G 62 4.57 -68.72 -50.46
C ALA G 62 3.75 -69.04 -49.22
N GLN G 63 2.44 -68.99 -49.36
CA GLN G 63 1.51 -69.19 -48.26
C GLN G 63 1.07 -70.64 -48.20
N ASP G 64 1.03 -71.20 -46.98
CA ASP G 64 0.61 -72.58 -46.76
C ASP G 64 -0.52 -72.58 -45.74
N VAL G 65 -1.74 -72.78 -46.21
CA VAL G 65 -2.94 -72.76 -45.38
C VAL G 65 -3.43 -74.18 -45.23
N GLN G 66 -3.82 -74.55 -44.01
CA GLN G 66 -4.33 -75.88 -43.71
C GLN G 66 -5.50 -75.72 -42.75
N LEU G 67 -6.71 -75.80 -43.28
CA LEU G 67 -7.93 -75.66 -42.48
C LEU G 67 -8.52 -77.04 -42.21
N ASN G 68 -8.99 -77.24 -40.98
CA ASN G 68 -9.55 -78.53 -40.56
C ASN G 68 -10.83 -78.25 -39.77
N ILE G 69 -11.97 -78.37 -40.44
CA ILE G 69 -13.27 -78.21 -39.82
C ILE G 69 -13.71 -79.56 -39.27
N GLY G 70 -14.03 -79.61 -37.97
CA GLY G 70 -14.41 -80.85 -37.35
C GLY G 70 -15.88 -81.16 -37.57
N PRO G 71 -16.31 -82.28 -37.00
CA PRO G 71 -17.69 -82.73 -37.21
C PRO G 71 -18.71 -81.74 -36.65
N ASN G 72 -19.85 -81.66 -37.33
CA ASN G 72 -21.01 -80.88 -36.89
C ASN G 72 -20.69 -79.40 -36.73
N CYS G 73 -19.77 -78.87 -37.54
CA CYS G 73 -19.40 -77.47 -37.48
C CYS G 73 -19.98 -76.74 -38.68
N LYS G 74 -20.71 -75.65 -38.41
CA LYS G 74 -21.32 -74.81 -39.45
C LYS G 74 -20.53 -73.51 -39.52
N LEU G 75 -19.53 -73.49 -40.40
CA LEU G 75 -18.54 -72.43 -40.45
C LEU G 75 -18.56 -71.76 -41.82
N ARG G 76 -18.52 -70.43 -41.81
CA ARG G 76 -18.34 -69.63 -43.00
C ARG G 76 -17.00 -68.92 -42.89
N ILE G 77 -16.11 -69.16 -43.84
CA ILE G 77 -14.75 -68.62 -43.81
C ILE G 77 -14.65 -67.54 -44.88
N THR G 78 -14.41 -66.32 -44.46
CA THR G 78 -14.26 -65.17 -45.33
C THR G 78 -12.85 -64.61 -45.21
N SER G 79 -12.58 -63.54 -45.95
CA SER G 79 -11.30 -62.85 -45.89
C SER G 79 -11.53 -61.38 -45.56
N GLN G 80 -10.44 -60.71 -45.20
CA GLN G 80 -10.54 -59.32 -44.77
C GLN G 80 -10.97 -58.41 -45.91
N SER G 81 -10.31 -58.52 -47.06
CA SER G 81 -10.59 -57.65 -48.19
C SER G 81 -10.19 -58.38 -49.47
N PHE G 82 -10.23 -57.65 -50.59
CA PHE G 82 -9.85 -58.22 -51.87
C PHE G 82 -8.39 -58.67 -51.83
N GLU G 83 -8.12 -59.86 -52.35
CA GLU G 83 -6.76 -60.38 -52.41
C GLU G 83 -6.09 -59.85 -53.66
N LYS G 84 -5.08 -59.00 -53.49
CA LYS G 84 -4.39 -58.36 -54.61
C LYS G 84 -3.04 -59.02 -54.82
N ILE G 85 -2.77 -59.42 -56.07
CA ILE G 85 -1.48 -59.94 -56.45
C ILE G 85 -0.68 -58.80 -57.07
N HIS G 86 0.42 -58.44 -56.42
CA HIS G 86 1.22 -57.31 -56.87
C HIS G 86 2.13 -57.73 -58.01
N ASN G 87 2.87 -56.76 -58.54
CA ASN G 87 3.83 -57.02 -59.60
C ASN G 87 4.96 -57.89 -59.06
N THR G 88 4.97 -59.16 -59.44
CA THR G 88 6.08 -60.06 -59.15
C THR G 88 7.07 -59.94 -60.30
N GLU G 89 8.21 -59.30 -60.05
CA GLU G 89 9.14 -58.91 -61.11
C GLU G 89 9.65 -60.11 -61.88
N ASP G 90 10.40 -60.98 -61.21
CA ASP G 90 10.91 -62.19 -61.84
C ASP G 90 10.35 -63.47 -61.23
N GLY G 91 9.84 -63.42 -60.01
CA GLY G 91 9.30 -64.57 -59.33
C GLY G 91 7.79 -64.64 -59.42
N PHE G 92 7.18 -65.27 -58.42
CA PHE G 92 5.74 -65.47 -58.42
C PHE G 92 5.25 -65.57 -56.98
N ALA G 93 3.95 -65.42 -56.81
CA ALA G 93 3.29 -65.59 -55.52
C ALA G 93 2.48 -66.88 -55.56
N SER G 94 2.67 -67.72 -54.56
CA SER G 94 2.03 -69.03 -54.52
C SER G 94 1.24 -69.20 -53.23
N ARG G 95 0.06 -69.80 -53.36
CA ARG G 95 -0.77 -70.16 -52.23
C ARG G 95 -1.14 -71.62 -52.34
N ASP G 96 -0.96 -72.37 -51.26
CA ASP G 96 -1.30 -73.79 -51.21
C ASP G 96 -2.24 -73.99 -50.02
N MET G 97 -3.52 -74.22 -50.32
CA MET G 97 -4.55 -74.32 -49.28
C MET G 97 -5.14 -75.72 -49.28
N HIS G 98 -4.97 -76.42 -48.18
CA HIS G 98 -5.53 -77.75 -47.97
C HIS G 98 -6.61 -77.67 -46.91
N ILE G 99 -7.81 -78.09 -47.26
CA ILE G 99 -8.96 -78.03 -46.38
C ILE G 99 -9.49 -79.44 -46.15
N VAL G 100 -9.82 -79.75 -44.89
CA VAL G 100 -10.38 -81.04 -44.52
C VAL G 100 -11.67 -80.80 -43.76
N VAL G 101 -12.79 -81.26 -44.30
CA VAL G 101 -14.11 -81.09 -43.69
C VAL G 101 -14.54 -82.43 -43.11
N GLY G 102 -14.98 -82.42 -41.86
CA GLY G 102 -15.39 -83.63 -41.19
C GLY G 102 -16.83 -84.01 -41.48
N GLU G 103 -17.28 -85.04 -40.77
CA GLU G 103 -18.63 -85.56 -40.97
C GLU G 103 -19.68 -84.56 -40.53
N ASN G 104 -20.73 -84.43 -41.33
CA ASN G 104 -21.88 -83.57 -41.01
C ASN G 104 -21.47 -82.12 -40.79
N ALA G 105 -20.40 -81.69 -41.45
CA ALA G 105 -19.88 -80.34 -41.29
C ALA G 105 -20.15 -79.52 -42.54
N PHE G 106 -20.58 -78.28 -42.37
CA PHE G 106 -20.83 -77.37 -43.46
C PHE G 106 -19.77 -76.28 -43.44
N LEU G 107 -19.09 -76.11 -44.57
CA LEU G 107 -18.09 -75.07 -44.75
C LEU G 107 -18.48 -74.21 -45.94
N ASP G 108 -18.64 -72.91 -45.70
CA ASP G 108 -18.93 -71.93 -46.74
C ASP G 108 -17.67 -71.08 -46.92
N PHE G 109 -16.82 -71.48 -47.86
CA PHE G 109 -15.58 -70.76 -48.13
C PHE G 109 -15.89 -69.67 -49.14
N ALA G 110 -16.00 -68.42 -48.66
CA ALA G 110 -16.39 -67.29 -49.50
C ALA G 110 -15.35 -66.18 -49.36
N PRO G 111 -14.20 -66.34 -50.00
CA PRO G 111 -13.20 -65.27 -49.97
C PRO G 111 -13.56 -64.14 -50.92
N PHE G 112 -12.89 -63.01 -50.72
CA PHE G 112 -13.11 -61.86 -51.56
C PHE G 112 -12.45 -62.06 -52.92
N PRO G 113 -12.89 -61.30 -53.94
CA PRO G 113 -12.33 -61.48 -55.28
C PRO G 113 -10.83 -61.24 -55.33
N LEU G 114 -10.18 -61.95 -56.25
CA LEU G 114 -8.75 -61.82 -56.46
C LEU G 114 -8.48 -60.82 -57.57
N ILE G 115 -7.66 -59.82 -57.28
CA ILE G 115 -7.32 -58.75 -58.23
C ILE G 115 -5.84 -58.85 -58.55
N PRO G 116 -5.48 -59.39 -59.72
CA PRO G 116 -4.07 -59.40 -60.12
C PRO G 116 -3.69 -58.07 -60.75
N PHE G 117 -2.54 -57.54 -60.33
CA PHE G 117 -2.04 -56.28 -60.86
C PHE G 117 -1.27 -56.55 -62.15
N GLU G 118 -0.63 -55.52 -62.68
CA GLU G 118 0.16 -55.67 -63.90
C GLU G 118 1.38 -56.54 -63.63
N ASN G 119 1.66 -57.46 -64.55
CA ASN G 119 2.79 -58.38 -64.45
C ASN G 119 2.73 -59.21 -63.17
N ALA G 120 1.55 -59.70 -62.84
CA ALA G 120 1.33 -60.53 -61.66
C ALA G 120 1.37 -62.01 -62.05
N HIS G 121 2.14 -62.79 -61.32
CA HIS G 121 2.24 -64.22 -61.53
C HIS G 121 1.81 -64.92 -60.25
N PHE G 122 0.70 -65.66 -60.31
CA PHE G 122 0.11 -66.29 -59.15
C PHE G 122 -0.14 -67.77 -59.42
N LYS G 123 0.16 -68.60 -58.42
CA LYS G 123 -0.05 -70.04 -58.49
C LYS G 123 -0.81 -70.47 -57.24
N GLY G 124 -2.10 -70.76 -57.40
CA GLY G 124 -2.94 -71.23 -56.31
C GLY G 124 -3.25 -72.70 -56.48
N ASN G 125 -3.18 -73.44 -55.37
CA ASN G 125 -3.44 -74.87 -55.37
C ASN G 125 -4.30 -75.19 -54.16
N THR G 126 -5.59 -75.43 -54.39
CA THR G 126 -6.54 -75.73 -53.34
C THR G 126 -6.94 -77.20 -53.42
N THR G 127 -6.80 -77.90 -52.30
CA THR G 127 -7.17 -79.31 -52.20
C THR G 127 -8.15 -79.46 -51.05
N ILE G 128 -9.41 -79.73 -51.37
CA ILE G 128 -10.47 -79.90 -50.37
C ILE G 128 -10.80 -81.38 -50.27
N SER G 129 -10.86 -81.88 -49.05
CA SER G 129 -11.23 -83.25 -48.75
C SER G 129 -12.50 -83.25 -47.90
N LEU G 130 -13.44 -84.10 -48.26
CA LEU G 130 -14.74 -84.14 -47.60
C LEU G 130 -15.08 -85.57 -47.22
N ARG G 131 -15.99 -85.70 -46.25
CA ARG G 131 -16.61 -86.98 -45.96
C ARG G 131 -17.88 -87.12 -46.80
N SER G 132 -18.56 -88.25 -46.65
CA SER G 132 -19.81 -88.46 -47.38
C SER G 132 -20.87 -87.44 -46.98
N SER G 133 -20.96 -87.15 -45.68
CA SER G 133 -21.96 -86.23 -45.17
C SER G 133 -21.51 -84.78 -45.17
N SER G 134 -20.25 -84.50 -45.50
CA SER G 134 -19.75 -83.13 -45.49
C SER G 134 -20.42 -82.30 -46.57
N GLN G 135 -20.69 -81.04 -46.26
CA GLN G 135 -21.22 -80.09 -47.22
C GLN G 135 -20.20 -78.99 -47.45
N LEU G 136 -20.03 -78.59 -48.70
CA LEU G 136 -19.06 -77.58 -49.08
C LEU G 136 -19.69 -76.59 -50.05
N LEU G 137 -19.39 -75.31 -49.84
CA LEU G 137 -19.80 -74.24 -50.76
C LEU G 137 -18.54 -73.44 -51.06
N TYR G 138 -17.78 -73.89 -52.04
CA TYR G 138 -16.53 -73.24 -52.40
C TYR G 138 -16.77 -72.18 -53.47
N SER G 139 -15.98 -71.12 -53.42
CA SER G 139 -16.14 -70.02 -54.36
C SER G 139 -14.80 -69.41 -54.69
N ALA G 140 -14.74 -68.77 -55.87
CA ALA G 140 -13.55 -68.04 -56.27
C ALA G 140 -13.94 -67.02 -57.32
N ILE G 141 -13.59 -65.77 -57.10
CA ILE G 141 -13.84 -64.69 -58.06
C ILE G 141 -12.49 -64.17 -58.53
N ILE G 142 -12.34 -64.07 -59.85
CA ILE G 142 -11.13 -63.57 -60.47
C ILE G 142 -11.48 -62.33 -61.28
N VAL G 143 -10.74 -61.26 -61.06
CA VAL G 143 -10.94 -60.01 -61.78
C VAL G 143 -9.86 -59.89 -62.84
N ALA G 144 -10.20 -59.22 -63.95
CA ALA G 144 -9.24 -59.02 -65.03
C ALA G 144 -8.12 -58.06 -64.64
N GLY G 145 -8.24 -57.38 -63.52
CA GLY G 145 -7.26 -56.40 -63.09
C GLY G 145 -7.97 -55.18 -62.55
N ARG G 146 -7.22 -54.09 -62.42
CA ARG G 146 -7.79 -52.83 -61.97
C ARG G 146 -8.56 -52.24 -63.13
N VAL G 147 -9.84 -52.63 -63.22
CA VAL G 147 -10.65 -52.32 -64.40
C VAL G 147 -10.86 -50.82 -64.55
N ALA G 148 -11.15 -50.13 -63.44
CA ALA G 148 -11.51 -48.72 -63.51
C ALA G 148 -10.36 -47.84 -64.01
N ARG G 149 -9.12 -48.33 -63.99
CA ARG G 149 -7.99 -47.60 -64.52
C ARG G 149 -7.42 -48.24 -65.79
N ASN G 150 -8.26 -48.99 -66.51
CA ASN G 150 -7.89 -49.58 -67.80
C ASN G 150 -6.68 -50.51 -67.69
N GLU G 151 -6.62 -51.26 -66.59
CA GLU G 151 -5.61 -52.31 -66.41
C GLU G 151 -6.30 -53.65 -66.62
N LEU G 152 -6.40 -54.06 -67.88
CA LEU G 152 -7.14 -55.27 -68.26
C LEU G 152 -6.16 -56.32 -68.74
N PHE G 153 -6.12 -57.46 -68.04
CA PHE G 153 -5.31 -58.61 -68.44
C PHE G 153 -3.85 -58.23 -68.65
N LYS G 154 -3.35 -57.36 -67.79
CA LYS G 154 -1.95 -56.95 -67.85
C LYS G 154 -1.05 -57.80 -66.97
N PHE G 155 -1.60 -58.79 -66.28
CA PHE G 155 -0.82 -59.64 -65.40
C PHE G 155 0.00 -60.65 -66.21
N ASN G 156 0.97 -61.26 -65.54
CA ASN G 156 1.81 -62.25 -66.20
C ASN G 156 1.07 -63.56 -66.41
N ARG G 157 0.63 -64.19 -65.33
CA ARG G 157 0.01 -65.51 -65.44
C ARG G 157 -0.75 -65.81 -64.16
N LEU G 158 -1.94 -66.39 -64.30
CA LEU G 158 -2.76 -66.82 -63.18
C LEU G 158 -3.05 -68.30 -63.35
N HIS G 159 -2.48 -69.13 -62.48
CA HIS G 159 -2.76 -70.55 -62.48
C HIS G 159 -3.49 -70.87 -61.18
N THR G 160 -4.63 -71.55 -61.29
CA THR G 160 -5.44 -71.89 -60.12
C THR G 160 -5.94 -73.31 -60.30
N LYS G 161 -5.47 -74.23 -59.46
CA LYS G 161 -5.91 -75.62 -59.47
C LYS G 161 -6.78 -75.86 -58.25
N ILE G 162 -7.95 -76.48 -58.48
CA ILE G 162 -8.85 -76.87 -57.41
C ILE G 162 -9.11 -78.37 -57.54
N SER G 163 -8.94 -79.09 -56.45
CA SER G 163 -9.14 -80.54 -56.42
C SER G 163 -10.01 -80.87 -55.22
N ILE G 164 -11.25 -81.28 -55.47
CA ILE G 164 -12.20 -81.62 -54.42
C ILE G 164 -12.39 -83.14 -54.45
N LEU G 165 -12.07 -83.79 -53.32
CA LEU G 165 -12.22 -85.22 -53.15
C LEU G 165 -13.26 -85.49 -52.07
N GLN G 166 -14.08 -86.52 -52.31
CA GLN G 166 -15.07 -86.96 -51.35
C GLN G 166 -14.81 -88.41 -50.99
N ASP G 167 -14.68 -88.70 -49.70
CA ASP G 167 -14.33 -90.03 -49.22
C ASP G 167 -13.04 -90.52 -49.87
N GLU G 168 -12.08 -89.62 -50.00
CA GLU G 168 -10.79 -89.90 -50.64
C GLU G 168 -10.97 -90.40 -52.07
N LYS G 169 -11.94 -89.81 -52.79
CA LYS G 169 -12.18 -90.13 -54.19
C LYS G 169 -12.40 -88.82 -54.91
N PRO G 170 -11.71 -88.59 -56.04
CA PRO G 170 -11.84 -87.29 -56.73
C PRO G 170 -13.25 -87.09 -57.27
N ILE G 171 -13.83 -85.95 -56.94
CA ILE G 171 -15.16 -85.60 -57.44
C ILE G 171 -15.19 -84.28 -58.21
N TYR G 172 -14.19 -83.42 -58.05
CA TYR G 172 -14.18 -82.18 -58.82
C TYR G 172 -12.73 -81.79 -59.13
N TYR G 173 -12.50 -81.41 -60.38
CA TYR G 173 -11.20 -80.92 -60.83
C TYR G 173 -11.41 -79.62 -61.59
N ASP G 174 -10.58 -78.62 -61.30
CA ASP G 174 -10.63 -77.36 -62.02
C ASP G 174 -9.21 -76.86 -62.22
N ASN G 175 -8.91 -76.41 -63.44
CA ASN G 175 -7.58 -75.90 -63.78
C ASN G 175 -7.77 -74.61 -64.57
N THR G 176 -7.84 -73.48 -63.87
CA THR G 176 -8.03 -72.18 -64.51
C THR G 176 -6.65 -71.59 -64.80
N ILE G 177 -6.33 -71.44 -66.08
CA ILE G 177 -5.08 -70.83 -66.50
C ILE G 177 -5.43 -69.60 -67.33
N LEU G 178 -4.92 -68.44 -66.89
CA LEU G 178 -5.09 -67.18 -67.60
C LEU G 178 -3.71 -66.65 -67.93
N ASP G 179 -3.34 -66.72 -69.20
CA ASP G 179 -2.05 -66.21 -69.68
C ASP G 179 -2.31 -65.29 -70.86
N PRO G 180 -2.36 -63.98 -70.63
CA PRO G 180 -2.62 -63.06 -71.75
C PRO G 180 -1.57 -63.12 -72.85
N LYS G 181 -0.33 -63.50 -72.51
CA LYS G 181 0.71 -63.61 -73.54
C LYS G 181 0.38 -64.69 -74.55
N THR G 182 -0.12 -65.84 -74.08
CA THR G 182 -0.36 -66.95 -74.99
C THR G 182 -1.61 -66.72 -75.84
N THR G 183 -2.65 -66.14 -75.25
CA THR G 183 -3.91 -65.94 -75.95
C THR G 183 -4.61 -64.71 -75.41
N ASP G 184 -5.51 -64.17 -76.23
CA ASP G 184 -6.29 -63.00 -75.83
C ASP G 184 -7.47 -63.46 -74.99
N LEU G 185 -7.43 -63.16 -73.70
CA LEU G 185 -8.51 -63.54 -72.79
C LEU G 185 -9.78 -62.72 -73.03
N ASN G 186 -9.71 -61.68 -73.85
CA ASN G 186 -10.87 -60.87 -74.19
C ASN G 186 -11.70 -61.46 -75.32
N ASN G 187 -11.31 -62.63 -75.84
CA ASN G 187 -12.03 -63.21 -76.98
C ASN G 187 -13.42 -63.67 -76.57
N MET G 188 -14.19 -64.11 -77.56
CA MET G 188 -15.59 -64.47 -77.35
C MET G 188 -15.75 -65.74 -76.51
N CYS G 189 -14.70 -66.51 -76.30
CA CYS G 189 -14.81 -67.76 -75.55
C CYS G 189 -14.23 -67.68 -74.14
N MET G 190 -13.36 -66.71 -73.86
CA MET G 190 -12.76 -66.61 -72.53
C MET G 190 -13.53 -65.67 -71.62
N PHE G 191 -13.65 -64.40 -72.00
CA PHE G 191 -14.32 -63.43 -71.15
C PHE G 191 -15.40 -62.66 -71.90
N ASP G 192 -15.22 -62.51 -73.21
CA ASP G 192 -16.20 -61.84 -74.07
C ASP G 192 -16.53 -60.43 -73.56
N GLY G 193 -15.49 -59.70 -73.16
CA GLY G 193 -15.67 -58.34 -72.70
C GLY G 193 -16.02 -58.20 -71.23
N TYR G 194 -16.24 -59.30 -70.53
CA TYR G 194 -16.47 -59.25 -69.10
C TYR G 194 -15.14 -59.19 -68.35
N THR G 195 -15.20 -58.65 -67.14
CA THR G 195 -13.99 -58.44 -66.35
C THR G 195 -13.95 -59.24 -65.06
N HIS G 196 -15.07 -59.75 -64.57
CA HIS G 196 -15.13 -60.49 -63.33
C HIS G 196 -15.73 -61.86 -63.59
N TYR G 197 -15.09 -62.91 -63.08
CA TYR G 197 -15.51 -64.28 -63.31
C TYR G 197 -15.66 -64.99 -61.97
N LEU G 198 -16.84 -65.55 -61.72
CA LEU G 198 -17.14 -66.27 -60.50
C LEU G 198 -17.28 -67.76 -60.79
N ASN G 199 -16.57 -68.58 -60.03
CA ASN G 199 -16.67 -70.02 -60.09
C ASN G 199 -17.10 -70.52 -58.72
N LEU G 200 -18.24 -71.21 -58.67
CA LEU G 200 -18.83 -71.68 -57.42
C LEU G 200 -19.08 -73.17 -57.52
N VAL G 201 -18.79 -73.89 -56.45
CA VAL G 201 -18.99 -75.33 -56.38
C VAL G 201 -19.81 -75.65 -55.14
N LEU G 202 -20.96 -76.28 -55.33
CA LEU G 202 -21.82 -76.72 -54.25
C LEU G 202 -21.78 -78.24 -54.20
N VAL G 203 -21.24 -78.78 -53.12
CA VAL G 203 -21.09 -80.22 -52.93
C VAL G 203 -22.00 -80.63 -51.78
N ASN G 204 -22.90 -81.57 -52.05
CA ASN G 204 -23.83 -82.14 -51.09
C ASN G 204 -24.80 -81.11 -50.51
N CYS G 205 -24.88 -79.93 -51.10
CA CYS G 205 -25.81 -78.92 -50.61
C CYS G 205 -27.23 -79.30 -50.99
N PRO G 206 -28.21 -79.04 -50.12
CA PRO G 206 -29.61 -79.40 -50.38
C PRO G 206 -30.37 -78.34 -51.20
N ILE G 207 -29.80 -77.96 -52.34
CA ILE G 207 -30.39 -76.96 -53.22
C ILE G 207 -30.56 -77.58 -54.60
N GLU G 208 -31.67 -77.23 -55.26
CA GLU G 208 -32.00 -77.81 -56.54
C GLU G 208 -31.42 -76.99 -57.69
N LEU G 209 -31.14 -77.68 -58.80
CA LEU G 209 -30.64 -77.01 -59.98
C LEU G 209 -31.64 -75.96 -60.48
N SER G 210 -32.93 -76.26 -60.38
CA SER G 210 -33.94 -75.29 -60.76
C SER G 210 -33.87 -74.04 -59.89
N GLY G 211 -33.69 -74.21 -58.58
CA GLY G 211 -33.57 -73.06 -57.71
C GLY G 211 -32.34 -72.23 -58.00
N VAL G 212 -31.20 -72.89 -58.23
CA VAL G 212 -29.98 -72.16 -58.56
C VAL G 212 -30.14 -71.42 -59.89
N ARG G 213 -30.78 -72.05 -60.87
CA ARG G 213 -31.01 -71.41 -62.15
C ARG G 213 -31.91 -70.20 -62.01
N GLU G 214 -32.96 -70.32 -61.18
CA GLU G 214 -33.84 -69.18 -60.94
C GLU G 214 -33.07 -68.04 -60.29
N CYS G 215 -32.20 -68.35 -59.32
CA CYS G 215 -31.40 -67.32 -58.70
C CYS G 215 -30.48 -66.63 -59.72
N ILE G 216 -29.83 -67.41 -60.58
CA ILE G 216 -28.94 -66.84 -61.58
C ILE G 216 -29.72 -65.96 -62.55
N GLU G 217 -30.89 -66.43 -62.99
CA GLU G 217 -31.70 -65.65 -63.93
C GLU G 217 -32.18 -64.35 -63.32
N GLU G 218 -32.64 -64.39 -62.06
CA GLU G 218 -33.13 -63.17 -61.43
C GLU G 218 -32.00 -62.23 -61.02
N SER G 219 -30.76 -62.74 -60.92
CA SER G 219 -29.63 -61.86 -60.68
C SER G 219 -29.38 -61.00 -61.90
N GLU G 220 -29.22 -59.69 -61.70
CA GLU G 220 -29.09 -58.73 -62.78
C GLU G 220 -27.63 -58.41 -63.05
N GLY G 221 -27.34 -58.09 -64.31
CA GLY G 221 -26.01 -57.70 -64.71
C GLY G 221 -25.00 -58.82 -64.80
N VAL G 222 -25.44 -60.07 -64.74
CA VAL G 222 -24.56 -61.23 -64.72
C VAL G 222 -24.97 -62.18 -65.83
N ASP G 223 -23.99 -62.66 -66.58
CA ASP G 223 -24.19 -63.73 -67.56
C ASP G 223 -23.67 -65.01 -66.92
N GLY G 224 -24.57 -65.82 -66.37
CA GLY G 224 -24.18 -66.96 -65.58
C GLY G 224 -24.97 -68.21 -65.96
N ALA G 225 -24.47 -69.35 -65.47
CA ALA G 225 -25.10 -70.63 -65.73
C ALA G 225 -24.69 -71.60 -64.64
N VAL G 226 -25.50 -72.65 -64.47
CA VAL G 226 -25.28 -73.68 -63.47
C VAL G 226 -25.52 -75.04 -64.10
N SER G 227 -24.65 -75.99 -63.81
CA SER G 227 -24.78 -77.35 -64.32
C SER G 227 -24.44 -78.33 -63.20
N GLU G 228 -24.57 -79.62 -63.52
CA GLU G 228 -24.24 -80.70 -62.61
C GLU G 228 -22.99 -81.41 -63.09
N THR G 229 -22.03 -81.60 -62.20
CA THR G 229 -20.77 -82.25 -62.54
C THR G 229 -21.00 -83.75 -62.66
N ALA G 230 -19.92 -84.50 -62.90
CA ALA G 230 -20.03 -85.95 -63.01
C ALA G 230 -20.50 -86.57 -61.70
N SER G 231 -20.03 -86.05 -60.57
CA SER G 231 -20.36 -86.59 -59.26
C SER G 231 -21.66 -86.02 -58.71
N SER G 232 -22.52 -85.47 -59.57
CA SER G 232 -23.84 -84.98 -59.17
C SER G 232 -23.75 -83.89 -58.11
N HIS G 233 -22.89 -82.90 -58.37
CA HIS G 233 -22.76 -81.73 -57.52
C HIS G 233 -22.79 -80.49 -58.40
N LEU G 234 -23.30 -79.39 -57.83
CA LEU G 234 -23.59 -78.22 -58.65
C LEU G 234 -22.35 -77.40 -58.91
N CYS G 235 -22.21 -76.91 -60.14
CA CYS G 235 -21.13 -76.00 -60.51
C CYS G 235 -21.73 -74.80 -61.21
N VAL G 236 -21.41 -73.61 -60.71
CA VAL G 236 -21.94 -72.35 -61.24
C VAL G 236 -20.77 -71.55 -61.80
N LYS G 237 -20.92 -71.08 -63.02
CA LYS G 237 -19.95 -70.19 -63.63
C LYS G 237 -20.67 -68.92 -64.09
N ALA G 238 -20.16 -67.77 -63.67
CA ALA G 238 -20.81 -66.51 -63.98
C ALA G 238 -19.77 -65.48 -64.40
N LEU G 239 -20.20 -64.54 -65.25
CA LEU G 239 -19.38 -63.43 -65.68
C LEU G 239 -20.13 -62.14 -65.43
N ALA G 240 -19.38 -61.08 -65.11
CA ALA G 240 -20.00 -59.79 -64.85
C ALA G 240 -19.00 -58.67 -65.12
N LYS G 241 -19.54 -57.47 -65.31
CA LYS G 241 -18.68 -56.31 -65.52
C LYS G 241 -18.04 -55.84 -64.22
N GLY G 242 -18.73 -56.01 -63.09
CA GLY G 242 -18.20 -55.65 -61.80
C GLY G 242 -18.38 -56.79 -60.81
N SER G 243 -17.69 -56.66 -59.67
CA SER G 243 -17.74 -57.69 -58.65
C SER G 243 -19.00 -57.62 -57.80
N GLU G 244 -19.74 -56.51 -57.84
CA GLU G 244 -20.96 -56.40 -57.04
C GLU G 244 -22.02 -57.41 -57.47
N PRO G 245 -22.37 -57.55 -58.76
CA PRO G 245 -23.35 -58.59 -59.11
C PRO G 245 -22.90 -60.00 -58.75
N LEU G 246 -21.61 -60.29 -58.90
CA LEU G 246 -21.12 -61.62 -58.56
C LEU G 246 -21.21 -61.89 -57.07
N LEU G 247 -20.84 -60.91 -56.24
CA LEU G 247 -20.94 -61.09 -54.81
C LEU G 247 -22.39 -61.21 -54.37
N HIS G 248 -23.29 -60.43 -54.97
CA HIS G 248 -24.71 -60.54 -54.65
C HIS G 248 -25.25 -61.91 -55.04
N LEU G 249 -24.87 -62.42 -56.20
CA LEU G 249 -25.31 -63.75 -56.62
C LEU G 249 -24.77 -64.83 -55.67
N ARG G 250 -23.50 -64.71 -55.29
CA ARG G 250 -22.92 -65.70 -54.37
C ARG G 250 -23.62 -65.68 -53.03
N GLU G 251 -23.90 -64.50 -52.48
CA GLU G 251 -24.59 -64.44 -51.20
C GLU G 251 -26.04 -64.92 -51.32
N LYS G 252 -26.68 -64.68 -52.47
CA LYS G 252 -28.02 -65.21 -52.69
C LYS G 252 -28.02 -66.73 -52.68
N ILE G 253 -27.05 -67.33 -53.38
CA ILE G 253 -26.97 -68.79 -53.41
C ILE G 253 -26.65 -69.34 -52.03
N ALA G 254 -25.76 -68.67 -51.31
CA ALA G 254 -25.42 -69.11 -49.95
C ALA G 254 -26.64 -69.05 -49.03
N ARG G 255 -27.43 -67.98 -49.14
CA ARG G 255 -28.64 -67.87 -48.35
C ARG G 255 -29.64 -68.96 -48.72
N LEU G 256 -29.76 -69.25 -50.01
CA LEU G 256 -30.66 -70.32 -50.44
C LEU G 256 -30.23 -71.66 -49.89
N VAL G 257 -28.92 -71.89 -49.81
CA VAL G 257 -28.42 -73.15 -49.26
C VAL G 257 -28.65 -73.21 -47.76
N THR G 258 -28.40 -72.11 -47.05
CA THR G 258 -28.47 -72.12 -45.60
C THR G 258 -29.90 -72.12 -45.08
N GLN G 259 -30.85 -71.51 -45.80
CA GLN G 259 -32.22 -71.44 -45.33
C GLN G 259 -32.89 -72.81 -45.26
N THR G 260 -32.32 -73.81 -45.93
CA THR G 260 -32.85 -75.16 -45.86
C THR G 260 -32.64 -75.75 -44.47
N ASP H 30 -6.41 -97.50 -97.42
CA ASP H 30 -5.40 -97.85 -96.43
C ASP H 30 -5.72 -97.25 -95.07
N ASN H 31 -4.68 -96.79 -94.37
CA ASN H 31 -4.89 -96.19 -93.04
C ASN H 31 -5.75 -94.94 -93.14
N GLU H 32 -5.46 -94.07 -94.11
CA GLU H 32 -6.26 -92.85 -94.26
C GLU H 32 -7.70 -93.18 -94.64
N PHE H 33 -7.89 -94.18 -95.51
CA PHE H 33 -9.24 -94.57 -95.90
C PHE H 33 -10.01 -95.09 -94.69
N LEU H 34 -9.37 -95.91 -93.84
CA LEU H 34 -10.05 -96.42 -92.66
C LEU H 34 -10.36 -95.31 -91.66
N ILE H 35 -9.44 -94.36 -91.50
CA ILE H 35 -9.70 -93.21 -90.63
C ILE H 35 -10.91 -92.43 -91.14
N LEU H 36 -10.95 -92.16 -92.45
CA LEU H 36 -12.08 -91.41 -93.00
C LEU H 36 -13.38 -92.19 -92.83
N GLN H 37 -13.35 -93.50 -93.05
CA GLN H 37 -14.55 -94.31 -92.92
C GLN H 37 -15.08 -94.29 -91.49
N VAL H 38 -14.20 -94.50 -90.51
CA VAL H 38 -14.66 -94.53 -89.12
C VAL H 38 -15.11 -93.14 -88.67
N ASN H 39 -14.42 -92.10 -89.12
CA ASN H 39 -14.84 -90.75 -88.78
C ASN H 39 -16.23 -90.44 -89.34
N ASP H 40 -16.48 -90.81 -90.61
CA ASP H 40 -17.79 -90.59 -91.20
C ASP H 40 -18.86 -91.42 -90.50
N ALA H 41 -18.54 -92.65 -90.11
CA ALA H 41 -19.51 -93.51 -89.44
C ALA H 41 -19.78 -93.07 -88.02
N VAL H 42 -18.87 -92.33 -87.40
CA VAL H 42 -19.04 -91.92 -86.00
C VAL H 42 -19.64 -90.53 -85.91
N PHE H 43 -18.92 -89.53 -86.43
CA PHE H 43 -19.26 -88.15 -86.10
C PHE H 43 -20.47 -87.62 -86.88
N PRO H 44 -20.50 -87.68 -88.21
CA PRO H 44 -21.74 -87.26 -88.91
C PRO H 44 -22.94 -88.11 -88.55
N ILE H 45 -22.75 -89.40 -88.28
CA ILE H 45 -23.84 -90.28 -87.91
C ILE H 45 -24.13 -90.17 -86.42
N THR H 49 -24.83 -82.93 -85.10
CA THR H 49 -25.92 -82.76 -84.16
C THR H 49 -25.46 -82.09 -82.87
N HIS H 50 -24.14 -82.07 -82.66
CA HIS H 50 -23.54 -81.46 -81.48
C HIS H 50 -23.04 -80.07 -81.82
N SER H 51 -23.41 -79.09 -81.01
CA SER H 51 -23.04 -77.70 -81.23
C SER H 51 -21.91 -77.22 -80.33
N PHE H 52 -21.77 -77.79 -79.13
CA PHE H 52 -20.77 -77.38 -78.15
C PHE H 52 -20.88 -75.89 -77.84
N GLY H 53 -22.11 -75.40 -77.71
CA GLY H 53 -22.37 -74.03 -77.35
C GLY H 53 -22.55 -73.07 -78.50
N LEU H 54 -22.28 -73.51 -79.74
CA LEU H 54 -22.48 -72.64 -80.89
C LEU H 54 -23.94 -72.25 -81.05
N GLU H 55 -24.85 -73.19 -80.75
CA GLU H 55 -26.27 -72.89 -80.78
C GLU H 55 -26.61 -71.81 -79.76
N THR H 56 -26.02 -71.89 -78.56
CA THR H 56 -26.24 -70.86 -77.55
C THR H 56 -25.71 -69.51 -78.02
N TYR H 57 -24.53 -69.50 -78.65
CA TYR H 57 -23.99 -68.24 -79.16
C TYR H 57 -24.92 -67.63 -80.22
N ILE H 58 -25.43 -68.46 -81.13
CA ILE H 58 -26.32 -67.96 -82.17
C ILE H 58 -27.62 -67.44 -81.56
N GLN H 59 -28.17 -68.17 -80.59
CA GLN H 59 -29.41 -67.74 -79.96
C GLN H 59 -29.23 -66.45 -79.18
N GLN H 60 -28.06 -66.26 -78.56
CA GLN H 60 -27.76 -65.02 -77.87
C GLN H 60 -27.24 -63.94 -78.81
N LYS H 61 -27.12 -64.25 -80.10
CA LYS H 61 -26.82 -63.26 -81.14
C LYS H 61 -25.39 -62.73 -81.02
N LYS H 62 -24.47 -63.61 -80.62
CA LYS H 62 -23.05 -63.26 -80.62
C LYS H 62 -22.36 -63.69 -81.91
N VAL H 63 -22.88 -64.71 -82.58
CA VAL H 63 -22.38 -65.15 -83.88
C VAL H 63 -23.47 -64.87 -84.91
N THR H 64 -23.16 -64.00 -85.86
CA THR H 64 -24.16 -63.57 -86.83
C THR H 64 -23.70 -63.71 -88.28
N ASN H 65 -22.43 -63.47 -88.57
CA ASN H 65 -21.94 -63.42 -89.94
C ASN H 65 -20.62 -64.17 -90.04
N LYS H 66 -19.96 -64.02 -91.19
CA LYS H 66 -18.75 -64.79 -91.46
C LYS H 66 -17.63 -64.43 -90.48
N GLU H 67 -17.39 -63.13 -90.28
CA GLU H 67 -16.29 -62.74 -89.40
C GLU H 67 -16.56 -63.11 -87.96
N SER H 68 -17.81 -62.97 -87.50
CA SER H 68 -18.15 -63.38 -86.14
C SER H 68 -17.99 -64.88 -85.95
N ALA H 69 -18.44 -65.67 -86.93
CA ALA H 69 -18.28 -67.12 -86.85
C ALA H 69 -16.81 -67.51 -86.87
N LEU H 70 -16.00 -66.82 -87.69
CA LEU H 70 -14.57 -67.10 -87.73
C LEU H 70 -13.91 -66.78 -86.39
N GLU H 71 -14.28 -65.65 -85.78
CA GLU H 71 -13.72 -65.30 -84.48
C GLU H 71 -14.11 -66.31 -83.42
N TYR H 72 -15.38 -66.74 -83.42
CA TYR H 72 -15.82 -67.74 -82.46
C TYR H 72 -15.07 -69.04 -82.65
N LEU H 73 -14.92 -69.48 -83.90
CA LEU H 73 -14.23 -70.75 -84.16
C LEU H 73 -12.78 -70.67 -83.75
N LYS H 74 -12.11 -69.56 -84.05
CA LYS H 74 -10.71 -69.40 -83.65
C LYS H 74 -10.58 -69.41 -82.14
N ALA H 75 -11.45 -68.69 -81.43
CA ALA H 75 -11.38 -68.67 -79.97
C ALA H 75 -11.63 -70.05 -79.37
N ASN H 76 -12.63 -70.76 -79.89
CA ASN H 76 -12.95 -72.08 -79.37
C ASN H 76 -11.81 -73.05 -79.62
N LEU H 77 -11.25 -73.04 -80.82
CA LEU H 77 -10.12 -73.92 -81.12
C LEU H 77 -8.91 -73.58 -80.26
N SER H 78 -8.66 -72.29 -80.04
CA SER H 78 -7.52 -71.90 -79.24
C SER H 78 -7.67 -72.31 -77.78
N SER H 79 -8.88 -72.18 -77.22
CA SER H 79 -9.02 -72.47 -75.80
C SER H 79 -9.50 -73.90 -75.53
N GLN H 80 -10.74 -74.20 -75.92
CA GLN H 80 -11.37 -75.42 -75.42
C GLN H 80 -10.90 -76.64 -76.20
N PHE H 81 -10.93 -76.57 -77.52
CA PHE H 81 -10.44 -77.67 -78.33
C PHE H 81 -8.97 -77.95 -78.06
N LEU H 82 -8.16 -76.90 -77.88
CA LEU H 82 -6.74 -77.08 -77.65
C LEU H 82 -6.47 -77.71 -76.29
N TYR H 83 -7.09 -77.19 -75.23
CA TYR H 83 -6.73 -77.61 -73.89
C TYR H 83 -7.59 -78.74 -73.35
N THR H 84 -8.56 -79.23 -74.12
CA THR H 84 -9.38 -80.35 -73.68
C THR H 84 -9.38 -81.53 -74.63
N GLU H 85 -9.25 -81.30 -75.94
CA GLU H 85 -9.31 -82.36 -76.93
C GLU H 85 -7.96 -82.70 -77.53
N MET H 86 -7.24 -81.73 -78.08
CA MET H 86 -5.95 -82.02 -78.70
C MET H 86 -4.91 -82.41 -77.65
N LEU H 87 -4.89 -81.70 -76.52
CA LEU H 87 -3.95 -82.06 -75.45
C LEU H 87 -4.25 -83.44 -74.91
N SER H 88 -5.53 -83.76 -74.71
CA SER H 88 -5.89 -85.10 -74.26
C SER H 88 -5.52 -86.16 -75.28
N LEU H 89 -5.68 -85.84 -76.57
CA LEU H 89 -5.29 -86.77 -77.62
C LEU H 89 -3.79 -87.05 -77.57
N LYS H 90 -2.98 -86.00 -77.44
CA LYS H 90 -1.53 -86.18 -77.36
C LYS H 90 -1.14 -86.98 -76.12
N LEU H 91 -1.76 -86.65 -74.98
CA LEU H 91 -1.44 -87.36 -73.75
C LEU H 91 -1.80 -88.84 -73.84
N THR H 92 -2.96 -89.15 -74.41
CA THR H 92 -3.36 -90.55 -74.57
C THR H 92 -2.45 -91.26 -75.55
N TYR H 93 -2.01 -90.57 -76.61
CA TYR H 93 -1.08 -91.17 -77.56
C TYR H 93 0.23 -91.53 -76.87
N GLU H 94 0.77 -90.60 -76.08
CA GLU H 94 2.01 -90.87 -75.36
C GLU H 94 1.82 -92.00 -74.35
N SER H 95 0.70 -91.99 -73.63
CA SER H 95 0.46 -93.01 -72.62
C SER H 95 0.29 -94.40 -73.24
N ALA H 96 -0.33 -94.46 -74.43
CA ALA H 96 -0.46 -95.75 -75.11
C ALA H 96 0.86 -96.20 -75.71
N LEU H 97 1.68 -95.26 -76.18
CA LEU H 97 3.02 -95.62 -76.63
C LEU H 97 3.84 -96.19 -75.49
N GLN H 98 3.70 -95.63 -74.29
CA GLN H 98 4.36 -96.18 -73.11
C GLN H 98 3.58 -97.33 -72.48
N GLN H 99 2.41 -97.66 -73.02
CA GLN H 99 1.56 -98.74 -72.50
C GLN H 99 1.16 -98.47 -71.04
N ASP H 100 0.71 -97.25 -70.78
CA ASP H 100 0.31 -96.82 -69.44
C ASP H 100 -1.21 -96.75 -69.39
N LEU H 101 -1.83 -97.91 -69.14
CA LEU H 101 -3.29 -97.96 -69.01
C LEU H 101 -3.76 -97.14 -67.81
N LYS H 102 -3.00 -97.19 -66.71
CA LYS H 102 -3.36 -96.38 -65.55
C LYS H 102 -3.32 -94.90 -65.87
N LYS H 103 -2.32 -94.46 -66.62
CA LYS H 103 -2.24 -93.06 -67.03
C LYS H 103 -3.40 -92.68 -67.93
N ILE H 104 -3.77 -93.57 -68.87
CA ILE H 104 -4.90 -93.29 -69.74
C ILE H 104 -6.18 -93.13 -68.92
N LEU H 105 -6.40 -94.05 -67.98
CA LEU H 105 -7.61 -93.98 -67.15
C LEU H 105 -7.61 -92.73 -66.28
N GLY H 106 -6.43 -92.36 -65.75
CA GLY H 106 -6.36 -91.14 -64.95
C GLY H 106 -6.66 -89.90 -65.76
N VAL H 107 -6.15 -89.84 -67.00
CA VAL H 107 -6.45 -88.71 -67.86
C VAL H 107 -7.94 -88.65 -68.16
N GLU H 108 -8.56 -89.80 -68.44
CA GLU H 108 -9.99 -89.83 -68.70
C GLU H 108 -10.78 -89.36 -67.48
N GLU H 109 -10.37 -89.82 -66.29
CA GLU H 109 -11.04 -89.40 -65.06
C GLU H 109 -10.91 -87.89 -64.85
N VAL H 110 -9.72 -87.35 -65.11
CA VAL H 110 -9.51 -85.90 -64.95
C VAL H 110 -10.40 -85.15 -65.92
N ILE H 111 -10.50 -85.61 -67.16
CA ILE H 111 -11.35 -84.94 -68.15
C ILE H 111 -12.80 -84.98 -67.71
N MET H 112 -13.26 -86.15 -67.25
CA MET H 112 -14.66 -86.29 -66.85
C MET H 112 -14.98 -85.40 -65.65
N LEU H 113 -14.07 -85.32 -64.68
CA LEU H 113 -14.33 -84.51 -63.49
C LEU H 113 -14.10 -83.03 -63.73
N SER H 114 -13.40 -82.66 -64.79
CA SER H 114 -13.21 -81.25 -65.13
C SER H 114 -14.29 -80.72 -66.07
N THR H 115 -14.96 -81.60 -66.81
CA THR H 115 -16.00 -81.17 -67.75
C THR H 115 -17.24 -80.78 -66.97
N SER H 116 -17.26 -79.52 -66.52
CA SER H 116 -18.41 -79.01 -65.77
C SER H 116 -19.71 -79.02 -66.57
N PRO H 117 -19.75 -78.56 -67.83
CA PRO H 117 -21.03 -78.54 -68.55
C PRO H 117 -21.57 -79.95 -68.79
N MET H 118 -22.83 -80.15 -68.37
CA MET H 118 -23.47 -81.45 -68.54
C MET H 118 -23.62 -81.82 -70.00
N GLU H 119 -23.99 -80.84 -70.84
CA GLU H 119 -24.14 -81.12 -72.27
C GLU H 119 -22.82 -81.53 -72.90
N LEU H 120 -21.74 -80.82 -72.57
CA LEU H 120 -20.43 -81.17 -73.11
C LEU H 120 -20.00 -82.55 -72.62
N ARG H 121 -20.19 -82.84 -71.34
CA ARG H 121 -19.81 -84.14 -70.81
C ARG H 121 -20.59 -85.27 -71.49
N LEU H 122 -21.90 -85.09 -71.63
CA LEU H 122 -22.73 -86.12 -72.26
C LEU H 122 -22.35 -86.30 -73.72
N ALA H 123 -22.09 -85.20 -74.44
CA ALA H 123 -21.70 -85.31 -75.84
C ALA H 123 -20.38 -86.06 -75.98
N ASN H 124 -19.39 -85.72 -75.14
CA ASN H 124 -18.11 -86.40 -75.20
C ASN H 124 -18.25 -87.88 -74.88
N GLN H 125 -19.03 -88.23 -73.86
CA GLN H 125 -19.22 -89.62 -73.51
C GLN H 125 -19.92 -90.38 -74.63
N LYS H 126 -20.95 -89.78 -75.22
CA LYS H 126 -21.67 -90.43 -76.31
C LYS H 126 -20.77 -90.63 -77.53
N LEU H 127 -19.97 -89.63 -77.87
CA LEU H 127 -19.08 -89.76 -79.01
C LEU H 127 -18.02 -90.83 -78.76
N GLY H 128 -17.46 -90.87 -77.54
CA GLY H 128 -16.49 -91.90 -77.23
C GLY H 128 -17.07 -93.30 -77.28
N ASN H 129 -18.27 -93.45 -76.73
CA ASN H 129 -18.95 -94.76 -76.78
C ASN H 129 -19.24 -95.16 -78.21
N ARG H 130 -19.69 -94.21 -79.04
CA ARG H 130 -19.96 -94.52 -80.44
C ARG H 130 -18.69 -94.94 -81.17
N PHE H 131 -17.59 -94.22 -80.93
CA PHE H 131 -16.32 -94.58 -81.54
C PHE H 131 -15.88 -95.97 -81.13
N ILE H 132 -15.98 -96.28 -79.83
CA ILE H 132 -15.57 -97.59 -79.34
C ILE H 132 -16.43 -98.68 -79.95
N LYS H 133 -17.75 -98.47 -80.00
CA LYS H 133 -18.63 -99.47 -80.57
C LYS H 133 -18.37 -99.68 -82.05
N THR H 134 -18.13 -98.59 -82.79
CA THR H 134 -17.85 -98.70 -84.21
C THR H 134 -16.56 -99.48 -84.45
N LEU H 135 -15.50 -99.19 -83.68
CA LEU H 135 -14.27 -99.95 -83.82
C LEU H 135 -14.47 -101.41 -83.45
N GLN H 136 -15.27 -101.68 -82.42
CA GLN H 136 -15.49 -103.06 -82.01
C GLN H 136 -16.27 -103.85 -83.07
N ALA H 137 -17.27 -103.23 -83.70
CA ALA H 137 -18.20 -103.95 -84.55
C ALA H 137 -17.86 -103.85 -86.03
N MET H 138 -17.80 -102.62 -86.57
CA MET H 138 -17.66 -102.46 -88.01
C MET H 138 -16.25 -102.84 -88.48
N ASN H 139 -15.22 -102.41 -87.76
CA ASN H 139 -13.84 -102.65 -88.17
C ASN H 139 -13.50 -104.11 -87.85
N GLU H 140 -13.76 -104.99 -88.82
CA GLU H 140 -13.50 -106.42 -88.66
C GLU H 140 -12.04 -106.71 -89.01
N LEU H 141 -11.15 -106.26 -88.13
CA LEU H 141 -9.72 -106.43 -88.31
C LEU H 141 -9.04 -106.36 -86.95
N ASP H 142 -7.79 -106.81 -86.91
CA ASP H 142 -7.04 -106.83 -85.67
C ASP H 142 -6.60 -105.43 -85.26
N MET H 143 -7.46 -104.72 -84.52
CA MET H 143 -7.13 -103.38 -84.08
C MET H 143 -5.92 -103.37 -83.15
N GLY H 144 -5.87 -104.33 -82.22
CA GLY H 144 -4.77 -104.41 -81.29
C GLY H 144 -5.19 -104.89 -79.92
N GLU H 145 -4.35 -105.73 -79.29
CA GLU H 145 -4.68 -106.24 -77.97
C GLU H 145 -4.76 -105.12 -76.94
N PHE H 146 -3.86 -104.13 -77.03
CA PHE H 146 -3.90 -103.01 -76.10
C PHE H 146 -5.20 -102.22 -76.24
N PHE H 147 -5.60 -101.93 -77.48
CA PHE H 147 -6.85 -101.20 -77.69
C PHE H 147 -8.05 -102.01 -77.21
N ASN H 148 -8.05 -103.31 -77.46
CA ASN H 148 -9.17 -104.15 -77.01
C ASN H 148 -9.25 -104.15 -75.48
N ALA H 149 -8.11 -104.28 -74.81
CA ALA H 149 -8.10 -104.26 -73.34
C ALA H 149 -8.56 -102.90 -72.82
N TYR H 150 -8.12 -101.82 -73.45
CA TYR H 150 -8.54 -100.50 -73.02
C TYR H 150 -10.05 -100.32 -73.20
N ALA H 151 -10.60 -100.80 -74.32
CA ALA H 151 -12.04 -100.69 -74.53
C ALA H 151 -12.81 -101.53 -73.52
N GLN H 152 -12.30 -102.72 -73.18
CA GLN H 152 -13.00 -103.57 -72.23
C GLN H 152 -12.85 -103.08 -70.79
N LYS H 153 -11.84 -102.27 -70.50
CA LYS H 153 -11.61 -101.81 -69.13
C LYS H 153 -12.03 -100.36 -68.89
N THR H 154 -12.31 -99.59 -69.94
CA THR H 154 -12.64 -98.19 -69.77
C THR H 154 -14.08 -98.02 -69.30
N LYS H 155 -14.35 -96.86 -68.70
CA LYS H 155 -15.69 -96.51 -68.23
C LYS H 155 -16.27 -95.33 -68.96
N ASP H 156 -15.56 -94.20 -69.01
CA ASP H 156 -16.05 -92.96 -69.62
C ASP H 156 -15.01 -92.49 -70.62
N PRO H 157 -14.98 -93.10 -71.82
CA PRO H 157 -13.96 -92.76 -72.81
C PRO H 157 -14.36 -91.54 -73.61
N THR H 158 -13.54 -90.49 -73.57
CA THR H 158 -13.76 -89.33 -74.40
C THR H 158 -13.39 -89.65 -75.86
N HIS H 159 -14.02 -88.93 -76.79
CA HIS H 159 -13.77 -89.17 -78.20
C HIS H 159 -12.31 -88.86 -78.57
N ALA H 160 -11.77 -87.76 -78.04
CA ALA H 160 -10.40 -87.40 -78.35
C ALA H 160 -9.41 -88.43 -77.80
N THR H 161 -9.62 -88.88 -76.57
CA THR H 161 -8.74 -89.89 -75.99
C THR H 161 -8.86 -91.22 -76.74
N SER H 162 -10.07 -91.59 -77.13
CA SER H 162 -10.25 -92.82 -77.90
C SER H 162 -9.54 -92.75 -79.24
N TYR H 163 -9.66 -91.61 -79.93
CA TYR H 163 -8.93 -91.44 -81.19
C TYR H 163 -7.43 -91.48 -80.98
N GLY H 164 -6.95 -90.86 -79.90
CA GLY H 164 -5.53 -90.87 -79.63
C GLY H 164 -4.98 -92.27 -79.38
N VAL H 165 -5.68 -93.05 -78.54
CA VAL H 165 -5.22 -94.41 -78.27
C VAL H 165 -5.34 -95.28 -79.51
N PHE H 166 -6.38 -95.06 -80.33
CA PHE H 166 -6.52 -95.80 -81.57
C PHE H 166 -5.36 -95.50 -82.52
N ALA H 167 -4.99 -94.23 -82.66
CA ALA H 167 -3.86 -93.87 -83.51
C ALA H 167 -2.55 -94.44 -82.97
N ALA H 168 -2.37 -94.40 -81.64
CA ALA H 168 -1.15 -94.95 -81.05
C ALA H 168 -1.04 -96.44 -81.31
N SER H 169 -2.15 -97.17 -81.15
CA SER H 169 -2.12 -98.60 -81.42
C SER H 169 -1.93 -98.91 -82.89
N LEU H 170 -2.48 -98.07 -83.78
CA LEU H 170 -2.34 -98.28 -85.22
C LEU H 170 -1.00 -97.79 -85.76
N GLY H 171 -0.21 -97.08 -84.95
CA GLY H 171 1.08 -96.59 -85.40
C GLY H 171 1.03 -95.29 -86.16
N ILE H 172 -0.11 -94.61 -86.17
CA ILE H 172 -0.24 -93.36 -86.91
C ILE H 172 0.63 -92.28 -86.27
N GLU H 173 1.12 -91.37 -87.10
CA GLU H 173 1.95 -90.28 -86.61
C GLU H 173 1.15 -89.32 -85.75
N LEU H 174 1.79 -88.78 -84.73
CA LEU H 174 1.11 -87.87 -83.80
C LEU H 174 0.61 -86.62 -84.51
N LYS H 175 1.49 -85.96 -85.27
CA LYS H 175 1.11 -84.73 -85.94
C LYS H 175 0.01 -84.98 -86.96
N LYS H 176 0.12 -86.07 -87.72
CA LYS H 176 -0.90 -86.40 -88.71
C LYS H 176 -2.24 -86.68 -88.05
N ALA H 177 -2.24 -87.44 -86.95
CA ALA H 177 -3.48 -87.76 -86.27
C ALA H 177 -4.14 -86.51 -85.71
N LEU H 178 -3.33 -85.62 -85.11
CA LEU H 178 -3.88 -84.37 -84.59
C LEU H 178 -4.45 -83.51 -85.71
N ALA H 179 -3.73 -83.42 -86.84
CA ALA H 179 -4.22 -82.62 -87.97
C ALA H 179 -5.53 -83.17 -88.50
N HIS H 180 -5.62 -84.49 -88.65
CA HIS H 180 -6.83 -85.11 -89.17
C HIS H 180 -8.01 -84.90 -88.22
N TYR H 181 -7.79 -85.11 -86.92
CA TYR H 181 -8.87 -84.93 -85.95
C TYR H 181 -9.34 -83.49 -85.91
N LEU H 182 -8.41 -82.54 -85.90
CA LEU H 182 -8.77 -81.13 -85.88
C LEU H 182 -9.50 -80.73 -87.16
N ASP H 183 -9.04 -81.23 -88.31
CA ASP H 183 -9.71 -80.92 -89.57
C ASP H 183 -11.14 -81.46 -89.60
N ALA H 184 -11.33 -82.69 -89.14
CA ALA H 184 -12.68 -83.27 -89.13
C ALA H 184 -13.60 -82.50 -88.18
N GLN H 185 -13.11 -82.19 -86.97
CA GLN H 185 -13.93 -81.46 -86.03
C GLN H 185 -14.27 -80.08 -86.55
N THR H 186 -13.32 -79.40 -87.18
CA THR H 186 -13.60 -78.08 -87.74
C THR H 186 -14.56 -78.15 -88.92
N SER H 187 -14.48 -79.22 -89.72
CA SER H 187 -15.46 -79.39 -90.80
C SER H 187 -16.86 -79.54 -90.24
N ASN H 188 -17.01 -80.36 -89.19
CA ASN H 188 -18.32 -80.48 -88.56
C ASN H 188 -18.77 -79.14 -87.97
N MET H 189 -17.85 -78.40 -87.36
CA MET H 189 -18.21 -77.12 -86.76
C MET H 189 -18.67 -76.12 -87.83
N VAL H 190 -17.97 -76.06 -88.97
CA VAL H 190 -18.33 -75.09 -90.00
C VAL H 190 -19.64 -75.48 -90.66
N ILE H 191 -19.89 -76.79 -90.87
CA ILE H 191 -21.17 -77.16 -91.47
C ILE H 191 -22.31 -76.89 -90.48
N ASN H 192 -22.08 -77.11 -89.19
CA ASN H 192 -23.10 -76.76 -88.20
C ASN H 192 -23.37 -75.27 -88.20
N CYS H 193 -22.32 -74.46 -88.26
CA CYS H 193 -22.49 -73.00 -88.27
C CYS H 193 -23.23 -72.54 -89.53
N VAL H 194 -22.89 -73.12 -90.68
CA VAL H 194 -23.56 -72.74 -91.92
C VAL H 194 -25.02 -73.19 -91.92
N LYS H 195 -25.33 -74.27 -91.21
CA LYS H 195 -26.72 -74.69 -91.10
C LYS H 195 -27.51 -73.83 -90.12
N SER H 196 -26.87 -73.38 -89.04
CA SER H 196 -27.60 -72.81 -87.92
C SER H 196 -27.62 -71.29 -87.90
N VAL H 197 -26.61 -70.62 -88.44
CA VAL H 197 -26.55 -69.16 -88.36
C VAL H 197 -27.74 -68.50 -89.06
N PRO H 198 -28.08 -68.82 -90.32
CA PRO H 198 -27.40 -69.66 -91.32
C PRO H 198 -26.46 -68.85 -92.20
N LEU H 199 -25.48 -69.51 -92.80
CA LEU H 199 -24.56 -68.90 -93.75
C LEU H 199 -24.73 -69.56 -95.12
N SER H 200 -23.86 -69.20 -96.05
CA SER H 200 -23.84 -69.82 -97.37
C SER H 200 -22.68 -70.80 -97.46
N GLN H 201 -22.82 -71.75 -98.39
CA GLN H 201 -21.75 -72.72 -98.63
C GLN H 201 -20.46 -72.02 -99.02
N ASN H 202 -20.56 -70.87 -99.70
CA ASN H 202 -19.37 -70.09 -100.01
C ASN H 202 -18.66 -69.62 -98.75
N ASP H 203 -19.43 -69.11 -97.78
CA ASP H 203 -18.83 -68.68 -96.52
C ASP H 203 -18.26 -69.86 -95.75
N GLY H 204 -18.94 -71.00 -95.78
CA GLY H 204 -18.41 -72.19 -95.13
C GLY H 204 -17.08 -72.61 -95.72
N GLN H 205 -16.99 -72.63 -97.05
CA GLN H 205 -15.72 -72.95 -97.69
C GLN H 205 -14.66 -71.92 -97.38
N LYS H 206 -15.03 -70.63 -97.31
CA LYS H 206 -14.07 -69.59 -97.01
C LYS H 206 -13.50 -69.74 -95.61
N ILE H 207 -14.37 -70.00 -94.62
CA ILE H 207 -13.87 -70.15 -93.25
C ILE H 207 -13.10 -71.45 -93.09
N LEU H 208 -13.46 -72.49 -93.85
CA LEU H 208 -12.65 -73.71 -93.84
C LEU H 208 -11.26 -73.46 -94.41
N LEU H 209 -11.17 -72.67 -95.48
CA LEU H 209 -9.90 -72.40 -96.13
C LEU H 209 -9.03 -71.42 -95.35
N SER H 210 -9.64 -70.49 -94.63
CA SER H 210 -8.90 -69.44 -93.93
C SER H 210 -8.38 -69.89 -92.57
N LEU H 211 -8.66 -71.12 -92.15
CA LEU H 211 -8.21 -71.60 -90.85
C LEU H 211 -6.99 -72.50 -90.94
N GLN H 212 -6.31 -72.54 -92.10
CA GLN H 212 -5.18 -73.43 -92.26
C GLN H 212 -4.01 -73.04 -91.37
N SER H 213 -3.69 -71.74 -91.32
CA SER H 213 -2.60 -71.29 -90.45
C SER H 213 -2.88 -71.52 -88.98
N PRO H 214 -4.07 -71.18 -88.44
CA PRO H 214 -4.34 -71.52 -87.04
C PRO H 214 -4.26 -73.00 -86.76
N PHE H 215 -4.58 -73.86 -87.73
CA PHE H 215 -4.42 -75.30 -87.53
C PHE H 215 -2.97 -75.66 -87.26
N ASN H 216 -2.06 -75.15 -88.09
CA ASN H 216 -0.64 -75.42 -87.89
C ASN H 216 -0.16 -74.84 -86.57
N GLN H 217 -0.60 -73.64 -86.23
CA GLN H 217 -0.19 -73.04 -84.97
C GLN H 217 -0.68 -73.84 -83.77
N LEU H 218 -1.92 -74.33 -83.82
CA LEU H 218 -2.43 -75.16 -82.73
C LEU H 218 -1.68 -76.47 -82.62
N ILE H 219 -1.35 -77.09 -83.75
CA ILE H 219 -0.58 -78.33 -83.71
C ILE H 219 0.80 -78.07 -83.12
N GLU H 220 1.43 -76.95 -83.49
CA GLU H 220 2.73 -76.62 -82.91
C GLU H 220 2.63 -76.37 -81.41
N LYS H 221 1.56 -75.72 -80.97
CA LYS H 221 1.36 -75.50 -79.54
C LYS H 221 1.18 -76.82 -78.80
N THR H 222 0.38 -77.73 -79.37
CA THR H 222 0.21 -79.05 -78.75
C THR H 222 1.51 -79.83 -78.74
N LEU H 223 2.38 -79.60 -79.73
CA LEU H 223 3.68 -80.26 -79.77
C LEU H 223 4.57 -79.87 -78.60
N GLU H 224 4.27 -78.78 -77.90
CA GLU H 224 5.06 -78.36 -76.75
C GLU H 224 4.25 -78.25 -75.47
N LEU H 225 2.94 -78.54 -75.50
CA LEU H 225 2.14 -78.51 -74.30
C LEU H 225 2.50 -79.68 -73.38
N ASP H 226 1.81 -79.76 -72.24
CA ASP H 226 2.08 -80.79 -71.26
C ASP H 226 0.80 -81.08 -70.48
N GLU H 227 0.88 -82.05 -69.57
CA GLU H 227 -0.29 -82.48 -68.81
C GLU H 227 -0.74 -81.44 -67.79
N SER H 228 0.13 -80.47 -67.45
CA SER H 228 -0.26 -79.46 -66.48
C SER H 228 -1.38 -78.57 -67.01
N HIS H 229 -1.48 -78.43 -68.33
CA HIS H 229 -2.50 -77.60 -68.96
C HIS H 229 -3.75 -78.37 -69.32
N LEU H 230 -3.83 -79.65 -68.96
CA LEU H 230 -4.97 -80.47 -69.34
C LEU H 230 -6.26 -79.92 -68.76
N CYS H 231 -7.29 -79.84 -69.61
CA CYS H 231 -8.62 -79.37 -69.23
C CYS H 231 -8.56 -77.99 -68.59
N THR H 232 -7.83 -77.08 -69.24
CA THR H 232 -7.80 -75.69 -68.80
C THR H 232 -9.20 -75.11 -68.88
N ALA H 233 -9.63 -74.47 -67.80
CA ALA H 233 -11.02 -74.05 -67.66
C ALA H 233 -11.31 -72.87 -68.57
N SER H 234 -12.06 -73.12 -69.65
CA SER H 234 -12.66 -72.04 -70.41
C SER H 234 -13.87 -71.51 -69.65
N VAL H 235 -14.15 -70.21 -69.84
CA VAL H 235 -15.16 -69.57 -69.02
C VAL H 235 -16.44 -69.33 -69.81
N GLN H 236 -16.37 -68.50 -70.85
CA GLN H 236 -17.57 -68.14 -71.60
C GLN H 236 -18.11 -69.33 -72.38
N ASN H 237 -17.21 -70.17 -72.91
CA ASN H 237 -17.65 -71.37 -73.62
C ASN H 237 -18.43 -72.29 -72.70
N ASP H 238 -17.92 -72.51 -71.48
CA ASP H 238 -18.61 -73.36 -70.53
C ASP H 238 -19.93 -72.75 -70.09
N ILE H 239 -19.95 -71.42 -69.90
CA ILE H 239 -21.18 -70.74 -69.50
C ILE H 239 -22.25 -70.91 -70.59
N LYS H 240 -21.85 -70.73 -71.85
CA LYS H 240 -22.80 -70.91 -72.95
C LYS H 240 -23.25 -72.37 -73.06
N ALA H 241 -22.34 -73.32 -72.85
CA ALA H 241 -22.72 -74.72 -72.89
C ALA H 241 -23.73 -75.05 -71.81
N MET H 242 -23.56 -74.48 -70.61
CA MET H 242 -24.50 -74.75 -69.53
C MET H 242 -25.82 -73.99 -69.74
N GLN H 243 -25.78 -72.83 -70.40
CA GLN H 243 -27.00 -72.13 -70.74
C GLN H 243 -27.76 -72.81 -71.87
N HIS H 244 -27.08 -73.66 -72.64
CA HIS H 244 -27.76 -74.44 -73.67
C HIS H 244 -28.90 -75.27 -73.09
N GLU H 245 -28.74 -75.76 -71.85
CA GLU H 245 -29.83 -76.48 -71.19
C GLU H 245 -31.03 -75.57 -70.96
N SER H 246 -30.79 -74.32 -70.58
CA SER H 246 -31.87 -73.38 -70.32
C SER H 246 -32.36 -72.70 -71.58
N LEU H 247 -31.77 -73.00 -72.74
CA LEU H 247 -32.26 -72.45 -73.99
C LEU H 247 -33.72 -72.86 -74.23
N TYR H 248 -34.46 -71.98 -74.91
CA TYR H 248 -35.87 -72.22 -75.17
C TYR H 248 -36.06 -73.47 -76.02
N SER H 249 -35.57 -73.45 -77.26
CA SER H 249 -35.65 -74.58 -78.16
C SER H 249 -34.25 -75.00 -78.57
N ARG H 250 -33.94 -76.28 -78.40
CA ARG H 250 -32.62 -76.82 -78.65
C ARG H 250 -32.65 -77.63 -79.94
N LEU H 251 -32.10 -77.04 -81.01
CA LEU H 251 -31.95 -77.75 -82.28
C LEU H 251 -30.72 -78.65 -82.30
N TYR H 252 -29.87 -78.58 -81.29
CA TYR H 252 -28.68 -79.40 -81.18
C TYR H 252 -28.69 -80.15 -79.86
N MET H 253 -28.08 -81.33 -79.85
CA MET H 253 -28.08 -82.17 -78.65
C MET H 253 -27.35 -81.50 -77.50
N SER H 254 -26.20 -80.88 -77.80
CA SER H 254 -25.41 -80.24 -76.75
C SER H 254 -25.01 -78.83 -77.15
N MET I 1 -5.98 -58.91 -15.31
CA MET I 1 -6.27 -59.40 -13.97
C MET I 1 -6.16 -58.29 -12.94
N LYS I 2 -7.12 -57.38 -12.96
CA LYS I 2 -7.05 -56.17 -12.15
C LYS I 2 -6.80 -56.50 -10.69
N LEU I 3 -5.63 -56.16 -10.19
CA LEU I 3 -5.21 -56.53 -8.85
C LEU I 3 -5.36 -55.35 -7.91
N THR I 4 -5.96 -55.56 -6.79
CA THR I 4 -6.11 -54.51 -5.81
C THR I 4 -4.92 -54.49 -4.87
N PRO I 5 -4.70 -53.37 -4.18
CA PRO I 5 -3.61 -53.33 -3.19
C PRO I 5 -3.73 -54.40 -2.13
N LYS I 6 -4.95 -54.73 -1.73
CA LYS I 6 -5.15 -55.83 -0.79
C LYS I 6 -4.63 -57.14 -1.37
N GLU I 7 -4.91 -57.40 -2.65
CA GLU I 7 -4.44 -58.62 -3.28
C GLU I 7 -2.92 -58.65 -3.35
N LEU I 8 -2.30 -57.51 -3.64
CA LEU I 8 -0.84 -57.46 -3.67
C LEU I 8 -0.24 -57.75 -2.31
N ASP I 9 -0.83 -57.18 -1.25
CA ASP I 9 -0.37 -57.46 0.10
C ASP I 9 -0.52 -58.93 0.45
N LYS I 10 -1.67 -59.52 0.10
CA LYS I 10 -1.88 -60.93 0.38
C LYS I 10 -0.91 -61.81 -0.38
N LEU I 11 -0.55 -61.41 -1.61
CA LEU I 11 0.44 -62.18 -2.36
C LEU I 11 1.79 -62.14 -1.68
N MET I 12 2.19 -60.96 -1.20
CA MET I 12 3.44 -60.87 -0.45
C MET I 12 3.40 -61.74 0.79
N LEU I 13 2.28 -61.72 1.52
CA LEU I 13 2.14 -62.54 2.71
C LEU I 13 2.21 -64.03 2.37
N HIS I 14 1.56 -64.43 1.29
CA HIS I 14 1.59 -65.83 0.90
C HIS I 14 3.00 -66.28 0.59
N TYR I 15 3.79 -65.43 -0.06
CA TYR I 15 5.14 -65.88 -0.40
C TYR I 15 6.08 -65.79 0.79
N ALA I 16 5.81 -64.91 1.76
CA ALA I 16 6.52 -64.99 3.03
C ALA I 16 6.22 -66.31 3.73
N GLY I 17 4.95 -66.74 3.70
CA GLY I 17 4.60 -68.03 4.26
C GLY I 17 5.27 -69.18 3.53
N GLU I 18 5.38 -69.07 2.20
CA GLU I 18 6.07 -70.10 1.44
C GLU I 18 7.54 -70.18 1.81
N LEU I 19 8.19 -69.03 2.00
CA LEU I 19 9.58 -69.04 2.44
C LEU I 19 9.71 -69.69 3.81
N ALA I 20 8.78 -69.36 4.72
CA ALA I 20 8.81 -69.99 6.04
C ALA I 20 8.64 -71.49 5.93
N LYS I 21 7.74 -71.95 5.07
CA LYS I 21 7.52 -73.38 4.90
C LYS I 21 8.75 -74.07 4.34
N LYS I 22 9.44 -73.44 3.39
CA LYS I 22 10.66 -74.02 2.85
C LYS I 22 11.73 -74.12 3.92
N ARG I 23 11.87 -73.09 4.74
CA ARG I 23 12.85 -73.15 5.83
C ARG I 23 12.50 -74.26 6.82
N LYS I 24 11.21 -74.41 7.13
CA LYS I 24 10.78 -75.46 8.04
C LYS I 24 11.09 -76.84 7.46
N GLU I 25 10.90 -77.01 6.15
CA GLU I 25 11.26 -78.27 5.52
C GLU I 25 12.76 -78.51 5.59
N LYS I 26 13.56 -77.46 5.38
CA LYS I 26 15.00 -77.57 5.55
C LYS I 26 15.39 -77.90 6.98
N GLY I 27 14.52 -77.63 7.94
CA GLY I 27 14.79 -77.94 9.32
C GLY I 27 15.22 -76.77 10.17
N ILE I 28 15.15 -75.55 9.64
CA ILE I 28 15.46 -74.37 10.42
C ILE I 28 14.31 -74.08 11.37
N LYS I 29 14.62 -73.86 12.64
CA LYS I 29 13.60 -73.47 13.59
C LYS I 29 13.08 -72.08 13.26
N LEU I 30 11.77 -71.95 13.13
CA LEU I 30 11.18 -70.71 12.66
C LEU I 30 11.22 -69.64 13.75
N ASN I 31 11.37 -68.40 13.33
CA ASN I 31 11.30 -67.27 14.23
C ASN I 31 9.88 -66.71 14.25
N TYR I 32 9.72 -65.56 14.88
CA TYR I 32 8.39 -64.97 15.05
C TYR I 32 7.73 -64.66 13.71
N VAL I 33 8.46 -63.97 12.84
CA VAL I 33 7.90 -63.56 11.56
C VAL I 33 7.55 -64.78 10.72
N GLU I 34 8.46 -65.75 10.68
CA GLU I 34 8.22 -66.95 9.87
C GLU I 34 7.02 -67.72 10.38
N ALA I 35 6.88 -67.85 11.70
CA ALA I 35 5.75 -68.58 12.25
C ALA I 35 4.43 -67.90 11.92
N VAL I 36 4.35 -66.59 12.12
CA VAL I 36 3.13 -65.87 11.82
C VAL I 36 2.79 -65.99 10.34
N ALA I 37 3.78 -65.80 9.48
CA ALA I 37 3.54 -65.90 8.05
C ALA I 37 3.09 -67.29 7.64
N LEU I 38 3.70 -68.32 8.23
CA LEU I 38 3.33 -69.69 7.89
C LEU I 38 1.88 -69.96 8.24
N ILE I 39 1.46 -69.58 9.45
CA ILE I 39 0.09 -69.83 9.85
C ILE I 39 -0.88 -69.07 8.96
N SER I 40 -0.58 -67.78 8.70
CA SER I 40 -1.49 -66.98 7.89
C SER I 40 -1.62 -67.52 6.48
N ALA I 41 -0.49 -67.88 5.85
CA ALA I 41 -0.53 -68.39 4.50
C ALA I 41 -1.27 -69.71 4.43
N HIS I 42 -1.09 -70.58 5.42
CA HIS I 42 -1.83 -71.84 5.42
C HIS I 42 -3.32 -71.61 5.52
N ILE I 43 -3.74 -70.69 6.39
CA ILE I 43 -5.17 -70.40 6.51
C ILE I 43 -5.72 -69.86 5.20
N MET I 44 -4.98 -68.95 4.56
CA MET I 44 -5.45 -68.40 3.30
C MET I 44 -5.60 -69.48 2.24
N GLU I 45 -4.63 -70.38 2.14
CA GLU I 45 -4.72 -71.45 1.15
C GLU I 45 -5.91 -72.37 1.42
N GLU I 46 -6.14 -72.71 2.69
CA GLU I 46 -7.27 -73.58 3.01
C GLU I 46 -8.59 -72.91 2.67
N ALA I 47 -8.72 -71.62 3.00
CA ALA I 47 -9.95 -70.91 2.67
C ALA I 47 -10.16 -70.85 1.16
N ARG I 48 -9.09 -70.63 0.39
CA ARG I 48 -9.23 -70.64 -1.06
C ARG I 48 -9.67 -72.02 -1.55
N ALA I 49 -9.14 -73.08 -0.94
CA ALA I 49 -9.60 -74.42 -1.29
C ALA I 49 -11.09 -74.56 -1.05
N GLY I 50 -11.58 -74.00 0.06
CA GLY I 50 -13.01 -73.90 0.26
C GLY I 50 -13.69 -75.16 0.75
N LYS I 51 -12.94 -76.14 1.24
CA LYS I 51 -13.53 -77.34 1.81
C LYS I 51 -13.76 -77.22 3.31
N LYS I 52 -13.31 -76.15 3.94
CA LYS I 52 -13.39 -75.98 5.38
C LYS I 52 -14.16 -74.70 5.72
N THR I 53 -14.71 -74.68 6.93
CA THR I 53 -15.36 -73.49 7.44
C THR I 53 -14.37 -72.67 8.25
N ALA I 54 -14.81 -71.47 8.64
CA ALA I 54 -13.96 -70.61 9.45
C ALA I 54 -13.65 -71.26 10.79
N ALA I 55 -14.63 -71.96 11.39
CA ALA I 55 -14.37 -72.65 12.64
C ALA I 55 -13.35 -73.78 12.45
N GLU I 56 -13.48 -74.53 11.37
CA GLU I 56 -12.50 -75.58 11.09
C GLU I 56 -11.11 -75.00 10.90
N LEU I 57 -11.02 -73.86 10.24
CA LEU I 57 -9.72 -73.23 10.04
C LEU I 57 -9.14 -72.72 11.35
N MET I 58 -10.00 -72.16 12.22
CA MET I 58 -9.54 -71.73 13.53
C MET I 58 -8.97 -72.90 14.32
N GLN I 59 -9.63 -74.05 14.24
CA GLN I 59 -9.11 -75.25 14.90
C GLN I 59 -7.79 -75.69 14.26
N GLU I 60 -7.72 -75.68 12.93
CA GLU I 60 -6.58 -76.27 12.24
C GLU I 60 -5.33 -75.41 12.35
N GLY I 61 -5.49 -74.10 12.48
CA GLY I 61 -4.33 -73.23 12.61
C GLY I 61 -3.48 -73.51 13.82
N ARG I 62 -4.05 -74.14 14.85
CA ARG I 62 -3.33 -74.44 16.08
C ARG I 62 -2.54 -75.73 16.01
N THR I 63 -2.59 -76.45 14.89
CA THR I 63 -1.88 -77.71 14.74
C THR I 63 -0.71 -77.62 13.77
N LEU I 64 -0.46 -76.44 13.18
CA LEU I 64 0.54 -76.35 12.12
C LEU I 64 1.95 -76.43 12.68
N LEU I 65 2.20 -75.78 13.81
CA LEU I 65 3.55 -75.65 14.36
C LEU I 65 3.63 -76.35 15.69
N LYS I 66 4.59 -77.27 15.81
CA LYS I 66 4.91 -77.88 17.08
C LYS I 66 5.83 -76.98 17.87
N PRO I 67 5.89 -77.16 19.20
CA PRO I 67 6.80 -76.32 20.00
C PRO I 67 8.26 -76.47 19.59
N ASP I 68 8.65 -77.61 19.02
CA ASP I 68 10.02 -77.83 18.61
C ASP I 68 10.32 -77.28 17.21
N ASP I 69 9.31 -76.77 16.51
CA ASP I 69 9.52 -76.22 15.18
C ASP I 69 9.89 -74.74 15.19
N VAL I 70 9.87 -74.09 16.35
CA VAL I 70 10.09 -72.66 16.44
C VAL I 70 11.21 -72.38 17.45
N MET I 71 11.80 -71.21 17.32
CA MET I 71 12.83 -70.79 18.25
C MET I 71 12.23 -70.50 19.63
N ASP I 72 13.09 -70.40 20.62
CA ASP I 72 12.64 -70.11 21.98
C ASP I 72 12.11 -68.69 22.06
N GLY I 73 10.91 -68.54 22.62
CA GLY I 73 10.26 -67.25 22.76
C GLY I 73 9.20 -66.96 21.72
N VAL I 74 9.21 -67.67 20.60
CA VAL I 74 8.24 -67.41 19.54
C VAL I 74 6.83 -67.70 20.02
N ALA I 75 6.66 -68.81 20.74
CA ALA I 75 5.33 -69.18 21.20
C ALA I 75 4.80 -68.17 22.21
N SER I 76 5.67 -67.66 23.08
CA SER I 76 5.27 -66.62 24.01
C SER I 76 4.91 -65.33 23.27
N MET I 77 5.65 -65.00 22.22
CA MET I 77 5.41 -63.75 21.51
C MET I 77 4.10 -63.80 20.72
N ILE I 78 3.77 -64.95 20.16
CA ILE I 78 2.58 -65.07 19.31
C ILE I 78 1.39 -65.38 20.20
N HIS I 79 0.49 -64.42 20.34
CA HIS I 79 -0.73 -64.63 21.12
C HIS I 79 -1.90 -65.05 20.25
N GLU I 80 -2.12 -64.35 19.15
CA GLU I 80 -3.13 -64.75 18.19
C GLU I 80 -2.75 -64.23 16.82
N VAL I 81 -3.11 -65.01 15.81
CA VAL I 81 -2.87 -64.66 14.41
C VAL I 81 -4.23 -64.47 13.75
N GLY I 82 -4.48 -63.26 13.30
CA GLY I 82 -5.68 -62.96 12.55
C GLY I 82 -5.35 -62.87 11.07
N ILE I 83 -6.29 -63.30 10.24
CA ILE I 83 -6.10 -63.23 8.80
C ILE I 83 -7.46 -63.17 8.13
N GLU I 84 -7.63 -62.22 7.22
CA GLU I 84 -8.87 -62.10 6.46
C GLU I 84 -8.74 -62.96 5.20
N ALA I 85 -9.51 -64.03 5.14
CA ALA I 85 -9.43 -65.00 4.06
C ALA I 85 -10.71 -64.99 3.25
N MET I 86 -10.58 -65.16 1.95
CA MET I 86 -11.73 -65.13 1.03
C MET I 86 -12.29 -66.54 0.90
N PHE I 87 -13.43 -66.77 1.53
CA PHE I 87 -14.12 -68.05 1.45
C PHE I 87 -15.08 -68.05 0.27
N PRO I 88 -15.71 -69.19 -0.03
CA PRO I 88 -16.75 -69.17 -1.06
C PRO I 88 -17.90 -68.25 -0.74
N ASP I 89 -18.09 -67.90 0.52
CA ASP I 89 -19.15 -66.99 0.95
C ASP I 89 -18.59 -65.65 1.42
N GLY I 90 -17.53 -65.18 0.78
CA GLY I 90 -17.00 -63.85 1.04
C GLY I 90 -15.78 -63.87 1.94
N THR I 91 -15.35 -62.67 2.30
CA THR I 91 -14.17 -62.49 3.14
C THR I 91 -14.55 -62.59 4.61
N LYS I 92 -13.86 -63.45 5.34
CA LYS I 92 -14.11 -63.65 6.75
C LYS I 92 -12.79 -63.58 7.51
N LEU I 93 -12.86 -63.11 8.74
CA LEU I 93 -11.68 -63.00 9.60
C LEU I 93 -11.52 -64.29 10.39
N VAL I 94 -10.44 -65.01 10.13
CA VAL I 94 -10.10 -66.21 10.87
C VAL I 94 -9.05 -65.82 11.91
N THR I 95 -9.35 -66.09 13.17
CA THR I 95 -8.44 -65.79 14.27
C THR I 95 -8.02 -67.10 14.93
N VAL I 96 -6.72 -67.33 15.03
CA VAL I 96 -6.16 -68.50 15.67
C VAL I 96 -5.49 -68.02 16.96
N HIS I 97 -5.99 -68.48 18.10
CA HIS I 97 -5.44 -68.07 19.39
CA HIS I 97 -5.44 -68.07 19.39
C HIS I 97 -4.44 -69.10 19.88
N THR I 98 -3.31 -68.61 20.41
CA THR I 98 -2.19 -69.41 20.90
C THR I 98 -1.88 -70.56 19.95
N PRO I 99 -1.46 -70.27 18.71
CA PRO I 99 -1.22 -71.35 17.75
C PRO I 99 -0.06 -72.27 18.13
N ILE I 100 0.85 -71.83 19.00
CA ILE I 100 2.01 -72.63 19.39
C ILE I 100 2.06 -72.70 20.90
N GLU I 101 2.30 -73.90 21.43
CA GLU I 101 2.43 -74.07 22.87
C GLU I 101 3.77 -73.52 23.35
N ALA I 102 3.73 -72.78 24.45
CA ALA I 102 4.93 -72.16 24.98
C ALA I 102 5.84 -73.20 25.61
N ASN I 103 7.13 -73.16 25.26
CA ASN I 103 8.10 -74.06 25.87
C ASN I 103 8.47 -73.61 27.27
N GLY I 104 8.42 -72.30 27.55
CA GLY I 104 8.73 -71.76 28.85
C GLY I 104 10.18 -71.41 29.08
N LYS I 105 11.08 -71.74 28.15
CA LYS I 105 12.49 -71.45 28.34
C LYS I 105 12.73 -69.94 28.39
N LEU I 106 12.46 -69.25 27.29
CA LEU I 106 12.69 -67.81 27.18
C LEU I 106 11.37 -67.12 26.90
N VAL I 107 11.06 -66.09 27.69
CA VAL I 107 9.85 -65.30 27.51
C VAL I 107 10.27 -63.85 27.28
N PRO I 108 10.30 -63.41 26.03
CA PRO I 108 10.63 -62.01 25.75
C PRO I 108 9.62 -61.07 26.39
N GLY I 109 10.14 -59.99 26.98
CA GLY I 109 9.28 -59.00 27.61
C GLY I 109 8.47 -59.51 28.77
N GLU I 110 8.95 -60.55 29.45
CA GLU I 110 8.18 -61.13 30.54
C GLU I 110 8.22 -60.23 31.77
N LEU I 111 7.16 -60.30 32.56
CA LEU I 111 7.03 -59.50 33.76
C LEU I 111 7.50 -60.29 34.97
N PHE I 112 8.21 -59.61 35.86
CA PHE I 112 8.63 -60.18 37.15
C PHE I 112 7.91 -59.38 38.23
N LEU I 113 6.71 -59.81 38.57
CA LEU I 113 5.84 -59.07 39.46
C LEU I 113 6.19 -59.35 40.92
N LYS I 114 5.94 -58.36 41.77
CA LYS I 114 5.97 -58.57 43.21
C LYS I 114 4.79 -59.42 43.63
N ASN I 115 4.95 -60.12 44.75
CA ASN I 115 3.85 -60.90 45.31
C ASN I 115 3.09 -60.09 46.37
N GLU I 116 2.67 -58.90 46.01
CA GLU I 116 1.95 -58.01 46.91
C GLU I 116 0.75 -57.42 46.19
N ASP I 117 -0.40 -57.45 46.85
CA ASP I 117 -1.62 -56.97 46.21
C ASP I 117 -1.68 -55.45 46.18
N ILE I 118 -2.37 -54.94 45.17
CA ILE I 118 -2.54 -53.51 45.00
C ILE I 118 -3.84 -53.10 45.69
N THR I 119 -3.76 -52.14 46.60
CA THR I 119 -4.94 -51.64 47.30
C THR I 119 -5.46 -50.42 46.56
N ILE I 120 -6.60 -50.57 45.91
CA ILE I 120 -7.19 -49.49 45.14
C ILE I 120 -8.15 -48.71 46.01
N ASN I 121 -8.38 -47.44 45.66
CA ASN I 121 -9.29 -46.56 46.37
C ASN I 121 -8.97 -46.52 47.87
N GLU I 122 -7.68 -46.48 48.18
CA GLU I 122 -7.24 -46.47 49.56
C GLU I 122 -7.71 -45.20 50.26
N GLY I 123 -8.16 -45.34 51.50
CA GLY I 123 -8.66 -44.23 52.26
C GLY I 123 -10.10 -43.87 51.99
N LYS I 124 -10.81 -44.65 51.17
CA LYS I 124 -12.21 -44.41 50.87
C LYS I 124 -13.04 -45.55 51.45
N LYS I 125 -14.00 -45.19 52.29
CA LYS I 125 -14.87 -46.18 52.92
C LYS I 125 -16.02 -46.53 52.00
N ALA I 126 -16.30 -47.81 51.87
CA ALA I 126 -17.30 -48.31 50.94
C ALA I 126 -18.57 -48.69 51.69
N VAL I 127 -19.72 -48.26 51.16
CA VAL I 127 -21.00 -48.66 51.67
C VAL I 127 -21.56 -49.74 50.75
N SER I 128 -22.44 -50.57 51.29
CA SER I 128 -23.03 -51.69 50.55
C SER I 128 -24.48 -51.36 50.22
N VAL I 129 -24.86 -51.63 48.97
CA VAL I 129 -26.20 -51.35 48.48
C VAL I 129 -26.70 -52.58 47.72
N LYS I 130 -27.95 -52.95 47.95
CA LYS I 130 -28.57 -54.04 47.23
C LYS I 130 -29.30 -53.50 46.00
N VAL I 131 -28.98 -54.06 44.84
CA VAL I 131 -29.52 -53.60 43.57
C VAL I 131 -30.24 -54.75 42.90
N LYS I 132 -31.47 -54.50 42.46
CA LYS I 132 -32.25 -55.48 41.71
C LYS I 132 -32.49 -54.94 40.30
N ASN I 133 -32.27 -55.79 39.31
CA ASN I 133 -32.53 -55.47 37.91
C ASN I 133 -33.95 -55.94 37.60
N VAL I 134 -34.90 -55.00 37.60
CA VAL I 134 -36.29 -55.33 37.28
C VAL I 134 -36.59 -55.22 35.80
N GLY I 135 -35.60 -54.86 34.98
CA GLY I 135 -35.77 -54.82 33.55
C GLY I 135 -35.62 -56.21 32.94
N ASP I 136 -35.70 -56.24 31.62
CA ASP I 136 -35.64 -57.48 30.87
C ASP I 136 -34.28 -57.75 30.24
N ARG I 137 -33.32 -56.85 30.42
CA ARG I 137 -32.00 -57.02 29.83
C ARG I 137 -30.92 -56.83 30.88
N PRO I 138 -29.77 -57.47 30.71
CA PRO I 138 -28.66 -57.24 31.63
C PRO I 138 -28.12 -55.83 31.49
N VAL I 139 -27.61 -55.32 32.60
CA VAL I 139 -27.10 -53.95 32.67
C VAL I 139 -25.68 -53.99 33.21
N GLN I 140 -24.75 -53.38 32.50
CA GLN I 140 -23.36 -53.29 32.93
C GLN I 140 -23.06 -51.88 33.37
N ILE I 141 -22.46 -51.74 34.54
CA ILE I 141 -22.11 -50.43 35.09
C ILE I 141 -20.61 -50.37 35.24
N GLY I 142 -20.00 -49.31 34.72
CA GLY I 142 -18.58 -49.12 34.82
C GLY I 142 -18.15 -48.64 36.19
N SER I 143 -16.83 -48.71 36.41
CA SER I 143 -16.27 -48.37 37.71
C SER I 143 -16.48 -46.90 38.06
N HIS I 144 -16.58 -46.02 37.06
CA HIS I 144 -16.62 -44.59 37.33
C HIS I 144 -17.95 -43.95 36.94
N PHE I 145 -18.96 -44.75 36.61
CA PHE I 145 -20.28 -44.20 36.41
C PHE I 145 -20.87 -43.74 37.74
N HIS I 146 -21.49 -42.57 37.74
CA HIS I 146 -22.19 -42.09 38.93
C HIS I 146 -23.37 -43.00 39.19
N PHE I 147 -23.29 -43.81 40.25
CA PHE I 147 -24.24 -44.89 40.41
C PHE I 147 -25.66 -44.38 40.64
N PHE I 148 -25.83 -43.15 41.11
CA PHE I 148 -27.16 -42.60 41.30
C PHE I 148 -27.94 -42.54 40.00
N GLU I 149 -27.25 -42.37 38.87
CA GLU I 149 -27.90 -42.10 37.59
C GLU I 149 -27.91 -43.30 36.66
N VAL I 150 -27.74 -44.51 37.19
CA VAL I 150 -27.72 -45.71 36.35
C VAL I 150 -29.12 -45.96 35.80
N ASN I 151 -29.22 -46.92 34.87
CA ASN I 151 -30.47 -47.32 34.24
C ASN I 151 -31.63 -47.32 35.24
N ARG I 152 -32.74 -46.70 34.83
CA ARG I 152 -33.89 -46.59 35.71
C ARG I 152 -34.56 -47.94 35.96
N CYS I 153 -34.20 -48.98 35.22
CA CYS I 153 -34.72 -50.31 35.49
C CYS I 153 -34.01 -50.98 36.66
N LEU I 154 -32.91 -50.42 37.15
CA LEU I 154 -32.27 -50.93 38.35
C LEU I 154 -32.98 -50.35 39.57
N ASP I 155 -33.28 -51.21 40.54
CA ASP I 155 -34.04 -50.81 41.72
C ASP I 155 -33.14 -50.88 42.94
N PHE I 156 -32.94 -49.75 43.59
CA PHE I 156 -32.14 -49.66 44.81
C PHE I 156 -32.41 -48.32 45.45
N ASP I 157 -31.89 -48.13 46.66
CA ASP I 157 -32.06 -46.88 47.38
C ASP I 157 -31.11 -45.85 46.79
N ARG I 158 -31.61 -45.03 45.87
CA ARG I 158 -30.75 -44.07 45.18
C ARG I 158 -30.23 -42.99 46.11
N GLU I 159 -30.98 -42.67 47.15
CA GLU I 159 -30.53 -41.68 48.12
C GLU I 159 -29.23 -42.11 48.77
N LYS I 160 -29.06 -43.40 49.02
CA LYS I 160 -27.83 -43.90 49.61
C LYS I 160 -26.65 -43.78 48.65
N THR I 161 -26.92 -43.80 47.35
CA THR I 161 -25.85 -43.88 46.36
C THR I 161 -25.58 -42.57 45.66
N PHE I 162 -26.28 -41.49 46.00
CA PHE I 162 -25.96 -40.20 45.41
C PHE I 162 -24.53 -39.81 45.72
N GLY I 163 -23.80 -39.39 44.70
CA GLY I 163 -22.41 -38.98 44.86
C GLY I 163 -21.41 -40.10 44.92
N LYS I 164 -21.78 -41.32 44.54
CA LYS I 164 -20.93 -42.48 44.72
C LYS I 164 -20.76 -43.23 43.40
N ARG I 165 -19.74 -44.07 43.38
CA ARG I 165 -19.43 -44.91 42.24
C ARG I 165 -19.03 -46.29 42.75
N LEU I 166 -18.97 -47.25 41.85
CA LEU I 166 -18.62 -48.61 42.22
C LEU I 166 -17.18 -48.69 42.71
N ASP I 167 -16.95 -49.52 43.72
CA ASP I 167 -15.62 -49.71 44.28
C ASP I 167 -14.98 -50.95 43.66
N ILE I 168 -14.63 -50.82 42.39
CA ILE I 168 -14.02 -51.88 41.62
C ILE I 168 -12.81 -51.32 40.90
N ALA I 169 -12.02 -52.21 40.32
CA ALA I 169 -10.88 -51.78 39.54
C ALA I 169 -11.34 -50.92 38.37
N SER I 170 -10.71 -49.77 38.20
CA SER I 170 -11.13 -48.84 37.15
C SER I 170 -10.99 -49.50 35.79
N GLY I 171 -12.02 -49.37 34.97
CA GLY I 171 -12.09 -50.02 33.69
C GLY I 171 -12.83 -51.34 33.69
N THR I 172 -13.11 -51.90 34.86
CA THR I 172 -13.94 -53.08 34.95
C THR I 172 -15.40 -52.67 35.13
N ALA I 173 -16.29 -53.64 34.99
CA ALA I 173 -17.72 -53.38 35.06
C ALA I 173 -18.39 -54.46 35.89
N VAL I 174 -19.54 -54.09 36.44
CA VAL I 174 -20.40 -55.00 37.19
C VAL I 174 -21.66 -55.25 36.37
N ARG I 175 -22.02 -56.51 36.20
CA ARG I 175 -23.18 -56.88 35.40
C ARG I 175 -24.32 -57.34 36.31
N PHE I 176 -25.49 -56.76 36.09
CA PHE I 176 -26.72 -57.14 36.77
C PHE I 176 -27.62 -57.83 35.75
N GLU I 177 -27.85 -59.11 35.94
CA GLU I 177 -28.74 -59.85 35.07
C GLU I 177 -30.19 -59.53 35.42
N PRO I 178 -31.10 -59.66 34.45
CA PRO I 178 -32.51 -59.34 34.73
C PRO I 178 -33.05 -60.22 35.85
N GLY I 179 -33.80 -59.60 36.75
CA GLY I 179 -34.36 -60.30 37.89
C GLY I 179 -33.37 -60.56 38.99
N GLU I 180 -32.09 -60.58 38.65
CA GLU I 180 -31.05 -60.87 39.63
C GLU I 180 -30.85 -59.71 40.58
N GLU I 181 -30.64 -60.02 41.85
CA GLU I 181 -30.35 -59.03 42.87
C GLU I 181 -28.92 -59.20 43.37
N LYS I 182 -28.14 -58.14 43.35
CA LYS I 182 -26.75 -58.16 43.78
C LYS I 182 -26.52 -57.08 44.82
N SER I 183 -25.48 -57.28 45.62
CA SER I 183 -25.00 -56.29 46.56
C SER I 183 -23.70 -55.72 46.03
N VAL I 184 -23.60 -54.40 45.96
CA VAL I 184 -22.43 -53.72 45.42
C VAL I 184 -21.86 -52.81 46.48
N GLU I 185 -20.57 -52.50 46.35
CA GLU I 185 -19.88 -51.58 47.24
C GLU I 185 -19.66 -50.26 46.52
N LEU I 186 -19.99 -49.17 47.19
CA LEU I 186 -19.90 -47.84 46.59
C LEU I 186 -19.01 -46.94 47.43
N ILE I 187 -18.23 -46.11 46.76
CA ILE I 187 -17.33 -45.17 47.39
C ILE I 187 -17.61 -43.79 46.83
N ASP I 188 -17.28 -42.77 47.62
CA ASP I 188 -17.54 -41.39 47.20
C ASP I 188 -16.75 -41.06 45.94
N ILE I 189 -17.38 -40.29 45.05
CA ILE I 189 -16.68 -39.77 43.89
C ILE I 189 -15.68 -38.72 44.37
N GLY I 190 -14.45 -38.78 43.85
CA GLY I 190 -13.38 -37.94 44.31
C GLY I 190 -13.30 -36.62 43.55
N GLY I 191 -12.20 -35.91 43.77
CA GLY I 191 -11.98 -34.66 43.08
C GLY I 191 -12.95 -33.57 43.51
N ASN I 192 -13.33 -32.75 42.54
CA ASN I 192 -14.27 -31.67 42.77
C ASN I 192 -15.69 -32.16 43.03
N ARG I 193 -15.98 -33.43 42.74
CA ARG I 193 -17.32 -34.00 42.91
C ARG I 193 -18.35 -33.21 42.11
N ARG I 194 -17.99 -32.80 40.91
CA ARG I 194 -18.91 -32.15 39.98
C ARG I 194 -19.39 -33.20 39.00
N ILE I 195 -20.68 -33.50 39.06
CA ILE I 195 -21.28 -34.52 38.20
C ILE I 195 -21.89 -33.82 36.99
N PHE I 196 -21.37 -34.13 35.80
CA PHE I 196 -21.91 -33.58 34.57
C PHE I 196 -22.11 -34.72 33.59
N GLY I 197 -23.16 -34.61 32.79
CA GLY I 197 -23.49 -35.68 31.86
C GLY I 197 -24.30 -36.76 32.52
N PHE I 198 -23.97 -38.02 32.22
CA PHE I 198 -24.69 -39.19 32.73
C PHE I 198 -26.14 -39.06 32.29
N ASN I 199 -27.11 -39.08 33.20
CA ASN I 199 -28.51 -38.94 32.84
C ASN I 199 -29.03 -37.52 33.06
N ALA I 200 -28.13 -36.57 33.28
CA ALA I 200 -28.49 -35.17 33.50
C ALA I 200 -29.41 -35.01 34.71
N LEU I 201 -29.24 -35.87 35.72
CA LEU I 201 -29.99 -35.74 36.95
C LEU I 201 -29.37 -34.76 37.93
N VAL I 202 -28.06 -34.54 37.84
CA VAL I 202 -27.36 -33.61 38.72
C VAL I 202 -26.86 -32.39 37.97
N ASP I 203 -25.93 -32.59 37.03
CA ASP I 203 -25.40 -31.52 36.18
C ASP I 203 -24.87 -30.35 37.00
N ARG I 204 -24.31 -30.62 38.17
CA ARG I 204 -23.80 -29.58 39.05
C ARG I 204 -22.96 -30.23 40.13
N GLN I 205 -22.49 -29.42 41.07
CA GLN I 205 -21.75 -29.91 42.21
C GLN I 205 -22.61 -30.86 43.04
N ALA I 206 -22.01 -31.97 43.48
CA ALA I 206 -22.72 -32.98 44.26
C ALA I 206 -22.60 -32.64 45.73
N ASP I 207 -23.67 -32.09 46.30
CA ASP I 207 -23.75 -31.83 47.74
C ASP I 207 -25.16 -32.17 48.21
N ASN I 208 -25.43 -31.93 49.49
CA ASN I 208 -26.72 -32.30 50.06
C ASN I 208 -27.86 -31.49 49.46
N GLU I 209 -27.61 -30.24 49.08
CA GLU I 209 -28.68 -29.45 48.47
C GLU I 209 -28.99 -29.93 47.06
N SER I 210 -27.96 -30.29 46.29
CA SER I 210 -28.20 -30.86 44.97
C SER I 210 -28.78 -32.26 45.06
N LYS I 211 -28.61 -32.93 46.21
CA LYS I 211 -29.20 -34.25 46.38
C LYS I 211 -30.71 -34.21 46.29
N LYS I 212 -31.34 -33.22 46.91
CA LYS I 212 -32.79 -33.12 46.85
C LYS I 212 -33.28 -32.89 45.43
N ILE I 213 -32.61 -31.99 44.70
CA ILE I 213 -32.97 -31.72 43.31
C ILE I 213 -32.80 -32.96 42.47
N ALA I 214 -31.69 -33.68 42.66
CA ALA I 214 -31.45 -34.90 41.89
C ALA I 214 -32.51 -35.95 42.20
N LEU I 215 -32.89 -36.09 43.47
CA LEU I 215 -33.90 -37.07 43.84
C LEU I 215 -35.25 -36.72 43.24
N HIS I 216 -35.63 -35.44 43.27
CA HIS I 216 -36.88 -35.03 42.66
C HIS I 216 -36.87 -35.28 41.16
N ARG I 217 -35.75 -34.96 40.50
CA ARG I 217 -35.64 -35.22 39.06
C ARG I 217 -35.75 -36.70 38.76
N ALA I 218 -35.08 -37.54 39.55
CA ALA I 218 -35.12 -38.97 39.32
C ALA I 218 -36.53 -39.52 39.53
N LYS I 219 -37.23 -39.05 40.56
CA LYS I 219 -38.59 -39.49 40.78
C LYS I 219 -39.50 -39.06 39.63
N GLU I 220 -39.32 -37.84 39.14
CA GLU I 220 -40.12 -37.38 38.01
C GLU I 220 -39.85 -38.19 36.76
N ARG I 221 -38.58 -38.53 36.50
CA ARG I 221 -38.22 -39.28 35.32
C ARG I 221 -38.41 -40.77 35.49
N GLY I 222 -38.85 -41.22 36.66
CA GLY I 222 -39.21 -42.62 36.82
C GLY I 222 -38.09 -43.54 37.18
N PHE I 223 -37.02 -43.03 37.79
CA PHE I 223 -35.92 -43.89 38.21
C PHE I 223 -36.33 -44.69 39.44
N HIS I 224 -36.18 -46.00 39.35
CA HIS I 224 -36.68 -46.89 40.39
C HIS I 224 -35.90 -46.71 41.69
N GLY I 225 -36.62 -46.68 42.79
CA GLY I 225 -36.02 -46.53 44.09
C GLY I 225 -35.70 -45.11 44.49
N ALA I 226 -35.93 -44.13 43.63
CA ALA I 226 -35.71 -42.74 43.96
C ALA I 226 -36.92 -42.21 44.69
N LYS I 227 -36.76 -41.85 45.96
CA LYS I 227 -37.85 -41.38 46.80
C LYS I 227 -37.67 -39.90 47.05
N SER I 228 -38.64 -39.11 46.62
CA SER I 228 -38.69 -37.68 46.89
C SER I 228 -40.00 -37.34 47.57
N ASP I 229 -39.96 -36.36 48.46
CA ASP I 229 -41.16 -35.97 49.18
C ASP I 229 -42.21 -35.44 48.22
N ASP I 230 -43.48 -35.73 48.52
CA ASP I 230 -44.57 -35.23 47.69
C ASP I 230 -44.62 -33.72 47.68
N ASN I 231 -44.40 -33.09 48.84
CA ASN I 231 -44.41 -31.63 48.94
C ASN I 231 -42.98 -31.14 48.78
N TYR I 232 -42.55 -31.08 47.53
CA TYR I 232 -41.19 -30.68 47.18
C TYR I 232 -41.18 -29.19 46.87
N VAL I 233 -40.23 -28.47 47.47
CA VAL I 233 -40.11 -27.03 47.30
C VAL I 233 -39.06 -26.77 46.24
N LYS I 234 -39.45 -26.12 45.15
CA LYS I 234 -38.54 -25.82 44.08
C LYS I 234 -37.59 -24.69 44.47
N THR I 235 -36.45 -24.65 43.81
CA THR I 235 -35.48 -23.58 43.95
C THR I 235 -35.56 -22.65 42.73
N ILE I 236 -34.80 -21.56 42.80
CA ILE I 236 -34.81 -20.60 41.69
C ILE I 236 -34.20 -21.22 40.44
N LYS I 237 -33.19 -22.07 40.60
CA LYS I 237 -32.54 -22.74 39.48
C LYS I 237 -32.54 -24.23 39.75
N GLU I 238 -33.29 -24.98 38.94
CA GLU I 238 -33.34 -26.42 39.05
C GLU I 238 -34.03 -27.05 37.84
N MET J 1 -32.47 -44.68 -44.94
CA MET J 1 -32.50 -45.46 -43.71
C MET J 1 -32.03 -46.90 -43.97
N LYS J 2 -31.67 -47.58 -42.89
CA LYS J 2 -31.18 -48.94 -42.97
C LYS J 2 -31.40 -49.59 -41.61
N LYS J 3 -31.54 -50.90 -41.60
CA LYS J 3 -31.70 -51.65 -40.37
C LYS J 3 -30.53 -52.61 -40.20
N ILE J 4 -29.92 -52.57 -39.03
CA ILE J 4 -28.84 -53.48 -38.68
C ILE J 4 -29.30 -54.36 -37.54
N SER J 5 -28.71 -55.55 -37.46
CA SER J 5 -29.11 -56.50 -36.43
C SER J 5 -28.81 -55.95 -35.05
N ARG J 6 -29.68 -56.26 -34.09
CA ARG J 6 -29.49 -55.73 -32.76
C ARG J 6 -28.20 -56.23 -32.13
N LYS J 7 -27.79 -57.46 -32.45
CA LYS J 7 -26.54 -57.98 -31.90
C LYS J 7 -25.36 -57.14 -32.39
N GLU J 8 -25.32 -56.84 -33.68
CA GLU J 8 -24.25 -56.01 -34.21
C GLU J 8 -24.30 -54.60 -33.63
N TYR J 9 -25.51 -54.04 -33.52
CA TYR J 9 -25.64 -52.70 -32.97
C TYR J 9 -25.13 -52.66 -31.53
N VAL J 10 -25.48 -53.66 -30.73
CA VAL J 10 -25.07 -53.67 -29.32
C VAL J 10 -23.57 -53.89 -29.21
N SER J 11 -23.00 -54.73 -30.07
CA SER J 11 -21.55 -54.90 -30.06
C SER J 11 -20.86 -53.59 -30.40
N MET J 12 -21.43 -52.82 -31.33
CA MET J 12 -20.78 -51.57 -31.72
C MET J 12 -20.94 -50.48 -30.66
N TYR J 13 -22.14 -50.33 -30.10
CA TYR J 13 -22.46 -49.17 -29.28
C TYR J 13 -22.93 -49.48 -27.88
N GLY J 14 -23.06 -50.75 -27.51
CA GLY J 14 -23.59 -51.08 -26.21
C GLY J 14 -25.10 -51.20 -26.25
N PRO J 15 -25.69 -51.70 -25.17
CA PRO J 15 -27.12 -51.98 -25.17
C PRO J 15 -27.96 -50.71 -25.31
N THR J 16 -29.10 -50.84 -25.96
CA THR J 16 -30.03 -49.74 -26.16
C THR J 16 -31.36 -50.09 -25.49
N THR J 17 -32.37 -49.27 -25.74
CA THR J 17 -33.64 -49.39 -25.01
C THR J 17 -34.23 -50.78 -25.15
N GLY J 18 -34.64 -51.35 -24.02
CA GLY J 18 -35.21 -52.67 -23.98
C GLY J 18 -34.21 -53.79 -23.86
N ASP J 19 -32.92 -53.50 -23.95
CA ASP J 19 -31.90 -54.51 -23.81
C ASP J 19 -31.54 -54.70 -22.34
N LYS J 20 -31.27 -55.94 -21.97
CA LYS J 20 -30.98 -56.32 -20.60
C LYS J 20 -29.54 -56.77 -20.47
N VAL J 21 -28.91 -56.43 -19.36
CA VAL J 21 -27.55 -56.81 -19.06
C VAL J 21 -27.49 -57.36 -17.65
N ARG J 22 -26.79 -58.49 -17.47
CA ARG J 22 -26.58 -59.04 -16.16
C ARG J 22 -25.50 -58.25 -15.44
N LEU J 23 -25.73 -57.95 -14.16
CA LEU J 23 -24.77 -57.18 -13.37
C LEU J 23 -23.80 -58.15 -12.72
N GLY J 24 -22.55 -58.12 -13.16
CA GLY J 24 -21.56 -59.04 -12.64
C GLY J 24 -21.95 -60.48 -12.91
N ASP J 25 -21.57 -61.36 -11.98
CA ASP J 25 -21.99 -62.74 -12.02
C ASP J 25 -23.24 -62.99 -11.20
N THR J 26 -23.90 -61.93 -10.75
CA THR J 26 -25.10 -62.05 -9.93
C THR J 26 -26.29 -62.45 -10.79
N ASP J 27 -27.46 -62.48 -10.18
CA ASP J 27 -28.71 -62.78 -10.88
C ASP J 27 -29.51 -61.53 -11.20
N LEU J 28 -28.92 -60.35 -11.01
CA LEU J 28 -29.62 -59.09 -11.23
C LEU J 28 -29.51 -58.68 -12.69
N ILE J 29 -30.65 -58.34 -13.29
CA ILE J 29 -30.72 -57.97 -14.69
C ILE J 29 -31.19 -56.53 -14.77
N ALA J 30 -30.38 -55.67 -15.37
CA ALA J 30 -30.71 -54.28 -15.56
C ALA J 30 -31.18 -54.06 -17.00
N GLU J 31 -32.32 -53.41 -17.16
CA GLU J 31 -32.88 -53.14 -18.48
C GLU J 31 -32.72 -51.67 -18.80
N VAL J 32 -32.26 -51.38 -20.01
CA VAL J 32 -32.09 -49.98 -20.43
C VAL J 32 -33.47 -49.37 -20.61
N GLU J 33 -33.80 -48.40 -19.77
CA GLU J 33 -35.15 -47.85 -19.77
C GLU J 33 -35.39 -46.94 -20.97
N HIS J 34 -34.40 -46.11 -21.30
N HIS J 34 -34.37 -46.16 -21.34
CA HIS J 34 -34.53 -45.26 -22.48
CA HIS J 34 -34.49 -45.09 -22.31
C HIS J 34 -33.15 -44.87 -22.96
C HIS J 34 -33.11 -44.83 -22.92
N ASP J 35 -33.10 -44.32 -24.16
CA ASP J 35 -31.86 -44.01 -24.84
C ASP J 35 -31.92 -42.61 -25.40
N TYR J 36 -30.89 -41.81 -25.13
CA TYR J 36 -30.83 -40.46 -25.64
C TYR J 36 -30.25 -40.37 -27.04
N THR J 37 -29.63 -41.45 -27.53
CA THR J 37 -28.96 -41.39 -28.82
C THR J 37 -29.98 -41.37 -29.95
N ILE J 38 -29.54 -40.85 -31.09
CA ILE J 38 -30.27 -40.92 -32.34
C ILE J 38 -29.60 -41.97 -33.21
N TYR J 39 -30.34 -43.00 -33.59
CA TYR J 39 -29.74 -44.15 -34.26
C TYR J 39 -29.12 -43.73 -35.58
N GLY J 40 -27.89 -44.18 -35.80
CA GLY J 40 -27.14 -43.78 -36.96
C GLY J 40 -26.26 -42.56 -36.77
N GLU J 41 -26.35 -41.89 -35.62
CA GLU J 41 -25.52 -40.73 -35.31
C GLU J 41 -24.66 -40.95 -34.09
N GLU J 42 -24.44 -42.19 -33.68
CA GLU J 42 -23.74 -42.48 -32.45
C GLU J 42 -22.29 -41.99 -32.52
N LEU J 43 -21.80 -41.52 -31.38
CA LEU J 43 -20.43 -41.03 -31.27
C LEU J 43 -19.49 -42.20 -31.05
N LYS J 44 -18.50 -42.34 -31.92
CA LYS J 44 -17.50 -43.37 -31.80
C LYS J 44 -16.12 -42.76 -32.01
N PHE J 45 -15.15 -43.23 -31.25
CA PHE J 45 -13.77 -42.79 -31.41
C PHE J 45 -12.92 -43.95 -31.92
N GLY J 46 -12.06 -43.65 -32.89
CA GLY J 46 -11.22 -44.68 -33.47
C GLY J 46 -10.60 -44.18 -34.76
N GLY J 47 -10.12 -45.13 -35.55
CA GLY J 47 -9.44 -44.81 -36.80
C GLY J 47 -10.26 -43.98 -37.76
N GLY J 48 -11.35 -44.55 -38.27
CA GLY J 48 -12.21 -43.83 -39.17
C GLY J 48 -13.60 -43.66 -38.60
N LYS J 49 -13.69 -43.41 -37.30
CA LYS J 49 -14.96 -43.32 -36.61
C LYS J 49 -15.49 -41.89 -36.70
N THR J 50 -16.52 -41.59 -35.92
CA THR J 50 -17.23 -40.33 -36.12
C THR J 50 -16.61 -39.18 -35.33
N LEU J 51 -15.99 -39.46 -34.19
CA LEU J 51 -15.42 -38.38 -33.39
C LEU J 51 -14.17 -37.82 -34.04
N ARG J 52 -14.34 -37.14 -35.17
CA ARG J 52 -13.23 -36.61 -35.93
C ARG J 52 -13.51 -35.15 -36.27
N GLU J 53 -12.45 -34.43 -36.63
CA GLU J 53 -12.56 -33.02 -36.95
C GLU J 53 -13.55 -32.78 -38.08
N GLY J 54 -14.65 -32.11 -37.77
CA GLY J 54 -15.64 -31.73 -38.76
C GLY J 54 -16.84 -32.64 -38.83
N MET J 55 -16.75 -33.88 -38.33
CA MET J 55 -17.86 -34.81 -38.36
C MET J 55 -18.66 -34.79 -37.07
N SER J 56 -18.03 -35.17 -35.96
CA SER J 56 -18.66 -35.10 -34.65
C SER J 56 -17.96 -34.14 -33.71
N GLN J 57 -16.69 -33.83 -33.94
CA GLN J 57 -16.01 -32.77 -33.24
C GLN J 57 -16.25 -31.48 -34.02
N SER J 58 -16.93 -30.53 -33.40
CA SER J 58 -17.32 -29.31 -34.10
C SER J 58 -16.11 -28.45 -34.42
N ASN J 59 -16.12 -27.87 -35.62
CA ASN J 59 -15.15 -26.84 -35.98
C ASN J 59 -15.59 -25.45 -35.55
N ASN J 60 -16.85 -25.27 -35.21
CA ASN J 60 -17.36 -24.04 -34.60
C ASN J 60 -18.13 -24.44 -33.35
N PRO J 61 -17.43 -24.85 -32.29
CA PRO J 61 -18.12 -25.37 -31.11
C PRO J 61 -18.78 -24.25 -30.33
N SER J 62 -19.75 -24.65 -29.52
CA SER J 62 -20.38 -23.70 -28.63
C SER J 62 -19.40 -23.27 -27.54
N LYS J 63 -19.71 -22.14 -26.90
CA LYS J 63 -18.85 -21.67 -25.81
C LYS J 63 -18.88 -22.59 -24.61
N GLU J 64 -19.90 -23.46 -24.51
CA GLU J 64 -19.96 -24.49 -23.49
C GLU J 64 -19.32 -25.79 -23.94
N GLU J 65 -18.32 -25.70 -24.80
CA GLU J 65 -17.65 -26.89 -25.33
C GLU J 65 -17.09 -27.74 -24.19
N LEU J 66 -17.33 -29.04 -24.27
CA LEU J 66 -16.97 -29.95 -23.19
C LEU J 66 -15.48 -30.11 -23.06
N ASP J 67 -15.03 -30.40 -21.84
CA ASP J 67 -13.65 -30.81 -21.60
C ASP J 67 -13.47 -32.30 -21.82
N LEU J 68 -14.47 -33.10 -21.45
CA LEU J 68 -14.42 -34.54 -21.62
C LEU J 68 -15.82 -35.03 -21.93
N ILE J 69 -15.92 -36.01 -22.83
CA ILE J 69 -17.19 -36.63 -23.14
C ILE J 69 -17.04 -38.14 -23.03
N ILE J 70 -17.96 -38.78 -22.31
CA ILE J 70 -18.04 -40.23 -22.23
C ILE J 70 -19.15 -40.67 -23.16
N THR J 71 -18.79 -41.46 -24.16
CA THR J 71 -19.71 -41.80 -25.24
C THR J 71 -20.41 -43.13 -24.98
N ASN J 72 -21.72 -43.17 -25.25
CA ASN J 72 -22.49 -44.41 -25.26
C ASN J 72 -22.44 -45.12 -23.93
N ALA J 73 -22.44 -44.36 -22.83
CA ALA J 73 -22.36 -44.95 -21.51
C ALA J 73 -23.73 -45.40 -21.04
N LEU J 74 -23.78 -46.57 -20.42
CA LEU J 74 -25.00 -47.03 -19.75
C LEU J 74 -24.98 -46.46 -18.35
N ILE J 75 -25.69 -45.37 -18.15
CA ILE J 75 -25.76 -44.73 -16.84
C ILE J 75 -26.70 -45.55 -15.96
N VAL J 76 -26.17 -46.04 -14.84
CA VAL J 76 -26.97 -46.71 -13.82
C VAL J 76 -26.98 -45.78 -12.62
N ASP J 77 -28.16 -45.26 -12.31
CA ASP J 77 -28.29 -44.24 -11.29
C ASP J 77 -29.66 -44.40 -10.63
N TYR J 78 -29.80 -43.79 -9.46
CA TYR J 78 -31.11 -43.80 -8.81
C TYR J 78 -32.14 -43.04 -9.63
N THR J 79 -31.71 -42.13 -10.49
CA THR J 79 -32.62 -41.42 -11.37
C THR J 79 -33.07 -42.27 -12.55
N GLY J 80 -32.43 -43.39 -12.81
CA GLY J 80 -32.84 -44.28 -13.88
C GLY J 80 -31.67 -45.00 -14.48
N ILE J 81 -31.96 -46.07 -15.20
CA ILE J 81 -30.97 -46.85 -15.91
C ILE J 81 -31.18 -46.58 -17.39
N TYR J 82 -30.34 -45.74 -17.97
CA TYR J 82 -30.55 -45.31 -19.34
C TYR J 82 -29.21 -45.24 -20.05
N LYS J 83 -29.26 -44.89 -21.33
CA LYS J 83 -28.08 -44.85 -22.18
C LYS J 83 -27.89 -43.42 -22.67
N ALA J 84 -26.70 -42.87 -22.51
CA ALA J 84 -26.49 -41.48 -22.88
C ALA J 84 -25.01 -41.20 -23.02
N ASP J 85 -24.70 -40.00 -23.50
CA ASP J 85 -23.36 -39.46 -23.45
C ASP J 85 -23.26 -38.48 -22.29
N ILE J 86 -22.20 -38.60 -21.51
CA ILE J 86 -21.98 -37.74 -20.36
C ILE J 86 -20.93 -36.71 -20.73
N GLY J 87 -21.28 -35.43 -20.60
CA GLY J 87 -20.35 -34.36 -20.84
C GLY J 87 -19.88 -33.78 -19.52
N ILE J 88 -18.57 -33.60 -19.42
CA ILE J 88 -17.94 -33.06 -18.23
C ILE J 88 -17.22 -31.78 -18.62
N LYS J 89 -17.48 -30.72 -17.88
CA LYS J 89 -16.85 -29.43 -18.13
C LYS J 89 -16.55 -28.75 -16.81
N ASP J 90 -15.30 -28.32 -16.63
CA ASP J 90 -14.87 -27.60 -15.43
C ASP J 90 -15.12 -28.42 -14.17
N GLY J 91 -14.92 -29.73 -14.26
CA GLY J 91 -15.03 -30.59 -13.11
C GLY J 91 -16.44 -30.97 -12.73
N LYS J 92 -17.44 -30.50 -13.44
CA LYS J 92 -18.83 -30.83 -13.19
C LYS J 92 -19.40 -31.62 -14.35
N ILE J 93 -20.53 -32.26 -14.11
CA ILE J 93 -21.26 -32.93 -15.18
C ILE J 93 -22.01 -31.85 -15.96
N ALA J 94 -21.52 -31.52 -17.14
CA ALA J 94 -22.07 -30.40 -17.89
C ALA J 94 -23.39 -30.76 -18.56
N GLY J 95 -23.51 -31.99 -19.03
CA GLY J 95 -24.74 -32.40 -19.68
C GLY J 95 -24.84 -33.90 -19.84
N ILE J 96 -26.07 -34.40 -19.91
CA ILE J 96 -26.33 -35.81 -20.14
C ILE J 96 -27.33 -35.91 -21.28
N GLY J 97 -26.96 -36.61 -22.34
CA GLY J 97 -27.83 -36.72 -23.49
C GLY J 97 -27.06 -37.04 -24.75
N LYS J 98 -27.51 -36.51 -25.88
CA LYS J 98 -26.85 -36.74 -27.15
C LYS J 98 -25.82 -35.64 -27.39
N GLY J 99 -24.55 -36.03 -27.42
CA GLY J 99 -23.48 -35.10 -27.71
C GLY J 99 -23.04 -35.19 -29.15
N GLY J 100 -22.19 -34.24 -29.53
CA GLY J 100 -21.65 -34.25 -30.87
C GLY J 100 -21.49 -32.89 -31.50
N ASN J 101 -21.62 -32.83 -32.81
CA ASN J 101 -21.41 -31.62 -33.59
C ASN J 101 -22.77 -31.13 -34.10
N LYS J 102 -23.14 -29.92 -33.70
CA LYS J 102 -24.39 -29.34 -34.15
C LYS J 102 -24.40 -29.06 -35.65
N ASP J 103 -23.22 -28.91 -36.25
CA ASP J 103 -23.14 -28.59 -37.68
C ASP J 103 -23.56 -29.77 -38.54
N MET J 104 -23.34 -31.00 -38.07
CA MET J 104 -23.57 -32.17 -38.90
C MET J 104 -24.50 -33.19 -38.29
N GLN J 105 -25.04 -32.94 -37.09
CA GLN J 105 -25.95 -33.85 -36.44
C GLN J 105 -27.11 -33.08 -35.84
N ASP J 106 -28.24 -33.76 -35.67
CA ASP J 106 -29.43 -33.15 -35.12
C ASP J 106 -29.58 -33.50 -33.64
N GLY J 107 -30.31 -32.65 -32.93
CA GLY J 107 -30.59 -32.89 -31.52
C GLY J 107 -29.38 -32.82 -30.62
N VAL J 108 -28.48 -31.88 -30.86
CA VAL J 108 -27.29 -31.68 -30.03
C VAL J 108 -27.46 -30.36 -29.30
N LYS J 109 -27.60 -30.42 -27.97
CA LYS J 109 -27.76 -29.21 -27.18
C LYS J 109 -26.42 -28.49 -27.06
N ASN J 110 -26.49 -27.23 -26.64
CA ASN J 110 -25.28 -26.42 -26.52
C ASN J 110 -24.35 -26.93 -25.43
N ASN J 111 -24.90 -27.53 -24.38
CA ASN J 111 -24.07 -28.00 -23.27
C ASN J 111 -23.45 -29.35 -23.53
N LEU J 112 -23.78 -30.01 -24.64
CA LEU J 112 -23.16 -31.27 -25.00
C LEU J 112 -22.37 -31.14 -26.30
N SER J 113 -21.79 -29.97 -26.53
CA SER J 113 -21.08 -29.70 -27.77
C SER J 113 -19.66 -30.25 -27.68
N VAL J 114 -19.30 -31.12 -28.61
CA VAL J 114 -17.95 -31.66 -28.70
C VAL J 114 -17.14 -30.76 -29.62
N GLY J 115 -15.96 -30.35 -29.15
CA GLY J 115 -15.12 -29.47 -29.91
C GLY J 115 -13.66 -29.86 -29.83
N PRO J 116 -12.79 -29.02 -30.39
CA PRO J 116 -11.36 -29.32 -30.37
C PRO J 116 -10.74 -29.38 -28.99
N ALA J 117 -11.41 -28.83 -27.97
CA ALA J 117 -10.90 -28.89 -26.61
C ALA J 117 -11.41 -30.09 -25.84
N THR J 118 -12.08 -31.03 -26.51
CA THR J 118 -12.74 -32.13 -25.84
C THR J 118 -11.92 -33.40 -25.95
N GLU J 119 -11.72 -34.07 -24.82
CA GLU J 119 -11.18 -35.41 -24.78
C GLU J 119 -12.33 -36.41 -24.83
N ALA J 120 -12.07 -37.56 -25.42
CA ALA J 120 -13.09 -38.58 -25.63
C ALA J 120 -12.78 -39.80 -24.77
N LEU J 121 -13.83 -40.39 -24.20
CA LEU J 121 -13.72 -41.60 -23.41
C LEU J 121 -14.80 -42.57 -23.86
N ALA J 122 -14.39 -43.71 -24.36
CA ALA J 122 -15.32 -44.69 -24.92
C ALA J 122 -16.01 -45.44 -23.78
N GLY J 123 -17.27 -45.13 -23.54
CA GLY J 123 -18.07 -45.84 -22.58
C GLY J 123 -18.97 -46.89 -23.17
N GLU J 124 -18.83 -47.22 -24.45
CA GLU J 124 -19.69 -48.21 -25.08
C GLU J 124 -19.47 -49.57 -24.44
N GLY J 125 -20.56 -50.21 -24.02
CA GLY J 125 -20.45 -51.44 -23.27
C GLY J 125 -20.01 -51.26 -21.84
N LEU J 126 -20.02 -50.04 -21.32
CA LEU J 126 -19.57 -49.75 -19.97
C LEU J 126 -20.69 -49.08 -19.18
N ILE J 127 -20.80 -49.47 -17.93
CA ILE J 127 -21.75 -48.89 -17.00
C ILE J 127 -21.08 -47.74 -16.27
N VAL J 128 -21.78 -46.61 -16.16
CA VAL J 128 -21.30 -45.47 -15.40
C VAL J 128 -22.18 -45.31 -14.19
N THR J 129 -21.57 -45.29 -13.01
CA THR J 129 -22.28 -44.97 -11.79
C THR J 129 -21.59 -43.82 -11.08
N ALA J 130 -22.27 -43.24 -10.11
CA ALA J 130 -21.63 -42.28 -9.24
C ALA J 130 -20.67 -43.00 -8.31
N GLY J 131 -19.66 -42.27 -7.85
CA GLY J 131 -18.74 -42.86 -6.90
C GLY J 131 -19.42 -43.16 -5.57
N GLY J 132 -18.92 -44.19 -4.90
CA GLY J 132 -19.46 -44.54 -3.62
C GLY J 132 -19.18 -43.49 -2.57
N ILE J 133 -20.05 -43.46 -1.56
CA ILE J 133 -19.93 -42.58 -0.41
C ILE J 133 -19.97 -43.46 0.82
N ASP J 134 -18.83 -43.60 1.49
CA ASP J 134 -18.72 -44.39 2.70
C ASP J 134 -18.69 -43.45 3.89
N THR J 135 -19.67 -43.56 4.78
CA THR J 135 -19.87 -42.58 5.83
C THR J 135 -19.51 -43.09 7.22
N HIS J 136 -18.93 -44.27 7.33
CA HIS J 136 -18.56 -44.83 8.64
C HIS J 136 -17.06 -45.05 8.75
N ILE J 137 -16.27 -44.25 8.05
CA ILE J 137 -14.85 -44.57 7.91
C ILE J 137 -14.13 -44.28 9.22
N HIS J 138 -13.53 -45.31 9.79
CA HIS J 138 -12.56 -45.13 10.87
C HIS J 138 -11.22 -44.82 10.23
N PHE J 139 -10.78 -43.58 10.31
CA PHE J 139 -9.52 -43.22 9.69
C PHE J 139 -8.37 -43.77 10.50
N ILE J 140 -8.17 -45.08 10.40
CA ILE J 140 -7.13 -45.75 11.18
C ILE J 140 -5.79 -45.68 10.45
N SER J 141 -5.80 -45.99 9.16
CA SER J 141 -4.59 -45.84 8.36
C SER J 141 -4.92 -45.16 7.05
N PRO J 142 -3.99 -44.40 6.49
CA PRO J 142 -4.23 -43.80 5.18
C PRO J 142 -4.27 -44.80 4.06
N GLN J 143 -3.81 -46.04 4.28
CA GLN J 143 -3.87 -47.05 3.24
C GLN J 143 -5.30 -47.53 2.99
N GLN J 144 -6.24 -47.19 3.87
CA GLN J 144 -7.64 -47.47 3.59
C GLN J 144 -8.13 -46.69 2.38
N ILE J 145 -7.61 -45.47 2.20
CA ILE J 145 -8.13 -44.61 1.14
C ILE J 145 -7.89 -45.17 -0.25
N PRO J 146 -6.68 -45.60 -0.63
CA PRO J 146 -6.54 -46.24 -1.94
C PRO J 146 -7.34 -47.52 -2.08
N THR J 147 -7.54 -48.27 -0.99
CA THR J 147 -8.34 -49.49 -1.07
C THR J 147 -9.79 -49.18 -1.42
N ALA J 148 -10.39 -48.24 -0.70
CA ALA J 148 -11.76 -47.84 -1.02
C ALA J 148 -11.84 -47.23 -2.41
N PHE J 149 -10.85 -46.42 -2.77
CA PHE J 149 -10.84 -45.81 -4.09
C PHE J 149 -10.83 -46.86 -5.19
N ALA J 150 -9.99 -47.88 -5.05
CA ALA J 150 -9.96 -48.95 -6.03
C ALA J 150 -11.23 -49.77 -6.02
N SER J 151 -11.91 -49.84 -4.87
CA SER J 151 -13.19 -50.53 -4.82
C SER J 151 -14.31 -49.73 -5.48
N GLY J 152 -14.15 -48.42 -5.61
CA GLY J 152 -15.16 -47.63 -6.29
C GLY J 152 -15.81 -46.59 -5.41
N VAL J 153 -15.17 -46.26 -4.30
CA VAL J 153 -15.66 -45.26 -3.37
C VAL J 153 -14.89 -43.97 -3.61
N THR J 154 -15.61 -42.88 -3.82
CA THR J 154 -14.97 -41.59 -4.08
C THR J 154 -15.13 -40.59 -2.95
N THR J 155 -16.03 -40.81 -2.00
CA THR J 155 -16.17 -39.94 -0.86
C THR J 155 -16.09 -40.76 0.42
N MET J 156 -15.28 -40.31 1.36
CA MET J 156 -15.15 -40.94 2.66
C MET J 156 -15.44 -39.90 3.72
N ILE J 157 -16.47 -40.14 4.52
CA ILE J 157 -16.82 -39.33 5.66
C ILE J 157 -16.59 -40.18 6.90
N GLY J 158 -15.82 -39.67 7.83
CA GLY J 158 -15.56 -40.43 9.02
C GLY J 158 -14.74 -39.63 10.00
N GLY J 159 -14.10 -40.34 10.91
CA GLY J 159 -13.28 -39.68 11.90
C GLY J 159 -12.10 -40.55 12.24
N GLY J 160 -11.17 -39.95 12.97
CA GLY J 160 -10.00 -40.68 13.39
C GLY J 160 -8.74 -39.86 13.30
N THR J 161 -7.69 -40.32 13.96
CA THR J 161 -6.42 -39.61 13.99
C THR J 161 -5.26 -40.57 13.79
N GLY J 162 -5.48 -41.66 13.09
CA GLY J 162 -4.49 -42.69 12.96
C GLY J 162 -4.81 -43.85 13.87
N PRO J 163 -3.87 -44.77 14.04
CA PRO J 163 -4.17 -45.99 14.82
C PRO J 163 -4.14 -45.77 16.32
N ALA J 164 -4.73 -44.68 16.78
CA ALA J 164 -4.98 -44.55 18.20
C ALA J 164 -6.11 -45.47 18.60
N ASP J 165 -6.21 -45.76 19.89
CA ASP J 165 -7.27 -46.65 20.36
C ASP J 165 -8.64 -45.98 20.25
N GLY J 166 -8.69 -44.67 20.50
CA GLY J 166 -9.92 -43.94 20.28
C GLY J 166 -10.40 -44.03 18.86
N THR J 167 -9.48 -44.00 17.90
CA THR J 167 -9.87 -44.13 16.50
C THR J 167 -10.21 -45.58 16.15
N ASN J 168 -9.45 -46.53 16.69
CA ASN J 168 -9.76 -47.94 16.47
C ASN J 168 -11.17 -48.27 16.91
N ALA J 169 -11.63 -47.63 17.99
CA ALA J 169 -12.98 -47.89 18.47
C ALA J 169 -14.02 -47.02 17.79
N THR J 170 -13.73 -45.74 17.58
CA THR J 170 -14.75 -44.76 17.24
C THR J 170 -14.40 -44.03 15.95
N THR J 171 -15.44 -43.49 15.33
CA THR J 171 -15.32 -42.72 14.10
C THR J 171 -15.23 -41.22 14.41
N ILE J 172 -14.24 -40.84 15.21
CA ILE J 172 -14.20 -39.53 15.83
C ILE J 172 -12.84 -38.88 15.61
N THR J 173 -12.85 -37.63 15.14
CA THR J 173 -11.68 -36.78 15.09
C THR J 173 -11.84 -35.71 16.16
N PRO J 174 -11.29 -35.91 17.34
CA PRO J 174 -11.64 -35.03 18.47
C PRO J 174 -10.83 -33.75 18.53
N GLY J 175 -11.48 -32.61 18.47
CA GLY J 175 -10.85 -31.36 18.82
C GLY J 175 -10.37 -30.57 17.62
N ARG J 176 -10.18 -29.27 17.85
CA ARG J 176 -9.75 -28.37 16.79
C ARG J 176 -8.37 -28.73 16.27
N ARG J 177 -7.44 -29.06 17.16
CA ARG J 177 -6.07 -29.36 16.72
C ARG J 177 -6.02 -30.65 15.92
N ASN J 178 -6.71 -31.69 16.39
CA ASN J 178 -6.72 -32.94 15.64
C ASN J 178 -7.45 -32.77 14.32
N LEU J 179 -8.49 -31.95 14.29
CA LEU J 179 -9.17 -31.65 13.03
C LEU J 179 -8.22 -30.95 12.07
N LYS J 180 -7.41 -30.02 12.57
CA LYS J 180 -6.42 -29.38 11.72
C LYS J 180 -5.41 -30.39 11.19
N TRP J 181 -4.94 -31.29 12.06
CA TRP J 181 -4.04 -32.35 11.62
C TRP J 181 -4.64 -33.14 10.46
N MET J 182 -5.87 -33.60 10.63
CA MET J 182 -6.49 -34.43 9.60
C MET J 182 -6.78 -33.65 8.33
N LEU J 183 -7.24 -32.41 8.47
CA LEU J 183 -7.54 -31.60 7.29
C LEU J 183 -6.28 -31.30 6.49
N ARG J 184 -5.17 -31.05 7.16
CA ARG J 184 -3.93 -30.81 6.42
C ARG J 184 -3.34 -32.10 5.87
N ALA J 185 -3.56 -33.24 6.53
CA ALA J 185 -3.12 -34.50 5.95
C ALA J 185 -3.96 -34.89 4.76
N ALA J 186 -5.22 -34.45 4.71
CA ALA J 186 -6.12 -34.83 3.62
C ALA J 186 -5.65 -34.33 2.27
N GLU J 187 -4.73 -33.35 2.23
CA GLU J 187 -4.25 -32.83 0.96
C GLU J 187 -3.56 -33.90 0.12
N GLU J 188 -3.12 -34.98 0.74
CA GLU J 188 -2.36 -36.00 0.04
C GLU J 188 -3.21 -36.89 -0.84
N TYR J 189 -4.46 -37.12 -0.47
CA TYR J 189 -5.21 -38.25 -1.00
C TYR J 189 -6.13 -37.85 -2.15
N SER J 190 -6.43 -38.83 -2.99
CA SER J 190 -7.37 -38.65 -4.10
C SER J 190 -8.70 -39.25 -3.66
N MET J 191 -9.43 -38.47 -2.88
CA MET J 191 -10.72 -38.89 -2.34
C MET J 191 -11.36 -37.68 -1.69
N ASN J 192 -12.66 -37.49 -1.90
CA ASN J 192 -13.38 -36.47 -1.15
C ASN J 192 -13.45 -36.90 0.30
N LEU J 193 -13.22 -35.98 1.21
CA LEU J 193 -13.07 -36.34 2.61
C LEU J 193 -13.89 -35.42 3.50
N GLY J 194 -14.53 -36.01 4.50
CA GLY J 194 -15.22 -35.25 5.51
C GLY J 194 -14.94 -35.83 6.89
N PHE J 195 -14.84 -34.98 7.91
CA PHE J 195 -14.44 -35.41 9.23
C PHE J 195 -15.51 -35.10 10.26
N LEU J 196 -15.72 -36.05 11.16
CA LEU J 196 -16.71 -35.94 12.23
C LEU J 196 -15.99 -35.67 13.54
N ALA J 197 -16.59 -34.81 14.36
CA ALA J 197 -16.02 -34.45 15.64
C ALA J 197 -16.58 -35.34 16.74
N LYS J 198 -16.05 -35.18 17.94
CA LYS J 198 -16.53 -35.91 19.10
C LYS J 198 -17.81 -35.25 19.61
N GLY J 199 -18.90 -36.00 19.60
CA GLY J 199 -20.15 -35.49 20.10
C GLY J 199 -20.38 -35.85 21.55
N ASN J 200 -19.55 -36.75 22.08
CA ASN J 200 -19.68 -37.20 23.47
C ASN J 200 -19.12 -36.11 24.38
N ALA J 201 -19.92 -35.07 24.58
CA ALA J 201 -19.55 -33.99 25.47
C ALA J 201 -20.81 -33.25 25.87
N SER J 202 -20.94 -32.94 27.16
CA SER J 202 -22.02 -32.11 27.65
C SER J 202 -21.65 -30.63 27.64
N ASN J 203 -20.71 -30.23 26.79
CA ASN J 203 -20.23 -28.85 26.72
C ASN J 203 -20.53 -28.28 25.34
N ASP J 204 -21.53 -27.41 25.29
CA ASP J 204 -21.91 -26.77 24.03
C ASP J 204 -20.75 -25.99 23.43
N ALA J 205 -19.95 -25.35 24.28
CA ALA J 205 -18.81 -24.59 23.78
C ALA J 205 -17.81 -25.48 23.07
N SER J 206 -17.51 -26.64 23.65
CA SER J 206 -16.56 -27.57 23.02
C SER J 206 -17.12 -28.12 21.72
N LEU J 207 -18.40 -28.50 21.71
CA LEU J 207 -18.99 -29.03 20.48
C LEU J 207 -18.98 -27.98 19.38
N ALA J 208 -19.37 -26.75 19.71
CA ALA J 208 -19.38 -25.68 18.72
C ALA J 208 -17.98 -25.37 18.26
N ASP J 209 -16.99 -25.45 19.15
CA ASP J 209 -15.62 -25.23 18.75
C ASP J 209 -15.16 -26.25 17.72
N GLN J 210 -15.55 -27.51 17.91
CA GLN J 210 -15.19 -28.52 16.92
C GLN J 210 -15.86 -28.25 15.58
N ILE J 211 -17.14 -27.87 15.60
CA ILE J 211 -17.82 -27.59 14.33
C ILE J 211 -17.17 -26.42 13.62
N GLU J 212 -16.85 -25.34 14.35
CA GLU J 212 -16.19 -24.21 13.74
C GLU J 212 -14.77 -24.56 13.29
N ALA J 213 -14.14 -25.53 13.95
CA ALA J 213 -12.84 -26.00 13.51
C ALA J 213 -12.91 -26.78 12.22
N GLY J 214 -14.08 -27.35 11.90
CA GLY J 214 -14.23 -27.82 10.53
C GLY J 214 -14.92 -29.16 10.36
N ALA J 215 -15.35 -29.78 11.44
CA ALA J 215 -16.06 -31.04 11.33
C ALA J 215 -17.40 -30.83 10.64
N ILE J 216 -17.78 -31.80 9.81
CA ILE J 216 -19.07 -31.75 9.12
C ILE J 216 -20.20 -32.35 9.93
N GLY J 217 -19.92 -32.82 11.14
CA GLY J 217 -20.95 -33.40 11.96
C GLY J 217 -20.34 -33.94 13.24
N PHE J 218 -21.20 -34.55 14.03
CA PHE J 218 -20.80 -35.15 15.30
C PHE J 218 -20.94 -36.66 15.23
N LYS J 219 -20.09 -37.35 15.97
CA LYS J 219 -20.24 -38.77 16.19
C LYS J 219 -20.32 -39.00 17.70
N ILE J 220 -21.40 -39.62 18.15
CA ILE J 220 -21.57 -39.98 19.54
C ILE J 220 -21.37 -41.49 19.61
N HIS J 221 -20.22 -41.91 20.14
CA HIS J 221 -19.87 -43.32 20.20
C HIS J 221 -19.92 -43.81 21.63
N GLU J 222 -20.37 -45.05 21.81
CA GLU J 222 -20.46 -45.62 23.15
C GLU J 222 -19.10 -45.64 23.86
N ASP J 223 -18.01 -45.81 23.11
CA ASP J 223 -16.71 -45.93 23.74
C ASP J 223 -16.24 -44.63 24.38
N TRP J 224 -16.74 -43.49 23.93
CA TRP J 224 -16.50 -42.22 24.60
C TRP J 224 -17.63 -41.87 25.56
N GLY J 225 -18.64 -42.71 25.66
CA GLY J 225 -19.76 -42.48 26.56
C GLY J 225 -20.97 -41.95 25.84
N THR J 226 -21.92 -42.83 25.53
CA THR J 226 -23.17 -42.44 24.88
C THR J 226 -24.21 -42.30 25.97
N THR J 227 -24.33 -41.10 26.48
CA THR J 227 -25.29 -40.81 27.51
C THR J 227 -26.39 -39.91 26.97
N PRO J 228 -27.59 -39.96 27.57
CA PRO J 228 -28.65 -39.08 27.10
C PRO J 228 -28.29 -37.61 27.15
N SER J 229 -27.51 -37.20 28.16
CA SER J 229 -27.09 -35.80 28.24
C SER J 229 -26.21 -35.43 27.06
N ALA J 230 -25.25 -36.29 26.71
CA ALA J 230 -24.40 -36.03 25.56
C ALA J 230 -25.21 -36.00 24.27
N ILE J 231 -26.14 -36.93 24.11
CA ILE J 231 -26.97 -36.96 22.92
C ILE J 231 -27.75 -35.66 22.79
N ASN J 232 -28.34 -35.21 23.89
CA ASN J 232 -29.14 -34.00 23.87
C ASN J 232 -28.31 -32.78 23.50
N HIS J 233 -27.14 -32.63 24.15
CA HIS J 233 -26.31 -31.46 23.88
C HIS J 233 -25.79 -31.47 22.45
N ALA J 234 -25.34 -32.63 21.97
CA ALA J 234 -24.84 -32.71 20.60
C ALA J 234 -25.93 -32.39 19.60
N LEU J 235 -27.15 -32.87 19.84
CA LEU J 235 -28.23 -32.58 18.91
C LEU J 235 -28.60 -31.10 18.93
N ASP J 236 -28.56 -30.47 20.11
CA ASP J 236 -28.81 -29.03 20.18
C ASP J 236 -27.78 -28.25 19.37
N VAL J 237 -26.50 -28.55 19.57
CA VAL J 237 -25.46 -27.81 18.85
C VAL J 237 -25.54 -28.09 17.36
N ALA J 238 -25.86 -29.33 16.99
CA ALA J 238 -25.96 -29.65 15.57
C ALA J 238 -27.15 -28.98 14.92
N ASP J 239 -28.26 -28.82 15.64
CA ASP J 239 -29.37 -28.05 15.08
C ASP J 239 -28.98 -26.59 14.94
N LYS J 240 -28.14 -26.07 15.85
CA LYS J 240 -27.66 -24.71 15.70
C LYS J 240 -26.78 -24.55 14.47
N TYR J 241 -25.89 -25.50 14.21
CA TYR J 241 -24.87 -25.34 13.18
C TYR J 241 -25.15 -26.09 11.89
N ASP J 242 -26.30 -26.74 11.76
CA ASP J 242 -26.70 -27.47 10.55
C ASP J 242 -25.65 -28.51 10.15
N VAL J 243 -25.41 -29.45 11.04
CA VAL J 243 -24.52 -30.57 10.76
C VAL J 243 -25.18 -31.86 11.22
N GLN J 244 -24.82 -32.96 10.57
CA GLN J 244 -25.39 -34.25 10.91
C GLN J 244 -24.83 -34.75 12.24
N VAL J 245 -25.61 -35.59 12.90
CA VAL J 245 -25.17 -36.33 14.08
C VAL J 245 -25.34 -37.81 13.80
N ALA J 246 -24.28 -38.58 13.99
CA ALA J 246 -24.32 -40.02 13.92
C ALA J 246 -24.13 -40.59 15.31
N ILE J 247 -24.73 -41.74 15.56
CA ILE J 247 -24.71 -42.34 16.89
C ILE J 247 -24.42 -43.83 16.79
N HIS J 248 -23.57 -44.29 17.69
CA HIS J 248 -23.33 -45.71 17.96
C HIS J 248 -23.69 -45.89 19.43
N THR J 249 -24.86 -46.49 19.67
CA THR J 249 -25.53 -46.40 20.96
C THR J 249 -24.82 -47.23 22.03
N ASP J 250 -25.27 -47.05 23.26
CA ASP J 250 -24.67 -47.70 24.42
C ASP J 250 -24.97 -49.19 24.39
N THR J 251 -23.90 -50.00 24.38
CA THR J 251 -24.06 -51.45 24.39
C THR J 251 -24.45 -51.97 25.76
N LEU J 252 -24.00 -51.32 26.83
CA LEU J 252 -24.13 -51.87 28.17
C LEU J 252 -25.45 -51.52 28.85
N ASN J 253 -26.27 -50.66 28.24
CA ASN J 253 -27.49 -50.16 28.89
C ASN J 253 -27.17 -49.49 30.22
N GLU J 254 -26.00 -48.86 30.30
CA GLU J 254 -25.57 -48.26 31.56
C GLU J 254 -26.53 -47.16 32.00
N ALA J 255 -26.84 -46.22 31.11
CA ALA J 255 -27.69 -45.10 31.45
C ALA J 255 -29.14 -45.32 31.07
N GLY J 256 -29.43 -46.26 30.19
CA GLY J 256 -30.81 -46.52 29.80
C GLY J 256 -30.86 -47.41 28.59
N CYS J 257 -32.07 -47.75 28.21
CA CYS J 257 -32.33 -48.64 27.09
C CYS J 257 -32.61 -47.84 25.82
N VAL J 258 -33.09 -48.55 24.79
CA VAL J 258 -33.38 -47.91 23.51
C VAL J 258 -34.42 -46.82 23.66
N GLU J 259 -35.39 -47.04 24.55
CA GLU J 259 -36.42 -46.02 24.76
C GLU J 259 -35.82 -44.75 25.34
N ASP J 260 -34.89 -44.88 26.29
CA ASP J 260 -34.23 -43.71 26.85
C ASP J 260 -33.36 -43.01 25.82
N THR J 261 -32.67 -43.78 24.97
CA THR J 261 -31.88 -43.17 23.91
C THR J 261 -32.77 -42.41 22.93
N MET J 262 -33.90 -43.00 22.55
CA MET J 262 -34.82 -42.32 21.65
C MET J 262 -35.45 -41.10 22.30
N ALA J 263 -35.70 -41.14 23.61
CA ALA J 263 -36.19 -39.96 24.31
C ALA J 263 -35.15 -38.84 24.29
N ALA J 264 -33.88 -39.19 24.46
CA ALA J 264 -32.83 -38.18 24.37
C ALA J 264 -32.75 -37.61 22.97
N ILE J 265 -32.90 -38.46 21.95
CA ILE J 265 -32.90 -37.97 20.57
C ILE J 265 -34.06 -37.02 20.35
N ALA J 266 -35.23 -37.35 20.90
CA ALA J 266 -36.39 -36.46 20.92
C ALA J 266 -36.85 -36.08 19.52
N GLY J 267 -36.89 -37.07 18.62
CA GLY J 267 -37.43 -36.85 17.30
C GLY J 267 -36.66 -35.88 16.44
N ARG J 268 -35.34 -35.88 16.57
CA ARG J 268 -34.47 -35.05 15.73
C ARG J 268 -33.68 -35.97 14.80
N THR J 269 -33.29 -35.43 13.65
CA THR J 269 -32.61 -36.24 12.65
C THR J 269 -31.32 -36.81 13.20
N MET J 270 -31.19 -38.12 13.14
CA MET J 270 -30.03 -38.81 13.67
C MET J 270 -29.68 -39.96 12.73
N HIS J 271 -28.40 -40.11 12.44
CA HIS J 271 -27.90 -41.17 11.57
C HIS J 271 -27.33 -42.26 12.46
N THR J 272 -27.92 -43.46 12.40
CA THR J 272 -27.56 -44.51 13.34
C THR J 272 -26.66 -45.53 12.68
N PHE J 273 -25.54 -45.83 13.34
CA PHE J 273 -24.65 -46.91 12.93
C PHE J 273 -25.10 -48.19 13.61
N HIS J 274 -24.96 -49.31 12.89
CA HIS J 274 -25.34 -50.62 13.42
C HIS J 274 -26.77 -50.61 13.93
N THR J 275 -27.69 -50.17 13.09
CA THR J 275 -29.09 -50.11 13.50
C THR J 275 -29.64 -51.49 13.83
N GLU J 276 -28.99 -52.55 13.34
CA GLU J 276 -29.31 -53.90 13.76
C GLU J 276 -28.81 -54.23 15.16
N GLY J 277 -27.99 -53.36 15.75
CA GLY J 277 -27.48 -53.58 17.08
C GLY J 277 -26.03 -54.05 17.12
N ALA J 278 -25.68 -54.92 16.18
CA ALA J 278 -24.33 -55.48 16.11
C ALA J 278 -23.93 -56.13 17.44
N GLY J 279 -24.89 -56.80 18.06
CA GLY J 279 -24.65 -57.51 19.30
C GLY J 279 -24.71 -56.66 20.56
N GLY J 280 -25.08 -55.39 20.44
CA GLY J 280 -25.16 -54.53 21.62
C GLY J 280 -26.34 -54.86 22.49
N GLY J 281 -26.33 -54.30 23.70
CA GLY J 281 -27.44 -54.50 24.60
C GLY J 281 -28.75 -53.90 24.14
N HIS J 282 -28.68 -52.90 23.26
CA HIS J 282 -29.89 -52.36 22.65
C HIS J 282 -30.51 -53.34 21.66
N ALA J 283 -29.74 -54.30 21.18
CA ALA J 283 -30.29 -55.32 20.29
C ALA J 283 -31.20 -56.27 21.06
N PRO J 284 -32.27 -56.77 20.42
CA PRO J 284 -32.65 -56.45 19.05
C PRO J 284 -33.61 -55.27 18.99
N ASP J 285 -33.90 -54.68 20.15
CA ASP J 285 -34.89 -53.62 20.20
C ASP J 285 -34.45 -52.37 19.45
N ILE J 286 -33.14 -52.18 19.25
CA ILE J 286 -32.69 -51.01 18.51
C ILE J 286 -33.12 -51.07 17.05
N ILE J 287 -33.43 -52.26 16.53
CA ILE J 287 -33.97 -52.35 15.18
C ILE J 287 -35.29 -51.60 15.08
N LYS J 288 -35.98 -51.40 16.20
CA LYS J 288 -37.25 -50.69 16.17
C LYS J 288 -37.06 -49.25 15.70
N VAL J 289 -35.90 -48.64 15.98
CA VAL J 289 -35.69 -47.26 15.57
C VAL J 289 -35.58 -47.13 14.07
N ALA J 290 -35.36 -48.23 13.36
CA ALA J 290 -35.31 -48.18 11.90
C ALA J 290 -36.67 -47.88 11.27
N GLY J 291 -37.74 -47.92 12.06
CA GLY J 291 -39.05 -47.52 11.57
C GLY J 291 -39.40 -46.09 11.83
N GLU J 292 -38.60 -45.37 12.61
CA GLU J 292 -38.87 -43.97 12.89
C GLU J 292 -38.50 -43.10 11.70
N HIS J 293 -39.18 -41.96 11.60
CA HIS J 293 -38.89 -41.04 10.50
C HIS J 293 -37.55 -40.35 10.69
N ASN J 294 -37.25 -39.92 11.90
CA ASN J 294 -36.07 -39.10 12.15
C ASN J 294 -34.77 -39.89 12.15
N ILE J 295 -34.83 -41.21 12.07
CA ILE J 295 -33.65 -42.05 12.12
C ILE J 295 -33.28 -42.45 10.70
N LEU J 296 -32.05 -42.17 10.31
CA LEU J 296 -31.50 -42.69 9.07
C LEU J 296 -30.65 -43.90 9.42
N PRO J 297 -31.10 -45.11 9.14
CA PRO J 297 -30.37 -46.29 9.60
C PRO J 297 -29.33 -46.77 8.60
N ALA J 298 -28.18 -47.15 9.12
CA ALA J 298 -27.12 -47.70 8.31
C ALA J 298 -26.72 -49.06 8.87
N SER J 299 -26.29 -49.93 7.97
CA SER J 299 -25.81 -51.25 8.35
C SER J 299 -24.41 -51.45 7.82
N THR J 300 -23.63 -52.22 8.55
CA THR J 300 -22.22 -52.38 8.25
C THR J 300 -21.97 -53.59 7.37
N ASN J 301 -20.78 -53.61 6.77
CA ASN J 301 -20.39 -54.70 5.87
C ASN J 301 -20.45 -56.08 6.50
N PRO J 302 -19.83 -56.35 7.65
CA PRO J 302 -19.57 -57.75 8.05
C PRO J 302 -20.81 -58.61 8.15
N THR J 303 -21.94 -58.04 8.55
CA THR J 303 -23.14 -58.82 8.78
C THR J 303 -24.00 -58.98 7.54
N ILE J 304 -23.61 -58.39 6.41
CA ILE J 304 -24.33 -58.58 5.16
C ILE J 304 -23.38 -59.07 4.09
N PRO J 305 -23.75 -60.10 3.31
CA PRO J 305 -24.98 -60.87 3.51
C PRO J 305 -24.79 -61.92 4.59
N PHE J 306 -25.88 -62.47 5.12
CA PHE J 306 -25.78 -63.50 6.15
C PHE J 306 -25.30 -64.79 5.52
N THR J 307 -24.16 -65.28 5.98
CA THR J 307 -23.52 -66.48 5.44
C THR J 307 -23.27 -67.48 6.56
N VAL J 308 -22.68 -68.62 6.17
CA VAL J 308 -22.39 -69.67 7.14
C VAL J 308 -21.34 -69.22 8.14
N ASN J 309 -20.37 -68.43 7.69
CA ASN J 309 -19.25 -68.01 8.52
C ASN J 309 -19.47 -66.64 9.16
N THR J 310 -20.66 -66.05 9.02
CA THR J 310 -20.87 -64.70 9.52
C THR J 310 -20.72 -64.62 11.03
N GLU J 311 -21.27 -65.59 11.76
CA GLU J 311 -21.31 -65.53 13.21
C GLU J 311 -19.99 -65.89 13.87
N ALA J 312 -19.07 -66.53 13.15
CA ALA J 312 -17.85 -67.03 13.77
C ALA J 312 -16.88 -65.90 14.13
N GLU J 313 -16.78 -64.88 13.28
CA GLU J 313 -15.79 -63.83 13.45
C GLU J 313 -16.26 -62.68 14.30
N HIS J 314 -17.54 -62.66 14.69
CA HIS J 314 -18.12 -61.46 15.30
C HIS J 314 -17.48 -61.16 16.65
N MET J 315 -17.25 -62.17 17.48
CA MET J 315 -16.72 -61.91 18.81
C MET J 315 -15.29 -61.38 18.75
N ASP J 316 -14.46 -61.96 17.87
CA ASP J 316 -13.11 -61.47 17.72
C ASP J 316 -13.10 -60.03 17.21
N MET J 317 -13.93 -59.74 16.21
CA MET J 317 -14.00 -58.38 15.70
C MET J 317 -14.44 -57.42 16.79
N LEU J 318 -15.46 -57.81 17.57
CA LEU J 318 -15.98 -56.95 18.62
C LEU J 318 -14.92 -56.67 19.68
N MET J 319 -14.22 -57.71 20.12
CA MET J 319 -13.22 -57.53 21.17
C MET J 319 -12.08 -56.63 20.69
N VAL J 320 -11.58 -56.88 19.48
CA VAL J 320 -10.46 -56.08 18.98
C VAL J 320 -10.90 -54.64 18.75
N CYS J 321 -12.10 -54.43 18.20
CA CYS J 321 -12.58 -53.08 17.95
C CYS J 321 -12.79 -52.31 19.24
N HIS J 322 -13.39 -52.94 20.25
CA HIS J 322 -13.66 -52.25 21.51
C HIS J 322 -12.48 -52.25 22.46
N HIS J 323 -11.35 -52.85 22.07
CA HIS J 323 -10.11 -52.78 22.83
C HIS J 323 -10.25 -53.47 24.19
N LEU J 324 -10.72 -54.71 24.14
CA LEU J 324 -10.79 -55.56 25.32
C LEU J 324 -9.75 -56.67 25.17
N ASP J 325 -8.84 -56.75 26.13
CA ASP J 325 -7.77 -57.73 26.05
C ASP J 325 -8.34 -59.14 26.18
N LYS J 326 -7.94 -60.02 25.26
CA LYS J 326 -8.43 -61.40 25.26
C LYS J 326 -7.72 -62.26 26.29
N SER J 327 -6.69 -61.73 26.96
CA SER J 327 -5.98 -62.44 28.00
C SER J 327 -6.40 -62.03 29.40
N ILE J 328 -7.45 -61.22 29.51
CA ILE J 328 -7.94 -60.71 30.79
C ILE J 328 -9.32 -61.29 31.06
N LYS J 329 -9.48 -61.90 32.22
CA LYS J 329 -10.77 -62.47 32.60
C LYS J 329 -11.85 -61.41 32.66
N GLU J 330 -11.52 -60.25 33.25
CA GLU J 330 -12.51 -59.18 33.37
C GLU J 330 -12.97 -58.69 32.01
N ASP J 331 -12.04 -58.48 31.08
CA ASP J 331 -12.41 -58.00 29.76
C ASP J 331 -13.21 -59.06 29.00
N VAL J 332 -12.82 -60.32 29.12
CA VAL J 332 -13.56 -61.39 28.43
C VAL J 332 -14.98 -61.47 28.97
N GLN J 333 -15.14 -61.40 30.29
CA GLN J 333 -16.48 -61.42 30.88
C GLN J 333 -17.27 -60.19 30.46
N PHE J 334 -16.62 -59.04 30.36
CA PHE J 334 -17.29 -57.83 29.90
C PHE J 334 -17.78 -57.96 28.47
N ALA J 335 -17.02 -58.64 27.62
CA ALA J 335 -17.36 -58.78 26.21
C ALA J 335 -18.53 -59.73 26.06
N ASP J 336 -19.72 -59.22 26.36
CA ASP J 336 -20.96 -59.97 26.25
C ASP J 336 -21.75 -59.46 25.06
N SER J 337 -22.16 -60.37 24.18
CA SER J 337 -22.84 -60.01 22.94
C SER J 337 -24.27 -60.55 22.96
N ARG J 338 -25.18 -59.78 22.40
CA ARG J 338 -26.56 -60.18 22.21
C ARG J 338 -26.88 -60.45 20.74
N ILE J 339 -25.85 -60.83 19.97
CA ILE J 339 -26.03 -61.08 18.55
C ILE J 339 -26.79 -62.39 18.36
N ARG J 340 -27.65 -62.43 17.35
CA ARG J 340 -28.39 -63.64 17.04
C ARG J 340 -28.42 -63.83 15.53
N PRO J 341 -28.40 -65.08 15.06
CA PRO J 341 -28.58 -65.32 13.63
C PRO J 341 -29.91 -64.82 13.13
N GLN J 342 -30.92 -64.77 13.99
CA GLN J 342 -32.21 -64.19 13.60
C GLN J 342 -32.06 -62.72 13.22
N THR J 343 -31.34 -61.95 14.04
CA THR J 343 -31.12 -60.54 13.73
C THR J 343 -30.24 -60.38 12.51
N ILE J 344 -29.18 -61.18 12.40
CA ILE J 344 -28.30 -61.06 11.24
C ILE J 344 -29.06 -61.36 9.96
N ALA J 345 -29.93 -62.38 9.98
CA ALA J 345 -30.74 -62.70 8.81
C ALA J 345 -31.77 -61.62 8.55
N ALA J 346 -32.36 -61.04 9.60
CA ALA J 346 -33.35 -60.00 9.41
C ALA J 346 -32.74 -58.76 8.79
N GLU J 347 -31.45 -58.53 9.01
CA GLU J 347 -30.80 -57.34 8.46
C GLU J 347 -30.88 -57.32 6.94
N ASP J 348 -30.60 -58.47 6.29
CA ASP J 348 -30.64 -58.53 4.83
C ASP J 348 -32.05 -58.28 4.31
N THR J 349 -33.05 -58.85 4.97
CA THR J 349 -34.43 -58.65 4.54
C THR J 349 -34.86 -57.20 4.72
N LEU J 350 -34.41 -56.56 5.80
CA LEU J 350 -34.72 -55.15 5.99
C LEU J 350 -34.07 -54.30 4.91
N HIS J 351 -32.85 -54.65 4.51
CA HIS J 351 -32.23 -53.98 3.38
C HIS J 351 -33.05 -54.15 2.11
N ASP J 352 -33.54 -55.37 1.87
CA ASP J 352 -34.34 -55.61 0.68
C ASP J 352 -35.64 -54.81 0.71
N MET J 353 -36.25 -54.70 1.88
CA MET J 353 -37.50 -53.97 2.02
C MET J 353 -37.29 -52.46 2.04
N GLY J 354 -36.06 -51.99 2.19
CA GLY J 354 -35.81 -50.57 2.25
C GLY J 354 -35.94 -49.98 3.64
N ILE J 355 -36.03 -50.82 4.67
CA ILE J 355 -36.04 -50.32 6.03
C ILE J 355 -34.69 -49.73 6.40
N PHE J 356 -33.62 -50.37 5.96
CA PHE J 356 -32.28 -49.84 6.15
C PHE J 356 -31.89 -49.03 4.92
N SER J 357 -31.45 -47.80 5.14
CA SER J 357 -31.26 -46.86 4.06
C SER J 357 -29.81 -46.75 3.60
N ILE J 358 -28.83 -46.98 4.47
CA ILE J 358 -27.44 -46.75 4.13
C ILE J 358 -26.65 -48.02 4.41
N THR J 359 -25.77 -48.38 3.48
CA THR J 359 -24.76 -49.40 3.71
C THR J 359 -23.43 -48.71 3.90
N SER J 360 -22.62 -49.23 4.81
CA SER J 360 -21.32 -48.64 5.08
C SER J 360 -20.35 -49.73 5.54
N SER J 361 -19.14 -49.31 5.86
CA SER J 361 -18.08 -50.24 6.24
C SER J 361 -17.82 -50.27 7.74
N ASP J 362 -17.57 -49.13 8.36
CA ASP J 362 -16.86 -49.06 9.63
C ASP J 362 -15.48 -49.68 9.49
N SER J 363 -14.67 -49.04 8.64
CA SER J 363 -13.45 -49.62 8.14
C SER J 363 -12.49 -49.99 9.25
N GLN J 364 -11.98 -51.22 9.20
CA GLN J 364 -11.01 -51.76 10.14
C GLN J 364 -11.48 -51.68 11.59
N ALA J 365 -12.76 -51.40 11.81
CA ALA J 365 -13.39 -51.58 13.12
C ALA J 365 -14.73 -52.26 12.84
N MET J 366 -14.71 -53.59 12.76
CA MET J 366 -15.88 -54.38 12.38
C MET J 366 -16.45 -53.91 11.05
N GLY J 367 -15.64 -54.04 10.01
CA GLY J 367 -16.05 -53.66 8.67
C GLY J 367 -14.90 -53.52 7.71
N ARG J 368 -15.17 -53.75 6.43
CA ARG J 368 -14.13 -53.79 5.40
C ARG J 368 -14.34 -52.65 4.44
N VAL J 369 -13.32 -51.79 4.31
CA VAL J 369 -13.49 -50.53 3.58
C VAL J 369 -13.66 -50.78 2.09
N GLY J 370 -13.00 -51.81 1.56
CA GLY J 370 -13.02 -52.05 0.14
C GLY J 370 -14.10 -53.02 -0.27
N GLU J 371 -15.12 -53.20 0.56
CA GLU J 371 -16.17 -54.17 0.29
C GLU J 371 -17.58 -53.63 0.48
N VAL J 372 -17.75 -52.30 0.59
CA VAL J 372 -19.10 -51.76 0.76
C VAL J 372 -19.95 -52.07 -0.46
N ILE J 373 -19.44 -51.75 -1.64
CA ILE J 373 -20.19 -51.97 -2.87
C ILE J 373 -20.38 -53.45 -3.13
N THR J 374 -19.31 -54.23 -2.97
CA THR J 374 -19.38 -55.66 -3.21
C THR J 374 -20.40 -56.32 -2.30
N ARG J 375 -20.40 -55.97 -1.02
CA ARG J 375 -21.33 -56.60 -0.10
C ARG J 375 -22.74 -56.10 -0.29
N THR J 376 -22.92 -54.85 -0.71
CA THR J 376 -24.25 -54.40 -1.07
C THR J 376 -24.82 -55.22 -2.22
N TRP J 377 -24.02 -55.47 -3.25
CA TRP J 377 -24.53 -56.22 -4.39
C TRP J 377 -24.65 -57.70 -4.07
N GLN J 378 -23.81 -58.23 -3.18
CA GLN J 378 -24.00 -59.59 -2.72
C GLN J 378 -25.32 -59.74 -1.98
N THR J 379 -25.65 -58.78 -1.12
CA THR J 379 -26.94 -58.80 -0.43
C THR J 379 -28.09 -58.70 -1.42
N ALA J 380 -27.97 -57.81 -2.42
CA ALA J 380 -29.02 -57.69 -3.41
C ALA J 380 -29.22 -59.00 -4.17
N ASP J 381 -28.13 -59.65 -4.58
CA ASP J 381 -28.22 -60.91 -5.29
C ASP J 381 -28.82 -62.01 -4.42
N LYS J 382 -28.41 -62.06 -3.15
CA LYS J 382 -28.95 -63.07 -2.25
C LYS J 382 -30.44 -62.87 -2.03
N ASN J 383 -30.88 -61.64 -1.86
CA ASN J 383 -32.30 -61.37 -1.68
C ASN J 383 -33.07 -61.68 -2.95
N LYS J 384 -32.49 -61.41 -4.12
CA LYS J 384 -33.15 -61.78 -5.37
C LYS J 384 -33.30 -63.29 -5.48
N LYS J 385 -32.26 -64.04 -5.10
CA LYS J 385 -32.35 -65.49 -5.15
C LYS J 385 -33.39 -66.02 -4.17
N GLU J 386 -33.47 -65.42 -2.99
CA GLU J 386 -34.38 -65.92 -1.97
C GLU J 386 -35.83 -65.55 -2.27
N PHE J 387 -36.13 -64.25 -2.32
CA PHE J 387 -37.51 -63.78 -2.43
C PHE J 387 -37.94 -63.48 -3.86
N GLY J 388 -37.07 -63.66 -4.84
CA GLY J 388 -37.47 -63.37 -6.20
C GLY J 388 -37.59 -61.88 -6.47
N ARG J 389 -38.21 -61.57 -7.60
CA ARG J 389 -38.38 -60.19 -8.01
C ARG J 389 -39.27 -59.43 -7.05
N LEU J 390 -38.90 -58.17 -6.79
CA LEU J 390 -39.74 -57.31 -5.96
C LEU J 390 -41.07 -57.05 -6.65
N LYS J 391 -42.09 -56.78 -5.84
CA LYS J 391 -43.40 -56.46 -6.40
C LYS J 391 -43.43 -55.08 -7.06
N GLU J 392 -42.43 -54.24 -6.80
CA GLU J 392 -42.36 -52.91 -7.39
C GLU J 392 -41.75 -52.91 -8.78
N GLU J 393 -41.30 -54.06 -9.29
CA GLU J 393 -40.68 -54.11 -10.60
C GLU J 393 -41.74 -53.94 -11.69
N LYS J 394 -41.60 -52.89 -12.49
CA LYS J 394 -42.49 -52.64 -13.61
C LYS J 394 -41.89 -53.17 -14.91
N GLY J 395 -41.71 -54.48 -14.94
CA GLY J 395 -41.16 -55.13 -16.12
C GLY J 395 -40.42 -56.38 -15.73
N ASP J 396 -39.88 -57.04 -16.75
CA ASP J 396 -39.12 -58.28 -16.57
C ASP J 396 -37.64 -57.97 -16.33
N ASN J 397 -37.40 -57.16 -15.31
CA ASN J 397 -36.06 -56.75 -14.97
C ASN J 397 -36.00 -56.47 -13.48
N ASP J 398 -34.79 -56.23 -12.98
CA ASP J 398 -34.57 -55.94 -11.58
C ASP J 398 -34.21 -54.48 -11.36
N ASN J 399 -34.77 -53.59 -12.17
CA ASN J 399 -34.36 -52.18 -12.14
C ASN J 399 -34.66 -51.54 -10.79
N PHE J 400 -35.82 -51.85 -10.21
CA PHE J 400 -36.17 -51.25 -8.92
C PHE J 400 -35.19 -51.70 -7.84
N ARG J 401 -34.88 -52.99 -7.80
CA ARG J 401 -33.91 -53.47 -6.81
C ARG J 401 -32.53 -52.86 -7.05
N ILE J 402 -32.13 -52.76 -8.32
CA ILE J 402 -30.84 -52.14 -8.64
C ILE J 402 -30.80 -50.72 -8.10
N LYS J 403 -31.85 -49.96 -8.35
CA LYS J 403 -31.87 -48.57 -7.91
C LYS J 403 -31.88 -48.46 -6.39
N ARG J 404 -32.62 -49.34 -5.72
CA ARG J 404 -32.65 -49.30 -4.26
C ARG J 404 -31.27 -49.58 -3.68
N TYR J 405 -30.64 -50.66 -4.12
CA TYR J 405 -29.35 -51.01 -3.56
C TYR J 405 -28.25 -50.05 -3.98
N LEU J 406 -28.39 -49.41 -5.14
CA LEU J 406 -27.41 -48.42 -5.54
C LEU J 406 -27.57 -47.14 -4.72
N SER J 407 -28.81 -46.76 -4.43
CA SER J 407 -29.04 -45.63 -3.55
C SER J 407 -28.46 -45.88 -2.17
N LYS J 408 -28.45 -47.14 -1.74
CA LYS J 408 -27.94 -47.44 -0.40
C LYS J 408 -26.53 -46.93 -0.18
N TYR J 409 -25.70 -46.85 -1.22
CA TYR J 409 -24.35 -46.35 -1.03
C TYR J 409 -23.97 -45.17 -1.92
N THR J 410 -24.88 -44.65 -2.74
CA THR J 410 -24.54 -43.48 -3.54
C THR J 410 -25.26 -42.21 -3.10
N ILE J 411 -26.59 -42.20 -3.11
CA ILE J 411 -27.31 -40.94 -2.93
C ILE J 411 -27.79 -40.80 -1.50
N ASN J 412 -28.11 -41.92 -0.85
CA ASN J 412 -28.63 -41.85 0.51
C ASN J 412 -27.61 -41.34 1.51
N PRO J 413 -26.36 -41.82 1.54
CA PRO J 413 -25.38 -41.19 2.43
C PRO J 413 -25.10 -39.74 2.09
N ALA J 414 -25.14 -39.38 0.80
CA ALA J 414 -24.96 -37.98 0.42
C ALA J 414 -26.06 -37.11 1.00
N ILE J 415 -27.31 -37.57 0.92
CA ILE J 415 -28.41 -36.83 1.52
C ILE J 415 -28.24 -36.78 3.03
N ALA J 416 -27.86 -37.90 3.64
CA ALA J 416 -27.74 -37.96 5.08
C ALA J 416 -26.71 -36.97 5.60
N HIS J 417 -25.62 -36.79 4.87
CA HIS J 417 -24.56 -35.90 5.31
C HIS J 417 -24.56 -34.56 4.60
N GLY J 418 -25.60 -34.26 3.83
CA GLY J 418 -25.74 -32.91 3.31
C GLY J 418 -24.81 -32.56 2.18
N ILE J 419 -24.29 -33.55 1.46
CA ILE J 419 -23.43 -33.32 0.33
C ILE J 419 -24.10 -33.73 -0.98
N SER J 420 -25.40 -33.99 -0.96
CA SER J 420 -26.10 -34.42 -2.16
C SER J 420 -26.17 -33.33 -3.22
N GLU J 421 -25.87 -32.08 -2.87
CA GLU J 421 -25.79 -31.04 -3.87
C GLU J 421 -24.57 -31.21 -4.76
N TYR J 422 -23.53 -31.87 -4.26
CA TYR J 422 -22.27 -32.00 -4.98
C TYR J 422 -22.07 -33.40 -5.56
N VAL J 423 -22.28 -34.44 -4.77
CA VAL J 423 -21.94 -35.80 -5.13
C VAL J 423 -23.17 -36.68 -4.95
N GLY J 424 -23.01 -37.96 -5.26
CA GLY J 424 -24.02 -38.96 -4.98
C GLY J 424 -24.74 -39.50 -6.18
N SER J 425 -24.76 -38.78 -7.29
CA SER J 425 -25.50 -39.26 -8.45
C SER J 425 -24.92 -38.65 -9.72
N VAL J 426 -25.30 -39.24 -10.85
CA VAL J 426 -24.90 -38.75 -12.16
C VAL J 426 -26.00 -37.79 -12.61
N GLU J 427 -25.85 -36.53 -12.22
CA GLU J 427 -26.81 -35.49 -12.57
C GLU J 427 -26.05 -34.27 -13.03
N VAL J 428 -26.70 -33.45 -13.86
CA VAL J 428 -26.07 -32.24 -14.37
C VAL J 428 -25.85 -31.26 -13.22
N GLY J 429 -24.64 -30.72 -13.14
CA GLY J 429 -24.29 -29.76 -12.12
C GLY J 429 -23.53 -30.37 -10.96
N LYS J 430 -23.61 -31.67 -10.76
CA LYS J 430 -22.85 -32.33 -9.71
C LYS J 430 -21.40 -32.48 -10.14
N VAL J 431 -20.53 -32.71 -9.15
CA VAL J 431 -19.12 -32.91 -9.48
C VAL J 431 -18.95 -34.25 -10.17
N ALA J 432 -17.98 -34.33 -11.07
CA ALA J 432 -17.79 -35.50 -11.92
C ALA J 432 -16.96 -36.54 -11.17
N ASP J 433 -17.62 -37.19 -10.21
CA ASP J 433 -17.05 -38.32 -9.48
C ASP J 433 -17.73 -39.57 -10.02
N LEU J 434 -17.18 -40.10 -11.10
CA LEU J 434 -17.82 -41.18 -11.84
C LEU J 434 -16.97 -42.44 -11.78
N VAL J 435 -17.64 -43.58 -11.82
CA VAL J 435 -16.97 -44.88 -11.85
C VAL J 435 -17.43 -45.61 -13.09
N LEU J 436 -16.46 -46.06 -13.88
CA LEU J 436 -16.69 -46.83 -15.10
C LEU J 436 -16.46 -48.30 -14.78
N TRP J 437 -17.50 -49.10 -14.95
CA TRP J 437 -17.47 -50.54 -14.74
C TRP J 437 -17.68 -51.26 -16.05
N SER J 438 -17.03 -52.37 -16.21
CA SER J 438 -17.53 -53.28 -17.21
C SER J 438 -18.59 -54.17 -16.58
N PRO J 439 -19.69 -54.44 -17.28
CA PRO J 439 -20.81 -55.15 -16.66
C PRO J 439 -20.43 -56.52 -16.12
N ALA J 440 -19.43 -57.17 -16.71
CA ALA J 440 -18.96 -58.44 -16.15
C ALA J 440 -18.36 -58.27 -14.78
N PHE J 441 -17.73 -57.13 -14.51
CA PHE J 441 -17.06 -56.87 -13.25
C PHE J 441 -17.82 -55.88 -12.38
N PHE J 442 -19.09 -55.65 -12.67
CA PHE J 442 -19.84 -54.64 -11.95
C PHE J 442 -19.94 -54.99 -10.47
N GLY J 443 -19.70 -53.99 -9.62
CA GLY J 443 -19.82 -54.15 -8.20
C GLY J 443 -18.61 -54.71 -7.50
N VAL J 444 -17.59 -55.16 -8.24
CA VAL J 444 -16.43 -55.75 -7.60
C VAL J 444 -15.15 -55.04 -8.01
N LYS J 445 -14.96 -54.79 -9.30
CA LYS J 445 -13.73 -54.18 -9.81
C LYS J 445 -14.04 -53.18 -10.91
N PRO J 446 -13.90 -51.88 -10.65
CA PRO J 446 -14.21 -50.88 -11.68
C PRO J 446 -13.16 -50.84 -12.78
N ASN J 447 -13.58 -50.33 -13.93
CA ASN J 447 -12.62 -50.09 -15.00
C ASN J 447 -11.80 -48.85 -14.71
N MET J 448 -12.46 -47.75 -14.35
CA MET J 448 -11.68 -46.55 -14.05
C MET J 448 -12.50 -45.59 -13.21
N ILE J 449 -11.82 -44.63 -12.60
CA ILE J 449 -12.44 -43.63 -11.75
C ILE J 449 -12.13 -42.27 -12.32
N ILE J 450 -13.17 -41.48 -12.57
CA ILE J 450 -13.03 -40.09 -12.97
C ILE J 450 -13.29 -39.24 -11.75
N LYS J 451 -12.29 -38.47 -11.35
CA LYS J 451 -12.36 -37.64 -10.14
C LYS J 451 -12.24 -36.19 -10.56
N GLY J 452 -13.32 -35.43 -10.35
CA GLY J 452 -13.30 -34.02 -10.69
C GLY J 452 -13.09 -33.75 -12.16
N GLY J 453 -13.60 -34.60 -13.02
CA GLY J 453 -13.47 -34.41 -14.45
C GLY J 453 -12.20 -34.96 -15.07
N PHE J 454 -11.33 -35.58 -14.27
CA PHE J 454 -10.09 -36.14 -14.77
C PHE J 454 -9.92 -37.54 -14.22
N ILE J 455 -9.30 -38.41 -15.01
CA ILE J 455 -9.13 -39.80 -14.59
C ILE J 455 -8.11 -39.85 -13.46
N ALA J 456 -8.50 -40.41 -12.33
CA ALA J 456 -7.64 -40.48 -11.16
C ALA J 456 -7.08 -41.86 -10.91
N LEU J 457 -7.82 -42.91 -11.21
CA LEU J 457 -7.36 -44.26 -11.01
C LEU J 457 -7.80 -45.09 -12.20
N SER J 458 -6.97 -46.05 -12.59
CA SER J 458 -7.36 -46.87 -13.73
C SER J 458 -6.66 -48.21 -13.67
N GLN J 459 -7.31 -49.22 -14.23
CA GLN J 459 -6.63 -50.48 -14.46
C GLN J 459 -5.63 -50.28 -15.59
N MET J 460 -4.36 -50.53 -15.31
CA MET J 460 -3.30 -50.29 -16.27
C MET J 460 -2.39 -51.51 -16.31
N GLY J 461 -1.85 -51.77 -17.50
CA GLY J 461 -0.92 -52.85 -17.71
C GLY J 461 0.51 -52.42 -17.51
N ASP J 462 1.42 -53.19 -18.11
CA ASP J 462 2.84 -52.89 -18.02
C ASP J 462 3.14 -51.53 -18.60
N ALA J 463 3.92 -50.73 -17.86
CA ALA J 463 4.26 -49.39 -18.32
C ALA J 463 5.19 -49.44 -19.52
N ASN J 464 6.03 -50.46 -19.62
CA ASN J 464 6.93 -50.63 -20.75
C ASN J 464 6.26 -51.30 -21.94
N ALA J 465 5.00 -51.66 -21.82
CA ALA J 465 4.32 -52.37 -22.90
C ALA J 465 4.02 -51.43 -24.07
N SER J 466 3.80 -52.03 -25.23
CA SER J 466 3.44 -51.25 -26.42
C SER J 466 1.96 -50.92 -26.49
N ILE J 467 1.14 -51.50 -25.61
CA ILE J 467 -0.26 -51.13 -25.45
C ILE J 467 -0.60 -51.17 -23.97
N PRO J 468 -1.70 -50.52 -23.57
CA PRO J 468 -2.04 -50.49 -22.14
C PRO J 468 -2.61 -51.78 -21.58
N THR J 469 -3.02 -52.72 -22.42
CA THR J 469 -3.70 -53.93 -21.99
C THR J 469 -2.84 -55.05 -21.40
N PRO J 470 -1.62 -55.31 -21.87
CA PRO J 470 -0.93 -56.53 -21.46
C PRO J 470 -0.57 -56.56 -19.98
N GLN J 471 -0.45 -57.78 -19.48
CA GLN J 471 -0.26 -58.03 -18.07
C GLN J 471 1.13 -57.56 -17.61
N PRO J 472 1.29 -57.28 -16.31
CA PRO J 472 0.27 -57.34 -15.26
C PRO J 472 -0.61 -56.10 -15.22
N VAL J 473 -1.91 -56.29 -15.13
CA VAL J 473 -2.87 -55.21 -15.06
C VAL J 473 -3.31 -55.06 -13.63
N TYR J 474 -3.13 -53.87 -13.06
CA TYR J 474 -3.70 -53.60 -11.75
C TYR J 474 -4.00 -52.12 -11.64
N TYR J 475 -4.54 -51.73 -10.50
CA TYR J 475 -5.05 -50.37 -10.34
C TYR J 475 -3.91 -49.42 -10.04
N ARG J 476 -3.71 -48.46 -10.93
CA ARG J 476 -2.64 -47.49 -10.81
C ARG J 476 -3.23 -46.09 -10.75
N GLU J 477 -2.59 -45.24 -9.96
CA GLU J 477 -2.94 -43.84 -9.91
C GLU J 477 -2.67 -43.18 -11.25
N MET J 478 -3.59 -42.36 -11.70
CA MET J 478 -3.46 -41.61 -12.93
C MET J 478 -3.09 -40.17 -12.61
N PHE J 479 -3.13 -39.31 -13.62
CA PHE J 479 -2.58 -37.97 -13.47
C PHE J 479 -3.37 -37.10 -12.51
N ALA J 480 -4.67 -37.33 -12.39
CA ALA J 480 -5.46 -36.56 -11.42
C ALA J 480 -5.10 -36.91 -9.99
N HIS J 481 -4.31 -37.96 -9.79
CA HIS J 481 -3.86 -38.39 -8.48
C HIS J 481 -2.56 -37.73 -8.05
N HIS J 482 -1.93 -36.93 -8.91
CA HIS J 482 -0.56 -36.48 -8.71
C HIS J 482 -0.46 -34.97 -8.80
N GLY J 483 0.67 -34.45 -8.33
CA GLY J 483 1.01 -33.06 -8.46
C GLY J 483 0.00 -32.16 -7.79
N LYS J 484 -0.22 -31.01 -8.39
CA LYS J 484 -1.27 -30.10 -7.94
C LYS J 484 -2.61 -30.38 -8.59
N ALA J 485 -2.68 -31.38 -9.46
CA ALA J 485 -3.95 -31.75 -10.06
C ALA J 485 -4.91 -32.33 -9.03
N LYS J 486 -4.39 -33.03 -8.02
CA LYS J 486 -5.26 -33.61 -7.01
C LYS J 486 -5.95 -32.53 -6.18
N TYR J 487 -5.32 -31.37 -6.01
CA TYR J 487 -5.97 -30.28 -5.31
C TYR J 487 -7.22 -29.82 -6.06
N ASP J 488 -7.14 -29.74 -7.38
CA ASP J 488 -8.31 -29.36 -8.16
C ASP J 488 -9.32 -30.50 -8.24
N ALA J 489 -8.86 -31.74 -8.20
CA ALA J 489 -9.76 -32.87 -8.37
C ALA J 489 -10.56 -33.17 -7.11
N ASN J 490 -10.00 -32.98 -5.93
CA ASN J 490 -10.60 -33.49 -4.71
C ASN J 490 -11.26 -32.38 -3.89
N ILE J 491 -12.18 -32.80 -3.03
CA ILE J 491 -12.98 -31.90 -2.21
C ILE J 491 -12.83 -32.28 -0.75
N THR J 492 -12.66 -31.28 0.10
CA THR J 492 -12.79 -31.43 1.54
C THR J 492 -14.10 -30.78 1.95
N PHE J 493 -14.96 -31.55 2.58
CA PHE J 493 -16.23 -31.02 3.08
C PHE J 493 -16.02 -30.50 4.48
N VAL J 494 -16.56 -29.32 4.75
CA VAL J 494 -16.50 -28.71 6.07
C VAL J 494 -17.91 -28.20 6.40
N SER J 495 -18.06 -27.73 7.63
CA SER J 495 -19.32 -27.10 8.01
C SER J 495 -19.42 -25.71 7.40
N GLN J 496 -20.65 -25.23 7.30
CA GLN J 496 -20.85 -23.87 6.79
C GLN J 496 -20.17 -22.84 7.67
N ALA J 497 -20.13 -23.09 8.98
CA ALA J 497 -19.49 -22.15 9.89
C ALA J 497 -17.99 -22.05 9.62
N ALA J 498 -17.33 -23.19 9.46
CA ALA J 498 -15.90 -23.17 9.13
C ALA J 498 -15.66 -22.55 7.77
N TYR J 499 -16.52 -22.85 6.80
CA TYR J 499 -16.39 -22.25 5.48
C TYR J 499 -16.50 -20.74 5.54
N ASP J 500 -17.46 -20.22 6.30
CA ASP J 500 -17.61 -18.78 6.44
C ASP J 500 -16.42 -18.16 7.18
N LYS J 501 -15.94 -18.83 8.22
CA LYS J 501 -14.78 -18.32 8.95
C LYS J 501 -13.51 -18.42 8.13
N GLY J 502 -13.52 -19.13 7.01
CA GLY J 502 -12.36 -19.16 6.15
C GLY J 502 -11.37 -20.21 6.57
N ILE J 503 -11.86 -21.44 6.78
CA ILE J 503 -10.99 -22.53 7.18
C ILE J 503 -9.94 -22.82 6.11
N LYS J 504 -10.31 -22.64 4.84
CA LYS J 504 -9.38 -22.96 3.75
C LYS J 504 -8.13 -22.10 3.82
N GLU J 505 -8.31 -20.78 3.91
CA GLU J 505 -7.16 -19.89 3.99
C GLU J 505 -6.45 -20.02 5.33
N GLU J 506 -7.19 -20.23 6.41
CA GLU J 506 -6.58 -20.34 7.73
C GLU J 506 -5.66 -21.55 7.83
N LEU J 507 -6.10 -22.69 7.31
CA LEU J 507 -5.30 -23.91 7.35
C LEU J 507 -4.43 -24.07 6.11
N GLY J 508 -4.50 -23.16 5.16
CA GLY J 508 -3.69 -23.28 3.97
C GLY J 508 -4.02 -24.48 3.10
N LEU J 509 -5.29 -24.87 3.06
CA LEU J 509 -5.70 -26.01 2.25
C LEU J 509 -5.73 -25.62 0.78
N GLU J 510 -5.25 -26.52 -0.07
CA GLU J 510 -5.28 -26.30 -1.51
C GLU J 510 -6.43 -27.02 -2.20
N ARG J 511 -7.04 -28.01 -1.54
CA ARG J 511 -8.20 -28.67 -2.10
C ARG J 511 -9.38 -27.71 -2.14
N GLN J 512 -10.34 -28.02 -3.02
CA GLN J 512 -11.62 -27.34 -2.94
C GLN J 512 -12.22 -27.62 -1.58
N VAL J 513 -12.79 -26.59 -0.97
CA VAL J 513 -13.40 -26.71 0.34
C VAL J 513 -14.86 -26.35 0.18
N LEU J 514 -15.74 -27.30 0.50
CA LEU J 514 -17.15 -27.06 0.27
C LEU J 514 -17.94 -27.27 1.56
N PRO J 515 -18.94 -26.45 1.81
CA PRO J 515 -19.76 -26.61 3.02
C PRO J 515 -20.89 -27.60 2.82
N VAL J 516 -21.16 -28.38 3.86
CA VAL J 516 -22.32 -29.25 3.88
C VAL J 516 -23.55 -28.43 4.25
N LYS J 517 -24.71 -28.86 3.78
CA LYS J 517 -25.94 -28.12 4.04
C LYS J 517 -27.12 -29.08 3.97
N ASN J 518 -28.21 -28.68 4.63
CA ASN J 518 -29.46 -29.45 4.67
C ASN J 518 -29.24 -30.81 5.31
N CYS J 519 -28.68 -30.79 6.53
CA CYS J 519 -28.49 -32.02 7.29
C CYS J 519 -29.55 -32.23 8.35
N ARG J 520 -30.20 -31.17 8.82
CA ARG J 520 -31.11 -31.28 9.96
C ARG J 520 -32.55 -31.48 9.57
N ASN J 521 -32.95 -31.08 8.37
CA ASN J 521 -34.35 -31.14 7.96
C ASN J 521 -34.65 -32.33 7.06
N ILE J 522 -33.90 -33.42 7.21
CA ILE J 522 -34.12 -34.63 6.42
C ILE J 522 -34.59 -35.73 7.35
N THR J 523 -35.47 -36.58 6.85
CA THR J 523 -35.93 -37.73 7.61
C THR J 523 -35.75 -38.99 6.77
N LYS J 524 -36.28 -40.11 7.26
CA LYS J 524 -36.24 -41.34 6.48
C LYS J 524 -36.99 -41.19 5.16
N LYS J 525 -37.99 -40.31 5.12
CA LYS J 525 -38.76 -40.12 3.89
C LYS J 525 -37.94 -39.53 2.77
N ASP J 526 -36.80 -38.91 3.07
CA ASP J 526 -35.98 -38.29 2.05
C ASP J 526 -34.97 -39.23 1.43
N MET J 527 -34.84 -40.45 1.95
CA MET J 527 -34.00 -41.44 1.32
C MET J 527 -34.65 -41.96 0.05
N GLN J 528 -33.84 -42.22 -0.96
CA GLN J 528 -34.35 -42.66 -2.26
C GLN J 528 -34.49 -44.17 -2.25
N PHE J 529 -35.69 -44.65 -2.59
CA PHE J 529 -35.98 -46.08 -2.72
C PHE J 529 -35.79 -46.84 -1.42
N ASN J 530 -35.49 -46.13 -0.34
CA ASN J 530 -35.27 -46.74 0.97
C ASN J 530 -35.95 -45.92 2.05
N ASP J 531 -37.17 -45.46 1.78
CA ASP J 531 -37.89 -44.58 2.69
C ASP J 531 -39.02 -45.32 3.42
N THR J 532 -38.92 -46.64 3.54
CA THR J 532 -39.97 -47.43 4.16
C THR J 532 -39.95 -47.21 5.67
N THR J 533 -40.98 -46.55 6.19
CA THR J 533 -41.18 -46.41 7.63
C THR J 533 -42.31 -47.35 8.02
N ALA J 534 -41.96 -48.42 8.72
CA ALA J 534 -42.94 -49.40 9.18
C ALA J 534 -42.72 -49.67 10.66
N HIS J 535 -43.82 -49.86 11.38
CA HIS J 535 -43.71 -50.23 12.79
C HIS J 535 -43.02 -51.58 12.90
N ILE J 536 -41.83 -51.60 13.47
CA ILE J 536 -41.02 -52.80 13.57
C ILE J 536 -41.28 -53.40 14.95
N GLU J 537 -42.16 -54.40 15.01
CA GLU J 537 -42.43 -55.08 16.26
C GLU J 537 -41.31 -56.07 16.52
N VAL J 538 -40.51 -55.82 17.55
CA VAL J 538 -39.42 -56.70 17.92
C VAL J 538 -39.81 -57.39 19.21
N ASN J 539 -39.95 -58.71 19.16
CA ASN J 539 -40.15 -59.51 20.35
C ASN J 539 -38.79 -59.92 20.87
N PRO J 540 -38.32 -59.36 21.99
CA PRO J 540 -37.00 -59.73 22.51
C PRO J 540 -36.98 -61.06 23.21
N GLU J 541 -38.14 -61.55 23.67
CA GLU J 541 -38.21 -62.89 24.24
C GLU J 541 -37.85 -63.93 23.20
N THR J 542 -38.31 -63.73 21.96
CA THR J 542 -38.06 -64.67 20.88
C THR J 542 -37.07 -64.14 19.84
N TYR J 543 -36.59 -62.91 20.01
CA TYR J 543 -35.71 -62.27 19.03
C TYR J 543 -36.34 -62.29 17.64
N HIS J 544 -37.64 -62.00 17.59
CA HIS J 544 -38.41 -62.09 16.36
C HIS J 544 -38.74 -60.69 15.88
N VAL J 545 -38.45 -60.42 14.61
CA VAL J 545 -38.69 -59.11 14.02
C VAL J 545 -39.88 -59.25 13.06
N PHE J 546 -40.87 -58.38 13.24
CA PHE J 546 -42.03 -58.33 12.37
C PHE J 546 -42.19 -56.93 11.83
N VAL J 547 -42.52 -56.82 10.55
CA VAL J 547 -42.89 -55.55 9.95
C VAL J 547 -44.26 -55.72 9.32
N ASP J 548 -45.20 -54.85 9.71
CA ASP J 548 -46.59 -54.97 9.28
C ASP J 548 -47.14 -56.37 9.56
N GLY J 549 -46.77 -56.91 10.72
CA GLY J 549 -47.19 -58.24 11.14
C GLY J 549 -46.33 -59.38 10.66
N LYS J 550 -45.98 -59.39 9.37
CA LYS J 550 -45.21 -60.48 8.80
C LYS J 550 -43.81 -60.54 9.40
N GLU J 551 -43.37 -61.74 9.76
CA GLU J 551 -42.04 -61.93 10.29
C GLU J 551 -41.01 -61.88 9.17
N VAL J 552 -39.82 -61.37 9.49
CA VAL J 552 -38.74 -61.21 8.52
C VAL J 552 -37.59 -62.11 8.92
N THR J 553 -37.07 -62.86 7.95
CA THR J 553 -35.93 -63.73 8.16
C THR J 553 -35.35 -64.08 6.80
N SER J 554 -34.14 -64.62 6.82
CA SER J 554 -33.49 -65.07 5.61
C SER J 554 -32.61 -66.25 5.92
N LYS J 555 -32.34 -67.02 4.94
CA LYS J 555 -31.47 -68.15 5.21
C LYS J 555 -30.02 -67.81 4.91
N PRO J 556 -29.08 -68.39 5.64
CA PRO J 556 -27.67 -68.13 5.36
C PRO J 556 -27.30 -68.59 3.96
N ALA J 557 -26.44 -67.82 3.31
CA ALA J 557 -25.99 -68.13 1.96
C ALA J 557 -24.75 -69.02 2.03
N ASN J 558 -24.80 -70.16 1.36
CA ASN J 558 -23.65 -71.04 1.32
C ASN J 558 -22.56 -70.54 0.38
N LYS J 559 -22.96 -69.78 -0.65
CA LYS J 559 -22.01 -69.27 -1.63
C LYS J 559 -22.56 -67.98 -2.21
N VAL J 560 -21.78 -66.90 -2.10
CA VAL J 560 -22.20 -65.61 -2.60
C VAL J 560 -21.51 -65.35 -3.93
N SER J 561 -22.07 -64.42 -4.68
CA SER J 561 -21.49 -63.99 -5.94
C SER J 561 -20.45 -62.90 -5.69
N LEU J 562 -19.69 -62.59 -6.74
CA LEU J 562 -18.69 -61.53 -6.70
C LEU J 562 -17.66 -61.75 -5.59
N ALA J 563 -17.40 -63.00 -5.21
CA ALA J 563 -16.48 -63.25 -4.11
C ALA J 563 -15.21 -63.98 -4.54
N GLN J 564 -15.32 -65.18 -5.09
CA GLN J 564 -14.14 -65.95 -5.40
C GLN J 564 -13.84 -66.02 -6.89
N LEU J 565 -14.80 -65.69 -7.73
CA LEU J 565 -14.56 -65.62 -9.16
C LEU J 565 -13.60 -64.50 -9.53
N PHE J 566 -13.52 -63.46 -8.71
CA PHE J 566 -12.86 -62.22 -9.10
C PHE J 566 -11.58 -61.91 -8.35
N SER J 567 -11.30 -62.57 -7.24
CA SER J 567 -10.19 -62.21 -6.37
C SER J 567 -9.27 -63.39 -6.18
N ILE J 568 -7.96 -63.15 -6.33
CA ILE J 568 -6.98 -64.20 -6.07
C ILE J 568 -6.91 -64.50 -4.57
N PHE J 569 -7.17 -63.50 -3.73
CA PHE J 569 -7.13 -63.68 -2.28
C PHE J 569 -8.35 -63.07 -1.62
N MET K 1 -35.09 -77.24 14.21
CA MET K 1 -35.17 -75.92 13.59
C MET K 1 -34.07 -75.01 14.11
N ASN K 2 -32.82 -75.40 13.87
CA ASN K 2 -31.68 -74.63 14.32
C ASN K 2 -31.58 -73.33 13.53
N THR K 3 -31.61 -72.20 14.22
CA THR K 3 -31.48 -70.91 13.55
C THR K 3 -30.06 -70.64 13.10
N TYR K 4 -29.08 -71.29 13.70
CA TYR K 4 -27.70 -71.10 13.29
C TYR K 4 -27.43 -71.80 11.96
N ALA K 5 -26.43 -71.30 11.24
CA ALA K 5 -26.10 -71.87 9.94
C ALA K 5 -25.62 -73.31 10.05
N GLN K 6 -24.81 -73.60 11.07
CA GLN K 6 -24.31 -74.94 11.33
C GLN K 6 -24.70 -75.35 12.74
N GLU K 7 -24.43 -76.63 13.04
CA GLU K 7 -24.75 -77.16 14.37
C GLU K 7 -23.83 -76.57 15.42
N SER K 8 -24.40 -76.23 16.57
CA SER K 8 -23.64 -75.62 17.66
C SER K 8 -22.87 -76.70 18.39
N LYS K 9 -21.56 -76.76 18.17
CA LYS K 9 -20.69 -77.74 18.78
C LYS K 9 -19.53 -77.06 19.47
N LEU K 10 -18.99 -77.71 20.49
CA LEU K 10 -17.82 -77.19 21.20
C LEU K 10 -17.03 -78.39 21.70
N ARG K 11 -16.02 -78.79 20.93
CA ARG K 11 -15.14 -79.89 21.30
C ARG K 11 -13.85 -79.30 21.83
N LEU K 12 -13.58 -79.50 23.11
CA LEU K 12 -12.40 -78.97 23.77
C LEU K 12 -11.60 -80.12 24.36
N LYS K 13 -10.28 -80.07 24.21
CA LYS K 13 -9.38 -81.07 24.77
C LYS K 13 -8.17 -80.34 25.33
N THR K 14 -7.98 -80.42 26.63
CA THR K 14 -6.89 -79.74 27.32
C THR K 14 -5.86 -80.75 27.82
N LYS K 15 -4.60 -80.34 27.80
CA LYS K 15 -3.49 -81.16 28.28
C LYS K 15 -2.47 -80.27 28.96
N ILE K 16 -1.48 -80.90 29.60
CA ILE K 16 -0.43 -80.16 30.28
C ILE K 16 0.62 -79.73 29.26
N GLY K 17 0.94 -78.44 29.25
CA GLY K 17 1.85 -77.88 28.29
C GLY K 17 3.30 -78.15 28.63
N ALA K 18 4.18 -77.67 27.74
CA ALA K 18 5.62 -77.84 27.94
C ALA K 18 6.10 -77.07 29.17
N ASP K 19 5.56 -75.88 29.40
CA ASP K 19 5.96 -75.07 30.54
C ASP K 19 5.28 -75.48 31.84
N GLY K 20 4.51 -76.57 31.84
CA GLY K 20 3.86 -77.05 33.03
C GLY K 20 2.47 -76.49 33.28
N ARG K 21 2.03 -75.52 32.49
CA ARG K 21 0.69 -74.98 32.63
C ARG K 21 -0.31 -75.82 31.86
N CYS K 22 -1.59 -75.64 32.19
CA CYS K 22 -2.67 -76.34 31.50
C CYS K 22 -3.01 -75.58 30.22
N VAL K 23 -2.78 -76.21 29.07
CA VAL K 23 -2.99 -75.59 27.78
C VAL K 23 -4.08 -76.34 27.04
N ILE K 24 -4.63 -75.67 26.03
CA ILE K 24 -5.66 -76.25 25.18
C ILE K 24 -4.95 -77.01 24.07
N GLU K 25 -5.02 -78.34 24.12
CA GLU K 25 -4.43 -79.15 23.06
C GLU K 25 -5.20 -79.02 21.76
N ASP K 26 -6.53 -79.05 21.83
CA ASP K 26 -7.35 -78.96 20.64
C ASP K 26 -8.68 -78.32 21.00
N ASN K 27 -9.27 -77.62 20.03
CA ASN K 27 -10.58 -77.03 20.24
C ASN K 27 -11.22 -76.72 18.91
N PHE K 28 -12.52 -76.98 18.83
CA PHE K 28 -13.33 -76.72 17.64
C PHE K 28 -14.69 -76.23 18.11
N PHE K 29 -15.02 -74.98 17.79
CA PHE K 29 -16.26 -74.38 18.25
C PHE K 29 -16.99 -73.73 17.08
N THR K 30 -18.25 -74.05 16.95
CA THR K 30 -19.16 -73.36 16.06
C THR K 30 -20.02 -72.39 16.85
N PRO K 31 -20.62 -71.40 16.19
CA PRO K 31 -21.44 -70.45 16.93
C PRO K 31 -22.59 -71.17 17.62
N PRO K 32 -23.01 -70.68 18.80
CA PRO K 32 -22.53 -69.46 19.45
C PRO K 32 -21.32 -69.71 20.36
N PHE K 33 -20.73 -70.90 20.30
CA PHE K 33 -19.63 -71.23 21.19
C PHE K 33 -18.35 -70.53 20.76
N LYS K 34 -17.47 -70.29 21.73
CA LYS K 34 -16.16 -69.73 21.45
C LYS K 34 -15.24 -70.05 22.61
N LEU K 35 -13.96 -70.27 22.28
CA LEU K 35 -12.95 -70.55 23.29
C LEU K 35 -11.78 -69.59 23.11
N MET K 36 -11.36 -68.98 24.20
CA MET K 36 -10.18 -68.14 24.24
C MET K 36 -9.03 -68.91 24.87
N ALA K 37 -7.89 -68.26 24.99
CA ALA K 37 -6.75 -68.87 25.68
C ALA K 37 -7.08 -69.03 27.17
N PRO K 38 -6.61 -70.10 27.80
CA PRO K 38 -6.85 -70.25 29.24
C PRO K 38 -6.25 -69.11 30.03
N PHE K 39 -6.93 -68.73 31.11
CA PHE K 39 -6.43 -67.73 32.03
C PHE K 39 -5.72 -68.42 33.19
N TYR K 40 -4.62 -67.83 33.63
CA TYR K 40 -3.77 -68.41 34.66
C TYR K 40 -3.64 -67.44 35.82
N PRO K 41 -4.57 -67.48 36.78
CA PRO K 41 -4.40 -66.67 37.99
C PRO K 41 -3.14 -67.06 38.75
N LYS K 42 -2.72 -66.18 39.65
CA LYS K 42 -1.42 -66.34 40.29
C LYS K 42 -1.37 -67.63 41.12
N ASP K 43 -2.42 -67.92 41.88
CA ASP K 43 -2.40 -69.05 42.78
C ASP K 43 -3.44 -70.13 42.48
N ASP K 44 -4.50 -69.82 41.74
CA ASP K 44 -5.59 -70.76 41.54
C ASP K 44 -5.27 -71.71 40.40
N LEU K 45 -6.27 -72.49 39.99
CA LEU K 45 -6.15 -73.42 38.88
C LEU K 45 -6.25 -72.66 37.56
N ALA K 46 -5.94 -73.35 36.46
CA ALA K 46 -6.09 -72.73 35.15
C ALA K 46 -7.56 -72.58 34.81
N GLU K 47 -7.98 -71.37 34.47
CA GLU K 47 -9.38 -71.07 34.24
C GLU K 47 -9.69 -71.02 32.75
N ILE K 48 -10.77 -71.69 32.35
CA ILE K 48 -11.26 -71.67 30.99
C ILE K 48 -12.71 -71.19 31.02
N MET K 49 -13.01 -70.17 30.23
CA MET K 49 -14.36 -69.61 30.16
C MET K 49 -15.03 -70.10 28.89
N LEU K 50 -16.14 -70.81 29.04
CA LEU K 50 -16.93 -71.26 27.90
C LEU K 50 -17.76 -70.09 27.41
N LEU K 51 -17.25 -69.39 26.40
CA LEU K 51 -17.96 -68.22 25.89
C LEU K 51 -19.17 -68.65 25.09
N ALA K 52 -20.30 -67.98 25.33
CA ALA K 52 -21.52 -68.16 24.55
C ALA K 52 -21.88 -66.82 23.95
N VAL K 53 -21.69 -66.68 22.64
CA VAL K 53 -21.93 -65.41 21.94
C VAL K 53 -23.41 -65.43 21.55
N SER K 54 -24.25 -65.09 22.51
CA SER K 54 -25.70 -65.06 22.33
C SER K 54 -26.35 -64.48 23.58
N PRO K 55 -27.51 -63.83 23.45
CA PRO K 55 -28.24 -63.38 24.65
C PRO K 55 -28.74 -64.53 25.50
N GLY K 56 -28.84 -65.73 24.94
CA GLY K 56 -29.32 -66.88 25.68
C GLY K 56 -29.89 -67.90 24.73
N MET K 57 -30.20 -69.07 25.30
CA MET K 57 -30.74 -70.15 24.49
C MET K 57 -32.17 -69.84 24.09
N MET K 58 -32.48 -70.00 22.80
CA MET K 58 -33.80 -69.74 22.25
C MET K 58 -34.36 -71.02 21.65
N ARG K 59 -35.51 -70.90 20.99
CA ARG K 59 -36.16 -72.07 20.41
C ARG K 59 -35.29 -72.69 19.32
N GLY K 60 -35.17 -74.01 19.35
CA GLY K 60 -34.42 -74.73 18.36
C GLY K 60 -32.94 -74.83 18.62
N ASP K 61 -32.42 -74.19 19.67
CA ASP K 61 -31.02 -74.29 19.99
C ASP K 61 -30.69 -75.70 20.46
N ALA K 62 -29.62 -76.27 19.90
CA ALA K 62 -29.20 -77.63 20.24
C ALA K 62 -27.68 -77.62 20.35
N GLN K 63 -27.19 -77.46 21.57
CA GLN K 63 -25.75 -77.34 21.82
C GLN K 63 -25.16 -78.69 22.18
N ASP K 64 -23.99 -78.98 21.61
CA ASP K 64 -23.29 -80.24 21.83
C ASP K 64 -21.88 -79.91 22.32
N VAL K 65 -21.64 -80.07 23.62
CA VAL K 65 -20.36 -79.75 24.25
C VAL K 65 -19.67 -81.05 24.60
N GLN K 66 -18.37 -81.12 24.32
CA GLN K 66 -17.56 -82.30 24.62
C GLN K 66 -16.23 -81.82 25.17
N LEU K 67 -16.08 -81.86 26.49
CA LEU K 67 -14.86 -81.45 27.16
C LEU K 67 -14.03 -82.66 27.54
N ASN K 68 -12.72 -82.56 27.34
CA ASN K 68 -11.80 -83.67 27.60
C ASN K 68 -10.58 -83.10 28.34
N ILE K 69 -10.59 -83.22 29.65
CA ILE K 69 -9.47 -82.81 30.48
C ILE K 69 -8.49 -83.97 30.57
N GLY K 70 -7.22 -83.72 30.22
CA GLY K 70 -6.23 -84.76 30.24
C GLY K 70 -5.64 -84.96 31.62
N PRO K 71 -4.70 -85.90 31.70
CA PRO K 71 -4.11 -86.23 33.00
C PRO K 71 -3.38 -85.05 33.61
N ASN K 72 -3.41 -85.00 34.95
CA ASN K 72 -2.65 -84.04 35.74
C ASN K 72 -3.00 -82.60 35.40
N CYS K 73 -4.25 -82.34 35.04
CA CYS K 73 -4.70 -80.99 34.69
C CYS K 73 -5.59 -80.46 35.80
N LYS K 74 -5.27 -79.27 36.31
CA LYS K 74 -6.04 -78.60 37.35
C LYS K 74 -6.78 -77.43 36.71
N LEU K 75 -8.01 -77.70 36.27
CA LEU K 75 -8.77 -76.77 35.44
C LEU K 75 -10.07 -76.40 36.12
N ARG K 76 -10.39 -75.11 36.09
CA ARG K 76 -11.68 -74.60 36.52
C ARG K 76 -12.37 -74.01 35.30
N ILE K 77 -13.56 -74.54 34.99
CA ILE K 77 -14.30 -74.15 33.81
C ILE K 77 -15.51 -73.35 34.25
N THR K 78 -15.54 -72.08 33.85
CA THR K 78 -16.62 -71.15 34.16
C THR K 78 -17.32 -70.74 32.87
N SER K 79 -18.30 -69.86 33.00
CA SER K 79 -19.03 -69.30 31.87
C SER K 79 -18.96 -67.79 31.90
N GLN K 80 -19.37 -67.17 30.81
CA GLN K 80 -19.27 -65.72 30.69
C GLN K 80 -20.24 -65.02 31.65
N SER K 81 -21.49 -65.44 31.65
CA SER K 81 -22.51 -64.80 32.48
C SER K 81 -23.62 -65.80 32.73
N PHE K 82 -24.71 -65.32 33.33
CA PHE K 82 -25.86 -66.18 33.62
C PHE K 82 -26.43 -66.74 32.32
N GLU K 83 -26.72 -68.04 32.32
CA GLU K 83 -27.29 -68.69 31.15
C GLU K 83 -28.80 -68.52 31.19
N LYS K 84 -29.33 -67.76 30.23
CA LYS K 84 -30.76 -67.44 30.19
C LYS K 84 -31.45 -68.26 29.12
N ILE K 85 -32.53 -68.93 29.50
CA ILE K 85 -33.37 -69.66 28.56
C ILE K 85 -34.53 -68.76 28.19
N HIS K 86 -34.60 -68.39 26.92
CA HIS K 86 -35.63 -67.47 26.46
C HIS K 86 -36.93 -68.19 26.22
N ASN K 87 -37.96 -67.43 25.84
CA ASN K 87 -39.26 -68.00 25.53
C ASN K 87 -39.16 -68.87 24.28
N THR K 88 -39.22 -70.18 24.46
CA THR K 88 -39.31 -71.11 23.35
C THR K 88 -40.79 -71.31 23.03
N GLU K 89 -41.23 -70.77 21.91
CA GLU K 89 -42.66 -70.71 21.59
C GLU K 89 -43.28 -72.08 21.52
N ASP K 90 -42.86 -72.89 20.55
CA ASP K 90 -43.36 -74.25 20.39
C ASP K 90 -42.28 -75.31 20.55
N GLY K 91 -41.01 -74.96 20.42
CA GLY K 91 -39.91 -75.87 20.54
C GLY K 91 -39.25 -75.81 21.90
N PHE K 92 -37.97 -76.15 21.94
CA PHE K 92 -37.23 -76.21 23.20
C PHE K 92 -35.75 -75.96 22.91
N ALA K 93 -35.02 -75.62 23.96
CA ALA K 93 -33.58 -75.47 23.91
C ALA K 93 -32.93 -76.64 24.61
N SER K 94 -31.98 -77.29 23.95
CA SER K 94 -31.34 -78.49 24.46
C SER K 94 -29.84 -78.31 24.53
N ARG K 95 -29.25 -78.79 25.60
CA ARG K 95 -27.79 -78.82 25.77
C ARG K 95 -27.39 -80.23 26.14
N ASP K 96 -26.37 -80.75 25.45
CA ASP K 96 -25.84 -82.09 25.70
C ASP K 96 -24.34 -81.95 25.94
N MET K 97 -23.92 -82.09 27.20
CA MET K 97 -22.54 -81.88 27.58
C MET K 97 -21.93 -83.17 28.08
N HIS K 98 -20.92 -83.66 27.37
CA HIS K 98 -20.18 -84.86 27.74
C HIS K 98 -18.78 -84.45 28.16
N ILE K 99 -18.40 -84.81 29.39
CA ILE K 99 -17.11 -84.44 29.96
C ILE K 99 -16.35 -85.71 30.28
N VAL K 100 -15.06 -85.72 29.96
CA VAL K 100 -14.18 -86.84 30.25
C VAL K 100 -12.97 -86.30 31.01
N VAL K 101 -12.77 -86.76 32.23
CA VAL K 101 -11.65 -86.33 33.07
C VAL K 101 -10.65 -87.48 33.14
N GLY K 102 -9.37 -87.15 32.94
CA GLY K 102 -8.32 -88.14 32.94
C GLY K 102 -7.81 -88.42 34.34
N GLU K 103 -6.75 -89.24 34.38
CA GLU K 103 -6.17 -89.65 35.65
C GLU K 103 -5.51 -88.48 36.35
N ASN K 104 -5.70 -88.40 37.68
CA ASN K 104 -5.07 -87.38 38.52
C ASN K 104 -5.41 -85.97 38.07
N ALA K 105 -6.59 -85.79 37.50
CA ALA K 105 -7.01 -84.50 36.97
C ALA K 105 -8.15 -83.94 37.82
N PHE K 106 -8.07 -82.65 38.12
CA PHE K 106 -9.10 -81.94 38.88
C PHE K 106 -9.84 -81.00 37.94
N LEU K 107 -11.16 -81.14 37.91
CA LEU K 107 -12.02 -80.26 37.12
C LEU K 107 -13.04 -79.63 38.04
N ASP K 108 -13.07 -78.30 38.07
CA ASP K 108 -14.03 -77.52 38.85
C ASP K 108 -14.97 -76.87 37.84
N PHE K 109 -16.09 -77.53 37.57
CA PHE K 109 -17.09 -77.02 36.63
C PHE K 109 -18.04 -76.13 37.41
N ALA K 110 -17.86 -74.81 37.27
CA ALA K 110 -18.62 -73.83 38.04
C ALA K 110 -19.27 -72.83 37.08
N PRO K 111 -20.33 -73.24 36.40
CA PRO K 111 -21.04 -72.31 35.53
C PRO K 111 -21.92 -71.36 36.32
N PHE K 112 -22.33 -70.28 35.66
CA PHE K 112 -23.20 -69.30 36.28
C PHE K 112 -24.62 -69.84 36.37
N PRO K 113 -25.44 -69.26 37.26
CA PRO K 113 -26.81 -69.77 37.43
C PRO K 113 -27.63 -69.70 36.15
N LEU K 114 -28.54 -70.65 36.02
CA LEU K 114 -29.45 -70.72 34.88
C LEU K 114 -30.74 -69.98 35.20
N ILE K 115 -31.13 -69.05 34.35
CA ILE K 115 -32.32 -68.24 34.52
C ILE K 115 -33.28 -68.56 33.39
N PRO K 116 -34.33 -69.35 33.65
CA PRO K 116 -35.35 -69.59 32.63
C PRO K 116 -36.38 -68.48 32.61
N PHE K 117 -36.69 -67.98 31.41
CA PHE K 117 -37.67 -66.92 31.26
C PHE K 117 -39.06 -67.53 31.21
N GLU K 118 -40.08 -66.70 30.94
CA GLU K 118 -41.44 -67.19 30.86
C GLU K 118 -41.60 -68.11 29.65
N ASN K 119 -42.30 -69.22 29.86
CA ASN K 119 -42.56 -70.22 28.81
C ASN K 119 -41.25 -70.75 28.22
N ALA K 120 -40.29 -71.05 29.08
CA ALA K 120 -39.00 -71.59 28.67
C ALA K 120 -39.01 -73.10 28.82
N HIS K 121 -38.58 -73.80 27.77
CA HIS K 121 -38.48 -75.25 27.77
C HIS K 121 -37.02 -75.62 27.52
N PHE K 122 -36.39 -76.24 28.52
CA PHE K 122 -34.97 -76.55 28.44
C PHE K 122 -34.74 -78.03 28.79
N LYS K 123 -33.87 -78.66 28.02
CA LYS K 123 -33.48 -80.05 28.23
C LYS K 123 -31.96 -80.14 28.27
N GLY K 124 -31.41 -80.31 29.47
CA GLY K 124 -29.98 -80.46 29.67
C GLY K 124 -29.63 -81.89 30.01
N ASN K 125 -28.56 -82.39 29.39
CA ASN K 125 -28.11 -83.77 29.61
C ASN K 125 -26.58 -83.74 29.76
N THR K 126 -26.12 -83.89 30.99
CA THR K 126 -24.70 -83.87 31.31
C THR K 126 -24.24 -85.28 31.66
N THR K 127 -23.20 -85.74 30.99
CA THR K 127 -22.61 -87.05 31.25
C THR K 127 -21.13 -86.85 31.54
N ILE K 128 -20.74 -87.06 32.79
CA ILE K 128 -19.35 -86.90 33.21
C ILE K 128 -18.77 -88.29 33.44
N SER K 129 -17.58 -88.52 32.89
CA SER K 129 -16.85 -89.77 33.06
C SER K 129 -15.52 -89.45 33.74
N LEU K 130 -15.16 -90.26 34.73
CA LEU K 130 -13.97 -90.02 35.52
C LEU K 130 -13.15 -91.30 35.61
N ARG K 131 -11.86 -91.13 35.92
CA ARG K 131 -11.02 -92.24 36.29
C ARG K 131 -11.08 -92.41 37.81
N SER K 132 -10.36 -93.42 38.32
CA SER K 132 -10.34 -93.65 39.76
C SER K 132 -9.72 -92.47 40.49
N SER K 133 -8.65 -91.91 39.95
CA SER K 133 -7.95 -90.80 40.59
C SER K 133 -8.50 -89.44 40.21
N SER K 134 -9.45 -89.37 39.28
CA SER K 134 -9.99 -88.09 38.86
C SER K 134 -10.78 -87.43 39.99
N GLN K 135 -10.68 -86.11 40.08
CA GLN K 135 -11.45 -85.32 41.03
C GLN K 135 -12.40 -84.40 40.26
N LEU K 136 -13.64 -84.31 40.72
CA LEU K 136 -14.65 -83.50 40.07
C LEU K 136 -15.39 -82.66 41.12
N LEU K 137 -15.65 -81.42 40.76
CA LEU K 137 -16.47 -80.52 41.57
C LEU K 137 -17.52 -79.93 40.63
N TYR K 138 -18.62 -80.65 40.45
CA TYR K 138 -19.67 -80.22 39.55
C TYR K 138 -20.68 -79.37 40.31
N SER K 139 -21.28 -78.41 39.61
CA SER K 139 -22.25 -77.54 40.25
C SER K 139 -23.29 -77.10 39.23
N ALA K 140 -24.47 -76.75 39.75
CA ALA K 140 -25.54 -76.22 38.91
C ALA K 140 -26.47 -75.40 39.80
N ILE K 141 -26.75 -74.17 39.39
CA ILE K 141 -27.69 -73.30 40.08
C ILE K 141 -28.86 -73.04 39.15
N ILE K 142 -30.06 -73.22 39.66
CA ILE K 142 -31.29 -72.99 38.91
C ILE K 142 -32.09 -71.92 39.62
N VAL K 143 -32.50 -70.90 38.88
CA VAL K 143 -33.29 -69.81 39.42
C VAL K 143 -34.74 -70.01 39.00
N ALA K 144 -35.66 -69.56 39.85
CA ALA K 144 -37.09 -69.67 39.55
C ALA K 144 -37.52 -68.78 38.39
N GLY K 145 -36.67 -67.87 37.94
CA GLY K 145 -36.98 -66.95 36.89
C GLY K 145 -36.48 -65.57 37.24
N ARG K 146 -36.99 -64.56 36.54
CA ARG K 146 -36.62 -63.18 36.83
C ARG K 146 -37.37 -62.76 38.09
N VAL K 147 -36.75 -63.03 39.23
CA VAL K 147 -37.43 -62.89 40.51
C VAL K 147 -37.79 -61.44 40.79
N ALA K 148 -36.87 -60.51 40.52
CA ALA K 148 -37.07 -59.12 40.89
C ALA K 148 -38.25 -58.48 40.14
N ARG K 149 -38.70 -59.07 39.04
CA ARG K 149 -39.86 -58.58 38.32
C ARG K 149 -41.05 -59.52 38.44
N ASN K 150 -41.10 -60.32 39.51
CA ASN K 150 -42.25 -61.18 39.81
C ASN K 150 -42.52 -62.19 38.70
N GLU K 151 -41.46 -62.72 38.10
CA GLU K 151 -41.55 -63.80 37.12
C GLU K 151 -41.10 -65.08 37.81
N LEU K 152 -42.02 -65.73 38.51
CA LEU K 152 -41.72 -66.90 39.31
C LEU K 152 -42.36 -68.13 38.69
N PHE K 153 -41.52 -69.09 38.29
CA PHE K 153 -41.98 -70.38 37.78
C PHE K 153 -42.95 -70.20 36.60
N LYS K 154 -42.67 -69.23 35.76
CA LYS K 154 -43.49 -69.00 34.57
C LYS K 154 -42.96 -69.75 33.35
N PHE K 155 -41.90 -70.53 33.50
CA PHE K 155 -41.34 -71.26 32.39
C PHE K 155 -42.18 -72.49 32.06
N ASN K 156 -41.94 -73.06 30.89
CA ASN K 156 -42.68 -74.24 30.45
C ASN K 156 -42.21 -75.48 31.19
N ARG K 157 -40.93 -75.83 31.06
CA ARG K 157 -40.42 -77.06 31.64
C ARG K 157 -38.90 -77.01 31.67
N LEU K 158 -38.31 -77.48 32.77
CA LEU K 158 -36.87 -77.59 32.92
C LEU K 158 -36.53 -79.02 33.26
N HIS K 159 -35.93 -79.75 32.30
CA HIS K 159 -35.46 -81.10 32.54
C HIS K 159 -33.94 -81.08 32.53
N THR K 160 -33.33 -81.61 33.58
CA THR K 160 -31.87 -81.64 33.69
C THR K 160 -31.45 -83.01 34.20
N LYS K 161 -30.76 -83.77 33.38
CA LYS K 161 -30.23 -85.07 33.76
C LYS K 161 -28.73 -84.97 33.92
N ILE K 162 -28.22 -85.50 35.04
CA ILE K 162 -26.79 -85.56 35.30
C ILE K 162 -26.44 -87.02 35.58
N SER K 163 -25.41 -87.51 34.89
CA SER K 163 -24.95 -88.89 35.05
C SER K 163 -23.44 -88.88 35.20
N ILE K 164 -22.97 -89.20 36.40
CA ILE K 164 -21.55 -89.23 36.71
C ILE K 164 -21.12 -90.68 36.87
N LEU K 165 -20.20 -91.13 36.02
CA LEU K 165 -19.66 -92.47 36.05
C LEU K 165 -18.19 -92.41 36.41
N GLN K 166 -17.74 -93.37 37.23
CA GLN K 166 -16.35 -93.50 37.62
C GLN K 166 -15.85 -94.87 37.21
N ASP K 167 -14.74 -94.90 36.47
CA ASP K 167 -14.20 -96.15 35.92
C ASP K 167 -15.27 -96.90 35.11
N GLU K 168 -16.05 -96.13 34.34
CA GLU K 168 -17.15 -96.69 33.54
C GLU K 168 -18.15 -97.45 34.39
N LYS K 169 -18.43 -96.91 35.59
CA LYS K 169 -19.43 -97.47 36.48
C LYS K 169 -20.24 -96.31 37.05
N PRO K 170 -21.56 -96.38 37.01
CA PRO K 170 -22.38 -95.25 37.47
C PRO K 170 -22.21 -95.02 38.97
N ILE K 171 -21.91 -93.78 39.33
CA ILE K 171 -21.76 -93.40 40.73
C ILE K 171 -22.70 -92.27 41.15
N TYR K 172 -23.25 -91.50 40.21
CA TYR K 172 -24.19 -90.45 40.58
C TYR K 172 -25.23 -90.29 39.50
N TYR K 173 -26.49 -90.20 39.90
CA TYR K 173 -27.61 -89.94 39.00
C TYR K 173 -28.44 -88.80 39.56
N ASP K 174 -28.85 -87.88 38.70
CA ASP K 174 -29.71 -86.78 39.11
C ASP K 174 -30.69 -86.49 37.99
N ASN K 175 -31.96 -86.32 38.34
CA ASN K 175 -33.02 -86.03 37.36
C ASN K 175 -33.88 -84.91 37.93
N THR K 176 -33.50 -83.67 37.64
CA THR K 176 -34.23 -82.50 38.12
C THR K 176 -35.28 -82.13 37.08
N ILE K 177 -36.55 -82.29 37.42
CA ILE K 177 -37.65 -81.92 36.54
C ILE K 177 -38.47 -80.85 37.26
N LEU K 178 -38.58 -79.69 36.63
CA LEU K 178 -39.39 -78.59 37.13
C LEU K 178 -40.46 -78.28 36.10
N ASP K 179 -41.70 -78.63 36.40
CA ASP K 179 -42.84 -78.39 35.52
C ASP K 179 -43.93 -77.70 36.34
N PRO K 180 -44.01 -76.36 36.27
CA PRO K 180 -45.04 -75.66 37.06
C PRO K 180 -46.46 -76.05 36.68
N LYS K 181 -46.69 -76.50 35.44
CA LYS K 181 -48.03 -76.90 35.03
C LYS K 181 -48.48 -78.14 35.79
N THR K 182 -47.59 -79.11 35.98
CA THR K 182 -48.00 -80.35 36.64
C THR K 182 -48.16 -80.17 38.14
N THR K 183 -47.30 -79.37 38.76
CA THR K 183 -47.33 -79.19 40.20
C THR K 183 -46.83 -77.80 40.56
N ASP K 184 -47.20 -77.34 41.75
CA ASP K 184 -46.75 -76.04 42.25
C ASP K 184 -45.37 -76.20 42.86
N LEU K 185 -44.36 -75.66 42.18
CA LEU K 185 -42.99 -75.73 42.68
C LEU K 185 -42.76 -74.85 43.91
N ASN K 186 -43.74 -74.02 44.27
CA ASN K 186 -43.65 -73.18 45.46
C ASN K 186 -44.08 -73.89 46.73
N ASN K 187 -44.43 -75.18 46.64
CA ASN K 187 -44.91 -75.90 47.81
C ASN K 187 -43.79 -76.11 48.82
N MET K 188 -44.15 -76.67 49.97
CA MET K 188 -43.22 -76.83 51.07
C MET K 188 -42.14 -77.88 50.80
N CYS K 189 -42.30 -78.70 49.77
CA CYS K 189 -41.32 -79.75 49.49
C CYS K 189 -40.43 -79.45 48.29
N MET K 190 -40.83 -78.54 47.41
CA MET K 190 -40.02 -78.23 46.23
C MET K 190 -39.10 -77.04 46.47
N PHE K 191 -39.66 -75.87 46.78
CA PHE K 191 -38.84 -74.68 46.95
C PHE K 191 -39.14 -73.97 48.27
N ASP K 192 -40.37 -74.10 48.76
CA ASP K 192 -40.79 -73.52 50.03
C ASP K 192 -40.52 -72.02 50.08
N GLY K 193 -40.83 -71.33 48.99
CA GLY K 193 -40.66 -69.89 48.91
C GLY K 193 -39.28 -69.43 48.51
N TYR K 194 -38.34 -70.35 48.34
CA TYR K 194 -37.02 -69.99 47.85
C TYR K 194 -37.03 -69.92 46.33
N THR K 195 -36.10 -69.14 45.78
CA THR K 195 -36.06 -68.90 44.35
C THR K 195 -34.80 -69.42 43.67
N HIS K 196 -33.74 -69.70 44.41
CA HIS K 196 -32.48 -70.16 43.85
C HIS K 196 -32.11 -71.49 44.48
N TYR K 197 -31.75 -72.47 43.65
CA TYR K 197 -31.43 -73.81 44.11
C TYR K 197 -30.06 -74.21 43.59
N LEU K 198 -29.17 -74.59 44.49
CA LEU K 198 -27.82 -75.02 44.15
C LEU K 198 -27.67 -76.51 44.39
N ASN K 199 -27.18 -77.22 43.39
CA ASN K 199 -26.85 -78.63 43.50
C ASN K 199 -25.37 -78.80 43.16
N LEU K 200 -24.61 -79.32 44.12
CA LEU K 200 -23.17 -79.45 43.98
C LEU K 200 -22.77 -80.89 44.27
N VAL K 201 -21.85 -81.43 43.49
CA VAL K 201 -21.37 -82.80 43.64
C VAL K 201 -19.85 -82.76 43.74
N LEU K 202 -19.32 -83.29 44.84
CA LEU K 202 -17.88 -83.41 45.05
C LEU K 202 -17.53 -84.90 44.95
N VAL K 203 -16.74 -85.25 43.95
CA VAL K 203 -16.32 -86.63 43.71
C VAL K 203 -14.82 -86.71 43.95
N ASN K 204 -14.42 -87.59 44.86
CA ASN K 204 -13.02 -87.84 45.20
C ASN K 204 -12.30 -86.62 45.76
N CYS K 205 -13.04 -85.58 46.14
CA CYS K 205 -12.41 -84.41 46.71
C CYS K 205 -11.94 -84.71 48.14
N PRO K 206 -10.79 -84.16 48.55
CA PRO K 206 -10.25 -84.41 49.89
C PRO K 206 -10.82 -83.47 50.97
N ILE K 207 -12.14 -83.37 51.02
CA ILE K 207 -12.84 -82.52 51.97
C ILE K 207 -13.78 -83.38 52.80
N GLU K 208 -13.87 -83.08 54.08
CA GLU K 208 -14.67 -83.87 55.01
C GLU K 208 -16.11 -83.35 55.08
N LEU K 209 -17.02 -84.29 55.36
CA LEU K 209 -18.43 -83.92 55.53
C LEU K 209 -18.60 -82.90 56.65
N SER K 210 -17.81 -83.03 57.72
CA SER K 210 -17.87 -82.06 58.80
C SER K 210 -17.46 -80.67 58.32
N GLY K 211 -16.40 -80.60 57.51
CA GLY K 211 -15.98 -79.30 56.99
C GLY K 211 -17.01 -78.68 56.06
N VAL K 212 -17.61 -79.50 55.19
CA VAL K 212 -18.65 -78.99 54.29
C VAL K 212 -19.85 -78.51 55.11
N ARG K 213 -20.23 -79.27 56.14
CA ARG K 213 -21.36 -78.88 56.97
C ARG K 213 -21.07 -77.58 57.70
N GLU K 214 -19.85 -77.41 58.20
CA GLU K 214 -19.49 -76.16 58.85
C GLU K 214 -19.56 -75.00 57.87
N CYS K 215 -19.08 -75.20 56.65
CA CYS K 215 -19.19 -74.15 55.63
C CYS K 215 -20.64 -73.78 55.35
N ILE K 216 -21.50 -74.79 55.21
CA ILE K 216 -22.92 -74.53 54.93
C ILE K 216 -23.55 -73.78 56.09
N GLU K 217 -23.26 -74.21 57.32
CA GLU K 217 -23.85 -73.56 58.49
C GLU K 217 -23.39 -72.11 58.62
N GLU K 218 -22.10 -71.85 58.40
CA GLU K 218 -21.61 -70.48 58.52
C GLU K 218 -22.02 -69.61 57.35
N SER K 219 -22.39 -70.20 56.22
CA SER K 219 -22.95 -69.41 55.12
C SER K 219 -24.31 -68.86 55.50
N GLU K 220 -24.51 -67.56 55.28
CA GLU K 220 -25.71 -66.86 55.72
C GLU K 220 -26.72 -66.76 54.58
N GLY K 221 -28.00 -66.74 54.97
CA GLY K 221 -29.08 -66.59 54.02
C GLY K 221 -29.38 -67.80 53.18
N VAL K 222 -28.82 -68.96 53.51
CA VAL K 222 -28.98 -70.17 52.72
C VAL K 222 -29.49 -71.29 53.61
N ASP K 223 -30.50 -72.01 53.14
CA ASP K 223 -30.98 -73.23 53.78
C ASP K 223 -30.40 -74.39 52.99
N GLY K 224 -29.31 -74.98 53.50
CA GLY K 224 -28.58 -75.97 52.76
C GLY K 224 -28.23 -77.17 53.61
N ALA K 225 -27.80 -78.24 52.93
CA ALA K 225 -27.41 -79.47 53.59
C ALA K 225 -26.47 -80.24 52.69
N VAL K 226 -25.70 -81.14 53.30
CA VAL K 226 -24.73 -81.97 52.59
C VAL K 226 -24.84 -83.39 53.11
N SER K 227 -24.82 -84.36 52.20
CA SER K 227 -24.87 -85.77 52.55
C SER K 227 -23.87 -86.53 51.70
N GLU K 228 -23.77 -87.83 51.96
CA GLU K 228 -22.91 -88.73 51.22
C GLU K 228 -23.77 -89.64 50.35
N THR K 229 -23.41 -89.75 49.07
CA THR K 229 -24.15 -90.59 48.14
C THR K 229 -23.79 -92.06 48.37
N ALA K 230 -24.34 -92.94 47.53
CA ALA K 230 -24.06 -94.36 47.67
C ALA K 230 -22.59 -94.66 47.44
N SER K 231 -21.97 -93.97 46.48
CA SER K 231 -20.57 -94.19 46.13
C SER K 231 -19.61 -93.39 47.01
N SER K 232 -20.06 -92.95 48.17
CA SER K 232 -19.21 -92.26 49.16
C SER K 232 -18.60 -90.99 48.56
N HIS K 233 -19.45 -90.16 47.95
CA HIS K 233 -19.06 -88.86 47.43
C HIS K 233 -20.06 -87.83 47.90
N LEU K 234 -19.60 -86.59 48.07
CA LEU K 234 -20.41 -85.59 48.75
C LEU K 234 -21.41 -84.95 47.79
N CYS K 235 -22.63 -84.74 48.29
CA CYS K 235 -23.67 -84.04 47.54
C CYS K 235 -24.24 -82.94 48.41
N VAL K 236 -24.26 -81.72 47.88
CA VAL K 236 -24.74 -80.55 48.60
C VAL K 236 -25.96 -80.01 47.88
N LYS K 237 -27.03 -79.78 48.62
CA LYS K 237 -28.23 -79.15 48.09
C LYS K 237 -28.55 -77.94 48.94
N ALA K 238 -28.71 -76.78 48.31
CA ALA K 238 -28.93 -75.54 49.03
C ALA K 238 -30.04 -74.74 48.36
N LEU K 239 -30.75 -73.96 49.16
CA LEU K 239 -31.78 -73.06 48.67
C LEU K 239 -31.51 -71.66 49.22
N ALA K 240 -31.83 -70.65 48.41
CA ALA K 240 -31.59 -69.28 48.84
C ALA K 240 -32.56 -68.35 48.11
N LYS K 241 -32.74 -67.16 48.69
CA LYS K 241 -33.59 -66.16 48.06
C LYS K 241 -32.91 -65.52 46.86
N GLY K 242 -31.58 -65.38 46.91
CA GLY K 242 -30.83 -64.82 45.80
C GLY K 242 -29.66 -65.70 45.45
N SER K 243 -29.06 -65.41 44.29
CA SER K 243 -27.93 -66.20 43.82
C SER K 243 -26.62 -65.85 44.51
N GLU K 244 -26.56 -64.69 45.17
CA GLU K 244 -25.32 -64.29 45.84
C GLU K 244 -24.93 -65.25 46.97
N PRO K 245 -25.82 -65.61 47.90
CA PRO K 245 -25.41 -66.59 48.92
C PRO K 245 -25.00 -67.93 48.34
N LEU K 246 -25.68 -68.38 47.29
CA LEU K 246 -25.33 -69.67 46.69
C LEU K 246 -23.96 -69.61 46.03
N LEU K 247 -23.67 -68.54 45.30
CA LEU K 247 -22.36 -68.39 44.68
C LEU K 247 -21.26 -68.28 45.73
N HIS K 248 -21.53 -67.54 46.82
CA HIS K 248 -20.55 -67.44 47.89
C HIS K 248 -20.29 -68.80 48.53
N LEU K 249 -21.36 -69.57 48.78
CA LEU K 249 -21.18 -70.91 49.35
C LEU K 249 -20.40 -71.81 48.41
N ARG K 250 -20.70 -71.76 47.11
CA ARG K 250 -20.00 -72.59 46.15
C ARG K 250 -18.52 -72.24 46.10
N GLU K 251 -18.19 -70.95 46.08
CA GLU K 251 -16.78 -70.55 46.05
C GLU K 251 -16.09 -70.88 47.37
N LYS K 252 -16.80 -70.82 48.50
CA LYS K 252 -16.22 -71.23 49.76
C LYS K 252 -15.87 -72.71 49.75
N ILE K 253 -16.78 -73.55 49.24
CA ILE K 253 -16.51 -74.98 49.17
C ILE K 253 -15.37 -75.26 48.21
N ALA K 254 -15.33 -74.56 47.08
CA ALA K 254 -14.25 -74.74 46.11
C ALA K 254 -12.91 -74.37 46.72
N ARG K 255 -12.86 -73.26 47.47
CA ARG K 255 -11.62 -72.87 48.13
C ARG K 255 -11.21 -73.90 49.17
N LEU K 256 -12.17 -74.44 49.92
CA LEU K 256 -11.86 -75.46 50.91
C LEU K 256 -11.29 -76.71 50.24
N VAL K 257 -11.82 -77.06 49.06
CA VAL K 257 -11.30 -78.22 48.35
C VAL K 257 -9.91 -77.95 47.81
N THR K 258 -9.68 -76.76 47.25
CA THR K 258 -8.41 -76.47 46.60
C THR K 258 -7.27 -76.22 47.59
N GLN K 259 -7.58 -75.66 48.77
CA GLN K 259 -6.53 -75.36 49.73
C GLN K 259 -5.84 -76.62 50.25
N THR K 260 -6.46 -77.78 50.10
CA THR K 260 -5.84 -79.04 50.50
C THR K 260 -4.65 -79.35 49.61
N ASP L 30 -57.08 -114.01 52.64
CA ASP L 30 -56.66 -114.24 51.27
C ASP L 30 -55.49 -113.35 50.89
N ASN L 31 -55.49 -112.87 49.65
CA ASN L 31 -54.41 -111.99 49.20
C ASN L 31 -54.37 -110.71 50.01
N GLU L 32 -55.53 -110.10 50.26
CA GLU L 32 -55.58 -108.87 51.05
C GLU L 32 -55.13 -109.13 52.49
N PHE L 33 -55.55 -110.25 53.06
CA PHE L 33 -55.13 -110.58 54.43
C PHE L 33 -53.62 -110.76 54.52
N LEU L 34 -53.04 -111.48 53.56
CA LEU L 34 -51.59 -111.67 53.58
C LEU L 34 -50.86 -110.35 53.34
N ILE L 35 -51.38 -109.50 52.46
CA ILE L 35 -50.78 -108.18 52.24
C ILE L 35 -50.78 -107.38 53.53
N LEU L 36 -51.93 -107.34 54.21
CA LEU L 36 -52.01 -106.61 55.47
C LEU L 36 -51.07 -107.18 56.51
N GLN L 37 -50.99 -108.52 56.59
CA GLN L 37 -50.11 -109.15 57.58
C GLN L 37 -48.65 -108.79 57.34
N VAL L 38 -48.19 -108.90 56.08
CA VAL L 38 -46.79 -108.60 55.80
C VAL L 38 -46.51 -107.11 55.98
N ASN L 39 -47.47 -106.25 55.60
CA ASN L 39 -47.28 -104.82 55.80
C ASN L 39 -47.15 -104.49 57.28
N ASP L 40 -48.02 -105.07 58.12
CA ASP L 40 -47.93 -104.84 59.56
C ASP L 40 -46.64 -105.40 60.15
N ALA L 41 -46.20 -106.55 59.66
CA ALA L 41 -44.96 -107.15 60.17
C ALA L 41 -43.72 -106.41 59.71
N VAL L 42 -43.80 -105.65 58.61
CA VAL L 42 -42.63 -104.97 58.09
C VAL L 42 -42.58 -103.52 58.56
N PHE L 43 -43.60 -102.72 58.20
CA PHE L 43 -43.48 -101.28 58.34
C PHE L 43 -43.66 -100.81 59.78
N PRO L 44 -44.76 -101.12 60.47
CA PRO L 44 -44.85 -100.72 61.89
C PRO L 44 -43.79 -101.34 62.76
N ILE L 45 -43.36 -102.56 62.46
CA ILE L 45 -42.32 -103.23 63.23
C ILE L 45 -40.94 -102.78 62.76
N THR L 49 -41.12 -95.43 62.77
CA THR L 49 -39.84 -94.92 63.27
C THR L 49 -39.14 -94.06 62.23
N HIS L 50 -39.59 -94.14 60.99
CA HIS L 50 -39.02 -93.38 59.89
C HIS L 50 -39.88 -92.15 59.62
N SER L 51 -39.24 -90.99 59.56
CA SER L 51 -39.93 -89.72 59.36
C SER L 51 -39.81 -89.19 57.93
N PHE L 52 -38.72 -89.52 57.23
CA PHE L 52 -38.48 -89.02 55.88
C PHE L 52 -38.49 -87.50 55.83
N GLY L 53 -37.90 -86.87 56.85
CA GLY L 53 -37.79 -85.43 56.90
C GLY L 53 -38.90 -84.71 57.64
N LEU L 54 -39.97 -85.42 58.00
CA LEU L 54 -41.06 -84.78 58.75
C LEU L 54 -40.56 -84.28 60.11
N GLU L 55 -39.66 -85.04 60.73
CA GLU L 55 -39.06 -84.59 61.99
C GLU L 55 -38.29 -83.30 61.79
N THR L 56 -37.54 -83.21 60.68
CA THR L 56 -36.82 -81.97 60.39
C THR L 56 -37.78 -80.81 60.18
N TYR L 57 -38.87 -81.04 59.47
CA TYR L 57 -39.87 -79.99 59.26
C TYR L 57 -40.45 -79.51 60.59
N ILE L 58 -40.78 -80.45 61.48
CA ILE L 58 -41.34 -80.08 62.77
C ILE L 58 -40.31 -79.31 63.59
N GLN L 59 -39.06 -79.76 63.60
CA GLN L 59 -38.02 -79.09 64.36
C GLN L 59 -37.75 -77.69 63.82
N GLN L 60 -37.84 -77.50 62.50
CA GLN L 60 -37.69 -76.19 61.89
C GLN L 60 -38.98 -75.38 61.94
N LYS L 61 -40.05 -75.96 62.47
CA LYS L 61 -41.31 -75.24 62.73
C LYS L 61 -42.03 -74.86 61.44
N LYS L 62 -41.93 -75.72 60.43
CA LYS L 62 -42.69 -75.55 59.20
C LYS L 62 -44.02 -76.29 59.24
N VAL L 63 -44.11 -77.36 60.01
CA VAL L 63 -45.34 -78.11 60.21
C VAL L 63 -45.76 -77.93 61.67
N THR L 64 -46.91 -77.31 61.88
CA THR L 64 -47.36 -76.98 63.22
C THR L 64 -48.77 -77.47 63.54
N ASN L 65 -49.68 -77.42 62.57
CA ASN L 65 -51.09 -77.70 62.83
C ASN L 65 -51.63 -78.59 61.71
N LYS L 66 -52.95 -78.75 61.69
CA LYS L 66 -53.58 -79.68 60.75
C LYS L 66 -53.38 -79.24 59.32
N GLU L 67 -53.60 -77.96 59.02
CA GLU L 67 -53.48 -77.51 57.64
C GLU L 67 -52.03 -77.55 57.16
N SER L 68 -51.08 -77.19 58.03
CA SER L 68 -49.67 -77.29 57.66
C SER L 68 -49.27 -78.73 57.41
N ALA L 69 -49.71 -79.65 58.27
CA ALA L 69 -49.39 -81.06 58.06
C ALA L 69 -50.02 -81.58 56.78
N LEU L 70 -51.26 -81.17 56.49
CA LEU L 70 -51.91 -81.59 55.27
C LEU L 70 -51.17 -81.08 54.04
N GLU L 71 -50.74 -79.82 54.07
CA GLU L 71 -49.98 -79.27 52.95
C GLU L 71 -48.66 -80.01 52.76
N TYR L 72 -47.95 -80.28 53.87
CA TYR L 72 -46.70 -81.02 53.76
C TYR L 72 -46.92 -82.42 53.19
N LEU L 73 -47.95 -83.11 53.67
CA LEU L 73 -48.22 -84.46 53.19
C LEU L 73 -48.59 -84.46 51.71
N LYS L 74 -49.42 -83.50 51.30
CA LYS L 74 -49.79 -83.41 49.89
C LYS L 74 -48.57 -83.13 49.02
N ALA L 75 -47.71 -82.21 49.44
CA ALA L 75 -46.52 -81.90 48.66
C ALA L 75 -45.57 -83.09 48.58
N ASN L 76 -45.37 -83.78 49.70
CA ASN L 76 -44.47 -84.93 49.71
C ASN L 76 -45.00 -86.04 48.82
N LEU L 77 -46.30 -86.33 48.93
CA LEU L 77 -46.90 -87.36 48.08
C LEU L 77 -46.82 -86.98 46.61
N SER L 78 -47.04 -85.70 46.30
CA SER L 78 -47.00 -85.25 44.90
C SER L 78 -45.59 -85.38 44.33
N SER L 79 -44.57 -85.00 45.10
CA SER L 79 -43.24 -85.00 44.52
C SER L 79 -42.46 -86.28 44.80
N GLN L 80 -42.13 -86.53 46.06
CA GLN L 80 -41.12 -87.56 46.36
C GLN L 80 -41.73 -88.95 46.32
N PHE L 81 -42.86 -89.13 46.98
CA PHE L 81 -43.54 -90.43 46.95
C PHE L 81 -43.95 -90.79 45.53
N LEU L 82 -44.42 -89.81 44.76
CA LEU L 82 -44.88 -90.09 43.40
C LEU L 82 -43.71 -90.46 42.49
N TYR L 83 -42.64 -89.67 42.51
CA TYR L 83 -41.57 -89.84 41.53
C TYR L 83 -40.45 -90.75 42.01
N THR L 84 -40.51 -91.28 43.22
CA THR L 84 -39.49 -92.19 43.72
C THR L 84 -40.02 -93.53 44.18
N GLU L 85 -41.25 -93.58 44.72
CA GLU L 85 -41.80 -94.81 45.26
C GLU L 85 -42.88 -95.42 44.37
N MET L 86 -43.92 -94.65 44.03
CA MET L 86 -45.00 -95.20 43.21
C MET L 86 -44.53 -95.47 41.79
N LEU L 87 -43.74 -94.57 41.21
CA LEU L 87 -43.21 -94.78 39.87
C LEU L 87 -42.29 -96.00 39.84
N SER L 88 -41.43 -96.13 40.86
CA SER L 88 -40.55 -97.29 40.94
C SER L 88 -41.36 -98.58 41.10
N LEU L 89 -42.44 -98.52 41.88
CA LEU L 89 -43.31 -99.67 42.05
C LEU L 89 -43.92 -100.10 40.72
N LYS L 90 -44.44 -99.13 39.97
CA LYS L 90 -45.05 -99.45 38.67
C LYS L 90 -44.01 -100.00 37.71
N LEU L 91 -42.81 -99.39 37.68
CA LEU L 91 -41.76 -99.87 36.78
C LEU L 91 -41.33 -101.29 37.13
N THR L 92 -41.17 -101.58 38.41
CA THR L 92 -40.80 -102.93 38.82
C THR L 92 -41.91 -103.92 38.52
N TYR L 93 -43.17 -103.51 38.68
CA TYR L 93 -44.28 -104.39 38.33
C TYR L 93 -44.26 -104.74 36.86
N GLU L 94 -44.08 -103.72 36.00
CA GLU L 94 -44.00 -103.98 34.56
C GLU L 94 -42.80 -104.85 34.22
N SER L 95 -41.65 -104.59 34.84
CA SER L 95 -40.44 -105.35 34.54
C SER L 95 -40.58 -106.80 34.98
N ALA L 96 -41.27 -107.04 36.10
CA ALA L 96 -41.48 -108.41 36.54
C ALA L 96 -42.53 -109.12 35.68
N LEU L 97 -43.53 -108.38 35.19
CA LEU L 97 -44.48 -108.95 34.25
C LEU L 97 -43.78 -109.36 32.97
N GLN L 98 -42.81 -108.57 32.51
CA GLN L 98 -41.99 -108.92 31.36
C GLN L 98 -40.84 -109.84 31.70
N GLN L 99 -40.64 -110.15 32.99
CA GLN L 99 -39.55 -111.01 33.46
C GLN L 99 -38.19 -110.42 33.10
N ASP L 100 -38.03 -109.12 33.37
CA ASP L 100 -36.80 -108.39 33.07
C ASP L 100 -36.04 -108.15 34.37
N LEU L 101 -35.27 -109.16 34.77
CA LEU L 101 -34.44 -109.04 35.97
C LEU L 101 -33.39 -107.95 35.80
N LYS L 102 -32.80 -107.85 34.61
CA LYS L 102 -31.82 -106.80 34.35
C LYS L 102 -32.46 -105.42 34.49
N LYS L 103 -33.68 -105.25 33.98
CA LYS L 103 -34.37 -103.97 34.12
C LYS L 103 -34.68 -103.66 35.58
N ILE L 104 -35.09 -104.67 36.35
CA ILE L 104 -35.34 -104.46 37.78
C ILE L 104 -34.07 -104.00 38.48
N LEU L 105 -32.96 -104.68 38.21
CA LEU L 105 -31.70 -104.32 38.84
C LEU L 105 -31.24 -102.94 38.42
N GLY L 106 -31.43 -102.59 37.15
CA GLY L 106 -31.08 -101.24 36.70
C GLY L 106 -31.91 -100.18 37.37
N VAL L 107 -33.20 -100.42 37.54
CA VAL L 107 -34.05 -99.46 38.24
C VAL L 107 -33.61 -99.31 39.69
N GLU L 108 -33.28 -100.42 40.35
CA GLU L 108 -32.80 -100.36 41.72
C GLU L 108 -31.50 -99.57 41.81
N GLU L 109 -30.58 -99.80 40.87
CA GLU L 109 -29.31 -99.07 40.86
C GLU L 109 -29.55 -97.59 40.64
N VAL L 110 -30.46 -97.24 39.74
CA VAL L 110 -30.77 -95.83 39.50
C VAL L 110 -31.32 -95.19 40.76
N ILE L 111 -32.22 -95.88 41.45
CA ILE L 111 -32.80 -95.34 42.68
C ILE L 111 -31.71 -95.13 43.73
N MET L 112 -30.83 -96.13 43.89
CA MET L 112 -29.79 -96.04 44.90
C MET L 112 -28.83 -94.89 44.60
N LEU L 113 -28.45 -94.71 43.34
CA LEU L 113 -27.51 -93.66 42.97
C LEU L 113 -28.16 -92.29 42.90
N SER L 114 -29.48 -92.22 42.81
CA SER L 114 -30.18 -90.94 42.82
C SER L 114 -30.59 -90.50 44.22
N THR L 115 -30.69 -91.43 45.16
CA THR L 115 -31.09 -91.09 46.54
C THR L 115 -29.93 -90.42 47.25
N SER L 116 -29.82 -89.11 47.05
CA SER L 116 -28.76 -88.34 47.70
C SER L 116 -28.81 -88.38 49.22
N PRO L 117 -29.96 -88.18 49.88
CA PRO L 117 -29.97 -88.18 51.35
C PRO L 117 -29.58 -89.54 51.93
N MET L 118 -28.58 -89.52 52.82
CA MET L 118 -28.12 -90.75 53.45
C MET L 118 -29.21 -91.37 54.31
N GLU L 119 -29.96 -90.55 55.05
CA GLU L 119 -31.03 -91.09 55.88
C GLU L 119 -32.10 -91.77 55.04
N LEU L 120 -32.51 -91.12 53.94
CA LEU L 120 -33.52 -91.73 53.07
C LEU L 120 -33.01 -93.01 52.45
N ARG L 121 -31.75 -93.00 51.98
CA ARG L 121 -31.19 -94.21 51.37
C ARG L 121 -31.14 -95.35 52.38
N LEU L 122 -30.67 -95.07 53.60
CA LEU L 122 -30.58 -96.11 54.62
C LEU L 122 -31.96 -96.63 55.02
N ALA L 123 -32.94 -95.73 55.14
CA ALA L 123 -34.29 -96.16 55.48
C ALA L 123 -34.86 -97.05 54.39
N ASN L 124 -34.69 -96.67 53.13
CA ASN L 124 -35.22 -97.48 52.04
C ASN L 124 -34.54 -98.84 51.99
N GLN L 125 -33.22 -98.88 52.17
CA GLN L 125 -32.51 -100.16 52.15
C GLN L 125 -32.95 -101.04 53.31
N LYS L 126 -33.09 -100.46 54.51
CA LYS L 126 -33.53 -101.24 55.66
C LYS L 126 -34.94 -101.79 55.46
N LEU L 127 -35.85 -100.96 54.93
CA LEU L 127 -37.21 -101.43 54.71
C LEU L 127 -37.25 -102.53 53.65
N GLY L 128 -36.48 -102.38 52.58
CA GLY L 128 -36.44 -103.42 51.56
C GLY L 128 -35.87 -104.72 52.09
N ASN L 129 -34.79 -104.64 52.87
CA ASN L 129 -34.23 -105.84 53.47
C ASN L 129 -35.20 -106.51 54.43
N ARG L 130 -35.90 -105.69 55.24
CA ARG L 130 -36.89 -106.26 56.16
C ARG L 130 -38.03 -106.94 55.40
N PHE L 131 -38.50 -106.32 54.32
CA PHE L 131 -39.56 -106.92 53.52
C PHE L 131 -39.10 -108.24 52.92
N ILE L 132 -37.88 -108.26 52.36
CA ILE L 132 -37.36 -109.48 51.75
C ILE L 132 -37.23 -110.58 52.79
N LYS L 133 -36.68 -110.24 53.97
CA LYS L 133 -36.50 -111.25 55.02
C LYS L 133 -37.84 -111.77 55.51
N THR L 134 -38.83 -110.88 55.67
CA THR L 134 -40.15 -111.31 56.12
C THR L 134 -40.79 -112.26 55.12
N LEU L 135 -40.71 -111.92 53.83
CA LEU L 135 -41.26 -112.83 52.81
C LEU L 135 -40.52 -114.15 52.79
N GLN L 136 -39.20 -114.13 52.98
CA GLN L 136 -38.43 -115.36 52.96
C GLN L 136 -38.76 -116.26 54.14
N ALA L 137 -38.96 -115.67 55.33
CA ALA L 137 -39.05 -116.45 56.56
C ALA L 137 -40.50 -116.69 57.00
N MET L 138 -41.26 -115.61 57.21
CA MET L 138 -42.59 -115.78 57.81
C MET L 138 -43.58 -116.37 56.81
N ASN L 139 -43.55 -115.93 55.56
CA ASN L 139 -44.50 -116.38 54.54
C ASN L 139 -44.06 -117.77 54.08
N GLU L 140 -44.55 -118.80 54.77
CA GLU L 140 -44.22 -120.19 54.45
C GLU L 140 -45.16 -120.69 53.35
N LEU L 141 -44.94 -120.17 52.15
CA LEU L 141 -45.75 -120.52 51.00
C LEU L 141 -44.95 -120.25 49.73
N ASP L 142 -45.42 -120.81 48.62
CA ASP L 142 -44.71 -120.66 47.35
C ASP L 142 -44.90 -119.26 46.78
N MET L 143 -44.02 -118.33 47.18
CA MET L 143 -44.11 -116.97 46.68
C MET L 143 -43.89 -116.90 45.17
N GLY L 144 -42.92 -117.66 44.67
CA GLY L 144 -42.64 -117.66 43.24
C GLY L 144 -41.16 -117.81 42.93
N GLU L 145 -40.86 -118.57 41.88
CA GLU L 145 -39.45 -118.77 41.50
C GLU L 145 -38.80 -117.46 41.09
N PHE L 146 -39.54 -116.61 40.36
CA PHE L 146 -38.99 -115.32 39.96
C PHE L 146 -38.66 -114.45 41.16
N PHE L 147 -39.58 -114.38 42.13
CA PHE L 147 -39.33 -113.58 43.32
C PHE L 147 -38.17 -114.14 44.13
N ASN L 148 -38.08 -115.47 44.25
CA ASN L 148 -36.97 -116.07 44.99
C ASN L 148 -35.64 -115.76 44.31
N ALA L 149 -35.59 -115.87 42.98
CA ALA L 149 -34.36 -115.54 42.26
C ALA L 149 -34.00 -114.07 42.41
N TYR L 150 -35.00 -113.19 42.34
CA TYR L 150 -34.74 -111.77 42.52
C TYR L 150 -34.20 -111.48 43.91
N ALA L 151 -34.77 -112.11 44.94
CA ALA L 151 -34.29 -111.90 46.30
C ALA L 151 -32.87 -112.42 46.46
N GLN L 152 -32.56 -113.56 45.84
CA GLN L 152 -31.22 -114.12 45.98
C GLN L 152 -30.18 -113.37 45.15
N LYS L 153 -30.60 -112.64 44.12
CA LYS L 153 -29.66 -111.94 43.25
C LYS L 153 -29.59 -110.43 43.52
N THR L 154 -30.51 -109.87 44.29
CA THR L 154 -30.53 -108.43 44.50
C THR L 154 -29.47 -108.02 45.52
N LYS L 155 -29.11 -106.75 45.47
CA LYS L 155 -28.15 -106.16 46.40
C LYS L 155 -28.76 -105.09 47.27
N ASP L 156 -29.39 -104.08 46.69
CA ASP L 156 -29.97 -102.96 47.41
C ASP L 156 -31.43 -102.81 47.00
N PRO L 157 -32.31 -103.65 47.55
CA PRO L 157 -33.73 -103.63 47.15
C PRO L 157 -34.49 -102.56 47.92
N THR L 158 -35.08 -101.61 47.20
CA THR L 158 -35.95 -100.63 47.82
C THR L 158 -37.28 -101.28 48.20
N HIS L 159 -37.93 -100.70 49.22
CA HIS L 159 -39.20 -101.24 49.69
C HIS L 159 -40.27 -101.17 48.60
N ALA L 160 -40.34 -100.05 47.88
CA ALA L 160 -41.35 -99.91 46.85
C ALA L 160 -41.12 -100.90 45.71
N THR L 161 -39.87 -101.06 45.28
CA THR L 161 -39.58 -102.02 44.21
C THR L 161 -39.85 -103.44 44.66
N SER L 162 -39.51 -103.77 45.92
CA SER L 162 -39.79 -105.10 46.44
C SER L 162 -41.29 -105.37 46.48
N TYR L 163 -42.08 -104.39 46.93
CA TYR L 163 -43.53 -104.56 46.93
C TYR L 163 -44.07 -104.71 45.52
N GLY L 164 -43.52 -103.94 44.58
CA GLY L 164 -43.99 -104.05 43.20
C GLY L 164 -43.72 -105.41 42.59
N VAL L 165 -42.50 -105.93 42.77
CA VAL L 165 -42.18 -107.24 42.22
C VAL L 165 -42.97 -108.32 42.93
N PHE L 166 -43.20 -108.17 44.24
CA PHE L 166 -44.01 -109.13 44.97
C PHE L 166 -45.44 -109.17 44.44
N ALA L 167 -46.03 -107.99 44.21
CA ALA L 167 -47.38 -107.94 43.65
C ALA L 167 -47.42 -108.52 42.24
N ALA L 168 -46.41 -108.22 41.43
CA ALA L 168 -46.38 -108.76 40.07
C ALA L 168 -46.30 -110.28 40.08
N SER L 169 -45.46 -110.85 40.96
CA SER L 169 -45.37 -112.30 41.06
C SER L 169 -46.66 -112.90 41.60
N LEU L 170 -47.32 -112.23 42.55
CA LEU L 170 -48.56 -112.73 43.11
C LEU L 170 -49.77 -112.50 42.22
N GLY L 171 -49.63 -111.73 41.15
CA GLY L 171 -50.74 -111.48 40.25
C GLY L 171 -51.67 -110.38 40.69
N ILE L 172 -51.29 -109.60 41.70
CA ILE L 172 -52.14 -108.52 42.18
C ILE L 172 -52.28 -107.44 41.12
N GLU L 173 -53.43 -106.78 41.09
CA GLU L 173 -53.67 -105.70 40.14
C GLU L 173 -52.76 -104.52 40.44
N LEU L 174 -52.31 -103.85 39.38
CA LEU L 174 -51.38 -102.74 39.52
C LEU L 174 -52.02 -101.59 40.31
N LYS L 175 -53.22 -101.18 39.92
CA LYS L 175 -53.89 -100.07 40.58
C LYS L 175 -54.18 -100.39 42.05
N LYS L 176 -54.64 -101.62 42.31
CA LYS L 176 -54.90 -102.02 43.69
C LYS L 176 -53.63 -102.03 44.52
N ALA L 177 -52.53 -102.54 43.97
CA ALA L 177 -51.27 -102.58 44.70
C ALA L 177 -50.79 -101.17 45.01
N LEU L 178 -50.86 -100.27 44.03
CA LEU L 178 -50.46 -98.89 44.27
C LEU L 178 -51.33 -98.23 45.33
N ALA L 179 -52.65 -98.45 45.26
CA ALA L 179 -53.55 -97.85 46.24
C ALA L 179 -53.25 -98.35 47.64
N HIS L 180 -53.04 -99.67 47.78
CA HIS L 180 -52.76 -100.24 49.09
C HIS L 180 -51.43 -99.72 49.65
N TYR L 181 -50.39 -99.69 48.83
CA TYR L 181 -49.08 -99.21 49.28
C TYR L 181 -49.15 -97.75 49.70
N LEU L 182 -49.81 -96.92 48.87
CA LEU L 182 -49.93 -95.51 49.20
C LEU L 182 -50.75 -95.30 50.47
N ASP L 183 -51.83 -96.07 50.64
CA ASP L 183 -52.66 -95.95 51.83
C ASP L 183 -51.87 -96.33 53.09
N ALA L 184 -51.10 -97.42 53.02
CA ALA L 184 -50.32 -97.84 54.18
C ALA L 184 -49.25 -96.80 54.52
N GLN L 185 -48.54 -96.31 53.50
CA GLN L 185 -47.50 -95.32 53.76
C GLN L 185 -48.09 -94.03 54.33
N THR L 186 -49.24 -93.60 53.82
CA THR L 186 -49.86 -92.40 54.34
C THR L 186 -50.41 -92.60 55.75
N SER L 187 -50.89 -93.81 56.07
CA SER L 187 -51.29 -94.09 57.45
C SER L 187 -50.11 -93.99 58.39
N ASN L 188 -48.96 -94.55 58.00
CA ASN L 188 -47.77 -94.41 58.83
C ASN L 188 -47.36 -92.94 58.95
N MET L 189 -47.44 -92.20 57.85
CA MET L 189 -47.07 -90.78 57.89
C MET L 189 -47.97 -89.98 58.81
N VAL L 190 -49.28 -90.23 58.76
CA VAL L 190 -50.21 -89.46 59.59
C VAL L 190 -50.05 -89.84 61.06
N ILE L 191 -49.81 -91.11 61.37
CA ILE L 191 -49.61 -91.47 62.76
C ILE L 191 -48.30 -90.89 63.29
N ASN L 192 -47.26 -90.86 62.44
CA ASN L 192 -46.01 -90.22 62.85
C ASN L 192 -46.22 -88.73 63.10
N CYS L 193 -46.97 -88.07 62.22
CA CYS L 193 -47.22 -86.63 62.40
C CYS L 193 -48.03 -86.36 63.66
N VAL L 194 -49.05 -87.19 63.93
CA VAL L 194 -49.86 -87.01 65.12
C VAL L 194 -49.05 -87.30 66.38
N LYS L 195 -48.06 -88.17 66.30
CA LYS L 195 -47.20 -88.43 67.45
C LYS L 195 -46.19 -87.30 67.67
N SER L 196 -45.68 -86.71 66.59
CA SER L 196 -44.51 -85.85 66.67
C SER L 196 -44.83 -84.36 66.70
N VAL L 197 -45.94 -83.92 66.10
CA VAL L 197 -46.22 -82.48 66.03
C VAL L 197 -46.39 -81.87 67.41
N PRO L 198 -47.23 -82.41 68.33
CA PRO L 198 -48.20 -83.49 68.22
C PRO L 198 -49.59 -82.99 67.84
N LEU L 199 -50.41 -83.86 67.28
CA LEU L 199 -51.80 -83.53 66.94
C LEU L 199 -52.73 -84.44 67.75
N SER L 200 -54.01 -84.37 67.44
CA SER L 200 -55.00 -85.23 68.06
C SER L 200 -55.40 -86.33 67.09
N GLN L 201 -55.90 -87.44 67.65
CA GLN L 201 -56.40 -88.54 66.83
C GLN L 201 -57.51 -88.07 65.91
N ASN L 202 -58.29 -87.08 66.34
CA ASN L 202 -59.32 -86.52 65.46
C ASN L 202 -58.69 -85.87 64.23
N ASP L 203 -57.62 -85.09 64.42
CA ASP L 203 -56.95 -84.47 63.29
C ASP L 203 -56.29 -85.52 62.40
N GLY L 204 -55.74 -86.57 63.00
CA GLY L 204 -55.17 -87.65 62.20
C GLY L 204 -56.21 -88.32 61.33
N GLN L 205 -57.37 -88.62 61.90
CA GLN L 205 -58.45 -89.20 61.12
C GLN L 205 -58.93 -88.23 60.04
N LYS L 206 -58.99 -86.94 60.36
CA LYS L 206 -59.43 -85.95 59.39
C LYS L 206 -58.48 -85.88 58.19
N ILE L 207 -57.17 -85.85 58.45
CA ILE L 207 -56.22 -85.77 57.36
C ILE L 207 -56.17 -87.09 56.59
N LEU L 208 -56.39 -88.21 57.27
CA LEU L 208 -56.50 -89.48 56.55
C LEU L 208 -57.70 -89.49 55.63
N LEU L 209 -58.83 -88.95 56.08
CA LEU L 209 -60.05 -88.97 55.28
C LEU L 209 -60.03 -87.95 54.15
N SER L 210 -59.34 -86.82 54.34
CA SER L 210 -59.35 -85.74 53.36
C SER L 210 -58.34 -85.95 52.25
N LEU L 211 -57.57 -87.04 52.27
CA LEU L 211 -56.57 -87.31 51.25
C LEU L 211 -57.04 -88.32 50.22
N GLN L 212 -58.33 -88.66 50.20
CA GLN L 212 -58.82 -89.68 49.29
C GLN L 212 -58.71 -89.24 47.83
N SER L 213 -59.15 -88.02 47.53
CA SER L 213 -59.04 -87.51 46.16
C SER L 213 -57.60 -87.40 45.68
N PRO L 214 -56.67 -86.83 46.46
CA PRO L 214 -55.26 -86.84 46.00
C PRO L 214 -54.71 -88.24 45.77
N PHE L 215 -55.19 -89.23 46.52
CA PHE L 215 -54.75 -90.61 46.27
C PHE L 215 -55.14 -91.06 44.87
N ASN L 216 -56.40 -90.84 44.50
CA ASN L 216 -56.86 -91.21 43.16
C ASN L 216 -56.11 -90.43 42.09
N GLN L 217 -55.88 -89.13 42.33
CA GLN L 217 -55.14 -88.32 41.36
C GLN L 217 -53.72 -88.82 41.17
N LEU L 218 -53.04 -89.19 42.27
CA LEU L 218 -51.69 -89.71 42.18
C LEU L 218 -51.66 -91.05 41.46
N ILE L 219 -52.64 -91.91 41.72
CA ILE L 219 -52.69 -93.20 41.02
C ILE L 219 -52.91 -92.97 39.52
N GLU L 220 -53.78 -92.03 39.17
CA GLU L 220 -54.01 -91.71 37.76
C GLU L 220 -52.75 -91.16 37.11
N LYS L 221 -52.01 -90.32 37.83
CA LYS L 221 -50.75 -89.79 37.30
C LYS L 221 -49.74 -90.91 37.07
N THR L 222 -49.61 -91.83 38.04
CA THR L 222 -48.71 -92.95 37.87
C THR L 222 -49.14 -93.85 36.73
N LEU L 223 -50.45 -93.93 36.46
CA LEU L 223 -50.96 -94.71 35.36
C LEU L 223 -50.49 -94.20 34.00
N GLU L 224 -50.00 -92.96 33.93
CA GLU L 224 -49.49 -92.41 32.69
C GLU L 224 -48.04 -91.95 32.76
N LEU L 225 -47.39 -92.10 33.91
CA LEU L 225 -45.98 -91.74 34.03
C LEU L 225 -45.10 -92.74 33.25
N ASP L 226 -43.80 -92.51 33.29
CA ASP L 226 -42.85 -93.34 32.56
C ASP L 226 -41.51 -93.33 33.29
N GLU L 227 -40.55 -94.10 32.77
CA GLU L 227 -39.25 -94.23 33.41
C GLU L 227 -38.41 -92.97 33.31
N SER L 228 -38.76 -92.05 32.41
CA SER L 228 -38.00 -90.81 32.28
C SER L 228 -38.12 -89.95 33.53
N HIS L 229 -39.21 -90.07 34.27
CA HIS L 229 -39.45 -89.29 35.48
C HIS L 229 -38.97 -89.99 36.74
N LEU L 230 -38.32 -91.15 36.61
CA LEU L 230 -37.91 -91.91 37.77
C LEU L 230 -36.93 -91.12 38.62
N CYS L 231 -37.17 -91.11 39.94
CA CYS L 231 -36.31 -90.44 40.91
C CYS L 231 -36.13 -88.96 40.56
N THR L 232 -37.23 -88.29 40.23
CA THR L 232 -37.18 -86.85 40.01
C THR L 232 -36.71 -86.15 41.28
N ALA L 233 -35.73 -85.26 41.12
CA ALA L 233 -35.04 -84.68 42.27
C ALA L 233 -35.95 -83.68 42.98
N SER L 234 -36.45 -84.05 44.15
CA SER L 234 -37.05 -83.10 45.06
C SER L 234 -35.95 -82.29 45.74
N VAL L 235 -36.27 -81.05 46.09
CA VAL L 235 -35.24 -80.14 46.57
C VAL L 235 -35.34 -79.93 48.09
N GLN L 236 -36.45 -79.34 48.53
CA GLN L 236 -36.57 -79.03 49.95
C GLN L 236 -36.71 -80.29 50.79
N ASN L 237 -37.39 -81.30 50.26
CA ASN L 237 -37.50 -82.57 50.98
C ASN L 237 -36.14 -83.20 51.19
N ASP L 238 -35.31 -83.22 50.16
CA ASP L 238 -33.97 -83.79 50.28
C ASP L 238 -33.11 -82.95 51.21
N ILE L 239 -33.24 -81.62 51.15
CA ILE L 239 -32.46 -80.76 52.03
C ILE L 239 -32.82 -81.03 53.49
N LYS L 240 -34.12 -81.15 53.77
CA LYS L 240 -34.55 -81.44 55.14
C LYS L 240 -34.10 -82.83 55.58
N ALA L 241 -34.15 -83.81 54.67
CA ALA L 241 -33.69 -85.15 55.01
C ALA L 241 -32.21 -85.16 55.35
N MET L 242 -31.41 -84.38 54.62
CA MET L 242 -29.98 -84.32 54.90
C MET L 242 -29.70 -83.50 56.15
N GLN L 243 -30.53 -82.50 56.45
CA GLN L 243 -30.38 -81.75 57.70
C GLN L 243 -30.82 -82.56 58.91
N HIS L 244 -31.61 -83.61 58.69
CA HIS L 244 -31.98 -84.51 59.78
C HIS L 244 -30.76 -85.09 60.48
N GLU L 245 -29.67 -85.32 59.74
CA GLU L 245 -28.43 -85.76 60.37
C GLU L 245 -27.87 -84.71 61.31
N SER L 246 -27.95 -83.44 60.91
CA SER L 246 -27.44 -82.34 61.73
C SER L 246 -28.43 -81.88 62.79
N LEU L 247 -29.62 -82.49 62.84
CA LEU L 247 -30.57 -82.15 63.89
C LEU L 247 -29.98 -82.44 65.27
N TYR L 248 -30.41 -81.65 66.25
CA TYR L 248 -29.89 -81.79 67.61
C TYR L 248 -30.20 -83.17 68.18
N SER L 249 -31.48 -83.46 68.38
CA SER L 249 -31.93 -84.75 68.88
C SER L 249 -32.86 -85.38 67.86
N ARG L 250 -32.58 -86.62 67.48
CA ARG L 250 -33.31 -87.33 66.45
C ARG L 250 -34.21 -88.38 67.09
N LEU L 251 -35.51 -88.08 67.15
CA LEU L 251 -36.49 -89.05 67.64
C LEU L 251 -36.90 -90.05 66.58
N TYR L 252 -36.47 -89.86 65.33
CA TYR L 252 -36.77 -90.77 64.25
C TYR L 252 -35.46 -91.22 63.60
N MET L 253 -35.48 -92.45 63.07
CA MET L 253 -34.27 -93.02 62.47
C MET L 253 -33.81 -92.22 61.27
N SER L 254 -34.75 -91.81 60.42
CA SER L 254 -34.40 -91.06 59.22
C SER L 254 -35.26 -89.81 59.07
N MET M 1 -59.14 -0.76 -15.37
CA MET M 1 -58.97 -0.38 -16.77
C MET M 1 -57.52 -0.05 -17.07
N LYS M 2 -56.70 -1.10 -17.16
CA LYS M 2 -55.25 -0.91 -17.29
C LYS M 2 -54.92 0.00 -18.46
N LEU M 3 -54.39 1.17 -18.15
CA LEU M 3 -54.12 2.19 -19.16
C LEU M 3 -52.63 2.24 -19.45
N THR M 4 -52.29 2.21 -20.69
CA THR M 4 -50.90 2.30 -21.10
C THR M 4 -50.50 3.75 -21.30
N PRO M 5 -49.19 4.03 -21.27
CA PRO M 5 -48.75 5.41 -21.52
C PRO M 5 -49.21 5.95 -22.86
N LYS M 6 -49.28 5.09 -23.87
CA LYS M 6 -49.83 5.51 -25.16
C LYS M 6 -51.27 5.97 -25.02
N GLU M 7 -52.08 5.23 -24.24
CA GLU M 7 -53.46 5.63 -24.05
C GLU M 7 -53.57 6.94 -23.30
N LEU M 8 -52.69 7.16 -22.31
CA LEU M 8 -52.71 8.43 -21.60
C LEU M 8 -52.36 9.59 -22.52
N ASP M 9 -51.35 9.40 -23.39
CA ASP M 9 -50.99 10.42 -24.35
C ASP M 9 -52.14 10.71 -25.31
N LYS M 10 -52.81 9.66 -25.78
CA LYS M 10 -53.92 9.85 -26.70
C LYS M 10 -55.08 10.56 -26.02
N LEU M 11 -55.31 10.30 -24.73
CA LEU M 11 -56.35 11.02 -24.01
C LEU M 11 -56.02 12.50 -23.91
N MET M 12 -54.76 12.82 -23.62
CA MET M 12 -54.36 14.22 -23.60
C MET M 12 -54.58 14.87 -24.96
N LEU M 13 -54.22 14.16 -26.03
CA LEU M 13 -54.40 14.70 -27.38
C LEU M 13 -55.88 14.90 -27.69
N HIS M 14 -56.72 13.95 -27.29
CA HIS M 14 -58.14 14.07 -27.55
C HIS M 14 -58.73 15.28 -26.84
N TYR M 15 -58.31 15.54 -25.62
CA TYR M 15 -58.89 16.69 -24.93
C TYR M 15 -58.29 18.01 -25.40
N ALA M 16 -57.06 18.00 -25.89
CA ALA M 16 -56.56 19.17 -26.61
C ALA M 16 -57.42 19.45 -27.84
N GLY M 17 -57.77 18.39 -28.58
CA GLY M 17 -58.65 18.57 -29.73
C GLY M 17 -60.03 19.05 -29.35
N GLU M 18 -60.54 18.58 -28.22
CA GLU M 18 -61.83 19.06 -27.72
C GLU M 18 -61.77 20.55 -27.39
N LEU M 19 -60.68 20.98 -26.76
CA LEU M 19 -60.52 22.40 -26.48
C LEU M 19 -60.47 23.21 -27.77
N ALA M 20 -59.75 22.71 -28.77
CA ALA M 20 -59.70 23.39 -30.06
C ALA M 20 -61.07 23.48 -30.69
N LYS M 21 -61.85 22.40 -30.60
CA LYS M 21 -63.20 22.40 -31.17
C LYS M 21 -64.09 23.40 -30.46
N LYS M 22 -63.99 23.49 -29.13
CA LYS M 22 -64.78 24.45 -28.40
C LYS M 22 -64.41 25.89 -28.77
N ARG M 23 -63.11 26.15 -28.93
CA ARG M 23 -62.70 27.47 -29.37
C ARG M 23 -63.22 27.80 -30.76
N LYS M 24 -63.18 26.82 -31.66
CA LYS M 24 -63.71 27.03 -33.00
C LYS M 24 -65.20 27.32 -32.97
N GLU M 25 -65.94 26.63 -32.09
CA GLU M 25 -67.36 26.93 -31.94
C GLU M 25 -67.57 28.34 -31.41
N LYS M 26 -66.75 28.76 -30.45
CA LYS M 26 -66.81 30.13 -29.96
C LYS M 26 -66.46 31.13 -31.04
N GLY M 27 -65.77 30.71 -32.09
CA GLY M 27 -65.41 31.59 -33.18
C GLY M 27 -64.01 32.11 -33.16
N ILE M 28 -63.17 31.62 -32.24
CA ILE M 28 -61.77 31.99 -32.23
C ILE M 28 -61.06 31.31 -33.38
N LYS M 29 -60.26 32.07 -34.13
CA LYS M 29 -59.47 31.48 -35.19
C LYS M 29 -58.38 30.61 -34.58
N LEU M 30 -58.29 29.37 -35.04
CA LEU M 30 -57.37 28.42 -34.45
C LEU M 30 -55.93 28.74 -34.81
N ASN M 31 -55.02 28.46 -33.89
CA ASN M 31 -53.61 28.57 -34.16
C ASN M 31 -53.06 27.21 -34.58
N TYR M 32 -51.74 27.11 -34.66
CA TYR M 32 -51.11 25.90 -35.18
C TYR M 32 -51.42 24.70 -34.31
N VAL M 33 -51.22 24.84 -32.99
CA VAL M 33 -51.44 23.73 -32.08
C VAL M 33 -52.89 23.30 -32.09
N GLU M 34 -53.80 24.26 -32.04
CA GLU M 34 -55.22 23.94 -32.03
C GLU M 34 -55.63 23.23 -33.31
N ALA M 35 -55.14 23.68 -34.46
CA ALA M 35 -55.51 23.05 -35.72
C ALA M 35 -55.02 21.61 -35.77
N VAL M 36 -53.75 21.38 -35.41
CA VAL M 36 -53.22 20.03 -35.44
C VAL M 36 -53.99 19.13 -34.49
N ALA M 37 -54.26 19.62 -33.28
CA ALA M 37 -54.97 18.81 -32.30
C ALA M 37 -56.39 18.50 -32.77
N LEU M 38 -57.06 19.48 -33.38
CA LEU M 38 -58.42 19.26 -33.85
C LEU M 38 -58.46 18.17 -34.92
N ILE M 39 -57.56 18.25 -35.90
CA ILE M 39 -57.55 17.25 -36.95
C ILE M 39 -57.26 15.86 -36.38
N SER M 40 -56.24 15.77 -35.52
CA SER M 40 -55.86 14.47 -34.97
C SER M 40 -56.98 13.87 -34.12
N ALA M 41 -57.61 14.69 -33.27
CA ALA M 41 -58.68 14.18 -32.42
C ALA M 41 -59.87 13.73 -33.26
N HIS M 42 -60.20 14.47 -34.31
CA HIS M 42 -61.31 14.05 -35.16
C HIS M 42 -61.01 12.71 -35.84
N ILE M 43 -59.78 12.53 -36.33
CA ILE M 43 -59.43 11.27 -36.96
C ILE M 43 -59.53 10.14 -35.96
N MET M 44 -59.03 10.35 -34.75
CA MET M 44 -59.08 9.30 -33.73
C MET M 44 -60.52 8.91 -33.42
N GLU M 45 -61.40 9.90 -33.28
CA GLU M 45 -62.79 9.59 -32.99
C GLU M 45 -63.46 8.83 -34.13
N GLU M 46 -63.19 9.22 -35.37
CA GLU M 46 -63.78 8.51 -36.51
C GLU M 46 -63.29 7.08 -36.56
N ALA M 47 -62.01 6.85 -36.32
CA ALA M 47 -61.49 5.50 -36.32
C ALA M 47 -62.11 4.66 -35.22
N ARG M 48 -62.29 5.25 -34.03
CA ARG M 48 -62.97 4.53 -32.97
C ARG M 48 -64.39 4.18 -33.35
N ALA M 49 -65.08 5.10 -34.04
CA ALA M 49 -66.42 4.81 -34.52
C ALA M 49 -66.40 3.61 -35.46
N GLY M 50 -65.39 3.52 -36.31
CA GLY M 50 -65.17 2.31 -37.09
C GLY M 50 -66.04 2.16 -38.31
N LYS M 51 -66.72 3.22 -38.76
CA LYS M 51 -67.50 3.16 -39.99
C LYS M 51 -66.70 3.57 -41.21
N LYS M 52 -65.47 4.06 -41.04
CA LYS M 52 -64.66 4.55 -42.14
C LYS M 52 -63.35 3.79 -42.23
N THR M 53 -62.79 3.75 -43.42
CA THR M 53 -61.48 3.18 -43.63
C THR M 53 -60.40 4.25 -43.48
N ALA M 54 -59.15 3.81 -43.47
CA ALA M 54 -58.04 4.75 -43.36
C ALA M 54 -58.00 5.70 -44.55
N ALA M 55 -58.32 5.20 -45.74
CA ALA M 55 -58.39 6.08 -46.91
C ALA M 55 -59.49 7.11 -46.77
N GLU M 56 -60.67 6.69 -46.28
CA GLU M 56 -61.75 7.64 -46.06
C GLU M 56 -61.34 8.70 -45.04
N LEU M 57 -60.62 8.29 -43.99
CA LEU M 57 -60.19 9.25 -42.99
C LEU M 57 -59.15 10.21 -43.54
N MET M 58 -58.24 9.71 -44.38
CA MET M 58 -57.27 10.58 -45.02
C MET M 58 -57.97 11.63 -45.87
N GLN M 59 -59.01 11.22 -46.59
CA GLN M 59 -59.79 12.20 -47.35
C GLN M 59 -60.52 13.18 -46.43
N GLU M 60 -61.13 12.67 -45.36
CA GLU M 60 -62.00 13.50 -44.53
C GLU M 60 -61.22 14.49 -43.70
N GLY M 61 -59.99 14.17 -43.33
CA GLY M 61 -59.19 15.08 -42.53
C GLY M 61 -58.92 16.41 -43.21
N ARG M 62 -58.98 16.45 -44.54
CA ARG M 62 -58.70 17.67 -45.29
C ARG M 62 -59.91 18.59 -45.40
N THR M 63 -61.06 18.19 -44.88
CA THR M 63 -62.26 19.00 -44.96
C THR M 63 -62.66 19.61 -43.63
N LEU M 64 -61.90 19.37 -42.57
CA LEU M 64 -62.33 19.80 -41.24
C LEU M 64 -62.18 21.31 -41.07
N LEU M 65 -61.09 21.88 -41.56
CA LEU M 65 -60.77 23.28 -41.32
C LEU M 65 -60.78 24.05 -42.63
N LYS M 66 -61.58 25.11 -42.68
CA LYS M 66 -61.55 26.03 -43.79
C LYS M 66 -60.42 27.03 -43.61
N PRO M 67 -59.95 27.66 -44.69
CA PRO M 67 -58.88 28.65 -44.53
C PRO M 67 -59.24 29.81 -43.62
N ASP M 68 -60.52 30.13 -43.48
CA ASP M 68 -60.96 31.22 -42.63
C ASP M 68 -61.13 30.80 -41.17
N ASP M 69 -60.95 29.53 -40.85
CA ASP M 69 -61.08 29.06 -39.48
C ASP M 69 -59.77 29.12 -38.70
N VAL M 70 -58.66 29.44 -39.34
CA VAL M 70 -57.36 29.42 -38.69
C VAL M 70 -56.68 30.77 -38.86
N MET M 71 -55.69 31.03 -38.01
CA MET M 71 -54.92 32.25 -38.08
C MET M 71 -54.01 32.21 -39.32
N ASP M 72 -53.50 33.38 -39.67
CA ASP M 72 -52.61 33.47 -40.82
C ASP M 72 -51.29 32.77 -40.53
N GLY M 73 -50.85 31.94 -41.47
CA GLY M 73 -49.63 31.19 -41.34
C GLY M 73 -49.82 29.76 -40.89
N VAL M 74 -50.97 29.43 -40.31
CA VAL M 74 -51.19 28.07 -39.81
C VAL M 74 -51.19 27.08 -40.97
N ALA M 75 -51.85 27.42 -42.07
CA ALA M 75 -51.93 26.52 -43.21
C ALA M 75 -50.55 26.30 -43.82
N SER M 76 -49.72 27.34 -43.85
CA SER M 76 -48.35 27.17 -44.32
C SER M 76 -47.56 26.29 -43.37
N MET M 77 -47.77 26.43 -42.07
CA MET M 77 -46.97 25.69 -41.10
C MET M 77 -47.34 24.21 -41.08
N ILE M 78 -48.61 23.89 -41.31
CA ILE M 78 -49.07 22.51 -41.25
C ILE M 78 -48.91 21.88 -42.63
N HIS M 79 -47.97 20.94 -42.75
CA HIS M 79 -47.75 20.23 -44.00
C HIS M 79 -48.47 18.89 -44.03
N GLU M 80 -48.37 18.11 -42.95
CA GLU M 80 -49.14 16.89 -42.82
C GLU M 80 -49.32 16.55 -41.36
N VAL M 81 -50.47 15.98 -41.05
CA VAL M 81 -50.81 15.55 -39.70
C VAL M 81 -50.89 14.04 -39.72
N GLY M 82 -50.00 13.39 -38.98
CA GLY M 82 -50.04 11.96 -38.81
C GLY M 82 -50.65 11.61 -37.47
N ILE M 83 -51.39 10.52 -37.43
CA ILE M 83 -51.99 10.07 -36.19
C ILE M 83 -52.21 8.56 -36.26
N GLU M 84 -51.78 7.85 -35.22
CA GLU M 84 -51.98 6.40 -35.16
C GLU M 84 -53.30 6.14 -34.47
N ALA M 85 -54.26 5.63 -35.22
CA ALA M 85 -55.61 5.44 -34.74
C ALA M 85 -55.94 3.95 -34.68
N MET M 86 -56.69 3.55 -33.65
CA MET M 86 -57.05 2.15 -33.45
C MET M 86 -58.35 1.87 -34.20
N PHE M 87 -58.25 1.17 -35.31
CA PHE M 87 -59.39 0.76 -36.11
C PHE M 87 -59.90 -0.58 -35.62
N PRO M 88 -61.04 -1.05 -36.14
CA PRO M 88 -61.48 -2.42 -35.80
C PRO M 88 -60.47 -3.47 -36.19
N ASP M 89 -59.56 -3.18 -37.13
CA ASP M 89 -58.54 -4.12 -37.55
C ASP M 89 -57.14 -3.67 -37.10
N GLY M 90 -57.06 -3.09 -35.91
CA GLY M 90 -55.77 -2.75 -35.32
C GLY M 90 -55.41 -1.29 -35.51
N THR M 91 -54.19 -0.97 -35.07
CA THR M 91 -53.70 0.39 -35.13
C THR M 91 -53.10 0.67 -36.50
N LYS M 92 -53.55 1.74 -37.13
CA LYS M 92 -53.07 2.16 -38.44
C LYS M 92 -52.71 3.63 -38.39
N LEU M 93 -51.72 4.01 -39.19
CA LEU M 93 -51.26 5.39 -39.27
C LEU M 93 -52.05 6.10 -40.36
N VAL M 94 -52.83 7.09 -39.97
CA VAL M 94 -53.57 7.93 -40.89
C VAL M 94 -52.78 9.23 -41.06
N THR M 95 -52.43 9.55 -42.30
CA THR M 95 -51.68 10.76 -42.62
C THR M 95 -52.53 11.64 -43.50
N VAL M 96 -52.77 12.87 -43.05
CA VAL M 96 -53.52 13.87 -43.80
C VAL M 96 -52.53 14.90 -44.31
N HIS M 97 -52.42 15.03 -45.63
CA HIS M 97 -51.50 15.98 -46.23
CA HIS M 97 -51.50 15.98 -46.23
C HIS M 97 -52.21 17.27 -46.58
N THR M 98 -51.55 18.39 -46.33
CA THR M 98 -52.06 19.74 -46.54
C THR M 98 -53.53 19.86 -46.11
N PRO M 99 -53.83 19.65 -44.83
CA PRO M 99 -55.23 19.67 -44.40
C PRO M 99 -55.91 21.02 -44.56
N ILE M 100 -55.16 22.12 -44.63
CA ILE M 100 -55.74 23.45 -44.74
C ILE M 100 -55.12 24.15 -45.94
N GLU M 101 -55.95 24.80 -46.73
CA GLU M 101 -55.46 25.57 -47.87
C GLU M 101 -54.78 26.85 -47.41
N ALA M 102 -53.63 27.14 -48.00
CA ALA M 102 -52.87 28.32 -47.59
C ALA M 102 -53.53 29.59 -48.09
N ASN M 103 -53.69 30.56 -47.19
CA ASN M 103 -54.22 31.86 -47.59
C ASN M 103 -53.17 32.69 -48.33
N GLY M 104 -51.89 32.52 -48.00
CA GLY M 104 -50.82 33.22 -48.66
C GLY M 104 -50.44 34.54 -48.03
N LYS M 105 -51.20 35.02 -47.04
CA LYS M 105 -50.89 36.30 -46.43
C LYS M 105 -49.54 36.27 -45.72
N LEU M 106 -49.42 35.44 -44.69
CA LEU M 106 -48.20 35.34 -43.90
C LEU M 106 -47.67 33.91 -43.99
N VAL M 107 -46.39 33.77 -44.32
CA VAL M 107 -45.72 32.48 -44.41
C VAL M 107 -44.56 32.48 -43.42
N PRO M 108 -44.74 31.88 -42.24
CA PRO M 108 -43.63 31.80 -41.29
C PRO M 108 -42.46 31.02 -41.87
N GLY M 109 -41.26 31.52 -41.62
CA GLY M 109 -40.06 30.84 -42.07
C GLY M 109 -39.95 30.70 -43.57
N GLU M 110 -40.56 31.60 -44.32
CA GLU M 110 -40.56 31.46 -45.77
C GLU M 110 -39.21 31.85 -46.35
N LEU M 111 -38.89 31.25 -47.50
CA LEU M 111 -37.64 31.47 -48.19
C LEU M 111 -37.80 32.55 -49.25
N PHE M 112 -36.79 33.42 -49.34
CA PHE M 112 -36.73 34.44 -50.39
C PHE M 112 -35.51 34.11 -51.23
N LEU M 113 -35.70 33.27 -52.24
CA LEU M 113 -34.59 32.74 -53.02
C LEU M 113 -34.20 33.70 -54.14
N LYS M 114 -32.93 33.65 -54.49
CA LYS M 114 -32.47 34.33 -55.69
C LYS M 114 -32.98 33.62 -56.93
N ASN M 115 -33.09 34.36 -58.02
CA ASN M 115 -33.49 33.76 -59.29
C ASN M 115 -32.27 33.38 -60.13
N GLU M 116 -31.36 32.61 -59.53
CA GLU M 116 -30.14 32.18 -60.21
C GLU M 116 -29.92 30.71 -59.94
N ASP M 117 -29.60 29.96 -60.98
CA ASP M 117 -29.44 28.52 -60.85
C ASP M 117 -28.10 28.18 -60.19
N ILE M 118 -28.09 27.06 -59.49
CA ILE M 118 -26.88 26.55 -58.85
C ILE M 118 -26.18 25.62 -59.83
N THR M 119 -24.89 25.88 -60.07
CA THR M 119 -24.10 25.03 -60.95
C THR M 119 -23.33 24.03 -60.10
N ILE M 120 -23.71 22.77 -60.20
CA ILE M 120 -23.09 21.71 -59.40
C ILE M 120 -21.98 21.07 -60.22
N ASN M 121 -20.98 20.54 -59.51
CA ASN M 121 -19.84 19.86 -60.12
C ASN M 121 -19.15 20.77 -61.14
N GLU M 122 -19.01 22.03 -60.78
CA GLU M 122 -18.39 23.00 -61.66
C GLU M 122 -16.92 22.65 -61.89
N GLY M 123 -16.48 22.80 -63.14
CA GLY M 123 -15.13 22.46 -63.51
C GLY M 123 -14.90 20.99 -63.81
N LYS M 124 -15.94 20.17 -63.80
CA LYS M 124 -15.83 18.76 -64.12
C LYS M 124 -16.54 18.48 -65.43
N LYS M 125 -15.82 17.90 -66.39
CA LYS M 125 -16.39 17.58 -67.69
C LYS M 125 -17.08 16.23 -67.63
N ALA M 126 -18.28 16.16 -68.18
CA ALA M 126 -19.10 14.96 -68.12
C ALA M 126 -19.06 14.22 -69.45
N VAL M 127 -18.90 12.91 -69.37
CA VAL M 127 -19.00 12.04 -70.53
C VAL M 127 -20.35 11.35 -70.51
N SER M 128 -20.82 10.96 -71.68
CA SER M 128 -22.13 10.34 -71.84
C SER M 128 -21.97 8.85 -72.11
N VAL M 129 -22.76 8.04 -71.41
CA VAL M 129 -22.70 6.59 -71.52
C VAL M 129 -24.12 6.05 -71.67
N LYS M 130 -24.30 5.10 -72.58
CA LYS M 130 -25.59 4.45 -72.76
C LYS M 130 -25.65 3.19 -71.92
N VAL M 131 -26.68 3.10 -71.08
CA VAL M 131 -26.85 2.01 -70.13
C VAL M 131 -28.17 1.31 -70.41
N LYS M 132 -28.11 -0.02 -70.52
CA LYS M 132 -29.31 -0.84 -70.67
C LYS M 132 -29.47 -1.73 -69.46
N ASN M 133 -30.69 -1.82 -68.94
CA ASN M 133 -31.02 -2.71 -67.85
C ASN M 133 -31.53 -4.00 -68.47
N VAL M 134 -30.68 -5.03 -68.50
CA VAL M 134 -31.08 -6.32 -69.05
C VAL M 134 -31.64 -7.24 -67.97
N GLY M 135 -31.73 -6.77 -66.73
CA GLY M 135 -32.34 -7.54 -65.68
C GLY M 135 -33.85 -7.38 -65.68
N ASP M 136 -34.48 -8.02 -64.69
CA ASP M 136 -35.93 -8.04 -64.59
C ASP M 136 -36.48 -7.02 -63.59
N ARG M 137 -35.62 -6.28 -62.91
CA ARG M 137 -36.07 -5.32 -61.91
C ARG M 137 -35.44 -3.96 -62.17
N PRO M 138 -36.13 -2.89 -61.78
CA PRO M 138 -35.54 -1.56 -61.91
C PRO M 138 -34.36 -1.39 -60.97
N VAL M 139 -33.43 -0.54 -61.37
CA VAL M 139 -32.20 -0.31 -60.63
C VAL M 139 -32.03 1.18 -60.41
N GLN M 140 -31.85 1.60 -59.16
CA GLN M 140 -31.62 2.99 -58.83
C GLN M 140 -30.17 3.19 -58.44
N ILE M 141 -29.52 4.16 -59.05
CA ILE M 141 -28.12 4.47 -58.79
C ILE M 141 -28.03 5.86 -58.20
N GLY M 142 -27.34 5.98 -57.08
CA GLY M 142 -27.17 7.26 -56.43
C GLY M 142 -26.15 8.14 -57.12
N SER M 143 -26.12 9.40 -56.68
CA SER M 143 -25.26 10.38 -57.29
C SER M 143 -23.78 10.10 -57.06
N HIS M 144 -23.46 9.37 -55.98
CA HIS M 144 -22.06 9.18 -55.60
C HIS M 144 -21.63 7.73 -55.65
N PHE M 145 -22.47 6.83 -56.14
CA PHE M 145 -22.04 5.46 -56.35
C PHE M 145 -21.02 5.42 -57.48
N HIS M 146 -19.96 4.64 -57.27
CA HIS M 146 -18.96 4.43 -58.32
C HIS M 146 -19.62 3.66 -59.45
N PHE M 147 -19.86 4.33 -60.58
CA PHE M 147 -20.71 3.74 -61.62
C PHE M 147 -20.11 2.49 -62.23
N PHE M 148 -18.80 2.31 -62.14
CA PHE M 148 -18.17 1.11 -62.66
C PHE M 148 -18.68 -0.15 -61.97
N GLU M 149 -19.05 -0.05 -60.69
CA GLU M 149 -19.38 -1.22 -59.89
C GLU M 149 -20.88 -1.39 -59.67
N VAL M 150 -21.72 -0.79 -60.51
CA VAL M 150 -23.16 -0.90 -60.34
C VAL M 150 -23.61 -2.32 -60.64
N ASN M 151 -24.88 -2.60 -60.35
CA ASN M 151 -25.49 -3.90 -60.60
C ASN M 151 -25.01 -4.52 -61.91
N ARG M 152 -24.60 -5.77 -61.85
CA ARG M 152 -24.07 -6.44 -63.02
C ARG M 152 -25.13 -6.69 -64.08
N CYS M 153 -26.40 -6.50 -63.76
CA CYS M 153 -27.46 -6.60 -64.77
C CYS M 153 -27.56 -5.36 -65.65
N LEU M 154 -26.86 -4.28 -65.30
CA LEU M 154 -26.79 -3.12 -66.18
C LEU M 154 -25.70 -3.34 -67.22
N ASP M 155 -25.99 -3.02 -68.47
CA ASP M 155 -25.06 -3.25 -69.57
C ASP M 155 -24.62 -1.92 -70.14
N PHE M 156 -23.31 -1.69 -70.15
CA PHE M 156 -22.71 -0.48 -70.67
C PHE M 156 -21.21 -0.71 -70.74
N ASP M 157 -20.51 0.23 -71.38
CA ASP M 157 -19.06 0.14 -71.49
C ASP M 157 -18.44 0.53 -70.16
N ARG M 158 -18.15 -0.46 -69.32
CA ARG M 158 -17.64 -0.19 -67.98
C ARG M 158 -16.26 0.47 -68.01
N GLU M 159 -15.48 0.16 -69.04
CA GLU M 159 -14.16 0.78 -69.17
C GLU M 159 -14.26 2.29 -69.25
N LYS M 160 -15.29 2.80 -69.93
CA LYS M 160 -15.47 4.24 -70.03
C LYS M 160 -15.81 4.85 -68.67
N THR M 161 -16.45 4.09 -67.80
CA THR M 161 -17.01 4.62 -66.57
C THR M 161 -16.18 4.31 -65.34
N PHE M 162 -15.04 3.63 -65.49
CA PHE M 162 -14.18 3.43 -64.33
C PHE M 162 -13.74 4.77 -63.74
N GLY M 163 -13.87 4.91 -62.43
CA GLY M 163 -13.49 6.12 -61.75
C GLY M 163 -14.48 7.25 -61.81
N LYS M 164 -15.72 6.99 -62.21
CA LYS M 164 -16.69 8.05 -62.44
C LYS M 164 -17.97 7.78 -61.66
N ARG M 165 -18.75 8.84 -61.49
CA ARG M 165 -20.04 8.78 -60.83
C ARG M 165 -21.03 9.63 -61.61
N LEU M 166 -22.30 9.45 -61.31
CA LEU M 166 -23.35 10.18 -62.02
C LEU M 166 -23.24 11.68 -61.76
N ASP M 167 -23.48 12.47 -62.80
CA ASP M 167 -23.44 13.92 -62.69
C ASP M 167 -24.84 14.46 -62.46
N ILE M 168 -25.32 14.24 -61.24
CA ILE M 168 -26.64 14.68 -60.81
C ILE M 168 -26.51 15.34 -59.45
N ALA M 169 -27.60 15.96 -59.01
CA ALA M 169 -27.62 16.56 -57.69
C ALA M 169 -27.36 15.49 -56.63
N SER M 170 -26.44 15.79 -55.72
CA SER M 170 -26.07 14.82 -54.71
C SER M 170 -27.27 14.49 -53.84
N GLY M 171 -27.49 13.19 -53.61
CA GLY M 171 -28.64 12.72 -52.89
C GLY M 171 -29.79 12.28 -53.78
N THR M 172 -29.75 12.63 -55.06
CA THR M 172 -30.75 12.15 -56.00
C THR M 172 -30.27 10.86 -56.64
N ALA M 173 -31.17 10.21 -57.38
CA ALA M 173 -30.87 8.93 -57.99
C ALA M 173 -31.43 8.87 -59.40
N VAL M 174 -30.83 7.99 -60.20
CA VAL M 174 -31.28 7.72 -61.56
C VAL M 174 -31.81 6.29 -61.59
N ARG M 175 -33.01 6.13 -62.13
CA ARG M 175 -33.66 4.83 -62.20
C ARG M 175 -33.62 4.29 -63.61
N PHE M 176 -33.16 3.05 -63.75
CA PHE M 176 -33.15 2.31 -65.01
C PHE M 176 -34.21 1.23 -64.90
N GLU M 177 -35.26 1.35 -65.68
CA GLU M 177 -36.29 0.32 -65.72
C GLU M 177 -35.81 -0.89 -66.51
N PRO M 178 -36.34 -2.08 -66.22
CA PRO M 178 -35.91 -3.27 -66.96
C PRO M 178 -36.17 -3.11 -68.45
N GLY M 179 -35.20 -3.54 -69.25
CA GLY M 179 -35.29 -3.43 -70.69
C GLY M 179 -35.05 -2.05 -71.23
N GLU M 180 -35.21 -1.04 -70.37
CA GLU M 180 -35.06 0.34 -70.80
C GLU M 180 -33.58 0.70 -70.98
N GLU M 181 -33.29 1.50 -72.00
CA GLU M 181 -31.96 2.00 -72.25
C GLU M 181 -31.93 3.50 -72.05
N LYS M 182 -31.00 3.98 -71.23
CA LYS M 182 -30.87 5.40 -70.94
C LYS M 182 -29.45 5.85 -71.20
N SER M 183 -29.30 7.15 -71.43
CA SER M 183 -28.00 7.78 -71.54
C SER M 183 -27.77 8.63 -70.30
N VAL M 184 -26.63 8.42 -69.64
CA VAL M 184 -26.32 9.11 -68.41
C VAL M 184 -25.02 9.88 -68.59
N GLU M 185 -24.84 10.91 -67.77
CA GLU M 185 -23.63 11.71 -67.77
C GLU M 185 -22.81 11.35 -66.55
N LEU M 186 -21.52 11.13 -66.75
CA LEU M 186 -20.62 10.72 -65.68
C LEU M 186 -19.47 11.69 -65.56
N ILE M 187 -19.05 11.95 -64.33
CA ILE M 187 -17.95 12.86 -64.02
C ILE M 187 -16.97 12.12 -63.15
N ASP M 188 -15.72 12.58 -63.15
CA ASP M 188 -14.68 11.91 -62.38
C ASP M 188 -14.96 12.03 -60.89
N ILE M 189 -14.69 10.95 -60.16
CA ILE M 189 -14.76 10.98 -58.70
C ILE M 189 -13.63 11.85 -58.19
N GLY M 190 -13.94 12.75 -57.25
CA GLY M 190 -12.99 13.72 -56.77
C GLY M 190 -12.21 13.25 -55.57
N GLY M 191 -11.46 14.18 -54.98
CA GLY M 191 -10.70 13.87 -53.79
C GLY M 191 -9.52 12.95 -54.10
N ASN M 192 -9.24 12.07 -53.15
CA ASN M 192 -8.14 11.11 -53.30
C ASN M 192 -8.41 10.07 -54.37
N ARG M 193 -9.65 9.93 -54.82
CA ARG M 193 -10.04 8.92 -55.80
C ARG M 193 -9.69 7.52 -55.32
N ARG M 194 -9.89 7.27 -54.03
CA ARG M 194 -9.71 5.94 -53.46
C ARG M 194 -11.07 5.29 -53.36
N ILE M 195 -11.29 4.24 -54.14
CA ILE M 195 -12.55 3.53 -54.15
C ILE M 195 -12.46 2.36 -53.20
N PHE M 196 -13.29 2.38 -52.16
CA PHE M 196 -13.36 1.27 -51.21
C PHE M 196 -14.82 0.90 -51.01
N GLY M 197 -15.07 -0.39 -50.83
CA GLY M 197 -16.42 -0.87 -50.69
C GLY M 197 -17.07 -1.13 -52.03
N PHE M 198 -18.34 -0.74 -52.17
CA PHE M 198 -19.14 -0.96 -53.37
C PHE M 198 -19.17 -2.46 -53.64
N ASN M 199 -18.76 -2.94 -54.80
CA ASN M 199 -18.75 -4.36 -55.10
C ASN M 199 -17.36 -4.98 -54.92
N ALA M 200 -16.45 -4.25 -54.28
CA ALA M 200 -15.08 -4.72 -54.05
C ALA M 200 -14.37 -5.07 -55.35
N LEU M 201 -14.65 -4.32 -56.41
CA LEU M 201 -13.95 -4.50 -57.68
C LEU M 201 -12.66 -3.71 -57.74
N VAL M 202 -12.54 -2.63 -56.97
CA VAL M 202 -11.34 -1.80 -56.96
C VAL M 202 -10.61 -1.89 -55.63
N ASP M 203 -11.25 -1.43 -54.55
CA ASP M 203 -10.71 -1.51 -53.20
C ASP M 203 -9.31 -0.91 -53.09
N ARG M 204 -9.04 0.14 -53.87
CA ARG M 204 -7.72 0.75 -53.89
C ARG M 204 -7.82 2.07 -54.64
N GLN M 205 -6.67 2.71 -54.85
CA GLN M 205 -6.61 3.95 -55.61
C GLN M 205 -7.05 3.70 -57.05
N ALA M 206 -7.86 4.62 -57.59
CA ALA M 206 -8.40 4.49 -58.94
C ALA M 206 -7.45 5.16 -59.91
N ASP M 207 -6.67 4.35 -60.62
CA ASP M 207 -5.78 4.83 -61.66
C ASP M 207 -5.80 3.83 -62.81
N ASN M 208 -4.97 4.09 -63.83
CA ASN M 208 -4.98 3.24 -65.02
C ASN M 208 -4.51 1.83 -64.72
N GLU M 209 -3.58 1.67 -63.77
CA GLU M 209 -3.12 0.32 -63.44
C GLU M 209 -4.18 -0.46 -62.68
N SER M 210 -4.91 0.20 -61.79
CA SER M 210 -6.01 -0.48 -61.10
C SER M 210 -7.20 -0.69 -62.02
N LYS M 211 -7.28 0.06 -63.12
CA LYS M 211 -8.36 -0.13 -64.08
C LYS M 211 -8.33 -1.53 -64.68
N LYS M 212 -7.15 -2.01 -65.05
CA LYS M 212 -7.05 -3.35 -65.63
C LYS M 212 -7.48 -4.42 -64.63
N ILE M 213 -7.03 -4.29 -63.38
CA ILE M 213 -7.41 -5.26 -62.35
C ILE M 213 -8.92 -5.22 -62.14
N ALA M 214 -9.49 -4.02 -62.08
CA ALA M 214 -10.93 -3.90 -61.89
C ALA M 214 -11.69 -4.52 -63.05
N LEU M 215 -11.23 -4.30 -64.28
CA LEU M 215 -11.90 -4.88 -65.44
C LEU M 215 -11.82 -6.39 -65.44
N HIS M 216 -10.66 -6.94 -65.09
CA HIS M 216 -10.53 -8.39 -65.02
C HIS M 216 -11.43 -8.96 -63.93
N ARG M 217 -11.48 -8.31 -62.77
CA ARG M 217 -12.37 -8.76 -61.70
C ARG M 217 -13.83 -8.71 -62.14
N ALA M 218 -14.22 -7.64 -62.82
CA ALA M 218 -15.61 -7.50 -63.25
C ALA M 218 -15.97 -8.55 -64.28
N LYS M 219 -15.05 -8.82 -65.20
CA LYS M 219 -15.30 -9.87 -66.18
C LYS M 219 -15.42 -11.23 -65.52
N GLU M 220 -14.57 -11.51 -64.53
CA GLU M 220 -14.64 -12.78 -63.83
C GLU M 220 -15.95 -12.91 -63.06
N ARG M 221 -16.40 -11.83 -62.42
CA ARG M 221 -17.63 -11.86 -61.64
C ARG M 221 -18.87 -11.67 -62.50
N GLY M 222 -18.73 -11.50 -63.81
CA GLY M 222 -19.88 -11.48 -64.67
C GLY M 222 -20.57 -10.15 -64.80
N PHE M 223 -19.85 -9.05 -64.62
CA PHE M 223 -20.43 -7.74 -64.78
C PHE M 223 -20.56 -7.42 -66.27
N HIS M 224 -21.77 -7.08 -66.69
CA HIS M 224 -22.05 -6.89 -68.11
C HIS M 224 -21.32 -5.69 -68.66
N GLY M 225 -20.79 -5.84 -69.87
CA GLY M 225 -20.08 -4.76 -70.52
C GLY M 225 -18.64 -4.60 -70.09
N ALA M 226 -18.17 -5.40 -69.14
CA ALA M 226 -16.78 -5.35 -68.72
C ALA M 226 -15.95 -6.22 -69.65
N LYS M 227 -15.08 -5.59 -70.43
CA LYS M 227 -14.26 -6.29 -71.40
C LYS M 227 -12.82 -6.30 -70.90
N SER M 228 -12.30 -7.50 -70.67
CA SER M 228 -10.91 -7.69 -70.29
C SER M 228 -10.26 -8.66 -71.28
N ASP M 229 -8.98 -8.44 -71.53
CA ASP M 229 -8.25 -9.27 -72.48
C ASP M 229 -8.21 -10.72 -71.98
N ASP M 230 -8.27 -11.66 -72.92
CA ASP M 230 -8.19 -13.07 -72.55
C ASP M 230 -6.83 -13.40 -71.92
N ASN M 231 -5.75 -12.84 -72.48
CA ASN M 231 -4.41 -13.06 -71.95
C ASN M 231 -4.10 -11.95 -70.96
N TYR M 232 -4.64 -12.10 -69.75
CA TYR M 232 -4.48 -11.13 -68.69
C TYR M 232 -3.31 -11.52 -67.81
N VAL M 233 -2.42 -10.57 -67.55
CA VAL M 233 -1.22 -10.81 -66.76
C VAL M 233 -1.50 -10.35 -65.33
N LYS M 234 -1.41 -11.29 -64.40
CA LYS M 234 -1.65 -10.97 -63.00
C LYS M 234 -0.50 -10.20 -62.40
N THR M 235 -0.79 -9.44 -61.36
CA THR M 235 0.20 -8.74 -60.57
C THR M 235 0.46 -9.48 -59.27
N ILE M 236 1.43 -8.98 -58.51
CA ILE M 236 1.78 -9.63 -57.24
C ILE M 236 0.63 -9.50 -56.24
N LYS M 237 -0.06 -8.37 -56.25
CA LYS M 237 -1.19 -8.14 -55.35
C LYS M 237 -2.41 -7.76 -56.18
N GLU M 238 -3.41 -8.62 -56.21
CA GLU M 238 -4.65 -8.35 -56.93
C GLU M 238 -5.73 -9.36 -56.56
N MET N 1 -59.37 -39.39 1.64
CA MET N 1 -59.50 -38.76 0.34
C MET N 1 -60.89 -38.17 0.14
N LYS N 2 -61.00 -37.24 -0.81
CA LYS N 2 -62.26 -36.58 -1.09
C LYS N 2 -62.20 -36.05 -2.51
N LYS N 3 -63.35 -35.98 -3.15
CA LYS N 3 -63.45 -35.47 -4.51
C LYS N 3 -64.26 -34.18 -4.51
N ILE N 4 -63.71 -33.14 -5.11
CA ILE N 4 -64.39 -31.87 -5.25
C ILE N 4 -64.63 -31.64 -6.75
N SER N 5 -65.67 -30.86 -7.05
CA SER N 5 -66.02 -30.60 -8.43
C SER N 5 -64.90 -29.86 -9.14
N ARG N 6 -64.71 -30.18 -10.42
CA ARG N 6 -63.63 -29.54 -11.16
C ARG N 6 -63.83 -28.04 -11.27
N LYS N 7 -65.07 -27.59 -11.36
CA LYS N 7 -65.32 -26.15 -11.43
C LYS N 7 -64.84 -25.45 -10.17
N GLU N 8 -65.17 -26.02 -9.00
CA GLU N 8 -64.71 -25.44 -7.75
C GLU N 8 -63.19 -25.51 -7.62
N TYR N 9 -62.60 -26.65 -8.02
CA TYR N 9 -61.15 -26.77 -7.95
C TYR N 9 -60.48 -25.72 -8.82
N VAL N 10 -60.98 -25.52 -10.04
CA VAL N 10 -60.36 -24.57 -10.95
C VAL N 10 -60.55 -23.15 -10.45
N SER N 11 -61.71 -22.85 -9.88
CA SER N 11 -61.92 -21.53 -9.30
C SER N 11 -60.92 -21.28 -8.17
N MET N 12 -60.63 -22.30 -7.38
CA MET N 12 -59.72 -22.11 -6.26
C MET N 12 -58.26 -22.02 -6.72
N TYR N 13 -57.85 -22.89 -7.64
CA TYR N 13 -56.43 -23.06 -7.93
C TYR N 13 -56.04 -22.84 -9.38
N GLY N 14 -56.98 -22.55 -10.26
CA GLY N 14 -56.67 -22.42 -11.67
C GLY N 14 -56.78 -23.76 -12.37
N PRO N 15 -56.71 -23.74 -13.71
CA PRO N 15 -56.92 -24.97 -14.47
C PRO N 15 -55.83 -26.00 -14.20
N THR N 16 -56.22 -27.27 -14.25
CA THR N 16 -55.31 -28.38 -14.06
C THR N 16 -55.28 -29.22 -15.34
N THR N 17 -54.63 -30.38 -15.27
CA THR N 17 -54.36 -31.17 -16.46
C THR N 17 -55.65 -31.50 -17.20
N GLY N 18 -55.64 -31.29 -18.51
CA GLY N 18 -56.79 -31.53 -19.35
C GLY N 18 -57.75 -30.37 -19.45
N ASP N 19 -57.56 -29.33 -18.67
CA ASP N 19 -58.43 -28.16 -18.74
C ASP N 19 -57.92 -27.21 -19.81
N LYS N 20 -58.85 -26.55 -20.49
CA LYS N 20 -58.55 -25.65 -21.58
C LYS N 20 -58.93 -24.22 -21.21
N VAL N 21 -58.18 -23.26 -21.72
CA VAL N 21 -58.41 -21.85 -21.47
C VAL N 21 -58.25 -21.11 -22.78
N ARG N 22 -59.20 -20.22 -23.08
CA ARG N 22 -59.09 -19.37 -24.26
C ARG N 22 -58.09 -18.25 -23.97
N LEU N 23 -57.25 -17.96 -24.95
CA LEU N 23 -56.23 -16.93 -24.80
C LEU N 23 -56.82 -15.60 -25.27
N GLY N 24 -57.08 -14.70 -24.32
CA GLY N 24 -57.67 -13.43 -24.66
C GLY N 24 -59.04 -13.62 -25.26
N ASP N 25 -59.39 -12.74 -26.19
CA ASP N 25 -60.63 -12.85 -26.95
C ASP N 25 -60.42 -13.56 -28.27
N THR N 26 -59.25 -14.16 -28.47
CA THR N 26 -58.94 -14.87 -29.71
C THR N 26 -59.66 -16.22 -29.74
N ASP N 27 -59.36 -17.02 -30.76
CA ASP N 27 -59.93 -18.34 -30.91
C ASP N 27 -58.95 -19.43 -30.49
N LEU N 28 -57.83 -19.07 -29.89
CA LEU N 28 -56.80 -20.03 -29.51
C LEU N 28 -57.09 -20.60 -28.13
N ILE N 29 -57.05 -21.93 -28.04
CA ILE N 29 -57.36 -22.64 -26.81
C ILE N 29 -56.11 -23.37 -26.36
N ALA N 30 -55.63 -23.06 -25.17
CA ALA N 30 -54.47 -23.71 -24.59
C ALA N 30 -54.93 -24.76 -23.60
N GLU N 31 -54.37 -25.96 -23.70
CA GLU N 31 -54.73 -27.06 -22.81
C GLU N 31 -53.57 -27.33 -21.87
N VAL N 32 -53.86 -27.50 -20.59
CA VAL N 32 -52.82 -27.78 -19.60
C VAL N 32 -52.31 -29.19 -19.85
N GLU N 33 -51.05 -29.31 -20.24
CA GLU N 33 -50.51 -30.61 -20.63
C GLU N 33 -50.24 -31.49 -19.41
N HIS N 34 -49.70 -30.91 -18.35
N HIS N 34 -49.76 -30.89 -18.32
CA HIS N 34 -49.48 -31.68 -17.12
CA HIS N 34 -49.26 -31.61 -17.16
C HIS N 34 -49.40 -30.72 -15.95
C HIS N 34 -49.35 -30.69 -15.95
N ASP N 35 -49.50 -31.28 -14.76
CA ASP N 35 -49.57 -30.52 -13.52
C ASP N 35 -48.57 -31.08 -12.53
N TYR N 36 -47.75 -30.20 -11.96
CA TYR N 36 -46.78 -30.62 -10.95
C TYR N 36 -47.37 -30.69 -9.56
N THR N 37 -48.55 -30.13 -9.33
CA THR N 37 -49.10 -30.08 -8.00
C THR N 37 -49.58 -31.46 -7.55
N ILE N 38 -49.65 -31.63 -6.24
CA ILE N 38 -50.26 -32.81 -5.63
C ILE N 38 -51.61 -32.36 -5.08
N TYR N 39 -52.68 -32.99 -5.54
CA TYR N 39 -54.02 -32.55 -5.20
C TYR N 39 -54.25 -32.63 -3.70
N GLY N 40 -54.81 -31.56 -3.14
CA GLY N 40 -55.00 -31.45 -1.72
C GLY N 40 -53.85 -30.80 -0.98
N GLU N 41 -52.74 -30.52 -1.66
CA GLU N 41 -51.60 -29.87 -1.03
C GLU N 41 -51.24 -28.56 -1.72
N GLU N 42 -52.17 -27.96 -2.45
CA GLU N 42 -51.87 -26.76 -3.20
C GLU N 42 -51.50 -25.61 -2.28
N LEU N 43 -50.57 -24.78 -2.74
CA LEU N 43 -50.14 -23.61 -1.99
C LEU N 43 -51.12 -22.47 -2.22
N LYS N 44 -51.67 -21.93 -1.14
CA LYS N 44 -52.57 -20.79 -1.23
C LYS N 44 -52.16 -19.77 -0.18
N PHE N 45 -52.26 -18.50 -0.53
CA PHE N 45 -51.99 -17.42 0.40
C PHE N 45 -53.27 -16.67 0.71
N GLY N 46 -53.47 -16.35 1.99
CA GLY N 46 -54.67 -15.65 2.40
C GLY N 46 -54.84 -15.73 3.90
N GLY N 47 -56.05 -15.44 4.35
CA GLY N 47 -56.35 -15.43 5.77
C GLY N 47 -56.07 -16.73 6.47
N GLY N 48 -56.80 -17.78 6.12
CA GLY N 48 -56.59 -19.08 6.72
C GLY N 48 -56.14 -20.11 5.71
N LYS N 49 -55.25 -19.69 4.81
CA LYS N 49 -54.80 -20.54 3.72
C LYS N 49 -53.57 -21.32 4.16
N THR N 50 -52.89 -21.97 3.21
CA THR N 50 -51.84 -22.92 3.56
C THR N 50 -50.48 -22.27 3.70
N LEU N 51 -50.22 -21.17 2.99
CA LEU N 51 -48.90 -20.54 3.06
C LEU N 51 -48.74 -19.82 4.38
N ARG N 52 -48.65 -20.58 5.46
CA ARG N 52 -48.54 -20.02 6.80
C ARG N 52 -47.40 -20.68 7.53
N GLU N 53 -46.94 -20.02 8.59
CA GLU N 53 -45.84 -20.51 9.41
C GLU N 53 -46.14 -21.90 9.93
N GLY N 54 -45.36 -22.90 9.50
CA GLY N 54 -45.48 -24.25 9.97
C GLY N 54 -46.27 -25.18 9.07
N MET N 55 -47.11 -24.64 8.19
CA MET N 55 -47.91 -25.49 7.29
C MET N 55 -47.26 -25.64 5.92
N SER N 56 -47.13 -24.54 5.19
CA SER N 56 -46.45 -24.55 3.90
C SER N 56 -45.20 -23.69 3.88
N GLN N 57 -45.08 -22.74 4.78
CA GLN N 57 -43.83 -22.03 5.00
C GLN N 57 -43.04 -22.80 6.05
N SER N 58 -41.89 -23.35 5.66
CA SER N 58 -41.13 -24.20 6.54
C SER N 58 -40.57 -23.41 7.72
N ASN N 59 -40.58 -24.04 8.90
CA ASN N 59 -39.86 -23.50 10.04
C ASN N 59 -38.41 -23.98 10.07
N ASN N 60 -38.06 -25.00 9.30
CA ASN N 60 -36.69 -25.44 9.11
C ASN N 60 -36.44 -25.52 7.61
N PRO N 61 -36.34 -24.39 6.94
CA PRO N 61 -36.24 -24.42 5.48
C PRO N 61 -34.89 -24.91 5.02
N SER N 62 -34.83 -25.32 3.76
CA SER N 62 -33.56 -25.67 3.16
C SER N 62 -32.70 -24.42 2.99
N LYS N 63 -31.41 -24.65 2.78
CA LYS N 63 -30.51 -23.52 2.55
C LYS N 63 -30.75 -22.86 1.21
N GLU N 64 -31.46 -23.53 0.30
CA GLU N 64 -31.88 -22.96 -0.97
C GLU N 64 -33.26 -22.32 -0.89
N GLU N 65 -33.62 -21.81 0.28
CA GLU N 65 -34.94 -21.23 0.51
C GLU N 65 -35.21 -20.10 -0.48
N LEU N 66 -36.40 -20.12 -1.07
CA LEU N 66 -36.73 -19.19 -2.15
C LEU N 66 -36.89 -17.78 -1.63
N ASP N 67 -36.56 -16.82 -2.49
CA ASP N 67 -36.87 -15.42 -2.22
C ASP N 67 -38.30 -15.07 -2.59
N LEU N 68 -38.81 -15.65 -3.66
CA LEU N 68 -40.17 -15.42 -4.11
C LEU N 68 -40.71 -16.71 -4.71
N ILE N 69 -41.98 -16.99 -4.48
CA ILE N 69 -42.64 -18.14 -5.09
C ILE N 69 -43.92 -17.67 -5.74
N ILE N 70 -44.12 -18.06 -6.99
CA ILE N 70 -45.37 -17.84 -7.71
C ILE N 70 -46.16 -19.13 -7.65
N THR N 71 -47.33 -19.08 -7.05
CA THR N 71 -48.09 -20.29 -6.76
C THR N 71 -49.15 -20.56 -7.81
N ASN N 72 -49.29 -21.83 -8.20
CA ASN N 72 -50.38 -22.29 -9.05
C ASN N 72 -50.42 -21.54 -10.39
N ALA N 73 -49.26 -21.24 -10.93
CA ALA N 73 -49.20 -20.49 -12.18
C ALA N 73 -49.32 -21.43 -13.37
N LEU N 74 -50.07 -21.00 -14.38
CA LEU N 74 -50.14 -21.72 -15.65
C LEU N 74 -48.98 -21.22 -16.49
N ILE N 75 -47.89 -21.96 -16.51
CA ILE N 75 -46.72 -21.59 -17.30
C ILE N 75 -47.01 -21.91 -18.75
N VAL N 76 -46.94 -20.89 -19.61
CA VAL N 76 -47.02 -21.06 -21.05
C VAL N 76 -45.65 -20.72 -21.60
N ASP N 77 -44.99 -21.74 -22.15
CA ASP N 77 -43.62 -21.60 -22.60
C ASP N 77 -43.43 -22.50 -23.81
N TYR N 78 -42.35 -22.26 -24.56
CA TYR N 78 -42.04 -23.14 -25.67
C TYR N 78 -41.73 -24.55 -25.20
N THR N 79 -41.34 -24.72 -23.94
CA THR N 79 -41.08 -26.04 -23.39
C THR N 79 -42.34 -26.79 -23.01
N GLY N 80 -43.48 -26.13 -23.00
CA GLY N 80 -44.74 -26.78 -22.70
C GLY N 80 -45.69 -25.84 -22.00
N ILE N 81 -46.96 -26.19 -22.03
CA ILE N 81 -48.01 -25.45 -21.35
C ILE N 81 -48.45 -26.31 -20.18
N TYR N 82 -48.00 -25.96 -18.98
CA TYR N 82 -48.24 -26.80 -17.82
C TYR N 82 -48.54 -25.92 -16.61
N LYS N 83 -48.80 -26.55 -15.48
CA LYS N 83 -49.18 -25.87 -14.26
C LYS N 83 -48.17 -26.17 -13.18
N ALA N 84 -47.63 -25.14 -12.53
CA ALA N 84 -46.60 -25.38 -11.54
C ALA N 84 -46.44 -24.16 -10.65
N ASP N 85 -45.59 -24.32 -9.64
CA ASP N 85 -45.12 -23.21 -8.82
C ASP N 85 -43.73 -22.82 -9.29
N ILE N 86 -43.49 -21.53 -9.49
CA ILE N 86 -42.21 -21.03 -9.93
C ILE N 86 -41.49 -20.43 -8.72
N GLY N 87 -40.29 -20.93 -8.46
CA GLY N 87 -39.47 -20.41 -7.38
C GLY N 87 -38.38 -19.53 -7.95
N ILE N 88 -38.19 -18.38 -7.33
CA ILE N 88 -37.18 -17.42 -7.74
C ILE N 88 -36.23 -17.20 -6.57
N LYS N 89 -34.94 -17.31 -6.82
CA LYS N 89 -33.93 -17.09 -5.80
C LYS N 89 -32.73 -16.41 -6.42
N ASP N 90 -32.32 -15.28 -5.82
CA ASP N 90 -31.16 -14.54 -6.26
C ASP N 90 -31.30 -14.07 -7.71
N GLY N 91 -32.51 -13.70 -8.10
CA GLY N 91 -32.76 -13.16 -9.41
C GLY N 91 -32.87 -14.17 -10.52
N LYS N 92 -32.71 -15.46 -10.22
CA LYS N 92 -32.85 -16.51 -11.20
C LYS N 92 -34.07 -17.36 -10.86
N ILE N 93 -34.51 -18.15 -11.83
CA ILE N 93 -35.57 -19.12 -11.59
C ILE N 93 -34.93 -20.31 -10.88
N ALA N 94 -35.20 -20.44 -9.58
CA ALA N 94 -34.54 -21.47 -8.78
C ALA N 94 -35.14 -22.85 -9.02
N GLY N 95 -36.44 -22.92 -9.27
CA GLY N 95 -37.07 -24.19 -9.50
C GLY N 95 -38.48 -24.07 -10.03
N ILE N 96 -38.93 -25.09 -10.73
CA ILE N 96 -40.29 -25.17 -11.26
C ILE N 96 -40.87 -26.50 -10.85
N GLY N 97 -42.01 -26.49 -10.18
CA GLY N 97 -42.61 -27.71 -9.72
C GLY N 97 -43.49 -27.50 -8.51
N LYS N 98 -43.46 -28.46 -7.59
CA LYS N 98 -44.27 -28.38 -6.38
C LYS N 98 -43.43 -27.76 -5.27
N GLY N 99 -43.82 -26.58 -4.81
CA GLY N 99 -43.16 -25.92 -3.72
C GLY N 99 -43.93 -26.09 -2.42
N GLY N 100 -43.29 -25.67 -1.33
CA GLY N 100 -43.94 -25.74 -0.04
C GLY N 100 -43.02 -26.15 1.08
N ASN N 101 -43.57 -26.84 2.08
CA ASN N 101 -42.85 -27.21 3.29
C ASN N 101 -42.61 -28.71 3.27
N LYS N 102 -41.34 -29.11 3.33
CA LYS N 102 -40.99 -30.53 3.36
C LYS N 102 -41.42 -31.19 4.66
N ASP N 103 -41.62 -30.42 5.73
CA ASP N 103 -41.99 -31.02 7.00
C ASP N 103 -43.42 -31.53 7.01
N MET N 104 -44.30 -30.94 6.20
CA MET N 104 -45.70 -31.26 6.25
C MET N 104 -46.32 -31.63 4.91
N GLN N 105 -45.54 -31.62 3.83
CA GLN N 105 -46.03 -31.99 2.52
C GLN N 105 -45.03 -32.91 1.84
N ASP N 106 -45.54 -33.74 0.94
CA ASP N 106 -44.70 -34.68 0.20
C ASP N 106 -44.34 -34.12 -1.16
N GLY N 107 -43.25 -34.63 -1.72
CA GLY N 107 -42.82 -34.24 -3.05
C GLY N 107 -42.37 -32.81 -3.18
N VAL N 108 -41.63 -32.29 -2.21
CA VAL N 108 -41.12 -30.92 -2.23
C VAL N 108 -39.61 -31.02 -2.31
N LYS N 109 -39.04 -30.57 -3.43
CA LYS N 109 -37.59 -30.61 -3.60
C LYS N 109 -36.93 -29.50 -2.80
N ASN N 110 -35.62 -29.65 -2.61
CA ASN N 110 -34.88 -28.68 -1.81
C ASN N 110 -34.85 -27.30 -2.46
N ASN N 111 -34.87 -27.23 -3.78
CA ASN N 111 -34.80 -25.95 -4.47
C ASN N 111 -36.13 -25.23 -4.53
N LEU N 112 -37.22 -25.86 -4.08
CA LEU N 112 -38.53 -25.23 -4.04
C LEU N 112 -39.03 -25.08 -2.61
N SER N 113 -38.12 -24.90 -1.67
CA SER N 113 -38.47 -24.84 -0.26
C SER N 113 -38.93 -23.44 0.10
N VAL N 114 -40.17 -23.33 0.58
CA VAL N 114 -40.71 -22.06 1.02
C VAL N 114 -40.39 -21.89 2.49
N GLY N 115 -39.81 -20.75 2.85
CA GLY N 115 -39.43 -20.48 4.21
C GLY N 115 -39.78 -19.09 4.66
N PRO N 116 -39.31 -18.70 5.84
CA PRO N 116 -39.64 -17.37 6.37
C PRO N 116 -39.09 -16.22 5.53
N ALA N 117 -38.11 -16.47 4.66
CA ALA N 117 -37.56 -15.43 3.81
C ALA N 117 -38.27 -15.34 2.46
N THR N 118 -39.36 -16.08 2.27
CA THR N 118 -40.01 -16.18 0.98
C THR N 118 -41.20 -15.24 0.91
N GLU N 119 -41.27 -14.47 -0.18
CA GLU N 119 -42.46 -13.71 -0.52
C GLU N 119 -43.35 -14.57 -1.42
N ALA N 120 -44.65 -14.36 -1.32
CA ALA N 120 -45.63 -15.15 -2.05
C ALA N 120 -46.33 -14.30 -3.10
N LEU N 121 -46.55 -14.89 -4.27
CA LEU N 121 -47.26 -14.23 -5.35
C LEU N 121 -48.29 -15.21 -5.90
N ALA N 122 -49.56 -14.86 -5.80
CA ALA N 122 -50.64 -15.76 -6.20
C ALA N 122 -50.78 -15.73 -7.71
N GLY N 123 -50.35 -16.81 -8.37
CA GLY N 123 -50.54 -16.97 -9.79
C GLY N 123 -51.72 -17.84 -10.17
N GLU N 124 -52.60 -18.18 -9.23
CA GLU N 124 -53.73 -19.03 -9.55
C GLU N 124 -54.66 -18.32 -10.52
N GLY N 125 -55.00 -19.00 -11.60
CA GLY N 125 -55.77 -18.37 -12.65
C GLY N 125 -54.98 -17.40 -13.49
N LEU N 126 -53.66 -17.40 -13.40
CA LEU N 126 -52.81 -16.48 -14.15
C LEU N 126 -51.81 -17.27 -14.98
N ILE N 127 -51.55 -16.76 -16.17
CA ILE N 127 -50.58 -17.33 -17.08
C ILE N 127 -49.25 -16.64 -16.86
N VAL N 128 -48.18 -17.42 -16.82
CA VAL N 128 -46.83 -16.89 -16.70
C VAL N 128 -46.09 -17.20 -17.98
N THR N 129 -45.53 -16.17 -18.61
CA THR N 129 -44.66 -16.37 -19.75
C THR N 129 -43.34 -15.68 -19.50
N ALA N 130 -42.35 -15.98 -20.33
CA ALA N 130 -41.13 -15.22 -20.32
C ALA N 130 -41.39 -13.84 -20.92
N GLY N 131 -40.58 -12.87 -20.51
CA GLY N 131 -40.71 -11.55 -21.09
C GLY N 131 -40.36 -11.55 -22.57
N GLY N 132 -41.00 -10.64 -23.30
CA GLY N 132 -40.70 -10.52 -24.71
C GLY N 132 -39.30 -10.02 -24.96
N ILE N 133 -38.79 -10.37 -26.14
CA ILE N 133 -37.49 -9.94 -26.61
C ILE N 133 -37.72 -9.28 -27.97
N ASP N 134 -37.48 -7.98 -28.05
CA ASP N 134 -37.64 -7.23 -29.28
C ASP N 134 -36.26 -6.87 -29.82
N THR N 135 -35.94 -7.36 -31.02
CA THR N 135 -34.58 -7.29 -31.53
C THR N 135 -34.40 -6.28 -32.65
N HIS N 136 -35.42 -5.50 -32.98
CA HIS N 136 -35.34 -4.53 -34.06
C HIS N 136 -35.51 -3.11 -33.56
N ILE N 137 -35.13 -2.83 -32.31
CA ILE N 137 -35.52 -1.58 -31.68
C ILE N 137 -34.70 -0.44 -32.25
N HIS N 138 -35.37 0.52 -32.88
CA HIS N 138 -34.75 1.80 -33.19
C HIS N 138 -34.82 2.67 -31.95
N PHE N 139 -33.68 2.87 -31.28
CA PHE N 139 -33.70 3.66 -30.07
C PHE N 139 -33.87 5.12 -30.40
N ILE N 140 -35.07 5.50 -30.80
CA ILE N 140 -35.34 6.87 -31.21
C ILE N 140 -35.66 7.74 -29.99
N SER N 141 -36.49 7.25 -29.10
CA SER N 141 -36.79 7.95 -27.87
C SER N 141 -36.79 6.99 -26.71
N PRO N 142 -36.38 7.44 -25.53
CA PRO N 142 -36.46 6.57 -24.34
C PRO N 142 -37.87 6.28 -23.90
N GLN N 143 -38.87 6.99 -24.41
CA GLN N 143 -40.25 6.69 -24.06
C GLN N 143 -40.74 5.39 -24.68
N GLN N 144 -40.00 4.86 -25.66
CA GLN N 144 -40.33 3.54 -26.19
C GLN N 144 -40.17 2.46 -25.14
N ILE N 145 -39.17 2.62 -24.26
CA ILE N 145 -38.85 1.56 -23.31
C ILE N 145 -40.01 1.30 -22.34
N PRO N 146 -40.59 2.29 -21.67
CA PRO N 146 -41.77 2.00 -20.84
C PRO N 146 -42.96 1.48 -21.62
N THR N 147 -43.13 1.90 -22.87
CA THR N 147 -44.23 1.38 -23.68
C THR N 147 -44.06 -0.11 -23.94
N ALA N 148 -42.87 -0.51 -24.39
CA ALA N 148 -42.61 -1.93 -24.61
C ALA N 148 -42.71 -2.71 -23.31
N PHE N 149 -42.18 -2.15 -22.22
CA PHE N 149 -42.26 -2.81 -20.93
C PHE N 149 -43.69 -3.06 -20.52
N ALA N 150 -44.57 -2.07 -20.67
CA ALA N 150 -45.96 -2.27 -20.35
C ALA N 150 -46.64 -3.23 -21.31
N SER N 151 -46.15 -3.33 -22.54
CA SER N 151 -46.69 -4.31 -23.46
C SER N 151 -46.27 -5.73 -23.11
N GLY N 152 -45.16 -5.89 -22.39
CA GLY N 152 -44.76 -7.22 -21.97
C GLY N 152 -43.41 -7.63 -22.53
N VAL N 153 -42.64 -6.65 -23.00
CA VAL N 153 -41.31 -6.88 -23.53
C VAL N 153 -40.31 -6.53 -22.44
N THR N 154 -39.42 -7.46 -22.12
CA THR N 154 -38.43 -7.23 -21.08
C THR N 154 -37.01 -7.10 -21.60
N THR N 155 -36.75 -7.49 -22.84
CA THR N 155 -35.43 -7.30 -23.43
C THR N 155 -35.56 -6.55 -24.75
N MET N 156 -34.76 -5.50 -24.91
CA MET N 156 -34.73 -4.72 -26.14
C MET N 156 -33.31 -4.74 -26.67
N ILE N 157 -33.14 -5.26 -27.88
CA ILE N 157 -31.88 -5.23 -28.59
C ILE N 157 -32.08 -4.36 -29.82
N GLY N 158 -31.21 -3.38 -29.98
CA GLY N 158 -31.35 -2.49 -31.11
C GLY N 158 -30.22 -1.51 -31.15
N GLY N 159 -30.47 -0.40 -31.84
CA GLY N 159 -29.45 0.61 -31.98
C GLY N 159 -30.08 1.97 -32.11
N GLY N 160 -29.24 2.98 -32.06
CA GLY N 160 -29.70 4.33 -32.19
C GLY N 160 -29.06 5.25 -31.18
N THR N 161 -29.25 6.55 -31.38
CA THR N 161 -28.64 7.55 -30.50
C THR N 161 -29.61 8.68 -30.20
N GLY N 162 -30.92 8.38 -30.21
CA GLY N 162 -31.92 9.41 -30.10
C GLY N 162 -32.48 9.75 -31.45
N PRO N 163 -33.27 10.79 -31.54
CA PRO N 163 -33.98 11.08 -32.79
C PRO N 163 -33.09 11.71 -33.85
N ALA N 164 -31.90 11.18 -34.04
CA ALA N 164 -31.12 11.51 -35.21
C ALA N 164 -31.72 10.83 -36.42
N ASP N 165 -31.40 11.36 -37.61
CA ASP N 165 -31.96 10.78 -38.83
C ASP N 165 -31.37 9.40 -39.09
N GLY N 166 -30.09 9.21 -38.77
CA GLY N 166 -29.50 7.89 -38.87
C GLY N 166 -30.21 6.87 -38.01
N THR N 167 -30.64 7.28 -36.82
CA THR N 167 -31.39 6.39 -35.95
C THR N 167 -32.82 6.19 -36.44
N ASN N 168 -33.44 7.25 -36.93
CA ASN N 168 -34.79 7.14 -37.48
C ASN N 168 -34.82 6.13 -38.61
N ALA N 169 -33.77 6.06 -39.40
CA ALA N 169 -33.73 5.11 -40.49
C ALA N 169 -33.23 3.73 -40.06
N THR N 170 -32.20 3.68 -39.21
CA THR N 170 -31.44 2.45 -38.99
C THR N 170 -31.41 2.09 -37.52
N THR N 171 -31.17 0.81 -37.28
CA THR N 171 -31.03 0.25 -35.93
C THR N 171 -29.56 0.18 -35.53
N ILE N 172 -28.89 1.33 -35.56
CA ILE N 172 -27.44 1.37 -35.49
C ILE N 172 -27.00 2.38 -34.44
N THR N 173 -26.12 1.94 -33.54
CA THR N 173 -25.42 2.82 -32.60
C THR N 173 -23.98 2.93 -33.08
N PRO N 174 -23.64 3.95 -33.85
CA PRO N 174 -22.34 3.96 -34.52
C PRO N 174 -21.19 4.45 -33.66
N GLY N 175 -20.22 3.60 -33.42
CA GLY N 175 -18.96 4.05 -32.89
C GLY N 175 -18.82 3.85 -31.39
N ARG N 176 -17.57 3.89 -30.93
CA ARG N 176 -17.27 3.67 -29.52
C ARG N 176 -17.88 4.75 -28.64
N ARG N 177 -17.79 6.01 -29.06
CA ARG N 177 -18.29 7.09 -28.22
C ARG N 177 -19.81 7.04 -28.10
N ASN N 178 -20.50 6.81 -29.21
CA ASN N 178 -21.96 6.72 -29.15
C ASN N 178 -22.39 5.48 -28.39
N LEU N 179 -21.63 4.39 -28.50
CA LEU N 179 -21.92 3.22 -27.69
C LEU N 179 -21.77 3.53 -26.20
N LYS N 180 -20.73 4.29 -25.84
CA LYS N 180 -20.58 4.69 -24.45
C LYS N 180 -21.75 5.55 -23.98
N TRP N 181 -22.16 6.50 -24.83
CA TRP N 181 -23.33 7.32 -24.52
C TRP N 181 -24.53 6.44 -24.21
N MET N 182 -24.83 5.49 -25.09
CA MET N 182 -26.02 4.67 -24.92
C MET N 182 -25.90 3.73 -23.73
N LEU N 183 -24.72 3.14 -23.52
CA LEU N 183 -24.53 2.24 -22.41
C LEU N 183 -24.68 2.95 -21.08
N ARG N 184 -24.17 4.18 -20.98
CA ARG N 184 -24.32 4.92 -19.74
C ARG N 184 -25.73 5.48 -19.57
N ALA N 185 -26.44 5.77 -20.66
CA ALA N 185 -27.83 6.16 -20.54
C ALA N 185 -28.70 4.97 -20.14
N ALA N 186 -28.28 3.76 -20.48
CA ALA N 186 -29.09 2.57 -20.21
C ALA N 186 -29.30 2.33 -18.73
N GLU N 187 -28.50 2.94 -17.86
CA GLU N 187 -28.65 2.74 -16.43
C GLU N 187 -29.99 3.21 -15.91
N GLU N 188 -30.69 4.06 -16.67
CA GLU N 188 -31.95 4.64 -16.21
C GLU N 188 -33.11 3.67 -16.31
N TYR N 189 -33.11 2.76 -17.26
CA TYR N 189 -34.32 2.07 -17.67
C TYR N 189 -34.44 0.70 -17.03
N SER N 190 -35.69 0.26 -16.86
CA SER N 190 -35.99 -1.06 -16.34
C SER N 190 -36.31 -1.96 -17.54
N MET N 191 -35.24 -2.43 -18.18
CA MET N 191 -35.34 -3.26 -19.36
C MET N 191 -33.94 -3.78 -19.69
N ASN N 192 -33.83 -5.06 -20.01
CA ASN N 192 -32.56 -5.56 -20.50
C ASN N 192 -32.27 -4.91 -21.85
N LEU N 193 -31.03 -4.49 -22.05
CA LEU N 193 -30.69 -3.71 -23.23
C LEU N 193 -29.47 -4.26 -23.91
N GLY N 194 -29.52 -4.29 -25.23
CA GLY N 194 -28.37 -4.65 -26.04
C GLY N 194 -28.25 -3.73 -27.24
N PHE N 195 -27.03 -3.37 -27.62
CA PHE N 195 -26.83 -2.37 -28.66
C PHE N 195 -26.04 -2.95 -29.82
N LEU N 196 -26.46 -2.58 -31.03
CA LEU N 196 -25.86 -3.02 -32.27
C LEU N 196 -25.04 -1.88 -32.86
N ALA N 197 -23.89 -2.24 -33.43
CA ALA N 197 -22.99 -1.26 -34.02
C ALA N 197 -23.27 -1.13 -35.52
N LYS N 198 -22.57 -0.22 -36.16
CA LYS N 198 -22.68 -0.01 -37.59
C LYS N 198 -21.84 -1.06 -38.31
N GLY N 199 -22.48 -1.89 -39.12
CA GLY N 199 -21.77 -2.89 -39.88
C GLY N 199 -21.39 -2.40 -41.26
N ASN N 200 -21.98 -1.29 -41.68
CA ASN N 200 -21.74 -0.73 -43.01
C ASN N 200 -20.38 -0.03 -43.01
N ALA N 201 -19.34 -0.85 -43.10
CA ALA N 201 -17.99 -0.33 -43.17
C ALA N 201 -17.09 -1.42 -43.72
N SER N 202 -16.23 -1.06 -44.66
CA SER N 202 -15.23 -1.96 -45.20
C SER N 202 -13.93 -1.94 -44.40
N ASN N 203 -13.98 -1.51 -43.14
CA ASN N 203 -12.80 -1.37 -42.29
C ASN N 203 -12.93 -2.34 -41.12
N ASP N 204 -12.13 -3.40 -41.17
CA ASP N 204 -12.14 -4.39 -40.09
C ASP N 204 -11.76 -3.76 -38.77
N ALA N 205 -10.83 -2.80 -38.80
CA ALA N 205 -10.43 -2.14 -37.56
C ALA N 205 -11.58 -1.39 -36.93
N SER N 206 -12.36 -0.66 -37.73
CA SER N 206 -13.51 0.07 -37.21
C SER N 206 -14.57 -0.87 -36.66
N LEU N 207 -14.87 -1.94 -37.40
CA LEU N 207 -15.88 -2.88 -36.92
C LEU N 207 -15.44 -3.54 -35.61
N ALA N 208 -14.18 -3.98 -35.55
CA ALA N 208 -13.67 -4.60 -34.34
C ALA N 208 -13.67 -3.60 -33.18
N ASP N 209 -13.37 -2.33 -33.46
CA ASP N 209 -13.38 -1.33 -32.42
C ASP N 209 -14.77 -1.17 -31.83
N GLN N 210 -15.80 -1.17 -32.68
CA GLN N 210 -17.16 -1.10 -32.16
C GLN N 210 -17.50 -2.31 -31.30
N ILE N 211 -17.12 -3.51 -31.75
CA ILE N 211 -17.42 -4.70 -30.96
C ILE N 211 -16.74 -4.64 -29.60
N GLU N 212 -15.47 -4.26 -29.58
CA GLU N 212 -14.76 -4.13 -28.32
C GLU N 212 -15.31 -3.00 -27.47
N ALA N 213 -15.92 -1.99 -28.11
CA ALA N 213 -16.57 -0.93 -27.37
C ALA N 213 -17.85 -1.39 -26.71
N GLY N 214 -18.48 -2.44 -27.22
CA GLY N 214 -19.53 -3.04 -26.43
C GLY N 214 -20.77 -3.48 -27.16
N ALA N 215 -20.79 -3.32 -28.48
CA ALA N 215 -21.93 -3.78 -29.25
C ALA N 215 -22.03 -5.30 -29.22
N ILE N 216 -23.27 -5.80 -29.17
CA ILE N 216 -23.50 -7.24 -29.20
C ILE N 216 -23.63 -7.77 -30.61
N GLY N 217 -23.49 -6.93 -31.61
CA GLY N 217 -23.62 -7.38 -32.98
C GLY N 217 -23.54 -6.20 -33.92
N PHE N 218 -23.68 -6.50 -35.20
CA PHE N 218 -23.63 -5.52 -36.25
C PHE N 218 -24.99 -5.39 -36.90
N LYS N 219 -25.29 -4.19 -37.38
CA LYS N 219 -26.45 -3.96 -38.23
C LYS N 219 -25.96 -3.37 -39.53
N ILE N 220 -26.27 -4.03 -40.63
CA ILE N 220 -25.97 -3.53 -41.97
C ILE N 220 -27.28 -3.04 -42.54
N HIS N 221 -27.45 -1.73 -42.61
CA HIS N 221 -28.69 -1.13 -43.06
C HIS N 221 -28.48 -0.46 -44.42
N GLU N 222 -29.49 -0.57 -45.28
CA GLU N 222 -29.38 0.04 -46.61
C GLU N 222 -29.10 1.54 -46.55
N ASP N 223 -29.60 2.23 -45.53
CA ASP N 223 -29.45 3.68 -45.50
C ASP N 223 -28.01 4.13 -45.24
N TRP N 224 -27.19 3.27 -44.63
CA TRP N 224 -25.76 3.52 -44.53
C TRP N 224 -24.98 2.86 -45.64
N GLY N 225 -25.66 2.15 -46.54
CA GLY N 225 -25.02 1.49 -47.67
C GLY N 225 -24.85 0.01 -47.45
N THR N 226 -25.75 -0.80 -48.00
CA THR N 226 -25.68 -2.25 -47.90
C THR N 226 -25.00 -2.74 -49.17
N THR N 227 -23.70 -2.85 -49.11
CA THR N 227 -22.95 -3.32 -50.26
C THR N 227 -22.36 -4.70 -49.96
N PRO N 228 -22.10 -5.50 -50.99
CA PRO N 228 -21.50 -6.82 -50.74
C PRO N 228 -20.18 -6.75 -50.01
N SER N 229 -19.37 -5.72 -50.28
CA SER N 229 -18.10 -5.58 -49.56
C SER N 229 -18.33 -5.38 -48.07
N ALA N 230 -19.28 -4.50 -47.72
CA ALA N 230 -19.59 -4.26 -46.32
C ALA N 230 -20.14 -5.51 -45.65
N ILE N 231 -21.02 -6.24 -46.36
CA ILE N 231 -21.57 -7.48 -45.81
C ILE N 231 -20.44 -8.45 -45.52
N ASN N 232 -19.52 -8.61 -46.47
CA ASN N 232 -18.44 -9.56 -46.31
C ASN N 232 -17.54 -9.19 -45.14
N HIS N 233 -17.15 -7.92 -45.05
CA HIS N 233 -16.27 -7.51 -43.96
C HIS N 233 -16.95 -7.64 -42.60
N ALA N 234 -18.21 -7.24 -42.51
CA ALA N 234 -18.92 -7.35 -41.24
C ALA N 234 -19.05 -8.80 -40.82
N LEU N 235 -19.34 -9.69 -41.76
CA LEU N 235 -19.46 -11.10 -41.41
C LEU N 235 -18.12 -11.68 -40.98
N ASP N 236 -17.03 -11.26 -41.61
CA ASP N 236 -15.71 -11.71 -41.17
C ASP N 236 -15.44 -11.29 -39.73
N VAL N 237 -15.66 -10.01 -39.43
CA VAL N 237 -15.37 -9.50 -38.09
C VAL N 237 -16.30 -10.17 -37.07
N ALA N 238 -17.56 -10.38 -37.44
CA ALA N 238 -18.49 -11.02 -36.52
C ALA N 238 -18.14 -12.47 -36.26
N ASP N 239 -17.64 -13.18 -37.27
CA ASP N 239 -17.17 -14.54 -37.02
C ASP N 239 -15.95 -14.52 -36.12
N LYS N 240 -15.11 -13.50 -36.24
CA LYS N 240 -13.97 -13.38 -35.33
C LYS N 240 -14.42 -13.15 -33.89
N TYR N 241 -15.42 -12.30 -33.67
CA TYR N 241 -15.79 -11.85 -32.33
C TYR N 241 -17.03 -12.52 -31.76
N ASP N 242 -17.64 -13.47 -32.46
CA ASP N 242 -18.82 -14.20 -32.00
C ASP N 242 -19.96 -13.24 -31.65
N VAL N 243 -20.40 -12.46 -32.64
CA VAL N 243 -21.53 -11.57 -32.49
C VAL N 243 -22.44 -11.73 -33.69
N GLN N 244 -23.73 -11.46 -33.48
CA GLN N 244 -24.70 -11.59 -34.56
C GLN N 244 -24.57 -10.45 -35.56
N VAL N 245 -24.96 -10.72 -36.80
CA VAL N 245 -25.10 -9.69 -37.82
C VAL N 245 -26.54 -9.69 -38.31
N ALA N 246 -27.17 -8.53 -38.25
CA ALA N 246 -28.49 -8.32 -38.81
C ALA N 246 -28.37 -7.45 -40.05
N ILE N 247 -29.26 -7.67 -41.01
CA ILE N 247 -29.19 -6.96 -42.28
C ILE N 247 -30.56 -6.48 -42.69
N HIS N 248 -30.61 -5.26 -43.20
CA HIS N 248 -31.74 -4.68 -43.91
C HIS N 248 -31.22 -4.36 -45.30
N THR N 249 -31.60 -5.19 -46.27
CA THR N 249 -30.91 -5.28 -47.55
C THR N 249 -31.18 -4.03 -48.41
N ASP N 250 -30.43 -3.96 -49.52
CA ASP N 250 -30.50 -2.82 -50.42
C ASP N 250 -31.84 -2.81 -51.16
N THR N 251 -32.58 -1.72 -50.98
CA THR N 251 -33.87 -1.57 -51.65
C THR N 251 -33.71 -1.24 -53.13
N LEU N 252 -32.65 -0.54 -53.50
CA LEU N 252 -32.53 0.02 -54.84
C LEU N 252 -31.86 -0.92 -55.83
N ASN N 253 -31.36 -2.07 -55.39
CA ASN N 253 -30.58 -2.97 -56.24
C ASN N 253 -29.39 -2.25 -56.87
N GLU N 254 -28.81 -1.30 -56.12
CA GLU N 254 -27.71 -0.51 -56.64
C GLU N 254 -26.51 -1.38 -56.98
N ALA N 255 -26.08 -2.21 -56.05
CA ALA N 255 -24.90 -3.03 -56.24
C ALA N 255 -25.22 -4.44 -56.70
N GLY N 256 -26.45 -4.89 -56.53
CA GLY N 256 -26.82 -6.22 -56.96
C GLY N 256 -28.17 -6.60 -56.43
N CYS N 257 -28.59 -7.80 -56.81
CA CYS N 257 -29.89 -8.33 -56.43
C CYS N 257 -29.76 -9.24 -55.21
N VAL N 258 -30.84 -9.97 -54.91
CA VAL N 258 -30.86 -10.87 -53.77
C VAL N 258 -29.79 -11.94 -53.91
N GLU N 259 -29.54 -12.40 -55.14
CA GLU N 259 -28.51 -13.39 -55.36
C GLU N 259 -27.14 -12.85 -54.98
N ASP N 260 -26.85 -11.60 -55.35
CA ASP N 260 -25.57 -11.01 -55.00
C ASP N 260 -25.45 -10.79 -53.49
N THR N 261 -26.53 -10.37 -52.84
CA THR N 261 -26.50 -10.24 -51.39
C THR N 261 -26.25 -11.58 -50.72
N MET N 262 -26.92 -12.64 -51.19
CA MET N 262 -26.71 -13.96 -50.62
C MET N 262 -25.31 -14.49 -50.89
N ALA N 263 -24.74 -14.15 -52.05
CA ALA N 263 -23.37 -14.54 -52.33
C ALA N 263 -22.40 -13.83 -51.39
N ALA N 264 -22.66 -12.56 -51.10
CA ALA N 264 -21.83 -11.85 -50.13
C ALA N 264 -21.97 -12.48 -48.74
N ILE N 265 -23.19 -12.87 -48.37
CA ILE N 265 -23.39 -13.53 -47.08
C ILE N 265 -22.61 -14.84 -47.04
N ALA N 266 -22.65 -15.60 -48.13
CA ALA N 266 -21.80 -16.78 -48.31
C ALA N 266 -22.05 -17.84 -47.25
N GLY N 267 -23.32 -18.11 -47.00
CA GLY N 267 -23.70 -19.20 -46.11
C GLY N 267 -23.26 -19.02 -44.67
N ARG N 268 -23.23 -17.79 -44.19
CA ARG N 268 -22.91 -17.50 -42.80
C ARG N 268 -24.16 -17.01 -42.10
N THR N 269 -24.24 -17.24 -40.79
CA THR N 269 -25.45 -16.94 -40.06
C THR N 269 -25.75 -15.46 -40.11
N MET N 270 -26.94 -15.12 -40.58
CA MET N 270 -27.35 -13.74 -40.74
C MET N 270 -28.80 -13.61 -40.31
N HIS N 271 -29.11 -12.57 -39.55
CA HIS N 271 -30.46 -12.29 -39.09
C HIS N 271 -31.04 -11.19 -39.98
N THR N 272 -32.11 -11.50 -40.68
CA THR N 272 -32.63 -10.60 -41.70
C THR N 272 -33.88 -9.88 -41.18
N PHE N 273 -33.89 -8.56 -41.35
CA PHE N 273 -35.06 -7.74 -41.08
C PHE N 273 -35.88 -7.63 -42.37
N HIS N 274 -37.20 -7.62 -42.22
CA HIS N 274 -38.12 -7.49 -43.35
C HIS N 274 -37.81 -8.54 -44.41
N THR N 275 -37.80 -9.80 -43.99
CA THR N 275 -37.52 -10.88 -44.94
C THR N 275 -38.58 -10.96 -46.03
N GLU N 276 -39.74 -10.35 -45.81
CA GLU N 276 -40.75 -10.19 -46.85
C GLU N 276 -40.40 -9.08 -47.83
N GLY N 277 -39.38 -8.28 -47.55
CA GLY N 277 -38.98 -7.21 -48.44
C GLY N 277 -39.42 -5.84 -47.98
N ALA N 278 -40.63 -5.76 -47.45
CA ALA N 278 -41.21 -4.48 -47.00
C ALA N 278 -41.20 -3.45 -48.11
N GLY N 279 -41.48 -3.91 -49.34
CA GLY N 279 -41.54 -3.05 -50.49
C GLY N 279 -40.21 -2.76 -51.15
N GLY N 280 -39.12 -3.38 -50.70
CA GLY N 280 -37.82 -3.14 -51.29
C GLY N 280 -37.69 -3.77 -52.67
N GLY N 281 -36.63 -3.38 -53.36
CA GLY N 281 -36.35 -3.94 -54.67
C GLY N 281 -36.02 -5.42 -54.64
N HIS N 282 -35.50 -5.90 -53.51
CA HIS N 282 -35.27 -7.33 -53.37
C HIS N 282 -36.57 -8.12 -53.27
N ALA N 283 -37.67 -7.45 -52.94
CA ALA N 283 -38.97 -8.11 -52.92
C ALA N 283 -39.43 -8.41 -54.34
N PRO N 284 -40.15 -9.52 -54.54
CA PRO N 284 -40.48 -10.50 -53.52
C PRO N 284 -39.44 -11.61 -53.43
N ASP N 285 -38.38 -11.50 -54.23
CA ASP N 285 -37.37 -12.56 -54.28
C ASP N 285 -36.62 -12.70 -52.96
N ILE N 286 -36.60 -11.65 -52.12
CA ILE N 286 -35.91 -11.77 -50.85
C ILE N 286 -36.62 -12.74 -49.91
N ILE N 287 -37.90 -13.03 -50.15
CA ILE N 287 -38.59 -14.06 -49.39
C ILE N 287 -37.93 -15.42 -49.61
N LYS N 288 -37.23 -15.59 -50.72
CA LYS N 288 -36.55 -16.86 -50.97
C LYS N 288 -35.51 -17.17 -49.92
N VAL N 289 -34.87 -16.14 -49.36
CA VAL N 289 -33.82 -16.37 -48.37
C VAL N 289 -34.40 -16.92 -47.08
N ALA N 290 -35.71 -16.82 -46.87
CA ALA N 290 -36.33 -17.37 -45.67
C ALA N 290 -36.32 -18.89 -45.66
N GLY N 291 -35.98 -19.53 -46.78
CA GLY N 291 -35.84 -20.96 -46.82
C GLY N 291 -34.43 -21.46 -46.60
N GLU N 292 -33.45 -20.57 -46.57
CA GLU N 292 -32.07 -20.97 -46.34
C GLU N 292 -31.83 -21.28 -44.87
N HIS N 293 -30.86 -22.16 -44.62
CA HIS N 293 -30.55 -22.53 -43.25
C HIS N 293 -29.88 -21.39 -42.49
N ASN N 294 -28.96 -20.70 -43.14
CA ASN N 294 -28.14 -19.72 -42.44
C ASN N 294 -28.86 -18.41 -42.17
N ILE N 295 -30.07 -18.23 -42.69
CA ILE N 295 -30.81 -17.00 -42.53
C ILE N 295 -31.84 -17.18 -41.43
N LEU N 296 -31.80 -16.31 -40.43
CA LEU N 296 -32.85 -16.25 -39.42
C LEU N 296 -33.79 -15.12 -39.81
N PRO N 297 -34.99 -15.40 -40.30
CA PRO N 297 -35.85 -14.34 -40.81
C PRO N 297 -36.76 -13.75 -39.74
N ALA N 298 -36.89 -12.43 -39.78
CA ALA N 298 -37.80 -11.74 -38.90
C ALA N 298 -38.76 -10.90 -39.73
N SER N 299 -39.95 -10.71 -39.19
CA SER N 299 -40.97 -9.90 -39.82
C SER N 299 -41.42 -8.82 -38.84
N THR N 300 -41.80 -7.68 -39.40
CA THR N 300 -42.13 -6.51 -38.60
C THR N 300 -43.61 -6.44 -38.28
N ASN N 301 -43.93 -5.62 -37.29
CA ASN N 301 -45.32 -5.44 -36.86
C ASN N 301 -46.26 -4.98 -37.96
N PRO N 302 -46.00 -3.90 -38.70
CA PRO N 302 -47.08 -3.26 -39.47
C PRO N 302 -47.76 -4.16 -40.47
N THR N 303 -47.04 -5.11 -41.06
CA THR N 303 -47.59 -5.93 -42.12
C THR N 303 -48.28 -7.20 -41.59
N ILE N 304 -48.27 -7.43 -40.28
CA ILE N 304 -48.98 -8.56 -39.71
C ILE N 304 -49.94 -8.06 -38.63
N PRO N 305 -51.20 -8.52 -38.62
CA PRO N 305 -51.77 -9.36 -39.66
C PRO N 305 -52.21 -8.54 -40.87
N PHE N 306 -52.41 -9.20 -42.01
CA PHE N 306 -52.86 -8.49 -43.20
C PHE N 306 -54.32 -8.10 -43.05
N THR N 307 -54.61 -6.80 -43.09
CA THR N 307 -55.94 -6.26 -42.90
C THR N 307 -56.32 -5.36 -44.07
N VAL N 308 -57.51 -4.77 -43.97
CA VAL N 308 -58.02 -3.91 -45.02
C VAL N 308 -57.17 -2.64 -45.14
N ASN N 309 -56.70 -2.12 -44.01
CA ASN N 309 -55.99 -0.85 -43.98
C ASN N 309 -54.48 -1.02 -44.02
N THR N 310 -53.97 -2.24 -44.20
CA THR N 310 -52.53 -2.47 -44.12
C THR N 310 -51.78 -1.71 -45.21
N GLU N 311 -52.29 -1.74 -46.44
CA GLU N 311 -51.57 -1.18 -47.56
C GLU N 311 -51.63 0.34 -47.63
N ALA N 312 -52.55 0.98 -46.90
CA ALA N 312 -52.75 2.42 -47.05
C ALA N 312 -51.61 3.22 -46.42
N GLU N 313 -51.10 2.76 -45.27
CA GLU N 313 -50.12 3.51 -44.50
C GLU N 313 -48.68 3.24 -44.92
N HIS N 314 -48.45 2.26 -45.80
CA HIS N 314 -47.10 1.77 -46.05
C HIS N 314 -46.22 2.86 -46.68
N MET N 315 -46.76 3.60 -47.64
CA MET N 315 -45.92 4.58 -48.32
C MET N 315 -45.54 5.73 -47.40
N ASP N 316 -46.47 6.20 -46.58
CA ASP N 316 -46.15 7.26 -45.62
C ASP N 316 -45.10 6.78 -44.63
N MET N 317 -45.27 5.56 -44.10
CA MET N 317 -44.29 5.03 -43.17
C MET N 317 -42.92 4.91 -43.83
N LEU N 318 -42.90 4.42 -45.07
CA LEU N 318 -41.63 4.23 -45.78
C LEU N 318 -40.93 5.57 -46.00
N MET N 319 -41.67 6.57 -46.45
CA MET N 319 -41.06 7.86 -46.74
C MET N 319 -40.51 8.50 -45.47
N VAL N 320 -41.29 8.49 -44.39
CA VAL N 320 -40.82 9.11 -43.16
C VAL N 320 -39.64 8.34 -42.58
N CYS N 321 -39.68 7.01 -42.62
CA CYS N 321 -38.57 6.22 -42.09
C CYS N 321 -37.29 6.43 -42.88
N HIS N 322 -37.39 6.45 -44.21
CA HIS N 322 -36.19 6.61 -45.05
C HIS N 322 -35.81 8.06 -45.24
N HIS N 323 -36.54 9.00 -44.65
CA HIS N 323 -36.16 10.42 -44.65
C HIS N 323 -36.15 10.99 -46.06
N LEU N 324 -37.26 10.79 -46.76
CA LEU N 324 -37.48 11.37 -48.08
C LEU N 324 -38.55 12.44 -47.93
N ASP N 325 -38.22 13.68 -48.31
CA ASP N 325 -39.16 14.78 -48.16
C ASP N 325 -40.33 14.59 -49.10
N LYS N 326 -41.54 14.72 -48.58
CA LYS N 326 -42.75 14.55 -49.38
C LYS N 326 -43.07 15.77 -50.22
N SER N 327 -42.33 16.86 -50.06
CA SER N 327 -42.52 18.06 -50.85
C SER N 327 -41.49 18.19 -51.97
N ILE N 328 -40.70 17.15 -52.21
CA ILE N 328 -39.64 17.17 -53.22
C ILE N 328 -39.98 16.17 -54.30
N LYS N 329 -40.00 16.63 -55.55
CA LYS N 329 -40.30 15.75 -56.67
C LYS N 329 -39.28 14.62 -56.77
N GLU N 330 -38.00 14.93 -56.59
CA GLU N 330 -36.97 13.91 -56.70
C GLU N 330 -37.15 12.83 -55.64
N ASP N 331 -37.42 13.24 -54.39
CA ASP N 331 -37.58 12.25 -53.33
C ASP N 331 -38.85 11.42 -53.54
N VAL N 332 -39.93 12.05 -53.99
CA VAL N 332 -41.16 11.30 -54.23
C VAL N 332 -40.96 10.29 -55.35
N GLN N 333 -40.29 10.70 -56.43
CA GLN N 333 -40.00 9.77 -57.52
C GLN N 333 -39.07 8.65 -57.05
N PHE N 334 -38.12 8.96 -56.17
CA PHE N 334 -37.23 7.96 -55.63
C PHE N 334 -38.00 6.94 -54.79
N ALA N 335 -39.01 7.40 -54.06
CA ALA N 335 -39.75 6.53 -53.14
C ALA N 335 -40.64 5.59 -53.95
N ASP N 336 -40.02 4.56 -54.50
CA ASP N 336 -40.70 3.54 -55.29
C ASP N 336 -40.77 2.26 -54.48
N SER N 337 -41.96 1.69 -54.36
CA SER N 337 -42.20 0.50 -53.57
C SER N 337 -42.61 -0.65 -54.47
N ARG N 338 -42.15 -1.86 -54.13
CA ARG N 338 -42.56 -3.08 -54.80
C ARG N 338 -43.47 -3.92 -53.91
N ILE N 339 -44.19 -3.26 -52.99
CA ILE N 339 -45.06 -3.97 -52.08
C ILE N 339 -46.29 -4.47 -52.81
N ARG N 340 -46.76 -5.66 -52.44
CA ARG N 340 -47.96 -6.23 -53.02
C ARG N 340 -48.81 -6.86 -51.94
N PRO N 341 -50.13 -6.79 -52.08
CA PRO N 341 -50.99 -7.51 -51.13
C PRO N 341 -50.72 -9.00 -51.13
N GLN N 342 -50.26 -9.55 -52.26
CA GLN N 342 -49.89 -10.96 -52.30
C GLN N 342 -48.76 -11.25 -51.32
N THR N 343 -47.72 -10.42 -51.31
CA THR N 343 -46.61 -10.62 -50.38
C THR N 343 -47.05 -10.37 -48.95
N ILE N 344 -47.84 -9.33 -48.72
CA ILE N 344 -48.29 -9.03 -47.36
C ILE N 344 -49.12 -10.19 -46.82
N ALA N 345 -49.98 -10.77 -47.65
CA ALA N 345 -50.78 -11.92 -47.23
C ALA N 345 -49.91 -13.15 -47.04
N ALA N 346 -48.91 -13.34 -47.91
CA ALA N 346 -48.05 -14.50 -47.78
C ALA N 346 -47.23 -14.45 -46.50
N GLU N 347 -46.96 -13.26 -45.99
CA GLU N 347 -46.18 -13.14 -44.76
C GLU N 347 -46.86 -13.83 -43.59
N ASP N 348 -48.17 -13.65 -43.44
CA ASP N 348 -48.90 -14.29 -42.35
C ASP N 348 -48.88 -15.81 -42.48
N THR N 349 -49.05 -16.31 -43.70
CA THR N 349 -49.03 -17.76 -43.89
C THR N 349 -47.64 -18.33 -43.64
N LEU N 350 -46.60 -17.60 -44.01
CA LEU N 350 -45.24 -18.06 -43.72
C LEU N 350 -45.00 -18.09 -42.22
N HIS N 351 -45.53 -17.10 -41.49
CA HIS N 351 -45.48 -17.15 -40.04
C HIS N 351 -46.18 -18.38 -39.50
N ASP N 352 -47.36 -18.69 -40.04
CA ASP N 352 -48.11 -19.85 -39.56
C ASP N 352 -47.34 -21.14 -39.84
N MET N 353 -46.70 -21.23 -41.00
CA MET N 353 -45.95 -22.43 -41.35
C MET N 353 -44.60 -22.50 -40.66
N GLY N 354 -44.15 -21.43 -40.03
CA GLY N 354 -42.86 -21.45 -39.37
C GLY N 354 -41.70 -21.10 -40.27
N ILE N 355 -41.97 -20.59 -41.47
CA ILE N 355 -40.89 -20.13 -42.33
C ILE N 355 -40.25 -18.88 -41.75
N PHE N 356 -41.05 -17.99 -41.17
CA PHE N 356 -40.53 -16.82 -40.48
C PHE N 356 -40.39 -17.16 -39.01
N SER N 357 -39.22 -16.88 -38.45
CA SER N 357 -38.89 -17.34 -37.11
C SER N 357 -39.00 -16.28 -36.04
N ILE N 358 -38.85 -15.01 -36.38
CA ILE N 358 -38.84 -13.95 -35.38
C ILE N 358 -39.86 -12.89 -35.77
N THR N 359 -40.60 -12.38 -34.78
CA THR N 359 -41.42 -11.21 -34.94
C THR N 359 -40.79 -10.06 -34.18
N SER N 360 -40.87 -8.86 -34.75
CA SER N 360 -40.27 -7.70 -34.10
C SER N 360 -41.06 -6.45 -34.49
N SER N 361 -40.59 -5.32 -33.99
CA SER N 361 -41.27 -4.05 -34.20
C SER N 361 -40.63 -3.19 -35.28
N ASP N 362 -39.33 -2.92 -35.16
CA ASP N 362 -38.70 -1.77 -35.81
C ASP N 362 -39.36 -0.49 -35.32
N SER N 363 -39.20 -0.27 -34.01
CA SER N 363 -39.99 0.73 -33.30
C SER N 363 -39.83 2.12 -33.90
N GLN N 364 -40.96 2.78 -34.12
CA GLN N 364 -41.04 4.13 -34.65
C GLN N 364 -40.30 4.31 -35.96
N ALA N 365 -39.92 3.21 -36.62
CA ALA N 365 -39.46 3.23 -38.00
C ALA N 365 -40.13 2.05 -38.69
N MET N 366 -41.35 2.29 -39.19
CA MET N 366 -42.18 1.23 -39.77
C MET N 366 -42.37 0.08 -38.78
N GLY N 367 -42.99 0.40 -37.66
CA GLY N 367 -43.26 -0.61 -36.65
C GLY N 367 -43.60 -0.03 -35.29
N ARG N 368 -44.42 -0.74 -34.53
CA ARG N 368 -44.94 -0.24 -33.26
C ARG N 368 -44.35 -1.06 -32.13
N VAL N 369 -43.69 -0.38 -31.19
CA VAL N 369 -42.89 -1.07 -30.18
C VAL N 369 -43.79 -1.80 -29.19
N GLY N 370 -44.97 -1.25 -28.89
CA GLY N 370 -45.83 -1.82 -27.88
C GLY N 370 -46.84 -2.78 -28.45
N GLU N 371 -46.60 -3.28 -29.65
CA GLU N 371 -47.56 -4.14 -30.33
C GLU N 371 -46.94 -5.41 -30.89
N VAL N 372 -45.71 -5.76 -30.51
CA VAL N 372 -45.10 -6.98 -31.03
C VAL N 372 -45.90 -8.20 -30.59
N ILE N 373 -46.17 -8.30 -29.29
CA ILE N 373 -46.90 -9.45 -28.77
C ILE N 373 -48.33 -9.46 -29.27
N THR N 374 -48.98 -8.29 -29.24
CA THR N 374 -50.37 -8.22 -29.67
C THR N 374 -50.51 -8.61 -31.12
N ARG N 375 -49.61 -8.14 -31.98
CA ARG N 375 -49.74 -8.45 -33.40
C ARG N 375 -49.33 -9.89 -33.69
N THR N 376 -48.41 -10.45 -32.92
CA THR N 376 -48.11 -11.88 -33.04
C THR N 376 -49.36 -12.70 -32.75
N TRP N 377 -50.08 -12.37 -31.68
CA TRP N 377 -51.25 -13.15 -31.34
C TRP N 377 -52.43 -12.85 -32.26
N GLN N 378 -52.49 -11.64 -32.81
CA GLN N 378 -53.50 -11.36 -33.82
C GLN N 378 -53.26 -12.19 -35.08
N THR N 379 -52.00 -12.31 -35.49
CA THR N 379 -51.67 -13.16 -36.64
C THR N 379 -52.00 -14.62 -36.34
N ALA N 380 -51.67 -15.09 -35.14
CA ALA N 380 -51.98 -16.47 -34.77
C ALA N 380 -53.48 -16.71 -34.83
N ASP N 381 -54.26 -15.79 -34.28
CA ASP N 381 -55.72 -15.96 -34.29
C ASP N 381 -56.28 -15.91 -35.70
N LYS N 382 -55.77 -15.01 -36.53
CA LYS N 382 -56.23 -14.91 -37.91
C LYS N 382 -55.93 -16.18 -38.69
N ASN N 383 -54.73 -16.72 -38.50
CA ASN N 383 -54.38 -17.97 -39.18
C ASN N 383 -55.20 -19.14 -38.67
N LYS N 384 -55.50 -19.16 -37.37
CA LYS N 384 -56.37 -20.20 -36.84
C LYS N 384 -57.76 -20.11 -37.45
N LYS N 385 -58.29 -18.90 -37.59
CA LYS N 385 -59.60 -18.73 -38.20
C LYS N 385 -59.60 -19.14 -39.66
N GLU N 386 -58.52 -18.82 -40.38
CA GLU N 386 -58.48 -19.11 -41.81
C GLU N 386 -58.23 -20.59 -42.09
N PHE N 387 -57.09 -21.10 -41.64
CA PHE N 387 -56.67 -22.46 -41.97
C PHE N 387 -57.05 -23.50 -40.94
N GLY N 388 -57.70 -23.11 -39.85
CA GLY N 388 -58.06 -24.08 -38.85
C GLY N 388 -56.86 -24.56 -38.04
N ARG N 389 -57.08 -25.66 -37.33
CA ARG N 389 -56.04 -26.23 -36.49
C ARG N 389 -54.89 -26.76 -37.33
N LEU N 390 -53.67 -26.56 -36.84
CA LEU N 390 -52.50 -27.12 -37.51
C LEU N 390 -52.54 -28.64 -37.46
N LYS N 391 -51.90 -29.26 -38.45
CA LYS N 391 -51.84 -30.72 -38.47
C LYS N 391 -50.93 -31.27 -37.40
N GLU N 392 -50.10 -30.44 -36.77
CA GLU N 392 -49.20 -30.90 -35.72
C GLU N 392 -49.85 -30.93 -34.35
N GLU N 393 -51.13 -30.53 -34.24
CA GLU N 393 -51.79 -30.51 -32.94
C GLU N 393 -52.11 -31.93 -32.51
N LYS N 394 -51.55 -32.33 -31.36
CA LYS N 394 -51.81 -33.65 -30.80
C LYS N 394 -52.91 -33.57 -29.74
N GLY N 395 -54.09 -33.18 -30.17
CA GLY N 395 -55.22 -33.06 -29.29
C GLY N 395 -56.17 -32.00 -29.79
N ASP N 396 -57.24 -31.80 -29.01
CA ASP N 396 -58.26 -30.81 -29.34
C ASP N 396 -57.91 -29.46 -28.70
N ASN N 397 -56.73 -28.97 -29.06
CA ASN N 397 -56.24 -27.71 -28.53
C ASN N 397 -55.32 -27.08 -29.57
N ASP N 398 -54.86 -25.88 -29.27
CA ASP N 398 -53.95 -25.16 -30.14
C ASP N 398 -52.58 -25.02 -29.52
N ASN N 399 -52.15 -26.03 -28.76
CA ASN N 399 -50.89 -25.91 -28.01
C ASN N 399 -49.70 -25.73 -28.93
N PHE N 400 -49.67 -26.45 -30.05
CA PHE N 400 -48.55 -26.32 -30.97
C PHE N 400 -48.48 -24.93 -31.57
N ARG N 401 -49.63 -24.39 -32.00
CA ARG N 401 -49.65 -23.03 -32.54
C ARG N 401 -49.25 -22.03 -31.48
N ILE N 402 -49.73 -22.21 -30.25
CA ILE N 402 -49.37 -21.32 -29.16
C ILE N 402 -47.85 -21.31 -28.97
N LYS N 403 -47.25 -22.50 -28.95
CA LYS N 403 -45.81 -22.59 -28.72
C LYS N 403 -45.04 -21.98 -29.87
N ARG N 404 -45.48 -22.20 -31.11
CA ARG N 404 -44.79 -21.63 -32.26
C ARG N 404 -44.80 -20.10 -32.20
N TYR N 405 -45.99 -19.52 -32.00
CA TYR N 405 -46.09 -18.08 -32.01
C TYR N 405 -45.44 -17.45 -30.78
N LEU N 406 -45.43 -18.15 -29.66
CA LEU N 406 -44.75 -17.65 -28.48
C LEU N 406 -43.25 -17.66 -28.67
N SER N 407 -42.73 -18.72 -29.31
CA SER N 407 -41.31 -18.77 -29.63
C SER N 407 -40.92 -17.65 -30.58
N LYS N 408 -41.85 -17.22 -31.43
CA LYS N 408 -41.53 -16.15 -32.37
C LYS N 408 -41.00 -14.90 -31.69
N TYR N 409 -41.43 -14.63 -30.46
CA TYR N 409 -40.94 -13.44 -29.78
C TYR N 409 -40.33 -13.70 -28.40
N THR N 410 -40.18 -14.94 -27.97
CA THR N 410 -39.53 -15.20 -26.69
C THR N 410 -38.17 -15.88 -26.84
N ILE N 411 -38.12 -17.06 -27.43
CA ILE N 411 -36.91 -17.86 -27.36
C ILE N 411 -36.12 -17.74 -28.65
N ASN N 412 -36.80 -17.56 -29.77
CA ASN N 412 -36.11 -17.46 -31.05
C ASN N 412 -35.23 -16.21 -31.15
N PRO N 413 -35.70 -15.01 -30.83
CA PRO N 413 -34.76 -13.87 -30.80
C PRO N 413 -33.65 -14.03 -29.78
N ALA N 414 -33.91 -14.67 -28.66
CA ALA N 414 -32.86 -14.91 -27.68
C ALA N 414 -31.76 -15.80 -28.25
N ILE N 415 -32.16 -16.86 -28.96
CA ILE N 415 -31.19 -17.71 -29.62
C ILE N 415 -30.45 -16.94 -30.71
N ALA N 416 -31.18 -16.14 -31.47
CA ALA N 416 -30.57 -15.40 -32.57
C ALA N 416 -29.49 -14.46 -32.08
N HIS N 417 -29.72 -13.81 -30.95
CA HIS N 417 -28.75 -12.86 -30.44
C HIS N 417 -27.89 -13.42 -29.32
N GLY N 418 -27.96 -14.71 -29.07
CA GLY N 418 -27.00 -15.33 -28.18
C GLY N 418 -27.21 -15.06 -26.72
N ILE N 419 -28.43 -14.68 -26.32
CA ILE N 419 -28.75 -14.44 -24.93
C ILE N 419 -29.68 -15.51 -24.38
N SER N 420 -29.88 -16.60 -25.11
CA SER N 420 -30.81 -17.63 -24.67
C SER N 420 -30.34 -18.36 -23.42
N GLU N 421 -29.08 -18.19 -23.04
CA GLU N 421 -28.64 -18.75 -21.76
C GLU N 421 -29.23 -17.98 -20.59
N TYR N 422 -29.58 -16.71 -20.79
CA TYR N 422 -30.08 -15.87 -19.71
C TYR N 422 -31.58 -15.66 -19.76
N VAL N 423 -32.14 -15.37 -20.92
CA VAL N 423 -33.53 -14.97 -21.06
C VAL N 423 -34.18 -15.83 -22.14
N GLY N 424 -35.47 -15.62 -22.32
CA GLY N 424 -36.21 -16.21 -23.42
C GLY N 424 -37.23 -17.26 -23.03
N SER N 425 -37.10 -17.84 -21.85
CA SER N 425 -38.04 -18.90 -21.47
C SER N 425 -38.10 -19.02 -19.97
N VAL N 426 -39.13 -19.71 -19.49
CA VAL N 426 -39.30 -19.99 -18.06
C VAL N 426 -38.61 -21.33 -17.81
N GLU N 427 -37.31 -21.26 -17.53
CA GLU N 427 -36.51 -22.45 -17.27
C GLU N 427 -35.64 -22.20 -16.05
N VAL N 428 -35.29 -23.28 -15.35
CA VAL N 428 -34.46 -23.16 -14.16
C VAL N 428 -33.07 -22.70 -14.57
N GLY N 429 -32.57 -21.69 -13.87
CA GLY N 429 -31.28 -21.12 -14.14
C GLY N 429 -31.30 -19.83 -14.94
N LYS N 430 -32.39 -19.56 -15.63
CA LYS N 430 -32.53 -18.32 -16.38
C LYS N 430 -32.91 -17.19 -15.44
N VAL N 431 -32.67 -15.96 -15.90
CA VAL N 431 -33.02 -14.82 -15.07
C VAL N 431 -34.54 -14.71 -15.00
N ALA N 432 -35.04 -14.21 -13.88
CA ALA N 432 -36.48 -14.16 -13.62
C ALA N 432 -37.07 -12.92 -14.28
N ASP N 433 -37.18 -12.99 -15.60
CA ASP N 433 -37.87 -11.97 -16.40
C ASP N 433 -39.21 -12.57 -16.82
N LEU N 434 -40.19 -12.45 -15.94
CA LEU N 434 -41.47 -13.12 -16.12
C LEU N 434 -42.57 -12.10 -16.31
N VAL N 435 -43.60 -12.50 -17.03
CA VAL N 435 -44.78 -11.68 -17.24
C VAL N 435 -45.99 -12.47 -16.78
N LEU N 436 -46.80 -11.85 -15.94
CA LEU N 436 -48.03 -12.42 -15.42
C LEU N 436 -49.19 -11.81 -16.18
N TRP N 437 -49.94 -12.66 -16.88
CA TRP N 437 -51.12 -12.28 -17.64
C TRP N 437 -52.37 -12.88 -17.00
N SER N 438 -53.45 -12.15 -17.05
CA SER N 438 -54.70 -12.84 -16.85
C SER N 438 -55.19 -13.35 -18.20
N PRO N 439 -55.73 -14.57 -18.25
CA PRO N 439 -56.07 -15.17 -19.55
C PRO N 439 -57.05 -14.35 -20.37
N ALA N 440 -57.93 -13.59 -19.72
CA ALA N 440 -58.82 -12.72 -20.49
C ALA N 440 -58.05 -11.62 -21.21
N PHE N 441 -56.92 -11.20 -20.66
CA PHE N 441 -56.12 -10.13 -21.24
C PHE N 441 -54.82 -10.63 -21.83
N PHE N 442 -54.71 -11.93 -22.09
CA PHE N 442 -53.46 -12.48 -22.58
C PHE N 442 -53.11 -11.89 -23.94
N GLY N 443 -51.86 -11.50 -24.10
CA GLY N 443 -51.37 -10.99 -25.35
C GLY N 443 -51.55 -9.51 -25.55
N VAL N 444 -52.30 -8.84 -24.69
CA VAL N 444 -52.55 -7.42 -24.89
C VAL N 444 -52.12 -6.59 -23.68
N LYS N 445 -52.50 -7.01 -22.47
CA LYS N 445 -52.21 -6.24 -21.26
C LYS N 445 -51.79 -7.15 -20.11
N PRO N 446 -50.53 -7.17 -19.73
CA PRO N 446 -50.10 -8.04 -18.63
C PRO N 446 -50.63 -7.57 -17.29
N ASN N 447 -50.74 -8.53 -16.36
CA ASN N 447 -51.04 -8.17 -14.99
C ASN N 447 -49.83 -7.54 -14.33
N MET N 448 -48.65 -8.16 -14.48
CA MET N 448 -47.47 -7.57 -13.84
C MET N 448 -46.22 -8.12 -14.49
N ILE N 449 -45.11 -7.43 -14.25
CA ILE N 449 -43.80 -7.82 -14.78
C ILE N 449 -42.86 -8.04 -13.61
N ILE N 450 -42.22 -9.20 -13.59
CA ILE N 450 -41.20 -9.51 -12.61
C ILE N 450 -39.85 -9.40 -13.31
N LYS N 451 -39.02 -8.47 -12.85
CA LYS N 451 -37.73 -8.18 -13.46
C LYS N 451 -36.64 -8.56 -12.49
N GLY N 452 -35.86 -9.58 -12.83
CA GLY N 452 -34.75 -9.99 -11.99
C GLY N 452 -35.15 -10.45 -10.61
N GLY N 453 -36.30 -11.09 -10.49
CA GLY N 453 -36.76 -11.60 -9.22
C GLY N 453 -37.58 -10.64 -8.39
N PHE N 454 -37.82 -9.43 -8.88
CA PHE N 454 -38.59 -8.43 -8.16
C PHE N 454 -39.61 -7.81 -9.11
N ILE N 455 -40.75 -7.39 -8.57
CA ILE N 455 -41.79 -6.80 -9.40
C ILE N 455 -41.33 -5.41 -9.83
N ALA N 456 -41.31 -5.18 -11.13
CA ALA N 456 -40.85 -3.91 -11.68
C ALA N 456 -41.98 -3.04 -12.21
N LEU N 457 -43.01 -3.65 -12.77
CA LEU N 457 -44.16 -2.91 -13.28
C LEU N 457 -45.42 -3.65 -12.89
N SER N 458 -46.47 -2.89 -12.63
CA SER N 458 -47.72 -3.56 -12.26
C SER N 458 -48.89 -2.65 -12.53
N GLN N 459 -50.03 -3.26 -12.84
CA GLN N 459 -51.28 -2.54 -12.81
C GLN N 459 -51.57 -2.14 -11.37
N MET N 460 -51.84 -0.87 -11.15
CA MET N 460 -52.07 -0.35 -9.82
C MET N 460 -53.20 0.65 -9.85
N GLY N 461 -53.97 0.68 -8.79
CA GLY N 461 -55.06 1.62 -8.65
C GLY N 461 -54.63 2.90 -7.98
N ASP N 462 -55.61 3.62 -7.45
CA ASP N 462 -55.34 4.86 -6.75
C ASP N 462 -54.39 4.63 -5.58
N ALA N 463 -53.37 5.47 -5.47
CA ALA N 463 -52.40 5.32 -4.39
C ALA N 463 -53.02 5.64 -3.03
N ASN N 464 -53.98 6.55 -2.99
CA ASN N 464 -54.67 6.91 -1.76
C ASN N 464 -55.78 5.93 -1.41
N ALA N 465 -56.02 4.92 -2.22
CA ALA N 465 -57.12 4.01 -1.98
C ALA N 465 -56.82 3.07 -0.82
N SER N 466 -57.88 2.49 -0.28
CA SER N 466 -57.74 1.52 0.81
C SER N 466 -57.42 0.12 0.33
N ILE N 467 -57.49 -0.12 -0.98
CA ILE N 467 -57.05 -1.37 -1.60
C ILE N 467 -56.40 -1.05 -2.93
N PRO N 468 -55.62 -1.99 -3.49
CA PRO N 468 -54.93 -1.70 -4.76
C PRO N 468 -55.82 -1.74 -5.99
N THR N 469 -57.03 -2.26 -5.89
CA THR N 469 -57.91 -2.46 -7.05
C THR N 469 -58.63 -1.23 -7.59
N PRO N 470 -59.10 -0.29 -6.77
CA PRO N 470 -60.02 0.74 -7.29
C PRO N 470 -59.39 1.68 -8.29
N GLN N 471 -60.25 2.23 -9.14
CA GLN N 471 -59.84 3.06 -10.26
C GLN N 471 -59.25 4.38 -9.78
N PRO N 472 -58.39 5.01 -10.60
CA PRO N 472 -57.94 4.55 -11.91
C PRO N 472 -56.80 3.55 -11.83
N VAL N 473 -56.90 2.47 -12.58
CA VAL N 473 -55.87 1.45 -12.60
C VAL N 473 -55.07 1.61 -13.88
N TYR N 474 -53.76 1.78 -13.75
CA TYR N 474 -52.91 1.78 -14.92
C TYR N 474 -51.53 1.27 -14.52
N TYR N 475 -50.64 1.19 -15.50
CA TYR N 475 -49.35 0.55 -15.29
C TYR N 475 -48.41 1.53 -14.61
N ARG N 476 -47.96 1.16 -13.42
CA ARG N 476 -47.07 1.99 -12.63
C ARG N 476 -45.78 1.23 -12.35
N GLU N 477 -44.68 1.97 -12.30
CA GLU N 477 -43.40 1.41 -11.93
C GLU N 477 -43.44 0.96 -10.48
N MET N 478 -42.90 -0.22 -10.23
CA MET N 478 -42.81 -0.75 -8.89
C MET N 478 -41.38 -0.57 -8.37
N PHE N 479 -41.08 -1.18 -7.23
CA PHE N 479 -39.84 -0.87 -6.54
C PHE N 479 -38.60 -1.33 -7.29
N ALA N 480 -38.71 -2.39 -8.09
CA ALA N 480 -37.56 -2.82 -8.87
C ALA N 480 -37.22 -1.84 -9.98
N HIS N 481 -38.06 -0.85 -10.21
CA HIS N 481 -37.88 0.18 -11.21
C HIS N 481 -37.12 1.39 -10.68
N HIS N 482 -36.83 1.44 -9.38
CA HIS N 482 -36.38 2.67 -8.73
C HIS N 482 -35.07 2.43 -7.99
N GLY N 483 -34.44 3.54 -7.61
CA GLY N 483 -33.27 3.55 -6.78
C GLY N 483 -32.13 2.77 -7.39
N LYS N 484 -31.41 2.06 -6.52
CA LYS N 484 -30.37 1.15 -6.97
C LYS N 484 -30.86 -0.26 -7.18
N ALA N 485 -32.15 -0.50 -6.95
CA ALA N 485 -32.72 -1.82 -7.23
C ALA N 485 -32.73 -2.12 -8.72
N LYS N 486 -32.88 -1.10 -9.56
CA LYS N 486 -32.92 -1.34 -10.99
C LYS N 486 -31.57 -1.82 -11.51
N TYR N 487 -30.48 -1.41 -10.86
CA TYR N 487 -29.17 -1.89 -11.26
C TYR N 487 -29.06 -3.40 -11.06
N ASP N 488 -29.61 -3.90 -9.96
CA ASP N 488 -29.59 -5.34 -9.73
C ASP N 488 -30.61 -6.05 -10.60
N ALA N 489 -31.72 -5.39 -10.93
CA ALA N 489 -32.77 -6.05 -11.69
C ALA N 489 -32.45 -6.16 -13.16
N ASN N 490 -31.73 -5.21 -13.74
CA ASN N 490 -31.60 -5.15 -15.18
C ASN N 490 -30.22 -5.58 -15.66
N ILE N 491 -30.18 -5.97 -16.94
CA ILE N 491 -28.97 -6.49 -17.57
C ILE N 491 -28.66 -5.68 -18.81
N THR N 492 -27.40 -5.33 -18.97
CA THR N 492 -26.88 -4.82 -20.23
C THR N 492 -26.06 -5.94 -20.87
N PHE N 493 -26.41 -6.29 -22.09
CA PHE N 493 -25.67 -7.31 -22.82
C PHE N 493 -24.57 -6.65 -23.63
N VAL N 494 -23.37 -7.21 -23.56
CA VAL N 494 -22.24 -6.73 -24.32
C VAL N 494 -21.60 -7.93 -25.01
N SER N 495 -20.63 -7.65 -25.86
CA SER N 495 -19.88 -8.73 -26.48
C SER N 495 -18.93 -9.34 -25.46
N GLN N 496 -18.50 -10.57 -25.75
CA GLN N 496 -17.53 -11.22 -24.89
C GLN N 496 -16.22 -10.44 -24.84
N ALA N 497 -15.84 -9.82 -25.96
CA ALA N 497 -14.61 -9.04 -25.99
C ALA N 497 -14.68 -7.85 -25.03
N ALA N 498 -15.78 -7.09 -25.09
CA ALA N 498 -15.95 -5.98 -24.18
C ALA N 498 -16.02 -6.45 -22.74
N TYR N 499 -16.72 -7.57 -22.50
CA TYR N 499 -16.81 -8.11 -21.15
C TYR N 499 -15.44 -8.47 -20.60
N ASP N 500 -14.60 -9.11 -21.42
CA ASP N 500 -13.25 -9.45 -20.98
C ASP N 500 -12.41 -8.21 -20.76
N LYS N 501 -12.52 -7.22 -21.65
CA LYS N 501 -11.79 -5.97 -21.47
C LYS N 501 -12.30 -5.17 -20.28
N GLY N 502 -13.43 -5.54 -19.70
CA GLY N 502 -13.88 -4.89 -18.50
C GLY N 502 -14.65 -3.62 -18.79
N ILE N 503 -15.62 -3.73 -19.70
CA ILE N 503 -16.41 -2.57 -20.08
C ILE N 503 -17.20 -2.04 -18.89
N LYS N 504 -17.61 -2.93 -17.98
CA LYS N 504 -18.42 -2.51 -16.84
C LYS N 504 -17.66 -1.53 -15.96
N GLU N 505 -16.44 -1.88 -15.57
CA GLU N 505 -15.66 -0.98 -14.74
C GLU N 505 -15.14 0.21 -15.51
N GLU N 506 -14.81 0.03 -16.79
CA GLU N 506 -14.31 1.14 -17.59
C GLU N 506 -15.36 2.22 -17.76
N LEU N 507 -16.61 1.84 -18.03
CA LEU N 507 -17.68 2.80 -18.20
C LEU N 507 -18.42 3.10 -16.91
N GLY N 508 -18.06 2.45 -15.80
CA GLY N 508 -18.73 2.71 -14.55
C GLY N 508 -20.18 2.29 -14.53
N LEU N 509 -20.53 1.24 -15.24
CA LEU N 509 -21.90 0.75 -15.26
C LEU N 509 -22.23 0.04 -13.95
N GLU N 510 -23.45 0.25 -13.47
CA GLU N 510 -23.91 -0.41 -12.26
C GLU N 510 -24.82 -1.59 -12.53
N ARG N 511 -25.38 -1.68 -13.73
CA ARG N 511 -26.20 -2.83 -14.09
C ARG N 511 -25.34 -4.09 -14.17
N GLN N 512 -25.99 -5.24 -14.08
CA GLN N 512 -25.33 -6.47 -14.46
C GLN N 512 -24.94 -6.36 -15.92
N VAL N 513 -23.74 -6.78 -16.24
CA VAL N 513 -23.24 -6.75 -17.61
C VAL N 513 -22.92 -8.19 -18.00
N LEU N 514 -23.59 -8.67 -19.04
CA LEU N 514 -23.44 -10.06 -19.40
C LEU N 514 -23.01 -10.18 -20.85
N PRO N 515 -22.13 -11.13 -21.17
CA PRO N 515 -21.70 -11.32 -22.56
C PRO N 515 -22.65 -12.21 -23.34
N VAL N 516 -22.81 -11.90 -24.61
CA VAL N 516 -23.56 -12.77 -25.50
C VAL N 516 -22.63 -13.86 -26.03
N LYS N 517 -23.20 -15.01 -26.36
CA LYS N 517 -22.41 -16.13 -26.82
C LYS N 517 -23.25 -17.02 -27.72
N ASN N 518 -22.57 -17.79 -28.56
CA ASN N 518 -23.20 -18.74 -29.49
C ASN N 518 -24.12 -18.01 -30.46
N CYS N 519 -23.56 -17.01 -31.15
CA CYS N 519 -24.30 -16.30 -32.18
C CYS N 519 -23.96 -16.75 -33.59
N ARG N 520 -22.78 -17.33 -33.80
CA ARG N 520 -22.31 -17.64 -35.14
C ARG N 520 -22.65 -19.06 -35.58
N ASN N 521 -22.82 -19.99 -34.65
CA ASN N 521 -23.00 -21.40 -34.97
C ASN N 521 -24.47 -21.82 -34.92
N ILE N 522 -25.38 -20.90 -35.17
CA ILE N 522 -26.81 -21.19 -35.16
C ILE N 522 -27.35 -21.02 -36.57
N THR N 523 -28.32 -21.84 -36.92
CA THR N 523 -28.99 -21.71 -38.21
C THR N 523 -30.50 -21.66 -38.00
N LYS N 524 -31.25 -21.69 -39.09
CA LYS N 524 -32.71 -21.75 -38.97
C LYS N 524 -33.16 -22.99 -38.22
N LYS N 525 -32.39 -24.08 -38.29
CA LYS N 525 -32.75 -25.31 -37.60
C LYS N 525 -32.76 -25.17 -36.10
N ASP N 526 -32.10 -24.14 -35.56
CA ASP N 526 -32.04 -23.94 -34.12
C ASP N 526 -33.20 -23.12 -33.57
N MET N 527 -34.03 -22.55 -34.44
CA MET N 527 -35.24 -21.87 -33.98
C MET N 527 -36.24 -22.91 -33.50
N GLN N 528 -36.95 -22.58 -32.44
CA GLN N 528 -37.91 -23.50 -31.84
C GLN N 528 -39.25 -23.36 -32.55
N PHE N 529 -39.78 -24.48 -33.03
CA PHE N 529 -41.10 -24.54 -33.67
C PHE N 529 -41.19 -23.70 -34.93
N ASN N 530 -40.08 -23.09 -35.33
CA ASN N 530 -40.04 -22.24 -36.51
C ASN N 530 -38.79 -22.51 -37.31
N ASP N 531 -38.46 -23.79 -37.47
CA ASP N 531 -37.24 -24.21 -38.16
C ASP N 531 -37.53 -24.76 -39.56
N THR N 532 -38.68 -24.42 -40.12
CA THR N 532 -39.07 -24.94 -41.43
C THR N 532 -38.18 -24.32 -42.51
N THR N 533 -37.35 -25.14 -43.13
CA THR N 533 -36.55 -24.73 -44.28
C THR N 533 -37.17 -25.40 -45.51
N ALA N 534 -37.81 -24.61 -46.34
CA ALA N 534 -38.44 -25.11 -47.55
C ALA N 534 -38.01 -24.25 -48.73
N HIS N 535 -37.82 -24.88 -49.89
CA HIS N 535 -37.50 -24.13 -51.09
C HIS N 535 -38.67 -23.22 -51.42
N ILE N 536 -38.47 -21.92 -51.32
CA ILE N 536 -39.51 -20.94 -51.54
C ILE N 536 -39.38 -20.47 -52.98
N GLU N 537 -40.24 -21.01 -53.84
CA GLU N 537 -40.27 -20.60 -55.24
C GLU N 537 -41.07 -19.31 -55.35
N VAL N 538 -40.39 -18.22 -55.69
CA VAL N 538 -41.03 -16.93 -55.86
C VAL N 538 -41.04 -16.61 -57.34
N ASN N 539 -42.23 -16.52 -57.91
CA ASN N 539 -42.39 -16.04 -59.29
C ASN N 539 -42.55 -14.53 -59.22
N PRO N 540 -41.56 -13.74 -59.65
CA PRO N 540 -41.71 -12.29 -59.61
C PRO N 540 -42.56 -11.74 -60.72
N GLU N 541 -42.74 -12.48 -61.82
CA GLU N 541 -43.67 -12.07 -62.85
C GLU N 541 -45.09 -12.00 -62.31
N THR N 542 -45.46 -12.96 -61.46
CA THR N 542 -46.80 -13.04 -60.90
C THR N 542 -46.84 -12.69 -59.42
N TYR N 543 -45.68 -12.41 -58.80
CA TYR N 543 -45.59 -12.16 -57.36
C TYR N 543 -46.23 -13.30 -56.58
N HIS N 544 -45.95 -14.52 -57.01
CA HIS N 544 -46.56 -15.70 -56.43
C HIS N 544 -45.54 -16.47 -55.62
N VAL N 545 -45.87 -16.80 -54.38
CA VAL N 545 -44.98 -17.50 -53.49
C VAL N 545 -45.48 -18.92 -53.31
N PHE N 546 -44.60 -19.90 -53.51
CA PHE N 546 -44.92 -21.30 -53.35
C PHE N 546 -43.92 -21.93 -52.40
N VAL N 547 -44.41 -22.78 -51.51
CA VAL N 547 -43.56 -23.61 -50.66
C VAL N 547 -43.95 -25.06 -50.89
N ASP N 548 -42.98 -25.88 -51.28
CA ASP N 548 -43.22 -27.27 -51.64
C ASP N 548 -44.32 -27.37 -52.70
N GLY N 549 -44.29 -26.44 -53.65
CA GLY N 549 -45.26 -26.40 -54.73
C GLY N 549 -46.54 -25.63 -54.45
N LYS N 550 -47.13 -25.85 -53.27
CA LYS N 550 -48.39 -25.20 -52.94
C LYS N 550 -48.20 -23.70 -52.78
N GLU N 551 -49.12 -22.93 -53.37
CA GLU N 551 -49.10 -21.48 -53.25
C GLU N 551 -49.57 -21.06 -51.86
N VAL N 552 -49.00 -19.96 -51.37
CA VAL N 552 -49.33 -19.45 -50.05
C VAL N 552 -49.99 -18.09 -50.21
N THR N 553 -51.11 -17.90 -49.54
CA THR N 553 -51.83 -16.65 -49.56
C THR N 553 -52.80 -16.63 -48.38
N SER N 554 -53.31 -15.44 -48.07
CA SER N 554 -54.29 -15.31 -47.02
C SER N 554 -55.23 -14.16 -47.37
N LYS N 555 -56.36 -14.17 -46.79
CA LYS N 555 -57.27 -13.09 -47.08
C LYS N 555 -57.14 -12.00 -46.03
N PRO N 556 -57.34 -10.74 -46.41
CA PRO N 556 -57.27 -9.65 -45.43
C PRO N 556 -58.34 -9.81 -44.36
N ALA N 557 -57.98 -9.44 -43.13
CA ALA N 557 -58.90 -9.56 -42.00
C ALA N 557 -59.69 -8.27 -41.86
N ASN N 558 -61.01 -8.39 -41.84
CA ASN N 558 -61.87 -7.22 -41.65
C ASN N 558 -61.87 -6.75 -40.21
N LYS N 559 -61.62 -7.66 -39.26
CA LYS N 559 -61.63 -7.32 -37.85
C LYS N 559 -60.72 -8.29 -37.12
N VAL N 560 -59.76 -7.74 -36.36
CA VAL N 560 -58.83 -8.56 -35.61
C VAL N 560 -59.23 -8.54 -34.14
N SER N 561 -58.73 -9.52 -33.40
CA SER N 561 -58.95 -9.58 -31.97
C SER N 561 -57.89 -8.78 -31.23
N LEU N 562 -58.10 -8.60 -29.93
CA LEU N 562 -57.16 -7.89 -29.06
C LEU N 562 -56.89 -6.47 -29.55
N ALA N 563 -57.83 -5.86 -30.26
CA ALA N 563 -57.60 -4.53 -30.81
C ALA N 563 -58.47 -3.46 -30.19
N GLN N 564 -59.79 -3.57 -30.32
CA GLN N 564 -60.66 -2.51 -29.85
C GLN N 564 -61.40 -2.86 -28.57
N LEU N 565 -61.46 -4.14 -28.21
CA LEU N 565 -62.07 -4.53 -26.96
C LEU N 565 -61.26 -4.06 -25.75
N PHE N 566 -59.96 -3.82 -25.92
CA PHE N 566 -59.07 -3.64 -24.79
C PHE N 566 -58.49 -2.24 -24.67
N SER N 567 -58.58 -1.40 -25.70
CA SER N 567 -57.90 -0.12 -25.72
C SER N 567 -58.90 1.00 -25.94
N ILE N 568 -58.77 2.06 -25.13
CA ILE N 568 -59.63 3.23 -25.32
C ILE N 568 -59.24 3.98 -26.59
N PHE N 569 -57.96 3.93 -26.96
CA PHE N 569 -57.49 4.61 -28.16
C PHE N 569 -56.63 3.69 -29.00
N MET O 1 -61.15 -10.89 -59.55
CA MET O 1 -60.25 -11.46 -58.56
C MET O 1 -59.23 -10.43 -58.11
N ASN O 2 -59.72 -9.37 -57.47
CA ASN O 2 -58.85 -8.30 -56.99
C ASN O 2 -58.07 -8.78 -55.78
N THR O 3 -56.74 -8.70 -55.85
CA THR O 3 -55.92 -9.10 -54.72
C THR O 3 -55.93 -8.08 -53.60
N TYR O 4 -56.26 -6.83 -53.90
CA TYR O 4 -56.33 -5.80 -52.88
C TYR O 4 -57.56 -5.99 -52.01
N ALA O 5 -57.48 -5.49 -50.78
CA ALA O 5 -58.59 -5.63 -49.84
C ALA O 5 -59.83 -4.89 -50.33
N GLN O 6 -59.64 -3.69 -50.87
CA GLN O 6 -60.73 -2.90 -51.41
C GLN O 6 -60.44 -2.56 -52.87
N GLU O 7 -61.43 -1.96 -53.53
CA GLU O 7 -61.29 -1.59 -54.92
C GLU O 7 -60.29 -0.44 -55.07
N SER O 8 -59.45 -0.52 -56.10
CA SER O 8 -58.43 0.49 -56.34
C SER O 8 -59.07 1.68 -57.03
N LYS O 9 -59.26 2.77 -56.29
CA LYS O 9 -59.88 3.97 -56.78
C LYS O 9 -58.99 5.17 -56.50
N LEU O 10 -59.12 6.20 -57.33
CA LEU O 10 -58.37 7.44 -57.13
C LEU O 10 -59.24 8.58 -57.66
N ARG O 11 -59.98 9.22 -56.76
CA ARG O 11 -60.82 10.37 -57.10
C ARG O 11 -60.08 11.62 -56.67
N LEU O 12 -59.67 12.43 -57.65
CA LEU O 12 -58.94 13.67 -57.39
C LEU O 12 -59.71 14.83 -57.98
N LYS O 13 -59.79 15.93 -57.23
CA LYS O 13 -60.44 17.15 -57.68
C LYS O 13 -59.57 18.32 -57.26
N THR O 14 -59.05 19.06 -58.23
CA THR O 14 -58.17 20.19 -57.98
C THR O 14 -58.87 21.49 -58.33
N LYS O 15 -58.55 22.53 -57.57
CA LYS O 15 -59.09 23.87 -57.77
C LYS O 15 -58.01 24.89 -57.48
N ILE O 16 -58.31 26.15 -57.80
CA ILE O 16 -57.37 27.24 -57.55
C ILE O 16 -57.47 27.65 -56.08
N GLY O 17 -56.33 27.69 -55.40
CA GLY O 17 -56.31 28.01 -53.99
C GLY O 17 -56.44 29.49 -53.71
N ALA O 18 -56.43 29.81 -52.41
CA ALA O 18 -56.53 31.20 -51.99
C ALA O 18 -55.32 32.01 -52.43
N ASP O 19 -54.13 31.43 -52.36
CA ASP O 19 -52.90 32.13 -52.74
C ASP O 19 -52.66 32.12 -54.23
N GLY O 20 -53.61 31.64 -55.03
CA GLY O 20 -53.47 31.63 -56.47
C GLY O 20 -52.83 30.39 -57.05
N ARG O 21 -52.33 29.49 -56.21
CA ARG O 21 -51.73 28.26 -56.69
C ARG O 21 -52.80 27.19 -56.90
N CYS O 22 -52.45 26.16 -57.66
CA CYS O 22 -53.35 25.03 -57.90
C CYS O 22 -53.24 24.07 -56.72
N VAL O 23 -54.33 23.91 -55.98
CA VAL O 23 -54.35 23.07 -54.79
C VAL O 23 -55.32 21.92 -55.02
N ILE O 24 -55.16 20.87 -54.23
CA ILE O 24 -56.04 19.71 -54.28
C ILE O 24 -57.24 20.01 -53.40
N GLU O 25 -58.40 20.24 -54.03
CA GLU O 25 -59.61 20.49 -53.27
C GLU O 25 -60.08 19.23 -52.54
N ASP O 26 -60.05 18.10 -53.24
CA ASP O 26 -60.51 16.85 -52.64
C ASP O 26 -59.74 15.69 -53.25
N ASN O 27 -59.56 14.64 -52.46
CA ASN O 27 -58.90 13.46 -52.98
C ASN O 27 -59.22 12.26 -52.09
N PHE O 28 -59.46 11.13 -52.74
CA PHE O 28 -59.73 9.87 -52.06
C PHE O 28 -59.05 8.76 -52.85
N PHE O 29 -58.10 8.08 -52.23
CA PHE O 29 -57.32 7.05 -52.91
C PHE O 29 -57.23 5.80 -52.05
N THR O 30 -57.53 4.67 -52.65
CA THR O 30 -57.30 3.35 -52.08
C THR O 30 -56.05 2.75 -52.70
N PRO O 31 -55.44 1.76 -52.05
CA PRO O 31 -54.23 1.17 -52.62
C PRO O 31 -54.53 0.57 -53.99
N PRO O 32 -53.55 0.60 -54.90
CA PRO O 32 -52.18 1.09 -54.68
C PRO O 32 -52.01 2.58 -54.92
N PHE O 33 -53.12 3.29 -55.13
CA PHE O 33 -53.04 4.71 -55.45
C PHE O 33 -52.66 5.54 -54.22
N LYS O 34 -52.01 6.67 -54.47
CA LYS O 34 -51.69 7.60 -53.41
C LYS O 34 -51.48 8.99 -54.04
N LEU O 35 -51.86 10.02 -53.29
CA LEU O 35 -51.69 11.39 -53.72
C LEU O 35 -50.93 12.17 -52.65
N MET O 36 -49.90 12.89 -53.07
CA MET O 36 -49.17 13.79 -52.21
C MET O 36 -49.59 15.22 -52.50
N ALA O 37 -48.99 16.16 -51.78
CA ALA O 37 -49.25 17.56 -52.05
C ALA O 37 -48.69 17.94 -53.43
N PRO O 38 -49.37 18.83 -54.15
CA PRO O 38 -48.86 19.24 -55.46
C PRO O 38 -47.50 19.90 -55.34
N PHE O 39 -46.65 19.68 -56.34
CA PHE O 39 -45.36 20.32 -56.42
C PHE O 39 -45.47 21.56 -57.29
N TYR O 40 -44.77 22.62 -56.89
CA TYR O 40 -44.84 23.92 -57.57
C TYR O 40 -43.44 24.33 -58.01
N PRO O 41 -43.02 23.91 -59.20
CA PRO O 41 -41.76 24.41 -59.75
C PRO O 41 -41.80 25.92 -59.92
N LYS O 42 -40.60 26.50 -60.06
CA LYS O 42 -40.49 27.95 -60.05
C LYS O 42 -41.24 28.60 -61.20
N ASP O 43 -41.15 28.03 -62.39
CA ASP O 43 -41.73 28.64 -63.59
C ASP O 43 -42.79 27.80 -64.28
N ASP O 44 -42.82 26.50 -64.07
CA ASP O 44 -43.72 25.62 -64.81
C ASP O 44 -45.10 25.59 -64.16
N LEU O 45 -45.95 24.69 -64.65
CA LEU O 45 -47.28 24.48 -64.10
C LEU O 45 -47.20 23.69 -62.81
N ALA O 46 -48.31 23.65 -62.06
CA ALA O 46 -48.32 22.87 -60.84
C ALA O 46 -48.33 21.39 -61.18
N GLU O 47 -47.40 20.63 -60.59
CA GLU O 47 -47.21 19.24 -60.94
C GLU O 47 -47.85 18.33 -59.89
N ILE O 48 -48.62 17.35 -60.35
CA ILE O 48 -49.21 16.32 -59.50
C ILE O 48 -48.72 14.97 -59.98
N MET O 49 -48.16 14.19 -59.08
CA MET O 49 -47.66 12.86 -59.39
C MET O 49 -48.67 11.82 -58.91
N LEU O 50 -49.20 11.03 -59.84
CA LEU O 50 -50.11 9.94 -59.50
C LEU O 50 -49.27 8.77 -59.02
N LEU O 51 -49.10 8.67 -57.70
CA LEU O 51 -48.28 7.61 -57.14
C LEU O 51 -48.99 6.27 -57.24
N ALA O 52 -48.24 5.25 -57.66
CA ALA O 52 -48.72 3.88 -57.68
C ALA O 52 -47.79 3.06 -56.80
N VAL O 53 -48.29 2.67 -55.63
CA VAL O 53 -47.46 1.93 -54.66
C VAL O 53 -47.61 0.45 -55.02
N SER O 54 -46.85 0.04 -56.02
CA SER O 54 -46.86 -1.33 -56.52
C SER O 54 -45.76 -1.51 -57.56
N PRO O 55 -45.20 -2.71 -57.71
CA PRO O 55 -44.24 -2.94 -58.79
C PRO O 55 -44.86 -2.81 -60.18
N GLY O 56 -46.18 -2.89 -60.28
CA GLY O 56 -46.85 -2.80 -61.55
C GLY O 56 -48.17 -3.52 -61.51
N MET O 57 -48.94 -3.34 -62.58
CA MET O 57 -50.25 -3.97 -62.65
C MET O 57 -50.10 -5.47 -62.86
N MET O 58 -50.82 -6.25 -62.05
CA MET O 58 -50.80 -7.69 -62.11
C MET O 58 -52.20 -8.20 -62.43
N ARG O 59 -52.36 -9.52 -62.40
CA ARG O 59 -53.64 -10.13 -62.75
C ARG O 59 -54.72 -9.70 -61.77
N GLY O 60 -55.87 -9.33 -62.31
CA GLY O 60 -57.00 -8.94 -61.49
C GLY O 60 -57.01 -7.50 -61.04
N ASP O 61 -55.96 -6.74 -61.33
CA ASP O 61 -55.95 -5.33 -60.98
C ASP O 61 -56.98 -4.58 -61.80
N ALA O 62 -57.80 -3.77 -61.12
CA ALA O 62 -58.86 -3.01 -61.78
C ALA O 62 -58.86 -1.61 -61.16
N GLN O 63 -58.18 -0.68 -61.81
CA GLN O 63 -57.99 0.67 -61.29
C GLN O 63 -59.05 1.60 -61.87
N ASP O 64 -59.60 2.45 -61.02
CA ASP O 64 -60.63 3.41 -61.41
C ASP O 64 -60.15 4.81 -61.00
N VAL O 65 -59.70 5.59 -61.98
CA VAL O 65 -59.17 6.92 -61.76
C VAL O 65 -60.19 7.93 -62.26
N GLN O 66 -60.41 8.98 -61.47
CA GLN O 66 -61.35 10.05 -61.83
C GLN O 66 -60.70 11.38 -61.44
N LEU O 67 -60.15 12.07 -62.43
CA LEU O 67 -59.50 13.36 -62.23
C LEU O 67 -60.45 14.47 -62.65
N ASN O 68 -60.48 15.53 -61.85
CA ASN O 68 -61.37 16.67 -62.09
C ASN O 68 -60.58 17.95 -61.87
N ILE O 69 -60.10 18.54 -62.96
CA ILE O 69 -59.38 19.80 -62.92
C ILE O 69 -60.40 20.92 -63.03
N GLY O 70 -60.37 21.85 -62.07
CA GLY O 70 -61.31 22.95 -62.07
C GLY O 70 -60.88 24.07 -62.98
N PRO O 71 -61.70 25.12 -63.03
CA PRO O 71 -61.41 26.24 -63.92
C PRO O 71 -60.11 26.94 -63.56
N ASN O 72 -59.45 27.46 -64.60
CA ASN O 72 -58.25 28.29 -64.46
C ASN O 72 -57.11 27.56 -63.74
N CYS O 73 -57.02 26.25 -63.91
CA CYS O 73 -55.96 25.46 -63.28
C CYS O 73 -54.96 25.03 -64.33
N LYS O 74 -53.68 25.31 -64.07
CA LYS O 74 -52.58 24.94 -64.96
C LYS O 74 -51.82 23.79 -64.30
N LEU O 75 -52.23 22.57 -64.65
CA LEU O 75 -51.77 21.37 -63.97
C LEU O 75 -51.08 20.43 -64.94
N ARG O 76 -49.94 19.89 -64.52
CA ARG O 76 -49.24 18.84 -65.24
C ARG O 76 -49.26 17.60 -64.37
N ILE O 77 -49.83 16.51 -64.89
CA ILE O 77 -50.01 15.28 -64.14
C ILE O 77 -49.05 14.24 -64.70
N THR O 78 -48.11 13.82 -63.86
CA THR O 78 -47.12 12.81 -64.22
C THR O 78 -47.32 11.57 -63.36
N SER O 79 -46.46 10.58 -63.57
CA SER O 79 -46.46 9.35 -62.78
C SER O 79 -45.10 9.15 -62.14
N GLN O 80 -45.05 8.23 -61.19
CA GLN O 80 -43.81 7.99 -60.45
C GLN O 80 -42.73 7.40 -61.35
N SER O 81 -43.07 6.36 -62.10
CA SER O 81 -42.10 5.67 -62.93
C SER O 81 -42.84 4.96 -64.06
N PHE O 82 -42.11 4.16 -64.83
CA PHE O 82 -42.70 3.43 -65.94
C PHE O 82 -43.78 2.48 -65.41
N GLU O 83 -44.93 2.46 -66.10
CA GLU O 83 -46.02 1.57 -65.73
C GLU O 83 -45.79 0.21 -66.37
N LYS O 84 -45.54 -0.80 -65.54
CA LYS O 84 -45.22 -2.13 -66.01
C LYS O 84 -46.42 -3.04 -65.83
N ILE O 85 -46.85 -3.70 -66.90
CA ILE O 85 -47.90 -4.70 -66.86
C ILE O 85 -47.22 -6.06 -66.71
N HIS O 86 -47.47 -6.71 -65.58
CA HIS O 86 -46.82 -7.98 -65.30
C HIS O 86 -47.54 -9.12 -66.01
N ASN O 87 -47.00 -10.32 -65.87
CA ASN O 87 -47.61 -11.51 -66.46
C ASN O 87 -48.95 -11.77 -65.80
N THR O 88 -50.04 -11.51 -66.52
CA THR O 88 -51.38 -11.87 -66.08
C THR O 88 -51.66 -13.27 -66.60
N GLU O 89 -51.68 -14.25 -65.70
CA GLU O 89 -51.71 -15.65 -66.10
C GLU O 89 -52.96 -15.99 -66.90
N ASP O 90 -54.13 -15.88 -66.27
CA ASP O 90 -55.40 -16.13 -66.95
C ASP O 90 -56.29 -14.90 -67.03
N GLY O 91 -56.08 -13.91 -66.17
CA GLY O 91 -56.87 -12.70 -66.16
C GLY O 91 -56.19 -11.56 -66.89
N PHE O 92 -56.50 -10.34 -66.47
CA PHE O 92 -55.99 -9.16 -67.13
C PHE O 92 -55.93 -8.00 -66.14
N ALA O 93 -55.17 -6.98 -66.49
CA ALA O 93 -55.10 -5.75 -65.73
C ALA O 93 -55.85 -4.67 -66.48
N SER O 94 -56.75 -3.97 -65.79
CA SER O 94 -57.60 -2.98 -66.41
C SER O 94 -57.47 -1.64 -65.69
N ARG O 95 -57.45 -0.57 -66.48
CA ARG O 95 -57.44 0.78 -65.95
C ARG O 95 -58.55 1.56 -66.65
N ASP O 96 -59.35 2.28 -65.86
CA ASP O 96 -60.43 3.12 -66.39
C ASP O 96 -60.24 4.52 -65.83
N MET O 97 -59.82 5.45 -66.67
CA MET O 97 -59.47 6.80 -66.25
C MET O 97 -60.41 7.79 -66.91
N HIS O 98 -61.20 8.49 -66.09
CA HIS O 98 -62.11 9.52 -66.54
C HIS O 98 -61.60 10.86 -66.06
N ILE O 99 -61.37 11.78 -66.99
CA ILE O 99 -60.82 13.09 -66.69
C ILE O 99 -61.84 14.15 -67.14
N VAL O 100 -62.03 15.16 -66.30
CA VAL O 100 -62.92 16.28 -66.60
C VAL O 100 -62.14 17.57 -66.39
N VAL O 101 -61.98 18.34 -67.47
CA VAL O 101 -61.25 19.60 -67.44
C VAL O 101 -62.25 20.74 -67.51
N GLY O 102 -62.10 21.71 -66.62
CA GLY O 102 -63.00 22.84 -66.56
C GLY O 102 -62.62 23.95 -67.53
N GLU O 103 -63.36 25.05 -67.44
CA GLU O 103 -63.17 26.17 -68.33
C GLU O 103 -61.81 26.83 -68.11
N ASN O 104 -61.15 27.19 -69.20
CA ASN O 104 -59.88 27.91 -69.17
C ASN O 104 -58.80 27.16 -68.38
N ALA O 105 -58.90 25.83 -68.34
CA ALA O 105 -57.98 25.00 -67.59
C ALA O 105 -57.06 24.25 -68.54
N PHE O 106 -55.78 24.21 -68.20
CA PHE O 106 -54.78 23.49 -68.98
C PHE O 106 -54.34 22.26 -68.19
N LEU O 107 -54.43 21.09 -68.82
CA LEU O 107 -53.98 19.84 -68.23
C LEU O 107 -52.97 19.21 -69.17
N ASP O 108 -51.78 18.95 -68.65
CA ASP O 108 -50.71 18.27 -69.38
C ASP O 108 -50.55 16.89 -68.75
N PHE O 109 -51.25 15.91 -69.31
CA PHE O 109 -51.19 14.54 -68.82
C PHE O 109 -50.02 13.83 -69.50
N ALA O 110 -48.91 13.67 -68.76
CA ALA O 110 -47.68 13.12 -69.31
C ALA O 110 -47.21 11.96 -68.43
N PRO O 111 -47.86 10.81 -68.53
CA PRO O 111 -47.41 9.64 -67.78
C PRO O 111 -46.17 9.01 -68.41
N PHE O 112 -45.49 8.20 -67.61
CA PHE O 112 -44.31 7.51 -68.08
C PHE O 112 -44.71 6.37 -69.04
N PRO O 113 -43.76 5.91 -69.86
CA PRO O 113 -44.09 4.86 -70.84
C PRO O 113 -44.60 3.59 -70.18
N LEU O 114 -45.48 2.88 -70.90
CA LEU O 114 -46.03 1.62 -70.44
C LEU O 114 -45.20 0.47 -70.99
N ILE O 115 -44.74 -0.40 -70.10
CA ILE O 115 -43.91 -1.54 -70.46
C ILE O 115 -44.67 -2.81 -70.15
N PRO O 116 -45.24 -3.48 -71.16
CA PRO O 116 -45.90 -4.77 -70.93
C PRO O 116 -44.88 -5.89 -70.92
N PHE O 117 -44.99 -6.77 -69.92
CA PHE O 117 -44.08 -7.90 -69.80
C PHE O 117 -44.61 -9.06 -70.65
N GLU O 118 -43.95 -10.20 -70.57
CA GLU O 118 -44.39 -11.37 -71.32
C GLU O 118 -45.74 -11.85 -70.83
N ASN O 119 -46.63 -12.19 -71.78
CA ASN O 119 -47.98 -12.66 -71.48
C ASN O 119 -48.76 -11.65 -70.65
N ALA O 120 -48.63 -10.37 -71.00
CA ALA O 120 -49.34 -9.30 -70.32
C ALA O 120 -50.61 -8.97 -71.08
N HIS O 121 -51.72 -8.89 -70.36
CA HIS O 121 -53.01 -8.52 -70.92
C HIS O 121 -53.50 -7.27 -70.21
N PHE O 122 -53.61 -6.17 -70.95
CA PHE O 122 -53.98 -4.88 -70.39
C PHE O 122 -55.14 -4.28 -71.17
N LYS O 123 -56.08 -3.71 -70.43
CA LYS O 123 -57.24 -3.02 -71.00
C LYS O 123 -57.33 -1.63 -70.37
N GLY O 124 -56.99 -0.61 -71.13
CA GLY O 124 -57.06 0.77 -70.68
C GLY O 124 -58.20 1.50 -71.40
N ASN O 125 -58.95 2.28 -70.64
CA ASN O 125 -60.08 3.04 -71.18
C ASN O 125 -60.03 4.44 -70.59
N THR O 126 -59.60 5.41 -71.39
CA THR O 126 -59.49 6.80 -70.96
C THR O 126 -60.58 7.61 -71.64
N THR O 127 -61.33 8.36 -70.84
CA THR O 127 -62.39 9.23 -71.32
C THR O 127 -62.13 10.63 -70.79
N ILE O 128 -61.75 11.54 -71.68
CA ILE O 128 -61.46 12.93 -71.32
C ILE O 128 -62.61 13.79 -71.80
N SER O 129 -63.09 14.66 -70.92
CA SER O 129 -64.15 15.62 -71.24
C SER O 129 -63.60 17.03 -71.03
N LEU O 130 -63.88 17.91 -71.98
CA LEU O 130 -63.33 19.26 -71.96
C LEU O 130 -64.45 20.26 -72.19
N ARG O 131 -64.17 21.51 -71.81
CA ARG O 131 -65.02 22.62 -72.20
C ARG O 131 -64.49 23.24 -73.48
N SER O 132 -65.17 24.27 -73.97
CA SER O 132 -64.72 24.94 -75.18
C SER O 132 -63.35 25.58 -74.99
N SER O 133 -63.12 26.19 -73.83
CA SER O 133 -61.87 26.88 -73.56
C SER O 133 -60.81 25.96 -72.94
N SER O 134 -61.16 24.73 -72.60
CA SER O 134 -60.20 23.84 -71.97
C SER O 134 -59.08 23.48 -72.92
N GLN O 135 -57.87 23.36 -72.38
CA GLN O 135 -56.70 22.92 -73.14
C GLN O 135 -56.22 21.59 -72.59
N LEU O 136 -55.87 20.68 -73.49
CA LEU O 136 -55.42 19.35 -73.11
C LEU O 136 -54.19 18.97 -73.91
N LEU O 137 -53.23 18.35 -73.24
CA LEU O 137 -52.03 17.79 -73.87
C LEU O 137 -51.92 16.36 -73.38
N TYR O 138 -52.63 15.45 -74.03
CA TYR O 138 -52.62 14.05 -73.64
C TYR O 138 -51.49 13.32 -74.33
N SER O 139 -50.95 12.31 -73.65
CA SER O 139 -49.84 11.55 -74.22
C SER O 139 -49.89 10.11 -73.73
N ALA O 140 -49.31 9.22 -74.52
CA ALA O 140 -49.20 7.82 -74.13
C ALA O 140 -48.04 7.19 -74.90
N ILE O 141 -47.14 6.54 -74.18
CA ILE O 141 -46.01 5.85 -74.79
C ILE O 141 -46.16 4.37 -74.49
N ILE O 142 -46.03 3.54 -75.51
CA ILE O 142 -46.13 2.08 -75.40
C ILE O 142 -44.83 1.48 -75.88
N VAL O 143 -44.25 0.61 -75.06
CA VAL O 143 -43.01 -0.09 -75.39
C VAL O 143 -43.36 -1.51 -75.82
N ALA O 144 -42.54 -2.07 -76.70
CA ALA O 144 -42.75 -3.44 -77.15
C ALA O 144 -42.48 -4.47 -76.07
N GLY O 145 -41.89 -4.07 -74.95
CA GLY O 145 -41.54 -4.96 -73.87
C GLY O 145 -40.17 -4.61 -73.35
N ARG O 146 -39.58 -5.55 -72.61
CA ARG O 146 -38.23 -5.37 -72.09
C ARG O 146 -37.26 -5.59 -73.25
N VAL O 147 -37.00 -4.50 -73.98
CA VAL O 147 -36.26 -4.60 -75.24
C VAL O 147 -34.83 -5.07 -75.01
N ALA O 148 -34.17 -4.54 -73.98
CA ALA O 148 -32.75 -4.83 -73.77
C ALA O 148 -32.50 -6.30 -73.45
N ARG O 149 -33.52 -7.05 -73.04
CA ARG O 149 -33.38 -8.48 -72.81
C ARG O 149 -34.13 -9.31 -73.85
N ASN O 150 -34.36 -8.75 -75.04
CA ASN O 150 -34.96 -9.46 -76.17
C ASN O 150 -36.36 -9.97 -75.84
N GLU O 151 -37.13 -9.18 -75.10
CA GLU O 151 -38.54 -9.48 -74.82
C GLU O 151 -39.37 -8.54 -75.70
N LEU O 152 -39.59 -8.94 -76.95
CA LEU O 152 -40.26 -8.11 -77.93
C LEU O 152 -41.61 -8.72 -78.27
N PHE O 153 -42.68 -7.97 -77.98
CA PHE O 153 -44.04 -8.36 -78.35
C PHE O 153 -44.39 -9.75 -77.81
N LYS O 154 -43.92 -10.04 -76.60
CA LYS O 154 -44.23 -11.30 -75.94
C LYS O 154 -45.47 -11.21 -75.07
N PHE O 155 -46.10 -10.05 -74.98
CA PHE O 155 -47.28 -9.88 -74.15
C PHE O 155 -48.49 -10.52 -74.82
N ASN O 156 -49.54 -10.72 -74.02
CA ASN O 156 -50.77 -11.33 -74.53
C ASN O 156 -51.54 -10.36 -75.41
N ARG O 157 -51.96 -9.23 -74.86
CA ARG O 157 -52.80 -8.30 -75.59
C ARG O 157 -52.80 -6.95 -74.91
N LEU O 158 -52.74 -5.89 -75.70
CA LEU O 158 -52.79 -4.52 -75.20
C LEU O 158 -53.94 -3.81 -75.91
N HIS O 159 -55.01 -3.53 -75.19
CA HIS O 159 -56.13 -2.75 -75.72
C HIS O 159 -56.16 -1.41 -75.00
N THR O 160 -56.17 -0.33 -75.76
CA THR O 160 -56.18 1.01 -75.20
C THR O 160 -57.17 1.87 -75.99
N LYS O 161 -58.25 2.28 -75.34
CA LYS O 161 -59.24 3.14 -75.95
C LYS O 161 -59.14 4.53 -75.34
N ILE O 162 -59.11 5.55 -76.19
CA ILE O 162 -59.08 6.94 -75.77
C ILE O 162 -60.26 7.64 -76.44
N SER O 163 -61.06 8.35 -75.63
CA SER O 163 -62.23 9.07 -76.13
C SER O 163 -62.18 10.48 -75.56
N ILE O 164 -61.94 11.47 -76.43
CA ILE O 164 -61.87 12.87 -76.03
C ILE O 164 -63.09 13.58 -76.57
N LEU O 165 -63.88 14.15 -75.67
CA LEU O 165 -65.10 14.88 -75.99
C LEU O 165 -64.91 16.34 -75.60
N GLN O 166 -65.40 17.24 -76.45
CA GLN O 166 -65.37 18.67 -76.19
C GLN O 166 -66.80 19.20 -76.21
N ASP O 167 -67.18 19.88 -75.13
CA ASP O 167 -68.56 20.37 -74.97
C ASP O 167 -69.56 19.23 -75.12
N GLU O 168 -69.21 18.08 -74.55
CA GLU O 168 -70.03 16.87 -74.63
C GLU O 168 -70.29 16.46 -76.08
N LYS O 169 -69.27 16.62 -76.93
CA LYS O 169 -69.35 16.21 -78.32
C LYS O 169 -68.04 15.52 -78.66
N PRO O 170 -68.09 14.34 -79.28
CA PRO O 170 -66.85 13.60 -79.55
C PRO O 170 -65.95 14.34 -80.53
N ILE O 171 -64.69 14.50 -80.16
CA ILE O 171 -63.72 15.14 -81.03
C ILE O 171 -62.50 14.27 -81.32
N TYR O 172 -62.24 13.24 -80.52
CA TYR O 172 -61.11 12.36 -80.79
C TYR O 172 -61.42 10.95 -80.34
N TYR O 173 -61.11 9.98 -81.19
CA TYR O 173 -61.26 8.57 -80.88
C TYR O 173 -59.96 7.86 -81.23
N ASP O 174 -59.51 6.97 -80.35
CA ASP O 174 -58.32 6.17 -80.60
C ASP O 174 -58.56 4.78 -80.05
N ASN O 175 -58.22 3.76 -80.84
CA ASN O 175 -58.39 2.36 -80.45
C ASN O 175 -57.10 1.63 -80.82
N THR O 176 -56.14 1.60 -79.90
CA THR O 176 -54.88 0.93 -80.12
C THR O 176 -54.99 -0.51 -79.63
N ILE O 177 -54.94 -1.46 -80.55
CA ILE O 177 -54.98 -2.88 -80.22
C ILE O 177 -53.68 -3.50 -80.70
N LEU O 178 -52.93 -4.10 -79.78
CA LEU O 178 -51.70 -4.81 -80.08
C LEU O 178 -51.88 -6.25 -79.63
N ASP O 179 -52.01 -7.16 -80.59
CA ASP O 179 -52.17 -8.59 -80.33
C ASP O 179 -51.15 -9.34 -81.16
N PRO O 180 -49.99 -9.69 -80.60
CA PRO O 180 -48.98 -10.41 -81.38
C PRO O 180 -49.47 -11.75 -81.90
N LYS O 181 -50.42 -12.39 -81.22
CA LYS O 181 -50.94 -13.67 -81.69
C LYS O 181 -51.66 -13.53 -83.01
N THR O 182 -52.46 -12.48 -83.18
CA THR O 182 -53.25 -12.33 -84.39
C THR O 182 -52.39 -11.88 -85.57
N THR O 183 -51.42 -11.00 -85.31
CA THR O 183 -50.60 -10.46 -86.39
C THR O 183 -49.22 -10.13 -85.85
N ASP O 184 -48.26 -10.04 -86.76
CA ASP O 184 -46.88 -9.68 -86.40
C ASP O 184 -46.78 -8.17 -86.32
N LEU O 185 -46.63 -7.66 -85.10
CA LEU O 185 -46.50 -6.21 -84.90
C LEU O 185 -45.16 -5.67 -85.39
N ASN O 186 -44.23 -6.54 -85.76
CA ASN O 186 -42.95 -6.12 -86.31
C ASN O 186 -43.00 -5.85 -87.80
N ASN O 187 -44.17 -5.96 -88.43
CA ASN O 187 -44.28 -5.76 -89.86
C ASN O 187 -44.04 -4.29 -90.22
N MET O 188 -43.98 -4.03 -91.53
CA MET O 188 -43.64 -2.70 -92.03
C MET O 188 -44.71 -1.66 -91.75
N CYS O 189 -45.93 -2.07 -91.38
CA CYS O 189 -47.01 -1.12 -91.16
C CYS O 189 -47.33 -0.88 -89.68
N MET O 190 -46.89 -1.76 -88.78
CA MET O 190 -47.18 -1.59 -87.36
C MET O 190 -46.04 -0.89 -86.62
N PHE O 191 -44.84 -1.49 -86.64
CA PHE O 191 -43.73 -0.92 -85.89
C PHE O 191 -42.49 -0.77 -86.76
N ASP O 192 -42.35 -1.64 -87.76
CA ASP O 192 -41.23 -1.58 -88.70
C ASP O 192 -39.89 -1.60 -87.99
N GLY O 193 -39.76 -2.48 -86.99
CA GLY O 193 -38.53 -2.61 -86.26
C GLY O 193 -38.35 -1.63 -85.11
N TYR O 194 -39.28 -0.70 -84.93
CA TYR O 194 -39.22 0.19 -83.79
C TYR O 194 -39.86 -0.48 -82.58
N THR O 195 -39.44 -0.04 -81.39
CA THR O 195 -39.88 -0.64 -80.14
C THR O 195 -40.70 0.28 -79.26
N HIS O 196 -40.63 1.60 -79.47
CA HIS O 196 -41.34 2.57 -78.65
C HIS O 196 -42.24 3.41 -79.53
N TYR O 197 -43.49 3.55 -79.12
CA TYR O 197 -44.49 4.29 -79.90
C TYR O 197 -45.12 5.34 -79.02
N LEU O 198 -45.08 6.59 -79.47
CA LEU O 198 -45.64 7.73 -78.75
C LEU O 198 -46.84 8.26 -79.51
N ASN O 199 -47.97 8.40 -78.81
CA ASN O 199 -49.18 9.00 -79.36
C ASN O 199 -49.53 10.19 -78.48
N LEU O 200 -49.59 11.37 -79.08
CA LEU O 200 -49.82 12.60 -78.35
C LEU O 200 -50.93 13.38 -79.02
N VAL O 201 -51.80 13.99 -78.21
CA VAL O 201 -52.95 14.75 -78.71
C VAL O 201 -52.91 16.13 -78.07
N LEU O 202 -52.90 17.17 -78.90
CA LEU O 202 -52.98 18.56 -78.46
C LEU O 202 -54.35 19.09 -78.85
N VAL O 203 -55.16 19.41 -77.84
CA VAL O 203 -56.50 19.95 -78.04
C VAL O 203 -56.50 21.40 -77.57
N ASN O 204 -56.88 22.31 -78.47
CA ASN O 204 -56.99 23.74 -78.19
C ASN O 204 -55.67 24.37 -77.79
N CYS O 205 -54.55 23.69 -77.99
CA CYS O 205 -53.27 24.27 -77.66
C CYS O 205 -52.90 25.35 -78.69
N PRO O 206 -52.26 26.44 -78.27
CA PRO O 206 -51.88 27.53 -79.19
C PRO O 206 -50.54 27.29 -79.88
N ILE O 207 -50.39 26.13 -80.51
CA ILE O 207 -49.17 25.76 -81.22
C ILE O 207 -49.53 25.43 -82.66
N GLU O 208 -48.66 25.80 -83.58
CA GLU O 208 -48.92 25.62 -85.00
C GLU O 208 -48.38 24.29 -85.49
N LEU O 209 -49.05 23.76 -86.53
CA LEU O 209 -48.60 22.51 -87.14
C LEU O 209 -47.18 22.64 -87.67
N SER O 210 -46.83 23.82 -88.20
CA SER O 210 -45.47 24.04 -88.67
C SER O 210 -44.47 23.94 -87.52
N GLY O 211 -44.80 24.52 -86.36
CA GLY O 211 -43.91 24.43 -85.22
C GLY O 211 -43.76 23.01 -84.71
N VAL O 212 -44.87 22.27 -84.64
CA VAL O 212 -44.79 20.88 -84.20
C VAL O 212 -43.96 20.05 -85.18
N ARG O 213 -44.15 20.29 -86.48
CA ARG O 213 -43.39 19.56 -87.48
C ARG O 213 -41.91 19.87 -87.39
N GLU O 214 -41.56 21.14 -87.15
CA GLU O 214 -40.17 21.50 -86.97
C GLU O 214 -39.57 20.81 -85.75
N CYS O 215 -40.33 20.75 -84.65
CA CYS O 215 -39.86 20.04 -83.47
C CYS O 215 -39.62 18.57 -83.76
N ILE O 216 -40.56 17.93 -84.47
CA ILE O 216 -40.42 16.51 -84.80
C ILE O 216 -39.20 16.29 -85.68
N GLU O 217 -39.01 17.15 -86.69
CA GLU O 217 -37.88 17.00 -87.60
C GLU O 217 -36.56 17.18 -86.88
N GLU O 218 -36.47 18.19 -86.01
CA GLU O 218 -35.20 18.42 -85.30
C GLU O 218 -34.95 17.40 -84.20
N SER O 219 -35.98 16.70 -83.74
CA SER O 219 -35.77 15.60 -82.80
C SER O 219 -35.06 14.45 -83.49
N GLU O 220 -34.01 13.94 -82.86
CA GLU O 220 -33.15 12.92 -83.45
C GLU O 220 -33.56 11.52 -82.99
N GLY O 221 -33.33 10.55 -83.86
CA GLY O 221 -33.60 9.15 -83.54
C GLY O 221 -35.06 8.77 -83.53
N VAL O 222 -35.95 9.62 -84.02
CA VAL O 222 -37.38 9.38 -83.97
C VAL O 222 -37.95 9.53 -85.37
N ASP O 223 -38.77 8.56 -85.78
CA ASP O 223 -39.54 8.63 -87.01
C ASP O 223 -40.96 9.03 -86.62
N GLY O 224 -41.28 10.31 -86.77
CA GLY O 224 -42.53 10.84 -86.27
C GLY O 224 -43.21 11.73 -87.28
N ALA O 225 -44.47 12.02 -87.00
CA ALA O 225 -45.27 12.88 -87.86
C ALA O 225 -46.40 13.49 -87.04
N VAL O 226 -46.94 14.59 -87.56
CA VAL O 226 -48.02 15.33 -86.91
C VAL O 226 -49.04 15.71 -87.96
N SER O 227 -50.32 15.54 -87.63
CA SER O 227 -51.40 15.91 -88.52
C SER O 227 -52.51 16.59 -87.73
N GLU O 228 -53.56 17.00 -88.42
CA GLU O 228 -54.72 17.62 -87.82
C GLU O 228 -55.91 16.67 -87.92
N THR O 229 -56.60 16.47 -86.81
CA THR O 229 -57.75 15.57 -86.77
C THR O 229 -58.95 16.27 -87.41
N ALA O 230 -60.10 15.59 -87.39
CA ALA O 230 -61.31 16.17 -87.97
C ALA O 230 -61.72 17.43 -87.23
N SER O 231 -61.60 17.43 -85.90
CA SER O 231 -61.99 18.56 -85.07
C SER O 231 -60.92 19.64 -84.98
N SER O 232 -59.97 19.65 -85.91
CA SER O 232 -58.93 20.68 -85.99
C SER O 232 -58.10 20.75 -84.71
N HIS O 233 -57.62 19.59 -84.28
CA HIS O 233 -56.71 19.48 -83.15
C HIS O 233 -55.55 18.59 -83.54
N LEU O 234 -54.38 18.85 -82.95
CA LEU O 234 -53.16 18.22 -83.44
C LEU O 234 -52.99 16.82 -82.87
N CYS O 235 -52.53 15.90 -83.73
CA CYS O 235 -52.22 14.54 -83.32
C CYS O 235 -50.82 14.19 -83.80
N VAL O 236 -49.99 13.73 -82.89
CA VAL O 236 -48.59 13.40 -83.18
C VAL O 236 -48.40 11.91 -82.93
N LYS O 237 -47.83 11.22 -83.91
CA LYS O 237 -47.48 9.82 -83.77
C LYS O 237 -46.00 9.66 -84.08
N ALA O 238 -45.27 9.04 -83.17
CA ALA O 238 -43.83 8.90 -83.33
C ALA O 238 -43.40 7.49 -82.96
N LEU O 239 -42.32 7.03 -83.60
CA LEU O 239 -41.71 5.75 -83.29
C LEU O 239 -40.23 5.95 -83.03
N ALA O 240 -39.69 5.14 -82.12
CA ALA O 240 -38.28 5.27 -81.77
C ALA O 240 -37.77 3.94 -81.26
N LYS O 241 -36.44 3.79 -81.28
CA LYS O 241 -35.81 2.59 -80.74
C LYS O 241 -35.81 2.59 -79.22
N GLY O 242 -35.72 3.77 -78.60
CA GLY O 242 -35.73 3.88 -77.16
C GLY O 242 -36.72 4.95 -76.72
N SER O 243 -37.01 4.94 -75.42
CA SER O 243 -37.97 5.90 -74.87
C SER O 243 -37.36 7.27 -74.65
N GLU O 244 -36.03 7.39 -74.66
CA GLU O 244 -35.41 8.70 -74.47
C GLU O 244 -35.76 9.69 -75.57
N PRO O 245 -35.63 9.35 -76.86
CA PRO O 245 -36.05 10.33 -77.89
C PRO O 245 -37.51 10.70 -77.81
N LEU O 246 -38.38 9.74 -77.47
CA LEU O 246 -39.80 10.04 -77.38
C LEU O 246 -40.10 10.97 -76.22
N LEU O 247 -39.48 10.72 -75.05
CA LEU O 247 -39.68 11.60 -73.92
C LEU O 247 -39.13 12.99 -74.20
N HIS O 248 -37.97 13.08 -74.84
CA HIS O 248 -37.41 14.38 -75.20
C HIS O 248 -38.33 15.13 -76.16
N LEU O 249 -38.88 14.43 -77.16
CA LEU O 249 -39.79 15.07 -78.09
C LEU O 249 -41.06 15.54 -77.38
N ARG O 250 -41.60 14.71 -76.48
CA ARG O 250 -42.81 15.10 -75.76
C ARG O 250 -42.56 16.33 -74.89
N GLU O 251 -41.43 16.36 -74.18
CA GLU O 251 -41.15 17.52 -73.34
C GLU O 251 -40.86 18.76 -74.19
N LYS O 252 -40.25 18.58 -75.38
CA LYS O 252 -40.05 19.72 -76.28
C LYS O 252 -41.39 20.29 -76.73
N ILE O 253 -42.33 19.43 -77.10
CA ILE O 253 -43.65 19.89 -77.53
C ILE O 253 -44.38 20.56 -76.37
N ALA O 254 -44.27 20.00 -75.17
CA ALA O 254 -44.91 20.60 -74.00
C ALA O 254 -44.32 21.97 -73.70
N ARG O 255 -43.00 22.11 -73.80
CA ARG O 255 -42.38 23.42 -73.60
C ARG O 255 -42.83 24.41 -74.65
N LEU O 256 -42.93 23.96 -75.91
CA LEU O 256 -43.41 24.85 -76.96
C LEU O 256 -44.83 25.31 -76.71
N VAL O 257 -45.67 24.42 -76.17
CA VAL O 257 -47.05 24.80 -75.85
C VAL O 257 -47.09 25.77 -74.69
N THR O 258 -46.30 25.51 -73.64
CA THR O 258 -46.37 26.31 -72.43
C THR O 258 -45.72 27.68 -72.58
N GLN O 259 -44.67 27.79 -73.40
CA GLN O 259 -43.99 29.07 -73.57
C GLN O 259 -44.88 30.13 -74.21
N THR O 260 -45.97 29.73 -74.84
CA THR O 260 -46.92 30.68 -75.41
C THR O 260 -47.66 31.44 -74.32
N ASP P 30 -75.55 -7.36 -115.25
CA ASP P 30 -76.37 -7.56 -114.07
C ASP P 30 -75.79 -6.83 -112.86
N ASN P 31 -75.94 -7.44 -111.68
CA ASN P 31 -75.42 -6.82 -110.46
C ASN P 31 -73.91 -6.70 -110.52
N GLU P 32 -73.21 -7.75 -110.97
CA GLU P 32 -71.76 -7.69 -111.08
C GLU P 32 -71.32 -6.65 -112.11
N PHE P 33 -72.04 -6.56 -113.23
CA PHE P 33 -71.72 -5.56 -114.24
C PHE P 33 -71.88 -4.14 -113.68
N LEU P 34 -72.96 -3.90 -112.94
CA LEU P 34 -73.17 -2.57 -112.37
C LEU P 34 -72.12 -2.25 -111.31
N ILE P 35 -71.74 -3.26 -110.50
CA ILE P 35 -70.68 -3.06 -109.52
C ILE P 35 -69.38 -2.67 -110.22
N LEU P 36 -69.03 -3.40 -111.28
CA LEU P 36 -67.80 -3.09 -112.00
C LEU P 36 -67.87 -1.71 -112.63
N GLN P 37 -69.02 -1.34 -113.19
CA GLN P 37 -69.16 -0.04 -113.83
C GLN P 37 -69.00 1.10 -112.82
N VAL P 38 -69.67 0.99 -111.67
CA VAL P 38 -69.57 2.06 -110.68
C VAL P 38 -68.18 2.11 -110.07
N ASN P 39 -67.56 0.94 -109.85
CA ASN P 39 -66.19 0.93 -109.33
C ASN P 39 -65.23 1.59 -110.30
N ASP P 40 -65.36 1.30 -111.60
CA ASP P 40 -64.50 1.92 -112.59
C ASP P 40 -64.75 3.42 -112.69
N ALA P 41 -66.02 3.84 -112.60
CA ALA P 41 -66.34 5.25 -112.69
C ALA P 41 -65.93 6.03 -111.45
N VAL P 42 -65.75 5.36 -110.31
CA VAL P 42 -65.42 6.04 -109.07
C VAL P 42 -63.91 6.01 -108.82
N PHE P 43 -63.34 4.82 -108.67
CA PHE P 43 -61.99 4.71 -108.12
C PHE P 43 -60.91 5.06 -109.14
N PRO P 44 -60.85 4.42 -110.31
CA PRO P 44 -59.85 4.86 -111.31
C PRO P 44 -60.04 6.29 -111.76
N ILE P 45 -61.29 6.77 -111.82
CA ILE P 45 -61.56 8.14 -112.22
C ILE P 45 -61.42 9.08 -111.03
N THR P 49 -54.83 7.53 -108.03
CA THR P 49 -54.22 8.79 -107.63
C THR P 49 -53.95 8.83 -106.13
N HIS P 50 -54.59 7.92 -105.39
CA HIS P 50 -54.44 7.84 -103.95
C HIS P 50 -53.44 6.73 -103.60
N SER P 51 -52.45 7.07 -102.78
CA SER P 51 -51.40 6.12 -102.41
C SER P 51 -51.57 5.53 -101.02
N PHE P 52 -52.23 6.25 -100.11
CA PHE P 52 -52.41 5.80 -98.73
C PHE P 52 -51.07 5.48 -98.06
N GLY P 53 -50.07 6.32 -98.31
CA GLY P 53 -48.77 6.17 -97.71
C GLY P 53 -47.76 5.37 -98.49
N LEU P 54 -48.19 4.70 -99.58
CA LEU P 54 -47.25 3.95 -100.39
C LEU P 54 -46.20 4.86 -101.01
N GLU P 55 -46.61 6.06 -101.42
CA GLU P 55 -45.65 7.03 -101.93
C GLU P 55 -44.63 7.39 -100.88
N THR P 56 -45.06 7.58 -99.63
CA THR P 56 -44.13 7.87 -98.55
C THR P 56 -43.16 6.71 -98.32
N TYR P 57 -43.67 5.47 -98.38
CA TYR P 57 -42.79 4.31 -98.23
C TYR P 57 -41.75 4.27 -99.33
N ILE P 58 -42.16 4.51 -100.58
CA ILE P 58 -41.23 4.49 -101.70
C ILE P 58 -40.19 5.60 -101.56
N GLN P 59 -40.63 6.80 -101.18
CA GLN P 59 -39.70 7.91 -101.01
C GLN P 59 -38.72 7.67 -99.87
N GLN P 60 -39.16 7.01 -98.80
CA GLN P 60 -38.28 6.64 -97.71
C GLN P 60 -37.50 5.36 -97.98
N LYS P 61 -37.74 4.73 -99.14
CA LYS P 61 -36.95 3.59 -99.62
C LYS P 61 -37.20 2.34 -98.78
N LYS P 62 -38.43 2.18 -98.31
CA LYS P 62 -38.83 0.97 -97.62
C LYS P 62 -39.44 -0.06 -98.56
N VAL P 63 -40.03 0.38 -99.67
CA VAL P 63 -40.56 -0.48 -100.71
C VAL P 63 -39.71 -0.28 -101.95
N THR P 64 -39.02 -1.33 -102.38
CA THR P 64 -38.09 -1.22 -103.50
C THR P 64 -38.33 -2.26 -104.59
N ASN P 65 -38.70 -3.49 -104.22
CA ASN P 65 -38.78 -4.58 -105.18
C ASN P 65 -40.06 -5.37 -104.93
N LYS P 66 -40.16 -6.52 -105.60
CA LYS P 66 -41.40 -7.30 -105.54
C LYS P 66 -41.68 -7.81 -104.14
N GLU P 67 -40.67 -8.37 -103.46
CA GLU P 67 -40.89 -8.93 -102.14
C GLU P 67 -41.20 -7.84 -101.12
N SER P 68 -40.51 -6.70 -101.20
CA SER P 68 -40.80 -5.58 -100.31
C SER P 68 -42.22 -5.05 -100.53
N ALA P 69 -42.62 -4.90 -101.80
CA ALA P 69 -43.97 -4.44 -102.09
C ALA P 69 -45.02 -5.43 -101.60
N LEU P 70 -44.75 -6.73 -101.77
CA LEU P 70 -45.67 -7.75 -101.29
C LEU P 70 -45.81 -7.70 -99.77
N GLU P 71 -44.68 -7.54 -99.07
CA GLU P 71 -44.73 -7.45 -97.61
C GLU P 71 -45.51 -6.22 -97.17
N TYR P 72 -45.28 -5.08 -97.83
CA TYR P 72 -46.01 -3.87 -97.48
C TYR P 72 -47.51 -4.05 -97.72
N LEU P 73 -47.87 -4.64 -98.86
CA LEU P 73 -49.28 -4.83 -99.17
C LEU P 73 -49.95 -5.77 -98.19
N LYS P 74 -49.26 -6.87 -97.84
CA LYS P 74 -49.81 -7.80 -96.86
C LYS P 74 -50.00 -7.13 -95.51
N ALA P 75 -49.00 -6.36 -95.06
CA ALA P 75 -49.12 -5.68 -93.77
C ALA P 75 -50.24 -4.66 -93.77
N ASN P 76 -50.35 -3.88 -94.85
CA ASN P 76 -51.39 -2.86 -94.92
C ASN P 76 -52.77 -3.50 -94.94
N LEU P 77 -52.95 -4.55 -95.74
CA LEU P 77 -54.23 -5.24 -95.78
C LEU P 77 -54.57 -5.86 -94.44
N SER P 78 -53.57 -6.42 -93.75
CA SER P 78 -53.81 -7.05 -92.46
C SER P 78 -54.22 -6.02 -91.41
N SER P 79 -53.57 -4.86 -91.38
CA SER P 79 -53.88 -3.92 -90.32
C SER P 79 -54.91 -2.87 -90.72
N GLN P 80 -54.56 -2.00 -91.66
CA GLN P 80 -55.36 -0.80 -91.87
C GLN P 80 -56.61 -1.10 -92.69
N PHE P 81 -56.44 -1.78 -93.82
CA PHE P 81 -57.57 -2.16 -94.63
C PHE P 81 -58.53 -3.06 -93.86
N LEU P 82 -58.01 -3.98 -93.07
CA LEU P 82 -58.86 -4.90 -92.33
C LEU P 82 -59.63 -4.19 -91.23
N TYR P 83 -58.96 -3.36 -90.43
CA TYR P 83 -59.61 -2.79 -89.25
C TYR P 83 -60.21 -1.42 -89.49
N THR P 84 -60.14 -0.89 -90.70
CA THR P 84 -60.74 0.39 -91.02
C THR P 84 -61.73 0.36 -92.17
N GLU P 85 -61.50 -0.49 -93.17
CA GLU P 85 -62.35 -0.53 -94.36
C GLU P 85 -63.25 -1.76 -94.41
N MET P 86 -62.68 -2.95 -94.29
CA MET P 86 -63.50 -4.16 -94.36
C MET P 86 -64.41 -4.28 -93.15
N LEU P 87 -63.89 -4.00 -91.95
CA LEU P 87 -64.72 -4.05 -90.75
C LEU P 87 -65.84 -3.02 -90.81
N SER P 88 -65.51 -1.80 -91.27
CA SER P 88 -66.53 -0.78 -91.42
C SER P 88 -67.58 -1.19 -92.46
N LEU P 89 -67.14 -1.83 -93.54
CA LEU P 89 -68.07 -2.30 -94.56
C LEU P 89 -69.03 -3.33 -93.98
N LYS P 90 -68.51 -4.29 -93.22
CA LYS P 90 -69.36 -5.30 -92.61
C LYS P 90 -70.33 -4.68 -91.61
N LEU P 91 -69.83 -3.74 -90.80
CA LEU P 91 -70.69 -3.09 -89.82
C LEU P 91 -71.80 -2.30 -90.48
N THR P 92 -71.48 -1.57 -91.55
CA THR P 92 -72.51 -0.82 -92.27
C THR P 92 -73.49 -1.75 -92.95
N TYR P 93 -73.02 -2.88 -93.48
CA TYR P 93 -73.93 -3.86 -94.08
C TYR P 93 -74.92 -4.39 -93.04
N GLU P 94 -74.41 -4.76 -91.87
CA GLU P 94 -75.30 -5.24 -90.80
C GLU P 94 -76.27 -4.15 -90.36
N SER P 95 -75.78 -2.92 -90.21
CA SER P 95 -76.63 -1.83 -89.74
C SER P 95 -77.71 -1.49 -90.76
N ALA P 96 -77.39 -1.59 -92.06
CA ALA P 96 -78.40 -1.33 -93.08
C ALA P 96 -79.38 -2.48 -93.18
N LEU P 97 -78.93 -3.72 -92.96
CA LEU P 97 -79.85 -4.84 -92.90
C LEU P 97 -80.82 -4.67 -91.74
N GLN P 98 -80.35 -4.16 -90.62
CA GLN P 98 -81.21 -3.86 -89.47
C GLN P 98 -81.90 -2.51 -89.60
N GLN P 99 -81.61 -1.73 -90.65
CA GLN P 99 -82.18 -0.41 -90.87
C GLN P 99 -81.86 0.53 -89.71
N ASP P 100 -80.58 0.55 -89.30
CA ASP P 100 -80.11 1.38 -88.20
C ASP P 100 -79.33 2.56 -88.78
N LEU P 101 -80.06 3.60 -89.17
CA LEU P 101 -79.42 4.81 -89.67
C LEU P 101 -78.56 5.47 -88.60
N LYS P 102 -79.03 5.47 -87.36
CA LYS P 102 -78.25 6.03 -86.26
C LYS P 102 -76.95 5.28 -86.09
N LYS P 103 -77.00 3.95 -86.18
CA LYS P 103 -75.77 3.15 -86.07
C LYS P 103 -74.82 3.43 -87.22
N ILE P 104 -75.35 3.57 -88.44
CA ILE P 104 -74.49 3.89 -89.59
C ILE P 104 -73.81 5.23 -89.38
N LEU P 105 -74.57 6.24 -88.94
CA LEU P 105 -74.00 7.56 -88.72
C LEU P 105 -72.97 7.54 -87.59
N GLY P 106 -73.24 6.77 -86.54
CA GLY P 106 -72.27 6.65 -85.46
C GLY P 106 -70.98 5.99 -85.91
N VAL P 107 -71.08 4.95 -86.73
CA VAL P 107 -69.89 4.30 -87.27
C VAL P 107 -69.10 5.28 -88.13
N GLU P 108 -69.80 6.05 -88.97
CA GLU P 108 -69.10 7.04 -89.80
C GLU P 108 -68.41 8.09 -88.94
N GLU P 109 -69.08 8.55 -87.88
CA GLU P 109 -68.48 9.53 -86.98
C GLU P 109 -67.24 8.96 -86.29
N VAL P 110 -67.32 7.70 -85.85
CA VAL P 110 -66.17 7.07 -85.22
C VAL P 110 -65.01 6.98 -86.19
N ILE P 111 -65.28 6.59 -87.43
CA ILE P 111 -64.22 6.49 -88.44
C ILE P 111 -63.59 7.86 -88.67
N MET P 112 -64.42 8.89 -88.82
CA MET P 112 -63.91 10.23 -89.09
C MET P 112 -63.06 10.75 -87.94
N LEU P 113 -63.50 10.53 -86.70
CA LEU P 113 -62.76 11.03 -85.55
C LEU P 113 -61.56 10.16 -85.19
N SER P 114 -61.49 8.94 -85.72
CA SER P 114 -60.33 8.09 -85.49
C SER P 114 -59.28 8.22 -86.59
N THR P 115 -59.67 8.69 -87.79
CA THR P 115 -58.73 8.83 -88.90
C THR P 115 -57.83 10.05 -88.64
N SER P 116 -56.77 9.81 -87.89
CA SER P 116 -55.82 10.88 -87.59
C SER P 116 -55.16 11.47 -88.83
N PRO P 117 -54.65 10.69 -89.79
CA PRO P 117 -53.97 11.31 -90.94
C PRO P 117 -54.93 12.14 -91.78
N MET P 118 -54.54 13.39 -92.01
CA MET P 118 -55.36 14.31 -92.81
C MET P 118 -55.50 13.82 -94.24
N GLU P 119 -54.41 13.32 -94.83
CA GLU P 119 -54.48 12.82 -96.20
C GLU P 119 -55.43 11.64 -96.31
N LEU P 120 -55.34 10.69 -95.38
CA LEU P 120 -56.24 9.54 -95.41
C LEU P 120 -57.68 9.97 -95.21
N ARG P 121 -57.93 10.88 -94.27
CA ARG P 121 -59.29 11.35 -94.04
C ARG P 121 -59.86 12.04 -95.27
N LEU P 122 -59.07 12.92 -95.89
CA LEU P 122 -59.53 13.63 -97.08
C LEU P 122 -59.77 12.67 -98.24
N ALA P 123 -58.87 11.69 -98.42
CA ALA P 123 -59.06 10.72 -99.50
C ALA P 123 -60.33 9.90 -99.29
N ASN P 124 -60.56 9.44 -98.06
CA ASN P 124 -61.78 8.67 -97.78
C ASN P 124 -63.03 9.51 -98.01
N GLN P 125 -63.03 10.75 -97.55
CA GLN P 125 -64.19 11.61 -97.74
C GLN P 125 -64.44 11.87 -99.22
N LYS P 126 -63.37 12.15 -99.98
CA LYS P 126 -63.53 12.41 -101.41
C LYS P 126 -64.05 11.18 -102.13
N LEU P 127 -63.52 9.99 -101.80
CA LEU P 127 -63.99 8.78 -102.45
C LEU P 127 -65.44 8.49 -102.10
N GLY P 128 -65.84 8.68 -100.85
CA GLY P 128 -67.22 8.48 -100.48
C GLY P 128 -68.16 9.44 -101.17
N ASN P 129 -67.76 10.72 -101.25
CA ASN P 129 -68.58 11.70 -101.95
C ASN P 129 -68.69 11.36 -103.44
N ARG P 130 -67.59 10.93 -104.04
CA ARG P 130 -67.63 10.53 -105.45
C ARG P 130 -68.54 9.35 -105.67
N PHE P 131 -68.48 8.35 -104.79
CA PHE P 131 -69.36 7.19 -104.90
C PHE P 131 -70.82 7.59 -104.77
N ILE P 132 -71.13 8.45 -103.79
CA ILE P 132 -72.50 8.89 -103.59
C ILE P 132 -73.00 9.66 -104.80
N LYS P 133 -72.17 10.58 -105.32
CA LYS P 133 -72.59 11.37 -106.48
C LYS P 133 -72.79 10.49 -107.71
N THR P 134 -71.90 9.51 -107.92
CA THR P 134 -72.05 8.61 -109.05
C THR P 134 -73.33 7.79 -108.94
N LEU P 135 -73.62 7.28 -107.74
CA LEU P 135 -74.86 6.54 -107.54
C LEU P 135 -76.08 7.42 -107.78
N GLN P 136 -76.02 8.67 -107.32
CA GLN P 136 -77.16 9.57 -107.48
C GLN P 136 -77.38 9.94 -108.94
N ALA P 137 -76.31 10.15 -109.71
CA ALA P 137 -76.43 10.72 -111.04
C ALA P 137 -76.40 9.65 -112.15
N MET P 138 -75.33 8.86 -112.22
CA MET P 138 -75.17 7.96 -113.35
C MET P 138 -76.12 6.78 -113.28
N ASN P 139 -76.30 6.21 -112.08
CA ASN P 139 -77.15 5.03 -111.91
C ASN P 139 -78.60 5.47 -111.93
N GLU P 140 -79.18 5.51 -113.14
CA GLU P 140 -80.57 5.94 -113.32
C GLU P 140 -81.49 4.74 -113.11
N LEU P 141 -81.59 4.33 -111.84
CA LEU P 141 -82.42 3.20 -111.46
C LEU P 141 -82.78 3.34 -109.98
N ASP P 142 -83.77 2.56 -109.56
CA ASP P 142 -84.24 2.61 -108.18
C ASP P 142 -83.24 1.94 -107.25
N MET P 143 -82.27 2.71 -106.75
CA MET P 143 -81.28 2.16 -105.84
C MET P 143 -81.91 1.72 -104.53
N GLY P 144 -82.84 2.51 -104.00
CA GLY P 144 -83.51 2.17 -102.76
C GLY P 144 -83.81 3.38 -101.89
N GLU P 145 -84.98 3.37 -101.25
CA GLU P 145 -85.37 4.49 -100.41
C GLU P 145 -84.43 4.66 -99.24
N PHE P 146 -83.99 3.55 -98.64
CA PHE P 146 -83.06 3.62 -97.52
C PHE P 146 -81.73 4.24 -97.95
N PHE P 147 -81.21 3.81 -99.10
CA PHE P 147 -79.95 4.38 -99.59
C PHE P 147 -80.11 5.86 -99.92
N ASN P 148 -81.24 6.24 -100.53
CA ASN P 148 -81.46 7.65 -100.84
C ASN P 148 -81.53 8.49 -99.58
N ALA P 149 -82.24 8.01 -98.56
CA ALA P 149 -82.32 8.73 -97.29
C ALA P 149 -80.96 8.83 -96.63
N TYR P 150 -80.17 7.75 -96.67
CA TYR P 150 -78.83 7.79 -96.09
C TYR P 150 -77.96 8.80 -96.81
N ALA P 151 -78.03 8.85 -98.14
CA ALA P 151 -77.25 9.81 -98.89
C ALA P 151 -77.68 11.24 -98.59
N GLN P 152 -78.98 11.46 -98.43
CA GLN P 152 -79.47 12.80 -98.15
C GLN P 152 -79.20 13.24 -96.72
N LYS P 153 -78.98 12.29 -95.80
CA LYS P 153 -78.78 12.63 -94.40
C LYS P 153 -77.33 12.53 -93.94
N THR P 154 -76.46 11.92 -94.73
CA THR P 154 -75.08 11.72 -94.31
C THR P 154 -74.27 13.01 -94.45
N LYS P 155 -73.17 13.08 -93.70
CA LYS P 155 -72.26 14.22 -93.77
C LYS P 155 -70.89 13.84 -94.28
N ASP P 156 -70.25 12.83 -93.68
CA ASP P 156 -68.90 12.41 -94.04
C ASP P 156 -68.91 10.93 -94.33
N PRO P 157 -69.36 10.54 -95.52
CA PRO P 157 -69.49 9.10 -95.85
C PRO P 157 -68.16 8.55 -96.36
N THR P 158 -67.64 7.54 -95.67
CA THR P 158 -66.45 6.85 -96.15
C THR P 158 -66.81 5.95 -97.33
N HIS P 159 -65.83 5.69 -98.19
CA HIS P 159 -66.07 4.86 -99.36
C HIS P 159 -66.47 3.44 -98.97
N ALA P 160 -65.80 2.87 -97.97
CA ALA P 160 -66.12 1.50 -97.55
C ALA P 160 -67.53 1.42 -96.97
N THR P 161 -67.90 2.39 -96.13
CA THR P 161 -69.25 2.39 -95.56
C THR P 161 -70.31 2.61 -96.64
N SER P 162 -70.02 3.49 -97.61
CA SER P 162 -70.96 3.70 -98.71
C SER P 162 -71.14 2.44 -99.53
N TYR P 163 -70.05 1.74 -99.84
CA TYR P 163 -70.16 0.49 -100.58
C TYR P 163 -70.92 -0.55 -99.77
N GLY P 164 -70.69 -0.60 -98.45
CA GLY P 164 -71.39 -1.57 -97.63
C GLY P 164 -72.89 -1.34 -97.60
N VAL P 165 -73.30 -0.08 -97.41
CA VAL P 165 -74.74 0.21 -97.39
C VAL P 165 -75.34 0.01 -98.76
N PHE P 166 -74.59 0.33 -99.83
CA PHE P 166 -75.09 0.08 -101.17
C PHE P 166 -75.32 -1.41 -101.42
N ALA P 167 -74.37 -2.25 -101.02
CA ALA P 167 -74.54 -3.69 -101.17
C ALA P 167 -75.70 -4.20 -100.34
N ALA P 168 -75.84 -3.70 -99.10
CA ALA P 168 -76.94 -4.14 -98.25
C ALA P 168 -78.29 -3.77 -98.85
N SER P 169 -78.41 -2.57 -99.41
CA SER P 169 -79.67 -2.17 -100.04
C SER P 169 -79.91 -2.95 -101.32
N LEU P 170 -78.87 -3.28 -102.07
CA LEU P 170 -79.01 -4.04 -103.31
C LEU P 170 -79.19 -5.53 -103.06
N GLY P 171 -79.01 -6.00 -101.83
CA GLY P 171 -79.17 -7.42 -101.53
C GLY P 171 -77.97 -8.27 -101.84
N ILE P 172 -76.82 -7.66 -102.12
CA ILE P 172 -75.62 -8.42 -102.45
C ILE P 172 -75.15 -9.18 -101.21
N GLU P 173 -74.54 -10.35 -101.45
CA GLU P 173 -74.01 -11.15 -100.36
C GLU P 173 -72.84 -10.44 -99.69
N LEU P 174 -72.76 -10.59 -98.37
CA LEU P 174 -71.72 -9.90 -97.59
C LEU P 174 -70.33 -10.36 -98.00
N LYS P 175 -70.11 -11.67 -98.07
CA LYS P 175 -68.80 -12.18 -98.43
C LYS P 175 -68.41 -11.78 -99.83
N LYS P 176 -69.36 -11.85 -100.77
CA LYS P 176 -69.07 -11.44 -102.15
C LYS P 176 -68.72 -9.97 -102.23
N ALA P 177 -69.48 -9.12 -101.52
CA ALA P 177 -69.21 -7.69 -101.54
C ALA P 177 -67.82 -7.38 -100.97
N LEU P 178 -67.48 -8.03 -99.85
CA LEU P 178 -66.16 -7.84 -99.27
C LEU P 178 -65.06 -8.29 -100.22
N ALA P 179 -65.24 -9.45 -100.86
CA ALA P 179 -64.24 -9.95 -101.79
C ALA P 179 -64.06 -8.99 -102.96
N HIS P 180 -65.16 -8.49 -103.51
CA HIS P 180 -65.07 -7.57 -104.64
C HIS P 180 -64.38 -6.27 -104.25
N TYR P 181 -64.77 -5.70 -103.11
CA TYR P 181 -64.16 -4.44 -102.67
C TYR P 181 -62.67 -4.62 -102.41
N LEU P 182 -62.30 -5.70 -101.72
CA LEU P 182 -60.89 -5.96 -101.45
C LEU P 182 -60.11 -6.17 -102.74
N ASP P 183 -60.69 -6.91 -103.69
CA ASP P 183 -60.01 -7.16 -104.95
C ASP P 183 -59.79 -5.87 -105.73
N ALA P 184 -60.81 -5.01 -105.78
CA ALA P 184 -60.67 -3.74 -106.50
C ALA P 184 -59.63 -2.85 -105.85
N GLN P 185 -59.67 -2.73 -104.51
CA GLN P 185 -58.70 -1.90 -103.82
C GLN P 185 -57.29 -2.43 -104.01
N THR P 186 -57.11 -3.75 -103.96
CA THR P 186 -55.78 -4.32 -104.15
C THR P 186 -55.30 -4.16 -105.59
N SER P 187 -56.22 -4.21 -106.57
CA SER P 187 -55.83 -3.94 -107.94
C SER P 187 -55.33 -2.51 -108.10
N ASN P 188 -56.05 -1.55 -107.50
CA ASN P 188 -55.57 -0.18 -107.53
C ASN P 188 -54.22 -0.04 -106.83
N MET P 189 -54.05 -0.72 -105.70
CA MET P 189 -52.79 -0.64 -104.96
C MET P 189 -51.63 -1.21 -105.78
N VAL P 190 -51.84 -2.34 -106.44
CA VAL P 190 -50.75 -2.96 -107.19
C VAL P 190 -50.42 -2.14 -108.43
N ILE P 191 -51.42 -1.56 -109.09
CA ILE P 191 -51.09 -0.73 -110.25
C ILE P 191 -50.38 0.54 -109.80
N ASN P 192 -50.77 1.11 -108.67
CA ASN P 192 -50.05 2.27 -108.14
C ASN P 192 -48.60 1.91 -107.81
N CYS P 193 -48.40 0.75 -107.19
CA CYS P 193 -47.04 0.33 -106.85
C CYS P 193 -46.20 0.09 -108.09
N VAL P 194 -46.78 -0.54 -109.12
CA VAL P 194 -46.05 -0.80 -110.35
C VAL P 194 -45.75 0.50 -111.09
N LYS P 195 -46.60 1.52 -110.92
CA LYS P 195 -46.32 2.81 -111.54
C LYS P 195 -45.25 3.59 -110.78
N SER P 196 -45.24 3.47 -109.45
CA SER P 196 -44.45 4.39 -108.62
C SER P 196 -43.11 3.83 -108.17
N VAL P 197 -42.96 2.52 -108.02
CA VAL P 197 -41.72 1.96 -107.48
C VAL P 197 -40.53 2.27 -108.38
N PRO P 198 -40.56 2.01 -109.70
CA PRO P 198 -41.54 1.30 -110.54
C PRO P 198 -41.22 -0.17 -110.65
N LEU P 199 -42.24 -0.98 -110.96
CA LEU P 199 -42.06 -2.41 -111.19
C LEU P 199 -42.47 -2.73 -112.64
N SER P 200 -42.49 -4.01 -112.97
CA SER P 200 -42.96 -4.46 -114.27
C SER P 200 -44.37 -5.02 -114.16
N GLN P 201 -45.07 -5.03 -115.29
CA GLN P 201 -46.41 -5.60 -115.33
C GLN P 201 -46.39 -7.07 -114.93
N ASN P 202 -45.30 -7.77 -115.20
CA ASN P 202 -45.17 -9.15 -114.75
C ASN P 202 -45.17 -9.23 -113.23
N ASP P 203 -44.43 -8.34 -112.57
CA ASP P 203 -44.41 -8.33 -111.11
C ASP P 203 -45.78 -7.92 -110.55
N GLY P 204 -46.45 -6.98 -111.21
CA GLY P 204 -47.79 -6.61 -110.78
C GLY P 204 -48.76 -7.77 -110.85
N GLN P 205 -48.73 -8.52 -111.96
CA GLN P 205 -49.56 -9.70 -112.07
C GLN P 205 -49.18 -10.75 -111.04
N LYS P 206 -47.88 -10.91 -110.77
CA LYS P 206 -47.44 -11.90 -109.80
C LYS P 206 -47.95 -11.56 -108.40
N ILE P 207 -47.85 -10.30 -107.99
CA ILE P 207 -48.30 -9.92 -106.66
C ILE P 207 -49.82 -9.95 -106.58
N LEU P 208 -50.51 -9.66 -107.69
CA LEU P 208 -51.96 -9.81 -107.71
C LEU P 208 -52.37 -11.28 -107.53
N LEU P 209 -51.64 -12.19 -108.18
CA LEU P 209 -51.98 -13.60 -108.13
C LEU P 209 -51.59 -14.25 -106.80
N SER P 210 -50.53 -13.76 -106.17
CA SER P 210 -50.01 -14.37 -104.95
C SER P 210 -50.73 -13.92 -103.69
N LEU P 211 -51.72 -13.02 -103.81
CA LEU P 211 -52.45 -12.51 -102.66
C LEU P 211 -53.80 -13.17 -102.49
N GLN P 212 -54.08 -14.26 -103.22
CA GLN P 212 -55.40 -14.88 -103.15
C GLN P 212 -55.67 -15.49 -101.79
N SER P 213 -54.71 -16.22 -101.24
CA SER P 213 -54.90 -16.81 -99.91
C SER P 213 -55.05 -15.76 -98.82
N PRO P 214 -54.23 -14.70 -98.75
CA PRO P 214 -54.50 -13.65 -97.74
C PRO P 214 -55.85 -13.00 -97.91
N PHE P 215 -56.38 -12.93 -99.14
CA PHE P 215 -57.72 -12.39 -99.32
C PHE P 215 -58.76 -13.24 -98.59
N ASN P 216 -58.69 -14.56 -98.77
CA ASN P 216 -59.62 -15.45 -98.08
C ASN P 216 -59.43 -15.37 -96.58
N GLN P 217 -58.18 -15.30 -96.12
CA GLN P 217 -57.94 -15.21 -94.68
C GLN P 217 -58.50 -13.91 -94.10
N LEU P 218 -58.34 -12.80 -94.81
CA LEU P 218 -58.90 -11.53 -94.34
C LEU P 218 -60.42 -11.56 -94.32
N ILE P 219 -61.04 -12.16 -95.34
CA ILE P 219 -62.48 -12.27 -95.35
C ILE P 219 -62.96 -13.13 -94.18
N GLU P 220 -62.26 -14.22 -93.91
CA GLU P 220 -62.61 -15.07 -92.77
C GLU P 220 -62.47 -14.32 -91.45
N LYS P 221 -61.41 -13.51 -91.32
CA LYS P 221 -61.23 -12.71 -90.11
C LYS P 221 -62.36 -11.70 -89.94
N THR P 222 -62.73 -11.02 -91.02
CA THR P 222 -63.84 -10.07 -90.94
C THR P 222 -65.15 -10.78 -90.62
N LEU P 223 -65.29 -12.03 -91.07
CA LEU P 223 -66.49 -12.82 -90.76
C LEU P 223 -66.66 -13.08 -89.27
N GLU P 224 -65.62 -12.89 -88.46
CA GLU P 224 -65.71 -13.07 -87.03
C GLU P 224 -65.34 -11.82 -86.23
N LEU P 225 -64.95 -10.73 -86.89
CA LEU P 225 -64.62 -9.50 -86.19
C LEU P 225 -65.88 -8.87 -85.59
N ASP P 226 -65.71 -7.73 -84.93
CA ASP P 226 -66.80 -7.03 -84.27
C ASP P 226 -66.49 -5.55 -84.23
N GLU P 227 -67.44 -4.77 -83.70
CA GLU P 227 -67.30 -3.32 -83.67
C GLU P 227 -66.25 -2.85 -82.68
N SER P 228 -65.85 -3.70 -81.73
CA SER P 228 -64.83 -3.30 -80.75
C SER P 228 -63.49 -3.05 -81.42
N HIS P 229 -63.21 -3.69 -82.55
CA HIS P 229 -61.95 -3.54 -83.26
C HIS P 229 -62.01 -2.47 -84.33
N LEU P 230 -63.11 -1.73 -84.44
CA LEU P 230 -63.26 -0.73 -85.48
C LEU P 230 -62.19 0.35 -85.36
N CYS P 231 -61.57 0.69 -86.49
CA CYS P 231 -60.56 1.74 -86.56
C CYS P 231 -59.42 1.47 -85.58
N THR P 232 -58.93 0.23 -85.57
CA THR P 232 -57.77 -0.10 -84.77
C THR P 232 -56.58 0.71 -85.25
N ALA P 233 -55.89 1.35 -84.31
CA ALA P 233 -54.87 2.34 -84.63
C ALA P 233 -53.63 1.66 -85.21
N SER P 234 -53.43 1.80 -86.51
CA SER P 234 -52.15 1.47 -87.11
C SER P 234 -51.16 2.58 -86.80
N VAL P 235 -49.88 2.20 -86.70
CA VAL P 235 -48.88 3.15 -86.22
C VAL P 235 -48.01 3.65 -87.36
N GLN P 236 -47.24 2.74 -87.97
CA GLN P 236 -46.31 3.16 -89.02
C GLN P 236 -47.04 3.63 -90.26
N ASN P 237 -48.16 2.99 -90.60
CA ASN P 237 -48.96 3.42 -91.74
C ASN P 237 -49.46 4.85 -91.55
N ASP P 238 -49.98 5.16 -90.36
CA ASP P 238 -50.46 6.50 -90.09
C ASP P 238 -49.31 7.51 -90.06
N ILE P 239 -48.15 7.11 -89.52
CA ILE P 239 -47.01 8.01 -89.50
C ILE P 239 -46.56 8.35 -90.91
N LYS P 240 -46.51 7.34 -91.79
CA LYS P 240 -46.13 7.58 -93.18
C LYS P 240 -47.17 8.42 -93.90
N ALA P 241 -48.46 8.18 -93.62
CA ALA P 241 -49.51 8.98 -94.24
C ALA P 241 -49.40 10.44 -93.83
N MET P 242 -49.07 10.69 -92.57
CA MET P 242 -48.92 12.08 -92.11
C MET P 242 -47.64 12.71 -92.62
N GLN P 243 -46.59 11.91 -92.81
CA GLN P 243 -45.35 12.42 -93.41
C GLN P 243 -45.50 12.68 -94.90
N HIS P 244 -46.52 12.08 -95.53
CA HIS P 244 -46.81 12.37 -96.93
C HIS P 244 -47.05 13.87 -97.15
N GLU P 245 -47.62 14.56 -96.16
CA GLU P 245 -47.78 16.01 -96.29
C GLU P 245 -46.43 16.71 -96.32
N SER P 246 -45.48 16.25 -95.52
CA SER P 246 -44.14 16.85 -95.46
C SER P 246 -43.22 16.33 -96.56
N LEU P 247 -43.69 15.40 -97.39
CA LEU P 247 -42.87 14.94 -98.52
C LEU P 247 -42.53 16.10 -99.45
N TYR P 248 -41.35 15.99 -100.08
CA TYR P 248 -40.88 17.05 -100.97
C TYR P 248 -41.82 17.26 -102.14
N SER P 249 -41.95 16.24 -103.00
CA SER P 249 -42.85 16.28 -104.14
C SER P 249 -43.85 15.15 -104.03
N ARG P 250 -45.13 15.47 -104.12
CA ARG P 250 -46.20 14.50 -103.94
C ARG P 250 -46.81 14.18 -105.30
N LEU P 251 -46.49 13.00 -105.83
CA LEU P 251 -47.09 12.52 -107.06
C LEU P 251 -48.45 11.89 -106.84
N TYR P 252 -48.88 11.72 -105.59
CA TYR P 252 -50.16 11.16 -105.26
C TYR P 252 -50.91 12.13 -104.35
N MET P 253 -52.25 12.12 -104.46
CA MET P 253 -53.06 13.05 -103.68
C MET P 253 -52.92 12.81 -102.19
N SER P 254 -52.90 11.54 -101.78
CA SER P 254 -52.79 11.22 -100.36
C SER P 254 -51.74 10.14 -100.11
N MET Q 1 -47.64 19.29 -33.10
CA MET Q 1 -48.04 20.38 -32.22
C MET Q 1 -47.19 20.38 -30.96
N LYS Q 2 -45.94 20.80 -31.09
CA LYS Q 2 -44.99 20.73 -29.99
C LYS Q 2 -45.52 21.39 -28.74
N LEU Q 3 -45.79 20.60 -27.71
CA LEU Q 3 -46.42 21.08 -26.50
C LEU Q 3 -45.39 21.19 -25.40
N THR Q 4 -45.33 22.34 -24.79
CA THR Q 4 -44.39 22.56 -23.69
C THR Q 4 -45.02 22.12 -22.37
N PRO Q 5 -44.19 21.86 -21.35
CA PRO Q 5 -44.75 21.49 -20.04
C PRO Q 5 -45.70 22.53 -19.49
N LYS Q 6 -45.44 23.81 -19.76
CA LYS Q 6 -46.37 24.86 -19.37
C LYS Q 6 -47.72 24.66 -20.03
N GLU Q 7 -47.72 24.32 -21.33
CA GLU Q 7 -48.98 24.10 -22.03
C GLU Q 7 -49.72 22.90 -21.46
N LEU Q 8 -48.99 21.83 -21.11
CA LEU Q 8 -49.65 20.68 -20.52
C LEU Q 8 -50.28 21.02 -19.18
N ASP Q 9 -49.57 21.79 -18.36
CA ASP Q 9 -50.13 22.24 -17.08
C ASP Q 9 -51.37 23.09 -17.29
N LYS Q 10 -51.32 24.01 -18.25
CA LYS Q 10 -52.48 24.85 -18.51
C LYS Q 10 -53.66 24.04 -19.03
N LEU Q 11 -53.40 23.00 -19.81
CA LEU Q 11 -54.48 22.13 -20.26
C LEU Q 11 -55.15 21.43 -19.09
N MET Q 12 -54.33 20.92 -18.17
CA MET Q 12 -54.91 20.31 -16.96
C MET Q 12 -55.74 21.32 -16.19
N LEU Q 13 -55.23 22.54 -16.04
CA LEU Q 13 -55.98 23.56 -15.31
C LEU Q 13 -57.28 23.90 -16.01
N HIS Q 14 -57.26 23.99 -17.34
CA HIS Q 14 -58.47 24.30 -18.08
C HIS Q 14 -59.52 23.21 -17.87
N TYR Q 15 -59.10 21.95 -17.87
CA TYR Q 15 -60.12 20.92 -17.72
C TYR Q 15 -60.58 20.77 -16.28
N ALA Q 16 -59.74 21.12 -15.31
CA ALA Q 16 -60.24 21.27 -13.94
C ALA Q 16 -61.30 22.35 -13.87
N GLY Q 17 -61.06 23.48 -14.54
CA GLY Q 17 -62.07 24.53 -14.59
C GLY Q 17 -63.34 24.09 -15.28
N GLU Q 18 -63.21 23.28 -16.34
CA GLU Q 18 -64.39 22.75 -17.02
C GLU Q 18 -65.19 21.85 -16.10
N LEU Q 19 -64.51 21.01 -15.33
CA LEU Q 19 -65.20 20.17 -14.36
C LEU Q 19 -65.93 21.01 -13.33
N ALA Q 20 -65.28 22.07 -12.84
CA ALA Q 20 -65.92 22.97 -11.88
C ALA Q 20 -67.15 23.63 -12.50
N LYS Q 21 -67.06 24.04 -13.76
CA LYS Q 21 -68.19 24.67 -14.43
C LYS Q 21 -69.35 23.69 -14.58
N LYS Q 22 -69.05 22.44 -14.93
CA LYS Q 22 -70.10 21.44 -15.04
C LYS Q 22 -70.77 21.18 -13.71
N ARG Q 23 -69.99 21.12 -12.62
CA ARG Q 23 -70.59 20.94 -11.31
C ARG Q 23 -71.45 22.13 -10.92
N LYS Q 24 -70.99 23.35 -11.24
CA LYS Q 24 -71.80 24.53 -10.95
C LYS Q 24 -73.10 24.50 -11.72
N GLU Q 25 -73.06 24.05 -12.98
CA GLU Q 25 -74.30 23.92 -13.75
C GLU Q 25 -75.22 22.88 -13.13
N LYS Q 26 -74.65 21.76 -12.66
CA LYS Q 26 -75.46 20.77 -11.94
C LYS Q 26 -76.04 21.33 -10.66
N GLY Q 27 -75.46 22.40 -10.12
CA GLY Q 27 -75.96 23.00 -8.91
C GLY Q 27 -75.19 22.66 -7.66
N ILE Q 28 -74.07 21.95 -7.78
CA ILE Q 28 -73.24 21.67 -6.63
C ILE Q 28 -72.52 22.94 -6.21
N LYS Q 29 -72.54 23.23 -4.90
CA LYS Q 29 -71.78 24.37 -4.40
C LYS Q 29 -70.29 24.08 -4.49
N LEU Q 30 -69.56 24.98 -5.14
CA LEU Q 30 -68.15 24.73 -5.40
C LEU Q 30 -67.33 24.86 -4.14
N ASN Q 31 -66.27 24.05 -4.08
CA ASN Q 31 -65.32 24.14 -2.98
C ASN Q 31 -64.15 25.02 -3.40
N TYR Q 32 -63.11 25.03 -2.58
CA TYR Q 32 -61.97 25.92 -2.81
C TYR Q 32 -61.30 25.62 -4.15
N VAL Q 33 -60.99 24.35 -4.39
CA VAL Q 33 -60.28 23.96 -5.61
C VAL Q 33 -61.12 24.27 -6.84
N GLU Q 34 -62.40 23.92 -6.78
CA GLU Q 34 -63.28 24.14 -7.92
C GLU Q 34 -63.41 25.62 -8.22
N ALA Q 35 -63.55 26.45 -7.19
CA ALA Q 35 -63.70 27.89 -7.41
C ALA Q 35 -62.44 28.47 -8.04
N VAL Q 36 -61.27 28.12 -7.51
CA VAL Q 36 -60.03 28.66 -8.07
C VAL Q 36 -59.86 28.21 -9.51
N ALA Q 37 -60.14 26.93 -9.79
CA ALA Q 37 -59.99 26.42 -11.15
C ALA Q 37 -60.96 27.11 -12.10
N LEU Q 38 -62.20 27.33 -11.65
CA LEU Q 38 -63.19 27.96 -12.51
C LEU Q 38 -62.76 29.37 -12.89
N ILE Q 39 -62.32 30.16 -11.91
CA ILE Q 39 -61.90 31.53 -12.21
C ILE Q 39 -60.71 31.53 -13.15
N SER Q 40 -59.72 30.67 -12.88
CA SER Q 40 -58.52 30.65 -13.69
C SER Q 40 -58.83 30.25 -15.14
N ALA Q 41 -59.64 29.20 -15.30
CA ALA Q 41 -59.97 28.74 -16.65
C ALA Q 41 -60.76 29.79 -17.42
N HIS Q 42 -61.68 30.48 -16.74
CA HIS Q 42 -62.44 31.52 -17.42
C HIS Q 42 -61.52 32.64 -17.88
N ILE Q 43 -60.59 33.06 -17.03
CA ILE Q 43 -59.67 34.12 -17.42
C ILE Q 43 -58.83 33.69 -18.62
N MET Q 44 -58.34 32.45 -18.60
CA MET Q 44 -57.53 31.97 -19.72
C MET Q 44 -58.32 31.96 -21.01
N GLU Q 45 -59.57 31.50 -20.96
CA GLU Q 45 -60.38 31.46 -22.17
C GLU Q 45 -60.65 32.87 -22.70
N GLU Q 46 -60.95 33.81 -21.82
CA GLU Q 46 -61.18 35.18 -22.27
C GLU Q 46 -59.93 35.77 -22.92
N ALA Q 47 -58.77 35.54 -22.32
CA ALA Q 47 -57.53 36.05 -22.91
C ALA Q 47 -57.28 35.43 -24.27
N ARG Q 48 -57.53 34.13 -24.41
CA ARG Q 48 -57.38 33.50 -25.72
C ARG Q 48 -58.34 34.11 -26.73
N ALA Q 49 -59.56 34.40 -26.31
CA ALA Q 49 -60.50 35.08 -27.19
C ALA Q 49 -59.94 36.41 -27.66
N GLY Q 50 -59.29 37.15 -26.76
CA GLY Q 50 -58.55 38.32 -27.15
C GLY Q 50 -59.35 39.57 -27.39
N LYS Q 51 -60.61 39.61 -26.95
CA LYS Q 51 -61.41 40.82 -27.06
C LYS Q 51 -61.29 41.72 -25.84
N LYS Q 52 -60.62 41.26 -24.78
CA LYS Q 52 -60.54 41.99 -23.53
C LYS Q 52 -59.09 42.27 -23.17
N THR Q 53 -58.89 43.31 -22.38
CA THR Q 53 -57.58 43.64 -21.85
C THR Q 53 -57.40 42.98 -20.49
N ALA Q 54 -56.17 43.07 -19.97
CA ALA Q 54 -55.88 42.49 -18.67
C ALA Q 54 -56.69 43.19 -17.57
N ALA Q 55 -56.89 44.50 -17.70
CA ALA Q 55 -57.71 45.21 -16.72
C ALA Q 55 -59.16 44.74 -16.78
N GLU Q 56 -59.70 44.56 -17.99
CA GLU Q 56 -61.05 44.05 -18.12
C GLU Q 56 -61.17 42.67 -17.52
N LEU Q 57 -60.16 41.83 -17.72
CA LEU Q 57 -60.21 40.49 -17.16
C LEU Q 57 -60.12 40.52 -15.64
N MET Q 58 -59.30 41.41 -15.08
CA MET Q 58 -59.24 41.56 -13.63
C MET Q 58 -60.59 41.96 -13.07
N GLN Q 59 -61.28 42.88 -13.75
CA GLN Q 59 -62.63 43.24 -13.33
C GLN Q 59 -63.60 42.07 -13.46
N GLU Q 60 -63.53 41.34 -14.57
CA GLU Q 60 -64.53 40.32 -14.87
C GLU Q 60 -64.37 39.08 -13.99
N GLY Q 61 -63.15 38.79 -13.55
CA GLY Q 61 -62.94 37.63 -12.71
C GLY Q 61 -63.68 37.68 -11.39
N ARG Q 62 -64.01 38.88 -10.92
CA ARG Q 62 -64.70 39.05 -9.65
C ARG Q 62 -66.20 38.88 -9.75
N THR Q 63 -66.74 38.69 -10.95
CA THR Q 63 -68.18 38.54 -11.15
C THR Q 63 -68.59 37.11 -11.47
N LEU Q 64 -67.65 36.19 -11.54
CA LEU Q 64 -67.97 34.84 -11.98
C LEU Q 64 -68.77 34.07 -10.95
N LEU Q 65 -68.38 34.16 -9.68
CA LEU Q 65 -68.96 33.36 -8.63
C LEU Q 65 -69.70 34.24 -7.64
N LYS Q 66 -70.98 33.95 -7.42
CA LYS Q 66 -71.74 34.59 -6.38
C LYS Q 66 -71.44 33.92 -5.04
N PRO Q 67 -71.71 34.60 -3.92
CA PRO Q 67 -71.48 33.97 -2.61
C PRO Q 67 -72.28 32.70 -2.41
N ASP Q 68 -73.42 32.55 -3.06
CA ASP Q 68 -74.24 31.36 -2.89
C ASP Q 68 -73.82 30.21 -3.80
N ASP Q 69 -72.83 30.43 -4.67
CA ASP Q 69 -72.35 29.37 -5.56
C ASP Q 69 -71.22 28.55 -4.97
N VAL Q 70 -70.73 28.89 -3.78
CA VAL Q 70 -69.59 28.21 -3.19
C VAL Q 70 -69.95 27.78 -1.78
N MET Q 71 -69.20 26.79 -1.29
CA MET Q 71 -69.39 26.32 0.07
C MET Q 71 -68.94 27.38 1.07
N ASP Q 72 -69.33 27.19 2.32
CA ASP Q 72 -68.94 28.12 3.37
C ASP Q 72 -67.44 28.03 3.62
N GLY Q 73 -66.78 29.18 3.67
CA GLY Q 73 -65.36 29.26 3.89
C GLY Q 73 -64.53 29.44 2.64
N VAL Q 74 -65.08 29.13 1.47
CA VAL Q 74 -64.32 29.24 0.23
C VAL Q 74 -63.95 30.69 -0.03
N ALA Q 75 -64.89 31.61 0.18
CA ALA Q 75 -64.61 33.02 -0.06
C ALA Q 75 -63.54 33.54 0.88
N SER Q 76 -63.56 33.10 2.14
CA SER Q 76 -62.52 33.49 3.07
C SER Q 76 -61.16 32.91 2.66
N MET Q 77 -61.16 31.69 2.15
CA MET Q 77 -59.89 31.04 1.81
C MET Q 77 -59.27 31.64 0.57
N ILE Q 78 -60.09 32.08 -0.39
CA ILE Q 78 -59.57 32.61 -1.65
C ILE Q 78 -59.34 34.10 -1.49
N HIS Q 79 -58.07 34.51 -1.45
CA HIS Q 79 -57.72 35.91 -1.36
C HIS Q 79 -57.48 36.53 -2.72
N GLU Q 80 -56.68 35.87 -3.55
CA GLU Q 80 -56.47 36.32 -4.92
C GLU Q 80 -56.12 35.12 -5.79
N VAL Q 81 -56.57 35.18 -7.03
CA VAL Q 81 -56.29 34.16 -8.03
C VAL Q 81 -55.41 34.80 -9.09
N GLY Q 82 -54.18 34.33 -9.21
CA GLY Q 82 -53.29 34.75 -10.26
C GLY Q 82 -53.27 33.70 -11.36
N ILE Q 83 -53.15 34.17 -12.60
CA ILE Q 83 -53.09 33.26 -13.73
C ILE Q 83 -52.34 33.95 -14.87
N GLU Q 84 -51.38 33.25 -15.44
CA GLU Q 84 -50.63 33.78 -16.58
C GLU Q 84 -51.34 33.37 -17.86
N ALA Q 85 -51.91 34.35 -18.55
CA ALA Q 85 -52.71 34.10 -19.73
C ALA Q 85 -52.01 34.67 -20.96
N MET Q 86 -52.12 33.96 -22.08
CA MET Q 86 -51.48 34.36 -23.32
C MET Q 86 -52.45 35.28 -24.09
N PHE Q 87 -52.14 36.55 -24.11
CA PHE Q 87 -52.93 37.55 -24.83
C PHE Q 87 -52.41 37.68 -26.25
N PRO Q 88 -53.11 38.45 -27.10
CA PRO Q 88 -52.53 38.74 -28.42
C PRO Q 88 -51.20 39.45 -28.36
N ASP Q 89 -50.89 40.11 -27.25
CA ASP Q 89 -49.62 40.78 -27.06
C ASP Q 89 -48.74 40.07 -26.03
N GLY Q 90 -48.77 38.75 -26.03
CA GLY Q 90 -47.89 37.96 -25.20
C GLY Q 90 -48.55 37.51 -23.90
N THR Q 91 -47.73 36.90 -23.06
CA THR Q 91 -48.20 36.36 -21.79
C THR Q 91 -48.20 37.44 -20.73
N LYS Q 92 -49.34 37.60 -20.06
CA LYS Q 92 -49.48 38.58 -18.98
C LYS Q 92 -50.10 37.90 -17.77
N LEU Q 93 -49.73 38.39 -16.59
CA LEU Q 93 -50.26 37.87 -15.34
C LEU Q 93 -51.52 38.65 -14.98
N VAL Q 94 -52.65 37.96 -14.94
CA VAL Q 94 -53.92 38.53 -14.51
C VAL Q 94 -54.14 38.12 -13.07
N THR Q 95 -54.36 39.09 -12.19
CA THR Q 95 -54.60 38.84 -10.78
C THR Q 95 -55.99 39.34 -10.42
N VAL Q 96 -56.81 38.46 -9.87
CA VAL Q 96 -58.15 38.80 -9.42
C VAL Q 96 -58.13 38.77 -7.90
N HIS Q 97 -58.40 39.90 -7.26
CA HIS Q 97 -58.40 39.99 -5.81
CA HIS Q 97 -58.40 39.99 -5.81
C HIS Q 97 -59.82 39.86 -5.28
N THR Q 98 -59.97 39.09 -4.19
CA THR Q 98 -61.23 38.79 -3.54
C THR Q 98 -62.35 38.51 -4.56
N PRO Q 99 -62.20 37.44 -5.36
CA PRO Q 99 -63.20 37.17 -6.40
C PRO Q 99 -64.58 36.83 -5.85
N ILE Q 100 -64.69 36.36 -4.61
CA ILE Q 100 -65.96 35.97 -4.03
C ILE Q 100 -66.15 36.72 -2.72
N GLU Q 101 -67.34 37.28 -2.53
CA GLU Q 101 -67.65 37.97 -1.28
C GLU Q 101 -67.82 36.97 -0.15
N ALA Q 102 -67.23 37.28 1.00
CA ALA Q 102 -67.29 36.37 2.14
C ALA Q 102 -68.68 36.38 2.75
N ASN Q 103 -69.23 35.19 2.98
CA ASN Q 103 -70.52 35.07 3.65
C ASN Q 103 -70.40 35.32 5.14
N GLY Q 104 -69.25 35.00 5.74
CA GLY Q 104 -69.03 35.22 7.15
C GLY Q 104 -69.43 34.08 8.07
N LYS Q 105 -70.09 33.05 7.53
CA LYS Q 105 -70.52 31.94 8.38
C LYS Q 105 -69.33 31.20 8.97
N LEU Q 106 -68.51 30.60 8.13
CA LEU Q 106 -67.35 29.83 8.56
C LEU Q 106 -66.09 30.43 7.97
N VAL Q 107 -65.11 30.70 8.81
CA VAL Q 107 -63.82 31.23 8.40
C VAL Q 107 -62.74 30.23 8.78
N PRO Q 108 -62.27 29.42 7.83
CA PRO Q 108 -61.19 28.48 8.15
C PRO Q 108 -59.93 29.22 8.58
N GLY Q 109 -59.29 28.71 9.62
CA GLY Q 109 -58.05 29.30 10.10
C GLY Q 109 -58.19 30.71 10.60
N GLU Q 110 -59.36 31.10 11.08
CA GLU Q 110 -59.57 32.47 11.52
C GLU Q 110 -58.89 32.72 12.86
N LEU Q 111 -58.49 33.97 13.07
CA LEU Q 111 -57.81 34.39 14.29
C LEU Q 111 -58.82 34.93 15.29
N PHE Q 112 -58.61 34.58 16.55
CA PHE Q 112 -59.39 35.12 17.66
C PHE Q 112 -58.41 35.92 18.53
N LEU Q 113 -58.24 37.19 18.19
CA LEU Q 113 -57.25 38.03 18.83
C LEU Q 113 -57.76 38.61 20.13
N LYS Q 114 -56.84 38.86 21.06
CA LYS Q 114 -57.15 39.64 22.24
C LYS Q 114 -57.37 41.09 21.86
N ASN Q 115 -58.14 41.81 22.67
CA ASN Q 115 -58.34 43.23 22.47
C ASN Q 115 -57.35 44.05 23.29
N GLU Q 116 -56.07 43.74 23.15
CA GLU Q 116 -55.00 44.42 23.89
C GLU Q 116 -53.87 44.75 22.93
N ASP Q 117 -53.39 45.98 22.99
CA ASP Q 117 -52.35 46.43 22.08
C ASP Q 117 -51.00 45.88 22.49
N ILE Q 118 -50.14 45.67 21.49
CA ILE Q 118 -48.78 45.19 21.70
C ILE Q 118 -47.88 46.40 21.87
N THR Q 119 -47.13 46.43 22.97
CA THR Q 119 -46.17 47.50 23.22
C THR Q 119 -44.81 47.06 22.71
N ILE Q 120 -44.33 47.70 21.67
CA ILE Q 120 -43.04 47.34 21.07
C ILE Q 120 -41.97 48.25 21.66
N ASN Q 121 -40.74 47.75 21.65
CA ASN Q 121 -39.58 48.49 22.14
C ASN Q 121 -39.79 48.98 23.57
N GLU Q 122 -40.39 48.11 24.39
CA GLU Q 122 -40.68 48.47 25.77
C GLU Q 122 -39.39 48.70 26.54
N GLY Q 123 -39.39 49.72 27.39
CA GLY Q 123 -38.21 50.07 28.15
C GLY Q 123 -37.21 50.93 27.42
N LYS Q 124 -37.50 51.35 26.20
CA LYS Q 124 -36.62 52.20 25.42
C LYS Q 124 -37.26 53.56 25.25
N LYS Q 125 -36.54 54.60 25.65
CA LYS Q 125 -37.04 55.97 25.53
C LYS Q 125 -36.72 56.52 24.15
N ALA Q 126 -37.71 57.14 23.53
CA ALA Q 126 -37.60 57.64 22.17
C ALA Q 126 -37.39 59.14 22.16
N VAL Q 127 -36.45 59.60 21.34
CA VAL Q 127 -36.23 61.02 21.13
C VAL Q 127 -36.80 61.40 19.78
N SER Q 128 -37.15 62.67 19.64
CA SER Q 128 -37.80 63.18 18.44
C SER Q 128 -36.80 64.01 17.64
N VAL Q 129 -36.76 63.76 16.33
CA VAL Q 129 -35.84 64.44 15.43
C VAL Q 129 -36.62 64.90 14.20
N LYS Q 130 -36.37 66.14 13.78
CA LYS Q 130 -36.98 66.67 12.57
C LYS Q 130 -36.08 66.40 11.37
N VAL Q 131 -36.64 65.78 10.35
CA VAL Q 131 -35.88 65.36 9.17
C VAL Q 131 -36.52 66.01 7.94
N LYS Q 132 -35.69 66.64 7.12
CA LYS Q 132 -36.12 67.21 5.85
C LYS Q 132 -35.45 66.48 4.71
N ASN Q 133 -36.22 66.13 3.70
CA ASN Q 133 -35.70 65.51 2.48
C ASN Q 133 -35.42 66.64 1.50
N VAL Q 134 -34.15 67.04 1.39
CA VAL Q 134 -33.77 68.08 0.44
C VAL Q 134 -33.39 67.51 -0.91
N GLY Q 135 -33.52 66.20 -1.10
CA GLY Q 135 -33.29 65.59 -2.39
C GLY Q 135 -34.52 65.68 -3.27
N ASP Q 136 -34.39 65.08 -4.45
CA ASP Q 136 -35.46 65.11 -5.44
C ASP Q 136 -36.29 63.84 -5.49
N ARG Q 137 -35.97 62.85 -4.68
CA ARG Q 137 -36.69 61.59 -4.68
C ARG Q 137 -37.11 61.22 -3.27
N PRO Q 138 -38.22 60.50 -3.11
CA PRO Q 138 -38.62 60.03 -1.79
C PRO Q 138 -37.63 58.99 -1.26
N VAL Q 139 -37.52 58.95 0.06
CA VAL Q 139 -36.58 58.08 0.74
C VAL Q 139 -37.34 57.26 1.78
N GLN Q 140 -37.19 55.94 1.73
CA GLN Q 140 -37.82 55.07 2.71
C GLN Q 140 -36.76 54.49 3.63
N ILE Q 141 -36.97 54.62 4.93
CA ILE Q 141 -36.05 54.14 5.94
C ILE Q 141 -36.73 53.01 6.72
N GLY Q 142 -36.05 51.88 6.84
CA GLY Q 142 -36.57 50.76 7.57
C GLY Q 142 -36.47 50.93 9.07
N SER Q 143 -37.17 50.05 9.78
CA SER Q 143 -37.23 50.14 11.23
C SER Q 143 -35.88 49.92 11.88
N HIS Q 144 -34.99 49.17 11.24
CA HIS Q 144 -33.73 48.80 11.87
C HIS Q 144 -32.52 49.39 11.17
N PHE Q 145 -32.71 50.30 10.23
CA PHE Q 145 -31.59 51.00 9.65
C PHE Q 145 -31.00 51.97 10.67
N HIS Q 146 -29.67 51.99 10.76
CA HIS Q 146 -28.98 52.94 11.64
C HIS Q 146 -29.23 54.34 11.10
N PHE Q 147 -30.05 55.12 11.81
CA PHE Q 147 -30.56 56.36 11.24
C PHE Q 147 -29.45 57.38 11.01
N PHE Q 148 -28.33 57.27 11.70
CA PHE Q 148 -27.22 58.19 11.49
C PHE Q 148 -26.69 58.12 10.06
N GLU Q 149 -26.81 56.96 9.41
CA GLU Q 149 -26.17 56.72 8.12
C GLU Q 149 -27.15 56.71 6.96
N VAL Q 150 -28.32 57.31 7.11
CA VAL Q 150 -29.32 57.31 6.05
C VAL Q 150 -28.85 58.18 4.90
N ASN Q 151 -29.57 58.14 3.79
CA ASN Q 151 -29.30 58.94 2.60
C ASN Q 151 -28.82 60.34 2.97
N ARG Q 152 -27.71 60.76 2.37
CA ARG Q 152 -27.15 62.07 2.68
C ARG Q 152 -28.02 63.21 2.22
N CYS Q 153 -29.03 62.96 1.40
CA CYS Q 153 -29.98 64.00 1.03
C CYS Q 153 -30.98 64.32 2.14
N LEU Q 154 -31.08 63.47 3.16
CA LEU Q 154 -31.90 63.79 4.32
C LEU Q 154 -31.12 64.72 5.24
N ASP Q 155 -31.79 65.79 5.69
CA ASP Q 155 -31.16 66.80 6.52
C ASP Q 155 -31.75 66.76 7.92
N PHE Q 156 -30.89 66.51 8.91
CA PHE Q 156 -31.29 66.48 10.31
C PHE Q 156 -30.02 66.51 11.15
N ASP Q 157 -30.20 66.68 12.45
CA ASP Q 157 -29.07 66.70 13.38
C ASP Q 157 -28.57 65.27 13.58
N ARG Q 158 -27.56 64.88 12.81
CA ARG Q 158 -27.08 63.50 12.85
C ARG Q 158 -26.45 63.16 14.19
N GLU Q 159 -25.85 64.14 14.86
CA GLU Q 159 -25.26 63.90 16.16
C GLU Q 159 -26.30 63.38 17.15
N LYS Q 160 -27.53 63.89 17.06
CA LYS Q 160 -28.58 63.41 17.95
C LYS Q 160 -28.95 61.97 17.67
N THR Q 161 -28.81 61.53 16.42
CA THR Q 161 -29.30 60.23 15.98
C THR Q 161 -28.22 59.17 15.88
N PHE Q 162 -26.98 59.49 16.21
CA PHE Q 162 -25.96 58.44 16.23
C PHE Q 162 -26.33 57.32 17.19
N GLY Q 163 -26.25 56.09 16.71
CA GLY Q 163 -26.56 54.93 17.53
C GLY Q 163 -28.04 54.62 17.68
N LYS Q 164 -28.89 55.20 16.85
CA LYS Q 164 -30.33 55.08 17.02
C LYS Q 164 -30.98 54.56 15.75
N ARG Q 165 -32.21 54.10 15.90
CA ARG Q 165 -33.02 53.60 14.79
C ARG Q 165 -34.45 54.06 15.01
N LEU Q 166 -35.26 53.90 13.97
CA LEU Q 166 -36.65 54.34 14.03
C LEU Q 166 -37.43 53.52 15.03
N ASP Q 167 -38.33 54.18 15.76
CA ASP Q 167 -39.16 53.51 16.77
C ASP Q 167 -40.51 53.17 16.14
N ILE Q 168 -40.48 52.21 15.22
CA ILE Q 168 -41.67 51.75 14.51
C ILE Q 168 -41.67 50.24 14.55
N ALA Q 169 -42.80 49.66 14.12
CA ALA Q 169 -42.90 48.22 14.05
C ALA Q 169 -41.84 47.66 13.11
N SER Q 170 -41.13 46.63 13.57
CA SER Q 170 -40.05 46.06 12.77
C SER Q 170 -40.60 45.53 11.46
N GLY Q 171 -39.92 45.84 10.37
CA GLY Q 171 -40.37 45.48 9.05
C GLY Q 171 -41.15 46.56 8.34
N THR Q 172 -41.62 47.56 9.06
CA THR Q 172 -42.26 48.70 8.43
C THR Q 172 -41.23 49.78 8.13
N ALA Q 173 -41.64 50.77 7.34
CA ALA Q 173 -40.73 51.81 6.89
C ALA Q 173 -41.40 53.16 6.98
N VAL Q 174 -40.58 54.20 7.07
CA VAL Q 174 -41.03 55.59 7.09
C VAL Q 174 -40.58 56.24 5.79
N ARG Q 175 -41.49 56.91 5.11
CA ARG Q 175 -41.21 57.55 3.84
C ARG Q 175 -41.13 59.06 4.01
N PHE Q 176 -40.06 59.65 3.49
CA PHE Q 176 -39.85 61.09 3.45
C PHE Q 176 -39.96 61.51 2.01
N GLU Q 177 -40.99 62.29 1.68
CA GLU Q 177 -41.14 62.82 0.35
C GLU Q 177 -40.19 63.99 0.14
N PRO Q 178 -39.79 64.26 -1.11
CA PRO Q 178 -38.87 65.38 -1.35
C PRO Q 178 -39.46 66.69 -0.89
N GLY Q 179 -38.63 67.51 -0.25
CA GLY Q 179 -39.06 68.78 0.27
C GLY Q 179 -39.85 68.68 1.56
N GLU Q 180 -40.42 67.51 1.83
CA GLU Q 180 -41.24 67.33 3.01
C GLU Q 180 -40.37 67.22 4.26
N GLU Q 181 -40.84 67.81 5.35
CA GLU Q 181 -40.18 67.74 6.64
C GLU Q 181 -41.06 66.96 7.61
N LYS Q 182 -40.49 65.93 8.22
CA LYS Q 182 -41.20 65.09 9.16
C LYS Q 182 -40.45 65.03 10.48
N SER Q 183 -41.17 64.68 11.53
CA SER Q 183 -40.59 64.41 12.84
C SER Q 183 -40.67 62.91 13.10
N VAL Q 184 -39.55 62.30 13.43
CA VAL Q 184 -39.48 60.87 13.66
C VAL Q 184 -39.02 60.63 15.10
N GLU Q 185 -39.36 59.45 15.61
CA GLU Q 185 -38.95 59.03 16.94
C GLU Q 185 -37.85 57.98 16.81
N LEU Q 186 -36.78 58.15 17.57
CA LEU Q 186 -35.62 57.28 17.49
C LEU Q 186 -35.32 56.66 18.85
N ILE Q 187 -34.93 55.40 18.82
CA ILE Q 187 -34.58 54.65 20.03
C ILE Q 187 -33.20 54.07 19.84
N ASP Q 188 -32.52 53.82 20.95
CA ASP Q 188 -31.17 53.29 20.90
C ASP Q 188 -31.15 51.91 20.27
N ILE Q 189 -30.11 51.64 19.47
CA ILE Q 189 -29.90 50.30 18.94
C ILE Q 189 -29.51 49.38 20.09
N GLY Q 190 -30.12 48.20 20.13
CA GLY Q 190 -29.89 47.26 21.21
C GLY Q 190 -28.75 46.31 20.94
N GLY Q 191 -28.64 45.30 21.80
CA GLY Q 191 -27.61 44.30 21.64
C GLY Q 191 -26.22 44.85 21.93
N ASN Q 192 -25.25 44.35 21.18
CA ASN Q 192 -23.87 44.78 21.32
C ASN Q 192 -23.64 46.20 20.83
N ARG Q 193 -24.59 46.77 20.09
CA ARG Q 193 -24.46 48.11 19.51
C ARG Q 193 -23.23 48.21 18.62
N ARG Q 194 -22.96 47.15 17.86
CA ARG Q 194 -21.89 47.15 16.88
C ARG Q 194 -22.51 47.44 15.52
N ILE Q 195 -22.18 48.60 14.95
CA ILE Q 195 -22.72 49.01 13.66
C ILE Q 195 -21.73 48.60 12.59
N PHE Q 196 -22.17 47.75 11.68
CA PHE Q 196 -21.35 47.33 10.56
C PHE Q 196 -22.18 47.41 9.28
N GLY Q 197 -21.53 47.76 8.18
CA GLY Q 197 -22.25 47.94 6.94
C GLY Q 197 -22.85 49.31 6.83
N PHE Q 198 -24.09 49.39 6.33
CA PHE Q 198 -24.79 50.65 6.11
C PHE Q 198 -23.95 51.49 5.17
N ASN Q 199 -23.58 52.72 5.53
CA ASN Q 199 -22.75 53.56 4.69
C ASN Q 199 -21.29 53.55 5.10
N ALA Q 200 -20.91 52.59 5.96
CA ALA Q 200 -19.53 52.46 6.43
C ALA Q 200 -19.05 53.71 7.14
N LEU Q 201 -19.95 54.40 7.84
CA LEU Q 201 -19.56 55.57 8.62
C LEU Q 201 -19.09 55.21 10.01
N VAL Q 202 -19.50 54.06 10.55
CA VAL Q 202 -19.10 53.62 11.87
C VAL Q 202 -18.22 52.38 11.80
N ASP Q 203 -18.78 51.27 11.32
CA ASP Q 203 -18.02 50.02 11.11
C ASP Q 203 -17.32 49.57 12.38
N ARG Q 204 -17.89 49.83 13.54
CA ARG Q 204 -17.26 49.49 14.82
C ARG Q 204 -18.31 49.65 15.91
N GLN Q 205 -17.87 49.47 17.16
CA GLN Q 205 -18.76 49.66 18.30
C GLN Q 205 -19.23 51.10 18.39
N ALA Q 206 -20.52 51.27 18.67
CA ALA Q 206 -21.13 52.60 18.73
C ALA Q 206 -20.99 53.12 20.15
N ASP Q 207 -20.05 54.04 20.35
CA ASP Q 207 -19.89 54.74 21.61
C ASP Q 207 -19.53 56.19 21.31
N ASN Q 208 -19.27 56.96 22.38
CA ASN Q 208 -19.01 58.39 22.21
C ASN Q 208 -17.73 58.65 21.44
N GLU Q 209 -16.72 57.78 21.61
CA GLU Q 209 -15.48 57.97 20.87
C GLU Q 209 -15.65 57.68 19.39
N SER Q 210 -16.40 56.63 19.06
CA SER Q 210 -16.68 56.37 17.65
C SER Q 210 -17.65 57.38 17.07
N LYS Q 211 -18.39 58.09 17.91
CA LYS Q 211 -19.29 59.13 17.42
C LYS Q 211 -18.53 60.24 16.72
N LYS Q 212 -17.40 60.67 17.28
CA LYS Q 212 -16.61 61.73 16.65
C LYS Q 212 -16.07 61.28 15.30
N ILE Q 213 -15.56 60.06 15.23
CA ILE Q 213 -15.05 59.54 13.97
C ILE Q 213 -16.16 59.46 12.94
N ALA Q 214 -17.33 58.98 13.36
CA ALA Q 214 -18.47 58.89 12.44
C ALA Q 214 -18.89 60.26 11.95
N LEU Q 215 -18.91 61.25 12.84
CA LEU Q 215 -19.31 62.59 12.44
C LEU Q 215 -18.30 63.19 11.46
N HIS Q 216 -17.01 63.00 11.72
CA HIS Q 216 -16.00 63.49 10.79
C HIS Q 216 -16.12 62.82 9.44
N ARG Q 217 -16.34 61.50 9.43
CA ARG Q 217 -16.52 60.80 8.17
C ARG Q 217 -17.75 61.30 7.42
N ALA Q 218 -18.85 61.51 8.14
CA ALA Q 218 -20.07 61.98 7.49
C ALA Q 218 -19.90 63.37 6.92
N LYS Q 219 -19.23 64.25 7.66
CA LYS Q 219 -18.96 65.59 7.14
C LYS Q 219 -18.07 65.54 5.91
N GLU Q 220 -17.05 64.68 5.92
CA GLU Q 220 -16.18 64.55 4.76
C GLU Q 220 -16.95 64.03 3.55
N ARG Q 221 -17.82 63.05 3.76
CA ARG Q 221 -18.58 62.46 2.66
C ARG Q 221 -19.82 63.26 2.29
N GLY Q 222 -20.09 64.35 2.98
CA GLY Q 222 -21.15 65.24 2.57
C GLY Q 222 -22.53 64.87 3.06
N PHE Q 223 -22.63 64.21 4.21
CA PHE Q 223 -23.93 63.90 4.77
C PHE Q 223 -24.53 65.13 5.41
N HIS Q 224 -25.74 65.49 5.00
CA HIS Q 224 -26.36 66.73 5.44
C HIS Q 224 -26.66 66.69 6.93
N GLY Q 225 -26.38 67.79 7.61
CA GLY Q 225 -26.63 67.91 9.02
C GLY Q 225 -25.56 67.34 9.92
N ALA Q 226 -24.53 66.73 9.35
CA ALA Q 226 -23.44 66.20 10.15
C ALA Q 226 -22.42 67.30 10.42
N LYS Q 227 -22.28 67.68 11.68
CA LYS Q 227 -21.42 68.78 12.08
C LYS Q 227 -20.21 68.21 12.81
N SER Q 228 -19.03 68.42 12.25
CA SER Q 228 -17.77 68.06 12.87
C SER Q 228 -16.90 69.30 13.00
N ASP Q 229 -16.13 69.35 14.08
CA ASP Q 229 -15.28 70.50 14.32
C ASP Q 229 -14.23 70.63 13.22
N ASP Q 230 -13.88 71.89 12.89
CA ASP Q 230 -12.87 72.12 11.87
C ASP Q 230 -11.52 71.57 12.30
N ASN Q 231 -11.17 71.74 13.58
CA ASN Q 231 -9.90 71.22 14.10
C ASN Q 231 -10.16 69.85 14.70
N TYR Q 232 -10.19 68.86 13.82
CA TYR Q 232 -10.47 67.48 14.19
C TYR Q 232 -9.15 66.74 14.40
N VAL Q 233 -9.03 66.04 15.51
CA VAL Q 233 -7.82 65.31 15.85
C VAL Q 233 -8.02 63.85 15.45
N LYS Q 234 -7.18 63.36 14.54
CA LYS Q 234 -7.28 61.98 14.10
C LYS Q 234 -6.76 61.03 15.16
N THR Q 235 -7.25 59.79 15.10
CA THR Q 235 -6.76 58.71 15.94
C THR Q 235 -5.85 57.80 15.13
N ILE Q 236 -5.26 56.83 15.82
CA ILE Q 236 -4.33 55.92 15.15
C ILE Q 236 -5.07 55.05 14.14
N LYS Q 237 -6.29 54.65 14.45
CA LYS Q 237 -7.10 53.83 13.55
C LYS Q 237 -8.44 54.53 13.33
N GLU Q 238 -8.67 54.99 12.11
CA GLU Q 238 -9.92 55.64 11.75
C GLU Q 238 -10.06 55.78 10.24
N MET R 1 -20.51 19.27 -65.42
CA MET R 1 -21.26 20.24 -64.61
C MET R 1 -22.72 20.30 -65.06
N LYS R 2 -23.56 20.82 -64.18
CA LYS R 2 -24.98 20.93 -64.45
C LYS R 2 -25.55 22.02 -63.57
N LYS R 3 -26.63 22.64 -64.02
CA LYS R 3 -27.30 23.67 -63.25
C LYS R 3 -28.70 23.23 -62.90
N ILE R 4 -29.04 23.32 -61.61
CA ILE R 4 -30.37 22.99 -61.13
C ILE R 4 -30.99 24.27 -60.59
N SER R 5 -32.32 24.32 -60.62
CA SER R 5 -33.03 25.51 -60.20
C SER R 5 -32.79 25.76 -58.72
N ARG R 6 -32.72 27.05 -58.35
CA ARG R 6 -32.44 27.38 -56.96
C ARG R 6 -33.54 26.89 -56.03
N LYS R 7 -34.78 26.89 -56.50
CA LYS R 7 -35.87 26.40 -55.67
C LYS R 7 -35.67 24.92 -55.32
N GLU R 8 -35.35 24.11 -56.33
CA GLU R 8 -35.09 22.69 -56.09
C GLU R 8 -33.87 22.49 -55.21
N TYR R 9 -32.80 23.27 -55.46
CA TYR R 9 -31.60 23.14 -54.64
C TYR R 9 -31.90 23.46 -53.18
N VAL R 10 -32.66 24.52 -52.93
CA VAL R 10 -32.96 24.92 -51.56
C VAL R 10 -33.87 23.91 -50.90
N SER R 11 -34.84 23.37 -51.64
CA SER R 11 -35.67 22.32 -51.08
C SER R 11 -34.85 21.10 -50.69
N MET R 12 -33.83 20.77 -51.48
CA MET R 12 -33.02 19.60 -51.18
C MET R 12 -32.06 19.84 -50.02
N TYR R 13 -31.40 21.00 -50.01
CA TYR R 13 -30.28 21.22 -49.11
C TYR R 13 -30.43 22.42 -48.18
N GLY R 14 -31.49 23.19 -48.29
CA GLY R 14 -31.62 24.39 -47.51
C GLY R 14 -31.02 25.59 -48.21
N PRO R 15 -31.25 26.78 -47.67
CA PRO R 15 -30.79 28.00 -48.35
C PRO R 15 -29.28 28.06 -48.46
N THR R 16 -28.82 28.66 -49.54
CA THR R 16 -27.40 28.86 -49.78
C THR R 16 -27.12 30.36 -49.85
N THR R 17 -25.90 30.71 -50.26
CA THR R 17 -25.44 32.09 -50.19
C THR R 17 -26.37 33.02 -50.96
N GLY R 18 -26.75 34.12 -50.31
CA GLY R 18 -27.63 35.09 -50.90
C GLY R 18 -29.11 34.80 -50.72
N ASP R 19 -29.47 33.64 -50.19
CA ASP R 19 -30.85 33.31 -49.93
C ASP R 19 -31.29 33.86 -48.59
N LYS R 20 -32.53 34.30 -48.52
CA LYS R 20 -33.09 34.93 -47.33
C LYS R 20 -34.19 34.06 -46.76
N VAL R 21 -34.25 33.99 -45.44
CA VAL R 21 -35.27 33.23 -44.74
C VAL R 21 -35.87 34.11 -43.66
N ARG R 22 -37.20 34.09 -43.56
CA ARG R 22 -37.88 34.82 -42.50
C ARG R 22 -37.74 34.04 -41.20
N LEU R 23 -37.51 34.77 -40.10
CA LEU R 23 -37.33 34.14 -38.80
C LEU R 23 -38.69 34.08 -38.09
N GLY R 24 -39.23 32.88 -37.95
CA GLY R 24 -40.53 32.72 -37.35
C GLY R 24 -41.59 33.42 -38.16
N ASP R 25 -42.60 33.93 -37.46
CA ASP R 25 -43.62 34.77 -38.07
C ASP R 25 -43.30 36.25 -37.94
N THR R 26 -42.08 36.58 -37.56
CA THR R 26 -41.67 37.97 -37.38
C THR R 26 -41.41 38.61 -38.73
N ASP R 27 -40.93 39.84 -38.71
CA ASP R 27 -40.58 40.57 -39.92
C ASP R 27 -39.08 40.56 -40.18
N LEU R 28 -38.32 39.75 -39.44
CA LEU R 28 -36.87 39.72 -39.57
C LEU R 28 -36.47 38.72 -40.65
N ILE R 29 -35.60 39.16 -41.54
CA ILE R 29 -35.13 38.36 -42.66
C ILE R 29 -33.63 38.17 -42.51
N ALA R 30 -33.21 36.91 -42.45
CA ALA R 30 -31.80 36.56 -42.32
C ALA R 30 -31.29 36.07 -43.67
N GLU R 31 -30.16 36.62 -44.11
CA GLU R 31 -29.56 36.26 -45.38
C GLU R 31 -28.33 35.41 -45.14
N VAL R 32 -28.19 34.33 -45.91
CA VAL R 32 -27.03 33.46 -45.77
C VAL R 32 -25.81 34.20 -46.32
N GLU R 33 -24.85 34.50 -45.45
CA GLU R 33 -23.71 35.31 -45.85
C GLU R 33 -22.73 34.54 -46.70
N HIS R 34 -22.44 33.29 -46.34
N HIS R 34 -22.50 33.26 -46.37
CA HIS R 34 -21.56 32.47 -47.15
CA HIS R 34 -21.45 32.46 -46.95
C HIS R 34 -21.85 31.00 -46.87
C HIS R 34 -21.83 30.98 -46.82
N ASP R 35 -21.34 30.16 -47.74
CA ASP R 35 -21.60 28.72 -47.71
C ASP R 35 -20.29 27.97 -47.81
N TYR R 36 -20.09 27.02 -46.89
CA TYR R 36 -18.89 26.21 -46.91
C TYR R 36 -19.00 25.01 -47.84
N THR R 37 -20.20 24.66 -48.29
CA THR R 37 -20.37 23.47 -49.09
C THR R 37 -19.82 23.69 -50.50
N ILE R 38 -19.49 22.57 -51.15
CA ILE R 38 -19.10 22.54 -52.55
C ILE R 38 -20.28 21.97 -53.33
N TYR R 39 -20.80 22.75 -54.27
CA TYR R 39 -22.03 22.38 -54.95
C TYR R 39 -21.87 21.06 -55.69
N GLY R 40 -22.84 20.17 -55.52
CA GLY R 40 -22.78 18.85 -56.08
C GLY R 40 -22.16 17.80 -55.19
N GLU R 41 -21.59 18.20 -54.04
CA GLU R 41 -21.00 17.26 -53.10
C GLU R 41 -21.68 17.34 -51.73
N GLU R 42 -22.92 17.81 -51.68
CA GLU R 42 -23.59 18.00 -50.41
C GLU R 42 -23.83 16.68 -49.70
N LEU R 43 -23.76 16.71 -48.38
CA LEU R 43 -24.01 15.52 -47.57
C LEU R 43 -25.51 15.37 -47.35
N LYS R 44 -26.04 14.21 -47.71
CA LYS R 44 -27.44 13.88 -47.50
C LYS R 44 -27.53 12.48 -46.92
N PHE R 45 -28.45 12.29 -45.99
CA PHE R 45 -28.70 10.97 -45.42
C PHE R 45 -30.09 10.49 -45.83
N GLY R 46 -30.17 9.23 -46.20
CA GLY R 46 -31.43 8.68 -46.65
C GLY R 46 -31.21 7.35 -47.34
N GLY R 47 -32.22 6.91 -48.09
CA GLY R 47 -32.17 5.65 -48.79
C GLY R 47 -31.00 5.50 -49.73
N GLY R 48 -30.98 6.29 -50.79
CA GLY R 48 -29.88 6.24 -51.73
C GLY R 48 -29.12 7.54 -51.79
N LYS R 49 -28.89 8.14 -50.63
CA LYS R 49 -28.26 9.45 -50.55
C LYS R 49 -26.74 9.27 -50.43
N THR R 50 -26.03 10.34 -50.09
CA THR R 50 -24.59 10.32 -50.19
C THR R 50 -23.92 9.81 -48.92
N LEU R 51 -24.54 9.99 -47.75
CA LEU R 51 -23.92 9.56 -46.51
C LEU R 51 -23.97 8.04 -46.39
N ARG R 52 -23.19 7.35 -47.20
CA ARG R 52 -23.17 5.90 -47.24
C ARG R 52 -21.74 5.40 -47.22
N GLU R 53 -21.59 4.13 -46.86
CA GLU R 53 -20.27 3.52 -46.76
C GLU R 53 -19.52 3.61 -48.08
N GLY R 54 -18.44 4.36 -48.10
CA GLY R 54 -17.60 4.49 -49.26
C GLY R 54 -17.84 5.73 -50.10
N MET R 55 -19.00 6.38 -49.96
CA MET R 55 -19.30 7.58 -50.73
C MET R 55 -18.99 8.85 -49.93
N SER R 56 -19.68 9.06 -48.83
CA SER R 56 -19.40 10.17 -47.94
C SER R 56 -18.95 9.74 -46.57
N GLN R 57 -19.29 8.53 -46.14
CA GLN R 57 -18.72 7.94 -44.94
C GLN R 57 -17.43 7.25 -45.33
N SER R 58 -16.31 7.75 -44.82
CA SER R 58 -15.01 7.23 -45.21
C SER R 58 -14.82 5.81 -44.73
N ASN R 59 -14.21 4.98 -45.57
CA ASN R 59 -13.76 3.66 -45.15
C ASN R 59 -12.37 3.68 -44.55
N ASN R 60 -11.63 4.78 -44.74
CA ASN R 60 -10.34 5.01 -44.08
C ASN R 60 -10.40 6.39 -43.46
N PRO R 61 -11.16 6.55 -42.38
CA PRO R 61 -11.35 7.89 -41.82
C PRO R 61 -10.11 8.38 -41.10
N SER R 62 -10.07 9.69 -40.91
CA SER R 62 -9.00 10.27 -40.12
C SER R 62 -9.17 9.88 -38.64
N LYS R 63 -8.09 10.04 -37.88
CA LYS R 63 -8.16 9.72 -36.47
C LYS R 63 -9.03 10.70 -35.69
N GLU R 64 -9.34 11.85 -36.27
CA GLU R 64 -10.28 12.82 -35.70
C GLU R 64 -11.69 12.59 -36.20
N GLU R 65 -12.04 11.35 -36.50
CA GLU R 65 -13.35 11.02 -37.05
C GLU R 65 -14.46 11.48 -36.11
N LEU R 66 -15.47 12.15 -36.68
CA LEU R 66 -16.52 12.77 -35.89
C LEU R 66 -17.41 11.72 -35.24
N ASP R 67 -17.92 12.07 -34.06
CA ASP R 67 -18.95 11.28 -33.40
C ASP R 67 -20.34 11.61 -33.94
N LEU R 68 -20.59 12.88 -34.25
CA LEU R 68 -21.86 13.31 -34.81
C LEU R 68 -21.59 14.41 -35.82
N ILE R 69 -22.33 14.40 -36.92
CA ILE R 69 -22.25 15.47 -37.91
C ILE R 69 -23.66 15.98 -38.19
N ILE R 70 -23.82 17.29 -38.15
CA ILE R 70 -25.06 17.96 -38.54
C ILE R 70 -24.85 18.49 -39.94
N THR R 71 -25.65 18.03 -40.89
CA THR R 71 -25.42 18.32 -42.30
C THR R 71 -26.28 19.49 -42.76
N ASN R 72 -25.66 20.38 -43.55
CA ASN R 72 -26.38 21.45 -44.26
C ASN R 72 -27.13 22.36 -43.30
N ALA R 73 -26.55 22.62 -42.14
CA ALA R 73 -27.21 23.45 -41.15
C ALA R 73 -26.97 24.92 -41.45
N LEU R 74 -28.01 25.74 -41.25
CA LEU R 74 -27.86 27.18 -41.34
C LEU R 74 -27.48 27.67 -39.96
N ILE R 75 -26.19 27.91 -39.75
CA ILE R 75 -25.71 28.40 -38.46
C ILE R 75 -26.04 29.88 -38.35
N VAL R 76 -26.78 30.23 -37.30
CA VAL R 76 -27.06 31.62 -36.97
C VAL R 76 -26.32 31.90 -35.67
N ASP R 77 -25.33 32.78 -35.74
CA ASP R 77 -24.44 33.01 -34.63
C ASP R 77 -23.97 34.45 -34.69
N TYR R 78 -23.46 34.95 -33.56
CA TYR R 78 -22.88 36.29 -33.57
C TYR R 78 -21.66 36.36 -34.48
N THR R 79 -21.02 35.23 -34.76
CA THR R 79 -19.90 35.20 -35.69
C THR R 79 -20.32 35.24 -37.14
N GLY R 80 -21.60 35.08 -37.43
CA GLY R 80 -22.09 35.16 -38.79
C GLY R 80 -23.26 34.23 -39.01
N ILE R 81 -24.03 34.53 -40.04
CA ILE R 81 -25.15 33.71 -40.46
C ILE R 81 -24.72 33.02 -41.75
N TYR R 82 -24.33 31.75 -41.65
CA TYR R 82 -23.77 31.06 -42.80
C TYR R 82 -24.27 29.63 -42.82
N LYS R 83 -23.85 28.88 -43.83
CA LYS R 83 -24.31 27.52 -44.05
C LYS R 83 -23.12 26.58 -43.99
N ALA R 84 -23.23 25.52 -43.19
CA ALA R 84 -22.10 24.63 -43.04
C ALA R 84 -22.56 23.31 -42.42
N ASP R 85 -21.61 22.38 -42.33
CA ASP R 85 -21.80 21.16 -41.57
C ASP R 85 -21.05 21.29 -40.25
N ILE R 86 -21.71 20.93 -39.16
CA ILE R 86 -21.12 21.02 -37.84
C ILE R 86 -20.70 19.63 -37.41
N GLY R 87 -19.43 19.47 -37.08
CA GLY R 87 -18.91 18.22 -36.59
C GLY R 87 -18.71 18.28 -35.09
N ILE R 88 -19.19 17.25 -34.41
CA ILE R 88 -19.09 17.16 -32.96
C ILE R 88 -18.28 15.94 -32.61
N LYS R 89 -17.27 16.11 -31.77
CA LYS R 89 -16.42 15.02 -31.34
C LYS R 89 -16.05 15.19 -29.88
N ASP R 90 -16.29 14.16 -29.08
CA ASP R 90 -15.94 14.15 -27.66
C ASP R 90 -16.61 15.30 -26.91
N GLY R 91 -17.84 15.61 -27.28
CA GLY R 91 -18.62 16.60 -26.57
C GLY R 91 -18.32 18.04 -26.94
N LYS R 92 -17.38 18.28 -27.84
CA LYS R 92 -17.06 19.62 -28.30
C LYS R 92 -17.40 19.74 -29.78
N ILE R 93 -17.45 20.98 -30.26
CA ILE R 93 -17.61 21.23 -31.67
C ILE R 93 -16.24 21.01 -32.33
N ALA R 94 -16.11 19.91 -33.06
CA ALA R 94 -14.81 19.53 -33.61
C ALA R 94 -14.45 20.36 -34.83
N GLY R 95 -15.43 20.72 -35.64
CA GLY R 95 -15.16 21.52 -36.81
C GLY R 95 -16.42 22.04 -37.46
N ILE R 96 -16.29 23.14 -38.19
CA ILE R 96 -17.39 23.74 -38.92
C ILE R 96 -16.92 23.96 -40.35
N GLY R 97 -17.65 23.40 -41.30
CA GLY R 97 -17.28 23.54 -42.69
C GLY R 97 -17.83 22.43 -43.55
N LYS R 98 -17.04 21.99 -44.53
CA LYS R 98 -17.44 20.93 -45.43
C LYS R 98 -16.97 19.60 -44.87
N GLY R 99 -17.90 18.75 -44.46
CA GLY R 99 -17.59 17.43 -43.97
C GLY R 99 -17.79 16.38 -45.05
N GLY R 100 -17.32 15.18 -44.76
CA GLY R 100 -17.51 14.08 -45.68
C GLY R 100 -16.33 13.14 -45.77
N ASN R 101 -16.11 12.56 -46.94
CA ASN R 101 -15.08 11.56 -47.17
C ASN R 101 -13.99 12.17 -48.03
N LYS R 102 -12.77 12.17 -47.50
CA LYS R 102 -11.63 12.69 -48.25
C LYS R 102 -11.29 11.81 -49.45
N ASP R 103 -11.68 10.54 -49.43
CA ASP R 103 -11.36 9.63 -50.53
C ASP R 103 -12.14 9.97 -51.78
N MET R 104 -13.36 10.48 -51.64
CA MET R 104 -14.23 10.68 -52.79
C MET R 104 -14.73 12.11 -52.95
N GLN R 105 -14.30 13.03 -52.10
CA GLN R 105 -14.72 14.43 -52.20
C GLN R 105 -13.52 15.33 -51.93
N ASP R 106 -13.59 16.53 -52.49
CA ASP R 106 -12.54 17.52 -52.33
C ASP R 106 -12.89 18.51 -51.23
N GLY R 107 -11.86 19.12 -50.67
CA GLY R 107 -12.05 20.14 -49.65
C GLY R 107 -12.63 19.63 -48.34
N VAL R 108 -12.17 18.49 -47.87
CA VAL R 108 -12.63 17.91 -46.61
C VAL R 108 -11.44 17.89 -45.66
N LYS R 109 -11.52 18.69 -44.60
CA LYS R 109 -10.43 18.75 -43.63
C LYS R 109 -10.44 17.50 -42.74
N ASN R 110 -9.32 17.30 -42.04
CA ASN R 110 -9.18 16.12 -41.20
C ASN R 110 -10.15 16.14 -40.02
N ASN R 111 -10.51 17.31 -39.53
CA ASN R 111 -11.38 17.40 -38.36
C ASN R 111 -12.85 17.30 -38.73
N LEU R 112 -13.20 17.21 -40.00
CA LEU R 112 -14.57 17.04 -40.44
C LEU R 112 -14.76 15.73 -41.18
N SER R 113 -13.99 14.72 -40.81
CA SER R 113 -14.03 13.43 -41.49
C SER R 113 -15.19 12.61 -40.96
N VAL R 114 -16.09 12.21 -41.86
CA VAL R 114 -17.19 11.33 -41.51
C VAL R 114 -16.74 9.89 -41.70
N GLY R 115 -16.91 9.07 -40.67
CA GLY R 115 -16.50 7.69 -40.75
C GLY R 115 -17.54 6.76 -40.18
N PRO R 116 -17.18 5.48 -40.02
CA PRO R 116 -18.14 4.51 -39.51
C PRO R 116 -18.59 4.77 -38.08
N ALA R 117 -17.86 5.58 -37.31
CA ALA R 117 -18.24 5.90 -35.95
C ALA R 117 -19.11 7.15 -35.87
N THR R 118 -19.58 7.66 -36.99
CA THR R 118 -20.27 8.94 -37.04
C THR R 118 -21.77 8.73 -37.15
N GLU R 119 -22.52 9.41 -36.29
CA GLU R 119 -23.96 9.54 -36.43
C GLU R 119 -24.27 10.77 -37.28
N ALA R 120 -25.37 10.70 -38.01
CA ALA R 120 -25.77 11.77 -38.93
C ALA R 120 -27.04 12.44 -38.42
N LEU R 121 -27.09 13.76 -38.54
CA LEU R 121 -28.24 14.54 -38.16
C LEU R 121 -28.54 15.52 -39.28
N ALA R 122 -29.70 15.38 -39.90
CA ALA R 122 -30.06 16.20 -41.05
C ALA R 122 -30.47 17.58 -40.58
N GLY R 123 -29.61 18.57 -40.82
CA GLY R 123 -29.92 19.95 -40.53
C GLY R 123 -30.39 20.76 -41.72
N GLU R 124 -30.64 20.12 -42.86
CA GLU R 124 -31.06 20.85 -44.05
C GLU R 124 -32.40 21.51 -43.83
N GLY R 125 -32.46 22.80 -44.11
CA GLY R 125 -33.66 23.56 -43.80
C GLY R 125 -33.83 23.88 -42.35
N LEU R 126 -32.80 23.70 -41.53
CA LEU R 126 -32.87 23.94 -40.09
C LEU R 126 -31.80 24.94 -39.69
N ILE R 127 -32.15 25.79 -38.74
CA ILE R 127 -31.25 26.78 -38.18
C ILE R 127 -30.62 26.19 -36.93
N VAL R 128 -29.31 26.35 -36.80
CA VAL R 128 -28.60 25.92 -35.61
C VAL R 128 -28.10 27.16 -34.90
N THR R 129 -28.43 27.28 -33.61
CA THR R 129 -27.88 28.33 -32.78
C THR R 129 -27.25 27.72 -31.54
N ALA R 130 -26.49 28.54 -30.83
CA ALA R 130 -26.00 28.13 -29.53
C ALA R 130 -27.16 28.13 -28.53
N GLY R 131 -27.04 27.30 -27.50
CA GLY R 131 -28.05 27.28 -26.47
C GLY R 131 -28.10 28.60 -25.72
N GLY R 132 -29.29 28.95 -25.27
CA GLY R 132 -29.44 30.15 -24.49
C GLY R 132 -28.75 30.07 -23.15
N ILE R 133 -28.41 31.25 -22.63
CA ILE R 133 -27.77 31.38 -21.33
C ILE R 133 -28.60 32.38 -20.54
N ASP R 134 -29.28 31.91 -19.52
CA ASP R 134 -30.11 32.75 -18.67
C ASP R 134 -29.38 32.96 -17.35
N THR R 135 -29.11 34.21 -17.01
CA THR R 135 -28.21 34.54 -15.91
C THR R 135 -28.92 35.13 -14.70
N HIS R 136 -30.24 35.22 -14.72
CA HIS R 136 -30.99 35.81 -13.62
C HIS R 136 -31.90 34.80 -12.94
N ILE R 137 -31.54 33.52 -13.01
CA ILE R 137 -32.49 32.48 -12.64
C ILE R 137 -32.69 32.46 -11.13
N HIS R 138 -33.91 32.68 -10.68
CA HIS R 138 -34.28 32.41 -9.31
C HIS R 138 -34.62 30.93 -9.20
N PHE R 139 -33.74 30.16 -8.58
CA PHE R 139 -33.98 28.72 -8.49
C PHE R 139 -35.08 28.46 -7.48
N ILE R 140 -36.31 28.76 -7.85
CA ILE R 140 -37.45 28.62 -6.94
C ILE R 140 -37.97 27.19 -6.99
N SER R 141 -38.12 26.63 -8.17
CA SER R 141 -38.52 25.25 -8.31
C SER R 141 -37.68 24.58 -9.38
N PRO R 142 -37.41 23.28 -9.24
CA PRO R 142 -36.71 22.56 -10.30
C PRO R 142 -37.50 22.43 -11.59
N GLN R 143 -38.81 22.67 -11.57
CA GLN R 143 -39.60 22.60 -12.78
C GLN R 143 -39.30 23.73 -13.74
N GLN R 144 -38.60 24.77 -13.28
CA GLN R 144 -38.15 25.81 -14.20
C GLN R 144 -37.15 25.27 -15.21
N ILE R 145 -36.33 24.31 -14.78
CA ILE R 145 -35.25 23.83 -15.65
C ILE R 145 -35.78 23.16 -16.91
N PRO R 146 -36.71 22.20 -16.85
CA PRO R 146 -37.25 21.67 -18.10
C PRO R 146 -37.98 22.69 -18.95
N THR R 147 -38.63 23.67 -18.33
CA THR R 147 -39.32 24.71 -19.11
C THR R 147 -38.33 25.54 -19.91
N ALA R 148 -37.25 26.00 -19.26
CA ALA R 148 -36.22 26.74 -19.97
C ALA R 148 -35.55 25.88 -21.02
N PHE R 149 -35.30 24.62 -20.70
CA PHE R 149 -34.67 23.71 -21.65
C PHE R 149 -35.52 23.54 -22.89
N ALA R 150 -36.83 23.37 -22.71
CA ALA R 150 -37.72 23.27 -23.87
C ALA R 150 -37.81 24.58 -24.61
N SER R 151 -37.62 25.70 -23.92
CA SER R 151 -37.62 26.99 -24.62
C SER R 151 -36.34 27.21 -25.42
N GLY R 152 -35.26 26.52 -25.08
CA GLY R 152 -34.05 26.62 -25.86
C GLY R 152 -32.87 27.16 -25.06
N VAL R 153 -33.00 27.17 -23.75
CA VAL R 153 -31.96 27.63 -22.85
C VAL R 153 -31.18 26.42 -22.37
N THR R 154 -29.87 26.45 -22.52
CA THR R 154 -29.04 25.33 -22.10
C THR R 154 -28.16 25.64 -20.90
N THR R 155 -27.98 26.91 -20.54
CA THR R 155 -27.21 27.26 -19.36
C THR R 155 -28.03 28.17 -18.47
N MET R 156 -28.07 27.85 -17.18
CA MET R 156 -28.78 28.63 -16.19
C MET R 156 -27.80 29.01 -15.08
N ILE R 157 -27.57 30.30 -14.93
CA ILE R 157 -26.79 30.85 -13.84
C ILE R 157 -27.74 31.60 -12.95
N GLY R 158 -27.71 31.29 -11.67
CA GLY R 158 -28.60 31.95 -10.75
C GLY R 158 -28.35 31.51 -9.34
N GLY R 159 -29.35 31.73 -8.50
CA GLY R 159 -29.22 31.35 -7.11
C GLY R 159 -30.57 31.01 -6.54
N GLY R 160 -30.55 30.40 -5.37
CA GLY R 160 -31.78 30.02 -4.73
C GLY R 160 -31.66 28.69 -4.02
N THR R 161 -32.62 28.38 -3.18
CA THR R 161 -32.61 27.15 -2.41
C THR R 161 -33.99 26.51 -2.37
N GLY R 162 -34.79 26.74 -3.42
CA GLY R 162 -36.16 26.30 -3.40
C GLY R 162 -37.08 27.46 -3.09
N PRO R 163 -38.34 27.16 -2.84
CA PRO R 163 -39.32 28.24 -2.67
C PRO R 163 -39.26 28.90 -1.29
N ALA R 164 -38.06 29.19 -0.83
CA ALA R 164 -37.93 30.05 0.33
C ALA R 164 -38.20 31.49 -0.08
N ASP R 165 -38.51 32.34 0.90
CA ASP R 165 -38.81 33.73 0.59
C ASP R 165 -37.56 34.47 0.13
N GLY R 166 -36.40 34.13 0.70
CA GLY R 166 -35.17 34.71 0.22
C GLY R 166 -34.91 34.39 -1.24
N THR R 167 -35.27 33.18 -1.67
CA THR R 167 -35.10 32.83 -3.08
C THR R 167 -36.18 33.46 -3.94
N ASN R 168 -37.41 33.53 -3.44
CA ASN R 168 -38.48 34.20 -4.17
C ASN R 168 -38.12 35.64 -4.48
N ALA R 169 -37.41 36.29 -3.56
CA ALA R 169 -37.01 37.66 -3.79
C ALA R 169 -35.70 37.79 -4.56
N THR R 170 -34.71 36.96 -4.24
CA THR R 170 -33.34 37.19 -4.67
C THR R 170 -32.79 35.99 -5.43
N THR R 171 -31.77 36.26 -6.23
CA THR R 171 -31.06 35.24 -7.01
C THR R 171 -29.81 34.77 -6.25
N ILE R 172 -30.03 34.29 -5.03
CA ILE R 172 -28.94 34.09 -4.08
C ILE R 172 -29.00 32.68 -3.51
N THR R 173 -27.87 31.98 -3.53
CA THR R 173 -27.68 30.72 -2.82
C THR R 173 -26.75 31.00 -1.66
N PRO R 174 -27.26 31.22 -0.46
CA PRO R 174 -26.41 31.72 0.62
C PRO R 174 -25.68 30.63 1.38
N GLY R 175 -24.36 30.68 1.38
CA GLY R 175 -23.59 29.90 2.32
C GLY R 175 -23.05 28.62 1.72
N ARG R 176 -22.04 28.07 2.39
CA ARG R 176 -21.38 26.86 1.93
C ARG R 176 -22.33 25.67 1.94
N ARG R 177 -23.12 25.52 3.01
CA ARG R 177 -24.00 24.36 3.12
C ARG R 177 -25.11 24.41 2.07
N ASN R 178 -25.72 25.58 1.86
CA ASN R 178 -26.76 25.69 0.85
C ASN R 178 -26.17 25.52 -0.55
N LEU R 179 -24.94 26.01 -0.76
CA LEU R 179 -24.28 25.78 -2.03
C LEU R 179 -24.05 24.30 -2.26
N LYS R 180 -23.67 23.56 -1.22
CA LYS R 180 -23.51 22.13 -1.35
C LYS R 180 -24.83 21.45 -1.67
N TRP R 181 -25.91 21.87 -1.00
CA TRP R 181 -27.23 21.35 -1.31
C TRP R 181 -27.55 21.52 -2.79
N MET R 182 -27.37 22.73 -3.30
CA MET R 182 -27.74 23.01 -4.69
C MET R 182 -26.82 22.31 -5.66
N LEU R 183 -25.52 22.25 -5.37
CA LEU R 183 -24.60 21.58 -6.28
C LEU R 183 -24.89 20.09 -6.36
N ARG R 184 -25.24 19.48 -5.23
CA ARG R 184 -25.57 18.06 -5.27
C ARG R 184 -26.94 17.81 -5.87
N ALA R 185 -27.87 18.75 -5.75
CA ALA R 185 -29.15 18.60 -6.43
C ALA R 185 -29.00 18.79 -7.93
N ALA R 186 -28.01 19.56 -8.36
CA ALA R 186 -27.83 19.85 -9.78
C ALA R 186 -27.54 18.61 -10.61
N GLU R 187 -27.11 17.52 -9.98
CA GLU R 187 -26.80 16.31 -10.73
C GLU R 187 -28.01 15.75 -11.45
N GLU R 188 -29.22 16.13 -11.05
CA GLU R 188 -30.43 15.57 -11.62
C GLU R 188 -30.76 16.14 -12.99
N TYR R 189 -30.39 17.39 -13.26
CA TYR R 189 -30.97 18.13 -14.36
C TYR R 189 -30.09 18.10 -15.60
N SER R 190 -30.74 18.27 -16.75
CA SER R 190 -30.05 18.36 -18.04
C SER R 190 -29.96 19.83 -18.41
N MET R 191 -29.00 20.51 -17.82
CA MET R 191 -28.78 21.93 -18.03
C MET R 191 -27.47 22.31 -17.36
N ASN R 192 -26.66 23.12 -18.04
CA ASN R 192 -25.48 23.65 -17.38
C ASN R 192 -25.91 24.61 -16.29
N LEU R 193 -25.29 24.51 -15.13
CA LEU R 193 -25.77 25.24 -13.96
C LEU R 193 -24.63 25.98 -13.29
N GLY R 194 -24.92 27.21 -12.88
CA GLY R 194 -23.99 27.98 -12.08
C GLY R 194 -24.71 28.68 -10.96
N PHE R 195 -24.09 28.79 -9.79
CA PHE R 195 -24.76 29.33 -8.63
C PHE R 195 -24.05 30.55 -8.11
N LEU R 196 -24.83 31.55 -7.71
CA LEU R 196 -24.34 32.80 -7.16
C LEU R 196 -24.54 32.80 -5.66
N ALA R 197 -23.57 33.36 -4.94
CA ALA R 197 -23.61 33.44 -3.50
C ALA R 197 -24.21 34.77 -3.06
N LYS R 198 -24.38 34.91 -1.75
CA LYS R 198 -24.89 36.15 -1.18
C LYS R 198 -23.76 37.15 -1.07
N GLY R 199 -23.91 38.28 -1.75
CA GLY R 199 -22.90 39.32 -1.68
C GLY R 199 -23.19 40.36 -0.63
N ASN R 200 -24.41 40.36 -0.10
CA ASN R 200 -24.83 41.33 0.91
C ASN R 200 -24.23 40.94 2.25
N ALA R 201 -22.95 41.25 2.40
CA ALA R 201 -22.26 41.03 3.65
C ALA R 201 -21.00 41.89 3.66
N SER R 202 -20.73 42.51 4.80
CA SER R 202 -19.50 43.26 4.98
C SER R 202 -18.39 42.41 5.56
N ASN R 203 -18.45 41.09 5.38
CA ASN R 203 -17.48 40.16 5.94
C ASN R 203 -16.74 39.49 4.79
N ASP R 204 -15.49 39.92 4.59
CA ASP R 204 -14.67 39.35 3.53
C ASP R 204 -14.48 37.85 3.73
N ALA R 205 -14.35 37.41 4.98
CA ALA R 205 -14.19 35.99 5.25
C ALA R 205 -15.41 35.20 4.79
N SER R 206 -16.61 35.68 5.09
CA SER R 206 -17.82 34.98 4.67
C SER R 206 -17.95 34.96 3.15
N LEU R 207 -17.67 36.08 2.49
CA LEU R 207 -17.77 36.13 1.04
C LEU R 207 -16.78 35.16 0.40
N ALA R 208 -15.53 35.18 0.89
CA ALA R 208 -14.52 34.28 0.36
C ALA R 208 -14.89 32.83 0.61
N ASP R 209 -15.49 32.55 1.77
CA ASP R 209 -15.90 31.18 2.06
C ASP R 209 -16.96 30.71 1.07
N GLN R 210 -17.90 31.57 0.71
CA GLN R 210 -18.89 31.17 -0.29
C GLN R 210 -18.23 30.91 -1.64
N ILE R 211 -17.30 31.77 -2.05
CA ILE R 211 -16.66 31.56 -3.34
C ILE R 211 -15.88 30.25 -3.34
N GLU R 212 -15.15 29.97 -2.27
CA GLU R 212 -14.41 28.71 -2.20
C GLU R 212 -15.35 27.52 -2.07
N ALA R 213 -16.56 27.74 -1.55
CA ALA R 213 -17.55 26.68 -1.50
C ALA R 213 -18.13 26.38 -2.87
N GLY R 214 -18.06 27.31 -3.80
CA GLY R 214 -18.34 26.92 -5.17
C GLY R 214 -19.15 27.89 -6.01
N ALA R 215 -19.53 29.02 -5.44
CA ALA R 215 -20.27 30.01 -6.21
C ALA R 215 -19.40 30.60 -7.31
N ILE R 216 -20.01 30.86 -8.47
CA ILE R 216 -19.30 31.50 -9.56
C ILE R 216 -19.37 33.01 -9.51
N GLY R 217 -20.00 33.57 -8.49
CA GLY R 217 -20.10 35.02 -8.39
C GLY R 217 -20.95 35.39 -7.21
N PHE R 218 -21.12 36.69 -7.04
CA PHE R 218 -21.91 37.25 -5.97
C PHE R 218 -23.16 37.91 -6.53
N LYS R 219 -24.23 37.86 -5.76
CA LYS R 219 -25.43 38.63 -6.05
C LYS R 219 -25.70 39.55 -4.87
N ILE R 220 -25.75 40.84 -5.13
CA ILE R 220 -26.08 41.83 -4.12
C ILE R 220 -27.51 42.28 -4.41
N HIS R 221 -28.46 41.83 -3.61
CA HIS R 221 -29.87 42.11 -3.84
C HIS R 221 -30.38 43.06 -2.77
N GLU R 222 -31.28 43.97 -3.18
CA GLU R 222 -31.83 44.93 -2.23
C GLU R 222 -32.54 44.25 -1.06
N ASP R 223 -33.13 43.08 -1.27
CA ASP R 223 -33.90 42.45 -0.21
C ASP R 223 -33.03 41.91 0.91
N TRP R 224 -31.75 41.65 0.64
CA TRP R 224 -30.80 41.33 1.69
C TRP R 224 -30.02 42.55 2.16
N GLY R 225 -30.27 43.71 1.56
CA GLY R 225 -29.60 44.94 1.95
C GLY R 225 -28.51 45.32 0.97
N THR R 226 -28.80 46.22 0.04
CA THR R 226 -27.82 46.69 -0.92
C THR R 226 -27.28 48.01 -0.38
N THR R 227 -26.21 47.91 0.37
CA THR R 227 -25.58 49.08 0.94
C THR R 227 -24.22 49.30 0.29
N PRO R 228 -23.73 50.53 0.29
CA PRO R 228 -22.40 50.77 -0.31
C PRO R 228 -21.30 49.95 0.34
N SER R 229 -21.37 49.72 1.65
CA SER R 229 -20.37 48.89 2.30
C SER R 229 -20.39 47.47 1.75
N ALA R 230 -21.58 46.90 1.59
CA ALA R 230 -21.69 45.55 1.03
C ALA R 230 -21.17 45.51 -0.40
N ILE R 231 -21.53 46.52 -1.20
CA ILE R 231 -21.07 46.56 -2.58
C ILE R 231 -19.55 46.59 -2.63
N ASN R 232 -18.95 47.44 -1.79
CA ASN R 232 -17.50 47.59 -1.80
C ASN R 232 -16.82 46.30 -1.39
N HIS R 233 -17.30 45.66 -0.32
CA HIS R 233 -16.66 44.44 0.15
C HIS R 233 -16.81 43.30 -0.85
N ALA R 234 -18.01 43.16 -1.42
CA ALA R 234 -18.22 42.10 -2.41
C ALA R 234 -17.33 42.31 -3.63
N LEU R 235 -17.19 43.56 -4.07
CA LEU R 235 -16.34 43.82 -5.22
C LEU R 235 -14.87 43.55 -4.90
N ASP R 236 -14.43 43.87 -3.69
CA ASP R 236 -13.06 43.55 -3.30
C ASP R 236 -12.81 42.05 -3.34
N VAL R 237 -13.71 41.27 -2.72
CA VAL R 237 -13.52 39.82 -2.69
C VAL R 237 -13.61 39.24 -4.09
N ALA R 238 -14.51 39.77 -4.92
CA ALA R 238 -14.65 39.25 -6.27
C ALA R 238 -13.44 39.59 -7.13
N ASP R 239 -12.83 40.75 -6.92
CA ASP R 239 -11.59 41.03 -7.63
C ASP R 239 -10.47 40.10 -7.15
N LYS R 240 -10.49 39.73 -5.88
CA LYS R 240 -9.51 38.75 -5.40
C LYS R 240 -9.71 37.39 -6.04
N TYR R 241 -10.95 36.94 -6.19
CA TYR R 241 -11.23 35.57 -6.61
C TYR R 241 -11.65 35.41 -8.06
N ASP R 242 -11.67 36.50 -8.85
CA ASP R 242 -12.03 36.47 -10.26
C ASP R 242 -13.42 35.84 -10.47
N VAL R 243 -14.42 36.46 -9.87
CA VAL R 243 -15.81 36.06 -10.06
C VAL R 243 -16.66 37.29 -10.34
N GLN R 244 -17.74 37.10 -11.06
CA GLN R 244 -18.63 38.20 -11.39
C GLN R 244 -19.43 38.65 -10.17
N VAL R 245 -19.84 39.92 -10.18
CA VAL R 245 -20.77 40.46 -9.20
C VAL R 245 -21.96 41.01 -9.96
N ALA R 246 -23.15 40.55 -9.59
CA ALA R 246 -24.41 41.09 -10.09
C ALA R 246 -25.09 41.87 -8.98
N ILE R 247 -25.84 42.89 -9.37
CA ILE R 247 -26.48 43.77 -8.39
C ILE R 247 -27.91 44.06 -8.81
N HIS R 248 -28.80 44.03 -7.83
CA HIS R 248 -30.16 44.54 -7.93
C HIS R 248 -30.25 45.63 -6.85
N THR R 249 -30.20 46.88 -7.31
CA THR R 249 -29.89 48.01 -6.45
C THR R 249 -31.03 48.32 -5.49
N ASP R 250 -30.75 49.26 -4.57
CA ASP R 250 -31.69 49.63 -3.52
C ASP R 250 -32.86 50.41 -4.12
N THR R 251 -34.07 49.90 -3.90
CA THR R 251 -35.27 50.57 -4.39
C THR R 251 -35.65 51.77 -3.53
N LEU R 252 -35.36 51.74 -2.24
CA LEU R 252 -35.87 52.73 -1.31
C LEU R 252 -34.98 53.95 -1.16
N ASN R 253 -33.81 53.97 -1.78
CA ASN R 253 -32.82 55.03 -1.58
C ASN R 253 -32.49 55.22 -0.11
N GLU R 254 -32.49 54.11 0.65
CA GLU R 254 -32.26 54.18 2.08
C GLU R 254 -30.88 54.72 2.39
N ALA R 255 -29.85 54.14 1.80
CA ALA R 255 -28.48 54.54 2.06
C ALA R 255 -27.94 55.55 1.06
N GLY R 256 -28.56 55.67 -0.10
CA GLY R 256 -28.09 56.62 -1.08
C GLY R 256 -28.79 56.41 -2.40
N CYS R 257 -28.46 57.28 -3.34
CA CYS R 257 -29.04 57.26 -4.66
C CYS R 257 -28.13 56.52 -5.65
N VAL R 258 -28.45 56.65 -6.94
CA VAL R 258 -27.68 55.97 -7.98
C VAL R 258 -26.23 56.45 -7.96
N GLU R 259 -26.01 57.72 -7.68
CA GLU R 259 -24.65 58.24 -7.60
C GLU R 259 -23.87 57.57 -6.48
N ASP R 260 -24.49 57.37 -5.33
CA ASP R 260 -23.82 56.69 -4.22
C ASP R 260 -23.54 55.24 -4.55
N THR R 261 -24.49 54.56 -5.21
CA THR R 261 -24.26 53.18 -5.62
C THR R 261 -23.09 53.10 -6.60
N MET R 262 -23.05 54.02 -7.58
CA MET R 262 -21.97 54.02 -8.55
C MET R 262 -20.63 54.36 -7.91
N ALA R 263 -20.64 55.24 -6.90
CA ALA R 263 -19.41 55.54 -6.18
C ALA R 263 -18.91 54.31 -5.42
N ALA R 264 -19.83 53.56 -4.82
CA ALA R 264 -19.43 52.32 -4.15
C ALA R 264 -18.89 51.32 -5.14
N ILE R 265 -19.49 51.23 -6.33
CA ILE R 265 -18.97 50.34 -7.36
C ILE R 265 -17.58 50.77 -7.78
N ALA R 266 -17.35 52.06 -7.92
CA ALA R 266 -16.02 52.63 -8.12
C ALA R 266 -15.36 52.11 -9.39
N GLY R 267 -16.12 52.07 -10.49
CA GLY R 267 -15.55 51.73 -11.78
C GLY R 267 -15.03 50.31 -11.89
N ARG R 268 -15.65 49.37 -11.19
CA ARG R 268 -15.32 47.96 -11.28
C ARG R 268 -16.42 47.24 -12.01
N THR R 269 -16.08 46.14 -12.68
CA THR R 269 -17.04 45.45 -13.51
C THR R 269 -18.19 44.93 -12.67
N MET R 270 -19.40 45.28 -13.08
CA MET R 270 -20.60 44.92 -12.34
C MET R 270 -21.72 44.61 -13.34
N HIS R 271 -22.44 43.53 -13.09
CA HIS R 271 -23.54 43.11 -13.94
C HIS R 271 -24.84 43.53 -13.27
N THR R 272 -25.60 44.41 -13.90
CA THR R 272 -26.76 45.02 -13.27
C THR R 272 -28.04 44.37 -13.77
N PHE R 273 -28.90 43.97 -12.83
CA PHE R 273 -30.24 43.50 -13.13
C PHE R 273 -31.18 44.70 -13.13
N HIS R 274 -32.17 44.66 -14.01
CA HIS R 274 -33.18 45.71 -14.12
C HIS R 274 -32.52 47.08 -14.26
N THR R 275 -31.65 47.20 -15.26
CA THR R 275 -30.96 48.47 -15.47
C THR R 275 -31.94 49.59 -15.81
N GLU R 276 -33.15 49.25 -16.23
CA GLU R 276 -34.21 50.22 -16.39
C GLU R 276 -34.84 50.64 -15.06
N GLY R 277 -34.50 49.96 -13.96
CA GLY R 277 -35.03 50.30 -12.67
C GLY R 277 -36.12 49.37 -12.18
N ALA R 278 -36.99 48.95 -13.10
CA ALA R 278 -38.12 48.07 -12.78
C ALA R 278 -38.98 48.67 -11.66
N GLY R 279 -39.16 49.99 -11.72
CA GLY R 279 -39.97 50.68 -10.75
C GLY R 279 -39.26 51.05 -9.45
N GLY R 280 -37.96 50.81 -9.36
CA GLY R 280 -37.24 51.14 -8.15
C GLY R 280 -37.02 52.64 -8.00
N GLY R 281 -36.61 53.03 -6.79
CA GLY R 281 -36.33 54.43 -6.54
C GLY R 281 -35.15 54.98 -7.31
N HIS R 282 -34.24 54.10 -7.74
CA HIS R 282 -33.15 54.53 -8.61
C HIS R 282 -33.64 54.89 -10.00
N ALA R 283 -34.82 54.41 -10.39
CA ALA R 283 -35.39 54.76 -11.68
C ALA R 283 -35.84 56.22 -11.66
N PRO R 284 -35.73 56.91 -12.81
CA PRO R 284 -35.17 56.39 -14.06
C PRO R 284 -33.68 56.65 -14.15
N ASP R 285 -33.09 57.22 -13.11
CA ASP R 285 -31.69 57.61 -13.15
C ASP R 285 -30.76 56.40 -13.22
N ILE R 286 -31.20 55.22 -12.78
CA ILE R 286 -30.35 54.05 -12.89
C ILE R 286 -30.09 53.66 -14.34
N ILE R 287 -30.95 54.10 -15.26
CA ILE R 287 -30.68 53.88 -16.67
C ILE R 287 -29.39 54.57 -17.10
N LYS R 288 -28.98 55.60 -16.36
CA LYS R 288 -27.74 56.29 -16.70
C LYS R 288 -26.53 55.37 -16.61
N VAL R 289 -26.57 54.38 -15.72
CA VAL R 289 -25.42 53.49 -15.57
C VAL R 289 -25.25 52.59 -16.78
N ALA R 290 -26.27 52.47 -17.62
CA ALA R 290 -26.15 51.67 -18.83
C ALA R 290 -25.20 52.29 -19.85
N GLY R 291 -24.79 53.55 -19.64
CA GLY R 291 -23.79 54.15 -20.49
C GLY R 291 -22.38 54.03 -19.98
N GLU R 292 -22.18 53.55 -18.76
CA GLU R 292 -20.85 53.39 -18.22
C GLU R 292 -20.18 52.15 -18.80
N HIS R 293 -18.85 52.18 -18.85
CA HIS R 293 -18.10 51.06 -19.40
C HIS R 293 -18.15 49.84 -18.48
N ASN R 294 -18.01 50.06 -17.17
CA ASN R 294 -17.86 48.95 -16.24
C ASN R 294 -19.16 48.23 -15.94
N ILE R 295 -20.29 48.73 -16.42
CA ILE R 295 -21.58 48.15 -16.13
C ILE R 295 -22.03 47.30 -17.31
N LEU R 296 -22.32 46.03 -17.06
CA LEU R 296 -22.96 45.18 -18.04
C LEU R 296 -24.44 45.19 -17.74
N PRO R 297 -25.27 45.84 -18.54
CA PRO R 297 -26.69 45.97 -18.20
C PRO R 297 -27.54 44.85 -18.77
N ALA R 298 -28.46 44.37 -17.94
CA ALA R 298 -29.40 43.37 -18.37
C ALA R 298 -30.82 43.85 -18.11
N SER R 299 -31.73 43.38 -18.95
CA SER R 299 -33.14 43.70 -18.83
C SER R 299 -33.94 42.42 -18.74
N THR R 300 -35.04 42.47 -18.01
CA THR R 300 -35.82 41.28 -17.73
C THR R 300 -36.96 41.12 -18.74
N ASN R 301 -37.50 39.91 -18.76
CA ASN R 301 -38.59 39.58 -19.68
C ASN R 301 -39.81 40.48 -19.58
N PRO R 302 -40.42 40.70 -18.40
CA PRO R 302 -41.79 41.23 -18.38
C PRO R 302 -41.96 42.57 -19.07
N THR R 303 -40.94 43.42 -19.05
CA THR R 303 -41.08 44.76 -19.60
C THR R 303 -40.71 44.85 -21.08
N ILE R 304 -40.29 43.75 -21.70
CA ILE R 304 -40.02 43.75 -23.12
C ILE R 304 -40.85 42.64 -23.78
N PRO R 305 -41.51 42.92 -24.92
CA PRO R 305 -41.62 44.27 -25.48
C PRO R 305 -42.71 45.08 -24.78
N PHE R 306 -42.70 46.39 -24.93
CA PHE R 306 -43.71 47.23 -24.31
C PHE R 306 -45.03 47.04 -25.04
N THR R 307 -46.05 46.56 -24.32
CA THR R 307 -47.35 46.25 -24.89
C THR R 307 -48.44 47.00 -24.13
N VAL R 308 -49.68 46.78 -24.53
CA VAL R 308 -50.81 47.46 -23.91
C VAL R 308 -50.99 46.98 -22.47
N ASN R 309 -50.72 45.71 -22.21
CA ASN R 309 -50.95 45.12 -20.90
C ASN R 309 -49.71 45.09 -20.01
N THR R 310 -48.61 45.71 -20.45
CA THR R 310 -47.36 45.60 -19.71
C THR R 310 -47.48 46.22 -18.33
N GLU R 311 -48.10 47.39 -18.23
CA GLU R 311 -48.13 48.13 -16.97
C GLU R 311 -49.11 47.57 -15.96
N ALA R 312 -50.08 46.76 -16.39
CA ALA R 312 -51.14 46.33 -15.48
C ALA R 312 -50.64 45.32 -14.44
N GLU R 313 -49.74 44.42 -14.84
CA GLU R 313 -49.31 43.34 -13.97
C GLU R 313 -48.12 43.69 -13.09
N HIS R 314 -47.52 44.88 -13.30
CA HIS R 314 -46.25 45.19 -12.66
C HIS R 314 -46.37 45.25 -11.15
N MET R 315 -47.43 45.88 -10.63
CA MET R 315 -47.54 46.03 -9.19
C MET R 315 -47.77 44.70 -8.50
N ASP R 316 -48.62 43.84 -9.08
CA ASP R 316 -48.82 42.52 -8.51
C ASP R 316 -47.52 41.72 -8.50
N MET R 317 -46.79 41.74 -9.62
CA MET R 317 -45.52 41.03 -9.68
C MET R 317 -44.55 41.57 -8.64
N LEU R 318 -44.48 42.90 -8.50
CA LEU R 318 -43.55 43.51 -7.56
C LEU R 318 -43.88 43.12 -6.14
N MET R 319 -45.16 43.18 -5.76
CA MET R 319 -45.55 42.87 -4.39
C MET R 319 -45.27 41.40 -4.07
N VAL R 320 -45.64 40.50 -4.98
CA VAL R 320 -45.42 39.08 -4.70
C VAL R 320 -43.94 38.76 -4.66
N CYS R 321 -43.15 39.34 -5.57
CA CYS R 321 -41.72 39.07 -5.59
C CYS R 321 -41.04 39.60 -4.32
N HIS R 322 -41.38 40.80 -3.89
CA HIS R 322 -40.73 41.39 -2.73
C HIS R 322 -41.37 40.98 -1.42
N HIS R 323 -42.40 40.13 -1.45
CA HIS R 323 -42.98 39.53 -0.24
C HIS R 323 -43.61 40.59 0.65
N LEU R 324 -44.48 41.40 0.04
CA LEU R 324 -45.27 42.38 0.76
C LEU R 324 -46.73 41.91 0.74
N ASP R 325 -47.31 41.74 1.91
CA ASP R 325 -48.68 41.25 1.99
C ASP R 325 -49.65 42.29 1.45
N LYS R 326 -50.53 41.85 0.56
CA LYS R 326 -51.51 42.75 -0.04
C LYS R 326 -52.67 43.05 0.88
N SER R 327 -52.76 42.39 2.03
CA SER R 327 -53.81 42.64 3.00
C SER R 327 -53.32 43.50 4.17
N ILE R 328 -52.13 44.07 4.06
CA ILE R 328 -51.53 44.89 5.13
C ILE R 328 -51.38 46.30 4.61
N LYS R 329 -51.93 47.26 5.36
CA LYS R 329 -51.84 48.66 4.97
C LYS R 329 -50.40 49.13 4.89
N GLU R 330 -49.58 48.73 5.87
CA GLU R 330 -48.19 49.15 5.88
C GLU R 330 -47.44 48.63 4.66
N ASP R 331 -47.63 47.35 4.32
CA ASP R 331 -46.95 46.80 3.16
C ASP R 331 -47.44 47.43 1.87
N VAL R 332 -48.75 47.68 1.75
CA VAL R 332 -49.27 48.31 0.54
C VAL R 332 -48.71 49.72 0.39
N GLN R 333 -48.67 50.49 1.48
CA GLN R 333 -48.11 51.82 1.43
C GLN R 333 -46.62 51.77 1.09
N PHE R 334 -45.91 50.77 1.61
CA PHE R 334 -44.50 50.61 1.30
C PHE R 334 -44.28 50.31 -0.18
N ALA R 335 -45.19 49.55 -0.79
CA ALA R 335 -45.03 49.14 -2.18
C ALA R 335 -45.28 50.34 -3.09
N ASP R 336 -44.27 51.20 -3.17
CA ASP R 336 -44.32 52.38 -4.01
C ASP R 336 -43.41 52.18 -5.21
N SER R 337 -43.95 52.38 -6.41
CA SER R 337 -43.23 52.16 -7.64
C SER R 337 -43.02 53.47 -8.39
N ARG R 338 -41.88 53.59 -9.05
CA ARG R 338 -41.58 54.73 -9.90
C ARG R 338 -41.58 54.33 -11.37
N ILE R 339 -42.35 53.30 -11.72
CA ILE R 339 -42.40 52.81 -13.08
C ILE R 339 -43.17 53.79 -13.95
N ARG R 340 -42.70 53.97 -15.18
CA ARG R 340 -43.39 54.84 -16.13
C ARG R 340 -43.42 54.17 -17.49
N PRO R 341 -44.50 54.37 -18.25
CA PRO R 341 -44.52 53.88 -19.62
C PRO R 341 -43.40 54.46 -20.46
N GLN R 342 -42.93 55.66 -20.13
CA GLN R 342 -41.78 56.24 -20.83
C GLN R 342 -40.55 55.36 -20.64
N THR R 343 -40.28 54.93 -19.41
CA THR R 343 -39.13 54.07 -19.17
C THR R 343 -39.33 52.70 -19.82
N ILE R 344 -40.53 52.13 -19.70
CA ILE R 344 -40.78 50.82 -20.30
C ILE R 344 -40.58 50.87 -21.81
N ALA R 345 -41.05 51.95 -22.44
CA ALA R 345 -40.86 52.10 -23.87
C ALA R 345 -39.39 52.35 -24.22
N ALA R 346 -38.69 53.12 -23.39
CA ALA R 346 -37.29 53.41 -23.67
C ALA R 346 -36.44 52.16 -23.56
N GLU R 347 -36.87 51.18 -22.77
CA GLU R 347 -36.09 49.95 -22.62
C GLU R 347 -35.95 49.22 -23.96
N ASP R 348 -37.02 49.12 -24.73
CA ASP R 348 -36.95 48.44 -26.02
C ASP R 348 -36.03 49.17 -26.98
N THR R 349 -36.11 50.49 -27.00
CA THR R 349 -35.25 51.26 -27.90
C THR R 349 -33.79 51.15 -27.48
N LEU R 350 -33.51 51.10 -26.18
CA LEU R 350 -32.15 50.91 -25.73
C LEU R 350 -31.63 49.54 -26.14
N HIS R 351 -32.49 48.52 -26.07
CA HIS R 351 -32.13 47.21 -26.58
C HIS R 351 -31.80 47.27 -28.07
N ASP R 352 -32.62 47.98 -28.84
CA ASP R 352 -32.36 48.08 -30.27
C ASP R 352 -31.05 48.80 -30.56
N MET R 353 -30.74 49.84 -29.78
CA MET R 353 -29.51 50.59 -29.97
C MET R 353 -28.29 49.87 -29.42
N GLY R 354 -28.48 48.82 -28.63
CA GLY R 354 -27.36 48.12 -28.06
C GLY R 354 -26.88 48.67 -26.74
N ILE R 355 -27.63 49.59 -26.14
CA ILE R 355 -27.27 50.11 -24.83
C ILE R 355 -27.43 49.01 -23.78
N PHE R 356 -28.48 48.22 -23.88
CA PHE R 356 -28.67 47.07 -23.00
C PHE R 356 -28.07 45.84 -23.68
N SER R 357 -27.23 45.12 -22.93
CA SER R 357 -26.43 44.06 -23.53
C SER R 357 -26.95 42.67 -23.26
N ILE R 358 -27.68 42.45 -22.17
CA ILE R 358 -28.11 41.12 -21.80
C ILE R 358 -29.61 41.11 -21.58
N THR R 359 -30.28 40.08 -22.09
CA THR R 359 -31.67 39.81 -21.79
C THR R 359 -31.75 38.61 -20.87
N SER R 360 -32.63 38.66 -19.88
CA SER R 360 -32.78 37.55 -18.96
C SER R 360 -34.22 37.46 -18.48
N SER R 361 -34.46 36.51 -17.59
CA SER R 361 -35.80 36.26 -17.10
C SER R 361 -36.06 36.82 -15.72
N ASP R 362 -35.21 36.51 -14.73
CA ASP R 362 -35.58 36.57 -13.32
C ASP R 362 -36.78 35.66 -13.06
N SER R 363 -36.54 34.37 -13.27
CA SER R 363 -37.61 33.38 -13.37
C SER R 363 -38.46 33.37 -12.12
N GLN R 364 -39.78 33.40 -12.32
CA GLN R 364 -40.79 33.35 -11.25
C GLN R 364 -40.58 34.41 -10.19
N ALA R 365 -39.75 35.42 -10.45
CA ALA R 365 -39.68 36.63 -9.64
C ALA R 365 -39.62 37.79 -10.63
N MET R 366 -40.79 38.25 -11.07
CA MET R 366 -40.91 39.27 -12.11
C MET R 366 -40.14 38.87 -13.36
N GLY R 367 -40.58 37.76 -13.96
CA GLY R 367 -39.94 37.26 -15.16
C GLY R 367 -40.29 35.82 -15.46
N ARG R 368 -40.32 35.48 -16.74
CA ARG R 368 -40.76 34.17 -17.20
C ARG R 368 -39.59 33.40 -17.79
N VAL R 369 -39.31 32.23 -17.23
CA VAL R 369 -38.08 31.52 -17.55
C VAL R 369 -38.12 30.99 -18.98
N GLY R 370 -39.29 30.60 -19.46
CA GLY R 370 -39.39 29.99 -20.77
C GLY R 370 -39.70 30.98 -21.87
N GLU R 371 -39.46 32.26 -21.62
CA GLU R 371 -39.79 33.29 -22.59
C GLU R 371 -38.65 34.27 -22.84
N VAL R 372 -37.42 33.94 -22.43
CA VAL R 372 -36.30 34.84 -22.67
C VAL R 372 -36.08 35.02 -24.17
N ILE R 373 -35.94 33.90 -24.88
CA ILE R 373 -35.67 33.96 -26.31
C ILE R 373 -36.87 34.52 -27.06
N THR R 374 -38.07 34.09 -26.69
CA THR R 374 -39.27 34.56 -27.37
C THR R 374 -39.44 36.07 -27.21
N ARG R 375 -39.22 36.58 -26.00
CA ARG R 375 -39.40 38.01 -25.80
C ARG R 375 -38.27 38.81 -26.40
N THR R 376 -37.06 38.25 -26.46
CA THR R 376 -35.98 38.92 -27.19
C THR R 376 -36.36 39.09 -28.65
N TRP R 377 -36.89 38.05 -29.28
CA TRP R 377 -37.23 38.15 -30.69
C TRP R 377 -38.49 38.98 -30.91
N GLN R 378 -39.40 38.99 -29.95
CA GLN R 378 -40.54 39.90 -30.04
C GLN R 378 -40.08 41.34 -30.00
N THR R 379 -39.14 41.65 -29.12
CA THR R 379 -38.59 43.01 -29.07
C THR R 379 -37.89 43.35 -30.39
N ALA R 380 -37.11 42.42 -30.92
CA ALA R 380 -36.42 42.67 -32.19
C ALA R 380 -37.42 42.95 -33.30
N ASP R 381 -38.47 42.14 -33.39
CA ASP R 381 -39.47 42.33 -34.42
C ASP R 381 -40.22 43.65 -34.25
N LYS R 382 -40.57 43.99 -33.01
CA LYS R 382 -41.27 45.25 -32.76
C LYS R 382 -40.41 46.44 -33.13
N ASN R 383 -39.12 46.40 -32.79
CA ASN R 383 -38.24 47.50 -33.16
C ASN R 383 -38.03 47.57 -34.66
N LYS R 384 -37.98 46.42 -35.33
CA LYS R 384 -37.88 46.42 -36.79
C LYS R 384 -39.11 47.06 -37.40
N LYS R 385 -40.29 46.73 -36.89
CA LYS R 385 -41.52 47.33 -37.41
C LYS R 385 -41.55 48.83 -37.15
N GLU R 386 -41.07 49.26 -35.99
CA GLU R 386 -41.16 50.68 -35.64
C GLU R 386 -40.11 51.51 -36.39
N PHE R 387 -38.83 51.24 -36.16
CA PHE R 387 -37.76 52.06 -36.68
C PHE R 387 -37.19 51.57 -38.00
N GLY R 388 -37.70 50.49 -38.55
CA GLY R 388 -37.17 49.99 -39.81
C GLY R 388 -35.80 49.35 -39.63
N ARG R 389 -35.15 49.14 -40.77
CA ARG R 389 -33.83 48.52 -40.78
C ARG R 389 -32.81 49.40 -40.09
N LEU R 390 -31.90 48.77 -39.34
CA LEU R 390 -30.80 49.49 -38.72
C LEU R 390 -29.89 50.07 -39.80
N LYS R 391 -29.21 51.17 -39.44
CA LYS R 391 -28.28 51.78 -40.39
C LYS R 391 -27.02 50.94 -40.57
N GLU R 392 -26.78 49.98 -39.69
CA GLU R 392 -25.60 49.12 -39.79
C GLU R 392 -25.79 47.94 -40.73
N GLU R 393 -26.98 47.78 -41.32
CA GLU R 393 -27.23 46.66 -42.20
C GLU R 393 -26.50 46.84 -43.52
N LYS R 394 -25.59 45.93 -43.83
CA LYS R 394 -24.86 45.95 -45.10
C LYS R 394 -25.53 45.03 -46.12
N GLY R 395 -26.77 45.37 -46.46
CA GLY R 395 -27.52 44.59 -47.42
C GLY R 395 -29.00 44.71 -47.16
N ASP R 396 -29.76 44.01 -47.99
CA ASP R 396 -31.22 44.01 -47.87
C ASP R 396 -31.68 42.87 -46.97
N ASN R 397 -31.17 42.89 -45.74
CA ASN R 397 -31.49 41.88 -44.76
C ASN R 397 -31.35 42.48 -43.38
N ASP R 398 -31.73 41.70 -42.37
CA ASP R 398 -31.67 42.12 -40.99
C ASP R 398 -30.57 41.38 -40.23
N ASN R 399 -29.46 41.07 -40.90
CA ASN R 399 -28.43 40.24 -40.29
C ASN R 399 -27.83 40.92 -39.07
N PHE R 400 -27.57 42.22 -39.14
CA PHE R 400 -26.97 42.90 -38.00
C PHE R 400 -27.90 42.88 -36.79
N ARG R 401 -29.19 43.16 -37.01
CA ARG R 401 -30.14 43.10 -35.91
C ARG R 401 -30.26 41.69 -35.36
N ILE R 402 -30.27 40.69 -36.23
CA ILE R 402 -30.32 39.30 -35.79
C ILE R 402 -29.13 39.00 -34.88
N LYS R 403 -27.94 39.41 -35.30
CA LYS R 403 -26.75 39.12 -34.52
C LYS R 403 -26.76 39.86 -33.18
N ARG R 404 -27.20 41.12 -33.18
CA ARG R 404 -27.27 41.87 -31.93
C ARG R 404 -28.22 41.21 -30.94
N TYR R 405 -29.43 40.89 -31.38
CA TYR R 405 -30.40 40.32 -30.47
C TYR R 405 -30.05 38.89 -30.08
N LEU R 406 -29.34 38.16 -30.94
CA LEU R 406 -28.91 36.82 -30.57
C LEU R 406 -27.79 36.88 -29.55
N SER R 407 -26.87 37.83 -29.71
CA SER R 407 -25.84 38.03 -28.70
C SER R 407 -26.44 38.39 -27.36
N LYS R 408 -27.58 39.07 -27.37
CA LYS R 408 -28.19 39.48 -26.11
C LYS R 408 -28.43 38.30 -25.16
N TYR R 409 -28.68 37.11 -25.68
CA TYR R 409 -28.90 35.98 -24.81
C TYR R 409 -27.99 34.79 -25.06
N THR R 410 -27.03 34.86 -25.98
CA THR R 410 -26.12 33.74 -26.18
C THR R 410 -24.70 34.04 -25.72
N ILE R 411 -24.06 35.04 -26.30
CA ILE R 411 -22.62 35.20 -26.07
C ILE R 411 -22.36 36.26 -25.02
N ASN R 412 -23.23 37.26 -24.93
CA ASN R 412 -23.02 38.34 -23.96
C ASN R 412 -23.13 37.86 -22.53
N PRO R 413 -24.16 37.12 -22.12
CA PRO R 413 -24.14 36.57 -20.76
C PRO R 413 -22.99 35.60 -20.50
N ALA R 414 -22.58 34.85 -21.52
CA ALA R 414 -21.43 33.97 -21.36
C ALA R 414 -20.17 34.77 -21.05
N ILE R 415 -19.95 35.86 -21.77
CA ILE R 415 -18.80 36.73 -21.49
C ILE R 415 -18.95 37.35 -20.11
N ALA R 416 -20.15 37.79 -19.77
CA ALA R 416 -20.37 38.47 -18.49
C ALA R 416 -20.02 37.55 -17.33
N HIS R 417 -20.40 36.28 -17.42
CA HIS R 417 -20.15 35.35 -16.33
C HIS R 417 -18.93 34.47 -16.56
N GLY R 418 -18.12 34.79 -17.56
CA GLY R 418 -16.84 34.13 -17.67
C GLY R 418 -16.88 32.70 -18.12
N ILE R 419 -17.93 32.30 -18.83
CA ILE R 419 -18.03 30.95 -19.37
C ILE R 419 -17.98 30.96 -20.89
N SER R 420 -17.59 32.08 -21.50
CA SER R 420 -17.56 32.17 -22.95
C SER R 420 -16.49 31.30 -23.58
N GLU R 421 -15.57 30.75 -22.79
CA GLU R 421 -14.63 29.80 -23.32
C GLU R 421 -15.30 28.46 -23.63
N TYR R 422 -16.38 28.14 -22.93
CA TYR R 422 -17.05 26.86 -23.08
C TYR R 422 -18.33 26.94 -23.89
N VAL R 423 -19.18 27.92 -23.62
CA VAL R 423 -20.51 27.98 -24.20
C VAL R 423 -20.71 29.36 -24.83
N GLY R 424 -21.88 29.56 -25.42
CA GLY R 424 -22.31 30.85 -25.90
C GLY R 424 -22.34 31.01 -27.40
N SER R 425 -21.62 30.19 -28.15
CA SER R 425 -21.61 30.35 -29.59
C SER R 425 -21.26 29.03 -30.25
N VAL R 426 -21.52 28.97 -31.56
CA VAL R 426 -21.20 27.80 -32.37
C VAL R 426 -19.80 28.03 -32.93
N GLU R 427 -18.80 27.65 -32.15
CA GLU R 427 -17.41 27.81 -32.53
C GLU R 427 -16.66 26.52 -32.22
N VAL R 428 -15.57 26.32 -32.96
CA VAL R 428 -14.77 25.11 -32.77
C VAL R 428 -14.10 25.16 -31.40
N GLY R 429 -14.21 24.06 -30.65
CA GLY R 429 -13.64 23.96 -29.34
C GLY R 429 -14.61 24.21 -28.21
N LYS R 430 -15.74 24.85 -28.48
CA LYS R 430 -16.76 25.04 -27.47
C LYS R 430 -17.56 23.77 -27.28
N VAL R 431 -18.24 23.67 -26.15
CA VAL R 431 -19.04 22.49 -25.89
C VAL R 431 -20.25 22.51 -26.82
N ALA R 432 -20.71 21.32 -27.20
CA ALA R 432 -21.78 21.17 -28.18
C ALA R 432 -23.13 21.32 -27.49
N ASP R 433 -23.42 22.58 -27.13
CA ASP R 433 -24.74 22.96 -26.62
C ASP R 433 -25.45 23.68 -27.75
N LEU R 434 -26.10 22.92 -28.61
CA LEU R 434 -26.70 23.44 -29.82
C LEU R 434 -28.21 23.30 -29.77
N VAL R 435 -28.89 24.21 -30.43
CA VAL R 435 -30.34 24.17 -30.56
C VAL R 435 -30.69 24.18 -32.03
N LEU R 436 -31.50 23.21 -32.44
CA LEU R 436 -31.98 23.07 -33.80
C LEU R 436 -33.40 23.61 -33.86
N TRP R 437 -33.60 24.64 -34.66
CA TRP R 437 -34.89 25.28 -34.90
C TRP R 437 -35.32 25.05 -36.34
N SER R 438 -36.60 24.91 -36.53
CA SER R 438 -37.06 25.12 -37.88
C SER R 438 -37.39 26.60 -38.07
N PRO R 439 -37.07 27.17 -39.23
CA PRO R 439 -37.23 28.62 -39.38
C PRO R 439 -38.64 29.12 -39.17
N ALA R 440 -39.64 28.28 -39.40
CA ALA R 440 -41.02 28.70 -39.13
C ALA R 440 -41.27 28.85 -37.64
N PHE R 441 -40.57 28.08 -36.81
CA PHE R 441 -40.76 28.12 -35.37
C PHE R 441 -39.58 28.76 -34.65
N PHE R 442 -38.75 29.51 -35.37
CA PHE R 442 -37.55 30.07 -34.76
C PHE R 442 -37.92 31.05 -33.66
N GLY R 443 -37.24 30.93 -32.52
CA GLY R 443 -37.43 31.81 -31.41
C GLY R 443 -38.54 31.44 -30.48
N VAL R 444 -39.35 30.44 -30.81
CA VAL R 444 -40.45 30.07 -29.93
C VAL R 444 -40.39 28.60 -29.54
N LYS R 445 -40.17 27.71 -30.50
CA LYS R 445 -40.19 26.27 -30.23
C LYS R 445 -39.10 25.55 -31.00
N PRO R 446 -38.04 25.10 -30.33
CA PRO R 446 -36.94 24.42 -31.03
C PRO R 446 -37.34 23.04 -31.52
N ASN R 447 -36.64 22.59 -32.56
CA ASN R 447 -36.81 21.21 -33.00
C ASN R 447 -36.14 20.26 -32.03
N MET R 448 -34.90 20.54 -31.65
CA MET R 448 -34.23 19.63 -30.73
C MET R 448 -33.06 20.34 -30.06
N ILE R 449 -32.59 19.75 -28.97
CA ILE R 449 -31.47 20.28 -28.21
C ILE R 449 -30.37 19.22 -28.17
N ILE R 450 -29.17 19.61 -28.58
CA ILE R 450 -27.99 18.77 -28.47
C ILE R 450 -27.20 19.27 -27.28
N LYS R 451 -27.03 18.39 -26.28
CA LYS R 451 -26.36 18.74 -25.04
C LYS R 451 -25.10 17.90 -24.92
N GLY R 452 -23.95 18.56 -25.00
CA GLY R 452 -22.69 17.85 -24.87
C GLY R 452 -22.46 16.81 -25.94
N GLY R 453 -22.92 17.07 -27.16
CA GLY R 453 -22.71 16.16 -28.26
C GLY R 453 -23.75 15.08 -28.42
N PHE R 454 -24.76 15.04 -27.57
CA PHE R 454 -25.82 14.05 -27.65
C PHE R 454 -27.16 14.74 -27.53
N ILE R 455 -28.17 14.19 -28.20
CA ILE R 455 -29.49 14.80 -28.16
C ILE R 455 -30.10 14.59 -26.79
N ALA R 456 -30.48 15.68 -26.14
CA ALA R 456 -31.01 15.64 -24.79
C ALA R 456 -32.51 15.89 -24.72
N LEU R 457 -33.04 16.72 -25.60
CA LEU R 457 -34.47 16.97 -25.64
C LEU R 457 -34.90 17.04 -27.09
N SER R 458 -36.11 16.57 -27.36
CA SER R 458 -36.55 16.60 -28.75
C SER R 458 -38.07 16.57 -28.82
N GLN R 459 -38.59 17.16 -29.88
CA GLN R 459 -39.99 16.98 -30.22
C GLN R 459 -40.20 15.53 -30.66
N MET R 460 -41.10 14.84 -29.99
CA MET R 460 -41.33 13.43 -30.27
C MET R 460 -42.83 13.16 -30.28
N GLY R 461 -43.23 12.24 -31.13
CA GLY R 461 -44.61 11.83 -31.25
C GLY R 461 -44.93 10.66 -30.35
N ASP R 462 -46.01 9.97 -30.71
CA ASP R 462 -46.46 8.81 -29.94
C ASP R 462 -45.36 7.76 -29.89
N ALA R 463 -45.09 7.24 -28.68
CA ALA R 463 -44.05 6.24 -28.52
C ALA R 463 -44.43 4.93 -29.21
N ASN R 464 -45.72 4.62 -29.27
CA ASN R 464 -46.20 3.40 -29.90
C ASN R 464 -46.35 3.55 -31.41
N ALA R 465 -46.07 4.72 -31.96
CA ALA R 465 -46.29 4.95 -33.37
C ALA R 465 -45.25 4.23 -34.22
N SER R 466 -45.57 4.05 -35.51
CA SER R 466 -44.66 3.45 -36.46
C SER R 466 -43.66 4.44 -37.02
N ILE R 467 -43.85 5.73 -36.77
CA ILE R 467 -42.87 6.77 -37.12
C ILE R 467 -42.85 7.79 -35.99
N PRO R 468 -41.81 8.62 -35.92
CA PRO R 468 -41.72 9.59 -34.82
C PRO R 468 -42.61 10.81 -34.97
N THR R 469 -43.18 11.05 -36.14
CA THR R 469 -43.95 12.26 -36.42
C THR R 469 -45.38 12.33 -35.87
N PRO R 470 -46.15 11.24 -35.83
CA PRO R 470 -47.59 11.38 -35.56
C PRO R 470 -47.89 11.87 -34.15
N GLN R 471 -49.06 12.48 -34.03
CA GLN R 471 -49.47 13.15 -32.81
C GLN R 471 -49.74 12.14 -31.71
N PRO R 472 -49.65 12.55 -30.43
CA PRO R 472 -49.28 13.89 -29.98
C PRO R 472 -47.78 14.11 -29.95
N VAL R 473 -47.33 15.23 -30.51
CA VAL R 473 -45.92 15.58 -30.54
C VAL R 473 -45.69 16.60 -29.43
N TYR R 474 -44.76 16.30 -28.53
CA TYR R 474 -44.34 17.30 -27.56
C TYR R 474 -42.91 17.02 -27.15
N TYR R 475 -42.39 17.87 -26.28
CA TYR R 475 -40.98 17.83 -25.95
C TYR R 475 -40.72 16.74 -24.93
N ARG R 476 -39.88 15.78 -25.31
CA ARG R 476 -39.56 14.66 -24.45
C ARG R 476 -38.06 14.60 -24.23
N GLU R 477 -37.68 14.14 -23.05
CA GLU R 477 -36.27 13.92 -22.75
C GLU R 477 -35.74 12.78 -23.59
N MET R 478 -34.54 12.96 -24.12
CA MET R 478 -33.89 11.94 -24.91
C MET R 478 -32.81 11.26 -24.05
N PHE R 479 -31.98 10.45 -24.69
CA PHE R 479 -31.09 9.57 -23.92
C PHE R 479 -30.01 10.36 -23.18
N ALA R 480 -29.59 11.51 -23.71
CA ALA R 480 -28.62 12.33 -23.00
C ALA R 480 -29.19 12.91 -21.71
N HIS R 481 -30.49 12.82 -21.52
CA HIS R 481 -31.18 13.31 -20.34
C HIS R 481 -31.25 12.29 -19.21
N HIS R 482 -30.81 11.06 -19.44
CA HIS R 482 -31.10 9.94 -18.54
C HIS R 482 -29.82 9.24 -18.13
N GLY R 483 -29.95 8.43 -17.09
CA GLY R 483 -28.89 7.56 -16.61
C GLY R 483 -27.65 8.33 -16.21
N LYS R 484 -26.50 7.75 -16.50
CA LYS R 484 -25.24 8.43 -16.29
C LYS R 484 -24.79 9.23 -17.50
N ALA R 485 -25.57 9.23 -18.57
CA ALA R 485 -25.24 10.04 -19.72
C ALA R 485 -25.34 11.53 -19.41
N LYS R 486 -26.27 11.91 -18.52
CA LYS R 486 -26.42 13.32 -18.21
C LYS R 486 -25.21 13.86 -17.45
N TYR R 487 -24.52 13.01 -16.70
CA TYR R 487 -23.29 13.44 -16.04
C TYR R 487 -22.23 13.85 -17.06
N ASP R 488 -22.12 13.09 -18.15
CA ASP R 488 -21.16 13.44 -19.18
C ASP R 488 -21.65 14.64 -20.00
N ALA R 489 -22.96 14.77 -20.16
CA ALA R 489 -23.50 15.81 -21.02
C ALA R 489 -23.50 17.19 -20.36
N ASN R 490 -23.65 17.27 -19.05
CA ASN R 490 -23.91 18.54 -18.40
C ASN R 490 -22.68 19.05 -17.65
N ILE R 491 -22.68 20.37 -17.44
CA ILE R 491 -21.57 21.08 -16.80
C ILE R 491 -22.08 21.84 -15.60
N THR R 492 -21.37 21.74 -14.49
CA THR R 492 -21.55 22.62 -13.36
C THR R 492 -20.39 23.60 -13.35
N PHE R 493 -20.69 24.88 -13.37
CA PHE R 493 -19.67 25.91 -13.33
C PHE R 493 -19.40 26.29 -11.88
N VAL R 494 -18.13 26.32 -11.51
CA VAL R 494 -17.70 26.74 -10.19
C VAL R 494 -16.62 27.79 -10.34
N SER R 495 -16.23 28.39 -9.24
CA SER R 495 -15.12 29.32 -9.27
C SER R 495 -13.81 28.56 -9.41
N GLN R 496 -12.79 29.26 -9.88
CA GLN R 496 -11.46 28.66 -9.99
C GLN R 496 -10.95 28.22 -8.63
N ALA R 497 -11.27 28.95 -7.57
CA ALA R 497 -10.82 28.58 -6.24
C ALA R 497 -11.41 27.24 -5.81
N ALA R 498 -12.72 27.06 -5.99
CA ALA R 498 -13.35 25.80 -5.65
C ALA R 498 -12.82 24.68 -6.54
N TYR R 499 -12.63 24.96 -7.82
CA TYR R 499 -12.08 23.96 -8.73
C TYR R 499 -10.70 23.49 -8.27
N ASP R 500 -9.83 24.43 -7.90
CA ASP R 500 -8.51 24.06 -7.41
C ASP R 500 -8.59 23.29 -6.10
N LYS R 501 -9.48 23.71 -5.20
CA LYS R 501 -9.65 22.99 -3.95
C LYS R 501 -10.28 21.62 -4.14
N GLY R 502 -10.80 21.32 -5.33
CA GLY R 502 -11.28 19.99 -5.60
C GLY R 502 -12.71 19.81 -5.15
N ILE R 503 -13.57 20.75 -5.53
CA ILE R 503 -14.96 20.70 -5.14
C ILE R 503 -15.64 19.46 -5.71
N LYS R 504 -15.23 19.02 -6.90
CA LYS R 504 -15.87 17.89 -7.55
C LYS R 504 -15.73 16.62 -6.71
N GLU R 505 -14.49 16.29 -6.33
CA GLU R 505 -14.28 15.10 -5.52
C GLU R 505 -14.79 15.27 -4.10
N GLU R 506 -14.68 16.48 -3.55
CA GLU R 506 -15.14 16.72 -2.19
C GLU R 506 -16.64 16.53 -2.06
N LEU R 507 -17.41 17.06 -3.01
CA LEU R 507 -18.86 16.92 -2.98
C LEU R 507 -19.36 15.69 -3.73
N GLY R 508 -18.47 14.91 -4.33
CA GLY R 508 -18.91 13.73 -5.06
C GLY R 508 -19.74 14.03 -6.27
N LEU R 509 -19.47 15.13 -6.96
CA LEU R 509 -20.21 15.47 -8.17
C LEU R 509 -19.76 14.60 -9.33
N GLU R 510 -20.72 14.13 -10.12
CA GLU R 510 -20.42 13.35 -11.30
C GLU R 510 -20.45 14.15 -12.58
N ARG R 511 -21.07 15.32 -12.58
CA ARG R 511 -21.07 16.18 -13.74
C ARG R 511 -19.65 16.70 -14.00
N GLN R 512 -19.40 17.10 -15.24
CA GLN R 512 -18.21 17.88 -15.50
C GLN R 512 -18.26 19.15 -14.67
N VAL R 513 -17.14 19.50 -14.06
CA VAL R 513 -17.06 20.69 -13.23
C VAL R 513 -16.02 21.60 -13.85
N LEU R 514 -16.45 22.80 -14.26
CA LEU R 514 -15.53 23.68 -14.97
C LEU R 514 -15.43 25.01 -14.25
N PRO R 515 -14.24 25.60 -14.21
CA PRO R 515 -14.09 26.91 -13.56
C PRO R 515 -14.40 28.06 -14.50
N VAL R 516 -15.03 29.09 -13.96
CA VAL R 516 -15.25 30.32 -14.69
C VAL R 516 -13.97 31.15 -14.67
N LYS R 517 -13.78 31.99 -15.67
CA LYS R 517 -12.57 32.79 -15.74
C LYS R 517 -12.83 34.04 -16.55
N ASN R 518 -11.98 35.05 -16.34
CA ASN R 518 -12.05 36.34 -17.04
C ASN R 518 -13.39 37.03 -16.80
N CYS R 519 -13.73 37.19 -15.52
CA CYS R 519 -14.95 37.90 -15.16
C CYS R 519 -14.70 39.34 -14.74
N ARG R 520 -13.49 39.67 -14.30
CA ARG R 520 -13.22 40.99 -13.74
C ARG R 520 -12.72 41.99 -14.76
N ASN R 521 -12.05 41.54 -15.81
CA ASN R 521 -11.41 42.43 -16.77
C ASN R 521 -12.26 42.67 -18.00
N ILE R 522 -13.58 42.61 -17.86
CA ILE R 522 -14.49 42.82 -18.98
C ILE R 522 -15.29 44.08 -18.73
N THR R 523 -15.56 44.82 -19.79
CA THR R 523 -16.42 46.00 -19.69
C THR R 523 -17.54 45.91 -20.71
N LYS R 524 -18.31 46.99 -20.85
CA LYS R 524 -19.35 47.03 -21.86
C LYS R 524 -18.77 46.86 -23.26
N LYS R 525 -17.52 47.29 -23.47
CA LYS R 525 -16.90 47.18 -24.78
C LYS R 525 -16.70 45.74 -25.23
N ASP R 526 -16.73 44.79 -24.30
CA ASP R 526 -16.51 43.40 -24.63
C ASP R 526 -17.78 42.67 -25.02
N MET R 527 -18.94 43.29 -24.86
CA MET R 527 -20.17 42.69 -25.37
C MET R 527 -20.21 42.76 -26.88
N GLN R 528 -20.75 41.72 -27.50
CA GLN R 528 -20.80 41.64 -28.95
C GLN R 528 -22.06 42.33 -29.46
N PHE R 529 -21.88 43.28 -30.37
CA PHE R 529 -22.97 43.99 -31.02
C PHE R 529 -23.81 44.81 -30.05
N ASN R 530 -23.42 44.84 -28.77
CA ASN R 530 -24.15 45.56 -27.75
C ASN R 530 -23.19 46.32 -26.86
N ASP R 531 -22.18 46.94 -27.47
CA ASP R 531 -21.12 47.63 -26.75
C ASP R 531 -21.29 49.14 -26.80
N THR R 532 -22.49 49.63 -27.08
CA THR R 532 -22.73 51.05 -27.21
C THR R 532 -22.66 51.71 -25.83
N THR R 533 -21.63 52.52 -25.61
CA THR R 533 -21.51 53.34 -24.41
C THR R 533 -21.82 54.77 -24.82
N ALA R 534 -22.98 55.27 -24.40
CA ALA R 534 -23.40 56.63 -24.72
C ALA R 534 -23.84 57.32 -23.44
N HIS R 535 -23.52 58.61 -23.34
CA HIS R 535 -23.99 59.38 -22.20
C HIS R 535 -25.51 59.43 -22.22
N ILE R 536 -26.14 58.80 -21.24
CA ILE R 536 -27.59 58.72 -21.17
C ILE R 536 -28.07 59.84 -20.26
N GLU R 537 -28.55 60.92 -20.88
CA GLU R 537 -29.10 62.03 -20.13
C GLU R 537 -30.52 61.68 -19.73
N VAL R 538 -30.76 61.49 -18.44
CA VAL R 538 -32.08 61.18 -17.92
C VAL R 538 -32.60 62.40 -17.18
N ASN R 539 -33.67 62.98 -17.68
CA ASN R 539 -34.36 64.05 -16.98
C ASN R 539 -35.41 63.41 -16.08
N PRO R 540 -35.23 63.39 -14.76
CA PRO R 540 -36.23 62.77 -13.88
C PRO R 540 -37.45 63.64 -13.66
N GLU R 541 -37.34 64.95 -13.87
CA GLU R 541 -38.53 65.80 -13.81
C GLU R 541 -39.54 65.40 -14.88
N THR R 542 -39.06 65.04 -16.07
CA THR R 542 -39.91 64.67 -17.19
C THR R 542 -39.85 63.19 -17.50
N TYR R 543 -39.01 62.43 -16.80
CA TYR R 543 -38.80 61.01 -17.09
C TYR R 543 -38.43 60.80 -18.54
N HIS R 544 -37.57 61.67 -19.05
CA HIS R 544 -37.18 61.65 -20.45
C HIS R 544 -35.76 61.14 -20.58
N VAL R 545 -35.58 60.15 -21.45
CA VAL R 545 -34.27 59.55 -21.68
C VAL R 545 -33.75 60.04 -23.02
N PHE R 546 -32.51 60.52 -23.04
CA PHE R 546 -31.85 60.97 -24.25
C PHE R 546 -30.51 60.27 -24.37
N VAL R 547 -30.19 59.82 -25.58
CA VAL R 547 -28.86 59.31 -25.88
C VAL R 547 -28.31 60.14 -27.04
N ASP R 548 -27.14 60.75 -26.84
CA ASP R 548 -26.55 61.65 -27.81
C ASP R 548 -27.53 62.75 -28.21
N GLY R 549 -28.27 63.25 -27.22
CA GLY R 549 -29.26 64.29 -27.43
C GLY R 549 -30.64 63.83 -27.85
N LYS R 550 -30.71 62.90 -28.79
CA LYS R 550 -32.00 62.44 -29.29
C LYS R 550 -32.76 61.68 -28.20
N GLU R 551 -34.04 61.99 -28.07
CA GLU R 551 -34.90 61.30 -27.12
C GLU R 551 -35.24 59.92 -27.63
N VAL R 552 -35.41 58.97 -26.70
CA VAL R 552 -35.71 57.59 -27.03
C VAL R 552 -37.08 57.24 -26.48
N THR R 553 -37.90 56.62 -27.32
CA THR R 553 -39.23 56.20 -26.92
C THR R 553 -39.72 55.19 -27.95
N SER R 554 -40.78 54.47 -27.58
CA SER R 554 -41.40 53.53 -28.50
C SER R 554 -42.89 53.47 -28.21
N LYS R 555 -43.62 53.05 -29.16
CA LYS R 555 -45.04 52.94 -28.92
C LYS R 555 -45.40 51.53 -28.47
N PRO R 556 -46.41 51.39 -27.61
CA PRO R 556 -46.82 50.05 -27.18
C PRO R 556 -47.31 49.22 -28.37
N ALA R 557 -47.00 47.93 -28.34
CA ALA R 557 -47.41 47.02 -29.39
C ALA R 557 -48.79 46.46 -29.07
N ASN R 558 -49.71 46.60 -30.02
CA ASN R 558 -51.04 46.03 -29.84
C ASN R 558 -51.05 44.52 -30.04
N LYS R 559 -50.12 44.01 -30.85
CA LYS R 559 -50.05 42.57 -31.15
C LYS R 559 -48.61 42.22 -31.47
N VAL R 560 -48.05 41.28 -30.74
CA VAL R 560 -46.68 40.84 -30.96
C VAL R 560 -46.70 39.53 -31.73
N SER R 561 -45.56 39.21 -32.33
CA SER R 561 -45.39 37.96 -33.04
C SER R 561 -44.93 36.86 -32.08
N LEU R 562 -44.95 35.63 -32.57
CA LEU R 562 -44.51 34.47 -31.80
C LEU R 562 -45.27 34.30 -30.49
N ALA R 563 -46.51 34.78 -30.43
CA ALA R 563 -47.25 34.74 -29.17
C ALA R 563 -48.45 33.81 -29.22
N GLN R 564 -49.42 34.07 -30.09
CA GLN R 564 -50.65 33.30 -30.10
C GLN R 564 -50.74 32.33 -31.26
N LEU R 565 -49.90 32.50 -32.27
CA LEU R 565 -49.87 31.55 -33.38
C LEU R 565 -49.31 30.21 -32.97
N PHE R 566 -48.50 30.16 -31.92
CA PHE R 566 -47.70 28.99 -31.62
C PHE R 566 -48.08 28.27 -30.34
N SER R 567 -48.90 28.86 -29.48
CA SER R 567 -49.17 28.31 -28.17
C SER R 567 -50.68 28.14 -27.98
N ILE R 568 -51.07 26.97 -27.48
CA ILE R 568 -52.47 26.74 -27.15
C ILE R 568 -52.88 27.56 -25.93
N PHE R 569 -51.94 27.81 -25.02
CA PHE R 569 -52.22 28.59 -23.82
C PHE R 569 -51.16 29.65 -23.58
N MET S 1 -51.86 63.78 -25.37
CA MET S 1 -50.62 63.03 -25.54
C MET S 1 -50.39 62.09 -24.35
N ASN S 2 -51.29 61.13 -24.20
CA ASN S 2 -51.19 60.19 -23.09
C ASN S 2 -50.06 59.20 -23.36
N THR S 3 -49.11 59.15 -22.43
CA THR S 3 -47.99 58.21 -22.58
C THR S 3 -48.41 56.77 -22.28
N TYR S 4 -49.51 56.58 -21.56
CA TYR S 4 -49.98 55.23 -21.27
C TYR S 4 -50.63 54.62 -22.51
N ALA S 5 -50.62 53.28 -22.55
CA ALA S 5 -51.18 52.58 -23.70
C ALA S 5 -52.68 52.83 -23.82
N GLN S 6 -53.39 52.82 -22.69
CA GLN S 6 -54.82 53.08 -22.66
C GLN S 6 -55.11 54.24 -21.72
N GLU S 7 -56.35 54.69 -21.74
CA GLU S 7 -56.76 55.81 -20.89
C GLU S 7 -56.75 55.40 -19.43
N SER S 8 -56.29 56.31 -18.57
CA SER S 8 -56.18 56.05 -17.15
C SER S 8 -57.55 56.24 -16.50
N LYS S 9 -58.20 55.12 -16.16
CA LYS S 9 -59.52 55.14 -15.56
C LYS S 9 -59.51 54.33 -14.27
N LEU S 10 -60.42 54.69 -13.36
CA LEU S 10 -60.58 53.96 -12.11
C LEU S 10 -62.05 54.05 -11.72
N ARG S 11 -62.83 53.04 -12.09
CA ARG S 11 -64.23 52.95 -11.73
C ARG S 11 -64.37 52.00 -10.56
N LEU S 12 -64.76 52.52 -9.41
CA LEU S 12 -64.92 51.72 -8.20
C LEU S 12 -66.35 51.86 -7.68
N LYS S 13 -66.91 50.73 -7.26
CA LYS S 13 -68.26 50.70 -6.69
C LYS S 13 -68.24 49.77 -5.50
N THR S 14 -68.49 50.32 -4.31
CA THR S 14 -68.45 49.56 -3.07
C THR S 14 -69.86 49.42 -2.50
N LYS S 15 -70.11 48.28 -1.87
CA LYS S 15 -71.39 47.98 -1.24
C LYS S 15 -71.14 47.21 0.05
N ILE S 16 -72.20 47.00 0.81
CA ILE S 16 -72.12 46.26 2.06
C ILE S 16 -72.14 44.76 1.74
N GLY S 17 -71.16 44.03 2.26
CA GLY S 17 -71.04 42.62 2.00
C GLY S 17 -72.01 41.77 2.82
N ALA S 18 -71.94 40.47 2.56
CA ALA S 18 -72.80 39.53 3.29
C ALA S 18 -72.48 39.50 4.77
N ASP S 19 -71.19 39.57 5.12
CA ASP S 19 -70.77 39.54 6.51
C ASP S 19 -70.91 40.89 7.20
N GLY S 20 -71.47 41.90 6.54
CA GLY S 20 -71.65 43.20 7.13
C GLY S 20 -70.52 44.17 6.93
N ARG S 21 -69.40 43.72 6.35
CA ARG S 21 -68.29 44.61 6.08
C ARG S 21 -68.49 45.32 4.75
N CYS S 22 -67.73 46.40 4.56
CA CYS S 22 -67.77 47.15 3.31
C CYS S 22 -66.86 46.47 2.31
N VAL S 23 -67.44 45.98 1.21
CA VAL S 23 -66.70 45.23 0.20
C VAL S 23 -66.78 45.96 -1.12
N ILE S 24 -65.85 45.63 -2.01
CA ILE S 24 -65.81 46.20 -3.35
C ILE S 24 -66.74 45.37 -4.23
N GLU S 25 -67.87 45.96 -4.62
CA GLU S 25 -68.79 45.26 -5.50
C GLU S 25 -68.23 45.15 -6.91
N ASP S 26 -67.66 46.23 -7.42
CA ASP S 26 -67.09 46.23 -8.76
C ASP S 26 -65.92 47.19 -8.82
N ASN S 27 -64.96 46.89 -9.69
CA ASN S 27 -63.82 47.78 -9.87
C ASN S 27 -63.16 47.49 -11.20
N PHE S 28 -62.77 48.56 -11.88
CA PHE S 28 -62.06 48.47 -13.15
C PHE S 28 -61.02 49.58 -13.18
N PHE S 29 -59.76 49.21 -13.23
CA PHE S 29 -58.67 50.18 -13.19
C PHE S 29 -57.66 49.89 -14.30
N THR S 30 -57.30 50.93 -15.02
CA THR S 30 -56.21 50.92 -15.97
C THR S 30 -55.00 51.62 -15.37
N PRO S 31 -53.80 51.36 -15.88
CA PRO S 31 -52.62 52.01 -15.31
C PRO S 31 -52.74 53.52 -15.40
N PRO S 32 -52.21 54.25 -14.42
CA PRO S 32 -51.42 53.73 -13.30
C PRO S 32 -52.27 53.33 -12.09
N PHE S 33 -53.60 53.33 -12.24
CA PHE S 33 -54.48 53.04 -11.13
C PHE S 33 -54.45 51.57 -10.76
N LYS S 34 -54.73 51.28 -9.50
CA LYS S 34 -54.85 49.92 -9.02
C LYS S 34 -55.65 49.91 -7.74
N LEU S 35 -56.44 48.85 -7.55
CA LEU S 35 -57.25 48.69 -6.36
C LEU S 35 -56.95 47.33 -5.73
N MET S 36 -56.68 47.34 -4.44
CA MET S 36 -56.51 46.12 -3.66
C MET S 36 -57.77 45.86 -2.85
N ALA S 37 -57.76 44.79 -2.09
CA ALA S 37 -58.89 44.50 -1.21
C ALA S 37 -58.96 45.56 -0.12
N PRO S 38 -60.17 45.93 0.32
CA PRO S 38 -60.29 46.90 1.41
C PRO S 38 -59.64 46.40 2.68
N PHE S 39 -59.06 47.34 3.43
CA PHE S 39 -58.49 47.04 4.72
C PHE S 39 -59.51 47.33 5.81
N TYR S 40 -59.54 46.48 6.83
CA TYR S 40 -60.53 46.57 7.90
C TYR S 40 -59.81 46.71 9.23
N PRO S 41 -59.48 47.93 9.66
CA PRO S 41 -58.94 48.11 11.01
C PRO S 41 -59.95 47.67 12.06
N LYS S 42 -59.43 47.44 13.27
CA LYS S 42 -60.24 46.83 14.31
C LYS S 42 -61.45 47.69 14.67
N ASP S 43 -61.27 49.00 14.79
CA ASP S 43 -62.33 49.88 15.24
C ASP S 43 -62.76 50.94 14.24
N ASP S 44 -61.93 51.27 13.26
CA ASP S 44 -62.23 52.38 12.36
C ASP S 44 -63.12 51.91 11.21
N LEU S 45 -63.30 52.79 10.23
CA LEU S 45 -64.08 52.49 9.04
C LEU S 45 -63.27 51.61 8.09
N ALA S 46 -63.94 51.08 7.07
CA ALA S 46 -63.22 50.27 6.08
C ALA S 46 -62.37 51.18 5.22
N GLU S 47 -61.08 50.87 5.11
CA GLU S 47 -60.13 51.73 4.41
C GLU S 47 -59.85 51.19 3.01
N ILE S 48 -59.92 52.07 2.02
CA ILE S 48 -59.56 51.75 0.65
C ILE S 48 -58.45 52.71 0.22
N MET S 49 -57.35 52.14 -0.27
CA MET S 49 -56.22 52.93 -0.74
C MET S 49 -56.25 52.99 -2.26
N LEU S 50 -56.34 54.20 -2.79
CA LEU S 50 -56.28 54.41 -4.24
C LEU S 50 -54.83 54.36 -4.66
N LEU S 51 -54.40 53.20 -5.12
CA LEU S 51 -53.00 53.03 -5.52
C LEU S 51 -52.74 53.72 -6.84
N ALA S 52 -51.63 54.45 -6.91
CA ALA S 52 -51.14 55.04 -8.14
C ALA S 52 -49.75 54.49 -8.40
N VAL S 53 -49.63 53.62 -9.40
CA VAL S 53 -48.34 52.99 -9.71
C VAL S 53 -47.64 53.92 -10.68
N SER S 54 -47.00 54.95 -10.13
CA SER S 54 -46.29 55.96 -10.89
C SER S 54 -45.55 56.88 -9.92
N PRO S 55 -44.41 57.46 -10.32
CA PRO S 55 -43.76 58.46 -9.47
C PRO S 55 -44.58 59.71 -9.28
N GLY S 56 -45.57 59.95 -10.14
CA GLY S 56 -46.39 61.14 -10.04
C GLY S 56 -46.94 61.50 -11.40
N MET S 57 -47.87 62.46 -11.39
CA MET S 57 -48.48 62.90 -12.63
C MET S 57 -47.49 63.68 -13.48
N MET S 58 -47.40 63.32 -14.76
CA MET S 58 -46.49 63.95 -15.70
C MET S 58 -47.30 64.57 -16.83
N ARG S 59 -46.60 65.09 -17.84
CA ARG S 59 -47.28 65.75 -18.95
C ARG S 59 -48.17 64.78 -19.70
N GLY S 60 -49.38 65.22 -20.02
CA GLY S 60 -50.32 64.42 -20.77
C GLY S 60 -51.13 63.43 -19.96
N ASP S 61 -50.88 63.33 -18.66
CA ASP S 61 -51.67 62.43 -17.82
C ASP S 61 -53.09 62.95 -17.71
N ALA S 62 -54.06 62.07 -17.94
CA ALA S 62 -55.48 62.42 -17.87
C ALA S 62 -56.19 61.29 -17.13
N GLN S 63 -56.36 61.46 -15.83
CA GLN S 63 -56.94 60.44 -14.97
C GLN S 63 -58.43 60.68 -14.80
N ASP S 64 -59.21 59.60 -14.89
CA ASP S 64 -60.67 59.67 -14.75
C ASP S 64 -61.08 58.69 -13.65
N VAL S 65 -61.43 59.23 -12.48
CA VAL S 65 -61.82 58.43 -11.33
C VAL S 65 -63.32 58.57 -11.13
N GLN S 66 -63.98 57.45 -10.84
CA GLN S 66 -65.42 57.42 -10.60
C GLN S 66 -65.68 56.49 -9.44
N LEU S 67 -65.89 57.07 -8.26
CA LEU S 67 -66.15 56.30 -7.04
C LEU S 67 -67.65 56.30 -6.75
N ASN S 68 -68.16 55.15 -6.34
CA ASN S 68 -69.58 54.99 -6.05
C ASN S 68 -69.71 54.21 -4.74
N ILE S 69 -69.93 54.94 -3.65
CA ILE S 69 -70.14 54.32 -2.34
C ILE S 69 -71.64 54.06 -2.18
N GLY S 70 -71.99 52.81 -1.87
CA GLY S 70 -73.37 52.44 -1.75
C GLY S 70 -73.93 52.78 -0.39
N PRO S 71 -75.21 52.46 -0.20
CA PRO S 71 -75.87 52.79 1.06
C PRO S 71 -75.24 52.08 2.25
N ASN S 72 -75.26 52.78 3.40
CA ASN S 72 -74.82 52.23 4.68
C ASN S 72 -73.36 51.77 4.65
N CYS S 73 -72.53 52.45 3.87
CA CYS S 73 -71.11 52.11 3.78
C CYS S 73 -70.29 53.16 4.53
N LYS S 74 -69.44 52.69 5.44
CA LYS S 74 -68.56 53.56 6.23
C LYS S 74 -67.14 53.37 5.70
N LEU S 75 -66.76 54.20 4.74
CA LEU S 75 -65.53 54.02 3.98
C LEU S 75 -64.63 55.23 4.14
N ARG S 76 -63.34 54.96 4.36
CA ARG S 76 -62.31 55.98 4.36
C ARG S 76 -61.37 55.70 3.19
N ILE S 77 -61.25 56.65 2.28
CA ILE S 77 -60.48 56.49 1.07
C ILE S 77 -59.21 57.33 1.18
N THR S 78 -58.07 56.67 1.20
CA THR S 78 -56.77 57.30 1.31
C THR S 78 -55.98 57.04 0.03
N SER S 79 -54.75 57.56 -0.01
CA SER S 79 -53.85 57.35 -1.13
C SER S 79 -52.56 56.72 -0.62
N GLN S 80 -51.76 56.23 -1.56
CA GLN S 80 -50.53 55.52 -1.20
C GLN S 80 -49.51 56.48 -0.58
N SER S 81 -49.28 57.62 -1.23
CA SER S 81 -48.28 58.57 -0.76
C SER S 81 -48.63 59.94 -1.31
N PHE S 82 -47.73 60.91 -1.11
CA PHE S 82 -47.95 62.26 -1.60
C PHE S 82 -48.08 62.26 -3.11
N GLU S 83 -49.08 62.99 -3.61
CA GLU S 83 -49.29 63.10 -5.05
C GLU S 83 -48.41 64.21 -5.59
N LYS S 84 -47.43 63.85 -6.42
CA LYS S 84 -46.46 64.80 -6.95
C LYS S 84 -46.79 65.10 -8.41
N ILE S 85 -46.91 66.39 -8.73
CA ILE S 85 -47.09 66.84 -10.09
C ILE S 85 -45.71 67.20 -10.64
N HIS S 86 -45.26 66.45 -11.63
CA HIS S 86 -43.93 66.64 -12.17
C HIS S 86 -43.92 67.81 -13.15
N ASN S 87 -42.74 68.13 -13.67
CA ASN S 87 -42.58 69.18 -14.65
C ASN S 87 -43.30 68.79 -15.93
N THR S 88 -44.44 69.43 -16.19
CA THR S 88 -45.14 69.28 -17.46
C THR S 88 -44.59 70.34 -18.41
N GLU S 89 -43.84 69.90 -19.41
CA GLU S 89 -43.06 70.81 -20.25
C GLU S 89 -43.96 71.80 -20.99
N ASP S 90 -44.80 71.31 -21.89
CA ASP S 90 -45.74 72.15 -22.61
C ASP S 90 -47.20 71.83 -22.35
N GLY S 91 -47.50 70.65 -21.84
CA GLY S 91 -48.85 70.22 -21.55
C GLY S 91 -49.20 70.37 -20.08
N PHE S 92 -50.11 69.51 -19.62
CA PHE S 92 -50.61 69.59 -18.27
C PHE S 92 -51.05 68.21 -17.82
N ALA S 93 -51.20 68.05 -16.51
CA ALA S 93 -51.73 66.83 -15.91
C ALA S 93 -53.11 67.14 -15.36
N SER S 94 -54.09 66.32 -15.71
CA SER S 94 -55.48 66.55 -15.34
C SER S 94 -56.05 65.34 -14.63
N ARG S 95 -56.81 65.60 -13.57
CA ARG S 95 -57.55 64.56 -12.85
C ARG S 95 -59.01 64.98 -12.77
N ASP S 96 -59.90 64.05 -13.12
CA ASP S 96 -61.34 64.29 -13.05
C ASP S 96 -61.96 63.20 -12.20
N MET S 97 -62.38 63.56 -10.99
CA MET S 97 -62.87 62.60 -10.01
C MET S 97 -64.34 62.88 -9.72
N HIS S 98 -65.20 61.93 -10.04
CA HIS S 98 -66.63 62.00 -9.77
C HIS S 98 -66.97 60.98 -8.70
N ILE S 99 -67.55 61.45 -7.60
CA ILE S 99 -67.89 60.60 -6.46
C ILE S 99 -69.39 60.66 -6.23
N VAL S 100 -69.98 59.49 -5.98
CA VAL S 100 -71.41 59.38 -5.69
C VAL S 100 -71.58 58.62 -4.38
N VAL S 101 -72.14 59.29 -3.37
CA VAL S 101 -72.36 58.70 -2.05
C VAL S 101 -73.84 58.38 -1.91
N GLY S 102 -74.14 57.17 -1.47
CA GLY S 102 -75.52 56.74 -1.31
C GLY S 102 -76.10 57.14 0.03
N GLU S 103 -77.32 56.67 0.27
CA GLU S 103 -78.06 57.02 1.47
C GLU S 103 -77.38 56.42 2.70
N ASN S 104 -77.32 57.22 3.78
CA ASN S 104 -76.80 56.78 5.07
C ASN S 104 -75.35 56.29 4.96
N ALA S 105 -74.61 56.80 4.00
CA ALA S 105 -73.23 56.39 3.75
C ALA S 105 -72.27 57.48 4.18
N PHE S 106 -71.19 57.09 4.86
CA PHE S 106 -70.14 57.99 5.28
C PHE S 106 -68.90 57.73 4.46
N LEU S 107 -68.38 58.78 3.84
CA LEU S 107 -67.14 58.70 3.06
C LEU S 107 -66.16 59.73 3.62
N ASP S 108 -64.99 59.26 4.03
CA ASP S 108 -63.91 60.10 4.52
C ASP S 108 -62.82 60.07 3.46
N PHE S 109 -62.84 61.04 2.56
CA PHE S 109 -61.86 61.14 1.49
C PHE S 109 -60.67 61.94 2.02
N ALA S 110 -59.59 61.24 2.36
CA ALA S 110 -58.42 61.86 2.97
C ALA S 110 -57.18 61.49 2.18
N PRO S 111 -56.97 62.11 1.02
CA PRO S 111 -55.75 61.85 0.26
C PRO S 111 -54.55 62.58 0.85
N PHE S 112 -53.37 62.15 0.43
CA PHE S 112 -52.14 62.76 0.89
C PHE S 112 -51.95 64.12 0.21
N PRO S 113 -51.11 64.98 0.77
CA PRO S 113 -50.92 66.32 0.20
C PRO S 113 -50.39 66.28 -1.23
N LEU S 114 -50.78 67.28 -2.01
CA LEU S 114 -50.32 67.42 -3.39
C LEU S 114 -49.09 68.32 -3.43
N ILE S 115 -48.02 67.81 -4.03
CA ILE S 115 -46.75 68.54 -4.13
C ILE S 115 -46.49 68.84 -5.60
N PRO S 116 -46.71 70.07 -6.04
CA PRO S 116 -46.37 70.43 -7.42
C PRO S 116 -44.89 70.79 -7.53
N PHE S 117 -44.23 70.21 -8.53
CA PHE S 117 -42.81 70.47 -8.76
C PHE S 117 -42.67 71.75 -9.57
N GLU S 118 -41.45 72.06 -9.99
CA GLU S 118 -41.21 73.26 -10.79
C GLU S 118 -41.85 73.12 -12.16
N ASN S 119 -42.50 74.21 -12.61
CA ASN S 119 -43.19 74.26 -13.90
C ASN S 119 -44.24 73.15 -14.02
N ALA S 120 -45.00 72.95 -12.96
CA ALA S 120 -46.06 71.96 -12.93
C ALA S 120 -47.40 72.62 -13.24
N HIS S 121 -48.15 72.03 -14.17
CA HIS S 121 -49.46 72.50 -14.55
C HIS S 121 -50.46 71.39 -14.28
N PHE S 122 -51.38 71.63 -13.34
CA PHE S 122 -52.33 70.63 -12.90
C PHE S 122 -53.75 71.19 -12.95
N LYS S 123 -54.68 70.36 -13.42
CA LYS S 123 -56.09 70.69 -13.49
C LYS S 123 -56.89 69.57 -12.83
N GLY S 124 -57.39 69.81 -11.63
CA GLY S 124 -58.21 68.86 -10.91
C GLY S 124 -59.66 69.31 -10.90
N ASN S 125 -60.57 68.37 -11.12
CA ASN S 125 -62.00 68.65 -11.16
C ASN S 125 -62.72 67.55 -10.39
N THR S 126 -63.15 67.85 -9.17
CA THR S 126 -63.84 66.91 -8.31
C THR S 126 -65.31 67.28 -8.23
N THR S 127 -66.18 66.31 -8.51
CA THR S 127 -67.62 66.50 -8.44
C THR S 127 -68.18 65.43 -7.51
N ILE S 128 -68.62 65.83 -6.33
CA ILE S 128 -69.19 64.93 -5.34
C ILE S 128 -70.69 65.12 -5.32
N SER S 129 -71.43 64.01 -5.35
CA SER S 129 -72.87 64.01 -5.26
C SER S 129 -73.28 63.20 -4.05
N LEU S 130 -74.23 63.73 -3.27
CA LEU S 130 -74.65 63.12 -2.03
C LEU S 130 -76.16 63.01 -1.99
N ARG S 131 -76.64 62.15 -1.11
CA ARG S 131 -78.05 62.10 -0.77
C ARG S 131 -78.29 62.98 0.46
N SER S 132 -79.55 63.05 0.89
CA SER S 132 -79.87 63.85 2.07
C SER S 132 -79.19 63.31 3.32
N SER S 133 -79.15 61.99 3.46
CA SER S 133 -78.56 61.36 4.63
C SER S 133 -77.07 61.07 4.49
N SER S 134 -76.49 61.30 3.31
CA SER S 134 -75.08 61.01 3.10
C SER S 134 -74.21 61.94 3.92
N GLN S 135 -73.11 61.40 4.43
CA GLN S 135 -72.11 62.17 5.14
C GLN S 135 -70.81 62.16 4.37
N LEU S 136 -70.16 63.31 4.28
CA LEU S 136 -68.91 63.45 3.54
C LEU S 136 -67.90 64.22 4.37
N LEU S 137 -66.65 63.77 4.32
CA LEU S 137 -65.53 64.47 4.95
C LEU S 137 -64.45 64.60 3.87
N TYR S 138 -64.55 65.64 3.05
CA TYR S 138 -63.61 65.84 1.97
C TYR S 138 -62.44 66.68 2.45
N SER S 139 -61.26 66.43 1.87
CA SER S 139 -60.08 67.17 2.27
C SER S 139 -59.13 67.30 1.08
N ALA S 140 -58.29 68.32 1.14
CA ALA S 140 -57.26 68.53 0.13
C ALA S 140 -56.16 69.40 0.71
N ILE S 141 -54.93 68.92 0.62
CA ILE S 141 -53.76 69.66 1.09
C ILE S 141 -52.90 69.99 -0.12
N ILE S 142 -52.52 71.25 -0.24
CA ILE S 142 -51.67 71.74 -1.33
C ILE S 142 -50.40 72.31 -0.73
N VAL S 143 -49.27 71.87 -1.24
CA VAL S 143 -47.96 72.35 -0.79
C VAL S 143 -47.44 73.34 -1.82
N ALA S 144 -46.66 74.30 -1.34
CA ALA S 144 -46.05 75.29 -2.22
C ALA S 144 -44.99 74.70 -3.14
N GLY S 145 -44.56 73.47 -2.89
CA GLY S 145 -43.53 72.83 -3.66
C GLY S 145 -42.59 72.09 -2.73
N ARG S 146 -41.41 71.74 -3.25
CA ARG S 146 -40.40 71.08 -2.44
C ARG S 146 -39.76 72.14 -1.55
N VAL S 147 -40.38 72.34 -0.38
CA VAL S 147 -40.01 73.47 0.48
C VAL S 147 -38.59 73.32 1.00
N ALA S 148 -38.21 72.12 1.41
CA ALA S 148 -36.91 71.92 2.05
C ALA S 148 -35.74 72.21 1.12
N ARG S 149 -35.97 72.24 -0.19
CA ARG S 149 -34.93 72.59 -1.14
C ARG S 149 -35.18 73.94 -1.81
N ASN S 150 -35.95 74.82 -1.16
CA ASN S 150 -36.20 76.18 -1.62
C ASN S 150 -36.86 76.22 -3.00
N GLU S 151 -37.78 75.28 -3.23
CA GLU S 151 -38.61 75.29 -4.44
C GLU S 151 -40.00 75.75 -4.02
N LEU S 152 -40.18 77.07 -3.98
CA LEU S 152 -41.41 77.69 -3.51
C LEU S 152 -42.14 78.33 -4.67
N PHE S 153 -43.36 77.85 -4.95
CA PHE S 153 -44.23 78.43 -5.98
C PHE S 153 -43.52 78.53 -7.32
N LYS S 154 -42.75 77.49 -7.65
CA LYS S 154 -42.07 77.42 -8.93
C LYS S 154 -42.89 76.68 -9.98
N PHE S 155 -44.08 76.22 -9.64
CA PHE S 155 -44.92 75.51 -10.57
C PHE S 155 -45.57 76.47 -11.57
N ASN S 156 -46.10 75.92 -12.65
CA ASN S 156 -46.74 76.73 -13.67
C ASN S 156 -48.12 77.21 -13.20
N ARG S 157 -49.01 76.28 -12.91
CA ARG S 157 -50.38 76.65 -12.56
C ARG S 157 -51.06 75.46 -11.89
N LEU S 158 -51.84 75.75 -10.85
CA LEU S 158 -52.64 74.74 -10.15
C LEU S 158 -54.08 75.21 -10.15
N HIS S 159 -54.93 74.54 -10.92
CA HIS S 159 -56.35 74.80 -10.92
C HIS S 159 -57.06 73.61 -10.30
N THR S 160 -57.90 73.87 -9.30
CA THR S 160 -58.64 72.81 -8.61
C THR S 160 -60.07 73.28 -8.40
N LYS S 161 -61.01 72.62 -9.04
CA LYS S 161 -62.43 72.91 -8.89
C LYS S 161 -63.08 71.78 -8.10
N ILE S 162 -63.85 72.15 -7.08
CA ILE S 162 -64.61 71.20 -6.27
C ILE S 162 -66.07 71.63 -6.31
N SER S 163 -66.95 70.68 -6.62
CA SER S 163 -68.39 70.93 -6.71
C SER S 163 -69.11 69.84 -5.92
N ILE S 164 -69.68 70.22 -4.78
CA ILE S 164 -70.40 69.29 -3.93
C ILE S 164 -71.88 69.59 -4.04
N LEU S 165 -72.65 68.60 -4.51
CA LEU S 165 -74.08 68.70 -4.67
C LEU S 165 -74.77 67.74 -3.71
N GLN S 166 -75.88 68.20 -3.12
CA GLN S 166 -76.68 67.37 -2.23
C GLN S 166 -78.10 67.30 -2.79
N ASP S 167 -78.59 66.07 -2.97
CA ASP S 167 -79.90 65.84 -3.59
C ASP S 167 -79.99 66.54 -4.94
N GLU S 168 -78.90 66.47 -5.71
CA GLU S 168 -78.80 67.11 -7.03
C GLU S 168 -79.05 68.62 -6.93
N LYS S 169 -78.54 69.23 -5.86
CA LYS S 169 -78.62 70.67 -5.68
C LYS S 169 -77.26 71.15 -5.19
N PRO S 170 -76.68 72.18 -5.80
CA PRO S 170 -75.34 72.62 -5.41
C PRO S 170 -75.32 73.16 -3.98
N ILE S 171 -74.39 72.64 -3.18
CA ILE S 171 -74.23 73.10 -1.81
C ILE S 171 -72.82 73.61 -1.52
N TYR S 172 -71.82 73.25 -2.32
CA TYR S 172 -70.48 73.77 -2.09
C TYR S 172 -69.76 73.96 -3.41
N TYR S 173 -69.10 75.10 -3.57
CA TYR S 173 -68.29 75.40 -4.74
C TYR S 173 -66.93 75.90 -4.27
N ASP S 174 -65.87 75.40 -4.89
CA ASP S 174 -64.53 75.86 -4.58
C ASP S 174 -63.73 75.94 -5.88
N ASN S 175 -63.00 77.03 -6.05
CA ASN S 175 -62.19 77.25 -7.25
C ASN S 175 -60.83 77.77 -6.79
N THR S 176 -59.90 76.87 -6.52
CA THR S 176 -58.57 77.23 -6.06
C THR S 176 -57.67 77.37 -7.29
N ILE S 177 -57.21 78.59 -7.56
CA ILE S 177 -56.29 78.85 -8.66
C ILE S 177 -55.02 79.43 -8.08
N LEU S 178 -53.90 78.77 -8.35
CA LEU S 178 -52.58 79.22 -7.92
C LEU S 178 -51.73 79.41 -9.15
N ASP S 179 -51.47 80.66 -9.51
CA ASP S 179 -50.65 81.00 -10.68
C ASP S 179 -49.58 82.00 -10.23
N PRO S 180 -48.37 81.53 -9.92
CA PRO S 180 -47.32 82.45 -9.49
C PRO S 180 -46.97 83.51 -10.52
N LYS S 181 -47.16 83.22 -11.81
CA LYS S 181 -46.86 84.21 -12.84
C LYS S 181 -47.79 85.42 -12.74
N THR S 182 -49.07 85.18 -12.49
CA THR S 182 -50.02 86.29 -12.46
C THR S 182 -49.89 87.11 -11.18
N THR S 183 -49.63 86.45 -10.05
CA THR S 183 -49.55 87.14 -8.77
C THR S 183 -48.61 86.41 -7.85
N ASP S 184 -48.11 87.13 -6.85
CA ASP S 184 -47.22 86.55 -5.84
C ASP S 184 -48.07 85.85 -4.78
N LEU S 185 -48.01 84.52 -4.77
CA LEU S 185 -48.77 83.74 -3.79
C LEU S 185 -48.20 83.85 -2.39
N ASN S 186 -47.03 84.46 -2.22
CA ASN S 186 -46.42 84.68 -0.92
C ASN S 186 -46.93 85.94 -0.23
N ASN S 187 -47.87 86.65 -0.82
CA ASN S 187 -48.35 87.90 -0.24
C ASN S 187 -49.15 87.62 1.04
N MET S 188 -49.54 88.71 1.70
CA MET S 188 -50.21 88.61 2.99
C MET S 188 -51.61 88.03 2.90
N CYS S 189 -52.20 87.95 1.72
CA CYS S 189 -53.56 87.45 1.58
C CYS S 189 -53.64 86.04 1.01
N MET S 190 -52.58 85.55 0.37
CA MET S 190 -52.61 84.21 -0.21
C MET S 190 -52.02 83.16 0.72
N PHE S 191 -50.75 83.32 1.10
CA PHE S 191 -50.11 82.31 1.94
C PHE S 191 -49.44 82.94 3.15
N ASP S 192 -49.01 84.20 3.02
CA ASP S 192 -48.40 84.93 4.13
C ASP S 192 -47.20 84.19 4.71
N GLY S 193 -46.37 83.63 3.84
CA GLY S 193 -45.19 82.91 4.26
C GLY S 193 -45.41 81.46 4.62
N TYR S 194 -46.66 80.99 4.61
CA TYR S 194 -46.93 79.58 4.84
C TYR S 194 -46.75 78.79 3.54
N THR S 195 -46.49 77.50 3.70
CA THR S 195 -46.20 76.65 2.56
C THR S 195 -47.22 75.54 2.34
N HIS S 196 -48.01 75.19 3.35
CA HIS S 196 -48.97 74.10 3.24
C HIS S 196 -50.36 74.63 3.55
N TYR S 197 -51.33 74.31 2.69
CA TYR S 197 -52.69 74.80 2.83
C TYR S 197 -53.65 73.64 2.82
N LEU S 198 -54.47 73.54 3.86
CA LEU S 198 -55.45 72.48 4.01
C LEU S 198 -56.86 73.05 3.86
N ASN S 199 -57.65 72.45 2.98
CA ASN S 199 -59.05 72.78 2.81
C ASN S 199 -59.87 71.54 3.10
N LEU S 200 -60.77 71.63 4.08
CA LEU S 200 -61.57 70.50 4.52
C LEU S 200 -63.04 70.90 4.52
N VAL S 201 -63.89 69.98 4.07
CA VAL S 201 -65.33 70.21 4.01
C VAL S 201 -66.03 69.07 4.75
N LEU S 202 -66.83 69.42 5.75
CA LEU S 202 -67.64 68.47 6.49
C LEU S 202 -69.10 68.71 6.12
N VAL S 203 -69.71 67.74 5.47
CA VAL S 203 -71.10 67.82 5.03
C VAL S 203 -71.91 66.81 5.83
N ASN S 204 -72.94 67.29 6.52
CA ASN S 204 -73.86 66.48 7.31
C ASN S 204 -73.18 65.74 8.45
N CYS S 205 -71.94 66.10 8.79
CA CYS S 205 -71.26 65.46 9.89
C CYS S 205 -71.85 65.92 11.22
N PRO S 206 -71.94 65.04 12.22
CA PRO S 206 -72.51 65.41 13.52
C PRO S 206 -71.48 66.03 14.47
N ILE S 207 -70.79 67.05 14.00
CA ILE S 207 -69.77 67.75 14.76
C ILE S 207 -70.13 69.22 14.83
N GLU S 208 -69.90 69.82 15.99
CA GLU S 208 -70.26 71.22 16.22
C GLU S 208 -69.13 72.16 15.83
N LEU S 209 -69.52 73.37 15.42
CA LEU S 209 -68.55 74.40 15.09
C LEU S 209 -67.66 74.72 16.29
N SER S 210 -68.23 74.68 17.49
CA SER S 210 -67.44 74.89 18.70
C SER S 210 -66.37 73.81 18.86
N GLY S 211 -66.74 72.55 18.61
CA GLY S 211 -65.76 71.48 18.71
C GLY S 211 -64.66 71.59 17.68
N VAL S 212 -65.04 71.91 16.44
CA VAL S 212 -64.04 72.08 15.39
C VAL S 212 -63.11 73.24 15.72
N ARG S 213 -63.67 74.34 16.23
CA ARG S 213 -62.84 75.49 16.59
C ARG S 213 -61.89 75.15 17.72
N GLU S 214 -62.36 74.39 18.71
CA GLU S 214 -61.48 73.96 19.80
C GLU S 214 -60.36 73.09 19.28
N CYS S 215 -60.67 72.17 18.35
CA CYS S 215 -59.64 71.33 17.76
C CYS S 215 -58.60 72.18 17.02
N ILE S 216 -59.06 73.15 16.22
CA ILE S 216 -58.15 74.00 15.48
C ILE S 216 -57.26 74.80 16.43
N GLU S 217 -57.86 75.35 17.50
CA GLU S 217 -57.10 76.15 18.44
C GLU S 217 -56.05 75.31 19.17
N GLU S 218 -56.43 74.10 19.60
CA GLU S 218 -55.47 73.26 20.31
C GLU S 218 -54.42 72.65 19.40
N SER S 219 -54.69 72.60 18.09
CA SER S 219 -53.66 72.16 17.15
C SER S 219 -52.55 73.20 17.08
N GLU S 220 -51.30 72.75 17.17
CA GLU S 220 -50.15 73.63 17.24
C GLU S 220 -49.50 73.79 15.88
N GLY S 221 -48.91 74.98 15.67
CA GLY S 221 -48.19 75.26 14.45
C GLY S 221 -49.05 75.52 13.24
N VAL S 222 -50.36 75.69 13.42
CA VAL S 222 -51.29 75.86 12.31
C VAL S 222 -52.10 77.12 12.54
N ASP S 223 -52.18 77.96 11.51
CA ASP S 223 -53.07 79.12 11.49
C ASP S 223 -54.31 78.72 10.71
N GLY S 224 -55.37 78.35 11.44
CA GLY S 224 -56.55 77.78 10.81
C GLY S 224 -57.82 78.40 11.34
N ALA S 225 -58.90 78.13 10.62
CA ALA S 225 -60.22 78.65 10.98
C ALA S 225 -61.29 77.76 10.38
N VAL S 226 -62.49 77.83 10.96
CA VAL S 226 -63.62 77.04 10.53
C VAL S 226 -64.86 77.93 10.51
N SER S 227 -65.66 77.80 9.46
CA SER S 227 -66.89 78.56 9.33
C SER S 227 -67.98 77.66 8.78
N GLU S 228 -69.18 78.22 8.64
CA GLU S 228 -70.33 77.51 8.10
C GLU S 228 -70.66 78.08 6.73
N THR S 229 -70.82 77.20 5.74
CA THR S 229 -71.13 77.62 4.38
C THR S 229 -72.61 78.03 4.31
N ALA S 230 -73.06 78.38 3.10
CA ALA S 230 -74.46 78.77 2.92
C ALA S 230 -75.40 77.62 3.25
N SER S 231 -75.03 76.40 2.88
CA SER S 231 -75.85 75.22 3.09
C SER S 231 -75.68 74.62 4.47
N SER S 232 -75.16 75.38 5.43
CA SER S 232 -75.03 74.95 6.83
C SER S 232 -74.18 73.70 6.95
N HIS S 233 -73.01 73.73 6.31
CA HIS S 233 -72.02 72.66 6.41
C HIS S 233 -70.66 73.29 6.70
N LEU S 234 -69.81 72.55 7.42
CA LEU S 234 -68.60 73.13 7.95
C LEU S 234 -67.50 73.18 6.90
N CYS S 235 -66.76 74.29 6.87
CA CYS S 235 -65.61 74.46 5.99
C CYS S 235 -64.43 74.92 6.84
N VAL S 236 -63.32 74.21 6.74
CA VAL S 236 -62.12 74.49 7.50
C VAL S 236 -61.00 74.85 6.54
N LYS S 237 -60.34 75.98 6.78
CA LYS S 237 -59.18 76.38 6.01
C LYS S 237 -58.02 76.62 6.97
N ALA S 238 -56.89 75.98 6.69
CA ALA S 238 -55.75 76.05 7.58
C ALA S 238 -54.46 76.25 6.78
N LEU S 239 -53.49 76.91 7.39
CA LEU S 239 -52.17 77.09 6.81
C LEU S 239 -51.13 76.62 7.82
N ALA S 240 -50.02 76.08 7.30
CA ALA S 240 -48.97 75.59 8.16
C ALA S 240 -47.64 75.61 7.42
N LYS S 241 -46.56 75.58 8.18
CA LYS S 241 -45.23 75.54 7.58
C LYS S 241 -44.91 74.16 7.01
N GLY S 242 -45.43 73.10 7.64
CA GLY S 242 -45.24 71.76 7.15
C GLY S 242 -46.56 71.00 7.10
N SER S 243 -46.51 69.85 6.44
CA SER S 243 -47.72 69.04 6.29
C SER S 243 -48.06 68.24 7.53
N GLU S 244 -47.13 68.09 8.46
CA GLU S 244 -47.41 67.34 9.68
C GLU S 244 -48.50 67.98 10.53
N PRO S 245 -48.46 69.28 10.85
CA PRO S 245 -49.59 69.85 11.60
C PRO S 245 -50.92 69.75 10.88
N LEU S 246 -50.92 69.90 9.56
CA LEU S 246 -52.17 69.81 8.80
C LEU S 246 -52.73 68.39 8.83
N LEU S 247 -51.87 67.40 8.65
CA LEU S 247 -52.34 66.02 8.71
C LEU S 247 -52.84 65.66 10.10
N HIS S 248 -52.14 66.13 11.13
CA HIS S 248 -52.58 65.88 12.50
C HIS S 248 -53.93 66.52 12.76
N LEU S 249 -54.13 67.77 12.30
CA LEU S 249 -55.41 68.43 12.47
C LEU S 249 -56.51 67.70 11.73
N ARG S 250 -56.23 67.24 10.50
CA ARG S 250 -57.24 66.53 9.73
C ARG S 250 -57.64 65.22 10.41
N GLU S 251 -56.66 64.47 10.91
CA GLU S 251 -56.98 63.23 11.59
C GLU S 251 -57.69 63.48 12.92
N LYS S 252 -57.37 64.58 13.60
CA LYS S 252 -58.09 64.94 14.81
C LYS S 252 -59.56 65.23 14.51
N ILE S 253 -59.82 66.00 13.45
CA ILE S 253 -61.20 66.30 13.08
C ILE S 253 -61.93 65.04 12.65
N ALA S 254 -61.25 64.17 11.90
CA ALA S 254 -61.88 62.92 11.47
C ALA S 254 -62.22 62.04 12.67
N ARG S 255 -61.33 61.96 13.65
CA ARG S 255 -61.63 61.19 14.85
C ARG S 255 -62.79 61.80 15.62
N LEU S 256 -62.85 63.13 15.70
CA LEU S 256 -63.96 63.78 16.37
C LEU S 256 -65.28 63.49 15.67
N VAL S 257 -65.26 63.42 14.34
CA VAL S 257 -66.47 63.12 13.60
C VAL S 257 -66.88 61.65 13.80
N THR S 258 -65.90 60.74 13.76
CA THR S 258 -66.22 59.32 13.81
C THR S 258 -66.59 58.84 15.21
N GLN S 259 -66.05 59.46 16.26
CA GLN S 259 -66.34 59.03 17.62
C GLN S 259 -67.79 59.24 18.00
N THR S 260 -68.52 60.07 17.25
CA THR S 260 -69.94 60.28 17.50
C THR S 260 -70.73 59.02 17.17
N ASP T 30 -76.35 114.27 -12.44
CA ASP T 30 -76.59 113.34 -13.54
C ASP T 30 -76.33 111.91 -13.10
N ASN T 31 -75.81 111.09 -14.02
CA ASN T 31 -75.53 109.70 -13.70
C ASN T 31 -74.47 109.59 -12.61
N GLU T 32 -73.40 110.37 -12.72
CA GLU T 32 -72.36 110.34 -11.70
C GLU T 32 -72.89 110.82 -10.35
N PHE T 33 -73.72 111.86 -10.35
CA PHE T 33 -74.30 112.35 -9.12
C PHE T 33 -75.18 111.30 -8.46
N LEU T 34 -76.01 110.61 -9.25
CA LEU T 34 -76.86 109.57 -8.69
C LEU T 34 -76.04 108.39 -8.18
N ILE T 35 -74.98 108.02 -8.90
CA ILE T 35 -74.09 106.96 -8.43
C ILE T 35 -73.48 107.33 -7.09
N LEU T 36 -72.97 108.56 -6.98
CA LEU T 36 -72.37 108.99 -5.72
C LEU T 36 -73.41 109.01 -4.59
N GLN T 37 -74.61 109.48 -4.89
CA GLN T 37 -75.66 109.54 -3.88
C GLN T 37 -76.03 108.15 -3.36
N VAL T 38 -76.24 107.21 -4.28
CA VAL T 38 -76.64 105.87 -3.85
C VAL T 38 -75.48 105.17 -3.13
N ASN T 39 -74.24 105.38 -3.59
CA ASN T 39 -73.09 104.80 -2.92
C ASN T 39 -72.96 105.34 -1.50
N ASP T 40 -73.13 106.65 -1.32
CA ASP T 40 -73.05 107.23 0.02
C ASP T 40 -74.20 106.74 0.90
N ALA T 41 -75.40 106.60 0.33
CA ALA T 41 -76.54 106.14 1.12
C ALA T 41 -76.46 104.65 1.45
N VAL T 42 -75.68 103.87 0.70
CA VAL T 42 -75.60 102.43 0.94
C VAL T 42 -74.39 102.08 1.79
N PHE T 43 -73.19 102.38 1.29
CA PHE T 43 -71.99 101.80 1.89
C PHE T 43 -71.59 102.48 3.20
N PRO T 44 -71.38 103.82 3.24
CA PRO T 44 -71.09 104.44 4.55
C PRO T 44 -72.21 104.28 5.55
N ILE T 45 -73.45 104.25 5.10
CA ILE T 45 -74.59 104.08 6.00
C ILE T 45 -74.79 102.61 6.32
N THR T 49 -68.32 100.02 8.37
CA THR T 49 -68.52 99.12 9.49
C THR T 49 -68.04 97.70 9.16
N HIS T 50 -67.76 97.46 7.88
CA HIS T 50 -67.30 96.17 7.41
C HIS T 50 -65.79 96.21 7.19
N SER T 51 -65.08 95.25 7.75
CA SER T 51 -63.63 95.19 7.65
C SER T 51 -63.12 94.17 6.66
N PHE T 52 -63.88 93.11 6.41
CA PHE T 52 -63.47 92.04 5.49
C PHE T 52 -62.13 91.43 5.90
N GLY T 53 -61.93 91.25 7.21
CA GLY T 53 -60.72 90.63 7.73
C GLY T 53 -59.62 91.60 8.11
N LEU T 54 -59.74 92.88 7.77
CA LEU T 54 -58.73 93.86 8.15
C LEU T 54 -58.62 93.97 9.66
N GLU T 55 -59.76 93.88 10.35
CA GLU T 55 -59.74 93.89 11.81
C GLU T 55 -58.96 92.69 12.35
N THR T 56 -59.16 91.52 11.75
CA THR T 56 -58.40 90.35 12.16
C THR T 56 -56.91 90.53 11.91
N TYR T 57 -56.54 91.11 10.77
CA TYR T 57 -55.13 91.37 10.49
C TYR T 57 -54.53 92.31 11.53
N ILE T 58 -55.26 93.39 11.88
CA ILE T 58 -54.76 94.33 12.86
C ILE T 58 -54.62 93.67 14.22
N GLN T 59 -55.62 92.89 14.62
CA GLN T 59 -55.57 92.20 15.92
C GLN T 59 -54.44 91.19 15.98
N GLN T 60 -54.15 90.52 14.86
CA GLN T 60 -53.02 89.60 14.78
C GLN T 60 -51.70 90.31 14.52
N LYS T 61 -51.73 91.64 14.36
CA LYS T 61 -50.53 92.47 14.26
C LYS T 61 -49.78 92.21 12.95
N LYS T 62 -50.51 91.96 11.88
CA LYS T 62 -49.92 91.85 10.55
C LYS T 62 -49.94 93.17 9.80
N VAL T 63 -50.90 94.05 10.12
CA VAL T 63 -50.99 95.38 9.56
C VAL T 63 -50.72 96.38 10.69
N THR T 64 -49.64 97.13 10.57
CA THR T 64 -49.22 98.02 11.64
C THR T 64 -49.00 99.45 11.18
N ASN T 65 -48.45 99.65 9.99
CA ASN T 65 -48.03 100.98 9.54
C ASN T 65 -48.46 101.17 8.09
N LYS T 66 -47.97 102.25 7.48
CA LYS T 66 -48.42 102.61 6.14
C LYS T 66 -48.03 101.56 5.10
N GLU T 67 -46.78 101.10 5.14
CA GLU T 67 -46.34 100.13 4.14
C GLU T 67 -47.04 98.78 4.32
N SER T 68 -47.23 98.35 5.57
CA SER T 68 -47.96 97.11 5.82
C SER T 68 -49.41 97.21 5.35
N ALA T 69 -50.06 98.34 5.63
CA ALA T 69 -51.44 98.52 5.16
C ALA T 69 -51.50 98.57 3.65
N LEU T 70 -50.54 99.22 3.01
CA LEU T 70 -50.50 99.26 1.55
C LEU T 70 -50.32 97.87 0.97
N GLU T 71 -49.43 97.07 1.54
CA GLU T 71 -49.24 95.70 1.06
C GLU T 71 -50.49 94.87 1.24
N TYR T 72 -51.16 95.00 2.39
CA TYR T 72 -52.39 94.26 2.61
C TYR T 72 -53.46 94.67 1.60
N LEU T 73 -53.61 95.98 1.37
CA LEU T 73 -54.63 96.46 0.45
C LEU T 73 -54.34 95.99 -0.97
N LYS T 74 -53.07 96.05 -1.39
CA LYS T 74 -52.73 95.58 -2.73
C LYS T 74 -53.00 94.10 -2.87
N ALA T 75 -52.63 93.29 -1.87
CA ALA T 75 -52.87 91.85 -1.95
C ALA T 75 -54.37 91.55 -1.98
N ASN T 76 -55.15 92.22 -1.14
CA ASN T 76 -56.59 91.98 -1.10
C ASN T 76 -57.24 92.36 -2.43
N LEU T 77 -56.88 93.53 -2.97
CA LEU T 77 -57.43 93.96 -4.25
C LEU T 77 -57.03 92.99 -5.36
N SER T 78 -55.79 92.51 -5.33
CA SER T 78 -55.34 91.60 -6.38
C SER T 78 -56.06 90.26 -6.32
N SER T 79 -56.28 89.73 -5.12
CA SER T 79 -56.89 88.40 -5.04
C SER T 79 -58.40 88.44 -4.86
N GLN T 80 -58.87 88.93 -3.72
CA GLN T 80 -60.25 88.70 -3.35
C GLN T 80 -61.19 89.67 -4.05
N PHE T 81 -60.86 90.96 -4.00
CA PHE T 81 -61.66 91.96 -4.70
C PHE T 81 -61.68 91.69 -6.21
N LEU T 82 -60.54 91.28 -6.77
CA LEU T 82 -60.48 91.05 -8.21
C LEU T 82 -61.28 89.83 -8.62
N TYR T 83 -61.11 88.71 -7.92
CA TYR T 83 -61.71 87.45 -8.36
C TYR T 83 -63.07 87.17 -7.76
N THR T 84 -63.59 88.05 -6.90
CA THR T 84 -64.91 87.86 -6.31
C THR T 84 -65.86 89.02 -6.55
N GLU T 85 -65.36 90.25 -6.62
CA GLU T 85 -66.22 91.42 -6.76
C GLU T 85 -66.16 92.04 -8.16
N MET T 86 -64.97 92.38 -8.65
CA MET T 86 -64.87 92.99 -9.97
C MET T 86 -65.24 92.01 -11.08
N LEU T 87 -64.77 90.76 -10.97
CA LEU T 87 -65.13 89.75 -11.96
C LEU T 87 -66.63 89.48 -11.96
N SER T 88 -67.23 89.39 -10.77
CA SER T 88 -68.67 89.20 -10.68
C SER T 88 -69.42 90.39 -11.25
N LEU T 89 -68.91 91.60 -11.02
CA LEU T 89 -69.53 92.80 -11.58
C LEU T 89 -69.52 92.76 -13.10
N LYS T 90 -68.36 92.41 -13.68
CA LYS T 90 -68.26 92.32 -15.14
C LYS T 90 -69.18 91.24 -15.69
N LEU T 91 -69.23 90.08 -15.02
CA LEU T 91 -70.08 88.99 -15.49
C LEU T 91 -71.55 89.38 -15.44
N THR T 92 -71.97 90.03 -14.36
CA THR T 92 -73.36 90.47 -14.25
C THR T 92 -73.68 91.55 -15.27
N TYR T 93 -72.73 92.44 -15.54
CA TYR T 93 -72.93 93.45 -16.58
C TYR T 93 -73.15 92.81 -17.94
N GLU T 94 -72.30 91.84 -18.30
CA GLU T 94 -72.45 91.15 -19.57
C GLU T 94 -73.78 90.37 -19.61
N SER T 95 -74.13 89.71 -18.52
CA SER T 95 -75.35 88.92 -18.49
C SER T 95 -76.59 89.79 -18.59
N ALA T 96 -76.55 90.98 -18.00
CA ALA T 96 -77.67 91.90 -18.12
C ALA T 96 -77.74 92.53 -19.50
N LEU T 97 -76.58 92.80 -20.11
CA LEU T 97 -76.58 93.27 -21.49
C LEU T 97 -77.18 92.24 -22.43
N GLN T 98 -76.91 90.96 -22.17
CA GLN T 98 -77.52 89.88 -22.93
C GLN T 98 -78.92 89.51 -22.41
N GLN T 99 -79.37 90.14 -21.32
CA GLN T 99 -80.67 89.84 -20.71
C GLN T 99 -80.77 88.39 -20.27
N ASP T 100 -79.73 87.91 -19.59
CA ASP T 100 -79.66 86.54 -19.12
C ASP T 100 -79.91 86.52 -17.60
N LEU T 101 -81.18 86.51 -17.23
CA LEU T 101 -81.56 86.44 -15.82
C LEU T 101 -81.10 85.12 -15.20
N LYS T 102 -81.20 84.02 -15.96
CA LYS T 102 -80.74 82.74 -15.46
C LYS T 102 -79.24 82.77 -15.19
N LYS T 103 -78.47 83.39 -16.09
CA LYS T 103 -77.03 83.50 -15.88
C LYS T 103 -76.71 84.37 -14.67
N ILE T 104 -77.45 85.46 -14.47
CA ILE T 104 -77.22 86.30 -13.30
C ILE T 104 -77.49 85.51 -12.03
N LEU T 105 -78.60 84.77 -11.99
CA LEU T 105 -78.93 83.98 -10.82
C LEU T 105 -77.90 82.89 -10.56
N GLY T 106 -77.42 82.26 -11.64
CA GLY T 106 -76.39 81.24 -11.48
C GLY T 106 -75.09 81.80 -10.95
N VAL T 107 -74.70 82.99 -11.42
CA VAL T 107 -73.50 83.64 -10.89
C VAL T 107 -73.68 83.97 -9.41
N GLU T 108 -74.84 84.48 -9.04
CA GLU T 108 -75.10 84.78 -7.63
C GLU T 108 -75.05 83.52 -6.78
N GLU T 109 -75.62 82.43 -7.29
CA GLU T 109 -75.58 81.16 -6.56
C GLU T 109 -74.15 80.66 -6.39
N VAL T 110 -73.35 80.78 -7.45
CA VAL T 110 -71.94 80.36 -7.36
C VAL T 110 -71.21 81.18 -6.31
N ILE T 111 -71.44 82.50 -6.31
CA ILE T 111 -70.78 83.36 -5.33
C ILE T 111 -71.19 82.96 -3.92
N MET T 112 -72.49 82.75 -3.71
CA MET T 112 -72.99 82.40 -2.38
C MET T 112 -72.41 81.07 -1.90
N LEU T 113 -72.35 80.08 -2.78
CA LEU T 113 -71.86 78.77 -2.38
C LEU T 113 -70.33 78.71 -2.31
N SER T 114 -69.64 79.67 -2.90
CA SER T 114 -68.19 79.73 -2.78
C SER T 114 -67.71 80.59 -1.63
N THR T 115 -68.54 81.51 -1.13
CA THR T 115 -68.15 82.38 -0.03
C THR T 115 -68.17 81.58 1.27
N SER T 116 -67.06 80.90 1.52
CA SER T 116 -66.93 80.11 2.75
C SER T 116 -67.04 80.93 4.02
N PRO T 117 -66.36 82.09 4.16
CA PRO T 117 -66.47 82.82 5.43
C PRO T 117 -67.88 83.34 5.68
N MET T 118 -68.39 83.02 6.88
CA MET T 118 -69.74 83.44 7.24
C MET T 118 -69.83 84.96 7.33
N GLU T 119 -68.82 85.61 7.90
CA GLU T 119 -68.83 87.06 8.01
C GLU T 119 -68.86 87.72 6.63
N LEU T 120 -68.01 87.24 5.71
CA LEU T 120 -68.00 87.80 4.37
C LEU T 120 -69.33 87.57 3.65
N ARG T 121 -69.90 86.37 3.78
CA ARG T 121 -71.17 86.08 3.14
C ARG T 121 -72.27 86.97 3.69
N LEU T 122 -72.33 87.12 5.01
CA LEU T 122 -73.36 87.96 5.62
C LEU T 122 -73.19 89.42 5.23
N ALA T 123 -71.94 89.91 5.20
CA ALA T 123 -71.70 91.29 4.81
C ALA T 123 -72.12 91.53 3.36
N ASN T 124 -71.77 90.62 2.47
CA ASN T 124 -72.15 90.78 1.06
C ASN T 124 -73.67 90.75 0.90
N GLN T 125 -74.34 89.82 1.58
CA GLN T 125 -75.79 89.75 1.48
C GLN T 125 -76.44 91.01 2.03
N LYS T 126 -75.96 91.51 3.16
CA LYS T 126 -76.52 92.72 3.75
C LYS T 126 -76.31 93.92 2.85
N LEU T 127 -75.12 94.05 2.26
CA LEU T 127 -74.85 95.17 1.36
C LEU T 127 -75.71 95.09 0.11
N GLY T 128 -75.88 93.90 -0.45
CA GLY T 128 -76.74 93.75 -1.62
C GLY T 128 -78.19 94.07 -1.32
N ASN T 129 -78.69 93.60 -0.17
CA ASN T 129 -80.05 93.92 0.23
C ASN T 129 -80.23 95.42 0.45
N ARG T 130 -79.25 96.06 1.09
CA ARG T 130 -79.33 97.49 1.30
C ARG T 130 -79.34 98.24 -0.02
N PHE T 131 -78.50 97.83 -0.97
CA PHE T 131 -78.47 98.47 -2.28
C PHE T 131 -79.80 98.32 -2.99
N ILE T 132 -80.37 97.10 -2.97
CA ILE T 132 -81.64 96.85 -3.64
C ILE T 132 -82.74 97.69 -3.01
N LYS T 133 -82.78 97.74 -1.67
CA LYS T 133 -83.81 98.51 -0.98
C LYS T 133 -83.66 100.01 -1.28
N THR T 134 -82.43 100.51 -1.31
CA THR T 134 -82.21 101.92 -1.61
C THR T 134 -82.67 102.27 -3.02
N LEU T 135 -82.34 101.43 -4.00
CA LEU T 135 -82.81 101.68 -5.36
C LEU T 135 -84.33 101.58 -5.45
N GLN T 136 -84.93 100.64 -4.71
CA GLN T 136 -86.39 100.50 -4.75
C GLN T 136 -87.09 101.71 -4.13
N ALA T 137 -86.55 102.26 -3.05
CA ALA T 137 -87.26 103.27 -2.27
C ALA T 137 -86.82 104.70 -2.59
N MET T 138 -85.53 105.00 -2.41
CA MET T 138 -85.07 106.38 -2.53
C MET T 138 -85.07 106.86 -3.97
N ASN T 139 -84.59 106.03 -4.89
CA ASN T 139 -84.47 106.42 -6.29
C ASN T 139 -85.85 106.38 -6.93
N GLU T 140 -86.56 107.50 -6.84
CA GLU T 140 -87.92 107.62 -7.39
C GLU T 140 -87.83 107.98 -8.88
N LEU T 141 -87.41 106.99 -9.66
CA LEU T 141 -87.25 107.17 -11.09
C LEU T 141 -87.31 105.79 -11.75
N ASP T 142 -87.49 105.80 -13.07
CA ASP T 142 -87.60 104.56 -13.83
C ASP T 142 -86.24 103.88 -13.97
N MET T 143 -85.88 103.06 -12.99
CA MET T 143 -84.60 102.36 -13.03
C MET T 143 -84.54 101.39 -14.20
N GLY T 144 -85.63 100.67 -14.46
CA GLY T 144 -85.67 99.73 -15.56
C GLY T 144 -86.49 98.49 -15.26
N GLU T 145 -87.23 98.01 -16.25
CA GLU T 145 -88.05 96.82 -16.05
C GLU T 145 -87.18 95.60 -15.75
N PHE T 146 -86.05 95.48 -16.42
CA PHE T 146 -85.15 94.36 -16.18
C PHE T 146 -84.62 94.38 -14.75
N PHE T 147 -84.19 95.55 -14.28
CA PHE T 147 -83.68 95.66 -12.91
C PHE T 147 -84.78 95.38 -11.89
N ASN T 148 -85.99 95.89 -12.15
CA ASN T 148 -87.10 95.63 -11.23
C ASN T 148 -87.42 94.14 -11.15
N ALA T 149 -87.45 93.47 -12.31
CA ALA T 149 -87.71 92.04 -12.32
C ALA T 149 -86.60 91.26 -11.61
N TYR T 150 -85.35 91.66 -11.82
CA TYR T 150 -84.24 91.01 -11.14
C TYR T 150 -84.33 91.19 -9.64
N ALA T 151 -84.69 92.40 -9.19
CA ALA T 151 -84.83 92.63 -7.76
C ALA T 151 -85.99 91.81 -7.17
N GLN T 152 -87.08 91.69 -7.92
CA GLN T 152 -88.23 90.93 -7.42
C GLN T 152 -88.00 89.43 -7.47
N LYS T 153 -87.07 88.95 -8.30
CA LYS T 153 -86.83 87.52 -8.44
C LYS T 153 -85.57 87.04 -7.73
N THR T 154 -84.69 87.93 -7.29
CA THR T 154 -83.44 87.51 -6.68
C THR T 154 -83.66 87.06 -5.24
N LYS T 155 -82.71 86.26 -4.75
CA LYS T 155 -82.73 85.76 -3.38
C LYS T 155 -81.56 86.27 -2.57
N ASP T 156 -80.33 86.08 -3.04
CA ASP T 156 -79.12 86.46 -2.33
C ASP T 156 -78.28 87.33 -3.25
N PRO T 157 -78.63 88.61 -3.39
CA PRO T 157 -77.91 89.49 -4.31
C PRO T 157 -76.66 90.06 -3.66
N THR T 158 -75.50 89.78 -4.25
CA THR T 158 -74.27 90.39 -3.79
C THR T 158 -74.23 91.86 -4.22
N HIS T 159 -73.48 92.67 -3.46
CA HIS T 159 -73.39 94.09 -3.76
C HIS T 159 -72.74 94.33 -5.11
N ALA T 160 -71.67 93.59 -5.43
CA ALA T 160 -71.00 93.78 -6.71
C ALA T 160 -71.91 93.40 -7.87
N THR T 161 -72.63 92.29 -7.77
CA THR T 161 -73.54 91.89 -8.83
C THR T 161 -74.68 92.88 -8.98
N SER T 162 -75.21 93.38 -7.86
CA SER T 162 -76.28 94.38 -7.91
C SER T 162 -75.80 95.65 -8.59
N TYR T 163 -74.60 96.11 -8.25
CA TYR T 163 -74.06 97.30 -8.90
C TYR T 163 -73.84 97.05 -10.39
N GLY T 164 -73.36 95.86 -10.74
CA GLY T 164 -73.14 95.55 -12.15
C GLY T 164 -74.42 95.57 -12.96
N VAL T 165 -75.46 94.93 -12.45
CA VAL T 165 -76.73 94.90 -13.17
C VAL T 165 -77.35 96.30 -13.20
N PHE T 166 -77.19 97.08 -12.13
CA PHE T 166 -77.68 98.44 -12.13
C PHE T 166 -76.99 99.29 -13.20
N ALA T 167 -75.66 99.16 -13.30
CA ALA T 167 -74.93 99.90 -14.33
C ALA T 167 -75.33 99.45 -15.72
N ALA T 168 -75.50 98.14 -15.91
CA ALA T 168 -75.89 97.63 -17.22
C ALA T 168 -77.26 98.16 -17.63
N SER T 169 -78.21 98.18 -16.70
CA SER T 169 -79.54 98.71 -17.01
C SER T 169 -79.51 100.21 -17.24
N LEU T 170 -78.65 100.93 -16.52
CA LEU T 170 -78.55 102.38 -16.69
C LEU T 170 -77.71 102.77 -17.89
N GLY T 171 -77.03 101.81 -18.53
CA GLY T 171 -76.23 102.13 -19.70
C GLY T 171 -74.84 102.64 -19.40
N ILE T 172 -74.41 102.58 -18.13
CA ILE T 172 -73.10 103.07 -17.76
C ILE T 172 -72.01 102.21 -18.41
N GLU T 173 -70.87 102.85 -18.71
CA GLU T 173 -69.75 102.14 -19.31
C GLU T 173 -69.17 101.13 -18.32
N LEU T 174 -68.74 99.99 -18.85
CA LEU T 174 -68.22 98.92 -18.00
C LEU T 174 -66.97 99.36 -17.25
N LYS T 175 -66.01 99.93 -17.98
CA LYS T 175 -64.76 100.35 -17.35
C LYS T 175 -65.00 101.45 -16.32
N LYS T 176 -65.87 102.41 -16.64
CA LYS T 176 -66.19 103.47 -15.69
C LYS T 176 -66.85 102.92 -14.44
N ALA T 177 -67.79 101.98 -14.61
CA ALA T 177 -68.47 101.40 -13.45
C ALA T 177 -67.48 100.64 -12.57
N LEU T 178 -66.59 99.86 -13.20
CA LEU T 178 -65.58 99.15 -12.41
C LEU T 178 -64.67 100.12 -11.68
N ALA T 179 -64.23 101.18 -12.35
CA ALA T 179 -63.34 102.16 -11.71
C ALA T 179 -64.03 102.82 -10.52
N HIS T 180 -65.29 103.22 -10.71
CA HIS T 180 -66.02 103.87 -9.62
C HIS T 180 -66.23 102.93 -8.44
N TYR T 181 -66.63 101.69 -8.71
CA TYR T 181 -66.87 100.73 -7.63
C TYR T 181 -65.58 100.44 -6.87
N LEU T 182 -64.48 100.22 -7.60
CA LEU T 182 -63.19 99.96 -6.96
C LEU T 182 -62.73 101.15 -6.15
N ASP T 183 -62.90 102.36 -6.69
CA ASP T 183 -62.50 103.56 -5.97
C ASP T 183 -63.29 103.73 -4.67
N ALA T 184 -64.61 103.52 -4.73
CA ALA T 184 -65.42 103.65 -3.53
C ALA T 184 -65.06 102.60 -2.49
N GLN T 185 -64.88 101.35 -2.92
CA GLN T 185 -64.51 100.30 -1.98
C GLN T 185 -63.15 100.57 -1.34
N THR T 186 -62.19 101.03 -2.14
CA THR T 186 -60.87 101.34 -1.59
C THR T 186 -60.91 102.54 -0.67
N SER T 187 -61.76 103.53 -0.95
CA SER T 187 -61.92 104.65 -0.03
C SER T 187 -62.45 104.17 1.32
N ASN T 188 -63.47 103.30 1.30
CA ASN T 188 -63.96 102.74 2.54
C ASN T 188 -62.89 101.93 3.26
N MET T 189 -62.12 101.15 2.50
CA MET T 189 -61.06 100.34 3.10
C MET T 189 -59.99 101.21 3.76
N VAL T 190 -59.58 102.29 3.09
CA VAL T 190 -58.52 103.12 3.65
C VAL T 190 -59.02 103.90 4.86
N ILE T 191 -60.28 104.35 4.84
CA ILE T 191 -60.78 105.05 6.03
C ILE T 191 -60.94 104.08 7.19
N ASN T 192 -61.36 102.84 6.91
CA ASN T 192 -61.41 101.83 7.98
C ASN T 192 -60.03 101.55 8.54
N CYS T 193 -59.03 101.43 7.68
CA CYS T 193 -57.66 101.17 8.14
C CYS T 193 -57.13 102.34 8.96
N VAL T 194 -57.39 103.58 8.53
CA VAL T 194 -56.92 104.74 9.27
C VAL T 194 -57.64 104.86 10.60
N LYS T 195 -58.88 104.38 10.68
CA LYS T 195 -59.59 104.40 11.96
C LYS T 195 -59.10 103.31 12.90
N SER T 196 -58.76 102.15 12.36
CA SER T 196 -58.56 100.95 13.18
C SER T 196 -57.11 100.66 13.52
N VAL T 197 -56.16 101.04 12.66
CA VAL T 197 -54.75 100.67 12.90
C VAL T 197 -54.22 101.27 14.21
N PRO T 198 -54.36 102.57 14.47
CA PRO T 198 -54.82 103.70 13.65
C PRO T 198 -53.69 104.37 12.90
N LEU T 199 -54.02 105.06 11.81
CA LEU T 199 -53.06 105.83 11.04
C LEU T 199 -53.46 107.31 11.08
N SER T 200 -52.77 108.13 10.31
CA SER T 200 -53.09 109.53 10.17
C SER T 200 -53.81 109.78 8.84
N GLN T 201 -54.58 110.87 8.80
CA GLN T 201 -55.25 111.25 7.57
C GLN T 201 -54.25 111.46 6.43
N ASN T 202 -53.04 111.91 6.76
CA ASN T 202 -52.00 112.04 5.74
C ASN T 202 -51.64 110.69 5.15
N ASP T 203 -51.48 109.67 6.00
CA ASP T 203 -51.18 108.33 5.49
C ASP T 203 -52.34 107.77 4.69
N GLY T 204 -53.57 108.04 5.13
CA GLY T 204 -54.73 107.60 4.36
C GLY T 204 -54.76 108.22 2.98
N GLN T 205 -54.51 109.52 2.90
CA GLN T 205 -54.45 110.19 1.60
C GLN T 205 -53.30 109.64 0.76
N LYS T 206 -52.15 109.36 1.39
CA LYS T 206 -51.01 108.84 0.65
C LYS T 206 -51.32 107.48 0.04
N ILE T 207 -51.92 106.58 0.83
CA ILE T 207 -52.23 105.24 0.31
C ILE T 207 -53.35 105.31 -0.71
N LEU T 208 -54.29 106.27 -0.57
CA LEU T 208 -55.30 106.46 -1.59
C LEU T 208 -54.68 106.93 -2.91
N LEU T 209 -53.70 107.84 -2.82
CA LEU T 209 -53.09 108.40 -4.02
C LEU T 209 -52.12 107.43 -4.68
N SER T 210 -51.49 106.55 -3.90
CA SER T 210 -50.47 105.64 -4.42
C SER T 210 -51.05 104.38 -5.03
N LEU T 211 -52.37 104.21 -5.00
CA LEU T 211 -53.01 103.01 -5.54
C LEU T 211 -53.61 103.24 -6.93
N GLN T 212 -53.29 104.35 -7.58
CA GLN T 212 -53.89 104.66 -8.87
C GLN T 212 -53.45 103.66 -9.94
N SER T 213 -52.15 103.39 -10.02
CA SER T 213 -51.66 102.42 -11.01
C SER T 213 -52.21 101.02 -10.78
N PRO T 214 -52.22 100.47 -9.56
CA PRO T 214 -52.87 99.16 -9.37
C PRO T 214 -54.34 99.16 -9.75
N PHE T 215 -55.04 100.28 -9.60
CA PHE T 215 -56.42 100.35 -10.04
C PHE T 215 -56.53 100.11 -11.54
N ASN T 216 -55.71 100.81 -12.32
CA ASN T 216 -55.71 100.62 -13.77
C ASN T 216 -55.32 99.19 -14.14
N GLN T 217 -54.31 98.64 -13.45
CA GLN T 217 -53.89 97.28 -13.75
C GLN T 217 -55.00 96.26 -13.45
N LEU T 218 -55.71 96.46 -12.33
CA LEU T 218 -56.81 95.56 -12.00
C LEU T 218 -57.95 95.68 -13.00
N ILE T 219 -58.26 96.89 -13.44
CA ILE T 219 -59.31 97.06 -14.45
C ILE T 219 -58.91 96.39 -15.75
N GLU T 220 -57.63 96.53 -16.14
CA GLU T 220 -57.16 95.87 -17.35
C GLU T 220 -57.23 94.35 -17.22
N LYS T 221 -56.90 93.81 -16.04
CA LYS T 221 -57.00 92.37 -15.82
C LYS T 221 -58.45 91.91 -15.91
N THR T 222 -59.37 92.65 -15.30
CA THR T 222 -60.79 92.31 -15.39
C THR T 222 -61.29 92.40 -16.82
N LEU T 223 -60.71 93.30 -17.62
CA LEU T 223 -61.08 93.42 -19.02
C LEU T 223 -60.76 92.19 -19.84
N GLU T 224 -59.90 91.29 -19.32
CA GLU T 224 -59.56 90.06 -20.02
C GLU T 224 -59.88 88.80 -19.22
N LEU T 225 -60.40 88.94 -18.00
CA LEU T 225 -60.76 87.77 -17.21
C LEU T 225 -61.99 87.08 -17.80
N ASP T 226 -62.42 86.00 -17.15
CA ASP T 226 -63.55 85.21 -17.63
C ASP T 226 -64.23 84.55 -16.43
N GLU T 227 -65.32 83.84 -16.72
CA GLU T 227 -66.11 83.20 -15.66
C GLU T 227 -65.39 82.01 -15.02
N SER T 228 -64.36 81.47 -15.68
CA SER T 228 -63.63 80.34 -15.11
C SER T 228 -62.90 80.74 -13.83
N HIS T 229 -62.54 82.01 -13.69
CA HIS T 229 -61.82 82.49 -12.52
C HIS T 229 -62.75 83.03 -11.44
N LEU T 230 -64.06 82.92 -11.62
CA LEU T 230 -65.01 83.48 -10.67
C LEU T 230 -64.84 82.86 -9.30
N CYS T 231 -64.80 83.70 -8.27
CA CYS T 231 -64.69 83.27 -6.88
C CYS T 231 -63.46 82.39 -6.65
N THR T 232 -62.31 82.84 -7.19
CA THR T 232 -61.07 82.14 -6.93
C THR T 232 -60.78 82.15 -5.43
N ALA T 233 -60.46 80.99 -4.89
CA ALA T 233 -60.37 80.80 -3.45
C ALA T 233 -59.12 81.48 -2.91
N SER T 234 -59.29 82.61 -2.25
CA SER T 234 -58.23 83.18 -1.43
C SER T 234 -58.08 82.36 -0.16
N VAL T 235 -56.87 82.32 0.39
CA VAL T 235 -56.59 81.42 1.50
C VAL T 235 -56.47 82.19 2.81
N GLN T 236 -55.47 83.05 2.91
CA GLN T 236 -55.22 83.74 4.17
C GLN T 236 -56.32 84.76 4.45
N ASN T 237 -56.85 85.41 3.41
CA ASN T 237 -57.95 86.34 3.60
C ASN T 237 -59.17 85.63 4.17
N ASP T 238 -59.51 84.47 3.62
CA ASP T 238 -60.66 83.72 4.12
C ASP T 238 -60.41 83.20 5.53
N ILE T 239 -59.17 82.77 5.81
CA ILE T 239 -58.85 82.29 7.16
C ILE T 239 -59.00 83.41 8.17
N LYS T 240 -58.51 84.61 7.84
CA LYS T 240 -58.66 85.74 8.75
C LYS T 240 -60.13 86.15 8.90
N ALA T 241 -60.89 86.10 7.81
CA ALA T 241 -62.31 86.42 7.89
C ALA T 241 -63.05 85.45 8.80
N MET T 242 -62.69 84.16 8.74
CA MET T 242 -63.34 83.18 9.61
C MET T 242 -62.85 83.29 11.04
N GLN T 243 -61.59 83.71 11.24
CA GLN T 243 -61.09 83.94 12.60
C GLN T 243 -61.68 85.20 13.21
N HIS T 244 -62.21 86.10 12.39
CA HIS T 244 -62.89 87.28 12.90
C HIS T 244 -64.03 86.91 13.84
N GLU T 245 -64.70 85.77 13.59
CA GLU T 245 -65.73 85.30 14.50
C GLU T 245 -65.14 84.93 15.86
N SER T 246 -63.96 84.31 15.86
CA SER T 246 -63.31 83.91 17.11
C SER T 246 -62.51 85.03 17.75
N LEU T 247 -62.46 86.21 17.12
CA LEU T 247 -61.79 87.35 17.73
C LEU T 247 -62.42 87.70 19.07
N TYR T 248 -61.58 88.22 19.98
CA TYR T 248 -62.05 88.56 21.31
C TYR T 248 -63.13 89.63 21.28
N SER T 249 -62.79 90.83 20.81
CA SER T 249 -63.73 91.94 20.68
C SER T 249 -63.76 92.38 19.23
N ARG T 250 -64.96 92.43 18.65
CA ARG T 250 -65.15 92.74 17.25
C ARG T 250 -65.67 94.17 17.12
N LEU T 251 -64.79 95.09 16.71
CA LEU T 251 -65.21 96.46 16.43
C LEU T 251 -65.82 96.62 15.06
N TYR T 252 -65.79 95.58 14.23
CA TYR T 252 -66.38 95.61 12.90
C TYR T 252 -67.35 94.44 12.76
N MET T 253 -68.37 94.63 11.92
CA MET T 253 -69.39 93.61 11.74
C MET T 253 -68.81 92.34 11.13
N SER T 254 -67.93 92.48 10.15
CA SER T 254 -67.36 91.31 9.48
C SER T 254 -65.84 91.43 9.37
N MET U 1 -54.83 26.39 -5.83
CA MET U 1 -55.62 25.18 -5.63
C MET U 1 -54.73 23.96 -5.52
N LYS U 2 -54.05 23.82 -4.38
CA LYS U 2 -53.06 22.78 -4.22
C LYS U 2 -53.63 21.41 -4.54
N LEU U 3 -53.15 20.82 -5.64
CA LEU U 3 -53.68 19.56 -6.14
C LEU U 3 -52.74 18.43 -5.78
N THR U 4 -53.28 17.38 -5.23
CA THR U 4 -52.50 16.22 -4.88
C THR U 4 -52.42 15.25 -6.05
N PRO U 5 -51.43 14.36 -6.06
CA PRO U 5 -51.36 13.37 -7.13
C PRO U 5 -52.62 12.53 -7.25
N LYS U 6 -53.26 12.23 -6.11
CA LYS U 6 -54.53 11.53 -6.15
C LYS U 6 -55.58 12.33 -6.91
N GLU U 7 -55.63 13.64 -6.67
CA GLU U 7 -56.59 14.48 -7.38
C GLU U 7 -56.29 14.51 -8.87
N LEU U 8 -55.02 14.56 -9.25
CA LEU U 8 -54.68 14.54 -10.67
C LEU U 8 -55.11 13.22 -11.33
N ASP U 9 -54.88 12.10 -10.63
CA ASP U 9 -55.32 10.81 -11.15
C ASP U 9 -56.83 10.76 -11.30
N LYS U 10 -57.55 11.26 -10.30
CA LYS U 10 -59.01 11.26 -10.37
C LYS U 10 -59.51 12.15 -11.49
N LEU U 11 -58.84 13.28 -11.75
CA LEU U 11 -59.23 14.13 -12.87
C LEU U 11 -59.05 13.40 -14.20
N MET U 12 -57.93 12.69 -14.35
CA MET U 12 -57.73 11.91 -15.56
C MET U 12 -58.82 10.85 -15.70
N LEU U 13 -59.16 10.17 -14.61
CA LEU U 13 -60.21 9.15 -14.67
C LEU U 13 -61.55 9.77 -15.03
N HIS U 14 -61.86 10.93 -14.47
CA HIS U 14 -63.13 11.58 -14.77
C HIS U 14 -63.22 11.92 -16.25
N TYR U 15 -62.12 12.40 -16.84
CA TYR U 15 -62.22 12.77 -18.24
C TYR U 15 -62.19 11.56 -19.16
N ALA U 16 -61.57 10.47 -18.75
CA ALA U 16 -61.75 9.21 -19.46
C ALA U 16 -63.22 8.79 -19.43
N GLY U 17 -63.87 8.94 -18.28
CA GLY U 17 -65.29 8.63 -18.19
C GLY U 17 -66.14 9.54 -19.05
N GLU U 18 -65.76 10.81 -19.14
CA GLU U 18 -66.48 11.74 -20.01
C GLU U 18 -66.34 11.35 -21.47
N LEU U 19 -65.14 10.93 -21.88
CA LEU U 19 -64.96 10.44 -23.25
C LEU U 19 -65.82 9.22 -23.51
N ALA U 20 -65.86 8.29 -22.55
CA ALA U 20 -66.71 7.12 -22.70
C ALA U 20 -68.18 7.50 -22.83
N LYS U 21 -68.62 8.47 -22.03
CA LYS U 21 -70.01 8.91 -22.10
C LYS U 21 -70.32 9.55 -23.45
N LYS U 22 -69.40 10.35 -23.98
CA LYS U 22 -69.60 10.94 -25.29
C LYS U 22 -69.69 9.87 -26.37
N ARG U 23 -68.83 8.86 -26.31
CA ARG U 23 -68.90 7.77 -27.28
C ARG U 23 -70.22 7.02 -27.17
N LYS U 24 -70.68 6.79 -25.94
CA LYS U 24 -71.96 6.12 -25.75
C LYS U 24 -73.10 6.94 -26.34
N GLU U 25 -73.05 8.25 -26.17
CA GLU U 25 -74.07 9.11 -26.79
C GLU U 25 -74.00 9.04 -28.31
N LYS U 26 -72.80 9.01 -28.86
CA LYS U 26 -72.65 8.83 -30.30
C LYS U 26 -73.15 7.48 -30.76
N GLY U 27 -73.25 6.51 -29.87
CA GLY U 27 -73.77 5.20 -30.21
C GLY U 27 -72.73 4.12 -30.38
N ILE U 28 -71.46 4.42 -30.09
CA ILE U 28 -70.42 3.41 -30.15
C ILE U 28 -70.59 2.46 -28.97
N LYS U 29 -70.53 1.16 -29.24
CA LYS U 29 -70.55 0.18 -28.16
C LYS U 29 -69.25 0.26 -27.38
N LEU U 30 -69.36 0.43 -26.07
CA LEU U 30 -68.18 0.67 -25.25
C LEU U 30 -67.36 -0.60 -25.10
N ASN U 31 -66.04 -0.42 -24.98
CA ASN U 31 -65.15 -1.52 -24.69
C ASN U 31 -64.90 -1.59 -23.20
N TYR U 32 -63.93 -2.42 -22.81
CA TYR U 32 -63.67 -2.67 -21.39
C TYR U 32 -63.24 -1.40 -20.67
N VAL U 33 -62.26 -0.70 -21.22
CA VAL U 33 -61.73 0.51 -20.59
C VAL U 33 -62.82 1.57 -20.49
N GLU U 34 -63.56 1.76 -21.58
CA GLU U 34 -64.61 2.78 -21.58
C GLU U 34 -65.69 2.46 -20.56
N ALA U 35 -66.09 1.20 -20.45
CA ALA U 35 -67.13 0.84 -19.51
C ALA U 35 -66.68 1.07 -18.07
N VAL U 36 -65.47 0.64 -17.74
CA VAL U 36 -64.96 0.83 -16.39
C VAL U 36 -64.86 2.31 -16.06
N ALA U 37 -64.33 3.09 -17.00
CA ALA U 37 -64.18 4.53 -16.77
C ALA U 37 -65.53 5.20 -16.61
N LEU U 38 -66.52 4.80 -17.40
CA LEU U 38 -67.84 5.40 -17.31
C LEU U 38 -68.46 5.15 -15.94
N ILE U 39 -68.41 3.90 -15.48
CA ILE U 39 -69.00 3.57 -14.18
C ILE U 39 -68.29 4.34 -13.07
N SER U 40 -66.94 4.34 -13.09
CA SER U 40 -66.20 5.01 -12.04
C SER U 40 -66.47 6.51 -12.01
N ALA U 41 -66.48 7.15 -13.18
CA ALA U 41 -66.71 8.59 -13.23
C ALA U 41 -68.11 8.93 -12.77
N HIS U 42 -69.10 8.12 -13.14
CA HIS U 42 -70.46 8.39 -12.68
C HIS U 42 -70.55 8.29 -11.16
N ILE U 43 -69.92 7.27 -10.57
CA ILE U 43 -69.96 7.13 -9.12
C ILE U 43 -69.29 8.33 -8.45
N MET U 44 -68.16 8.75 -8.99
CA MET U 44 -67.45 9.89 -8.41
C MET U 44 -68.32 11.15 -8.46
N GLU U 45 -68.99 11.39 -9.59
CA GLU U 45 -69.82 12.58 -9.69
C GLU U 45 -71.00 12.52 -8.73
N GLU U 46 -71.63 11.35 -8.59
CA GLU U 46 -72.75 11.24 -7.65
C GLU U 46 -72.29 11.47 -6.22
N ALA U 47 -71.14 10.93 -5.84
CA ALA U 47 -70.63 11.15 -4.50
C ALA U 47 -70.32 12.62 -4.26
N ARG U 48 -69.76 13.30 -5.26
CA ARG U 48 -69.52 14.73 -5.11
C ARG U 48 -70.82 15.49 -4.95
N ALA U 49 -71.86 15.09 -5.68
CA ALA U 49 -73.16 15.72 -5.50
C ALA U 49 -73.66 15.54 -4.08
N GLY U 50 -73.44 14.36 -3.50
CA GLY U 50 -73.67 14.18 -2.09
C GLY U 50 -75.11 13.96 -1.67
N LYS U 51 -76.00 13.65 -2.61
CA LYS U 51 -77.38 13.33 -2.26
C LYS U 51 -77.58 11.84 -2.01
N LYS U 52 -76.59 11.01 -2.28
CA LYS U 52 -76.72 9.57 -2.17
C LYS U 52 -75.71 9.01 -1.18
N THR U 53 -76.03 7.86 -0.62
CA THR U 53 -75.11 7.14 0.25
C THR U 53 -74.30 6.15 -0.57
N ALA U 54 -73.29 5.56 0.09
CA ALA U 54 -72.46 4.58 -0.59
C ALA U 54 -73.28 3.36 -1.02
N ALA U 55 -74.27 2.97 -0.22
CA ALA U 55 -75.14 1.86 -0.60
C ALA U 55 -75.96 2.22 -1.84
N GLU U 56 -76.51 3.44 -1.87
CA GLU U 56 -77.26 3.88 -3.03
C GLU U 56 -76.38 3.90 -4.27
N LEU U 57 -75.13 4.33 -4.13
CA LEU U 57 -74.22 4.35 -5.27
C LEU U 57 -73.87 2.95 -5.73
N MET U 58 -73.69 2.02 -4.78
CA MET U 58 -73.44 0.64 -5.15
C MET U 58 -74.61 0.07 -5.95
N GLN U 59 -75.84 0.40 -5.54
CA GLN U 59 -76.99 -0.02 -6.32
C GLN U 59 -77.03 0.64 -7.68
N GLU U 60 -76.75 1.94 -7.74
CA GLU U 60 -76.95 2.70 -8.98
C GLU U 60 -75.90 2.38 -10.02
N GLY U 61 -74.69 2.02 -9.60
CA GLY U 61 -73.65 1.70 -10.55
C GLY U 61 -73.98 0.54 -11.46
N ARG U 62 -74.87 -0.35 -11.04
CA ARG U 62 -75.25 -1.52 -11.83
C ARG U 62 -76.30 -1.22 -12.88
N THR U 63 -76.84 -0.01 -12.91
CA THR U 63 -77.88 0.36 -13.86
C THR U 63 -77.40 1.26 -14.98
N LEU U 64 -76.11 1.60 -15.00
CA LEU U 64 -75.62 2.58 -15.96
C LEU U 64 -75.55 2.01 -17.37
N LEU U 65 -75.05 0.79 -17.51
CA LEU U 65 -74.78 0.19 -18.80
C LEU U 65 -75.69 -1.00 -19.03
N LYS U 66 -76.43 -0.98 -20.12
CA LYS U 66 -77.20 -2.12 -20.56
C LYS U 66 -76.29 -3.10 -21.28
N PRO U 67 -76.69 -4.37 -21.38
CA PRO U 67 -75.86 -5.33 -22.11
C PRO U 67 -75.64 -4.96 -23.57
N ASP U 68 -76.55 -4.21 -24.17
CA ASP U 68 -76.41 -3.81 -25.57
C ASP U 68 -75.57 -2.55 -25.75
N ASP U 69 -75.12 -1.94 -24.67
CA ASP U 69 -74.31 -0.74 -24.76
C ASP U 69 -72.81 -1.03 -24.80
N VAL U 70 -72.40 -2.28 -24.68
CA VAL U 70 -71.00 -2.64 -24.61
C VAL U 70 -70.69 -3.70 -25.65
N MET U 71 -69.42 -3.84 -25.98
CA MET U 71 -68.98 -4.86 -26.91
C MET U 71 -69.09 -6.23 -26.26
N ASP U 72 -69.02 -7.26 -27.09
CA ASP U 72 -69.10 -8.63 -26.59
C ASP U 72 -67.85 -8.97 -25.79
N GLY U 73 -68.05 -9.51 -24.60
CA GLY U 73 -66.97 -9.89 -23.72
C GLY U 73 -66.68 -8.89 -22.62
N VAL U 74 -67.15 -7.65 -22.76
CA VAL U 74 -66.89 -6.62 -21.75
C VAL U 74 -67.55 -7.00 -20.44
N ALA U 75 -68.79 -7.49 -20.49
CA ALA U 75 -69.49 -7.85 -19.28
C ALA U 75 -68.81 -9.01 -18.57
N SER U 76 -68.31 -9.98 -19.33
CA SER U 76 -67.56 -11.08 -18.74
C SER U 76 -66.26 -10.57 -18.11
N MET U 77 -65.59 -9.62 -18.75
CA MET U 77 -64.31 -9.15 -18.25
C MET U 77 -64.47 -8.32 -16.98
N ILE U 78 -65.55 -7.56 -16.88
CA ILE U 78 -65.75 -6.66 -15.75
C ILE U 78 -66.46 -7.43 -14.64
N HIS U 79 -65.74 -7.72 -13.57
CA HIS U 79 -66.33 -8.42 -12.43
C HIS U 79 -66.80 -7.45 -11.36
N GLU U 80 -65.96 -6.49 -11.00
CA GLU U 80 -66.36 -5.44 -10.07
C GLU U 80 -65.52 -4.21 -10.33
N VAL U 81 -66.15 -3.05 -10.13
CA VAL U 81 -65.50 -1.77 -10.28
C VAL U 81 -65.44 -1.11 -8.91
N GLY U 82 -64.25 -0.90 -8.40
CA GLY U 82 -64.05 -0.19 -7.16
C GLY U 82 -63.61 1.23 -7.45
N ILE U 83 -64.06 2.16 -6.62
CA ILE U 83 -63.68 3.55 -6.78
C ILE U 83 -63.76 4.23 -5.43
N GLU U 84 -62.71 4.95 -5.06
CA GLU U 84 -62.69 5.71 -3.82
C GLU U 84 -63.24 7.09 -4.11
N ALA U 85 -64.40 7.41 -3.56
CA ALA U 85 -65.10 8.65 -3.84
C ALA U 85 -65.20 9.48 -2.57
N MET U 86 -65.08 10.79 -2.71
CA MET U 86 -65.10 11.71 -1.57
C MET U 86 -66.54 12.11 -1.31
N PHE U 87 -67.13 11.55 -0.26
CA PHE U 87 -68.48 11.89 0.17
C PHE U 87 -68.44 13.09 1.10
N PRO U 88 -69.60 13.63 1.47
CA PRO U 88 -69.60 14.69 2.50
C PRO U 88 -69.02 14.24 3.82
N ASP U 89 -68.94 12.94 4.07
CA ASP U 89 -68.37 12.40 5.29
C ASP U 89 -67.05 11.68 5.03
N GLY U 90 -66.26 12.19 4.09
CA GLY U 90 -64.93 11.65 3.83
C GLY U 90 -64.92 10.71 2.64
N THR U 91 -63.74 10.13 2.43
CA THR U 91 -63.52 9.23 1.31
C THR U 91 -63.98 7.82 1.67
N LYS U 92 -64.80 7.23 0.80
CA LYS U 92 -65.30 5.88 1.00
C LYS U 92 -65.10 5.10 -0.28
N LEU U 93 -64.88 3.80 -0.13
CA LEU U 93 -64.70 2.90 -1.27
C LEU U 93 -66.06 2.35 -1.68
N VAL U 94 -66.49 2.69 -2.89
CA VAL U 94 -67.73 2.19 -3.47
C VAL U 94 -67.36 1.07 -4.42
N THR U 95 -67.94 -0.11 -4.22
CA THR U 95 -67.69 -1.26 -5.06
C THR U 95 -68.99 -1.65 -5.75
N VAL U 96 -68.96 -1.72 -7.08
CA VAL U 96 -70.09 -2.15 -7.88
C VAL U 96 -69.74 -3.52 -8.45
N HIS U 97 -70.48 -4.54 -8.05
CA HIS U 97 -70.22 -5.90 -8.50
CA HIS U 97 -70.22 -5.90 -8.50
C HIS U 97 -71.11 -6.24 -9.69
N THR U 98 -70.52 -6.90 -10.68
CA THR U 98 -71.16 -7.27 -11.94
C THR U 98 -72.03 -6.13 -12.48
N PRO U 99 -71.43 -4.99 -12.82
CA PRO U 99 -72.24 -3.85 -13.27
C PRO U 99 -72.97 -4.09 -14.58
N ILE U 100 -72.53 -5.02 -15.41
CA ILE U 100 -73.16 -5.29 -16.70
C ILE U 100 -73.49 -6.77 -16.79
N GLU U 101 -74.70 -7.07 -17.23
CA GLU U 101 -75.12 -8.46 -17.42
C GLU U 101 -74.38 -9.07 -18.61
N ALA U 102 -73.94 -10.31 -18.44
CA ALA U 102 -73.19 -10.98 -19.50
C ALA U 102 -74.13 -11.42 -20.61
N ASN U 103 -73.75 -11.09 -21.84
CA ASN U 103 -74.53 -11.55 -23.00
C ASN U 103 -74.28 -13.03 -23.29
N GLY U 104 -73.08 -13.53 -23.01
CA GLY U 104 -72.76 -14.92 -23.21
C GLY U 104 -72.17 -15.26 -24.56
N LYS U 105 -72.15 -14.31 -25.50
CA LYS U 105 -71.62 -14.60 -26.83
C LYS U 105 -70.14 -14.95 -26.78
N LEU U 106 -69.31 -13.99 -26.37
CA LEU U 106 -67.88 -14.17 -26.30
C LEU U 106 -67.41 -13.98 -24.86
N VAL U 107 -66.66 -14.95 -24.36
CA VAL U 107 -66.10 -14.89 -23.02
C VAL U 107 -64.58 -14.94 -23.13
N PRO U 108 -63.91 -13.79 -23.02
CA PRO U 108 -62.45 -13.78 -23.06
C PRO U 108 -61.86 -14.56 -21.89
N GLY U 109 -60.84 -15.35 -22.19
CA GLY U 109 -60.17 -16.12 -21.17
C GLY U 109 -61.03 -17.16 -20.49
N GLU U 110 -62.06 -17.66 -21.17
CA GLU U 110 -62.97 -18.59 -20.54
C GLU U 110 -62.34 -19.97 -20.41
N LEU U 111 -62.78 -20.71 -19.39
CA LEU U 111 -62.28 -22.04 -19.11
C LEU U 111 -63.17 -23.09 -19.75
N PHE U 112 -62.54 -24.12 -20.31
CA PHE U 112 -63.25 -25.29 -20.83
C PHE U 112 -62.81 -26.48 -19.97
N LEU U 113 -63.55 -26.71 -18.89
CA LEU U 113 -63.16 -27.70 -17.91
C LEU U 113 -63.65 -29.09 -18.29
N LYS U 114 -62.90 -30.10 -17.87
CA LYS U 114 -63.37 -31.47 -17.95
C LYS U 114 -64.50 -31.69 -16.96
N ASN U 115 -65.37 -32.65 -17.28
CA ASN U 115 -66.45 -33.01 -16.36
C ASN U 115 -66.04 -34.19 -15.47
N GLU U 116 -64.90 -34.05 -14.80
CA GLU U 116 -64.38 -35.09 -13.92
C GLU U 116 -63.91 -34.45 -12.62
N ASP U 117 -64.28 -35.05 -11.50
CA ASP U 117 -63.95 -34.47 -10.20
C ASP U 117 -62.49 -34.73 -9.84
N ILE U 118 -61.94 -33.80 -9.07
CA ILE U 118 -60.56 -33.90 -8.60
C ILE U 118 -60.57 -34.61 -7.26
N THR U 119 -59.81 -35.69 -7.15
CA THR U 119 -59.70 -36.44 -5.90
C THR U 119 -58.47 -35.93 -5.14
N ILE U 120 -58.71 -35.25 -4.03
CA ILE U 120 -57.62 -34.68 -3.24
C ILE U 120 -57.25 -35.65 -2.14
N ASN U 121 -56.00 -35.54 -1.68
CA ASN U 121 -55.48 -36.39 -0.61
C ASN U 121 -55.68 -37.86 -0.92
N GLU U 122 -55.45 -38.22 -2.19
CA GLU U 122 -55.64 -39.59 -2.62
C GLU U 122 -54.65 -40.52 -1.93
N GLY U 123 -55.14 -41.69 -1.54
CA GLY U 123 -54.31 -42.65 -0.82
C GLY U 123 -54.20 -42.41 0.66
N LYS U 124 -54.89 -41.42 1.21
CA LYS U 124 -54.88 -41.14 2.63
C LYS U 124 -56.24 -41.46 3.22
N LYS U 125 -56.26 -42.33 4.21
CA LYS U 125 -57.50 -42.73 4.86
C LYS U 125 -57.88 -41.73 5.92
N ALA U 126 -59.15 -41.35 5.94
CA ALA U 126 -59.66 -40.31 6.83
C ALA U 126 -60.41 -40.94 7.99
N VAL U 127 -60.14 -40.43 9.20
CA VAL U 127 -60.87 -40.82 10.38
C VAL U 127 -61.85 -39.70 10.71
N SER U 128 -62.93 -40.05 11.41
CA SER U 128 -63.97 -39.12 11.76
C SER U 128 -63.89 -38.79 13.26
N VAL U 129 -63.98 -37.50 13.58
CA VAL U 129 -63.88 -37.03 14.95
C VAL U 129 -65.01 -36.03 15.19
N LYS U 130 -65.65 -36.15 16.36
CA LYS U 130 -66.69 -35.21 16.75
C LYS U 130 -66.08 -34.09 17.58
N VAL U 131 -66.33 -32.85 17.17
CA VAL U 131 -65.75 -31.67 17.80
C VAL U 131 -66.87 -30.77 18.29
N LYS U 132 -66.79 -30.35 19.54
CA LYS U 132 -67.72 -29.40 20.11
C LYS U 132 -66.99 -28.11 20.47
N ASN U 133 -67.59 -26.98 20.10
CA ASN U 133 -67.07 -25.66 20.44
C ASN U 133 -67.75 -25.24 21.73
N VAL U 134 -67.06 -25.38 22.86
CA VAL U 134 -67.60 -24.96 24.14
C VAL U 134 -67.23 -23.52 24.47
N GLY U 135 -66.57 -22.82 23.57
CA GLY U 135 -66.29 -21.42 23.76
C GLY U 135 -67.45 -20.55 23.34
N ASP U 136 -67.23 -19.24 23.42
CA ASP U 136 -68.26 -18.25 23.12
C ASP U 136 -68.11 -17.64 21.74
N ARG U 137 -67.09 -18.02 20.98
CA ARG U 137 -66.86 -17.45 19.66
C ARG U 137 -66.67 -18.55 18.64
N PRO U 138 -67.03 -18.31 17.39
CA PRO U 138 -66.78 -19.29 16.34
C PRO U 138 -65.28 -19.44 16.09
N VAL U 139 -64.90 -20.64 15.67
CA VAL U 139 -63.51 -20.99 15.44
C VAL U 139 -63.36 -21.55 14.04
N GLN U 140 -62.46 -20.98 13.26
CA GLN U 140 -62.18 -21.46 11.91
C GLN U 140 -60.84 -22.17 11.89
N ILE U 141 -60.82 -23.37 11.34
CA ILE U 141 -59.62 -24.19 11.26
C ILE U 141 -59.29 -24.41 9.78
N GLY U 142 -58.04 -24.12 9.42
CA GLY U 142 -57.60 -24.30 8.06
C GLY U 142 -57.32 -25.74 7.71
N SER U 143 -57.16 -25.98 6.41
CA SER U 143 -56.97 -27.34 5.91
C SER U 143 -55.67 -27.94 6.39
N HIS U 144 -54.67 -27.13 6.71
CA HIS U 144 -53.35 -27.64 7.03
C HIS U 144 -52.91 -27.33 8.45
N PHE U 145 -53.80 -26.80 9.28
CA PHE U 145 -53.50 -26.67 10.69
C PHE U 145 -53.45 -28.04 11.35
N HIS U 146 -52.45 -28.24 12.20
CA HIS U 146 -52.33 -29.47 12.96
C HIS U 146 -53.50 -29.53 13.94
N PHE U 147 -54.46 -30.42 13.67
CA PHE U 147 -55.72 -30.38 14.40
C PHE U 147 -55.56 -30.67 15.88
N PHE U 148 -54.48 -31.34 16.28
CA PHE U 148 -54.26 -31.60 17.69
C PHE U 148 -54.10 -30.32 18.49
N GLU U 149 -53.58 -29.26 17.87
CA GLU U 149 -53.22 -28.04 18.58
C GLU U 149 -54.19 -26.90 18.37
N VAL U 150 -55.42 -27.19 17.96
CA VAL U 150 -56.42 -26.15 17.69
C VAL U 150 -56.82 -25.50 19.01
N ASN U 151 -57.58 -24.41 18.91
CA ASN U 151 -58.09 -23.67 20.06
C ASN U 151 -58.52 -24.62 21.18
N ARG U 152 -58.06 -24.31 22.40
CA ARG U 152 -58.36 -25.17 23.53
C ARG U 152 -59.83 -25.13 23.91
N CYS U 153 -60.62 -24.21 23.39
CA CYS U 153 -62.05 -24.22 23.62
C CYS U 153 -62.78 -25.26 22.80
N LEU U 154 -62.11 -25.89 21.84
CA LEU U 154 -62.70 -27.00 21.12
C LEU U 154 -62.52 -28.28 21.92
N ASP U 155 -63.58 -29.07 22.02
CA ASP U 155 -63.58 -30.29 22.81
C ASP U 155 -63.71 -31.49 21.88
N PHE U 156 -62.72 -32.37 21.93
CA PHE U 156 -62.71 -33.59 21.13
C PHE U 156 -61.58 -34.46 21.65
N ASP U 157 -61.56 -35.71 21.19
CA ASP U 157 -60.52 -36.65 21.60
C ASP U 157 -59.23 -36.29 20.88
N ARG U 158 -58.38 -35.51 21.55
CA ARG U 158 -57.16 -35.02 20.91
C ARG U 158 -56.19 -36.15 20.59
N GLU U 159 -56.22 -37.22 21.40
CA GLU U 159 -55.35 -38.36 21.14
C GLU U 159 -55.63 -38.95 19.76
N LYS U 160 -56.90 -38.97 19.35
CA LYS U 160 -57.23 -39.50 18.03
C LYS U 160 -56.70 -38.61 16.92
N THR U 161 -56.53 -37.32 17.19
CA THR U 161 -56.20 -36.36 16.14
C THR U 161 -54.74 -35.94 16.15
N PHE U 162 -53.92 -36.47 17.05
CA PHE U 162 -52.51 -36.15 16.99
C PHE U 162 -51.90 -36.54 15.65
N GLY U 163 -51.18 -35.60 15.04
CA GLY U 163 -50.54 -35.84 13.77
C GLY U 163 -51.44 -35.76 12.55
N LYS U 164 -52.62 -35.16 12.68
CA LYS U 164 -53.60 -35.16 11.61
C LYS U 164 -54.04 -33.74 11.31
N ARG U 165 -54.65 -33.60 10.14
CA ARG U 165 -55.19 -32.32 9.68
C ARG U 165 -56.53 -32.59 8.99
N LEU U 166 -57.27 -31.50 8.76
CA LEU U 166 -58.57 -31.63 8.13
C LEU U 166 -58.43 -32.13 6.70
N ASP U 167 -59.37 -33.00 6.30
CA ASP U 167 -59.38 -33.55 4.95
C ASP U 167 -60.32 -32.73 4.08
N ILE U 168 -59.89 -31.52 3.79
CA ILE U 168 -60.66 -30.59 2.98
C ILE U 168 -59.73 -30.00 1.92
N ALA U 169 -60.32 -29.28 0.97
CA ALA U 169 -59.53 -28.63 -0.06
C ALA U 169 -58.57 -27.63 0.57
N SER U 170 -57.30 -27.70 0.17
CA SER U 170 -56.29 -26.84 0.75
C SER U 170 -56.64 -25.38 0.50
N GLY U 171 -56.55 -24.57 1.56
CA GLY U 171 -56.94 -23.19 1.51
C GLY U 171 -58.35 -22.92 1.98
N THR U 172 -59.18 -23.95 2.14
CA THR U 172 -60.49 -23.80 2.72
C THR U 172 -60.42 -24.01 4.23
N ALA U 173 -61.50 -23.67 4.91
CA ALA U 173 -61.54 -23.76 6.35
C ALA U 173 -62.88 -24.33 6.80
N VAL U 174 -62.87 -24.92 7.99
CA VAL U 174 -64.07 -25.43 8.64
C VAL U 174 -64.38 -24.54 9.82
N ARG U 175 -65.63 -24.11 9.92
CA ARG U 175 -66.06 -23.22 10.99
C ARG U 175 -66.90 -23.99 12.01
N PHE U 176 -66.54 -23.86 13.27
CA PHE U 176 -67.28 -24.42 14.39
C PHE U 176 -67.93 -23.25 15.12
N GLU U 177 -69.25 -23.18 15.08
CA GLU U 177 -69.98 -22.16 15.82
C GLU U 177 -70.02 -22.51 17.29
N PRO U 178 -70.14 -21.52 18.18
CA PRO U 178 -70.17 -21.81 19.61
C PRO U 178 -71.34 -22.71 19.96
N GLY U 179 -71.08 -23.68 20.83
CA GLY U 179 -72.08 -24.64 21.23
C GLY U 179 -72.36 -25.72 20.22
N GLU U 180 -72.03 -25.45 18.95
CA GLU U 180 -72.30 -26.40 17.89
C GLU U 180 -71.32 -27.56 17.93
N GLU U 181 -71.81 -28.75 17.64
CA GLU U 181 -71.00 -29.95 17.55
C GLU U 181 -70.98 -30.45 16.11
N LYS U 182 -69.79 -30.64 15.56
CA LYS U 182 -69.61 -31.08 14.19
C LYS U 182 -68.75 -32.33 14.17
N SER U 183 -68.88 -33.08 13.08
CA SER U 183 -68.01 -34.21 12.80
C SER U 183 -67.09 -33.85 11.64
N VAL U 184 -65.81 -34.04 11.83
CA VAL U 184 -64.81 -33.69 10.82
C VAL U 184 -64.02 -34.93 10.44
N GLU U 185 -63.46 -34.89 9.24
CA GLU U 185 -62.61 -35.96 8.74
C GLU U 185 -61.16 -35.52 8.79
N LEU U 186 -60.30 -36.37 9.34
CA LEU U 186 -58.89 -36.03 9.53
C LEU U 186 -58.02 -37.05 8.84
N ILE U 187 -56.93 -36.57 8.24
CA ILE U 187 -55.97 -37.40 7.54
C ILE U 187 -54.59 -37.12 8.10
N ASP U 188 -53.68 -38.07 7.94
CA ASP U 188 -52.34 -37.92 8.48
C ASP U 188 -51.61 -36.78 7.79
N ILE U 189 -50.82 -36.04 8.56
CA ILE U 189 -49.95 -35.03 7.98
C ILE U 189 -48.85 -35.72 7.20
N GLY U 190 -48.57 -35.23 6.00
CA GLY U 190 -47.60 -35.86 5.12
C GLY U 190 -46.19 -35.36 5.33
N GLY U 191 -45.32 -35.73 4.38
CA GLY U 191 -43.95 -35.28 4.43
C GLY U 191 -43.17 -35.89 5.58
N ASN U 192 -42.26 -35.08 6.13
CA ASN U 192 -41.45 -35.51 7.27
C ASN U 192 -42.26 -35.62 8.55
N ARG U 193 -43.47 -35.10 8.59
CA ARG U 193 -44.32 -35.13 9.78
C ARG U 193 -43.62 -34.47 10.97
N ARG U 194 -42.97 -33.35 10.71
CA ARG U 194 -42.37 -32.54 11.77
C ARG U 194 -43.30 -31.37 12.04
N ILE U 195 -43.82 -31.31 13.26
CA ILE U 195 -44.75 -30.27 13.65
C ILE U 195 -43.97 -29.19 14.38
N PHE U 196 -43.92 -28.00 13.82
CA PHE U 196 -43.26 -26.87 14.45
C PHE U 196 -44.19 -25.67 14.42
N GLY U 197 -44.20 -24.91 15.51
CA GLY U 197 -45.10 -23.79 15.61
C GLY U 197 -46.44 -24.18 16.19
N PHE U 198 -47.51 -23.65 15.63
CA PHE U 198 -48.88 -23.89 16.10
C PHE U 198 -48.94 -23.46 17.55
N ASN U 199 -49.32 -24.32 18.49
CA ASN U 199 -49.39 -23.96 19.90
C ASN U 199 -48.18 -24.43 20.68
N ALA U 200 -47.11 -24.85 19.99
CA ALA U 200 -45.89 -25.34 20.62
C ALA U 200 -46.16 -26.52 21.54
N LEU U 201 -47.11 -27.37 21.16
CA LEU U 201 -47.39 -28.59 21.91
C LEU U 201 -46.53 -29.75 21.48
N VAL U 202 -46.03 -29.75 20.24
CA VAL U 202 -45.19 -30.81 19.72
C VAL U 202 -43.77 -30.32 19.49
N ASP U 203 -43.59 -29.39 18.55
CA ASP U 203 -42.30 -28.78 18.27
C ASP U 203 -41.22 -29.80 17.96
N ARG U 204 -41.59 -30.92 17.34
CA ARG U 204 -40.65 -31.99 17.05
C ARG U 204 -41.31 -32.97 16.09
N GLN U 205 -40.62 -34.06 15.81
CA GLN U 205 -41.17 -35.10 14.94
C GLN U 205 -42.40 -35.72 15.59
N ALA U 206 -43.43 -35.95 14.77
CA ALA U 206 -44.70 -36.49 15.24
C ALA U 206 -44.63 -38.01 15.18
N ASP U 207 -44.46 -38.64 16.33
CA ASP U 207 -44.50 -40.10 16.45
C ASP U 207 -45.19 -40.44 17.77
N ASN U 208 -45.25 -41.74 18.07
CA ASN U 208 -45.97 -42.18 19.26
C ASN U 208 -45.30 -41.71 20.55
N GLU U 209 -43.97 -41.57 20.55
CA GLU U 209 -43.29 -41.09 21.74
C GLU U 209 -43.56 -39.61 21.96
N SER U 210 -43.57 -38.81 20.90
CA SER U 210 -43.91 -37.40 21.04
C SER U 210 -45.39 -37.21 21.31
N LYS U 211 -46.22 -38.21 21.01
CA LYS U 211 -47.64 -38.12 21.30
C LYS U 211 -47.89 -37.98 22.79
N LYS U 212 -47.18 -38.76 23.61
CA LYS U 212 -47.37 -38.69 25.05
C LYS U 212 -46.96 -37.33 25.59
N ILE U 213 -45.83 -36.80 25.12
CA ILE U 213 -45.38 -35.49 25.57
C ILE U 213 -46.38 -34.43 25.16
N ALA U 214 -46.87 -34.51 23.93
CA ALA U 214 -47.85 -33.53 23.46
C ALA U 214 -49.13 -33.60 24.28
N LEU U 215 -49.59 -34.81 24.60
CA LEU U 215 -50.80 -34.94 25.41
C LEU U 215 -50.60 -34.38 26.81
N HIS U 216 -49.46 -34.65 27.42
CA HIS U 216 -49.19 -34.09 28.75
C HIS U 216 -49.12 -32.58 28.70
N ARG U 217 -48.47 -32.02 27.68
CA ARG U 217 -48.42 -30.57 27.53
C ARG U 217 -49.80 -29.99 27.35
N ALA U 218 -50.64 -30.63 26.52
CA ALA U 218 -51.98 -30.12 26.27
C ALA U 218 -52.83 -30.17 27.53
N LYS U 219 -52.72 -31.25 28.29
CA LYS U 219 -53.45 -31.35 29.55
C LYS U 219 -52.99 -30.26 30.53
N GLU U 220 -51.68 -30.01 30.59
CA GLU U 220 -51.18 -28.97 31.47
C GLU U 220 -51.68 -27.59 31.05
N ARG U 221 -51.69 -27.32 29.74
CA ARG U 221 -52.12 -26.02 29.25
C ARG U 221 -53.63 -25.90 29.12
N GLY U 222 -54.37 -26.94 29.45
CA GLY U 222 -55.81 -26.82 29.53
C GLY U 222 -56.55 -27.03 28.23
N PHE U 223 -55.97 -27.80 27.32
CA PHE U 223 -56.63 -28.08 26.06
C PHE U 223 -57.72 -29.12 26.29
N HIS U 224 -58.94 -28.79 25.89
CA HIS U 224 -60.09 -29.63 26.18
C HIS U 224 -59.99 -30.95 25.42
N GLY U 225 -60.32 -32.04 26.12
CA GLY U 225 -60.30 -33.35 25.53
C GLY U 225 -58.94 -34.02 25.52
N ALA U 226 -57.90 -33.34 25.98
CA ALA U 226 -56.58 -33.94 26.06
C ALA U 226 -56.47 -34.74 27.35
N LYS U 227 -56.33 -36.05 27.22
CA LYS U 227 -56.29 -36.96 28.36
C LYS U 227 -54.87 -37.49 28.50
N SER U 228 -54.21 -37.13 29.59
CA SER U 228 -52.90 -37.66 29.93
C SER U 228 -52.96 -38.34 31.29
N ASP U 229 -52.19 -39.41 31.44
CA ASP U 229 -52.20 -40.17 32.68
C ASP U 229 -51.72 -39.30 33.83
N ASP U 230 -52.30 -39.51 35.02
CA ASP U 230 -51.89 -38.76 36.19
C ASP U 230 -50.43 -39.03 36.55
N ASN U 231 -50.00 -40.29 36.45
CA ASN U 231 -48.61 -40.67 36.74
C ASN U 231 -47.84 -40.64 35.42
N TYR U 232 -47.47 -39.44 35.02
CA TYR U 232 -46.74 -39.20 33.78
C TYR U 232 -45.25 -39.19 34.07
N VAL U 233 -44.49 -39.94 33.28
CA VAL U 233 -43.05 -40.05 33.47
C VAL U 233 -42.36 -39.11 32.49
N LYS U 234 -41.60 -38.15 33.03
CA LYS U 234 -40.92 -37.18 32.20
C LYS U 234 -39.72 -37.80 31.50
N THR U 235 -39.35 -37.20 30.38
CA THR U 235 -38.14 -37.58 29.65
C THR U 235 -37.06 -36.55 29.91
N ILE U 236 -35.86 -36.83 29.39
CA ILE U 236 -34.73 -35.92 29.61
C ILE U 236 -34.97 -34.59 28.90
N LYS U 237 -35.61 -34.62 27.74
CA LYS U 237 -35.92 -33.42 26.97
C LYS U 237 -37.41 -33.40 26.67
N GLU U 238 -38.13 -32.45 27.26
CA GLU U 238 -39.55 -32.29 27.00
C GLU U 238 -40.05 -30.97 27.56
N MET V 1 -40.77 53.57 23.25
CA MET V 1 -41.77 52.52 23.12
C MET V 1 -43.00 53.02 22.38
N LYS V 2 -43.78 52.08 21.86
CA LYS V 2 -44.99 52.40 21.12
C LYS V 2 -45.91 51.19 21.18
N LYS V 3 -47.21 51.44 21.06
CA LYS V 3 -48.19 50.37 21.05
C LYS V 3 -48.92 50.36 19.72
N ILE V 4 -48.97 49.19 19.10
CA ILE V 4 -49.68 48.99 17.85
C ILE V 4 -50.83 48.05 18.11
N SER V 5 -51.88 48.18 17.30
CA SER V 5 -53.07 47.37 17.49
C SER V 5 -52.74 45.90 17.29
N ARG V 6 -53.40 45.05 18.07
CA ARG V 6 -53.12 43.62 17.99
C ARG V 6 -53.47 43.06 16.62
N LYS V 7 -54.52 43.59 15.98
CA LYS V 7 -54.86 43.13 14.64
C LYS V 7 -53.73 43.40 13.66
N GLU V 8 -53.17 44.60 13.70
CA GLU V 8 -52.06 44.93 12.82
C GLU V 8 -50.82 44.11 13.15
N TYR V 9 -50.54 43.91 14.44
CA TYR V 9 -49.38 43.11 14.83
C TYR V 9 -49.53 41.69 14.32
N VAL V 10 -50.71 41.10 14.46
CA VAL V 10 -50.92 39.72 14.04
C VAL V 10 -50.86 39.61 12.53
N SER V 11 -51.38 40.61 11.81
CA SER V 11 -51.25 40.61 10.36
C SER V 11 -49.79 40.64 9.95
N MET V 12 -48.96 41.41 10.67
CA MET V 12 -47.56 41.53 10.28
C MET V 12 -46.76 40.29 10.65
N TYR V 13 -46.96 39.74 11.85
CA TYR V 13 -46.06 38.74 12.39
C TYR V 13 -46.73 37.43 12.79
N GLY V 14 -48.04 37.32 12.64
CA GLY V 14 -48.73 36.12 13.09
C GLY V 14 -49.16 36.25 14.53
N PRO V 15 -49.97 35.30 15.00
CA PRO V 15 -50.52 35.40 16.36
C PRO V 15 -49.44 35.35 17.43
N THR V 16 -49.67 36.06 18.51
CA THR V 16 -48.77 36.09 19.64
C THR V 16 -49.49 35.53 20.87
N THR V 17 -48.85 35.65 22.03
CA THR V 17 -49.34 34.98 23.23
C THR V 17 -50.77 35.37 23.55
N GLY V 18 -51.59 34.36 23.81
CA GLY V 18 -52.98 34.57 24.12
C GLY V 18 -53.90 34.64 22.93
N ASP V 19 -53.35 34.67 21.72
CA ASP V 19 -54.17 34.69 20.52
C ASP V 19 -54.56 33.29 20.12
N LYS V 20 -55.76 33.15 19.60
CA LYS V 20 -56.32 31.86 19.24
C LYS V 20 -56.49 31.76 17.73
N VAL V 21 -56.28 30.58 17.19
CA VAL V 21 -56.43 30.33 15.77
C VAL V 21 -57.22 29.03 15.59
N ARG V 22 -58.20 29.07 14.70
CA ARG V 22 -58.94 27.86 14.35
C ARG V 22 -58.08 26.98 13.44
N LEU V 23 -58.12 25.68 13.67
CA LEU V 23 -57.33 24.73 12.89
C LEU V 23 -58.17 24.23 11.73
N GLY V 24 -57.82 24.63 10.52
CA GLY V 24 -58.60 24.24 9.37
C GLY V 24 -60.00 24.79 9.45
N ASP V 25 -60.95 24.02 8.91
CA ASP V 25 -62.36 24.34 9.04
C ASP V 25 -63.01 23.60 10.20
N THR V 26 -62.21 23.00 11.07
CA THR V 26 -62.70 22.25 12.21
C THR V 26 -63.17 23.21 13.30
N ASP V 27 -63.53 22.66 14.45
CA ASP V 27 -63.95 23.44 15.60
C ASP V 27 -62.87 23.55 16.64
N LEU V 28 -61.64 23.14 16.33
CA LEU V 28 -60.55 23.14 17.28
C LEU V 28 -59.83 24.49 17.25
N ILE V 29 -59.63 25.06 18.42
CA ILE V 29 -58.99 26.37 18.57
C ILE V 29 -57.71 26.18 19.34
N ALA V 30 -56.59 26.60 18.75
CA ALA V 30 -55.29 26.53 19.39
C ALA V 30 -54.91 27.90 19.89
N GLU V 31 -54.48 27.99 21.13
CA GLU V 31 -54.07 29.25 21.74
C GLU V 31 -52.56 29.28 21.87
N VAL V 32 -51.96 30.39 21.49
CA VAL V 32 -50.50 30.54 21.59
C VAL V 32 -50.14 30.63 23.07
N GLU V 33 -49.42 29.62 23.57
CA GLU V 33 -49.14 29.56 25.00
C GLU V 33 -48.09 30.57 25.42
N HIS V 34 -47.03 30.74 24.63
N HIS V 34 -47.06 30.77 24.58
CA HIS V 34 -46.02 31.74 24.94
CA HIS V 34 -45.87 31.53 24.94
C HIS V 34 -45.28 32.07 23.67
C HIS V 34 -45.22 32.03 23.65
N ASP V 35 -44.54 33.18 23.73
CA ASP V 35 -43.86 33.74 22.58
C ASP V 35 -42.41 34.01 22.95
N TYR V 36 -41.49 33.53 22.12
CA TYR V 36 -40.07 33.77 22.33
C TYR V 36 -39.61 35.10 21.78
N THR V 37 -40.42 35.76 20.96
CA THR V 37 -39.98 36.99 20.32
C THR V 37 -39.94 38.13 21.33
N ILE V 38 -39.13 39.14 21.00
CA ILE V 38 -39.09 40.39 21.72
C ILE V 38 -39.79 41.42 20.85
N TYR V 39 -40.85 42.03 21.38
CA TYR V 39 -41.69 42.91 20.58
C TYR V 39 -40.88 44.10 20.06
N GLY V 40 -41.05 44.39 18.78
CA GLY V 40 -40.29 45.42 18.13
C GLY V 40 -39.00 44.94 17.49
N GLU V 41 -38.61 43.69 17.73
CA GLU V 41 -37.39 43.13 17.15
C GLU V 41 -37.68 41.92 16.26
N GLU V 42 -38.91 41.81 15.77
CA GLU V 42 -39.30 40.63 14.99
C GLU V 42 -38.50 40.55 13.70
N LEU V 43 -38.20 39.32 13.29
CA LEU V 43 -37.49 39.09 12.05
C LEU V 43 -38.47 39.07 10.89
N LYS V 44 -38.23 39.90 9.90
CA LYS V 44 -39.05 39.96 8.71
C LYS V 44 -38.15 40.01 7.49
N PHE V 45 -38.54 39.31 6.43
CA PHE V 45 -37.82 39.36 5.18
C PHE V 45 -38.65 40.07 4.12
N GLY V 46 -38.00 40.93 3.35
CA GLY V 46 -38.70 41.69 2.33
C GLY V 46 -37.85 42.83 1.82
N GLY V 47 -38.51 43.77 1.16
CA GLY V 47 -37.82 44.91 0.57
C GLY V 47 -37.02 45.72 1.57
N GLY V 48 -37.71 46.37 2.50
CA GLY V 48 -37.04 47.15 3.52
C GLY V 48 -37.27 46.60 4.91
N LYS V 49 -37.24 45.28 5.03
CA LYS V 49 -37.55 44.60 6.28
C LYS V 49 -36.26 44.44 7.09
N THR V 50 -36.33 43.65 8.16
CA THR V 50 -35.23 43.62 9.11
C THR V 50 -34.15 42.61 8.73
N LEU V 51 -34.50 41.54 8.03
CA LEU V 51 -33.52 40.52 7.68
C LEU V 51 -32.60 41.02 6.58
N ARG V 52 -31.77 42.00 6.89
CA ARG V 52 -30.89 42.62 5.92
C ARG V 52 -29.48 42.68 6.50
N GLU V 53 -28.51 42.87 5.61
CA GLU V 53 -27.11 42.91 5.99
C GLU V 53 -26.86 44.00 7.02
N GLY V 54 -26.49 43.60 8.23
CA GLY V 54 -26.15 44.52 9.29
C GLY V 54 -27.24 44.81 10.29
N MET V 55 -28.51 44.54 9.93
CA MET V 55 -29.62 44.78 10.86
C MET V 55 -30.01 43.53 11.63
N SER V 56 -30.47 42.50 10.94
CA SER V 56 -30.76 41.23 11.55
C SER V 56 -29.89 40.09 11.03
N GLN V 57 -29.31 40.24 9.85
CA GLN V 57 -28.27 39.33 9.39
C GLN V 57 -26.93 39.86 9.88
N SER V 58 -26.27 39.09 10.72
CA SER V 58 -25.05 39.55 11.36
C SER V 58 -23.92 39.67 10.35
N ASN V 59 -23.12 40.73 10.49
CA ASN V 59 -21.88 40.86 9.76
C ASN V 59 -20.72 40.18 10.46
N ASN V 60 -20.87 39.85 11.74
CA ASN V 60 -19.92 39.04 12.48
C ASN V 60 -20.68 37.90 13.14
N PRO V 61 -21.14 36.93 12.36
CA PRO V 61 -21.99 35.89 12.90
C PRO V 61 -21.20 34.93 13.78
N SER V 62 -21.92 34.23 14.64
CA SER V 62 -21.30 33.21 15.45
C SER V 62 -20.90 32.02 14.58
N LYS V 63 -20.03 31.18 15.11
CA LYS V 63 -19.59 30.00 14.36
C LYS V 63 -20.72 28.98 14.19
N GLU V 64 -21.78 29.08 15.00
CA GLU V 64 -22.97 28.25 14.84
C GLU V 64 -24.01 28.90 13.94
N GLU V 65 -23.56 29.70 12.98
CA GLU V 65 -24.46 30.43 12.10
C GLU V 65 -25.39 29.49 11.36
N LEU V 66 -26.67 29.83 11.36
CA LEU V 66 -27.70 28.95 10.81
C LEU V 66 -27.59 28.83 9.31
N ASP V 67 -28.00 27.67 8.79
CA ASP V 67 -28.16 27.49 7.36
C ASP V 67 -29.53 27.97 6.88
N LEU V 68 -30.56 27.76 7.68
CA LEU V 68 -31.90 28.20 7.35
C LEU V 68 -32.59 28.64 8.63
N ILE V 69 -33.38 29.70 8.55
CA ILE V 69 -34.17 30.17 9.69
C ILE V 69 -35.61 30.35 9.24
N ILE V 70 -36.54 29.81 10.01
CA ILE V 70 -37.97 29.99 9.79
C ILE V 70 -38.43 31.05 10.78
N THR V 71 -38.94 32.16 10.29
CA THR V 71 -39.24 33.30 11.13
C THR V 71 -40.70 33.33 11.53
N ASN V 72 -40.94 33.64 12.81
CA ASN V 72 -42.29 33.91 13.33
C ASN V 72 -43.24 32.74 13.13
N ALA V 73 -42.71 31.53 13.26
CA ALA V 73 -43.54 30.34 13.04
C ALA V 73 -44.31 30.00 14.30
N LEU V 74 -45.57 29.60 14.12
CA LEU V 74 -46.36 29.08 15.23
C LEU V 74 -46.08 27.59 15.30
N ILE V 75 -45.20 27.20 16.22
CA ILE V 75 -44.86 25.80 16.40
C ILE V 75 -45.99 25.13 17.15
N VAL V 76 -46.58 24.10 16.53
CA VAL V 76 -47.57 23.26 17.17
C VAL V 76 -46.92 21.90 17.36
N ASP V 77 -46.69 21.53 18.62
CA ASP V 77 -45.95 20.33 18.94
C ASP V 77 -46.51 19.76 20.22
N TYR V 78 -46.18 18.49 20.48
CA TYR V 78 -46.59 17.90 21.75
C TYR V 78 -45.92 18.58 22.94
N THR V 79 -44.80 19.26 22.72
CA THR V 79 -44.14 20.01 23.76
C THR V 79 -44.78 21.35 24.05
N GLY V 80 -45.70 21.79 23.21
CA GLY V 80 -46.41 23.03 23.44
C GLY V 80 -46.76 23.71 22.13
N ILE V 81 -47.71 24.62 22.21
CA ILE V 81 -48.13 25.43 21.07
C ILE V 81 -47.63 26.84 21.34
N TYR V 82 -46.53 27.22 20.71
CA TYR V 82 -45.90 28.49 21.02
C TYR V 82 -45.41 29.14 19.73
N LYS V 83 -44.86 30.33 19.86
CA LYS V 83 -44.42 31.11 18.72
C LYS V 83 -42.92 31.34 18.81
N ALA V 84 -42.20 31.03 17.74
CA ALA V 84 -40.74 31.14 17.81
C ALA V 84 -40.16 31.16 16.42
N ASP V 85 -38.85 31.37 16.36
CA ASP V 85 -38.07 31.18 15.15
C ASP V 85 -37.35 29.85 15.25
N ILE V 86 -37.36 29.09 14.16
CA ILE V 86 -36.72 27.78 14.13
C ILE V 86 -35.46 27.91 13.29
N GLY V 87 -34.32 27.57 13.89
CA GLY V 87 -33.06 27.59 13.20
C GLY V 87 -32.64 26.17 12.83
N ILE V 88 -32.20 26.01 11.59
CA ILE V 88 -31.78 24.72 11.07
C ILE V 88 -30.34 24.83 10.64
N LYS V 89 -29.51 23.90 11.10
CA LYS V 89 -28.10 23.90 10.76
C LYS V 89 -27.65 22.46 10.59
N ASP V 90 -27.04 22.16 9.45
CA ASP V 90 -26.51 20.82 9.14
C ASP V 90 -27.60 19.77 9.22
N GLY V 91 -28.79 20.12 8.77
CA GLY V 91 -29.88 19.17 8.68
C GLY V 91 -30.59 18.89 9.98
N LYS V 92 -30.18 19.51 11.08
CA LYS V 92 -30.82 19.36 12.37
C LYS V 92 -31.45 20.68 12.80
N ILE V 93 -32.38 20.59 13.74
CA ILE V 93 -32.95 21.80 14.33
C ILE V 93 -31.91 22.35 15.31
N ALA V 94 -31.25 23.44 14.92
CA ALA V 94 -30.14 23.97 15.71
C ALA V 94 -30.63 24.74 16.92
N GLY V 95 -31.76 25.42 16.80
CA GLY V 95 -32.28 26.18 17.92
C GLY V 95 -33.70 26.63 17.70
N ILE V 96 -34.42 26.86 18.80
CA ILE V 96 -35.79 27.35 18.77
C ILE V 96 -35.86 28.52 19.74
N GLY V 97 -36.27 29.68 19.25
CA GLY V 97 -36.32 30.85 20.08
C GLY V 97 -36.24 32.14 19.29
N LYS V 98 -35.56 33.14 19.82
CA LYS V 98 -35.42 34.42 19.16
C LYS V 98 -34.12 34.42 18.35
N GLY V 99 -34.26 34.49 17.03
CA GLY V 99 -33.11 34.57 16.15
C GLY V 99 -32.82 35.99 15.72
N GLY V 100 -31.67 36.16 15.09
CA GLY V 100 -31.31 37.46 14.59
C GLY V 100 -29.84 37.81 14.73
N ASN V 101 -29.57 39.10 14.91
CA ASN V 101 -28.21 39.62 14.96
C ASN V 101 -27.91 40.07 16.37
N LYS V 102 -26.88 39.48 16.98
CA LYS V 102 -26.48 39.86 18.32
C LYS V 102 -25.91 41.27 18.36
N ASP V 103 -25.39 41.78 17.25
CA ASP V 103 -24.80 43.11 17.24
C ASP V 103 -25.84 44.21 17.42
N MET V 104 -27.08 43.97 16.98
CA MET V 104 -28.09 45.00 16.96
C MET V 104 -29.39 44.63 17.65
N GLN V 105 -29.49 43.42 18.21
CA GLN V 105 -30.69 42.99 18.92
C GLN V 105 -30.29 42.28 20.20
N ASP V 106 -31.18 42.32 21.18
CA ASP V 106 -30.94 41.69 22.47
C ASP V 106 -31.59 40.31 22.52
N GLY V 107 -31.04 39.47 23.40
CA GLY V 107 -31.60 38.15 23.62
C GLY V 107 -31.48 37.20 22.45
N VAL V 108 -30.35 37.20 21.76
CA VAL V 108 -30.09 36.30 20.65
C VAL V 108 -29.00 35.34 21.07
N LYS V 109 -29.33 34.06 21.21
CA LYS V 109 -28.34 33.07 21.60
C LYS V 109 -27.43 32.75 20.42
N ASN V 110 -26.30 32.11 20.73
CA ASN V 110 -25.31 31.81 19.71
C ASN V 110 -25.83 30.80 18.69
N ASN V 111 -26.71 29.89 19.12
CA ASN V 111 -27.22 28.87 18.22
C ASN V 111 -28.33 29.36 17.32
N LEU V 112 -28.80 30.60 17.50
CA LEU V 112 -29.82 31.19 16.65
C LEU V 112 -29.29 32.39 15.90
N SER V 113 -28.01 32.38 15.56
CA SER V 113 -27.36 33.52 14.93
C SER V 113 -27.63 33.49 13.43
N VAL V 114 -28.22 34.56 12.92
CA VAL V 114 -28.46 34.72 11.50
C VAL V 114 -27.26 35.43 10.88
N GLY V 115 -26.73 34.87 9.81
CA GLY V 115 -25.57 35.43 9.16
C GLY V 115 -25.67 35.38 7.66
N PRO V 116 -24.57 35.72 6.98
CA PRO V 116 -24.59 35.72 5.51
C PRO V 116 -24.81 34.36 4.89
N ALA V 117 -24.60 33.27 5.62
CA ALA V 117 -24.81 31.93 5.10
C ALA V 117 -26.22 31.42 5.36
N THR V 118 -27.14 32.28 5.76
CA THR V 118 -28.46 31.87 6.21
C THR V 118 -29.50 32.18 5.16
N GLU V 119 -30.30 31.18 4.82
CA GLU V 119 -31.50 31.36 4.03
C GLU V 119 -32.68 31.62 4.96
N ALA V 120 -33.63 32.42 4.49
CA ALA V 120 -34.76 32.84 5.29
C ALA V 120 -36.05 32.23 4.74
N LEU V 121 -36.93 31.82 5.64
CA LEU V 121 -38.23 31.27 5.29
C LEU V 121 -39.27 31.93 6.16
N ALA V 122 -40.19 32.65 5.53
CA ALA V 122 -41.20 33.41 6.25
C ALA V 122 -42.28 32.47 6.75
N GLY V 123 -42.30 32.21 8.05
CA GLY V 123 -43.32 31.41 8.67
C GLY V 123 -44.41 32.21 9.36
N GLU V 124 -44.43 33.53 9.20
CA GLU V 124 -45.45 34.35 9.86
C GLU V 124 -46.82 33.97 9.36
N GLY V 125 -47.74 33.72 10.29
CA GLY V 125 -49.05 33.23 9.92
C GLY V 125 -49.07 31.78 9.50
N LEU V 126 -47.99 31.04 9.75
CA LEU V 126 -47.89 29.64 9.36
C LEU V 126 -47.61 28.78 10.59
N ILE V 127 -48.22 27.60 10.60
CA ILE V 127 -48.02 26.61 11.63
C ILE V 127 -46.90 25.68 11.20
N VAL V 128 -46.02 25.33 12.11
CA VAL V 128 -44.96 24.37 11.87
C VAL V 128 -45.20 23.17 12.77
N THR V 129 -45.27 21.99 12.16
CA THR V 129 -45.35 20.76 12.92
C THR V 129 -44.24 19.82 12.48
N ALA V 130 -44.00 18.80 13.29
CA ALA V 130 -43.12 17.74 12.85
C ALA V 130 -43.80 16.94 11.75
N GLY V 131 -42.99 16.33 10.89
CA GLY V 131 -43.54 15.48 9.86
C GLY V 131 -44.24 14.27 10.45
N GLY V 132 -45.27 13.81 9.75
CA GLY V 132 -45.98 12.64 10.20
C GLY V 132 -45.12 11.39 10.12
N ILE V 133 -45.47 10.42 10.97
CA ILE V 133 -44.83 9.12 11.00
C ILE V 133 -45.92 8.08 10.86
N ASP V 134 -45.90 7.37 9.74
CA ASP V 134 -46.89 6.33 9.45
C ASP V 134 -46.20 4.97 9.58
N THR V 135 -46.69 4.14 10.50
CA THR V 135 -45.99 2.93 10.90
C THR V 135 -46.64 1.65 10.40
N HIS V 136 -47.72 1.75 9.62
CA HIS V 136 -48.42 0.56 9.14
C HIS V 136 -48.36 0.45 7.63
N ILE V 137 -47.31 0.96 7.01
CA ILE V 137 -47.31 1.12 5.57
C ILE V 137 -47.13 -0.23 4.89
N HIS V 138 -48.12 -0.63 4.09
CA HIS V 138 -47.94 -1.75 3.17
C HIS V 138 -47.27 -1.21 1.91
N PHE V 139 -45.99 -1.52 1.73
CA PHE V 139 -45.28 -1.00 0.58
C PHE V 139 -45.73 -1.71 -0.67
N ILE V 140 -46.96 -1.41 -1.11
CA ILE V 140 -47.53 -2.08 -2.27
C ILE V 140 -47.07 -1.42 -3.56
N SER V 141 -47.10 -0.10 -3.60
CA SER V 141 -46.60 0.63 -4.76
C SER V 141 -45.76 1.80 -4.28
N PRO V 142 -44.73 2.16 -5.04
CA PRO V 142 -43.94 3.35 -4.68
C PRO V 142 -44.70 4.64 -4.83
N GLN V 143 -45.84 4.66 -5.52
CA GLN V 143 -46.62 5.87 -5.65
C GLN V 143 -47.31 6.25 -4.34
N GLN V 144 -47.32 5.37 -3.36
CA GLN V 144 -47.80 5.74 -2.03
C GLN V 144 -46.91 6.79 -1.40
N ILE V 145 -45.61 6.71 -1.66
CA ILE V 145 -44.68 7.61 -0.98
C ILE V 145 -44.92 9.08 -1.33
N PRO V 146 -45.01 9.48 -2.60
CA PRO V 146 -45.36 10.89 -2.88
C PRO V 146 -46.71 11.30 -2.34
N THR V 147 -47.68 10.39 -2.31
CA THR V 147 -49.00 10.74 -1.77
C THR V 147 -48.93 11.06 -0.29
N ALA V 148 -48.28 10.19 0.49
CA ALA V 148 -48.11 10.46 1.92
C ALA V 148 -47.27 11.71 2.15
N PHE V 149 -46.22 11.89 1.35
CA PHE V 149 -45.38 13.07 1.48
C PHE V 149 -46.19 14.34 1.26
N ALA V 150 -47.03 14.37 0.23
CA ALA V 150 -47.87 15.53 -0.01
C ALA V 150 -48.91 15.69 1.08
N SER V 151 -49.32 14.60 1.72
CA SER V 151 -50.26 14.71 2.82
C SER V 151 -49.61 15.24 4.10
N GLY V 152 -48.29 15.12 4.22
CA GLY V 152 -47.61 15.68 5.37
C GLY V 152 -46.88 14.65 6.21
N VAL V 153 -46.70 13.46 5.66
CA VAL V 153 -46.01 12.37 6.33
C VAL V 153 -44.57 12.34 5.83
N THR V 154 -43.61 12.36 6.75
CA THR V 154 -42.21 12.36 6.37
C THR V 154 -41.49 11.07 6.70
N THR V 155 -42.06 10.22 7.55
CA THR V 155 -41.44 8.92 7.85
C THR V 155 -42.45 7.82 7.60
N MET V 156 -42.03 6.80 6.86
CA MET V 156 -42.84 5.63 6.59
C MET V 156 -42.10 4.40 7.10
N ILE V 157 -42.68 3.72 8.06
CA ILE V 157 -42.20 2.44 8.56
C ILE V 157 -43.20 1.39 8.15
N GLY V 158 -42.71 0.35 7.50
CA GLY V 158 -43.61 -0.68 7.04
C GLY V 158 -42.86 -1.80 6.38
N GLY V 159 -43.59 -2.57 5.58
CA GLY V 159 -42.99 -3.69 4.90
C GLY V 159 -43.71 -3.95 3.61
N GLY V 160 -43.09 -4.78 2.80
CA GLY V 160 -43.66 -5.11 1.51
C GLY V 160 -42.62 -5.19 0.43
N THR V 161 -42.98 -5.78 -0.69
CA THR V 161 -42.05 -5.97 -1.79
C THR V 161 -42.71 -5.64 -3.12
N GLY V 162 -43.67 -4.72 -3.11
CA GLY V 162 -44.45 -4.45 -4.29
C GLY V 162 -45.78 -5.16 -4.23
N PRO V 163 -46.52 -5.14 -5.32
CA PRO V 163 -47.89 -5.66 -5.25
C PRO V 163 -47.97 -7.18 -5.27
N ALA V 164 -47.13 -7.83 -4.49
CA ALA V 164 -47.32 -9.25 -4.24
C ALA V 164 -48.51 -9.43 -3.30
N ASP V 165 -49.05 -10.64 -3.28
CA ASP V 165 -50.20 -10.89 -2.42
C ASP V 165 -49.79 -10.87 -0.95
N GLY V 166 -48.59 -11.35 -0.65
CA GLY V 166 -48.09 -11.25 0.71
C GLY V 166 -48.00 -9.82 1.18
N THR V 167 -47.60 -8.91 0.30
CA THR V 167 -47.54 -7.49 0.67
C THR V 167 -48.93 -6.87 0.72
N ASN V 168 -49.80 -7.24 -0.21
CA ASN V 168 -51.17 -6.75 -0.18
C ASN V 168 -51.85 -7.09 1.13
N ALA V 169 -51.54 -8.24 1.70
CA ALA V 169 -52.14 -8.63 2.96
C ALA V 169 -51.38 -8.09 4.17
N THR V 170 -50.04 -8.12 4.14
CA THR V 170 -49.24 -7.93 5.33
C THR V 170 -48.21 -6.82 5.14
N THR V 171 -47.78 -6.28 6.27
CA THR V 171 -46.76 -5.23 6.31
C THR V 171 -45.37 -5.84 6.53
N ILE V 172 -44.98 -6.73 5.62
CA ILE V 172 -43.84 -7.61 5.85
C ILE V 172 -42.91 -7.55 4.64
N THR V 173 -41.62 -7.34 4.91
CA THR V 173 -40.56 -7.49 3.93
C THR V 173 -39.78 -8.74 4.30
N PRO V 174 -40.09 -9.89 3.71
CA PRO V 174 -39.53 -11.14 4.21
C PRO V 174 -38.15 -11.46 3.69
N GLY V 175 -37.17 -11.57 4.59
CA GLY V 175 -35.92 -12.18 4.24
C GLY V 175 -34.84 -11.16 3.92
N ARG V 176 -33.60 -11.64 3.97
CA ARG V 176 -32.43 -10.80 3.73
C ARG V 176 -32.42 -10.25 2.31
N ARG V 177 -32.71 -11.10 1.32
CA ARG V 177 -32.66 -10.66 -0.07
C ARG V 177 -33.73 -9.63 -0.37
N ASN V 178 -34.95 -9.85 0.10
CA ASN V 178 -36.02 -8.89 -0.15
C ASN V 178 -35.76 -7.59 0.62
N LEU V 179 -35.16 -7.70 1.81
CA LEU V 179 -34.78 -6.50 2.53
C LEU V 179 -33.73 -5.72 1.76
N LYS V 180 -32.78 -6.40 1.15
CA LYS V 180 -31.78 -5.72 0.33
C LYS V 180 -32.44 -5.04 -0.87
N TRP V 181 -33.38 -5.73 -1.52
CA TRP V 181 -34.13 -5.14 -2.61
C TRP V 181 -34.78 -3.84 -2.18
N MET V 182 -35.51 -3.87 -1.06
CA MET V 182 -36.25 -2.69 -0.62
C MET V 182 -35.31 -1.58 -0.15
N LEU V 183 -34.24 -1.93 0.54
CA LEU V 183 -33.30 -0.92 1.02
C LEU V 183 -32.61 -0.23 -0.15
N ARG V 184 -32.28 -0.96 -1.20
CA ARG V 184 -31.66 -0.33 -2.36
C ARG V 184 -32.67 0.44 -3.19
N ALA V 185 -33.92 0.01 -3.23
CA ALA V 185 -34.93 0.80 -3.92
C ALA V 185 -35.27 2.07 -3.15
N ALA V 186 -35.06 2.07 -1.83
CA ALA V 186 -35.41 3.22 -1.01
C ALA V 186 -34.59 4.46 -1.37
N GLU V 187 -33.46 4.29 -2.06
CA GLU V 187 -32.62 5.44 -2.40
C GLU V 187 -33.34 6.44 -3.29
N GLU V 188 -34.42 6.02 -3.95
CA GLU V 188 -35.11 6.87 -4.90
C GLU V 188 -35.98 7.93 -4.23
N TYR V 189 -36.52 7.64 -3.05
CA TYR V 189 -37.65 8.39 -2.53
C TYR V 189 -37.21 9.45 -1.53
N SER V 190 -38.02 10.50 -1.44
CA SER V 190 -37.81 11.58 -0.48
C SER V 190 -38.74 11.33 0.70
N MET V 191 -38.32 10.42 1.57
CA MET V 191 -39.08 10.02 2.74
C MET V 191 -38.19 9.15 3.60
N ASN V 192 -38.21 9.38 4.91
CA ASN V 192 -37.50 8.47 5.80
C ASN V 192 -38.20 7.12 5.77
N LEU V 193 -37.42 6.05 5.71
CA LEU V 193 -38.00 4.73 5.48
C LEU V 193 -37.44 3.72 6.45
N GLY V 194 -38.32 2.88 6.97
CA GLY V 194 -37.92 1.76 7.79
C GLY V 194 -38.68 0.51 7.39
N PHE V 195 -38.04 -0.65 7.45
CA PHE V 195 -38.65 -1.88 6.97
C PHE V 195 -38.75 -2.91 8.07
N LEU V 196 -39.88 -3.61 8.10
CA LEU V 196 -40.18 -4.65 9.07
C LEU V 196 -40.02 -6.02 8.41
N ALA V 197 -39.49 -6.97 9.16
CA ALA V 197 -39.28 -8.31 8.67
C ALA V 197 -40.45 -9.21 9.04
N LYS V 198 -40.41 -10.44 8.55
CA LYS V 198 -41.44 -11.42 8.86
C LYS V 198 -41.19 -12.02 10.23
N GLY V 199 -42.13 -11.83 11.14
CA GLY V 199 -42.01 -12.40 12.46
C GLY V 199 -42.65 -13.76 12.59
N ASN V 200 -43.47 -14.13 11.61
CA ASN V 200 -44.18 -15.40 11.63
C ASN V 200 -43.21 -16.51 11.28
N ALA V 201 -42.41 -16.89 12.27
CA ALA V 201 -41.47 -17.99 12.12
C ALA V 201 -41.07 -18.46 13.50
N SER V 202 -41.02 -19.78 13.68
CA SER V 202 -40.52 -20.36 14.91
C SER V 202 -39.03 -20.65 14.84
N ASN V 203 -38.30 -19.94 13.99
CA ASN V 203 -36.87 -20.14 13.80
C ASN V 203 -36.13 -18.89 14.22
N ASP V 204 -35.47 -18.98 15.38
CA ASP V 204 -34.69 -17.86 15.90
C ASP V 204 -33.61 -17.44 14.93
N ALA V 205 -32.99 -18.42 14.26
CA ALA V 205 -31.93 -18.10 13.30
C ALA V 205 -32.47 -17.27 12.15
N SER V 206 -33.63 -17.63 11.60
CA SER V 206 -34.21 -16.86 10.51
C SER V 206 -34.61 -15.47 10.95
N LEU V 207 -35.22 -15.35 12.13
CA LEU V 207 -35.61 -14.03 12.62
C LEU V 207 -34.39 -13.14 12.84
N ALA V 208 -33.35 -13.70 13.46
CA ALA V 208 -32.13 -12.93 13.68
C ALA V 208 -31.46 -12.55 12.37
N ASP V 209 -31.51 -13.44 11.39
CA ASP V 209 -30.93 -13.12 10.09
C ASP V 209 -31.64 -11.94 9.45
N GLN V 210 -32.96 -11.89 9.56
CA GLN V 210 -33.68 -10.74 9.02
C GLN V 210 -33.28 -9.46 9.74
N ILE V 211 -33.21 -9.49 11.07
CA ILE V 211 -32.84 -8.29 11.81
C ILE V 211 -31.45 -7.82 11.42
N GLU V 212 -30.49 -8.73 11.33
CA GLU V 212 -29.15 -8.37 10.91
C GLU V 212 -29.10 -7.93 9.46
N ALA V 213 -30.04 -8.40 8.64
CA ALA V 213 -30.12 -7.94 7.26
C ALA V 213 -30.65 -6.52 7.16
N GLY V 214 -31.36 -6.05 8.17
CA GLY V 214 -31.61 -4.62 8.21
C GLY V 214 -32.98 -4.17 8.64
N ALA V 215 -33.86 -5.11 8.97
CA ALA V 215 -35.18 -4.74 9.44
C ALA V 215 -35.10 -4.03 10.79
N ILE V 216 -35.98 -3.05 10.99
CA ILE V 216 -36.06 -2.35 12.27
C ILE V 216 -37.01 -3.00 13.24
N GLY V 217 -37.61 -4.12 12.87
CA GLY V 217 -38.55 -4.77 13.74
C GLY V 217 -39.20 -5.93 13.03
N PHE V 218 -40.10 -6.59 13.73
CA PHE V 218 -40.84 -7.73 13.22
C PHE V 218 -42.30 -7.38 13.07
N LYS V 219 -42.94 -7.97 12.07
CA LYS V 219 -44.38 -7.91 11.93
C LYS V 219 -44.91 -9.34 11.94
N ILE V 220 -45.83 -9.62 12.85
CA ILE V 220 -46.48 -10.91 12.94
C ILE V 220 -47.90 -10.70 12.44
N HIS V 221 -48.19 -11.18 11.24
CA HIS V 221 -49.48 -10.97 10.61
C HIS V 221 -50.25 -12.28 10.55
N GLU V 222 -51.57 -12.19 10.74
CA GLU V 222 -52.40 -13.39 10.69
C GLU V 222 -52.27 -14.13 9.36
N ASP V 223 -52.05 -13.42 8.26
CA ASP V 223 -52.03 -14.07 6.95
C ASP V 223 -50.82 -14.96 6.76
N TRP V 224 -49.73 -14.72 7.49
CA TRP V 224 -48.61 -15.63 7.52
C TRP V 224 -48.68 -16.60 8.69
N GLY V 225 -49.71 -16.51 9.51
CA GLY V 225 -49.89 -17.40 10.63
C GLY V 225 -49.48 -16.75 11.94
N THR V 226 -50.45 -16.23 12.70
CA THR V 226 -50.18 -15.63 14.00
C THR V 226 -50.44 -16.71 15.04
N THR V 227 -49.41 -17.47 15.35
CA THR V 227 -49.55 -18.50 16.35
C THR V 227 -48.78 -18.11 17.61
N PRO V 228 -49.20 -18.63 18.77
CA PRO V 228 -48.47 -18.29 20.00
C PRO V 228 -47.00 -18.65 19.95
N SER V 229 -46.64 -19.74 19.28
CA SER V 229 -45.23 -20.10 19.15
C SER V 229 -44.46 -19.04 18.39
N ALA V 230 -45.02 -18.57 17.28
CA ALA V 230 -44.37 -17.53 16.49
C ALA V 230 -44.26 -16.24 17.28
N ILE V 231 -45.32 -15.87 18.01
CA ILE V 231 -45.28 -14.67 18.82
C ILE V 231 -44.17 -14.77 19.85
N ASN V 232 -44.07 -15.91 20.52
CA ASN V 232 -43.05 -16.08 21.55
C ASN V 232 -41.65 -15.99 20.97
N HIS V 233 -41.40 -16.69 19.86
CA HIS V 233 -40.07 -16.68 19.28
C HIS V 233 -39.69 -15.29 18.78
N ALA V 234 -40.62 -14.61 18.11
CA ALA V 234 -40.33 -13.27 17.61
C ALA V 234 -40.04 -12.32 18.76
N LEU V 235 -40.80 -12.42 19.85
CA LEU V 235 -40.55 -11.52 20.97
C LEU V 235 -39.21 -11.82 21.63
N ASP V 236 -38.82 -13.09 21.70
CA ASP V 236 -37.50 -13.43 22.23
C ASP V 236 -36.39 -12.81 21.39
N VAL V 237 -36.47 -12.99 20.07
CA VAL V 237 -35.42 -12.47 19.20
C VAL V 237 -35.40 -10.95 19.24
N ALA V 238 -36.58 -10.33 19.32
CA ALA V 238 -36.65 -8.88 19.37
C ALA V 238 -36.11 -8.32 20.67
N ASP V 239 -36.32 -9.02 21.78
CA ASP V 239 -35.68 -8.60 23.02
C ASP V 239 -34.18 -8.74 22.94
N LYS V 240 -33.70 -9.76 22.22
CA LYS V 240 -32.26 -9.90 22.01
C LYS V 240 -31.69 -8.75 21.19
N TYR V 241 -32.39 -8.34 20.13
CA TYR V 241 -31.83 -7.39 19.17
C TYR V 241 -32.35 -5.96 19.31
N ASP V 242 -33.19 -5.69 20.30
CA ASP V 242 -33.74 -4.35 20.55
C ASP V 242 -34.45 -3.79 19.33
N VAL V 243 -35.49 -4.50 18.89
CA VAL V 243 -36.33 -4.04 17.80
C VAL V 243 -37.79 -4.21 18.18
N GLN V 244 -38.65 -3.38 17.62
CA GLN V 244 -40.07 -3.45 17.92
C GLN V 244 -40.71 -4.66 17.27
N VAL V 245 -41.80 -5.14 17.87
CA VAL V 245 -42.64 -6.18 17.28
C VAL V 245 -44.04 -5.61 17.15
N ALA V 246 -44.59 -5.66 15.94
CA ALA V 246 -45.96 -5.31 15.68
C ALA V 246 -46.74 -6.57 15.36
N ILE V 247 -48.02 -6.58 15.73
CA ILE V 247 -48.85 -7.77 15.56
C ILE V 247 -50.20 -7.39 14.98
N HIS V 248 -50.65 -8.19 14.03
CA HIS V 248 -52.02 -8.20 13.53
C HIS V 248 -52.55 -9.59 13.84
N THR V 249 -53.38 -9.68 14.88
CA THR V 249 -53.68 -10.94 15.54
C THR V 249 -54.54 -11.85 14.66
N ASP V 250 -54.71 -13.08 15.14
CA ASP V 250 -55.44 -14.11 14.40
C ASP V 250 -56.92 -13.80 14.40
N THR V 251 -57.50 -13.69 13.20
CA THR V 251 -58.92 -13.43 13.06
C THR V 251 -59.76 -14.66 13.33
N LEU V 252 -59.26 -15.85 13.00
CA LEU V 252 -60.06 -17.05 13.00
C LEU V 252 -60.14 -17.76 14.35
N ASN V 253 -59.38 -17.29 15.35
CA ASN V 253 -59.26 -18.00 16.62
C ASN V 253 -58.80 -19.44 16.43
N GLU V 254 -57.96 -19.66 15.42
CA GLU V 254 -57.52 -21.01 15.10
C GLU V 254 -56.75 -21.63 16.25
N ALA V 255 -55.73 -20.93 16.75
CA ALA V 255 -54.88 -21.44 17.81
C ALA V 255 -55.32 -21.00 19.19
N GLY V 256 -56.10 -19.93 19.29
CA GLY V 256 -56.55 -19.47 20.58
C GLY V 256 -57.20 -18.11 20.46
N CYS V 257 -57.67 -17.63 21.61
CA CYS V 257 -58.37 -16.35 21.70
C CYS V 257 -57.41 -15.25 22.13
N VAL V 258 -57.98 -14.10 22.47
CA VAL V 258 -57.19 -12.95 22.88
C VAL V 258 -56.38 -13.27 24.13
N GLU V 259 -56.94 -14.06 25.04
CA GLU V 259 -56.21 -14.44 26.23
C GLU V 259 -54.97 -15.26 25.89
N ASP V 260 -55.09 -16.18 24.93
CA ASP V 260 -53.93 -16.96 24.52
C ASP V 260 -52.90 -16.11 23.81
N THR V 261 -53.34 -15.16 22.99
CA THR V 261 -52.40 -14.25 22.35
C THR V 261 -51.66 -13.41 23.37
N MET V 262 -52.38 -12.90 24.38
CA MET V 262 -51.74 -12.11 25.43
C MET V 262 -50.82 -12.95 26.28
N ALA V 263 -51.16 -14.23 26.49
CA ALA V 263 -50.26 -15.12 27.21
C ALA V 263 -48.98 -15.36 26.45
N ALA V 264 -49.08 -15.52 25.12
CA ALA V 264 -47.90 -15.65 24.30
C ALA V 264 -47.05 -14.39 24.35
N ILE V 265 -47.71 -13.22 24.33
CA ILE V 265 -46.98 -11.96 24.44
C ILE V 265 -46.25 -11.89 25.77
N ALA V 266 -46.92 -12.31 26.84
CA ALA V 266 -46.30 -12.49 28.15
C ALA V 266 -45.73 -11.19 28.70
N GLY V 267 -46.51 -10.12 28.59
CA GLY V 267 -46.12 -8.85 29.19
C GLY V 267 -44.87 -8.23 28.61
N ARG V 268 -44.65 -8.39 27.31
CA ARG V 268 -43.54 -7.77 26.61
C ARG V 268 -44.10 -6.71 25.67
N THR V 269 -43.29 -5.69 25.39
CA THR V 269 -43.75 -4.57 24.60
C THR V 269 -44.15 -5.03 23.21
N MET V 270 -45.37 -4.68 22.81
CA MET V 270 -45.90 -5.10 21.52
C MET V 270 -46.75 -3.98 20.95
N HIS V 271 -46.56 -3.69 19.68
CA HIS V 271 -47.31 -2.67 18.98
C HIS V 271 -48.42 -3.36 18.20
N THR V 272 -49.67 -3.04 18.51
CA THR V 272 -50.80 -3.78 17.94
C THR V 272 -51.47 -2.96 16.85
N PHE V 273 -51.71 -3.60 15.71
CA PHE V 273 -52.50 -3.02 14.63
C PHE V 273 -53.95 -3.41 14.82
N HIS V 274 -54.86 -2.51 14.46
CA HIS V 274 -56.29 -2.75 14.56
C HIS V 274 -56.67 -3.24 15.96
N THR V 275 -56.27 -2.47 16.96
CA THR V 275 -56.55 -2.86 18.33
C THR V 275 -58.05 -2.90 18.61
N GLU V 276 -58.85 -2.27 17.75
CA GLU V 276 -60.30 -2.42 17.79
C GLU V 276 -60.77 -3.74 17.20
N GLY V 277 -59.88 -4.49 16.56
CA GLY V 277 -60.24 -5.78 15.99
C GLY V 277 -60.40 -5.75 14.48
N ALA V 278 -60.99 -4.68 13.97
CA ALA V 278 -61.26 -4.53 12.54
C ALA V 278 -62.06 -5.71 12.01
N GLY V 279 -63.02 -6.18 12.81
CA GLY V 279 -63.87 -7.28 12.42
C GLY V 279 -63.31 -8.66 12.66
N GLY V 280 -62.14 -8.77 13.28
CA GLY V 280 -61.55 -10.06 13.53
C GLY V 280 -62.28 -10.83 14.63
N GLY V 281 -61.95 -12.12 14.72
CA GLY V 281 -62.54 -12.94 15.77
C GLY V 281 -62.13 -12.53 17.16
N HIS V 282 -60.97 -11.91 17.32
CA HIS V 282 -60.57 -11.36 18.61
C HIS V 282 -61.43 -10.17 19.01
N ALA V 283 -62.11 -9.54 18.06
CA ALA V 283 -63.02 -8.46 18.39
C ALA V 283 -64.27 -9.01 19.06
N PRO V 284 -64.87 -8.27 19.99
CA PRO V 284 -64.38 -6.98 20.47
C PRO V 284 -63.45 -7.12 21.66
N ASP V 285 -63.15 -8.36 22.03
CA ASP V 285 -62.33 -8.60 23.22
C ASP V 285 -60.91 -8.09 23.04
N ILE V 286 -60.41 -7.99 21.80
CA ILE V 286 -59.06 -7.49 21.60
C ILE V 286 -58.92 -6.03 22.03
N ILE V 287 -60.02 -5.29 22.10
CA ILE V 287 -59.98 -3.94 22.64
C ILE V 287 -59.50 -3.94 24.08
N LYS V 288 -59.66 -5.07 24.78
CA LYS V 288 -59.21 -5.15 26.16
C LYS V 288 -57.71 -4.96 26.28
N VAL V 289 -56.94 -5.36 25.27
CA VAL V 289 -55.49 -5.23 25.34
C VAL V 289 -55.07 -3.78 25.27
N ALA V 290 -55.95 -2.87 24.85
CA ALA V 290 -55.62 -1.46 24.82
C ALA V 290 -55.47 -0.85 26.21
N GLY V 291 -55.88 -1.58 27.25
CA GLY V 291 -55.66 -1.13 28.60
C GLY V 291 -54.40 -1.64 29.26
N GLU V 292 -53.68 -2.55 28.60
CA GLU V 292 -52.45 -3.08 29.16
C GLU V 292 -51.31 -2.10 28.98
N HIS V 293 -50.35 -2.16 29.89
CA HIS V 293 -49.19 -1.28 29.80
C HIS V 293 -48.30 -1.65 28.63
N ASN V 294 -48.08 -2.94 28.41
CA ASN V 294 -47.09 -3.37 27.42
C ASN V 294 -47.57 -3.27 25.99
N ILE V 295 -48.85 -2.95 25.77
CA ILE V 295 -49.40 -2.88 24.43
C ILE V 295 -49.47 -1.43 24.00
N LEU V 296 -48.84 -1.12 22.86
CA LEU V 296 -49.01 0.17 22.24
C LEU V 296 -50.06 0.02 21.16
N PRO V 297 -51.27 0.54 21.36
CA PRO V 297 -52.35 0.29 20.40
C PRO V 297 -52.39 1.34 19.30
N ALA V 298 -52.66 0.87 18.09
CA ALA V 298 -52.84 1.74 16.96
C ALA V 298 -54.16 1.44 16.28
N SER V 299 -54.74 2.47 15.69
CA SER V 299 -55.99 2.34 14.96
C SER V 299 -55.80 2.85 13.54
N THR V 300 -56.53 2.25 12.61
CA THR V 300 -56.35 2.54 11.20
C THR V 300 -57.29 3.62 10.73
N ASN V 301 -56.97 4.17 9.57
CA ASN V 301 -57.78 5.24 8.98
C ASN V 301 -59.24 4.88 8.74
N PRO V 302 -59.59 3.77 8.08
CA PRO V 302 -60.97 3.65 7.55
C PRO V 302 -62.05 3.73 8.59
N THR V 303 -61.79 3.29 9.81
CA THR V 303 -62.83 3.26 10.84
C THR V 303 -62.89 4.54 11.67
N ILE V 304 -62.05 5.52 11.39
CA ILE V 304 -62.13 6.80 12.08
C ILE V 304 -62.21 7.92 11.05
N PRO V 305 -63.11 8.89 11.21
CA PRO V 305 -64.15 8.87 12.25
C PRO V 305 -65.33 8.00 11.83
N PHE V 306 -66.16 7.61 12.78
CA PHE V 306 -67.33 6.79 12.45
C PHE V 306 -68.37 7.65 11.73
N THR V 307 -68.71 7.26 10.52
CA THR V 307 -69.64 8.00 9.68
C THR V 307 -70.77 7.09 9.21
N VAL V 308 -71.67 7.66 8.42
CA VAL V 308 -72.82 6.90 7.91
C VAL V 308 -72.36 5.81 6.95
N ASN V 309 -71.31 6.08 6.17
CA ASN V 309 -70.85 5.15 5.15
C ASN V 309 -69.72 4.26 5.62
N THR V 310 -69.35 4.32 6.90
CA THR V 310 -68.17 3.58 7.37
C THR V 310 -68.36 2.08 7.22
N GLU V 311 -69.54 1.57 7.58
CA GLU V 311 -69.76 0.12 7.63
C GLU V 311 -69.99 -0.49 6.25
N ALA V 312 -70.26 0.32 5.22
CA ALA V 312 -70.62 -0.24 3.92
C ALA V 312 -69.41 -0.84 3.20
N GLU V 313 -68.25 -0.20 3.31
CA GLU V 313 -67.07 -0.59 2.55
C GLU V 313 -66.22 -1.64 3.24
N HIS V 314 -66.53 -1.98 4.49
CA HIS V 314 -65.63 -2.79 5.29
C HIS V 314 -65.44 -4.18 4.70
N MET V 315 -66.52 -4.82 4.26
CA MET V 315 -66.42 -6.19 3.77
C MET V 315 -65.63 -6.25 2.48
N ASP V 316 -65.85 -5.31 1.57
CA ASP V 316 -65.08 -5.28 0.33
C ASP V 316 -63.60 -5.06 0.62
N MET V 317 -63.30 -4.10 1.51
CA MET V 317 -61.90 -3.88 1.86
C MET V 317 -61.28 -5.12 2.48
N LEU V 318 -62.02 -5.79 3.38
CA LEU V 318 -61.50 -6.97 4.05
C LEU V 318 -61.21 -8.08 3.07
N MET V 319 -62.15 -8.35 2.16
CA MET V 319 -61.97 -9.44 1.22
C MET V 319 -60.80 -9.17 0.29
N VAL V 320 -60.71 -7.95 -0.25
CA VAL V 320 -59.61 -7.66 -1.17
C VAL V 320 -58.27 -7.69 -0.45
N CYS V 321 -58.21 -7.16 0.78
CA CYS V 321 -56.96 -7.15 1.52
C CYS V 321 -56.51 -8.57 1.87
N HIS V 322 -57.43 -9.42 2.31
CA HIS V 322 -57.08 -10.77 2.70
C HIS V 322 -57.02 -11.74 1.53
N HIS V 323 -57.29 -11.28 0.31
CA HIS V 323 -57.12 -12.08 -0.89
C HIS V 323 -58.07 -13.28 -0.90
N LEU V 324 -59.34 -12.99 -0.68
CA LEU V 324 -60.41 -13.98 -0.78
C LEU V 324 -61.23 -13.65 -2.02
N ASP V 325 -61.31 -14.59 -2.94
CA ASP V 325 -62.02 -14.36 -4.19
C ASP V 325 -63.52 -14.21 -3.92
N LYS V 326 -64.11 -13.15 -4.46
CA LYS V 326 -65.52 -12.89 -4.25
C LYS V 326 -66.42 -13.75 -5.12
N SER V 327 -65.85 -14.51 -6.04
CA SER V 327 -66.61 -15.43 -6.89
C SER V 327 -66.54 -16.87 -6.40
N ILE V 328 -65.99 -17.10 -5.23
CA ILE V 328 -65.83 -18.44 -4.67
C ILE V 328 -66.70 -18.56 -3.43
N LYS V 329 -67.56 -19.59 -3.41
CA LYS V 329 -68.44 -19.80 -2.27
C LYS V 329 -67.64 -20.03 -0.99
N GLU V 330 -66.58 -20.83 -1.07
CA GLU V 330 -65.78 -21.12 0.10
C GLU V 330 -65.13 -19.86 0.67
N ASP V 331 -64.57 -19.02 -0.20
CA ASP V 331 -63.93 -17.80 0.29
C ASP V 331 -64.96 -16.82 0.85
N VAL V 332 -66.12 -16.72 0.21
CA VAL V 332 -67.15 -15.81 0.72
C VAL V 332 -67.64 -16.28 2.09
N GLN V 333 -67.86 -17.59 2.25
CA GLN V 333 -68.26 -18.12 3.55
C GLN V 333 -67.16 -17.92 4.59
N PHE V 334 -65.91 -18.05 4.18
CA PHE V 334 -64.78 -17.83 5.09
C PHE V 334 -64.73 -16.39 5.55
N ALA V 335 -65.07 -15.45 4.67
CA ALA V 335 -64.98 -14.03 4.99
C ALA V 335 -66.11 -13.66 5.96
N ASP V 336 -65.90 -14.02 7.22
CA ASP V 336 -66.84 -13.72 8.29
C ASP V 336 -66.26 -12.61 9.16
N SER V 337 -67.04 -11.57 9.39
CA SER V 337 -66.60 -10.40 10.15
C SER V 337 -67.41 -10.27 11.43
N ARG V 338 -66.74 -9.85 12.49
CA ARG V 338 -67.38 -9.56 13.77
C ARG V 338 -67.43 -8.06 14.03
N ILE V 339 -67.44 -7.26 12.97
CA ILE V 339 -67.46 -5.81 13.11
C ILE V 339 -68.84 -5.35 13.57
N ARG V 340 -68.85 -4.34 14.44
CA ARG V 340 -70.09 -3.77 14.91
C ARG V 340 -69.99 -2.25 14.93
N PRO V 341 -71.09 -1.56 14.64
CA PRO V 341 -71.08 -0.09 14.79
C PRO V 341 -70.76 0.34 16.20
N GLN V 342 -71.09 -0.47 17.20
CA GLN V 342 -70.71 -0.15 18.57
C GLN V 342 -69.20 -0.06 18.72
N THR V 343 -68.48 -1.04 18.17
CA THR V 343 -67.02 -1.01 18.24
C THR V 343 -66.45 0.13 17.42
N ILE V 344 -66.99 0.35 16.21
CA ILE V 344 -66.48 1.43 15.38
C ILE V 344 -66.67 2.77 16.08
N ALA V 345 -67.82 2.97 16.72
CA ALA V 345 -68.06 4.20 17.45
C ALA V 345 -67.18 4.30 18.68
N ALA V 346 -66.95 3.18 19.37
CA ALA V 346 -66.11 3.20 20.56
C ALA V 346 -64.67 3.54 20.22
N GLU V 347 -64.24 3.24 19.01
CA GLU V 347 -62.87 3.55 18.62
C GLU V 347 -62.57 5.04 18.70
N ASP V 348 -63.49 5.88 18.21
CA ASP V 348 -63.28 7.32 18.27
C ASP V 348 -63.22 7.82 19.70
N THR V 349 -64.09 7.31 20.56
CA THR V 349 -64.08 7.74 21.95
C THR V 349 -62.81 7.29 22.66
N LEU V 350 -62.32 6.09 22.32
CA LEU V 350 -61.06 5.64 22.90
C LEU V 350 -59.90 6.53 22.46
N HIS V 351 -59.92 6.94 21.20
CA HIS V 351 -58.94 7.92 20.73
C HIS V 351 -59.02 9.21 21.52
N ASP V 352 -60.24 9.70 21.75
CA ASP V 352 -60.40 10.93 22.51
C ASP V 352 -59.89 10.79 23.94
N MET V 353 -60.14 9.63 24.55
CA MET V 353 -59.71 9.39 25.92
C MET V 353 -58.22 9.06 26.01
N GLY V 354 -57.56 8.81 24.90
CA GLY V 354 -56.16 8.47 24.94
C GLY V 354 -55.87 7.02 25.17
N ILE V 355 -56.90 6.16 25.08
CA ILE V 355 -56.67 4.72 25.19
C ILE V 355 -55.91 4.22 23.97
N PHE V 356 -56.22 4.75 22.79
CA PHE V 356 -55.47 4.42 21.59
C PHE V 356 -54.38 5.46 21.39
N SER V 357 -53.16 4.99 21.17
CA SER V 357 -52.00 5.86 21.19
C SER V 357 -51.51 6.25 19.80
N ILE V 358 -51.70 5.40 18.80
CA ILE V 358 -51.15 5.65 17.48
C ILE V 358 -52.25 5.59 16.44
N THR V 359 -52.24 6.54 15.51
CA THR V 359 -53.08 6.47 14.32
C THR V 359 -52.21 6.12 13.13
N SER V 360 -52.74 5.30 12.22
CA SER V 360 -51.97 4.90 11.06
C SER V 360 -52.92 4.62 9.91
N SER V 361 -52.34 4.18 8.79
CA SER V 361 -53.09 3.95 7.58
C SER V 361 -53.35 2.48 7.31
N ASP V 362 -52.31 1.65 7.28
CA ASP V 362 -52.34 0.37 6.58
C ASP V 362 -52.64 0.60 5.11
N SER V 363 -51.69 1.30 4.47
CA SER V 363 -51.90 1.86 3.15
C SER V 363 -52.28 0.79 2.13
N GLN V 364 -53.34 1.08 1.38
CA GLN V 364 -53.86 0.23 0.32
C GLN V 364 -54.15 -1.19 0.79
N ALA V 365 -54.20 -1.43 2.09
CA ALA V 365 -54.76 -2.65 2.65
C ALA V 365 -55.63 -2.22 3.84
N MET V 366 -56.88 -1.88 3.55
CA MET V 366 -57.80 -1.34 4.55
C MET V 366 -57.21 -0.09 5.21
N GLY V 367 -56.98 0.94 4.39
CA GLY V 367 -56.42 2.17 4.89
C GLY V 367 -55.87 3.06 3.81
N ARG V 368 -55.93 4.37 4.02
CA ARG V 368 -55.56 5.35 3.01
C ARG V 368 -54.31 6.10 3.46
N VAL V 369 -53.26 6.03 2.64
CA VAL V 369 -51.94 6.50 3.08
C VAL V 369 -51.92 8.02 3.19
N GLY V 370 -52.67 8.71 2.36
CA GLY V 370 -52.63 10.16 2.35
C GLY V 370 -53.73 10.80 3.18
N GLU V 371 -54.27 10.03 4.13
CA GLU V 371 -55.37 10.51 4.95
C GLU V 371 -55.17 10.28 6.44
N VAL V 372 -53.96 9.92 6.87
CA VAL V 372 -53.71 9.68 8.29
C VAL V 372 -53.94 10.96 9.09
N ILE V 373 -53.30 12.04 8.67
CA ILE V 373 -53.41 13.31 9.38
C ILE V 373 -54.83 13.86 9.28
N THR V 374 -55.40 13.82 8.07
CA THR V 374 -56.75 14.33 7.87
C THR V 374 -57.75 13.59 8.73
N ARG V 375 -57.65 12.27 8.79
CA ARG V 375 -58.63 11.52 9.56
C ARG V 375 -58.40 11.64 11.05
N THR V 376 -57.14 11.81 11.48
CA THR V 376 -56.89 12.11 12.88
C THR V 376 -57.58 13.41 13.28
N TRP V 377 -57.46 14.44 12.45
CA TRP V 377 -58.08 15.72 12.81
C TRP V 377 -59.58 15.69 12.63
N GLN V 378 -60.08 14.88 11.70
CA GLN V 378 -61.53 14.70 11.59
C GLN V 378 -62.07 14.03 12.85
N THR V 379 -61.37 13.02 13.36
CA THR V 379 -61.77 12.39 14.61
C THR V 379 -61.72 13.38 15.76
N ALA V 380 -60.67 14.20 15.83
CA ALA V 380 -60.56 15.18 16.89
C ALA V 380 -61.73 16.17 16.83
N ASP V 381 -62.05 16.66 15.64
CA ASP V 381 -63.14 17.61 15.49
C ASP V 381 -64.48 16.99 15.83
N LYS V 382 -64.70 15.75 15.40
CA LYS V 382 -65.96 15.07 15.72
C LYS V 382 -66.10 14.86 17.22
N ASN V 383 -65.02 14.47 17.89
CA ASN V 383 -65.09 14.29 19.34
C ASN V 383 -65.29 15.62 20.05
N LYS V 384 -64.69 16.69 19.55
CA LYS V 384 -64.92 18.01 20.13
C LYS V 384 -66.38 18.42 19.99
N LYS V 385 -66.96 18.17 18.82
CA LYS V 385 -68.37 18.50 18.62
C LYS V 385 -69.27 17.67 19.52
N GLU V 386 -68.93 16.39 19.71
CA GLU V 386 -69.80 15.51 20.49
C GLU V 386 -69.67 15.76 21.98
N PHE V 387 -68.48 15.57 22.53
CA PHE V 387 -68.27 15.63 23.98
C PHE V 387 -67.81 16.98 24.48
N GLY V 388 -67.61 17.96 23.61
CA GLY V 388 -67.16 19.26 24.06
C GLY V 388 -65.70 19.24 24.48
N ARG V 389 -65.31 20.29 25.19
CA ARG V 389 -63.94 20.45 25.62
C ARG V 389 -63.55 19.38 26.63
N LEU V 390 -62.33 18.89 26.53
CA LEU V 390 -61.80 17.95 27.50
C LEU V 390 -61.68 18.61 28.86
N LYS V 391 -61.78 17.80 29.92
CA LYS V 391 -61.62 18.34 31.27
C LYS V 391 -60.18 18.73 31.57
N GLU V 392 -59.22 18.28 30.76
CA GLU V 392 -57.82 18.62 30.96
C GLU V 392 -57.44 19.97 30.38
N GLU V 393 -58.37 20.67 29.73
CA GLU V 393 -58.05 21.95 29.12
C GLU V 393 -57.89 23.02 30.20
N LYS V 394 -56.70 23.61 30.26
CA LYS V 394 -56.42 24.69 31.20
C LYS V 394 -56.55 26.05 30.50
N GLY V 395 -57.75 26.33 30.05
CA GLY V 395 -58.04 27.59 29.37
C GLY V 395 -59.19 27.41 28.41
N ASP V 396 -59.51 28.51 27.74
CA ASP V 396 -60.59 28.54 26.76
C ASP V 396 -60.05 28.20 25.37
N ASN V 397 -59.43 27.04 25.28
CA ASN V 397 -58.84 26.57 24.05
C ASN V 397 -58.88 25.05 24.03
N ASP V 398 -58.45 24.48 22.91
CA ASP V 398 -58.38 23.04 22.75
C ASP V 398 -56.94 22.56 22.67
N ASN V 399 -56.04 23.20 23.42
CA ASN V 399 -54.62 22.89 23.30
C ASN V 399 -54.33 21.46 23.72
N PHE V 400 -54.96 20.98 24.78
CA PHE V 400 -54.71 19.61 25.22
C PHE V 400 -55.15 18.61 24.18
N ARG V 401 -56.33 18.80 23.59
CA ARG V 401 -56.80 17.90 22.55
C ARG V 401 -55.90 17.97 21.33
N ILE V 402 -55.47 19.18 20.95
CA ILE V 402 -54.54 19.33 19.85
C ILE V 402 -53.29 18.51 20.09
N LYS V 403 -52.71 18.65 21.28
CA LYS V 403 -51.46 17.95 21.58
C LYS V 403 -51.66 16.45 21.59
N ARG V 404 -52.78 15.97 22.14
CA ARG V 404 -53.03 14.53 22.16
C ARG V 404 -53.14 13.98 20.74
N TYR V 405 -53.97 14.61 19.91
CA TYR V 405 -54.17 14.08 18.57
C TYR V 405 -52.94 14.27 17.69
N LEU V 406 -52.13 15.27 17.97
CA LEU V 406 -50.90 15.45 17.21
C LEU V 406 -49.86 14.42 17.61
N SER V 407 -49.78 14.10 18.90
CA SER V 407 -48.91 13.01 19.34
C SER V 407 -49.32 11.70 18.72
N LYS V 408 -50.62 11.51 18.46
CA LYS V 408 -51.07 10.25 17.90
C LYS V 408 -50.33 9.87 16.62
N TYR V 409 -49.90 10.84 15.83
CA TYR V 409 -49.18 10.52 14.61
C TYR V 409 -47.81 11.18 14.48
N THR V 410 -47.32 11.90 15.48
CA THR V 410 -45.98 12.46 15.38
C THR V 410 -44.99 11.81 16.33
N ILE V 411 -45.22 11.86 17.64
CA ILE V 411 -44.19 11.46 18.59
C ILE V 411 -44.44 10.05 19.07
N ASN V 412 -45.71 9.65 19.15
CA ASN V 412 -46.01 8.31 19.66
C ASN V 412 -45.52 7.20 18.75
N PRO V 413 -45.74 7.22 17.43
CA PRO V 413 -45.12 6.21 16.59
C PRO V 413 -43.60 6.27 16.60
N ALA V 414 -43.01 7.45 16.73
CA ALA V 414 -41.56 7.56 16.81
C ALA V 414 -41.04 6.85 18.06
N ILE V 415 -41.69 7.06 19.20
CA ILE V 415 -41.31 6.36 20.42
C ILE V 415 -41.52 4.87 20.24
N ALA V 416 -42.64 4.48 19.65
CA ALA V 416 -42.97 3.06 19.51
C ALA V 416 -41.91 2.34 18.69
N HIS V 417 -41.41 2.98 17.64
CA HIS V 417 -40.43 2.33 16.77
C HIS V 417 -39.00 2.78 17.05
N GLY V 418 -38.77 3.49 18.14
CA GLY V 418 -37.41 3.74 18.56
C GLY V 418 -36.66 4.74 17.73
N ILE V 419 -37.35 5.65 17.05
CA ILE V 419 -36.71 6.70 16.27
C ILE V 419 -36.99 8.06 16.86
N SER V 420 -37.53 8.14 18.07
CA SER V 420 -37.86 9.42 18.68
C SER V 420 -36.63 10.26 18.99
N GLU V 421 -35.43 9.67 18.96
CA GLU V 421 -34.23 10.48 19.11
C GLU V 421 -33.99 11.36 17.88
N TYR V 422 -34.48 10.93 16.72
CA TYR V 422 -34.22 11.64 15.47
C TYR V 422 -35.41 12.46 15.00
N VAL V 423 -36.60 11.89 15.01
CA VAL V 423 -37.77 12.51 14.39
C VAL V 423 -38.91 12.52 15.40
N GLY V 424 -40.02 13.11 14.99
CA GLY V 424 -41.26 13.05 15.74
C GLY V 424 -41.69 14.35 16.38
N SER V 425 -40.78 15.31 16.55
CA SER V 425 -41.15 16.54 17.22
C SER V 425 -40.23 17.65 16.76
N VAL V 426 -40.65 18.89 17.04
CA VAL V 426 -39.84 20.07 16.74
C VAL V 426 -39.05 20.37 18.01
N GLU V 427 -37.88 19.76 18.12
CA GLU V 427 -37.01 19.93 19.26
C GLU V 427 -35.58 20.12 18.77
N VAL V 428 -34.77 20.79 19.58
CA VAL V 428 -33.39 21.04 19.21
C VAL V 428 -32.63 19.72 19.21
N GLY V 429 -31.89 19.48 18.13
CA GLY V 429 -31.11 18.28 17.96
C GLY V 429 -31.76 17.23 17.08
N LYS V 430 -33.07 17.32 16.86
CA LYS V 430 -33.75 16.39 15.97
C LYS V 430 -33.54 16.79 14.52
N VAL V 431 -33.75 15.82 13.63
CA VAL V 431 -33.59 16.12 12.21
C VAL V 431 -34.73 17.04 11.78
N ALA V 432 -34.42 17.92 10.83
CA ALA V 432 -35.36 18.97 10.43
C ALA V 432 -36.33 18.41 9.39
N ASP V 433 -37.26 17.60 9.88
CA ASP V 433 -38.38 17.10 9.09
C ASP V 433 -39.61 17.90 9.53
N LEU V 434 -39.81 19.05 8.91
CA LEU V 434 -40.83 19.99 9.33
C LEU V 434 -41.87 20.14 8.24
N VAL V 435 -43.10 20.41 8.65
CA VAL V 435 -44.20 20.67 7.74
C VAL V 435 -44.76 22.04 8.05
N LEU V 436 -44.87 22.87 7.01
CA LEU V 436 -45.42 24.21 7.10
C LEU V 436 -46.85 24.17 6.57
N TRP V 437 -47.79 24.51 7.43
CA TRP V 437 -49.22 24.56 7.12
C TRP V 437 -49.70 26.01 7.18
N SER V 438 -50.61 26.35 6.32
CA SER V 438 -51.38 27.52 6.65
C SER V 438 -52.57 27.10 7.52
N PRO V 439 -52.91 27.90 8.54
CA PRO V 439 -53.95 27.45 9.48
C PRO V 439 -55.29 27.16 8.83
N ALA V 440 -55.60 27.81 7.71
CA ALA V 440 -56.85 27.50 7.01
C ALA V 440 -56.82 26.10 6.42
N PHE V 441 -55.64 25.61 6.05
CA PHE V 441 -55.50 24.30 5.43
C PHE V 441 -54.85 23.28 6.37
N PHE V 442 -54.80 23.58 7.66
CA PHE V 442 -54.13 22.70 8.60
C PHE V 442 -54.77 21.32 8.62
N GLY V 443 -53.94 20.29 8.55
CA GLY V 443 -54.41 18.93 8.64
C GLY V 443 -54.83 18.31 7.33
N VAL V 444 -54.92 19.08 6.26
CA VAL V 444 -55.36 18.52 4.99
C VAL V 444 -54.34 18.77 3.88
N LYS V 445 -53.83 19.99 3.76
CA LYS V 445 -52.91 20.34 2.68
C LYS V 445 -51.79 21.24 3.18
N PRO V 446 -50.58 20.73 3.32
CA PRO V 446 -49.48 21.55 3.82
C PRO V 446 -49.03 22.59 2.80
N ASN V 447 -48.39 23.64 3.32
CA ASN V 447 -47.77 24.62 2.44
C ASN V 447 -46.46 24.08 1.88
N MET V 448 -45.61 23.54 2.75
CA MET V 448 -44.35 23.00 2.23
C MET V 448 -43.77 22.02 3.22
N ILE V 449 -42.82 21.21 2.73
CA ILE V 449 -42.15 20.20 3.54
C ILE V 449 -40.66 20.50 3.52
N ILE V 450 -40.07 20.60 4.70
CA ILE V 450 -38.63 20.75 4.85
C ILE V 450 -38.09 19.40 5.27
N LYS V 451 -37.23 18.82 4.45
CA LYS V 451 -36.70 17.48 4.66
C LYS V 451 -35.19 17.60 4.84
N GLY V 452 -34.72 17.28 6.04
CA GLY V 452 -33.29 17.33 6.31
C GLY V 452 -32.69 18.70 6.16
N GLY V 453 -33.44 19.76 6.47
CA GLY V 453 -32.93 21.10 6.38
C GLY V 453 -33.10 21.78 5.04
N PHE V 454 -33.68 21.11 4.06
CA PHE V 454 -33.89 21.68 2.75
C PHE V 454 -35.32 21.40 2.31
N ILE V 455 -35.89 22.32 1.54
CA ILE V 455 -37.26 22.15 1.08
C ILE V 455 -37.32 21.03 0.07
N ALA V 456 -38.16 20.04 0.32
CA ALA V 456 -38.27 18.88 -0.54
C ALA V 456 -39.54 18.84 -1.36
N LEU V 457 -40.63 19.42 -0.85
CA LEU V 457 -41.89 19.46 -1.57
C LEU V 457 -42.56 20.78 -1.29
N SER V 458 -43.24 21.32 -2.28
CA SER V 458 -43.90 22.60 -2.05
C SER V 458 -45.04 22.78 -3.03
N GLN V 459 -46.05 23.52 -2.59
CA GLN V 459 -47.08 23.98 -3.52
C GLN V 459 -46.44 25.01 -4.45
N MET V 460 -46.50 24.75 -5.74
CA MET V 460 -45.87 25.61 -6.72
C MET V 460 -46.85 25.88 -7.85
N GLY V 461 -46.74 27.06 -8.43
CA GLY V 461 -47.56 27.46 -9.56
C GLY V 461 -46.92 27.13 -10.87
N ASP V 462 -47.36 27.84 -11.91
CA ASP V 462 -46.83 27.64 -13.25
C ASP V 462 -45.34 27.92 -13.28
N ALA V 463 -44.58 27.02 -13.90
CA ALA V 463 -43.13 27.19 -13.98
C ALA V 463 -42.77 28.38 -14.85
N ASN V 464 -43.54 28.65 -15.89
CA ASN V 464 -43.30 29.77 -16.79
C ASN V 464 -43.84 31.09 -16.25
N ALA V 465 -44.47 31.08 -15.08
CA ALA V 465 -45.07 32.29 -14.54
C ALA V 465 -44.00 33.26 -14.06
N SER V 466 -44.40 34.53 -13.92
CA SER V 466 -43.51 35.55 -13.41
C SER V 466 -43.47 35.60 -11.89
N ILE V 467 -44.34 34.86 -11.22
CA ILE V 467 -44.30 34.67 -9.77
C ILE V 467 -44.70 33.24 -9.45
N PRO V 468 -44.36 32.75 -8.25
CA PRO V 468 -44.68 31.35 -7.92
C PRO V 468 -46.14 31.07 -7.63
N THR V 469 -46.97 32.09 -7.42
CA THR V 469 -48.36 31.91 -7.00
C THR V 469 -49.37 31.51 -8.08
N PRO V 470 -49.28 31.98 -9.32
CA PRO V 470 -50.40 31.79 -10.25
C PRO V 470 -50.65 30.34 -10.61
N GLN V 471 -51.90 30.08 -10.99
CA GLN V 471 -52.36 28.73 -11.25
C GLN V 471 -51.73 28.17 -12.51
N PRO V 472 -51.66 26.83 -12.63
CA PRO V 472 -52.11 25.85 -11.64
C PRO V 472 -51.10 25.62 -10.53
N VAL V 473 -51.58 25.57 -9.30
CA VAL V 473 -50.73 25.34 -8.14
C VAL V 473 -50.96 23.92 -7.68
N TYR V 474 -49.89 23.13 -7.61
CA TYR V 474 -49.99 21.81 -7.02
C TYR V 474 -48.65 21.44 -6.42
N TYR V 475 -48.58 20.27 -5.81
CA TYR V 475 -47.42 19.88 -5.04
C TYR V 475 -46.34 19.36 -5.97
N ARG V 476 -45.20 20.05 -5.98
CA ARG V 476 -44.09 19.70 -6.82
C ARG V 476 -42.86 19.40 -5.97
N GLU V 477 -42.07 18.45 -6.45
CA GLU V 477 -40.80 18.15 -5.82
C GLU V 477 -39.86 19.34 -5.94
N MET V 478 -39.17 19.65 -4.86
CA MET V 478 -38.20 20.72 -4.84
C MET V 478 -36.80 20.11 -4.91
N PHE V 479 -35.79 20.95 -4.69
CA PHE V 479 -34.42 20.53 -4.96
C PHE V 479 -33.94 19.44 -4.00
N ALA V 480 -34.45 19.40 -2.78
CA ALA V 480 -34.06 18.34 -1.87
C ALA V 480 -34.60 16.98 -2.30
N HIS V 481 -35.47 16.96 -3.29
CA HIS V 481 -36.05 15.74 -3.83
C HIS V 481 -35.24 15.15 -4.97
N HIS V 482 -34.17 15.79 -5.40
CA HIS V 482 -33.52 15.48 -6.66
C HIS V 482 -32.02 15.29 -6.48
N GLY V 483 -31.41 14.69 -7.49
CA GLY V 483 -29.97 14.54 -7.57
C GLY V 483 -29.42 13.73 -6.42
N LYS V 484 -28.26 14.15 -5.94
CA LYS V 484 -27.67 13.57 -4.75
C LYS V 484 -28.08 14.30 -3.49
N ALA V 485 -28.90 15.34 -3.60
CA ALA V 485 -29.39 16.03 -2.42
C ALA V 485 -30.32 15.16 -1.60
N LYS V 486 -31.08 14.28 -2.26
CA LYS V 486 -31.99 13.43 -1.52
C LYS V 486 -31.26 12.44 -0.64
N TYR V 487 -30.04 12.04 -1.01
CA TYR V 487 -29.25 11.17 -0.15
C TYR V 487 -28.92 11.85 1.17
N ASP V 488 -28.58 13.13 1.12
CA ASP V 488 -28.31 13.86 2.35
C ASP V 488 -29.59 14.18 3.11
N ALA V 489 -30.70 14.36 2.39
CA ALA V 489 -31.94 14.74 3.04
C ALA V 489 -32.64 13.60 3.75
N ASN V 490 -32.55 12.38 3.22
CA ASN V 490 -33.38 11.30 3.72
C ASN V 490 -32.61 10.32 4.59
N ILE V 491 -33.36 9.60 5.42
CA ILE V 491 -32.82 8.65 6.38
C ILE V 491 -33.43 7.29 6.13
N THR V 492 -32.60 6.26 6.16
CA THR V 492 -33.04 4.88 6.22
C THR V 492 -32.75 4.37 7.62
N PHE V 493 -33.78 3.90 8.30
CA PHE V 493 -33.64 3.36 9.64
C PHE V 493 -33.37 1.87 9.54
N VAL V 494 -32.39 1.40 10.31
CA VAL V 494 -32.05 -0.01 10.37
C VAL V 494 -31.89 -0.41 11.82
N SER V 495 -31.73 -1.70 12.04
CA SER V 495 -31.45 -2.18 13.39
C SER V 495 -30.02 -1.83 13.78
N GLN V 496 -29.78 -1.78 15.09
CA GLN V 496 -28.44 -1.52 15.58
C GLN V 496 -27.47 -2.61 15.13
N ALA V 497 -27.95 -3.84 15.01
CA ALA V 497 -27.09 -4.94 14.57
C ALA V 497 -26.63 -4.72 13.13
N ALA V 498 -27.56 -4.37 12.24
CA ALA V 498 -27.18 -4.11 10.86
C ALA V 498 -26.27 -2.89 10.76
N TYR V 499 -26.57 -1.86 11.55
CA TYR V 499 -25.72 -0.67 11.55
C TYR V 499 -24.29 -1.00 11.98
N ASP V 500 -24.14 -1.82 13.02
CA ASP V 500 -22.81 -2.23 13.45
C ASP V 500 -22.12 -3.09 12.41
N LYS V 501 -22.86 -4.01 11.78
CA LYS V 501 -22.28 -4.83 10.73
C LYS V 501 -21.96 -4.05 9.48
N GLY V 502 -22.42 -2.81 9.36
CA GLY V 502 -22.04 -2.00 8.22
C GLY V 502 -22.94 -2.24 7.03
N ILE V 503 -24.25 -2.19 7.26
CA ILE V 503 -25.21 -2.42 6.19
C ILE V 503 -25.08 -1.35 5.12
N LYS V 504 -24.73 -0.12 5.51
CA LYS V 504 -24.65 0.97 4.55
C LYS V 504 -23.58 0.70 3.51
N GLU V 505 -22.36 0.38 3.94
CA GLU V 505 -21.30 0.09 3.00
C GLU V 505 -21.51 -1.23 2.27
N GLU V 506 -22.08 -2.22 2.97
CA GLU V 506 -22.30 -3.52 2.33
C GLU V 506 -23.30 -3.41 1.18
N LEU V 507 -24.38 -2.67 1.38
CA LEU V 507 -25.39 -2.51 0.34
C LEU V 507 -25.15 -1.31 -0.55
N GLY V 508 -24.11 -0.52 -0.28
CA GLY V 508 -23.84 0.65 -1.09
C GLY V 508 -24.91 1.72 -1.01
N LEU V 509 -25.53 1.87 0.15
CA LEU V 509 -26.55 2.90 0.33
C LEU V 509 -25.91 4.27 0.45
N GLU V 510 -26.51 5.26 -0.20
CA GLU V 510 -26.03 6.63 -0.11
C GLU V 510 -26.81 7.48 0.87
N ARG V 511 -28.00 7.05 1.28
CA ARG V 511 -28.76 7.76 2.28
C ARG V 511 -28.06 7.68 3.63
N GLN V 512 -28.39 8.60 4.52
CA GLN V 512 -28.01 8.43 5.90
C GLN V 512 -28.66 7.16 6.43
N VAL V 513 -27.92 6.39 7.20
CA VAL V 513 -28.42 5.15 7.76
C VAL V 513 -28.31 5.25 9.27
N LEU V 514 -29.45 5.17 9.95
CA LEU V 514 -29.44 5.39 11.38
C LEU V 514 -30.06 4.19 12.09
N PRO V 515 -29.52 3.81 13.25
CA PRO V 515 -30.09 2.69 14.01
C PRO V 515 -31.24 3.12 14.91
N VAL V 516 -32.24 2.25 15.01
CA VAL V 516 -33.30 2.44 15.97
C VAL V 516 -32.84 1.96 17.34
N LYS V 517 -33.42 2.52 18.39
CA LYS V 517 -33.01 2.17 19.74
C LYS V 517 -34.14 2.43 20.71
N ASN V 518 -34.07 1.77 21.86
CA ASN V 518 -35.05 1.91 22.94
C ASN V 518 -36.46 1.53 22.47
N CYS V 519 -36.56 0.34 21.88
CA CYS V 519 -37.85 -0.18 21.45
C CYS V 519 -38.46 -1.17 22.42
N ARG V 520 -37.65 -1.82 23.25
CA ARG V 520 -38.15 -2.90 24.10
C ARG V 520 -38.58 -2.43 25.48
N ASN V 521 -38.02 -1.32 25.97
CA ASN V 521 -38.28 -0.88 27.33
C ASN V 521 -39.31 0.25 27.38
N ILE V 522 -40.24 0.28 26.45
CA ILE V 522 -41.29 1.29 26.41
C ILE V 522 -42.62 0.62 26.64
N THR V 523 -43.52 1.32 27.34
CA THR V 523 -44.86 0.81 27.57
C THR V 523 -45.88 1.87 27.13
N LYS V 524 -47.15 1.62 27.41
CA LYS V 524 -48.18 2.61 27.13
C LYS V 524 -47.92 3.91 27.91
N LYS V 525 -47.28 3.81 29.07
CA LYS V 525 -47.01 5.00 29.88
C LYS V 525 -46.06 5.96 29.19
N ASP V 526 -45.29 5.50 28.20
CA ASP V 526 -44.34 6.35 27.52
C ASP V 526 -44.93 7.11 26.35
N MET V 527 -46.18 6.82 25.98
CA MET V 527 -46.84 7.61 24.95
C MET V 527 -47.21 8.98 25.52
N GLN V 528 -47.09 10.00 24.68
CA GLN V 528 -47.37 11.36 25.10
C GLN V 528 -48.85 11.66 24.93
N PHE V 529 -49.49 12.10 26.02
CA PHE V 529 -50.90 12.50 26.03
C PHE V 529 -51.84 11.35 25.68
N ASN V 530 -51.30 10.15 25.51
CA ASN V 530 -52.09 8.99 25.16
C ASN V 530 -51.64 7.79 25.98
N ASP V 531 -51.39 8.00 27.27
CA ASP V 531 -50.87 6.96 28.15
C ASP V 531 -51.92 6.40 29.08
N THR V 532 -53.20 6.58 28.74
CA THR V 532 -54.28 6.13 29.61
C THR V 532 -54.35 4.62 29.62
N THR V 533 -54.04 4.02 30.76
CA THR V 533 -54.22 2.58 30.98
C THR V 533 -55.42 2.41 31.88
N ALA V 534 -56.52 1.91 31.32
CA ALA V 534 -57.74 1.69 32.08
C ALA V 534 -58.25 0.29 31.81
N HIS V 535 -58.79 -0.35 32.84
CA HIS V 535 -59.39 -1.67 32.65
C HIS V 535 -60.57 -1.54 31.72
N ILE V 536 -60.47 -2.13 30.53
CA ILE V 536 -61.49 -2.03 29.50
C ILE V 536 -62.36 -3.27 29.63
N GLU V 537 -63.53 -3.11 30.26
CA GLU V 537 -64.48 -4.20 30.39
C GLU V 537 -65.27 -4.30 29.09
N VAL V 538 -65.04 -5.37 28.34
CA VAL V 538 -65.76 -5.61 27.10
C VAL V 538 -66.75 -6.74 27.33
N ASN V 539 -68.03 -6.43 27.21
CA ASN V 539 -69.06 -7.45 27.24
C ASN V 539 -69.28 -7.92 25.81
N PRO V 540 -68.87 -9.14 25.46
CA PRO V 540 -69.06 -9.61 24.07
C PRO V 540 -70.48 -10.06 23.80
N GLU V 541 -71.26 -10.38 24.83
CA GLU V 541 -72.67 -10.68 24.62
C GLU V 541 -73.41 -9.47 24.08
N THR V 542 -73.06 -8.29 24.57
CA THR V 542 -73.71 -7.05 24.17
C THR V 542 -72.81 -6.16 23.32
N TYR V 543 -71.57 -6.57 23.07
CA TYR V 543 -70.59 -5.76 22.34
C TYR V 543 -70.47 -4.38 22.97
N HIS V 544 -70.44 -4.35 24.30
CA HIS V 544 -70.44 -3.09 25.03
C HIS V 544 -69.08 -2.88 25.67
N VAL V 545 -68.51 -1.71 25.44
CA VAL V 545 -67.19 -1.36 25.95
C VAL V 545 -67.37 -0.37 27.10
N PHE V 546 -66.75 -0.66 28.23
CA PHE V 546 -66.78 0.22 29.39
C PHE V 546 -65.35 0.50 29.83
N VAL V 547 -65.07 1.76 30.17
CA VAL V 547 -63.82 2.14 30.79
C VAL V 547 -64.15 2.80 32.12
N ASP V 548 -63.59 2.28 33.20
CA ASP V 548 -63.89 2.73 34.55
C ASP V 548 -65.40 2.72 34.80
N GLY V 549 -66.07 1.68 34.30
CA GLY V 549 -67.50 1.53 34.45
C GLY V 549 -68.34 2.21 33.39
N LYS V 550 -68.02 3.46 33.06
CA LYS V 550 -68.81 4.22 32.10
C LYS V 550 -68.70 3.60 30.71
N GLU V 551 -69.84 3.48 30.03
CA GLU V 551 -69.87 2.96 28.68
C GLU V 551 -69.39 4.01 27.69
N VAL V 552 -68.73 3.56 26.63
CA VAL V 552 -68.18 4.43 25.61
C VAL V 552 -68.89 4.18 24.30
N THR V 553 -69.33 5.26 23.66
CA THR V 553 -69.99 5.18 22.37
C THR V 553 -69.95 6.57 21.73
N SER V 554 -70.22 6.61 20.44
CA SER V 554 -70.29 7.88 19.73
C SER V 554 -71.31 7.76 18.62
N LYS V 555 -71.78 8.85 18.19
CA LYS V 555 -72.75 8.78 17.11
C LYS V 555 -72.06 8.96 15.77
N PRO V 556 -72.57 8.31 14.72
CA PRO V 556 -71.98 8.49 13.40
C PRO V 556 -72.11 9.93 12.94
N ALA V 557 -71.06 10.41 12.27
CA ALA V 557 -71.03 11.78 11.79
C ALA V 557 -71.65 11.84 10.40
N ASN V 558 -72.63 12.73 10.23
CA ASN V 558 -73.25 12.91 8.92
C ASN V 558 -72.36 13.69 7.97
N LYS V 559 -71.50 14.56 8.51
CA LYS V 559 -70.63 15.40 7.69
C LYS V 559 -69.38 15.71 8.49
N VAL V 560 -68.21 15.41 7.94
CA VAL V 560 -66.96 15.67 8.60
C VAL V 560 -66.32 16.90 7.99
N SER V 561 -65.38 17.49 8.72
CA SER V 561 -64.62 18.62 8.24
C SER V 561 -63.40 18.15 7.45
N LEU V 562 -62.76 19.09 6.77
CA LEU V 562 -61.55 18.82 5.99
C LEU V 562 -61.76 17.74 4.94
N ALA V 563 -62.99 17.59 4.43
CA ALA V 563 -63.27 16.52 3.48
C ALA V 563 -63.62 17.05 2.09
N GLN V 564 -64.69 17.82 1.96
CA GLN V 564 -65.13 18.25 0.65
C GLN V 564 -64.86 19.71 0.36
N LEU V 565 -64.56 20.50 1.38
CA LEU V 565 -64.17 21.88 1.17
C LEU V 565 -62.83 22.00 0.47
N PHE V 566 -61.97 21.00 0.59
CA PHE V 566 -60.58 21.12 0.19
C PHE V 566 -60.17 20.27 -1.00
N SER V 567 -60.98 19.31 -1.41
CA SER V 567 -60.58 18.34 -2.42
C SER V 567 -61.56 18.35 -3.58
N ILE V 568 -61.04 18.39 -4.81
CA ILE V 568 -61.89 18.32 -5.98
C ILE V 568 -62.47 16.92 -6.13
N PHE V 569 -61.75 15.90 -5.70
CA PHE V 569 -62.21 14.52 -5.78
C PHE V 569 -62.01 13.80 -4.47
N MET W 1 -83.92 1.87 18.78
CA MET W 1 -82.55 2.19 19.15
C MET W 1 -81.57 1.47 18.24
N ASN W 2 -81.65 1.75 16.96
CA ASN W 2 -80.78 1.11 15.98
C ASN W 2 -79.36 1.64 16.14
N THR W 3 -78.41 0.74 16.38
CA THR W 3 -77.02 1.15 16.52
C THR W 3 -76.38 1.50 15.18
N TYR W 4 -76.94 1.00 14.09
CA TYR W 4 -76.41 1.32 12.77
C TYR W 4 -76.77 2.75 12.39
N ALA W 5 -75.96 3.33 11.50
CA ALA W 5 -76.19 4.71 11.08
C ALA W 5 -77.50 4.84 10.32
N GLN W 6 -77.81 3.89 9.45
CA GLN W 6 -79.04 3.86 8.69
C GLN W 6 -79.78 2.56 8.96
N GLU W 7 -81.01 2.49 8.46
CA GLU W 7 -81.84 1.32 8.65
C GLU W 7 -81.28 0.14 7.85
N SER W 8 -81.30 -1.04 8.46
CA SER W 8 -80.78 -2.25 7.85
C SER W 8 -81.81 -2.79 6.85
N LYS W 9 -81.54 -2.59 5.57
CA LYS W 9 -82.44 -3.03 4.51
C LYS W 9 -81.68 -3.88 3.51
N LEU W 10 -82.40 -4.79 2.85
CA LEU W 10 -81.81 -5.62 1.80
C LEU W 10 -82.90 -5.90 0.78
N ARG W 11 -82.93 -5.11 -0.29
CA ARG W 11 -83.89 -5.29 -1.37
C ARG W 11 -83.16 -5.96 -2.52
N LEU W 12 -83.56 -7.18 -2.85
CA LEU W 12 -82.94 -7.95 -3.91
C LEU W 12 -84.00 -8.34 -4.92
N LYS W 13 -83.66 -8.23 -6.21
CA LYS W 13 -84.54 -8.63 -7.30
C LYS W 13 -83.71 -9.35 -8.34
N THR W 14 -83.99 -10.63 -8.55
CA THR W 14 -83.25 -11.45 -9.49
C THR W 14 -84.12 -11.80 -10.69
N LYS W 15 -83.48 -11.90 -11.85
CA LYS W 15 -84.13 -12.24 -13.10
C LYS W 15 -83.21 -13.13 -13.91
N ILE W 16 -83.73 -13.66 -15.02
CA ILE W 16 -82.95 -14.50 -15.91
C ILE W 16 -82.12 -13.61 -16.83
N GLY W 17 -80.82 -13.87 -16.88
CA GLY W 17 -79.92 -13.04 -17.65
C GLY W 17 -79.93 -13.37 -19.14
N ALA W 18 -79.12 -12.62 -19.88
CA ALA W 18 -79.05 -12.82 -21.33
C ALA W 18 -78.48 -14.19 -21.66
N ASP W 19 -77.49 -14.65 -20.91
CA ASP W 19 -76.87 -15.95 -21.16
C ASP W 19 -77.68 -17.11 -20.59
N GLY W 20 -78.86 -16.85 -20.05
CA GLY W 20 -79.70 -17.89 -19.50
C GLY W 20 -79.48 -18.19 -18.04
N ARG W 21 -78.46 -17.60 -17.42
CA ARG W 21 -78.23 -17.80 -16.00
C ARG W 21 -79.08 -16.85 -15.18
N CYS W 22 -79.22 -17.18 -13.89
CA CYS W 22 -79.96 -16.34 -12.96
C CYS W 22 -79.05 -15.22 -12.48
N VAL W 23 -79.40 -13.98 -12.81
CA VAL W 23 -78.58 -12.82 -12.47
C VAL W 23 -79.36 -11.91 -11.53
N ILE W 24 -78.64 -11.04 -10.86
CA ILE W 24 -79.23 -10.06 -9.96
C ILE W 24 -79.61 -8.84 -10.79
N GLU W 25 -80.91 -8.64 -10.99
CA GLU W 25 -81.35 -7.46 -11.74
C GLU W 25 -81.14 -6.20 -10.94
N ASP W 26 -81.48 -6.22 -9.66
CA ASP W 26 -81.33 -5.04 -8.82
C ASP W 26 -81.04 -5.47 -7.39
N ASN W 27 -80.29 -4.64 -6.68
CA ASN W 27 -80.00 -4.93 -5.28
C ASN W 27 -79.58 -3.65 -4.57
N PHE W 28 -80.09 -3.49 -3.34
CA PHE W 28 -79.76 -2.36 -2.49
C PHE W 28 -79.66 -2.86 -1.07
N PHE W 29 -78.47 -2.78 -0.49
CA PHE W 29 -78.24 -3.29 0.85
C PHE W 29 -77.53 -2.26 1.69
N THR W 30 -78.05 -2.01 2.88
CA THR W 30 -77.40 -1.23 3.91
C THR W 30 -76.79 -2.16 4.94
N PRO W 31 -75.83 -1.70 5.73
CA PRO W 31 -75.22 -2.57 6.73
C PRO W 31 -76.27 -3.08 7.69
N PRO W 32 -76.11 -4.32 8.20
CA PRO W 32 -74.96 -5.19 7.95
C PRO W 32 -75.11 -6.07 6.71
N PHE W 33 -76.13 -5.82 5.91
CA PHE W 33 -76.40 -6.66 4.75
C PHE W 33 -75.40 -6.40 3.64
N LYS W 34 -75.17 -7.43 2.81
CA LYS W 34 -74.33 -7.30 1.65
C LYS W 34 -74.68 -8.41 0.66
N LEU W 35 -74.58 -8.08 -0.63
CA LEU W 35 -74.85 -9.03 -1.69
C LEU W 35 -73.67 -9.08 -2.63
N MET W 36 -73.19 -10.29 -2.91
CA MET W 36 -72.16 -10.53 -3.89
C MET W 36 -72.79 -11.04 -5.18
N ALA W 37 -71.97 -11.31 -6.18
CA ALA W 37 -72.47 -11.89 -7.41
C ALA W 37 -72.97 -13.31 -7.14
N PRO W 38 -74.03 -13.75 -7.82
CA PRO W 38 -74.50 -15.12 -7.63
C PRO W 38 -73.44 -16.14 -8.00
N PHE W 39 -73.42 -17.24 -7.27
CA PHE W 39 -72.53 -18.35 -7.58
C PHE W 39 -73.27 -19.37 -8.42
N TYR W 40 -72.56 -19.98 -9.36
CA TYR W 40 -73.15 -20.91 -10.32
C TYR W 40 -72.41 -22.24 -10.24
N PRO W 41 -72.82 -23.14 -9.35
CA PRO W 41 -72.25 -24.49 -9.36
C PRO W 41 -72.52 -25.18 -10.69
N LYS W 42 -71.77 -26.26 -10.93
CA LYS W 42 -71.79 -26.90 -12.23
C LYS W 42 -73.17 -27.44 -12.58
N ASP W 43 -73.83 -28.09 -11.63
CA ASP W 43 -75.10 -28.76 -11.89
C ASP W 43 -76.28 -28.25 -11.09
N ASP W 44 -76.05 -27.56 -9.97
CA ASP W 44 -77.14 -27.16 -9.09
C ASP W 44 -77.76 -25.85 -9.55
N LEU W 45 -78.63 -25.28 -8.73
CA LEU W 45 -79.27 -24.01 -9.01
C LEU W 45 -78.30 -22.86 -8.75
N ALA W 46 -78.69 -21.66 -9.17
CA ALA W 46 -77.85 -20.50 -8.92
C ALA W 46 -77.94 -20.14 -7.44
N GLU W 47 -76.79 -20.02 -6.78
CA GLU W 47 -76.74 -19.82 -5.33
C GLU W 47 -76.46 -18.36 -5.01
N ILE W 48 -77.27 -17.80 -4.11
CA ILE W 48 -77.09 -16.44 -3.61
C ILE W 48 -76.92 -16.52 -2.10
N MET W 49 -75.85 -15.93 -1.59
CA MET W 49 -75.55 -15.93 -0.16
C MET W 49 -75.92 -14.57 0.41
N LEU W 50 -76.85 -14.55 1.36
CA LEU W 50 -77.23 -13.33 2.06
C LEU W 50 -76.17 -13.05 3.11
N LEU W 51 -75.20 -12.22 2.76
CA LEU W 51 -74.12 -11.91 3.69
C LEU W 51 -74.62 -11.00 4.79
N ALA W 52 -74.25 -11.33 6.02
CA ALA W 52 -74.51 -10.48 7.18
C ALA W 52 -73.17 -10.13 7.82
N VAL W 53 -72.74 -8.89 7.66
CA VAL W 53 -71.44 -8.46 8.17
C VAL W 53 -71.67 -8.01 9.61
N SER W 54 -71.70 -9.00 10.50
CA SER W 54 -71.93 -8.77 11.93
C SER W 54 -71.75 -10.09 12.67
N PRO W 55 -71.32 -10.04 13.94
CA PRO W 55 -71.27 -11.28 14.73
C PRO W 55 -72.64 -11.89 14.99
N GLY W 56 -73.70 -11.11 14.83
CA GLY W 56 -75.04 -11.60 15.07
C GLY W 56 -75.95 -10.46 15.44
N MET W 57 -77.25 -10.78 15.49
CA MET W 57 -78.24 -9.77 15.82
C MET W 57 -78.12 -9.39 17.29
N MET W 58 -78.09 -8.09 17.56
CA MET W 58 -77.99 -7.55 18.90
C MET W 58 -79.22 -6.70 19.20
N ARG W 59 -79.20 -6.06 20.37
CA ARG W 59 -80.35 -5.25 20.78
C ARG W 59 -80.57 -4.09 19.82
N GLY W 60 -81.83 -3.89 19.44
CA GLY W 60 -82.19 -2.78 18.57
C GLY W 60 -82.04 -3.06 17.10
N ASP W 61 -81.51 -4.23 16.71
CA ASP W 61 -81.40 -4.57 15.30
C ASP W 61 -82.78 -4.77 14.71
N ALA W 62 -83.03 -4.13 13.56
CA ALA W 62 -84.31 -4.23 12.88
C ALA W 62 -84.02 -4.38 11.39
N GLN W 63 -83.99 -5.63 10.92
CA GLN W 63 -83.63 -5.94 9.55
C GLN W 63 -84.88 -6.05 8.69
N ASP W 64 -84.82 -5.47 7.49
CA ASP W 64 -85.94 -5.49 6.55
C ASP W 64 -85.43 -6.07 5.23
N VAL W 65 -85.80 -7.32 4.95
CA VAL W 65 -85.35 -8.03 3.76
C VAL W 65 -86.53 -8.16 2.81
N GLN W 66 -86.29 -7.92 1.53
CA GLN W 66 -87.33 -8.01 0.50
C GLN W 66 -86.70 -8.69 -0.72
N LEU W 67 -86.97 -9.97 -0.89
CA LEU W 67 -86.45 -10.75 -1.99
C LEU W 67 -87.52 -10.90 -3.07
N ASN W 68 -87.12 -10.79 -4.32
CA ASN W 68 -88.05 -10.85 -5.45
C ASN W 68 -87.40 -11.71 -6.53
N ILE W 69 -87.80 -12.97 -6.59
CA ILE W 69 -87.33 -13.89 -7.61
C ILE W 69 -88.27 -13.81 -8.81
N GLY W 70 -87.72 -13.55 -9.99
CA GLY W 70 -88.52 -13.41 -11.17
C GLY W 70 -88.86 -14.75 -11.79
N PRO W 71 -89.61 -14.68 -12.89
CA PRO W 71 -90.06 -15.92 -13.53
C PRO W 71 -88.91 -16.76 -14.04
N ASN W 72 -89.10 -18.09 -14.00
CA ASN W 72 -88.18 -19.06 -14.56
C ASN W 72 -86.79 -18.97 -13.92
N CYS W 73 -86.72 -18.61 -12.65
CA CYS W 73 -85.45 -18.51 -11.94
C CYS W 73 -85.32 -19.67 -10.97
N LYS W 74 -84.21 -20.39 -11.05
CA LYS W 74 -83.91 -21.53 -10.17
C LYS W 74 -82.81 -21.09 -9.21
N LEU W 75 -83.24 -20.56 -8.06
CA LEU W 75 -82.35 -19.89 -7.12
C LEU W 75 -82.38 -20.60 -5.77
N ARG W 76 -81.19 -20.81 -5.21
CA ARG W 76 -81.04 -21.30 -3.84
C ARG W 76 -80.39 -20.20 -3.03
N ILE W 77 -81.06 -19.77 -1.97
CA ILE W 77 -80.62 -18.66 -1.14
C ILE W 77 -80.16 -19.21 0.20
N THR W 78 -78.87 -19.05 0.49
CA THR W 78 -78.26 -19.50 1.73
C THR W 78 -77.75 -18.30 2.51
N SER W 79 -77.15 -18.57 3.66
CA SER W 79 -76.54 -17.55 4.50
C SER W 79 -75.08 -17.88 4.73
N GLN W 80 -74.34 -16.89 5.24
CA GLN W 80 -72.92 -17.07 5.44
C GLN W 80 -72.62 -18.09 6.53
N SER W 81 -73.28 -17.97 7.68
CA SER W 81 -73.02 -18.85 8.80
C SER W 81 -74.25 -18.87 9.69
N PHE W 82 -74.11 -19.53 10.85
CA PHE W 82 -75.23 -19.61 11.80
C PHE W 82 -75.63 -18.22 12.25
N GLU W 83 -76.93 -17.96 12.28
CA GLU W 83 -77.46 -16.68 12.73
C GLU W 83 -77.57 -16.70 14.25
N LYS W 84 -76.76 -15.90 14.92
CA LYS W 84 -76.71 -15.89 16.38
C LYS W 84 -77.43 -14.66 16.91
N ILE W 85 -78.37 -14.87 17.81
CA ILE W 85 -79.06 -13.77 18.50
C ILE W 85 -78.34 -13.55 19.82
N HIS W 86 -77.75 -12.37 19.97
CA HIS W 86 -76.98 -12.07 21.15
C HIS W 86 -77.90 -11.64 22.29
N ASN W 87 -77.30 -11.39 23.45
CA ASN W 87 -78.06 -10.94 24.62
C ASN W 87 -78.63 -9.56 24.34
N THR W 88 -79.93 -9.49 24.12
CA THR W 88 -80.65 -8.22 24.02
C THR W 88 -81.09 -7.82 25.41
N GLU W 89 -80.43 -6.82 25.99
CA GLU W 89 -80.58 -6.51 27.40
C GLU W 89 -82.03 -6.14 27.74
N ASP W 90 -82.52 -5.04 27.19
CA ASP W 90 -83.90 -4.60 27.41
C ASP W 90 -84.74 -4.61 26.15
N GLY W 91 -84.13 -4.55 24.97
CA GLY W 91 -84.83 -4.54 23.72
C GLY W 91 -84.88 -5.91 23.07
N PHE W 92 -84.98 -5.92 21.75
CA PHE W 92 -85.12 -7.15 21.00
C PHE W 92 -84.53 -6.97 19.61
N ALA W 93 -84.25 -8.09 18.95
CA ALA W 93 -83.79 -8.11 17.57
C ALA W 93 -84.93 -8.60 16.69
N SER W 94 -85.22 -7.86 15.64
CA SER W 94 -86.35 -8.16 14.77
C SER W 94 -85.88 -8.29 13.33
N ARG W 95 -86.43 -9.28 12.63
CA ARG W 95 -86.21 -9.48 11.21
C ARG W 95 -87.56 -9.59 10.52
N ASP W 96 -87.73 -8.86 9.43
CA ASP W 96 -88.96 -8.87 8.64
C ASP W 96 -88.58 -9.17 7.20
N MET W 97 -88.88 -10.38 6.74
CA MET W 97 -88.47 -10.84 5.42
C MET W 97 -89.70 -11.10 4.56
N HIS W 98 -89.82 -10.35 3.47
CA HIS W 98 -90.90 -10.51 2.51
C HIS W 98 -90.31 -11.04 1.22
N ILE W 99 -90.81 -12.19 0.76
CA ILE W 99 -90.32 -12.85 -0.42
C ILE W 99 -91.45 -12.95 -1.44
N VAL W 100 -91.14 -12.68 -2.71
CA VAL W 100 -92.09 -12.77 -3.80
C VAL W 100 -91.48 -13.65 -4.88
N VAL W 101 -92.12 -14.79 -5.15
CA VAL W 101 -91.65 -15.73 -6.17
C VAL W 101 -92.55 -15.61 -7.38
N GLY W 102 -91.95 -15.51 -8.56
CA GLY W 102 -92.69 -15.37 -9.79
C GLY W 102 -93.13 -16.70 -10.38
N GLU W 103 -93.72 -16.61 -11.56
CA GLU W 103 -94.25 -17.81 -12.23
C GLU W 103 -93.12 -18.74 -12.64
N ASN W 104 -93.34 -20.04 -12.45
CA ASN W 104 -92.39 -21.08 -12.87
C ASN W 104 -91.02 -20.89 -12.24
N ALA W 105 -90.96 -20.28 -11.06
CA ALA W 105 -89.70 -20.01 -10.38
C ALA W 105 -89.56 -20.92 -9.17
N PHE W 106 -88.36 -21.46 -8.99
CA PHE W 106 -88.03 -22.30 -7.86
C PHE W 106 -87.10 -21.55 -6.94
N LEU W 107 -87.47 -21.44 -5.67
CA LEU W 107 -86.65 -20.81 -4.65
C LEU W 107 -86.42 -21.81 -3.52
N ASP W 108 -85.15 -22.10 -3.24
CA ASP W 108 -84.76 -22.98 -2.14
C ASP W 108 -84.13 -22.10 -1.07
N PHE W 109 -84.94 -21.68 -0.10
CA PHE W 109 -84.47 -20.83 0.98
C PHE W 109 -83.94 -21.72 2.09
N ALA W 110 -82.62 -21.84 2.19
CA ALA W 110 -81.97 -22.76 3.13
C ALA W 110 -80.95 -21.98 3.97
N PRO W 111 -81.42 -21.19 4.93
CA PRO W 111 -80.49 -20.48 5.82
C PRO W 111 -79.91 -21.42 6.87
N PHE W 112 -78.82 -20.97 7.48
CA PHE W 112 -78.17 -21.73 8.52
C PHE W 112 -78.99 -21.67 9.81
N PRO W 113 -78.78 -22.60 10.73
CA PRO W 113 -79.58 -22.63 11.96
C PRO W 113 -79.43 -21.36 12.78
N LEU W 114 -80.51 -21.03 13.49
CA LEU W 114 -80.53 -19.86 14.37
C LEU W 114 -80.16 -20.28 15.80
N ILE W 115 -79.16 -19.63 16.36
CA ILE W 115 -78.66 -19.93 17.69
C ILE W 115 -78.94 -18.72 18.59
N PRO W 116 -79.96 -18.80 19.45
CA PRO W 116 -80.19 -17.72 20.41
C PRO W 116 -79.31 -17.89 21.65
N PHE W 117 -78.68 -16.79 22.06
CA PHE W 117 -77.82 -16.82 23.23
C PHE W 117 -78.67 -16.62 24.49
N GLU W 118 -78.01 -16.48 25.63
CA GLU W 118 -78.73 -16.26 26.88
C GLU W 118 -79.41 -14.89 26.86
N ASN W 119 -80.66 -14.86 27.34
CA ASN W 119 -81.47 -13.65 27.39
C ASN W 119 -81.61 -13.00 26.01
N ALA W 120 -81.85 -13.83 25.00
CA ALA W 120 -82.03 -13.36 23.63
C ALA W 120 -83.51 -13.22 23.32
N HIS W 121 -83.90 -12.09 22.76
CA HIS W 121 -85.27 -11.82 22.36
C HIS W 121 -85.30 -11.53 20.87
N PHE W 122 -85.94 -12.41 20.11
CA PHE W 122 -85.97 -12.32 18.66
C PHE W 122 -87.40 -12.37 18.15
N LYS W 123 -87.71 -11.53 17.17
CA LYS W 123 -89.01 -11.49 16.51
C LYS W 123 -88.78 -11.57 15.01
N GLY W 124 -89.09 -12.71 14.42
CA GLY W 124 -88.99 -12.92 12.98
C GLY W 124 -90.36 -12.98 12.35
N ASN W 125 -90.52 -12.31 11.21
CA ASN W 125 -91.79 -12.29 10.49
C ASN W 125 -91.49 -12.48 9.01
N THR W 126 -91.77 -13.68 8.50
CA THR W 126 -91.52 -14.02 7.12
C THR W 126 -92.85 -14.14 6.39
N THR W 127 -92.98 -13.43 5.27
CA THR W 127 -94.16 -13.46 4.44
C THR W 127 -93.74 -13.82 3.02
N ILE W 128 -94.10 -15.01 2.58
CA ILE W 128 -93.76 -15.50 1.24
C ILE W 128 -95.02 -15.47 0.39
N SER W 129 -94.90 -14.91 -0.81
CA SER W 129 -95.99 -14.87 -1.78
C SER W 129 -95.55 -15.63 -3.02
N LEU W 130 -96.44 -16.47 -3.54
CA LEU W 130 -96.14 -17.33 -4.67
C LEU W 130 -97.20 -17.20 -5.73
N ARG W 131 -96.85 -17.60 -6.95
CA ARG W 131 -97.83 -17.79 -8.01
C ARG W 131 -98.30 -19.23 -8.00
N SER W 132 -99.20 -19.56 -8.93
CA SER W 132 -99.70 -20.94 -9.01
C SER W 132 -98.58 -21.90 -9.38
N SER W 133 -97.71 -21.51 -10.30
CA SER W 133 -96.63 -22.37 -10.76
C SER W 133 -95.36 -22.24 -9.94
N SER W 134 -95.30 -21.32 -9.00
CA SER W 134 -94.09 -21.13 -8.21
C SER W 134 -93.84 -22.32 -7.31
N GLN W 135 -92.56 -22.66 -7.15
CA GLN W 135 -92.14 -23.72 -6.25
C GLN W 135 -91.30 -23.11 -5.12
N LEU W 136 -91.54 -23.55 -3.90
CA LEU W 136 -90.84 -23.04 -2.74
C LEU W 136 -90.38 -24.19 -1.86
N LEU W 137 -89.16 -24.07 -1.34
CA LEU W 137 -88.61 -25.01 -0.38
C LEU W 137 -88.08 -24.17 0.78
N TYR W 138 -88.96 -23.83 1.72
CA TYR W 138 -88.59 -23.00 2.85
C TYR W 138 -88.11 -23.87 4.00
N SER W 139 -87.19 -23.34 4.79
CA SER W 139 -86.66 -24.09 5.92
C SER W 139 -86.26 -23.14 7.04
N ALA W 140 -86.25 -23.68 8.25
CA ALA W 140 -85.81 -22.93 9.42
C ALA W 140 -85.38 -23.90 10.49
N ILE W 141 -84.17 -23.71 11.01
CA ILE W 141 -83.64 -24.54 12.10
C ILE W 141 -83.43 -23.64 13.31
N ILE W 142 -83.92 -24.08 14.46
CA ILE W 142 -83.81 -23.36 15.71
C ILE W 142 -83.08 -24.25 16.71
N VAL W 143 -82.05 -23.71 17.34
CA VAL W 143 -81.28 -24.42 18.34
C VAL W 143 -81.70 -23.92 19.71
N ALA W 144 -81.60 -24.79 20.71
CA ALA W 144 -81.93 -24.43 22.08
C ALA W 144 -80.94 -23.44 22.68
N GLY W 145 -79.81 -23.22 22.04
CA GLY W 145 -78.77 -22.34 22.54
C GLY W 145 -77.42 -22.97 22.31
N ARG W 146 -76.41 -22.47 23.01
CA ARG W 146 -75.07 -23.03 22.93
C ARG W 146 -75.06 -24.31 23.73
N VAL W 147 -75.43 -25.42 23.06
CA VAL W 147 -75.67 -26.68 23.76
C VAL W 147 -74.38 -27.21 24.38
N ALA W 148 -73.26 -27.14 23.65
CA ALA W 148 -72.03 -27.75 24.11
C ALA W 148 -71.50 -27.12 25.39
N ARG W 149 -71.96 -25.91 25.74
CA ARG W 149 -71.58 -25.27 26.99
C ARG W 149 -72.75 -25.19 27.97
N ASN W 150 -73.73 -26.08 27.83
CA ASN W 150 -74.85 -26.19 28.76
C ASN W 150 -75.66 -24.90 28.85
N GLU W 151 -75.84 -24.24 27.71
CA GLU W 151 -76.70 -23.07 27.61
C GLU W 151 -77.98 -23.51 26.89
N LEU W 152 -78.92 -24.05 27.67
CA LEU W 152 -80.14 -24.63 27.12
C LEU W 152 -81.33 -23.75 27.51
N PHE W 153 -82.02 -23.21 26.51
CA PHE W 153 -83.25 -22.45 26.70
C PHE W 153 -83.05 -21.30 27.70
N LYS W 154 -81.89 -20.65 27.62
CA LYS W 154 -81.60 -19.51 28.47
C LYS W 154 -81.98 -18.19 27.82
N PHE W 155 -82.54 -18.21 26.61
CA PHE W 155 -82.91 -16.99 25.93
C PHE W 155 -84.20 -16.44 26.50
N ASN W 156 -84.45 -15.16 26.18
CA ASN W 156 -85.66 -14.50 26.66
C ASN W 156 -86.90 -15.02 25.94
N ARG W 157 -86.95 -14.86 24.62
CA ARG W 157 -88.13 -15.21 23.86
C ARG W 157 -87.79 -15.29 22.39
N LEU W 158 -88.35 -16.30 21.71
CA LEU W 158 -88.19 -16.47 20.27
C LEU W 158 -89.58 -16.53 19.65
N HIS W 159 -89.96 -15.48 18.93
CA HIS W 159 -91.22 -15.47 18.19
C HIS W 159 -90.89 -15.50 16.70
N THR W 160 -91.49 -16.45 15.99
CA THR W 160 -91.26 -16.59 14.55
C THR W 160 -92.59 -16.85 13.87
N LYS W 161 -93.02 -15.92 13.02
CA LYS W 161 -94.24 -16.06 12.26
C LYS W 161 -93.88 -16.28 10.80
N ILE W 162 -94.49 -17.30 10.18
CA ILE W 162 -94.33 -17.59 8.76
C ILE W 162 -95.71 -17.59 8.12
N SER W 163 -95.86 -16.84 7.04
CA SER W 163 -97.13 -16.74 6.32
C SER W 163 -96.86 -16.96 4.84
N ILE W 164 -97.28 -18.10 4.31
CA ILE W 164 -97.10 -18.44 2.91
C ILE W 164 -98.43 -18.33 2.20
N LEU W 165 -98.51 -17.44 1.22
CA LEU W 165 -99.70 -17.20 0.42
C LEU W 165 -99.44 -17.63 -1.01
N GLN W 166 -100.43 -18.27 -1.63
CA GLN W 166 -100.35 -18.69 -3.01
C GLN W 166 -101.49 -18.03 -3.78
N ASP W 167 -101.16 -17.34 -4.87
CA ASP W 167 -102.14 -16.57 -5.65
C ASP W 167 -102.90 -15.61 -4.75
N GLU W 168 -102.18 -14.97 -3.83
CA GLU W 168 -102.75 -14.05 -2.86
C GLU W 168 -103.85 -14.70 -2.03
N LYS W 169 -103.63 -15.98 -1.66
CA LYS W 169 -104.54 -16.72 -0.82
C LYS W 169 -103.71 -17.47 0.21
N PRO W 170 -104.04 -17.39 1.49
CA PRO W 170 -103.21 -18.04 2.52
C PRO W 170 -103.24 -19.55 2.38
N ILE W 171 -102.05 -20.15 2.33
CA ILE W 171 -101.92 -21.59 2.26
C ILE W 171 -101.10 -22.18 3.40
N TYR W 172 -100.30 -21.38 4.11
CA TYR W 172 -99.54 -21.91 5.23
C TYR W 172 -99.38 -20.84 6.29
N TYR W 173 -99.62 -21.22 7.54
CA TYR W 173 -99.42 -20.34 8.70
C TYR W 173 -98.60 -21.09 9.72
N ASP W 174 -97.61 -20.41 10.31
CA ASP W 174 -96.80 -20.99 11.36
C ASP W 174 -96.51 -19.91 12.39
N ASN W 175 -96.66 -20.24 13.67
CA ASN W 175 -96.42 -19.32 14.77
C ASN W 175 -95.62 -20.07 15.84
N THR W 176 -94.29 -20.03 15.72
CA THR W 176 -93.42 -20.71 16.67
C THR W 176 -93.05 -19.72 17.77
N ILE W 177 -93.52 -19.99 18.98
CA ILE W 177 -93.21 -19.17 20.15
C ILE W 177 -92.49 -20.05 21.15
N LEU W 178 -91.28 -19.63 21.52
CA LEU W 178 -90.47 -20.32 22.52
C LEU W 178 -90.19 -19.32 23.63
N ASP W 179 -90.83 -19.53 24.78
CA ASP W 179 -90.66 -18.68 25.95
C ASP W 179 -90.36 -19.57 27.15
N PRO W 180 -89.08 -19.75 27.50
CA PRO W 180 -88.75 -20.62 28.65
C PRO W 180 -89.33 -20.12 29.96
N LYS W 181 -89.58 -18.82 30.09
CA LYS W 181 -90.15 -18.29 31.33
C LYS W 181 -91.57 -18.81 31.54
N THR W 182 -92.38 -18.85 30.47
CA THR W 182 -93.77 -19.25 30.62
C THR W 182 -93.90 -20.76 30.81
N THR W 183 -93.09 -21.54 30.09
CA THR W 183 -93.21 -22.98 30.16
C THR W 183 -91.83 -23.61 29.94
N ASP W 184 -91.71 -24.85 30.40
CA ASP W 184 -90.47 -25.61 30.23
C ASP W 184 -90.45 -26.22 28.84
N LEU W 185 -89.60 -25.69 27.96
CA LEU W 185 -89.50 -26.20 26.59
C LEU W 185 -88.85 -27.58 26.54
N ASN W 186 -88.30 -28.06 27.65
CA ASN W 186 -87.72 -29.39 27.71
C ASN W 186 -88.74 -30.49 27.99
N ASN W 187 -90.03 -30.14 28.08
CA ASN W 187 -91.05 -31.12 28.39
C ASN W 187 -91.21 -32.11 27.24
N MET W 188 -92.04 -33.13 27.48
CA MET W 188 -92.23 -34.22 26.53
C MET W 188 -92.96 -33.78 25.27
N CYS W 189 -93.59 -32.62 25.25
CA CYS W 189 -94.35 -32.18 24.09
C CYS W 189 -93.66 -31.10 23.27
N MET W 190 -92.68 -30.39 23.85
CA MET W 190 -92.00 -29.32 23.13
C MET W 190 -90.71 -29.81 22.46
N PHE W 191 -89.77 -30.31 23.25
CA PHE W 191 -88.49 -30.72 22.68
C PHE W 191 -88.12 -32.13 23.12
N ASP W 192 -88.59 -32.55 24.29
CA ASP W 192 -88.36 -33.91 24.80
C ASP W 192 -86.87 -34.24 24.85
N GLY W 193 -86.07 -33.29 25.32
CA GLY W 193 -84.64 -33.48 25.43
C GLY W 193 -83.85 -33.22 24.17
N TYR W 194 -84.51 -32.90 23.07
CA TYR W 194 -83.80 -32.53 21.85
C TYR W 194 -83.44 -31.05 21.89
N THR W 195 -82.40 -30.70 21.15
CA THR W 195 -81.86 -29.35 21.16
C THR W 195 -82.00 -28.61 19.83
N HIS W 196 -82.20 -29.32 18.72
CA HIS W 196 -82.29 -28.70 17.41
C HIS W 196 -83.61 -29.09 16.78
N TYR W 197 -84.32 -28.10 16.23
CA TYR W 197 -85.64 -28.30 15.64
C TYR W 197 -85.64 -27.75 14.23
N LEU W 198 -86.01 -28.58 13.27
CA LEU W 198 -86.07 -28.21 11.86
C LEU W 198 -87.52 -28.19 11.41
N ASN W 199 -87.93 -27.08 10.80
CA ASN W 199 -89.25 -26.94 10.19
C ASN W 199 -89.06 -26.62 8.73
N LEU W 200 -89.59 -27.46 7.85
CA LEU W 200 -89.38 -27.32 6.42
C LEU W 200 -90.74 -27.39 5.73
N VAL W 201 -90.93 -26.54 4.72
CA VAL W 201 -92.18 -26.48 3.97
C VAL W 201 -91.86 -26.64 2.49
N LEU W 202 -92.48 -27.62 1.85
CA LEU W 202 -92.36 -27.85 0.42
C LEU W 202 -93.70 -27.48 -0.22
N VAL W 203 -93.69 -26.45 -1.05
CA VAL W 203 -94.88 -25.97 -1.74
C VAL W 203 -94.69 -26.23 -3.23
N ASN W 204 -95.63 -26.96 -3.82
CA ASN W 204 -95.67 -27.28 -5.24
C ASN W 204 -94.46 -28.09 -5.70
N CYS W 205 -93.68 -28.64 -4.77
CA CYS W 205 -92.54 -29.45 -5.16
C CYS W 205 -93.01 -30.80 -5.71
N PRO W 206 -92.32 -31.34 -6.72
CA PRO W 206 -92.71 -32.64 -7.31
C PRO W 206 -92.13 -33.84 -6.56
N ILE W 207 -92.34 -33.87 -5.25
CA ILE W 207 -91.83 -34.94 -4.40
C ILE W 207 -93.01 -35.57 -3.66
N GLU W 208 -92.97 -36.88 -3.51
CA GLU W 208 -94.07 -37.62 -2.90
C GLU W 208 -93.87 -37.74 -1.40
N LEU W 209 -95.00 -37.83 -0.69
CA LEU W 209 -94.95 -38.02 0.75
C LEU W 209 -94.24 -39.31 1.12
N SER W 210 -94.40 -40.35 0.31
CA SER W 210 -93.69 -41.60 0.55
C SER W 210 -92.18 -41.40 0.44
N GLY W 211 -91.74 -40.64 -0.57
CA GLY W 211 -90.31 -40.38 -0.70
C GLY W 211 -89.76 -39.56 0.44
N VAL W 212 -90.49 -38.53 0.87
CA VAL W 212 -90.04 -37.72 2.00
C VAL W 212 -89.98 -38.57 3.27
N ARG W 213 -90.99 -39.43 3.48
CA ARG W 213 -90.99 -40.29 4.65
C ARG W 213 -89.82 -41.27 4.63
N GLU W 214 -89.51 -41.83 3.45
CA GLU W 214 -88.36 -42.71 3.35
C GLU W 214 -87.07 -41.97 3.66
N CYS W 215 -86.93 -40.74 3.17
CA CYS W 215 -85.74 -39.95 3.48
C CYS W 215 -85.63 -39.69 4.99
N ILE W 216 -86.74 -39.33 5.63
CA ILE W 216 -86.72 -39.07 7.07
C ILE W 216 -86.35 -40.33 7.83
N GLU W 217 -86.93 -41.47 7.44
CA GLU W 217 -86.65 -42.72 8.14
C GLU W 217 -85.19 -43.12 7.98
N GLU W 218 -84.64 -43.00 6.77
CA GLU W 218 -83.25 -43.39 6.57
C GLU W 218 -82.26 -42.38 7.16
N SER W 219 -82.70 -41.16 7.41
CA SER W 219 -81.84 -40.20 8.12
C SER W 219 -81.64 -40.64 9.57
N GLU W 220 -80.40 -40.66 10.02
CA GLU W 220 -80.05 -41.17 11.33
C GLU W 220 -79.93 -40.05 12.36
N GLY W 221 -80.24 -40.38 13.60
CA GLY W 221 -80.12 -39.43 14.70
C GLY W 221 -81.19 -38.38 14.75
N VAL W 222 -82.26 -38.50 13.97
CA VAL W 222 -83.29 -37.48 13.88
C VAL W 222 -84.64 -38.14 14.12
N ASP W 223 -85.43 -37.53 15.01
CA ASP W 223 -86.82 -37.92 15.23
C ASP W 223 -87.68 -36.94 14.42
N GLY W 224 -88.12 -37.36 13.24
CA GLY W 224 -88.79 -36.47 12.32
C GLY W 224 -90.04 -37.09 11.73
N ALA W 225 -90.86 -36.23 11.13
CA ALA W 225 -92.09 -36.66 10.51
C ALA W 225 -92.47 -35.66 9.43
N VAL W 226 -93.31 -36.12 8.50
CA VAL W 226 -93.77 -35.31 7.38
C VAL W 226 -95.26 -35.55 7.19
N SER W 227 -96.00 -34.47 6.95
CA SER W 227 -97.43 -34.55 6.72
C SER W 227 -97.81 -33.60 5.59
N GLU W 228 -99.10 -33.60 5.26
CA GLU W 228 -99.64 -32.73 4.22
C GLU W 228 -100.54 -31.68 4.88
N THR W 229 -100.34 -30.42 4.54
CA THR W 229 -101.11 -29.33 5.10
C THR W 229 -102.50 -29.30 4.45
N ALA W 230 -103.30 -28.31 4.82
CA ALA W 230 -104.65 -28.19 4.26
C ALA W 230 -104.59 -27.93 2.75
N SER W 231 -103.62 -27.12 2.32
CA SER W 231 -103.48 -26.77 0.90
C SER W 231 -102.70 -27.80 0.11
N SER W 232 -102.57 -29.03 0.64
CA SER W 232 -101.93 -30.13 -0.07
C SER W 232 -100.48 -29.81 -0.41
N HIS W 233 -99.74 -29.34 0.58
CA HIS W 233 -98.31 -29.09 0.46
C HIS W 233 -97.59 -29.72 1.65
N LEU W 234 -96.35 -30.13 1.45
CA LEU W 234 -95.68 -30.96 2.44
C LEU W 234 -95.08 -30.11 3.56
N CYS W 235 -95.21 -30.60 4.79
CA CYS W 235 -94.60 -29.97 5.95
C CYS W 235 -93.82 -31.03 6.72
N VAL W 236 -92.55 -30.74 6.99
CA VAL W 236 -91.65 -31.65 7.67
C VAL W 236 -91.21 -31.00 8.98
N LYS W 237 -91.36 -31.74 10.07
CA LYS W 237 -90.87 -31.30 11.38
C LYS W 237 -89.95 -32.36 11.94
N ALA W 238 -88.74 -31.95 12.31
CA ALA W 238 -87.74 -32.89 12.81
C ALA W 238 -87.07 -32.34 14.04
N LEU W 239 -86.61 -33.25 14.90
CA LEU W 239 -85.84 -32.90 16.09
C LEU W 239 -84.56 -33.72 16.10
N ALA W 240 -83.50 -33.12 16.63
CA ALA W 240 -82.22 -33.80 16.67
C ALA W 240 -81.38 -33.24 17.81
N LYS W 241 -80.38 -34.02 18.22
CA LYS W 241 -79.46 -33.57 19.25
C LYS W 241 -78.48 -32.53 18.72
N GLY W 242 -78.10 -32.64 17.45
CA GLY W 242 -77.21 -31.68 16.83
C GLY W 242 -77.76 -31.21 15.49
N SER W 243 -77.14 -30.14 14.97
CA SER W 243 -77.59 -29.57 13.71
C SER W 243 -77.11 -30.36 12.50
N GLU W 244 -76.11 -31.22 12.67
CA GLU W 244 -75.62 -32.01 11.54
C GLU W 244 -76.67 -32.94 10.96
N PRO W 245 -77.38 -33.76 11.75
CA PRO W 245 -78.43 -34.60 11.14
C PRO W 245 -79.53 -33.77 10.48
N LEU W 246 -79.90 -32.64 11.06
CA LEU W 246 -80.95 -31.82 10.47
C LEU W 246 -80.50 -31.23 9.15
N LEU W 247 -79.27 -30.73 9.08
CA LEU W 247 -78.76 -30.18 7.83
C LEU W 247 -78.63 -31.27 6.76
N HIS W 248 -78.18 -32.45 7.15
CA HIS W 248 -78.09 -33.56 6.21
C HIS W 248 -79.46 -33.95 5.69
N LEU W 249 -80.46 -34.01 6.57
CA LEU W 249 -81.82 -34.33 6.14
C LEU W 249 -82.36 -33.26 5.20
N ARG W 250 -82.12 -31.99 5.52
CA ARG W 250 -82.60 -30.91 4.66
C ARG W 250 -81.96 -30.97 3.28
N GLU W 251 -80.64 -31.20 3.22
CA GLU W 251 -80.00 -31.29 1.91
C GLU W 251 -80.43 -32.54 1.16
N LYS W 252 -80.72 -33.63 1.86
CA LYS W 252 -81.25 -34.82 1.21
C LYS W 252 -82.61 -34.53 0.57
N ILE W 253 -83.49 -33.86 1.30
CA ILE W 253 -84.80 -33.52 0.75
C ILE W 253 -84.67 -32.55 -0.42
N ALA W 254 -83.77 -31.58 -0.30
CA ALA W 254 -83.55 -30.63 -1.39
C ALA W 254 -83.04 -31.34 -2.64
N ARG W 255 -82.11 -32.28 -2.47
CA ARG W 255 -81.61 -33.05 -3.61
C ARG W 255 -82.71 -33.89 -4.23
N LEU W 256 -83.56 -34.49 -3.40
CA LEU W 256 -84.67 -35.28 -3.92
C LEU W 256 -85.62 -34.40 -4.72
N VAL W 257 -85.84 -33.17 -4.27
CA VAL W 257 -86.72 -32.26 -5.00
C VAL W 257 -86.08 -31.84 -6.32
N THR W 258 -84.78 -31.52 -6.30
CA THR W 258 -84.12 -30.97 -7.47
C THR W 258 -83.83 -32.02 -8.53
N GLN W 259 -83.59 -33.27 -8.14
CA GLN W 259 -83.27 -34.31 -9.10
C GLN W 259 -84.44 -34.61 -10.04
N THR W 260 -85.64 -34.23 -9.66
CA THR W 260 -86.81 -34.40 -10.52
C THR W 260 -86.73 -33.48 -11.73
N ASP X 30 -131.04 -28.33 32.61
CA ASP X 30 -130.93 -26.94 32.17
C ASP X 30 -129.76 -26.78 31.20
N ASN X 31 -129.05 -25.65 31.32
CA ASN X 31 -127.91 -25.40 30.44
C ASN X 31 -126.82 -26.44 30.64
N GLU X 32 -126.50 -26.75 31.91
CA GLU X 32 -125.47 -27.75 32.18
C GLU X 32 -125.89 -29.12 31.68
N PHE X 33 -127.17 -29.47 31.86
CA PHE X 33 -127.65 -30.76 31.36
C PHE X 33 -127.54 -30.84 29.85
N LEU X 34 -127.91 -29.77 29.14
CA LEU X 34 -127.80 -29.79 27.68
C LEU X 34 -126.34 -29.84 27.23
N ILE X 35 -125.46 -29.13 27.92
CA ILE X 35 -124.03 -29.21 27.61
C ILE X 35 -123.53 -30.63 27.77
N LEU X 36 -123.88 -31.28 28.88
CA LEU X 36 -123.43 -32.65 29.12
C LEU X 36 -124.00 -33.59 28.06
N GLN X 37 -125.28 -33.41 27.70
CA GLN X 37 -125.90 -34.28 26.71
C GLN X 37 -125.22 -34.14 25.35
N VAL X 38 -124.99 -32.91 24.89
CA VAL X 38 -124.38 -32.73 23.58
C VAL X 38 -122.92 -33.20 23.60
N ASN X 39 -122.21 -32.97 24.71
CA ASN X 39 -120.84 -33.45 24.81
C ASN X 39 -120.78 -34.97 24.75
N ASP X 40 -121.68 -35.65 25.45
CA ASP X 40 -121.72 -37.10 25.42
C ASP X 40 -122.10 -37.61 24.04
N ALA X 41 -123.04 -36.93 23.37
CA ALA X 41 -123.46 -37.37 22.04
C ALA X 41 -122.41 -37.09 20.98
N VAL X 42 -121.48 -36.16 21.22
CA VAL X 42 -120.49 -35.81 20.21
C VAL X 42 -119.18 -36.54 20.46
N PHE X 43 -118.56 -36.31 21.61
CA PHE X 43 -117.17 -36.72 21.79
C PHE X 43 -117.02 -38.22 22.05
N PRO X 44 -117.68 -38.80 23.06
CA PRO X 44 -117.57 -40.27 23.22
C PRO X 44 -118.12 -41.04 22.04
N ILE X 45 -119.14 -40.51 21.36
CA ILE X 45 -119.72 -41.18 20.21
C ILE X 45 -118.91 -40.84 18.96
N THR X 49 -111.90 -42.27 20.63
CA THR X 49 -111.28 -42.88 19.45
C THR X 49 -110.12 -42.03 18.95
N HIS X 50 -110.04 -40.80 19.41
CA HIS X 50 -108.98 -39.87 19.01
C HIS X 50 -107.92 -39.81 20.09
N SER X 51 -106.66 -39.99 19.69
CA SER X 51 -105.54 -40.00 20.62
C SER X 51 -104.74 -38.71 20.62
N PHE X 52 -104.70 -37.99 19.50
CA PHE X 52 -103.91 -36.77 19.36
C PHE X 52 -102.44 -37.01 19.69
N GLY X 53 -101.91 -38.14 19.23
CA GLY X 53 -100.51 -38.47 19.41
C GLY X 53 -100.19 -39.28 20.64
N LEU X 54 -101.15 -39.49 21.54
CA LEU X 54 -100.91 -40.31 22.72
C LEU X 54 -100.59 -41.75 22.33
N GLU X 55 -101.26 -42.26 21.29
CA GLU X 55 -100.95 -43.59 20.79
C GLU X 55 -99.51 -43.65 20.28
N THR X 56 -99.06 -42.61 19.59
CA THR X 56 -97.68 -42.57 19.12
C THR X 56 -96.70 -42.56 20.29
N TYR X 57 -97.02 -41.78 21.34
CA TYR X 57 -96.15 -41.75 22.51
C TYR X 57 -96.07 -43.13 23.16
N ILE X 58 -97.21 -43.81 23.30
CA ILE X 58 -97.22 -45.14 23.91
C ILE X 58 -96.43 -46.13 23.06
N GLN X 59 -96.62 -46.07 21.73
CA GLN X 59 -95.90 -46.99 20.85
C GLN X 59 -94.40 -46.73 20.88
N GLN X 60 -94.00 -45.46 21.01
CA GLN X 60 -92.59 -45.12 21.14
C GLN X 60 -92.07 -45.28 22.55
N LYS X 61 -92.94 -45.65 23.50
CA LYS X 61 -92.56 -46.01 24.87
C LYS X 61 -92.10 -44.78 25.65
N LYS X 62 -92.73 -43.65 25.40
CA LYS X 62 -92.48 -42.44 26.19
C LYS X 62 -93.47 -42.29 27.34
N VAL X 63 -94.66 -42.85 27.20
CA VAL X 63 -95.67 -42.87 28.26
C VAL X 63 -95.85 -44.33 28.70
N THR X 64 -95.52 -44.61 29.94
CA THR X 64 -95.54 -45.98 30.44
C THR X 64 -96.34 -46.15 31.72
N ASN X 65 -96.29 -45.18 32.63
CA ASN X 65 -96.87 -45.33 33.96
C ASN X 65 -97.62 -44.05 34.32
N LYS X 66 -98.04 -43.97 35.57
CA LYS X 66 -98.88 -42.85 36.01
C LYS X 66 -98.14 -41.52 35.92
N GLU X 67 -96.90 -41.48 36.40
CA GLU X 67 -96.17 -40.21 36.39
C GLU X 67 -95.84 -39.77 34.97
N SER X 68 -95.46 -40.72 34.09
CA SER X 68 -95.19 -40.38 32.71
C SER X 68 -96.44 -39.88 32.01
N ALA X 69 -97.58 -40.54 32.24
CA ALA X 69 -98.84 -40.09 31.64
C ALA X 69 -99.23 -38.71 32.17
N LEU X 70 -99.02 -38.47 33.47
CA LEU X 70 -99.32 -37.16 34.02
C LEU X 70 -98.44 -36.08 33.41
N GLU X 71 -97.15 -36.37 33.24
CA GLU X 71 -96.27 -35.39 32.62
C GLU X 71 -96.67 -35.10 31.18
N TYR X 72 -97.01 -36.16 30.42
CA TYR X 72 -97.45 -35.95 29.06
C TYR X 72 -98.72 -35.12 29.00
N LEU X 73 -99.69 -35.43 29.87
CA LEU X 73 -100.95 -34.70 29.86
C LEU X 73 -100.73 -33.24 30.24
N LYS X 74 -99.90 -32.98 31.25
CA LYS X 74 -99.62 -31.61 31.65
C LYS X 74 -98.95 -30.84 30.51
N ALA X 75 -97.96 -31.46 29.85
CA ALA X 75 -97.27 -30.78 28.75
C ALA X 75 -98.22 -30.51 27.59
N ASN X 76 -99.05 -31.49 27.24
CA ASN X 76 -99.99 -31.30 26.14
C ASN X 76 -101.00 -30.21 26.44
N LEU X 77 -101.56 -30.22 27.66
CA LEU X 77 -102.51 -29.18 28.04
C LEU X 77 -101.85 -27.82 28.05
N SER X 78 -100.60 -27.74 28.53
CA SER X 78 -99.91 -26.46 28.59
C SER X 78 -99.62 -25.91 27.20
N SER X 79 -99.22 -26.75 26.26
CA SER X 79 -98.83 -26.23 24.96
C SER X 79 -99.96 -26.29 23.94
N GLN X 80 -100.38 -27.50 23.55
CA GLN X 80 -101.21 -27.63 22.36
C GLN X 80 -102.66 -27.30 22.67
N PHE X 81 -103.20 -27.89 23.74
CA PHE X 81 -104.57 -27.59 24.13
C PHE X 81 -104.74 -26.12 24.47
N LEU X 82 -103.74 -25.53 25.13
CA LEU X 82 -103.85 -24.13 25.53
C LEU X 82 -103.79 -23.20 24.33
N TYR X 83 -102.81 -23.40 23.44
CA TYR X 83 -102.58 -22.44 22.37
C TYR X 83 -103.32 -22.77 21.07
N THR X 84 -104.08 -23.86 21.03
CA THR X 84 -104.84 -24.21 19.84
C THR X 84 -106.33 -24.37 20.10
N GLU X 85 -106.73 -24.86 21.27
CA GLU X 85 -108.13 -25.14 21.57
C GLU X 85 -108.76 -24.12 22.52
N MET X 86 -108.16 -23.91 23.70
CA MET X 86 -108.72 -22.97 24.65
C MET X 86 -108.63 -21.53 24.14
N LEU X 87 -107.49 -21.17 23.56
CA LEU X 87 -107.35 -19.82 23.01
C LEU X 87 -108.32 -19.60 21.87
N SER X 88 -108.47 -20.59 20.99
CA SER X 88 -109.43 -20.47 19.90
C SER X 88 -110.85 -20.37 20.44
N LEU X 89 -111.17 -21.12 21.50
CA LEU X 89 -112.49 -21.04 22.11
C LEU X 89 -112.75 -19.63 22.65
N LYS X 90 -111.78 -19.06 23.35
CA LYS X 90 -111.95 -17.70 23.89
C LYS X 90 -112.10 -16.69 22.76
N LEU X 91 -111.28 -16.82 21.71
CA LEU X 91 -111.35 -15.89 20.60
C LEU X 91 -112.70 -15.97 19.89
N THR X 92 -113.20 -17.18 19.67
CA THR X 92 -114.50 -17.34 19.02
C THR X 92 -115.62 -16.81 19.92
N TYR X 93 -115.51 -17.01 21.23
CA TYR X 93 -116.50 -16.47 22.15
C TYR X 93 -116.54 -14.95 22.07
N GLU X 94 -115.37 -14.31 22.08
CA GLU X 94 -115.32 -12.85 21.97
C GLU X 94 -115.86 -12.38 20.62
N SER X 95 -115.50 -13.08 19.54
CA SER X 95 -115.93 -12.68 18.22
C SER X 95 -117.44 -12.84 18.06
N ALA X 96 -118.03 -13.87 18.67
CA ALA X 96 -119.47 -14.04 18.60
C ALA X 96 -120.18 -13.04 19.49
N LEU X 97 -119.59 -12.67 20.63
CA LEU X 97 -120.15 -11.61 21.45
C LEU X 97 -120.17 -10.29 20.69
N GLN X 98 -119.12 -10.03 19.91
CA GLN X 98 -119.07 -8.84 19.06
C GLN X 98 -119.79 -9.05 17.73
N GLN X 99 -120.30 -10.25 17.47
CA GLN X 99 -120.99 -10.58 16.22
C GLN X 99 -120.08 -10.37 15.01
N ASP X 100 -118.87 -10.90 15.11
CA ASP X 100 -117.87 -10.80 14.05
C ASP X 100 -117.73 -12.14 13.34
N LEU X 101 -118.63 -12.37 12.38
CA LEU X 101 -118.57 -13.59 11.58
C LEU X 101 -117.29 -13.66 10.77
N LYS X 102 -116.85 -12.53 10.24
CA LYS X 102 -115.60 -12.49 9.49
C LYS X 102 -114.42 -12.88 10.38
N LYS X 103 -114.40 -12.37 11.61
CA LYS X 103 -113.33 -12.73 12.54
C LYS X 103 -113.37 -14.21 12.89
N ILE X 104 -114.57 -14.76 13.09
CA ILE X 104 -114.68 -16.20 13.38
C ILE X 104 -114.13 -17.01 12.22
N LEU X 105 -114.51 -16.64 10.99
CA LEU X 105 -114.05 -17.37 9.82
C LEU X 105 -112.54 -17.24 9.65
N GLY X 106 -112.00 -16.05 9.92
CA GLY X 106 -110.56 -15.87 9.83
C GLY X 106 -109.81 -16.70 10.85
N VAL X 107 -110.33 -16.77 12.07
CA VAL X 107 -109.71 -17.61 13.09
C VAL X 107 -109.74 -19.08 12.67
N GLU X 108 -110.88 -19.52 12.14
CA GLU X 108 -110.97 -20.91 11.68
C GLU X 108 -109.99 -21.18 10.55
N GLU X 109 -109.84 -20.23 9.62
CA GLU X 109 -108.89 -20.39 8.52
C GLU X 109 -107.46 -20.46 9.05
N VAL X 110 -107.13 -19.61 10.02
CA VAL X 110 -105.79 -19.63 10.60
C VAL X 110 -105.53 -20.98 11.26
N ILE X 111 -106.51 -21.50 12.00
CA ILE X 111 -106.34 -22.79 12.67
C ILE X 111 -106.13 -23.89 11.63
N MET X 112 -106.94 -23.89 10.58
CA MET X 112 -106.84 -24.93 9.56
C MET X 112 -105.50 -24.88 8.85
N LEU X 113 -105.01 -23.69 8.53
CA LEU X 113 -103.74 -23.56 7.82
C LEU X 113 -102.53 -23.72 8.73
N SER X 114 -102.72 -23.64 10.05
CA SER X 114 -101.63 -23.87 10.98
C SER X 114 -101.55 -25.31 11.46
N THR X 115 -102.65 -26.07 11.37
CA THR X 115 -102.67 -27.46 11.81
C THR X 115 -101.91 -28.32 10.81
N SER X 116 -100.59 -28.37 10.98
CA SER X 116 -99.76 -29.19 10.09
C SER X 116 -100.09 -30.67 10.12
N PRO X 117 -100.26 -31.31 11.27
CA PRO X 117 -100.54 -32.77 11.25
C PRO X 117 -101.88 -33.08 10.60
N MET X 118 -101.83 -33.99 9.62
CA MET X 118 -103.04 -34.39 8.92
C MET X 118 -104.03 -35.07 9.85
N GLU X 119 -103.53 -35.93 10.74
CA GLU X 119 -104.42 -36.62 11.67
C GLU X 119 -105.13 -35.62 12.59
N LEU X 120 -104.37 -34.67 13.14
CA LEU X 120 -104.98 -33.67 14.01
C LEU X 120 -105.99 -32.82 13.26
N ARG X 121 -105.66 -32.40 12.04
CA ARG X 121 -106.59 -31.60 11.25
C ARG X 121 -107.87 -32.37 10.96
N LEU X 122 -107.74 -33.62 10.54
CA LEU X 122 -108.91 -34.43 10.23
C LEU X 122 -109.76 -34.67 11.47
N ALA X 123 -109.11 -34.95 12.61
CA ALA X 123 -109.86 -35.17 13.84
C ALA X 123 -110.63 -33.91 14.25
N ASN X 124 -109.97 -32.75 14.18
CA ASN X 124 -110.65 -31.52 14.55
C ASN X 124 -111.82 -31.23 13.61
N GLN X 125 -111.63 -31.41 12.30
CA GLN X 125 -112.70 -31.17 11.35
C GLN X 125 -113.87 -32.13 11.58
N LYS X 126 -113.58 -33.41 11.82
CA LYS X 126 -114.63 -34.38 12.08
C LYS X 126 -115.40 -34.06 13.34
N LEU X 127 -114.69 -33.68 14.41
CA LEU X 127 -115.36 -33.33 15.66
C LEU X 127 -116.22 -32.09 15.50
N GLY X 128 -115.72 -31.08 14.78
CA GLY X 128 -116.52 -29.89 14.55
C GLY X 128 -117.76 -30.17 13.73
N ASN X 129 -117.61 -30.99 12.68
CA ASN X 129 -118.77 -31.36 11.86
C ASN X 129 -119.79 -32.15 12.68
N ARG X 130 -119.30 -33.08 13.52
CA ARG X 130 -120.21 -33.85 14.36
C ARG X 130 -120.95 -32.94 15.34
N PHE X 131 -120.25 -31.99 15.95
CA PHE X 131 -120.89 -31.05 16.86
C PHE X 131 -121.95 -30.22 16.15
N ILE X 132 -121.62 -29.71 14.96
CA ILE X 132 -122.57 -28.90 14.21
C ILE X 132 -123.80 -29.71 13.84
N LYS X 133 -123.59 -30.95 13.37
CA LYS X 133 -124.72 -31.80 12.99
C LYS X 133 -125.58 -32.14 14.19
N THR X 134 -124.96 -32.41 15.34
CA THR X 134 -125.72 -32.74 16.53
C THR X 134 -126.57 -31.56 16.98
N LEU X 135 -126.00 -30.35 17.00
CA LEU X 135 -126.78 -29.17 17.35
C LEU X 135 -127.90 -28.93 16.34
N GLN X 136 -127.63 -29.16 15.05
CA GLN X 136 -128.67 -28.94 14.04
C GLN X 136 -129.81 -29.92 14.19
N ALA X 137 -129.53 -31.18 14.49
CA ALA X 137 -130.52 -32.24 14.43
C ALA X 137 -131.13 -32.57 15.79
N MET X 138 -130.30 -32.97 16.76
CA MET X 138 -130.83 -33.47 18.03
C MET X 138 -131.42 -32.36 18.87
N ASN X 139 -130.74 -31.21 18.95
CA ASN X 139 -131.19 -30.10 19.79
C ASN X 139 -132.34 -29.40 19.09
N GLU X 140 -133.57 -29.87 19.36
CA GLU X 140 -134.78 -29.31 18.74
C GLU X 140 -135.24 -28.11 19.57
N LEU X 141 -134.47 -27.04 19.46
CA LEU X 141 -134.74 -25.81 20.20
C LEU X 141 -134.07 -24.64 19.48
N ASP X 142 -134.49 -23.43 19.84
CA ASP X 142 -133.96 -22.23 19.21
C ASP X 142 -132.54 -21.94 19.69
N MET X 143 -131.56 -22.54 19.02
CA MET X 143 -130.16 -22.32 19.39
C MET X 143 -129.76 -20.87 19.19
N GLY X 144 -130.18 -20.25 18.10
CA GLY X 144 -129.86 -18.86 17.83
C GLY X 144 -129.65 -18.57 16.36
N GLU X 145 -130.12 -17.41 15.90
CA GLU X 145 -129.98 -17.06 14.49
C GLU X 145 -128.51 -16.91 14.11
N PHE X 146 -127.70 -16.33 15.00
CA PHE X 146 -126.27 -16.18 14.73
C PHE X 146 -125.60 -17.53 14.58
N PHE X 147 -125.90 -18.47 15.48
CA PHE X 147 -125.30 -19.79 15.39
C PHE X 147 -125.76 -20.52 14.13
N ASN X 148 -127.04 -20.39 13.78
CA ASN X 148 -127.54 -21.03 12.56
C ASN X 148 -126.85 -20.47 11.33
N ALA X 149 -126.68 -19.14 11.27
CA ALA X 149 -126.00 -18.53 10.13
C ALA X 149 -124.54 -18.96 10.08
N TYR X 150 -123.87 -19.03 11.23
CA TYR X 150 -122.48 -19.48 11.25
C TYR X 150 -122.36 -20.92 10.78
N ALA X 151 -123.28 -21.79 11.19
CA ALA X 151 -123.25 -23.17 10.75
C ALA X 151 -123.50 -23.28 9.26
N GLN X 152 -124.42 -22.46 8.72
CA GLN X 152 -124.72 -22.52 7.30
C GLN X 152 -123.62 -21.89 6.45
N LYS X 153 -122.79 -21.01 7.01
CA LYS X 153 -121.76 -20.33 6.25
C LYS X 153 -120.36 -20.88 6.47
N THR X 154 -120.15 -21.70 7.49
CA THR X 154 -118.81 -22.19 7.80
C THR X 154 -118.40 -23.30 6.84
N LYS X 155 -117.09 -23.50 6.73
CA LYS X 155 -116.53 -24.55 5.90
C LYS X 155 -115.77 -25.60 6.70
N ASP X 156 -114.83 -25.18 7.53
CA ASP X 156 -114.00 -26.09 8.32
C ASP X 156 -114.08 -25.68 9.78
N PRO X 157 -115.16 -26.05 10.47
CA PRO X 157 -115.35 -25.63 11.86
C PRO X 157 -114.62 -26.55 12.82
N THR X 158 -113.69 -25.99 13.59
CA THR X 158 -113.04 -26.75 14.65
C THR X 158 -113.99 -26.97 15.81
N HIS X 159 -113.76 -28.06 16.56
CA HIS X 159 -114.63 -28.38 17.69
C HIS X 159 -114.56 -27.29 18.76
N ALA X 160 -113.37 -26.79 19.05
CA ALA X 160 -113.23 -25.76 20.08
C ALA X 160 -113.92 -24.47 19.67
N THR X 161 -113.76 -24.05 18.41
CA THR X 161 -114.42 -22.84 17.93
C THR X 161 -115.93 -23.01 17.91
N SER X 162 -116.41 -24.19 17.50
CA SER X 162 -117.84 -24.44 17.51
C SER X 162 -118.40 -24.37 18.93
N TYR X 163 -117.71 -24.98 19.89
CA TYR X 163 -118.16 -24.91 21.28
C TYR X 163 -118.13 -23.47 21.79
N GLY X 164 -117.11 -22.70 21.41
CA GLY X 164 -117.04 -21.32 21.85
C GLY X 164 -118.18 -20.48 21.32
N VAL X 165 -118.47 -20.60 20.03
CA VAL X 165 -119.57 -19.82 19.46
C VAL X 165 -120.91 -20.30 20.01
N PHE X 166 -121.05 -21.60 20.26
CA PHE X 166 -122.27 -22.11 20.87
C PHE X 166 -122.49 -21.53 22.26
N ALA X 167 -121.43 -21.50 23.07
CA ALA X 167 -121.53 -20.93 24.42
C ALA X 167 -121.82 -19.44 24.35
N ALA X 168 -121.19 -18.73 23.43
CA ALA X 168 -121.45 -17.29 23.30
C ALA X 168 -122.89 -17.03 22.91
N SER X 169 -123.43 -17.81 21.98
CA SER X 169 -124.83 -17.62 21.60
C SER X 169 -125.79 -18.02 22.72
N LEU X 170 -125.43 -19.04 23.50
CA LEU X 170 -126.28 -19.47 24.60
C LEU X 170 -126.13 -18.59 25.84
N GLY X 171 -125.16 -17.68 25.86
CA GLY X 171 -124.97 -16.81 26.99
C GLY X 171 -124.16 -17.39 28.13
N ILE X 172 -123.54 -18.56 27.91
CA ILE X 172 -122.77 -19.20 28.97
C ILE X 172 -121.54 -18.37 29.31
N GLU X 173 -121.13 -18.45 30.58
CA GLU X 173 -119.96 -17.72 31.03
C GLU X 173 -118.70 -18.28 30.38
N LEU X 174 -117.77 -17.37 30.06
CA LEU X 174 -116.53 -17.78 29.39
C LEU X 174 -115.72 -18.74 30.24
N LYS X 175 -115.49 -18.38 31.51
CA LYS X 175 -114.66 -19.23 32.38
C LYS X 175 -115.32 -20.58 32.60
N LYS X 176 -116.64 -20.60 32.81
CA LYS X 176 -117.35 -21.86 32.99
C LYS X 176 -117.27 -22.73 31.74
N ALA X 177 -117.47 -22.14 30.57
CA ALA X 177 -117.41 -22.90 29.33
C ALA X 177 -116.02 -23.48 29.12
N LEU X 178 -114.98 -22.69 29.37
CA LEU X 178 -113.62 -23.19 29.24
C LEU X 178 -113.35 -24.32 30.23
N ALA X 179 -113.80 -24.17 31.48
CA ALA X 179 -113.58 -25.21 32.47
C ALA X 179 -114.28 -26.50 32.05
N HIS X 180 -115.52 -26.40 31.58
CA HIS X 180 -116.26 -27.59 31.16
C HIS X 180 -115.59 -28.27 29.97
N TYR X 181 -115.20 -27.49 28.97
CA TYR X 181 -114.56 -28.07 27.78
C TYR X 181 -113.25 -28.74 28.14
N LEU X 182 -112.43 -28.08 28.95
CA LEU X 182 -111.15 -28.66 29.36
C LEU X 182 -111.36 -29.92 30.18
N ASP X 183 -112.34 -29.91 31.09
CA ASP X 183 -112.62 -31.09 31.90
C ASP X 183 -113.07 -32.26 31.03
N ALA X 184 -113.95 -32.02 30.07
CA ALA X 184 -114.41 -33.09 29.20
C ALA X 184 -113.26 -33.65 28.36
N GLN X 185 -112.46 -32.77 27.78
CA GLN X 185 -111.34 -33.23 26.96
C GLN X 185 -110.34 -34.03 27.80
N THR X 186 -110.06 -33.57 29.02
CA THR X 186 -109.12 -34.29 29.87
C THR X 186 -109.70 -35.62 30.34
N SER X 187 -111.01 -35.69 30.55
CA SER X 187 -111.63 -36.98 30.88
C SER X 187 -111.46 -37.96 29.73
N ASN X 188 -111.70 -37.50 28.50
CA ASN X 188 -111.48 -38.37 27.36
C ASN X 188 -110.01 -38.78 27.24
N MET X 189 -109.10 -37.84 27.50
CA MET X 189 -107.68 -38.16 27.41
C MET X 189 -107.27 -39.19 28.46
N VAL X 190 -107.76 -39.05 29.69
CA VAL X 190 -107.35 -39.98 30.74
C VAL X 190 -107.97 -41.36 30.50
N ILE X 191 -109.21 -41.42 30.01
CA ILE X 191 -109.78 -42.75 29.72
C ILE X 191 -109.05 -43.40 28.55
N ASN X 192 -108.65 -42.61 27.55
CA ASN X 192 -107.86 -43.16 26.46
C ASN X 192 -106.53 -43.68 26.95
N CYS X 193 -105.87 -42.93 27.84
CA CYS X 193 -104.58 -43.36 28.37
C CYS X 193 -104.73 -44.63 29.21
N VAL X 194 -105.78 -44.71 30.02
CA VAL X 194 -105.99 -45.89 30.86
C VAL X 194 -106.34 -47.10 29.99
N LYS X 195 -106.97 -46.88 28.83
CA LYS X 195 -107.26 -47.99 27.94
C LYS X 195 -106.02 -48.45 27.17
N SER X 196 -105.16 -47.50 26.80
CA SER X 196 -104.10 -47.79 25.83
C SER X 196 -102.74 -48.09 26.44
N VAL X 197 -102.43 -47.55 27.62
CA VAL X 197 -101.10 -47.74 28.18
C VAL X 197 -100.79 -49.22 28.47
N PRO X 198 -101.65 -49.98 29.17
CA PRO X 198 -102.87 -49.65 29.91
C PRO X 198 -102.58 -49.32 31.38
N LEU X 199 -103.48 -48.59 32.02
CA LEU X 199 -103.38 -48.27 33.43
C LEU X 199 -104.59 -48.87 34.16
N SER X 200 -104.71 -48.54 35.44
CA SER X 200 -105.87 -48.95 36.23
C SER X 200 -106.83 -47.78 36.41
N GLN X 201 -108.09 -48.11 36.67
CA GLN X 201 -109.08 -47.08 36.95
C GLN X 201 -108.68 -46.22 38.14
N ASN X 202 -107.97 -46.82 39.10
CA ASN X 202 -107.47 -46.04 40.22
C ASN X 202 -106.48 -44.97 39.75
N ASP X 203 -105.56 -45.34 38.85
CA ASP X 203 -104.62 -44.36 38.33
C ASP X 203 -105.33 -43.31 37.49
N GLY X 204 -106.34 -43.72 36.72
CA GLY X 204 -107.12 -42.74 35.96
C GLY X 204 -107.80 -41.72 36.85
N GLN X 205 -108.42 -42.20 37.93
CA GLN X 205 -109.05 -41.30 38.88
C GLN X 205 -108.01 -40.40 39.55
N LYS X 206 -106.84 -40.95 39.87
CA LYS X 206 -105.79 -40.17 40.51
C LYS X 206 -105.32 -39.04 39.61
N ILE X 207 -105.07 -39.34 38.33
CA ILE X 207 -104.60 -38.31 37.43
C ILE X 207 -105.70 -37.31 37.11
N LEU X 208 -106.97 -37.75 37.10
CA LEU X 208 -108.07 -36.81 36.95
C LEU X 208 -108.15 -35.86 38.14
N LEU X 209 -107.94 -36.37 39.35
CA LEU X 209 -108.04 -35.55 40.55
C LEU X 209 -106.85 -34.64 40.74
N SER X 210 -105.67 -35.06 40.29
CA SER X 210 -104.44 -34.30 40.52
C SER X 210 -104.22 -33.19 39.50
N LEU X 211 -105.12 -33.03 38.53
CA LEU X 211 -104.96 -32.01 37.50
C LEU X 211 -105.83 -30.78 37.75
N GLN X 212 -106.42 -30.66 38.95
CA GLN X 212 -107.33 -29.55 39.22
C GLN X 212 -106.60 -28.21 39.23
N SER X 213 -105.46 -28.14 39.90
CA SER X 213 -104.69 -26.89 39.91
C SER X 213 -104.20 -26.48 38.53
N PRO X 214 -103.61 -27.38 37.71
CA PRO X 214 -103.25 -26.97 36.35
C PRO X 214 -104.44 -26.50 35.54
N PHE X 215 -105.64 -27.03 35.79
CA PHE X 215 -106.82 -26.54 35.08
C PHE X 215 -107.08 -25.07 35.39
N ASN X 216 -107.04 -24.71 36.67
CA ASN X 216 -107.23 -23.31 37.06
C ASN X 216 -106.13 -22.43 36.48
N GLN X 217 -104.88 -22.92 36.51
CA GLN X 217 -103.78 -22.14 35.98
C GLN X 217 -103.94 -21.91 34.47
N LEU X 218 -104.36 -22.94 33.74
CA LEU X 218 -104.57 -22.79 32.30
C LEU X 218 -105.71 -21.83 32.00
N ILE X 219 -106.79 -21.89 32.78
CA ILE X 219 -107.89 -20.96 32.57
C ILE X 219 -107.43 -19.53 32.85
N GLU X 220 -106.64 -19.34 33.90
CA GLU X 220 -106.10 -18.00 34.20
C GLU X 220 -105.20 -17.52 33.08
N LYS X 221 -104.37 -18.40 32.52
CA LYS X 221 -103.51 -18.02 31.40
C LYS X 221 -104.33 -17.61 30.19
N THR X 222 -105.37 -18.38 29.86
CA THR X 222 -106.21 -18.01 28.73
C THR X 222 -106.92 -16.68 28.99
N LEU X 223 -107.26 -16.41 30.25
CA LEU X 223 -107.92 -15.16 30.60
C LEU X 223 -107.07 -13.94 30.28
N GLU X 224 -105.76 -14.11 30.09
CA GLU X 224 -104.89 -13.00 29.70
C GLU X 224 -104.20 -13.22 28.37
N LEU X 225 -104.43 -14.35 27.70
CA LEU X 225 -103.83 -14.59 26.38
C LEU X 225 -104.47 -13.66 25.34
N ASP X 226 -103.99 -13.78 24.10
CA ASP X 226 -104.47 -12.94 23.01
C ASP X 226 -104.32 -13.71 21.70
N GLU X 227 -104.78 -13.07 20.61
CA GLU X 227 -104.77 -13.73 19.30
C GLU X 227 -103.36 -13.89 18.73
N SER X 228 -102.38 -13.15 19.25
CA SER X 228 -101.02 -13.28 18.75
C SER X 228 -100.44 -14.67 19.02
N HIS X 229 -100.92 -15.33 20.07
CA HIS X 229 -100.45 -16.66 20.44
C HIS X 229 -101.26 -17.79 19.83
N LEU X 230 -102.24 -17.46 18.98
CA LEU X 230 -103.11 -18.48 18.42
C LEU X 230 -102.31 -19.48 17.59
N CYS X 231 -102.59 -20.77 17.82
CA CYS X 231 -101.95 -21.87 17.10
C CYS X 231 -100.43 -21.80 17.21
N THR X 232 -99.95 -21.59 18.43
CA THR X 232 -98.51 -21.64 18.68
C THR X 232 -97.99 -23.03 18.33
N ALA X 233 -96.91 -23.07 17.57
CA ALA X 233 -96.44 -24.32 16.98
C ALA X 233 -95.81 -25.19 18.06
N SER X 234 -96.51 -26.26 18.45
CA SER X 234 -95.89 -27.32 19.23
C SER X 234 -95.03 -28.18 18.32
N VAL X 235 -93.96 -28.74 18.88
CA VAL X 235 -92.97 -29.42 18.06
C VAL X 235 -93.09 -30.94 18.19
N GLN X 236 -92.82 -31.46 19.38
CA GLN X 236 -92.82 -32.90 19.56
C GLN X 236 -94.22 -33.49 19.43
N ASN X 237 -95.23 -32.75 19.91
CA ASN X 237 -96.61 -33.20 19.76
C ASN X 237 -96.98 -33.34 18.28
N ASP X 238 -96.64 -32.35 17.48
CA ASP X 238 -96.95 -32.41 16.05
C ASP X 238 -96.14 -33.50 15.36
N ILE X 239 -94.88 -33.69 15.77
CA ILE X 239 -94.06 -34.74 15.18
C ILE X 239 -94.66 -36.12 15.47
N LYS X 240 -95.09 -36.34 16.71
CA LYS X 240 -95.71 -37.61 17.06
C LYS X 240 -97.05 -37.79 16.33
N ALA X 241 -97.82 -36.72 16.19
CA ALA X 241 -99.08 -36.81 15.47
C ALA X 241 -98.86 -37.19 14.02
N MET X 242 -97.80 -36.64 13.39
CA MET X 242 -97.52 -36.97 12.00
C MET X 242 -96.92 -38.37 11.87
N GLN X 243 -96.17 -38.82 12.89
CA GLN X 243 -95.66 -40.18 12.88
C GLN X 243 -96.76 -41.20 13.15
N HIS X 244 -97.88 -40.77 13.70
CA HIS X 244 -99.04 -41.66 13.88
C HIS X 244 -99.48 -42.27 12.56
N GLU X 245 -99.34 -41.53 11.46
CA GLU X 245 -99.65 -42.09 10.14
C GLU X 245 -98.70 -43.23 9.79
N SER X 246 -97.42 -43.08 10.12
CA SER X 246 -96.42 -44.09 9.83
C SER X 246 -96.39 -45.20 10.87
N LEU X 247 -97.20 -45.11 11.92
CA LEU X 247 -97.27 -46.18 12.92
C LEU X 247 -97.71 -47.49 12.26
N TYR X 248 -97.21 -48.60 12.82
CA TYR X 248 -97.51 -49.92 12.27
C TYR X 248 -99.01 -50.21 12.32
N SER X 249 -99.57 -50.30 13.52
CA SER X 249 -100.99 -50.54 13.72
C SER X 249 -101.58 -49.38 14.51
N ARG X 250 -102.63 -48.79 13.98
CA ARG X 250 -103.27 -47.61 14.58
C ARG X 250 -104.57 -48.04 15.24
N LEU X 251 -104.57 -48.12 16.58
CA LEU X 251 -105.79 -48.40 17.33
C LEU X 251 -106.63 -47.15 17.55
N TYR X 252 -106.12 -45.97 17.17
CA TYR X 252 -106.84 -44.72 17.29
C TYR X 252 -106.90 -44.04 15.94
N MET X 253 -107.98 -43.28 15.71
CA MET X 253 -108.18 -42.63 14.42
C MET X 253 -107.09 -41.60 14.15
N SER X 254 -106.71 -40.83 15.15
CA SER X 254 -105.70 -39.79 14.97
C SER X 254 -104.64 -39.83 16.07
N MET Y 1 28.69 38.16 -38.22
CA MET Y 1 29.05 37.15 -39.21
C MET Y 1 28.65 35.76 -38.75
N LYS Y 2 27.35 35.49 -38.77
CA LYS Y 2 26.83 34.25 -38.21
C LYS Y 2 27.54 33.04 -38.79
N LEU Y 3 28.31 32.35 -37.95
CA LEU Y 3 29.15 31.24 -38.39
C LEU Y 3 28.49 29.93 -38.00
N THR Y 4 28.38 29.05 -38.95
CA THR Y 4 27.81 27.74 -38.70
C THR Y 4 28.90 26.76 -38.27
N PRO Y 5 28.51 25.66 -37.62
CA PRO Y 5 29.52 24.65 -37.26
C PRO Y 5 30.30 24.13 -38.45
N LYS Y 6 29.65 24.02 -39.61
CA LYS Y 6 30.37 23.64 -40.81
C LYS Y 6 31.45 24.64 -41.15
N GLU Y 7 31.14 25.94 -41.05
CA GLU Y 7 32.13 26.96 -41.33
C GLU Y 7 33.29 26.91 -40.34
N LEU Y 8 32.99 26.64 -39.06
CA LEU Y 8 34.07 26.54 -38.08
C LEU Y 8 34.97 25.35 -38.38
N ASP Y 9 34.38 24.21 -38.76
CA ASP Y 9 35.18 23.05 -39.14
C ASP Y 9 36.04 23.36 -40.35
N LYS Y 10 35.47 24.02 -41.36
CA LYS Y 10 36.24 24.35 -42.54
C LYS Y 10 37.36 25.33 -42.23
N LEU Y 11 37.14 26.25 -41.29
CA LEU Y 11 38.21 27.16 -40.90
C LEU Y 11 39.36 26.41 -40.25
N MET Y 12 39.03 25.45 -39.37
CA MET Y 12 40.07 24.63 -38.78
C MET Y 12 40.83 23.85 -39.85
N LEU Y 13 40.11 23.29 -40.81
CA LEU Y 13 40.76 22.53 -41.88
C LEU Y 13 41.66 23.43 -42.73
N HIS Y 14 41.19 24.64 -43.02
CA HIS Y 14 42.00 25.55 -43.81
C HIS Y 14 43.30 25.91 -43.09
N TYR Y 15 43.23 26.12 -41.79
CA TYR Y 15 44.46 26.49 -41.10
C TYR Y 15 45.38 25.30 -40.87
N ALA Y 16 44.82 24.09 -40.77
CA ALA Y 16 45.66 22.90 -40.83
C ALA Y 16 46.39 22.82 -42.17
N GLY Y 17 45.69 23.12 -43.26
CA GLY Y 17 46.33 23.16 -44.56
C GLY Y 17 47.39 24.23 -44.67
N GLU Y 18 47.15 25.38 -44.04
CA GLU Y 18 48.15 26.44 -44.02
C GLU Y 18 49.40 26.01 -43.27
N LEU Y 19 49.22 25.32 -42.14
CA LEU Y 19 50.36 24.80 -41.41
C LEU Y 19 51.14 23.80 -42.26
N ALA Y 20 50.42 22.92 -42.96
CA ALA Y 20 51.09 21.96 -43.84
C ALA Y 20 51.87 22.67 -44.93
N LYS Y 21 51.29 23.72 -45.51
CA LYS Y 21 51.97 24.47 -46.57
C LYS Y 21 53.22 25.14 -46.04
N LYS Y 22 53.15 25.71 -44.84
CA LYS Y 22 54.33 26.32 -44.25
C LYS Y 22 55.43 25.30 -44.00
N ARG Y 23 55.05 24.11 -43.51
CA ARG Y 23 56.05 23.06 -43.31
C ARG Y 23 56.67 22.64 -44.64
N LYS Y 24 55.86 22.52 -45.68
CA LYS Y 24 56.38 22.17 -47.00
C LYS Y 24 57.34 23.22 -47.51
N GLU Y 25 57.04 24.51 -47.27
CA GLU Y 25 57.97 25.57 -47.63
C GLU Y 25 59.27 25.45 -46.85
N LYS Y 26 59.18 25.15 -45.56
CA LYS Y 26 60.38 24.92 -44.75
C LYS Y 26 61.16 23.72 -45.25
N GLY Y 27 60.53 22.81 -45.96
CA GLY Y 27 61.22 21.65 -46.49
C GLY Y 27 60.99 20.37 -45.72
N ILE Y 28 60.11 20.38 -44.73
CA ILE Y 28 59.77 19.16 -44.01
C ILE Y 28 58.92 18.27 -44.91
N LYS Y 29 59.26 17.00 -44.99
CA LYS Y 29 58.45 16.06 -45.75
C LYS Y 29 57.13 15.84 -45.04
N LEU Y 30 56.03 16.08 -45.76
CA LEU Y 30 54.71 16.04 -45.14
C LEU Y 30 54.33 14.62 -44.78
N ASN Y 31 53.57 14.48 -43.70
CA ASN Y 31 53.02 13.20 -43.31
C ASN Y 31 51.60 13.08 -43.84
N TYR Y 32 50.89 12.05 -43.39
CA TYR Y 32 49.56 11.75 -43.92
C TYR Y 32 48.60 12.90 -43.66
N VAL Y 33 48.53 13.36 -42.41
CA VAL Y 33 47.59 14.40 -42.03
C VAL Y 33 47.91 15.69 -42.77
N GLU Y 34 49.19 16.05 -42.83
CA GLU Y 34 49.58 17.28 -43.50
C GLU Y 34 49.24 17.23 -44.99
N ALA Y 35 49.49 16.10 -45.63
CA ALA Y 35 49.19 15.98 -47.06
C ALA Y 35 47.70 16.13 -47.32
N VAL Y 36 46.88 15.42 -46.54
CA VAL Y 36 45.43 15.50 -46.73
C VAL Y 36 44.95 16.93 -46.51
N ALA Y 37 45.42 17.57 -45.45
CA ALA Y 37 45.00 18.93 -45.15
C ALA Y 37 45.43 19.90 -46.24
N LEU Y 38 46.64 19.73 -46.76
CA LEU Y 38 47.13 20.62 -47.80
C LEU Y 38 46.27 20.52 -49.05
N ILE Y 39 45.98 19.30 -49.48
CA ILE Y 39 45.16 19.13 -50.68
C ILE Y 39 43.78 19.71 -50.48
N SER Y 40 43.15 19.41 -49.33
CA SER Y 40 41.80 19.89 -49.08
C SER Y 40 41.75 21.41 -49.03
N ALA Y 41 42.70 22.03 -48.33
CA ALA Y 41 42.70 23.48 -48.21
C ALA Y 41 42.92 24.14 -49.56
N HIS Y 42 43.81 23.57 -50.38
CA HIS Y 42 44.03 24.15 -51.70
C HIS Y 42 42.77 24.09 -52.54
N ILE Y 43 42.06 22.95 -52.50
CA ILE Y 43 40.83 22.84 -53.27
C ILE Y 43 39.81 23.86 -52.79
N MET Y 44 39.67 24.01 -51.47
CA MET Y 44 38.71 24.96 -50.93
C MET Y 44 39.03 26.38 -51.39
N GLU Y 45 40.31 26.77 -51.34
CA GLU Y 45 40.68 28.11 -51.76
C GLU Y 45 40.42 28.33 -53.24
N GLU Y 46 40.72 27.33 -54.08
CA GLU Y 46 40.47 27.50 -55.51
C GLU Y 46 38.98 27.63 -55.80
N ALA Y 47 38.16 26.84 -55.13
CA ALA Y 47 36.71 26.95 -55.33
C ALA Y 47 36.21 28.31 -54.88
N ARG Y 48 36.73 28.83 -53.77
CA ARG Y 48 36.33 30.16 -53.34
C ARG Y 48 36.74 31.21 -54.37
N ALA Y 49 37.92 31.06 -54.96
CA ALA Y 49 38.32 31.96 -56.03
C ALA Y 49 37.33 31.92 -57.18
N GLY Y 50 36.86 30.73 -57.53
CA GLY Y 50 35.76 30.62 -58.46
C GLY Y 50 36.12 30.73 -59.92
N LYS Y 51 37.40 30.64 -60.27
CA LYS Y 51 37.81 30.64 -61.67
C LYS Y 51 37.87 29.24 -62.27
N LYS Y 52 37.69 28.20 -61.47
CA LYS Y 52 37.80 26.82 -61.92
C LYS Y 52 36.51 26.07 -61.66
N THR Y 53 36.30 25.02 -62.44
CA THR Y 53 35.17 24.12 -62.24
C THR Y 53 35.59 22.97 -61.35
N ALA Y 54 34.59 22.16 -60.96
CA ALA Y 54 34.87 21.01 -60.12
C ALA Y 54 35.78 20.02 -60.83
N ALA Y 55 35.58 19.85 -62.14
CA ALA Y 55 36.46 18.96 -62.90
C ALA Y 55 37.89 19.50 -62.93
N GLU Y 56 38.05 20.80 -63.13
CA GLU Y 56 39.38 21.39 -63.11
C GLU Y 56 40.03 21.21 -61.76
N LEU Y 57 39.26 21.34 -60.68
CA LEU Y 57 39.82 21.15 -59.35
C LEU Y 57 40.21 19.70 -59.11
N MET Y 58 39.40 18.76 -59.60
CA MET Y 58 39.74 17.35 -59.49
C MET Y 58 41.05 17.07 -60.20
N GLN Y 59 41.25 17.66 -61.38
CA GLN Y 59 42.52 17.50 -62.07
C GLN Y 59 43.66 18.16 -61.30
N GLU Y 60 43.44 19.36 -60.78
CA GLU Y 60 44.54 20.13 -60.20
C GLU Y 60 44.98 19.57 -58.85
N GLY Y 61 44.07 18.93 -58.12
CA GLY Y 61 44.44 18.38 -56.82
C GLY Y 61 45.51 17.31 -56.89
N ARG Y 62 45.67 16.67 -58.05
CA ARG Y 62 46.65 15.61 -58.21
C ARG Y 62 48.04 16.12 -58.54
N THR Y 63 48.21 17.43 -58.68
CA THR Y 63 49.50 18.02 -59.02
C THR Y 63 50.14 18.78 -57.87
N LEU Y 64 49.50 18.81 -56.71
CA LEU Y 64 50.00 19.65 -55.62
C LEU Y 64 51.25 19.07 -54.98
N LEU Y 65 51.25 17.76 -54.74
CA LEU Y 65 52.32 17.11 -53.99
C LEU Y 65 53.08 16.15 -54.88
N LYS Y 66 54.39 16.34 -54.96
CA LYS Y 66 55.25 15.40 -55.63
C LYS Y 66 55.58 14.24 -54.70
N PRO Y 67 55.98 13.09 -55.25
CA PRO Y 67 56.31 11.95 -54.37
C PRO Y 67 57.44 12.25 -53.40
N ASP Y 68 58.33 13.18 -53.72
CA ASP Y 68 59.42 13.53 -52.84
C ASP Y 68 59.04 14.56 -51.79
N ASP Y 69 57.82 15.08 -51.83
CA ASP Y 69 57.37 16.06 -50.86
C ASP Y 69 56.73 15.44 -49.62
N VAL Y 70 56.54 14.12 -49.60
CA VAL Y 70 55.84 13.45 -48.52
C VAL Y 70 56.71 12.33 -47.98
N MET Y 71 56.41 11.91 -46.76
CA MET Y 71 57.11 10.80 -46.15
C MET Y 71 56.75 9.49 -46.84
N ASP Y 72 57.55 8.46 -46.58
CA ASP Y 72 57.29 7.15 -47.16
C ASP Y 72 56.03 6.55 -46.54
N GLY Y 73 55.14 6.06 -47.41
CA GLY Y 73 53.90 5.47 -46.99
C GLY Y 73 52.70 6.40 -47.10
N VAL Y 74 52.91 7.70 -47.19
CA VAL Y 74 51.81 8.65 -47.27
C VAL Y 74 51.02 8.44 -48.56
N ALA Y 75 51.72 8.25 -49.67
CA ALA Y 75 51.05 8.07 -50.94
C ALA Y 75 50.23 6.79 -50.95
N SER Y 76 50.74 5.72 -50.35
CA SER Y 76 49.97 4.49 -50.22
C SER Y 76 48.75 4.70 -49.33
N MET Y 77 48.91 5.46 -48.25
CA MET Y 77 47.80 5.62 -47.32
C MET Y 77 46.68 6.48 -47.90
N ILE Y 78 47.02 7.47 -48.72
CA ILE Y 78 46.03 8.40 -49.25
C ILE Y 78 45.48 7.82 -50.55
N HIS Y 79 44.22 7.39 -50.52
CA HIS Y 79 43.59 6.85 -51.71
C HIS Y 79 42.78 7.91 -52.44
N GLU Y 80 41.96 8.65 -51.71
CA GLU Y 80 41.23 9.77 -52.29
C GLU Y 80 40.93 10.79 -51.20
N VAL Y 81 40.94 12.05 -51.60
CA VAL Y 81 40.62 13.16 -50.72
C VAL Y 81 39.34 13.80 -51.23
N GLY Y 82 38.29 13.73 -50.43
CA GLY Y 82 37.05 14.40 -50.73
C GLY Y 82 36.96 15.67 -49.92
N ILE Y 83 36.34 16.69 -50.53
CA ILE Y 83 36.16 17.96 -49.84
C ILE Y 83 34.96 18.66 -50.43
N GLU Y 84 34.06 19.13 -49.58
CA GLU Y 84 32.88 19.87 -50.03
C GLU Y 84 33.25 21.35 -50.07
N ALA Y 85 33.33 21.90 -51.28
CA ALA Y 85 33.76 23.26 -51.49
C ALA Y 85 32.61 24.10 -52.01
N MET Y 86 32.54 25.34 -51.57
CA MET Y 86 31.47 26.26 -51.95
C MET Y 86 31.89 26.99 -53.22
N PHE Y 87 31.29 26.61 -54.34
CA PHE Y 87 31.54 27.25 -55.63
C PHE Y 87 30.59 28.42 -55.81
N PRO Y 88 30.75 29.19 -56.88
CA PRO Y 88 29.74 30.23 -57.17
C PRO Y 88 28.35 29.66 -57.39
N ASP Y 89 28.23 28.38 -57.73
CA ASP Y 89 26.95 27.73 -57.94
C ASP Y 89 26.64 26.72 -56.85
N GLY Y 90 27.05 27.01 -55.62
CA GLY Y 90 26.69 26.20 -54.48
C GLY Y 90 27.81 25.27 -54.03
N THR Y 91 27.46 24.42 -53.08
CA THR Y 91 28.42 23.48 -52.51
C THR Y 91 28.49 22.22 -53.36
N LYS Y 92 29.69 21.85 -53.75
CA LYS Y 92 29.93 20.65 -54.54
C LYS Y 92 31.04 19.83 -53.91
N LEU Y 93 30.94 18.52 -54.05
CA LEU Y 93 31.95 17.60 -53.52
C LEU Y 93 33.02 17.39 -54.59
N VAL Y 94 34.24 17.81 -54.29
CA VAL Y 94 35.39 17.59 -55.15
C VAL Y 94 36.14 16.39 -54.60
N THR Y 95 36.34 15.37 -55.44
CA THR Y 95 37.07 14.18 -55.05
C THR Y 95 38.33 14.09 -55.88
N VAL Y 96 39.47 13.99 -55.23
CA VAL Y 96 40.77 13.82 -55.88
C VAL Y 96 41.24 12.41 -55.59
N HIS Y 97 41.39 11.59 -56.63
CA HIS Y 97 41.81 10.21 -56.45
CA HIS Y 97 41.81 10.21 -56.45
C HIS Y 97 43.30 10.09 -56.70
N THR Y 98 43.97 9.30 -55.85
CA THR Y 98 45.41 9.09 -55.86
C THR Y 98 46.18 10.39 -56.09
N PRO Y 99 46.05 11.36 -55.18
CA PRO Y 99 46.71 12.65 -55.41
C PRO Y 99 48.23 12.58 -55.42
N ILE Y 100 48.83 11.55 -54.83
CA ILE Y 100 50.28 11.41 -54.76
C ILE Y 100 50.66 10.06 -55.33
N GLU Y 101 51.69 10.03 -56.18
CA GLU Y 101 52.18 8.77 -56.72
C GLU Y 101 52.95 8.01 -55.65
N ALA Y 102 52.72 6.70 -55.60
CA ALA Y 102 53.35 5.88 -54.58
C ALA Y 102 54.82 5.65 -54.91
N ASN Y 103 55.68 5.87 -53.93
CA ASN Y 103 57.10 5.59 -54.10
C ASN Y 103 57.40 4.10 -54.05
N GLY Y 104 56.60 3.34 -53.31
CA GLY Y 104 56.76 1.91 -53.22
C GLY Y 104 57.69 1.42 -52.13
N LYS Y 105 58.40 2.32 -51.45
CA LYS Y 105 59.33 1.90 -50.41
C LYS Y 105 58.60 1.23 -49.25
N LEU Y 106 57.74 1.99 -48.56
CA LEU Y 106 57.02 1.49 -47.40
C LEU Y 106 55.53 1.57 -47.67
N VAL Y 107 54.82 0.47 -47.44
CA VAL Y 107 53.38 0.39 -47.61
C VAL Y 107 52.76 0.01 -46.29
N PRO Y 108 52.24 0.97 -45.53
CA PRO Y 108 51.57 0.65 -44.27
C PRO Y 108 50.36 -0.24 -44.51
N GLY Y 109 50.20 -1.25 -43.66
CA GLY Y 109 49.06 -2.14 -43.75
C GLY Y 109 49.01 -2.94 -45.03
N GLU Y 110 50.14 -3.20 -45.66
CA GLU Y 110 50.12 -3.90 -46.94
C GLU Y 110 49.85 -5.38 -46.75
N LEU Y 111 49.27 -5.99 -47.78
CA LEU Y 111 48.91 -7.39 -47.77
C LEU Y 111 50.00 -8.22 -48.43
N PHE Y 112 50.29 -9.37 -47.83
CA PHE Y 112 51.21 -10.36 -48.40
C PHE Y 112 50.38 -11.59 -48.70
N LEU Y 113 49.82 -11.64 -49.90
CA LEU Y 113 48.88 -12.69 -50.27
C LEU Y 113 49.61 -13.92 -50.78
N LYS Y 114 48.99 -15.07 -50.57
CA LYS Y 114 49.43 -16.30 -51.20
C LYS Y 114 49.14 -16.26 -52.70
N ASN Y 115 49.93 -17.00 -53.47
CA ASN Y 115 49.67 -17.11 -54.91
C ASN Y 115 48.83 -18.33 -55.22
N GLU Y 116 47.68 -18.46 -54.57
CA GLU Y 116 46.78 -19.57 -54.76
C GLU Y 116 45.35 -19.05 -54.88
N ASP Y 117 44.63 -19.52 -55.89
CA ASP Y 117 43.29 -19.02 -56.14
C ASP Y 117 42.29 -19.60 -55.14
N ILE Y 118 41.26 -18.83 -54.85
CA ILE Y 118 40.20 -19.24 -53.93
C ILE Y 118 39.12 -19.92 -54.75
N THR Y 119 38.77 -21.14 -54.37
CA THR Y 119 37.70 -21.88 -55.03
C THR Y 119 36.40 -21.66 -54.26
N ILE Y 120 35.48 -20.94 -54.86
CA ILE Y 120 34.22 -20.62 -54.22
C ILE Y 120 33.18 -21.65 -54.64
N ASN Y 121 32.16 -21.82 -53.79
CA ASN Y 121 31.07 -22.75 -54.05
C ASN Y 121 31.59 -24.15 -54.34
N GLU Y 122 32.61 -24.56 -53.59
CA GLU Y 122 33.21 -25.87 -53.80
C GLU Y 122 32.21 -26.97 -53.47
N GLY Y 123 32.23 -28.02 -54.29
CA GLY Y 123 31.30 -29.12 -54.14
C GLY Y 123 29.94 -28.90 -54.74
N LYS Y 124 29.72 -27.78 -55.43
CA LYS Y 124 28.45 -27.49 -56.08
C LYS Y 124 28.65 -27.50 -57.58
N LYS Y 125 27.84 -28.31 -58.26
CA LYS Y 125 27.93 -28.41 -59.72
C LYS Y 125 27.07 -27.33 -60.37
N ALA Y 126 27.64 -26.69 -61.38
CA ALA Y 126 27.01 -25.56 -62.04
C ALA Y 126 26.39 -25.99 -63.36
N VAL Y 127 25.17 -25.55 -63.61
CA VAL Y 127 24.52 -25.74 -64.90
C VAL Y 127 24.57 -24.43 -65.66
N SER Y 128 24.52 -24.52 -66.98
CA SER Y 128 24.61 -23.36 -67.85
C SER Y 128 23.25 -23.05 -68.45
N VAL Y 129 22.89 -21.77 -68.45
CA VAL Y 129 21.60 -21.31 -68.94
C VAL Y 129 21.82 -20.09 -69.81
N LYS Y 130 21.14 -20.04 -70.95
CA LYS Y 130 21.20 -18.90 -71.85
C LYS Y 130 20.06 -17.94 -71.53
N VAL Y 131 20.40 -16.68 -71.25
CA VAL Y 131 19.44 -15.67 -70.83
C VAL Y 131 19.47 -14.53 -71.84
N LYS Y 132 18.30 -14.12 -72.30
CA LYS Y 132 18.16 -12.97 -73.18
C LYS Y 132 17.38 -11.87 -72.47
N ASN Y 133 17.87 -10.65 -72.57
CA ASN Y 133 17.18 -9.48 -72.03
C ASN Y 133 16.34 -8.89 -73.15
N VAL Y 134 15.04 -9.18 -73.14
CA VAL Y 134 14.14 -8.65 -74.14
C VAL Y 134 13.52 -7.33 -73.71
N GLY Y 135 13.89 -6.81 -72.55
CA GLY Y 135 13.44 -5.50 -72.12
C GLY Y 135 14.29 -4.40 -72.71
N ASP Y 136 13.95 -3.17 -72.33
CA ASP Y 136 14.61 -1.99 -72.85
C ASP Y 136 15.68 -1.43 -71.94
N ARG Y 137 15.89 -2.04 -70.78
CA ARG Y 137 16.87 -1.55 -69.82
C ARG Y 137 17.78 -2.68 -69.38
N PRO Y 138 19.02 -2.36 -69.02
CA PRO Y 138 19.92 -3.39 -68.49
C PRO Y 138 19.43 -3.88 -67.14
N VAL Y 139 19.75 -5.14 -66.84
CA VAL Y 139 19.31 -5.79 -65.62
C VAL Y 139 20.52 -6.38 -64.92
N GLN Y 140 20.70 -6.06 -63.65
CA GLN Y 140 21.79 -6.60 -62.85
C GLN Y 140 21.24 -7.59 -61.86
N ILE Y 141 21.86 -8.76 -61.78
CA ILE Y 141 21.43 -9.83 -60.89
C ILE Y 141 22.57 -10.13 -59.93
N GLY Y 142 22.25 -10.16 -58.63
CA GLY Y 142 23.24 -10.44 -57.63
C GLY Y 142 23.57 -11.91 -57.53
N SER Y 143 24.66 -12.18 -56.80
CA SER Y 143 25.15 -13.55 -56.67
C SER Y 143 24.17 -14.45 -55.92
N HIS Y 144 23.29 -13.87 -55.11
CA HIS Y 144 22.43 -14.67 -54.24
C HIS Y 144 20.96 -14.45 -54.50
N PHE Y 145 20.61 -13.75 -55.58
CA PHE Y 145 19.21 -13.68 -55.99
C PHE Y 145 18.75 -15.02 -56.52
N HIS Y 146 17.56 -15.44 -56.12
CA HIS Y 146 16.96 -16.65 -56.67
C HIS Y 146 16.68 -16.43 -58.14
N PHE Y 147 17.47 -17.07 -59.01
CA PHE Y 147 17.45 -16.73 -60.43
C PHE Y 147 16.11 -17.03 -61.08
N PHE Y 148 15.31 -17.92 -60.51
CA PHE Y 148 14.01 -18.22 -61.07
C PHE Y 148 13.10 -17.00 -61.07
N GLU Y 149 13.28 -16.08 -60.12
CA GLU Y 149 12.36 -14.98 -59.91
C GLU Y 149 12.90 -13.64 -60.40
N VAL Y 150 13.90 -13.65 -61.29
CA VAL Y 150 14.50 -12.41 -61.78
C VAL Y 150 13.49 -11.69 -62.66
N ASN Y 151 13.81 -10.45 -63.02
CA ASN Y 151 12.99 -9.61 -63.87
C ASN Y 151 12.31 -10.41 -64.99
N ARG Y 152 11.00 -10.21 -65.13
CA ARG Y 152 10.25 -10.97 -66.11
C ARG Y 152 10.61 -10.59 -67.55
N CYS Y 153 11.37 -9.52 -67.75
CA CYS Y 153 11.85 -9.19 -69.08
C CYS Y 153 13.05 -10.03 -69.49
N LEU Y 154 13.64 -10.78 -68.58
CA LEU Y 154 14.67 -11.75 -68.93
C LEU Y 154 14.01 -13.02 -69.44
N ASP Y 155 14.53 -13.58 -70.52
CA ASP Y 155 13.96 -14.76 -71.15
C ASP Y 155 14.95 -15.90 -71.06
N PHE Y 156 14.51 -17.00 -70.47
CA PHE Y 156 15.31 -18.20 -70.30
C PHE Y 156 14.39 -19.30 -69.79
N ASP Y 157 14.91 -20.53 -69.77
CA ASP Y 157 14.16 -21.68 -69.28
C ASP Y 157 14.12 -21.62 -67.76
N ARG Y 158 13.06 -21.03 -67.21
CA ARG Y 158 12.97 -20.85 -65.77
C ARG Y 158 12.90 -22.19 -65.02
N GLU Y 159 12.32 -23.21 -65.66
CA GLU Y 159 12.25 -24.52 -65.05
C GLU Y 159 13.65 -25.04 -64.73
N LYS Y 160 14.62 -24.77 -65.60
CA LYS Y 160 15.99 -25.20 -65.34
C LYS Y 160 16.59 -24.48 -64.14
N THR Y 161 16.16 -23.25 -63.89
CA THR Y 161 16.81 -22.40 -62.90
C THR Y 161 16.06 -22.33 -61.58
N PHE Y 162 14.95 -23.03 -61.44
CA PHE Y 162 14.27 -23.05 -60.15
C PHE Y 162 15.20 -23.58 -59.06
N GLY Y 163 15.27 -22.84 -57.95
CA GLY Y 163 16.09 -23.23 -56.83
C GLY Y 163 17.57 -22.95 -56.97
N LYS Y 164 17.96 -22.10 -57.91
CA LYS Y 164 19.37 -21.88 -58.19
C LYS Y 164 19.70 -20.40 -58.13
N ARG Y 165 20.99 -20.13 -58.01
CA ARG Y 165 21.52 -18.78 -58.00
C ARG Y 165 22.77 -18.74 -58.86
N LEU Y 166 23.23 -17.52 -59.15
CA LEU Y 166 24.42 -17.35 -59.98
C LEU Y 166 25.65 -17.89 -59.27
N ASP Y 167 26.54 -18.50 -60.03
CA ASP Y 167 27.79 -19.05 -59.50
C ASP Y 167 28.92 -18.05 -59.72
N ILE Y 168 28.85 -16.96 -58.95
CA ILE Y 168 29.83 -15.89 -59.02
C ILE Y 168 30.26 -15.55 -57.60
N ALA Y 169 31.29 -14.72 -57.49
CA ALA Y 169 31.73 -14.25 -56.18
C ALA Y 169 30.60 -13.50 -55.49
N SER Y 170 30.34 -13.87 -54.24
CA SER Y 170 29.24 -13.26 -53.51
C SER Y 170 29.46 -11.78 -53.36
N GLY Y 171 28.41 -11.00 -53.64
CA GLY Y 171 28.50 -9.56 -53.65
C GLY Y 171 28.74 -8.96 -55.01
N THR Y 172 29.15 -9.77 -55.99
CA THR Y 172 29.26 -9.31 -57.36
C THR Y 172 27.94 -9.53 -58.08
N ALA Y 173 27.82 -8.95 -59.27
CA ALA Y 173 26.59 -9.01 -60.03
C ALA Y 173 26.89 -9.25 -61.49
N VAL Y 174 25.90 -9.80 -62.19
CA VAL Y 174 25.97 -10.04 -63.63
C VAL Y 174 24.99 -9.10 -64.30
N ARG Y 175 25.46 -8.39 -65.33
CA ARG Y 175 24.65 -7.43 -66.04
C ARG Y 175 24.23 -7.98 -67.40
N PHE Y 176 22.94 -7.91 -67.70
CA PHE Y 176 22.38 -8.28 -68.99
C PHE Y 176 21.92 -6.99 -69.67
N GLU Y 177 22.60 -6.61 -70.73
CA GLU Y 177 22.21 -5.45 -71.50
C GLU Y 177 20.98 -5.77 -72.34
N PRO Y 178 20.17 -4.77 -72.68
CA PRO Y 178 18.97 -5.05 -73.48
C PRO Y 178 19.33 -5.66 -74.82
N GLY Y 179 18.54 -6.66 -75.22
CA GLY Y 179 18.77 -7.36 -76.46
C GLY Y 179 19.91 -8.35 -76.41
N GLU Y 180 20.84 -8.16 -75.46
CA GLU Y 180 22.00 -9.02 -75.35
C GLU Y 180 21.60 -10.38 -74.79
N GLU Y 181 22.25 -11.42 -75.30
CA GLU Y 181 22.06 -12.78 -74.82
C GLU Y 181 23.36 -13.28 -74.19
N LYS Y 182 23.28 -13.74 -72.95
CA LYS Y 182 24.43 -14.24 -72.21
C LYS Y 182 24.15 -15.64 -71.72
N SER Y 183 25.23 -16.37 -71.44
CA SER Y 183 25.16 -17.67 -70.80
C SER Y 183 25.70 -17.53 -69.38
N VAL Y 184 24.93 -18.01 -68.41
CA VAL Y 184 25.29 -17.90 -67.01
C VAL Y 184 25.36 -19.29 -66.40
N GLU Y 185 26.15 -19.40 -65.34
CA GLU Y 185 26.30 -20.65 -64.59
C GLU Y 185 25.51 -20.54 -63.30
N LEU Y 186 24.71 -21.56 -63.00
CA LEU Y 186 23.83 -21.54 -61.84
C LEU Y 186 24.12 -22.74 -60.97
N ILE Y 187 24.05 -22.53 -59.65
CA ILE Y 187 24.29 -23.56 -58.67
C ILE Y 187 23.12 -23.58 -57.70
N ASP Y 188 22.91 -24.74 -57.07
CA ASP Y 188 21.79 -24.89 -56.17
C ASP Y 188 21.92 -23.96 -54.97
N ILE Y 189 20.79 -23.40 -54.55
CA ILE Y 189 20.77 -22.61 -53.32
C ILE Y 189 20.98 -23.55 -52.13
N GLY Y 190 21.87 -23.16 -51.22
CA GLY Y 190 22.24 -24.00 -50.11
C GLY Y 190 21.32 -23.82 -48.91
N GLY Y 191 21.75 -24.40 -47.79
CA GLY Y 191 21.01 -24.26 -46.56
C GLY Y 191 19.68 -25.01 -46.59
N ASN Y 192 18.69 -24.45 -45.91
CA ASN Y 192 17.36 -25.04 -45.87
C ASN Y 192 16.63 -24.95 -47.19
N ARG Y 193 17.13 -24.16 -48.15
CA ARG Y 193 16.51 -23.98 -49.45
C ARG Y 193 15.07 -23.47 -49.31
N ARG Y 194 14.86 -22.56 -48.38
CA ARG Y 194 13.57 -21.91 -48.21
C ARG Y 194 13.65 -20.55 -48.89
N ILE Y 195 12.87 -20.38 -49.95
CA ILE Y 195 12.87 -19.14 -50.71
C ILE Y 195 11.72 -18.27 -50.20
N PHE Y 196 12.07 -17.10 -49.67
CA PHE Y 196 11.08 -16.14 -49.20
C PHE Y 196 11.43 -14.77 -49.75
N GLY Y 197 10.40 -14.01 -50.10
CA GLY Y 197 10.63 -12.71 -50.69
C GLY Y 197 10.81 -12.79 -52.19
N PHE Y 198 11.77 -12.03 -52.72
CA PHE Y 198 12.03 -11.96 -54.16
C PHE Y 198 10.76 -11.50 -54.84
N ASN Y 199 10.21 -12.24 -55.80
CA ASN Y 199 8.99 -11.86 -56.47
C ASN Y 199 7.77 -12.59 -55.92
N ALA Y 200 7.92 -13.25 -54.76
CA ALA Y 200 6.85 -14.00 -54.13
C ALA Y 200 6.29 -15.09 -55.04
N LEU Y 201 7.16 -15.70 -55.84
CA LEU Y 201 6.75 -16.80 -56.69
C LEU Y 201 6.84 -18.14 -55.98
N VAL Y 202 7.67 -18.26 -54.95
CA VAL Y 202 7.83 -19.50 -54.20
C VAL Y 202 7.31 -19.35 -52.77
N ASP Y 203 7.94 -18.49 -51.98
CA ASP Y 203 7.50 -18.18 -50.61
C ASP Y 203 7.37 -19.44 -49.76
N ARG Y 204 8.20 -20.44 -50.01
CA ARG Y 204 8.12 -21.70 -49.29
C ARG Y 204 9.38 -22.50 -49.59
N GLN Y 205 9.40 -23.74 -49.10
CA GLN Y 205 10.52 -24.64 -49.37
C GLN Y 205 10.62 -24.94 -50.86
N ALA Y 206 11.85 -24.93 -51.37
CA ALA Y 206 12.10 -25.16 -52.79
C ALA Y 206 12.27 -26.66 -53.02
N ASP Y 207 11.24 -27.30 -53.55
CA ASP Y 207 11.31 -28.71 -53.94
C ASP Y 207 10.53 -28.89 -55.23
N ASN Y 208 10.43 -30.14 -55.69
CA ASN Y 208 9.77 -30.40 -56.97
C ASN Y 208 8.29 -30.07 -56.93
N GLU Y 209 7.65 -30.25 -55.79
CA GLU Y 209 6.23 -29.93 -55.69
C GLU Y 209 6.00 -28.42 -55.73
N SER Y 210 6.84 -27.65 -55.03
CA SER Y 210 6.73 -26.20 -55.12
C SER Y 210 7.18 -25.67 -56.47
N LYS Y 211 7.95 -26.46 -57.22
CA LYS Y 211 8.36 -26.04 -58.55
C LYS Y 211 7.17 -25.84 -59.47
N LYS Y 212 6.20 -26.76 -59.44
CA LYS Y 212 5.02 -26.62 -60.29
C LYS Y 212 4.21 -25.38 -59.92
N ILE Y 213 4.02 -25.14 -58.63
CA ILE Y 213 3.29 -23.97 -58.17
C ILE Y 213 4.01 -22.71 -58.61
N ALA Y 214 5.33 -22.68 -58.46
CA ALA Y 214 6.10 -21.51 -58.86
C ALA Y 214 6.01 -21.27 -60.36
N LEU Y 215 6.07 -22.35 -61.15
CA LEU Y 215 5.98 -22.20 -62.59
C LEU Y 215 4.61 -21.69 -63.02
N HIS Y 216 3.55 -22.20 -62.39
CA HIS Y 216 2.21 -21.71 -62.70
C HIS Y 216 2.08 -20.24 -62.32
N ARG Y 217 2.59 -19.86 -61.15
CA ARG Y 217 2.54 -18.46 -60.74
C ARG Y 217 3.32 -17.58 -61.71
N ALA Y 218 4.50 -18.02 -62.13
CA ALA Y 218 5.31 -17.23 -63.04
C ALA Y 218 4.61 -17.07 -64.39
N LYS Y 219 4.00 -18.14 -64.89
CA LYS Y 219 3.27 -18.05 -66.14
C LYS Y 219 2.09 -17.09 -66.02
N GLU Y 220 1.38 -17.14 -64.89
CA GLU Y 220 0.26 -16.23 -64.69
C GLU Y 220 0.72 -14.78 -64.62
N ARG Y 221 1.84 -14.53 -63.94
CA ARG Y 221 2.34 -13.17 -63.79
C ARG Y 221 3.16 -12.71 -64.98
N GLY Y 222 3.35 -13.55 -65.98
CA GLY Y 222 3.96 -13.09 -67.21
C GLY Y 222 5.46 -13.15 -67.24
N PHE Y 223 6.07 -14.04 -66.46
CA PHE Y 223 7.52 -14.19 -66.48
C PHE Y 223 7.94 -14.94 -67.73
N HIS Y 224 8.83 -14.34 -68.50
CA HIS Y 224 9.23 -14.91 -69.79
C HIS Y 224 9.96 -16.22 -69.60
N GLY Y 225 9.63 -17.19 -70.44
CA GLY Y 225 10.26 -18.49 -70.39
C GLY Y 225 9.69 -19.43 -69.37
N ALA Y 226 8.72 -19.00 -68.58
CA ALA Y 226 8.07 -19.88 -67.62
C ALA Y 226 6.98 -20.67 -68.33
N LYS Y 227 7.18 -21.98 -68.43
CA LYS Y 227 6.25 -22.87 -69.13
C LYS Y 227 5.52 -23.71 -68.10
N SER Y 228 4.20 -23.52 -68.00
CA SER Y 228 3.35 -24.33 -67.16
C SER Y 228 2.28 -24.97 -68.02
N ASP Y 229 1.88 -26.18 -67.65
CA ASP Y 229 0.87 -26.91 -68.41
C ASP Y 229 -0.45 -26.16 -68.38
N ASP Y 230 -1.17 -26.23 -69.50
CA ASP Y 230 -2.47 -25.57 -69.58
C ASP Y 230 -3.46 -26.16 -68.58
N ASN Y 231 -3.45 -27.49 -68.44
CA ASN Y 231 -4.33 -28.17 -67.49
C ASN Y 231 -3.59 -28.34 -66.17
N TYR Y 232 -3.53 -27.25 -65.41
CA TYR Y 232 -2.82 -27.21 -64.14
C TYR Y 232 -3.79 -27.52 -63.01
N VAL Y 233 -3.40 -28.45 -62.14
CA VAL Y 233 -4.24 -28.87 -61.03
C VAL Y 233 -3.81 -28.12 -59.79
N LYS Y 234 -4.73 -27.35 -59.22
CA LYS Y 234 -4.42 -26.57 -58.03
C LYS Y 234 -4.33 -27.46 -56.79
N THR Y 235 -3.59 -26.98 -55.80
CA THR Y 235 -3.51 -27.62 -54.50
C THR Y 235 -4.37 -26.86 -53.49
N ILE Y 236 -4.47 -27.41 -52.29
CA ILE Y 236 -5.30 -26.79 -51.26
C ILE Y 236 -4.70 -25.45 -50.84
N LYS Y 237 -3.38 -25.34 -50.82
CA LYS Y 237 -2.70 -24.10 -50.44
C LYS Y 237 -1.71 -23.74 -51.54
N GLU Y 238 -1.99 -22.64 -52.25
CA GLU Y 238 -1.10 -22.16 -53.30
C GLU Y 238 -1.49 -20.76 -53.75
N MET Z 1 -6.25 61.65 -35.03
CA MET Z 1 -5.54 60.87 -36.03
C MET Z 1 -4.36 61.63 -36.61
N LYS Z 2 -3.45 60.89 -37.23
CA LYS Z 2 -2.26 61.47 -37.82
C LYS Z 2 -1.75 60.52 -38.89
N LYS Z 3 -1.04 61.06 -39.87
CA LYS Z 3 -0.45 60.25 -40.92
C LYS Z 3 1.06 60.38 -40.86
N ILE Z 4 1.75 59.24 -40.88
CA ILE Z 4 3.20 59.20 -40.91
C ILE Z 4 3.63 58.54 -42.20
N SER Z 5 4.83 58.90 -42.66
CA SER Z 5 5.32 58.39 -43.93
C SER Z 5 5.48 56.87 -43.85
N ARG Z 6 5.21 56.20 -44.97
CA ARG Z 6 5.31 54.75 -44.97
C ARG Z 6 6.73 54.28 -44.70
N LYS Z 7 7.72 55.03 -45.16
CA LYS Z 7 9.11 54.65 -44.90
C LYS Z 7 9.40 54.64 -43.40
N GLU Z 8 8.97 55.69 -42.70
CA GLU Z 8 9.17 55.75 -41.26
C GLU Z 8 8.37 54.66 -40.54
N TYR Z 9 7.13 54.43 -40.98
CA TYR Z 9 6.32 53.40 -40.36
C TYR Z 9 6.97 52.03 -40.51
N VAL Z 10 7.49 51.73 -41.71
CA VAL Z 10 8.08 50.43 -41.95
C VAL Z 10 9.38 50.28 -41.18
N SER Z 11 10.16 51.36 -41.07
CA SER Z 11 11.37 51.31 -40.26
C SER Z 11 11.02 51.02 -38.80
N MET Z 12 9.93 51.59 -38.31
CA MET Z 12 9.57 51.39 -36.90
C MET Z 12 8.99 50.00 -36.65
N TYR Z 13 8.10 49.53 -37.53
CA TYR Z 13 7.31 48.35 -37.23
C TYR Z 13 7.43 47.23 -38.25
N GLY Z 14 8.16 47.42 -39.33
CA GLY Z 14 8.23 46.41 -40.37
C GLY Z 14 7.17 46.64 -41.41
N PRO Z 15 7.26 45.91 -42.52
CA PRO Z 15 6.33 46.15 -43.64
C PRO Z 15 4.90 45.85 -43.26
N THR Z 16 3.98 46.61 -43.84
CA THR Z 16 2.56 46.44 -43.62
C THR Z 16 1.90 46.08 -44.95
N THR Z 17 0.56 46.06 -44.95
CA THR Z 17 -0.18 45.52 -46.09
C THR Z 17 0.19 46.23 -47.38
N GLY Z 18 0.49 45.45 -48.40
CA GLY Z 18 0.87 45.97 -49.69
C GLY Z 18 2.35 46.22 -49.86
N ASP Z 19 3.13 46.14 -48.79
CA ASP Z 19 4.56 46.34 -48.89
C ASP Z 19 5.24 45.04 -49.29
N LYS Z 20 6.30 45.17 -50.09
CA LYS Z 20 7.01 44.04 -50.65
C LYS Z 20 8.42 43.97 -50.09
N VAL Z 21 8.89 42.77 -49.84
CA VAL Z 21 10.24 42.54 -49.33
C VAL Z 21 10.90 41.47 -50.18
N ARG Z 22 12.16 41.70 -50.54
CA ARG Z 22 12.93 40.69 -51.26
C ARG Z 22 13.40 39.64 -50.28
N LEU Z 23 13.36 38.38 -50.70
CA LEU Z 23 13.77 37.27 -49.84
C LEU Z 23 15.23 36.96 -50.10
N GLY Z 24 16.08 37.25 -49.12
CA GLY Z 24 17.50 37.04 -49.28
C GLY Z 24 18.04 37.90 -50.41
N ASP Z 25 19.05 37.38 -51.09
CA ASP Z 25 19.58 38.01 -52.29
C ASP Z 25 18.96 37.46 -53.56
N THR Z 26 17.88 36.70 -53.43
CA THR Z 26 17.20 36.09 -54.57
C THR Z 26 16.39 37.15 -55.30
N ASP Z 27 15.61 36.71 -56.29
CA ASP Z 27 14.71 37.58 -57.04
C ASP Z 27 13.26 37.43 -56.61
N LEU Z 28 13.01 36.77 -55.48
CA LEU Z 28 11.66 36.51 -55.02
C LEU Z 28 11.19 37.66 -54.14
N ILE Z 29 9.99 38.17 -54.43
CA ILE Z 29 9.41 39.30 -53.74
C ILE Z 29 8.14 38.83 -53.04
N ALA Z 30 8.10 38.98 -51.72
CA ALA Z 30 6.94 38.61 -50.94
C ALA Z 30 6.17 39.88 -50.57
N GLU Z 31 4.87 39.87 -50.80
CA GLU Z 31 4.02 41.01 -50.49
C GLU Z 31 3.17 40.70 -49.28
N VAL Z 32 3.10 41.64 -48.35
CA VAL Z 32 2.28 41.46 -47.15
C VAL Z 32 0.82 41.48 -47.56
N GLU Z 33 0.13 40.35 -47.41
CA GLU Z 33 -1.24 40.24 -47.90
C GLU Z 33 -2.22 40.97 -47.00
N HIS Z 34 -2.04 40.89 -45.69
N HIS Z 34 -1.99 40.94 -45.69
CA HIS Z 34 -2.90 41.62 -44.78
CA HIS Z 34 -2.95 41.39 -44.69
C HIS Z 34 -2.18 41.77 -43.45
C HIS Z 34 -2.19 41.73 -43.40
N ASP Z 35 -2.72 42.67 -42.63
CA ASP Z 35 -2.10 43.06 -41.37
C ASP Z 35 -3.13 43.00 -40.27
N TYR Z 36 -2.83 42.30 -39.18
CA TYR Z 36 -3.72 42.22 -38.05
C TYR Z 36 -3.62 43.40 -37.11
N THR Z 37 -2.58 44.21 -37.24
CA THR Z 37 -2.37 45.30 -36.30
C THR Z 37 -3.37 46.43 -36.54
N ILE Z 38 -3.60 47.21 -35.50
CA ILE Z 38 -4.38 48.44 -35.59
C ILE Z 38 -3.39 49.59 -35.53
N TYR Z 39 -3.41 50.43 -36.56
CA TYR Z 39 -2.39 51.46 -36.70
C TYR Z 39 -2.44 52.43 -35.53
N GLY Z 40 -1.28 52.75 -34.98
CA GLY Z 40 -1.18 53.57 -33.80
C GLY Z 40 -1.19 52.81 -32.50
N GLU Z 41 -1.44 51.50 -32.53
CA GLU Z 41 -1.45 50.69 -31.32
C GLU Z 41 -0.42 49.57 -31.38
N GLU Z 42 0.60 49.72 -32.22
CA GLU Z 42 1.58 48.66 -32.39
C GLU Z 42 2.35 48.40 -31.11
N LEU Z 43 2.67 47.13 -30.88
CA LEU Z 43 3.42 46.73 -29.71
C LEU Z 43 4.91 46.92 -29.97
N LYS Z 44 5.57 47.67 -29.10
CA LYS Z 44 7.00 47.89 -29.21
C LYS Z 44 7.62 47.74 -27.84
N PHE Z 45 8.81 47.14 -27.79
CA PHE Z 45 9.55 47.00 -26.56
C PHE Z 45 10.80 47.87 -26.61
N GLY Z 46 11.06 48.57 -25.52
CA GLY Z 46 12.22 49.45 -25.47
C GLY Z 46 12.14 50.36 -24.26
N GLY Z 47 12.94 51.41 -24.29
CA GLY Z 47 13.01 52.36 -23.19
C GLY Z 47 11.68 52.98 -22.83
N GLY Z 48 11.12 53.77 -23.75
CA GLY Z 48 9.84 54.39 -23.52
C GLY Z 48 8.80 53.91 -24.51
N LYS Z 49 8.83 52.63 -24.83
CA LYS Z 49 7.95 52.06 -25.83
C LYS Z 49 6.64 51.62 -25.18
N THR Z 50 5.83 50.86 -25.91
CA THR Z 50 4.47 50.60 -25.45
C THR Z 50 4.39 49.37 -24.56
N LEU Z 51 5.27 48.39 -24.73
CA LEU Z 51 5.18 47.17 -23.93
C LEU Z 51 5.65 47.43 -22.51
N ARG Z 52 4.86 48.21 -21.76
CA ARG Z 52 5.22 48.59 -20.41
C ARG Z 52 4.03 48.34 -19.49
N GLU Z 53 4.32 48.28 -18.19
CA GLU Z 53 3.31 48.00 -17.19
C GLU Z 53 2.18 49.02 -17.26
N GLY Z 54 0.99 48.56 -17.62
CA GLY Z 54 -0.19 49.39 -17.65
C GLY Z 54 -0.56 49.94 -19.01
N MET Z 55 0.38 49.96 -19.96
CA MET Z 55 0.09 50.47 -21.29
C MET Z 55 -0.26 49.35 -22.27
N SER Z 56 0.68 48.44 -22.53
CA SER Z 56 0.43 47.27 -23.34
C SER Z 56 0.57 45.97 -22.59
N GLN Z 57 1.29 45.96 -21.48
CA GLN Z 57 1.29 44.84 -20.57
C GLN Z 57 0.17 45.04 -19.56
N SER Z 58 -0.81 44.15 -19.57
CA SER Z 58 -2.00 44.33 -18.75
C SER Z 58 -1.68 44.18 -17.28
N ASN Z 59 -2.29 45.03 -16.46
CA ASN Z 59 -2.26 44.85 -15.02
C ASN Z 59 -3.37 43.95 -14.51
N ASN Z 60 -4.38 43.67 -15.35
CA ASN Z 60 -5.41 42.69 -15.06
C ASN Z 60 -5.50 41.76 -16.26
N PRO Z 61 -4.51 40.90 -16.45
CA PRO Z 61 -4.47 40.07 -17.66
C PRO Z 61 -5.52 38.97 -17.62
N SER Z 62 -5.82 38.46 -18.81
CA SER Z 62 -6.71 37.32 -18.89
C SER Z 62 -6.01 36.07 -18.35
N LYS Z 63 -6.81 35.06 -18.05
CA LYS Z 63 -6.25 33.81 -17.55
C LYS Z 63 -5.43 33.07 -18.61
N GLU Z 64 -5.63 33.40 -19.88
CA GLU Z 64 -4.83 32.86 -20.98
C GLU Z 64 -3.63 33.72 -21.29
N GLU Z 65 -3.08 34.40 -20.28
CA GLU Z 65 -1.96 35.31 -20.47
C GLU Z 65 -0.78 34.60 -21.09
N LEU Z 66 -0.20 35.23 -22.12
CA LEU Z 66 0.85 34.61 -22.90
C LEU Z 66 2.13 34.45 -22.09
N ASP Z 67 2.90 33.41 -22.43
CA ASP Z 67 4.24 33.26 -21.90
C ASP Z 67 5.26 34.03 -22.72
N LEU Z 68 5.08 34.08 -24.03
CA LEU Z 68 5.97 34.81 -24.91
C LEU Z 68 5.16 35.41 -26.05
N ILE Z 69 5.50 36.63 -26.44
CA ILE Z 69 4.85 37.27 -27.58
C ILE Z 69 5.92 37.77 -28.54
N ILE Z 70 5.75 37.45 -29.81
CA ILE Z 70 6.60 37.97 -30.88
C ILE Z 70 5.84 39.10 -31.55
N THR Z 71 6.41 40.30 -31.52
CA THR Z 71 5.69 41.49 -31.95
C THR Z 71 6.04 41.85 -33.39
N ASN Z 72 5.00 42.21 -34.15
CA ASN Z 72 5.15 42.79 -35.49
C ASN Z 72 5.90 41.85 -36.44
N ALA Z 73 5.70 40.55 -36.28
CA ALA Z 73 6.40 39.58 -37.10
C ALA Z 73 5.72 39.44 -38.45
N LEU Z 74 6.52 39.34 -39.51
CA LEU Z 74 6.00 39.03 -40.83
C LEU Z 74 5.95 37.52 -40.94
N ILE Z 75 4.78 36.95 -40.72
CA ILE Z 75 4.59 35.51 -40.80
C ILE Z 75 4.55 35.10 -42.26
N VAL Z 76 5.48 34.24 -42.65
CA VAL Z 76 5.50 33.65 -43.98
C VAL Z 76 5.16 32.19 -43.81
N ASP Z 77 4.00 31.78 -44.32
CA ASP Z 77 3.48 30.44 -44.09
C ASP Z 77 2.68 30.04 -45.31
N TYR Z 78 2.44 28.74 -45.43
CA TYR Z 78 1.59 28.26 -46.53
C TYR Z 78 0.17 28.80 -46.40
N THR Z 79 -0.25 29.16 -45.19
CA THR Z 79 -1.57 29.74 -44.99
C THR Z 79 -1.65 31.20 -45.42
N GLY Z 80 -0.52 31.85 -45.67
CA GLY Z 80 -0.51 33.21 -46.13
C GLY Z 80 0.70 33.95 -45.63
N ILE Z 81 1.02 35.05 -46.31
CA ILE Z 81 2.12 35.92 -45.94
C ILE Z 81 1.49 37.18 -45.37
N TYR Z 82 1.50 37.31 -44.05
CA TYR Z 82 0.80 38.40 -43.40
C TYR Z 82 1.62 38.92 -42.24
N LYS Z 83 1.11 39.93 -41.56
CA LYS Z 83 1.81 40.60 -40.47
C LYS Z 83 0.98 40.46 -39.21
N ALA Z 84 1.60 39.99 -38.13
CA ALA Z 84 0.83 39.77 -36.91
C ALA Z 84 1.77 39.65 -35.72
N ASP Z 85 1.17 39.59 -34.54
CA ASP Z 85 1.86 39.20 -33.31
C ASP Z 85 1.57 37.75 -33.04
N ILE Z 86 2.60 36.99 -32.68
CA ILE Z 86 2.47 35.57 -32.40
C ILE Z 86 2.55 35.38 -30.89
N GLY Z 87 1.50 34.82 -30.30
CA GLY Z 87 1.48 34.52 -28.89
C GLY Z 87 1.78 33.06 -28.66
N ILE Z 88 2.64 32.78 -27.69
CA ILE Z 88 3.03 31.43 -27.36
C ILE Z 88 2.70 31.20 -25.90
N LYS Z 89 1.99 30.11 -25.61
CA LYS Z 89 1.62 29.77 -24.25
C LYS Z 89 1.70 28.26 -24.08
N ASP Z 90 2.42 27.83 -23.04
CA ASP Z 90 2.56 26.41 -22.71
C ASP Z 90 3.16 25.61 -23.88
N GLY Z 91 4.08 26.23 -24.60
CA GLY Z 91 4.78 25.56 -25.66
C GLY Z 91 4.03 25.46 -26.97
N LYS Z 92 2.81 25.97 -27.04
CA LYS Z 92 2.02 25.98 -28.26
C LYS Z 92 1.82 27.42 -28.72
N ILE Z 93 1.40 27.56 -29.97
CA ILE Z 93 1.03 28.87 -30.50
C ILE Z 93 -0.36 29.18 -29.98
N ALA Z 94 -0.45 30.10 -29.02
CA ALA Z 94 -1.72 30.37 -28.37
C ALA Z 94 -2.63 31.24 -29.23
N GLY Z 95 -2.05 32.15 -29.99
CA GLY Z 95 -2.85 33.00 -30.85
C GLY Z 95 -2.03 33.77 -31.84
N ILE Z 96 -2.65 34.16 -32.95
CA ILE Z 96 -2.01 34.97 -33.98
C ILE Z 96 -2.94 36.13 -34.28
N GLY Z 97 -2.42 37.35 -34.13
CA GLY Z 97 -3.22 38.52 -34.38
C GLY Z 97 -2.71 39.74 -33.65
N LYS Z 98 -3.62 40.56 -33.14
CA LYS Z 98 -3.25 41.76 -32.41
C LYS Z 98 -3.20 41.45 -30.92
N GLY Z 99 -2.01 41.54 -30.34
CA GLY Z 99 -1.84 41.34 -28.92
C GLY Z 99 -1.71 42.67 -28.19
N GLY Z 100 -1.74 42.58 -26.86
CA GLY Z 100 -1.59 43.76 -26.05
C GLY Z 100 -2.45 43.77 -24.80
N ASN Z 101 -2.84 44.97 -24.38
CA ASN Z 101 -3.60 45.17 -23.15
C ASN Z 101 -5.03 45.54 -23.52
N LYS Z 102 -5.98 44.73 -23.06
CA LYS Z 102 -7.38 45.01 -23.32
C LYS Z 102 -7.86 46.26 -22.58
N ASP Z 103 -7.19 46.64 -21.50
CA ASP Z 103 -7.62 47.80 -20.72
C ASP Z 103 -7.38 49.10 -21.47
N MET Z 104 -6.39 49.14 -22.37
CA MET Z 104 -5.99 50.39 -23.01
C MET Z 104 -5.94 50.32 -24.52
N GLN Z 105 -6.22 49.17 -25.12
CA GLN Z 105 -6.22 49.02 -26.57
C GLN Z 105 -7.45 48.26 -27.00
N ASP Z 106 -7.87 48.50 -28.23
CA ASP Z 106 -9.05 47.85 -28.79
C ASP Z 106 -8.65 46.66 -29.65
N GLY Z 107 -9.58 45.72 -29.78
CA GLY Z 107 -9.37 44.56 -30.62
C GLY Z 107 -8.30 43.61 -30.15
N VAL Z 108 -8.24 43.34 -28.85
CA VAL Z 108 -7.28 42.39 -28.27
C VAL Z 108 -8.08 41.22 -27.74
N LYS Z 109 -7.90 40.05 -28.35
CA LYS Z 109 -8.61 38.86 -27.91
C LYS Z 109 -8.01 38.33 -26.62
N ASN Z 110 -8.77 37.47 -25.94
CA ASN Z 110 -8.34 36.94 -24.66
C ASN Z 110 -7.10 36.06 -24.79
N ASN Z 111 -6.93 35.40 -25.93
CA ASN Z 111 -5.79 34.51 -26.11
C ASN Z 111 -4.53 35.24 -26.53
N LEU Z 112 -4.60 36.54 -26.79
CA LEU Z 112 -3.41 37.33 -27.11
C LEU Z 112 -3.15 38.38 -26.04
N SER Z 113 -3.45 38.05 -24.79
CA SER Z 113 -3.34 39.01 -23.69
C SER Z 113 -1.91 39.03 -23.17
N VAL Z 114 -1.29 40.20 -23.24
CA VAL Z 114 0.06 40.39 -22.71
C VAL Z 114 -0.07 40.81 -21.25
N GLY Z 115 0.67 40.12 -20.38
CA GLY Z 115 0.60 40.41 -18.97
C GLY Z 115 1.97 40.38 -18.31
N PRO Z 116 1.99 40.44 -16.98
CA PRO Z 116 3.28 40.44 -16.27
C PRO Z 116 4.08 39.16 -16.43
N ALA Z 117 3.45 38.07 -16.84
CA ALA Z 117 4.15 36.81 -17.04
C ALA Z 117 4.66 36.63 -18.46
N THR Z 118 4.60 37.68 -19.27
CA THR Z 118 4.91 37.58 -20.69
C THR Z 118 6.31 38.10 -20.98
N GLU Z 119 7.09 37.31 -21.70
CA GLU Z 119 8.34 37.76 -22.29
C GLU Z 119 8.08 38.31 -23.68
N ALA Z 120 8.87 39.30 -24.07
CA ALA Z 120 8.68 40.00 -25.34
C ALA Z 120 9.83 39.68 -26.28
N LEU Z 121 9.51 39.50 -27.56
CA LEU Z 121 10.50 39.23 -28.60
C LEU Z 121 10.18 40.11 -29.79
N ALA Z 122 11.10 41.01 -30.12
CA ALA Z 122 10.88 41.99 -31.19
C ALA Z 122 11.04 41.30 -32.54
N GLY Z 123 9.92 41.04 -33.19
CA GLY Z 123 9.94 40.52 -34.54
C GLY Z 123 9.79 41.56 -35.62
N GLU Z 124 9.82 42.85 -35.29
CA GLU Z 124 9.66 43.88 -36.29
C GLU Z 124 10.81 43.84 -37.29
N GLY Z 125 10.46 43.81 -38.57
CA GLY Z 125 11.46 43.63 -39.59
C GLY Z 125 11.98 42.23 -39.71
N LEU Z 126 11.34 41.25 -39.08
CA LEU Z 126 11.77 39.87 -39.11
C LEU Z 126 10.67 38.98 -39.66
N ILE Z 127 11.08 38.00 -40.45
CA ILE Z 127 10.19 36.99 -41.00
C ILE Z 127 10.13 35.83 -40.03
N VAL Z 128 8.95 35.28 -39.81
CA VAL Z 128 8.76 34.11 -38.97
C VAL Z 128 8.21 32.99 -39.84
N THR Z 129 8.90 31.86 -39.85
CA THR Z 129 8.42 30.69 -40.54
C THR Z 129 8.37 29.51 -39.57
N ALA Z 130 7.67 28.46 -39.97
CA ALA Z 130 7.73 27.22 -39.22
C ALA Z 130 9.10 26.60 -39.40
N GLY Z 131 9.51 25.81 -38.41
CA GLY Z 131 10.77 25.11 -38.54
C GLY Z 131 10.74 24.10 -39.67
N GLY Z 132 11.89 23.88 -40.27
CA GLY Z 132 11.99 22.89 -41.32
C GLY Z 132 11.76 21.49 -40.82
N ILE Z 133 11.29 20.64 -41.73
CA ILE Z 133 11.06 19.23 -41.48
C ILE Z 133 11.83 18.46 -42.53
N ASP Z 134 12.85 17.73 -42.11
CA ASP Z 134 13.69 16.95 -43.00
C ASP Z 134 13.37 15.48 -42.79
N THR Z 135 12.91 14.80 -43.83
CA THR Z 135 12.35 13.47 -43.69
C THR Z 135 13.24 12.37 -44.27
N HIS Z 136 14.42 12.69 -44.76
CA HIS Z 136 15.30 11.70 -45.36
C HIS Z 136 16.60 11.55 -44.58
N ILE Z 137 16.57 11.79 -43.28
CA ILE Z 137 17.80 11.93 -42.53
C ILE Z 137 18.45 10.58 -42.32
N HIS Z 138 19.65 10.41 -42.86
CA HIS Z 138 20.50 9.29 -42.49
C HIS Z 138 21.19 9.65 -41.19
N PHE Z 139 20.77 9.04 -40.09
CA PHE Z 139 21.36 9.38 -38.81
C PHE Z 139 22.76 8.77 -38.73
N ILE Z 140 23.70 9.35 -39.46
CA ILE Z 140 25.05 8.82 -39.50
C ILE Z 140 25.87 9.34 -38.34
N SER Z 141 25.82 10.64 -38.09
CA SER Z 141 26.49 11.22 -36.95
C SER Z 141 25.56 12.17 -36.24
N PRO Z 142 25.68 12.28 -34.91
CA PRO Z 142 24.87 13.26 -34.18
C PRO Z 142 25.22 14.70 -34.51
N GLN Z 143 26.38 14.96 -35.10
CA GLN Z 143 26.74 16.32 -35.47
C GLN Z 143 25.90 16.87 -36.60
N GLN Z 144 25.15 16.01 -37.30
CA GLN Z 144 24.20 16.50 -38.30
C GLN Z 144 23.11 17.32 -37.64
N ILE Z 145 22.70 16.95 -36.43
CA ILE Z 145 21.56 17.61 -35.80
C ILE Z 145 21.81 19.08 -35.52
N PRO Z 146 22.91 19.49 -34.90
CA PRO Z 146 23.17 20.93 -34.76
C PRO Z 146 23.32 21.65 -36.09
N THR Z 147 23.85 20.99 -37.12
CA THR Z 147 23.99 21.63 -38.42
C THR Z 147 22.63 21.95 -39.03
N ALA Z 148 21.72 20.97 -39.04
CA ALA Z 148 20.38 21.20 -39.55
C ALA Z 148 19.64 22.22 -38.69
N PHE Z 149 19.82 22.15 -37.37
CA PHE Z 149 19.19 23.11 -36.48
C PHE Z 149 19.62 24.53 -36.81
N ALA Z 150 20.92 24.74 -37.00
CA ALA Z 150 21.40 26.06 -37.37
C ALA Z 150 20.93 26.46 -38.76
N SER Z 151 20.68 25.49 -39.63
CA SER Z 151 20.15 25.82 -40.95
C SER Z 151 18.67 26.19 -40.89
N GLY Z 152 17.95 25.77 -39.86
CA GLY Z 152 16.57 26.17 -39.73
C GLY Z 152 15.60 25.01 -39.73
N VAL Z 153 16.12 23.81 -39.54
CA VAL Z 153 15.32 22.59 -39.50
C VAL Z 153 15.07 22.23 -38.05
N THR Z 154 13.81 22.06 -37.68
CA THR Z 154 13.48 21.74 -36.29
C THR Z 154 12.96 20.32 -36.11
N THR Z 155 12.60 19.63 -37.18
CA THR Z 155 12.16 18.24 -37.08
C THR Z 155 12.98 17.39 -38.04
N MET Z 156 13.49 16.26 -37.55
CA MET Z 156 14.24 15.32 -38.34
C MET Z 156 13.59 13.95 -38.21
N ILE Z 157 13.11 13.43 -39.33
CA ILE Z 157 12.59 12.08 -39.42
C ILE Z 157 13.56 11.29 -40.28
N GLY Z 158 14.02 10.17 -39.77
CA GLY Z 158 14.95 9.38 -40.52
C GLY Z 158 15.26 8.10 -39.80
N GLY Z 159 16.37 7.49 -40.21
CA GLY Z 159 16.78 6.25 -39.59
C GLY Z 159 18.28 6.16 -39.60
N GLY Z 160 18.78 5.22 -38.82
CA GLY Z 160 20.21 5.03 -38.72
C GLY Z 160 20.64 4.69 -37.32
N THR Z 161 21.86 4.18 -37.19
CA THR Z 161 22.39 3.76 -35.90
C THR Z 161 23.82 4.24 -35.72
N GLY Z 162 24.18 5.35 -36.33
CA GLY Z 162 25.56 5.77 -36.36
C GLY Z 162 26.20 5.38 -37.67
N PRO Z 163 27.50 5.57 -37.78
CA PRO Z 163 28.15 5.38 -39.07
C PRO Z 163 28.37 3.92 -39.44
N ALA Z 164 27.36 3.08 -39.24
CA ALA Z 164 27.40 1.76 -39.81
C ALA Z 164 27.16 1.87 -41.32
N ASP Z 165 27.59 0.84 -42.05
CA ASP Z 165 27.43 0.86 -43.50
C ASP Z 165 25.96 0.81 -43.89
N GLY Z 166 25.16 0.06 -43.13
CA GLY Z 166 23.73 0.04 -43.37
C GLY Z 166 23.11 1.42 -43.24
N THR Z 167 23.59 2.21 -42.28
CA THR Z 167 23.09 3.56 -42.12
C THR Z 167 23.65 4.50 -43.18
N ASN Z 168 24.91 4.33 -43.54
CA ASN Z 168 25.49 5.13 -44.61
C ASN Z 168 24.72 4.96 -45.90
N ALA Z 169 24.19 3.77 -46.14
CA ALA Z 169 23.41 3.54 -47.35
C ALA Z 169 21.94 3.90 -47.19
N THR Z 170 21.33 3.58 -46.05
CA THR Z 170 19.89 3.57 -45.92
C THR Z 170 19.44 4.42 -44.74
N THR Z 171 18.18 4.86 -44.81
CA THR Z 171 17.55 5.65 -43.77
C THR Z 171 16.76 4.74 -42.82
N ILE Z 172 17.45 3.79 -42.22
CA ILE Z 172 16.79 2.68 -41.53
C ILE Z 172 17.38 2.50 -40.15
N THR Z 173 16.51 2.40 -39.15
CA THR Z 173 16.88 2.02 -37.79
C THR Z 173 16.31 0.62 -37.55
N PRO Z 174 17.08 -0.43 -37.76
CA PRO Z 174 16.49 -1.76 -37.79
C PRO Z 174 16.34 -2.41 -36.42
N GLY Z 175 15.12 -2.75 -36.05
CA GLY Z 175 14.91 -3.62 -34.92
C GLY Z 175 14.54 -2.89 -33.65
N ARG Z 176 13.94 -3.64 -32.73
CA ARG Z 176 13.49 -3.07 -31.46
C ARG Z 176 14.67 -2.56 -30.63
N ARG Z 177 15.76 -3.32 -30.57
CA ARG Z 177 16.89 -2.91 -29.75
C ARG Z 177 17.56 -1.66 -30.30
N ASN Z 178 17.76 -1.61 -31.61
CA ASN Z 178 18.38 -0.42 -32.20
C ASN Z 178 17.46 0.78 -32.08
N LEU Z 179 16.15 0.56 -32.21
CA LEU Z 179 15.20 1.65 -32.00
C LEU Z 179 15.29 2.16 -30.57
N LYS Z 180 15.44 1.26 -29.60
CA LYS Z 180 15.62 1.70 -28.21
C LYS Z 180 16.90 2.50 -28.06
N TRP Z 181 17.99 2.03 -28.69
CA TRP Z 181 19.24 2.78 -28.66
C TRP Z 181 19.03 4.20 -29.15
N MET Z 182 18.38 4.35 -30.30
CA MET Z 182 18.23 5.67 -30.91
C MET Z 182 17.26 6.53 -30.11
N LEU Z 183 16.18 5.95 -29.61
CA LEU Z 183 15.22 6.73 -28.84
C LEU Z 183 15.82 7.23 -27.54
N ARG Z 184 16.66 6.41 -26.89
CA ARG Z 184 17.30 6.87 -25.68
C ARG Z 184 18.43 7.85 -25.96
N ALA Z 185 19.13 7.72 -27.09
CA ALA Z 185 20.13 8.71 -27.44
C ALA Z 185 19.49 10.03 -27.84
N ALA Z 186 18.23 10.00 -28.31
CA ALA Z 186 17.57 11.21 -28.77
C ALA Z 186 17.35 12.23 -27.66
N GLU Z 187 17.42 11.81 -26.39
CA GLU Z 187 17.21 12.74 -25.29
C GLU Z 187 18.21 13.86 -25.26
N GLU Z 188 19.36 13.69 -25.93
CA GLU Z 188 20.43 14.68 -25.88
C GLU Z 188 20.15 15.90 -26.74
N TYR Z 189 19.44 15.75 -27.85
CA TYR Z 189 19.45 16.74 -28.91
C TYR Z 189 18.26 17.68 -28.82
N SER Z 190 18.47 18.89 -29.33
CA SER Z 190 17.43 19.91 -29.41
C SER Z 190 16.86 19.89 -30.83
N MET Z 191 15.98 18.91 -31.06
CA MET Z 191 15.37 18.70 -32.37
C MET Z 191 14.28 17.66 -32.20
N ASN Z 192 13.12 17.89 -32.82
CA ASN Z 192 12.11 16.85 -32.85
C ASN Z 192 12.62 15.70 -33.69
N LEU Z 193 12.40 14.48 -33.23
CA LEU Z 193 13.02 13.33 -33.86
C LEU Z 193 12.00 12.22 -34.08
N GLY Z 194 12.07 11.61 -35.25
CA GLY Z 194 11.28 10.43 -35.55
C GLY Z 194 12.11 9.40 -36.26
N PHE Z 195 11.88 8.12 -35.99
CA PHE Z 195 12.74 7.06 -36.52
C PHE Z 195 11.93 6.09 -37.36
N LEU Z 196 12.52 5.68 -38.48
CA LEU Z 196 11.94 4.73 -39.41
C LEU Z 196 12.59 3.38 -39.24
N ALA Z 197 11.79 2.33 -39.35
CA ALA Z 197 12.27 0.97 -39.19
C ALA Z 197 12.60 0.37 -40.55
N LYS Z 198 13.10 -0.87 -40.54
CA LYS Z 198 13.43 -1.58 -41.75
C LYS Z 198 12.18 -2.22 -42.33
N GLY Z 199 11.80 -1.81 -43.54
CA GLY Z 199 10.64 -2.38 -44.18
C GLY Z 199 10.99 -3.53 -45.09
N ASN Z 200 12.29 -3.72 -45.35
CA ASN Z 200 12.75 -4.80 -46.23
C ASN Z 200 12.69 -6.11 -45.47
N ALA Z 201 11.48 -6.66 -45.37
CA ALA Z 201 11.28 -7.94 -44.72
C ALA Z 201 9.93 -8.48 -45.15
N SER Z 202 9.90 -9.78 -45.47
CA SER Z 202 8.65 -10.46 -45.77
C SER Z 202 8.02 -11.07 -44.52
N ASN Z 203 8.34 -10.54 -43.34
CA ASN Z 203 7.85 -11.08 -42.08
C ASN Z 203 6.98 -10.01 -41.40
N ASP Z 204 5.67 -10.25 -41.42
CA ASP Z 204 4.73 -9.33 -40.79
C ASP Z 204 5.01 -9.20 -39.31
N ALA Z 205 5.40 -10.29 -38.65
CA ALA Z 205 5.70 -10.23 -37.23
C ALA Z 205 6.87 -9.29 -36.96
N SER Z 206 7.94 -9.39 -37.74
CA SER Z 206 9.08 -8.51 -37.54
C SER Z 206 8.73 -7.06 -37.81
N LEU Z 207 7.98 -6.79 -38.89
CA LEU Z 207 7.61 -5.42 -39.19
C LEU Z 207 6.74 -4.82 -38.09
N ALA Z 208 5.76 -5.59 -37.62
CA ALA Z 208 4.89 -5.12 -36.55
C ALA Z 208 5.67 -4.92 -35.27
N ASP Z 209 6.65 -5.79 -34.99
CA ASP Z 209 7.46 -5.63 -33.80
C ASP Z 209 8.23 -4.33 -33.85
N GLN Z 210 8.78 -3.97 -35.01
CA GLN Z 210 9.47 -2.70 -35.11
C GLN Z 210 8.52 -1.52 -34.87
N ILE Z 211 7.33 -1.56 -35.47
CA ILE Z 211 6.39 -0.46 -35.28
C ILE Z 211 6.01 -0.33 -33.80
N GLU Z 212 5.72 -1.46 -33.15
CA GLU Z 212 5.38 -1.41 -31.73
C GLU Z 212 6.59 -1.00 -30.89
N ALA Z 213 7.81 -1.26 -31.37
CA ALA Z 213 9.00 -0.81 -30.67
C ALA Z 213 9.18 0.69 -30.78
N GLY Z 214 8.59 1.33 -31.77
CA GLY Z 214 8.52 2.77 -31.71
C GLY Z 214 8.77 3.54 -32.99
N ALA Z 215 9.01 2.84 -34.08
CA ALA Z 215 9.22 3.52 -35.36
C ALA Z 215 7.93 4.19 -35.82
N ILE Z 216 8.08 5.34 -36.49
CA ILE Z 216 6.93 6.04 -37.04
C ILE Z 216 6.62 5.63 -38.46
N GLY Z 217 7.37 4.70 -39.02
CA GLY Z 217 7.12 4.28 -40.39
C GLY Z 217 8.17 3.29 -40.80
N PHE Z 218 8.06 2.86 -42.05
CA PHE Z 218 8.98 1.91 -42.64
C PHE Z 218 9.78 2.59 -43.74
N LYS Z 219 11.01 2.14 -43.91
CA LYS Z 219 11.83 2.53 -45.05
C LYS Z 219 12.23 1.28 -45.79
N ILE Z 220 11.87 1.21 -47.06
CA ILE Z 220 12.26 0.10 -47.93
C ILE Z 220 13.36 0.63 -48.83
N HIS Z 221 14.58 0.22 -48.58
CA HIS Z 221 15.74 0.72 -49.31
C HIS Z 221 16.31 -0.38 -50.19
N GLU Z 222 16.77 0.00 -51.39
CA GLU Z 222 17.33 -0.98 -52.31
C GLU Z 222 18.52 -1.72 -51.71
N ASP Z 223 19.28 -1.08 -50.83
CA ASP Z 223 20.48 -1.74 -50.31
C ASP Z 223 20.16 -2.89 -49.36
N TRP Z 224 18.98 -2.89 -48.75
CA TRP Z 224 18.52 -4.03 -47.98
C TRP Z 224 17.63 -4.96 -48.80
N GLY Z 225 17.40 -4.63 -50.07
CA GLY Z 225 16.60 -5.46 -50.95
C GLY Z 225 15.19 -4.92 -51.11
N THR Z 226 14.94 -4.20 -52.20
CA THR Z 226 13.61 -3.67 -52.49
C THR Z 226 12.94 -4.64 -53.45
N THR Z 227 12.26 -5.61 -52.90
CA THR Z 227 11.56 -6.57 -53.70
C THR Z 227 10.06 -6.34 -53.62
N PRO Z 228 9.31 -6.73 -54.64
CA PRO Z 228 7.85 -6.56 -54.57
C PRO Z 228 7.21 -7.24 -53.38
N SER Z 229 7.74 -8.39 -52.97
CA SER Z 229 7.21 -9.07 -51.80
C SER Z 229 7.39 -8.21 -50.54
N ALA Z 230 8.58 -7.64 -50.38
CA ALA Z 230 8.84 -6.78 -49.22
C ALA Z 230 7.97 -5.55 -49.26
N ILE Z 231 7.80 -4.94 -50.44
CA ILE Z 231 6.94 -3.77 -50.56
C ILE Z 231 5.52 -4.11 -50.14
N ASN Z 232 5.02 -5.25 -50.62
CA ASN Z 232 3.65 -5.64 -50.31
C ASN Z 232 3.46 -5.87 -48.82
N HIS Z 233 4.39 -6.62 -48.20
CA HIS Z 233 4.25 -6.91 -46.77
C HIS Z 233 4.36 -5.66 -45.93
N ALA Z 234 5.32 -4.79 -46.26
CA ALA Z 234 5.47 -3.56 -45.49
C ALA Z 234 4.23 -2.68 -45.62
N LEU Z 235 3.66 -2.60 -46.82
CA LEU Z 235 2.46 -1.78 -46.98
C LEU Z 235 1.28 -2.37 -46.22
N ASP Z 236 1.17 -3.70 -46.18
CA ASP Z 236 0.10 -4.31 -45.38
C ASP Z 236 0.25 -3.98 -43.90
N VAL Z 237 1.45 -4.15 -43.36
CA VAL Z 237 1.65 -3.88 -41.94
C VAL Z 237 1.46 -2.40 -41.64
N ALA Z 238 1.89 -1.53 -42.55
CA ALA Z 238 1.73 -0.10 -42.33
C ALA Z 238 0.28 0.33 -42.41
N ASP Z 239 -0.51 -0.30 -43.28
CA ASP Z 239 -1.93 0.00 -43.27
C ASP Z 239 -2.58 -0.49 -41.99
N LYS Z 240 -2.08 -1.59 -41.43
CA LYS Z 240 -2.59 -2.06 -40.15
C LYS Z 240 -2.27 -1.07 -39.02
N TYR Z 241 -1.06 -0.52 -39.01
CA TYR Z 241 -0.59 0.27 -37.87
C TYR Z 241 -0.61 1.77 -38.10
N ASP Z 242 -1.13 2.24 -39.24
CA ASP Z 242 -1.22 3.67 -39.56
C ASP Z 242 0.13 4.36 -39.44
N VAL Z 243 1.09 3.91 -40.25
CA VAL Z 243 2.39 4.53 -40.32
C VAL Z 243 2.78 4.70 -41.78
N GLN Z 244 3.63 5.69 -42.05
CA GLN Z 244 4.06 5.95 -43.40
C GLN Z 244 5.04 4.90 -43.87
N VAL Z 245 5.11 4.69 -45.18
CA VAL Z 245 6.13 3.89 -45.82
C VAL Z 245 6.86 4.76 -46.83
N ALA Z 246 8.18 4.80 -46.73
CA ALA Z 246 9.03 5.46 -47.70
C ALA Z 246 9.81 4.40 -48.47
N ILE Z 247 10.11 4.69 -49.73
CA ILE Z 247 10.77 3.73 -50.58
C ILE Z 247 11.89 4.40 -51.37
N HIS Z 248 13.02 3.72 -51.45
CA HIS Z 248 14.12 4.01 -52.36
C HIS Z 248 14.26 2.78 -53.24
N THR Z 249 13.76 2.88 -54.47
CA THR Z 249 13.47 1.73 -55.30
C THR Z 249 14.74 1.04 -55.79
N ASP Z 250 14.55 -0.12 -56.41
CA ASP Z 250 15.65 -0.95 -56.88
C ASP Z 250 16.33 -0.29 -58.07
N THR Z 251 17.64 -0.06 -57.95
CA THR Z 251 18.42 0.52 -59.03
C THR Z 251 18.72 -0.49 -60.13
N LEU Z 252 18.84 -1.77 -59.79
CA LEU Z 252 19.36 -2.77 -60.71
C LEU Z 252 18.29 -3.42 -61.58
N ASN Z 253 17.01 -3.14 -61.33
CA ASN Z 253 15.92 -3.84 -62.00
C ASN Z 253 16.02 -5.35 -61.82
N GLU Z 254 16.50 -5.77 -60.65
CA GLU Z 254 16.72 -7.19 -60.41
C GLU Z 254 15.41 -7.96 -60.45
N ALA Z 255 14.42 -7.52 -59.68
CA ALA Z 255 13.14 -8.21 -59.60
C ALA Z 255 12.09 -7.65 -60.55
N GLY Z 256 12.26 -6.42 -61.03
CA GLY Z 256 11.31 -5.85 -61.94
C GLY Z 256 11.61 -4.39 -62.17
N CYS Z 257 10.79 -3.79 -63.02
CA CYS Z 257 10.92 -2.40 -63.39
C CYS Z 257 9.96 -1.53 -62.57
N VAL Z 258 9.83 -0.27 -62.98
CA VAL Z 258 8.97 0.67 -62.28
C VAL Z 258 7.53 0.17 -62.27
N GLU Z 259 7.10 -0.46 -63.37
CA GLU Z 259 5.75 -1.00 -63.42
C GLU Z 259 5.53 -2.07 -62.36
N ASP Z 260 6.52 -2.94 -62.18
CA ASP Z 260 6.40 -3.98 -61.16
C ASP Z 260 6.42 -3.39 -59.75
N THR Z 261 7.26 -2.38 -59.53
CA THR Z 261 7.26 -1.71 -58.23
C THR Z 261 5.91 -1.05 -57.94
N MET Z 262 5.34 -0.38 -58.95
CA MET Z 262 4.04 0.24 -58.77
C MET Z 262 2.93 -0.79 -58.58
N ALA Z 263 3.05 -1.94 -59.23
CA ALA Z 263 2.08 -3.02 -59.02
C ALA Z 263 2.16 -3.55 -57.59
N ALA Z 264 3.37 -3.69 -57.06
CA ALA Z 264 3.52 -4.09 -55.67
C ALA Z 264 2.95 -3.05 -54.73
N ILE Z 265 3.17 -1.77 -55.03
CA ILE Z 265 2.59 -0.70 -54.21
C ILE Z 265 1.08 -0.79 -54.24
N ALA Z 266 0.50 -1.05 -55.42
CA ALA Z 266 -0.93 -1.34 -55.56
C ALA Z 266 -1.79 -0.18 -55.07
N GLY Z 267 -1.41 1.03 -55.45
CA GLY Z 267 -2.23 2.20 -55.17
C GLY Z 267 -2.40 2.52 -53.70
N ARG Z 268 -1.38 2.26 -52.90
CA ARG Z 268 -1.38 2.62 -51.50
C ARG Z 268 -0.40 3.76 -51.28
N THR Z 269 -0.68 4.59 -50.28
CA THR Z 269 0.12 5.78 -50.04
C THR Z 269 1.56 5.41 -49.79
N MET Z 270 2.46 5.99 -50.58
CA MET Z 270 3.87 5.69 -50.48
C MET Z 270 4.67 6.97 -50.69
N HIS Z 271 5.67 7.20 -49.85
CA HIS Z 271 6.53 8.36 -49.93
C HIS Z 271 7.82 7.94 -50.61
N THR Z 272 8.11 8.54 -51.76
CA THR Z 272 9.22 8.08 -52.59
C THR Z 272 10.40 9.03 -52.46
N PHE Z 273 11.58 8.45 -52.23
CA PHE Z 273 12.84 9.17 -52.24
C PHE Z 273 13.41 9.13 -53.65
N HIS Z 274 14.07 10.21 -54.06
CA HIS Z 274 14.70 10.31 -55.37
C HIS Z 274 13.72 9.93 -56.48
N THR Z 275 12.57 10.60 -56.48
CA THR Z 275 11.56 10.30 -57.48
C THR Z 275 12.05 10.61 -58.89
N GLU Z 276 13.11 11.41 -59.01
CA GLU Z 276 13.79 11.61 -60.29
C GLU Z 276 14.67 10.42 -60.66
N GLY Z 277 14.87 9.46 -59.76
CA GLY Z 277 15.67 8.29 -60.05
C GLY Z 277 17.05 8.33 -59.43
N ALA Z 278 17.67 9.50 -59.45
CA ALA Z 278 19.02 9.69 -58.94
C ALA Z 278 20.00 8.72 -59.59
N GLY Z 279 19.81 8.50 -60.89
CA GLY Z 279 20.66 7.62 -61.66
C GLY Z 279 20.33 6.15 -61.57
N GLY Z 280 19.25 5.78 -60.90
CA GLY Z 280 18.88 4.39 -60.79
C GLY Z 280 18.36 3.82 -62.09
N GLY Z 281 18.25 2.49 -62.13
CA GLY Z 281 17.72 1.82 -63.30
C GLY Z 281 16.27 2.14 -63.57
N HIS Z 282 15.51 2.50 -62.54
CA HIS Z 282 14.14 2.94 -62.73
C HIS Z 282 14.07 4.30 -63.43
N ALA Z 283 15.15 5.06 -63.41
CA ALA Z 283 15.19 6.32 -64.13
C ALA Z 283 15.26 6.07 -65.63
N PRO Z 284 14.64 6.95 -66.44
CA PRO Z 284 13.86 8.10 -65.99
C PRO Z 284 12.40 7.76 -65.80
N ASP Z 285 12.05 6.49 -66.00
CA ASP Z 285 10.65 6.09 -65.93
C ASP Z 285 10.07 6.23 -64.53
N ILE Z 286 10.91 6.21 -63.50
CA ILE Z 286 10.39 6.39 -62.14
C ILE Z 286 9.80 7.77 -61.95
N ILE Z 287 10.19 8.75 -62.76
CA ILE Z 287 9.57 10.06 -62.70
C ILE Z 287 8.08 9.97 -63.03
N LYS Z 288 7.67 8.91 -63.73
CA LYS Z 288 6.25 8.74 -64.05
C LYS Z 288 5.41 8.60 -62.79
N VAL Z 289 5.97 8.00 -61.73
CA VAL Z 289 5.20 7.80 -60.51
C VAL Z 289 4.91 9.12 -59.81
N ALA Z 290 5.61 10.20 -60.17
CA ALA Z 290 5.33 11.50 -59.59
C ALA Z 290 3.99 12.07 -60.01
N GLY Z 291 3.35 11.47 -61.01
CA GLY Z 291 2.01 11.89 -61.40
C GLY Z 291 0.89 11.10 -60.76
N GLU Z 292 1.21 10.03 -60.05
CA GLU Z 292 0.18 9.23 -59.40
C GLU Z 292 -0.32 9.92 -58.13
N HIS Z 293 -1.56 9.64 -57.79
CA HIS Z 293 -2.15 10.23 -56.59
C HIS Z 293 -1.51 9.67 -55.33
N ASN Z 294 -1.27 8.36 -55.29
CA ASN Z 294 -0.85 7.70 -54.06
C ASN Z 294 0.62 7.91 -53.74
N ILE Z 295 1.39 8.51 -54.63
CA ILE Z 295 2.82 8.69 -54.45
C ILE Z 295 3.07 10.11 -53.98
N LEU Z 296 3.75 10.26 -52.84
CA LEU Z 296 4.23 11.55 -52.40
C LEU Z 296 5.68 11.64 -52.80
N PRO Z 297 6.04 12.42 -53.81
CA PRO Z 297 7.41 12.43 -54.31
C PRO Z 297 8.28 13.45 -53.60
N ALA Z 298 9.51 13.03 -53.31
CA ALA Z 298 10.49 13.92 -52.72
C ALA Z 298 11.74 13.92 -53.56
N SER Z 299 12.43 15.04 -53.55
CA SER Z 299 13.68 15.20 -54.27
C SER Z 299 14.76 15.64 -53.31
N THR Z 300 15.98 15.23 -53.59
CA THR Z 300 17.09 15.45 -52.67
C THR Z 300 17.85 16.71 -53.02
N ASN Z 301 18.65 17.15 -52.06
CA ASN Z 301 19.44 18.38 -52.23
C ASN Z 301 20.39 18.36 -53.43
N PRO Z 302 21.25 17.36 -53.62
CA PRO Z 302 22.38 17.54 -54.55
C PRO Z 302 21.99 17.89 -55.97
N THR Z 303 20.85 17.42 -56.45
CA THR Z 303 20.47 17.62 -57.83
C THR Z 303 19.64 18.89 -58.04
N ILE Z 304 19.38 19.66 -57.00
CA ILE Z 304 18.68 20.93 -57.15
C ILE Z 304 19.50 22.03 -56.47
N PRO Z 305 19.68 23.18 -57.11
CA PRO Z 305 19.28 23.41 -58.51
C PRO Z 305 20.30 22.82 -59.48
N PHE Z 306 19.92 22.63 -60.74
CA PHE Z 306 20.84 22.10 -61.74
C PHE Z 306 21.87 23.16 -62.09
N THR Z 307 23.14 22.87 -61.85
CA THR Z 307 24.24 23.79 -62.06
C THR Z 307 25.28 23.16 -62.98
N VAL Z 308 26.35 23.91 -63.22
CA VAL Z 308 27.42 23.43 -64.09
C VAL Z 308 28.14 22.25 -63.46
N ASN Z 309 28.30 22.26 -62.14
CA ASN Z 309 29.06 21.24 -61.44
C ASN Z 309 28.19 20.11 -60.89
N THR Z 310 26.90 20.11 -61.20
CA THR Z 310 26.00 19.12 -60.60
C THR Z 310 26.38 17.70 -60.99
N GLU Z 311 26.71 17.48 -62.25
CA GLU Z 311 26.94 16.13 -62.75
C GLU Z 311 28.31 15.57 -62.39
N ALA Z 312 29.25 16.41 -61.95
CA ALA Z 312 30.61 15.94 -61.73
C ALA Z 312 30.72 15.08 -60.48
N GLU Z 313 30.00 15.43 -59.42
CA GLU Z 313 30.14 14.76 -58.13
C GLU Z 313 29.23 13.55 -57.96
N HIS Z 314 28.33 13.31 -58.91
CA HIS Z 314 27.27 12.33 -58.71
C HIS Z 314 27.84 10.92 -58.56
N MET Z 315 28.80 10.54 -59.39
CA MET Z 315 29.31 9.18 -59.34
C MET Z 315 30.06 8.92 -58.04
N ASP Z 316 30.87 9.87 -57.59
CA ASP Z 316 31.57 9.71 -56.32
C ASP Z 316 30.59 9.59 -55.17
N MET Z 317 29.58 10.46 -55.15
CA MET Z 317 28.58 10.37 -54.09
C MET Z 317 27.86 9.03 -54.13
N LEU Z 318 27.50 8.56 -55.33
CA LEU Z 318 26.78 7.30 -55.46
C LEU Z 318 27.64 6.14 -54.96
N MET Z 319 28.90 6.09 -55.35
CA MET Z 319 29.76 4.98 -54.96
C MET Z 319 29.96 4.96 -53.45
N VAL Z 320 30.26 6.13 -52.87
CA VAL Z 320 30.50 6.15 -51.42
C VAL Z 320 29.22 5.82 -50.66
N CYS Z 321 28.08 6.34 -51.10
CA CYS Z 321 26.83 6.06 -50.41
C CYS Z 321 26.46 4.59 -50.49
N HIS Z 322 26.61 3.96 -51.67
CA HIS Z 322 26.23 2.57 -51.83
C HIS Z 322 27.33 1.60 -51.42
N HIS Z 323 28.46 2.10 -50.94
CA HIS Z 323 29.52 1.27 -50.36
C HIS Z 323 30.11 0.32 -51.41
N LEU Z 324 30.52 0.91 -52.53
CA LEU Z 324 31.23 0.19 -53.58
C LEU Z 324 32.67 0.69 -53.59
N ASP Z 325 33.61 -0.23 -53.41
CA ASP Z 325 35.01 0.16 -53.35
C ASP Z 325 35.48 0.64 -54.72
N LYS Z 326 36.13 1.80 -54.75
CA LYS Z 326 36.61 2.38 -56.00
C LYS Z 326 37.88 1.72 -56.49
N SER Z 327 38.49 0.84 -55.70
CA SER Z 327 39.68 0.12 -56.10
C SER Z 327 39.37 -1.29 -56.58
N ILE Z 328 38.10 -1.63 -56.75
CA ILE Z 328 37.68 -2.96 -57.16
C ILE Z 328 37.02 -2.86 -58.53
N LYS Z 329 37.53 -3.65 -59.48
CA LYS Z 329 36.97 -3.65 -60.83
C LYS Z 329 35.51 -4.06 -60.83
N GLU Z 330 35.15 -5.08 -60.05
CA GLU Z 330 33.78 -5.53 -60.00
C GLU Z 330 32.84 -4.46 -59.49
N ASP Z 331 33.24 -3.77 -58.40
CA ASP Z 331 32.39 -2.73 -57.85
C ASP Z 331 32.28 -1.54 -58.80
N VAL Z 332 33.38 -1.17 -59.46
CA VAL Z 332 33.33 -0.06 -60.40
C VAL Z 332 32.42 -0.39 -61.58
N GLN Z 333 32.53 -1.61 -62.11
CA GLN Z 333 31.66 -2.02 -63.19
C GLN Z 333 30.20 -2.07 -62.74
N PHE Z 334 29.97 -2.49 -61.50
CA PHE Z 334 28.61 -2.52 -60.96
C PHE Z 334 28.04 -1.12 -60.85
N ALA Z 335 28.87 -0.14 -60.52
CA ALA Z 335 28.42 1.24 -60.30
C ALA Z 335 28.07 1.86 -61.65
N ASP Z 336 26.90 1.47 -62.17
CA ASP Z 336 26.40 1.99 -63.44
C ASP Z 336 25.24 2.94 -63.15
N SER Z 337 25.32 4.14 -63.71
CA SER Z 337 24.32 5.18 -63.48
C SER Z 337 23.57 5.49 -64.76
N ARG Z 338 22.28 5.77 -64.63
CA ARG Z 338 21.45 6.20 -65.73
C ARG Z 338 21.08 7.68 -65.60
N ILE Z 339 21.93 8.45 -64.92
CA ILE Z 339 21.65 9.86 -64.71
C ILE Z 339 21.85 10.63 -66.02
N ARG Z 340 21.01 11.62 -66.24
CA ARG Z 340 21.12 12.46 -67.42
C ARG Z 340 20.91 13.91 -67.02
N PRO Z 341 21.62 14.84 -67.67
CA PRO Z 341 21.34 16.26 -67.45
C PRO Z 341 19.92 16.63 -67.78
N GLN Z 342 19.28 15.91 -68.72
CA GLN Z 342 17.87 16.15 -69.00
C GLN Z 342 17.01 15.89 -67.78
N THR Z 343 17.25 14.77 -67.10
CA THR Z 343 16.48 14.47 -65.89
C THR Z 343 16.80 15.46 -64.78
N ILE Z 344 18.08 15.78 -64.59
CA ILE Z 344 18.45 16.73 -63.54
C ILE Z 344 17.79 18.08 -63.78
N ALA Z 345 17.76 18.52 -65.04
CA ALA Z 345 17.11 19.79 -65.35
C ALA Z 345 15.60 19.69 -65.19
N ALA Z 346 15.01 18.56 -65.57
CA ALA Z 346 13.57 18.40 -65.44
C ALA Z 346 13.14 18.40 -63.99
N GLU Z 347 14.02 17.99 -63.08
CA GLU Z 347 13.66 17.97 -61.67
C GLU Z 347 13.29 19.35 -61.15
N ASP Z 348 14.08 20.36 -61.51
CA ASP Z 348 13.78 21.72 -61.06
C ASP Z 348 12.46 22.21 -61.61
N THR Z 349 12.19 21.93 -62.88
CA THR Z 349 10.93 22.37 -63.47
C THR Z 349 9.74 21.64 -62.84
N LEU Z 350 9.91 20.37 -62.50
CA LEU Z 350 8.84 19.64 -61.83
C LEU Z 350 8.59 20.23 -60.45
N HIS Z 351 9.65 20.63 -59.76
CA HIS Z 351 9.48 21.34 -58.50
C HIS Z 351 8.70 22.63 -58.70
N ASP Z 352 9.04 23.39 -59.74
CA ASP Z 352 8.33 24.64 -60.00
C ASP Z 352 6.87 24.39 -60.30
N MET Z 353 6.56 23.34 -61.05
CA MET Z 353 5.19 23.02 -61.39
C MET Z 353 4.43 22.37 -60.27
N GLY Z 354 5.11 21.96 -59.20
CA GLY Z 354 4.43 21.30 -58.10
C GLY Z 354 4.24 19.81 -58.28
N ILE Z 355 4.93 19.22 -59.26
CA ILE Z 355 4.87 17.77 -59.42
C ILE Z 355 5.61 17.09 -58.28
N PHE Z 356 6.73 17.65 -57.85
CA PHE Z 356 7.46 17.15 -56.69
C PHE Z 356 6.99 17.91 -55.46
N SER Z 357 6.63 17.17 -54.42
CA SER Z 357 5.96 17.77 -53.28
C SER Z 357 6.88 18.02 -52.10
N ILE Z 358 7.94 17.23 -51.93
CA ILE Z 358 8.79 17.35 -50.76
C ILE Z 358 10.23 17.52 -51.20
N THR Z 359 10.95 18.43 -50.54
CA THR Z 359 12.39 18.56 -50.67
C THR Z 359 13.04 17.99 -49.41
N SER Z 360 14.16 17.32 -49.58
CA SER Z 360 14.83 16.72 -48.44
C SER Z 360 16.33 16.67 -48.71
N SER Z 361 17.06 16.11 -47.75
CA SER Z 361 18.51 16.06 -47.81
C SER Z 361 19.03 14.68 -48.23
N ASP Z 362 18.63 13.63 -47.51
CA ASP Z 362 19.41 12.38 -47.48
C ASP Z 362 20.81 12.66 -46.95
N SER Z 363 20.85 13.11 -45.70
CA SER Z 363 22.05 13.70 -45.12
C SER Z 363 23.23 12.74 -45.16
N GLN Z 364 24.36 13.24 -45.63
CA GLN Z 364 25.63 12.52 -45.71
C GLN Z 364 25.50 11.21 -46.48
N ALA Z 365 24.42 11.01 -47.21
CA ALA Z 365 24.31 9.95 -48.21
C ALA Z 365 23.65 10.58 -49.43
N MET Z 366 24.46 11.20 -50.28
CA MET Z 366 23.99 11.94 -51.44
C MET Z 366 22.99 13.02 -51.02
N GLY Z 367 23.48 13.96 -50.21
CA GLY Z 367 22.65 15.04 -49.74
C GLY Z 367 23.23 15.78 -48.55
N ARG Z 368 22.94 17.07 -48.44
CA ARG Z 368 23.54 17.92 -47.43
C ARG Z 368 22.47 18.36 -46.45
N VAL Z 369 22.68 18.06 -45.17
CA VAL Z 369 21.63 18.24 -44.17
C VAL Z 369 21.38 19.71 -43.89
N GLY Z 370 22.42 20.54 -43.99
CA GLY Z 370 22.27 21.95 -43.67
C GLY Z 370 21.96 22.81 -44.86
N GLU Z 371 21.46 22.21 -45.93
CA GLU Z 371 21.22 22.93 -47.16
C GLU Z 371 19.85 22.65 -47.77
N VAL Z 372 18.94 22.04 -47.02
CA VAL Z 372 17.61 21.77 -47.57
C VAL Z 372 16.89 23.06 -47.90
N ILE Z 373 16.83 23.97 -46.92
CA ILE Z 373 16.12 25.23 -47.12
C ILE Z 373 16.84 26.09 -48.14
N THR Z 374 18.17 26.17 -48.04
CA THR Z 374 18.94 26.98 -48.97
C THR Z 374 18.76 26.50 -50.39
N ARG Z 375 18.80 25.19 -50.62
CA ARG Z 375 18.68 24.69 -51.97
C ARG Z 375 17.25 24.76 -52.48
N THR Z 376 16.26 24.64 -51.60
CA THR Z 376 14.89 24.90 -52.01
C THR Z 376 14.73 26.32 -52.54
N TRP Z 377 15.28 27.29 -51.81
CA TRP Z 377 15.14 28.67 -52.25
C TRP Z 377 16.02 28.98 -53.45
N GLN Z 378 17.15 28.30 -53.58
CA GLN Z 378 17.95 28.45 -54.80
C GLN Z 378 17.18 27.95 -56.01
N THR Z 379 16.51 26.80 -55.87
CA THR Z 379 15.68 26.30 -56.96
C THR Z 379 14.55 27.27 -57.29
N ALA Z 380 13.90 27.81 -56.25
CA ALA Z 380 12.82 28.76 -56.49
C ALA Z 380 13.33 30.00 -57.23
N ASP Z 381 14.47 30.53 -56.81
CA ASP Z 381 15.02 31.71 -57.47
C ASP Z 381 15.43 31.41 -58.90
N LYS Z 382 16.05 30.25 -59.13
CA LYS Z 382 16.46 29.88 -60.48
C LYS Z 382 15.25 29.73 -61.40
N ASN Z 383 14.19 29.10 -60.90
CA ASN Z 383 12.98 28.95 -61.71
C ASN Z 383 12.32 30.30 -61.96
N LYS Z 384 12.34 31.20 -60.98
CA LYS Z 384 11.79 32.53 -61.19
C LYS Z 384 12.58 33.26 -62.27
N LYS Z 385 13.90 33.16 -62.25
CA LYS Z 385 14.72 33.80 -63.27
C LYS Z 385 14.45 33.20 -64.64
N GLU Z 386 14.27 31.88 -64.71
CA GLU Z 386 14.12 31.22 -66.00
C GLU Z 386 12.72 31.44 -66.59
N PHE Z 387 11.69 30.98 -65.90
CA PHE Z 387 10.33 31.00 -66.42
C PHE Z 387 9.52 32.22 -66.03
N GLY Z 388 10.09 33.13 -65.24
CA GLY Z 388 9.33 34.29 -64.83
C GLY Z 388 8.30 33.96 -63.77
N ARG Z 389 7.40 34.91 -63.55
CA ARG Z 389 6.35 34.74 -62.56
C ARG Z 389 5.39 33.63 -62.96
N LEU Z 390 4.93 32.87 -61.97
CA LEU Z 390 3.94 31.84 -62.20
C LEU Z 390 2.62 32.47 -62.65
N LYS Z 391 1.83 31.70 -63.41
CA LYS Z 391 0.53 32.20 -63.84
C LYS Z 391 -0.46 32.26 -62.70
N GLU Z 392 -0.18 31.61 -61.58
CA GLU Z 392 -1.07 31.61 -60.43
C GLU Z 392 -0.90 32.82 -59.53
N GLU Z 393 0.05 33.71 -59.84
CA GLU Z 393 0.29 34.88 -59.00
C GLU Z 393 -0.84 35.88 -59.18
N LYS Z 394 -1.55 36.19 -58.10
CA LYS Z 394 -2.61 37.19 -58.11
C LYS Z 394 -2.09 38.52 -57.61
N GLY Z 395 -1.14 39.08 -58.36
CA GLY Z 395 -0.55 40.35 -58.00
C GLY Z 395 0.86 40.46 -58.54
N ASP Z 396 1.48 41.60 -58.25
CA ASP Z 396 2.85 41.85 -58.67
C ASP Z 396 3.84 41.38 -57.60
N ASN Z 397 3.74 40.11 -57.28
CA ASN Z 397 4.58 39.51 -56.25
C ASN Z 397 4.73 38.03 -56.55
N ASP Z 398 5.60 37.38 -55.77
CA ASP Z 398 5.86 35.96 -55.92
C ASP Z 398 5.27 35.17 -54.77
N ASN Z 399 4.13 35.59 -54.25
CA ASN Z 399 3.57 34.96 -53.06
C ASN Z 399 3.23 33.50 -53.31
N PHE Z 400 2.65 33.18 -54.46
CA PHE Z 400 2.29 31.80 -54.74
C PHE Z 400 3.53 30.92 -54.81
N ARG Z 401 4.58 31.38 -55.48
CA ARG Z 401 5.81 30.60 -55.55
C ARG Z 401 6.43 30.45 -54.16
N ILE Z 402 6.41 31.52 -53.36
CA ILE Z 402 6.94 31.44 -52.01
C ILE Z 402 6.21 30.38 -51.23
N LYS Z 403 4.87 30.37 -51.30
CA LYS Z 403 4.09 29.42 -50.53
C LYS Z 403 4.33 27.99 -51.02
N ARG Z 404 4.43 27.79 -52.33
CA ARG Z 404 4.69 26.46 -52.85
C ARG Z 404 6.03 25.92 -52.37
N TYR Z 405 7.09 26.72 -52.51
CA TYR Z 405 8.40 26.24 -52.13
C TYR Z 405 8.56 26.13 -50.62
N LEU Z 406 7.82 26.94 -49.85
CA LEU Z 406 7.87 26.82 -48.41
C LEU Z 406 7.13 25.57 -47.94
N SER Z 407 6.01 25.25 -48.58
CA SER Z 407 5.33 24.01 -48.29
C SER Z 407 6.19 22.81 -48.60
N LYS Z 408 7.07 22.93 -49.59
CA LYS Z 408 7.92 21.80 -49.95
C LYS Z 408 8.70 21.26 -48.76
N TYR Z 409 9.10 22.10 -47.82
CA TYR Z 409 9.84 21.62 -46.67
C TYR Z 409 9.22 21.94 -45.31
N THR Z 410 8.03 22.53 -45.26
CA THR Z 410 7.41 22.76 -43.96
C THR Z 410 6.17 21.90 -43.73
N ILE Z 411 5.15 22.03 -44.57
CA ILE Z 411 3.87 21.41 -44.23
C ILE Z 411 3.70 20.10 -44.98
N ASN Z 412 4.29 20.00 -46.17
CA ASN Z 412 4.14 18.77 -46.95
C ASN Z 412 4.81 17.56 -46.29
N PRO Z 413 6.05 17.63 -45.83
CA PRO Z 413 6.59 16.48 -45.09
C PRO Z 413 5.85 16.19 -43.80
N ALA Z 414 5.33 17.21 -43.13
CA ALA Z 414 4.55 16.98 -41.92
C ALA Z 414 3.28 16.19 -42.22
N ILE Z 415 2.59 16.56 -43.30
CA ILE Z 415 1.42 15.81 -43.72
C ILE Z 415 1.83 14.40 -44.13
N ALA Z 416 2.94 14.27 -44.85
CA ALA Z 416 3.36 12.96 -45.34
C ALA Z 416 3.65 12.02 -44.20
N HIS Z 417 4.22 12.52 -43.11
CA HIS Z 417 4.58 11.66 -41.99
C HIS Z 417 3.63 11.77 -40.83
N GLY Z 418 2.47 12.40 -41.02
CA GLY Z 418 1.44 12.32 -40.01
C GLY Z 418 1.69 13.13 -38.77
N ILE Z 419 2.51 14.17 -38.86
CA ILE Z 419 2.78 15.06 -37.74
C ILE Z 419 2.26 16.46 -38.00
N SER Z 420 1.42 16.64 -39.01
CA SER Z 420 0.92 17.97 -39.34
C SER Z 420 -0.01 18.52 -38.27
N GLU Z 421 -0.44 17.70 -37.32
CA GLU Z 421 -1.22 18.23 -36.21
C GLU Z 421 -0.35 19.01 -35.24
N TYR Z 422 0.94 18.70 -35.18
CA TYR Z 422 1.83 19.31 -34.21
C TYR Z 422 2.75 20.37 -34.82
N VAL Z 423 3.36 20.09 -35.95
CA VAL Z 423 4.38 20.95 -36.51
C VAL Z 423 4.03 21.24 -37.98
N GLY Z 424 4.87 22.04 -38.63
CA GLY Z 424 4.79 22.26 -40.05
C GLY Z 424 4.30 23.63 -40.46
N SER Z 425 3.62 24.35 -39.57
CA SER Z 425 3.10 25.65 -39.96
C SER Z 425 2.94 26.53 -38.72
N VAL Z 426 2.77 27.82 -38.96
CA VAL Z 426 2.52 28.79 -37.89
C VAL Z 426 1.01 28.91 -37.78
N GLU Z 427 0.41 28.04 -36.97
CA GLU Z 427 -1.02 28.01 -36.76
C GLU Z 427 -1.30 27.88 -35.27
N VAL Z 428 -2.46 28.36 -34.85
CA VAL Z 428 -2.84 28.28 -33.45
C VAL Z 428 -3.05 26.81 -33.07
N GLY Z 429 -2.47 26.41 -31.94
CA GLY Z 429 -2.57 25.07 -31.46
C GLY Z 429 -1.39 24.18 -31.79
N LYS Z 430 -0.58 24.57 -32.77
CA LYS Z 430 0.61 23.80 -33.11
C LYS Z 430 1.73 24.13 -32.14
N VAL Z 431 2.72 23.24 -32.08
CA VAL Z 431 3.85 23.48 -31.19
C VAL Z 431 4.67 24.63 -31.73
N ALA Z 432 5.27 25.40 -30.82
CA ALA Z 432 5.96 26.64 -31.17
C ALA Z 432 7.39 26.31 -31.61
N ASP Z 433 7.48 25.74 -32.82
CA ASP Z 433 8.76 25.50 -33.48
C ASP Z 433 8.89 26.55 -34.57
N LEU Z 434 9.41 27.71 -34.19
CA LEU Z 434 9.45 28.86 -35.08
C LEU Z 434 10.87 29.23 -35.40
N VAL Z 435 11.08 29.78 -36.59
CA VAL Z 435 12.38 30.28 -37.02
C VAL Z 435 12.22 31.75 -37.36
N LEU Z 436 13.08 32.57 -36.78
CA LEU Z 436 13.12 34.00 -37.02
C LEU Z 436 14.28 34.29 -37.96
N TRP Z 437 13.95 34.84 -39.13
CA TRP Z 437 14.91 35.23 -40.16
C TRP Z 437 14.93 36.73 -40.31
N SER Z 438 16.08 37.28 -40.58
CA SER Z 438 16.07 38.60 -41.15
C SER Z 438 15.93 38.48 -42.67
N PRO Z 439 15.12 39.32 -43.30
CA PRO Z 439 14.84 39.13 -44.72
C PRO Z 439 16.07 39.16 -45.61
N ALA Z 440 17.12 39.87 -45.20
CA ALA Z 440 18.36 39.84 -45.96
C ALA Z 440 19.00 38.46 -45.94
N PHE Z 441 18.79 37.69 -44.88
CA PHE Z 441 19.40 36.38 -44.73
C PHE Z 441 18.38 35.25 -44.86
N PHE Z 442 17.20 35.54 -45.40
CA PHE Z 442 16.16 34.53 -45.47
C PHE Z 442 16.60 33.35 -46.31
N GLY Z 443 16.38 32.15 -45.79
CA GLY Z 443 16.68 30.94 -46.50
C GLY Z 443 18.10 30.42 -46.32
N VAL Z 444 18.99 31.18 -45.69
CA VAL Z 444 20.35 30.73 -45.54
C VAL Z 444 20.78 30.71 -44.07
N LYS Z 445 20.52 31.79 -43.34
CA LYS Z 445 20.96 31.91 -41.96
C LYS Z 445 19.88 32.53 -41.08
N PRO Z 446 19.25 31.76 -40.19
CA PRO Z 446 18.20 32.30 -39.34
C PRO Z 446 18.77 33.23 -38.27
N ASN Z 447 17.90 34.10 -37.77
CA ASN Z 447 18.27 34.90 -36.61
C ASN Z 447 18.18 34.07 -35.34
N MET Z 448 17.08 33.36 -35.16
CA MET Z 448 16.98 32.54 -33.94
C MET Z 448 15.94 31.46 -34.13
N ILE Z 449 16.00 30.45 -33.27
CA ILE Z 449 15.08 29.33 -33.30
C ILE Z 449 14.35 29.27 -31.98
N ILE Z 450 13.03 29.24 -32.03
CA ILE Z 450 12.19 29.06 -30.85
C ILE Z 450 11.70 27.62 -30.87
N LYS Z 451 12.09 26.85 -29.87
CA LYS Z 451 11.78 25.43 -29.78
C LYS Z 451 10.87 25.21 -28.59
N GLY Z 452 9.64 24.79 -28.86
CA GLY Z 452 8.70 24.52 -27.79
C GLY Z 452 8.39 25.72 -26.92
N GLY Z 453 8.35 26.90 -27.52
CA GLY Z 453 8.03 28.10 -26.78
C GLY Z 453 9.20 28.79 -26.12
N PHE Z 454 10.41 28.26 -26.26
CA PHE Z 454 11.59 28.86 -25.67
C PHE Z 454 12.69 28.92 -26.72
N ILE Z 455 13.53 29.94 -26.63
CA ILE Z 455 14.62 30.10 -27.59
C ILE Z 455 15.65 29.00 -27.35
N ALA Z 456 15.92 28.22 -28.38
CA ALA Z 456 16.85 27.10 -28.27
C ALA Z 456 18.18 27.36 -28.94
N LEU Z 457 18.20 28.14 -30.01
CA LEU Z 457 19.43 28.46 -30.69
C LEU Z 457 19.38 29.91 -31.14
N SER Z 458 20.53 30.57 -31.11
CA SER Z 458 20.51 31.96 -31.51
C SER Z 458 21.89 32.39 -31.97
N GLN Z 459 21.92 33.34 -32.90
CA GLN Z 459 23.15 34.06 -33.19
C GLN Z 459 23.53 34.86 -31.96
N MET Z 460 24.78 34.73 -31.53
CA MET Z 460 25.24 35.38 -30.33
C MET Z 460 26.67 35.84 -30.52
N GLY Z 461 26.99 36.96 -29.90
CA GLY Z 461 28.32 37.53 -29.95
C GLY Z 461 29.19 37.04 -28.81
N ASP Z 462 30.23 37.82 -28.53
CA ASP Z 462 31.15 37.49 -27.46
C ASP Z 462 30.42 37.44 -26.13
N ALA Z 463 30.68 36.38 -25.36
CA ALA Z 463 30.02 36.25 -24.06
C ALA Z 463 30.50 37.28 -23.07
N ASN Z 464 31.75 37.71 -23.20
CA ASN Z 464 32.32 38.73 -22.33
C ASN Z 464 31.96 40.15 -22.78
N ALA Z 465 31.24 40.29 -23.88
CA ALA Z 465 30.94 41.61 -24.40
C ALA Z 465 29.90 42.33 -23.55
N SER Z 466 29.85 43.65 -23.72
CA SER Z 466 28.87 44.45 -23.01
C SER Z 466 27.52 44.50 -23.71
N ILE Z 467 27.43 43.96 -24.93
CA ILE Z 467 26.16 43.79 -25.64
C ILE Z 467 26.22 42.48 -26.41
N PRO Z 468 25.06 41.96 -26.82
CA PRO Z 468 25.07 40.67 -27.54
C PRO Z 468 25.55 40.73 -28.98
N THR Z 469 25.66 41.91 -29.57
CA THR Z 469 26.00 42.06 -30.99
C THR Z 469 27.46 41.88 -31.39
N PRO Z 470 28.45 42.32 -30.61
CA PRO Z 470 29.82 42.38 -31.13
C PRO Z 470 30.41 41.02 -31.45
N GLN Z 471 31.37 41.04 -32.38
CA GLN Z 471 31.95 39.84 -32.92
C GLN Z 471 32.81 39.13 -31.88
N PRO Z 472 33.03 37.82 -32.05
CA PRO Z 472 32.50 36.97 -33.12
C PRO Z 472 31.08 36.51 -32.86
N VAL Z 473 30.23 36.60 -33.87
CA VAL Z 473 28.84 36.18 -33.77
C VAL Z 473 28.71 34.85 -34.46
N TYR Z 474 28.23 33.84 -33.74
CA TYR Z 474 27.90 32.58 -34.38
C TYR Z 474 26.76 31.94 -33.63
N TYR Z 475 26.33 30.78 -34.11
CA TYR Z 475 25.13 30.14 -33.59
C TYR Z 475 25.48 29.38 -32.31
N ARG Z 476 24.85 29.78 -31.22
CA ARG Z 476 25.09 29.17 -29.92
C ARG Z 476 23.78 28.61 -29.38
N GLU Z 477 23.91 27.50 -28.67
CA GLU Z 477 22.79 26.92 -27.97
C GLU Z 477 22.31 27.88 -26.88
N MET Z 478 21.01 28.01 -26.77
CA MET Z 478 20.40 28.84 -25.75
C MET Z 478 19.86 27.94 -24.64
N PHE Z 479 19.09 28.52 -23.72
CA PHE Z 479 18.73 27.80 -22.51
C PHE Z 479 17.77 26.65 -22.79
N ALA Z 480 16.94 26.74 -23.82
CA ALA Z 480 16.08 25.61 -24.16
C ALA Z 480 16.85 24.42 -24.66
N HIS Z 481 18.14 24.58 -24.94
CA HIS Z 481 19.02 23.53 -25.41
C HIS Z 481 19.68 22.75 -24.28
N HIS Z 482 19.51 23.17 -23.03
CA HIS Z 482 20.31 22.68 -21.92
C HIS Z 482 19.45 22.13 -20.80
N GLY Z 483 20.10 21.42 -19.89
CA GLY Z 483 19.50 20.94 -18.67
C GLY Z 483 18.32 20.04 -18.95
N LYS Z 484 17.29 20.18 -18.12
CA LYS Z 484 16.03 19.49 -18.33
C LYS Z 484 15.05 20.31 -19.15
N ALA Z 485 15.44 21.50 -19.59
CA ALA Z 485 14.56 22.30 -20.44
C ALA Z 485 14.39 21.66 -21.81
N LYS Z 486 15.42 20.98 -22.30
CA LYS Z 486 15.30 20.36 -23.62
C LYS Z 486 14.27 19.24 -23.63
N TYR Z 487 14.07 18.58 -22.50
CA TYR Z 487 13.03 17.56 -22.42
C TYR Z 487 11.65 18.15 -22.64
N ASP Z 488 11.40 19.33 -22.07
CA ASP Z 488 10.12 19.98 -22.29
C ASP Z 488 10.04 20.60 -23.69
N ALA Z 489 11.18 21.00 -24.24
CA ALA Z 489 11.17 21.68 -25.53
C ALA Z 489 10.98 20.72 -26.70
N ASN Z 490 11.52 19.50 -26.62
CA ASN Z 490 11.62 18.65 -27.78
C ASN Z 490 10.59 17.53 -27.76
N ILE Z 491 10.31 17.00 -28.95
CA ILE Z 491 9.31 15.96 -29.15
C ILE Z 491 9.95 14.78 -29.84
N THR Z 492 9.66 13.59 -29.35
CA THR Z 492 9.97 12.35 -30.05
C THR Z 492 8.67 11.80 -30.60
N PHE Z 493 8.63 11.59 -31.91
CA PHE Z 493 7.45 11.04 -32.55
C PHE Z 493 7.56 9.53 -32.59
N VAL Z 494 6.48 8.85 -32.22
CA VAL Z 494 6.41 7.40 -32.23
C VAL Z 494 5.10 7.00 -32.89
N SER Z 495 4.95 5.71 -33.13
CA SER Z 495 3.70 5.21 -33.64
C SER Z 495 2.64 5.20 -32.56
N GLN Z 496 1.38 5.22 -32.98
CA GLN Z 496 0.29 5.15 -32.02
C GLN Z 496 0.34 3.87 -31.22
N ALA Z 497 0.79 2.77 -31.83
CA ALA Z 497 0.88 1.51 -31.11
C ALA Z 497 1.88 1.60 -29.97
N ALA Z 498 3.07 2.14 -30.23
CA ALA Z 498 4.07 2.30 -29.18
C ALA Z 498 3.59 3.28 -28.12
N TYR Z 499 2.93 4.35 -28.54
CA TYR Z 499 2.40 5.31 -27.59
C TYR Z 499 1.38 4.67 -26.66
N ASP Z 500 0.48 3.84 -27.20
CA ASP Z 500 -0.50 3.14 -26.38
C ASP Z 500 0.17 2.14 -25.45
N LYS Z 501 1.16 1.40 -25.96
CA LYS Z 501 1.89 0.47 -25.11
C LYS Z 501 2.74 1.16 -24.07
N GLY Z 502 2.92 2.46 -24.17
CA GLY Z 502 3.64 3.19 -23.14
C GLY Z 502 5.14 3.13 -23.35
N ILE Z 503 5.57 3.46 -24.56
CA ILE Z 503 6.99 3.44 -24.87
C ILE Z 503 7.74 4.45 -24.02
N LYS Z 504 7.10 5.57 -23.68
CA LYS Z 504 7.77 6.62 -22.92
C LYS Z 504 8.20 6.09 -21.56
N GLU Z 505 7.28 5.49 -20.81
CA GLU Z 505 7.61 4.96 -19.50
C GLU Z 505 8.50 3.72 -19.61
N GLU Z 506 8.27 2.89 -20.63
CA GLU Z 506 9.07 1.68 -20.78
C GLU Z 506 10.54 2.00 -21.03
N LEU Z 507 10.82 2.97 -21.88
CA LEU Z 507 12.19 3.36 -22.20
C LEU Z 507 12.72 4.47 -21.30
N GLY Z 508 11.90 5.01 -20.41
CA GLY Z 508 12.35 6.07 -19.55
C GLY Z 508 12.69 7.36 -20.28
N LEU Z 509 11.96 7.66 -21.35
CA LEU Z 509 12.17 8.90 -22.08
C LEU Z 509 11.63 10.08 -21.31
N GLU Z 510 12.37 11.19 -21.32
CA GLU Z 510 11.92 12.40 -20.67
C GLU Z 510 11.35 13.42 -21.63
N ARG Z 511 11.62 13.28 -22.92
CA ARG Z 511 11.03 14.15 -23.92
C ARG Z 511 9.53 13.92 -24.02
N GLN Z 512 8.81 14.91 -24.51
CA GLN Z 512 7.44 14.67 -24.91
C GLN Z 512 7.43 13.60 -25.99
N VAL Z 513 6.50 12.66 -25.88
CA VAL Z 513 6.39 11.57 -26.83
C VAL Z 513 5.02 11.67 -27.47
N LEU Z 514 4.99 11.85 -28.78
CA LEU Z 514 3.71 12.07 -29.45
C LEU Z 514 3.51 11.06 -30.55
N PRO Z 515 2.28 10.58 -30.73
CA PRO Z 515 2.01 9.62 -31.81
C PRO Z 515 1.73 10.31 -33.14
N VAL Z 516 2.20 9.68 -34.20
CA VAL Z 516 1.86 10.11 -35.55
C VAL Z 516 0.49 9.56 -35.91
N LYS Z 517 -0.21 10.25 -36.80
CA LYS Z 517 -1.55 9.82 -37.18
C LYS Z 517 -1.88 10.35 -38.56
N ASN Z 518 -2.84 9.69 -39.21
CA ASN Z 518 -3.31 10.06 -40.55
C ASN Z 518 -2.19 10.01 -41.57
N CYS Z 519 -1.49 8.87 -41.60
CA CYS Z 519 -0.43 8.65 -42.58
C CYS Z 519 -0.89 7.85 -43.78
N ARG Z 520 -1.92 7.02 -43.64
CA ARG Z 520 -2.32 6.11 -44.69
C ARG Z 520 -3.35 6.68 -45.65
N ASN Z 521 -4.16 7.64 -45.21
CA ASN Z 521 -5.27 8.15 -46.00
C ASN Z 521 -4.94 9.47 -46.68
N ILE Z 522 -3.67 9.69 -47.04
CA ILE Z 522 -3.26 10.91 -47.71
C ILE Z 522 -2.76 10.55 -49.09
N THR Z 523 -3.01 11.45 -50.05
CA THR Z 523 -2.51 11.27 -51.40
C THR Z 523 -1.76 12.53 -51.83
N LYS Z 524 -1.38 12.58 -53.10
CA LYS Z 524 -0.74 13.78 -53.63
C LYS Z 524 -1.67 14.98 -53.54
N LYS Z 525 -2.98 14.75 -53.58
CA LYS Z 525 -3.93 15.84 -53.50
C LYS Z 525 -3.90 16.57 -52.17
N ASP Z 526 -3.34 15.95 -51.14
CA ASP Z 526 -3.30 16.55 -49.82
C ASP Z 526 -2.07 17.42 -49.59
N MET Z 527 -1.13 17.43 -50.52
CA MET Z 527 0.00 18.34 -50.43
C MET Z 527 -0.44 19.75 -50.74
N GLN Z 528 0.13 20.71 -50.02
CA GLN Z 528 -0.25 22.11 -50.17
C GLN Z 528 0.57 22.73 -51.27
N PHE Z 529 -0.10 23.31 -52.27
CA PHE Z 529 0.52 24.03 -53.37
C PHE Z 529 1.40 23.12 -54.23
N ASN Z 530 1.41 21.82 -53.93
CA ASN Z 530 2.23 20.87 -54.66
C ASN Z 530 1.43 19.61 -54.94
N ASP Z 531 0.17 19.77 -55.32
CA ASP Z 531 -0.74 18.65 -55.53
C ASP Z 531 -0.98 18.36 -57.00
N THR Z 532 -0.09 18.81 -57.88
CA THR Z 532 -0.28 18.65 -59.31
C THR Z 532 -0.10 17.18 -59.69
N THR Z 533 -1.19 16.53 -60.07
CA THR Z 533 -1.15 15.18 -60.62
C THR Z 533 -1.33 15.30 -62.13
N ALA Z 534 -0.27 15.06 -62.87
CA ALA Z 534 -0.30 15.13 -64.32
C ALA Z 534 0.32 13.87 -64.89
N HIS Z 535 -0.25 13.37 -65.99
CA HIS Z 535 0.33 12.22 -66.66
C HIS Z 535 1.71 12.61 -67.18
N ILE Z 536 2.75 11.99 -66.63
CA ILE Z 536 4.12 12.31 -66.98
C ILE Z 536 4.56 11.31 -68.04
N GLU Z 537 4.55 11.74 -69.29
CA GLU Z 537 5.02 10.90 -70.39
C GLU Z 537 6.53 10.97 -70.43
N VAL Z 538 7.19 9.87 -70.11
CA VAL Z 538 8.64 9.79 -70.15
C VAL Z 538 9.05 8.91 -71.32
N ASN Z 539 9.72 9.52 -72.29
CA ASN Z 539 10.32 8.76 -73.39
C ASN Z 539 11.72 8.35 -72.95
N PRO Z 540 11.96 7.06 -72.68
CA PRO Z 540 13.30 6.64 -72.26
C PRO Z 540 14.27 6.53 -73.41
N GLU Z 541 13.78 6.40 -74.65
CA GLU Z 541 14.67 6.42 -75.80
C GLU Z 541 15.37 7.77 -75.91
N THR Z 542 14.65 8.85 -75.62
CA THR Z 542 15.19 10.20 -75.71
C THR Z 542 15.41 10.84 -74.35
N TYR Z 543 15.05 10.16 -73.26
CA TYR Z 543 15.12 10.72 -71.92
C TYR Z 543 14.38 12.05 -71.84
N HIS Z 544 13.21 12.08 -72.46
CA HIS Z 544 12.43 13.30 -72.57
C HIS Z 544 11.20 13.20 -71.68
N VAL Z 545 10.99 14.22 -70.85
CA VAL Z 545 9.88 14.26 -69.93
C VAL Z 545 8.86 15.27 -70.43
N PHE Z 546 7.60 14.86 -70.53
CA PHE Z 546 6.52 15.72 -70.94
C PHE Z 546 5.42 15.68 -69.89
N VAL Z 547 4.87 16.83 -69.56
CA VAL Z 547 3.68 16.92 -68.71
C VAL Z 547 2.61 17.66 -69.50
N ASP Z 548 1.45 17.02 -69.67
CA ASP Z 548 0.37 17.55 -70.50
C ASP Z 548 0.87 17.89 -71.90
N GLY Z 549 1.76 17.05 -72.42
CA GLY Z 549 2.33 17.23 -73.74
C GLY Z 549 3.60 18.07 -73.80
N LYS Z 550 3.60 19.20 -73.12
CA LYS Z 550 4.75 20.10 -73.17
C LYS Z 550 5.97 19.47 -72.52
N GLU Z 551 7.11 19.59 -73.19
CA GLU Z 551 8.36 19.08 -72.65
C GLU Z 551 8.86 19.99 -71.54
N VAL Z 552 9.52 19.39 -70.55
CA VAL Z 552 10.04 20.11 -69.40
C VAL Z 552 11.55 20.02 -69.41
N THR Z 553 12.20 21.16 -69.22
CA THR Z 553 13.66 21.23 -69.18
C THR Z 553 14.04 22.55 -68.55
N SER Z 554 15.30 22.65 -68.14
CA SER Z 554 15.82 23.89 -67.61
C SER Z 554 17.29 24.00 -67.96
N LYS Z 555 17.77 25.18 -67.92
CA LYS Z 555 19.19 25.32 -68.22
C LYS Z 555 20.00 25.33 -66.94
N PRO Z 556 21.23 24.79 -66.98
CA PRO Z 556 22.07 24.83 -65.78
C PRO Z 556 22.38 26.26 -65.38
N ALA Z 557 22.42 26.50 -64.07
CA ALA Z 557 22.69 27.82 -63.53
C ALA Z 557 24.19 28.00 -63.36
N ASN Z 558 24.73 29.07 -63.93
CA ASN Z 558 26.14 29.37 -63.76
C ASN Z 558 26.45 29.93 -62.39
N LYS Z 559 25.48 30.58 -61.76
CA LYS Z 559 25.69 31.20 -60.45
C LYS Z 559 24.35 31.23 -59.73
N VAL Z 560 24.28 30.65 -58.54
CA VAL Z 560 23.08 30.64 -57.75
C VAL Z 560 23.17 31.68 -56.66
N SER Z 561 22.02 32.04 -56.11
CA SER Z 561 21.96 32.97 -54.99
C SER Z 561 22.12 32.21 -53.68
N LEU Z 562 22.30 32.97 -52.60
CA LEU Z 562 22.41 32.42 -51.25
C LEU Z 562 23.55 31.42 -51.12
N ALA Z 563 24.60 31.55 -51.93
CA ALA Z 563 25.67 30.57 -51.92
C ALA Z 563 26.99 31.15 -51.44
N GLN Z 564 27.53 32.14 -52.13
CA GLN Z 564 28.85 32.65 -51.77
C GLN Z 564 28.82 34.01 -51.10
N LEU Z 565 27.70 34.71 -51.20
CA LEU Z 565 27.55 35.97 -50.49
C LEU Z 565 27.51 35.77 -48.97
N PHE Z 566 27.08 34.60 -48.50
CA PHE Z 566 26.75 34.42 -47.11
C PHE Z 566 27.68 33.49 -46.34
N SER Z 567 28.53 32.73 -47.01
CA SER Z 567 29.32 31.69 -46.36
C SER Z 567 30.80 31.91 -46.63
N ILE Z 568 31.61 31.83 -45.58
CA ILE Z 568 33.05 31.94 -45.76
C ILE Z 568 33.60 30.70 -46.44
N PHE Z 569 32.98 29.55 -46.23
CA PHE Z 569 33.43 28.30 -46.84
C PHE Z 569 32.26 27.56 -47.46
N MET AA 1 23.80 21.12 -79.93
CA MET AA 1 22.80 21.12 -78.88
C MET AA 1 23.20 20.18 -77.75
N ASN AA 2 24.32 20.49 -77.11
CA ASN AA 2 24.81 19.66 -76.02
C ASN AA 2 23.94 19.86 -74.79
N THR AA 3 23.36 18.77 -74.27
CA THR AA 3 22.54 18.85 -73.09
C THR AA 3 23.36 19.05 -71.82
N TYR AA 4 24.63 18.67 -71.85
CA TYR AA 4 25.49 18.85 -70.68
C TYR AA 4 25.85 20.32 -70.50
N ALA AA 5 26.16 20.68 -69.26
CA ALA AA 5 26.51 22.07 -68.97
C ALA AA 5 27.79 22.49 -69.69
N GLN AA 6 28.79 21.63 -69.71
CA GLN AA 6 30.04 21.89 -70.39
C GLN AA 6 30.31 20.79 -71.41
N GLU AA 7 31.33 21.02 -72.24
CA GLU AA 7 31.69 20.05 -73.27
C GLU AA 7 32.25 18.78 -72.64
N SER AA 8 31.86 17.65 -73.21
CA SER AA 8 32.28 16.34 -72.70
C SER AA 8 33.68 16.05 -73.20
N LYS AA 9 34.66 16.16 -72.30
CA LYS AA 9 36.06 15.93 -72.63
C LYS AA 9 36.65 14.93 -71.65
N LEU AA 10 37.67 14.21 -72.12
CA LEU AA 10 38.37 13.25 -71.27
C LEU AA 10 39.83 13.21 -71.74
N ARG AA 11 40.68 13.98 -71.10
CA ARG AA 11 42.11 14.01 -71.39
C ARG AA 11 42.82 13.17 -70.34
N LEU AA 12 43.42 12.08 -70.78
CA LEU AA 12 44.13 11.17 -69.89
C LEU AA 12 45.58 11.02 -70.36
N LYS AA 13 46.51 11.04 -69.42
CA LYS AA 13 47.92 10.85 -69.71
C LYS AA 13 48.50 9.95 -68.63
N THR AA 14 48.96 8.77 -69.04
CA THR AA 14 49.51 7.79 -68.12
C THR AA 14 51.01 7.64 -68.32
N LYS AA 15 51.72 7.38 -67.23
CA LYS AA 15 53.16 7.18 -67.24
C LYS AA 15 53.52 6.11 -66.23
N ILE AA 16 54.78 5.71 -66.24
CA ILE AA 16 55.28 4.70 -65.30
C ILE AA 16 55.59 5.37 -63.98
N GLY AA 17 55.03 4.83 -62.90
CA GLY AA 17 55.19 5.41 -61.58
C GLY AA 17 56.53 5.09 -60.95
N ALA AA 18 56.72 5.62 -59.74
CA ALA AA 18 57.96 5.40 -59.01
C ALA AA 18 58.13 3.93 -58.64
N ASP AA 19 57.05 3.27 -58.25
CA ASP AA 19 57.12 1.87 -57.86
C ASP AA 19 57.10 0.91 -59.05
N GLY AA 20 57.16 1.43 -60.28
CA GLY AA 20 57.18 0.61 -61.46
C GLY AA 20 55.84 0.28 -62.06
N ARG AA 21 54.75 0.64 -61.39
CA ARG AA 21 53.42 0.41 -61.94
C ARG AA 21 53.03 1.53 -62.89
N CYS AA 22 52.01 1.26 -63.70
CA CYS AA 22 51.46 2.27 -64.61
C CYS AA 22 50.49 3.15 -63.84
N VAL AA 23 50.82 4.44 -63.73
CA VAL AA 23 50.01 5.38 -62.97
C VAL AA 23 49.48 6.45 -63.91
N ILE AA 24 48.43 7.12 -63.46
CA ILE AA 24 47.83 8.21 -64.21
C ILE AA 24 48.60 9.48 -63.87
N GLU AA 25 49.39 9.97 -64.82
CA GLU AA 25 50.13 11.20 -64.58
C GLU AA 25 49.20 12.40 -64.54
N ASP AA 26 48.24 12.47 -65.46
CA ASP AA 26 47.31 13.59 -65.50
C ASP AA 26 45.98 13.12 -66.05
N ASN AA 27 44.91 13.77 -65.61
CA ASN AA 27 43.59 13.43 -66.12
C ASN AA 27 42.64 14.59 -65.85
N PHE AA 28 41.80 14.87 -66.84
CA PHE AA 28 40.78 15.91 -66.75
C PHE AA 28 39.54 15.40 -67.48
N PHE AA 29 38.45 15.22 -66.73
CA PHE AA 29 37.22 14.67 -67.30
C PHE AA 29 36.04 15.53 -66.91
N THR AA 30 35.24 15.90 -67.88
CA THR AA 30 33.95 16.52 -67.69
C THR AA 30 32.86 15.48 -67.88
N PRO AA 31 31.66 15.73 -67.35
CA PRO AA 31 30.59 14.74 -67.50
C PRO AA 31 30.30 14.49 -68.96
N PRO AA 32 29.91 13.26 -69.33
CA PRO AA 32 29.68 12.14 -68.41
C PRO AA 32 30.93 11.30 -68.12
N PHE AA 33 32.09 11.78 -68.55
CA PHE AA 33 33.32 11.02 -68.38
C PHE AA 33 33.77 11.03 -66.93
N LYS AA 34 34.48 9.98 -66.54
CA LYS AA 34 35.08 9.89 -65.22
C LYS AA 34 36.22 8.89 -65.26
N LEU AA 35 37.25 9.16 -64.46
CA LEU AA 35 38.41 8.29 -64.35
C LEU AA 35 38.66 7.95 -62.89
N MET AA 36 38.82 6.67 -62.61
CA MET AA 36 39.21 6.20 -61.29
C MET AA 36 40.69 5.82 -61.29
N ALA AA 37 41.18 5.37 -60.15
CA ALA AA 37 42.55 4.91 -60.09
C ALA AA 37 42.70 3.64 -60.91
N PRO AA 38 43.85 3.45 -61.57
CA PRO AA 38 44.06 2.23 -62.36
C PRO AA 38 43.99 0.99 -61.48
N PHE AA 39 43.45 -0.08 -62.04
CA PHE AA 39 43.42 -1.37 -61.37
C PHE AA 39 44.61 -2.19 -61.80
N TYR AA 40 45.17 -2.95 -60.86
CA TYR AA 40 46.39 -3.73 -61.08
C TYR AA 40 46.10 -5.19 -60.77
N PRO AA 41 45.62 -5.97 -61.74
CA PRO AA 41 45.49 -7.41 -61.53
C PRO AA 41 46.83 -8.04 -61.24
N LYS AA 42 46.79 -9.25 -60.69
CA LYS AA 42 48.01 -9.89 -60.19
C LYS AA 42 49.01 -10.12 -61.32
N ASP AA 43 48.55 -10.60 -62.47
CA ASP AA 43 49.45 -10.97 -63.55
C ASP AA 43 49.27 -10.18 -64.84
N ASP AA 44 48.12 -9.55 -65.06
CA ASP AA 44 47.84 -8.91 -66.33
C ASP AA 44 48.42 -7.50 -66.36
N LEU AA 45 48.06 -6.73 -67.38
CA LEU AA 45 48.49 -5.36 -67.54
C LEU AA 45 47.67 -4.44 -66.63
N ALA AA 46 48.12 -3.20 -66.49
CA ALA AA 46 47.37 -2.26 -65.67
C ALA AA 46 46.09 -1.86 -66.40
N GLU AA 47 44.95 -2.01 -65.73
CA GLU AA 47 43.65 -1.80 -66.36
C GLU AA 47 43.10 -0.44 -65.98
N ILE AA 48 42.63 0.30 -66.99
CA ILE AA 48 41.96 1.58 -66.81
C ILE AA 48 40.57 1.47 -67.42
N MET AA 49 39.55 1.78 -66.64
CA MET AA 49 38.17 1.74 -67.09
C MET AA 49 37.71 3.15 -67.40
N LEU AA 50 37.33 3.39 -68.65
CA LEU AA 50 36.78 4.68 -69.06
C LEU AA 50 35.32 4.72 -68.64
N LEU AA 51 35.06 5.31 -67.48
CA LEU AA 51 33.70 5.37 -66.97
C LEU AA 51 32.88 6.37 -67.77
N ALA AA 52 31.66 5.99 -68.11
CA ALA AA 52 30.69 6.88 -68.73
C ALA AA 52 29.46 6.91 -67.84
N VAL AA 53 29.27 8.04 -67.15
CA VAL AA 53 28.15 8.17 -66.22
C VAL AA 53 26.97 8.67 -67.03
N SER AA 54 26.30 7.72 -67.70
CA SER AA 54 25.15 8.00 -68.56
C SER AA 54 24.55 6.68 -69.03
N PRO AA 55 23.24 6.63 -69.27
CA PRO AA 55 22.65 5.43 -69.86
C PRO AA 55 23.15 5.15 -71.27
N GLY AA 56 23.71 6.15 -71.95
CA GLY AA 56 24.19 5.98 -73.30
C GLY AA 56 24.20 7.30 -74.02
N MET AA 57 24.81 7.29 -75.21
CA MET AA 57 24.90 8.50 -76.00
C MET AA 57 23.52 8.86 -76.56
N MET AA 58 23.14 10.12 -76.39
CA MET AA 58 21.86 10.63 -76.87
C MET AA 58 22.11 11.75 -77.89
N ARG AA 59 21.03 12.39 -78.32
CA ARG AA 59 21.15 13.43 -79.33
C ARG AA 59 21.95 14.61 -78.80
N GLY AA 60 22.86 15.10 -79.63
CA GLY AA 60 23.68 16.24 -79.28
C GLY AA 60 24.93 15.92 -78.48
N ASP AA 61 25.13 14.66 -78.09
CA ASP AA 61 26.33 14.29 -77.37
C ASP AA 61 27.54 14.40 -78.27
N ALA AA 62 28.59 15.06 -77.79
CA ALA AA 62 29.81 15.26 -78.56
C ALA AA 62 30.99 15.03 -77.60
N GLN AA 63 31.51 13.81 -77.61
CA GLN AA 63 32.56 13.41 -76.69
C GLN AA 63 33.92 13.58 -77.35
N ASP AA 64 34.88 14.11 -76.59
CA ASP AA 64 36.24 14.34 -77.07
C ASP AA 64 37.20 13.65 -76.11
N VAL AA 65 37.73 12.51 -76.53
CA VAL AA 65 38.64 11.70 -75.71
C VAL AA 65 40.04 11.84 -76.27
N GLN AA 66 41.02 12.02 -75.38
CA GLN AA 66 42.42 12.15 -75.77
C GLN AA 66 43.25 11.35 -74.78
N LEU AA 67 43.67 10.17 -75.19
CA LEU AA 67 44.48 9.28 -74.36
C LEU AA 67 45.94 9.36 -74.77
N ASN AA 68 46.83 9.39 -73.79
CA ASN AA 68 48.27 9.51 -74.04
C ASN AA 68 48.99 8.51 -73.14
N ILE AA 69 49.34 7.37 -73.70
CA ILE AA 69 50.10 6.35 -72.98
C ILE AA 69 51.58 6.64 -73.17
N GLY AA 70 52.31 6.75 -72.05
CA GLY AA 70 53.71 7.07 -72.12
C GLY AA 70 54.56 5.84 -72.38
N PRO AA 71 55.87 6.06 -72.46
CA PRO AA 71 56.78 4.96 -72.77
C PRO AA 71 56.76 3.87 -71.72
N ASN AA 72 56.96 2.64 -72.18
CA ASN AA 72 57.10 1.46 -71.32
C ASN AA 72 55.87 1.23 -70.43
N CYS AA 73 54.69 1.59 -70.92
CA CYS AA 73 53.44 1.41 -70.19
C CYS AA 73 52.66 0.25 -70.79
N LYS AA 74 52.28 -0.71 -69.96
CA LYS AA 74 51.50 -1.88 -70.37
C LYS AA 74 50.09 -1.69 -69.84
N LEU AA 75 49.24 -1.07 -70.66
CA LEU AA 75 47.93 -0.62 -70.23
C LEU AA 75 46.84 -1.27 -71.06
N ARG AA 76 45.80 -1.75 -70.39
CA ARG AA 76 44.59 -2.26 -71.01
C ARG AA 76 43.45 -1.32 -70.65
N ILE AA 77 42.81 -0.74 -71.66
CA ILE AA 77 41.77 0.26 -71.45
C ILE AA 77 40.44 -0.38 -71.84
N THR AA 78 39.55 -0.51 -70.86
CA THR AA 78 38.23 -1.09 -71.05
C THR AA 78 37.17 -0.03 -70.76
N SER AA 79 35.90 -0.43 -70.89
CA SER AA 79 34.79 0.45 -70.58
C SER AA 79 33.90 -0.22 -69.53
N GLN AA 80 33.00 0.59 -68.96
CA GLN AA 80 32.15 0.10 -67.87
C GLN AA 80 31.18 -0.96 -68.37
N SER AA 81 30.48 -0.69 -69.47
CA SER AA 81 29.45 -1.60 -69.97
C SER AA 81 29.27 -1.33 -71.45
N PHE AA 82 28.26 -1.98 -72.04
CA PHE AA 82 27.97 -1.80 -73.46
C PHE AA 82 27.62 -0.36 -73.74
N GLU AA 83 28.21 0.20 -74.80
CA GLU AA 83 27.94 1.57 -75.20
C GLU AA 83 26.68 1.59 -76.07
N LYS AA 84 25.62 2.20 -75.56
CA LYS AA 84 24.34 2.21 -76.24
C LYS AA 84 24.10 3.58 -76.86
N ILE AA 85 23.80 3.60 -78.15
CA ILE AA 85 23.41 4.82 -78.85
C ILE AA 85 21.90 4.89 -78.85
N HIS AA 86 21.36 5.90 -78.18
CA HIS AA 86 19.92 6.03 -78.03
C HIS AA 86 19.32 6.66 -79.29
N ASN AA 87 18.00 6.78 -79.29
CA ASN AA 87 17.29 7.40 -80.40
C ASN AA 87 17.66 8.87 -80.48
N THR AA 88 18.47 9.23 -81.48
CA THR AA 88 18.77 10.63 -81.77
C THR AA 88 17.71 11.12 -82.75
N GLU AA 89 16.81 11.96 -82.27
CA GLU AA 89 15.61 12.32 -83.03
C GLU AA 89 15.96 12.99 -84.34
N ASP AA 90 16.56 14.18 -84.27
CA ASP AA 90 16.98 14.90 -85.46
C ASP AA 90 18.49 15.09 -85.55
N GLY AA 91 19.21 14.99 -84.44
CA GLY AA 91 20.64 15.16 -84.41
C GLY AA 91 21.37 13.83 -84.41
N PHE AA 92 22.56 13.83 -83.81
CA PHE AA 92 23.41 12.66 -83.81
C PHE AA 92 24.31 12.69 -82.59
N ALA AA 93 24.89 11.54 -82.27
CA ALA AA 93 25.87 11.40 -81.21
C ALA AA 93 27.24 11.17 -81.84
N SER AA 94 28.23 11.95 -81.42
CA SER AA 94 29.55 11.91 -82.01
C SER AA 94 30.60 11.66 -80.93
N ARG AA 95 31.57 10.82 -81.26
CA ARG AA 95 32.72 10.56 -80.41
C ARG AA 95 33.98 10.76 -81.24
N ASP AA 96 34.94 11.51 -80.68
CA ASP AA 96 36.22 11.76 -81.34
C ASP AA 96 37.32 11.36 -80.37
N MET AA 97 37.99 10.25 -80.64
CA MET AA 97 38.98 9.69 -79.74
C MET AA 97 40.35 9.71 -80.40
N HIS AA 98 41.27 10.47 -79.83
CA HIS AA 98 42.65 10.55 -80.29
C HIS AA 98 43.55 9.89 -79.26
N ILE AA 99 44.31 8.89 -79.69
CA ILE AA 99 45.17 8.12 -78.82
C ILE AA 99 46.61 8.27 -79.31
N VAL AA 100 47.53 8.45 -78.36
CA VAL AA 100 48.95 8.56 -78.66
C VAL AA 100 49.69 7.56 -77.79
N VAL AA 101 50.35 6.59 -78.42
CA VAL AA 101 51.11 5.56 -77.71
C VAL AA 101 52.59 5.87 -77.86
N GLY AA 102 53.32 5.83 -76.74
CA GLY AA 102 54.73 6.13 -76.74
C GLY AA 102 55.59 4.93 -77.10
N GLU AA 103 56.90 5.14 -77.01
CA GLU AA 103 57.86 4.11 -77.36
C GLU AA 103 57.78 2.93 -76.39
N ASN AA 104 57.86 1.72 -76.94
CA ASN AA 104 57.88 0.48 -76.16
C ASN AA 104 56.66 0.35 -75.25
N ALA AA 105 55.53 0.94 -75.66
CA ALA AA 105 54.32 0.93 -74.86
C ALA AA 105 53.29 0.02 -75.52
N PHE AA 106 52.61 -0.77 -74.70
CA PHE AA 106 51.55 -1.67 -75.16
C PHE AA 106 50.21 -1.13 -74.66
N LEU AA 107 49.29 -0.93 -75.60
CA LEU AA 107 47.93 -0.50 -75.30
C LEU AA 107 46.95 -1.52 -75.84
N ASP AA 108 46.11 -2.06 -74.98
CA ASP AA 108 45.06 -3.00 -75.34
C ASP AA 108 43.73 -2.29 -75.15
N PHE AA 109 43.23 -1.69 -76.23
CA PHE AA 109 41.97 -0.96 -76.19
C PHE AA 109 40.84 -1.95 -76.47
N ALA AA 110 40.13 -2.37 -75.42
CA ALA AA 110 39.09 -3.39 -75.53
C ALA AA 110 37.80 -2.86 -74.92
N PRO AA 111 37.10 -1.99 -75.63
CA PRO AA 111 35.80 -1.50 -75.14
C PRO AA 111 34.71 -2.54 -75.35
N PHE AA 112 33.61 -2.34 -74.64
CA PHE AA 112 32.47 -3.22 -74.76
C PHE AA 112 31.74 -2.97 -76.08
N PRO AA 113 30.93 -3.92 -76.54
CA PRO AA 113 30.26 -3.75 -77.83
C PRO AA 113 29.32 -2.56 -77.85
N LEU AA 114 29.18 -1.97 -79.04
CA LEU AA 114 28.30 -0.84 -79.26
C LEU AA 114 26.94 -1.32 -79.72
N ILE AA 115 25.89 -0.89 -79.02
CA ILE AA 115 24.52 -1.29 -79.32
C ILE AA 115 23.75 -0.05 -79.77
N PRO AA 116 23.52 0.10 -81.06
CA PRO AA 116 22.69 1.22 -81.53
C PRO AA 116 21.21 0.89 -81.43
N PHE AA 117 20.44 1.80 -80.86
CA PHE AA 117 19.00 1.60 -80.70
C PHE AA 117 18.30 2.00 -82.00
N GLU AA 118 16.98 2.00 -81.99
CA GLU AA 118 16.21 2.39 -83.16
C GLU AA 118 16.40 3.88 -83.44
N ASN AA 119 16.60 4.21 -84.73
CA ASN AA 119 16.80 5.57 -85.19
C ASN AA 119 18.01 6.22 -84.51
N ALA AA 120 19.09 5.46 -84.39
CA ALA AA 120 20.33 5.94 -83.79
C ALA AA 120 21.28 6.41 -84.88
N HIS AA 121 21.83 7.61 -84.70
CA HIS AA 121 22.81 8.18 -85.62
C HIS AA 121 24.09 8.45 -84.84
N PHE AA 122 25.15 7.73 -85.18
CA PHE AA 122 26.42 7.82 -84.46
C PHE AA 122 27.56 8.08 -85.44
N LYS AA 123 28.47 8.95 -85.03
CA LYS AA 123 29.66 9.29 -85.79
C LYS AA 123 30.87 9.16 -84.88
N GLY AA 124 31.64 8.09 -85.07
CA GLY AA 124 32.86 7.86 -84.31
C GLY AA 124 34.08 8.09 -85.18
N ASN AA 125 35.08 8.76 -84.61
CA ASN AA 125 36.32 9.07 -85.32
C ASN AA 125 37.49 8.80 -84.38
N THR AA 126 38.19 7.70 -84.62
CA THR AA 126 39.32 7.31 -83.79
C THR AA 126 40.60 7.50 -84.59
N THR AA 127 41.55 8.21 -83.99
CA THR AA 127 42.86 8.45 -84.60
C THR AA 127 43.93 7.99 -83.61
N ILE AA 128 44.61 6.88 -83.94
CA ILE AA 128 45.65 6.33 -83.11
C ILE AA 128 47.00 6.64 -83.74
N SER AA 129 47.92 7.15 -82.93
CA SER AA 129 49.28 7.43 -83.36
C SER AA 129 50.24 6.58 -82.55
N LEU AA 130 51.20 5.98 -83.22
CA LEU AA 130 52.13 5.05 -82.57
C LEU AA 130 53.55 5.40 -82.94
N ARG AA 131 54.49 4.91 -82.13
CA ARG AA 131 55.89 4.94 -82.47
C ARG AA 131 56.27 3.64 -83.17
N SER AA 132 57.54 3.53 -83.57
CA SER AA 132 58.00 2.31 -84.23
C SER AA 132 57.89 1.11 -83.29
N SER AA 133 58.23 1.29 -82.02
CA SER AA 133 58.22 0.21 -81.05
C SER AA 133 56.87 0.04 -80.35
N SER AA 134 55.92 0.94 -80.58
CA SER AA 134 54.64 0.87 -79.91
C SER AA 134 53.86 -0.35 -80.37
N GLN AA 135 53.14 -0.98 -79.44
CA GLN AA 135 52.24 -2.09 -79.74
C GLN AA 135 50.81 -1.66 -79.48
N LEU AA 136 49.91 -2.02 -80.39
CA LEU AA 136 48.51 -1.66 -80.26
C LEU AA 136 47.65 -2.88 -80.53
N LEU AA 137 46.60 -3.04 -79.73
CA LEU AA 137 45.58 -4.07 -79.92
C LEU AA 137 44.23 -3.37 -79.87
N TYR AA 138 43.80 -2.83 -81.01
CA TYR AA 138 42.55 -2.09 -81.07
C TYR AA 138 41.40 -3.02 -81.41
N SER AA 139 40.23 -2.74 -80.87
CA SER AA 139 39.08 -3.59 -81.10
C SER AA 139 37.82 -2.74 -81.17
N ALA AA 140 36.81 -3.27 -81.87
CA ALA AA 140 35.52 -2.61 -81.95
C ALA AA 140 34.47 -3.65 -82.30
N ILE AA 141 33.41 -3.75 -81.50
CA ILE AA 141 32.31 -4.65 -81.74
C ILE AA 141 31.06 -3.82 -81.99
N ILE AA 142 30.35 -4.13 -83.07
CA ILE AA 142 29.11 -3.44 -83.43
C ILE AA 142 27.99 -4.47 -83.48
N VAL AA 143 26.90 -4.17 -82.80
CA VAL AA 143 25.73 -5.03 -82.78
C VAL AA 143 24.68 -4.45 -83.71
N ALA AA 144 23.84 -5.32 -84.27
CA ALA AA 144 22.77 -4.88 -85.15
C ALA AA 144 21.66 -4.14 -84.42
N GLY AA 145 21.66 -4.17 -83.09
CA GLY AA 145 20.63 -3.55 -82.29
C GLY AA 145 20.25 -4.48 -81.15
N ARG AA 146 19.11 -4.22 -80.55
CA ARG AA 146 18.60 -5.07 -79.48
C ARG AA 146 18.02 -6.32 -80.12
N VAL AA 147 18.89 -7.30 -80.32
CA VAL AA 147 18.55 -8.48 -81.12
C VAL AA 147 17.44 -9.28 -80.46
N ALA AA 148 17.52 -9.48 -79.14
CA ALA AA 148 16.59 -10.36 -78.46
C ALA AA 148 15.16 -9.84 -78.51
N ARG AA 149 14.94 -8.56 -78.81
CA ARG AA 149 13.60 -8.02 -78.98
C ARG AA 149 13.30 -7.67 -80.43
N ASN AA 150 14.00 -8.30 -81.38
CA ASN AA 150 13.73 -8.14 -82.81
C ASN AA 150 13.93 -6.69 -83.28
N GLU AA 151 14.93 -6.02 -82.73
CA GLU AA 151 15.32 -4.69 -83.18
C GLU AA 151 16.60 -4.84 -83.99
N LEU AA 152 16.44 -5.14 -85.28
CA LEU AA 152 17.56 -5.42 -86.17
C LEU AA 152 17.70 -4.30 -87.19
N PHE AA 153 18.83 -3.62 -87.17
CA PHE AA 153 19.17 -2.58 -88.16
C PHE AA 153 18.08 -1.52 -88.25
N LYS AA 154 17.53 -1.15 -87.10
CA LYS AA 154 16.53 -0.10 -87.03
C LYS AA 154 17.14 1.28 -86.78
N PHE AA 155 18.46 1.37 -86.66
CA PHE AA 155 19.11 2.63 -86.39
C PHE AA 155 19.18 3.48 -87.66
N ASN AA 156 19.44 4.76 -87.46
CA ASN AA 156 19.53 5.69 -88.58
C ASN AA 156 20.82 5.46 -89.39
N ARG AA 157 21.97 5.62 -88.75
CA ARG AA 157 23.24 5.54 -89.46
C ARG AA 157 24.37 5.37 -88.46
N LEU AA 158 25.32 4.51 -88.79
CA LEU AA 158 26.51 4.29 -87.98
C LEU AA 158 27.73 4.54 -88.86
N HIS AA 159 28.44 5.64 -88.61
CA HIS AA 159 29.68 5.94 -89.30
C HIS AA 159 30.82 5.82 -88.30
N THR AA 160 31.83 5.03 -88.63
CA THR AA 160 32.97 4.81 -87.76
C THR AA 160 34.24 4.84 -88.59
N LYS AA 161 35.07 5.85 -88.37
CA LYS AA 161 36.34 5.99 -89.06
C LYS AA 161 37.47 5.69 -88.08
N ILE AA 162 38.40 4.85 -88.50
CA ILE AA 162 39.59 4.50 -87.72
C ILE AA 162 40.81 4.81 -88.58
N SER AA 163 41.75 5.56 -88.01
CA SER AA 163 42.97 5.93 -88.70
C SER AA 163 44.15 5.65 -87.79
N ILE AA 164 44.95 4.65 -88.13
CA ILE AA 164 46.11 4.26 -87.34
C ILE AA 164 47.36 4.67 -88.12
N LEU AA 165 48.16 5.55 -87.50
CA LEU AA 165 49.41 6.04 -88.08
C LEU AA 165 50.57 5.55 -87.22
N GLN AA 166 51.65 5.13 -87.88
CA GLN AA 166 52.87 4.70 -87.22
C GLN AA 166 54.01 5.58 -87.67
N ASP AA 167 54.72 6.18 -86.71
CA ASP AA 167 55.79 7.13 -86.99
C ASP AA 167 55.29 8.26 -87.90
N GLU AA 168 54.07 8.73 -87.62
CA GLU AA 168 53.41 9.77 -88.41
C GLU AA 168 53.30 9.37 -89.88
N LYS AA 169 53.01 8.10 -90.13
CA LYS AA 169 52.78 7.59 -91.47
C LYS AA 169 51.56 6.69 -91.42
N PRO AA 170 50.59 6.85 -92.33
CA PRO AA 170 49.37 6.04 -92.25
C PRO AA 170 49.66 4.57 -92.50
N ILE AA 171 49.18 3.73 -91.60
CA ILE AA 171 49.33 2.28 -91.75
C ILE AA 171 48.01 1.54 -91.73
N TYR AA 172 46.93 2.13 -91.24
CA TYR AA 172 45.64 1.45 -91.27
C TYR AA 172 44.53 2.48 -91.43
N TYR AA 173 43.59 2.18 -92.32
CA TYR AA 173 42.41 2.99 -92.54
C TYR AA 173 41.19 2.09 -92.53
N ASP AA 174 40.14 2.52 -91.83
CA ASP AA 174 38.88 1.79 -91.80
C ASP AA 174 37.74 2.77 -91.82
N ASN AA 175 36.73 2.50 -92.66
CA ASN AA 175 35.56 3.36 -92.81
C ASN AA 175 34.33 2.46 -92.81
N THR AA 176 33.80 2.20 -91.62
CA THR AA 176 32.62 1.35 -91.49
C THR AA 176 31.37 2.23 -91.53
N ILE AA 177 30.57 2.09 -92.58
CA ILE AA 177 29.32 2.83 -92.72
C ILE AA 177 28.19 1.82 -92.77
N LEU AA 178 27.25 1.93 -91.85
CA LEU AA 178 26.07 1.08 -91.79
C LEU AA 178 24.85 1.99 -91.90
N ASP AA 179 24.19 1.95 -93.06
CA ASP AA 179 23.00 2.75 -93.31
C ASP AA 179 21.92 1.82 -93.83
N PRO AA 180 21.01 1.36 -92.97
CA PRO AA 180 19.95 0.46 -93.44
C PRO AA 180 19.05 1.08 -94.50
N LYS AA 181 18.90 2.40 -94.50
CA LYS AA 181 18.05 3.04 -95.50
C LYS AA 181 18.62 2.88 -96.90
N THR AA 182 19.94 3.02 -97.05
CA THR AA 182 20.53 2.95 -98.38
C THR AA 182 20.60 1.52 -98.90
N THR AA 183 20.87 0.56 -98.02
CA THR AA 183 21.03 -0.83 -98.44
C THR AA 183 20.62 -1.74 -97.30
N ASP AA 184 20.30 -2.98 -97.66
CA ASP AA 184 19.93 -3.99 -96.67
C ASP AA 184 21.20 -4.61 -96.10
N LEU AA 185 21.49 -4.30 -94.84
CA LEU AA 185 22.67 -4.83 -94.18
C LEU AA 185 22.55 -6.32 -93.88
N ASN AA 186 21.37 -6.91 -94.08
CA ASN AA 186 21.17 -8.33 -93.88
C ASN AA 186 21.54 -9.17 -95.09
N ASN AA 187 22.05 -8.54 -96.16
CA ASN AA 187 22.37 -9.28 -97.38
C ASN AA 187 23.56 -10.20 -97.16
N MET AA 188 23.86 -11.00 -98.18
CA MET AA 188 24.90 -12.02 -98.08
C MET AA 188 26.30 -11.44 -98.00
N CYS AA 189 26.49 -10.15 -98.28
CA CYS AA 189 27.82 -9.55 -98.25
C CYS AA 189 28.07 -8.68 -97.04
N MET AA 190 27.03 -8.21 -96.37
CA MET AA 190 27.21 -7.33 -95.22
C MET AA 190 27.21 -8.10 -93.89
N PHE AA 191 26.12 -8.80 -93.58
CA PHE AA 191 26.04 -9.51 -92.31
C PHE AA 191 25.63 -10.96 -92.50
N ASP AA 192 24.87 -11.24 -93.56
CA ASP AA 192 24.45 -12.61 -93.89
C ASP AA 192 23.73 -13.27 -92.71
N GLY AA 193 22.85 -12.53 -92.06
CA GLY AA 193 22.09 -13.04 -90.96
C GLY AA 193 22.77 -12.98 -89.62
N TYR AA 194 24.02 -12.53 -89.57
CA TYR AA 194 24.70 -12.34 -88.30
C TYR AA 194 24.33 -10.98 -87.71
N THR AA 195 24.47 -10.88 -86.38
CA THR AA 195 24.05 -9.68 -85.67
C THR AA 195 25.20 -8.96 -84.98
N HIS AA 196 26.33 -9.60 -84.75
CA HIS AA 196 27.46 -9.00 -84.04
C HIS AA 196 28.69 -9.07 -84.93
N TYR AA 197 29.40 -7.95 -85.05
CA TYR AA 197 30.57 -7.86 -85.91
C TYR AA 197 31.75 -7.33 -85.10
N LEU AA 198 32.85 -8.07 -85.12
CA LEU AA 198 34.07 -7.71 -84.40
C LEU AA 198 35.16 -7.36 -85.40
N ASN AA 199 35.79 -6.20 -85.20
CA ASN AA 199 36.92 -5.76 -85.98
C ASN AA 199 38.09 -5.54 -85.03
N LEU AA 200 39.18 -6.26 -85.25
CA LEU AA 200 40.34 -6.22 -84.38
C LEU AA 200 41.57 -5.89 -85.22
N VAL AA 201 42.43 -5.02 -84.69
CA VAL AA 201 43.67 -4.64 -85.37
C VAL AA 201 44.82 -4.85 -84.41
N LEU AA 202 45.77 -5.69 -84.80
CA LEU AA 202 46.98 -5.97 -84.03
C LEU AA 202 48.15 -5.34 -84.77
N VAL AA 203 48.78 -4.34 -84.16
CA VAL AA 203 49.91 -3.62 -84.73
C VAL AA 203 51.14 -3.93 -83.89
N ASN AA 204 52.17 -4.44 -84.54
CA ASN AA 204 53.46 -4.76 -83.93
C ASN AA 204 53.37 -5.81 -82.84
N CYS AA 205 52.24 -6.51 -82.74
CA CYS AA 205 52.10 -7.57 -81.75
C CYS AA 205 52.93 -8.78 -82.16
N PRO AA 206 53.56 -9.47 -81.20
CA PRO AA 206 54.40 -10.64 -81.51
C PRO AA 206 53.60 -11.95 -81.62
N ILE AA 207 52.57 -11.92 -82.45
CA ILE AA 207 51.71 -13.09 -82.66
C ILE AA 207 51.70 -13.42 -84.14
N GLU AA 208 51.68 -14.72 -84.45
CA GLU AA 208 51.74 -15.18 -85.82
C GLU AA 208 50.34 -15.32 -86.42
N LEU AA 209 50.28 -15.13 -87.74
CA LEU AA 209 49.02 -15.32 -88.45
C LEU AA 209 48.48 -16.73 -88.28
N SER AA 210 49.39 -17.71 -88.22
CA SER AA 210 48.96 -19.09 -87.98
C SER AA 210 48.31 -19.24 -86.62
N GLY AA 211 48.90 -18.61 -85.59
CA GLY AA 211 48.31 -18.68 -84.26
C GLY AA 211 46.95 -18.00 -84.19
N VAL AA 212 46.84 -16.83 -84.82
CA VAL AA 212 45.55 -16.13 -84.83
C VAL AA 212 44.50 -16.96 -85.57
N ARG AA 213 44.89 -17.56 -86.70
CA ARG AA 213 43.96 -18.39 -87.45
C ARG AA 213 43.53 -19.61 -86.65
N GLU AA 214 44.46 -20.23 -85.93
CA GLU AA 214 44.08 -21.36 -85.08
C GLU AA 214 43.12 -20.94 -83.99
N CYS AA 215 43.35 -19.76 -83.39
CA CYS AA 215 42.41 -19.26 -82.38
C CYS AA 215 41.03 -19.02 -82.98
N ILE AA 216 40.97 -18.41 -84.16
CA ILE AA 216 39.69 -18.15 -84.80
C ILE AA 216 38.97 -19.46 -85.13
N GLU AA 217 39.71 -20.44 -85.65
CA GLU AA 217 39.10 -21.71 -86.02
C GLU AA 217 38.58 -22.45 -84.79
N GLU AA 218 39.35 -22.46 -83.71
CA GLU AA 218 38.90 -23.16 -82.51
C GLU AA 218 37.81 -22.41 -81.76
N SER AA 219 37.66 -21.11 -82.01
CA SER AA 219 36.54 -20.37 -81.42
C SER AA 219 35.24 -20.82 -82.06
N GLU AA 220 34.24 -21.12 -81.24
CA GLU AA 220 32.99 -21.69 -81.70
C GLU AA 220 31.93 -20.62 -81.88
N GLY AA 221 31.02 -20.86 -82.82
CA GLY AA 221 29.91 -19.95 -83.07
C GLY AA 221 30.26 -18.67 -83.78
N VAL AA 222 31.47 -18.57 -84.32
CA VAL AA 222 31.95 -17.34 -84.95
C VAL AA 222 32.45 -17.66 -86.35
N ASP AA 223 31.99 -16.89 -87.33
CA ASP AA 223 32.50 -16.94 -88.69
C ASP AA 223 33.50 -15.80 -88.82
N GLY AA 224 34.79 -16.12 -88.71
CA GLY AA 224 35.82 -15.11 -88.63
C GLY AA 224 37.00 -15.44 -89.53
N ALA AA 225 37.84 -14.43 -89.73
CA ALA AA 225 39.03 -14.57 -90.55
C ALA AA 225 40.05 -13.52 -90.13
N VAL AA 226 41.31 -13.78 -90.46
CA VAL AA 226 42.42 -12.89 -90.14
C VAL AA 226 43.32 -12.79 -91.36
N SER AA 227 43.76 -11.57 -91.66
CA SER AA 227 44.66 -11.32 -92.78
C SER AA 227 45.71 -10.32 -92.36
N GLU AA 228 46.63 -10.03 -93.28
CA GLU AA 228 47.68 -9.06 -93.07
C GLU AA 228 47.41 -7.83 -93.93
N THR AA 229 47.50 -6.65 -93.32
CA THR AA 229 47.25 -5.41 -94.03
C THR AA 229 48.48 -5.06 -94.88
N ALA AA 230 48.44 -3.90 -95.53
CA ALA AA 230 49.57 -3.48 -96.35
C ALA AA 230 50.82 -3.27 -95.52
N SER AA 231 50.68 -2.71 -94.31
CA SER AA 231 51.80 -2.42 -93.44
C SER AA 231 52.22 -3.62 -92.60
N SER AA 232 51.84 -4.83 -93.00
CA SER AA 232 52.26 -6.06 -92.32
C SER AA 232 51.82 -6.09 -90.85
N HIS AA 233 50.54 -5.79 -90.63
CA HIS AA 233 49.93 -5.88 -89.31
C HIS AA 233 48.62 -6.63 -89.44
N LEU AA 234 48.23 -7.32 -88.36
CA LEU AA 234 47.13 -8.26 -88.46
C LEU AA 234 45.79 -7.57 -88.34
N CYS AA 235 44.83 -7.99 -89.16
CA CYS AA 235 43.46 -7.51 -89.10
C CYS AA 235 42.53 -8.70 -89.03
N VAL AA 236 41.66 -8.71 -88.03
CA VAL AA 236 40.73 -9.81 -87.78
C VAL AA 236 39.31 -9.28 -87.93
N LYS AA 237 38.50 -9.96 -88.73
CA LYS AA 237 37.09 -9.63 -88.88
C LYS AA 237 36.27 -10.87 -88.56
N ALA AA 238 35.32 -10.74 -87.65
CA ALA AA 238 34.52 -11.88 -87.21
C ALA AA 238 33.05 -11.49 -87.15
N LEU AA 239 32.19 -12.47 -87.37
CA LEU AA 239 30.75 -12.29 -87.25
C LEU AA 239 30.20 -13.37 -86.34
N ALA AA 240 29.17 -13.03 -85.58
CA ALA AA 240 28.59 -13.98 -84.65
C ALA AA 240 27.13 -13.62 -84.39
N LYS AA 241 26.39 -14.59 -83.89
CA LYS AA 241 24.99 -14.35 -83.54
C LYS AA 241 24.88 -13.58 -82.23
N GLY AA 242 25.81 -13.77 -81.30
CA GLY AA 242 25.82 -13.06 -80.05
C GLY AA 242 27.19 -12.48 -79.77
N SER AA 243 27.24 -11.60 -78.77
CA SER AA 243 28.49 -10.93 -78.42
C SER AA 243 29.40 -11.82 -77.57
N GLU AA 244 28.86 -12.89 -76.99
CA GLU AA 244 29.69 -13.78 -76.17
C GLU AA 244 30.80 -14.45 -76.97
N PRO AA 245 30.54 -15.08 -78.12
CA PRO AA 245 31.67 -15.66 -78.88
C PRO AA 245 32.69 -14.62 -79.31
N LEU AA 246 32.24 -13.43 -79.68
CA LEU AA 246 33.17 -12.39 -80.11
C LEU AA 246 34.05 -11.93 -78.97
N LEU AA 247 33.46 -11.72 -77.79
CA LEU AA 247 34.26 -11.32 -76.63
C LEU AA 247 35.23 -12.41 -76.22
N HIS AA 248 34.78 -13.67 -76.28
CA HIS AA 248 35.68 -14.78 -75.96
C HIS AA 248 36.84 -14.85 -76.94
N LEU AA 249 36.56 -14.67 -78.23
CA LEU AA 249 37.63 -14.67 -79.23
C LEU AA 249 38.60 -13.52 -79.00
N ARG AA 250 38.07 -12.33 -78.69
CA ARG AA 250 38.94 -11.18 -78.46
C ARG AA 250 39.83 -11.40 -77.25
N GLU AA 251 39.27 -11.92 -76.16
CA GLU AA 251 40.11 -12.17 -74.98
C GLU AA 251 41.10 -13.29 -75.22
N LYS AA 252 40.74 -14.28 -76.03
CA LYS AA 252 41.70 -15.33 -76.40
C LYS AA 252 42.87 -14.74 -77.17
N ILE AA 253 42.59 -13.89 -78.15
CA ILE AA 253 43.66 -13.28 -78.93
C ILE AA 253 44.52 -12.38 -78.05
N ALA AA 254 43.88 -11.61 -77.15
CA ALA AA 254 44.63 -10.75 -76.24
C ALA AA 254 45.54 -11.56 -75.33
N ARG AA 255 45.04 -12.68 -74.81
CA ARG AA 255 45.88 -13.54 -73.97
C ARG AA 255 47.04 -14.12 -74.78
N LEU AA 256 46.78 -14.51 -76.03
CA LEU AA 256 47.86 -15.04 -76.87
C LEU AA 256 48.91 -13.98 -77.13
N VAL AA 257 48.50 -12.73 -77.29
CA VAL AA 257 49.45 -11.64 -77.51
C VAL AA 257 50.26 -11.37 -76.24
N THR AA 258 49.59 -11.35 -75.08
CA THR AA 258 50.26 -10.97 -73.84
C THR AA 258 51.15 -12.07 -73.28
N GLN AA 259 50.81 -13.34 -73.52
CA GLN AA 259 51.61 -14.43 -72.97
C GLN AA 259 53.01 -14.48 -73.57
N THR AA 260 53.23 -13.82 -74.70
CA THR AA 260 54.56 -13.75 -75.31
C THR AA 260 55.49 -12.89 -74.46
N ASP BA 30 37.65 2.68 -132.72
CA ASP BA 30 37.85 3.99 -132.11
C ASP BA 30 38.10 3.87 -130.61
N ASN BA 31 37.54 4.80 -129.84
CA ASN BA 31 37.72 4.78 -128.40
C ASN BA 31 37.12 3.52 -127.79
N GLU BA 32 35.90 3.15 -128.21
CA GLU BA 32 35.28 1.94 -127.68
C GLU BA 32 36.06 0.69 -128.09
N PHE BA 33 36.57 0.66 -129.32
CA PHE BA 33 37.37 -0.48 -129.76
C PHE BA 33 38.64 -0.62 -128.94
N LEU BA 34 39.32 0.50 -128.67
CA LEU BA 34 40.54 0.44 -127.86
C LEU BA 34 40.23 0.06 -126.42
N ILE BA 35 39.11 0.55 -125.88
CA ILE BA 35 38.70 0.16 -124.53
C ILE BA 35 38.46 -1.34 -124.46
N LEU BA 36 37.73 -1.89 -125.44
CA LEU BA 36 37.48 -3.32 -125.44
C LEU BA 36 38.77 -4.11 -125.60
N GLN BA 37 39.68 -3.63 -126.46
CA GLN BA 37 40.93 -4.34 -126.68
C GLN BA 37 41.77 -4.39 -125.39
N VAL BA 38 41.91 -3.25 -124.72
CA VAL BA 38 42.73 -3.23 -123.51
C VAL BA 38 42.06 -4.02 -122.39
N ASN BA 39 40.73 -3.94 -122.29
CA ASN BA 39 40.02 -4.72 -121.29
C ASN BA 39 40.22 -6.22 -121.52
N ASP BA 40 40.11 -6.68 -122.76
CA ASP BA 40 40.32 -8.08 -123.07
C ASP BA 40 41.77 -8.50 -122.82
N ALA BA 41 42.72 -7.62 -123.14
CA ALA BA 41 44.12 -7.96 -122.94
C ALA BA 41 44.52 -7.94 -121.47
N VAL BA 42 43.77 -7.24 -120.62
CA VAL BA 42 44.13 -7.14 -119.21
C VAL BA 42 43.37 -8.15 -118.36
N PHE BA 43 42.04 -8.06 -118.36
CA PHE BA 43 41.26 -8.78 -117.35
C PHE BA 43 41.12 -10.27 -117.66
N PRO BA 44 40.62 -10.68 -118.83
CA PRO BA 44 40.59 -12.13 -119.11
C PRO BA 44 41.96 -12.77 -119.15
N ILE BA 45 42.99 -12.04 -119.58
CA ILE BA 45 44.34 -12.57 -119.64
C ILE BA 45 45.02 -12.41 -118.28
N THR BA 49 40.32 -15.37 -113.44
CA THR BA 49 41.09 -16.14 -112.46
C THR BA 49 40.88 -15.60 -111.06
N HIS BA 50 40.34 -14.39 -110.96
CA HIS BA 50 40.09 -13.73 -109.68
C HIS BA 50 38.62 -13.91 -109.31
N SER BA 51 38.38 -14.38 -108.08
CA SER BA 51 37.03 -14.64 -107.60
C SER BA 51 36.51 -13.58 -106.65
N PHE BA 52 37.39 -12.89 -105.93
CA PHE BA 52 37.01 -11.88 -104.95
C PHE BA 52 36.04 -12.46 -103.91
N GLY BA 53 36.30 -13.69 -103.46
CA GLY BA 53 35.52 -14.33 -102.43
C GLY BA 53 34.37 -15.19 -102.94
N LEU BA 54 34.07 -15.15 -104.23
CA LEU BA 54 33.00 -16.00 -104.76
C LEU BA 54 33.35 -17.47 -104.60
N GLU BA 55 34.63 -17.81 -104.75
CA GLU BA 55 35.05 -19.18 -104.51
C GLU BA 55 34.81 -19.59 -103.06
N THR BA 56 35.09 -18.69 -102.12
CA THR BA 56 34.82 -18.97 -100.72
C THR BA 56 33.33 -19.16 -100.47
N TYR BA 57 32.48 -18.33 -101.09
CA TYR BA 57 31.04 -18.48 -100.95
C TYR BA 57 30.58 -19.84 -101.47
N ILE BA 58 31.08 -20.23 -102.64
CA ILE BA 58 30.69 -21.51 -103.23
C ILE BA 58 31.15 -22.67 -102.34
N GLN BA 59 32.40 -22.59 -101.83
CA GLN BA 59 32.92 -23.65 -100.98
C GLN BA 59 32.15 -23.74 -99.67
N GLN BA 60 31.70 -22.61 -99.14
CA GLN BA 60 30.88 -22.60 -97.93
C GLN BA 60 29.41 -22.86 -98.23
N LYS BA 61 29.05 -23.02 -99.51
CA LYS BA 61 27.72 -23.43 -99.93
C LYS BA 61 26.67 -22.34 -99.68
N LYS BA 62 27.08 -21.08 -99.83
CA LYS BA 62 26.16 -19.97 -99.76
C LYS BA 62 25.61 -19.59 -101.13
N VAL BA 63 26.36 -19.86 -102.19
CA VAL BA 63 25.92 -19.64 -103.57
C VAL BA 63 25.79 -21.01 -104.23
N THR BA 64 24.57 -21.35 -104.63
CA THR BA 64 24.30 -22.67 -105.17
C THR BA 64 23.60 -22.65 -106.52
N ASN BA 65 22.68 -21.71 -106.73
CA ASN BA 65 21.85 -21.70 -107.92
C ASN BA 65 21.75 -20.28 -108.47
N LYS BA 66 20.85 -20.10 -109.42
CA LYS BA 66 20.75 -18.81 -110.12
C LYS BA 66 20.33 -17.69 -109.18
N GLU BA 67 19.32 -17.92 -108.35
CA GLU BA 67 18.84 -16.86 -107.47
C GLU BA 67 19.87 -16.52 -106.40
N SER BA 68 20.54 -17.53 -105.86
CA SER BA 68 21.59 -17.27 -104.87
C SER BA 68 22.75 -16.50 -105.49
N ALA BA 69 23.16 -16.89 -106.70
CA ALA BA 69 24.24 -16.18 -107.37
C ALA BA 69 23.83 -14.74 -107.68
N LEU BA 70 22.58 -14.54 -108.10
CA LEU BA 70 22.09 -13.19 -108.37
C LEU BA 70 22.09 -12.34 -107.11
N GLU BA 71 21.64 -12.91 -105.98
CA GLU BA 71 21.65 -12.17 -104.72
C GLU BA 71 23.07 -11.82 -104.31
N TYR BA 72 24.01 -12.77 -104.44
CA TYR BA 72 25.39 -12.48 -104.09
C TYR BA 72 25.96 -11.38 -104.97
N LEU BA 73 25.71 -11.46 -106.29
CA LEU BA 73 26.24 -10.44 -107.19
C LEU BA 73 25.65 -9.08 -106.91
N LYS BA 74 24.34 -9.01 -106.64
CA LYS BA 74 23.73 -7.73 -106.31
C LYS BA 74 24.31 -7.16 -105.03
N ALA BA 75 24.47 -7.99 -104.00
CA ALA BA 75 25.02 -7.50 -102.74
C ALA BA 75 26.46 -7.02 -102.91
N ASN BA 76 27.27 -7.79 -103.64
CA ASN BA 76 28.66 -7.41 -103.84
C ASN BA 76 28.77 -6.10 -104.62
N LEU BA 77 27.99 -5.97 -105.70
CA LEU BA 77 28.00 -4.75 -106.47
C LEU BA 77 27.53 -3.57 -105.64
N SER BA 78 26.51 -3.77 -104.80
CA SER BA 78 25.98 -2.69 -103.99
C SER BA 78 27.00 -2.23 -102.95
N SER BA 79 27.71 -3.17 -102.32
CA SER BA 79 28.62 -2.75 -101.25
C SER BA 79 30.05 -2.56 -101.72
N GLN BA 80 30.71 -3.63 -102.13
CA GLN BA 80 32.17 -3.58 -102.29
C GLN BA 80 32.55 -2.92 -103.60
N PHE BA 81 31.94 -3.36 -104.70
CA PHE BA 81 32.21 -2.75 -105.99
C PHE BA 81 31.84 -1.28 -105.99
N LEU BA 82 30.72 -0.94 -105.35
CA LEU BA 82 30.26 0.45 -105.34
C LEU BA 82 31.18 1.34 -104.53
N TYR BA 83 31.54 0.91 -103.30
CA TYR BA 83 32.25 1.80 -102.40
C TYR BA 83 33.77 1.64 -102.46
N THR BA 84 34.28 0.74 -103.30
CA THR BA 84 35.72 0.57 -103.44
C THR BA 84 36.23 0.74 -104.85
N GLU BA 85 35.45 0.37 -105.87
CA GLU BA 85 35.89 0.43 -107.25
C GLU BA 85 35.25 1.56 -108.04
N MET BA 86 33.93 1.64 -108.06
CA MET BA 86 33.27 2.71 -108.83
C MET BA 86 33.50 4.07 -108.19
N LEU BA 87 33.42 4.16 -106.86
CA LEU BA 87 33.70 5.42 -106.19
C LEU BA 87 35.13 5.86 -106.40
N SER BA 88 36.08 4.92 -106.31
CA SER BA 88 37.48 5.25 -106.56
C SER BA 88 37.68 5.69 -108.01
N LEU BA 89 37.00 5.04 -108.94
CA LEU BA 89 37.09 5.43 -110.35
C LEU BA 89 36.61 6.85 -110.55
N LYS BA 90 35.45 7.19 -109.97
CA LYS BA 90 34.93 8.55 -110.10
C LYS BA 90 35.87 9.57 -109.46
N LEU BA 91 36.40 9.25 -108.27
CA LEU BA 91 37.31 10.16 -107.60
C LEU BA 91 38.58 10.38 -108.41
N THR BA 92 39.14 9.31 -108.96
CA THR BA 92 40.34 9.46 -109.77
C THR BA 92 40.05 10.22 -111.06
N TYR BA 93 38.87 10.02 -111.65
CA TYR BA 93 38.49 10.79 -112.83
C TYR BA 93 38.42 12.28 -112.52
N GLU BA 94 37.77 12.63 -111.41
CA GLU BA 94 37.70 14.04 -111.01
C GLU BA 94 39.08 14.60 -110.71
N SER BA 95 39.91 13.83 -110.01
CA SER BA 95 41.24 14.30 -109.65
C SER BA 95 42.12 14.49 -110.87
N ALA BA 96 41.98 13.63 -111.88
CA ALA BA 96 42.75 13.79 -113.10
C ALA BA 96 42.22 14.95 -113.95
N LEU BA 97 40.90 15.17 -113.93
CA LEU BA 97 40.36 16.34 -114.59
C LEU BA 97 40.88 17.63 -113.96
N GLN BA 98 41.04 17.63 -112.64
CA GLN BA 98 41.63 18.76 -111.94
C GLN BA 98 43.16 18.72 -111.94
N GLN BA 99 43.76 17.66 -112.49
CA GLN BA 99 45.21 17.48 -112.53
C GLN BA 99 45.81 17.46 -111.12
N ASP BA 100 45.19 16.68 -110.25
CA ASP BA 100 45.61 16.56 -108.84
C ASP BA 100 46.30 15.20 -108.66
N LEU BA 101 47.60 15.17 -109.00
CA LEU BA 101 48.38 13.96 -108.80
C LEU BA 101 48.48 13.59 -107.33
N LYS BA 102 48.62 14.60 -106.46
CA LYS BA 102 48.65 14.33 -105.02
C LYS BA 102 47.35 13.70 -104.55
N LYS BA 103 46.21 14.19 -105.05
CA LYS BA 103 44.93 13.62 -104.68
C LYS BA 103 44.80 12.19 -105.19
N ILE BA 104 45.27 11.92 -106.40
CA ILE BA 104 45.23 10.55 -106.93
C ILE BA 104 46.06 9.62 -106.07
N LEU BA 105 47.27 10.05 -105.71
CA LEU BA 105 48.15 9.21 -104.89
C LEU BA 105 47.55 9.01 -103.50
N GLY BA 106 46.93 10.05 -102.93
CA GLY BA 106 46.29 9.88 -101.64
C GLY BA 106 45.13 8.91 -101.67
N VAL BA 107 44.33 8.97 -102.74
CA VAL BA 107 43.22 8.02 -102.89
C VAL BA 107 43.76 6.61 -103.01
N GLU BA 108 44.83 6.42 -103.79
CA GLU BA 108 45.43 5.08 -103.92
C GLU BA 108 45.96 4.58 -102.58
N GLU BA 109 46.60 5.47 -101.81
CA GLU BA 109 47.11 5.09 -100.51
C GLU BA 109 45.97 4.70 -99.57
N VAL BA 110 44.88 5.46 -99.60
CA VAL BA 110 43.73 5.13 -98.76
C VAL BA 110 43.17 3.77 -99.14
N ILE BA 111 43.04 3.49 -100.43
CA ILE BA 111 42.53 2.21 -100.87
C ILE BA 111 43.44 1.08 -100.41
N MET BA 112 44.75 1.26 -100.58
CA MET BA 112 45.69 0.21 -100.20
C MET BA 112 45.65 -0.06 -98.70
N LEU BA 113 45.58 1.00 -97.89
CA LEU BA 113 45.59 0.82 -96.44
C LEU BA 113 44.23 0.40 -95.90
N SER BA 114 43.16 0.54 -96.68
CA SER BA 114 41.85 0.06 -96.26
C SER BA 114 41.55 -1.35 -96.72
N THR BA 115 42.24 -1.83 -97.77
CA THR BA 115 42.00 -3.17 -98.29
C THR BA 115 42.62 -4.19 -97.33
N SER BA 116 41.85 -4.55 -96.30
CA SER BA 116 42.32 -5.53 -95.32
C SER BA 116 42.60 -6.90 -95.92
N PRO BA 117 41.74 -7.48 -96.76
CA PRO BA 117 42.03 -8.83 -97.28
C PRO BA 117 43.27 -8.84 -98.16
N MET BA 118 44.20 -9.75 -97.83
CA MET BA 118 45.44 -9.87 -98.59
C MET BA 118 45.17 -10.30 -100.02
N GLU BA 119 44.24 -11.24 -100.22
CA GLU BA 119 43.93 -11.69 -101.58
C GLU BA 119 43.36 -10.55 -102.41
N LEU BA 120 42.43 -9.78 -101.85
CA LEU BA 120 41.85 -8.66 -102.58
C LEU BA 120 42.92 -7.61 -102.90
N ARG BA 121 43.77 -7.30 -101.93
CA ARG BA 121 44.82 -6.31 -102.16
C ARG BA 121 45.77 -6.77 -103.26
N LEU BA 122 46.19 -8.04 -103.21
CA LEU BA 122 47.11 -8.56 -104.21
C LEU BA 122 46.47 -8.59 -105.59
N ALA BA 123 45.19 -8.99 -105.66
CA ALA BA 123 44.50 -9.01 -106.95
C ALA BA 123 44.38 -7.61 -107.53
N ASN BA 124 44.02 -6.63 -106.71
CA ASN BA 124 43.90 -5.26 -107.20
C ASN BA 124 45.25 -4.73 -107.67
N GLN BA 125 46.31 -4.97 -106.91
CA GLN BA 125 47.63 -4.50 -107.31
C GLN BA 125 48.08 -5.17 -108.60
N LYS BA 126 47.86 -6.47 -108.73
CA LYS BA 126 48.26 -7.18 -109.95
C LYS BA 126 47.49 -6.67 -111.15
N LEU BA 127 46.18 -6.46 -110.99
CA LEU BA 127 45.38 -5.96 -112.11
C LEU BA 127 45.80 -4.55 -112.50
N GLY BA 128 46.09 -3.69 -111.52
CA GLY BA 128 46.54 -2.34 -111.85
C GLY BA 128 47.88 -2.34 -112.55
N ASN BA 129 48.82 -3.18 -112.07
CA ASN BA 129 50.11 -3.28 -112.73
C ASN BA 129 49.97 -3.82 -114.15
N ARG BA 130 49.10 -4.81 -114.35
CA ARG BA 130 48.87 -5.34 -115.69
C ARG BA 130 48.29 -4.29 -116.62
N PHE BA 131 47.32 -3.52 -116.12
CA PHE BA 131 46.73 -2.46 -116.93
C PHE BA 131 47.77 -1.41 -117.30
N ILE BA 132 48.60 -1.00 -116.33
CA ILE BA 132 49.62 0.00 -116.61
C ILE BA 132 50.62 -0.52 -117.63
N LYS BA 133 51.07 -1.77 -117.47
CA LYS BA 133 52.03 -2.34 -118.41
C LYS BA 133 51.43 -2.47 -119.81
N THR BA 134 50.17 -2.88 -119.90
CA THR BA 134 49.52 -3.01 -121.20
C THR BA 134 49.42 -1.65 -121.90
N LEU BA 135 49.00 -0.62 -121.16
CA LEU BA 135 48.94 0.72 -121.75
C LEU BA 135 50.32 1.21 -122.16
N GLN BA 136 51.35 0.91 -121.35
CA GLN BA 136 52.70 1.35 -121.69
C GLN BA 136 53.23 0.66 -122.93
N ALA BA 137 52.95 -0.63 -123.09
CA ALA BA 137 53.60 -1.43 -124.13
C ALA BA 137 52.74 -1.60 -125.39
N MET BA 138 51.54 -2.17 -125.23
CA MET BA 138 50.74 -2.53 -126.41
C MET BA 138 50.17 -1.30 -127.10
N ASN BA 139 49.66 -0.34 -126.33
CA ASN BA 139 49.02 0.85 -126.90
C ASN BA 139 50.11 1.79 -127.39
N GLU BA 140 50.51 1.61 -128.65
CA GLU BA 140 51.56 2.43 -129.26
C GLU BA 140 50.95 3.71 -129.81
N LEU BA 141 50.56 4.58 -128.88
CA LEU BA 141 49.93 5.86 -129.23
C LEU BA 141 50.12 6.82 -128.08
N ASP BA 142 49.88 8.10 -128.35
CA ASP BA 142 50.05 9.14 -127.34
C ASP BA 142 48.93 9.09 -126.32
N MET BA 143 49.11 8.30 -125.27
CA MET BA 143 48.10 8.19 -124.22
C MET BA 143 47.92 9.52 -123.49
N GLY BA 144 49.02 10.20 -123.20
CA GLY BA 144 48.94 11.48 -122.51
C GLY BA 144 50.10 11.70 -121.55
N GLU BA 145 50.60 12.93 -121.49
CA GLU BA 145 51.72 13.23 -120.60
C GLU BA 145 51.32 13.04 -119.14
N PHE BA 146 50.09 13.42 -118.78
CA PHE BA 146 49.64 13.24 -117.41
C PHE BA 146 49.58 11.76 -117.04
N PHE BA 147 49.03 10.93 -117.93
CA PHE BA 147 48.96 9.50 -117.65
C PHE BA 147 50.36 8.89 -117.57
N ASN BA 148 51.27 9.31 -118.45
CA ASN BA 148 52.63 8.78 -118.39
C ASN BA 148 53.32 9.16 -117.09
N ALA BA 149 53.15 10.41 -116.65
CA ALA BA 149 53.74 10.83 -115.39
C ALA BA 149 53.14 10.09 -114.21
N TYR BA 150 51.82 9.88 -114.23
CA TYR BA 150 51.17 9.12 -113.17
C TYR BA 150 51.68 7.68 -113.12
N ALA BA 151 51.85 7.06 -114.29
CA ALA BA 151 52.36 5.69 -114.32
C ALA BA 151 53.79 5.63 -113.81
N GLN BA 152 54.61 6.63 -114.17
CA GLN BA 152 56.00 6.63 -113.72
C GLN BA 152 56.15 6.98 -112.25
N LYS BA 153 55.17 7.66 -111.66
CA LYS BA 153 55.28 8.08 -110.27
C LYS BA 153 54.46 7.23 -109.29
N THR BA 154 53.55 6.39 -109.79
CA THR BA 154 52.69 5.62 -108.91
C THR BA 154 53.45 4.43 -108.32
N LYS BA 155 52.93 3.94 -107.19
CA LYS BA 155 53.49 2.78 -106.50
C LYS BA 155 52.54 1.59 -106.49
N ASP BA 156 51.31 1.79 -106.02
CA ASP BA 156 50.33 0.71 -105.88
C ASP BA 156 49.06 1.15 -106.60
N PRO BA 157 49.02 1.05 -107.93
CA PRO BA 157 47.85 1.51 -108.68
C PRO BA 157 46.77 0.44 -108.71
N THR BA 158 45.60 0.80 -108.21
CA THR BA 158 44.44 -0.08 -108.31
C THR BA 158 43.91 -0.07 -109.74
N HIS BA 159 43.27 -1.17 -110.12
CA HIS BA 159 42.73 -1.28 -111.47
C HIS BA 159 41.65 -0.23 -111.73
N ALA BA 160 40.76 -0.02 -110.76
CA ALA BA 160 39.70 0.96 -110.94
C ALA BA 160 40.25 2.38 -111.07
N THR BA 161 41.23 2.73 -110.22
CA THR BA 161 41.82 4.05 -110.30
C THR BA 161 42.60 4.25 -111.60
N SER BA 162 43.30 3.20 -112.04
CA SER BA 162 44.01 3.28 -113.32
C SER BA 162 43.06 3.49 -114.48
N TYR BA 163 41.94 2.74 -114.49
CA TYR BA 163 40.96 2.93 -115.55
C TYR BA 163 40.34 4.33 -115.49
N GLY BA 164 40.10 4.83 -114.27
CA GLY BA 164 39.53 6.16 -114.14
C GLY BA 164 40.45 7.24 -114.68
N VAL BA 165 41.73 7.19 -114.31
CA VAL BA 165 42.67 8.20 -114.79
C VAL BA 165 42.88 8.05 -116.30
N PHE BA 166 42.87 6.81 -116.81
CA PHE BA 166 42.99 6.59 -118.25
C PHE BA 166 41.81 7.22 -118.99
N ALA BA 167 40.59 7.01 -118.49
CA ALA BA 167 39.41 7.60 -119.12
C ALA BA 167 39.46 9.13 -119.04
N ALA BA 168 39.89 9.67 -117.90
CA ALA BA 168 39.96 11.11 -117.76
C ALA BA 168 40.97 11.72 -118.73
N SER BA 169 42.12 11.07 -118.89
CA SER BA 169 43.10 11.56 -119.85
C SER BA 169 42.63 11.41 -121.28
N LEU BA 170 41.89 10.33 -121.59
CA LEU BA 170 41.39 10.11 -122.93
C LEU BA 170 40.15 10.94 -123.25
N GLY BA 171 39.56 11.60 -122.26
CA GLY BA 171 38.38 12.41 -122.48
C GLY BA 171 37.08 11.65 -122.48
N ILE BA 172 37.10 10.38 -122.07
CA ILE BA 172 35.87 9.57 -122.05
C ILE BA 172 34.91 10.13 -121.02
N GLU BA 173 33.61 9.98 -121.30
CA GLU BA 173 32.58 10.43 -120.38
C GLU BA 173 32.60 9.61 -119.11
N LEU BA 174 32.32 10.26 -117.98
CA LEU BA 174 32.35 9.59 -116.69
C LEU BA 174 31.31 8.46 -116.62
N LYS BA 175 30.07 8.77 -116.99
CA LYS BA 175 29.02 7.77 -116.90
C LYS BA 175 29.28 6.60 -117.84
N LYS BA 176 29.75 6.89 -119.06
CA LYS BA 176 30.07 5.82 -120.01
C LYS BA 176 31.20 4.95 -119.50
N ALA BA 177 32.25 5.56 -118.96
CA ALA BA 177 33.39 4.79 -118.45
C ALA BA 177 32.96 3.91 -117.28
N LEU BA 178 32.15 4.45 -116.37
CA LEU BA 178 31.65 3.64 -115.26
C LEU BA 178 30.79 2.49 -115.75
N ALA BA 179 29.91 2.75 -116.71
CA ALA BA 179 29.05 1.69 -117.24
C ALA BA 179 29.87 0.59 -117.88
N HIS BA 180 30.88 0.98 -118.68
CA HIS BA 180 31.71 -0.02 -119.35
C HIS BA 180 32.51 -0.84 -118.34
N TYR BA 181 33.11 -0.18 -117.35
CA TYR BA 181 33.90 -0.90 -116.35
C TYR BA 181 33.02 -1.86 -115.54
N LEU BA 182 31.85 -1.39 -115.11
CA LEU BA 182 30.94 -2.24 -114.36
C LEU BA 182 30.45 -3.41 -115.19
N ASP BA 183 30.13 -3.17 -116.47
CA ASP BA 183 29.68 -4.24 -117.34
C ASP BA 183 30.76 -5.29 -117.53
N ALA BA 184 32.01 -4.86 -117.76
CA ALA BA 184 33.09 -5.82 -117.95
C ALA BA 184 33.34 -6.63 -116.68
N GLN BA 185 33.36 -5.96 -115.53
CA GLN BA 185 33.59 -6.67 -114.27
C GLN BA 185 32.46 -7.67 -114.00
N THR BA 186 31.22 -7.27 -114.26
CA THR BA 186 30.10 -8.18 -114.05
C THR BA 186 30.12 -9.34 -115.03
N SER BA 187 30.57 -9.11 -116.27
CA SER BA 187 30.72 -10.22 -117.21
C SER BA 187 31.74 -11.22 -116.70
N ASN BA 188 32.88 -10.73 -116.20
CA ASN BA 188 33.86 -11.64 -115.63
C ASN BA 188 33.29 -12.37 -114.42
N MET BA 189 32.54 -11.66 -113.58
CA MET BA 189 31.95 -12.30 -112.40
C MET BA 189 30.96 -13.39 -112.78
N VAL BA 190 30.11 -13.13 -113.78
CA VAL BA 190 29.11 -14.13 -114.15
C VAL BA 190 29.75 -15.33 -114.82
N ILE BA 191 30.79 -15.11 -115.64
CA ILE BA 191 31.45 -16.27 -116.25
C ILE BA 191 32.18 -17.08 -115.19
N ASN BA 192 32.79 -16.41 -114.21
CA ASN BA 192 33.42 -17.14 -113.10
C ASN BA 192 32.40 -17.95 -112.33
N CYS BA 193 31.23 -17.36 -112.05
CA CYS BA 193 30.19 -18.07 -111.32
C CYS BA 193 29.67 -19.26 -112.10
N VAL BA 194 29.47 -19.09 -113.41
CA VAL BA 194 28.98 -20.19 -114.24
C VAL BA 194 30.02 -21.29 -114.36
N LYS BA 195 31.31 -20.93 -114.28
CA LYS BA 195 32.35 -21.96 -114.30
C LYS BA 195 32.47 -22.69 -112.96
N SER BA 196 32.27 -21.98 -111.85
CA SER BA 196 32.64 -22.50 -110.55
C SER BA 196 31.49 -23.10 -109.76
N VAL BA 197 30.24 -22.65 -109.96
CA VAL BA 197 29.13 -23.13 -109.15
C VAL BA 197 28.90 -24.63 -109.33
N PRO BA 198 28.78 -25.17 -110.57
CA PRO BA 198 28.68 -24.55 -111.89
C PRO BA 198 27.23 -24.29 -112.29
N LEU BA 199 27.03 -23.37 -113.22
CA LEU BA 199 25.71 -23.08 -113.77
C LEU BA 199 25.72 -23.37 -115.27
N SER BA 200 24.64 -23.02 -115.94
CA SER BA 200 24.55 -23.15 -117.39
C SER BA 200 24.73 -21.79 -118.05
N GLN BA 201 25.16 -21.82 -119.32
CA GLN BA 201 25.29 -20.59 -120.08
C GLN BA 201 23.98 -19.84 -120.15
N ASN BA 202 22.85 -20.56 -120.16
CA ASN BA 202 21.55 -19.90 -120.12
C ASN BA 202 21.37 -19.10 -118.84
N ASP BA 203 21.75 -19.67 -117.70
CA ASP BA 203 21.65 -18.94 -116.44
C ASP BA 203 22.62 -17.76 -116.41
N GLY BA 204 23.82 -17.94 -116.98
CA GLY BA 204 24.75 -16.82 -117.06
C GLY BA 204 24.19 -15.67 -117.87
N GLN BA 205 23.61 -15.97 -119.03
CA GLN BA 205 22.99 -14.94 -119.83
C GLN BA 205 21.81 -14.30 -119.11
N LYS BA 206 21.03 -15.10 -118.38
CA LYS BA 206 19.89 -14.57 -117.65
C LYS BA 206 20.33 -13.60 -116.57
N ILE BA 207 21.35 -13.95 -115.79
CA ILE BA 207 21.80 -13.07 -114.73
C ILE BA 207 22.51 -11.85 -115.31
N LEU BA 208 23.16 -11.98 -116.46
CA LEU BA 208 23.72 -10.82 -117.13
C LEU BA 208 22.63 -9.86 -117.58
N LEU BA 209 21.52 -10.39 -118.11
CA LEU BA 209 20.44 -9.56 -118.62
C LEU BA 209 19.61 -8.95 -117.51
N SER BA 210 19.48 -9.63 -116.37
CA SER BA 210 18.60 -9.18 -115.30
C SER BA 210 19.26 -8.15 -114.39
N LEU BA 211 20.52 -7.80 -114.63
CA LEU BA 211 21.24 -6.84 -113.79
C LEU BA 211 21.31 -5.46 -114.41
N GLN BA 212 20.53 -5.20 -115.47
CA GLN BA 212 20.62 -3.91 -116.16
C GLN BA 212 20.12 -2.77 -115.27
N SER BA 213 18.97 -2.94 -114.62
CA SER BA 213 18.46 -1.91 -113.72
C SER BA 213 19.38 -1.64 -112.54
N PRO BA 214 19.91 -2.64 -111.83
CA PRO BA 214 20.89 -2.35 -110.78
C PRO BA 214 22.12 -1.62 -111.29
N PHE BA 215 22.53 -1.86 -112.54
CA PHE BA 215 23.66 -1.12 -113.10
C PHE BA 215 23.35 0.37 -113.15
N ASN BA 216 22.17 0.73 -113.68
CA ASN BA 216 21.79 2.13 -113.74
C ASN BA 216 21.67 2.73 -112.34
N GLN BA 217 21.09 1.98 -111.41
CA GLN BA 217 20.95 2.48 -110.05
C GLN BA 217 22.30 2.73 -109.39
N LEU BA 218 23.26 1.81 -109.60
CA LEU BA 218 24.60 1.99 -109.04
C LEU BA 218 25.30 3.19 -109.66
N ILE BA 219 25.15 3.38 -110.97
CA ILE BA 219 25.76 4.53 -111.62
C ILE BA 219 25.16 5.83 -111.07
N GLU BA 220 23.83 5.83 -110.88
CA GLU BA 220 23.18 7.01 -110.31
C GLU BA 220 23.66 7.28 -108.89
N LYS BA 221 23.85 6.22 -108.09
CA LYS BA 221 24.37 6.38 -106.74
C LYS BA 221 25.77 6.97 -106.74
N THR BA 222 26.64 6.44 -107.62
CA THR BA 222 27.99 6.98 -107.69
C THR BA 222 27.96 8.44 -108.17
N LEU BA 223 27.00 8.79 -109.02
CA LEU BA 223 26.87 10.16 -109.49
C LEU BA 223 26.61 11.15 -108.37
N GLU BA 224 26.17 10.69 -107.19
CA GLU BA 224 25.98 11.55 -106.04
C GLU BA 224 26.83 11.18 -104.84
N LEU BA 225 27.66 10.13 -104.94
CA LEU BA 225 28.53 9.75 -103.84
C LEU BA 225 29.65 10.79 -103.67
N ASP BA 226 30.53 10.54 -102.70
CA ASP BA 226 31.61 11.46 -102.39
C ASP BA 226 32.76 10.68 -101.78
N GLU BA 227 33.86 11.39 -101.49
CA GLU BA 227 35.06 10.74 -100.98
C GLU BA 227 34.91 10.26 -99.54
N SER BA 228 33.90 10.76 -98.82
CA SER BA 228 33.71 10.32 -97.43
C SER BA 228 33.34 8.85 -97.35
N HIS BA 229 32.73 8.32 -98.41
CA HIS BA 229 32.30 6.92 -98.45
C HIS BA 229 33.35 6.00 -99.07
N LEU BA 230 34.52 6.53 -99.42
CA LEU BA 230 35.54 5.74 -100.09
C LEU BA 230 35.98 4.56 -99.22
N CYS BA 231 36.04 3.38 -99.83
CA CYS BA 231 36.48 2.16 -99.16
C CYS BA 231 35.63 1.88 -97.92
N THR BA 232 34.32 1.98 -98.07
CA THR BA 232 33.42 1.60 -96.99
C THR BA 232 33.60 0.13 -96.67
N ALA BA 233 33.77 -0.18 -95.38
CA ALA BA 233 34.16 -1.51 -94.96
C ALA BA 233 33.00 -2.48 -95.11
N SER BA 234 33.10 -3.36 -96.11
CA SER BA 234 32.22 -4.52 -96.16
C SER BA 234 32.69 -5.56 -95.16
N VAL BA 235 31.76 -6.35 -94.65
CA VAL BA 235 32.09 -7.25 -93.55
C VAL BA 235 32.18 -8.70 -94.02
N GLN BA 236 31.07 -9.25 -94.50
CA GLN BA 236 31.06 -10.67 -94.87
C GLN BA 236 31.90 -10.91 -96.12
N ASN BA 237 31.90 -9.96 -97.05
CA ASN BA 237 32.74 -10.09 -98.25
C ASN BA 237 34.21 -10.15 -97.87
N ASP BA 238 34.64 -9.27 -96.98
CA ASP BA 238 36.04 -9.27 -96.54
C ASP BA 238 36.37 -10.53 -95.75
N ILE BA 239 35.44 -11.00 -94.92
CA ILE BA 239 35.67 -12.22 -94.15
C ILE BA 239 35.84 -13.41 -95.08
N LYS BA 240 34.99 -13.52 -96.11
CA LYS BA 240 35.13 -14.60 -97.06
C LYS BA 240 36.42 -14.48 -97.87
N ALA BA 241 36.79 -13.26 -98.25
CA ALA BA 241 38.04 -13.07 -98.98
C ALA BA 241 39.24 -13.49 -98.14
N MET BA 242 39.22 -13.21 -96.85
CA MET BA 242 40.32 -13.61 -95.99
C MET BA 242 40.29 -15.10 -95.69
N GLN BA 243 39.10 -15.71 -95.65
CA GLN BA 243 39.01 -17.16 -95.49
C GLN BA 243 39.41 -17.91 -96.75
N HIS BA 244 39.42 -17.22 -97.90
CA HIS BA 244 39.92 -17.81 -99.14
C HIS BA 244 41.35 -18.31 -98.98
N GLU BA 245 42.17 -17.63 -98.16
CA GLU BA 245 43.51 -18.12 -97.90
C GLU BA 245 43.49 -19.44 -97.15
N SER BA 246 42.56 -19.60 -96.19
CA SER BA 246 42.45 -20.82 -95.41
C SER BA 246 41.65 -21.90 -96.12
N LEU BA 247 41.10 -21.62 -97.30
CA LEU BA 247 40.39 -22.63 -98.06
C LEU BA 247 41.31 -23.81 -98.38
N TYR BA 248 40.71 -25.00 -98.48
CA TYR BA 248 41.48 -26.22 -98.73
C TYR BA 248 42.19 -26.15 -100.08
N SER BA 249 41.43 -26.10 -101.16
CA SER BA 249 41.98 -26.00 -102.51
C SER BA 249 41.44 -24.73 -103.16
N ARG BA 250 42.35 -23.92 -103.68
CA ARG BA 250 42.01 -22.62 -104.26
C ARG BA 250 42.10 -22.73 -105.79
N LEU BA 251 40.94 -22.82 -106.44
CA LEU BA 251 40.90 -22.79 -107.90
C LEU BA 251 40.97 -21.39 -108.47
N TYR BA 252 40.93 -20.36 -107.61
CA TYR BA 252 41.04 -18.98 -108.03
C TYR BA 252 42.18 -18.30 -107.27
N MET BA 253 42.80 -17.32 -107.92
CA MET BA 253 43.95 -16.65 -107.32
C MET BA 253 43.57 -15.91 -106.04
N SER BA 254 42.43 -15.22 -106.07
CA SER BA 254 41.99 -14.45 -104.91
C SER BA 254 40.54 -14.74 -104.56
N MET CA 1 42.00 12.60 -42.63
CA MET CA 1 43.05 12.94 -41.70
C MET CA 1 42.55 12.93 -40.27
N LYS CA 2 42.31 11.73 -39.74
CA LYS CA 2 41.69 11.59 -38.43
C LYS CA 2 42.43 12.38 -37.37
N LEU CA 3 41.81 13.43 -36.85
CA LEU CA 3 42.45 14.35 -35.94
C LEU CA 3 42.00 14.05 -34.53
N THR CA 4 42.94 13.91 -33.64
CA THR CA 4 42.63 13.68 -32.25
C THR CA 4 42.42 15.00 -31.52
N PRO CA 5 41.73 14.98 -30.38
CA PRO CA 5 41.57 16.22 -29.60
C PRO CA 5 42.89 16.83 -29.22
N LYS CA 6 43.90 16.01 -28.94
CA LYS CA 6 45.24 16.54 -28.68
C LYS CA 6 45.77 17.31 -29.87
N GLU CA 7 45.56 16.79 -31.08
CA GLU CA 7 46.02 17.48 -32.28
C GLU CA 7 45.28 18.80 -32.46
N LEU CA 8 43.98 18.82 -32.16
CA LEU CA 8 43.24 20.08 -32.27
C LEU CA 8 43.76 21.11 -31.27
N ASP CA 9 44.05 20.68 -30.04
CA ASP CA 9 44.61 21.59 -29.05
C ASP CA 9 45.96 22.12 -29.50
N LYS CA 10 46.81 21.24 -30.05
CA LYS CA 10 48.12 21.68 -30.52
C LYS CA 10 48.00 22.64 -31.69
N LEU CA 11 47.01 22.44 -32.56
CA LEU CA 11 46.81 23.39 -33.66
C LEU CA 11 46.43 24.76 -33.13
N MET CA 12 45.53 24.80 -32.14
CA MET CA 12 45.18 26.07 -31.53
C MET CA 12 46.40 26.73 -30.91
N LEU CA 13 47.22 25.94 -30.21
CA LEU CA 13 48.43 26.50 -29.59
C LEU CA 13 49.40 27.03 -30.64
N HIS CA 14 49.56 26.30 -31.74
CA HIS CA 14 50.47 26.73 -32.78
C HIS CA 14 50.02 28.05 -33.38
N TYR CA 15 48.71 28.23 -33.57
CA TYR CA 15 48.29 29.48 -34.17
C TYR CA 15 48.27 30.63 -33.17
N ALA CA 16 48.10 30.34 -31.88
CA ALA CA 16 48.36 31.37 -30.88
C ALA CA 16 49.82 31.82 -30.92
N GLY CA 17 50.74 30.86 -31.06
CA GLY CA 17 52.14 31.22 -31.21
C GLY CA 17 52.43 32.00 -32.48
N GLU CA 18 51.74 31.66 -33.57
CA GLU CA 18 51.88 32.42 -34.81
C GLU CA 18 51.41 33.86 -34.63
N LEU CA 19 50.30 34.04 -33.93
CA LEU CA 19 49.82 35.40 -33.65
C LEU CA 19 50.83 36.16 -32.82
N ALA CA 20 51.41 35.51 -31.80
CA ALA CA 20 52.42 36.16 -31.00
C ALA CA 20 53.64 36.55 -31.84
N LYS CA 21 54.04 35.67 -32.75
CA LYS CA 21 55.19 35.97 -33.61
C LYS CA 21 54.90 37.15 -34.52
N LYS CA 22 53.68 37.21 -35.08
CA LYS CA 22 53.32 38.35 -35.91
C LYS CA 22 53.32 39.65 -35.12
N ARG CA 23 52.81 39.61 -33.89
CA ARG CA 23 52.84 40.81 -33.06
C ARG CA 23 54.27 41.23 -32.74
N LYS CA 24 55.14 40.27 -32.47
CA LYS CA 24 56.53 40.58 -32.20
C LYS CA 24 57.20 41.20 -33.42
N GLU CA 25 56.88 40.71 -34.61
CA GLU CA 25 57.40 41.32 -35.83
C GLU CA 25 56.88 42.75 -35.99
N LYS CA 26 55.60 42.96 -35.69
CA LYS CA 26 55.07 44.33 -35.70
C LYS CA 26 55.75 45.22 -34.67
N GLY CA 27 56.35 44.64 -33.65
CA GLY CA 27 57.05 45.40 -32.65
C GLY CA 27 56.31 45.58 -31.35
N ILE CA 28 55.16 44.92 -31.18
CA ILE CA 28 54.44 44.97 -29.92
C ILE CA 28 55.18 44.14 -28.88
N LYS CA 29 55.36 44.69 -27.69
CA LYS CA 29 55.95 43.92 -26.61
C LYS CA 29 54.99 42.83 -26.16
N LEU CA 30 55.46 41.60 -26.11
CA LEU CA 30 54.60 40.48 -25.83
C LEU CA 30 54.20 40.46 -24.36
N ASN CA 31 52.99 39.98 -24.11
CA ASN CA 31 52.52 39.76 -22.76
C ASN CA 31 52.77 38.31 -22.37
N TYR CA 32 52.21 37.91 -21.23
CA TYR CA 32 52.48 36.59 -20.68
C TYR CA 32 52.00 35.49 -21.62
N VAL CA 33 50.76 35.59 -22.08
CA VAL CA 33 50.17 34.57 -22.93
C VAL CA 33 50.92 34.49 -24.25
N GLU CA 34 51.21 35.64 -24.85
CA GLU CA 34 51.92 35.65 -26.12
C GLU CA 34 53.29 35.04 -25.99
N ALA CA 35 54.01 35.35 -24.91
CA ALA CA 35 55.35 34.80 -24.74
C ALA CA 35 55.31 33.29 -24.59
N VAL CA 36 54.42 32.79 -23.74
CA VAL CA 36 54.33 31.35 -23.55
C VAL CA 36 53.97 30.65 -24.85
N ALA CA 37 52.99 31.21 -25.57
CA ALA CA 37 52.57 30.59 -26.84
C ALA CA 37 53.69 30.61 -27.85
N LEU CA 38 54.46 31.71 -27.92
CA LEU CA 38 55.54 31.80 -28.88
C LEU CA 38 56.60 30.74 -28.62
N ILE CA 39 57.01 30.61 -27.36
CA ILE CA 39 58.03 29.62 -27.03
C ILE CA 39 57.54 28.21 -27.33
N SER CA 40 56.31 27.90 -26.92
CA SER CA 40 55.78 26.56 -27.13
C SER CA 40 55.67 26.23 -28.61
N ALA CA 41 55.14 27.16 -29.40
CA ALA CA 41 54.97 26.91 -30.83
C ALA CA 41 56.32 26.74 -31.52
N HIS CA 42 57.32 27.54 -31.13
CA HIS CA 42 58.64 27.38 -31.72
C HIS CA 42 59.22 26.01 -31.41
N ILE CA 43 59.08 25.55 -30.15
CA ILE CA 43 59.61 24.24 -29.81
C ILE CA 43 58.90 23.16 -30.61
N MET CA 44 57.58 23.26 -30.75
CA MET CA 44 56.84 22.25 -31.50
C MET CA 44 57.30 22.20 -32.95
N GLU CA 45 57.49 23.37 -33.57
CA GLU CA 45 57.93 23.40 -34.96
C GLU CA 45 59.33 22.81 -35.12
N GLU CA 46 60.24 23.13 -34.21
CA GLU CA 46 61.58 22.56 -34.29
C GLU CA 46 61.56 21.05 -34.15
N ALA CA 47 60.75 20.54 -33.21
CA ALA CA 47 60.66 19.10 -33.04
C ALA CA 47 60.08 18.44 -34.29
N ARG CA 48 59.08 19.05 -34.90
CA ARG CA 48 58.54 18.51 -36.14
C ARG CA 48 59.59 18.49 -37.24
N ALA CA 49 60.40 19.56 -37.31
CA ALA CA 49 61.50 19.57 -38.27
C ALA CA 49 62.44 18.39 -38.03
N GLY CA 50 62.70 18.08 -36.77
CA GLY CA 50 63.40 16.84 -36.44
C GLY CA 50 64.90 16.87 -36.61
N LYS CA 51 65.50 18.05 -36.73
CA LYS CA 51 66.94 18.15 -36.80
C LYS CA 51 67.60 18.36 -35.44
N LYS CA 52 66.82 18.56 -34.39
CA LYS CA 52 67.33 18.84 -33.06
C LYS CA 52 66.85 17.79 -32.07
N THR CA 53 67.61 17.64 -31.00
CA THR CA 53 67.21 16.77 -29.90
C THR CA 53 66.46 17.57 -28.84
N ALA CA 54 65.91 16.85 -27.87
CA ALA CA 54 65.18 17.51 -26.79
C ALA CA 54 66.11 18.41 -25.99
N ALA CA 55 67.35 17.98 -25.78
CA ALA CA 55 68.31 18.84 -25.09
C ALA CA 55 68.61 20.11 -25.87
N GLU CA 56 68.78 19.98 -27.19
CA GLU CA 56 69.00 21.16 -28.03
C GLU CA 56 67.81 22.10 -27.96
N LEU CA 57 66.60 21.55 -27.96
CA LEU CA 57 65.42 22.39 -27.89
C LEU CA 57 65.30 23.07 -26.54
N MET CA 58 65.64 22.37 -25.46
CA MET CA 58 65.64 22.99 -24.15
C MET CA 58 66.61 24.17 -24.11
N GLN CA 59 67.78 24.00 -24.72
CA GLN CA 59 68.71 25.12 -24.80
C GLN CA 59 68.16 26.25 -25.65
N GLU CA 60 67.56 25.91 -26.80
CA GLU CA 60 67.18 26.93 -27.77
C GLU CA 60 65.97 27.73 -27.33
N GLY CA 61 65.08 27.12 -26.54
CA GLY CA 61 63.91 27.85 -26.08
C GLY CA 61 64.22 29.05 -25.22
N ARG CA 62 65.40 29.09 -24.62
CA ARG CA 62 65.79 30.19 -23.76
C ARG CA 62 66.39 31.37 -24.53
N THR CA 63 66.52 31.25 -25.85
CA THR CA 63 67.10 32.32 -26.66
C THR CA 63 66.07 33.01 -27.55
N LEU CA 64 64.80 32.62 -27.47
CA LEU CA 64 63.82 33.15 -28.40
C LEU CA 64 63.45 34.59 -28.07
N LEU CA 65 63.27 34.91 -26.80
CA LEU CA 65 62.76 36.20 -26.38
C LEU CA 65 63.82 36.94 -25.58
N LYS CA 66 64.16 38.14 -26.03
CA LYS CA 66 65.01 39.02 -25.26
C LYS CA 66 64.20 39.73 -24.19
N PRO CA 67 64.84 40.24 -23.14
CA PRO CA 67 64.08 40.96 -22.11
C PRO CA 67 63.34 42.17 -22.62
N ASP CA 68 63.81 42.78 -23.71
CA ASP CA 68 63.14 43.95 -24.28
C ASP CA 68 62.01 43.59 -25.23
N ASP CA 69 61.78 42.31 -25.48
CA ASP CA 69 60.70 41.88 -26.35
C ASP CA 69 59.38 41.66 -25.61
N VAL CA 70 59.38 41.72 -24.29
CA VAL CA 70 58.20 41.40 -23.50
C VAL CA 70 57.87 42.57 -22.57
N MET CA 71 56.63 42.60 -22.12
CA MET CA 71 56.20 43.61 -21.17
C MET CA 71 56.83 43.36 -19.81
N ASP CA 72 56.77 44.37 -18.95
CA ASP CA 72 57.32 44.26 -17.62
C ASP CA 72 56.51 43.27 -16.80
N GLY CA 73 57.21 42.35 -16.14
CA GLY CA 73 56.58 41.34 -15.32
C GLY CA 73 56.42 39.99 -15.99
N VAL CA 74 56.50 39.94 -17.32
CA VAL CA 74 56.33 38.68 -18.04
C VAL CA 74 57.42 37.71 -17.66
N ALA CA 75 58.67 38.19 -17.60
CA ALA CA 75 59.79 37.30 -17.28
C ALA CA 75 59.66 36.75 -15.87
N SER CA 76 59.22 37.58 -14.93
CA SER CA 76 58.98 37.10 -13.58
C SER CA 76 57.85 36.07 -13.55
N MET CA 77 56.80 36.29 -14.35
CA MET CA 77 55.66 35.39 -14.31
C MET CA 77 55.98 34.04 -14.92
N ILE CA 78 56.82 34.01 -15.96
CA ILE CA 78 57.13 32.77 -16.67
C ILE CA 78 58.32 32.11 -15.98
N HIS CA 79 58.06 30.99 -15.31
CA HIS CA 79 59.11 30.23 -14.66
C HIS CA 79 59.63 29.09 -15.54
N GLU CA 80 58.72 28.32 -16.12
CA GLU CA 80 59.11 27.28 -17.06
C GLU CA 80 57.95 27.01 -18.00
N VAL CA 81 58.29 26.72 -19.24
CA VAL CA 81 57.31 26.37 -20.27
C VAL CA 81 57.54 24.92 -20.65
N GLY CA 82 56.55 24.09 -20.39
CA GLY CA 82 56.58 22.70 -20.80
C GLY CA 82 55.76 22.53 -22.07
N ILE CA 83 56.20 21.63 -22.94
CA ILE CA 83 55.46 21.35 -24.16
C ILE CA 83 55.79 19.94 -24.61
N GLU CA 84 54.76 19.16 -24.91
CA GLU CA 84 54.94 17.80 -25.39
C GLU CA 84 55.01 17.85 -26.92
N ALA CA 85 56.19 17.59 -27.45
CA ALA CA 85 56.44 17.71 -28.88
C ALA CA 85 56.71 16.34 -29.48
N MET CA 86 56.20 16.12 -30.68
CA MET CA 86 56.34 14.84 -31.37
C MET CA 86 57.64 14.85 -32.16
N PHE CA 87 58.64 14.14 -31.66
CA PHE CA 87 59.92 13.99 -32.32
C PHE CA 87 59.88 12.81 -33.27
N PRO CA 88 60.92 12.61 -34.08
CA PRO CA 88 60.98 11.38 -34.88
C PRO CA 88 60.94 10.11 -34.05
N ASP CA 89 61.32 10.19 -32.78
CA ASP CA 89 61.28 9.04 -31.89
C ASP CA 89 60.17 9.16 -30.85
N GLY CA 90 59.05 9.74 -31.25
CA GLY CA 90 57.86 9.79 -30.40
C GLY CA 90 57.70 11.11 -29.69
N THR CA 91 56.69 11.14 -28.83
CA THR CA 91 56.36 12.36 -28.09
C THR CA 91 57.25 12.47 -26.86
N LYS CA 92 57.90 13.62 -26.70
CA LYS CA 92 58.75 13.90 -25.56
C LYS CA 92 58.38 15.25 -24.97
N LEU CA 93 58.57 15.37 -23.66
CA LEU CA 93 58.27 16.61 -22.95
C LEU CA 93 59.52 17.48 -22.94
N VAL CA 94 59.46 18.63 -23.60
CA VAL CA 94 60.53 19.61 -23.59
C VAL CA 94 60.17 20.67 -22.57
N THR CA 95 61.04 20.89 -21.60
CA THR CA 95 60.84 21.90 -20.56
C THR CA 95 61.91 22.96 -20.68
N VAL CA 96 61.49 24.21 -20.84
CA VAL CA 96 62.38 25.35 -20.92
C VAL CA 96 62.23 26.13 -19.63
N HIS CA 97 63.30 26.22 -18.84
CA HIS CA 97 63.27 26.92 -17.57
CA HIS CA 97 63.27 26.92 -17.57
C HIS CA 97 63.80 28.34 -17.74
N THR CA 98 63.13 29.29 -17.09
CA THR CA 98 63.44 30.72 -17.14
C THR CA 98 63.79 31.17 -18.57
N PRO CA 99 62.84 31.05 -19.52
CA PRO CA 99 63.17 31.39 -20.90
C PRO CA 99 63.49 32.85 -21.13
N ILE CA 100 63.07 33.75 -20.23
CA ILE CA 100 63.29 35.18 -20.39
C ILE CA 100 63.98 35.71 -19.14
N GLU CA 101 65.01 36.54 -19.33
CA GLU CA 101 65.68 37.16 -18.20
C GLU CA 101 64.81 38.25 -17.60
N ALA CA 102 64.74 38.26 -16.27
CA ALA CA 102 63.89 39.23 -15.59
C ALA CA 102 64.50 40.61 -15.63
N ASN CA 103 63.69 41.61 -16.01
CA ASN CA 103 64.16 42.99 -15.99
C ASN CA 103 64.21 43.55 -14.58
N GLY CA 104 63.33 43.09 -13.70
CA GLY CA 104 63.31 43.52 -12.32
C GLY CA 104 62.45 44.73 -12.03
N LYS CA 105 61.90 45.37 -13.07
CA LYS CA 105 61.08 46.56 -12.85
C LYS CA 105 59.82 46.22 -12.05
N LEU CA 106 58.95 45.40 -12.62
CA LEU CA 106 57.69 45.03 -12.00
C LEU CA 106 57.66 43.52 -11.80
N VAL CA 107 57.35 43.09 -10.59
CA VAL CA 107 57.23 41.68 -10.25
C VAL CA 107 55.81 41.43 -9.75
N PRO CA 108 54.93 40.89 -10.60
CA PRO CA 108 53.59 40.56 -10.14
C PRO CA 108 53.62 39.52 -9.03
N GLY CA 109 52.79 39.74 -8.02
CA GLY CA 109 52.68 38.80 -6.93
C GLY CA 109 53.95 38.63 -6.12
N GLU CA 110 54.81 39.64 -6.10
CA GLU CA 110 56.07 39.51 -5.40
C GLU CA 110 55.87 39.57 -3.89
N LEU CA 111 56.77 38.89 -3.17
CA LEU CA 111 56.73 38.82 -1.73
C LEU CA 111 57.62 39.89 -1.13
N PHE CA 112 57.14 40.52 -0.06
CA PHE CA 112 57.93 41.48 0.73
C PHE CA 112 58.10 40.86 2.11
N LEU CA 113 59.16 40.07 2.27
CA LEU CA 113 59.37 39.30 3.47
C LEU CA 113 60.05 40.14 4.56
N LYS CA 114 59.74 39.80 5.80
CA LYS CA 114 60.49 40.34 6.92
C LYS CA 114 61.90 39.75 6.95
N ASN CA 115 62.83 40.49 7.55
CA ASN CA 115 64.18 39.99 7.72
C ASN CA 115 64.36 39.34 9.08
N GLU CA 116 63.49 38.39 9.41
CA GLU CA 116 63.52 37.69 10.69
C GLU CA 116 63.33 36.21 10.44
N ASP CA 117 64.18 35.39 11.07
CA ASP CA 117 64.13 33.96 10.84
C ASP CA 117 62.97 33.32 11.59
N ILE CA 118 62.44 32.25 11.00
CA ILE CA 118 61.35 31.49 11.60
C ILE CA 118 61.96 30.42 12.48
N THR CA 119 61.53 30.37 13.74
CA THR CA 119 62.01 29.36 14.67
C THR CA 119 61.01 28.20 14.69
N ILE CA 120 61.42 27.07 14.17
CA ILE CA 120 60.55 25.89 14.09
C ILE CA 120 60.79 25.02 15.32
N ASN CA 121 59.76 24.27 15.69
CA ASN CA 121 59.82 23.33 16.81
C ASN CA 121 60.26 24.05 18.09
N GLU CA 122 59.73 25.25 18.29
CA GLU CA 122 60.09 26.04 19.46
C GLU CA 122 59.62 25.35 20.73
N GLY CA 123 60.47 25.39 21.76
CA GLY CA 123 60.17 24.74 23.02
C GLY CA 123 60.49 23.27 23.07
N LYS CA 124 61.09 22.72 22.01
CA LYS CA 124 61.46 21.31 21.97
C LYS CA 124 62.98 21.20 21.96
N LYS CA 125 63.52 20.45 22.91
CA LYS CA 125 64.96 20.26 23.01
C LYS CA 125 65.39 19.10 22.12
N ALA CA 126 66.46 19.32 21.37
CA ALA CA 126 66.94 18.36 20.39
C ALA CA 126 68.14 17.59 20.94
N VAL CA 127 68.13 16.28 20.74
CA VAL CA 127 69.26 15.44 21.07
C VAL CA 127 69.97 15.07 19.78
N SER CA 128 71.26 14.79 19.88
CA SER CA 128 72.10 14.50 18.73
C SER CA 128 72.41 13.00 18.71
N VAL CA 129 72.25 12.40 17.53
CA VAL CA 129 72.47 10.97 17.34
C VAL CA 129 73.33 10.78 16.10
N LYS CA 130 74.31 9.89 16.20
CA LYS CA 130 75.16 9.56 15.07
C LYS CA 130 74.59 8.34 14.34
N VAL CA 131 74.36 8.50 13.04
CA VAL CA 131 73.71 7.48 12.23
C VAL CA 131 74.65 7.09 11.10
N LYS CA 132 74.85 5.78 10.92
CA LYS CA 132 75.65 5.26 9.83
C LYS CA 132 74.77 4.43 8.91
N ASN CA 133 74.93 4.63 7.61
CA ASN CA 133 74.22 3.83 6.60
C ASN CA 133 75.14 2.70 6.20
N VAL CA 134 74.90 1.51 6.75
CA VAL CA 134 75.69 0.34 6.40
C VAL CA 134 75.11 -0.40 5.20
N GLY CA 135 74.02 0.08 4.63
CA GLY CA 135 73.48 -0.50 3.43
C GLY CA 135 74.20 -0.01 2.19
N ASP CA 136 73.73 -0.48 1.04
CA ASP CA 136 74.35 -0.17 -0.24
C ASP CA 136 73.64 0.94 -0.99
N ARG CA 137 72.56 1.49 -0.45
CA ARG CA 137 71.80 2.52 -1.13
C ARG CA 137 71.58 3.70 -0.20
N PRO CA 138 71.47 4.91 -0.75
CA PRO CA 138 71.15 6.06 0.09
C PRO CA 138 69.74 5.96 0.64
N VAL CA 139 69.55 6.56 1.81
CA VAL CA 139 68.29 6.52 2.53
C VAL CA 139 67.86 7.93 2.86
N GLN CA 140 66.64 8.30 2.49
CA GLN CA 140 66.09 9.61 2.81
C GLN CA 140 65.03 9.48 3.88
N ILE CA 141 65.14 10.28 4.93
CA ILE CA 141 64.22 10.27 6.05
C ILE CA 141 63.50 11.61 6.10
N GLY CA 142 62.17 11.56 6.18
CA GLY CA 142 61.39 12.77 6.26
C GLY CA 142 61.40 13.39 7.64
N SER CA 143 60.91 14.63 7.70
CA SER CA 143 60.91 15.38 8.94
C SER CA 143 60.02 14.76 10.00
N HIS CA 144 59.00 14.00 9.60
CA HIS CA 144 58.02 13.49 10.53
C HIS CA 144 58.00 11.97 10.61
N PHE CA 145 58.93 11.30 9.96
CA PHE CA 145 59.06 9.86 10.15
C PHE CA 145 59.57 9.58 11.56
N HIS CA 146 58.96 8.59 12.20
CA HIS CA 146 59.40 8.15 13.51
C HIS CA 146 60.79 7.53 13.38
N PHE CA 147 61.81 8.22 13.89
CA PHE CA 147 63.18 7.83 13.57
C PHE CA 147 63.56 6.48 14.14
N PHE CA 148 62.86 6.00 15.16
CA PHE CA 148 63.14 4.68 15.70
C PHE CA 148 62.93 3.58 14.67
N GLU CA 149 62.00 3.77 13.75
CA GLU CA 149 61.59 2.71 12.82
C GLU CA 149 62.14 2.90 11.41
N VAL CA 150 63.21 3.66 11.25
CA VAL CA 150 63.77 3.90 9.93
C VAL CA 150 64.40 2.61 9.39
N ASN CA 151 64.78 2.64 8.12
CA ASN CA 151 65.43 1.52 7.44
C ASN CA 151 66.41 0.80 8.36
N ARG CA 152 66.28 -0.52 8.42
CA ARG CA 152 67.13 -1.30 9.32
C ARG CA 152 68.59 -1.32 8.90
N CYS CA 153 68.92 -0.84 7.70
CA CYS CA 153 70.31 -0.71 7.31
C CYS CA 153 70.97 0.51 7.93
N LEU CA 154 70.20 1.41 8.54
CA LEU CA 154 70.78 2.51 9.29
C LEU CA 154 71.17 2.03 10.69
N ASP CA 155 72.36 2.40 11.12
CA ASP CA 155 72.91 1.95 12.39
C ASP CA 155 73.05 3.14 13.33
N PHE CA 156 72.42 3.04 14.49
CA PHE CA 156 72.46 4.09 15.50
C PHE CA 156 71.81 3.54 16.76
N ASP CA 157 71.95 4.27 17.85
CA ASP CA 157 71.36 3.86 19.13
C ASP CA 157 69.86 4.12 19.08
N ARG CA 158 69.09 3.09 18.70
CA ARG CA 158 67.66 3.25 18.53
C ARG CA 158 66.96 3.58 19.84
N GLU CA 159 67.50 3.09 20.96
CA GLU CA 159 66.91 3.39 22.27
C GLU CA 159 66.89 4.89 22.52
N LYS CA 160 67.93 5.60 22.07
CA LYS CA 160 67.96 7.05 22.23
C LYS CA 160 66.88 7.73 21.41
N THR CA 161 66.50 7.14 20.28
CA THR CA 161 65.64 7.81 19.32
C THR CA 161 64.20 7.33 19.35
N PHE CA 162 63.85 6.41 20.26
CA PHE CA 162 62.45 6.02 20.38
C PHE CA 162 61.58 7.23 20.72
N GLY CA 163 60.50 7.39 19.98
CA GLY CA 163 59.57 8.49 20.20
C GLY CA 163 60.00 9.83 19.65
N LYS CA 164 60.98 9.86 18.76
CA LYS CA 164 61.53 11.10 18.27
C LYS CA 164 61.48 11.15 16.75
N ARG CA 165 61.60 12.36 16.22
CA ARG CA 165 61.63 12.61 14.79
C ARG CA 165 62.71 13.65 14.51
N LEU CA 166 63.08 13.76 13.24
CA LEU CA 166 64.13 14.70 12.86
C LEU CA 166 63.69 16.14 13.14
N ASP CA 167 64.64 16.96 13.57
CA ASP CA 167 64.38 18.36 13.85
C ASP CA 167 64.78 19.21 12.65
N ILE CA 168 63.96 19.11 11.61
CA ILE CA 168 64.19 19.83 10.37
C ILE CA 168 62.86 20.46 9.94
N ALA CA 169 62.94 21.33 8.94
CA ALA CA 169 61.74 21.93 8.39
C ALA CA 169 60.82 20.84 7.84
N SER CA 170 59.55 20.91 8.22
CA SER CA 170 58.60 19.89 7.81
C SER CA 170 58.47 19.86 6.30
N GLY CA 171 58.51 18.66 5.73
CA GLY CA 171 58.51 18.48 4.31
C GLY CA 171 59.89 18.32 3.71
N THR CA 172 60.93 18.66 4.44
CA THR CA 172 62.29 18.39 3.99
C THR CA 172 62.73 17.00 4.45
N ALA CA 173 63.88 16.58 3.94
CA ALA CA 173 64.38 15.24 4.24
C ALA CA 173 65.88 15.29 4.44
N VAL CA 174 66.38 14.30 5.16
CA VAL CA 174 67.80 14.11 5.40
C VAL CA 174 68.24 12.86 4.65
N ARG CA 175 69.32 12.97 3.89
CA ARG CA 175 69.83 11.85 3.10
C ARG CA 175 71.10 11.29 3.72
N PHE CA 176 71.12 9.99 3.93
CA PHE CA 176 72.28 9.25 4.40
C PHE CA 176 72.81 8.44 3.24
N GLU CA 177 73.99 8.80 2.74
CA GLU CA 177 74.63 8.04 1.68
C GLU CA 177 75.21 6.75 2.24
N PRO CA 178 75.35 5.72 1.40
CA PRO CA 178 75.91 4.45 1.90
C PRO CA 178 77.31 4.64 2.45
N GLY CA 179 77.57 4.00 3.58
CA GLY CA 179 78.85 4.09 4.24
C GLY CA 179 79.05 5.39 5.01
N GLU CA 180 78.28 6.41 4.66
CA GLU CA 180 78.45 7.72 5.27
C GLU CA 180 77.85 7.73 6.67
N GLU CA 181 78.51 8.43 7.59
CA GLU CA 181 78.05 8.61 8.95
C GLU CA 181 77.71 10.08 9.18
N LYS CA 182 76.49 10.33 9.64
CA LYS CA 182 76.02 11.68 9.89
C LYS CA 182 75.51 11.79 11.31
N SER CA 183 75.50 13.03 11.82
CA SER CA 183 74.90 13.35 13.09
C SER CA 183 73.62 14.12 12.85
N VAL CA 184 72.53 13.67 13.46
CA VAL CA 184 71.23 14.29 13.26
C VAL CA 184 70.68 14.73 14.61
N GLU CA 185 69.79 15.71 14.56
CA GLU CA 185 69.11 16.23 15.75
C GLU CA 185 67.68 15.69 15.78
N LEU CA 186 67.27 15.18 16.93
CA LEU CA 186 65.96 14.58 17.08
C LEU CA 186 65.19 15.27 18.20
N ILE CA 187 63.89 15.43 17.99
CA ILE CA 187 63.00 16.06 18.95
C ILE CA 187 61.83 15.13 19.19
N ASP CA 188 61.20 15.27 20.36
CA ASP CA 188 60.10 14.40 20.71
C ASP CA 188 58.93 14.59 19.77
N ILE CA 189 58.26 13.47 19.44
CA ILE CA 189 57.03 13.55 18.68
C ILE CA 189 55.94 14.16 19.56
N GLY CA 190 55.18 15.11 19.01
CA GLY CA 190 54.19 15.85 19.76
C GLY CA 190 52.82 15.20 19.71
N GLY CA 191 51.83 15.95 20.18
CA GLY CA 191 50.47 15.46 20.18
C GLY CA 191 50.27 14.32 21.16
N ASN CA 192 49.41 13.38 20.77
CA ASN CA 192 49.13 12.22 21.60
C ASN CA 192 50.30 11.24 21.68
N ARG CA 193 51.31 11.40 20.82
CA ARG CA 193 52.46 10.50 20.77
C ARG CA 193 52.04 9.06 20.54
N ARG CA 194 51.03 8.87 19.69
CA ARG CA 194 50.58 7.54 19.30
C ARG CA 194 51.22 7.21 17.96
N ILE CA 195 52.11 6.24 17.95
CA ILE CA 195 52.83 5.84 16.74
C ILE CA 195 52.08 4.68 16.10
N PHE CA 196 51.57 4.90 14.90
CA PHE CA 196 50.89 3.86 14.16
C PHE CA 196 51.46 3.82 12.74
N GLY CA 197 51.56 2.62 12.18
CA GLY CA 197 52.14 2.48 10.86
C GLY CA 197 53.65 2.35 10.92
N PHE CA 198 54.32 3.02 10.00
CA PHE CA 198 55.78 2.97 9.88
C PHE CA 198 56.19 1.52 9.68
N ASN CA 199 57.04 0.95 10.52
CA ASN CA 199 57.45 -0.44 10.39
C ASN CA 199 56.69 -1.36 11.33
N ALA CA 200 55.60 -0.88 11.93
CA ALA CA 200 54.79 -1.64 12.87
C ALA CA 200 55.62 -2.14 14.06
N LEU CA 201 56.59 -1.34 14.49
CA LEU CA 201 57.38 -1.69 15.67
C LEU CA 201 56.74 -1.21 16.96
N VAL CA 202 55.89 -0.19 16.91
CA VAL CA 202 55.22 0.34 18.09
C VAL CA 202 53.71 0.10 18.03
N ASP CA 203 53.04 0.71 17.05
CA ASP CA 203 51.61 0.51 16.82
C ASP CA 203 50.78 0.77 18.07
N ARG CA 204 51.20 1.73 18.90
CA ARG CA 204 50.53 2.02 20.15
C ARG CA 204 51.08 3.33 20.70
N GLN CA 205 50.65 3.68 21.90
CA GLN CA 205 51.15 4.87 22.58
C GLN CA 205 52.64 4.72 22.86
N ALA CA 206 53.39 5.80 22.65
CA ALA CA 206 54.83 5.79 22.83
C ALA CA 206 55.14 6.21 24.27
N ASP CA 207 55.48 5.23 25.11
CA ASP CA 207 55.91 5.47 26.47
C ASP CA 207 57.05 4.51 26.80
N ASN CA 208 57.52 4.56 28.04
CA ASN CA 208 58.65 3.73 28.43
C ASN CA 208 58.32 2.25 28.40
N GLU CA 209 57.08 1.88 28.69
CA GLU CA 209 56.71 0.48 28.65
C GLU CA 209 56.64 -0.04 27.22
N SER CA 210 56.13 0.78 26.29
CA SER CA 210 56.14 0.37 24.89
C SER CA 210 57.53 0.45 24.29
N LYS CA 211 58.45 1.18 24.93
CA LYS CA 211 59.82 1.24 24.44
C LYS CA 211 60.48 -0.14 24.48
N LYS CA 212 60.28 -0.88 25.56
CA LYS CA 212 60.87 -2.21 25.66
C LYS CA 212 60.32 -3.15 24.59
N ILE CA 213 59.00 -3.11 24.38
CA ILE CA 213 58.39 -3.96 23.36
C ILE CA 213 58.91 -3.58 21.99
N ALA CA 214 59.02 -2.28 21.70
CA ALA CA 214 59.54 -1.85 20.41
C ALA CA 214 60.98 -2.28 20.22
N LEU CA 215 61.80 -2.18 21.26
CA LEU CA 215 63.19 -2.60 21.15
C LEU CA 215 63.30 -4.09 20.90
N HIS CA 216 62.50 -4.89 21.61
CA HIS CA 216 62.52 -6.33 21.38
C HIS CA 216 62.07 -6.66 19.97
N ARG CA 217 61.02 -6.00 19.49
CA ARG CA 217 60.57 -6.23 18.12
C ARG CA 217 61.64 -5.86 17.12
N ALA CA 218 62.31 -4.72 17.32
CA ALA CA 218 63.33 -4.29 16.39
C ALA CA 218 64.51 -5.24 16.38
N LYS CA 219 64.92 -5.71 17.56
CA LYS CA 219 65.99 -6.70 17.61
C LYS CA 219 65.61 -7.98 16.91
N GLU CA 220 64.37 -8.44 17.11
CA GLU CA 220 63.92 -9.65 16.44
C GLU CA 220 63.91 -9.47 14.92
N ARG CA 221 63.45 -8.32 14.44
CA ARG CA 221 63.37 -8.07 13.01
C ARG CA 221 64.70 -7.61 12.43
N GLY CA 222 65.74 -7.48 13.24
CA GLY CA 222 67.06 -7.22 12.72
C GLY CA 222 67.37 -5.78 12.45
N PHE CA 223 66.76 -4.86 13.20
CA PHE CA 223 67.06 -3.44 13.03
C PHE CA 223 68.39 -3.13 13.71
N HIS CA 224 69.29 -2.52 12.95
CA HIS CA 224 70.64 -2.28 13.44
C HIS CA 224 70.64 -1.27 14.58
N GLY CA 225 71.42 -1.56 15.61
CA GLY CA 225 71.52 -0.68 16.75
C GLY CA 225 70.44 -0.84 17.78
N ALA CA 226 69.47 -1.71 17.55
CA ALA CA 226 68.43 -1.98 18.53
C ALA CA 226 68.92 -3.03 19.51
N LYS CA 227 69.11 -2.62 20.75
CA LYS CA 227 69.64 -3.51 21.79
C LYS CA 227 68.52 -3.83 22.77
N SER CA 228 68.15 -5.11 22.83
CA SER CA 228 67.20 -5.61 23.78
C SER CA 228 67.85 -6.70 24.63
N ASP CA 229 67.45 -6.77 25.89
CA ASP CA 229 68.02 -7.76 26.79
C ASP CA 229 67.70 -9.18 26.31
N ASP CA 230 68.66 -10.08 26.52
CA ASP CA 230 68.44 -11.47 26.14
C ASP CA 230 67.29 -12.10 26.91
N ASN CA 231 67.20 -11.81 28.20
CA ASN CA 231 66.12 -12.34 29.04
C ASN CA 231 64.99 -11.32 29.05
N TYR CA 232 64.22 -11.33 27.97
CA TYR CA 232 63.12 -10.40 27.76
C TYR CA 232 61.83 -11.05 28.25
N VAL CA 233 61.08 -10.33 29.07
CA VAL CA 233 59.84 -10.82 29.65
C VAL CA 233 58.69 -10.31 28.80
N LYS CA 234 57.92 -11.23 28.24
CA LYS CA 234 56.79 -10.86 27.39
C LYS CA 234 55.62 -10.36 28.24
N THR CA 235 54.79 -9.53 27.61
CA THR CA 235 53.56 -9.05 28.23
C THR CA 235 52.38 -9.83 27.66
N ILE CA 236 51.20 -9.56 28.22
CA ILE CA 236 50.00 -10.27 27.77
C ILE CA 236 49.66 -9.88 26.33
N LYS CA 237 49.90 -8.62 25.96
CA LYS CA 237 49.64 -8.14 24.61
C LYS CA 237 50.90 -7.49 24.07
N GLU CA 238 51.48 -8.10 23.05
CA GLU CA 238 52.68 -7.57 22.41
C GLU CA 238 52.98 -8.28 21.11
N MET DA 1 31.22 -24.75 -59.01
CA MET DA 1 32.36 -24.13 -58.36
C MET DA 1 33.14 -23.25 -59.33
N LYS DA 2 33.94 -22.33 -58.77
CA LYS DA 2 34.73 -21.42 -59.58
C LYS DA 2 35.88 -20.94 -58.73
N LYS DA 3 36.99 -20.59 -59.39
CA LYS DA 3 38.17 -20.08 -58.70
C LYS DA 3 38.40 -18.65 -59.11
N ILE DA 4 38.59 -17.78 -58.14
CA ILE DA 4 38.91 -16.38 -58.38
C ILE DA 4 40.29 -16.09 -57.81
N SER DA 5 40.96 -15.11 -58.39
CA SER DA 5 42.31 -14.79 -57.96
C SER DA 5 42.31 -14.32 -56.51
N ARG DA 6 43.38 -14.68 -55.79
CA ARG DA 6 43.44 -14.32 -54.38
C ARG DA 6 43.47 -12.82 -54.19
N LYS DA 7 44.10 -12.08 -55.11
CA LYS DA 7 44.11 -10.63 -54.99
C LYS DA 7 42.71 -10.05 -55.06
N GLU DA 8 41.91 -10.52 -56.01
CA GLU DA 8 40.54 -10.05 -56.12
C GLU DA 8 39.72 -10.47 -54.90
N TYR DA 9 39.90 -11.72 -54.45
CA TYR DA 9 39.17 -12.17 -53.28
C TYR DA 9 39.49 -11.31 -52.06
N VAL DA 10 40.77 -10.99 -51.86
CA VAL DA 10 41.17 -10.22 -50.69
C VAL DA 10 40.67 -8.78 -50.80
N SER DA 11 40.71 -8.22 -52.01
CA SER DA 11 40.15 -6.88 -52.19
C SER DA 11 38.66 -6.86 -51.87
N MET DA 12 37.94 -7.92 -52.22
CA MET DA 12 36.50 -7.94 -51.97
C MET DA 12 36.18 -8.20 -50.49
N TYR DA 13 36.87 -9.13 -49.86
CA TYR DA 13 36.46 -9.62 -48.56
C TYR DA 13 37.51 -9.50 -47.47
N GLY DA 14 38.70 -9.02 -47.78
CA GLY DA 14 39.76 -8.99 -46.79
C GLY DA 14 40.56 -10.28 -46.79
N PRO DA 15 41.69 -10.28 -46.08
CA PRO DA 15 42.58 -11.44 -46.13
C PRO DA 15 41.94 -12.69 -45.55
N THR DA 16 42.31 -13.83 -46.11
CA THR DA 16 41.83 -15.13 -45.66
C THR DA 16 43.01 -15.95 -45.15
N THR DA 17 42.76 -17.22 -44.87
CA THR DA 17 43.75 -18.06 -44.21
C THR DA 17 45.05 -18.10 -45.01
N GLY DA 18 46.16 -17.90 -44.31
CA GLY DA 18 47.46 -17.88 -44.93
C GLY DA 18 47.90 -16.54 -45.45
N ASP DA 19 47.02 -15.55 -45.46
CA ASP DA 19 47.37 -14.22 -45.91
C ASP DA 19 47.97 -13.42 -44.76
N LYS DA 20 48.94 -12.58 -45.09
CA LYS DA 20 49.67 -11.79 -44.12
C LYS DA 20 49.39 -10.31 -44.35
N VAL DA 21 49.30 -9.56 -43.25
CA VAL DA 21 49.06 -8.13 -43.31
C VAL DA 21 50.05 -7.45 -42.36
N ARG DA 22 50.66 -6.37 -42.83
CA ARG DA 22 51.54 -5.57 -42.00
C ARG DA 22 50.72 -4.72 -41.05
N LEU DA 23 51.15 -4.63 -39.80
CA LEU DA 23 50.43 -3.85 -38.80
C LEU DA 23 50.98 -2.43 -38.79
N GLY DA 24 50.18 -1.48 -39.29
CA GLY DA 24 50.64 -0.11 -39.37
C GLY DA 24 51.83 0.01 -40.29
N ASP DA 25 52.71 0.94 -39.97
CA ASP DA 25 53.97 1.09 -40.66
C ASP DA 25 55.11 0.36 -39.96
N THR DA 26 54.79 -0.50 -39.00
CA THR DA 26 55.78 -1.27 -38.26
C THR DA 26 56.31 -2.41 -39.13
N ASP DA 27 57.13 -3.25 -38.53
CA ASP DA 27 57.69 -4.42 -39.19
C ASP DA 27 56.97 -5.70 -38.81
N LEU DA 28 55.85 -5.60 -38.11
CA LEU DA 28 55.13 -6.76 -37.62
C LEU DA 28 54.14 -7.24 -38.67
N ILE DA 29 54.17 -8.55 -38.94
CA ILE DA 29 53.32 -9.17 -39.95
C ILE DA 29 52.41 -10.16 -39.25
N ALA DA 30 51.11 -9.97 -39.38
CA ALA DA 30 50.12 -10.86 -38.79
C ALA DA 30 49.57 -11.76 -39.88
N GLU DA 31 49.53 -13.05 -39.62
CA GLU DA 31 49.04 -14.03 -40.57
C GLU DA 31 47.70 -14.56 -40.10
N VAL DA 32 46.73 -14.63 -41.01
CA VAL DA 32 45.41 -15.15 -40.67
C VAL DA 32 45.53 -16.64 -40.41
N GLU DA 33 45.28 -17.05 -39.17
CA GLU DA 33 45.48 -18.45 -38.79
C GLU DA 33 44.39 -19.35 -39.34
N HIS DA 34 43.15 -18.91 -39.30
N HIS DA 34 43.16 -18.86 -39.36
CA HIS DA 34 42.06 -19.68 -39.88
CA HIS DA 34 41.97 -19.67 -39.65
C HIS DA 34 40.91 -18.76 -40.19
C HIS DA 34 40.87 -18.74 -40.15
N ASP DA 35 39.96 -19.28 -40.95
CA ASP DA 35 38.83 -18.51 -41.47
C ASP DA 35 37.55 -19.28 -41.22
N TYR DA 36 36.55 -18.60 -40.67
CA TYR DA 36 35.25 -19.20 -40.43
C TYR DA 36 34.33 -19.14 -41.63
N THR DA 37 34.63 -18.32 -42.62
CA THR DA 37 33.72 -18.14 -43.74
C THR DA 37 33.73 -19.37 -44.65
N ILE DA 38 32.64 -19.52 -45.39
CA ILE DA 38 32.52 -20.51 -46.45
C ILE DA 38 32.65 -19.77 -47.77
N TYR DA 39 33.63 -20.14 -48.58
CA TYR DA 39 33.95 -19.39 -49.78
C TYR DA 39 32.77 -19.39 -50.73
N GLY DA 40 32.44 -18.21 -51.25
CA GLY DA 40 31.27 -18.04 -52.08
C GLY DA 40 30.01 -17.68 -51.35
N GLU DA 41 30.03 -17.68 -50.01
CA GLU DA 41 28.86 -17.32 -49.21
C GLU DA 41 29.15 -16.12 -48.31
N GLU DA 42 30.16 -15.33 -48.65
CA GLU DA 42 30.55 -14.21 -47.79
C GLU DA 42 29.45 -13.19 -47.67
N LEU DA 43 29.34 -12.59 -46.49
CA LEU DA 43 28.35 -11.55 -46.24
C LEU DA 43 28.90 -10.22 -46.73
N LYS DA 44 28.16 -9.54 -47.60
CA LYS DA 44 28.53 -8.23 -48.09
C LYS DA 44 27.33 -7.32 -48.06
N PHE DA 45 27.54 -6.06 -47.72
CA PHE DA 45 26.48 -5.07 -47.73
C PHE DA 45 26.75 -4.05 -48.81
N GLY DA 46 25.71 -3.69 -49.55
CA GLY DA 46 25.86 -2.73 -50.63
C GLY DA 46 24.64 -2.74 -51.53
N GLY DA 47 24.82 -2.21 -52.73
CA GLY DA 47 23.73 -2.09 -53.69
C GLY DA 47 23.07 -3.40 -54.03
N GLY DA 48 23.80 -4.29 -54.69
CA GLY DA 48 23.28 -5.60 -55.04
C GLY DA 48 24.05 -6.71 -54.38
N LYS DA 49 24.42 -6.50 -53.12
CA LYS DA 49 25.25 -7.45 -52.40
C LYS DA 49 24.37 -8.49 -51.72
N THR DA 50 24.96 -9.28 -50.82
CA THR DA 50 24.26 -10.45 -50.30
C THR DA 50 23.41 -10.12 -49.07
N LEU DA 51 23.78 -9.12 -48.29
CA LEU DA 51 23.03 -8.81 -47.08
C LEU DA 51 21.71 -8.14 -47.43
N ARG DA 52 20.82 -8.88 -48.08
CA ARG DA 52 19.56 -8.34 -48.53
C ARG DA 52 18.43 -9.24 -48.05
N GLU DA 53 17.22 -8.69 -48.09
CA GLU DA 53 16.04 -9.40 -47.62
C GLU DA 53 15.85 -10.70 -48.40
N GLY DA 54 15.98 -11.83 -47.72
CA GLY DA 54 15.76 -13.13 -48.30
C GLY DA 54 17.02 -13.86 -48.74
N MET DA 55 18.14 -13.16 -48.92
CA MET DA 55 19.37 -13.79 -49.33
C MET DA 55 20.28 -14.12 -48.16
N SER DA 56 20.75 -13.09 -47.45
CA SER DA 56 21.54 -13.28 -46.25
C SER DA 56 20.87 -12.72 -45.01
N GLN DA 57 19.91 -11.81 -45.16
CA GLN DA 57 19.06 -11.40 -44.06
C GLN DA 57 17.84 -12.32 -44.07
N SER DA 58 17.68 -13.10 -43.01
CA SER DA 58 16.63 -14.10 -42.96
C SER DA 58 15.25 -13.46 -42.90
N ASN DA 59 14.31 -14.05 -43.61
CA ASN DA 59 12.90 -13.69 -43.46
C ASN DA 59 12.22 -14.49 -42.36
N ASN DA 60 12.85 -15.56 -41.89
CA ASN DA 60 12.40 -16.30 -40.71
C ASN DA 60 13.59 -16.43 -39.77
N PRO DA 61 13.98 -15.34 -39.12
CA PRO DA 61 15.18 -15.37 -38.29
C PRO DA 61 14.97 -16.19 -37.02
N SER DA 62 16.09 -16.63 -36.45
CA SER DA 62 16.03 -17.29 -35.16
C SER DA 62 15.70 -16.28 -34.08
N LYS DA 63 15.26 -16.79 -32.93
CA LYS DA 63 14.93 -15.91 -31.82
C LYS DA 63 16.15 -15.23 -31.24
N GLU DA 64 17.36 -15.73 -31.53
CA GLU DA 64 18.60 -15.08 -31.16
C GLU DA 64 19.12 -14.16 -32.24
N GLU DA 65 18.22 -13.56 -33.01
CA GLU DA 65 18.60 -12.69 -34.12
C GLU DA 65 19.45 -11.54 -33.63
N LEU DA 66 20.55 -11.30 -34.35
CA LEU DA 66 21.54 -10.32 -33.91
C LEU DA 66 21.00 -8.90 -34.00
N ASP DA 67 21.52 -8.04 -33.13
CA ASP DA 67 21.27 -6.61 -33.24
C ASP DA 67 22.26 -5.96 -34.21
N LEU DA 68 23.50 -6.40 -34.21
CA LEU DA 68 24.52 -5.87 -35.10
C LEU DA 68 25.45 -7.00 -35.51
N ILE DA 69 25.88 -6.98 -36.77
CA ILE DA 69 26.84 -7.95 -37.25
C ILE DA 69 27.98 -7.21 -37.93
N ILE DA 70 29.20 -7.56 -37.57
CA ILE DA 70 30.40 -7.07 -38.24
C ILE DA 70 30.88 -8.14 -39.19
N THR DA 71 30.92 -7.84 -40.48
CA THR DA 71 31.16 -8.83 -41.50
C THR DA 71 32.62 -8.85 -41.92
N ASN DA 72 33.17 -10.05 -42.10
CA ASN DA 72 34.49 -10.26 -42.69
C ASN DA 72 35.58 -9.55 -41.91
N ALA DA 73 35.46 -9.52 -40.59
CA ALA DA 73 36.43 -8.82 -39.77
C ALA DA 73 37.62 -9.71 -39.47
N LEU DA 74 38.82 -9.13 -39.53
CA LEU DA 74 40.03 -9.83 -39.12
C LEU DA 74 40.17 -9.61 -37.62
N ILE DA 75 39.74 -10.58 -36.84
CA ILE DA 75 39.83 -10.49 -35.38
C ILE DA 75 41.27 -10.75 -34.98
N VAL DA 76 41.87 -9.78 -34.31
CA VAL DA 76 43.18 -9.93 -33.70
C VAL DA 76 42.97 -9.93 -32.20
N ASP DA 77 43.26 -11.06 -31.57
CA ASP DA 77 42.97 -11.26 -30.16
C ASP DA 77 44.02 -12.19 -29.59
N TYR DA 78 44.10 -12.22 -28.26
CA TYR DA 78 45.01 -13.16 -27.63
C TYR DA 78 44.57 -14.60 -27.88
N THR DA 79 43.31 -14.82 -28.21
CA THR DA 79 42.83 -16.15 -28.55
C THR DA 79 43.22 -16.58 -29.94
N GLY DA 80 43.68 -15.68 -30.78
CA GLY DA 80 44.12 -16.02 -32.12
C GLY DA 80 43.83 -14.91 -33.09
N ILE DA 81 44.52 -14.95 -34.21
CA ILE DA 81 44.33 -13.99 -35.30
C ILE DA 81 43.60 -14.73 -36.41
N TYR DA 82 42.31 -14.45 -36.57
CA TYR DA 82 41.51 -15.21 -37.51
C TYR DA 82 40.51 -14.29 -38.18
N LYS DA 83 39.73 -14.84 -39.10
CA LYS DA 83 38.78 -14.07 -39.88
C LYS DA 83 37.38 -14.59 -39.60
N ALA DA 84 36.46 -13.70 -39.25
CA ALA DA 84 35.13 -14.16 -38.88
C ALA DA 84 34.15 -13.01 -38.94
N ASP DA 85 32.88 -13.35 -38.76
CA ASP DA 85 31.83 -12.37 -38.54
C ASP DA 85 31.52 -12.31 -37.06
N ILE DA 86 31.42 -11.11 -36.51
CA ILE DA 86 31.14 -10.90 -35.10
C ILE DA 86 29.69 -10.48 -34.97
N GLY DA 87 28.91 -11.26 -34.22
CA GLY DA 87 27.54 -10.92 -33.95
C GLY DA 87 27.41 -10.32 -32.56
N ILE DA 88 26.66 -9.24 -32.47
CA ILE DA 88 26.44 -8.53 -31.22
C ILE DA 88 24.95 -8.51 -30.94
N LYS DA 89 24.57 -8.92 -29.73
CA LYS DA 89 23.17 -8.94 -29.34
C LYS DA 89 23.06 -8.55 -27.88
N ASP DA 90 22.22 -7.56 -27.60
CA ASP DA 90 21.95 -7.09 -26.24
C ASP DA 90 23.24 -6.64 -25.54
N GLY DA 91 24.12 -6.00 -26.30
CA GLY DA 91 25.32 -5.42 -25.73
C GLY DA 91 26.46 -6.38 -25.49
N LYS DA 92 26.27 -7.66 -25.77
CA LYS DA 92 27.31 -8.67 -25.62
C LYS DA 92 27.69 -9.21 -26.99
N ILE DA 93 28.83 -9.88 -27.05
CA ILE DA 93 29.22 -10.58 -28.27
C ILE DA 93 28.44 -11.88 -28.32
N ALA DA 94 27.43 -11.94 -29.20
CA ALA DA 94 26.53 -13.08 -29.24
C ALA DA 94 27.18 -14.28 -29.90
N GLY DA 95 27.97 -14.05 -30.95
CA GLY DA 95 28.61 -15.16 -31.64
C GLY DA 95 29.75 -14.73 -32.51
N ILE DA 96 30.70 -15.62 -32.74
CA ILE DA 96 31.82 -15.39 -33.63
C ILE DA 96 31.88 -16.56 -34.59
N GLY DA 97 31.81 -16.29 -35.88
CA GLY DA 97 31.83 -17.35 -36.86
C GLY DA 97 31.18 -16.92 -38.16
N LYS DA 98 30.46 -17.84 -38.79
CA LYS DA 98 29.81 -17.57 -40.06
C LYS DA 98 28.36 -17.15 -39.80
N GLY DA 99 28.04 -15.89 -40.07
CA GLY DA 99 26.70 -15.39 -39.92
C GLY DA 99 25.97 -15.36 -41.25
N GLY DA 100 24.67 -15.11 -41.16
CA GLY DA 100 23.87 -15.03 -42.36
C GLY DA 100 22.49 -15.62 -42.23
N ASN DA 101 21.96 -16.15 -43.33
CA ASN DA 101 20.62 -16.67 -43.40
C ASN DA 101 20.68 -18.19 -43.49
N LYS DA 102 20.06 -18.87 -42.52
CA LYS DA 102 20.02 -20.31 -42.52
C LYS DA 102 19.17 -20.86 -43.66
N ASP DA 103 18.26 -20.06 -44.21
CA ASP DA 103 17.38 -20.55 -45.27
C ASP DA 103 18.12 -20.71 -46.58
N MET DA 104 19.18 -19.94 -46.80
CA MET DA 104 19.85 -19.92 -48.09
C MET DA 104 21.35 -20.18 -48.01
N GLN DA 105 21.91 -20.35 -46.83
CA GLN DA 105 23.33 -20.62 -46.67
C GLN DA 105 23.53 -21.76 -45.69
N ASP DA 106 24.66 -22.44 -45.81
CA ASP DA 106 24.99 -23.55 -44.94
C ASP DA 106 25.95 -23.11 -43.85
N GLY DA 107 25.94 -23.85 -42.75
CA GLY DA 107 26.84 -23.59 -41.64
C GLY DA 107 26.60 -22.29 -40.91
N VAL DA 108 25.34 -21.93 -40.69
CA VAL DA 108 24.97 -20.72 -39.96
C VAL DA 108 24.33 -21.16 -38.66
N LYS DA 109 25.00 -20.88 -37.54
CA LYS DA 109 24.47 -21.25 -36.24
C LYS DA 109 23.33 -20.32 -35.85
N ASN DA 110 22.55 -20.75 -34.85
CA ASN DA 110 21.40 -19.96 -34.42
C ASN DA 110 21.80 -18.63 -33.84
N ASN DA 111 22.97 -18.55 -33.19
CA ASN DA 111 23.39 -17.32 -32.54
C ASN DA 111 24.04 -16.34 -33.50
N LEU DA 112 24.21 -16.69 -34.77
CA LEU DA 112 24.74 -15.79 -35.76
C LEU DA 112 23.71 -15.52 -36.87
N SER DA 113 22.44 -15.56 -36.51
CA SER DA 113 21.37 -15.40 -37.49
C SER DA 113 21.15 -13.92 -37.78
N VAL DA 114 21.30 -13.53 -39.03
CA VAL DA 114 21.03 -12.17 -39.46
C VAL DA 114 19.57 -12.07 -39.86
N GLY DA 115 18.87 -11.09 -39.32
CA GLY DA 115 17.47 -10.91 -39.62
C GLY DA 115 17.11 -9.46 -39.85
N PRO DA 116 15.81 -9.19 -39.95
CA PRO DA 116 15.37 -7.81 -40.21
C PRO DA 116 15.71 -6.82 -39.11
N ALA DA 117 16.01 -7.29 -37.90
CA ALA DA 117 16.38 -6.41 -36.81
C ALA DA 117 17.88 -6.16 -36.73
N THR DA 118 18.64 -6.63 -37.70
CA THR DA 118 20.09 -6.61 -37.64
C THR DA 118 20.64 -5.43 -38.44
N GLU DA 119 21.53 -4.67 -37.81
CA GLU DA 119 22.32 -3.66 -38.49
C GLU DA 119 23.63 -4.30 -38.96
N ALA DA 120 24.14 -3.80 -40.07
CA ALA DA 120 25.34 -4.36 -40.69
C ALA DA 120 26.50 -3.37 -40.59
N LEU DA 121 27.68 -3.89 -40.32
CA LEU DA 121 28.91 -3.10 -40.26
C LEU DA 121 29.98 -3.82 -41.07
N ALA DA 122 30.47 -3.18 -42.11
CA ALA DA 122 31.44 -3.79 -43.00
C ALA DA 122 32.81 -3.76 -42.34
N GLY DA 123 33.29 -4.93 -41.93
CA GLY DA 123 34.63 -5.07 -41.42
C GLY DA 123 35.62 -5.65 -42.40
N GLU DA 124 35.25 -5.76 -43.67
CA GLU DA 124 36.16 -6.35 -44.66
C GLU DA 124 37.37 -5.45 -44.85
N GLY DA 125 38.56 -6.04 -44.71
CA GLY DA 125 39.77 -5.26 -44.71
C GLY DA 125 40.03 -4.50 -43.44
N LEU DA 126 39.31 -4.80 -42.37
CA LEU DA 126 39.45 -4.11 -41.09
C LEU DA 126 39.78 -5.11 -40.00
N ILE DA 127 40.63 -4.68 -39.09
CA ILE DA 127 41.03 -5.46 -37.93
C ILE DA 127 40.12 -5.09 -36.77
N VAL DA 128 39.68 -6.09 -36.03
CA VAL DA 128 38.87 -5.88 -34.84
C VAL DA 128 39.66 -6.36 -33.64
N THR DA 129 39.84 -5.49 -32.66
CA THR DA 129 40.44 -5.87 -31.39
C THR DA 129 39.50 -5.51 -30.25
N ALA DA 130 39.79 -6.04 -29.08
CA ALA DA 130 39.09 -5.59 -27.89
C ALA DA 130 39.58 -4.21 -27.52
N GLY DA 131 38.73 -3.46 -26.81
CA GLY DA 131 39.13 -2.15 -26.34
C GLY DA 131 40.27 -2.25 -25.34
N GLY DA 132 41.11 -1.22 -25.35
CA GLY DA 132 42.19 -1.18 -24.38
C GLY DA 132 41.69 -1.00 -22.97
N ILE DA 133 42.51 -1.47 -22.03
CA ILE DA 133 42.24 -1.34 -20.62
C ILE DA 133 43.46 -0.67 -20.00
N ASP DA 134 43.28 0.54 -19.50
CA ASP DA 134 44.36 1.31 -18.89
C ASP DA 134 44.13 1.33 -17.40
N THR DA 135 45.07 0.79 -16.63
CA THR DA 135 44.87 0.54 -15.21
C THR DA 135 45.65 1.48 -14.31
N HIS DA 136 46.35 2.46 -14.85
CA HIS DA 136 47.14 3.38 -14.05
C HIS DA 136 46.63 4.81 -14.16
N ILE DA 137 45.35 4.99 -14.41
CA ILE DA 137 44.85 6.30 -14.80
C ILE DA 137 44.81 7.22 -13.58
N HIS DA 138 45.55 8.31 -13.66
CA HIS DA 138 45.40 9.41 -12.71
C HIS DA 138 44.25 10.28 -13.21
N PHE DA 139 43.11 10.21 -12.53
CA PHE DA 139 41.97 10.98 -12.99
C PHE DA 139 42.17 12.46 -12.67
N ILE DA 140 43.09 13.09 -13.41
CA ILE DA 140 43.43 14.48 -13.15
C ILE DA 140 42.43 15.40 -13.83
N SER DA 141 42.09 15.11 -15.08
CA SER DA 141 41.10 15.89 -15.79
C SER DA 141 40.18 14.96 -16.55
N PRO DA 142 38.91 15.33 -16.71
CA PRO DA 142 38.00 14.52 -17.52
C PRO DA 142 38.33 14.55 -19.00
N GLN DA 143 39.18 15.47 -19.45
CA GLN DA 143 39.58 15.49 -20.84
C GLN DA 143 40.50 14.34 -21.21
N GLN DA 144 41.03 13.63 -20.22
CA GLN DA 144 41.81 12.42 -20.50
C GLN DA 144 40.92 11.35 -21.10
N ILE DA 145 39.66 11.27 -20.68
CA ILE DA 145 38.80 10.18 -21.11
C ILE DA 145 38.54 10.20 -22.60
N PRO DA 146 38.13 11.31 -23.23
CA PRO DA 146 38.02 11.31 -24.69
C PRO DA 146 39.33 11.06 -25.41
N THR DA 147 40.45 11.50 -24.85
CA THR DA 147 41.74 11.24 -25.49
C THR DA 147 42.05 9.75 -25.52
N ALA DA 148 41.91 9.07 -24.37
CA ALA DA 148 42.12 7.64 -24.33
C ALA DA 148 41.13 6.90 -25.23
N PHE DA 149 39.87 7.36 -25.21
CA PHE DA 149 38.85 6.74 -26.04
C PHE DA 149 39.22 6.83 -27.51
N ALA DA 150 39.66 8.00 -27.97
CA ALA DA 150 40.07 8.15 -29.36
C ALA DA 150 41.31 7.33 -29.65
N SER DA 151 42.17 7.12 -28.66
CA SER DA 151 43.34 6.27 -28.87
C SER DA 151 42.96 4.80 -28.99
N GLY DA 152 41.84 4.40 -28.40
CA GLY DA 152 41.39 3.03 -28.55
C GLY DA 152 41.24 2.30 -27.23
N VAL DA 153 41.24 3.07 -26.14
CA VAL DA 153 41.07 2.53 -24.80
C VAL DA 153 39.60 2.66 -24.42
N THR DA 154 39.00 1.55 -23.98
CA THR DA 154 37.60 1.57 -23.60
C THR DA 154 37.36 1.37 -22.12
N THR DA 155 38.35 0.90 -21.37
CA THR DA 155 38.21 0.78 -19.92
C THR DA 155 39.34 1.53 -19.24
N MET DA 156 38.99 2.36 -18.26
CA MET DA 156 39.94 3.11 -17.47
C MET DA 156 39.74 2.76 -16.00
N ILE DA 157 40.76 2.19 -15.38
CA ILE DA 157 40.78 1.93 -13.95
C ILE DA 157 41.85 2.81 -13.35
N GLY DA 158 41.47 3.57 -12.33
CA GLY DA 158 42.42 4.45 -11.71
C GLY DA 158 41.81 5.15 -10.54
N GLY DA 159 42.38 6.29 -10.20
CA GLY DA 159 41.88 7.05 -9.07
C GLY DA 159 42.21 8.50 -9.24
N GLY DA 160 41.60 9.31 -8.41
CA GLY DA 160 41.83 10.73 -8.45
C GLY DA 160 40.54 11.51 -8.22
N THR DA 161 40.68 12.81 -8.00
CA THR DA 161 39.53 13.65 -7.71
C THR DA 161 39.61 14.97 -8.45
N GLY DA 162 40.28 14.98 -9.59
CA GLY DA 162 40.56 16.21 -10.29
C GLY DA 162 41.98 16.64 -10.04
N PRO DA 163 42.32 17.85 -10.43
CA PRO DA 163 43.72 18.29 -10.35
C PRO DA 163 44.16 18.68 -8.95
N ALA DA 164 43.80 17.87 -7.96
CA ALA DA 164 44.41 18.02 -6.65
C ALA DA 164 45.83 17.48 -6.71
N ASP DA 165 46.65 17.90 -5.75
CA ASP DA 165 48.04 17.46 -5.75
C ASP DA 165 48.13 15.98 -5.39
N GLY DA 166 47.25 15.50 -4.51
CA GLY DA 166 47.20 14.08 -4.22
C GLY DA 166 46.90 13.26 -5.45
N THR DA 167 46.04 13.78 -6.34
CA THR DA 167 45.73 13.08 -7.57
C THR DA 167 46.85 13.22 -8.59
N ASN DA 168 47.48 14.39 -8.65
CA ASN DA 168 48.61 14.59 -9.55
C ASN DA 168 49.73 13.62 -9.23
N ALA DA 169 49.90 13.27 -7.95
CA ALA DA 169 50.92 12.32 -7.57
C ALA DA 169 50.45 10.87 -7.66
N THR DA 170 49.22 10.59 -7.22
CA THR DA 170 48.80 9.23 -6.92
C THR DA 170 47.54 8.88 -7.68
N THR DA 171 47.34 7.58 -7.86
CA THR DA 171 46.17 7.01 -8.53
C THR DA 171 45.11 6.61 -7.51
N ILE DA 172 44.68 7.58 -6.70
CA ILE DA 172 43.92 7.30 -5.50
C ILE DA 172 42.68 8.17 -5.45
N THR DA 173 41.53 7.55 -5.20
CA THR DA 173 40.28 8.25 -4.89
C THR DA 173 39.99 8.02 -3.42
N PRO DA 174 40.40 8.91 -2.54
CA PRO DA 174 40.35 8.61 -1.11
C PRO DA 174 39.00 8.86 -0.45
N GLY DA 175 38.41 7.82 0.11
CA GLY DA 175 37.28 8.02 1.00
C GLY DA 175 35.94 7.78 0.33
N ARG DA 176 34.94 7.55 1.17
CA ARG DA 176 33.59 7.27 0.69
C ARG DA 176 33.00 8.46 -0.06
N ARG DA 177 33.19 9.67 0.48
CA ARG DA 177 32.59 10.85 -0.15
C ARG DA 177 33.24 11.15 -1.49
N ASN DA 178 34.56 11.07 -1.57
CA ASN DA 178 35.23 11.30 -2.85
C ASN DA 178 34.90 10.20 -3.85
N LEU DA 179 34.74 8.97 -3.37
CA LEU DA 179 34.30 7.90 -4.26
C LEU DA 179 32.90 8.18 -4.79
N LYS DA 180 32.01 8.69 -3.95
CA LYS DA 180 30.68 9.04 -4.43
C LYS DA 180 30.75 10.16 -5.46
N TRP DA 181 31.58 11.18 -5.22
CA TRP DA 181 31.78 12.24 -6.19
C TRP DA 181 32.19 11.66 -7.54
N MET DA 182 33.21 10.79 -7.54
CA MET DA 182 33.72 10.27 -8.79
C MET DA 182 32.73 9.33 -9.47
N LEU DA 183 32.04 8.50 -8.69
CA LEU DA 183 31.07 7.59 -9.28
C LEU DA 183 29.91 8.34 -9.91
N ARG DA 184 29.47 9.42 -9.29
CA ARG DA 184 28.38 10.19 -9.87
C ARG DA 184 28.85 11.05 -11.03
N ALA DA 185 30.11 11.48 -11.03
CA ALA DA 185 30.65 12.17 -12.20
C ALA DA 185 30.86 11.22 -13.36
N ALA DA 186 31.07 9.93 -13.08
CA ALA DA 186 31.33 8.95 -14.13
C ALA DA 186 30.17 8.80 -15.09
N GLU DA 187 28.97 9.21 -14.70
CA GLU DA 187 27.81 9.05 -15.57
C GLU DA 187 27.95 9.83 -16.88
N GLU DA 188 28.84 10.81 -16.93
CA GLU DA 188 28.97 11.67 -18.10
C GLU DA 188 29.71 10.99 -19.24
N TYR DA 189 30.65 10.10 -18.96
CA TYR DA 189 31.66 9.71 -19.93
C TYR DA 189 31.31 8.40 -20.62
N SER DA 190 31.81 8.27 -21.84
CA SER DA 190 31.67 7.05 -22.63
C SER DA 190 32.95 6.24 -22.47
N MET DA 191 33.04 5.53 -21.35
CA MET DA 191 34.19 4.72 -21.01
C MET DA 191 33.83 3.89 -19.79
N ASN DA 192 34.23 2.62 -19.77
CA ASN DA 192 34.09 1.84 -18.55
C ASN DA 192 35.05 2.39 -17.51
N LEU DA 193 34.58 2.53 -16.28
CA LEU DA 193 35.38 3.22 -15.27
C LEU DA 193 35.44 2.39 -13.99
N GLY DA 194 36.63 2.35 -13.41
CA GLY DA 194 36.81 1.73 -12.11
C GLY DA 194 37.70 2.59 -11.24
N PHE DA 195 37.41 2.66 -9.95
CA PHE DA 195 38.12 3.57 -9.06
C PHE DA 195 38.82 2.81 -7.95
N LEU DA 196 40.02 3.27 -7.63
CA LEU DA 196 40.85 2.68 -6.59
C LEU DA 196 40.87 3.58 -5.38
N ALA DA 197 40.83 2.98 -4.20
CA ALA DA 197 40.81 3.71 -2.95
C ALA DA 197 42.22 3.90 -2.42
N LYS DA 198 42.34 4.64 -1.33
CA LYS DA 198 43.62 4.84 -0.68
C LYS DA 198 43.95 3.62 0.19
N GLY DA 199 45.05 2.96 -0.12
CA GLY DA 199 45.48 1.82 0.66
C GLY DA 199 46.46 2.19 1.75
N ASN DA 200 47.00 3.41 1.68
CA ASN DA 200 47.97 3.89 2.65
C ASN DA 200 47.24 4.24 3.93
N ALA DA 201 46.93 3.22 4.72
CA ALA DA 201 46.28 3.40 5.99
C ALA DA 201 46.43 2.13 6.80
N SER DA 202 46.79 2.28 8.07
CA SER DA 202 46.86 1.15 8.99
C SER DA 202 45.53 0.90 9.68
N ASN DA 203 44.43 1.34 9.09
CA ASN DA 203 43.10 1.23 9.69
C ASN DA 203 42.24 0.33 8.81
N ASP DA 204 42.02 -0.90 9.30
CA ASP DA 204 41.18 -1.84 8.57
C ASP DA 204 39.77 -1.30 8.37
N ALA DA 205 39.26 -0.58 9.37
CA ALA DA 205 37.92 -0.02 9.24
C ALA DA 205 37.84 0.98 8.11
N SER DA 206 38.83 1.87 8.00
CA SER DA 206 38.83 2.84 6.91
C SER DA 206 38.97 2.17 5.55
N LEU DA 207 39.87 1.19 5.45
CA LEU DA 207 40.05 0.50 4.16
C LEU DA 207 38.78 -0.23 3.75
N ALA DA 208 38.16 -0.94 4.69
CA ALA DA 208 36.92 -1.64 4.39
C ALA DA 208 35.81 -0.67 4.03
N ASP DA 209 35.78 0.49 4.69
CA ASP DA 209 34.77 1.49 4.36
C ASP DA 209 34.92 1.96 2.93
N GLN DA 210 36.15 2.18 2.48
CA GLN DA 210 36.34 2.57 1.09
C GLN DA 210 35.88 1.47 0.13
N ILE DA 211 36.22 0.22 0.43
CA ILE DA 211 35.81 -0.86 -0.46
C ILE DA 211 34.30 -0.96 -0.54
N GLU DA 212 33.63 -0.88 0.61
CA GLU DA 212 32.17 -0.92 0.61
C GLU DA 212 31.58 0.32 -0.05
N ALA DA 213 32.30 1.44 -0.03
CA ALA DA 213 31.85 2.64 -0.72
C ALA DA 213 31.96 2.50 -2.23
N GLY DA 214 32.81 1.60 -2.72
CA GLY DA 214 32.69 1.27 -4.12
C GLY DA 214 33.98 1.10 -4.89
N ALA DA 215 35.11 1.26 -4.24
CA ALA DA 215 36.38 1.08 -4.92
C ALA DA 215 36.57 -0.38 -5.33
N ILE DA 216 37.21 -0.59 -6.48
CA ILE DA 216 37.50 -1.93 -6.95
C ILE DA 216 38.84 -2.43 -6.48
N GLY DA 217 39.57 -1.64 -5.72
CA GLY DA 217 40.87 -2.07 -5.25
C GLY DA 217 41.52 -0.95 -4.46
N PHE DA 218 42.73 -1.22 -4.03
CA PHE DA 218 43.53 -0.27 -3.26
C PHE DA 218 44.74 0.15 -4.07
N LYS DA 219 45.16 1.39 -3.86
CA LYS DA 219 46.43 1.87 -4.39
C LYS DA 219 47.26 2.32 -3.21
N ILE DA 220 48.44 1.73 -3.05
CA ILE DA 220 49.40 2.13 -2.04
C ILE DA 220 50.49 2.91 -2.76
N HIS DA 221 50.50 4.22 -2.58
CA HIS DA 221 51.42 5.09 -3.28
C HIS DA 221 52.43 5.67 -2.32
N GLU DA 222 53.68 5.80 -2.78
CA GLU DA 222 54.73 6.35 -1.92
C GLU DA 222 54.39 7.74 -1.41
N ASP DA 223 53.68 8.56 -2.20
CA ASP DA 223 53.43 9.93 -1.79
C ASP DA 223 52.47 10.02 -0.60
N TRP DA 224 51.62 9.03 -0.40
CA TRP DA 224 50.81 8.95 0.80
C TRP DA 224 51.47 8.11 1.88
N GLY DA 225 52.65 7.56 1.61
CA GLY DA 225 53.36 6.77 2.58
C GLY DA 225 53.24 5.28 2.31
N THR DA 226 54.24 4.69 1.67
CA THR DA 226 54.25 3.25 1.40
C THR DA 226 55.09 2.61 2.50
N THR DA 227 54.43 2.22 3.56
CA THR DA 227 55.11 1.58 4.66
C THR DA 227 54.72 0.10 4.71
N PRO DA 228 55.59 -0.74 5.28
CA PRO DA 228 55.23 -2.16 5.39
C PRO DA 228 53.94 -2.40 6.16
N SER DA 229 53.67 -1.58 7.19
CA SER DA 229 52.43 -1.71 7.92
C SER DA 229 51.23 -1.44 7.03
N ALA DA 230 51.29 -0.39 6.23
CA ALA DA 230 50.19 -0.08 5.33
C ALA DA 230 50.02 -1.16 4.29
N ILE DA 231 51.11 -1.67 3.73
CA ILE DA 231 51.02 -2.75 2.77
C ILE DA 231 50.34 -3.97 3.38
N ASN DA 232 50.74 -4.32 4.60
CA ASN DA 232 50.19 -5.50 5.25
C ASN DA 232 48.69 -5.33 5.50
N HIS DA 233 48.29 -4.19 6.05
CA HIS DA 233 46.88 -3.97 6.35
C HIS DA 233 46.04 -3.94 5.08
N ALA DA 234 46.52 -3.25 4.04
CA ALA DA 234 45.78 -3.19 2.80
C ALA DA 234 45.62 -4.56 2.18
N LEU DA 235 46.67 -5.38 2.22
CA LEU DA 235 46.57 -6.72 1.65
C LEU DA 235 45.61 -7.58 2.45
N ASP DA 236 45.60 -7.43 3.78
CA ASP DA 236 44.63 -8.16 4.59
C ASP DA 236 43.20 -7.80 4.21
N VAL DA 237 42.91 -6.50 4.15
CA VAL DA 237 41.55 -6.06 3.82
C VAL DA 237 41.17 -6.50 2.41
N ALA DA 238 42.11 -6.41 1.47
CA ALA DA 238 41.82 -6.81 0.10
C ALA DA 238 41.59 -8.30 -0.01
N ASP DA 239 42.29 -9.12 0.76
CA ASP DA 239 42.00 -10.54 0.76
C ASP DA 239 40.62 -10.80 1.36
N LYS DA 240 40.21 -10.00 2.33
CA LYS DA 240 38.86 -10.13 2.87
C LYS DA 240 37.79 -9.79 1.84
N TYR DA 241 38.00 -8.74 1.05
CA TYR DA 241 36.96 -8.22 0.18
C TYR DA 241 37.13 -8.57 -1.30
N ASP DA 242 38.14 -9.37 -1.64
CA ASP DA 242 38.39 -9.80 -3.02
C ASP DA 242 38.54 -8.61 -3.97
N VAL DA 243 39.50 -7.75 -3.67
CA VAL DA 243 39.83 -6.62 -4.55
C VAL DA 243 41.33 -6.59 -4.77
N GLN DA 244 41.74 -6.04 -5.90
CA GLN DA 244 43.15 -5.94 -6.23
C GLN DA 244 43.84 -4.89 -5.38
N VAL DA 245 45.14 -5.06 -5.18
CA VAL DA 245 46.00 -4.04 -4.60
C VAL DA 245 47.09 -3.71 -5.60
N ALA DA 246 47.26 -2.44 -5.89
CA ALA DA 246 48.36 -1.94 -6.69
C ALA DA 246 49.28 -1.14 -5.80
N ILE DA 247 50.57 -1.16 -6.13
CA ILE DA 247 51.57 -0.50 -5.30
C ILE DA 247 52.54 0.29 -6.17
N HIS DA 248 52.87 1.49 -5.71
CA HIS DA 248 53.96 2.31 -6.20
C HIS DA 248 54.89 2.49 -5.01
N THR DA 249 55.99 1.75 -5.00
CA THR DA 249 56.78 1.51 -3.80
C THR DA 249 57.54 2.76 -3.37
N ASP DA 250 58.14 2.66 -2.19
CA ASP DA 250 58.84 3.78 -1.57
C ASP DA 250 60.12 4.08 -2.33
N THR DA 251 60.24 5.31 -2.82
CA THR DA 251 61.43 5.74 -3.53
C THR DA 251 62.60 6.00 -2.59
N LEU DA 252 62.33 6.47 -1.38
CA LEU DA 252 63.37 6.97 -0.50
C LEU DA 252 64.01 5.90 0.37
N ASN DA 253 63.51 4.67 0.33
CA ASN DA 253 63.98 3.61 1.23
C ASN DA 253 63.88 4.04 2.69
N GLU DA 254 62.86 4.83 3.01
CA GLU DA 254 62.71 5.36 4.36
C GLU DA 254 62.52 4.23 5.37
N ALA DA 255 61.57 3.33 5.10
CA ALA DA 255 61.25 2.26 6.02
C ALA DA 255 61.94 0.94 5.69
N GLY DA 256 62.43 0.80 4.47
CA GLY DA 256 63.11 -0.43 4.10
C GLY DA 256 63.34 -0.48 2.61
N CYS DA 257 64.01 -1.55 2.20
CA CYS DA 257 64.35 -1.76 0.81
C CYS DA 257 63.32 -2.68 0.14
N VAL DA 258 63.67 -3.14 -1.07
CA VAL DA 258 62.77 -3.99 -1.84
C VAL DA 258 62.49 -5.28 -1.08
N GLU DA 259 63.49 -5.80 -0.37
CA GLU DA 259 63.28 -7.02 0.40
C GLU DA 259 62.25 -6.80 1.50
N ASP DA 260 62.30 -5.65 2.18
CA ASP DA 260 61.32 -5.35 3.21
C ASP DA 260 59.93 -5.17 2.62
N THR DA 261 59.84 -4.51 1.46
CA THR DA 261 58.54 -4.37 0.80
C THR DA 261 57.98 -5.74 0.40
N MET DA 262 58.82 -6.62 -0.13
CA MET DA 262 58.38 -7.95 -0.51
C MET DA 262 57.99 -8.78 0.70
N ALA DA 263 58.69 -8.59 1.82
CA ALA DA 263 58.31 -9.28 3.06
C ALA DA 263 56.94 -8.81 3.54
N ALA DA 264 56.68 -7.50 3.45
CA ALA DA 264 55.37 -6.99 3.80
C ALA DA 264 54.29 -7.56 2.88
N ILE DA 265 54.60 -7.65 1.59
CA ILE DA 265 53.65 -8.24 0.65
C ILE DA 265 53.36 -9.69 1.01
N ALA DA 266 54.40 -10.43 1.37
CA ALA DA 266 54.28 -11.77 1.95
C ALA DA 266 53.60 -12.75 1.00
N GLY DA 267 54.03 -12.72 -0.26
CA GLY DA 267 53.55 -13.69 -1.23
C GLY DA 267 52.07 -13.61 -1.53
N ARG DA 268 51.50 -12.41 -1.49
CA ARG DA 268 50.12 -12.19 -1.86
C ARG DA 268 50.08 -11.42 -3.17
N THR DA 269 49.01 -11.62 -3.93
CA THR DA 269 48.93 -11.02 -5.25
C THR DA 269 48.98 -9.51 -5.16
N MET DA 270 49.88 -8.91 -5.92
CA MET DA 270 50.06 -7.48 -5.91
C MET DA 270 50.38 -7.01 -7.31
N HIS DA 271 49.74 -5.93 -7.73
CA HIS DA 271 49.96 -5.34 -9.05
C HIS DA 271 50.90 -4.15 -8.87
N THR DA 272 52.07 -4.22 -9.50
CA THR DA 272 53.12 -3.23 -9.26
C THR DA 272 53.19 -2.24 -10.41
N PHE DA 273 53.19 -0.95 -10.07
CA PHE DA 273 53.42 0.11 -11.03
C PHE DA 273 54.92 0.40 -11.07
N HIS DA 274 55.42 0.73 -12.26
CA HIS DA 274 56.82 1.05 -12.46
C HIS DA 274 57.73 -0.03 -11.91
N THR DA 275 57.48 -1.26 -12.34
CA THR DA 275 58.28 -2.38 -11.84
C THR DA 275 59.74 -2.23 -12.24
N GLU DA 276 60.05 -1.39 -13.22
CA GLU DA 276 61.42 -1.03 -13.54
C GLU DA 276 62.02 -0.06 -12.54
N GLY DA 277 61.21 0.50 -11.64
CA GLY DA 277 61.71 1.44 -10.64
C GLY DA 277 61.38 2.87 -10.95
N ALA DA 278 61.47 3.26 -12.23
CA ALA DA 278 61.23 4.62 -12.66
C ALA DA 278 62.09 5.62 -11.89
N GLY DA 279 63.34 5.22 -11.63
CA GLY DA 279 64.28 6.07 -10.93
C GLY DA 279 64.18 6.05 -9.42
N GLY DA 280 63.33 5.20 -8.86
CA GLY DA 280 63.18 5.13 -7.41
C GLY DA 280 64.36 4.47 -6.74
N GLY DA 281 64.41 4.62 -5.42
CA GLY DA 281 65.48 4.00 -4.66
C GLY DA 281 65.44 2.48 -4.68
N HIS DA 282 64.27 1.90 -4.91
CA HIS DA 282 64.18 0.45 -5.07
C HIS DA 282 64.80 -0.01 -6.38
N ALA DA 283 64.98 0.88 -7.34
CA ALA DA 283 65.65 0.53 -8.57
C ALA DA 283 67.15 0.35 -8.32
N PRO DA 284 67.79 -0.55 -9.06
CA PRO DA 284 67.18 -1.43 -10.05
C PRO DA 284 66.72 -2.75 -9.45
N ASP DA 285 66.88 -2.89 -8.13
CA ASP DA 285 66.56 -4.14 -7.47
C ASP DA 285 65.07 -4.44 -7.52
N ILE DA 286 64.22 -3.43 -7.68
CA ILE DA 286 62.79 -3.69 -7.75
C ILE DA 286 62.42 -4.47 -9.02
N ILE DA 287 63.27 -4.44 -10.04
CA ILE DA 287 63.04 -5.28 -11.21
C ILE DA 287 63.05 -6.75 -10.84
N LYS DA 288 63.68 -7.09 -9.71
CA LYS DA 288 63.71 -8.49 -9.28
C LYS DA 288 62.32 -9.02 -8.98
N VAL DA 289 61.40 -8.15 -8.52
CA VAL DA 289 60.07 -8.63 -8.17
C VAL DA 289 59.29 -9.05 -9.41
N ALA DA 290 59.74 -8.65 -10.60
CA ALA DA 290 59.06 -9.06 -11.82
C ALA DA 290 59.22 -10.55 -12.10
N GLY DA 291 60.10 -11.23 -11.38
CA GLY DA 291 60.22 -12.67 -11.50
C GLY DA 291 59.40 -13.45 -10.51
N GLU DA 292 58.76 -12.79 -9.54
CA GLU DA 292 57.95 -13.49 -8.56
C GLU DA 292 56.59 -13.83 -9.14
N HIS DA 293 56.01 -14.92 -8.64
CA HIS DA 293 54.71 -15.35 -9.12
C HIS DA 293 53.61 -14.38 -8.69
N ASN DA 294 53.66 -13.91 -7.46
CA ASN DA 294 52.56 -13.13 -6.90
C ASN DA 294 52.53 -11.69 -7.40
N ILE DA 295 53.53 -11.25 -8.15
CA ILE DA 295 53.62 -9.88 -8.61
C ILE DA 295 53.18 -9.81 -10.05
N LEU DA 296 52.19 -8.97 -10.34
CA LEU DA 296 51.81 -8.66 -11.70
C LEU DA 296 52.48 -7.34 -12.07
N PRO DA 297 53.51 -7.36 -12.91
CA PRO DA 297 54.26 -6.13 -13.17
C PRO DA 297 53.71 -5.34 -14.35
N ALA DA 298 53.65 -4.03 -14.16
CA ALA DA 298 53.26 -3.13 -15.23
C ALA DA 298 54.35 -2.10 -15.44
N SER DA 299 54.45 -1.64 -16.68
CA SER DA 299 55.40 -0.61 -17.05
C SER DA 299 54.66 0.54 -17.71
N THR DA 300 55.19 1.74 -17.53
CA THR DA 300 54.52 2.94 -17.97
C THR DA 300 54.97 3.36 -19.36
N ASN DA 301 54.18 4.24 -19.96
CA ASN DA 301 54.46 4.72 -21.30
C ASN DA 301 55.83 5.38 -21.46
N PRO DA 302 56.22 6.38 -20.65
CA PRO DA 302 57.35 7.23 -21.06
C PRO DA 302 58.65 6.50 -21.31
N THR DA 303 58.91 5.41 -20.59
CA THR DA 303 60.18 4.72 -20.72
C THR DA 303 60.19 3.65 -21.81
N ILE DA 304 59.08 3.44 -22.49
CA ILE DA 304 59.05 2.51 -23.62
C ILE DA 304 58.52 3.23 -24.86
N PRO DA 305 59.17 3.07 -26.02
CA PRO DA 305 60.44 2.36 -26.15
C PRO DA 305 61.61 3.24 -25.77
N PHE DA 306 62.78 2.65 -25.51
CA PHE DA 306 63.96 3.43 -25.17
C PHE DA 306 64.47 4.15 -26.41
N THR DA 307 64.49 5.48 -26.35
CA THR DA 307 64.88 6.32 -27.47
C THR DA 307 66.01 7.26 -27.04
N VAL DA 308 66.44 8.10 -27.99
CA VAL DA 308 67.51 9.04 -27.72
C VAL DA 308 67.07 10.10 -26.71
N ASN DA 309 65.81 10.52 -26.78
CA ASN DA 309 65.29 11.58 -25.94
C ASN DA 309 64.62 11.08 -24.67
N THR DA 310 64.67 9.77 -24.40
CA THR DA 310 63.94 9.21 -23.27
C THR DA 310 64.43 9.77 -21.94
N GLU DA 311 65.75 9.88 -21.77
CA GLU DA 311 66.32 10.24 -20.48
C GLU DA 311 66.26 11.74 -20.19
N ALA DA 312 65.99 12.57 -21.20
CA ALA DA 312 66.05 14.01 -20.98
C ALA DA 312 64.87 14.53 -20.17
N GLU DA 313 63.68 13.97 -20.39
CA GLU DA 313 62.46 14.49 -19.78
C GLU DA 313 62.16 13.88 -18.42
N HIS DA 314 62.92 12.88 -17.99
CA HIS DA 314 62.54 12.09 -16.82
C HIS DA 314 62.54 12.93 -15.56
N MET DA 315 63.56 13.77 -15.38
CA MET DA 315 63.66 14.53 -14.13
C MET DA 315 62.55 15.57 -14.02
N ASP DA 316 62.24 16.26 -15.12
CA ASP DA 316 61.14 17.21 -15.10
C ASP DA 316 59.82 16.51 -14.80
N MET DA 317 59.57 15.37 -15.46
CA MET DA 317 58.34 14.65 -15.20
C MET DA 317 58.27 14.20 -13.75
N LEU DA 318 59.39 13.71 -13.21
CA LEU DA 318 59.42 13.23 -11.84
C LEU DA 318 59.13 14.36 -10.86
N MET DA 319 59.79 15.50 -11.05
CA MET DA 319 59.60 16.62 -10.12
C MET DA 319 58.17 17.12 -10.15
N VAL DA 320 57.60 17.31 -11.34
CA VAL DA 320 56.24 17.81 -11.43
C VAL DA 320 55.25 16.81 -10.86
N CYS DA 321 55.44 15.51 -11.15
CA CYS DA 321 54.53 14.51 -10.64
C CYS DA 321 54.58 14.41 -9.13
N HIS DA 322 55.78 14.44 -8.55
CA HIS DA 322 55.92 14.31 -7.11
C HIS DA 322 55.74 15.62 -6.37
N HIS DA 323 55.50 16.72 -7.08
CA HIS DA 323 55.16 18.00 -6.46
C HIS DA 323 56.33 18.55 -5.64
N LEU DA 324 57.50 18.61 -6.28
CA LEU DA 324 58.68 19.21 -5.72
C LEU DA 324 58.97 20.50 -6.49
N ASP DA 325 59.02 21.63 -5.78
CA ASP DA 325 59.22 22.91 -6.44
C ASP DA 325 60.63 22.99 -6.99
N LYS DA 326 60.73 23.38 -8.26
CA LYS DA 326 62.04 23.49 -8.91
C LYS DA 326 62.80 24.74 -8.52
N SER DA 327 62.18 25.65 -7.77
CA SER DA 327 62.84 26.85 -7.29
C SER DA 327 63.27 26.73 -5.84
N ILE DA 328 63.20 25.54 -5.25
CA ILE DA 328 63.56 25.31 -3.86
C ILE DA 328 64.77 24.40 -3.82
N LYS DA 329 65.82 24.84 -3.12
CA LYS DA 329 67.03 24.05 -3.01
C LYS DA 329 66.76 22.71 -2.33
N GLU DA 330 65.96 22.72 -1.27
CA GLU DA 330 65.67 21.49 -0.55
C GLU DA 330 64.93 20.49 -1.44
N ASP DA 331 63.94 20.96 -2.19
CA ASP DA 331 63.19 20.06 -3.06
C ASP DA 331 64.07 19.53 -4.19
N VAL DA 332 64.92 20.39 -4.77
CA VAL DA 332 65.80 19.93 -5.83
C VAL DA 332 66.78 18.89 -5.31
N GLN DA 333 67.36 19.12 -4.13
CA GLN DA 333 68.26 18.14 -3.54
C GLN DA 333 67.52 16.85 -3.21
N PHE DA 334 66.26 16.96 -2.80
CA PHE DA 334 65.47 15.77 -2.52
C PHE DA 334 65.22 14.96 -3.78
N ALA DA 335 65.02 15.65 -4.90
CA ALA DA 335 64.69 14.99 -6.17
C ALA DA 335 65.92 14.26 -6.70
N ASP DA 336 66.19 13.12 -6.10
CA ASP DA 336 67.31 12.27 -6.49
C ASP DA 336 66.79 11.04 -7.21
N SER DA 337 67.33 10.76 -8.39
CA SER DA 337 66.87 9.66 -9.22
C SER DA 337 67.97 8.62 -9.37
N ARG DA 338 67.58 7.36 -9.38
CA ARG DA 338 68.49 6.25 -9.65
C ARG DA 338 68.23 5.64 -11.03
N ILE DA 339 67.71 6.46 -11.95
CA ILE DA 339 67.40 5.97 -13.28
C ILE DA 339 68.69 5.76 -14.07
N ARG DA 340 68.71 4.71 -14.88
CA ARG DA 340 69.86 4.44 -15.73
C ARG DA 340 69.39 4.02 -17.12
N PRO DA 341 70.14 4.39 -18.15
CA PRO DA 341 69.82 3.90 -19.50
C PRO DA 341 69.85 2.38 -19.57
N GLN DA 342 70.66 1.73 -18.73
CA GLN DA 342 70.66 0.27 -18.68
C GLN DA 342 69.29 -0.26 -18.27
N THR DA 343 68.70 0.32 -17.23
CA THR DA 343 67.37 -0.11 -16.80
C THR DA 343 66.31 0.22 -17.84
N ILE DA 344 66.38 1.43 -18.41
CA ILE DA 344 65.40 1.82 -19.41
C ILE DA 344 65.46 0.87 -20.61
N ALA DA 345 66.67 0.50 -21.03
CA ALA DA 345 66.81 -0.43 -22.14
C ALA DA 345 66.35 -1.82 -21.75
N ALA DA 346 66.65 -2.25 -20.52
CA ALA DA 346 66.24 -3.58 -20.09
C ALA DA 346 64.72 -3.70 -20.03
N GLU DA 347 64.02 -2.59 -19.80
CA GLU DA 347 62.56 -2.64 -19.73
C GLU DA 347 61.95 -3.15 -21.02
N ASP DA 348 62.43 -2.67 -22.17
CA ASP DA 348 61.88 -3.11 -23.45
C ASP DA 348 62.14 -4.59 -23.68
N THR DA 349 63.35 -5.05 -23.35
CA THR DA 349 63.66 -6.47 -23.53
C THR DA 349 62.83 -7.33 -22.60
N LEU DA 350 62.57 -6.87 -21.38
CA LEU DA 350 61.71 -7.62 -20.47
C LEU DA 350 60.29 -7.70 -21.01
N HIS DA 351 59.81 -6.61 -21.61
CA HIS DA 351 58.52 -6.64 -22.28
C HIS DA 351 58.51 -7.68 -23.39
N ASP DA 352 59.57 -7.72 -24.19
CA ASP DA 352 59.66 -8.69 -25.28
C ASP DA 352 59.67 -10.12 -24.75
N MET DA 353 60.37 -10.35 -23.65
CA MET DA 353 60.46 -11.69 -23.07
C MET DA 353 59.22 -12.06 -22.27
N GLY DA 354 58.31 -11.13 -22.03
CA GLY DA 354 57.13 -11.44 -21.26
C GLY DA 354 57.32 -11.36 -19.76
N ILE DA 355 58.44 -10.81 -19.30
CA ILE DA 355 58.63 -10.62 -17.88
C ILE DA 355 57.67 -9.55 -17.36
N PHE DA 356 57.45 -8.51 -18.14
CA PHE DA 356 56.48 -7.48 -17.81
C PHE DA 356 55.16 -7.82 -18.47
N SER DA 357 54.08 -7.81 -17.70
CA SER DA 357 52.80 -8.32 -18.18
C SER DA 357 51.81 -7.25 -18.58
N ILE DA 358 51.93 -6.04 -18.04
CA ILE DA 358 50.95 -5.00 -18.30
C ILE DA 358 51.66 -3.74 -18.75
N THR DA 359 51.13 -3.08 -19.77
CA THR DA 359 51.54 -1.75 -20.16
C THR DA 359 50.45 -0.77 -19.76
N SER DA 360 50.85 0.40 -19.27
CA SER DA 360 49.87 1.39 -18.85
C SER DA 360 50.45 2.79 -19.08
N SER DA 361 49.68 3.79 -18.68
CA SER DA 361 50.06 5.18 -18.90
C SER DA 361 50.59 5.87 -17.66
N ASP DA 362 49.83 5.83 -16.55
CA ASP DA 362 49.97 6.81 -15.48
C ASP DA 362 49.73 8.22 -16.04
N SER DA 363 48.49 8.41 -16.50
CA SER DA 363 48.14 9.56 -17.31
C SER DA 363 48.44 10.87 -16.60
N GLN DA 364 49.11 11.77 -17.31
CA GLN DA 364 49.47 13.11 -16.84
C GLN DA 364 50.23 13.09 -15.52
N ALA DA 365 50.74 11.93 -15.12
CA ALA DA 365 51.73 11.83 -14.04
C ALA DA 365 52.78 10.83 -14.51
N MET DA 366 53.77 11.33 -15.25
CA MET DA 366 54.80 10.49 -15.88
C MET DA 366 54.15 9.42 -16.76
N GLY DA 367 53.43 9.88 -17.78
CA GLY DA 367 52.78 8.98 -18.70
C GLY DA 367 51.70 9.63 -19.53
N ARG DA 368 51.47 9.10 -20.73
CA ARG DA 368 50.57 9.72 -21.69
C ARG DA 368 49.38 8.80 -21.92
N VAL DA 369 48.17 9.32 -21.69
CA VAL DA 369 46.99 8.47 -21.67
C VAL DA 369 46.64 7.99 -23.06
N GLY DA 370 46.91 8.81 -24.08
CA GLY DA 370 46.51 8.47 -25.43
C GLY DA 370 47.59 7.76 -26.21
N GLU DA 371 48.57 7.19 -25.51
CA GLU DA 371 49.71 6.57 -26.18
C GLU DA 371 50.05 5.20 -25.63
N VAL DA 372 49.17 4.59 -24.82
CA VAL DA 372 49.46 3.25 -24.31
C VAL DA 372 49.59 2.26 -25.45
N ILE DA 373 48.59 2.22 -26.33
CA ILE DA 373 48.60 1.27 -27.43
C ILE DA 373 49.73 1.59 -28.39
N THR DA 374 49.89 2.86 -28.74
CA THR DA 374 50.92 3.25 -29.70
C THR DA 374 52.30 2.89 -29.18
N ARG DA 375 52.57 3.14 -27.90
CA ARG DA 375 53.89 2.84 -27.38
C ARG DA 375 54.09 1.35 -27.18
N THR DA 376 53.03 0.61 -26.87
CA THR DA 376 53.15 -0.84 -26.84
C THR DA 376 53.58 -1.38 -28.20
N TRP DA 377 52.96 -0.88 -29.28
CA TRP DA 377 53.32 -1.38 -30.60
C TRP DA 377 54.66 -0.83 -31.07
N GLN DA 378 55.03 0.36 -30.63
CA GLN DA 378 56.37 0.86 -30.92
C GLN DA 378 57.43 -0.02 -30.27
N THR DA 379 57.19 -0.43 -29.02
CA THR DA 379 58.11 -1.34 -28.36
C THR DA 379 58.17 -2.68 -29.08
N ALA DA 380 57.01 -3.20 -29.49
CA ALA DA 380 56.99 -4.46 -30.22
C ALA DA 380 57.80 -4.37 -31.51
N ASP DA 381 57.60 -3.29 -32.26
CA ASP DA 381 58.33 -3.10 -33.51
C ASP DA 381 59.82 -2.95 -33.27
N LYS DA 382 60.20 -2.20 -32.24
CA LYS DA 382 61.62 -2.01 -31.95
C LYS DA 382 62.28 -3.31 -31.56
N ASN DA 383 61.59 -4.12 -30.74
CA ASN DA 383 62.14 -5.42 -30.36
C ASN DA 383 62.22 -6.36 -31.56
N LYS DA 384 61.24 -6.30 -32.45
CA LYS DA 384 61.30 -7.12 -33.67
C LYS DA 384 62.50 -6.71 -34.52
N LYS DA 385 62.74 -5.41 -34.66
CA LYS DA 385 63.88 -4.95 -35.44
C LYS DA 385 65.19 -5.36 -34.79
N GLU DA 386 65.26 -5.31 -33.46
CA GLU DA 386 66.52 -5.61 -32.78
C GLU DA 386 66.80 -7.10 -32.75
N PHE DA 387 65.93 -7.88 -32.10
CA PHE DA 387 66.17 -9.29 -31.85
C PHE DA 387 65.57 -10.21 -32.89
N GLY DA 388 64.89 -9.68 -33.90
CA GLY DA 388 64.29 -10.53 -34.90
C GLY DA 388 63.06 -11.26 -34.37
N ARG DA 389 62.66 -12.28 -35.13
CA ARG DA 389 61.48 -13.05 -34.77
C ARG DA 389 61.70 -13.83 -33.49
N LEU DA 390 60.67 -13.93 -32.67
CA LEU DA 390 60.72 -14.74 -31.47
C LEU DA 390 60.87 -16.21 -31.83
N LYS DA 391 61.47 -16.97 -30.91
CA LYS DA 391 61.63 -18.40 -31.15
C LYS DA 391 60.31 -19.15 -31.02
N GLU DA 392 59.28 -18.52 -30.43
CA GLU DA 392 57.98 -19.16 -30.28
C GLU DA 392 57.12 -19.03 -31.53
N GLU DA 393 57.58 -18.34 -32.56
CA GLU DA 393 56.77 -18.15 -33.76
C GLU DA 393 56.71 -19.47 -34.54
N LYS DA 394 55.50 -19.99 -34.71
CA LYS DA 394 55.27 -21.20 -35.49
C LYS DA 394 54.85 -20.86 -36.92
N GLY DA 395 55.75 -20.20 -37.62
CA GLY DA 395 55.50 -19.82 -39.00
C GLY DA 395 56.30 -18.58 -39.36
N ASP DA 396 56.10 -18.14 -40.60
CA ASP DA 396 56.78 -16.95 -41.12
C ASP DA 396 55.92 -15.70 -40.85
N ASN DA 397 55.60 -15.52 -39.58
CA ASN DA 397 54.77 -14.40 -39.17
C ASN DA 397 55.15 -14.02 -37.74
N ASP DA 398 54.61 -12.90 -37.29
CA ASP DA 398 54.85 -12.41 -35.95
C ASP DA 398 53.63 -12.60 -35.05
N ASN DA 399 52.88 -13.68 -35.25
CA ASN DA 399 51.62 -13.84 -34.55
C ASN DA 399 51.84 -13.95 -33.04
N PHE DA 400 52.88 -14.67 -32.62
CA PHE DA 400 53.12 -14.81 -31.19
C PHE DA 400 53.45 -13.46 -30.55
N ARG DA 401 54.31 -12.68 -31.20
CA ARG DA 401 54.64 -11.36 -30.67
C ARG DA 401 53.42 -10.45 -30.66
N ILE DA 402 52.61 -10.52 -31.71
CA ILE DA 402 51.38 -9.73 -31.77
C ILE DA 402 50.50 -10.06 -30.58
N LYS DA 403 50.29 -11.36 -30.32
CA LYS DA 403 49.41 -11.77 -29.24
C LYS DA 403 49.97 -11.37 -27.88
N ARG DA 404 51.28 -11.48 -27.70
CA ARG DA 404 51.89 -11.09 -26.43
C ARG DA 404 51.70 -9.60 -26.16
N TYR DA 405 52.04 -8.77 -27.15
CA TYR DA 405 51.95 -7.34 -26.92
C TYR DA 405 50.51 -6.86 -26.86
N LEU DA 406 49.59 -7.56 -27.53
CA LEU DA 406 48.18 -7.20 -27.43
C LEU DA 406 47.61 -7.59 -26.08
N SER DA 407 48.03 -8.73 -25.54
CA SER DA 407 47.63 -9.10 -24.19
C SER DA 407 48.15 -8.11 -23.17
N LYS DA 408 49.29 -7.48 -23.44
CA LYS DA 408 49.84 -6.52 -22.49
C LYS DA 408 48.86 -5.42 -22.13
N TYR DA 409 47.96 -5.04 -23.04
CA TYR DA 409 47.01 -4.00 -22.72
C TYR DA 409 45.55 -4.37 -22.92
N THR DA 410 45.23 -5.61 -23.30
CA THR DA 410 43.83 -6.00 -23.40
C THR DA 410 43.39 -6.98 -22.32
N ILE DA 411 44.00 -8.16 -22.26
CA ILE DA 411 43.45 -9.20 -21.40
C ILE DA 411 44.18 -9.25 -20.07
N ASN DA 412 45.47 -8.94 -20.07
CA ASN DA 412 46.24 -9.01 -18.83
C ASN DA 412 45.78 -8.01 -17.79
N PRO DA 413 45.58 -6.71 -18.10
CA PRO DA 413 45.00 -5.82 -17.09
C PRO DA 413 43.60 -6.22 -16.66
N ALA DA 414 42.81 -6.78 -17.58
CA ALA DA 414 41.48 -7.25 -17.21
C ALA DA 414 41.55 -8.37 -16.18
N ILE DA 415 42.46 -9.31 -16.38
CA ILE DA 415 42.66 -10.37 -15.40
C ILE DA 415 43.17 -9.79 -14.09
N ALA DA 416 44.12 -8.85 -14.18
CA ALA DA 416 44.72 -8.29 -12.98
C ALA DA 416 43.69 -7.60 -12.12
N HIS DA 417 42.72 -6.92 -12.72
CA HIS DA 417 41.71 -6.20 -11.96
C HIS DA 417 40.38 -6.92 -11.90
N GLY DA 418 40.32 -8.18 -12.32
CA GLY DA 418 39.15 -8.97 -12.07
C GLY DA 418 37.96 -8.67 -12.93
N ILE DA 419 38.16 -8.04 -14.08
CA ILE DA 419 37.08 -7.75 -15.00
C ILE DA 419 37.19 -8.55 -16.28
N SER DA 420 38.02 -9.60 -16.30
CA SER DA 420 38.20 -10.39 -17.50
C SER DA 420 36.94 -11.17 -17.87
N GLU DA 421 35.98 -11.27 -16.97
CA GLU DA 421 34.71 -11.89 -17.33
C GLU DA 421 33.90 -11.02 -18.26
N TYR DA 422 34.08 -9.70 -18.19
CA TYR DA 422 33.29 -8.76 -18.97
C TYR DA 422 34.02 -8.23 -20.19
N VAL DA 423 35.27 -7.82 -20.03
CA VAL DA 423 36.01 -7.11 -21.06
C VAL DA 423 37.37 -7.78 -21.23
N GLY DA 424 38.13 -7.29 -22.21
CA GLY DA 424 39.49 -7.68 -22.41
C GLY DA 424 39.77 -8.49 -23.66
N SER DA 425 38.75 -9.09 -24.25
CA SER DA 425 38.98 -9.90 -25.44
C SER DA 425 37.71 -10.00 -26.25
N VAL DA 426 37.86 -10.43 -27.50
CA VAL DA 426 36.73 -10.64 -28.40
C VAL DA 426 36.31 -12.10 -28.23
N GLU DA 427 35.44 -12.33 -27.26
CA GLU DA 427 34.94 -13.67 -26.96
C GLU DA 427 33.43 -13.60 -26.80
N VAL DA 428 32.78 -14.73 -27.03
CA VAL DA 428 31.34 -14.81 -26.88
C VAL DA 428 30.97 -14.65 -25.41
N GLY DA 429 30.01 -13.78 -25.13
CA GLY DA 429 29.56 -13.52 -23.79
C GLY DA 429 30.15 -12.27 -23.16
N LYS DA 430 31.27 -11.79 -23.68
CA LYS DA 430 31.85 -10.56 -23.18
C LYS DA 430 31.11 -9.36 -23.74
N VAL DA 431 31.23 -8.23 -23.04
CA VAL DA 431 30.57 -7.02 -23.52
C VAL DA 431 31.23 -6.56 -24.81
N ALA DA 432 30.45 -5.95 -25.68
CA ALA DA 432 30.90 -5.59 -27.02
C ALA DA 432 31.63 -4.24 -26.97
N ASP DA 433 32.84 -4.28 -26.42
CA ASP DA 433 33.75 -3.14 -26.42
C ASP DA 433 34.82 -3.43 -27.47
N LEU DA 434 34.52 -3.08 -28.71
CA LEU DA 434 35.36 -3.44 -29.84
C LEU DA 434 35.94 -2.19 -30.47
N VAL DA 435 37.12 -2.35 -31.07
CA VAL DA 435 37.78 -1.29 -31.79
C VAL DA 435 38.05 -1.78 -33.20
N LEU DA 436 37.62 -0.99 -34.18
CA LEU DA 436 37.83 -1.26 -35.59
C LEU DA 436 38.99 -0.41 -36.09
N TRP DA 437 40.04 -1.06 -36.55
CA TRP DA 437 41.23 -0.43 -37.10
C TRP DA 437 41.34 -0.72 -38.58
N SER DA 438 41.84 0.23 -39.32
CA SER DA 438 42.34 -0.15 -40.62
C SER DA 438 43.81 -0.54 -40.48
N PRO DA 439 44.23 -1.62 -41.15
CA PRO DA 439 45.59 -2.14 -40.91
C PRO DA 439 46.69 -1.13 -41.17
N ALA DA 440 46.46 -0.17 -42.07
CA ALA DA 440 47.45 0.87 -42.29
C ALA DA 440 47.61 1.75 -41.05
N PHE DA 441 46.55 1.92 -40.26
CA PHE DA 441 46.57 2.78 -39.09
C PHE DA 441 46.53 1.99 -37.79
N PHE DA 442 46.84 0.70 -37.84
CA PHE DA 442 46.71 -0.13 -36.65
C PHE DA 442 47.64 0.35 -35.55
N GLY DA 443 47.11 0.45 -34.34
CA GLY DA 443 47.89 0.82 -33.19
C GLY DA 443 48.02 2.30 -32.95
N VAL DA 444 47.57 3.14 -33.88
CA VAL DA 444 47.74 4.57 -33.70
C VAL DA 444 46.40 5.30 -33.79
N LYS DA 445 45.59 5.01 -34.80
CA LYS DA 445 44.32 5.70 -35.00
C LYS DA 445 43.24 4.73 -35.42
N PRO DA 446 42.28 4.43 -34.55
CA PRO DA 446 41.22 3.48 -34.90
C PRO DA 446 40.25 4.05 -35.91
N ASN DA 447 39.53 3.15 -36.57
CA ASN DA 447 38.43 3.58 -37.44
C ASN DA 447 37.21 3.91 -36.62
N MET DA 448 36.82 3.02 -35.71
CA MET DA 448 35.64 3.33 -34.90
C MET DA 448 35.67 2.50 -33.63
N ILE DA 449 34.86 2.93 -32.67
CA ILE DA 449 34.75 2.26 -31.38
C ILE DA 449 33.30 1.84 -31.19
N ILE DA 450 33.08 0.56 -30.93
CA ILE DA 450 31.78 0.04 -30.59
C ILE DA 450 31.74 -0.17 -29.09
N LYS DA 451 30.84 0.55 -28.42
CA LYS DA 451 30.75 0.54 -26.97
C LYS DA 451 29.40 -0.06 -26.58
N GLY DA 452 29.43 -1.23 -25.96
CA GLY DA 452 28.20 -1.87 -25.53
C GLY DA 452 27.27 -2.22 -26.65
N GLY DA 453 27.80 -2.59 -27.81
CA GLY DA 453 26.99 -2.98 -28.94
C GLY DA 453 26.52 -1.84 -29.82
N PHE DA 454 26.94 -0.62 -29.55
CA PHE DA 454 26.58 0.53 -30.36
C PHE DA 454 27.83 1.35 -30.63
N ILE DA 455 27.85 2.04 -31.76
CA ILE DA 455 29.01 2.85 -32.11
C ILE DA 455 29.02 4.10 -31.24
N ALA DA 456 30.10 4.29 -30.51
CA ALA DA 456 30.22 5.42 -29.61
C ALA DA 456 31.14 6.52 -30.11
N LEU DA 457 32.18 6.16 -30.85
CA LEU DA 457 33.10 7.14 -31.41
C LEU DA 457 33.45 6.71 -32.81
N SER DA 458 33.64 7.69 -33.69
CA SER DA 458 33.97 7.33 -35.06
C SER DA 458 34.69 8.46 -35.74
N GLN DA 459 35.52 8.11 -36.70
CA GLN DA 459 36.05 9.10 -37.63
C GLN DA 459 34.92 9.59 -38.52
N MET DA 460 34.71 10.89 -38.56
CA MET DA 460 33.61 11.46 -39.31
C MET DA 460 34.10 12.70 -40.05
N GLY DA 461 33.54 12.91 -41.23
CA GLY DA 461 33.84 14.07 -42.04
C GLY DA 461 32.90 15.22 -41.74
N ASP DA 462 32.84 16.15 -42.69
CA ASP DA 462 31.96 17.30 -42.55
C ASP DA 462 30.53 16.87 -42.37
N ALA DA 463 29.85 17.45 -41.37
CA ALA DA 463 28.46 17.09 -41.11
C ALA DA 463 27.54 17.57 -42.21
N ASN DA 464 27.89 18.67 -42.88
CA ASN DA 464 27.12 19.20 -43.99
C ASN DA 464 27.42 18.50 -45.30
N ALA DA 465 28.37 17.57 -45.32
CA ALA DA 465 28.77 16.94 -46.56
C ALA DA 465 27.71 15.96 -47.06
N SER DA 466 27.81 15.63 -48.34
CA SER DA 466 26.90 14.67 -48.94
C SER DA 466 27.34 13.23 -48.73
N ILE DA 467 28.53 13.01 -48.18
CA ILE DA 467 28.99 11.69 -47.77
C ILE DA 467 29.81 11.84 -46.50
N PRO DA 468 30.01 10.75 -45.75
CA PRO DA 468 30.76 10.86 -44.49
C PRO DA 468 32.26 11.01 -44.64
N THR DA 469 32.82 10.78 -45.83
CA THR DA 469 34.26 10.78 -46.04
C THR DA 469 34.96 12.14 -46.14
N PRO DA 470 34.38 13.17 -46.74
CA PRO DA 470 35.15 14.37 -47.06
C PRO DA 470 35.64 15.13 -45.83
N GLN DA 471 36.73 15.85 -46.03
CA GLN DA 471 37.41 16.55 -44.97
C GLN DA 471 36.57 17.71 -44.44
N PRO DA 472 36.80 18.12 -43.18
CA PRO DA 472 37.76 17.56 -42.22
C PRO DA 472 37.24 16.33 -41.51
N VAL DA 473 38.05 15.29 -41.44
CA VAL DA 473 37.69 14.05 -40.79
C VAL DA 473 38.40 14.01 -39.44
N TYR DA 474 37.64 13.86 -38.36
CA TYR DA 474 38.24 13.65 -37.07
C TYR DA 474 37.28 12.86 -36.20
N TYR DA 475 37.72 12.58 -34.98
CA TYR DA 475 37.00 11.67 -34.11
C TYR DA 475 35.85 12.41 -33.46
N ARG DA 476 34.63 11.94 -33.71
CA ARG DA 476 33.42 12.56 -33.19
C ARG DA 476 32.65 11.53 -32.40
N GLU DA 477 32.00 12.01 -31.33
CA GLU DA 477 31.11 11.18 -30.56
C GLU DA 477 29.92 10.76 -31.40
N MET DA 478 29.54 9.51 -31.30
CA MET DA 478 28.38 8.98 -32.00
C MET DA 478 27.23 8.84 -31.01
N PHE DA 479 26.16 8.18 -31.44
CA PHE DA 479 24.92 8.21 -30.66
C PHE DA 479 25.05 7.46 -29.34
N ALA DA 480 25.91 6.44 -29.26
CA ALA DA 480 26.10 5.76 -27.99
C ALA DA 480 26.80 6.63 -26.97
N HIS DA 481 27.31 7.79 -27.37
CA HIS DA 481 27.99 8.73 -26.51
C HIS DA 481 27.04 9.75 -25.88
N HIS DA 482 25.77 9.74 -26.26
CA HIS DA 482 24.86 10.83 -25.94
C HIS DA 482 23.59 10.30 -25.27
N GLY DA 483 22.84 11.23 -24.69
CA GLY DA 483 21.53 10.96 -24.14
C GLY DA 483 21.59 9.95 -23.01
N LYS DA 484 20.56 9.13 -22.93
CA LYS DA 484 20.54 8.02 -22.01
C LYS DA 484 21.11 6.74 -22.62
N ALA DA 485 21.53 6.79 -23.88
CA ALA DA 485 22.16 5.63 -24.49
C ALA DA 485 23.50 5.31 -23.83
N LYS DA 486 24.22 6.34 -23.36
CA LYS DA 486 25.51 6.09 -22.74
C LYS DA 486 25.37 5.33 -21.43
N TYR DA 487 24.24 5.50 -20.73
CA TYR DA 487 24.00 4.72 -19.52
C TYR DA 487 23.93 3.24 -19.83
N ASP DA 488 23.27 2.87 -20.93
CA ASP DA 488 23.24 1.47 -21.32
C ASP DA 488 24.57 1.01 -21.88
N ALA DA 489 25.31 1.89 -22.53
CA ALA DA 489 26.54 1.50 -23.19
C ALA DA 489 27.70 1.31 -22.23
N ASN DA 490 27.75 2.05 -21.13
CA ASN DA 490 28.95 2.07 -20.30
C ASN DA 490 28.74 1.32 -19.00
N ILE DA 491 29.86 0.93 -18.40
CA ILE DA 491 29.89 0.13 -17.18
C ILE DA 491 30.73 0.86 -16.14
N THR DA 492 30.24 0.87 -14.91
CA THR DA 492 31.03 1.25 -13.75
C THR DA 492 31.32 -0.02 -12.97
N PHE DA 493 32.60 -0.29 -12.75
CA PHE DA 493 33.00 -1.45 -11.98
C PHE DA 493 33.10 -1.06 -10.51
N VAL DA 494 32.53 -1.90 -9.65
CA VAL DA 494 32.59 -1.69 -8.21
C VAL DA 494 33.01 -3.00 -7.57
N SER DA 495 33.24 -2.96 -6.26
CA SER DA 495 33.52 -4.18 -5.54
C SER DA 495 32.24 -4.98 -5.35
N GLN DA 496 32.41 -6.28 -5.13
CA GLN DA 496 31.26 -7.14 -4.86
C GLN DA 496 30.52 -6.67 -3.62
N ALA DA 497 31.23 -6.15 -2.63
CA ALA DA 497 30.58 -5.69 -1.41
C ALA DA 497 29.66 -4.51 -1.69
N ALA DA 498 30.15 -3.52 -2.44
CA ALA DA 498 29.32 -2.38 -2.80
C ALA DA 498 28.15 -2.81 -3.67
N TYR DA 499 28.40 -3.74 -4.61
CA TYR DA 499 27.32 -4.23 -5.45
C TYR DA 499 26.23 -4.90 -4.64
N ASP DA 500 26.60 -5.72 -3.66
CA ASP DA 500 25.62 -6.36 -2.79
C ASP DA 500 24.89 -5.34 -1.94
N LYS DA 501 25.61 -4.36 -1.40
CA LYS DA 501 24.96 -3.32 -0.60
C LYS DA 501 24.08 -2.42 -1.44
N GLY DA 502 24.16 -2.49 -2.76
CA GLY DA 502 23.27 -1.73 -3.60
C GLY DA 502 23.78 -0.33 -3.85
N ILE DA 503 25.04 -0.23 -4.29
CA ILE DA 503 25.64 1.06 -4.54
C ILE DA 503 24.94 1.77 -5.69
N LYS DA 504 24.42 1.02 -6.66
CA LYS DA 504 23.78 1.62 -7.81
C LYS DA 504 22.55 2.41 -7.40
N GLU DA 505 21.65 1.78 -6.64
CA GLU DA 505 20.45 2.48 -6.20
C GLU DA 505 20.76 3.53 -5.14
N GLU DA 506 21.73 3.27 -4.28
CA GLU DA 506 22.08 4.23 -3.24
C GLU DA 506 22.61 5.52 -3.83
N LEU DA 507 23.50 5.43 -4.81
CA LEU DA 507 24.07 6.61 -5.45
C LEU DA 507 23.27 7.08 -6.66
N GLY DA 508 22.19 6.39 -7.01
CA GLY DA 508 21.41 6.80 -8.14
C GLY DA 508 22.13 6.73 -9.47
N LEU DA 509 23.03 5.77 -9.62
CA LEU DA 509 23.76 5.60 -10.87
C LEU DA 509 22.84 5.00 -11.93
N GLU DA 510 22.98 5.49 -13.16
CA GLU DA 510 22.23 4.95 -14.28
C GLU DA 510 23.04 4.01 -15.15
N ARG DA 511 24.36 4.04 -15.05
CA ARG DA 511 25.19 3.11 -15.80
C ARG DA 511 24.97 1.69 -15.28
N GLN DA 512 25.30 0.72 -16.13
CA GLN DA 512 25.44 -0.64 -15.61
C GLN DA 512 26.51 -0.64 -14.54
N VAL DA 513 26.25 -1.34 -13.45
CA VAL DA 513 27.19 -1.43 -12.35
C VAL DA 513 27.54 -2.90 -12.17
N LEU DA 514 28.81 -3.22 -12.33
CA LEU DA 514 29.22 -4.61 -12.31
C LEU DA 514 30.29 -4.84 -11.26
N PRO DA 515 30.22 -5.97 -10.55
CA PRO DA 515 31.26 -6.28 -9.56
C PRO DA 515 32.48 -6.94 -10.16
N VAL DA 516 33.64 -6.57 -9.64
CA VAL DA 516 34.88 -7.27 -9.98
C VAL DA 516 34.97 -8.55 -9.17
N LYS DA 517 35.68 -9.54 -9.71
CA LYS DA 517 35.82 -10.81 -9.03
C LYS DA 517 37.09 -11.49 -9.47
N ASN DA 518 37.57 -12.41 -8.63
CA ASN DA 518 38.78 -13.19 -8.89
C ASN DA 518 40.00 -12.29 -9.05
N CYS DA 519 40.23 -11.44 -8.06
CA CYS DA 519 41.40 -10.58 -8.04
C CYS DA 519 42.52 -11.12 -7.15
N ARG DA 520 42.19 -11.96 -6.18
CA ARG DA 520 43.18 -12.37 -5.18
C ARG DA 520 43.88 -13.68 -5.52
N ASN DA 521 43.25 -14.56 -6.30
CA ASN DA 521 43.78 -15.88 -6.57
C ASN DA 521 44.46 -15.96 -7.94
N ILE DA 522 45.02 -14.85 -8.42
CA ILE DA 522 45.72 -14.81 -9.69
C ILE DA 522 47.19 -14.53 -9.41
N THR DA 523 48.05 -15.12 -10.23
CA THR DA 523 49.48 -14.85 -10.14
C THR DA 523 50.01 -14.45 -11.51
N LYS DA 524 51.33 -14.31 -11.61
CA LYS DA 524 51.94 -14.04 -12.90
C LYS DA 524 51.64 -15.13 -13.91
N LYS DA 525 51.43 -16.37 -13.44
CA LYS DA 525 51.15 -17.47 -14.32
C LYS DA 525 49.82 -17.33 -15.04
N ASP DA 526 48.93 -16.47 -14.56
CA ASP DA 526 47.63 -16.29 -15.18
C ASP DA 526 47.62 -15.21 -16.26
N MET DA 527 48.70 -14.48 -16.43
CA MET DA 527 48.80 -13.55 -17.54
C MET DA 527 48.98 -14.33 -18.84
N GLN DA 528 48.36 -13.83 -19.91
CA GLN DA 528 48.41 -14.50 -21.20
C GLN DA 528 49.66 -14.06 -21.95
N PHE DA 529 50.45 -15.03 -22.38
CA PHE DA 529 51.64 -14.79 -23.20
C PHE DA 529 52.70 -13.97 -22.47
N ASN DA 530 52.45 -13.63 -21.21
CA ASN DA 530 53.36 -12.81 -20.42
C ASN DA 530 53.49 -13.39 -19.03
N ASP DA 531 53.62 -14.71 -18.94
CA ASP DA 531 53.68 -15.41 -17.66
C ASP DA 531 55.09 -15.88 -17.33
N THR DA 532 56.10 -15.29 -17.95
CA THR DA 532 57.47 -15.72 -17.74
C THR DA 532 57.92 -15.32 -16.34
N THR DA 533 58.13 -16.31 -15.47
CA THR DA 533 58.71 -16.12 -14.16
C THR DA 533 60.14 -16.63 -14.21
N ALA DA 534 61.09 -15.71 -14.19
CA ALA DA 534 62.51 -16.06 -14.23
C ALA DA 534 63.23 -15.34 -13.12
N HIS DA 535 64.20 -16.02 -12.51
CA HIS DA 535 65.02 -15.37 -11.50
C HIS DA 535 65.78 -14.22 -12.14
N ILE DA 536 65.48 -13.00 -11.73
CA ILE DA 536 66.06 -11.80 -12.31
C ILE DA 536 67.22 -11.40 -11.40
N GLU DA 537 68.44 -11.73 -11.81
CA GLU DA 537 69.63 -11.34 -11.07
C GLU DA 537 69.95 -9.90 -11.43
N VAL DA 538 69.80 -9.00 -10.47
CA VAL DA 538 70.12 -7.60 -10.67
C VAL DA 538 71.38 -7.29 -9.88
N ASN DA 539 72.45 -6.94 -10.60
CA ASN DA 539 73.67 -6.45 -9.97
C ASN DA 539 73.54 -4.94 -9.82
N PRO DA 540 73.36 -4.41 -8.61
CA PRO DA 540 73.24 -2.95 -8.46
C PRO DA 540 74.57 -2.23 -8.52
N GLU DA 541 75.68 -2.93 -8.29
CA GLU DA 541 76.99 -2.33 -8.48
C GLU DA 541 77.19 -1.93 -9.92
N THR DA 542 76.72 -2.77 -10.85
CA THR DA 542 76.89 -2.53 -12.28
C THR DA 542 75.58 -2.17 -12.97
N TYR DA 543 74.46 -2.16 -12.24
CA TYR DA 543 73.14 -1.93 -12.82
C TYR DA 543 72.89 -2.88 -13.99
N HIS DA 544 73.25 -4.13 -13.80
CA HIS DA 544 73.16 -5.14 -14.84
C HIS DA 544 72.04 -6.12 -14.52
N VAL DA 545 71.15 -6.34 -15.48
CA VAL DA 545 70.01 -7.22 -15.30
C VAL DA 545 70.27 -8.49 -16.10
N PHE DA 546 70.14 -9.63 -15.44
CA PHE DA 546 70.29 -10.93 -16.08
C PHE DA 546 69.05 -11.76 -15.83
N VAL DA 547 68.59 -12.47 -16.85
CA VAL DA 547 67.53 -13.46 -16.70
C VAL DA 547 68.07 -14.78 -17.23
N ASP DA 548 68.01 -15.81 -16.39
CA ASP DA 548 68.60 -17.11 -16.71
C ASP DA 548 70.06 -16.97 -17.12
N GLY DA 549 70.77 -16.08 -16.43
CA GLY DA 549 72.17 -15.82 -16.70
C GLY DA 549 72.46 -14.79 -17.76
N LYS DA 550 71.75 -14.86 -18.89
CA LYS DA 550 72.01 -13.95 -19.99
C LYS DA 550 71.63 -12.52 -19.62
N GLU DA 551 72.50 -11.58 -19.97
CA GLU DA 551 72.24 -10.18 -19.70
C GLU DA 551 71.23 -9.64 -20.71
N VAL DA 552 70.43 -8.69 -20.25
CA VAL DA 552 69.38 -8.10 -21.07
C VAL DA 552 69.68 -6.62 -21.25
N THR DA 553 69.60 -6.17 -22.50
CA THR DA 553 69.82 -4.77 -22.84
C THR DA 553 69.25 -4.53 -24.23
N SER DA 554 69.10 -3.25 -24.57
CA SER DA 554 68.64 -2.90 -25.90
C SER DA 554 69.28 -1.57 -26.28
N LYS DA 555 69.36 -1.35 -27.53
CA LYS DA 555 69.93 -0.08 -27.95
C LYS DA 555 68.84 0.97 -28.12
N PRO DA 556 69.14 2.24 -27.85
CA PRO DA 556 68.14 3.28 -28.05
C PRO DA 556 67.72 3.38 -29.50
N ALA DA 557 66.45 3.68 -29.71
CA ALA DA 557 65.89 3.80 -31.06
C ALA DA 557 66.04 5.23 -31.54
N ASN DA 558 66.64 5.42 -32.70
CA ASN DA 558 66.77 6.74 -33.28
C ASN DA 558 65.46 7.21 -33.89
N LYS DA 559 64.64 6.30 -34.39
CA LYS DA 559 63.38 6.64 -35.03
C LYS DA 559 62.41 5.49 -34.81
N VAL DA 560 61.23 5.81 -34.26
CA VAL DA 560 60.22 4.81 -34.00
C VAL DA 560 59.14 4.92 -35.07
N SER DA 561 58.35 3.86 -35.19
CA SER DA 561 57.22 3.84 -36.11
C SER DA 561 55.98 4.39 -35.42
N LEU DA 562 54.94 4.64 -36.22
CA LEU DA 562 53.66 5.12 -35.73
C LEU DA 562 53.79 6.43 -34.97
N ALA DA 563 54.79 7.24 -35.27
CA ALA DA 563 55.01 8.47 -34.52
C ALA DA 563 54.78 9.72 -35.34
N GLN DA 564 55.53 9.92 -36.42
CA GLN DA 564 55.43 11.16 -37.16
C GLN DA 564 54.71 11.01 -38.49
N LEU DA 565 54.54 9.77 -38.95
CA LEU DA 565 53.78 9.54 -40.18
C LEU DA 565 52.30 9.82 -39.99
N PHE DA 566 51.80 9.74 -38.76
CA PHE DA 566 50.37 9.72 -38.52
C PHE DA 566 49.84 10.95 -37.80
N SER DA 567 50.69 11.78 -37.22
CA SER DA 567 50.25 12.86 -36.35
C SER DA 567 50.79 14.19 -36.86
N ILE DA 568 49.91 15.20 -36.94
CA ILE DA 568 50.35 16.54 -37.32
C ILE DA 568 51.19 17.16 -36.22
N PHE DA 569 50.91 16.82 -34.96
CA PHE DA 569 51.66 17.36 -33.83
C PHE DA 569 52.06 16.27 -32.86
N MET EA 1 82.41 2.84 -24.60
CA MET EA 1 81.16 2.10 -24.46
C MET EA 1 80.17 2.87 -23.61
N ASN EA 2 79.74 4.03 -24.13
CA ASN EA 2 78.80 4.87 -23.41
C ASN EA 2 77.41 4.24 -23.44
N THR EA 3 76.83 4.00 -22.26
CA THR EA 3 75.49 3.43 -22.20
C THR EA 3 74.42 4.45 -22.54
N TYR EA 4 74.71 5.73 -22.42
CA TYR EA 4 73.74 6.76 -22.77
C TYR EA 4 73.59 6.86 -24.28
N ALA EA 5 72.43 7.34 -24.72
CA ALA EA 5 72.16 7.46 -26.14
C ALA EA 5 73.10 8.46 -26.81
N GLN EA 6 73.35 9.58 -26.15
CA GLN EA 6 74.26 10.60 -26.65
C GLN EA 6 75.36 10.85 -25.62
N GLU EA 7 76.35 11.63 -26.02
CA GLU EA 7 77.45 11.97 -25.14
C GLU EA 7 76.98 12.86 -24.00
N SER EA 8 77.49 12.59 -22.79
CA SER EA 8 77.10 13.35 -21.61
C SER EA 8 77.88 14.65 -21.58
N LYS EA 9 77.21 15.75 -21.89
CA LYS EA 9 77.82 17.07 -21.94
C LYS EA 9 77.01 18.02 -21.07
N LEU EA 10 77.69 19.05 -20.56
CA LEU EA 10 77.04 20.08 -19.77
C LEU EA 10 77.78 21.38 -20.01
N ARG EA 11 77.29 22.19 -20.95
CA ARG EA 11 77.87 23.49 -21.25
C ARG EA 11 77.01 24.56 -20.57
N LEU EA 12 77.58 25.23 -19.58
CA LEU EA 12 76.87 26.27 -18.85
C LEU EA 12 77.63 27.58 -18.97
N LYS EA 13 76.90 28.67 -19.21
CA LYS EA 13 77.47 30.00 -19.28
C LYS EA 13 76.57 30.95 -18.51
N THR EA 14 77.09 31.54 -17.46
CA THR EA 14 76.33 32.45 -16.60
C THR EA 14 76.83 33.87 -16.75
N LYS EA 15 75.90 34.81 -16.65
CA LYS EA 15 76.20 36.23 -16.73
C LYS EA 15 75.32 36.98 -15.75
N ILE EA 16 75.60 38.27 -15.57
CA ILE EA 16 74.81 39.12 -14.68
C ILE EA 16 73.55 39.56 -15.41
N GLY EA 17 72.40 39.35 -14.78
CA GLY EA 17 71.13 39.66 -15.39
C GLY EA 17 70.79 41.14 -15.33
N ALA EA 18 69.63 41.46 -15.89
CA ALA EA 18 69.17 42.85 -15.91
C ALA EA 18 68.88 43.36 -14.50
N ASP EA 19 68.31 42.52 -13.65
CA ASP EA 19 67.99 42.91 -12.29
C ASP EA 19 69.18 42.84 -11.35
N GLY EA 20 70.37 42.55 -11.85
CA GLY EA 20 71.56 42.50 -11.05
C GLY EA 20 71.88 41.15 -10.47
N ARG EA 21 71.00 40.16 -10.62
CA ARG EA 21 71.27 38.82 -10.13
C ARG EA 21 72.06 38.03 -11.17
N CYS EA 22 72.69 36.95 -10.70
CA CYS EA 22 73.44 36.06 -11.58
C CYS EA 22 72.46 35.12 -12.26
N VAL EA 23 72.38 35.20 -13.59
CA VAL EA 23 71.44 34.41 -14.36
C VAL EA 23 72.23 33.50 -15.31
N ILE EA 24 71.56 32.46 -15.78
CA ILE EA 24 72.14 31.53 -16.73
C ILE EA 24 71.92 32.10 -18.13
N GLU EA 25 72.99 32.60 -18.74
CA GLU EA 25 72.89 33.11 -20.10
C GLU EA 25 72.62 32.01 -21.09
N ASP EA 26 73.31 30.87 -20.95
CA ASP EA 26 73.13 29.76 -21.87
C ASP EA 26 73.42 28.46 -21.14
N ASN EA 27 72.75 27.39 -21.57
CA ASN EA 27 72.99 26.09 -20.98
C ASN EA 27 72.52 25.00 -21.93
N PHE EA 28 73.32 23.95 -22.04
CA PHE EA 28 73.01 22.80 -22.88
C PHE EA 28 73.48 21.55 -22.14
N PHE EA 29 72.54 20.68 -21.78
CA PHE EA 29 72.88 19.50 -21.01
C PHE EA 29 72.23 18.27 -21.63
N THR EA 30 73.02 17.23 -21.81
CA THR EA 30 72.55 15.91 -22.16
C THR EA 30 72.56 15.03 -20.93
N PRO EA 31 71.81 13.93 -20.93
CA PRO EA 31 71.77 13.08 -19.75
C PRO EA 31 73.15 12.54 -19.42
N PRO EA 32 73.46 12.34 -18.14
CA PRO EA 32 72.56 12.51 -17.00
C PRO EA 32 72.54 13.93 -16.44
N PHE EA 33 73.19 14.86 -17.12
CA PHE EA 33 73.28 16.22 -16.62
C PHE EA 33 71.94 16.96 -16.75
N LYS EA 34 71.72 17.90 -15.84
CA LYS EA 34 70.55 18.76 -15.91
C LYS EA 34 70.84 20.04 -15.14
N LEU EA 35 70.27 21.13 -15.61
CA LEU EA 35 70.42 22.43 -14.97
C LEU EA 35 69.04 23.02 -14.70
N MET EA 36 68.84 23.48 -13.47
CA MET EA 36 67.63 24.21 -13.10
C MET EA 36 67.95 25.70 -13.02
N ALA EA 37 66.94 26.48 -12.67
CA ALA EA 37 67.16 27.90 -12.48
C ALA EA 37 68.06 28.13 -11.25
N PRO EA 38 68.92 29.14 -11.29
CA PRO EA 38 69.77 29.41 -10.12
C PRO EA 38 68.93 29.75 -8.90
N PHE EA 39 69.42 29.32 -7.74
CA PHE EA 39 68.80 29.65 -6.47
C PHE EA 39 69.48 30.88 -5.88
N TYR EA 40 68.69 31.76 -5.27
CA TYR EA 40 69.18 33.02 -4.74
C TYR EA 40 68.84 33.09 -3.26
N PRO EA 41 69.72 32.59 -2.39
CA PRO EA 41 69.53 32.78 -0.95
C PRO EA 41 69.53 34.26 -0.59
N LYS EA 42 69.01 34.56 0.60
CA LYS EA 42 68.80 35.95 0.99
C LYS EA 42 70.11 36.73 1.04
N ASP EA 43 71.16 36.14 1.60
CA ASP EA 43 72.41 36.86 1.80
C ASP EA 43 73.61 36.27 1.07
N ASP EA 44 73.57 35.00 0.67
CA ASP EA 44 74.74 34.34 0.10
C ASP EA 44 74.83 34.65 -1.40
N LEU EA 45 75.75 33.96 -2.06
CA LEU EA 45 75.94 34.08 -3.50
C LEU EA 45 74.86 33.31 -4.24
N ALA EA 46 74.77 33.52 -5.55
CA ALA EA 46 73.80 32.77 -6.34
C ALA EA 46 74.25 31.33 -6.46
N GLU EA 47 73.38 30.40 -6.10
CA GLU EA 47 73.73 28.98 -6.03
C GLU EA 47 73.21 28.25 -7.26
N ILE EA 48 74.08 27.47 -7.90
CA ILE EA 48 73.73 26.62 -9.03
C ILE EA 48 74.05 25.18 -8.64
N MET EA 49 73.07 24.30 -8.77
CA MET EA 49 73.24 22.89 -8.46
C MET EA 49 73.41 22.12 -9.76
N LEU EA 50 74.55 21.46 -9.91
CA LEU EA 50 74.82 20.61 -11.07
C LEU EA 50 74.11 19.28 -10.84
N LEU EA 51 72.89 19.15 -11.38
CA LEU EA 51 72.13 17.93 -11.19
C LEU EA 51 72.71 16.79 -12.00
N ALA EA 52 72.82 15.63 -11.38
CA ALA EA 52 73.22 14.39 -12.06
C ALA EA 52 72.09 13.40 -11.86
N VAL EA 53 71.34 13.13 -12.93
CA VAL EA 53 70.18 12.23 -12.86
C VAL EA 53 70.72 10.83 -13.10
N SER EA 54 71.27 10.24 -12.04
CA SER EA 54 71.87 8.91 -12.08
C SER EA 54 72.25 8.48 -10.68
N PRO EA 55 72.25 7.18 -10.39
CA PRO EA 55 72.76 6.72 -9.09
C PRO EA 55 74.25 6.98 -8.90
N GLY EA 56 74.98 7.20 -9.98
CA GLY EA 56 76.40 7.44 -9.90
C GLY EA 56 77.08 7.03 -11.19
N MET EA 57 78.36 7.37 -11.28
CA MET EA 57 79.13 7.07 -12.47
C MET EA 57 79.40 5.57 -12.56
N MET EA 58 79.12 5.00 -13.72
CA MET EA 58 79.31 3.58 -13.98
C MET EA 58 80.32 3.40 -15.13
N ARG EA 59 80.51 2.15 -15.53
CA ARG EA 59 81.50 1.85 -16.57
C ARG EA 59 81.11 2.52 -17.89
N GLY EA 60 82.09 3.14 -18.53
CA GLY EA 60 81.88 3.78 -19.81
C GLY EA 60 81.34 5.19 -19.73
N ASP EA 61 81.04 5.70 -18.54
CA ASP EA 61 80.57 7.07 -18.41
C ASP EA 61 81.70 8.03 -18.74
N ALA EA 62 81.41 9.01 -19.60
CA ALA EA 62 82.40 10.00 -20.02
C ALA EA 62 81.70 11.36 -20.02
N GLN EA 63 81.85 12.09 -18.93
CA GLN EA 63 81.18 13.37 -18.74
C GLN EA 63 82.08 14.51 -19.17
N ASP EA 64 81.52 15.47 -19.89
CA ASP EA 64 82.24 16.64 -20.39
C ASP EA 64 81.53 17.89 -19.90
N VAL EA 65 82.08 18.54 -18.88
CA VAL EA 65 81.49 19.72 -18.26
C VAL EA 65 82.32 20.93 -18.67
N GLN EA 66 81.63 22.01 -19.04
CA GLN EA 66 82.28 23.25 -19.44
C GLN EA 66 81.49 24.40 -18.82
N LEU EA 67 82.01 24.95 -17.73
CA LEU EA 67 81.39 26.06 -17.02
C LEU EA 67 82.09 27.35 -17.38
N ASN EA 68 81.30 28.41 -17.58
CA ASN EA 68 81.82 29.71 -17.98
C ASN EA 68 81.11 30.78 -17.16
N ILE EA 69 81.76 31.23 -16.10
CA ILE EA 69 81.24 32.30 -15.26
C ILE EA 69 81.73 33.62 -15.84
N GLY EA 70 80.78 34.53 -16.13
CA GLY EA 70 81.13 35.80 -16.71
C GLY EA 70 81.57 36.80 -15.66
N PRO EA 71 81.88 38.00 -16.13
CA PRO EA 71 82.40 39.04 -15.21
C PRO EA 71 81.39 39.41 -14.14
N ASN EA 72 81.92 39.75 -12.97
CA ASN EA 72 81.15 40.28 -11.85
C ASN EA 72 80.04 39.32 -11.39
N CYS EA 73 80.29 38.02 -11.49
CA CYS EA 73 79.33 37.01 -11.07
C CYS EA 73 79.79 36.35 -9.78
N LYS EA 74 78.93 36.34 -8.77
CA LYS EA 74 79.21 35.73 -7.47
C LYS EA 74 78.40 34.45 -7.38
N LEU EA 75 79.01 33.35 -7.80
CA LEU EA 75 78.32 32.08 -8.00
C LEU EA 75 78.95 31.00 -7.12
N ARG EA 76 78.09 30.22 -6.47
CA ARG EA 76 78.49 29.04 -5.74
C ARG EA 76 77.88 27.83 -6.43
N ILE EA 77 78.71 26.91 -6.88
CA ILE EA 77 78.28 25.75 -7.66
C ILE EA 77 78.41 24.52 -6.78
N THR EA 78 77.29 23.89 -6.48
CA THR EA 78 77.23 22.68 -5.67
C THR EA 78 76.69 21.52 -6.51
N SER EA 79 76.56 20.36 -5.88
CA SER EA 79 76.00 19.18 -6.52
C SER EA 79 74.82 18.68 -5.71
N GLN EA 80 74.05 17.78 -6.32
CA GLN EA 80 72.83 17.29 -5.68
C GLN EA 80 73.16 16.44 -4.45
N SER EA 81 74.08 15.51 -4.58
CA SER EA 81 74.41 14.60 -3.48
C SER EA 81 75.82 14.07 -3.70
N PHE EA 82 76.21 13.10 -2.88
CA PHE EA 82 77.55 12.52 -2.98
C PHE EA 82 77.72 11.85 -4.34
N GLU EA 83 78.87 12.08 -4.97
CA GLU EA 83 79.17 11.47 -6.26
C GLU EA 83 79.76 10.09 -6.01
N LYS EA 84 79.03 9.06 -6.41
CA LYS EA 84 79.43 7.68 -6.18
C LYS EA 84 79.95 7.07 -7.48
N ILE EA 85 81.16 6.53 -7.44
CA ILE EA 85 81.72 5.79 -8.55
C ILE EA 85 81.42 4.32 -8.34
N HIS EA 86 80.63 3.74 -9.24
CA HIS EA 86 80.21 2.36 -9.08
C HIS EA 86 81.30 1.42 -9.57
N ASN EA 87 81.03 0.12 -9.43
CA ASN EA 87 81.97 -0.89 -9.90
C ASN EA 87 82.04 -0.84 -11.42
N THR EA 88 83.16 -0.34 -11.94
CA THR EA 88 83.44 -0.39 -13.37
C THR EA 88 84.20 -1.68 -13.63
N GLU EA 89 83.54 -2.64 -14.27
CA GLU EA 89 84.05 -4.00 -14.38
C GLU EA 89 85.40 -4.04 -15.10
N ASP EA 90 85.40 -3.68 -16.38
CA ASP EA 90 86.62 -3.64 -17.17
C ASP EA 90 87.00 -2.24 -17.64
N GLY EA 91 86.06 -1.31 -17.66
CA GLY EA 91 86.28 0.05 -18.10
C GLY EA 91 86.49 1.00 -16.94
N PHE EA 92 86.16 2.27 -17.17
CA PHE EA 92 86.37 3.30 -16.19
C PHE EA 92 85.35 4.42 -16.41
N ALA EA 93 85.18 5.24 -15.38
CA ALA EA 93 84.34 6.43 -15.46
C ALA EA 93 85.24 7.66 -15.49
N SER EA 94 85.02 8.53 -16.47
CA SER EA 94 85.86 9.69 -16.69
C SER EA 94 85.03 10.97 -16.66
N ARG EA 95 85.57 11.99 -16.03
CA ARG EA 95 84.97 13.31 -16.02
C ARG EA 95 86.02 14.33 -16.44
N ASP EA 96 85.66 15.20 -17.38
CA ASP EA 96 86.55 16.27 -17.85
C ASP EA 96 85.80 17.58 -17.66
N MET EA 97 86.24 18.38 -16.69
CA MET EA 97 85.56 19.62 -16.35
C MET EA 97 86.48 20.79 -16.61
N HIS EA 98 86.08 21.66 -17.52
CA HIS EA 98 86.81 22.88 -17.86
C HIS EA 98 85.99 24.07 -17.38
N ILE EA 99 86.59 24.91 -16.54
CA ILE EA 99 85.93 26.06 -15.97
C ILE EA 99 86.68 27.31 -16.39
N VAL EA 100 85.94 28.35 -16.77
CA VAL EA 100 86.52 29.63 -17.15
C VAL EA 100 85.84 30.72 -16.32
N VAL EA 101 86.62 31.42 -15.51
CA VAL EA 101 86.12 32.48 -14.64
C VAL EA 101 86.54 33.83 -15.22
N GLY EA 102 85.59 34.75 -15.34
CA GLY EA 102 85.86 36.05 -15.91
C GLY EA 102 86.41 37.03 -14.89
N GLU EA 103 86.55 38.26 -15.34
CA GLU EA 103 87.11 39.32 -14.51
C GLU EA 103 86.19 39.64 -13.34
N ASN EA 104 86.78 39.84 -12.16
CA ASN EA 104 86.06 40.24 -10.96
C ASN EA 104 84.94 39.28 -10.61
N ALA EA 105 85.10 38.00 -10.96
CA ALA EA 105 84.09 36.98 -10.73
C ALA EA 105 84.55 36.03 -9.64
N PHE EA 106 83.64 35.71 -8.73
CA PHE EA 106 83.91 34.78 -7.64
C PHE EA 106 83.15 33.49 -7.89
N LEU EA 107 83.87 32.37 -7.90
CA LEU EA 107 83.28 31.06 -8.07
C LEU EA 107 83.66 30.20 -6.87
N ASP EA 108 82.66 29.68 -6.16
CA ASP EA 108 82.84 28.78 -5.04
C ASP EA 108 82.37 27.40 -5.50
N PHE EA 109 83.30 26.60 -5.99
CA PHE EA 109 82.99 25.26 -6.47
C PHE EA 109 83.08 24.30 -5.30
N ALA EA 110 81.94 23.90 -4.76
CA ALA EA 110 81.88 23.06 -3.56
C ALA EA 110 81.01 21.84 -3.85
N PRO EA 111 81.54 20.86 -4.57
CA PRO EA 111 80.79 19.62 -4.80
C PRO EA 111 80.82 18.72 -3.57
N PHE EA 112 79.89 17.78 -3.56
CA PHE EA 112 79.80 16.83 -2.47
C PHE EA 112 80.95 15.82 -2.56
N PRO EA 113 81.26 15.14 -1.46
CA PRO EA 113 82.38 14.19 -1.47
C PRO EA 113 82.19 13.07 -2.48
N LEU EA 114 83.31 12.58 -3.01
CA LEU EA 114 83.32 11.48 -3.96
C LEU EA 114 83.52 10.16 -3.23
N ILE EA 115 82.60 9.23 -3.44
CA ILE EA 115 82.64 7.92 -2.79
C ILE EA 115 82.87 6.86 -3.86
N PRO EA 116 84.10 6.34 -3.96
CA PRO EA 116 84.34 5.22 -4.89
C PRO EA 116 83.95 3.90 -4.27
N PHE EA 117 83.23 3.08 -5.03
CA PHE EA 117 82.80 1.77 -4.55
C PHE EA 117 83.91 0.75 -4.79
N GLU EA 118 83.63 -0.52 -4.54
CA GLU EA 118 84.62 -1.56 -4.77
C GLU EA 118 84.89 -1.71 -6.26
N ASN EA 119 86.18 -1.85 -6.60
CA ASN EA 119 86.62 -2.00 -7.98
C ASN EA 119 86.17 -0.83 -8.86
N ALA EA 120 86.28 0.38 -8.33
CA ALA EA 120 85.91 1.59 -9.05
C ALA EA 120 87.16 2.20 -9.69
N HIS EA 121 87.06 2.53 -10.96
CA HIS EA 121 88.14 3.20 -11.69
C HIS EA 121 87.61 4.54 -12.19
N PHE EA 122 88.21 5.62 -11.70
CA PHE EA 122 87.75 6.97 -12.02
C PHE EA 122 88.93 7.81 -12.50
N LYS EA 123 88.67 8.61 -13.53
CA LYS EA 123 89.65 9.54 -14.09
C LYS EA 123 89.00 10.92 -14.20
N GLY EA 124 89.38 11.81 -13.30
CA GLY EA 124 88.89 13.19 -13.31
C GLY EA 124 89.98 14.13 -13.77
N ASN EA 125 89.60 15.09 -14.62
CA ASN EA 125 90.53 16.07 -15.16
C ASN EA 125 89.84 17.43 -15.13
N THR EA 126 90.24 18.27 -14.18
CA THR EA 126 89.68 19.59 -14.01
C THR EA 126 90.70 20.63 -14.44
N THR EA 127 90.28 21.53 -15.32
CA THR EA 127 91.12 22.62 -15.81
C THR EA 127 90.38 23.92 -15.57
N ILE EA 128 90.89 24.73 -14.65
CA ILE EA 128 90.28 26.01 -14.31
C ILE EA 128 91.17 27.12 -14.86
N SER EA 129 90.55 28.08 -15.54
CA SER EA 129 91.22 29.25 -16.07
C SER EA 129 90.64 30.49 -15.42
N LEU EA 130 91.51 31.41 -15.01
CA LEU EA 130 91.09 32.59 -14.27
C LEU EA 130 91.74 33.83 -14.89
N ARG EA 131 91.12 34.97 -14.62
CA ARG EA 131 91.75 36.25 -14.92
C ARG EA 131 92.53 36.70 -13.68
N SER EA 132 93.18 37.86 -13.80
CA SER EA 132 93.94 38.39 -12.67
C SER EA 132 93.03 38.71 -11.49
N SER EA 133 91.86 39.26 -11.75
CA SER EA 133 90.92 39.65 -10.71
C SER EA 133 89.97 38.53 -10.30
N SER EA 134 89.98 37.40 -11.00
CA SER EA 134 89.07 36.32 -10.68
C SER EA 134 89.42 35.71 -9.33
N GLN EA 135 88.39 35.32 -8.59
CA GLN EA 135 88.53 34.62 -7.32
C GLN EA 135 87.97 33.22 -7.45
N LEU EA 136 88.69 32.24 -6.90
CA LEU EA 136 88.27 30.85 -6.98
C LEU EA 136 88.41 30.19 -5.63
N LEU EA 137 87.42 29.37 -5.27
CA LEU EA 137 87.45 28.56 -4.06
C LEU EA 137 87.11 27.14 -4.49
N TYR EA 138 88.13 26.40 -4.94
CA TYR EA 138 87.92 25.05 -5.44
C TYR EA 138 88.07 24.05 -4.30
N SER EA 139 87.29 22.97 -4.36
CA SER EA 139 87.31 21.98 -3.30
C SER EA 139 87.10 20.59 -3.89
N ALA EA 140 87.60 19.59 -3.18
CA ALA EA 140 87.39 18.20 -3.56
C ALA EA 140 87.58 17.33 -2.34
N ILE EA 141 86.58 16.50 -2.04
CA ILE EA 141 86.64 15.56 -0.94
C ILE EA 141 86.60 14.15 -1.51
N ILE EA 142 87.51 13.29 -1.05
CA ILE EA 142 87.60 11.91 -1.48
C ILE EA 142 87.44 11.02 -0.26
N VAL EA 143 86.56 10.04 -0.36
CA VAL EA 143 86.32 9.08 0.71
C VAL EA 143 87.02 7.78 0.34
N ALA EA 144 87.45 7.04 1.35
CA ALA EA 144 88.09 5.75 1.13
C ALA EA 144 87.13 4.69 0.62
N GLY EA 145 85.83 4.95 0.66
CA GLY EA 145 84.83 4.00 0.25
C GLY EA 145 83.66 4.04 1.21
N ARG EA 146 82.83 3.01 1.15
CA ARG EA 146 81.71 2.89 2.08
C ARG EA 146 82.26 2.45 3.42
N VAL EA 147 82.66 3.44 4.23
CA VAL EA 147 83.41 3.16 5.45
C VAL EA 147 82.57 2.38 6.45
N ALA EA 148 81.30 2.75 6.61
CA ALA EA 148 80.47 2.15 7.64
C ALA EA 148 80.23 0.66 7.41
N ARG EA 149 80.44 0.17 6.18
CA ARG EA 149 80.32 -1.26 5.90
C ARG EA 149 81.68 -1.90 5.62
N ASN EA 150 82.76 -1.31 6.13
CA ASN EA 150 84.10 -1.87 6.04
C ASN EA 150 84.55 -2.06 4.60
N GLU EA 151 84.20 -1.11 3.74
CA GLU EA 151 84.69 -1.07 2.35
C GLU EA 151 85.74 0.02 2.27
N LEU EA 152 86.97 -0.33 2.61
CA LEU EA 152 88.07 0.62 2.68
C LEU EA 152 89.07 0.34 1.57
N PHE EA 153 89.26 1.31 0.68
CA PHE EA 153 90.26 1.24 -0.39
C PHE EA 153 90.10 -0.03 -1.22
N LYS EA 154 88.85 -0.40 -1.50
CA LYS EA 154 88.56 -1.55 -2.32
C LYS EA 154 88.38 -1.18 -3.79
N PHE EA 155 88.53 0.09 -4.13
CA PHE EA 155 88.35 0.52 -5.51
C PHE EA 155 89.58 0.18 -6.35
N ASN EA 156 89.39 0.23 -7.66
CA ASN EA 156 90.48 -0.09 -8.59
C ASN EA 156 91.53 1.02 -8.61
N ARG EA 157 91.11 2.23 -8.99
CA ARG EA 157 92.06 3.33 -9.15
C ARG EA 157 91.31 4.64 -9.19
N LEU EA 158 91.86 5.66 -8.55
CA LEU EA 158 91.32 7.02 -8.56
C LEU EA 158 92.41 7.95 -9.04
N HIS EA 159 92.26 8.48 -10.25
CA HIS EA 159 93.18 9.48 -10.78
C HIS EA 159 92.44 10.79 -10.88
N THR EA 160 93.01 11.85 -10.31
CA THR EA 160 92.39 13.17 -10.32
C THR EA 160 93.46 14.21 -10.59
N LYS EA 161 93.36 14.87 -11.74
CA LYS EA 161 94.29 15.92 -12.12
C LYS EA 161 93.56 17.26 -12.04
N ILE EA 162 94.17 18.23 -11.38
CA ILE EA 162 93.65 19.60 -11.28
C ILE EA 162 94.72 20.54 -11.80
N SER EA 163 94.34 21.41 -12.73
CA SER EA 163 95.25 22.38 -13.32
C SER EA 163 94.59 23.75 -13.30
N ILE EA 164 95.11 24.65 -12.48
CA ILE EA 164 94.58 25.99 -12.34
C ILE EA 164 95.57 26.97 -12.96
N LEU EA 165 95.12 27.70 -13.96
CA LEU EA 165 95.91 28.70 -14.66
C LEU EA 165 95.32 30.08 -14.41
N GLN EA 166 96.19 31.06 -14.22
CA GLN EA 166 95.79 32.45 -14.05
C GLN EA 166 96.43 33.28 -15.14
N ASP EA 167 95.62 34.04 -15.87
CA ASP EA 167 96.08 34.83 -17.00
C ASP EA 167 96.83 33.96 -18.01
N GLU EA 168 96.31 32.75 -18.23
CA GLU EA 168 96.91 31.77 -19.13
C GLU EA 168 98.34 31.43 -18.71
N LYS EA 169 98.57 31.33 -17.40
CA LYS EA 169 99.85 30.94 -16.85
C LYS EA 169 99.58 29.95 -15.72
N PRO EA 170 100.27 28.80 -15.70
CA PRO EA 170 99.98 27.80 -14.68
C PRO EA 170 100.34 28.31 -13.29
N ILE EA 171 99.39 28.18 -12.36
CA ILE EA 171 99.61 28.58 -10.98
C ILE EA 171 99.35 27.46 -9.98
N TYR EA 172 98.62 26.42 -10.35
CA TYR EA 172 98.41 25.31 -9.43
C TYR EA 172 98.32 24.00 -10.20
N TYR EA 173 99.02 22.98 -9.71
CA TYR EA 173 98.96 21.64 -10.27
C TYR EA 173 98.72 20.65 -9.15
N ASP EA 174 97.85 19.68 -9.39
CA ASP EA 174 97.59 18.63 -8.42
C ASP EA 174 97.36 17.32 -9.18
N ASN EA 175 97.99 16.25 -8.72
CA ASN EA 175 97.85 14.93 -9.34
C ASN EA 175 97.65 13.91 -8.24
N THR EA 176 96.40 13.68 -7.87
CA THR EA 176 96.06 12.73 -6.81
C THR EA 176 95.82 11.36 -7.45
N ILE EA 177 96.71 10.41 -7.15
CA ILE EA 177 96.57 9.04 -7.63
C ILE EA 177 96.43 8.13 -6.42
N LEU EA 178 95.33 7.41 -6.36
CA LEU EA 178 95.07 6.43 -5.30
C LEU EA 178 94.90 5.07 -5.96
N ASP EA 179 95.91 4.21 -5.78
CA ASP EA 179 95.89 2.86 -6.34
C ASP EA 179 96.22 1.89 -5.21
N PRO EA 180 95.21 1.28 -4.59
CA PRO EA 180 95.50 0.35 -3.48
C PRO EA 180 96.32 -0.85 -3.91
N LYS EA 181 96.25 -1.24 -5.18
CA LYS EA 181 97.03 -2.38 -5.65
C LYS EA 181 98.53 -2.09 -5.58
N THR EA 182 98.94 -0.88 -5.97
CA THR EA 182 100.36 -0.57 -6.01
C THR EA 182 100.93 -0.33 -4.61
N THR EA 183 100.15 0.31 -3.74
CA THR EA 183 100.63 0.64 -2.41
C THR EA 183 99.46 0.64 -1.44
N ASP EA 184 99.79 0.49 -0.15
CA ASP EA 184 98.78 0.54 0.90
C ASP EA 184 98.50 1.98 1.26
N LEU EA 185 97.30 2.47 0.88
CA LEU EA 185 96.92 3.84 1.18
C LEU EA 185 96.64 4.06 2.66
N ASN EA 186 96.61 3.00 3.46
CA ASN EA 186 96.41 3.11 4.90
C ASN EA 186 97.71 3.36 5.66
N ASN EA 187 98.83 3.52 4.95
CA ASN EA 187 100.11 3.72 5.62
C ASN EA 187 100.14 5.08 6.31
N MET EA 188 101.24 5.32 7.05
CA MET EA 188 101.37 6.52 7.85
C MET EA 188 101.53 7.79 7.02
N CYS EA 189 101.82 7.68 5.71
CA CYS EA 189 102.04 8.85 4.88
C CYS EA 189 100.89 9.17 3.95
N MET EA 190 100.00 8.21 3.68
CA MET EA 190 98.89 8.46 2.78
C MET EA 190 97.62 8.88 3.52
N PHE EA 191 97.11 8.03 4.40
CA PHE EA 191 95.87 8.34 5.09
C PHE EA 191 96.01 8.20 6.60
N ASP EA 192 96.91 7.31 7.04
CA ASP EA 192 97.19 7.12 8.46
C ASP EA 192 95.92 6.80 9.25
N GLY EA 193 95.08 5.92 8.69
CA GLY EA 193 93.86 5.53 9.35
C GLY EA 193 92.68 6.44 9.12
N TYR EA 194 92.87 7.57 8.45
CA TYR EA 194 91.77 8.44 8.11
C TYR EA 194 91.08 7.94 6.83
N THR EA 195 89.80 8.28 6.70
CA THR EA 195 89.00 7.80 5.58
C THR EA 195 88.51 8.89 4.65
N HIS EA 196 88.53 10.15 5.06
CA HIS EA 196 88.05 11.26 4.25
C HIS EA 196 89.16 12.28 4.10
N TYR EA 197 89.41 12.71 2.87
CA TYR EA 197 90.48 13.65 2.57
C TYR EA 197 89.92 14.84 1.81
N LEU EA 198 90.16 16.03 2.33
CA LEU EA 198 89.68 17.27 1.74
C LEU EA 198 90.86 18.06 1.19
N ASN EA 199 90.75 18.48 -0.07
CA ASN EA 199 91.74 19.34 -0.72
C ASN EA 199 91.03 20.60 -1.17
N LEU EA 200 91.50 21.75 -0.68
CA LEU EA 200 90.87 23.04 -0.95
C LEU EA 200 91.92 23.99 -1.49
N VAL EA 201 91.55 24.76 -2.51
CA VAL EA 201 92.45 25.74 -3.12
C VAL EA 201 91.72 27.09 -3.12
N LEU EA 202 92.33 28.08 -2.48
CA LEU EA 202 91.82 29.44 -2.45
C LEU EA 202 92.76 30.30 -3.29
N VAL EA 203 92.24 30.82 -4.40
CA VAL EA 203 93.00 31.65 -5.33
C VAL EA 203 92.43 33.06 -5.26
N ASN EA 204 93.29 34.03 -4.96
CA ASN EA 204 92.95 35.45 -4.91
C ASN EA 204 91.90 35.77 -3.86
N CYS EA 205 91.61 34.85 -2.95
CA CYS EA 205 90.64 35.13 -1.91
C CYS EA 205 91.25 36.06 -0.86
N PRO EA 206 90.47 36.99 -0.32
CA PRO EA 206 90.97 37.96 0.68
C PRO EA 206 90.96 37.42 2.11
N ILE EA 207 91.56 36.25 2.31
CA ILE EA 207 91.62 35.60 3.61
C ILE EA 207 93.08 35.36 3.95
N GLU EA 208 93.42 35.53 5.22
CA GLU EA 208 94.80 35.40 5.67
C GLU EA 208 95.12 33.96 6.09
N LEU EA 209 96.39 33.60 5.93
CA LEU EA 209 96.84 32.28 6.35
C LEU EA 209 96.62 32.07 7.84
N SER EA 210 96.80 33.13 8.64
CA SER EA 210 96.52 33.02 10.07
C SER EA 210 95.05 32.70 10.33
N GLY EA 211 94.15 33.36 9.61
CA GLY EA 211 92.74 33.07 9.78
C GLY EA 211 92.37 31.66 9.38
N VAL EA 212 92.91 31.20 8.24
CA VAL EA 212 92.64 29.83 7.81
C VAL EA 212 93.19 28.83 8.81
N ARG EA 213 94.39 29.09 9.33
CA ARG EA 213 94.97 28.19 10.33
C ARG EA 213 94.15 28.16 11.60
N GLU EA 214 93.65 29.32 12.03
CA GLU EA 214 92.78 29.35 13.20
C GLU EA 214 91.51 28.55 12.97
N CYS EA 215 90.91 28.68 11.77
CA CYS EA 215 89.73 27.89 11.46
C CYS EA 215 90.02 26.40 11.49
N ILE EA 216 91.16 25.98 10.90
CA ILE EA 216 91.51 24.57 10.90
C ILE EA 216 91.73 24.06 12.31
N GLU EA 217 92.42 24.85 13.14
CA GLU EA 217 92.69 24.43 14.50
C GLU EA 217 91.41 24.31 15.32
N GLU EA 218 90.50 25.28 15.18
CA GLU EA 218 89.27 25.23 15.95
C GLU EA 218 88.29 24.18 15.42
N SER EA 219 88.46 23.74 14.17
CA SER EA 219 87.64 22.64 13.66
C SER EA 219 88.03 21.34 14.37
N GLU EA 220 87.03 20.61 14.85
CA GLU EA 220 87.25 19.42 15.65
C GLU EA 220 87.18 18.16 14.80
N GLY EA 221 87.94 17.15 15.22
CA GLY EA 221 87.93 15.86 14.54
C GLY EA 221 88.66 15.82 13.23
N VAL EA 222 89.43 16.85 12.89
CA VAL EA 222 90.09 16.94 11.60
C VAL EA 222 91.57 17.21 11.83
N ASP EA 223 92.42 16.43 11.17
CA ASP EA 223 93.86 16.67 11.13
C ASP EA 223 94.15 17.39 9.82
N GLY EA 224 94.30 18.71 9.89
CA GLY EA 224 94.40 19.53 8.70
C GLY EA 224 95.53 20.54 8.80
N ALA EA 225 95.86 21.12 7.65
CA ALA EA 225 96.91 22.11 7.57
C ALA EA 225 96.67 22.98 6.33
N VAL EA 226 97.26 24.17 6.35
CA VAL EA 226 97.14 25.14 5.26
C VAL EA 226 98.51 25.74 4.99
N SER EA 227 98.85 25.86 3.70
CA SER EA 227 100.11 26.45 3.30
C SER EA 227 99.86 27.38 2.11
N GLU EA 228 100.94 28.01 1.65
CA GLU EA 228 100.90 28.90 0.50
C GLU EA 228 101.67 28.26 -0.65
N THR EA 229 101.05 28.23 -1.83
CA THR EA 229 101.67 27.62 -3.00
C THR EA 229 102.74 28.56 -3.55
N ALA EA 230 103.35 28.17 -4.67
CA ALA EA 230 104.37 29.01 -5.30
C ALA EA 230 103.78 30.34 -5.76
N SER EA 231 102.57 30.31 -6.30
CA SER EA 231 101.91 31.49 -6.82
C SER EA 231 101.20 32.29 -5.74
N SER EA 232 101.54 32.08 -4.47
CA SER EA 232 101.00 32.84 -3.34
C SER EA 232 99.49 32.73 -3.25
N HIS EA 233 99.00 31.49 -3.28
CA HIS EA 233 97.59 31.19 -3.08
C HIS EA 233 97.46 30.05 -2.08
N LEU EA 234 96.36 30.05 -1.34
CA LEU EA 234 96.25 29.14 -0.20
C LEU EA 234 95.85 27.74 -0.63
N CYS EA 235 96.48 26.75 -0.02
CA CYS EA 235 96.14 25.35 -0.23
C CYS EA 235 95.93 24.68 1.12
N VAL EA 236 94.77 24.05 1.28
CA VAL EA 236 94.38 23.41 2.54
C VAL EA 236 94.23 21.92 2.28
N LYS EA 237 94.88 21.10 3.12
CA LYS EA 237 94.73 19.66 3.06
C LYS EA 237 94.31 19.17 4.43
N ALA EA 238 93.23 18.41 4.48
CA ALA EA 238 92.69 17.94 5.75
C ALA EA 238 92.30 16.47 5.65
N LEU EA 239 92.37 15.77 6.78
CA LEU EA 239 91.95 14.39 6.88
C LEU EA 239 90.98 14.26 8.04
N ALA EA 240 90.01 13.36 7.90
CA ALA EA 240 89.02 13.16 8.94
C ALA EA 240 88.46 11.75 8.86
N LYS EA 241 87.87 11.30 9.96
CA LYS EA 241 87.22 10.00 9.98
C LYS EA 241 85.90 10.01 9.24
N GLY EA 242 85.20 11.15 9.24
CA GLY EA 242 83.94 11.28 8.54
C GLY EA 242 83.93 12.54 7.69
N SER EA 243 82.94 12.62 6.80
CA SER EA 243 82.81 13.76 5.92
C SER EA 243 82.19 14.97 6.61
N GLU EA 244 81.54 14.78 7.74
CA GLU EA 244 80.94 15.90 8.45
C GLU EA 244 81.95 16.93 8.91
N PRO EA 245 83.05 16.57 9.59
CA PRO EA 245 84.04 17.60 9.95
C PRO EA 245 84.64 18.30 8.74
N LEU EA 246 84.87 17.57 7.65
CA LEU EA 246 85.44 18.19 6.46
C LEU EA 246 84.47 19.17 5.83
N LEU EA 247 83.20 18.81 5.73
CA LEU EA 247 82.20 19.72 5.17
C LEU EA 247 82.04 20.95 6.06
N HIS EA 248 82.04 20.76 7.38
CA HIS EA 248 81.95 21.89 8.29
C HIS EA 248 83.14 22.81 8.14
N LEU EA 249 84.35 22.25 8.03
CA LEU EA 249 85.53 23.08 7.82
C LEU EA 249 85.47 23.84 6.51
N ARG EA 250 85.02 23.17 5.44
CA ARG EA 250 84.92 23.83 4.15
C ARG EA 250 83.92 24.97 4.17
N GLU EA 251 82.76 24.76 4.80
CA GLU EA 251 81.78 25.83 4.88
C GLU EA 251 82.25 26.96 5.79
N LYS EA 252 83.01 26.63 6.85
CA LYS EA 252 83.59 27.68 7.68
C LYS EA 252 84.56 28.54 6.89
N ILE EA 253 85.43 27.91 6.10
CA ILE EA 253 86.38 28.67 5.29
C ILE EA 253 85.67 29.49 4.23
N ALA EA 254 84.62 28.92 3.61
CA ALA EA 254 83.86 29.66 2.62
C ALA EA 254 83.18 30.87 3.24
N ARG EA 255 82.61 30.71 4.43
CA ARG EA 255 81.99 31.84 5.12
C ARG EA 255 83.03 32.90 5.46
N LEU EA 256 84.21 32.48 5.90
CA LEU EA 256 85.27 33.44 6.20
C LEU EA 256 85.69 34.21 4.96
N VAL EA 257 85.71 33.54 3.81
CA VAL EA 257 86.07 34.21 2.56
C VAL EA 257 84.97 35.18 2.14
N THR EA 258 83.71 34.76 2.24
CA THR EA 258 82.61 35.57 1.73
C THR EA 258 82.27 36.75 2.65
N GLN EA 259 82.48 36.62 3.96
CA GLN EA 259 82.14 37.71 4.87
C GLN EA 259 83.01 38.94 4.66
N THR EA 260 84.13 38.79 3.96
CA THR EA 260 84.99 39.93 3.65
C THR EA 260 84.32 40.86 2.66
N ASP FA 30 137.40 9.12 -8.74
CA ASP FA 30 136.78 9.15 -10.07
C ASP FA 30 135.37 9.71 -10.01
N ASN FA 31 134.48 9.15 -10.82
CA ASN FA 31 133.10 9.62 -10.84
C ASN FA 31 132.42 9.41 -9.49
N GLU FA 32 132.60 8.23 -8.90
CA GLU FA 32 132.01 7.95 -7.60
C GLU FA 32 132.59 8.87 -6.52
N PHE FA 33 133.90 9.11 -6.56
CA PHE FA 33 134.51 10.01 -5.59
C PHE FA 33 133.97 11.42 -5.72
N LEU FA 34 133.81 11.92 -6.95
CA LEU FA 34 133.27 13.26 -7.14
C LEU FA 34 131.81 13.34 -6.70
N ILE FA 35 131.03 12.28 -6.99
CA ILE FA 35 129.64 12.23 -6.54
C ILE FA 35 129.58 12.32 -5.02
N LEU FA 36 130.41 11.51 -4.34
CA LEU FA 36 130.41 11.52 -2.88
C LEU FA 36 130.85 12.88 -2.35
N GLN FA 37 131.86 13.50 -2.97
CA GLN FA 37 132.34 14.79 -2.52
C GLN FA 37 131.26 15.86 -2.65
N VAL FA 38 130.60 15.93 -3.80
CA VAL FA 38 129.57 16.95 -3.99
C VAL FA 38 128.37 16.68 -3.09
N ASN FA 39 128.01 15.41 -2.90
CA ASN FA 39 126.91 15.09 -2.01
C ASN FA 39 127.22 15.51 -0.58
N ASP FA 40 128.43 15.23 -0.11
CA ASP FA 40 128.82 15.65 1.24
C ASP FA 40 128.87 17.15 1.37
N ALA FA 41 129.35 17.85 0.33
CA ALA FA 41 129.44 19.31 0.40
C ALA FA 41 128.08 19.98 0.29
N VAL FA 42 127.07 19.29 -0.25
CA VAL FA 42 125.76 19.90 -0.44
C VAL FA 42 124.82 19.53 0.70
N PHE FA 43 124.55 18.23 0.86
CA PHE FA 43 123.42 17.82 1.71
C PHE FA 43 123.75 17.90 3.20
N PRO FA 44 124.81 17.25 3.71
CA PRO FA 44 125.13 17.44 5.13
C PRO FA 44 125.47 18.86 5.50
N ILE FA 45 126.07 19.62 4.58
CA ILE FA 45 126.41 21.02 4.84
C ILE FA 45 125.20 21.91 4.60
N THR FA 49 119.60 18.94 8.34
CA THR FA 49 118.83 20.05 8.88
C THR FA 49 117.39 20.02 8.37
N HIS FA 50 117.15 19.28 7.30
CA HIS FA 50 115.82 19.16 6.72
C HIS FA 50 115.17 17.86 7.18
N SER FA 51 113.93 17.97 7.66
CA SER FA 51 113.21 16.81 8.18
C SER FA 51 112.16 16.29 7.22
N PHE FA 52 111.60 17.15 6.37
CA PHE FA 52 110.53 16.76 5.44
C PHE FA 52 109.34 16.15 6.18
N GLY FA 53 108.99 16.75 7.32
CA GLY FA 53 107.84 16.31 8.09
C GLY FA 53 108.13 15.28 9.17
N LEU FA 54 109.34 14.71 9.20
CA LEU FA 54 109.67 13.75 10.24
C LEU FA 54 109.63 14.40 11.62
N GLU FA 55 110.05 15.66 11.72
CA GLU FA 55 109.95 16.39 12.97
C GLU FA 55 108.49 16.52 13.41
N THR FA 56 107.60 16.81 12.46
CA THR FA 56 106.18 16.88 12.79
C THR FA 56 105.64 15.54 13.26
N TYR FA 57 106.06 14.45 12.60
CA TYR FA 57 105.63 13.12 13.04
C TYR FA 57 106.10 12.83 14.45
N ILE FA 58 107.36 13.15 14.76
CA ILE FA 58 107.89 12.91 16.10
C ILE FA 58 107.14 13.75 17.13
N GLN FA 59 106.91 15.03 16.82
CA GLN FA 59 106.20 15.90 17.74
C GLN FA 59 104.77 15.44 17.97
N GLN FA 60 104.11 14.91 16.94
CA GLN FA 60 102.78 14.36 17.09
C GLN FA 60 102.78 12.93 17.62
N LYS FA 61 103.96 12.37 17.85
CA LYS FA 61 104.12 11.07 18.53
C LYS FA 61 103.62 9.93 17.65
N LYS FA 62 103.82 10.05 16.34
CA LYS FA 62 103.53 8.95 15.43
C LYS FA 62 104.74 8.09 15.16
N VAL FA 63 105.95 8.65 15.29
CA VAL FA 63 107.20 7.91 15.18
C VAL FA 63 107.86 7.91 16.55
N THR FA 64 108.02 6.72 17.11
CA THR FA 64 108.54 6.60 18.47
C THR FA 64 109.73 5.65 18.60
N ASN FA 65 109.72 4.55 17.86
CA ASN FA 65 110.72 3.50 18.05
C ASN FA 65 111.19 3.03 16.68
N LYS FA 66 111.94 1.92 16.68
CA LYS FA 66 112.57 1.44 15.44
C LYS FA 66 111.54 1.02 14.41
N GLU FA 67 110.52 0.25 14.83
CA GLU FA 67 109.54 -0.23 13.86
C GLU FA 67 108.69 0.92 13.32
N SER FA 68 108.32 1.86 14.18
CA SER FA 68 107.55 3.02 13.72
C SER FA 68 108.36 3.86 12.75
N ALA FA 69 109.65 4.09 13.05
CA ALA FA 69 110.49 4.84 12.14
C ALA FA 69 110.67 4.12 10.82
N LEU FA 70 110.83 2.79 10.87
CA LEU FA 70 110.96 2.01 9.63
C LEU FA 70 109.69 2.10 8.80
N GLU FA 71 108.53 2.00 9.43
CA GLU FA 71 107.27 2.12 8.69
C GLU FA 71 107.13 3.50 8.08
N TYR FA 72 107.47 4.55 8.83
CA TYR FA 72 107.39 5.90 8.28
C TYR FA 72 108.34 6.07 7.09
N LEU FA 73 109.58 5.56 7.22
CA LEU FA 73 110.54 5.70 6.14
C LEU FA 73 110.10 4.94 4.90
N LYS FA 74 109.57 3.72 5.09
CA LYS FA 74 109.09 2.95 3.95
C LYS FA 74 107.93 3.65 3.27
N ALA FA 75 106.98 4.17 4.04
CA ALA FA 75 105.84 4.86 3.45
C ALA FA 75 106.28 6.13 2.71
N ASN FA 76 107.17 6.90 3.30
CA ASN FA 76 107.64 8.13 2.66
C ASN FA 76 108.38 7.82 1.37
N LEU FA 77 109.28 6.83 1.40
CA LEU FA 77 110.00 6.45 0.19
C LEU FA 77 109.05 5.93 -0.88
N SER FA 78 108.04 5.16 -0.48
CA SER FA 78 107.10 4.61 -1.45
C SER FA 78 106.27 5.72 -2.11
N SER FA 79 105.81 6.70 -1.33
CA SER FA 79 104.93 7.70 -1.92
C SER FA 79 105.67 8.95 -2.39
N GLN FA 80 106.23 9.71 -1.46
CA GLN FA 80 106.66 11.05 -1.78
C GLN FA 80 108.01 11.06 -2.49
N PHE FA 81 108.98 10.33 -1.93
CA PHE FA 81 110.29 10.22 -2.56
C PHE FA 81 110.17 9.58 -3.94
N LEU FA 82 109.32 8.56 -4.07
CA LEU FA 82 109.19 7.86 -5.34
C LEU FA 82 108.54 8.75 -6.40
N TYR FA 83 107.43 9.40 -6.06
CA TYR FA 83 106.64 10.10 -7.06
C TYR FA 83 107.00 11.57 -7.20
N THR FA 84 107.96 12.08 -6.41
CA THR FA 84 108.38 13.46 -6.52
C THR FA 84 109.85 13.65 -6.78
N GLU FA 85 110.71 12.77 -6.26
CA GLU FA 85 112.15 12.91 -6.39
C GLU FA 85 112.77 11.94 -7.38
N MET FA 86 112.52 10.63 -7.21
CA MET FA 86 113.12 9.65 -8.12
C MET FA 86 112.51 9.75 -9.51
N LEU FA 87 111.19 9.92 -9.59
CA LEU FA 87 110.56 10.07 -10.90
C LEU FA 87 111.04 11.33 -11.61
N SER FA 88 111.15 12.43 -10.86
CA SER FA 88 111.67 13.66 -11.44
C SER FA 88 113.12 13.49 -11.90
N LEU FA 89 113.92 12.76 -11.12
CA LEU FA 89 115.30 12.49 -11.50
C LEU FA 89 115.35 11.72 -12.82
N LYS FA 90 114.55 10.66 -12.93
CA LYS FA 90 114.53 9.88 -14.17
C LYS FA 90 114.05 10.72 -15.35
N LEU FA 91 113.01 11.53 -15.15
CA LEU FA 91 112.49 12.37 -16.23
C LEU FA 91 113.53 13.38 -16.68
N THR FA 92 114.23 14.01 -15.74
CA THR FA 92 115.26 14.97 -16.09
C THR FA 92 116.44 14.29 -16.79
N TYR FA 93 116.78 13.08 -16.36
CA TYR FA 93 117.84 12.33 -17.02
C TYR FA 93 117.48 12.05 -18.48
N GLU FA 94 116.25 11.58 -18.71
CA GLU FA 94 115.81 11.32 -20.08
C GLU FA 94 115.76 12.60 -20.90
N SER FA 95 115.27 13.69 -20.31
CA SER FA 95 115.15 14.94 -21.04
C SER FA 95 116.52 15.53 -21.38
N ALA FA 96 117.51 15.34 -20.49
CA ALA FA 96 118.86 15.82 -20.80
C ALA FA 96 119.54 14.92 -21.81
N LEU FA 97 119.26 13.61 -21.78
CA LEU FA 97 119.77 12.73 -22.82
C LEU FA 97 119.21 13.12 -24.18
N GLN FA 98 117.95 13.51 -24.24
CA GLN FA 98 117.35 14.01 -25.46
C GLN FA 98 117.63 15.49 -25.71
N GLN FA 99 118.32 16.16 -24.78
CA GLN FA 99 118.65 17.58 -24.89
C GLN FA 99 117.38 18.44 -25.00
N ASP FA 100 116.42 18.16 -24.12
CA ASP FA 100 115.14 18.87 -24.10
C ASP FA 100 115.14 19.84 -22.90
N LEU FA 101 115.72 21.02 -23.12
CA LEU FA 101 115.73 22.04 -22.09
C LEU FA 101 114.32 22.51 -21.75
N LYS FA 102 113.46 22.62 -22.76
CA LYS FA 102 112.08 23.00 -22.52
C LYS FA 102 111.37 21.96 -21.65
N LYS FA 103 111.61 20.68 -21.93
CA LYS FA 103 111.01 19.62 -21.11
C LYS FA 103 111.53 19.67 -19.68
N ILE FA 104 112.83 19.93 -19.49
CA ILE FA 104 113.39 20.02 -18.14
C ILE FA 104 112.73 21.18 -17.39
N LEU FA 105 112.60 22.33 -18.05
CA LEU FA 105 112.01 23.50 -17.40
C LEU FA 105 110.53 23.25 -17.09
N GLY FA 106 109.82 22.56 -18.00
CA GLY FA 106 108.43 22.25 -17.73
C GLY FA 106 108.26 21.31 -16.56
N VAL FA 107 109.14 20.31 -16.45
CA VAL FA 107 109.11 19.40 -15.31
C VAL FA 107 109.37 20.16 -14.01
N GLU FA 108 110.36 21.06 -14.03
CA GLU FA 108 110.64 21.86 -12.84
C GLU FA 108 109.46 22.73 -12.47
N GLU FA 109 108.81 23.33 -13.46
CA GLU FA 109 107.63 24.16 -13.19
C GLU FA 109 106.50 23.33 -12.59
N VAL FA 110 106.29 22.13 -13.13
CA VAL FA 110 105.24 21.26 -12.60
C VAL FA 110 105.55 20.89 -11.15
N ILE FA 111 106.80 20.57 -10.85
CA ILE FA 111 107.17 20.22 -9.48
C ILE FA 111 106.93 21.41 -8.55
N MET FA 112 107.37 22.60 -8.98
CA MET FA 112 107.21 23.78 -8.14
C MET FA 112 105.75 24.11 -7.87
N LEU FA 113 104.91 24.01 -8.90
CA LEU FA 113 103.50 24.33 -8.74
C LEU FA 113 102.71 23.23 -8.07
N SER FA 114 103.25 22.01 -8.00
CA SER FA 114 102.60 20.92 -7.29
C SER FA 114 103.03 20.80 -5.84
N THR FA 115 104.20 21.33 -5.49
CA THR FA 115 104.70 21.24 -4.12
C THR FA 115 103.91 22.22 -3.23
N SER FA 116 102.77 21.74 -2.76
CA SER FA 116 101.93 22.56 -1.89
C SER FA 116 102.62 22.98 -0.59
N PRO FA 117 103.30 22.10 0.16
CA PRO FA 117 103.91 22.54 1.42
C PRO FA 117 105.01 23.56 1.19
N MET FA 118 104.88 24.69 1.89
CA MET FA 118 105.88 25.76 1.76
C MET FA 118 107.24 25.31 2.24
N GLU FA 119 107.30 24.57 3.35
CA GLU FA 119 108.58 24.08 3.86
C GLU FA 119 109.25 23.15 2.87
N LEU FA 120 108.49 22.22 2.29
CA LEU FA 120 109.05 21.30 1.31
C LEU FA 120 109.55 22.05 0.09
N ARG FA 121 108.75 23.01 -0.41
CA ARG FA 121 109.16 23.77 -1.57
C ARG FA 121 110.44 24.56 -1.30
N LEU FA 122 110.50 25.22 -0.15
CA LEU FA 122 111.69 26.01 0.19
C LEU FA 122 112.91 25.13 0.36
N ALA FA 123 112.74 23.96 1.00
CA ALA FA 123 113.87 23.06 1.18
C ALA FA 123 114.38 22.56 -0.17
N ASN FA 124 113.47 22.18 -1.07
CA ASN FA 124 113.89 21.70 -2.38
C ASN FA 124 114.60 22.80 -3.16
N GLN FA 125 114.06 24.01 -3.13
CA GLN FA 125 114.70 25.12 -3.85
C GLN FA 125 116.08 25.42 -3.28
N LYS FA 126 116.20 25.43 -1.95
CA LYS FA 126 117.49 25.72 -1.33
C LYS FA 126 118.51 24.63 -1.65
N LEU FA 127 118.09 23.36 -1.61
CA LEU FA 127 119.01 22.28 -1.94
C LEU FA 127 119.44 22.34 -3.40
N GLY FA 128 118.51 22.64 -4.31
CA GLY FA 128 118.87 22.76 -5.71
C GLY FA 128 119.82 23.91 -5.97
N ASN FA 129 119.57 25.06 -5.33
CA ASN FA 129 120.47 26.20 -5.47
C ASN FA 129 121.85 25.88 -4.91
N ARG FA 130 121.91 25.20 -3.76
CA ARG FA 130 123.19 24.82 -3.19
C ARG FA 130 123.95 23.87 -4.10
N PHE FA 131 123.25 22.90 -4.67
CA PHE FA 131 123.89 21.96 -5.59
C PHE FA 131 124.43 22.70 -6.82
N ILE FA 132 123.63 23.60 -7.40
CA ILE FA 132 124.06 24.34 -8.58
C ILE FA 132 125.28 25.19 -8.25
N LYS FA 133 125.26 25.89 -7.11
CA LYS FA 133 126.38 26.74 -6.72
C LYS FA 133 127.64 25.90 -6.46
N THR FA 134 127.49 24.75 -5.82
CA THR FA 134 128.64 23.89 -5.56
C THR FA 134 129.26 23.40 -6.86
N LEU FA 135 128.45 22.95 -7.81
CA LEU FA 135 128.99 22.52 -9.10
C LEU FA 135 129.64 23.69 -9.84
N GLN FA 136 129.04 24.89 -9.75
CA GLN FA 136 129.61 26.03 -10.46
C GLN FA 136 130.96 26.43 -9.87
N ALA FA 137 131.10 26.38 -8.54
CA ALA FA 137 132.27 26.95 -7.87
C ALA FA 137 133.32 25.91 -7.52
N MET FA 138 132.96 24.91 -6.72
CA MET FA 138 133.95 23.97 -6.20
C MET FA 138 134.47 23.04 -7.28
N ASN FA 139 133.59 22.52 -8.13
CA ASN FA 139 133.98 21.56 -9.17
C ASN FA 139 134.65 22.32 -10.30
N GLU FA 140 135.97 22.48 -10.19
CA GLU FA 140 136.76 23.21 -11.19
C GLU FA 140 137.13 22.26 -12.33
N LEU FA 141 136.12 21.90 -13.11
CA LEU FA 141 136.30 20.99 -14.24
C LEU FA 141 135.17 21.22 -15.23
N ASP FA 142 135.36 20.69 -16.44
CA ASP FA 142 134.38 20.87 -17.51
C ASP FA 142 133.16 19.99 -17.26
N MET FA 143 132.19 20.52 -16.52
CA MET FA 143 130.97 19.77 -16.23
C MET FA 143 130.19 19.48 -17.52
N GLY FA 144 130.08 20.48 -18.39
CA GLY FA 144 129.35 20.30 -19.64
C GLY FA 144 128.63 21.55 -20.09
N GLU FA 145 128.64 21.82 -21.40
CA GLU FA 145 127.98 23.01 -21.91
C GLU FA 145 126.48 22.97 -21.66
N PHE FA 146 125.87 21.79 -21.81
CA PHE FA 146 124.43 21.66 -21.56
C PHE FA 146 124.11 21.95 -20.10
N PHE FA 147 124.90 21.41 -19.18
CA PHE FA 147 124.66 21.67 -17.75
C PHE FA 147 124.87 23.15 -17.42
N ASN FA 148 125.90 23.77 -18.00
CA ASN FA 148 126.13 25.19 -17.75
C ASN FA 148 124.97 26.03 -18.26
N ALA FA 149 124.47 25.72 -19.47
CA ALA FA 149 123.33 26.46 -20.01
C ALA FA 149 122.08 26.25 -19.16
N TYR FA 150 121.87 25.02 -18.69
CA TYR FA 150 120.71 24.75 -17.84
C TYR FA 150 120.82 25.53 -16.53
N ALA FA 151 122.01 25.58 -15.93
CA ALA FA 151 122.19 26.33 -14.69
C ALA FA 151 121.98 27.83 -14.92
N GLN FA 152 122.44 28.34 -16.05
CA GLN FA 152 122.28 29.77 -16.33
C GLN FA 152 120.87 30.14 -16.72
N LYS FA 153 120.06 29.18 -17.19
CA LYS FA 153 118.71 29.48 -17.64
C LYS FA 153 117.63 29.04 -16.66
N THR FA 154 117.96 28.24 -15.65
CA THR FA 154 116.95 27.74 -14.73
C THR FA 154 116.55 28.81 -13.72
N LYS FA 155 115.37 28.65 -13.14
CA LYS FA 155 114.85 29.54 -12.11
C LYS FA 155 114.69 28.85 -10.77
N ASP FA 156 113.97 27.74 -10.72
CA ASP FA 156 113.68 27.02 -9.48
C ASP FA 156 114.10 25.58 -9.66
N PRO FA 157 115.40 25.28 -9.54
CA PRO FA 157 115.89 23.92 -9.78
C PRO FA 157 115.76 23.07 -8.52
N THR FA 158 115.01 21.98 -8.64
CA THR FA 158 114.92 21.02 -7.54
C THR FA 158 116.22 20.22 -7.45
N HIS FA 159 116.51 19.73 -6.24
CA HIS FA 159 117.73 18.97 -6.03
C HIS FA 159 117.74 17.69 -6.85
N ALA FA 160 116.61 16.99 -6.88
CA ALA FA 160 116.54 15.73 -7.64
C ALA FA 160 116.72 15.97 -9.14
N THR FA 161 116.07 17.00 -9.67
CA THR FA 161 116.23 17.33 -11.09
C THR FA 161 117.65 17.76 -11.41
N SER FA 162 118.27 18.54 -10.52
CA SER FA 162 119.65 18.96 -10.72
C SER FA 162 120.59 17.75 -10.73
N TYR FA 163 120.40 16.83 -9.79
CA TYR FA 163 121.22 15.63 -9.77
C TYR FA 163 120.99 14.79 -11.03
N GLY FA 164 119.75 14.71 -11.49
CA GLY FA 164 119.47 13.93 -12.70
C GLY FA 164 120.15 14.51 -13.92
N VAL FA 165 120.05 15.83 -14.11
CA VAL FA 165 120.68 16.44 -15.26
C VAL FA 165 122.21 16.37 -15.15
N PHE FA 166 122.73 16.49 -13.92
CA PHE FA 166 124.17 16.35 -13.73
C PHE FA 166 124.65 14.94 -14.11
N ALA FA 167 123.91 13.92 -13.68
CA ALA FA 167 124.27 12.55 -14.04
C ALA FA 167 124.16 12.33 -15.54
N ALA FA 168 123.12 12.87 -16.17
CA ALA FA 168 122.95 12.70 -17.61
C ALA FA 168 124.10 13.36 -18.36
N SER FA 169 124.51 14.56 -17.95
CA SER FA 169 125.63 15.23 -18.61
C SER FA 169 126.94 14.51 -18.35
N LEU FA 170 127.12 13.93 -17.16
CA LEU FA 170 128.34 13.21 -16.84
C LEU FA 170 128.37 11.80 -17.41
N GLY FA 171 127.26 11.31 -17.96
CA GLY FA 171 127.22 9.97 -18.52
C GLY FA 171 127.00 8.87 -17.52
N ILE FA 172 126.65 9.20 -16.28
CA ILE FA 172 126.42 8.19 -15.25
C ILE FA 172 125.19 7.35 -15.62
N GLU FA 173 125.23 6.08 -15.23
CA GLU FA 173 124.11 5.19 -15.49
C GLU FA 173 122.89 5.62 -14.70
N LEU FA 174 121.70 5.46 -15.31
CA LEU FA 174 120.47 5.91 -14.70
C LEU FA 174 120.19 5.16 -13.39
N LYS FA 175 120.28 3.82 -13.44
CA LYS FA 175 120.01 3.02 -12.25
C LYS FA 175 121.00 3.31 -11.15
N LYS FA 176 122.29 3.46 -11.51
CA LYS FA 176 123.31 3.78 -10.52
C LYS FA 176 123.05 5.14 -9.87
N ALA FA 177 122.69 6.13 -10.69
CA ALA FA 177 122.42 7.47 -10.15
C ALA FA 177 121.22 7.43 -9.20
N LEU FA 178 120.16 6.73 -9.58
CA LEU FA 178 119.01 6.60 -8.69
C LEU FA 178 119.38 5.90 -7.40
N ALA FA 179 120.16 4.82 -7.48
CA ALA FA 179 120.55 4.09 -6.28
C ALA FA 179 121.37 4.98 -5.36
N HIS FA 180 122.34 5.72 -5.92
CA HIS FA 180 123.18 6.57 -5.10
C HIS FA 180 122.37 7.70 -4.45
N TYR FA 181 121.50 8.35 -5.23
CA TYR FA 181 120.70 9.44 -4.67
C TYR FA 181 119.77 8.93 -3.57
N LEU FA 182 119.11 7.80 -3.80
CA LEU FA 182 118.22 7.24 -2.79
C LEU FA 182 118.99 6.82 -1.54
N ASP FA 183 120.16 6.22 -1.72
CA ASP FA 183 120.97 5.82 -0.57
C ASP FA 183 121.41 7.02 0.26
N ALA FA 184 121.86 8.10 -0.41
CA ALA FA 184 122.29 9.28 0.32
C ALA FA 184 121.12 9.92 1.07
N GLN FA 185 119.98 10.05 0.39
CA GLN FA 185 118.82 10.66 1.05
C GLN FA 185 118.35 9.83 2.22
N THR FA 186 118.36 8.50 2.08
CA THR FA 186 117.95 7.65 3.19
C THR FA 186 118.95 7.68 4.33
N SER FA 187 120.25 7.82 4.03
CA SER FA 187 121.23 7.97 5.09
C SER FA 187 120.97 9.25 5.88
N ASN FA 188 120.70 10.35 5.18
CA ASN FA 188 120.36 11.59 5.89
C ASN FA 188 119.08 11.42 6.70
N MET FA 189 118.09 10.73 6.14
CA MET FA 189 116.84 10.53 6.85
C MET FA 189 117.04 9.71 8.13
N VAL FA 190 117.84 8.64 8.04
CA VAL FA 190 118.03 7.79 9.22
C VAL FA 190 118.85 8.50 10.28
N ILE FA 191 119.86 9.29 9.88
CA ILE FA 191 120.62 10.02 10.89
C ILE FA 191 119.75 11.10 11.53
N ASN FA 192 118.89 11.75 10.75
CA ASN FA 192 117.96 12.71 11.33
C ASN FA 192 117.01 12.03 12.32
N CYS FA 193 116.50 10.86 11.96
CA CYS FA 193 115.59 10.15 12.85
C CYS FA 193 116.29 9.71 14.13
N VAL FA 194 117.53 9.22 14.01
CA VAL FA 194 118.27 8.79 15.19
C VAL FA 194 118.63 9.99 16.07
N LYS FA 195 118.80 11.17 15.48
CA LYS FA 195 119.06 12.35 16.29
C LYS FA 195 117.79 12.87 16.97
N SER FA 196 116.65 12.77 16.30
CA SER FA 196 115.46 13.49 16.73
C SER FA 196 114.48 12.65 17.53
N VAL FA 197 114.42 11.34 17.31
CA VAL FA 197 113.41 10.52 18.00
C VAL FA 197 113.59 10.53 19.52
N PRO FA 198 114.79 10.27 20.08
CA PRO FA 198 116.05 9.80 19.50
C PRO FA 198 116.15 8.28 19.53
N LEU FA 199 116.99 7.72 18.67
CA LEU FA 199 117.26 6.29 18.65
C LEU FA 199 118.74 6.06 18.95
N SER FA 200 119.18 4.82 18.83
CA SER FA 200 120.58 4.47 18.99
C SER FA 200 121.23 4.25 17.63
N GLN FA 201 122.55 4.40 17.60
CA GLN FA 201 123.30 4.14 16.37
C GLN FA 201 123.07 2.71 15.88
N ASN FA 202 122.87 1.78 16.80
CA ASN FA 202 122.55 0.41 16.41
C ASN FA 202 121.23 0.35 15.64
N ASP FA 203 120.21 1.05 16.13
CA ASP FA 203 118.94 1.08 15.41
C ASP FA 203 119.07 1.78 14.07
N GLY FA 204 119.86 2.85 14.02
CA GLY FA 204 120.09 3.52 12.75
C GLY FA 204 120.74 2.61 11.73
N GLN FA 205 121.77 1.87 12.15
CA GLN FA 205 122.40 0.91 11.26
C GLN FA 205 121.43 -0.20 10.86
N LYS FA 206 120.59 -0.64 11.79
CA LYS FA 206 119.63 -1.70 11.48
C LYS FA 206 118.63 -1.24 10.42
N ILE FA 207 118.09 -0.03 10.57
CA ILE FA 207 117.11 0.45 9.61
C ILE FA 207 117.78 0.78 8.28
N LEU FA 208 119.04 1.21 8.30
CA LEU FA 208 119.78 1.39 7.05
C LEU FA 208 119.97 0.06 6.33
N LEU FA 209 120.29 -0.99 7.07
CA LEU FA 209 120.56 -2.29 6.46
C LEU FA 209 119.29 -3.00 6.02
N SER FA 210 118.17 -2.76 6.70
CA SER FA 210 116.93 -3.47 6.41
C SER FA 210 116.14 -2.85 5.27
N LEU FA 211 116.62 -1.75 4.69
CA LEU FA 211 115.90 -1.08 3.60
C LEU FA 211 116.49 -1.41 2.23
N GLN FA 212 117.36 -2.41 2.14
CA GLN FA 212 118.00 -2.71 0.86
C GLN FA 212 117.02 -3.24 -0.17
N SER FA 213 116.16 -4.18 0.23
CA SER FA 213 115.15 -4.69 -0.70
C SER FA 213 114.16 -3.62 -1.15
N PRO FA 214 113.59 -2.79 -0.27
CA PRO FA 214 112.74 -1.70 -0.76
C PRO FA 214 113.46 -0.75 -1.70
N PHE FA 215 114.77 -0.56 -1.53
CA PHE FA 215 115.51 0.27 -2.47
C PHE FA 215 115.46 -0.32 -3.88
N ASN FA 216 115.72 -1.63 -3.99
CA ASN FA 216 115.66 -2.28 -5.29
C ASN FA 216 114.26 -2.23 -5.87
N GLN FA 217 113.24 -2.44 -5.02
CA GLN FA 217 111.86 -2.40 -5.50
C GLN FA 217 111.49 -1.00 -6.01
N LEU FA 218 111.91 0.05 -5.30
CA LEU FA 218 111.63 1.41 -5.73
C LEU FA 218 112.35 1.72 -7.04
N ILE FA 219 113.60 1.27 -7.18
CA ILE FA 219 114.32 1.49 -8.44
C ILE FA 219 113.62 0.77 -9.58
N GLU FA 220 113.15 -0.45 -9.34
CA GLU FA 220 112.42 -1.19 -10.37
C GLU FA 220 111.12 -0.47 -10.74
N LYS FA 221 110.42 0.08 -9.75
CA LYS FA 221 109.20 0.83 -10.04
C LYS FA 221 109.49 2.07 -10.86
N THR FA 222 110.55 2.80 -10.51
CA THR FA 222 110.92 3.98 -11.29
C THR FA 222 111.35 3.59 -12.70
N LEU FA 223 111.91 2.38 -12.86
CA LEU FA 223 112.29 1.91 -14.19
C LEU FA 223 111.10 1.72 -15.12
N GLU FA 224 109.88 1.66 -14.58
CA GLU FA 224 108.68 1.53 -15.40
C GLU FA 224 107.69 2.66 -15.22
N LEU FA 225 107.97 3.64 -14.36
CA LEU FA 225 107.08 4.77 -14.18
C LEU FA 225 107.11 5.68 -15.41
N ASP FA 226 106.33 6.75 -15.35
CA ASP FA 226 106.22 7.69 -16.48
C ASP FA 226 105.88 9.06 -15.92
N GLU FA 227 105.79 10.04 -16.83
CA GLU FA 227 105.54 11.42 -16.44
C GLU FA 227 104.12 11.64 -15.94
N SER FA 228 103.19 10.72 -16.24
CA SER FA 228 101.82 10.89 -15.79
C SER FA 228 101.72 10.83 -14.27
N HIS FA 229 102.64 10.14 -13.61
CA HIS FA 229 102.64 9.98 -12.16
C HIS FA 229 103.48 11.04 -11.46
N LEU FA 230 104.02 12.01 -12.20
CA LEU FA 230 104.90 13.00 -11.61
C LEU FA 230 104.17 13.81 -10.55
N CYS FA 231 104.82 13.97 -9.39
CA CYS FA 231 104.29 14.75 -8.27
C CYS FA 231 102.92 14.24 -7.84
N THR FA 232 102.80 12.93 -7.70
CA THR FA 232 101.58 12.35 -7.17
C THR FA 232 101.34 12.87 -5.76
N ALA FA 233 100.12 13.34 -5.51
CA ALA FA 233 99.81 14.06 -4.29
C ALA FA 233 99.79 13.12 -3.10
N SER FA 234 100.82 13.19 -2.26
CA SER FA 234 100.76 12.57 -0.94
C SER FA 234 99.89 13.43 -0.02
N VAL FA 235 99.24 12.78 0.94
CA VAL FA 235 98.24 13.47 1.74
C VAL FA 235 98.75 13.75 3.14
N GLN FA 236 99.01 12.69 3.92
CA GLN FA 236 99.42 12.88 5.30
C GLN FA 236 100.81 13.49 5.39
N ASN FA 237 101.70 13.12 4.47
CA ASN FA 237 103.03 13.71 4.45
C ASN FA 237 102.95 15.22 4.22
N ASP FA 238 102.14 15.64 3.26
CA ASP FA 238 101.99 17.06 2.99
C ASP FA 238 101.32 17.78 4.15
N ILE FA 239 100.33 17.14 4.78
CA ILE FA 239 99.66 17.75 5.92
C ILE FA 239 100.64 17.96 7.06
N LYS FA 240 101.48 16.97 7.34
CA LYS FA 240 102.49 17.11 8.39
C LYS FA 240 103.53 18.16 8.03
N ALA FA 241 103.93 18.21 6.76
CA ALA FA 241 104.89 19.23 6.34
C ALA FA 241 104.33 20.64 6.52
N MET FA 242 103.04 20.81 6.23
CA MET FA 242 102.43 22.13 6.41
C MET FA 242 102.18 22.44 7.88
N GLN FA 243 101.93 21.42 8.70
CA GLN FA 243 101.80 21.63 10.14
C GLN FA 243 103.14 21.91 10.79
N HIS FA 244 104.23 21.56 10.13
CA HIS FA 244 105.56 21.90 10.63
C HIS FA 244 105.71 23.40 10.86
N GLU FA 245 105.06 24.21 10.02
CA GLU FA 245 105.08 25.66 10.24
C GLU FA 245 104.39 26.03 11.53
N SER FA 246 103.27 25.37 11.84
CA SER FA 246 102.53 25.65 13.07
C SER FA 246 103.09 24.93 14.28
N LEU FA 247 104.14 24.13 14.11
CA LEU FA 247 104.78 23.48 15.25
C LEU FA 247 105.30 24.52 16.24
N TYR FA 248 105.30 24.14 17.52
CA TYR FA 248 105.73 25.05 18.57
C TYR FA 248 107.19 25.46 18.40
N SER FA 249 108.09 24.50 18.50
CA SER FA 249 109.52 24.74 18.31
C SER FA 249 110.01 23.85 17.17
N ARG FA 250 110.70 24.46 16.21
CA ARG FA 250 111.16 23.78 15.01
C ARG FA 250 112.67 23.58 15.11
N LEU FA 251 113.09 22.35 15.38
CA LEU FA 251 114.50 22.01 15.39
C LEU FA 251 115.03 21.71 13.99
N TYR FA 252 114.16 21.66 12.99
CA TYR FA 252 114.55 21.42 11.61
C TYR FA 252 114.01 22.54 10.73
N MET FA 253 114.74 22.82 9.65
CA MET FA 253 114.36 23.92 8.77
C MET FA 253 113.02 23.65 8.10
N SER FA 254 112.78 22.43 7.65
CA SER FA 254 111.53 22.09 6.99
C SER FA 254 110.92 20.81 7.56
N MET GA 1 49.71 29.36 -20.12
CA MET GA 1 49.02 30.52 -20.68
C MET GA 1 47.51 30.35 -20.57
N LYS GA 2 46.99 30.46 -19.35
CA LYS GA 2 45.59 30.17 -19.10
C LYS GA 2 44.69 30.95 -20.03
N LEU GA 3 44.01 30.25 -20.94
CA LEU GA 3 43.20 30.88 -21.97
C LEU GA 3 41.74 30.78 -21.59
N THR GA 4 41.06 31.88 -21.62
CA THR GA 4 39.64 31.90 -21.33
C THR GA 4 38.83 31.63 -22.59
N PRO GA 5 37.58 31.19 -22.45
CA PRO GA 5 36.74 30.97 -23.64
C PRO GA 5 36.61 32.21 -24.51
N LYS GA 6 36.58 33.39 -23.89
CA LYS GA 6 36.57 34.63 -24.66
C LYS GA 6 37.82 34.74 -25.52
N GLU GA 7 38.98 34.41 -24.96
CA GLU GA 7 40.22 34.46 -25.72
C GLU GA 7 40.21 33.46 -26.87
N LEU GA 8 39.66 32.27 -26.64
CA LEU GA 8 39.58 31.29 -27.72
C LEU GA 8 38.68 31.79 -28.85
N ASP GA 9 37.54 32.39 -28.49
CA ASP GA 9 36.66 32.96 -29.50
C ASP GA 9 37.35 34.07 -30.28
N LYS GA 10 38.06 34.95 -29.58
CA LYS GA 10 38.76 36.03 -30.27
C LYS GA 10 39.86 35.50 -31.17
N LEU GA 11 40.53 34.42 -30.78
CA LEU GA 11 41.53 33.82 -31.65
C LEU GA 11 40.90 33.28 -32.93
N MET GA 12 39.76 32.61 -32.81
CA MET GA 12 39.05 32.16 -34.00
C MET GA 12 38.66 33.34 -34.88
N LEU GA 13 38.16 34.41 -34.29
CA LEU GA 13 37.78 35.58 -35.06
C LEU GA 13 38.98 36.20 -35.75
N HIS GA 14 40.11 36.27 -35.07
CA HIS GA 14 41.31 36.84 -35.67
C HIS GA 14 41.76 36.04 -36.86
N TYR GA 15 41.69 34.72 -36.78
CA TYR GA 15 42.14 33.94 -37.92
C TYR GA 15 41.13 33.92 -39.06
N ALA GA 16 39.84 34.07 -38.75
CA ALA GA 16 38.87 34.34 -39.81
C ALA GA 16 39.20 35.64 -40.52
N GLY GA 17 39.56 36.68 -39.76
CA GLY GA 17 39.97 37.93 -40.38
C GLY GA 17 41.24 37.79 -41.20
N GLU GA 18 42.17 36.96 -40.74
CA GLU GA 18 43.39 36.71 -41.50
C GLU GA 18 43.08 36.02 -42.83
N LEU GA 19 42.17 35.06 -42.80
CA LEU GA 19 41.76 34.41 -44.05
C LEU GA 19 41.10 35.41 -44.99
N ALA GA 20 40.26 36.29 -44.46
CA ALA GA 20 39.64 37.33 -45.28
C ALA GA 20 40.69 38.24 -45.89
N LYS GA 21 41.71 38.61 -45.11
CA LYS GA 21 42.77 39.47 -45.62
C LYS GA 21 43.56 38.78 -46.72
N LYS GA 22 43.85 37.49 -46.55
CA LYS GA 22 44.57 36.76 -47.60
C LYS GA 22 43.75 36.68 -48.87
N ARG GA 23 42.45 36.45 -48.75
CA ARG GA 23 41.60 36.43 -49.95
C ARG GA 23 41.57 37.79 -50.63
N LYS GA 24 41.49 38.86 -49.83
CA LYS GA 24 41.51 40.19 -50.40
C LYS GA 24 42.82 40.47 -51.13
N GLU GA 25 43.94 40.00 -50.58
CA GLU GA 25 45.21 40.14 -51.27
C GLU GA 25 45.23 39.35 -52.57
N LYS GA 26 44.67 38.14 -52.55
CA LYS GA 26 44.54 37.37 -53.78
C LYS GA 26 43.64 38.05 -54.80
N GLY GA 27 42.77 38.95 -54.35
CA GLY GA 27 41.90 39.66 -55.26
C GLY GA 27 40.48 39.18 -55.29
N ILE GA 28 40.11 38.24 -54.42
CA ILE GA 28 38.74 37.77 -54.33
C ILE GA 28 37.89 38.85 -53.67
N LYS GA 29 36.75 39.16 -54.26
CA LYS GA 29 35.82 40.10 -53.64
C LYS GA 29 35.22 39.46 -52.39
N LEU GA 30 35.34 40.16 -51.27
CA LEU GA 30 34.93 39.59 -50.00
C LEU GA 30 33.42 39.53 -49.89
N ASN GA 31 32.93 38.49 -49.22
CA ASN GA 31 31.51 38.37 -48.93
C ASN GA 31 31.22 38.98 -47.56
N TYR GA 32 30.01 38.73 -47.06
CA TYR GA 32 29.57 39.35 -45.82
C TYR GA 32 30.44 38.90 -44.65
N VAL GA 33 30.62 37.59 -44.51
CA VAL GA 33 31.37 37.05 -43.38
C VAL GA 33 32.82 37.52 -43.43
N GLU GA 34 33.42 37.47 -44.61
CA GLU GA 34 34.81 37.89 -44.75
C GLU GA 34 34.98 39.36 -44.42
N ALA GA 35 34.06 40.21 -44.89
CA ALA GA 35 34.16 41.64 -44.60
C ALA GA 35 34.06 41.92 -43.11
N VAL GA 36 33.08 41.30 -42.44
CA VAL GA 36 32.90 41.53 -41.02
C VAL GA 36 34.13 41.05 -40.25
N ALA GA 37 34.63 39.86 -40.59
CA ALA GA 37 35.80 39.33 -39.91
C ALA GA 37 37.02 40.21 -40.13
N LEU GA 38 37.20 40.71 -41.36
CA LEU GA 38 38.34 41.56 -41.65
C LEU GA 38 38.32 42.82 -40.81
N ILE GA 39 37.18 43.49 -40.76
CA ILE GA 39 37.09 44.73 -39.98
C ILE GA 39 37.34 44.45 -38.50
N SER GA 40 36.70 43.39 -37.98
CA SER GA 40 36.84 43.09 -36.55
C SER GA 40 38.28 42.75 -36.20
N ALA GA 41 38.93 41.92 -37.00
CA ALA GA 41 40.30 41.54 -36.71
C ALA GA 41 41.24 42.73 -36.80
N HIS GA 42 41.03 43.61 -37.77
CA HIS GA 42 41.87 44.79 -37.87
C HIS GA 42 41.72 45.68 -36.64
N ILE GA 43 40.48 45.88 -36.18
CA ILE GA 43 40.28 46.70 -34.99
C ILE GA 43 40.98 46.07 -33.79
N MET GA 44 40.84 44.76 -33.62
CA MET GA 44 41.47 44.09 -32.49
C MET GA 44 42.99 44.25 -32.53
N GLU GA 45 43.59 44.09 -33.70
CA GLU GA 45 45.04 44.22 -33.80
C GLU GA 45 45.49 45.65 -33.49
N GLU GA 46 44.75 46.65 -33.98
CA GLU GA 46 45.11 48.03 -33.68
C GLU GA 46 45.02 48.31 -32.19
N ALA GA 47 43.95 47.83 -31.55
CA ALA GA 47 43.82 48.05 -30.11
C ALA GA 47 44.95 47.38 -29.35
N ARG GA 48 45.32 46.17 -29.75
CA ARG GA 48 46.45 45.51 -29.10
C ARG GA 48 47.74 46.30 -29.28
N ALA GA 49 47.94 46.87 -30.48
CA ALA GA 49 49.09 47.73 -30.70
C ALA GA 49 49.08 48.90 -29.72
N GLY GA 50 47.90 49.46 -29.47
CA GLY GA 50 47.76 50.43 -28.40
C GLY GA 50 48.23 51.84 -28.72
N LYS GA 51 48.44 52.17 -29.99
CA LYS GA 51 48.80 53.53 -30.36
C LYS GA 51 47.59 54.39 -30.69
N LYS GA 52 46.39 53.80 -30.73
CA LYS GA 52 45.18 54.51 -31.12
C LYS GA 52 44.15 54.46 -30.01
N THR GA 53 43.25 55.42 -30.03
CA THR GA 53 42.13 55.44 -29.11
C THR GA 53 40.92 54.77 -29.75
N ALA GA 54 39.88 54.57 -28.94
CA ALA GA 54 38.66 53.97 -29.45
C ALA GA 54 38.02 54.83 -30.54
N ALA GA 55 38.08 56.15 -30.38
CA ALA GA 55 37.55 57.04 -31.41
C ALA GA 55 38.35 56.92 -32.71
N GLU GA 56 39.68 56.87 -32.60
CA GLU GA 56 40.51 56.69 -33.78
C GLU GA 56 40.19 55.37 -34.47
N LEU GA 57 39.97 54.32 -33.69
CA LEU GA 57 39.65 53.02 -34.29
C LEU GA 57 38.28 53.05 -34.95
N MET GA 58 37.32 53.73 -34.34
CA MET GA 58 36.01 53.86 -34.96
C MET GA 58 36.11 54.57 -36.30
N GLN GA 59 36.95 55.61 -36.37
CA GLN GA 59 37.18 56.28 -37.64
C GLN GA 59 37.88 55.36 -38.64
N GLU GA 60 38.90 54.62 -38.18
CA GLU GA 60 39.73 53.86 -39.10
C GLU GA 60 39.02 52.63 -39.65
N GLY GA 61 38.09 52.06 -38.88
CA GLY GA 61 37.37 50.89 -39.36
C GLY GA 61 36.58 51.13 -40.63
N ARG GA 62 36.21 52.37 -40.89
CA ARG GA 62 35.42 52.71 -42.08
C ARG GA 62 36.27 52.88 -43.33
N THR GA 63 37.58 52.82 -43.23
CA THR GA 63 38.46 53.01 -44.37
C THR GA 63 39.10 51.71 -44.85
N LEU GA 64 38.78 50.58 -44.22
CA LEU GA 64 39.48 49.34 -44.55
C LEU GA 64 39.03 48.78 -45.89
N LEU GA 65 37.74 48.80 -46.17
CA LEU GA 65 37.17 48.15 -47.34
C LEU GA 65 36.58 49.19 -48.27
N LYS GA 66 37.06 49.19 -49.51
CA LYS GA 66 36.47 50.00 -50.56
C LYS GA 66 35.24 49.30 -51.11
N PRO GA 67 34.34 50.05 -51.76
CA PRO GA 67 33.14 49.41 -52.32
C PRO GA 67 33.45 48.34 -53.34
N ASP GA 68 34.58 48.44 -54.04
CA ASP GA 68 34.95 47.45 -55.04
C ASP GA 68 35.65 46.23 -54.47
N ASP GA 69 35.91 46.21 -53.16
CA ASP GA 69 36.56 45.07 -52.53
C ASP GA 69 35.59 44.01 -52.04
N VAL GA 70 34.28 44.25 -52.13
CA VAL GA 70 33.28 43.33 -51.60
C VAL GA 70 32.28 43.00 -52.68
N MET GA 71 31.58 41.88 -52.48
CA MET GA 71 30.54 41.47 -53.40
C MET GA 71 29.34 42.41 -53.31
N ASP GA 72 28.46 42.33 -54.30
CA ASP GA 72 27.27 43.16 -54.31
C ASP GA 72 26.32 42.73 -53.20
N GLY GA 73 25.86 43.69 -52.41
CA GLY GA 73 24.97 43.45 -51.31
C GLY GA 73 25.63 43.42 -49.95
N VAL GA 74 26.95 43.23 -49.90
CA VAL GA 74 27.65 43.16 -48.62
C VAL GA 74 27.54 44.48 -47.87
N ALA GA 75 27.71 45.60 -48.58
CA ALA GA 75 27.66 46.89 -47.93
C ALA GA 75 26.26 47.17 -47.38
N SER GA 76 25.23 46.77 -48.11
CA SER GA 76 23.87 46.91 -47.61
C SER GA 76 23.65 46.03 -46.38
N MET GA 77 24.20 44.82 -46.39
CA MET GA 77 23.97 43.90 -45.28
C MET GA 77 24.69 44.34 -44.02
N ILE GA 78 25.85 44.96 -44.15
CA ILE GA 78 26.66 45.34 -42.99
C ILE GA 78 26.24 46.74 -42.56
N HIS GA 79 25.56 46.85 -41.43
CA HIS GA 79 25.16 48.14 -40.90
C HIS GA 79 26.16 48.68 -39.90
N GLU GA 80 26.57 47.84 -38.96
CA GLU GA 80 27.62 48.22 -38.03
C GLU GA 80 28.33 46.96 -37.54
N VAL GA 81 29.62 47.11 -37.27
CA VAL GA 81 30.45 46.04 -36.74
C VAL GA 81 30.89 46.46 -35.36
N GLY GA 82 30.48 45.70 -34.35
CA GLY GA 82 30.93 45.90 -32.99
C GLY GA 82 31.98 44.87 -32.64
N ILE GA 83 32.96 45.29 -31.85
CA ILE GA 83 34.01 44.39 -31.41
C ILE GA 83 34.56 44.88 -30.09
N GLU GA 84 34.66 43.98 -29.12
CA GLU GA 84 35.23 44.32 -27.82
C GLU GA 84 36.73 44.07 -27.89
N ALA GA 85 37.51 45.13 -27.82
CA ALA GA 85 38.95 45.06 -27.97
C ALA GA 85 39.63 45.46 -26.67
N MET GA 86 40.71 44.76 -26.34
CA MET GA 86 41.45 45.01 -25.12
C MET GA 86 42.48 46.10 -25.37
N PHE GA 87 42.22 47.30 -24.85
CA PHE GA 87 43.12 48.43 -24.95
C PHE GA 87 44.08 48.42 -23.79
N PRO GA 88 45.08 49.30 -23.79
CA PRO GA 88 45.93 49.43 -22.60
C PRO GA 88 45.16 49.83 -21.35
N ASP GA 89 43.99 50.43 -21.50
CA ASP GA 89 43.15 50.81 -20.37
C ASP GA 89 41.91 49.93 -20.28
N GLY GA 90 42.04 48.66 -20.64
CA GLY GA 90 40.97 47.70 -20.45
C GLY GA 90 40.21 47.42 -21.73
N THR GA 91 39.15 46.63 -21.57
CA THR GA 91 38.33 46.23 -22.70
C THR GA 91 37.30 47.30 -23.01
N LYS GA 92 37.25 47.71 -24.28
CA LYS GA 92 36.30 48.71 -24.73
C LYS GA 92 35.60 48.21 -25.99
N LEU GA 93 34.35 48.60 -26.14
CA LEU GA 93 33.56 48.22 -27.31
C LEU GA 93 33.75 49.26 -28.40
N VAL GA 94 34.37 48.85 -29.50
CA VAL GA 94 34.54 49.70 -30.68
C VAL GA 94 33.43 49.35 -31.65
N THR GA 95 32.65 50.35 -32.04
CA THR GA 95 31.57 50.18 -33.00
C THR GA 95 31.87 51.00 -34.25
N VAL GA 96 31.87 50.33 -35.40
CA VAL GA 96 32.08 50.99 -36.68
C VAL GA 96 30.75 50.96 -37.42
N HIS GA 97 30.22 52.12 -37.75
CA HIS GA 97 28.94 52.22 -38.43
CA HIS GA 97 28.94 52.22 -38.43
C HIS GA 97 29.16 52.43 -39.93
N THR GA 98 28.38 51.72 -40.73
CA THR GA 98 28.45 51.72 -42.19
C THR GA 98 29.90 51.67 -42.68
N PRO GA 99 30.64 50.61 -42.37
CA PRO GA 99 32.05 50.56 -42.75
C PRO GA 99 32.29 50.54 -44.26
N ILE GA 100 31.31 50.12 -45.06
CA ILE GA 100 31.47 50.04 -46.51
C ILE GA 100 30.34 50.84 -47.16
N GLU GA 101 30.69 51.64 -48.15
CA GLU GA 101 29.70 52.41 -48.89
C GLU GA 101 28.89 51.49 -49.79
N ALA GA 102 27.58 51.67 -49.80
CA ALA GA 102 26.71 50.82 -50.59
C ALA GA 102 26.84 51.15 -52.07
N ASN GA 103 27.00 50.10 -52.89
CA ASN GA 103 27.06 50.29 -54.33
C ASN GA 103 25.67 50.53 -54.92
N GLY GA 104 24.64 49.95 -54.33
CA GLY GA 104 23.27 50.13 -54.79
C GLY GA 104 22.79 49.13 -55.81
N LYS GA 105 23.68 48.26 -56.32
CA LYS GA 105 23.26 47.28 -57.32
C LYS GA 105 22.25 46.30 -56.74
N LEU GA 106 22.65 45.53 -55.75
CA LEU GA 106 21.81 44.51 -55.15
C LEU GA 106 21.66 44.80 -53.66
N VAL GA 107 20.42 44.83 -53.20
CA VAL GA 107 20.11 45.05 -51.78
C VAL GA 107 19.35 43.83 -51.27
N PRO GA 108 20.02 42.91 -50.58
CA PRO GA 108 19.32 41.76 -50.02
C PRO GA 108 18.27 42.20 -49.01
N GLY GA 109 17.09 41.57 -49.09
CA GLY GA 109 16.03 41.87 -48.15
C GLY GA 109 15.52 43.29 -48.22
N GLU GA 110 15.63 43.93 -49.38
CA GLU GA 110 15.21 45.32 -49.50
C GLU GA 110 13.69 45.42 -49.53
N LEU GA 111 13.18 46.55 -49.05
CA LEU GA 111 11.75 46.81 -48.98
C LEU GA 111 11.32 47.57 -50.22
N PHE GA 112 10.15 47.20 -50.74
CA PHE GA 112 9.51 47.93 -51.84
C PHE GA 112 8.20 48.48 -51.28
N LEU GA 113 8.29 49.66 -50.70
CA LEU GA 113 7.16 50.25 -50.00
C LEU GA 113 6.22 50.96 -50.96
N LYS GA 114 4.94 51.00 -50.57
CA LYS GA 114 3.99 51.84 -51.27
C LYS GA 114 4.27 53.30 -50.97
N ASN GA 115 3.87 54.17 -51.89
CA ASN GA 115 3.99 55.61 -51.66
C ASN GA 115 2.71 56.19 -51.08
N GLU GA 116 2.24 55.60 -49.99
CA GLU GA 116 1.02 56.03 -49.33
C GLU GA 116 1.26 56.08 -47.83
N ASP GA 117 0.83 57.16 -47.19
CA ASP GA 117 1.08 57.34 -45.77
C ASP GA 117 0.13 56.50 -44.93
N ILE GA 118 0.62 56.11 -43.76
CA ILE GA 118 -0.17 55.32 -42.81
C ILE GA 118 -0.89 56.29 -41.88
N THR GA 119 -2.20 56.15 -41.77
CA THR GA 119 -2.99 56.98 -40.88
C THR GA 119 -3.17 56.24 -39.56
N ILE GA 120 -2.54 56.74 -38.51
CA ILE GA 120 -2.60 56.10 -37.20
C ILE GA 120 -3.72 56.73 -36.40
N ASN GA 121 -4.25 55.97 -35.44
CA ASN GA 121 -5.32 56.42 -34.55
C ASN GA 121 -6.50 56.97 -35.34
N GLU GA 122 -6.83 56.27 -36.43
CA GLU GA 122 -7.93 56.70 -37.28
C GLU GA 122 -9.25 56.63 -36.52
N GLY GA 123 -10.10 57.64 -36.73
CA GLY GA 123 -11.36 57.73 -36.04
C GLY GA 123 -11.30 58.32 -34.65
N LYS GA 124 -10.13 58.77 -34.21
CA LYS GA 124 -9.97 59.38 -32.91
C LYS GA 124 -9.65 60.87 -33.08
N LYS GA 125 -10.45 61.72 -32.45
CA LYS GA 125 -10.25 63.15 -32.55
C LYS GA 125 -9.27 63.61 -31.48
N ALA GA 126 -8.33 64.46 -31.88
CA ALA GA 126 -7.26 64.91 -31.01
C ALA GA 126 -7.54 66.32 -30.52
N VAL GA 127 -7.34 66.55 -29.23
CA VAL GA 127 -7.40 67.87 -28.65
C VAL GA 127 -5.99 68.37 -28.43
N SER GA 128 -5.82 69.69 -28.39
CA SER GA 128 -4.51 70.31 -28.25
C SER GA 128 -4.37 70.88 -26.84
N VAL GA 129 -3.24 70.62 -26.22
CA VAL GA 129 -2.97 71.06 -24.85
C VAL GA 129 -1.57 71.68 -24.81
N LYS GA 130 -1.45 72.81 -24.14
CA LYS GA 130 -0.16 73.46 -23.95
C LYS GA 130 0.48 72.99 -22.66
N VAL GA 131 1.71 72.50 -22.74
CA VAL GA 131 2.41 71.92 -21.61
C VAL GA 131 3.72 72.67 -21.41
N LYS GA 132 3.97 73.10 -20.17
CA LYS GA 132 5.22 73.74 -19.80
C LYS GA 132 5.97 72.87 -18.81
N ASN GA 133 7.26 72.69 -19.03
CA ASN GA 133 8.12 71.95 -18.13
C ASN GA 133 8.73 72.97 -17.17
N VAL GA 134 8.18 73.06 -15.96
CA VAL GA 134 8.71 73.98 -14.96
C VAL GA 134 9.78 73.33 -14.09
N GLY GA 135 10.13 72.07 -14.35
CA GLY GA 135 11.21 71.42 -13.66
C GLY GA 135 12.55 71.78 -14.25
N ASP GA 136 13.59 71.17 -13.69
CA ASP GA 136 14.96 71.44 -14.10
C ASP GA 136 15.53 70.40 -15.05
N ARG GA 137 14.77 69.36 -15.39
CA ARG GA 137 15.25 68.31 -16.25
C ARG GA 137 14.26 68.05 -17.38
N PRO GA 138 14.75 67.62 -18.53
CA PRO GA 138 13.83 67.25 -19.61
C PRO GA 138 13.01 66.03 -19.25
N VAL GA 139 11.81 65.96 -19.82
CA VAL GA 139 10.86 64.90 -19.53
C VAL GA 139 10.40 64.29 -20.84
N GLN GA 140 10.52 62.97 -20.96
CA GLN GA 140 10.07 62.26 -22.16
C GLN GA 140 8.82 61.47 -21.83
N ILE GA 141 7.78 61.65 -22.64
CA ILE GA 141 6.50 60.97 -22.45
C ILE GA 141 6.27 60.04 -23.63
N GLY GA 142 5.96 58.79 -23.33
CA GLY GA 142 5.68 57.82 -24.37
C GLY GA 142 4.31 57.98 -24.98
N SER GA 143 4.12 57.29 -26.10
CA SER GA 143 2.88 57.43 -26.85
C SER GA 143 1.67 56.91 -26.07
N HIS GA 144 1.88 55.96 -25.17
CA HIS GA 144 0.76 55.31 -24.49
C HIS GA 144 0.71 55.60 -23.00
N PHE GA 145 1.54 56.53 -22.52
CA PHE GA 145 1.42 56.95 -21.13
C PHE GA 145 0.15 57.77 -20.95
N HIS GA 146 -0.57 57.49 -19.87
CA HIS GA 146 -1.76 58.27 -19.53
C HIS GA 146 -1.32 59.68 -19.19
N PHE GA 147 -1.62 60.64 -20.08
CA PHE GA 147 -1.01 61.95 -19.96
C PHE GA 147 -1.43 62.69 -18.71
N PHE GA 148 -2.58 62.33 -18.12
CA PHE GA 148 -3.02 62.98 -16.89
C PHE GA 148 -2.02 62.78 -15.75
N GLU GA 149 -1.28 61.67 -15.77
CA GLU GA 149 -0.43 61.28 -14.64
C GLU GA 149 1.05 61.48 -14.90
N VAL GA 150 1.41 62.33 -15.86
CA VAL GA 150 2.82 62.56 -16.18
C VAL GA 150 3.50 63.29 -15.03
N ASN GA 151 4.82 63.40 -15.10
CA ASN GA 151 5.63 64.10 -14.11
C ASN GA 151 4.94 65.36 -13.60
N ARG GA 152 4.90 65.50 -12.28
CA ARG GA 152 4.22 66.64 -11.68
C ARG GA 152 4.92 67.96 -11.95
N CYS GA 153 6.14 67.93 -12.47
CA CYS GA 153 6.81 69.17 -12.87
C CYS GA 153 6.30 69.70 -14.20
N LEU GA 154 5.51 68.93 -14.95
CA LEU GA 154 4.86 69.43 -16.13
C LEU GA 154 3.60 70.17 -15.75
N ASP GA 155 3.41 71.36 -16.31
CA ASP GA 155 2.28 72.22 -15.98
C ASP GA 155 1.36 72.33 -17.18
N PHE GA 156 0.11 71.90 -17.00
CA PHE GA 156 -0.91 71.96 -18.04
C PHE GA 156 -2.25 71.70 -17.38
N ASP GA 157 -3.32 71.92 -18.14
CA ASP GA 157 -4.67 71.69 -17.64
C ASP GA 157 -4.94 70.20 -17.61
N ARG GA 158 -4.71 69.57 -16.45
CA ARG GA 158 -4.84 68.13 -16.34
C ARG GA 158 -6.28 67.66 -16.56
N GLU GA 159 -7.24 68.49 -16.19
CA GLU GA 159 -8.65 68.13 -16.38
C GLU GA 159 -8.94 67.87 -17.85
N LYS GA 160 -8.32 68.63 -18.74
CA LYS GA 160 -8.53 68.42 -20.17
C LYS GA 160 -7.94 67.09 -20.63
N THR GA 161 -6.87 66.64 -19.99
CA THR GA 161 -6.11 65.49 -20.44
C THR GA 161 -6.43 64.20 -19.71
N PHE GA 162 -7.35 64.22 -18.76
CA PHE GA 162 -7.75 62.98 -18.11
C PHE GA 162 -8.30 61.99 -19.14
N GLY GA 163 -7.82 60.75 -19.07
CA GLY GA 163 -8.27 59.71 -19.98
C GLY GA 163 -7.66 59.73 -21.35
N LYS GA 164 -6.58 60.49 -21.55
CA LYS GA 164 -6.02 60.69 -22.88
C LYS GA 164 -4.55 60.32 -22.90
N ARG GA 165 -4.04 60.14 -24.11
CA ARG GA 165 -2.65 59.82 -24.36
C ARG GA 165 -2.19 60.62 -25.57
N LEU GA 166 -0.87 60.64 -25.78
CA LEU GA 166 -0.31 61.40 -26.88
C LEU GA 166 -0.70 60.78 -28.21
N ASP GA 167 -0.99 61.63 -29.20
CA ASP GA 167 -1.38 61.17 -30.53
C ASP GA 167 -0.14 61.17 -31.43
N ILE GA 168 0.75 60.22 -31.13
CA ILE GA 168 1.97 60.03 -31.88
C ILE GA 168 2.11 58.55 -32.23
N ALA GA 169 3.08 58.25 -33.08
CA ALA GA 169 3.35 56.86 -33.43
C ALA GA 169 3.71 56.07 -32.19
N SER GA 170 3.07 54.91 -32.01
CA SER GA 170 3.32 54.11 -30.83
C SER GA 170 4.78 53.69 -30.76
N GLY GA 171 5.37 53.82 -29.59
CA GLY GA 171 6.78 53.56 -29.40
C GLY GA 171 7.66 54.79 -29.49
N THR GA 172 7.14 55.90 -30.01
CA THR GA 172 7.86 57.15 -30.01
C THR GA 172 7.54 57.94 -28.76
N ALA GA 173 8.30 59.01 -28.53
CA ALA GA 173 8.14 59.81 -27.33
C ALA GA 173 8.25 61.28 -27.67
N VAL GA 174 7.67 62.10 -26.82
CA VAL GA 174 7.72 63.56 -26.92
C VAL GA 174 8.57 64.07 -25.76
N ARG GA 175 9.53 64.94 -26.07
CA ARG GA 175 10.44 65.48 -25.08
C ARG GA 175 10.08 66.93 -24.78
N PHE GA 176 9.95 67.25 -23.50
CA PHE GA 176 9.73 68.60 -23.01
C PHE GA 176 11.00 69.04 -22.29
N GLU GA 177 11.69 70.01 -22.86
CA GLU GA 177 12.88 70.56 -22.23
C GLU GA 177 12.49 71.48 -21.08
N PRO GA 178 13.36 71.64 -20.08
CA PRO GA 178 13.03 72.51 -18.95
C PRO GA 178 12.76 73.93 -19.42
N GLY GA 179 11.72 74.54 -18.85
CA GLY GA 179 11.34 75.89 -19.23
C GLY GA 179 10.60 75.97 -20.54
N GLU GA 180 10.76 74.97 -21.39
CA GLU GA 180 10.15 74.98 -22.72
C GLU GA 180 8.66 74.70 -22.61
N GLU GA 181 7.88 75.39 -23.44
CA GLU GA 181 6.45 75.18 -23.54
C GLU GA 181 6.12 74.62 -24.91
N LYS GA 182 5.40 73.51 -24.93
CA LYS GA 182 5.01 72.84 -26.17
C LYS GA 182 3.51 72.64 -26.20
N SER GA 183 2.97 72.47 -27.40
CA SER GA 183 1.59 72.09 -27.60
C SER GA 183 1.56 70.66 -28.11
N VAL GA 184 0.76 69.81 -27.46
CA VAL GA 184 0.67 68.41 -27.81
C VAL GA 184 -0.77 68.07 -28.17
N GLU GA 185 -0.93 67.00 -28.95
CA GLU GA 185 -2.24 66.50 -29.34
C GLU GA 185 -2.54 65.24 -28.56
N LEU GA 186 -3.74 65.16 -27.99
CA LEU GA 186 -4.12 64.05 -27.14
C LEU GA 186 -5.39 63.39 -27.66
N ILE GA 187 -5.41 62.06 -27.61
CA ILE GA 187 -6.55 61.27 -28.05
C ILE GA 187 -6.99 60.38 -26.91
N ASP GA 188 -8.25 59.99 -26.93
CA ASP GA 188 -8.80 59.16 -25.86
C ASP GA 188 -8.09 57.82 -25.81
N ILE GA 189 -7.86 57.32 -24.59
CA ILE GA 189 -7.36 55.96 -24.42
C ILE GA 189 -8.46 54.99 -24.81
N GLY GA 190 -8.10 53.99 -25.61
CA GLY GA 190 -9.06 53.05 -26.14
C GLY GA 190 -9.30 51.85 -25.24
N GLY GA 191 -9.96 50.85 -25.79
CA GLY GA 191 -10.22 49.63 -25.05
C GLY GA 191 -11.19 49.84 -23.91
N ASN GA 192 -10.95 49.12 -22.83
CA ASN GA 192 -11.78 49.23 -21.64
C ASN GA 192 -11.61 50.55 -20.90
N ARG GA 193 -10.57 51.32 -21.23
CA ARG GA 193 -10.29 52.59 -20.56
C ARG GA 193 -10.12 52.41 -19.06
N ARG GA 194 -9.46 51.33 -18.67
CA ARG GA 194 -9.13 51.07 -17.27
C ARG GA 194 -7.68 51.48 -17.07
N ILE GA 195 -7.47 52.52 -16.26
CA ILE GA 195 -6.12 53.04 -16.00
C ILE GA 195 -5.62 52.40 -14.72
N PHE GA 196 -4.53 51.65 -14.83
CA PHE GA 196 -3.90 51.03 -13.67
C PHE GA 196 -2.41 51.31 -13.73
N GLY GA 197 -1.80 51.47 -12.56
CA GLY GA 197 -0.39 51.80 -12.52
C GLY GA 197 -0.15 53.28 -12.71
N PHE GA 198 0.86 53.63 -13.51
CA PHE GA 198 1.26 55.02 -13.74
C PHE GA 198 1.59 55.64 -12.39
N ASN GA 199 0.97 56.75 -12.01
CA ASN GA 199 1.22 57.37 -10.72
C ASN GA 199 0.18 57.03 -9.68
N ALA GA 200 -0.66 56.02 -9.96
CA ALA GA 200 -1.70 55.58 -9.05
C ALA GA 200 -2.69 56.69 -8.71
N LEU GA 201 -2.93 57.58 -9.67
CA LEU GA 201 -3.93 58.64 -9.48
C LEU GA 201 -5.33 58.18 -9.83
N VAL GA 202 -5.48 57.17 -10.68
CA VAL GA 202 -6.78 56.64 -11.07
C VAL GA 202 -6.99 55.24 -10.54
N ASP GA 203 -6.20 54.27 -10.99
CA ASP GA 203 -6.24 52.89 -10.54
C ASP GA 203 -7.65 52.30 -10.65
N ARG GA 204 -8.40 52.71 -11.66
CA ARG GA 204 -9.78 52.25 -11.83
C ARG GA 204 -10.25 52.65 -13.23
N GLN GA 205 -11.52 52.43 -13.50
CA GLN GA 205 -12.12 52.80 -14.76
C GLN GA 205 -12.10 54.31 -14.93
N ALA GA 206 -11.75 54.77 -16.14
CA ALA GA 206 -11.65 56.19 -16.43
C ALA GA 206 -13.00 56.69 -16.91
N ASP GA 207 -13.72 57.39 -16.03
CA ASP GA 207 -14.97 58.04 -16.37
C ASP GA 207 -15.05 59.36 -15.64
N ASN GA 208 -16.19 60.04 -15.75
CA ASN GA 208 -16.33 61.36 -15.16
C ASN GA 208 -16.31 61.32 -13.64
N GLU GA 209 -16.84 60.25 -13.04
CA GLU GA 209 -16.81 60.15 -11.60
C GLU GA 209 -15.40 59.89 -11.08
N SER GA 210 -14.64 59.03 -11.77
CA SER GA 210 -13.25 58.83 -11.38
C SER GA 210 -12.39 60.04 -11.70
N LYS GA 211 -12.85 60.91 -12.60
CA LYS GA 211 -12.10 62.13 -12.92
C LYS GA 211 -11.97 63.02 -11.70
N LYS GA 212 -13.05 63.19 -10.93
CA LYS GA 212 -12.98 64.04 -9.75
C LYS GA 212 -12.03 63.47 -8.71
N ILE GA 213 -12.08 62.15 -8.49
CA ILE GA 213 -11.18 61.52 -7.53
C ILE GA 213 -9.74 61.69 -8.00
N ALA GA 214 -9.49 61.50 -9.29
CA ALA GA 214 -8.15 61.65 -9.82
C ALA GA 214 -7.66 63.08 -9.66
N LEU GA 215 -8.52 64.06 -9.91
CA LEU GA 215 -8.12 65.46 -9.77
C LEU GA 215 -7.82 65.80 -8.32
N HIS GA 216 -8.65 65.32 -7.40
CA HIS GA 216 -8.37 65.57 -5.98
C HIS GA 216 -7.07 64.92 -5.55
N ARG GA 217 -6.82 63.69 -6.00
CA ARG GA 217 -5.57 63.02 -5.67
C ARG GA 217 -4.37 63.78 -6.24
N ALA GA 218 -4.49 64.25 -7.48
CA ALA GA 218 -3.38 64.97 -8.10
C ALA GA 218 -3.11 66.29 -7.39
N LYS GA 219 -4.18 67.00 -7.01
CA LYS GA 219 -3.99 68.25 -6.27
C LYS GA 219 -3.34 67.98 -4.92
N GLU GA 220 -3.74 66.91 -4.24
CA GLU GA 220 -3.13 66.58 -2.96
C GLU GA 220 -1.66 66.22 -3.13
N ARG GA 221 -1.33 65.47 -4.18
CA ARG GA 221 0.06 65.05 -4.39
C ARG GA 221 0.89 66.11 -5.10
N GLY GA 222 0.31 67.25 -5.44
CA GLY GA 222 1.10 68.36 -5.94
C GLY GA 222 1.37 68.32 -7.42
N PHE GA 223 0.49 67.70 -8.20
CA PHE GA 223 0.66 67.69 -9.65
C PHE GA 223 0.24 69.05 -10.20
N HIS GA 224 1.14 69.67 -10.96
CA HIS GA 224 0.92 71.03 -11.44
C HIS GA 224 -0.24 71.07 -12.43
N GLY GA 225 -1.07 72.09 -12.29
CA GLY GA 225 -2.21 72.27 -13.18
C GLY GA 225 -3.43 71.48 -12.83
N ALA GA 226 -3.37 70.64 -11.80
CA ALA GA 226 -4.53 69.88 -11.36
C ALA GA 226 -5.37 70.73 -10.43
N LYS GA 227 -6.58 71.09 -10.87
CA LYS GA 227 -7.46 71.96 -10.11
C LYS GA 227 -8.62 71.15 -9.58
N SER GA 228 -8.71 71.05 -8.26
CA SER GA 228 -9.83 70.41 -7.59
C SER GA 228 -10.48 71.42 -6.65
N ASP GA 229 -11.80 71.32 -6.52
CA ASP GA 229 -12.54 72.24 -5.67
C ASP GA 229 -12.09 72.13 -4.22
N ASP GA 230 -12.10 73.26 -3.52
CA ASP GA 230 -11.71 73.25 -2.11
C ASP GA 230 -12.68 72.40 -1.28
N ASN GA 231 -13.97 72.49 -1.56
CA ASN GA 231 -14.98 71.71 -0.85
C ASN GA 231 -15.23 70.42 -1.63
N TYR GA 232 -14.31 69.49 -1.49
CA TYR GA 232 -14.37 68.21 -2.18
C TYR GA 232 -15.08 67.20 -1.30
N VAL GA 233 -16.05 66.49 -1.87
CA VAL GA 233 -16.85 65.51 -1.15
C VAL GA 233 -16.27 64.13 -1.42
N LYS GA 234 -15.84 63.46 -0.36
CA LYS GA 234 -15.25 62.14 -0.51
C LYS GA 234 -16.32 61.09 -0.78
N THR GA 235 -15.91 60.01 -1.42
CA THR GA 235 -16.75 58.85 -1.66
C THR GA 235 -16.40 57.75 -0.67
N ILE GA 236 -17.18 56.67 -0.70
CA ILE GA 236 -16.95 55.58 0.23
C ILE GA 236 -15.63 54.88 -0.08
N LYS GA 237 -15.27 54.76 -1.35
CA LYS GA 237 -14.03 54.14 -1.77
C LYS GA 237 -13.26 55.11 -2.65
N GLU GA 238 -12.13 55.62 -2.13
CA GLU GA 238 -11.29 56.52 -2.89
C GLU GA 238 -9.93 56.70 -2.21
N MET HA 1 64.74 22.84 18.76
CA MET HA 1 64.32 23.96 17.94
C MET HA 1 65.40 24.35 16.93
N LYS HA 2 65.00 25.08 15.90
CA LYS HA 2 65.90 25.51 14.85
C LYS HA 2 65.28 26.71 14.17
N LYS HA 3 66.13 27.56 13.59
CA LYS HA 3 65.67 28.73 12.86
C LYS HA 3 66.08 28.60 11.40
N ILE HA 4 65.14 28.80 10.51
CA ILE HA 4 65.40 28.78 9.07
C ILE HA 4 65.11 30.17 8.53
N SER HA 5 65.78 30.51 7.43
CA SER HA 5 65.62 31.84 6.85
C SER HA 5 64.19 32.04 6.39
N ARG HA 6 63.71 33.28 6.53
CA ARG HA 6 62.33 33.55 6.16
C ARG HA 6 62.10 33.35 4.67
N LYS HA 7 63.11 33.63 3.84
CA LYS HA 7 62.95 33.40 2.41
C LYS HA 7 62.72 31.92 2.12
N GLU HA 8 63.52 31.05 2.73
CA GLU HA 8 63.34 29.62 2.53
C GLU HA 8 62.00 29.16 3.09
N TYR HA 9 61.62 29.66 4.26
CA TYR HA 9 60.34 29.27 4.85
C TYR HA 9 59.20 29.66 3.94
N VAL HA 10 59.22 30.88 3.40
CA VAL HA 10 58.13 31.35 2.56
C VAL HA 10 58.09 30.58 1.25
N SER HA 11 59.26 30.26 0.70
CA SER HA 11 59.28 29.43 -0.51
C SER HA 11 58.67 28.07 -0.23
N MET HA 12 58.91 27.51 0.94
CA MET HA 12 58.38 26.18 1.24
C MET HA 12 56.89 26.21 1.54
N TYR HA 13 56.43 27.19 2.31
CA TYR HA 13 55.08 27.15 2.85
C TYR HA 13 54.22 28.36 2.51
N GLY HA 14 54.76 29.36 1.83
CA GLY HA 14 54.02 30.56 1.56
C GLY HA 14 54.20 31.58 2.67
N PRO HA 15 53.72 32.81 2.45
CA PRO HA 15 53.96 33.87 3.41
C PRO HA 15 53.32 33.60 4.76
N THR HA 16 53.98 34.07 5.82
CA THR HA 16 53.48 33.93 7.17
C THR HA 16 53.26 35.33 7.76
N THR HA 17 52.97 35.38 9.05
CA THR HA 17 52.56 36.62 9.69
C THR HA 17 53.59 37.72 9.48
N GLY HA 18 53.10 38.89 9.07
CA GLY HA 18 53.95 40.03 8.81
C GLY HA 18 54.52 40.10 7.41
N ASP HA 19 54.33 39.05 6.61
CA ASP HA 19 54.82 39.06 5.23
C ASP HA 19 53.79 39.71 4.33
N LYS HA 20 54.29 40.42 3.32
CA LYS HA 20 53.46 41.16 2.40
C LYS HA 20 53.57 40.57 1.00
N VAL HA 21 52.45 40.55 0.28
CA VAL HA 21 52.40 40.02 -1.08
C VAL HA 21 51.67 41.03 -1.94
N ARG HA 22 52.22 41.32 -3.12
CA ARG HA 22 51.54 42.18 -4.07
C ARG HA 22 50.42 41.42 -4.76
N LEU HA 23 49.28 42.07 -4.92
CA LEU HA 23 48.12 41.42 -5.55
C LEU HA 23 48.19 41.68 -7.05
N GLY HA 24 48.48 40.64 -7.82
CA GLY HA 24 48.60 40.79 -9.25
C GLY HA 24 49.74 41.72 -9.60
N ASP HA 25 49.56 42.45 -10.69
CA ASP HA 25 50.51 43.48 -11.09
C ASP HA 25 50.10 44.85 -10.58
N THR HA 26 49.13 44.91 -9.67
CA THR HA 26 48.63 46.17 -9.13
C THR HA 26 49.62 46.72 -8.10
N ASP HA 27 49.24 47.81 -7.45
CA ASP HA 27 50.02 48.42 -6.39
C ASP HA 27 49.51 48.06 -5.01
N LEU HA 28 48.58 47.12 -4.91
CA LEU HA 28 47.98 46.74 -3.65
C LEU HA 28 48.83 45.67 -2.97
N ILE HA 29 49.13 45.88 -1.70
CA ILE HA 29 49.97 44.98 -0.92
C ILE HA 29 49.13 44.43 0.23
N ALA HA 30 49.00 43.12 0.29
CA ALA HA 30 48.27 42.46 1.36
C ALA HA 30 49.26 41.88 2.35
N GLU HA 31 49.04 42.14 3.64
CA GLU HA 31 49.90 41.66 4.70
C GLU HA 31 49.19 40.55 5.45
N VAL HA 32 49.91 39.46 5.73
CA VAL HA 32 49.32 38.35 6.47
C VAL HA 32 49.14 38.79 7.92
N GLU HA 33 47.88 38.86 8.36
CA GLU HA 33 47.59 39.40 9.69
C GLU HA 33 47.94 38.40 10.78
N HIS HA 34 47.63 37.13 10.59
N HIS HA 34 47.69 37.12 10.55
CA HIS HA 34 48.00 36.12 11.57
CA HIS HA 34 47.77 36.09 11.57
C HIS HA 34 48.05 34.78 10.89
C HIS HA 34 47.99 34.75 10.88
N ASP HA 35 48.67 33.83 11.57
CA ASP HA 35 48.92 32.49 11.03
C ASP HA 35 48.43 31.46 12.04
N TYR HA 36 47.65 30.50 11.56
CA TYR HA 36 47.18 29.42 12.41
C TYR HA 36 48.16 28.27 12.54
N THR HA 37 49.18 28.23 11.68
CA THR HA 37 50.09 27.10 11.70
C THR HA 37 51.02 27.15 12.90
N ILE HA 38 51.53 25.98 13.26
CA ILE HA 38 52.56 25.84 14.27
C ILE HA 38 53.86 25.55 13.53
N TYR HA 39 54.86 26.40 13.73
CA TYR HA 39 56.08 26.33 12.94
C TYR HA 39 56.78 25.00 13.18
N GLY HA 40 57.19 24.35 12.09
CA GLY HA 40 57.78 23.03 12.16
C GLY HA 40 56.80 21.89 12.03
N GLU HA 41 55.50 22.17 12.02
CA GLU HA 41 54.48 21.14 11.87
C GLU HA 41 53.61 21.38 10.65
N GLU HA 42 54.11 22.11 9.66
CA GLU HA 42 53.30 22.47 8.50
C GLU HA 42 52.94 21.23 7.68
N LEU HA 43 51.75 21.26 7.11
CA LEU HA 43 51.28 20.17 6.27
C LEU HA 43 51.81 20.35 4.85
N LYS HA 44 52.53 19.36 4.36
CA LYS HA 44 53.04 19.37 3.00
C LYS HA 44 52.73 18.03 2.35
N PHE HA 45 52.42 18.06 1.06
CA PHE HA 45 52.19 16.85 0.31
C PHE HA 45 53.27 16.69 -0.76
N GLY HA 46 53.77 15.47 -0.90
CA GLY HA 46 54.83 15.22 -1.86
C GLY HA 46 55.47 13.87 -1.58
N GLY HA 47 56.66 13.69 -2.15
CA GLY HA 47 57.39 12.45 -2.03
C GLY HA 47 57.65 12.01 -0.60
N GLY HA 48 58.46 12.77 0.11
CA GLY HA 48 58.74 12.46 1.51
C GLY HA 48 58.27 13.55 2.43
N LYS HA 49 57.10 14.10 2.15
CA LYS HA 49 56.56 15.22 2.91
C LYS HA 49 55.75 14.70 4.09
N THR HA 50 55.00 15.57 4.75
CA THR HA 50 54.38 15.21 6.01
C THR HA 50 53.01 14.57 5.84
N LEU HA 51 52.29 14.91 4.78
CA LEU HA 51 50.95 14.36 4.60
C LEU HA 51 51.02 12.90 4.19
N ARG HA 52 51.47 12.04 5.09
CA ARG HA 52 51.65 10.63 4.81
C ARG HA 52 50.99 9.82 5.91
N GLU HA 53 50.77 8.54 5.62
CA GLU HA 53 50.11 7.64 6.54
C GLU HA 53 50.88 7.55 7.85
N GLY HA 54 50.27 8.04 8.93
CA GLY HA 54 50.84 7.95 10.25
C GLY HA 54 51.55 9.20 10.73
N MET HA 55 51.93 10.10 9.82
CA MET HA 55 52.61 11.33 10.21
C MET HA 55 51.65 12.50 10.34
N SER HA 56 51.01 12.88 9.24
CA SER HA 56 49.98 13.91 9.26
C SER HA 56 48.62 13.41 8.85
N GLN HA 57 48.55 12.30 8.13
CA GLN HA 57 47.29 11.61 7.90
C GLN HA 57 47.08 10.64 9.04
N SER HA 58 46.03 10.85 9.82
CA SER HA 58 45.81 10.07 11.02
C SER HA 58 45.44 8.63 10.67
N ASN HA 59 45.95 7.69 11.45
CA ASN HA 59 45.51 6.31 11.36
C ASN HA 59 44.31 6.01 12.26
N ASN HA 60 44.02 6.91 13.20
CA ASN HA 60 42.80 6.85 14.00
C ASN HA 60 42.12 8.20 13.93
N PRO HA 61 41.56 8.55 12.78
CA PRO HA 61 41.04 9.91 12.60
C PRO HA 61 39.74 10.10 13.37
N SER HA 62 39.41 11.36 13.60
CA SER HA 62 38.15 11.68 14.22
C SER HA 62 36.99 11.37 13.27
N LYS HA 63 35.79 11.27 13.84
CA LYS HA 63 34.62 11.02 13.00
C LYS HA 63 34.29 12.19 12.10
N GLU HA 64 34.85 13.37 12.38
CA GLU HA 64 34.72 14.54 11.51
C GLU HA 64 35.87 14.64 10.52
N GLU HA 65 36.43 13.50 10.12
CA GLU HA 65 37.55 13.46 9.20
C GLU HA 65 37.19 14.17 7.90
N LEU HA 66 38.11 15.02 7.44
CA LEU HA 66 37.84 15.87 6.28
C LEU HA 66 37.78 15.07 5.00
N ASP HA 67 37.00 15.56 4.05
CA ASP HA 67 37.01 15.03 2.69
C ASP HA 67 38.12 15.66 1.86
N LEU HA 68 38.40 16.93 2.06
CA LEU HA 68 39.44 17.64 1.35
C LEU HA 68 40.08 18.64 2.29
N ILE HA 69 41.39 18.81 2.20
CA ILE HA 69 42.09 19.82 2.97
C ILE HA 69 42.96 20.63 2.02
N ILE HA 70 42.87 21.95 2.13
CA ILE HA 70 43.72 22.88 1.41
C ILE HA 70 44.79 23.35 2.39
N THR HA 71 46.04 23.06 2.08
CA THR HA 71 47.12 23.28 3.03
C THR HA 71 47.81 24.62 2.78
N ASN HA 72 48.13 25.32 3.86
CA ASN HA 72 48.96 26.53 3.82
C ASN HA 72 48.39 27.59 2.90
N ALA HA 73 47.08 27.73 2.88
CA ALA HA 73 46.44 28.69 2.01
C ALA HA 73 46.44 30.07 2.65
N LEU HA 74 46.70 31.10 1.84
CA LEU HA 74 46.56 32.48 2.30
C LEU HA 74 45.12 32.88 2.04
N ILE HA 75 44.29 32.82 3.08
CA ILE HA 75 42.89 33.18 2.96
C ILE HA 75 42.77 34.69 2.94
N VAL HA 76 42.19 35.22 1.86
CA VAL HA 76 41.88 36.62 1.74
C VAL HA 76 40.37 36.74 1.77
N ASP HA 77 39.85 37.37 2.82
CA ASP HA 77 38.43 37.42 3.09
C ASP HA 77 38.11 38.72 3.78
N TYR HA 78 36.83 39.09 3.77
CA TYR HA 78 36.42 40.26 4.53
C TYR HA 78 36.62 40.05 6.02
N THR HA 79 36.67 38.80 6.47
CA THR HA 79 36.94 38.51 7.88
C THR HA 79 38.42 38.63 8.23
N GLY HA 80 39.30 38.76 7.26
CA GLY HA 80 40.70 38.96 7.52
C GLY HA 80 41.56 38.30 6.46
N ILE HA 81 42.80 38.76 6.39
CA ILE HA 81 43.80 38.19 5.50
C ILE HA 81 44.76 37.41 6.38
N TYR HA 82 44.63 36.09 6.37
CA TYR HA 82 45.41 35.27 7.29
C TYR HA 82 45.85 34.00 6.57
N LYS HA 83 46.60 33.17 7.28
CA LYS HA 83 47.16 31.95 6.71
C LYS HA 83 46.62 30.76 7.49
N ALA HA 84 46.09 29.76 6.80
CA ALA HA 84 45.48 28.65 7.49
C ALA HA 84 45.33 27.47 6.56
N ASP HA 85 44.89 26.35 7.12
CA ASP HA 85 44.44 25.20 6.36
C ASP HA 85 42.92 25.20 6.34
N ILE HA 86 42.35 25.00 5.18
CA ILE HA 86 40.89 24.97 5.02
C ILE HA 86 40.47 23.51 4.88
N GLY HA 87 39.58 23.09 5.77
CA GLY HA 87 39.02 21.75 5.71
C GLY HA 87 37.63 21.78 5.14
N ILE HA 88 37.38 20.89 4.19
CA ILE HA 88 36.08 20.78 3.53
C ILE HA 88 35.52 19.41 3.80
N LYS HA 89 34.28 19.36 4.28
CA LYS HA 89 33.62 18.09 4.55
C LYS HA 89 32.16 18.20 4.17
N ASP HA 90 31.68 17.26 3.36
CA ASP HA 90 30.28 17.20 2.94
C ASP HA 90 29.85 18.49 2.24
N GLY HA 91 30.75 19.06 1.44
CA GLY HA 91 30.42 20.22 0.65
C GLY HA 91 30.43 21.53 1.39
N LYS HA 92 30.72 21.53 2.69
CA LYS HA 92 30.82 22.74 3.47
C LYS HA 92 32.23 22.92 3.97
N ILE HA 93 32.55 24.14 4.38
CA ILE HA 93 33.83 24.42 5.02
C ILE HA 93 33.74 23.88 6.45
N ALA HA 94 34.42 22.76 6.71
CA ALA HA 94 34.31 22.11 8.00
C ALA HA 94 35.11 22.82 9.07
N GLY HA 95 36.26 23.39 8.70
CA GLY HA 95 37.06 24.09 9.68
C GLY HA 95 38.18 24.87 9.04
N ILE HA 96 38.61 25.93 9.72
CA ILE HA 96 39.72 26.77 9.28
C ILE HA 96 40.71 26.86 10.43
N GLY HA 97 41.94 26.47 10.19
CA GLY HA 97 42.95 26.50 11.22
C GLY HA 97 44.09 25.55 10.95
N LYS HA 98 44.61 24.92 12.00
CA LYS HA 98 45.70 23.98 11.87
C LYS HA 98 45.13 22.57 11.74
N GLY HA 99 45.34 21.96 10.58
CA GLY HA 99 44.91 20.60 10.34
C GLY HA 99 46.06 19.62 10.47
N GLY HA 100 45.72 18.34 10.45
CA GLY HA 100 46.72 17.31 10.51
C GLY HA 100 46.32 16.12 11.36
N ASN HA 101 47.30 15.48 11.98
CA ASN HA 101 47.10 14.28 12.77
C ASN HA 101 47.26 14.62 14.24
N LYS HA 102 46.21 14.33 15.02
CA LYS HA 102 46.26 14.58 16.45
C LYS HA 102 47.23 13.64 17.15
N ASP HA 103 47.53 12.49 16.56
CA ASP HA 103 48.41 11.52 17.20
C ASP HA 103 49.86 12.00 17.23
N MET HA 104 50.27 12.82 16.27
CA MET HA 104 51.66 13.20 16.15
C MET HA 104 51.90 14.70 16.10
N GLN HA 105 50.85 15.51 16.19
CA GLN HA 105 50.99 16.96 16.17
C GLN HA 105 50.09 17.57 17.23
N ASP HA 106 50.46 18.76 17.67
CA ASP HA 106 49.69 19.48 18.68
C ASP HA 106 48.81 20.54 18.04
N GLY HA 107 47.77 20.91 18.76
CA GLY HA 107 46.86 21.95 18.31
C GLY HA 107 46.05 21.59 17.08
N VAL HA 108 45.57 20.37 17.00
CA VAL HA 108 44.74 19.92 15.89
C VAL HA 108 43.35 19.64 16.43
N LYS HA 109 42.37 20.44 16.02
CA LYS HA 109 41.00 20.25 16.48
C LYS HA 109 40.36 19.06 15.77
N ASN HA 110 39.24 18.61 16.33
CA ASN HA 110 38.56 17.44 15.79
C ASN HA 110 38.01 17.69 14.39
N ASN HA 111 37.61 18.92 14.09
CA ASN HA 111 37.01 19.22 12.80
C ASN HA 111 38.05 19.43 11.71
N LEU HA 112 39.34 19.43 12.03
CA LEU HA 112 40.40 19.55 11.04
C LEU HA 112 41.26 18.30 10.99
N SER HA 113 40.67 17.15 11.27
CA SER HA 113 41.41 15.90 11.32
C SER HA 113 41.61 15.36 9.91
N VAL HA 114 42.86 15.18 9.53
CA VAL HA 114 43.21 14.59 8.24
C VAL HA 114 43.32 13.09 8.41
N GLY HA 115 42.61 12.34 7.58
CA GLY HA 115 42.61 10.91 7.67
C GLY HA 115 42.71 10.25 6.32
N PRO HA 116 42.54 8.92 6.28
CA PRO HA 116 42.66 8.19 5.01
C PRO HA 116 41.61 8.57 3.99
N ALA HA 117 40.50 9.18 4.40
CA ALA HA 117 39.46 9.60 3.47
C ALA HA 117 39.66 11.02 2.97
N THR HA 118 40.82 11.61 3.19
CA THR HA 118 41.06 13.01 2.88
C THR HA 118 41.90 13.15 1.63
N GLU HA 119 41.44 14.00 0.72
CA GLU HA 119 42.24 14.45 -0.41
C GLU HA 119 42.99 15.71 -0.01
N ALA HA 120 44.17 15.88 -0.59
CA ALA HA 120 45.05 17.01 -0.26
C ALA HA 120 45.16 17.95 -1.45
N LEU HA 121 45.14 19.24 -1.16
CA LEU HA 121 45.29 20.28 -2.17
C LEU HA 121 46.30 21.29 -1.67
N ALA HA 122 47.41 21.42 -2.38
CA ALA HA 122 48.50 22.29 -1.96
C ALA HA 122 48.12 23.73 -2.25
N GLY HA 123 47.81 24.49 -1.21
CA GLY HA 123 47.56 25.90 -1.32
C GLY HA 123 48.73 26.77 -0.94
N GLU HA 124 49.92 26.20 -0.75
CA GLU HA 124 51.07 27.00 -0.36
C GLU HA 124 51.46 27.95 -1.48
N GLY HA 125 51.61 29.22 -1.13
CA GLY HA 125 51.83 30.24 -2.12
C GLY HA 125 50.61 30.61 -2.92
N LEU HA 126 49.43 30.20 -2.49
CA LEU HA 126 48.19 30.47 -3.20
C LEU HA 126 47.21 31.20 -2.28
N ILE HA 127 46.49 32.13 -2.89
CA ILE HA 127 45.45 32.89 -2.21
C ILE HA 127 44.13 32.17 -2.39
N VAL HA 128 43.35 32.05 -1.33
CA VAL HA 128 42.03 31.48 -1.39
C VAL HA 128 41.02 32.57 -1.07
N THR HA 129 40.08 32.77 -1.98
CA THR HA 129 38.98 33.69 -1.73
C THR HA 129 37.66 32.96 -1.92
N ALA HA 130 36.59 33.58 -1.47
CA ALA HA 130 35.26 33.08 -1.78
C ALA HA 130 34.96 33.34 -3.25
N GLY HA 131 34.08 32.52 -3.81
CA GLY HA 131 33.66 32.75 -5.18
C GLY HA 131 32.89 34.04 -5.32
N GLY HA 132 33.02 34.66 -6.49
CA GLY HA 132 32.29 35.87 -6.75
C GLY HA 132 30.81 35.64 -6.83
N ILE HA 133 30.06 36.71 -6.54
CA ILE HA 133 28.61 36.71 -6.60
C ILE HA 133 28.21 37.88 -7.48
N ASP HA 134 27.74 37.58 -8.68
CA ASP HA 134 27.31 38.59 -9.64
C ASP HA 134 25.79 38.63 -9.63
N THR HA 135 25.23 39.80 -9.27
CA THR HA 135 23.80 39.91 -9.01
C THR HA 135 23.04 40.67 -10.07
N HIS HA 136 23.68 41.05 -11.17
CA HIS HA 136 23.02 41.81 -12.23
C HIS HA 136 23.00 41.04 -13.54
N ILE HA 137 22.98 39.72 -13.48
CA ILE HA 137 23.21 38.93 -14.68
C ILE HA 137 22.00 38.98 -15.59
N HIS HA 138 22.18 39.48 -16.80
CA HIS HA 138 21.19 39.31 -17.85
C HIS HA 138 21.41 37.94 -18.47
N PHE HA 139 20.52 37.00 -18.19
CA PHE HA 139 20.71 35.66 -18.73
C PHE HA 139 20.38 35.65 -20.21
N ILE HA 140 21.27 36.24 -21.01
CA ILE HA 140 21.04 36.35 -22.44
C ILE HA 140 21.48 35.08 -23.15
N SER HA 141 22.65 34.57 -22.81
CA SER HA 141 23.12 33.33 -23.36
C SER HA 141 23.70 32.45 -22.26
N PRO HA 142 23.59 31.14 -22.38
CA PRO HA 142 24.23 30.25 -21.40
C PRO HA 142 25.74 30.29 -21.45
N GLN HA 143 26.33 30.82 -22.52
CA GLN HA 143 27.79 30.91 -22.60
C GLN HA 143 28.36 31.95 -21.65
N GLN HA 144 27.52 32.80 -21.08
CA GLN HA 144 27.99 33.72 -20.04
C GLN HA 144 28.44 32.95 -18.81
N ILE HA 145 27.78 31.83 -18.51
CA ILE HA 145 28.07 31.11 -17.28
C ILE HA 145 29.50 30.57 -17.25
N PRO HA 146 29.99 29.85 -18.27
CA PRO HA 146 31.40 29.45 -18.24
C PRO HA 146 32.37 30.61 -18.22
N THR HA 147 32.04 31.73 -18.86
CA THR HA 147 32.93 32.88 -18.84
C THR HA 147 33.07 33.45 -17.44
N ALA HA 148 31.95 33.67 -16.75
CA ALA HA 148 31.99 34.14 -15.38
C ALA HA 148 32.69 33.14 -14.48
N PHE HA 149 32.40 31.85 -14.68
CA PHE HA 149 33.03 30.81 -13.87
C PHE HA 149 34.54 30.83 -14.02
N ALA HA 150 35.03 30.96 -15.25
CA ALA HA 150 36.47 31.06 -15.46
C ALA HA 150 37.03 32.36 -14.90
N SER HA 151 36.22 33.41 -14.84
CA SER HA 151 36.69 34.65 -14.23
C SER HA 151 36.76 34.56 -12.72
N GLY HA 152 36.02 33.64 -12.11
CA GLY HA 152 36.10 33.46 -10.67
C GLY HA 152 34.80 33.73 -9.96
N VAL HA 153 33.71 33.78 -10.71
CA VAL HA 153 32.38 33.99 -10.15
C VAL HA 153 31.72 32.64 -9.98
N THR HA 154 31.20 32.37 -8.80
CA THR HA 154 30.55 31.09 -8.53
C THR HA 154 29.05 31.21 -8.33
N THR HA 155 28.51 32.41 -8.11
CA THR HA 155 27.09 32.59 -7.98
C THR HA 155 26.63 33.67 -8.94
N MET HA 156 25.54 33.37 -9.66
CA MET HA 156 24.93 34.31 -10.60
C MET HA 156 23.47 34.46 -10.22
N ILE HA 157 23.09 35.67 -9.82
CA ILE HA 157 21.71 36.03 -9.58
C ILE HA 157 21.30 37.00 -10.68
N GLY HA 158 20.21 36.70 -11.34
CA GLY HA 158 19.78 37.56 -12.42
C GLY HA 158 18.48 37.08 -12.98
N GLY HA 159 18.20 37.52 -14.20
CA GLY HA 159 16.97 37.13 -14.85
C GLY HA 159 17.17 37.12 -16.35
N GLY HA 160 16.20 36.55 -17.02
CA GLY HA 160 16.26 36.46 -18.46
C GLY HA 160 15.75 35.14 -18.98
N THR HA 161 15.50 35.07 -20.28
CA THR HA 161 14.96 33.87 -20.88
C THR HA 161 15.66 33.57 -22.20
N GLY HA 162 16.91 33.95 -22.33
CA GLY HA 162 17.61 33.84 -23.59
C GLY HA 162 17.65 35.17 -24.28
N PRO HA 163 18.07 35.19 -25.54
CA PRO HA 163 18.26 36.47 -26.22
C PRO HA 163 16.97 37.10 -26.71
N ALA HA 164 15.94 37.10 -25.87
CA ALA HA 164 14.78 37.91 -26.15
C ALA HA 164 15.12 39.37 -25.91
N ASP HA 165 14.33 40.27 -26.48
CA ASP HA 165 14.62 41.69 -26.30
C ASP HA 165 14.33 42.14 -24.88
N GLY HA 166 13.30 41.55 -24.25
CA GLY HA 166 13.07 41.83 -22.85
C GLY HA 166 14.24 41.45 -21.97
N THR HA 167 14.92 40.35 -22.30
CA THR HA 167 16.10 39.96 -21.54
C THR HA 167 17.31 40.81 -21.89
N ASN HA 168 17.46 41.16 -23.18
CA ASN HA 168 18.54 42.03 -23.58
C ASN HA 168 18.48 43.36 -22.85
N ALA HA 169 17.28 43.84 -22.57
CA ALA HA 169 17.14 45.09 -21.84
C ALA HA 169 17.16 44.90 -20.33
N THR HA 170 16.51 43.88 -19.81
CA THR HA 170 16.18 43.79 -18.40
C THR HA 170 16.67 42.48 -17.80
N THR HA 171 16.86 42.51 -16.50
CA THR HA 171 17.30 41.34 -15.72
C THR HA 171 16.10 40.61 -15.12
N ILE HA 172 15.19 40.19 -16.00
CA ILE HA 172 13.86 39.75 -15.57
C ILE HA 172 13.54 38.41 -16.19
N THR HA 173 13.11 37.46 -15.36
CA THR HA 173 12.53 36.19 -15.80
C THR HA 173 11.04 36.27 -15.53
N PRO HA 174 10.22 36.61 -16.51
CA PRO HA 174 8.82 36.91 -16.22
C PRO HA 174 7.91 35.71 -16.20
N GLY HA 175 7.30 35.44 -15.06
CA GLY HA 175 6.18 34.51 -15.02
C GLY HA 175 6.58 33.13 -14.54
N ARG HA 176 5.57 32.38 -14.12
CA ARG HA 176 5.79 31.04 -13.58
C ARG HA 176 6.35 30.09 -14.63
N ARG HA 177 5.82 30.15 -15.86
CA ARG HA 177 6.28 29.22 -16.89
C ARG HA 177 7.71 29.52 -17.30
N ASN HA 178 8.06 30.80 -17.49
CA ASN HA 178 9.43 31.14 -17.83
C ASN HA 178 10.38 30.82 -16.69
N LEU HA 179 9.92 31.00 -15.45
CA LEU HA 179 10.74 30.62 -14.31
C LEU HA 179 10.98 29.11 -14.30
N LYS HA 180 9.96 28.32 -14.63
CA LYS HA 180 10.15 26.88 -14.73
C LYS HA 180 11.14 26.52 -15.83
N TRP HA 181 11.02 27.18 -16.99
CA TRP HA 181 11.98 26.98 -18.06
C TRP HA 181 13.40 27.21 -17.57
N MET HA 182 13.63 28.35 -16.91
CA MET HA 182 14.98 28.70 -16.49
C MET HA 182 15.48 27.79 -15.38
N LEU HA 183 14.61 27.44 -14.43
CA LEU HA 183 15.03 26.57 -13.33
C LEU HA 183 15.40 25.19 -13.84
N ARG HA 184 14.67 24.68 -14.83
CA ARG HA 184 15.00 23.38 -15.38
C ARG HA 184 16.22 23.44 -16.30
N ALA HA 185 16.45 24.57 -16.96
CA ALA HA 185 17.67 24.72 -17.74
C ALA HA 185 18.89 24.85 -16.84
N ALA HA 186 18.71 25.38 -15.63
CA ALA HA 186 19.82 25.60 -14.72
C ALA HA 186 20.52 24.31 -14.32
N GLU HA 187 19.88 23.16 -14.50
CA GLU HA 187 20.50 21.90 -14.11
C GLU HA 187 21.78 21.63 -14.89
N GLU HA 188 21.98 22.29 -16.02
CA GLU HA 188 23.13 22.02 -16.87
C GLU HA 188 24.41 22.65 -16.33
N TYR HA 189 24.33 23.77 -15.64
CA TYR HA 189 25.48 24.63 -15.42
C TYR HA 189 26.14 24.38 -14.09
N SER HA 190 27.44 24.66 -14.04
CA SER HA 190 28.23 24.57 -12.82
C SER HA 190 28.36 25.98 -12.24
N MET HA 191 27.29 26.42 -11.59
CA MET HA 191 27.22 27.76 -11.03
C MET HA 191 25.98 27.84 -10.16
N ASN HA 192 26.09 28.43 -8.99
CA ASN HA 192 24.91 28.70 -8.19
C ASN HA 192 24.06 29.74 -8.90
N LEU HA 193 22.77 29.51 -8.96
CA LEU HA 193 21.91 30.35 -9.79
C LEU HA 193 20.69 30.80 -9.02
N GLY HA 194 20.34 32.07 -9.21
CA GLY HA 194 19.11 32.60 -8.67
C GLY HA 194 18.42 33.47 -9.70
N PHE HA 195 17.09 33.43 -9.73
CA PHE HA 195 16.34 34.13 -10.78
C PHE HA 195 15.41 35.16 -10.17
N LEU HA 196 15.31 36.29 -10.84
CA LEU HA 196 14.47 37.41 -10.43
C LEU HA 196 13.25 37.48 -11.33
N ALA HA 197 12.11 37.81 -10.74
CA ALA HA 197 10.87 37.92 -11.47
C ALA HA 197 10.63 39.35 -11.91
N LYS HA 198 9.57 39.56 -12.68
CA LYS HA 198 9.19 40.88 -13.14
C LYS HA 198 8.45 41.61 -12.02
N GLY HA 199 9.00 42.74 -11.58
CA GLY HA 199 8.36 43.52 -10.55
C GLY HA 199 7.47 44.60 -11.11
N ASN HA 200 7.60 44.88 -12.41
CA ASN HA 200 6.81 45.93 -13.06
C ASN HA 200 5.40 45.41 -13.28
N ALA HA 201 4.63 45.42 -12.20
CA ALA HA 201 3.23 45.03 -12.26
C ALA HA 201 2.52 45.61 -11.05
N SER HA 202 1.35 46.17 -11.28
CA SER HA 202 0.49 46.64 -10.21
C SER HA 202 -0.47 45.56 -9.72
N ASN HA 203 -0.12 44.29 -9.92
CA ASN HA 203 -0.98 43.16 -9.56
C ASN HA 203 -0.27 42.32 -8.50
N ASP HA 204 -0.74 42.45 -7.25
CA ASP HA 204 -0.17 41.69 -6.15
C ASP HA 204 -0.27 40.20 -6.40
N ALA HA 205 -1.37 39.75 -7.01
CA ALA HA 205 -1.54 38.33 -7.29
C ALA HA 205 -0.47 37.83 -8.25
N SER HA 206 -0.20 38.59 -9.32
CA SER HA 206 0.83 38.17 -10.27
C SER HA 206 2.22 38.17 -9.64
N LEU HA 207 2.53 39.19 -8.86
CA LEU HA 207 3.84 39.25 -8.21
C LEU HA 207 4.02 38.08 -7.25
N ALA HA 208 2.99 37.80 -6.43
CA ALA HA 208 3.07 36.69 -5.50
C ALA HA 208 3.16 35.37 -6.23
N ASP HA 209 2.47 35.25 -7.36
CA ASP HA 209 2.55 34.01 -8.14
C ASP HA 209 3.96 33.77 -8.64
N GLN HA 210 4.64 34.83 -9.08
CA GLN HA 210 6.04 34.65 -9.50
C GLN HA 210 6.92 34.24 -8.34
N ILE HA 211 6.74 34.86 -7.17
CA ILE HA 211 7.57 34.50 -6.03
C ILE HA 211 7.34 33.04 -5.65
N GLU HA 212 6.08 32.60 -5.63
CA GLU HA 212 5.79 31.21 -5.32
C GLU HA 212 6.29 30.27 -6.41
N ALA HA 213 6.38 30.76 -7.65
CA ALA HA 213 6.94 29.96 -8.73
C ALA HA 213 8.44 29.78 -8.57
N GLY HA 214 9.11 30.69 -7.86
CA GLY HA 214 10.47 30.37 -7.49
C GLY HA 214 11.50 31.46 -7.58
N ALA HA 215 11.08 32.65 -7.99
CA ALA HA 215 12.01 33.76 -8.06
C ALA HA 215 12.48 34.15 -6.66
N ILE HA 216 13.75 34.55 -6.55
CA ILE HA 216 14.31 34.98 -5.27
C ILE HA 216 14.15 36.46 -5.04
N GLY HA 217 13.46 37.16 -5.92
CA GLY HA 217 13.29 38.60 -5.76
C GLY HA 217 12.63 39.17 -6.99
N PHE HA 218 12.43 40.47 -6.95
CA PHE HA 218 11.82 41.21 -8.04
C PHE HA 218 12.84 42.13 -8.68
N LYS HA 219 12.69 42.34 -9.98
CA LYS HA 219 13.43 43.37 -10.69
C LYS HA 219 12.43 44.32 -11.31
N ILE HA 220 12.56 45.60 -10.99
CA ILE HA 220 11.74 46.64 -11.58
C ILE HA 220 12.62 47.40 -12.55
N HIS HA 221 12.43 47.19 -13.83
CA HIS HA 221 13.28 47.78 -14.86
C HIS HA 221 12.49 48.84 -15.62
N GLU HA 222 13.17 49.93 -15.98
CA GLU HA 222 12.52 51.00 -16.73
C GLU HA 222 11.92 50.51 -18.04
N ASP HA 223 12.51 49.51 -18.67
CA ASP HA 223 12.03 49.07 -19.98
C ASP HA 223 10.69 48.36 -19.89
N TRP HA 224 10.34 47.80 -18.75
CA TRP HA 224 9.01 47.28 -18.52
C TRP HA 224 8.09 48.30 -17.84
N GLY HA 225 8.60 49.49 -17.54
CA GLY HA 225 7.82 50.53 -16.91
C GLY HA 225 8.10 50.64 -15.43
N THR HA 226 8.95 51.58 -15.04
CA THR HA 226 9.28 51.81 -13.64
C THR HA 226 8.39 52.96 -13.17
N THR HA 227 7.25 52.62 -12.65
CA THR HA 227 6.32 53.61 -12.15
C THR HA 227 6.23 53.52 -10.63
N PRO HA 228 5.87 54.62 -9.97
CA PRO HA 228 5.72 54.55 -8.51
C PRO HA 228 4.71 53.51 -8.06
N SER HA 229 3.64 53.30 -8.81
CA SER HA 229 2.66 52.29 -8.45
C SER HA 229 3.29 50.90 -8.47
N ALA HA 230 4.05 50.59 -9.53
CA ALA HA 230 4.73 49.32 -9.61
C ALA HA 230 5.73 49.14 -8.50
N ILE HA 231 6.51 50.19 -8.20
CA ILE HA 231 7.48 50.11 -7.12
C ILE HA 231 6.78 49.80 -5.80
N ASN HA 232 5.68 50.50 -5.53
CA ASN HA 232 4.97 50.31 -4.27
C ASN HA 232 4.42 48.90 -4.15
N HIS HA 233 3.77 48.40 -5.22
CA HIS HA 233 3.19 47.07 -5.15
C HIS HA 233 4.26 45.99 -5.01
N ALA HA 234 5.35 46.11 -5.77
CA ALA HA 234 6.42 45.13 -5.69
C ALA HA 234 7.04 45.12 -4.31
N LEU HA 235 7.24 46.30 -3.71
CA LEU HA 235 7.82 46.35 -2.37
C LEU HA 235 6.87 45.76 -1.34
N ASP HA 236 5.56 45.98 -1.48
CA ASP HA 236 4.60 45.35 -0.57
C ASP HA 236 4.68 43.83 -0.66
N VAL HA 237 4.66 43.29 -1.87
CA VAL HA 237 4.70 41.84 -2.03
C VAL HA 237 6.02 41.28 -1.53
N ALA HA 238 7.12 42.00 -1.77
CA ALA HA 238 8.41 41.53 -1.31
C ALA HA 238 8.53 41.55 0.20
N ASP HA 239 7.93 42.55 0.85
CA ASP HA 239 7.91 42.53 2.31
C ASP HA 239 7.07 41.37 2.82
N LYS HA 240 6.01 41.02 2.09
CA LYS HA 240 5.22 39.86 2.47
C LYS HA 240 6.02 38.56 2.34
N TYR HA 241 6.79 38.40 1.28
CA TYR HA 241 7.43 37.13 0.97
C TYR HA 241 8.92 37.07 1.28
N ASP HA 242 9.49 38.10 1.88
CA ASP HA 242 10.90 38.14 2.25
C ASP HA 242 11.82 37.86 1.07
N VAL HA 243 11.72 38.71 0.05
CA VAL HA 243 12.60 38.63 -1.11
C VAL HA 243 13.12 40.02 -1.44
N GLN HA 244 14.29 40.08 -2.05
CA GLN HA 244 14.89 41.35 -2.41
C GLN HA 244 14.15 41.98 -3.59
N VAL HA 245 14.22 43.30 -3.68
CA VAL HA 245 13.76 44.04 -4.84
C VAL HA 245 14.92 44.86 -5.37
N ALA HA 246 15.22 44.69 -6.65
CA ALA HA 246 16.20 45.50 -7.34
C ALA HA 246 15.49 46.41 -8.31
N ILE HA 247 16.06 47.59 -8.54
CA ILE HA 247 15.43 48.59 -9.39
C ILE HA 247 16.45 49.19 -10.33
N HIS HA 248 16.02 49.39 -11.58
CA HIS HA 248 16.70 50.19 -12.59
C HIS HA 248 15.71 51.28 -12.97
N THR HA 249 15.97 52.49 -12.46
CA THR HA 249 14.96 53.54 -12.39
C THR HA 249 14.63 54.10 -13.76
N ASP HA 250 13.60 54.95 -13.79
CA ASP HA 250 13.10 55.52 -15.02
C ASP HA 250 14.09 56.55 -15.57
N THR HA 251 14.53 56.33 -16.80
CA THR HA 251 15.47 57.25 -17.45
C THR HA 251 14.78 58.51 -17.95
N LEU HA 252 13.51 58.42 -18.33
CA LEU HA 252 12.85 59.51 -19.02
C LEU HA 252 12.17 60.50 -18.09
N ASN HA 253 12.13 60.24 -16.79
CA ASN HA 253 11.37 61.06 -15.84
C ASN HA 253 9.91 61.17 -16.25
N GLU HA 254 9.37 60.11 -16.83
CA GLU HA 254 8.00 60.13 -17.32
C GLU HA 254 7.01 60.35 -16.18
N ALA HA 255 7.10 59.54 -15.13
CA ALA HA 255 6.18 59.62 -14.01
C ALA HA 255 6.69 60.48 -12.87
N GLY HA 256 7.98 60.73 -12.80
CA GLY HA 256 8.51 61.55 -11.74
C GLY HA 256 10.03 61.48 -11.72
N CYS HA 257 10.60 62.24 -10.81
CA CYS HA 257 12.03 62.34 -10.65
C CYS HA 257 12.51 61.41 -9.54
N VAL HA 258 13.78 61.59 -9.15
CA VAL HA 258 14.38 60.74 -8.13
C VAL HA 258 13.62 60.88 -6.82
N GLU HA 259 13.13 62.07 -6.50
CA GLU HA 259 12.37 62.25 -5.28
C GLU HA 259 11.07 61.44 -5.31
N ASP HA 260 10.39 61.41 -6.45
CA ASP HA 260 9.18 60.62 -6.57
C ASP HA 260 9.48 59.12 -6.47
N THR HA 261 10.58 58.68 -7.08
CA THR HA 261 10.96 57.28 -6.96
C THR HA 261 11.28 56.92 -5.51
N MET HA 262 11.99 57.79 -4.80
CA MET HA 262 12.31 57.53 -3.41
C MET HA 262 11.06 57.57 -2.53
N ALA HA 263 10.10 58.43 -2.86
CA ALA HA 263 8.83 58.43 -2.14
C ALA HA 263 8.08 57.13 -2.35
N ALA HA 264 8.09 56.62 -3.57
CA ALA HA 264 7.47 55.32 -3.84
C ALA HA 264 8.17 54.22 -3.06
N ILE HA 265 9.50 54.26 -2.99
CA ILE HA 265 10.24 53.27 -2.21
C ILE HA 265 9.85 53.35 -0.75
N ALA HA 266 9.73 54.57 -0.23
CA ALA HA 266 9.19 54.82 1.12
C ALA HA 266 10.04 54.15 2.19
N GLY HA 267 11.36 54.29 2.09
CA GLY HA 267 12.25 53.82 3.14
C GLY HA 267 12.24 52.33 3.35
N ARG HA 268 12.09 51.55 2.29
CA ARG HA 268 12.16 50.10 2.35
C ARG HA 268 13.41 49.65 1.62
N THR HA 269 13.93 48.49 2.01
CA THR HA 269 15.19 48.03 1.46
C THR HA 269 15.06 47.80 -0.03
N MET HA 270 15.96 48.41 -0.79
CA MET HA 270 15.94 48.33 -2.25
C MET HA 270 17.37 48.27 -2.75
N HIS HA 271 17.62 47.38 -3.70
CA HIS HA 271 18.93 47.22 -4.31
C HIS HA 271 18.92 47.93 -5.65
N THR HA 272 19.75 48.96 -5.80
CA THR HA 272 19.69 49.82 -6.97
C THR HA 272 20.81 49.47 -7.94
N PHE HA 273 20.44 49.30 -9.21
CA PHE HA 273 21.40 49.14 -10.29
C PHE HA 273 21.73 50.51 -10.84
N HIS HA 274 22.98 50.69 -11.27
CA HIS HA 274 23.44 51.95 -11.85
C HIS HA 274 23.10 53.13 -10.95
N THR HA 275 23.52 53.03 -9.69
CA THR HA 275 23.23 54.10 -8.75
C THR HA 275 23.89 55.41 -9.17
N GLU HA 276 24.90 55.35 -10.03
CA GLU HA 276 25.45 56.55 -10.65
C GLU HA 276 24.56 57.11 -11.75
N GLY HA 277 23.52 56.39 -12.15
CA GLY HA 277 22.61 56.86 -13.16
C GLY HA 277 22.81 56.20 -14.51
N ALA HA 278 24.08 55.97 -14.88
CA ALA HA 278 24.43 55.39 -16.17
C ALA HA 278 23.83 56.19 -17.32
N GLY HA 279 23.82 57.51 -17.18
CA GLY HA 279 23.31 58.39 -18.20
C GLY HA 279 21.81 58.60 -18.19
N GLY HA 280 21.10 58.06 -17.21
CA GLY HA 280 19.66 58.23 -17.16
C GLY HA 280 19.26 59.62 -16.74
N GLY HA 281 17.97 59.91 -16.90
CA GLY HA 281 17.45 61.22 -16.52
C GLY HA 281 17.51 61.47 -15.02
N HIS HA 282 17.53 60.42 -14.22
CA HIS HA 282 17.71 60.59 -12.78
C HIS HA 282 19.12 61.04 -12.43
N ALA HA 283 20.07 60.84 -13.34
CA ALA HA 283 21.43 61.30 -13.11
C ALA HA 283 21.49 62.83 -13.18
N PRO HA 284 22.36 63.47 -12.39
CA PRO HA 284 23.21 62.82 -11.40
C PRO HA 284 22.56 62.72 -10.02
N ASP HA 285 21.31 63.18 -9.94
CA ASP HA 285 20.63 63.22 -8.64
C ASP HA 285 20.40 61.84 -8.05
N ILE HA 286 20.35 60.80 -8.89
CA ILE HA 286 20.14 59.45 -8.35
C ILE HA 286 21.33 59.01 -7.50
N ILE HA 287 22.51 59.61 -7.68
CA ILE HA 287 23.63 59.32 -6.80
C ILE HA 287 23.30 59.69 -5.37
N LYS HA 288 22.36 60.62 -5.16
CA LYS HA 288 21.98 60.99 -3.81
C LYS HA 288 21.41 59.82 -3.03
N VAL HA 289 20.76 58.88 -3.71
CA VAL HA 289 20.17 57.74 -3.01
C VAL HA 289 21.24 56.82 -2.44
N ALA HA 290 22.47 56.93 -2.92
CA ALA HA 290 23.55 56.11 -2.38
C ALA HA 290 23.91 56.49 -0.95
N GLY HA 291 23.41 57.62 -0.45
CA GLY HA 291 23.60 57.99 0.94
C GLY HA 291 22.50 57.54 1.87
N GLU HA 292 21.39 57.03 1.33
CA GLU HA 292 20.29 56.57 2.17
C GLU HA 292 20.62 55.22 2.77
N HIS HA 293 20.01 54.94 3.92
CA HIS HA 293 20.25 53.67 4.60
C HIS HA 293 19.60 52.51 3.84
N ASN HA 294 18.37 52.70 3.36
CA ASN HA 294 17.60 51.60 2.82
C ASN HA 294 18.04 51.20 1.42
N ILE HA 295 18.95 51.93 0.80
CA ILE HA 295 19.38 51.66 -0.56
C ILE HA 295 20.71 50.93 -0.52
N LEU HA 296 20.75 49.75 -1.14
CA LEU HA 296 22.00 49.06 -1.36
C LEU HA 296 22.44 49.40 -2.77
N PRO HA 297 23.47 50.22 -2.95
CA PRO HA 297 23.83 50.67 -4.29
C PRO HA 297 24.85 49.77 -4.96
N ALA HA 298 24.65 49.54 -6.25
CA ALA HA 298 25.58 48.77 -7.04
C ALA HA 298 25.99 49.58 -8.26
N SER HA 299 27.20 49.31 -8.72
CA SER HA 299 27.73 49.95 -9.91
C SER HA 299 28.19 48.88 -10.88
N THR HA 300 28.08 49.19 -12.16
CA THR HA 300 28.34 48.23 -13.21
C THR HA 300 29.78 48.31 -13.69
N ASN HA 301 30.19 47.25 -14.39
CA ASN HA 301 31.54 47.17 -14.91
C ASN HA 301 31.96 48.32 -15.82
N PRO HA 302 31.21 48.68 -16.87
CA PRO HA 302 31.80 49.52 -17.93
C PRO HA 302 32.32 50.86 -17.46
N THR HA 303 31.70 51.46 -16.45
CA THR HA 303 32.09 52.79 -16.02
C THR HA 303 33.19 52.78 -14.97
N ILE HA 304 33.67 51.61 -14.55
CA ILE HA 304 34.78 51.54 -13.62
C ILE HA 304 35.87 50.65 -14.20
N PRO HA 305 37.15 51.05 -14.15
CA PRO HA 305 37.55 52.38 -13.70
C PRO HA 305 37.39 53.43 -14.81
N PHE HA 306 37.40 54.70 -14.44
CA PHE HA 306 37.26 55.76 -15.44
C PHE HA 306 38.55 55.87 -16.25
N THR HA 307 38.45 55.64 -17.56
CA THR HA 307 39.60 55.63 -18.45
C THR HA 307 39.37 56.62 -19.59
N VAL HA 308 40.35 56.69 -20.48
CA VAL HA 308 40.27 57.61 -21.62
C VAL HA 308 39.17 57.19 -22.58
N ASN HA 309 38.95 55.90 -22.75
CA ASN HA 309 37.98 55.37 -23.70
C ASN HA 309 36.63 55.07 -23.07
N THR HA 310 36.42 55.42 -21.79
CA THR HA 310 35.19 55.04 -21.11
C THR HA 310 33.97 55.68 -21.76
N GLU HA 311 34.06 56.95 -22.11
CA GLU HA 311 32.90 57.69 -22.59
C GLU HA 311 32.55 57.40 -24.05
N ALA HA 312 33.47 56.81 -24.82
CA ALA HA 312 33.22 56.65 -26.25
C ALA HA 312 32.19 55.58 -26.54
N GLU HA 313 32.18 54.48 -25.77
CA GLU HA 313 31.34 53.34 -26.05
C GLU HA 313 29.96 53.43 -25.42
N HIS HA 314 29.73 54.43 -24.57
CA HIS HA 314 28.53 54.45 -23.74
C HIS HA 314 27.26 54.56 -24.58
N MET HA 315 27.25 55.41 -25.60
CA MET HA 315 26.04 55.61 -26.38
C MET HA 315 25.68 54.36 -27.17
N ASP HA 316 26.69 53.71 -27.78
CA ASP HA 316 26.42 52.47 -28.50
C ASP HA 316 25.88 51.39 -27.56
N MET HA 317 26.51 51.25 -26.39
CA MET HA 317 26.02 50.26 -25.43
C MET HA 317 24.60 50.57 -25.01
N LEU HA 318 24.30 51.85 -24.74
CA LEU HA 318 22.97 52.24 -24.30
C LEU HA 318 21.93 51.94 -25.36
N MET HA 319 22.21 52.30 -26.61
CA MET HA 319 21.24 52.10 -27.69
C MET HA 319 20.97 50.62 -27.90
N VAL HA 320 22.04 49.81 -27.96
CA VAL HA 320 21.84 48.38 -28.21
C VAL HA 320 21.12 47.73 -27.03
N CYS HA 321 21.48 48.11 -25.79
CA CYS HA 321 20.83 47.51 -24.62
C CYS HA 321 19.36 47.88 -24.55
N HIS HA 322 19.02 49.14 -24.82
CA HIS HA 322 17.63 49.58 -24.72
C HIS HA 322 16.84 49.32 -26.00
N HIS HA 323 17.46 48.73 -27.01
CA HIS HA 323 16.75 48.29 -28.22
C HIS HA 323 16.18 49.48 -28.98
N LEU HA 324 17.03 50.46 -29.25
CA LEU HA 324 16.68 51.61 -30.08
C LEU HA 324 17.44 51.48 -31.39
N ASP HA 325 16.70 51.46 -32.50
CA ASP HA 325 17.34 51.29 -33.80
C ASP HA 325 18.18 52.52 -34.14
N LYS HA 326 19.42 52.27 -34.54
CA LYS HA 326 20.32 53.37 -34.89
C LYS HA 326 20.04 53.94 -36.27
N SER HA 327 19.16 53.32 -37.04
CA SER HA 327 18.79 53.82 -38.35
C SER HA 327 17.46 54.57 -38.34
N ILE HA 328 16.91 54.84 -37.16
CA ILE HA 328 15.62 55.51 -37.02
C ILE HA 328 15.85 56.85 -36.35
N LYS HA 329 15.36 57.92 -36.99
CA LYS HA 329 15.51 59.26 -36.43
C LYS HA 329 14.83 59.38 -35.08
N GLU HA 330 13.63 58.81 -34.95
CA GLU HA 330 12.90 58.91 -33.69
C GLU HA 330 13.66 58.22 -32.56
N ASP HA 331 14.18 57.02 -32.82
CA ASP HA 331 14.92 56.31 -31.78
C ASP HA 331 16.21 57.03 -31.43
N VAL HA 332 16.91 57.56 -32.43
CA VAL HA 332 18.16 58.28 -32.15
C VAL HA 332 17.88 59.53 -31.31
N GLN HA 333 16.83 60.28 -31.67
CA GLN HA 333 16.46 61.45 -30.87
C GLN HA 333 16.04 61.05 -29.47
N PHE HA 334 15.35 59.93 -29.34
CA PHE HA 334 14.95 59.44 -28.02
C PHE HA 334 16.17 59.10 -27.17
N ALA HA 335 17.21 58.55 -27.80
CA ALA HA 335 18.41 58.11 -27.08
C ALA HA 335 19.19 59.33 -26.61
N ASP HA 336 18.70 59.94 -25.54
CA ASP HA 336 19.34 61.10 -24.92
C ASP HA 336 19.96 60.67 -23.60
N SER HA 337 21.24 60.99 -23.41
CA SER HA 337 21.98 60.60 -22.23
C SER HA 337 22.37 61.82 -21.43
N ARG HA 338 22.37 61.67 -20.10
CA ARG HA 338 22.85 62.70 -19.20
C ARG HA 338 24.16 62.30 -18.55
N ILE HA 339 24.94 61.46 -19.24
CA ILE HA 339 26.20 60.98 -18.68
C ILE HA 339 27.24 62.10 -18.73
N ARG HA 340 28.07 62.16 -17.70
CA ARG HA 340 29.13 63.15 -17.64
C ARG HA 340 30.41 62.50 -17.13
N PRO HA 341 31.56 62.94 -17.63
CA PRO HA 341 32.82 62.45 -17.06
C PRO HA 341 32.95 62.76 -15.58
N GLN HA 342 32.30 63.82 -15.11
CA GLN HA 342 32.30 64.11 -13.68
C GLN HA 342 31.63 62.98 -12.90
N THR HA 343 30.48 62.51 -13.36
CA THR HA 343 29.81 61.40 -12.68
C THR HA 343 30.61 60.11 -12.81
N ILE HA 344 31.15 59.84 -14.00
CA ILE HA 344 31.91 58.61 -14.19
C ILE HA 344 33.13 58.60 -13.26
N ALA HA 345 33.80 59.75 -13.14
CA ALA HA 345 34.95 59.84 -12.24
C ALA HA 345 34.53 59.75 -10.78
N ALA HA 346 33.39 60.35 -10.44
CA ALA HA 346 32.92 60.30 -9.06
C ALA HA 346 32.55 58.88 -8.64
N GLU HA 347 32.18 58.04 -9.60
CA GLU HA 347 31.81 56.67 -9.27
C GLU HA 347 32.97 55.91 -8.63
N ASP HA 348 34.17 56.06 -9.19
CA ASP HA 348 35.33 55.37 -8.63
C ASP HA 348 35.65 55.86 -7.23
N THR HA 349 35.56 57.18 -7.01
CA THR HA 349 35.83 57.72 -5.68
C THR HA 349 34.80 57.27 -4.67
N LEU HA 350 33.53 57.18 -5.10
CA LEU HA 350 32.50 56.68 -4.20
C LEU HA 350 32.75 55.22 -3.84
N HIS HA 351 33.21 54.43 -4.81
CA HIS HA 351 33.61 53.07 -4.51
C HIS HA 351 34.73 53.04 -3.50
N ASP HA 352 35.73 53.90 -3.66
CA ASP HA 352 36.84 53.94 -2.71
C ASP HA 352 36.38 54.32 -1.33
N MET HA 353 35.44 55.27 -1.23
CA MET HA 353 34.93 55.70 0.05
C MET HA 353 33.94 54.74 0.67
N GLY HA 354 33.45 53.76 -0.08
CA GLY HA 354 32.49 52.83 0.44
C GLY HA 354 31.06 53.29 0.31
N ILE HA 355 30.80 54.35 -0.45
CA ILE HA 355 29.43 54.78 -0.69
C ILE HA 355 28.71 53.77 -1.57
N PHE HA 356 29.40 53.22 -2.55
CA PHE HA 356 28.86 52.16 -3.39
C PHE HA 356 29.27 50.82 -2.79
N SER HA 357 28.28 49.94 -2.60
CA SER HA 357 28.52 48.73 -1.84
C SER HA 357 28.70 47.50 -2.71
N ILE HA 358 28.14 47.46 -3.90
CA ILE HA 358 28.17 46.26 -4.73
C ILE HA 358 28.72 46.60 -6.10
N THR HA 359 29.61 45.76 -6.61
CA THR HA 359 30.04 45.82 -8.00
C THR HA 359 29.41 44.66 -8.75
N SER HA 360 28.97 44.92 -9.98
CA SER HA 360 28.34 43.88 -10.77
C SER HA 360 28.63 44.13 -12.25
N SER HA 361 28.05 43.29 -13.09
CA SER HA 361 28.32 43.33 -14.51
C SER HA 361 27.17 43.96 -15.31
N ASP HA 362 25.95 43.46 -15.14
CA ASP HA 362 24.89 43.62 -16.14
C ASP HA 362 25.34 43.02 -17.47
N SER HA 363 25.54 41.71 -17.43
CA SER HA 363 26.24 40.99 -18.49
C SER HA 363 25.55 41.17 -19.83
N GLN HA 364 26.33 41.51 -20.85
CA GLN HA 364 25.89 41.69 -22.23
C GLN HA 364 24.75 42.69 -22.35
N ALA HA 365 24.49 43.47 -21.32
CA ALA HA 365 23.63 44.65 -21.41
C ALA HA 365 24.35 45.76 -20.64
N MET HA 366 25.25 46.47 -21.31
CA MET HA 366 26.10 47.46 -20.68
C MET HA 366 26.87 46.88 -19.50
N GLY HA 367 27.69 45.89 -19.80
CA GLY HA 367 28.50 45.25 -18.77
C GLY HA 367 29.10 43.94 -19.22
N ARG HA 368 30.24 43.58 -18.64
CA ARG HA 368 31.00 42.42 -19.07
C ARG HA 368 31.03 41.40 -17.94
N VAL HA 369 30.53 40.19 -18.21
CA VAL HA 369 30.30 39.22 -17.14
C VAL HA 369 31.62 38.70 -16.59
N GLY HA 370 32.64 38.59 -17.44
CA GLY HA 370 33.88 38.00 -17.02
C GLY HA 370 34.89 39.03 -16.54
N GLU HA 371 34.40 40.23 -16.20
CA GLU HA 371 35.29 41.30 -15.79
C GLU HA 371 34.86 41.99 -14.50
N VAL HA 372 33.95 41.40 -13.73
CA VAL HA 372 33.54 42.02 -12.47
C VAL HA 372 34.72 42.11 -11.52
N ILE HA 373 35.39 40.99 -11.27
CA ILE HA 373 36.50 40.97 -10.33
C ILE HA 373 37.67 41.79 -10.87
N THR HA 374 37.96 41.65 -12.16
CA THR HA 374 39.08 42.38 -12.75
C THR HA 374 38.86 43.87 -12.67
N ARG HA 375 37.65 44.34 -12.96
CA ARG HA 375 37.41 45.78 -12.93
C ARG HA 375 37.30 46.30 -11.51
N THR HA 376 36.83 45.47 -10.57
CA THR HA 376 36.88 45.87 -9.17
C THR HA 376 38.31 46.11 -8.72
N TRP HA 377 39.22 45.21 -9.07
CA TRP HA 377 40.60 45.39 -8.64
C TRP HA 377 41.32 46.46 -9.43
N GLN HA 378 40.92 46.69 -10.69
CA GLN HA 378 41.45 47.83 -11.42
C GLN HA 378 41.03 49.14 -10.77
N THR HA 379 39.77 49.24 -10.33
CA THR HA 379 39.34 50.43 -9.61
C THR HA 379 40.09 50.59 -8.30
N ALA HA 380 40.29 49.50 -7.57
CA ALA HA 380 41.03 49.58 -6.32
C ALA HA 380 42.46 50.07 -6.57
N ASP HA 381 43.13 49.52 -7.58
CA ASP HA 381 44.49 49.93 -7.88
C ASP HA 381 44.56 51.38 -8.33
N LYS HA 382 43.60 51.82 -9.16
CA LYS HA 382 43.58 53.20 -9.61
C LYS HA 382 43.37 54.16 -8.45
N ASN HA 383 42.46 53.82 -7.54
CA ASN HA 383 42.23 54.68 -6.39
C ASN HA 383 43.44 54.69 -5.46
N LYS HA 384 44.13 53.56 -5.32
CA LYS HA 384 45.35 53.53 -4.52
C LYS HA 384 46.41 54.43 -5.14
N LYS HA 385 46.56 54.38 -6.46
CA LYS HA 385 47.54 55.23 -7.13
C LYS HA 385 47.18 56.71 -6.98
N GLU HA 386 45.89 57.03 -7.05
CA GLU HA 386 45.48 58.43 -7.02
C GLU HA 386 45.54 58.99 -5.60
N PHE HA 387 44.75 58.44 -4.68
CA PHE HA 387 44.61 58.99 -3.34
C PHE HA 387 45.55 58.38 -2.31
N GLY HA 388 46.37 57.42 -2.69
CA GLY HA 388 47.25 56.81 -1.72
C GLY HA 388 46.52 55.87 -0.78
N ARG HA 389 47.21 55.52 0.30
CA ARG HA 389 46.65 54.61 1.29
C ARG HA 389 45.47 55.24 2.00
N LEU HA 390 44.46 54.43 2.29
CA LEU HA 390 43.32 54.89 3.05
C LEU HA 390 43.74 55.23 4.47
N LYS HA 391 43.00 56.15 5.10
CA LYS HA 391 43.30 56.51 6.48
C LYS HA 391 42.94 55.41 7.46
N GLU HA 392 42.15 54.42 7.03
CA GLU HA 392 41.76 53.32 7.89
C GLU HA 392 42.79 52.21 7.95
N GLU HA 393 43.89 52.32 7.21
CA GLU HA 393 44.90 51.27 7.20
C GLU HA 393 45.67 51.29 8.51
N LYS HA 394 45.60 50.18 9.24
CA LYS HA 394 46.35 50.02 10.49
C LYS HA 394 47.66 49.27 10.23
N GLY HA 395 48.51 49.87 9.42
CA GLY HA 395 49.79 49.28 9.11
C GLY HA 395 50.28 49.74 7.75
N ASP HA 396 51.44 49.23 7.37
CA ASP HA 396 52.06 49.56 6.09
C ASP HA 396 51.60 48.58 5.01
N ASN HA 397 50.29 48.47 4.87
CA ASN HA 397 49.70 47.57 3.89
C ASN HA 397 48.37 48.15 3.44
N ASP HA 398 47.77 47.49 2.47
CA ASP HA 398 46.49 47.90 1.92
C ASP HA 398 45.37 46.93 2.32
N ASN HA 399 45.46 46.36 3.51
CA ASN HA 399 44.52 45.32 3.91
C ASN HA 399 43.09 45.85 3.97
N PHE HA 400 42.91 47.07 4.48
CA PHE HA 400 41.55 47.60 4.57
C PHE HA 400 40.95 47.80 3.18
N ARG HA 401 41.72 48.36 2.26
CA ARG HA 401 41.23 48.53 0.90
C ARG HA 401 40.95 47.19 0.24
N ILE HA 402 41.82 46.21 0.46
CA ILE HA 402 41.61 44.87 -0.07
C ILE HA 402 40.28 44.34 0.42
N LYS HA 403 40.03 44.45 1.72
CA LYS HA 403 38.80 43.89 2.28
C LYS HA 403 37.57 44.63 1.77
N ARG HA 404 37.65 45.96 1.64
CA ARG HA 404 36.52 46.71 1.13
C ARG HA 404 36.17 46.30 -0.29
N TYR HA 405 37.16 46.26 -1.17
CA TYR HA 405 36.89 45.93 -2.55
C TYR HA 405 36.52 44.46 -2.72
N LEU HA 406 37.05 43.58 -1.88
CA LEU HA 406 36.66 42.18 -1.95
C LEU HA 406 35.23 41.98 -1.49
N SER HA 407 34.82 42.70 -0.44
CA SER HA 407 33.44 42.66 -0.01
C SER HA 407 32.51 43.16 -1.10
N LYS HA 408 32.98 44.10 -1.92
CA LYS HA 408 32.13 44.64 -2.98
C LYS HA 408 31.55 43.55 -3.88
N TYR HA 409 32.27 42.45 -4.09
CA TYR HA 409 31.74 41.40 -4.94
C TYR HA 409 31.63 40.03 -4.28
N THR HA 410 31.96 39.89 -2.99
CA THR HA 410 31.82 38.58 -2.36
C THR HA 410 30.70 38.55 -1.32
N ILE HA 411 30.77 39.37 -0.28
CA ILE HA 411 29.86 39.21 0.85
C ILE HA 411 28.71 40.20 0.75
N ASN HA 412 28.95 41.37 0.17
CA ASN HA 412 27.91 42.37 0.10
C ASN HA 412 26.75 41.94 -0.79
N PRO HA 413 26.96 41.44 -2.01
CA PRO HA 413 25.82 40.91 -2.78
C PRO HA 413 25.15 39.72 -2.12
N ALA HA 414 25.91 38.89 -1.41
CA ALA HA 414 25.30 37.77 -0.69
C ALA HA 414 24.35 38.27 0.38
N ILE HA 415 24.76 39.28 1.15
CA ILE HA 415 23.88 39.86 2.13
C ILE HA 415 22.69 40.52 1.47
N ALA HA 416 22.93 41.22 0.36
CA ALA HA 416 21.85 41.94 -0.32
C ALA HA 416 20.77 40.98 -0.79
N HIS HA 417 21.16 39.80 -1.26
CA HIS HA 417 20.18 38.85 -1.77
C HIS HA 417 19.88 37.73 -0.80
N GLY HA 418 20.32 37.83 0.45
CA GLY HA 418 19.86 36.89 1.44
C GLY HA 418 20.45 35.51 1.35
N ILE HA 419 21.60 35.36 0.70
CA ILE HA 419 22.27 34.08 0.60
C ILE HA 419 23.57 34.07 1.39
N SER HA 420 23.79 35.06 2.24
CA SER HA 420 25.04 35.13 2.99
C SER HA 420 25.16 34.02 4.03
N GLU HA 421 24.08 33.29 4.30
CA GLU HA 421 24.19 32.12 5.17
C GLU HA 421 24.93 30.99 4.48
N TYR HA 422 24.89 30.94 3.15
CA TYR HA 422 25.48 29.85 2.39
C TYR HA 422 26.80 30.21 1.73
N VAL HA 423 26.84 31.34 1.03
CA VAL HA 423 27.98 31.71 0.21
C VAL HA 423 28.46 33.08 0.65
N GLY HA 424 29.52 33.55 -0.01
CA GLY HA 424 29.99 34.91 0.14
C GLY HA 424 31.30 35.05 0.88
N SER HA 425 31.70 34.07 1.68
CA SER HA 425 32.93 34.22 2.44
C SER HA 425 33.49 32.84 2.78
N VAL HA 426 34.75 32.85 3.20
CA VAL HA 426 35.43 31.62 3.63
C VAL HA 426 35.22 31.53 5.13
N GLU HA 427 34.10 30.93 5.52
CA GLU HA 427 33.74 30.77 6.92
C GLU HA 427 33.27 29.35 7.16
N VAL HA 428 33.40 28.89 8.40
CA VAL HA 428 33.01 27.54 8.74
C VAL HA 428 31.48 27.42 8.65
N GLY HA 429 31.01 26.39 7.96
CA GLY HA 429 29.60 26.16 7.79
C GLY HA 429 29.06 26.63 6.46
N LYS HA 430 29.77 27.52 5.78
CA LYS HA 430 29.35 27.96 4.46
C LYS HA 430 29.71 26.91 3.42
N VAL HA 431 29.06 27.00 2.26
CA VAL HA 431 29.35 26.04 1.21
C VAL HA 431 30.75 26.32 0.65
N ALA HA 432 31.41 25.26 0.19
CA ALA HA 432 32.80 25.35 -0.25
C ALA HA 432 32.85 25.82 -1.70
N ASP HA 433 32.54 27.10 -1.88
CA ASP HA 433 32.67 27.77 -3.17
C ASP HA 433 33.92 28.63 -3.08
N LEU HA 434 35.06 28.02 -3.36
CA LEU HA 434 36.36 28.66 -3.16
C LEU HA 434 37.06 28.87 -4.49
N VAL HA 435 37.88 29.91 -4.55
CA VAL HA 435 38.68 30.20 -5.72
C VAL HA 435 40.13 30.27 -5.28
N LEU HA 436 40.98 29.51 -5.97
CA LEU HA 436 42.41 29.46 -5.73
C LEU HA 436 43.09 30.32 -6.79
N TRP HA 437 43.77 31.37 -6.35
CA TRP HA 437 44.52 32.28 -7.21
C TRP HA 437 46.01 32.14 -6.91
N SER HA 438 46.80 32.26 -7.93
CA SER HA 438 48.17 32.58 -7.62
C SER HA 438 48.32 34.09 -7.50
N PRO HA 439 49.11 34.58 -6.54
CA PRO HA 439 49.16 36.02 -6.29
C PRO HA 439 49.61 36.83 -7.50
N ALA HA 440 50.40 36.25 -8.41
CA ALA HA 440 50.77 36.97 -9.61
C ALA HA 440 49.57 37.19 -10.52
N PHE HA 441 48.59 36.29 -10.48
CA PHE HA 441 47.43 36.37 -11.35
C PHE HA 441 46.17 36.75 -10.59
N PHE HA 442 46.31 37.28 -9.38
CA PHE HA 442 45.14 37.55 -8.55
C PHE HA 442 44.26 38.60 -9.21
N GLY HA 443 42.95 38.32 -9.23
CA GLY HA 443 41.99 39.24 -9.76
C GLY HA 443 41.74 39.13 -11.24
N VAL HA 444 42.53 38.35 -11.97
CA VAL HA 444 42.35 38.25 -13.41
C VAL HA 444 42.14 36.80 -13.85
N LYS HA 445 42.97 35.89 -13.38
CA LYS HA 445 42.91 34.49 -13.82
C LYS HA 445 43.13 33.53 -12.66
N PRO HA 446 42.09 32.86 -12.17
CA PRO HA 446 42.26 31.95 -11.03
C PRO HA 446 43.01 30.69 -11.41
N ASN HA 447 43.63 30.08 -10.39
CA ASN HA 447 44.24 28.78 -10.60
C ASN HA 447 43.17 27.70 -10.70
N MET HA 448 42.22 27.70 -9.78
CA MET HA 448 41.18 26.67 -9.86
C MET HA 448 39.97 27.10 -9.05
N ILE HA 449 38.85 26.43 -9.30
CA ILE HA 449 37.59 26.70 -8.63
C ILE HA 449 37.15 25.42 -7.94
N ILE HA 450 36.86 25.52 -6.64
CA ILE HA 450 36.29 24.43 -5.87
C ILE HA 450 34.82 24.73 -5.69
N LYS HA 451 33.96 23.86 -6.20
CA LYS HA 451 32.52 24.06 -6.18
C LYS HA 451 31.89 22.95 -5.35
N GLY HA 452 31.30 23.32 -4.22
CA GLY HA 452 30.65 22.35 -3.37
C GLY HA 452 31.57 21.28 -2.84
N GLY HA 453 32.83 21.62 -2.57
CA GLY HA 453 33.78 20.67 -2.04
C GLY HA 453 34.54 19.86 -3.05
N PHE HA 454 34.28 20.05 -4.33
CA PHE HA 454 34.97 19.33 -5.39
C PHE HA 454 35.42 20.32 -6.45
N ILE HA 455 36.55 20.02 -7.07
CA ILE HA 455 37.10 20.91 -8.09
C ILE HA 455 36.21 20.85 -9.32
N ALA HA 456 35.72 22.01 -9.75
CA ALA HA 456 34.82 22.09 -10.89
C ALA HA 456 35.47 22.68 -12.13
N LEU HA 457 36.43 23.57 -11.97
CA LEU HA 457 37.12 24.16 -13.10
C LEU HA 457 38.58 24.31 -12.74
N SER HA 458 39.45 24.14 -13.73
CA SER HA 458 40.86 24.27 -13.42
C SER HA 458 41.64 24.61 -14.67
N GLN HA 459 42.74 25.32 -14.48
CA GLN HA 459 43.74 25.44 -15.52
C GLN HA 459 44.36 24.08 -15.76
N MET HA 460 44.34 23.63 -17.01
CA MET HA 460 44.83 22.30 -17.34
C MET HA 460 45.59 22.36 -18.66
N GLY HA 461 46.62 21.55 -18.75
CA GLY HA 461 47.43 21.45 -19.94
C GLY HA 461 46.93 20.39 -20.89
N ASP HA 462 47.83 19.96 -21.77
CA ASP HA 462 47.49 18.93 -22.75
C ASP HA 462 47.05 17.66 -22.05
N ALA HA 463 45.92 17.10 -22.52
CA ALA HA 463 45.40 15.88 -21.91
C ALA HA 463 46.30 14.69 -22.19
N ASN HA 464 46.98 14.69 -23.34
CA ASN HA 464 47.91 13.62 -23.69
C ASN HA 464 49.28 13.79 -23.06
N ALA HA 465 49.50 14.86 -22.32
CA ALA HA 465 50.82 15.13 -21.76
C ALA HA 465 51.13 14.18 -20.62
N SER HA 466 52.42 14.07 -20.30
CA SER HA 466 52.87 13.26 -19.19
C SER HA 466 52.78 13.99 -17.85
N ILE HA 467 52.51 15.28 -17.86
CA ILE HA 467 52.22 16.06 -16.66
C ILE HA 467 51.12 17.06 -16.98
N PRO HA 468 50.47 17.61 -15.94
CA PRO HA 468 49.36 18.55 -16.21
C PRO HA 468 49.80 19.94 -16.64
N THR HA 469 51.06 20.31 -16.50
CA THR HA 469 51.54 21.66 -16.77
C THR HA 469 51.75 22.05 -18.23
N PRO HA 470 52.21 21.17 -19.13
CA PRO HA 470 52.64 21.64 -20.45
C PRO HA 470 51.51 22.20 -21.30
N GLN HA 471 51.91 23.06 -22.22
CA GLN HA 471 50.98 23.81 -23.04
C GLN HA 471 50.25 22.89 -24.02
N PRO HA 472 49.05 23.28 -24.47
CA PRO HA 472 48.33 24.51 -24.12
C PRO HA 472 47.57 24.38 -22.81
N VAL HA 473 47.71 25.37 -21.94
CA VAL HA 473 47.02 25.40 -20.67
C VAL HA 473 45.84 26.34 -20.82
N TYR HA 474 44.63 25.85 -20.54
CA TYR HA 474 43.49 26.74 -20.47
C TYR HA 474 42.48 26.15 -19.51
N TYR HA 475 41.37 26.86 -19.33
CA TYR HA 475 40.40 26.50 -18.30
C TYR HA 475 39.51 25.39 -18.79
N ARG HA 476 39.58 24.25 -18.13
CA ARG HA 476 38.81 23.08 -18.49
C ARG HA 476 37.90 22.70 -17.34
N GLU HA 477 36.73 22.18 -17.69
CA GLU HA 477 35.81 21.65 -16.70
C GLU HA 477 36.39 20.41 -16.06
N MET HA 478 36.25 20.31 -14.75
CA MET HA 478 36.72 19.16 -14.01
C MET HA 478 35.52 18.27 -13.67
N PHE HA 479 35.75 17.28 -12.81
CA PHE HA 479 34.75 16.24 -12.60
C PHE HA 479 33.50 16.76 -11.90
N ALA HA 480 33.61 17.79 -11.06
CA ALA HA 480 32.43 18.36 -10.43
C ALA HA 480 31.54 19.07 -11.42
N HIS HA 481 32.01 19.28 -12.65
CA HIS HA 481 31.27 19.92 -13.71
C HIS HA 481 30.43 18.95 -14.53
N HIS HA 482 30.54 17.64 -14.28
CA HIS HA 482 30.03 16.62 -15.17
C HIS HA 482 29.12 15.65 -14.43
N GLY HA 483 28.39 14.86 -15.20
CA GLY HA 483 27.59 13.78 -14.71
C GLY HA 483 26.54 14.25 -13.73
N LYS HA 484 26.30 13.43 -12.71
CA LYS HA 484 25.42 13.82 -11.63
C LYS HA 484 26.16 14.49 -10.49
N ALA HA 485 27.48 14.65 -10.61
CA ALA HA 485 28.24 15.37 -9.59
C ALA HA 485 27.86 16.84 -9.55
N LYS HA 486 27.49 17.42 -10.70
CA LYS HA 486 27.14 18.84 -10.70
C LYS HA 486 25.86 19.09 -9.93
N TYR HA 487 24.95 18.12 -9.87
CA TYR HA 487 23.74 18.27 -9.07
C TYR HA 487 24.09 18.42 -7.60
N ASP HA 488 25.06 17.65 -7.11
CA ASP HA 488 25.47 17.79 -5.73
C ASP HA 488 26.31 19.04 -5.51
N ALA HA 489 27.05 19.47 -6.54
CA ALA HA 489 27.96 20.59 -6.38
C ALA HA 489 27.25 21.93 -6.42
N ASN HA 490 26.14 22.05 -7.14
CA ASN HA 490 25.57 23.36 -7.41
C ASN HA 490 24.28 23.59 -6.65
N ILE HA 491 23.94 24.86 -6.49
CA ILE HA 491 22.78 25.30 -5.71
C ILE HA 491 21.90 26.17 -6.59
N THR HA 492 20.60 25.93 -6.54
CA THR HA 492 19.61 26.84 -7.07
C THR HA 492 18.93 27.51 -5.88
N PHE HA 493 18.99 28.84 -5.85
CA PHE HA 493 18.34 29.59 -4.80
C PHE HA 493 16.92 29.91 -5.21
N VAL HA 494 15.99 29.69 -4.30
CA VAL HA 494 14.58 30.00 -4.51
C VAL HA 494 14.08 30.77 -3.31
N SER HA 495 12.86 31.28 -3.41
CA SER HA 495 12.25 31.92 -2.26
C SER HA 495 11.82 30.87 -1.25
N GLN HA 496 11.65 31.32 -0.01
CA GLN HA 496 11.18 30.43 1.04
C GLN HA 496 9.80 29.89 0.73
N ALA HA 497 8.95 30.69 0.08
CA ALA HA 497 7.61 30.22 -0.27
C ALA HA 497 7.67 29.06 -1.25
N ALA HA 498 8.48 29.19 -2.30
CA ALA HA 498 8.64 28.10 -3.26
C ALA HA 498 9.27 26.89 -2.60
N TYR HA 499 10.25 27.11 -1.73
CA TYR HA 499 10.89 26.00 -1.02
C TYR HA 499 9.89 25.23 -0.18
N ASP HA 500 9.02 25.95 0.53
CA ASP HA 500 7.99 25.30 1.33
C ASP HA 500 6.97 24.58 0.46
N LYS HA 501 6.57 25.19 -0.65
CA LYS HA 501 5.64 24.54 -1.56
C LYS HA 501 6.25 23.35 -2.27
N GLY HA 502 7.55 23.17 -2.19
CA GLY HA 502 8.17 21.99 -2.75
C GLY HA 502 8.48 22.15 -4.22
N ILE HA 503 9.13 23.26 -4.56
CA ILE HA 503 9.47 23.54 -5.95
C ILE HA 503 10.42 22.47 -6.49
N LYS HA 504 11.29 21.94 -5.64
CA LYS HA 504 12.28 20.98 -6.10
C LYS HA 504 11.62 19.71 -6.64
N GLU HA 505 10.73 19.12 -5.85
CA GLU HA 505 10.05 17.92 -6.30
C GLU HA 505 9.03 18.22 -7.40
N GLU HA 506 8.40 19.39 -7.35
CA GLU HA 506 7.42 19.74 -8.37
C GLU HA 506 8.07 19.89 -9.74
N LEU HA 507 9.21 20.55 -9.82
CA LEU HA 507 9.91 20.75 -11.07
C LEU HA 507 10.92 19.65 -11.37
N GLY HA 508 11.09 18.68 -10.48
CA GLY HA 508 12.05 17.63 -10.73
C GLY HA 508 13.48 18.09 -10.78
N LEU HA 509 13.83 19.12 -10.01
CA LEU HA 509 15.20 19.60 -9.98
C LEU HA 509 16.08 18.65 -9.19
N GLU HA 510 17.29 18.41 -9.70
CA GLU HA 510 18.25 17.56 -9.02
C GLU HA 510 19.29 18.34 -8.24
N ARG HA 511 19.48 19.61 -8.54
CA ARG HA 511 20.40 20.45 -7.78
C ARG HA 511 19.89 20.63 -6.37
N GLN HA 512 20.80 20.96 -5.46
CA GLN HA 512 20.37 21.43 -4.16
C GLN HA 512 19.54 22.69 -4.35
N VAL HA 513 18.43 22.77 -3.63
CA VAL HA 513 17.54 23.92 -3.71
C VAL HA 513 17.51 24.56 -2.34
N LEU HA 514 17.92 25.82 -2.27
CA LEU HA 514 18.02 26.47 -0.98
C LEU HA 514 17.20 27.76 -0.96
N PRO HA 515 16.53 28.06 0.14
CA PRO HA 515 15.75 29.29 0.22
C PRO HA 515 16.60 30.48 0.65
N VAL HA 516 16.30 31.63 0.07
CA VAL HA 516 16.92 32.88 0.51
C VAL HA 516 16.18 33.38 1.74
N LYS HA 517 16.87 34.16 2.57
CA LYS HA 517 16.28 34.66 3.79
C LYS HA 517 16.98 35.93 4.23
N ASN HA 518 16.28 36.73 5.02
CA ASN HA 518 16.80 37.99 5.55
C ASN HA 518 17.16 38.97 4.44
N CYS HA 519 16.21 39.21 3.55
CA CYS HA 519 16.39 40.18 2.48
C CYS HA 519 15.78 41.53 2.80
N ARG HA 520 14.77 41.58 3.67
CA ARG HA 520 14.02 42.81 3.89
C ARG HA 520 14.55 43.66 5.02
N ASN HA 521 15.20 43.05 6.02
CA ASN HA 521 15.62 43.77 7.22
C ASN HA 521 17.08 44.17 7.17
N ILE HA 522 17.61 44.42 5.98
CA ILE HA 522 19.00 44.83 5.82
C ILE HA 522 19.02 46.23 5.25
N THR HA 523 20.00 47.02 5.68
CA THR HA 523 20.20 48.36 5.13
C THR HA 523 21.63 48.52 4.66
N LYS HA 524 22.00 49.74 4.30
CA LYS HA 524 23.39 50.01 3.92
C LYS HA 524 24.35 49.70 5.06
N LYS HA 525 23.87 49.84 6.31
CA LYS HA 525 24.73 49.60 7.46
C LYS HA 525 25.17 48.15 7.57
N ASP HA 526 24.48 47.23 6.91
CA ASP HA 526 24.83 45.82 6.98
C ASP HA 526 25.85 45.39 5.95
N MET HA 527 26.22 46.27 5.02
CA MET HA 527 27.30 45.96 4.10
C MET HA 527 28.63 46.02 4.84
N GLN HA 528 29.53 45.12 4.46
CA GLN HA 528 30.83 45.03 5.12
C GLN HA 528 31.81 45.98 4.44
N PHE HA 529 32.41 46.86 5.23
CA PHE HA 529 33.43 47.80 4.77
C PHE HA 529 32.90 48.79 3.75
N ASN HA 530 31.60 48.75 3.47
CA ASN HA 530 30.98 49.63 2.50
C ASN HA 530 29.67 50.17 3.03
N ASP HA 531 29.65 50.52 4.31
CA ASP HA 531 28.44 50.96 4.99
C ASP HA 531 28.41 52.48 5.18
N THR HA 532 29.18 53.22 4.40
CA THR HA 532 29.25 54.66 4.55
C THR HA 532 27.94 55.29 4.07
N THR HA 533 27.18 55.84 5.00
CA THR HA 533 25.99 56.64 4.68
C THR HA 533 26.35 58.09 4.91
N ALA HA 534 26.49 58.84 3.83
CA ALA HA 534 26.82 60.26 3.90
C ALA HA 534 25.86 61.04 3.03
N HIS HA 535 25.47 62.23 3.50
CA HIS HA 535 24.62 63.09 2.70
C HIS HA 535 25.36 63.49 1.43
N ILE HA 536 24.86 63.04 0.28
CA ILE HA 536 25.51 63.28 -1.00
C ILE HA 536 24.84 64.49 -1.62
N GLU HA 537 25.49 65.64 -1.51
CA GLU HA 537 24.99 66.86 -2.13
C GLU HA 537 25.36 66.85 -3.60
N VAL HA 538 24.37 66.73 -4.47
CA VAL HA 538 24.60 66.73 -5.90
C VAL HA 538 24.06 68.04 -6.46
N ASN HA 539 24.95 68.85 -7.01
CA ASN HA 539 24.57 70.06 -7.71
C ASN HA 539 24.36 69.68 -9.17
N PRO HA 540 23.12 69.64 -9.68
CA PRO HA 540 22.90 69.27 -11.08
C PRO HA 540 23.20 70.40 -12.05
N GLU HA 541 23.20 71.65 -11.59
CA GLU HA 541 23.63 72.75 -12.44
C GLU HA 541 25.09 72.57 -12.85
N THR HA 542 25.92 72.12 -11.92
CA THR HA 542 27.34 71.93 -12.17
C THR HA 542 27.75 70.48 -12.28
N TYR HA 543 26.81 69.55 -12.07
CA TYR HA 543 27.10 68.11 -12.05
C TYR HA 543 28.22 67.81 -11.06
N HIS HA 544 28.15 68.43 -9.90
CA HIS HA 544 29.19 68.33 -8.88
C HIS HA 544 28.67 67.50 -7.72
N VAL HA 545 29.45 66.51 -7.31
CA VAL HA 545 29.09 65.61 -6.23
C VAL HA 545 29.96 65.95 -5.02
N PHE HA 546 29.32 66.14 -3.87
CA PHE HA 546 30.01 66.42 -2.63
C PHE HA 546 29.54 65.42 -1.58
N VAL HA 547 30.48 64.90 -0.80
CA VAL HA 547 30.16 64.10 0.37
C VAL HA 547 30.83 64.76 1.57
N ASP HA 548 30.02 65.09 2.58
CA ASP HA 548 30.50 65.83 3.75
C ASP HA 548 31.21 67.12 3.35
N GLY HA 549 30.66 67.79 2.33
CA GLY HA 549 31.20 69.03 1.82
C GLY HA 549 32.27 68.89 0.75
N LYS HA 550 33.23 68.00 0.96
CA LYS HA 550 34.33 67.84 0.02
C LYS HA 550 33.83 67.30 -1.32
N GLU HA 551 34.29 67.89 -2.40
CA GLU HA 551 33.95 67.43 -3.73
C GLU HA 551 34.72 66.15 -4.07
N VAL HA 552 34.08 65.28 -4.83
CA VAL HA 552 34.66 64.00 -5.20
C VAL HA 552 34.85 63.95 -6.71
N THR HA 553 36.05 63.54 -7.12
CA THR HA 553 36.38 63.42 -8.54
C THR HA 553 37.61 62.55 -8.65
N SER HA 554 37.87 62.10 -9.87
CA SER HA 554 39.07 61.31 -10.13
C SER HA 554 39.54 61.60 -11.55
N LYS HA 555 40.76 61.34 -11.78
CA LYS HA 555 41.25 61.57 -13.13
C LYS HA 555 41.19 60.28 -13.94
N PRO HA 556 40.94 60.39 -15.24
CA PRO HA 556 40.92 59.18 -16.08
C PRO HA 556 42.27 58.49 -16.08
N ALA HA 557 42.24 57.16 -16.10
CA ALA HA 557 43.45 56.35 -16.10
C ALA HA 557 43.88 56.12 -17.54
N ASN HA 558 45.13 56.46 -17.84
CA ASN HA 558 45.67 56.20 -19.17
C ASN HA 558 46.01 54.73 -19.38
N LYS HA 559 46.33 54.01 -18.29
CA LYS HA 559 46.70 52.61 -18.38
C LYS HA 559 46.34 51.94 -17.07
N VAL HA 560 45.52 50.89 -17.14
CA VAL HA 560 45.11 50.15 -15.96
C VAL HA 560 45.92 48.88 -15.86
N SER HA 561 45.95 48.31 -14.66
CA SER HA 561 46.61 47.04 -14.43
C SER HA 561 45.66 45.88 -14.73
N LEU HA 562 46.23 44.68 -14.75
CA LEU HA 562 45.47 43.45 -14.99
C LEU HA 562 44.72 43.49 -16.32
N ALA HA 563 45.21 44.23 -17.31
CA ALA HA 563 44.48 44.38 -18.57
C ALA HA 563 45.19 43.74 -19.74
N GLN HA 564 46.39 44.20 -20.08
CA GLN HA 564 47.07 43.71 -21.27
C GLN HA 564 48.23 42.80 -20.98
N LEU HA 565 48.71 42.75 -19.74
CA LEU HA 565 49.75 41.82 -19.36
C LEU HA 565 49.27 40.39 -19.36
N PHE HA 566 47.96 40.16 -19.21
CA PHE HA 566 47.45 38.84 -18.91
C PHE HA 566 46.59 38.23 -20.01
N SER HA 567 46.15 39.01 -20.98
CA SER HA 567 45.20 38.53 -21.98
C SER HA 567 45.74 38.72 -23.38
N ILE HA 568 45.64 37.67 -24.19
CA ILE HA 568 46.06 37.78 -25.59
C ILE HA 568 45.12 38.69 -26.36
N PHE HA 569 43.85 38.74 -25.98
CA PHE HA 569 42.87 39.57 -26.65
C PHE HA 569 42.04 40.36 -25.65
N MET IA 1 40.38 73.69 -18.49
CA MET IA 1 39.99 72.70 -17.50
C MET IA 1 38.93 71.75 -18.06
N ASN IA 2 39.31 71.02 -19.10
CA ASN IA 2 38.38 70.10 -19.75
C ASN IA 2 38.18 68.88 -18.85
N THR IA 3 36.92 68.60 -18.50
CA THR IA 3 36.63 67.43 -17.69
C THR IA 3 36.73 66.14 -18.48
N TYR IA 4 36.63 66.20 -19.80
CA TYR IA 4 36.75 65.00 -20.62
C TYR IA 4 38.20 64.54 -20.68
N ALA IA 5 38.39 63.25 -20.93
CA ALA IA 5 39.73 62.69 -20.98
C ALA IA 5 40.52 63.27 -22.14
N GLN IA 6 39.89 63.42 -23.30
CA GLN IA 6 40.52 64.00 -24.48
C GLN IA 6 39.72 65.20 -24.94
N GLU IA 7 40.29 65.93 -25.90
CA GLU IA 7 39.64 67.12 -26.42
C GLU IA 7 38.40 66.74 -27.22
N SER IA 8 37.34 67.52 -27.05
CA SER IA 8 36.06 67.26 -27.73
C SER IA 8 36.16 67.76 -29.15
N LYS IA 9 36.29 66.83 -30.10
CA LYS IA 9 36.41 67.15 -31.51
C LYS IA 9 35.37 66.37 -32.30
N LEU IA 10 34.98 66.93 -33.44
CA LEU IA 10 34.04 66.26 -34.33
C LEU IA 10 34.37 66.69 -35.75
N ARG IA 11 35.17 65.88 -36.45
CA ARG IA 11 35.52 66.12 -37.83
C ARG IA 11 34.66 65.23 -38.71
N LEU IA 12 33.80 65.84 -39.52
CA LEU IA 12 32.90 65.11 -40.40
C LEU IA 12 33.13 65.57 -41.83
N LYS IA 13 33.17 64.61 -42.76
CA LYS IA 13 33.33 64.89 -44.18
C LYS IA 13 32.37 63.99 -44.94
N THR IA 14 31.41 64.60 -45.63
CA THR IA 14 30.40 63.86 -46.37
C THR IA 14 30.60 64.05 -47.86
N LYS IA 15 30.28 63.00 -48.61
CA LYS IA 15 30.38 63.00 -50.07
C LYS IA 15 29.21 62.21 -50.64
N ILE IA 16 29.07 62.27 -51.96
CA ILE IA 16 28.03 61.52 -52.65
C ILE IA 16 28.48 60.08 -52.84
N GLY IA 17 27.66 59.13 -52.41
CA GLY IA 17 28.00 57.73 -52.47
C GLY IA 17 27.83 57.14 -53.85
N ALA IA 18 28.14 55.85 -53.94
CA ALA IA 18 28.01 55.13 -55.20
C ALA IA 18 26.56 55.04 -55.65
N ASP IA 19 25.64 54.83 -54.69
CA ASP IA 19 24.23 54.71 -55.02
C ASP IA 19 23.54 56.05 -55.21
N GLY IA 20 24.28 57.15 -55.18
CA GLY IA 20 23.72 58.47 -55.37
C GLY IA 20 23.25 59.16 -54.11
N ARG IA 21 23.27 58.47 -52.97
CA ARG IA 21 22.88 59.09 -51.72
C ARG IA 21 24.06 59.81 -51.09
N CYS IA 22 23.76 60.69 -50.13
CA CYS IA 22 24.79 61.42 -49.40
C CYS IA 22 25.30 60.53 -48.27
N VAL IA 23 26.57 60.15 -48.35
CA VAL IA 23 27.17 59.24 -47.38
C VAL IA 23 28.29 59.97 -46.66
N ILE IA 24 28.66 59.43 -45.50
CA ILE IA 24 29.75 59.97 -44.70
C ILE IA 24 31.05 59.38 -45.20
N GLU IA 25 31.87 60.21 -45.85
CA GLU IA 25 33.16 59.73 -46.34
C GLU IA 25 34.12 59.50 -45.19
N ASP IA 26 34.16 60.41 -44.22
CA ASP IA 26 35.06 60.27 -43.09
C ASP IA 26 34.45 60.93 -41.87
N ASN IA 27 34.79 60.42 -40.70
CA ASN IA 27 34.30 61.01 -39.46
C ASN IA 27 35.17 60.57 -38.31
N PHE IA 28 35.46 61.51 -37.41
CA PHE IA 28 36.24 61.26 -36.21
C PHE IA 28 35.65 62.09 -35.09
N PHE IA 29 35.11 61.44 -34.06
CA PHE IA 29 34.45 62.14 -32.97
C PHE IA 29 34.96 61.62 -31.64
N THR IA 30 35.31 62.54 -30.77
CA THR IA 30 35.61 62.27 -29.37
C THR IA 30 34.43 62.67 -28.52
N PRO IA 31 34.32 62.15 -27.29
CA PRO IA 31 33.19 62.51 -26.45
C PRO IA 31 33.17 64.01 -26.20
N PRO IA 32 31.98 64.61 -26.07
CA PRO IA 32 30.68 63.94 -26.06
C PRO IA 32 30.07 63.76 -27.44
N PHE IA 33 30.83 64.06 -28.49
CA PHE IA 33 30.30 63.99 -29.84
C PHE IA 33 30.13 62.55 -30.29
N LYS IA 34 29.18 62.35 -31.20
CA LYS IA 34 28.98 61.05 -31.83
C LYS IA 34 28.24 61.24 -33.14
N LEU IA 35 28.58 60.39 -34.11
CA LEU IA 35 27.95 60.43 -35.42
C LEU IA 35 27.40 59.05 -35.75
N MET IA 36 26.14 58.99 -36.17
CA MET IA 36 25.53 57.78 -36.66
C MET IA 36 25.47 57.83 -38.18
N ALA IA 37 24.91 56.78 -38.77
CA ALA IA 37 24.72 56.77 -40.21
C ALA IA 37 23.70 57.84 -40.61
N PRO IA 38 23.86 58.46 -41.78
CA PRO IA 38 22.87 59.45 -42.21
C PRO IA 38 21.50 58.82 -42.38
N PHE IA 39 20.47 59.60 -42.07
CA PHE IA 39 19.09 59.19 -42.29
C PHE IA 39 18.61 59.72 -43.63
N TYR IA 40 17.82 58.91 -44.33
CA TYR IA 40 17.35 59.24 -45.67
C TYR IA 40 15.84 59.21 -45.71
N PRO IA 41 15.19 60.32 -45.38
CA PRO IA 41 13.73 60.40 -45.54
C PRO IA 41 13.34 60.21 -47.00
N LYS IA 42 12.06 59.87 -47.20
CA LYS IA 42 11.61 59.46 -48.53
C LYS IA 42 11.79 60.58 -49.55
N ASP IA 43 11.44 61.82 -49.19
CA ASP IA 43 11.47 62.92 -50.13
C ASP IA 43 12.43 64.05 -49.78
N ASP IA 44 12.86 64.15 -48.53
CA ASP IA 44 13.66 65.28 -48.09
C ASP IA 44 15.14 65.04 -48.40
N LEU IA 45 16.00 65.92 -47.89
CA LEU IA 45 17.43 65.80 -48.02
C LEU IA 45 17.97 64.75 -47.05
N ALA IA 46 19.24 64.38 -47.22
CA ALA IA 46 19.84 63.44 -46.30
C ALA IA 46 20.09 64.12 -44.96
N GLU IA 47 19.62 63.51 -43.89
CA GLU IA 47 19.68 64.13 -42.56
C GLU IA 47 20.80 63.53 -41.74
N ILE IA 48 21.60 64.39 -41.12
CA ILE IA 48 22.66 64.00 -40.21
C ILE IA 48 22.39 64.67 -38.87
N MET IA 49 22.37 63.87 -37.80
CA MET IA 49 22.15 64.37 -36.45
C MET IA 49 23.47 64.42 -35.72
N LEU IA 50 23.87 65.63 -35.30
CA LEU IA 50 25.09 65.80 -34.50
C LEU IA 50 24.76 65.42 -33.07
N LEU IA 51 25.03 64.16 -32.72
CA LEU IA 51 24.72 63.68 -31.38
C LEU IA 51 25.68 64.27 -30.37
N ALA IA 52 25.14 64.73 -29.24
CA ALA IA 52 25.92 65.19 -28.11
C ALA IA 52 25.54 64.34 -26.92
N VAL IA 53 26.43 63.47 -26.49
CA VAL IA 53 26.14 62.55 -25.37
C VAL IA 53 26.55 63.30 -24.11
N SER IA 54 25.65 64.15 -23.65
CA SER IA 54 25.83 64.97 -22.46
C SER IA 54 24.55 65.70 -22.11
N PRO IA 55 24.30 66.00 -20.84
CA PRO IA 55 23.14 66.83 -20.50
C PRO IA 55 23.24 68.24 -21.03
N GLY IA 56 24.43 68.70 -21.38
CA GLY IA 56 24.63 70.03 -21.87
C GLY IA 56 26.03 70.51 -21.60
N MET IA 57 26.37 71.65 -22.19
CA MET IA 57 27.71 72.20 -22.04
C MET IA 57 27.90 72.72 -20.62
N MET IA 58 29.00 72.34 -19.99
CA MET IA 58 29.34 72.75 -18.63
C MET IA 58 30.65 73.52 -18.64
N ARG IA 59 31.13 73.85 -17.44
CA ARG IA 59 32.34 74.65 -17.33
C ARG IA 59 33.54 73.90 -17.91
N GLY IA 60 34.34 74.61 -18.69
CA GLY IA 60 35.54 74.03 -19.26
C GLY IA 60 35.33 73.27 -20.55
N ASP IA 61 34.09 73.11 -21.00
CA ASP IA 61 33.83 72.42 -22.25
C ASP IA 61 34.35 73.25 -23.42
N ALA IA 62 35.10 72.62 -24.31
CA ALA IA 62 35.67 73.29 -25.47
C ALA IA 62 35.49 72.36 -26.67
N GLN IA 63 34.42 72.57 -27.42
CA GLN IA 63 34.08 71.73 -28.55
C GLN IA 63 34.63 72.29 -29.84
N ASP IA 64 35.20 71.43 -30.68
CA ASP IA 64 35.77 71.82 -31.97
C ASP IA 64 35.11 70.97 -33.05
N VAL IA 65 34.21 71.58 -33.81
CA VAL IA 65 33.46 70.91 -34.86
C VAL IA 65 33.99 71.39 -36.21
N GLN IA 66 34.18 70.45 -37.13
CA GLN IA 66 34.66 70.75 -38.48
C GLN IA 66 33.85 69.91 -39.46
N LEU IA 67 32.87 70.53 -40.10
CA LEU IA 67 32.02 69.86 -41.06
C LEU IA 67 32.48 70.21 -42.48
N ASN IA 68 32.48 69.21 -43.35
CA ASN IA 68 32.95 69.38 -44.72
C ASN IA 68 31.96 68.66 -45.65
N ILE IA 69 31.04 69.42 -46.23
CA ILE IA 69 30.08 68.89 -47.18
C ILE IA 69 30.70 68.98 -48.57
N GLY IA 70 30.75 67.84 -49.27
CA GLY IA 70 31.35 67.80 -50.58
C GLY IA 70 30.39 68.28 -51.66
N PRO IA 71 30.87 68.25 -52.89
CA PRO IA 71 30.06 68.73 -54.01
C PRO IA 71 28.79 67.91 -54.20
N ASN IA 72 27.73 68.60 -54.64
CA ASN IA 72 26.47 67.98 -55.04
C ASN IA 72 25.83 67.20 -53.88
N CYS IA 73 25.99 67.67 -52.65
CA CYS IA 73 25.42 67.02 -51.48
C CYS IA 73 24.27 67.85 -50.94
N LYS IA 74 23.11 67.22 -50.77
CA LYS IA 74 21.92 67.86 -50.22
C LYS IA 74 21.71 67.34 -48.81
N LEU IA 75 22.28 68.05 -47.84
CA LEU IA 75 22.36 67.59 -46.47
C LEU IA 75 21.67 68.56 -45.54
N ARG IA 76 20.90 68.02 -44.60
CA ARG IA 76 20.30 68.78 -43.50
C ARG IA 76 20.91 68.27 -42.20
N ILE IA 77 21.54 69.16 -41.46
CA ILE IA 77 22.24 68.82 -40.23
C ILE IA 77 21.43 69.35 -39.05
N THR IA 78 20.94 68.44 -38.22
CA THR IA 78 20.16 68.77 -37.04
C THR IA 78 20.93 68.33 -35.79
N SER IA 79 20.33 68.55 -34.63
CA SER IA 79 20.89 68.12 -33.37
C SER IA 79 19.88 67.22 -32.65
N GLN IA 80 20.37 66.54 -31.61
CA GLN IA 80 19.53 65.58 -30.89
C GLN IA 80 18.39 66.29 -30.15
N SER IA 81 18.72 67.33 -29.41
CA SER IA 81 17.72 68.04 -28.62
C SER IA 81 18.23 69.45 -28.36
N PHE IA 82 17.53 70.18 -27.49
CA PHE IA 82 17.91 71.55 -27.16
C PHE IA 82 19.30 71.56 -26.53
N GLU IA 83 20.13 72.50 -26.98
CA GLU IA 83 21.48 72.65 -26.43
C GLU IA 83 21.40 73.52 -25.19
N LYS IA 84 21.70 72.95 -24.03
CA LYS IA 84 21.59 73.64 -22.76
C LYS IA 84 22.99 73.99 -22.26
N ILE IA 85 23.19 75.27 -21.94
CA ILE IA 85 24.42 75.74 -21.32
C ILE IA 85 24.20 75.77 -19.82
N HIS IA 86 24.94 74.95 -19.10
CA HIS IA 86 24.75 74.83 -17.66
C HIS IA 86 25.46 75.96 -16.94
N ASN IA 87 25.31 75.98 -15.62
CA ASN IA 87 25.97 76.97 -14.79
C ASN IA 87 27.48 76.74 -14.84
N THR IA 88 28.19 77.61 -15.54
CA THR IA 88 29.66 77.61 -15.52
C THR IA 88 30.09 78.51 -14.37
N GLU IA 89 30.65 77.90 -13.33
CA GLU IA 89 30.92 78.60 -12.09
C GLU IA 89 31.88 79.76 -12.28
N ASP IA 90 33.12 79.47 -12.66
CA ASP IA 90 34.12 80.49 -12.92
C ASP IA 90 34.61 80.52 -14.36
N GLY IA 91 34.44 79.44 -15.10
CA GLY IA 91 34.88 79.33 -16.48
C GLY IA 91 33.75 79.56 -17.45
N PHE IA 92 33.88 78.96 -18.63
CA PHE IA 92 32.92 79.15 -19.70
C PHE IA 92 32.90 77.91 -20.58
N ALA IA 93 31.83 77.78 -21.36
CA ALA IA 93 31.69 76.74 -22.36
C ALA IA 93 31.85 77.36 -23.73
N SER IA 94 32.72 76.77 -24.55
CA SER IA 94 33.04 77.33 -25.85
C SER IA 94 32.83 76.28 -26.94
N ARG IA 95 32.26 76.72 -28.06
CA ARG IA 95 32.09 75.90 -29.24
C ARG IA 95 32.68 76.64 -30.43
N ASP IA 96 33.48 75.93 -31.23
CA ASP IA 96 34.11 76.50 -32.42
C ASP IA 96 33.78 75.59 -33.60
N MET IA 97 32.89 76.03 -34.47
CA MET IA 97 32.39 75.22 -35.56
C MET IA 97 32.80 75.83 -36.88
N HIS IA 98 33.60 75.10 -37.65
CA HIS IA 98 34.04 75.50 -38.98
C HIS IA 98 33.38 74.59 -40.00
N ILE IA 99 32.65 75.18 -40.93
CA ILE IA 99 31.90 74.45 -41.95
C ILE IA 99 32.42 74.85 -43.31
N VAL IA 100 32.60 73.85 -44.19
CA VAL IA 100 33.06 74.07 -45.55
C VAL IA 100 32.08 73.39 -46.50
N VAL IA 101 31.41 74.17 -47.33
CA VAL IA 101 30.43 73.67 -48.29
C VAL IA 101 31.05 73.69 -49.67
N GLY IA 102 30.94 72.59 -50.40
CA GLY IA 102 31.50 72.48 -51.73
C GLY IA 102 30.58 73.02 -52.80
N GLU IA 103 31.01 72.84 -54.04
CA GLU IA 103 30.26 73.35 -55.18
C GLU IA 103 28.93 72.62 -55.34
N ASN IA 104 27.89 73.40 -55.65
CA ASN IA 104 26.55 72.86 -55.92
C ASN IA 104 26.01 72.05 -54.75
N ALA IA 105 26.44 72.37 -53.54
CA ALA IA 105 26.04 71.65 -52.34
C ALA IA 105 25.09 72.50 -51.51
N PHE IA 106 24.01 71.89 -51.05
CA PHE IA 106 23.04 72.53 -50.19
C PHE IA 106 23.19 71.98 -48.78
N LEU IA 107 23.38 72.88 -47.81
CA LEU IA 107 23.47 72.51 -46.40
C LEU IA 107 22.41 73.30 -45.64
N ASP IA 108 21.54 72.57 -44.94
CA ASP IA 108 20.51 73.15 -44.10
C ASP IA 108 20.91 72.87 -42.65
N PHE IA 109 21.63 73.81 -42.05
CA PHE IA 109 22.07 73.68 -40.66
C PHE IA 109 20.95 74.19 -39.76
N ALA IA 110 20.18 73.27 -39.17
CA ALA IA 110 19.02 73.61 -38.36
C ALA IA 110 19.14 72.95 -37.01
N PRO IA 111 19.96 73.50 -36.12
CA PRO IA 111 20.07 72.95 -34.76
C PRO IA 111 18.90 73.40 -33.89
N PHE IA 112 18.74 72.69 -32.77
CA PHE IA 112 17.69 73.02 -31.82
C PHE IA 112 18.05 74.29 -31.05
N PRO IA 113 17.06 74.95 -30.45
CA PRO IA 113 17.33 76.20 -29.74
C PRO IA 113 18.32 76.02 -28.59
N LEU IA 114 19.08 77.07 -28.33
CA LEU IA 114 20.04 77.09 -27.24
C LEU IA 114 19.40 77.69 -25.99
N ILE IA 115 19.47 76.95 -24.89
CA ILE IA 115 18.88 77.36 -23.62
C ILE IA 115 20.00 77.59 -22.62
N PRO IA 116 20.36 78.84 -22.34
CA PRO IA 116 21.35 79.11 -21.29
C PRO IA 116 20.71 79.11 -19.91
N PHE IA 117 21.32 78.38 -18.99
CA PHE IA 117 20.82 78.31 -17.62
C PHE IA 117 21.31 79.53 -16.84
N GLU IA 118 21.05 79.54 -15.53
CA GLU IA 118 21.49 80.64 -14.69
C GLU IA 118 23.01 80.64 -14.58
N ASN IA 119 23.60 81.84 -14.70
CA ASN IA 119 25.05 82.03 -14.62
C ASN IA 119 25.78 81.20 -15.68
N ALA IA 120 25.25 81.20 -16.89
CA ALA IA 120 25.85 80.48 -18.01
C ALA IA 120 26.70 81.42 -18.84
N HIS IA 121 27.92 81.01 -19.14
CA HIS IA 121 28.84 81.77 -19.97
C HIS IA 121 29.20 80.91 -21.18
N PHE IA 122 28.80 81.36 -22.36
CA PHE IA 122 28.98 80.60 -23.58
C PHE IA 122 29.64 81.46 -24.66
N LYS IA 123 30.58 80.86 -25.37
CA LYS IA 123 31.30 81.51 -26.47
C LYS IA 123 31.23 80.61 -27.69
N GLY IA 124 30.41 80.97 -28.66
CA GLY IA 124 30.28 80.23 -29.90
C GLY IA 124 30.91 81.01 -31.05
N ASN IA 125 31.64 80.30 -31.89
CA ASN IA 125 32.33 80.90 -33.03
C ASN IA 125 32.11 79.98 -34.24
N THR IA 126 31.22 80.40 -35.14
CA THR IA 126 30.90 79.64 -36.34
C THR IA 126 31.50 80.35 -37.54
N THR IA 127 32.27 79.61 -38.33
CA THR IA 127 32.87 80.12 -39.56
C THR IA 127 32.45 79.20 -40.70
N ILE IA 128 31.58 79.70 -41.58
CA ILE IA 128 31.09 78.95 -42.72
C ILE IA 128 31.78 79.49 -43.97
N SER IA 129 32.29 78.58 -44.80
CA SER IA 129 32.91 78.91 -46.07
C SER IA 129 32.14 78.23 -47.18
N LEU IA 130 31.88 78.98 -48.25
CA LEU IA 130 31.06 78.49 -49.35
C LEU IA 130 31.77 78.72 -50.67
N ARG IA 131 31.34 77.98 -51.69
CA ARG IA 131 31.72 78.26 -53.06
C ARG IA 131 30.67 79.19 -53.68
N SER IA 132 30.89 79.56 -54.94
CA SER IA 132 29.93 80.42 -55.62
C SER IA 132 28.58 79.76 -55.76
N SER IA 133 28.56 78.47 -56.08
CA SER IA 133 27.32 77.73 -56.29
C SER IA 133 26.77 77.10 -55.02
N SER IA 134 27.48 77.18 -53.90
CA SER IA 134 27.02 76.57 -52.67
C SER IA 134 25.77 77.28 -52.15
N GLN IA 135 24.85 76.51 -51.58
CA GLN IA 135 23.67 77.04 -50.94
C GLN IA 135 23.73 76.72 -49.45
N LEU IA 136 23.38 77.70 -48.63
CA LEU IA 136 23.42 77.55 -47.18
C LEU IA 136 22.13 78.08 -46.57
N LEU IA 137 21.61 77.36 -45.58
CA LEU IA 137 20.46 77.79 -44.80
C LEU IA 137 20.85 77.65 -43.33
N TYR IA 138 21.51 78.67 -42.80
CA TYR IA 138 21.98 78.65 -41.43
C TYR IA 138 20.92 79.20 -40.50
N SER IA 139 20.88 78.68 -39.28
CA SER IA 139 19.88 79.12 -38.32
C SER IA 139 20.43 79.03 -36.91
N ALA IA 140 19.87 79.85 -36.02
CA ALA IA 140 20.24 79.81 -34.61
C ALA IA 140 19.10 80.40 -33.80
N ILE IA 141 18.63 79.65 -32.80
CA ILE IA 141 17.59 80.10 -31.90
C ILE IA 141 18.19 80.22 -30.50
N ILE IA 142 17.97 81.36 -29.87
CA ILE IA 142 18.46 81.63 -28.52
C ILE IA 142 17.27 81.90 -27.62
N VAL IA 143 17.21 81.21 -26.49
CA VAL IA 143 16.14 81.38 -25.51
C VAL IA 143 16.68 82.23 -24.37
N ALA IA 144 15.80 82.99 -23.75
CA ALA IA 144 16.18 83.81 -22.60
C ALA IA 144 16.53 82.99 -21.38
N GLY IA 145 16.23 81.70 -21.38
CA GLY IA 145 16.47 80.82 -20.26
C GLY IA 145 15.30 79.89 -20.08
N ARG IA 146 15.22 79.28 -18.90
CA ARG IA 146 14.09 78.40 -18.57
C ARG IA 146 12.90 79.29 -18.26
N VAL IA 147 12.16 79.65 -19.31
CA VAL IA 147 11.12 80.67 -19.20
C VAL IA 147 10.00 80.21 -18.28
N ALA IA 148 9.58 78.95 -18.40
CA ALA IA 148 8.41 78.48 -17.68
C ALA IA 148 8.64 78.47 -16.16
N ARG IA 149 9.88 78.55 -15.70
CA ARG IA 149 10.17 78.65 -14.28
C ARG IA 149 10.73 80.00 -13.88
N ASN IA 150 10.45 81.04 -14.68
CA ASN IA 150 10.82 82.42 -14.36
C ASN IA 150 12.33 82.59 -14.26
N GLU IA 151 13.08 81.90 -15.11
CA GLU IA 151 14.52 82.06 -15.22
C GLU IA 151 14.79 82.85 -16.50
N LEU IA 152 14.72 84.18 -16.39
CA LEU IA 152 14.83 85.07 -17.54
C LEU IA 152 16.13 85.86 -17.44
N PHE IA 153 17.01 85.66 -18.42
CA PHE IA 153 18.25 86.43 -18.54
C PHE IA 153 19.09 86.34 -17.26
N LYS IA 154 19.10 85.15 -16.67
CA LYS IA 154 19.90 84.91 -15.48
C LYS IA 154 21.29 84.36 -15.81
N PHE IA 155 21.60 84.20 -17.09
CA PHE IA 155 22.91 83.69 -17.48
C PHE IA 155 23.97 84.77 -17.34
N ASN IA 156 25.23 84.34 -17.37
CA ASN IA 156 26.34 85.27 -17.25
C ASN IA 156 26.55 86.05 -18.54
N ARG IA 157 26.81 85.36 -19.64
CA ARG IA 157 27.13 86.03 -20.89
C ARG IA 157 27.00 85.04 -22.04
N LEU IA 158 26.42 85.49 -23.15
CA LEU IA 158 26.30 84.70 -24.36
C LEU IA 158 26.95 85.48 -25.50
N HIS IA 159 28.10 85.01 -25.97
CA HIS IA 159 28.75 85.60 -27.12
C HIS IA 159 28.67 84.60 -28.27
N THR IA 160 28.18 85.05 -29.42
CA THR IA 160 28.04 84.19 -30.59
C THR IA 160 28.49 84.98 -31.82
N LYS IA 161 29.57 84.54 -32.43
CA LYS IA 161 30.09 85.16 -33.64
C LYS IA 161 29.83 84.22 -34.81
N ILE IA 162 29.28 84.76 -35.90
CA ILE IA 162 29.04 84.02 -37.13
C ILE IA 162 29.74 84.76 -38.26
N SER IA 163 30.54 84.04 -39.04
CA SER IA 163 31.26 84.61 -40.16
C SER IA 163 31.04 83.72 -41.38
N ILE IA 164 30.31 84.24 -42.37
CA ILE IA 164 30.02 83.50 -43.59
C ILE IA 164 30.82 84.13 -44.72
N LEU IA 165 31.70 83.34 -45.32
CA LEU IA 165 32.54 83.75 -46.44
C LEU IA 165 32.12 83.00 -47.68
N GLN IA 166 32.10 83.69 -48.81
CA GLN IA 166 31.80 83.08 -50.10
C GLN IA 166 32.96 83.33 -51.05
N ASP IA 167 33.49 82.26 -51.63
CA ASP IA 167 34.67 82.32 -52.49
C ASP IA 167 35.82 83.01 -51.77
N GLU IA 168 35.99 82.70 -50.49
CA GLU IA 168 37.01 83.29 -49.63
C GLU IA 168 36.89 84.81 -49.58
N LYS IA 169 35.65 85.30 -49.54
CA LYS IA 169 35.37 86.72 -49.41
C LYS IA 169 34.24 86.86 -48.39
N PRO IA 170 34.37 87.75 -47.42
CA PRO IA 170 33.33 87.87 -46.38
C PRO IA 170 32.02 88.39 -46.97
N ILE IA 171 30.95 87.69 -46.67
CA ILE IA 171 29.62 88.10 -47.11
C ILE IA 171 28.64 88.26 -45.96
N TYR IA 172 28.91 87.70 -44.78
CA TYR IA 172 28.00 87.89 -43.66
C TYR IA 172 28.79 87.91 -42.35
N TYR IA 173 28.47 88.87 -41.49
CA TYR IA 173 29.07 88.96 -40.17
C TYR IA 173 27.95 89.14 -39.16
N ASP IA 174 28.04 88.43 -38.04
CA ASP IA 174 27.07 88.57 -36.96
C ASP IA 174 27.79 88.43 -35.63
N ASN IA 175 27.48 89.34 -34.70
CA ASN IA 175 28.11 89.34 -33.37
C ASN IA 175 27.00 89.55 -32.34
N THR IA 176 26.40 88.45 -31.88
CA THR IA 176 25.33 88.51 -30.91
C THR IA 176 25.95 88.42 -29.51
N ILE IA 177 25.85 89.50 -28.76
CA ILE IA 177 26.35 89.55 -27.39
C ILE IA 177 25.17 89.84 -26.47
N LEU IA 178 24.91 88.92 -25.54
CA LEU IA 178 23.86 89.08 -24.55
C LEU IA 178 24.51 89.05 -23.18
N ASP IA 179 24.55 90.20 -22.53
CA ASP IA 179 25.13 90.34 -21.19
C ASP IA 179 24.12 91.06 -20.31
N PRO IA 180 23.32 90.33 -19.52
CA PRO IA 180 22.34 91.00 -18.66
C PRO IA 180 22.97 91.94 -17.64
N LYS IA 181 24.21 91.69 -17.23
CA LYS IA 181 24.87 92.57 -16.28
C LYS IA 181 25.09 93.96 -16.85
N THR IA 182 25.51 94.04 -18.12
CA THR IA 182 25.82 95.34 -18.72
C THR IA 182 24.55 96.11 -19.06
N THR IA 183 23.51 95.42 -19.53
CA THR IA 183 22.29 96.09 -19.95
C THR IA 183 21.11 95.16 -19.73
N ASP IA 184 19.92 95.75 -19.65
CA ASP IA 184 18.69 94.99 -19.51
C ASP IA 184 18.24 94.51 -20.88
N LEU IA 185 18.36 93.20 -21.12
CA LEU IA 185 17.95 92.63 -22.40
C LEU IA 185 16.44 92.62 -22.58
N ASN IA 186 15.67 92.95 -21.54
CA ASN IA 186 14.22 93.02 -21.63
C ASN IA 186 13.72 94.37 -22.14
N ASN IA 187 14.63 95.28 -22.49
CA ASN IA 187 14.22 96.61 -22.94
C ASN IA 187 13.53 96.53 -24.29
N MET IA 188 13.02 97.68 -24.74
CA MET IA 188 12.22 97.75 -25.97
C MET IA 188 13.05 97.50 -27.22
N CYS IA 189 14.37 97.55 -27.15
CA CYS IA 189 15.20 97.38 -28.33
C CYS IA 189 15.88 96.02 -28.41
N MET IA 190 15.99 95.29 -27.29
CA MET IA 190 16.66 93.99 -27.31
C MET IA 190 15.67 92.84 -27.48
N PHE IA 191 14.72 92.71 -26.57
CA PHE IA 191 13.78 91.59 -26.65
C PHE IA 191 12.34 92.05 -26.55
N ASP IA 192 12.11 93.18 -25.87
CA ASP IA 192 10.77 93.77 -25.73
C ASP IA 192 9.77 92.76 -25.17
N GLY IA 193 10.19 92.03 -24.15
CA GLY IA 193 9.33 91.06 -23.50
C GLY IA 193 9.26 89.71 -24.18
N TYR IA 194 9.94 89.54 -25.31
CA TYR IA 194 10.02 88.24 -25.95
C TYR IA 194 11.13 87.42 -25.32
N THR IA 195 11.01 86.09 -25.43
CA THR IA 195 11.96 85.19 -24.81
C THR IA 195 12.75 84.34 -25.79
N HIS IA 196 12.29 84.18 -27.02
CA HIS IA 196 12.95 83.35 -28.02
C HIS IA 196 13.29 84.19 -29.23
N TYR IA 197 14.54 84.09 -29.69
CA TYR IA 197 15.02 84.89 -30.81
C TYR IA 197 15.62 83.98 -31.85
N LEU IA 198 15.12 84.08 -33.09
CA LEU IA 198 15.58 83.27 -34.20
C LEU IA 198 16.31 84.15 -35.20
N ASN IA 199 17.53 83.73 -35.55
CA ASN IA 199 18.33 84.39 -36.58
C ASN IA 199 18.61 83.37 -37.67
N LEU IA 200 18.18 83.66 -38.88
CA LEU IA 200 18.30 82.75 -40.00
C LEU IA 200 18.95 83.45 -41.18
N VAL IA 201 19.85 82.75 -41.86
CA VAL IA 201 20.56 83.31 -43.01
C VAL IA 201 20.38 82.37 -44.19
N LEU IA 202 19.85 82.89 -45.29
CA LEU IA 202 19.69 82.16 -46.54
C LEU IA 202 20.70 82.74 -47.54
N VAL IA 203 21.66 81.92 -47.94
CA VAL IA 203 22.70 82.32 -48.89
C VAL IA 203 22.49 81.52 -50.16
N ASN IA 204 22.34 82.23 -51.28
CA ASN IA 204 22.17 81.65 -52.61
C ASN IA 204 20.93 80.78 -52.74
N CYS IA 205 20.01 80.86 -51.78
CA CYS IA 205 18.79 80.08 -51.87
C CYS IA 205 17.86 80.68 -52.93
N PRO IA 206 17.13 79.85 -53.68
CA PRO IA 206 16.24 80.34 -54.73
C PRO IA 206 14.84 80.72 -54.22
N ILE IA 207 14.81 81.57 -53.20
CA ILE IA 207 13.56 82.02 -52.58
C ILE IA 207 13.53 83.54 -52.62
N GLU IA 208 12.35 84.09 -52.86
CA GLU IA 208 12.19 85.53 -53.00
C GLU IA 208 11.87 86.19 -51.67
N LEU IA 209 12.29 87.45 -51.55
CA LEU IA 209 12.00 88.23 -50.35
C LEU IA 209 10.51 88.33 -50.12
N SER IA 210 9.72 88.45 -51.20
CA SER IA 210 8.27 88.49 -51.05
C SER IA 210 7.73 87.20 -50.46
N GLY IA 211 8.26 86.05 -50.92
CA GLY IA 211 7.82 84.78 -50.38
C GLY IA 211 8.18 84.62 -48.91
N VAL IA 212 9.41 85.01 -48.55
CA VAL IA 212 9.82 84.92 -47.15
C VAL IA 212 8.97 85.85 -46.28
N ARG IA 213 8.67 87.05 -46.78
CA ARG IA 213 7.86 87.98 -46.02
C ARG IA 213 6.45 87.45 -45.84
N GLU IA 214 5.89 86.82 -46.88
CA GLU IA 214 4.57 86.22 -46.75
C GLU IA 214 4.58 85.10 -45.73
N CYS IA 215 5.63 84.28 -45.72
CA CYS IA 215 5.74 83.22 -44.71
C CYS IA 215 5.79 83.80 -43.31
N ILE IA 216 6.60 84.85 -43.11
CA ILE IA 216 6.72 85.47 -41.80
C ILE IA 216 5.38 86.04 -41.37
N GLU IA 217 4.67 86.73 -42.28
CA GLU IA 217 3.40 87.33 -41.94
C GLU IA 217 2.35 86.28 -41.59
N GLU IA 218 2.29 85.19 -42.36
CA GLU IA 218 1.30 84.17 -42.08
C GLU IA 218 1.66 83.33 -40.86
N SER IA 219 2.92 83.32 -40.45
CA SER IA 219 3.28 82.65 -39.20
C SER IA 219 2.70 83.41 -38.01
N GLU IA 220 2.09 82.68 -37.09
CA GLU IA 220 1.37 83.28 -35.97
C GLU IA 220 2.22 83.28 -34.71
N GLY IA 221 1.99 84.29 -33.87
CA GLY IA 221 2.69 84.39 -32.61
C GLY IA 221 4.13 84.85 -32.69
N VAL IA 222 4.57 85.30 -33.86
CA VAL IA 222 5.96 85.68 -34.06
C VAL IA 222 6.02 87.09 -34.60
N ASP IA 223 6.90 87.91 -34.02
CA ASP IA 223 7.21 89.24 -34.52
C ASP IA 223 8.53 89.12 -35.28
N GLY IA 224 8.44 89.02 -36.61
CA GLY IA 224 9.61 88.72 -37.41
C GLY IA 224 9.71 89.64 -38.61
N ALA IA 225 10.88 89.62 -39.23
CA ALA IA 225 11.14 90.42 -40.41
C ALA IA 225 12.29 89.80 -41.19
N VAL IA 226 12.34 90.14 -42.48
CA VAL IA 226 13.35 89.63 -43.39
C VAL IA 226 13.88 90.77 -44.24
N SER IA 227 15.20 90.84 -44.41
CA SER IA 227 15.83 91.85 -45.21
C SER IA 227 16.92 91.21 -46.07
N GLU IA 228 17.55 92.03 -46.90
CA GLU IA 228 18.64 91.60 -47.77
C GLU IA 228 19.93 92.22 -47.26
N THR IA 229 20.96 91.40 -47.10
CA THR IA 229 22.25 91.86 -46.60
C THR IA 229 22.98 92.60 -47.72
N ALA IA 230 24.21 93.02 -47.44
CA ALA IA 230 25.00 93.73 -48.45
C ALA IA 230 25.29 92.83 -49.65
N SER IA 231 25.56 91.55 -49.41
CA SER IA 231 25.90 90.60 -50.45
C SER IA 231 24.66 89.98 -51.11
N SER IA 232 23.50 90.61 -50.97
CA SER IA 232 22.27 90.18 -51.63
C SER IA 232 21.88 88.75 -51.22
N HIS IA 233 21.88 88.52 -49.92
CA HIS IA 233 21.42 87.25 -49.35
C HIS IA 233 20.45 87.55 -48.21
N LEU IA 234 19.51 86.64 -47.99
CA LEU IA 234 18.39 86.94 -47.12
C LEU IA 234 18.77 86.72 -45.65
N CYS IA 235 18.32 87.62 -44.79
CA CYS IA 235 18.51 87.50 -43.35
C CYS IA 235 17.16 87.70 -42.67
N VAL IA 236 16.78 86.75 -41.83
CA VAL IA 236 15.50 86.76 -41.12
C VAL IA 236 15.78 86.85 -39.64
N LYS IA 237 15.14 87.81 -38.97
CA LYS IA 237 15.21 87.93 -37.52
C LYS IA 237 13.79 87.90 -36.98
N ALA IA 238 13.55 87.02 -36.01
CA ALA IA 238 12.21 86.84 -35.47
C ALA IA 238 12.28 86.73 -33.95
N LEU IA 239 11.20 87.15 -33.30
CA LEU IA 239 11.05 87.02 -31.86
C LEU IA 239 9.73 86.34 -31.57
N ALA IA 240 9.71 85.56 -30.49
CA ALA IA 240 8.50 84.83 -30.12
C ALA IA 240 8.51 84.56 -28.62
N LYS IA 241 7.32 84.29 -28.09
CA LYS IA 241 7.21 83.95 -26.68
C LYS IA 241 7.70 82.52 -26.42
N GLY IA 242 7.50 81.62 -27.38
CA GLY IA 242 7.95 80.26 -27.24
C GLY IA 242 8.73 79.83 -28.48
N SER IA 243 9.40 78.67 -28.36
CA SER IA 243 10.20 78.16 -29.45
C SER IA 243 9.37 77.47 -30.52
N GLU IA 244 8.12 77.13 -30.22
CA GLU IA 244 7.27 76.47 -31.22
C GLU IA 244 7.01 77.34 -32.44
N PRO IA 245 6.57 78.61 -32.30
CA PRO IA 245 6.40 79.43 -33.51
C PRO IA 245 7.68 79.62 -34.30
N LEU IA 246 8.81 79.75 -33.62
CA LEU IA 246 10.08 79.96 -34.32
C LEU IA 246 10.48 78.71 -35.10
N LEU IA 247 10.33 77.52 -34.48
CA LEU IA 247 10.65 76.29 -35.17
C LEU IA 247 9.72 76.07 -36.36
N HIS IA 248 8.43 76.37 -36.18
CA HIS IA 248 7.48 76.24 -37.28
C HIS IA 248 7.83 77.18 -38.42
N LEU IA 249 8.19 78.43 -38.10
CA LEU IA 249 8.59 79.37 -39.14
C LEU IA 249 9.85 78.91 -39.86
N ARG IA 250 10.83 78.40 -39.11
CA ARG IA 250 12.06 77.93 -39.73
C ARG IA 250 11.80 76.75 -40.66
N GLU IA 251 10.97 75.80 -40.23
CA GLU IA 251 10.68 74.67 -41.10
C GLU IA 251 9.84 75.08 -42.30
N LYS IA 252 8.97 76.09 -42.14
CA LYS IA 252 8.23 76.62 -43.28
C LYS IA 252 9.17 77.23 -44.30
N ILE IA 253 10.13 78.03 -43.85
CA ILE IA 253 11.08 78.65 -44.77
C ILE IA 253 11.94 77.59 -45.44
N ALA IA 254 12.36 76.57 -44.68
CA ALA IA 254 13.15 75.49 -45.24
C ALA IA 254 12.37 74.73 -46.31
N ARG IA 255 11.09 74.47 -46.06
CA ARG IA 255 10.27 73.79 -47.05
C ARG IA 255 10.10 74.65 -48.31
N LEU IA 256 9.90 75.95 -48.13
CA LEU IA 256 9.79 76.83 -49.29
C LEU IA 256 11.08 76.85 -50.10
N VAL IA 257 12.23 76.77 -49.42
CA VAL IA 257 13.50 76.75 -50.13
C VAL IA 257 13.68 75.43 -50.88
N THR IA 258 13.34 74.31 -50.22
CA THR IA 258 13.59 73.00 -50.80
C THR IA 258 12.61 72.64 -51.91
N GLN IA 259 11.37 73.12 -51.84
CA GLN IA 259 10.38 72.77 -52.85
C GLN IA 259 10.74 73.30 -54.23
N THR IA 260 11.65 74.27 -54.30
CA THR IA 260 12.11 74.80 -55.58
C THR IA 260 12.93 73.76 -56.33
N ASP JA 30 35.56 128.58 -35.22
CA ASP JA 30 36.73 127.72 -35.13
C ASP JA 30 36.37 126.26 -35.42
N ASN JA 31 37.03 125.34 -34.71
CA ASN JA 31 36.75 123.92 -34.92
C ASN JA 31 35.30 123.58 -34.58
N GLU JA 32 34.79 124.11 -33.46
CA GLU JA 32 33.41 123.84 -33.08
C GLU JA 32 32.44 124.44 -34.09
N PHE JA 33 32.73 125.65 -34.58
CA PHE JA 33 31.87 126.27 -35.58
C PHE JA 33 31.84 125.45 -36.87
N LEU JA 34 33.00 124.97 -37.31
CA LEU JA 34 33.04 124.15 -38.52
C LEU JA 34 32.32 122.83 -38.32
N ILE JA 35 32.47 122.22 -37.13
CA ILE JA 35 31.75 120.99 -36.83
C ILE JA 35 30.24 121.22 -36.91
N LEU JA 36 29.77 122.30 -36.29
CA LEU JA 36 28.34 122.59 -36.31
C LEU JA 36 27.87 122.86 -37.73
N GLN JA 37 28.66 123.59 -38.52
CA GLN JA 37 28.27 123.89 -39.89
C GLN JA 37 28.14 122.63 -40.73
N VAL JA 38 29.15 121.75 -40.66
CA VAL JA 38 29.10 120.54 -41.46
C VAL JA 38 28.00 119.60 -40.99
N ASN JA 39 27.79 119.54 -39.67
CA ASN JA 39 26.70 118.71 -39.15
C ASN JA 39 25.35 119.21 -39.63
N ASP JA 40 25.13 120.52 -39.60
CA ASP JA 40 23.88 121.09 -40.08
C ASP JA 40 23.72 120.88 -41.58
N ALA JA 41 24.81 120.99 -42.35
CA ALA JA 41 24.72 120.82 -43.79
C ALA JA 41 24.56 119.35 -44.20
N VAL JA 42 24.90 118.42 -43.31
CA VAL JA 42 24.81 117.00 -43.65
C VAL JA 42 23.52 116.38 -43.12
N PHE JA 43 23.34 116.40 -41.80
CA PHE JA 43 22.30 115.57 -41.19
C PHE JA 43 20.90 116.16 -41.35
N PRO JA 44 20.63 117.40 -40.93
CA PRO JA 44 19.30 117.97 -41.19
C PRO JA 44 18.96 118.07 -42.66
N ILE JA 45 19.95 118.33 -43.51
CA ILE JA 45 19.73 118.44 -44.94
C ILE JA 45 19.62 117.06 -45.57
N THR JA 49 15.02 113.05 -41.62
CA THR JA 49 14.26 112.22 -42.55
C THR JA 49 14.48 110.74 -42.26
N HIS JA 50 15.49 110.43 -41.45
CA HIS JA 50 15.82 109.06 -41.09
C HIS JA 50 15.29 108.76 -39.69
N SER JA 51 14.56 107.66 -39.57
CA SER JA 51 13.95 107.28 -38.30
C SER JA 51 14.69 106.16 -37.58
N PHE JA 52 15.39 105.29 -38.32
CA PHE JA 52 16.09 104.14 -37.74
C PHE JA 52 15.15 103.26 -36.92
N GLY JA 53 13.94 103.05 -37.44
CA GLY JA 53 12.97 102.18 -36.79
C GLY JA 53 12.01 102.87 -35.84
N LEU JA 54 12.24 104.15 -35.53
CA LEU JA 54 11.30 104.86 -34.65
C LEU JA 54 9.93 104.97 -35.30
N GLU JA 55 9.88 105.15 -36.61
CA GLU JA 55 8.60 105.17 -37.32
C GLU JA 55 7.89 103.83 -37.17
N THR JA 56 8.64 102.73 -37.27
CA THR JA 56 8.03 101.41 -37.08
C THR JA 56 7.51 101.25 -35.66
N TYR JA 57 8.26 101.72 -34.67
CA TYR JA 57 7.79 101.65 -33.28
C TYR JA 57 6.50 102.44 -33.09
N ILE JA 58 6.44 103.64 -33.66
CA ILE JA 58 5.24 104.46 -33.53
C ILE JA 58 4.06 103.81 -34.23
N GLN JA 59 4.28 103.26 -35.43
CA GLN JA 59 3.20 102.61 -36.16
C GLN JA 59 2.71 101.36 -35.44
N GLN JA 60 3.61 100.64 -34.78
CA GLN JA 60 3.23 99.48 -33.98
C GLN JA 60 2.76 99.86 -32.59
N LYS JA 61 2.76 101.15 -32.26
CA LYS JA 61 2.18 101.68 -31.02
C LYS JA 61 2.98 101.24 -29.80
N LYS JA 62 4.31 101.16 -29.94
CA LYS JA 62 5.18 100.91 -28.81
C LYS JA 62 5.70 102.20 -28.19
N VAL JA 63 5.78 103.27 -28.97
CA VAL JA 63 6.18 104.59 -28.49
C VAL JA 63 4.96 105.50 -28.62
N THR JA 64 4.46 105.99 -27.50
CA THR JA 64 3.24 106.78 -27.48
C THR JA 64 3.38 108.12 -26.78
N ASN JA 65 4.15 108.18 -25.68
CA ASN JA 65 4.19 109.36 -24.84
C ASN JA 65 5.65 109.63 -24.47
N LYS JA 66 5.83 110.56 -23.52
CA LYS JA 66 7.17 111.01 -23.16
C LYS JA 66 8.00 109.89 -22.55
N GLU JA 67 7.40 109.15 -21.60
CA GLU JA 67 8.17 108.10 -20.94
C GLU JA 67 8.49 106.95 -21.89
N SER JA 68 7.54 106.58 -22.76
CA SER JA 68 7.80 105.55 -23.75
C SER JA 68 8.90 105.97 -24.71
N ALA JA 69 8.86 107.22 -25.18
CA ALA JA 69 9.90 107.72 -26.08
C ALA JA 69 11.25 107.76 -25.38
N LEU JA 70 11.27 108.16 -24.11
CA LEU JA 70 12.52 108.18 -23.36
C LEU JA 70 13.09 106.78 -23.19
N GLU JA 71 12.24 105.80 -22.90
CA GLU JA 71 12.71 104.42 -22.76
C GLU JA 71 13.25 103.91 -24.09
N TYR JA 72 12.55 104.19 -25.19
CA TYR JA 72 13.03 103.75 -26.49
C TYR JA 72 14.38 104.39 -26.82
N LEU JA 73 14.52 105.69 -26.57
CA LEU JA 73 15.75 106.38 -26.88
C LEU JA 73 16.90 105.85 -26.04
N LYS JA 74 16.65 105.62 -24.74
CA LYS JA 74 17.69 105.07 -23.88
C LYS JA 74 18.11 103.68 -24.35
N ALA JA 75 17.15 102.83 -24.69
CA ALA JA 75 17.48 101.48 -25.15
C ALA JA 75 18.27 101.53 -26.45
N ASN JA 76 17.84 102.37 -27.40
CA ASN JA 76 18.52 102.46 -28.68
C ASN JA 76 19.94 102.97 -28.51
N LEU JA 77 20.11 104.01 -27.71
CA LEU JA 77 21.46 104.55 -27.46
C LEU JA 77 22.33 103.51 -26.76
N SER JA 78 21.77 102.76 -25.81
CA SER JA 78 22.55 101.77 -25.09
C SER JA 78 23.00 100.64 -26.01
N SER JA 79 22.11 100.18 -26.90
CA SER JA 79 22.49 99.02 -27.70
C SER JA 79 23.05 99.40 -29.07
N GLN JA 80 22.23 99.98 -29.93
CA GLN JA 80 22.59 100.08 -31.34
C GLN JA 80 23.55 101.23 -31.58
N PHE JA 81 23.22 102.41 -31.06
CA PHE JA 81 24.10 103.56 -31.19
C PHE JA 81 25.45 103.29 -30.55
N LEU JA 82 25.44 102.64 -29.37
CA LEU JA 82 26.69 102.39 -28.66
C LEU JA 82 27.56 101.38 -29.40
N TYR JA 83 26.98 100.24 -29.82
CA TYR JA 83 27.79 99.16 -30.35
C TYR JA 83 27.95 99.20 -31.87
N THR JA 84 27.35 100.18 -32.55
CA THR JA 84 27.50 100.30 -33.99
C THR JA 84 28.04 101.64 -34.45
N GLU JA 85 27.71 102.73 -33.75
CA GLU JA 85 28.12 104.06 -34.16
C GLU JA 85 29.24 104.63 -33.30
N MET JA 86 29.07 104.69 -31.98
CA MET JA 86 30.11 105.25 -31.13
C MET JA 86 31.35 104.37 -31.10
N LEU JA 87 31.16 103.05 -31.02
CA LEU JA 87 32.31 102.15 -31.04
C LEU JA 87 33.05 102.23 -32.35
N SER JA 88 32.32 102.29 -33.47
CA SER JA 88 32.95 102.43 -34.77
C SER JA 88 33.69 103.77 -34.88
N LEU JA 89 33.11 104.83 -34.32
CA LEU JA 89 33.77 106.13 -34.32
C LEU JA 89 35.08 106.07 -33.56
N LYS JA 90 35.07 105.47 -32.37
CA LYS JA 90 36.31 105.35 -31.59
C LYS JA 90 37.35 104.50 -32.31
N LEU JA 91 36.92 103.38 -32.90
CA LEU JA 91 37.84 102.51 -33.61
C LEU JA 91 38.46 103.22 -34.81
N THR JA 92 37.65 103.96 -35.57
CA THR JA 92 38.19 104.70 -36.71
C THR JA 92 39.11 105.82 -36.26
N TYR JA 93 38.81 106.47 -35.14
CA TYR JA 93 39.69 107.50 -34.60
C TYR JA 93 41.05 106.91 -34.23
N GLU JA 94 41.04 105.77 -33.54
CA GLU JA 94 42.30 105.11 -33.19
C GLU JA 94 43.06 104.67 -34.43
N SER JA 95 42.35 104.11 -35.41
CA SER JA 95 43.01 103.62 -36.62
C SER JA 95 43.60 104.76 -37.43
N ALA JA 96 42.93 105.92 -37.45
CA ALA JA 96 43.48 107.07 -38.16
C ALA JA 96 44.64 107.69 -37.41
N LEU JA 97 44.59 107.67 -36.07
CA LEU JA 97 45.74 108.12 -35.29
C LEU JA 97 46.95 107.23 -35.55
N GLN JA 98 46.73 105.93 -35.71
CA GLN JA 98 47.80 105.01 -36.08
C GLN JA 98 48.06 104.97 -37.58
N GLN JA 99 47.28 105.70 -38.37
CA GLN JA 99 47.41 105.73 -39.83
C GLN JA 99 47.23 104.34 -40.43
N ASP JA 100 46.19 103.64 -39.98
CA ASP JA 100 45.89 102.28 -40.43
C ASP JA 100 44.69 102.33 -41.39
N LEU JA 101 44.99 102.62 -42.66
CA LEU JA 101 43.94 102.64 -43.68
C LEU JA 101 43.31 101.26 -43.86
N LYS JA 102 44.13 100.21 -43.80
CA LYS JA 102 43.60 98.86 -43.92
C LYS JA 102 42.65 98.56 -42.77
N LYS JA 103 43.00 98.97 -41.55
CA LYS JA 103 42.12 98.77 -40.41
C LYS JA 103 40.82 99.54 -40.56
N ILE JA 104 40.89 100.78 -41.06
CA ILE JA 104 39.68 101.56 -41.29
C ILE JA 104 38.77 100.86 -42.30
N LEU JA 105 39.35 100.39 -43.40
CA LEU JA 105 38.57 99.72 -44.42
C LEU JA 105 37.98 98.41 -43.90
N GLY JA 106 38.74 97.67 -43.09
CA GLY JA 106 38.22 96.45 -42.50
C GLY JA 106 37.06 96.72 -41.55
N VAL JA 107 37.16 97.78 -40.75
CA VAL JA 107 36.06 98.15 -39.86
C VAL JA 107 34.83 98.51 -40.68
N GLU JA 108 35.01 99.27 -41.76
CA GLU JA 108 33.88 99.64 -42.60
C GLU JA 108 33.24 98.40 -43.23
N GLU JA 109 34.07 97.46 -43.69
CA GLU JA 109 33.55 96.22 -44.27
C GLU JA 109 32.77 95.42 -43.25
N VAL JA 110 33.29 95.33 -42.01
CA VAL JA 110 32.59 94.62 -40.97
C VAL JA 110 31.24 95.26 -40.69
N ILE JA 111 31.20 96.58 -40.62
CA ILE JA 111 29.95 97.28 -40.38
C ILE JA 111 28.95 97.01 -41.49
N MET JA 112 29.42 97.09 -42.74
CA MET JA 112 28.54 96.88 -43.88
C MET JA 112 27.98 95.46 -43.90
N LEU JA 113 28.82 94.47 -43.62
CA LEU JA 113 28.38 93.08 -43.66
C LEU JA 113 27.60 92.67 -42.42
N SER JA 114 27.68 93.45 -41.34
CA SER JA 114 26.88 93.16 -40.16
C SER JA 114 25.55 93.90 -40.14
N THR JA 115 25.43 94.99 -40.90
CA THR JA 115 24.18 95.77 -40.93
C THR JA 115 23.15 95.01 -41.75
N SER JA 116 22.45 94.09 -41.07
CA SER JA 116 21.41 93.30 -41.73
C SER JA 116 20.27 94.15 -42.29
N PRO JA 117 19.70 95.12 -41.56
CA PRO JA 117 18.57 95.86 -42.11
C PRO JA 117 18.97 96.68 -43.33
N MET JA 118 18.22 96.51 -44.42
CA MET JA 118 18.50 97.23 -45.65
C MET JA 118 18.30 98.73 -45.47
N GLU JA 119 17.25 99.13 -44.75
CA GLU JA 119 17.01 100.55 -44.52
C GLU JA 119 18.15 101.19 -43.73
N LEU JA 120 18.60 100.52 -42.66
CA LEU JA 120 19.71 101.05 -41.88
C LEU JA 120 20.98 101.12 -42.70
N ARG JA 121 21.27 100.08 -43.48
CA ARG JA 121 22.47 100.09 -44.31
C ARG JA 121 22.44 101.22 -45.33
N LEU JA 122 21.30 101.39 -46.01
CA LEU JA 122 21.17 102.44 -47.00
C LEU JA 122 21.27 103.82 -46.37
N ALA JA 123 20.65 104.01 -45.20
CA ALA JA 123 20.73 105.30 -44.53
C ALA JA 123 22.16 105.62 -44.12
N ASN JA 124 22.88 104.64 -43.56
CA ASN JA 124 24.26 104.87 -43.16
C ASN JA 124 25.14 105.18 -44.36
N GLN JA 125 24.97 104.44 -45.46
CA GLN JA 125 25.75 104.70 -46.66
C GLN JA 125 25.46 106.09 -47.23
N LYS JA 126 24.18 106.48 -47.27
CA LYS JA 126 23.82 107.78 -47.78
C LYS JA 126 24.38 108.89 -46.91
N LEU JA 127 24.31 108.74 -45.59
CA LEU JA 127 24.84 109.77 -44.69
C LEU JA 127 26.35 109.88 -44.83
N GLY JA 128 27.05 108.74 -44.93
CA GLY JA 128 28.49 108.79 -45.11
C GLY JA 128 28.89 109.44 -46.43
N ASN JA 129 28.18 109.10 -47.51
CA ASN JA 129 28.45 109.73 -48.79
C ASN JA 129 28.19 111.23 -48.74
N ARG JA 130 27.10 111.64 -48.08
CA ARG JA 130 26.80 113.06 -47.96
C ARG JA 130 27.87 113.78 -47.17
N PHE JA 131 28.33 113.19 -46.08
CA PHE JA 131 29.40 113.79 -45.28
C PHE JA 131 30.69 113.93 -46.09
N ILE JA 132 31.04 112.87 -46.83
CA ILE JA 132 32.26 112.92 -47.64
C ILE JA 132 32.15 113.99 -48.71
N LYS JA 133 31.01 114.05 -49.39
CA LYS JA 133 30.84 115.04 -50.45
C LYS JA 133 30.86 116.46 -49.89
N THR JA 134 30.23 116.68 -48.74
CA THR JA 134 30.24 118.00 -48.13
C THR JA 134 31.65 118.40 -47.73
N LEU JA 135 32.42 117.48 -47.15
CA LEU JA 135 33.80 117.78 -46.79
C LEU JA 135 34.63 118.09 -48.03
N GLN JA 136 34.39 117.34 -49.13
CA GLN JA 136 35.16 117.55 -50.35
C GLN JA 136 34.84 118.89 -51.00
N ALA JA 137 33.57 119.30 -50.98
CA ALA JA 137 33.12 120.44 -51.76
C ALA JA 137 33.02 121.72 -50.94
N MET JA 138 32.21 121.72 -49.88
CA MET JA 138 31.93 122.97 -49.17
C MET JA 138 33.12 123.43 -48.34
N ASN JA 139 33.80 122.51 -47.67
CA ASN JA 139 34.93 122.84 -46.81
C ASN JA 139 36.14 123.11 -47.67
N GLU JA 140 36.29 124.38 -48.08
CA GLU JA 140 37.41 124.80 -48.94
C GLU JA 140 38.62 125.11 -48.06
N LEU JA 141 39.19 124.04 -47.51
CA LEU JA 141 40.35 124.16 -46.63
C LEU JA 141 41.10 122.83 -46.63
N ASP JA 142 42.33 122.88 -46.14
CA ASP JA 142 43.19 121.70 -46.10
C ASP JA 142 42.72 120.73 -45.02
N MET JA 143 41.78 119.84 -45.38
CA MET JA 143 41.28 118.87 -44.42
C MET JA 143 42.37 117.91 -43.97
N GLY JA 144 43.20 117.46 -44.92
CA GLY JA 144 44.28 116.55 -44.60
C GLY JA 144 44.54 115.53 -45.68
N GLU JA 145 45.81 115.22 -45.94
CA GLU JA 145 46.16 114.26 -46.97
C GLU JA 145 45.61 112.87 -46.64
N PHE JA 146 45.67 112.48 -45.36
CA PHE JA 146 45.14 111.18 -44.96
C PHE JA 146 43.63 111.10 -45.20
N PHE JA 147 42.90 112.15 -44.83
CA PHE JA 147 41.45 112.15 -45.06
C PHE JA 147 41.12 112.13 -46.54
N ASN JA 148 41.87 112.90 -47.34
CA ASN JA 148 41.64 112.91 -48.78
C ASN JA 148 41.89 111.53 -49.39
N ALA JA 149 42.97 110.87 -48.99
CA ALA JA 149 43.26 109.53 -49.49
C ALA JA 149 42.18 108.54 -49.05
N TYR JA 150 41.73 108.64 -47.81
CA TYR JA 150 40.67 107.76 -47.33
C TYR JA 150 39.38 107.96 -48.13
N ALA JA 151 39.03 109.23 -48.40
CA ALA JA 151 37.84 109.50 -49.18
C ALA JA 151 37.96 108.97 -50.61
N GLN JA 152 39.15 109.10 -51.20
CA GLN JA 152 39.34 108.62 -52.57
C GLN JA 152 39.44 107.11 -52.66
N LYS JA 153 39.78 106.43 -51.56
CA LYS JA 153 39.93 104.98 -51.58
C LYS JA 153 38.76 104.21 -50.97
N THR JA 154 37.87 104.89 -50.25
CA THR JA 154 36.78 104.20 -49.58
C THR JA 154 35.68 103.82 -50.56
N LYS JA 155 34.87 102.84 -50.16
CA LYS JA 155 33.74 102.37 -50.95
C LYS JA 155 32.42 102.60 -50.25
N ASP JA 156 32.28 102.13 -49.01
CA ASP JA 156 31.03 102.23 -48.26
C ASP JA 156 31.34 102.87 -46.91
N PRO JA 157 31.47 104.20 -46.88
CA PRO JA 157 31.85 104.89 -45.63
C PRO JA 157 30.62 105.16 -44.78
N THR JA 158 30.61 104.62 -43.57
CA THR JA 158 29.55 104.93 -42.63
C THR JA 158 29.73 106.35 -42.08
N HIS JA 159 28.62 106.96 -41.67
CA HIS JA 159 28.67 108.32 -41.15
C HIS JA 159 29.53 108.41 -39.89
N ALA JA 160 29.37 107.44 -38.98
CA ALA JA 160 30.15 107.46 -37.74
C ALA JA 160 31.64 107.30 -38.02
N THR JA 161 32.00 106.38 -38.91
CA THR JA 161 33.41 106.18 -39.25
C THR JA 161 34.00 107.41 -39.94
N SER JA 162 33.21 108.02 -40.84
CA SER JA 162 33.68 109.24 -41.51
C SER JA 162 33.90 110.36 -40.51
N TYR JA 163 32.98 110.54 -39.57
CA TYR JA 163 33.15 111.57 -38.54
C TYR JA 163 34.36 111.27 -37.68
N GLY JA 164 34.57 109.99 -37.35
CA GLY JA 164 35.72 109.63 -36.52
C GLY JA 164 37.04 109.93 -37.21
N VAL JA 165 37.17 109.54 -38.48
CA VAL JA 165 38.40 109.81 -39.19
C VAL JA 165 38.60 111.31 -39.41
N PHE JA 166 37.50 112.04 -39.65
CA PHE JA 166 37.60 113.48 -39.78
C PHE JA 166 38.10 114.13 -38.50
N ALA JA 167 37.56 113.72 -37.35
CA ALA JA 167 38.02 114.25 -36.08
C ALA JA 167 39.47 113.89 -35.82
N ALA JA 168 39.86 112.66 -36.13
CA ALA JA 168 41.25 112.23 -35.92
C ALA JA 168 42.21 113.06 -36.77
N SER JA 169 41.85 113.29 -38.04
CA SER JA 169 42.70 114.10 -38.90
C SER JA 169 42.74 115.56 -38.44
N LEU JA 170 41.62 116.08 -37.95
CA LEU JA 170 41.57 117.47 -37.47
C LEU JA 170 42.18 117.64 -36.09
N GLY JA 171 42.51 116.56 -35.40
CA GLY JA 171 43.10 116.65 -34.07
C GLY JA 171 42.11 116.83 -32.95
N ILE JA 172 40.82 116.68 -33.22
CA ILE JA 172 39.80 116.87 -32.18
C ILE JA 172 39.93 115.78 -31.13
N GLU JA 173 39.58 116.13 -29.90
CA GLU JA 173 39.63 115.18 -28.80
C GLU JA 173 38.59 114.08 -28.98
N LEU JA 174 38.96 112.86 -28.58
CA LEU JA 174 38.07 111.71 -28.75
C LEU JA 174 36.77 111.89 -27.96
N LYS JA 175 36.89 112.24 -26.68
CA LYS JA 175 35.69 112.37 -25.85
C LYS JA 175 34.80 113.50 -26.34
N LYS JA 176 35.41 114.63 -26.74
CA LYS JA 176 34.62 115.74 -27.26
C LYS JA 176 33.91 115.36 -28.56
N ALA JA 177 34.61 114.67 -29.46
CA ALA JA 177 34.00 114.27 -30.72
C ALA JA 177 32.84 113.31 -30.49
N LEU JA 178 33.03 112.34 -29.59
CA LEU JA 178 31.95 111.42 -29.27
C LEU JA 178 30.76 112.15 -28.66
N ALA JA 179 31.02 113.07 -27.74
CA ALA JA 179 29.93 113.82 -27.12
C ALA JA 179 29.16 114.63 -28.14
N HIS JA 180 29.88 115.32 -29.04
CA HIS JA 180 29.22 116.13 -30.06
C HIS JA 180 28.39 115.28 -31.00
N TYR JA 181 28.96 114.15 -31.47
CA TYR JA 181 28.23 113.29 -32.39
C TYR JA 181 26.98 112.72 -31.73
N LEU JA 182 27.11 112.25 -30.49
CA LEU JA 182 25.97 111.70 -29.78
C LEU JA 182 24.91 112.76 -29.54
N ASP JA 183 25.32 113.97 -29.17
CA ASP JA 183 24.37 115.06 -28.94
C ASP JA 183 23.61 115.41 -30.22
N ALA JA 184 24.32 115.50 -31.35
CA ALA JA 184 23.66 115.83 -32.60
C ALA JA 184 22.68 114.74 -33.01
N GLN JA 185 23.10 113.47 -32.91
CA GLN JA 185 22.22 112.37 -33.29
C GLN JA 185 20.99 112.33 -32.39
N THR JA 186 21.17 112.56 -31.08
CA THR JA 186 20.03 112.55 -30.18
C THR JA 186 19.12 113.74 -30.41
N SER JA 187 19.66 114.89 -30.79
CA SER JA 187 18.82 116.02 -31.15
C SER JA 187 17.95 115.69 -32.36
N ASN JA 188 18.55 115.08 -33.38
CA ASN JA 188 17.76 114.66 -34.53
C ASN JA 188 16.71 113.63 -34.14
N MET JA 189 17.08 112.69 -33.26
CA MET JA 189 16.13 111.67 -32.83
C MET JA 189 14.95 112.27 -32.08
N VAL JA 190 15.22 113.22 -31.18
CA VAL JA 190 14.13 113.80 -30.39
C VAL JA 190 13.25 114.67 -31.26
N ILE JA 191 13.82 115.41 -32.22
CA ILE JA 191 12.96 116.20 -33.09
C ILE JA 191 12.12 115.31 -33.99
N ASN JA 192 12.69 114.19 -34.45
CA ASN JA 192 11.90 113.23 -35.22
C ASN JA 192 10.77 112.65 -34.39
N CYS JA 193 11.05 112.31 -33.14
CA CYS JA 193 10.02 111.75 -32.27
C CYS JA 193 8.92 112.76 -31.99
N VAL JA 194 9.31 114.03 -31.75
CA VAL JA 194 8.31 115.06 -31.48
C VAL JA 194 7.49 115.36 -32.73
N LYS JA 195 8.06 115.16 -33.92
CA LYS JA 195 7.30 115.36 -35.14
C LYS JA 195 6.36 114.19 -35.42
N SER JA 196 6.78 112.97 -35.09
CA SER JA 196 6.09 111.77 -35.57
C SER JA 196 5.13 111.16 -34.56
N VAL JA 197 5.37 111.30 -33.26
CA VAL JA 197 4.53 110.63 -32.27
C VAL JA 197 3.08 111.10 -32.34
N PRO JA 198 2.78 112.41 -32.31
CA PRO JA 198 3.60 113.60 -32.08
C PRO JA 198 3.65 113.98 -30.61
N LEU JA 199 4.67 114.73 -30.21
CA LEU JA 199 4.81 115.25 -28.86
C LEU JA 199 4.81 116.78 -28.93
N SER JA 200 5.06 117.40 -27.79
CA SER JA 200 5.19 118.85 -27.71
C SER JA 200 6.67 119.23 -27.61
N GLN JA 201 6.95 120.48 -28.02
CA GLN JA 201 8.32 120.98 -27.90
C GLN JA 201 8.80 120.95 -26.45
N ASN JA 202 7.88 121.12 -25.49
CA ASN JA 202 8.24 121.00 -24.09
C ASN JA 202 8.73 119.59 -23.76
N ASP JA 203 8.03 118.57 -24.27
CA ASP JA 203 8.47 117.19 -24.03
C ASP JA 203 9.79 116.91 -24.73
N GLY JA 204 9.97 117.46 -25.93
CA GLY JA 204 11.24 117.30 -26.62
C GLY JA 204 12.40 117.89 -25.84
N GLN JA 205 12.20 119.10 -25.31
CA GLN JA 205 13.23 119.72 -24.48
C GLN JA 205 13.47 118.92 -23.21
N LYS JA 206 12.40 118.38 -22.62
CA LYS JA 206 12.54 117.60 -21.39
C LYS JA 206 13.36 116.34 -21.64
N ILE JA 207 13.07 115.62 -22.72
CA ILE JA 207 13.82 114.39 -22.99
C ILE JA 207 15.24 114.71 -23.42
N LEU JA 208 15.46 115.85 -24.09
CA LEU JA 208 16.82 116.26 -24.41
C LEU JA 208 17.60 116.57 -23.14
N LEU JA 209 16.97 117.22 -22.17
CA LEU JA 209 17.66 117.62 -20.95
C LEU JA 209 17.87 116.44 -19.99
N SER JA 210 16.97 115.47 -20.01
CA SER JA 210 17.03 114.36 -19.07
C SER JA 210 17.97 113.24 -19.52
N LEU JA 211 18.60 113.37 -20.69
CA LEU JA 211 19.49 112.35 -21.20
C LEU JA 211 20.96 112.69 -21.00
N GLN JA 212 21.26 113.70 -20.17
CA GLN JA 212 22.65 114.12 -19.99
C GLN JA 212 23.47 113.04 -19.29
N SER JA 213 22.94 112.48 -18.20
CA SER JA 213 23.65 111.42 -17.50
C SER JA 213 23.87 110.18 -18.36
N PRO JA 214 22.87 109.65 -19.08
CA PRO JA 214 23.15 108.53 -19.99
C PRO JA 214 24.18 108.86 -21.04
N PHE JA 215 24.27 110.11 -21.48
CA PHE JA 215 25.32 110.49 -22.43
C PHE JA 215 26.70 110.27 -21.84
N ASN JA 216 26.91 110.75 -20.61
CA ASN JA 216 28.20 110.57 -19.95
C ASN JA 216 28.49 109.09 -19.72
N GLN JA 217 27.46 108.33 -19.31
CA GLN JA 217 27.66 106.90 -19.08
C GLN JA 217 28.04 106.18 -20.37
N LEU JA 218 27.39 106.53 -21.48
CA LEU JA 218 27.72 105.91 -22.77
C LEU JA 218 29.12 106.28 -23.21
N ILE JA 219 29.53 107.53 -23.01
CA ILE JA 219 30.89 107.92 -23.37
C ILE JA 219 31.90 107.17 -22.52
N GLU JA 220 31.61 107.01 -21.22
CA GLU JA 220 32.51 106.24 -20.36
C GLU JA 220 32.60 104.79 -20.80
N LYS JA 221 31.47 104.20 -21.19
CA LYS JA 221 31.48 102.82 -21.68
C LYS JA 221 32.31 102.69 -22.96
N THR JA 222 32.13 103.64 -23.89
CA THR JA 222 32.92 103.61 -25.11
C THR JA 222 34.39 103.82 -24.83
N LEU JA 223 34.72 104.55 -23.75
CA LEU JA 223 36.11 104.75 -23.36
C LEU JA 223 36.79 103.45 -22.94
N GLU JA 224 36.02 102.39 -22.64
CA GLU JA 224 36.61 101.11 -22.27
C GLU JA 224 36.18 99.97 -23.18
N LEU JA 225 35.37 100.22 -24.19
CA LEU JA 225 34.97 99.17 -25.13
C LEU JA 225 36.16 98.78 -26.01
N ASP JA 226 35.91 97.84 -26.91
CA ASP JA 226 36.96 97.32 -27.79
C ASP JA 226 36.31 96.83 -29.09
N GLU JA 227 37.16 96.39 -30.01
CA GLU JA 227 36.70 95.96 -31.33
C GLU JA 227 35.93 94.65 -31.29
N SER JA 228 36.06 93.88 -30.20
CA SER JA 228 35.32 92.62 -30.10
C SER JA 228 33.81 92.85 -30.05
N HIS JA 229 33.38 93.99 -29.52
CA HIS JA 229 31.97 94.32 -29.39
C HIS JA 229 31.42 95.06 -30.60
N LEU JA 230 32.23 95.26 -31.64
CA LEU JA 230 31.80 96.04 -32.80
C LEU JA 230 30.60 95.39 -33.47
N CYS JA 231 29.60 96.22 -33.78
CA CYS JA 231 28.37 95.79 -34.46
C CYS JA 231 27.69 94.65 -33.70
N THR JA 232 27.56 94.82 -32.39
CA THR JA 232 26.80 93.86 -31.59
C THR JA 232 25.36 93.81 -32.09
N ALA JA 233 24.86 92.60 -32.31
CA ALA JA 233 23.58 92.42 -32.97
C ALA JA 233 22.44 92.80 -32.04
N SER JA 234 21.81 93.94 -32.30
CA SER JA 234 20.54 94.26 -31.68
C SER JA 234 19.43 93.45 -32.36
N VAL JA 235 18.39 93.13 -31.60
CA VAL JA 235 17.38 92.21 -32.11
C VAL JA 235 16.10 92.94 -32.49
N GLN JA 236 15.44 93.55 -31.50
CA GLN JA 236 14.15 94.18 -31.78
C GLN JA 236 14.32 95.42 -32.65
N ASN JA 237 15.41 96.16 -32.45
CA ASN JA 237 15.68 97.32 -33.29
C ASN JA 237 15.84 96.92 -34.75
N ASP JA 238 16.61 95.86 -35.00
CA ASP JA 238 16.80 95.39 -36.37
C ASP JA 238 15.50 94.84 -36.95
N ILE JA 239 14.71 94.14 -36.13
CA ILE JA 239 13.43 93.62 -36.61
C ILE JA 239 12.50 94.75 -37.02
N LYS JA 240 12.44 95.81 -36.20
CA LYS JA 240 11.60 96.96 -36.54
C LYS JA 240 12.13 97.68 -37.77
N ALA JA 241 13.45 97.81 -37.90
CA ALA JA 241 14.03 98.44 -39.08
C ALA JA 241 13.69 97.67 -40.34
N MET JA 242 13.71 96.33 -40.27
CA MET JA 242 13.38 95.53 -41.44
C MET JA 242 11.87 95.53 -41.72
N GLN JA 243 11.04 95.65 -40.67
CA GLN JA 243 9.60 95.78 -40.86
C GLN JA 243 9.22 97.15 -41.40
N HIS JA 244 10.11 98.14 -41.26
CA HIS JA 244 9.87 99.44 -41.86
C HIS JA 244 9.63 99.34 -43.36
N GLU JA 245 10.29 98.40 -44.04
CA GLU JA 245 10.04 98.19 -45.46
C GLU JA 245 8.62 97.71 -45.70
N SER JA 246 8.11 96.83 -44.84
CA SER JA 246 6.76 96.31 -44.97
C SER JA 246 5.70 97.23 -44.39
N LEU JA 247 6.09 98.35 -43.79
CA LEU JA 247 5.13 99.31 -43.29
C LEU JA 247 4.23 99.81 -44.41
N TYR JA 248 2.98 100.14 -44.05
CA TYR JA 248 2.00 100.59 -45.02
C TYR JA 248 2.45 101.87 -45.71
N SER JA 249 2.57 102.95 -44.95
CA SER JA 249 3.02 104.23 -45.47
C SER JA 249 4.27 104.66 -44.69
N ARG JA 250 5.33 105.00 -45.41
CA ARG JA 250 6.62 105.32 -44.83
C ARG JA 250 6.83 106.84 -44.93
N LEU JA 251 6.66 107.52 -43.80
CA LEU JA 251 6.96 108.95 -43.73
C LEU JA 251 8.44 109.24 -43.53
N TYR JA 252 9.25 108.20 -43.30
CA TYR JA 252 10.68 108.34 -43.14
C TYR JA 252 11.40 107.44 -44.11
N MET JA 253 12.60 107.85 -44.54
CA MET JA 253 13.35 107.10 -45.53
C MET JA 253 13.73 105.73 -45.00
N SER JA 254 14.15 105.64 -43.74
CA SER JA 254 14.57 104.38 -43.16
C SER JA 254 13.93 104.14 -41.79
N MET KA 1 -9.48 17.06 57.94
CA MET KA 1 -8.80 18.35 57.85
C MET KA 1 -8.16 18.52 56.48
N LYS KA 2 -8.98 18.77 55.47
CA LYS KA 2 -8.50 18.81 54.10
C LYS KA 2 -7.34 19.77 53.95
N LEU KA 3 -6.15 19.24 53.67
CA LEU KA 3 -4.93 20.02 53.63
C LEU KA 3 -4.53 20.25 52.19
N THR KA 4 -4.27 21.47 51.86
CA THR KA 4 -3.84 21.81 50.52
C THR KA 4 -2.32 21.73 50.41
N PRO KA 5 -1.80 21.59 49.19
CA PRO KA 5 -0.34 21.56 49.03
C PRO KA 5 0.35 22.78 49.60
N LYS KA 6 -0.30 23.95 49.51
CA LYS KA 6 0.24 25.14 50.14
C LYS KA 6 0.37 24.96 51.64
N GLU KA 7 -0.65 24.38 52.26
CA GLU KA 7 -0.60 24.14 53.70
C GLU KA 7 0.52 23.16 54.06
N LEU KA 8 0.71 22.13 53.24
CA LEU KA 8 1.79 21.18 53.51
C LEU KA 8 3.15 21.86 53.41
N ASP KA 9 3.33 22.71 52.39
CA ASP KA 9 4.57 23.45 52.26
C ASP KA 9 4.81 24.37 53.44
N LYS KA 10 3.76 25.07 53.89
CA LYS KA 10 3.89 25.96 55.03
C LYS KA 10 4.21 25.19 56.30
N LEU KA 11 3.67 23.99 56.45
CA LEU KA 11 4.01 23.17 57.62
C LEU KA 11 5.48 22.79 57.60
N MET KA 12 5.99 22.40 56.44
CA MET KA 12 7.42 22.10 56.33
C MET KA 12 8.25 23.33 56.68
N LEU KA 13 7.85 24.49 56.18
CA LEU KA 13 8.59 25.71 56.48
C LEU KA 13 8.55 26.04 57.97
N HIS KA 14 7.40 25.85 58.59
CA HIS KA 14 7.29 26.13 60.02
C HIS KA 14 8.21 25.23 60.82
N TYR KA 15 8.31 23.95 60.44
CA TYR KA 15 9.16 23.08 61.24
C TYR KA 15 10.64 23.28 60.93
N ALA KA 16 10.97 23.74 59.73
CA ALA KA 16 12.33 24.22 59.49
C ALA KA 16 12.66 25.40 60.39
N GLY KA 17 11.71 26.33 60.53
CA GLY KA 17 11.91 27.44 61.44
C GLY KA 17 12.03 27.00 62.89
N GLU KA 18 11.28 25.98 63.28
CA GLU KA 18 11.38 25.45 64.64
C GLU KA 18 12.76 24.86 64.88
N LEU KA 19 13.28 24.12 63.90
CA LEU KA 19 14.62 23.57 64.03
C LEU KA 19 15.65 24.68 64.15
N ALA KA 20 15.51 25.74 63.34
CA ALA KA 20 16.42 26.87 63.44
C ALA KA 20 16.35 27.53 64.82
N LYS KA 21 15.13 27.66 65.36
CA LYS KA 21 14.98 28.26 66.68
C LYS KA 21 15.63 27.40 67.75
N LYS KA 22 15.48 26.07 67.65
CA LYS KA 22 16.12 25.19 68.63
C LYS KA 22 17.64 25.28 68.55
N ARG KA 23 18.19 25.35 67.33
CA ARG KA 23 19.62 25.52 67.20
C ARG KA 23 20.09 26.84 67.78
N LYS KA 24 19.33 27.91 67.55
CA LYS KA 24 19.68 29.20 68.12
C LYS KA 24 19.65 29.17 69.64
N GLU KA 25 18.68 28.46 70.22
CA GLU KA 25 18.66 28.30 71.68
C GLU KA 25 19.86 27.52 72.16
N LYS KA 26 20.25 26.47 71.43
CA LYS KA 26 21.46 25.74 71.76
C LYS KA 26 22.70 26.61 71.63
N GLY KA 27 22.63 27.68 70.87
CA GLY KA 27 23.75 28.58 70.72
C GLY KA 27 24.53 28.42 69.43
N ILE KA 28 24.05 27.59 68.51
CA ILE KA 28 24.69 27.46 67.21
C ILE KA 28 24.40 28.70 66.40
N LYS KA 29 25.44 29.25 65.77
CA LYS KA 29 25.25 30.39 64.87
C LYS KA 29 24.51 29.91 63.63
N LEU KA 30 23.43 30.60 63.28
CA LEU KA 30 22.58 30.16 62.19
C LEU KA 30 23.23 30.44 60.85
N ASN KA 31 22.94 29.55 59.89
CA ASN KA 31 23.40 29.74 58.53
C ASN KA 31 22.27 30.40 57.72
N TYR KA 32 22.45 30.46 56.40
CA TYR KA 32 21.52 31.17 55.55
C TYR KA 32 20.14 30.53 55.60
N VAL KA 33 20.07 29.22 55.42
CA VAL KA 33 18.78 28.53 55.40
C VAL KA 33 18.08 28.67 56.74
N GLU KA 34 18.83 28.46 57.83
CA GLU KA 34 18.22 28.54 59.15
C GLU KA 34 17.70 29.94 59.43
N ALA KA 35 18.45 30.97 59.05
CA ALA KA 35 18.01 32.34 59.30
C ALA KA 35 16.74 32.65 58.53
N VAL KA 36 16.70 32.30 57.24
CA VAL KA 36 15.51 32.57 56.45
C VAL KA 36 14.31 31.83 57.01
N ALA KA 37 14.49 30.56 57.36
CA ALA KA 37 13.39 29.77 57.91
C ALA KA 37 12.91 30.34 59.23
N LEU KA 38 13.83 30.78 60.09
CA LEU KA 38 13.44 31.33 61.38
C LEU KA 38 12.59 32.58 61.21
N ILE KA 39 13.02 33.49 60.34
CA ILE KA 39 12.27 34.73 60.13
C ILE KA 39 10.89 34.41 59.57
N SER KA 40 10.84 33.55 58.55
CA SER KA 40 9.55 33.25 57.92
C SER KA 40 8.60 32.57 58.90
N ALA KA 41 9.09 31.61 59.68
CA ALA KA 41 8.23 30.91 60.63
C ALA KA 41 7.71 31.86 61.70
N HIS KA 42 8.56 32.76 62.19
CA HIS KA 42 8.11 33.70 63.19
C HIS KA 42 7.02 34.62 62.63
N ILE KA 43 7.19 35.09 61.41
CA ILE KA 43 6.18 35.95 60.82
C ILE KA 43 4.86 35.20 60.67
N MET KA 44 4.93 33.95 60.22
CA MET KA 44 3.71 33.17 60.06
C MET KA 44 2.99 32.97 61.39
N GLU KA 45 3.73 32.67 62.45
CA GLU KA 45 3.10 32.47 63.75
C GLU KA 45 2.47 33.75 64.26
N GLU KA 46 3.14 34.89 64.08
CA GLU KA 46 2.56 36.16 64.52
C GLU KA 46 1.28 36.47 63.76
N ALA KA 47 1.28 36.25 62.45
CA ALA KA 47 0.09 36.51 61.66
C ALA KA 47 -1.06 35.59 62.10
N ARG KA 48 -0.76 34.33 62.38
CA ARG KA 48 -1.80 33.43 62.88
C ARG KA 48 -2.34 33.92 64.21
N ALA KA 49 -1.47 34.41 65.09
CA ALA KA 49 -1.94 34.98 66.35
C ALA KA 49 -2.89 36.13 66.10
N GLY KA 50 -2.59 36.97 65.10
CA GLY KA 50 -3.55 37.95 64.66
C GLY KA 50 -3.64 39.21 65.49
N LYS KA 51 -2.68 39.47 66.36
CA LYS KA 51 -2.66 40.71 67.12
C LYS KA 51 -1.89 41.81 66.42
N LYS KA 52 -1.21 41.52 65.31
CA LYS KA 52 -0.37 42.48 64.63
C LYS KA 52 -0.84 42.66 63.19
N THR KA 53 -0.50 43.81 62.63
CA THR KA 53 -0.76 44.08 61.23
C THR KA 53 0.45 43.71 60.39
N ALA KA 54 0.28 43.77 59.07
CA ALA KA 54 1.39 43.44 58.17
C ALA KA 54 2.54 44.43 58.35
N ALA KA 55 2.23 45.70 58.59
CA ALA KA 55 3.28 46.69 58.83
C ALA KA 55 4.03 46.38 60.12
N GLU KA 56 3.31 46.02 61.17
CA GLU KA 56 3.96 45.64 62.42
C GLU KA 56 4.84 44.42 62.24
N LEU KA 57 4.40 43.46 61.43
CA LEU KA 57 5.20 42.26 61.20
C LEU KA 57 6.43 42.59 60.37
N MET KA 58 6.30 43.49 59.39
CA MET KA 58 7.47 43.92 58.63
C MET KA 58 8.49 44.57 59.54
N GLN KA 59 8.03 45.39 60.48
CA GLN KA 59 8.96 45.97 61.46
C GLN KA 59 9.57 44.91 62.36
N GLU KA 60 8.77 43.95 62.83
CA GLU KA 60 9.24 43.02 63.83
C GLU KA 60 10.19 41.97 63.26
N GLY KA 61 10.04 41.65 61.98
CA GLY KA 61 10.93 40.67 61.37
C GLY KA 61 12.39 41.07 61.36
N ARG KA 62 12.67 42.36 61.44
CA ARG KA 62 14.04 42.86 61.41
C ARG KA 62 14.71 42.81 62.78
N THR KA 63 14.00 42.45 63.83
CA THR KA 63 14.55 42.42 65.18
C THR KA 63 14.81 41.02 65.68
N LEU KA 64 14.53 39.99 64.88
CA LEU KA 64 14.61 38.62 65.39
C LEU KA 64 16.05 38.16 65.56
N LEU KA 65 16.91 38.47 64.60
CA LEU KA 65 18.27 37.97 64.58
C LEU KA 65 19.25 39.11 64.75
N LYS KA 66 20.11 39.00 65.75
CA LYS KA 66 21.23 39.92 65.91
C LYS KA 66 22.36 39.50 65.00
N PRO KA 67 23.27 40.43 64.68
CA PRO KA 67 24.41 40.05 63.82
C PRO KA 67 25.27 38.95 64.40
N ASP KA 68 25.29 38.79 65.71
CA ASP KA 68 26.09 37.74 66.34
C ASP KA 68 25.38 36.39 66.41
N ASP KA 69 24.12 36.32 65.97
CA ASP KA 69 23.38 35.07 65.99
C ASP KA 69 23.53 34.26 64.71
N VAL KA 70 24.21 34.79 63.70
CA VAL KA 70 24.32 34.12 62.41
C VAL KA 70 25.79 34.01 62.03
N MET KA 71 26.06 33.10 61.10
CA MET KA 71 27.41 32.93 60.59
C MET KA 71 27.79 34.11 59.72
N ASP KA 72 29.09 34.23 59.45
CA ASP KA 72 29.57 35.31 58.59
C ASP KA 72 29.09 35.11 57.17
N GLY KA 73 28.57 36.17 56.57
CA GLY KA 73 28.06 36.14 55.22
C GLY KA 73 26.56 35.97 55.11
N VAL KA 74 25.91 35.49 56.17
CA VAL KA 74 24.47 35.28 56.11
C VAL KA 74 23.74 36.60 55.92
N ALA KA 75 24.16 37.63 56.64
CA ALA KA 75 23.50 38.92 56.52
C ALA KA 75 23.67 39.51 55.14
N SER KA 76 24.85 39.35 54.54
CA SER KA 76 25.04 39.80 53.17
C SER KA 76 24.18 39.01 52.21
N MET KA 77 24.02 37.71 52.44
CA MET KA 77 23.27 36.88 51.50
C MET KA 77 21.77 37.15 51.57
N ILE KA 78 21.26 37.47 52.76
CA ILE KA 78 19.83 37.68 52.94
C ILE KA 78 19.52 39.15 52.66
N HIS KA 79 18.81 39.40 51.57
CA HIS KA 79 18.42 40.76 51.24
C HIS KA 79 17.00 41.06 51.70
N GLU KA 80 16.07 40.17 51.42
CA GLU KA 80 14.72 40.30 51.92
C GLU KA 80 14.09 38.93 52.01
N VAL KA 81 13.22 38.77 53.00
CA VAL KA 81 12.47 37.55 53.22
C VAL KA 81 11.01 37.86 53.00
N GLY KA 82 10.42 37.24 51.99
CA GLY KA 82 9.00 37.34 51.75
C GLY KA 82 8.30 36.10 52.26
N ILE KA 83 7.09 36.29 52.77
CA ILE KA 83 6.30 35.16 53.26
C ILE KA 83 4.83 35.53 53.17
N GLU KA 84 4.04 34.65 52.60
CA GLU KA 84 2.60 34.84 52.51
C GLU KA 84 1.96 34.26 53.76
N ALA KA 85 1.40 35.12 54.61
CA ALA KA 85 0.85 34.73 55.89
C ALA KA 85 -0.64 34.97 55.91
N MET KA 86 -1.37 34.06 56.54
CA MET KA 86 -2.83 34.14 56.62
C MET KA 86 -3.22 34.96 57.84
N PHE KA 87 -3.65 36.19 57.59
CA PHE KA 87 -4.11 37.09 58.64
C PHE KA 87 -5.59 36.87 58.88
N PRO KA 88 -6.16 37.51 59.91
CA PRO KA 88 -7.63 37.44 60.07
C PRO KA 88 -8.38 38.01 58.89
N ASP KA 89 -7.75 38.84 58.08
CA ASP KA 89 -8.36 39.42 56.89
C ASP KA 89 -7.76 38.86 55.61
N GLY KA 90 -7.42 37.57 55.62
CA GLY KA 90 -6.95 36.89 54.43
C GLY KA 90 -5.44 36.78 54.37
N THR KA 91 -4.97 36.26 53.24
CA THR KA 91 -3.55 36.04 53.03
C THR KA 91 -2.90 37.31 52.51
N LYS KA 92 -1.81 37.73 53.16
CA LYS KA 92 -1.07 38.90 52.76
C LYS KA 92 0.41 38.56 52.68
N LEU KA 93 1.11 39.24 51.78
CA LEU KA 93 2.54 39.04 51.61
C LEU KA 93 3.27 40.00 52.54
N VAL KA 94 4.02 39.46 53.49
CA VAL KA 94 4.85 40.23 54.40
C VAL KA 94 6.28 40.14 53.91
N THR KA 95 6.91 41.28 53.65
CA THR KA 95 8.27 41.35 53.18
C THR KA 95 9.13 42.06 54.22
N VAL KA 96 10.19 41.40 54.65
CA VAL KA 96 11.14 41.97 55.60
C VAL KA 96 12.43 42.24 54.85
N HIS KA 97 12.83 43.50 54.75
CA HIS KA 97 14.03 43.88 54.02
CA HIS KA 97 14.03 43.88 54.02
C HIS KA 97 15.20 44.02 54.99
N THR KA 98 16.36 43.51 54.58
CA THR KA 98 17.60 43.48 55.36
C THR KA 98 17.33 43.10 56.82
N PRO KA 99 16.82 41.90 57.08
CA PRO KA 99 16.49 41.53 58.46
C PRO KA 99 17.70 41.46 59.39
N ILE KA 100 18.90 41.26 58.87
CA ILE KA 100 20.10 41.13 59.70
C ILE KA 100 21.13 42.14 59.22
N GLU KA 101 21.73 42.87 60.16
CA GLU KA 101 22.78 43.82 59.82
C GLU KA 101 24.04 43.08 59.40
N ALA KA 102 24.68 43.57 58.35
CA ALA KA 102 25.87 42.93 57.83
C ALA KA 102 27.06 43.20 58.74
N ASN KA 103 27.78 42.14 59.09
CA ASN KA 103 29.00 42.30 59.88
C ASN KA 103 30.15 42.83 59.04
N GLY KA 104 30.18 42.51 57.75
CA GLY KA 104 31.20 42.99 56.84
C GLY KA 104 32.43 42.11 56.74
N LYS KA 105 32.55 41.08 57.57
CA LYS KA 105 33.72 40.22 57.53
C LYS KA 105 33.81 39.49 56.19
N LEU KA 106 32.85 38.63 55.90
CA LEU KA 106 32.82 37.84 54.68
C LEU KA 106 31.59 38.18 53.88
N VAL KA 107 31.78 38.50 52.61
CA VAL KA 107 30.69 38.81 51.69
C VAL KA 107 30.74 37.81 50.54
N PRO KA 108 29.90 36.78 50.58
CA PRO KA 108 29.86 35.83 49.47
C PRO KA 108 29.42 36.51 48.19
N GLY KA 109 30.09 36.17 47.09
CA GLY KA 109 29.74 36.70 45.79
C GLY KA 109 29.94 38.20 45.67
N GLU KA 110 30.81 38.78 46.50
CA GLU KA 110 30.99 40.22 46.47
C GLU KA 110 31.74 40.66 45.22
N LEU KA 111 31.45 41.88 44.79
CA LEU KA 111 32.06 42.45 43.60
C LEU KA 111 33.27 43.29 43.98
N PHE KA 112 34.32 43.19 43.18
CA PHE KA 112 35.51 44.03 43.31
C PHE KA 112 35.58 44.87 42.04
N LEU KA 113 34.95 46.03 42.06
CA LEU KA 113 34.80 46.85 40.88
C LEU KA 113 36.02 47.74 40.68
N LYS KA 114 36.28 48.07 39.42
CA LYS KA 114 37.25 49.11 39.11
C LYS KA 114 36.69 50.47 39.50
N ASN KA 115 37.59 51.41 39.79
CA ASN KA 115 37.17 52.79 40.07
C ASN KA 115 37.22 53.64 38.80
N GLU KA 116 36.56 53.18 37.75
CA GLU KA 116 36.54 53.87 36.47
C GLU KA 116 35.11 53.88 35.94
N ASP KA 117 34.65 55.05 35.51
CA ASP KA 117 33.28 55.19 35.06
C ASP KA 117 33.08 54.59 33.68
N ILE KA 118 31.87 54.10 33.43
CA ILE KA 118 31.50 53.52 32.14
C ILE KA 118 30.93 54.63 31.27
N THR KA 119 31.49 54.81 30.09
CA THR KA 119 31.00 55.81 29.15
C THR KA 119 30.01 55.14 28.20
N ILE KA 120 28.75 55.48 28.31
CA ILE KA 120 27.71 54.89 27.48
C ILE KA 120 27.47 55.77 26.27
N ASN KA 121 26.98 55.14 25.20
CA ASN KA 121 26.66 55.84 23.96
C ASN KA 121 27.87 56.63 23.45
N GLU KA 122 29.05 56.03 23.57
CA GLU KA 122 30.28 56.69 23.16
C GLU KA 122 30.28 56.93 21.66
N GLY KA 123 30.76 58.12 21.27
CA GLY KA 123 30.78 58.49 19.87
C GLY KA 123 29.48 59.07 19.35
N LYS KA 124 28.46 59.23 20.19
CA LYS KA 124 27.19 59.81 19.81
C LYS KA 124 27.04 61.17 20.46
N LYS KA 125 26.81 62.19 19.64
CA LYS KA 125 26.65 63.55 20.15
C LYS KA 125 25.20 63.78 20.56
N ALA KA 126 25.02 64.38 21.72
CA ALA KA 126 23.70 64.59 22.31
C ALA KA 126 23.25 66.02 22.13
N VAL KA 127 21.99 66.19 21.73
CA VAL KA 127 21.38 67.51 21.65
C VAL KA 127 20.45 67.67 22.85
N SER KA 128 20.21 68.92 23.22
CA SER KA 128 19.38 69.24 24.38
C SER KA 128 18.03 69.76 23.92
N VAL KA 129 16.97 69.26 24.52
CA VAL KA 129 15.60 69.63 24.16
C VAL KA 129 14.83 69.92 25.44
N LYS KA 130 14.05 70.99 25.44
CA LYS KA 130 13.21 71.33 26.58
C LYS KA 130 11.82 70.75 26.38
N VAL KA 131 11.35 70.00 27.37
CA VAL KA 131 10.09 69.28 27.29
C VAL KA 131 9.20 69.73 28.44
N LYS KA 132 7.96 70.07 28.12
CA LYS KA 132 6.95 70.42 29.12
C LYS KA 132 5.83 69.40 29.09
N ASN KA 133 5.43 68.94 30.26
CA ASN KA 133 4.29 68.03 30.41
C ASN KA 133 3.06 68.89 30.67
N VAL KA 134 2.26 69.12 29.62
CA VAL KA 134 1.04 69.90 29.76
C VAL KA 134 -0.16 69.03 30.12
N GLY KA 135 0.04 67.73 30.31
CA GLY KA 135 -1.02 66.86 30.76
C GLY KA 135 -1.18 66.90 32.26
N ASP KA 136 -2.10 66.07 32.74
CA ASP KA 136 -2.42 66.02 34.16
C ASP KA 136 -1.74 64.86 34.89
N ARG KA 137 -1.00 64.01 34.19
CA ARG KA 137 -0.37 62.86 34.80
C ARG KA 137 1.11 62.83 34.46
N PRO KA 138 1.93 62.29 35.34
CA PRO KA 138 3.35 62.14 35.03
C PRO KA 138 3.56 61.13 33.91
N VAL KA 139 4.63 61.35 33.15
CA VAL KA 139 4.95 60.54 31.98
C VAL KA 139 6.37 60.03 32.12
N GLN KA 140 6.57 58.72 32.02
CA GLN KA 140 7.89 58.13 32.07
C GLN KA 140 8.28 57.65 30.69
N ILE KA 141 9.47 58.06 30.24
CA ILE KA 141 10.00 57.70 28.94
C ILE KA 141 11.23 56.83 29.13
N GLY KA 142 11.25 55.68 28.47
CA GLY KA 142 12.39 54.78 28.56
C GLY KA 142 13.57 55.25 27.73
N SER KA 143 14.71 54.61 27.99
CA SER KA 143 15.95 54.99 27.34
C SER KA 143 15.90 54.78 25.84
N HIS KA 144 15.10 53.83 25.36
CA HIS KA 144 15.13 53.46 23.95
C HIS KA 144 13.82 53.78 23.24
N PHE KA 145 12.90 54.48 23.89
CA PHE KA 145 11.71 54.93 23.19
C PHE KA 145 12.08 56.02 22.19
N HIS KA 146 11.51 55.93 20.99
CA HIS KA 146 11.69 56.96 19.97
C HIS KA 146 11.04 58.24 20.46
N PHE KA 147 11.86 59.22 20.85
CA PHE KA 147 11.32 60.37 21.56
C PHE KA 147 10.37 61.20 20.73
N PHE KA 148 10.44 61.09 19.40
CA PHE KA 148 9.51 61.84 18.56
C PHE KA 148 8.07 61.42 18.80
N GLU KA 149 7.83 60.18 19.19
CA GLU KA 149 6.49 59.62 19.27
C GLU KA 149 5.98 59.47 20.70
N VAL KA 150 6.55 60.21 21.64
CA VAL KA 150 6.13 60.10 23.04
C VAL KA 150 4.73 60.68 23.19
N ASN KA 151 4.15 60.48 24.38
CA ASN KA 151 2.83 60.99 24.72
C ASN KA 151 2.58 62.38 24.14
N ARG KA 152 1.44 62.54 23.48
CA ARG KA 152 1.14 63.81 22.83
C ARG KA 152 0.91 64.93 23.83
N CYS KA 153 0.76 64.63 25.12
CA CYS KA 153 0.66 65.68 26.12
C CYS KA 153 2.01 66.30 26.44
N LEU KA 154 3.11 65.71 25.99
CA LEU KA 154 4.42 66.35 26.14
C LEU KA 154 4.61 67.37 25.03
N ASP KA 155 5.06 68.56 25.41
CA ASP KA 155 5.23 69.65 24.47
C ASP KA 155 6.70 69.97 24.30
N PHE KA 156 7.20 69.83 23.08
CA PHE KA 156 8.58 70.11 22.73
C PHE KA 156 8.68 70.17 21.22
N ASP KA 157 9.83 70.62 20.73
CA ASP KA 157 10.07 70.71 19.29
C ASP KA 157 10.31 69.30 18.76
N ARG KA 158 9.26 68.66 18.25
CA ARG KA 158 9.38 67.27 17.81
C ARG KA 158 10.28 67.14 16.60
N GLU KA 159 10.35 68.19 15.77
CA GLU KA 159 11.24 68.16 14.61
C GLU KA 159 12.68 67.95 15.02
N LYS KA 160 13.09 68.55 16.15
CA LYS KA 160 14.45 68.38 16.62
C LYS KA 160 14.71 66.95 17.08
N THR KA 161 13.68 66.25 17.54
CA THR KA 161 13.85 64.96 18.17
C THR KA 161 13.49 63.78 17.28
N PHE KA 162 13.08 64.03 16.04
CA PHE KA 162 12.84 62.90 15.14
C PHE KA 162 14.09 62.06 14.98
N GLY KA 163 13.94 60.75 15.13
CA GLY KA 163 15.06 59.83 14.98
C GLY KA 163 15.97 59.72 16.17
N LYS KA 164 15.56 60.22 17.33
CA LYS KA 164 16.43 60.27 18.49
C LYS KA 164 15.78 59.58 19.68
N ARG KA 165 16.61 59.27 20.66
CA ARG KA 165 16.19 58.64 21.90
C ARG KA 165 16.94 59.29 23.06
N LEU KA 166 16.49 59.02 24.27
CA LEU KA 166 17.09 59.61 25.44
C LEU KA 166 18.51 59.09 25.63
N ASP KA 167 19.42 59.97 26.03
CA ASP KA 167 20.81 59.61 26.28
C ASP KA 167 21.00 59.30 27.76
N ILE KA 168 20.43 58.18 28.16
CA ILE KA 168 20.50 57.71 29.54
C ILE KA 168 20.89 56.24 29.53
N ALA KA 169 21.20 55.73 30.71
CA ALA KA 169 21.53 54.31 30.84
C ALA KA 169 20.35 53.47 30.40
N SER KA 170 20.62 52.48 29.54
CA SER KA 170 19.55 51.65 29.01
C SER KA 170 18.84 50.92 30.14
N GLY KA 171 17.51 50.92 30.08
CA GLY KA 171 16.70 50.34 31.11
C GLY KA 171 16.23 51.32 32.16
N THR KA 172 16.79 52.52 32.18
CA THR KA 172 16.30 53.57 33.07
C THR KA 172 15.30 54.44 32.32
N ALA KA 173 14.61 55.30 33.07
CA ALA KA 173 13.57 56.13 32.50
C ALA KA 173 13.65 57.53 33.07
N VAL KA 174 13.13 58.47 32.30
CA VAL KA 174 13.03 59.88 32.70
C VAL KA 174 11.57 60.19 32.95
N ARG KA 175 11.28 60.80 34.10
CA ARG KA 175 9.92 61.13 34.48
C ARG KA 175 9.68 62.62 34.34
N PHE KA 176 8.59 62.98 33.66
CA PHE KA 176 8.13 64.35 33.52
C PHE KA 176 6.86 64.49 34.35
N GLU KA 177 6.92 65.29 35.39
CA GLU KA 177 5.75 65.54 36.20
C GLU KA 177 4.83 66.54 35.49
N PRO KA 178 3.53 66.50 35.78
CA PRO KA 178 2.61 67.43 35.12
C PRO KA 178 3.00 68.88 35.39
N GLY KA 179 2.94 69.69 34.36
CA GLY KA 179 3.30 71.10 34.46
C GLY KA 179 4.79 71.35 34.51
N GLU KA 180 5.56 70.34 34.88
CA GLU KA 180 7.00 70.49 35.01
C GLU KA 180 7.66 70.54 33.63
N GLU KA 181 8.67 71.41 33.51
CA GLU KA 181 9.46 71.53 32.30
C GLU KA 181 10.88 71.04 32.58
N LYS KA 182 11.35 70.11 31.77
CA LYS KA 182 12.68 69.54 31.93
C LYS KA 182 13.45 69.68 30.62
N SER KA 183 14.77 69.62 30.73
CA SER KA 183 15.67 69.57 29.59
C SER KA 183 16.28 68.18 29.52
N VAL KA 184 16.18 67.55 28.36
CA VAL KA 184 16.68 66.19 28.18
C VAL KA 184 17.71 66.20 27.06
N GLU KA 185 18.59 65.20 27.10
CA GLU KA 185 19.61 65.00 26.08
C GLU KA 185 19.21 63.84 25.18
N LEU KA 186 19.31 64.05 23.87
CA LEU KA 186 18.87 63.06 22.90
C LEU KA 186 20.02 62.70 21.97
N ILE KA 187 20.09 61.43 21.60
CA ILE KA 187 21.11 60.92 20.71
C ILE KA 187 20.42 60.15 19.58
N ASP KA 188 21.10 60.06 18.45
CA ASP KA 188 20.53 59.39 17.29
C ASP KA 188 20.28 57.92 17.59
N ILE KA 189 19.17 57.40 17.09
CA ILE KA 189 18.92 55.96 17.17
C ILE KA 189 19.90 55.25 16.25
N GLY KA 190 20.50 54.17 16.75
CA GLY KA 190 21.52 53.45 16.01
C GLY KA 190 20.96 52.36 15.12
N GLY KA 191 21.87 51.53 14.61
CA GLY KA 191 21.47 50.42 13.77
C GLY KA 191 20.93 50.87 12.43
N ASN KA 192 19.95 50.12 11.94
CA ASN KA 192 19.32 50.44 10.67
C ASN KA 192 18.47 51.69 10.73
N ARG KA 193 18.17 52.20 11.92
CA ARG KA 193 17.31 53.37 12.10
C ARG KA 193 15.94 53.16 11.45
N ARG KA 194 15.40 51.97 11.61
CA ARG KA 194 14.05 51.64 11.16
C ARG KA 194 13.14 51.73 12.37
N ILE KA 195 12.22 52.68 12.36
CA ILE KA 195 11.31 52.88 13.47
C ILE KA 195 10.00 52.16 13.13
N PHE KA 196 9.65 51.19 13.95
CA PHE KA 196 8.39 50.46 13.79
C PHE KA 196 7.71 50.38 15.14
N GLY KA 197 6.38 50.42 15.12
CA GLY KA 197 5.64 50.42 16.35
C GLY KA 197 5.52 51.79 16.96
N PHE KA 198 5.67 51.90 18.27
CA PHE KA 198 5.55 53.15 19.01
C PHE KA 198 4.15 53.70 18.74
N ASN KA 199 4.00 54.92 18.23
CA ASN KA 199 2.70 55.49 17.94
C ASN KA 199 2.33 55.40 16.47
N ALA KA 200 3.06 54.60 15.70
CA ALA KA 200 2.82 54.43 14.27
C ALA KA 200 2.90 55.74 13.52
N LEU KA 201 3.79 56.64 13.95
CA LEU KA 201 4.00 57.89 13.24
C LEU KA 201 5.03 57.77 12.13
N VAL KA 202 5.95 56.81 12.23
CA VAL KA 202 6.98 56.61 11.22
C VAL KA 202 6.77 55.29 10.48
N ASP KA 203 6.89 54.17 11.18
CA ASP KA 203 6.65 52.84 10.63
C ASP KA 203 7.49 52.57 9.38
N ARG KA 204 8.68 53.14 9.32
CA ARG KA 204 9.54 53.01 8.15
C ARG KA 204 10.94 53.49 8.52
N GLN KA 205 11.82 53.55 7.52
CA GLN KA 205 13.17 54.04 7.73
C GLN KA 205 13.15 55.51 8.12
N ALA KA 206 13.97 55.87 9.10
CA ALA KA 206 14.03 57.23 9.62
C ALA KA 206 15.04 58.03 8.81
N ASP KA 207 14.54 58.86 7.91
CA ASP KA 207 15.38 59.78 7.15
C ASP KA 207 14.62 61.10 6.99
N ASN KA 208 15.21 62.02 6.25
CA ASN KA 208 14.62 63.35 6.11
C ASN KA 208 13.29 63.31 5.37
N GLU KA 209 13.14 62.40 4.41
CA GLU KA 209 11.87 62.29 3.70
C GLU KA 209 10.77 61.73 4.59
N SER KA 210 11.10 60.73 5.41
CA SER KA 210 10.12 60.21 6.34
C SER KA 210 9.84 61.18 7.48
N LYS KA 211 10.75 62.13 7.72
CA LYS KA 211 10.54 63.13 8.75
C LYS KA 211 9.32 64.00 8.44
N LYS KA 212 9.16 64.40 7.17
CA LYS KA 212 8.01 65.23 6.81
C LYS KA 212 6.70 64.47 7.00
N ILE KA 213 6.67 63.20 6.58
CA ILE KA 213 5.46 62.39 6.75
C ILE KA 213 5.16 62.21 8.23
N ALA KA 214 6.19 61.95 9.04
CA ALA KA 214 5.97 61.79 10.47
C ALA KA 214 5.46 63.08 11.09
N LEU KA 215 6.00 64.21 10.69
CA LEU KA 215 5.54 65.49 11.24
C LEU KA 215 4.09 65.77 10.86
N HIS KA 216 3.73 65.50 9.61
CA HIS KA 216 2.35 65.71 9.18
C HIS KA 216 1.41 64.78 9.95
N ARG KA 217 1.80 63.51 10.12
CA ARG KA 217 0.99 62.58 10.89
C ARG KA 217 0.83 63.05 12.33
N ALA KA 218 1.92 63.51 12.94
CA ALA KA 218 1.86 63.95 14.33
C ALA KA 218 0.98 65.18 14.49
N LYS KA 219 1.09 66.12 13.55
CA LYS KA 219 0.21 67.30 13.59
C LYS KA 219 -1.24 66.90 13.43
N GLU KA 220 -1.53 65.97 12.52
CA GLU KA 220 -2.91 65.52 12.35
C GLU KA 220 -3.44 64.82 13.60
N ARG KA 221 -2.61 64.00 14.24
CA ARG KA 221 -3.04 63.28 15.43
C ARG KA 221 -2.93 64.12 16.70
N GLY KA 222 -2.47 65.36 16.59
CA GLY KA 222 -2.52 66.26 17.73
C GLY KA 222 -1.36 66.15 18.68
N PHE KA 223 -0.19 65.74 18.20
CA PHE KA 223 0.98 65.67 19.05
C PHE KA 223 1.53 67.07 19.25
N HIS KA 224 1.67 67.46 20.51
CA HIS KA 224 2.05 68.83 20.83
C HIS KA 224 3.47 69.13 20.36
N GLY KA 225 3.65 70.32 19.80
CA GLY KA 225 4.94 70.74 19.31
C GLY KA 225 5.30 70.24 17.93
N ALA KA 226 4.45 69.44 17.31
CA ALA KA 226 4.71 68.97 15.96
C ALA KA 226 4.22 70.01 14.97
N LYS KA 227 5.16 70.60 14.24
CA LYS KA 227 4.87 71.67 13.29
C LYS KA 227 5.03 71.14 11.88
N SER KA 228 3.94 71.09 11.12
CA SER KA 228 3.96 70.74 9.73
C SER KA 228 3.34 71.87 8.92
N ASP KA 229 3.86 72.07 7.71
CA ASP KA 229 3.37 73.15 6.86
C ASP KA 229 1.91 72.93 6.51
N ASP KA 230 1.16 74.04 6.39
CA ASP KA 230 -0.24 73.95 6.02
C ASP KA 230 -0.40 73.36 4.63
N ASN KA 231 0.45 73.76 3.69
CA ASN KA 231 0.41 73.23 2.32
C ASN KA 231 1.35 72.03 2.23
N TYR KA 232 0.87 70.91 2.72
CA TYR KA 232 1.63 69.67 2.75
C TYR KA 232 1.33 68.86 1.51
N VAL KA 233 2.37 68.37 0.84
CA VAL KA 233 2.23 67.61 -0.39
C VAL KA 233 2.33 66.13 -0.05
N LYS KA 234 1.27 65.39 -0.36
CA LYS KA 234 1.25 63.96 -0.05
C LYS KA 234 2.12 63.20 -1.04
N THR KA 235 2.60 62.05 -0.58
CA THR KA 235 3.33 61.11 -1.41
C THR KA 235 2.41 59.97 -1.82
N ILE KA 236 2.93 59.09 -2.68
CA ILE KA 236 2.12 57.97 -3.16
C ILE KA 236 1.82 57.00 -2.03
N LYS KA 237 2.78 56.79 -1.13
CA LYS KA 237 2.59 55.90 0.02
C LYS KA 237 2.90 56.67 1.29
N GLU KA 238 1.88 56.90 2.10
CA GLU KA 238 2.04 57.58 3.37
C GLU KA 238 0.79 57.46 4.23
N MET LA 1 -49.90 7.63 50.23
CA MET LA 1 -49.08 8.80 50.50
C MET LA 1 -48.76 8.92 51.98
N LYS LA 2 -47.73 9.71 52.29
CA LYS LA 2 -47.30 9.90 53.66
C LYS LA 2 -46.54 11.23 53.72
N LYS LA 3 -46.55 11.85 54.89
CA LYS LA 3 -45.82 13.08 55.11
C LYS LA 3 -44.74 12.86 56.16
N ILE LA 4 -43.53 13.27 55.84
CA ILE LA 4 -42.41 13.18 56.76
C ILE LA 4 -41.93 14.60 57.07
N SER LA 5 -41.32 14.76 58.23
CA SER LA 5 -40.88 16.08 58.65
C SER LA 5 -39.81 16.60 57.70
N ARG LA 6 -39.83 17.91 57.46
CA ARG LA 6 -38.86 18.48 56.54
C ARG LA 6 -37.44 18.32 57.03
N LYS LA 7 -37.24 18.35 58.35
CA LYS LA 7 -35.89 18.16 58.88
C LYS LA 7 -35.36 16.78 58.52
N GLU LA 8 -36.19 15.74 58.71
CA GLU LA 8 -35.79 14.39 58.37
C GLU LA 8 -35.59 14.25 56.86
N TYR LA 9 -36.48 14.84 56.06
CA TYR LA 9 -36.33 14.76 54.62
C TYR LA 9 -35.02 15.39 54.17
N VAL LA 10 -34.69 16.56 54.72
CA VAL LA 10 -33.47 17.25 54.31
C VAL LA 10 -32.24 16.50 54.77
N SER LA 11 -32.29 15.92 55.97
CA SER LA 11 -31.17 15.09 56.42
C SER LA 11 -30.97 13.90 55.48
N MET LA 12 -32.06 13.32 54.98
CA MET LA 12 -31.93 12.16 54.12
C MET LA 12 -31.46 12.53 52.71
N TYR LA 13 -32.03 13.59 52.13
CA TYR LA 13 -31.83 13.86 50.71
C TYR LA 13 -31.26 15.24 50.41
N GLY LA 14 -31.03 16.07 51.40
CA GLY LA 14 -30.57 17.42 51.15
C GLY LA 14 -31.72 18.39 51.00
N PRO LA 15 -31.41 19.68 50.94
CA PRO LA 15 -32.48 20.69 50.89
C PRO LA 15 -33.30 20.57 49.61
N THR LA 16 -34.58 20.89 49.74
CA THR LA 16 -35.52 20.88 48.62
C THR LA 16 -36.06 22.30 48.43
N THR LA 17 -37.07 22.42 47.57
CA THR LA 17 -37.56 23.73 47.16
C THR LA 17 -37.99 24.55 48.37
N GLY LA 18 -37.55 25.80 48.41
CA GLY LA 18 -37.85 26.70 49.49
C GLY LA 18 -36.91 26.62 50.67
N ASP LA 19 -35.99 25.67 50.67
CA ASP LA 19 -35.02 25.54 51.75
C ASP LA 19 -33.80 26.40 51.47
N LYS LA 20 -33.27 26.99 52.52
CA LYS LA 20 -32.13 27.89 52.43
C LYS LA 20 -30.92 27.28 53.09
N VAL LA 21 -29.76 27.50 52.50
CA VAL LA 21 -28.50 26.99 53.03
C VAL LA 21 -27.48 28.12 53.03
N ARG LA 22 -26.80 28.30 54.14
CA ARG LA 22 -25.71 29.28 54.21
C ARG LA 22 -24.50 28.76 53.45
N LEU LA 23 -23.85 29.65 52.72
CA LEU LA 23 -22.69 29.27 51.92
C LEU LA 23 -21.43 29.49 52.75
N GLY LA 24 -20.78 28.41 53.16
CA GLY LA 24 -19.61 28.53 53.98
C GLY LA 24 -19.95 29.18 55.31
N ASP LA 25 -18.99 29.91 55.86
CA ASP LA 25 -19.21 30.71 57.05
C ASP LA 25 -19.58 32.14 56.71
N THR LA 26 -19.91 32.42 55.46
CA THR LA 26 -20.28 33.76 55.02
C THR LA 26 -21.70 34.07 55.46
N ASP LA 27 -22.20 35.23 55.03
CA ASP LA 27 -23.57 35.65 55.32
C ASP LA 27 -24.50 35.42 54.13
N LEU LA 28 -24.04 34.72 53.10
CA LEU LA 28 -24.84 34.51 51.90
C LEU LA 28 -25.71 33.28 52.08
N ILE LA 29 -26.99 33.43 51.75
CA ILE LA 29 -27.98 32.37 51.90
C ILE LA 29 -28.51 32.03 50.51
N ALA LA 30 -28.39 30.77 50.11
CA ALA LA 30 -28.88 30.31 48.83
C ALA LA 30 -30.17 29.54 49.06
N GLU LA 31 -31.20 29.86 48.29
CA GLU LA 31 -32.49 29.20 48.39
C GLU LA 31 -32.68 28.29 47.20
N VAL LA 32 -33.15 27.07 47.45
CA VAL LA 32 -33.40 26.12 46.37
C VAL LA 32 -34.61 26.60 45.58
N GLU LA 33 -34.39 26.97 44.32
CA GLU LA 33 -35.45 27.56 43.54
C GLU LA 33 -36.48 26.53 43.10
N HIS LA 34 -36.03 25.36 42.66
N HIS LA 34 -36.02 25.33 42.72
CA HIS LA 34 -36.96 24.31 42.29
CA HIS LA 34 -36.85 24.32 42.08
C HIS LA 34 -36.25 22.97 42.38
C HIS LA 34 -36.21 22.96 42.33
N ASP LA 35 -37.05 21.91 42.37
CA ASP LA 35 -36.57 20.55 42.57
C ASP LA 35 -37.08 19.67 41.46
N TYR LA 36 -36.19 18.90 40.84
CA TYR LA 36 -36.60 17.97 39.80
C TYR LA 36 -37.07 16.63 40.33
N THR LA 37 -36.79 16.33 41.60
CA THR LA 37 -37.11 15.02 42.13
C THR LA 37 -38.62 14.88 42.34
N ILE LA 38 -39.07 13.64 42.33
CA ILE LA 38 -40.44 13.29 42.69
C ILE LA 38 -40.38 12.70 44.09
N TYR LA 39 -41.11 13.31 45.02
CA TYR LA 39 -41.01 12.94 46.42
C TYR LA 39 -41.41 11.49 46.63
N GLY LA 40 -40.60 10.76 47.38
CA GLY LA 40 -40.81 9.35 47.58
C GLY LA 40 -40.09 8.45 46.59
N GLU LA 41 -39.50 9.02 45.54
CA GLU LA 41 -38.76 8.25 44.54
C GLU LA 41 -37.30 8.66 44.47
N GLU LA 42 -36.77 9.26 45.53
CA GLU LA 42 -35.41 9.77 45.50
C GLU LA 42 -34.40 8.64 45.34
N LEU LA 43 -33.32 8.94 44.63
CA LEU LA 43 -32.25 7.97 44.43
C LEU LA 43 -31.30 8.01 45.61
N LYS LA 44 -31.10 6.87 46.26
CA LYS LA 44 -30.18 6.75 47.37
C LYS LA 44 -29.33 5.52 47.17
N PHE LA 45 -28.06 5.61 47.51
CA PHE LA 45 -27.14 4.48 47.45
C PHE LA 45 -26.73 4.08 48.85
N GLY LA 46 -26.70 2.78 49.09
CA GLY LA 46 -26.35 2.28 50.41
C GLY LA 46 -26.73 0.81 50.53
N GLY LA 47 -26.82 0.36 51.78
CA GLY LA 47 -27.13 -1.03 52.07
C GLY LA 47 -28.46 -1.49 51.50
N GLY LA 48 -29.56 -0.94 52.00
CA GLY LA 48 -30.87 -1.30 51.50
C GLY LA 48 -31.58 -0.11 50.88
N LYS LA 49 -30.84 0.68 50.12
CA LYS LA 49 -31.36 1.91 49.54
C LYS LA 49 -31.94 1.60 48.16
N THR LA 50 -32.27 2.64 47.39
CA THR LA 50 -33.02 2.45 46.17
C THR LA 50 -32.14 2.13 44.97
N LEU LA 51 -30.90 2.60 44.95
CA LEU LA 51 -30.04 2.38 43.79
C LEU LA 51 -29.56 0.93 43.75
N ARG LA 52 -30.48 0.00 43.54
CA ARG LA 52 -30.17 -1.41 43.54
C ARG LA 52 -30.72 -2.04 42.27
N GLU LA 53 -30.23 -3.23 41.97
CA GLU LA 53 -30.62 -3.95 40.77
C GLU LA 53 -32.12 -4.21 40.75
N GLY LA 54 -32.81 -3.59 39.80
CA GLY LA 54 -34.23 -3.78 39.62
C GLY LA 54 -35.12 -2.71 40.23
N MET LA 55 -34.59 -1.94 41.18
CA MET LA 55 -35.38 -0.87 41.79
C MET LA 55 -35.14 0.49 41.15
N SER LA 56 -33.91 0.98 41.22
CA SER LA 56 -33.54 2.21 40.55
C SER LA 56 -32.47 2.03 39.50
N GLN LA 57 -31.69 0.96 39.58
CA GLN LA 57 -30.80 0.56 38.49
C GLN LA 57 -31.61 -0.33 37.56
N SER LA 58 -31.83 0.15 36.34
CA SER LA 58 -32.68 -0.58 35.40
C SER LA 58 -32.04 -1.89 34.99
N ASN LA 59 -32.87 -2.92 34.86
CA ASN LA 59 -32.44 -4.17 34.24
C ASN LA 59 -32.61 -4.16 32.73
N ASN LA 60 -33.36 -3.21 32.19
CA ASN LA 60 -33.47 -2.99 30.76
C ASN LA 60 -33.21 -1.51 30.50
N PRO LA 61 -31.98 -1.07 30.67
CA PRO LA 61 -31.70 0.37 30.58
C PRO LA 61 -31.78 0.86 29.14
N SER LA 62 -31.99 2.17 29.01
CA SER LA 62 -31.97 2.77 27.69
C SER LA 62 -30.56 2.75 27.13
N LYS LA 63 -30.47 2.93 25.81
CA LYS LA 63 -29.17 2.93 25.16
C LYS LA 63 -28.32 4.12 25.55
N GLU LA 64 -28.94 5.16 26.11
CA GLU LA 64 -28.22 6.31 26.66
C GLU LA 64 -27.92 6.14 28.14
N GLU LA 65 -27.73 4.90 28.58
CA GLU LA 65 -27.47 4.61 29.98
C GLU LA 65 -26.24 5.37 30.48
N LEU LA 66 -26.38 5.99 31.64
CA LEU LA 66 -25.34 6.87 32.16
C LEU LA 66 -24.11 6.09 32.58
N ASP LA 67 -22.95 6.75 32.48
CA ASP LA 67 -21.72 6.21 33.05
C ASP LA 67 -21.58 6.56 34.52
N LEU LA 68 -22.00 7.76 34.90
CA LEU LA 68 -21.97 8.19 36.29
C LEU LA 68 -23.21 9.03 36.56
N ILE LA 69 -23.78 8.89 37.75
CA ILE LA 69 -24.90 9.71 38.17
C ILE LA 69 -24.58 10.30 39.53
N ILE LA 70 -24.76 11.60 39.66
CA ILE LA 70 -24.65 12.30 40.93
C ILE LA 70 -26.06 12.53 41.45
N THR LA 71 -26.36 11.98 42.61
CA THR LA 71 -27.73 11.95 43.10
C THR LA 71 -27.99 13.07 44.11
N ASN LA 72 -29.16 13.70 44.00
CA ASN LA 72 -29.65 14.66 44.98
C ASN LA 72 -28.70 15.83 45.17
N ALA LA 73 -28.07 16.27 44.09
CA ALA LA 73 -27.10 17.35 44.18
C ALA LA 73 -27.80 18.69 44.11
N LEU LA 74 -27.35 19.63 44.95
CA LEU LA 74 -27.81 21.01 44.87
C LEU LA 74 -26.93 21.72 43.85
N ILE LA 75 -27.43 21.85 42.63
CA ILE LA 75 -26.68 22.53 41.57
C ILE LA 75 -26.76 24.03 41.80
N VAL LA 76 -25.61 24.66 41.95
CA VAL LA 76 -25.50 26.11 42.03
C VAL LA 76 -24.82 26.56 40.75
N ASP LA 77 -25.56 27.30 39.92
CA ASP LA 77 -25.07 27.67 38.60
C ASP LA 77 -25.68 29.02 38.25
N TYR LA 78 -25.09 29.67 37.25
CA TYR LA 78 -25.68 30.91 36.76
C TYR LA 78 -27.05 30.68 36.15
N THR LA 79 -27.35 29.45 35.72
CA THR LA 79 -28.66 29.12 35.21
C THR LA 79 -29.70 28.91 36.28
N GLY LA 80 -29.29 28.82 37.55
CA GLY LA 80 -30.23 28.69 38.63
C GLY LA 80 -29.64 27.84 39.75
N ILE LA 81 -30.22 28.01 40.93
CA ILE LA 81 -29.85 27.23 42.11
C ILE LA 81 -30.99 26.25 42.35
N TYR LA 82 -30.80 25.00 41.95
CA TYR LA 82 -31.88 24.04 42.00
C TYR LA 82 -31.34 22.70 42.46
N LYS LA 83 -32.23 21.72 42.57
CA LYS LA 83 -31.88 20.40 43.07
C LYS LA 83 -32.17 19.37 42.00
N ALA LA 84 -31.20 18.52 41.70
CA ALA LA 84 -31.40 17.56 40.62
C ALA LA 84 -30.39 16.44 40.73
N ASP LA 85 -30.55 15.46 39.85
CA ASP LA 85 -29.54 14.43 39.63
C ASP LA 85 -28.80 14.76 38.34
N ILE LA 86 -27.48 14.70 38.37
CA ILE LA 86 -26.64 15.00 37.23
C ILE LA 86 -26.16 13.69 36.64
N GLY LA 87 -26.49 13.45 35.37
CA GLY LA 87 -26.02 12.28 34.66
C GLY LA 87 -24.86 12.63 33.76
N ILE LA 88 -23.82 11.82 33.80
CA ILE LA 88 -22.62 12.02 33.02
C ILE LA 88 -22.43 10.81 32.12
N LYS LA 89 -22.24 11.05 30.83
CA LYS LA 89 -22.04 9.98 29.87
C LYS LA 89 -21.03 10.42 28.83
N ASP LA 90 -19.98 9.61 28.65
CA ASP LA 90 -18.93 9.87 27.66
C ASP LA 90 -18.25 11.20 27.91
N GLY LA 91 -18.05 11.54 29.18
CA GLY LA 91 -17.31 12.73 29.55
C GLY LA 91 -18.10 14.02 29.45
N LYS LA 92 -19.36 13.97 29.03
CA LYS LA 92 -20.21 15.14 28.97
C LYS LA 92 -21.35 14.99 29.97
N ILE LA 93 -21.99 16.10 30.28
CA ILE LA 93 -23.18 16.08 31.11
C ILE LA 93 -24.33 15.60 30.24
N ALA LA 94 -24.77 14.36 30.46
CA ALA LA 94 -25.78 13.77 29.60
C ALA LA 94 -27.18 14.28 29.90
N GLY LA 95 -27.47 14.56 31.16
CA GLY LA 95 -28.77 15.07 31.51
C GLY LA 95 -28.83 15.57 32.93
N ILE LA 96 -29.74 16.51 33.17
CA ILE LA 96 -29.97 17.07 34.50
C ILE LA 96 -31.45 16.95 34.79
N GLY LA 97 -31.79 16.28 35.88
CA GLY LA 97 -33.17 16.08 36.23
C GLY LA 97 -33.38 14.89 37.12
N LYS LA 98 -34.48 14.16 36.91
CA LYS LA 98 -34.79 12.99 37.71
C LYS LA 98 -34.23 11.76 37.03
N GLY LA 99 -33.24 11.12 37.67
CA GLY LA 99 -32.68 9.90 37.17
C GLY LA 99 -33.31 8.68 37.83
N GLY LA 100 -32.95 7.52 37.30
CA GLY LA 100 -33.42 6.28 37.89
C GLY LA 100 -33.85 5.24 36.88
N ASN LA 101 -34.82 4.41 37.26
CA ASN LA 101 -35.26 3.28 36.47
C ASN LA 101 -36.66 3.58 35.93
N LYS LA 102 -36.80 3.55 34.61
CA LYS LA 102 -38.10 3.78 34.01
C LYS LA 102 -39.07 2.65 34.29
N ASP LA 103 -38.58 1.46 34.59
CA ASP LA 103 -39.47 0.32 34.83
C ASP LA 103 -40.24 0.46 36.13
N MET LA 104 -39.67 1.14 37.12
CA MET LA 104 -40.27 1.18 38.45
C MET LA 104 -40.49 2.59 38.99
N GLN LA 105 -40.14 3.62 38.23
CA GLN LA 105 -40.36 5.00 38.65
C GLN LA 105 -40.92 5.80 37.49
N ASP LA 106 -41.64 6.86 37.82
CA ASP LA 106 -42.24 7.73 36.82
C ASP LA 106 -41.37 8.96 36.59
N GLY LA 107 -41.54 9.56 35.41
CA GLY LA 107 -40.82 10.77 35.08
C GLY LA 107 -39.33 10.62 34.93
N VAL LA 108 -38.87 9.55 34.30
CA VAL LA 108 -37.45 9.31 34.06
C VAL LA 108 -37.21 9.36 32.56
N LYS LA 109 -36.48 10.37 32.10
CA LYS LA 109 -36.20 10.49 30.68
C LYS LA 109 -35.15 9.47 30.25
N ASN LA 110 -35.04 9.27 28.94
CA ASN LA 110 -34.12 8.28 28.41
C ASN LA 110 -32.67 8.64 28.69
N ASN LA 111 -32.35 9.93 28.73
CA ASN LA 111 -30.96 10.34 28.92
C ASN LA 111 -30.54 10.33 30.38
N LEU LA 112 -31.45 10.03 31.31
CA LEU LA 112 -31.12 9.92 32.72
C LEU LA 112 -31.34 8.50 33.22
N SER LA 113 -31.19 7.52 32.34
CA SER LA 113 -31.45 6.13 32.69
C SER LA 113 -30.26 5.55 33.43
N VAL LA 114 -30.51 5.07 34.64
CA VAL LA 114 -29.49 4.41 35.45
C VAL LA 114 -29.54 2.92 35.15
N GLY LA 115 -28.39 2.34 34.84
CA GLY LA 115 -28.31 0.94 34.51
C GLY LA 115 -27.10 0.26 35.12
N PRO LA 116 -26.86 -0.98 34.73
CA PRO LA 116 -25.72 -1.73 35.30
C PRO LA 116 -24.37 -1.12 34.99
N ALA LA 117 -24.26 -0.28 33.97
CA ALA LA 117 -22.99 0.35 33.64
C ALA LA 117 -22.79 1.69 34.34
N THR LA 118 -23.60 2.00 35.34
CA THR LA 118 -23.61 3.30 35.97
C THR LA 118 -22.96 3.25 37.33
N GLU LA 119 -22.01 4.16 37.56
CA GLU LA 119 -21.46 4.41 38.87
C GLU LA 119 -22.29 5.48 39.56
N ALA LA 120 -22.40 5.38 40.88
CA ALA LA 120 -23.22 6.29 41.67
C ALA LA 120 -22.35 7.16 42.55
N LEU LA 121 -22.71 8.43 42.67
CA LEU LA 121 -22.01 9.39 43.51
C LEU LA 121 -23.06 10.14 44.32
N ALA LA 122 -23.00 9.99 45.65
CA ALA LA 122 -24.00 10.58 46.52
C ALA LA 122 -23.71 12.07 46.69
N GLY LA 123 -24.51 12.91 46.07
CA GLY LA 123 -24.43 14.34 46.23
C GLY LA 123 -25.42 14.92 47.21
N GLU LA 124 -26.14 14.09 47.96
CA GLU LA 124 -27.12 14.61 48.91
C GLU LA 124 -26.43 15.45 49.97
N GLY LA 125 -26.94 16.65 50.18
CA GLY LA 125 -26.28 17.58 51.06
C GLY LA 125 -25.04 18.21 50.50
N LEU LA 126 -24.79 18.08 49.20
CA LEU LA 126 -23.61 18.62 48.56
C LEU LA 126 -24.00 19.57 47.43
N ILE LA 127 -23.22 20.62 47.29
CA ILE LA 127 -23.39 21.61 46.23
C ILE LA 127 -22.51 21.22 45.06
N VAL LA 128 -23.07 21.28 43.85
CA VAL LA 128 -22.31 21.03 42.64
C VAL LA 128 -22.21 22.33 41.87
N THR LA 129 -21.00 22.73 41.54
CA THR LA 129 -20.78 23.88 40.67
C THR LA 129 -19.91 23.47 39.49
N ALA LA 130 -19.87 24.32 38.49
CA ALA LA 130 -18.91 24.13 37.42
C ALA LA 130 -17.51 24.43 37.95
N GLY LA 131 -16.51 23.85 37.30
CA GLY LA 131 -15.14 24.15 37.66
C GLY LA 131 -14.79 25.58 37.35
N GLY LA 132 -13.90 26.14 38.16
CA GLY LA 132 -13.45 27.49 37.92
C GLY LA 132 -12.63 27.61 36.66
N ILE LA 133 -12.64 28.82 36.11
CA ILE LA 133 -11.86 29.15 34.94
C ILE LA 133 -11.02 30.37 35.28
N ASP LA 134 -9.71 30.19 35.34
CA ASP LA 134 -8.79 31.26 35.67
C ASP LA 134 -8.06 31.67 34.40
N THR LA 135 -8.24 32.91 33.97
CA THR LA 135 -7.79 33.35 32.66
C THR LA 135 -6.58 34.26 32.70
N HIS LA 136 -5.97 34.46 33.87
CA HIS LA 136 -4.82 35.35 33.99
C HIS LA 136 -3.58 34.60 34.44
N ILE LA 137 -3.48 33.31 34.12
CA ILE LA 137 -2.48 32.47 34.76
C ILE LA 137 -1.11 32.78 34.18
N HIS LA 138 -0.19 33.22 35.04
CA HIS LA 138 1.22 33.29 34.68
C HIS LA 138 1.81 31.89 34.91
N PHE LA 139 2.08 31.17 33.83
CA PHE LA 139 2.59 29.82 33.98
C PHE LA 139 4.04 29.88 34.45
N ILE LA 140 4.24 30.23 35.71
CA ILE LA 140 5.58 30.39 36.25
C ILE LA 140 6.12 29.04 36.73
N SER LA 141 5.31 28.28 37.44
CA SER LA 141 5.70 26.96 37.86
C SER LA 141 4.55 25.99 37.65
N PRO LA 142 4.85 24.74 37.33
CA PRO LA 142 3.78 23.74 37.21
C PRO LA 142 3.11 23.42 38.53
N GLN LA 143 3.70 23.80 39.65
CA GLN LA 143 3.06 23.56 40.94
C GLN LA 143 1.86 24.46 41.17
N GLN LA 144 1.66 25.47 40.33
CA GLN LA 144 0.44 26.26 40.40
C GLN LA 144 -0.77 25.42 40.02
N ILE LA 145 -0.60 24.48 39.10
CA ILE LA 145 -1.73 23.72 38.59
C ILE LA 145 -2.39 22.86 39.65
N PRO LA 146 -1.67 22.04 40.43
CA PRO LA 146 -2.34 21.32 41.52
C PRO LA 146 -2.94 22.24 42.57
N THR LA 147 -2.32 23.40 42.83
CA THR LA 147 -2.89 24.33 43.81
C THR LA 147 -4.24 24.85 43.35
N ALA LA 148 -4.32 25.33 42.10
CA ALA LA 148 -5.59 25.79 41.57
C ALA LA 148 -6.60 24.66 41.50
N PHE LA 149 -6.16 23.46 41.09
CA PHE LA 149 -7.05 22.32 41.01
C PHE LA 149 -7.66 21.99 42.36
N ALA LA 150 -6.84 22.01 43.42
CA ALA LA 150 -7.36 21.76 44.75
C ALA LA 150 -8.25 22.90 45.23
N SER LA 151 -8.02 24.12 44.75
CA SER LA 151 -8.90 25.22 45.10
C SER LA 151 -10.25 25.14 44.40
N GLY LA 152 -10.32 24.44 43.27
CA GLY LA 152 -11.60 24.26 42.60
C GLY LA 152 -11.61 24.81 41.19
N VAL LA 153 -10.44 25.10 40.64
CA VAL LA 153 -10.30 25.62 39.29
C VAL LA 153 -10.00 24.45 38.37
N THR LA 154 -10.77 24.30 37.30
CA THR LA 154 -10.55 23.22 36.37
C THR LA 154 -10.02 23.68 35.02
N THR LA 155 -10.09 24.96 34.70
CA THR LA 155 -9.54 25.47 33.45
C THR LA 155 -8.59 26.61 33.75
N MET LA 156 -7.40 26.57 33.17
CA MET LA 156 -6.40 27.61 33.29
C MET LA 156 -6.03 28.09 31.90
N ILE LA 157 -6.29 29.36 31.63
CA ILE LA 157 -5.87 30.03 30.41
C ILE LA 157 -4.83 31.05 30.79
N GLY LA 158 -3.70 31.02 30.12
CA GLY LA 158 -2.64 31.95 30.45
C GLY LA 158 -1.46 31.77 29.55
N GLY LA 159 -0.32 32.25 30.01
CA GLY LA 159 0.88 32.14 29.21
C GLY LA 159 2.09 32.07 30.11
N GLY LA 160 3.21 31.70 29.51
CA GLY LA 160 4.44 31.60 30.24
C GLY LA 160 5.28 30.45 29.78
N THR LA 161 6.54 30.43 30.21
CA THR LA 161 7.46 29.37 29.81
C THR LA 161 8.30 28.90 30.99
N GLY LA 162 7.75 29.00 32.20
CA GLY LA 162 8.52 28.73 33.39
C GLY LA 162 8.97 30.01 34.04
N PRO LA 163 9.84 29.92 35.01
CA PRO LA 163 10.21 31.11 35.79
C PRO LA 163 11.20 32.02 35.06
N ALA LA 164 10.96 32.25 33.77
CA ALA LA 164 11.68 33.31 33.09
C ALA LA 164 11.14 34.66 33.56
N ASP LA 165 11.92 35.71 33.36
CA ASP LA 165 11.48 37.03 33.79
C ASP LA 165 10.32 37.53 32.94
N GLY LA 166 10.33 37.20 31.64
CA GLY LA 166 9.20 37.53 30.81
C GLY LA 166 7.91 36.90 31.29
N THR LA 167 7.98 35.67 31.80
CA THR LA 167 6.80 35.02 32.34
C THR LA 167 6.44 35.57 33.71
N ASN LA 168 7.44 35.88 34.54
CA ASN LA 168 7.17 36.48 35.83
C ASN LA 168 6.41 37.79 35.68
N ALA LA 169 6.70 38.53 34.62
CA ALA LA 169 6.01 39.79 34.40
C ALA LA 169 4.69 39.62 33.63
N THR LA 170 4.68 38.76 32.61
CA THR LA 170 3.61 38.76 31.63
C THR LA 170 2.99 37.38 31.50
N THR LA 171 1.75 37.37 31.03
CA THR LA 171 0.98 36.15 30.80
C THR LA 171 1.13 35.70 29.33
N ILE LA 172 2.37 35.52 28.91
CA ILE LA 172 2.69 35.39 27.50
C ILE LA 172 3.53 34.15 27.26
N THR LA 173 3.12 33.34 26.29
CA THR LA 173 3.92 32.23 25.76
C THR LA 173 4.37 32.64 24.37
N PRO LA 174 5.57 33.15 24.22
CA PRO LA 174 5.95 33.77 22.95
C PRO LA 174 6.50 32.79 21.92
N GLY LA 175 5.87 32.72 20.76
CA GLY LA 175 6.47 32.07 19.63
C GLY LA 175 6.01 30.63 19.44
N ARG LA 176 6.20 30.13 18.23
CA ARG LA 176 5.76 28.78 17.88
C ARG LA 176 6.51 27.73 18.69
N ARG LA 177 7.82 27.88 18.86
CA ARG LA 177 8.59 26.87 19.57
C ARG LA 177 8.23 26.83 21.05
N ASN LA 178 8.09 27.98 21.69
CA ASN LA 178 7.70 27.99 23.09
C ASN LA 178 6.27 27.48 23.27
N LEU LA 179 5.40 27.79 22.31
CA LEU LA 179 4.05 27.24 22.36
C LEU LA 179 4.09 25.72 22.26
N LYS LA 180 4.96 25.18 21.39
CA LYS LA 180 5.10 23.73 21.30
C LYS LA 180 5.61 23.15 22.60
N TRP LA 181 6.60 23.80 23.23
CA TRP LA 181 7.09 23.37 24.52
C TRP LA 181 5.96 23.27 25.52
N MET LA 182 5.17 24.33 25.64
CA MET LA 182 4.11 24.36 26.65
C MET LA 182 2.99 23.38 26.33
N LEU LA 183 2.64 23.25 25.05
CA LEU LA 183 1.57 22.33 24.67
C LEU LA 183 1.97 20.88 24.94
N ARG LA 184 3.24 20.55 24.71
CA ARG LA 184 3.69 19.20 25.01
C ARG LA 184 3.90 18.97 26.50
N ALA LA 185 4.25 20.01 27.25
CA ALA LA 185 4.32 19.85 28.70
C ALA LA 185 2.94 19.73 29.33
N ALA LA 186 1.92 20.30 28.68
CA ALA LA 186 0.57 20.27 29.22
C ALA LA 186 0.02 18.85 29.38
N GLU LA 187 0.59 17.89 28.66
CA GLU LA 187 0.09 16.51 28.73
C GLU LA 187 0.19 15.94 30.14
N GLU LA 188 1.02 16.53 31.00
CA GLU LA 188 1.25 16.00 32.33
C GLU LA 188 0.10 16.32 33.29
N TYR LA 189 -0.56 17.45 33.12
CA TYR LA 189 -1.39 18.01 34.16
C TYR LA 189 -2.86 17.64 34.01
N SER LA 190 -3.56 17.62 35.14
CA SER LA 190 -4.99 17.35 35.17
C SER LA 190 -5.70 18.71 35.31
N MET LA 191 -5.83 19.39 34.19
CA MET LA 191 -6.42 20.71 34.13
C MET LA 191 -6.58 21.08 32.66
N ASN LA 192 -7.72 21.64 32.29
CA ASN LA 192 -7.87 22.17 30.95
C ASN LA 192 -6.95 23.37 30.80
N LEU LA 193 -6.25 23.46 29.68
CA LEU LA 193 -5.22 24.46 29.53
C LEU LA 193 -5.35 25.19 28.21
N GLY LA 194 -5.14 26.50 28.26
CA GLY LA 194 -5.07 27.30 27.06
C GLY LA 194 -3.93 28.29 27.14
N PHE LA 195 -3.27 28.58 26.04
CA PHE LA 195 -2.07 29.41 26.04
C PHE LA 195 -2.26 30.62 25.16
N LEU LA 196 -1.77 31.75 25.65
CA LEU LA 196 -1.83 33.03 24.97
C LEU LA 196 -0.46 33.37 24.38
N ALA LA 197 -0.46 33.94 23.19
CA ALA LA 197 0.76 34.33 22.53
C ALA LA 197 1.10 35.78 22.83
N LYS LA 198 2.27 36.21 22.36
CA LYS LA 198 2.71 37.59 22.53
C LYS LA 198 2.02 38.46 21.50
N GLY LA 199 1.27 39.45 21.97
CA GLY LA 199 0.60 40.37 21.07
C GLY LA 199 1.41 41.63 20.83
N ASN LA 200 2.44 41.85 21.65
CA ASN LA 200 3.28 43.04 21.54
C ASN LA 200 4.21 42.86 20.34
N ALA LA 201 3.64 43.07 19.16
CA ALA LA 201 4.41 43.00 17.93
C ALA LA 201 3.62 43.72 16.84
N SER LA 202 4.32 44.54 16.07
CA SER LA 202 3.72 45.19 14.91
C SER LA 202 3.88 44.36 13.65
N ASN LA 203 4.04 43.05 13.77
CA ASN LA 203 4.26 42.16 12.64
C ASN LA 203 3.09 41.18 12.55
N ASP LA 204 2.23 41.42 11.55
CA ASP LA 204 1.08 40.56 11.34
C ASP LA 204 1.51 39.12 11.08
N ALA LA 205 2.61 38.93 10.37
CA ALA LA 205 3.09 37.58 10.10
C ALA LA 205 3.45 36.85 11.38
N SER LA 206 4.17 37.52 12.28
CA SER LA 206 4.54 36.88 13.55
C SER LA 206 3.31 36.56 14.40
N LEU LA 207 2.36 37.51 14.49
CA LEU LA 207 1.17 37.26 15.28
C LEU LA 207 0.37 36.09 14.72
N ALA LA 208 0.20 36.06 13.39
CA ALA LA 208 -0.53 34.97 12.76
C ALA LA 208 0.20 33.64 12.94
N ASP LA 209 1.54 33.68 12.90
CA ASP LA 209 2.30 32.46 13.10
C ASP LA 209 2.07 31.90 14.50
N GLN LA 210 2.02 32.77 15.50
CA GLN LA 210 1.73 32.27 16.85
C GLN LA 210 0.33 31.67 16.93
N ILE LA 211 -0.66 32.33 16.35
CA ILE LA 211 -2.02 31.79 16.42
C ILE LA 211 -2.09 30.44 15.73
N GLU LA 212 -1.48 30.31 14.56
CA GLU LA 212 -1.48 29.03 13.87
C GLU LA 212 -0.65 27.99 14.62
N ALA LA 213 0.33 28.43 15.41
CA ALA LA 213 1.10 27.50 16.23
C ALA LA 213 0.30 27.00 17.41
N GLY LA 214 -0.75 27.71 17.82
CA GLY LA 214 -1.68 27.08 18.74
C GLY LA 214 -2.22 27.94 19.87
N ALA LA 215 -1.81 29.19 19.92
CA ALA LA 215 -2.32 30.09 20.95
C ALA LA 215 -3.81 30.34 20.74
N ILE LA 216 -4.55 30.44 21.84
CA ILE LA 216 -5.98 30.75 21.77
C ILE LA 216 -6.25 32.23 21.81
N GLY LA 217 -5.21 33.06 21.82
CA GLY LA 217 -5.42 34.49 21.87
C GLY LA 217 -4.09 35.19 22.04
N PHE LA 218 -4.18 36.50 22.17
CA PHE LA 218 -3.02 37.35 22.33
C PHE LA 218 -3.04 38.00 23.70
N LYS LA 219 -1.87 38.24 24.26
CA LYS LA 219 -1.71 39.05 25.45
C LYS LA 219 -0.79 40.20 25.10
N ILE LA 220 -1.27 41.42 25.31
CA ILE LA 220 -0.47 42.62 25.11
C ILE LA 220 -0.14 43.15 26.49
N HIS LA 221 1.10 42.98 26.92
CA HIS LA 221 1.52 43.36 28.26
C HIS LA 221 2.45 44.56 28.19
N GLU LA 222 2.32 45.46 29.16
CA GLU LA 222 3.17 46.64 29.19
C GLU LA 222 4.65 46.31 29.22
N ASP LA 223 5.03 45.17 29.83
CA ASP LA 223 6.44 44.86 29.97
C ASP LA 223 7.10 44.47 28.66
N TRP LA 224 6.32 44.02 27.67
CA TRP LA 224 6.82 43.82 26.33
C TRP LA 224 6.56 45.02 25.43
N GLY LA 225 5.93 46.06 25.95
CA GLY LA 225 5.65 47.26 25.20
C GLY LA 225 4.21 47.31 24.73
N THR LA 226 3.36 48.03 25.45
CA THR LA 226 1.95 48.19 25.08
C THR LA 226 1.85 49.53 24.34
N THR LA 227 2.00 49.47 23.04
CA THR LA 227 1.91 50.65 22.23
C THR LA 227 0.65 50.59 21.37
N PRO LA 228 0.12 51.74 20.96
CA PRO LA 228 -1.08 51.72 20.10
C PRO LA 228 -0.88 50.95 18.81
N SER LA 229 0.32 50.99 18.23
CA SER LA 229 0.58 50.23 17.01
C SER LA 229 0.44 48.74 17.26
N ALA LA 230 1.02 48.27 18.37
CA ALA LA 230 0.92 46.85 18.70
C ALA LA 230 -0.52 46.45 18.99
N ILE LA 231 -1.26 47.31 19.72
CA ILE LA 231 -2.66 47.01 20.00
C ILE LA 231 -3.44 46.88 18.70
N ASN LA 232 -3.23 47.82 17.78
CA ASN LA 232 -3.96 47.81 16.53
C ASN LA 232 -3.64 46.56 15.72
N HIS LA 233 -2.37 46.22 15.59
CA HIS LA 233 -1.99 45.05 14.79
C HIS LA 233 -2.52 43.76 15.40
N ALA LA 234 -2.38 43.62 16.72
CA ALA LA 234 -2.87 42.42 17.38
C ALA LA 234 -4.38 42.28 17.23
N LEU LA 235 -5.11 43.39 17.35
CA LEU LA 235 -6.55 43.32 17.19
C LEU LA 235 -6.94 42.96 15.76
N ASP LA 236 -6.21 43.48 14.78
CA ASP LA 236 -6.48 43.10 13.39
C ASP LA 236 -6.30 41.61 13.17
N VAL LA 237 -5.16 41.08 13.63
CA VAL LA 237 -4.89 39.65 13.44
C VAL LA 237 -5.89 38.80 14.21
N ALA LA 238 -6.29 39.26 15.40
CA ALA LA 238 -7.24 38.50 16.19
C ALA LA 238 -8.63 38.52 15.57
N ASP LA 239 -9.03 39.62 14.94
CA ASP LA 239 -10.28 39.62 14.21
C ASP LA 239 -10.21 38.70 13.00
N LYS LA 240 -9.03 38.59 12.39
CA LYS LA 240 -8.86 37.64 11.29
C LYS LA 240 -9.00 36.19 11.76
N TYR LA 241 -8.42 35.85 12.91
CA TYR LA 241 -8.32 34.46 13.34
C TYR LA 241 -9.31 34.06 14.43
N ASP LA 242 -10.20 34.96 14.84
CA ASP LA 242 -11.22 34.68 15.85
C ASP LA 242 -10.59 34.19 17.16
N VAL LA 243 -9.71 35.01 17.73
CA VAL LA 243 -9.12 34.72 19.02
C VAL LA 243 -9.23 35.96 19.90
N GLN LA 244 -9.28 35.74 21.21
CA GLN LA 244 -9.40 36.84 22.15
C GLN LA 244 -8.09 37.60 22.26
N VAL LA 245 -8.19 38.88 22.64
CA VAL LA 245 -7.03 39.70 22.97
C VAL LA 245 -7.21 40.21 24.38
N ALA LA 246 -6.23 39.97 25.23
CA ALA LA 246 -6.18 40.52 26.57
C ALA LA 246 -5.09 41.58 26.63
N ILE LA 247 -5.29 42.57 27.46
CA ILE LA 247 -4.37 43.69 27.55
C ILE LA 247 -4.08 44.04 29.01
N HIS LA 248 -2.82 44.31 29.29
CA HIS LA 248 -2.35 44.92 30.52
C HIS LA 248 -1.67 46.22 30.09
N THR LA 249 -2.36 47.34 30.30
CA THR LA 249 -2.06 48.59 29.63
C THR LA 249 -0.76 49.20 30.14
N ASP LA 250 -0.34 50.26 29.45
CA ASP LA 250 0.91 50.94 29.75
C ASP LA 250 0.80 51.71 31.06
N THR LA 251 1.67 51.38 32.01
CA THR LA 251 1.69 52.06 33.30
C THR LA 251 2.33 53.43 33.21
N LEU LA 252 3.30 53.62 32.33
CA LEU LA 252 4.13 54.82 32.32
C LEU LA 252 3.55 55.95 31.49
N ASN LA 253 2.45 55.73 30.78
CA ASN LA 253 1.90 56.71 29.85
C ASN LA 253 2.93 57.15 28.82
N GLU LA 254 3.81 56.22 28.44
CA GLU LA 254 4.91 56.55 27.53
C GLU LA 254 4.38 57.01 26.18
N ALA LA 255 3.48 56.22 25.59
CA ALA LA 255 2.96 56.52 24.26
C ALA LA 255 1.63 57.24 24.30
N GLY LA 256 0.91 57.19 25.41
CA GLY LA 256 -0.36 57.88 25.51
C GLY LA 256 -1.09 57.47 26.75
N CYS LA 257 -2.24 58.09 26.94
CA CYS LA 257 -3.08 57.85 28.09
C CYS LA 257 -4.18 56.84 27.76
N VAL LA 258 -5.15 56.73 28.68
CA VAL LA 258 -6.24 55.78 28.50
C VAL LA 258 -7.02 56.08 27.24
N GLU LA 259 -7.18 57.37 26.92
CA GLU LA 259 -7.90 57.74 25.70
C GLU LA 259 -7.17 57.23 24.47
N ASP LA 260 -5.85 57.35 24.45
CA ASP LA 260 -5.09 56.85 23.30
C ASP LA 260 -5.15 55.33 23.21
N THR LA 261 -5.09 54.64 24.36
CA THR LA 261 -5.23 53.19 24.34
C THR LA 261 -6.60 52.78 23.82
N MET LA 262 -7.66 53.47 24.26
CA MET LA 262 -9.00 53.15 23.79
C MET LA 262 -9.17 53.48 22.32
N ALA LA 263 -8.52 54.54 21.84
CA ALA LA 263 -8.55 54.85 20.41
C ALA LA 263 -7.87 53.75 19.60
N ALA LA 264 -6.74 53.24 20.09
CA ALA LA 264 -6.08 52.13 19.42
C ALA LA 264 -6.96 50.89 19.42
N ILE LA 265 -7.66 50.64 20.52
CA ILE LA 265 -8.58 49.50 20.57
C ILE LA 265 -9.69 49.70 19.54
N ALA LA 266 -10.21 50.91 19.42
CA ALA LA 266 -11.15 51.28 18.37
C ALA LA 266 -12.43 50.45 18.40
N GLY LA 267 -12.98 50.28 19.60
CA GLY LA 267 -14.27 49.64 19.74
C GLY LA 267 -14.29 48.18 19.33
N ARG LA 268 -13.22 47.46 19.57
CA ARG LA 268 -13.15 46.03 19.31
C ARG LA 268 -13.07 45.29 20.64
N THR LA 269 -13.54 44.05 20.65
CA THR LA 269 -13.63 43.30 21.90
C THR LA 269 -12.24 43.09 22.48
N MET LA 270 -12.08 43.49 23.73
CA MET LA 270 -10.80 43.41 24.41
C MET LA 270 -11.03 43.01 25.85
N HIS LA 271 -10.23 42.08 26.35
CA HIS LA 271 -10.32 41.61 27.72
C HIS LA 271 -9.22 42.29 28.52
N THR LA 272 -9.60 43.10 29.50
CA THR LA 272 -8.64 43.94 30.21
C THR LA 272 -8.29 43.34 31.56
N PHE LA 273 -7.00 43.24 31.84
CA PHE LA 273 -6.50 42.86 33.15
C PHE LA 273 -6.32 44.12 33.99
N HIS LA 274 -6.58 44.00 35.29
CA HIS LA 274 -6.43 45.10 36.23
C HIS LA 274 -7.17 46.35 35.73
N THR LA 275 -8.47 46.17 35.46
CA THR LA 275 -9.26 47.28 34.98
C THR LA 275 -9.34 48.40 36.01
N GLU LA 276 -9.04 48.11 37.27
CA GLU LA 276 -8.89 49.14 38.29
C GLU LA 276 -7.57 49.89 38.20
N GLY LA 277 -6.65 49.43 37.36
CA GLY LA 277 -5.36 50.08 37.19
C GLY LA 277 -4.22 49.37 37.89
N ALA LA 278 -4.49 48.86 39.09
CA ALA LA 278 -3.47 48.20 39.91
C ALA LA 278 -2.26 49.10 40.11
N GLY LA 279 -2.52 50.39 40.31
CA GLY LA 279 -1.47 51.36 40.54
C GLY LA 279 -0.81 51.90 39.29
N GLY LA 280 -1.30 51.54 38.11
CA GLY LA 280 -0.69 52.03 36.89
C GLY LA 280 -0.99 53.50 36.64
N GLY LA 281 -0.26 54.07 35.68
CA GLY LA 281 -0.48 55.46 35.32
C GLY LA 281 -1.83 55.71 34.68
N HIS LA 282 -2.42 54.69 34.06
CA HIS LA 282 -3.78 54.82 33.54
C HIS LA 282 -4.79 54.93 34.66
N ALA LA 283 -4.45 54.50 35.87
CA ALA LA 283 -5.35 54.65 37.00
C ALA LA 283 -5.44 56.12 37.41
N PRO LA 284 -6.61 56.56 37.90
CA PRO LA 284 -7.82 55.74 38.02
C PRO LA 284 -8.69 55.82 36.78
N ASP LA 285 -8.22 56.54 35.76
CA ASP LA 285 -9.02 56.75 34.57
C ASP LA 285 -9.27 55.46 33.79
N ILE LA 286 -8.42 54.44 33.96
CA ILE LA 286 -8.64 53.20 33.25
C ILE LA 286 -9.91 52.49 33.74
N ILE LA 287 -10.38 52.82 34.95
CA ILE LA 287 -11.66 52.30 35.40
C ILE LA 287 -12.79 52.75 34.49
N LYS LA 288 -12.60 53.85 33.77
CA LYS LA 288 -13.63 54.34 32.86
C LYS LA 288 -13.92 53.32 31.76
N VAL LA 289 -12.93 52.55 31.35
CA VAL LA 289 -13.15 51.59 30.27
C VAL LA 289 -14.06 50.45 30.71
N ALA LA 290 -14.24 50.26 32.01
CA ALA LA 290 -15.15 49.23 32.49
C ALA LA 290 -16.60 49.52 32.17
N GLY LA 291 -16.93 50.73 31.74
CA GLY LA 291 -18.26 51.05 31.29
C GLY LA 291 -18.49 50.89 29.81
N GLU LA 292 -17.45 50.65 29.03
CA GLU LA 292 -17.59 50.45 27.60
C GLU LA 292 -18.14 49.07 27.30
N HIS LA 293 -18.83 48.95 26.16
CA HIS LA 293 -19.39 47.66 25.78
C HIS LA 293 -18.31 46.69 25.36
N ASN LA 294 -17.32 47.14 24.60
CA ASN LA 294 -16.36 46.24 23.99
C ASN LA 294 -15.30 45.74 24.96
N ILE LA 295 -15.28 46.23 26.19
CA ILE LA 295 -14.28 45.86 27.17
C ILE LA 295 -14.87 44.84 28.12
N LEU LA 296 -14.23 43.68 28.23
CA LEU LA 296 -14.56 42.73 29.26
C LEU LA 296 -13.58 42.93 30.39
N PRO LA 297 -13.99 43.51 31.51
CA PRO LA 297 -13.03 43.84 32.57
C PRO LA 297 -12.87 42.73 33.58
N ALA LA 298 -11.61 42.54 33.99
CA ALA LA 298 -11.31 41.56 35.02
C ALA LA 298 -10.53 42.23 36.12
N SER LA 299 -10.69 41.72 37.33
CA SER LA 299 -9.98 42.21 38.50
C SER LA 299 -9.23 41.05 39.14
N THR LA 300 -8.09 41.37 39.73
CA THR LA 300 -7.20 40.37 40.26
C THR LA 300 -7.47 40.11 41.74
N ASN LA 301 -6.95 38.99 42.21
CA ASN LA 301 -7.14 38.60 43.61
C ASN LA 301 -6.66 39.62 44.63
N PRO LA 302 -5.42 40.14 44.58
CA PRO LA 302 -4.86 40.80 45.77
C PRO LA 302 -5.66 41.99 46.26
N THR LA 303 -6.33 42.71 45.37
CA THR LA 303 -7.04 43.93 45.75
C THR LA 303 -8.48 43.67 46.17
N ILE LA 304 -8.96 42.43 46.11
CA ILE LA 304 -10.30 42.11 46.59
C ILE LA 304 -10.20 40.99 47.63
N PRO LA 305 -10.90 41.10 48.77
CA PRO LA 305 -11.64 42.30 49.16
C PRO LA 305 -10.69 43.34 49.77
N PHE LA 306 -11.14 44.60 49.85
CA PHE LA 306 -10.31 45.64 50.44
C PHE LA 306 -10.26 45.45 51.96
N THR LA 307 -9.05 45.21 52.47
CA THR LA 307 -8.84 44.94 53.88
C THR LA 307 -7.86 45.95 54.47
N VAL LA 308 -7.57 45.79 55.76
CA VAL LA 308 -6.65 46.69 56.45
C VAL LA 308 -5.23 46.53 55.90
N ASN LA 309 -4.85 45.32 55.53
CA ASN LA 309 -3.49 45.02 55.10
C ASN LA 309 -3.33 45.05 53.58
N THR LA 310 -4.36 45.44 52.84
CA THR LA 310 -4.31 45.35 51.38
C THR LA 310 -3.23 46.24 50.80
N GLU LA 311 -3.11 47.47 51.30
CA GLU LA 311 -2.21 48.45 50.70
C GLU LA 311 -0.75 48.23 51.06
N ALA LA 312 -0.46 47.44 52.09
CA ALA LA 312 0.92 47.32 52.56
C ALA LA 312 1.79 46.51 51.60
N GLU LA 313 1.23 45.46 51.00
CA GLU LA 313 1.99 44.54 50.18
C GLU LA 313 2.09 44.94 48.72
N HIS LA 314 1.36 45.98 48.32
CA HIS LA 314 1.22 46.28 46.90
C HIS LA 314 2.54 46.66 46.25
N MET LA 315 3.34 47.49 46.92
CA MET LA 315 4.58 47.95 46.32
C MET LA 315 5.58 46.81 46.17
N ASP LA 316 5.69 45.94 47.17
CA ASP LA 316 6.58 44.79 47.06
C ASP LA 316 6.13 43.88 45.92
N MET LA 317 4.83 43.60 45.84
CA MET LA 317 4.33 42.76 44.75
C MET LA 317 4.62 43.40 43.40
N LEU LA 318 4.40 44.70 43.28
CA LEU LA 318 4.61 45.40 42.02
C LEU LA 318 6.08 45.33 41.60
N MET LA 319 6.98 45.61 42.53
CA MET LA 319 8.40 45.63 42.19
C MET LA 319 8.88 44.25 41.77
N VAL LA 320 8.50 43.21 42.54
CA VAL LA 320 8.96 41.88 42.20
C VAL LA 320 8.35 41.41 40.87
N CYS LA 321 7.08 41.70 40.65
CA CYS LA 321 6.43 41.29 39.40
C CYS LA 321 7.04 41.99 38.19
N HIS LA 322 7.31 43.29 38.30
CA HIS LA 322 7.84 44.04 37.17
C HIS LA 322 9.36 43.95 37.07
N HIS LA 323 10.00 43.22 37.98
CA HIS LA 323 11.44 42.94 37.88
C HIS LA 323 12.26 44.22 38.00
N LEU LA 324 11.98 44.99 39.04
CA LEU LA 324 12.75 46.18 39.38
C LEU LA 324 13.53 45.87 40.65
N ASP LA 325 14.85 46.01 40.59
CA ASP LA 325 15.69 45.68 41.73
C ASP LA 325 15.45 46.68 42.85
N LYS LA 326 15.23 46.15 44.06
CA LYS LA 326 14.97 47.01 45.21
C LYS LA 326 16.24 47.62 45.78
N SER LA 327 17.41 47.21 45.28
CA SER LA 327 18.68 47.77 45.71
C SER LA 327 19.23 48.80 44.73
N ILE LA 328 18.44 49.19 43.74
CA ILE LA 328 18.86 50.15 42.72
C ILE LA 328 18.03 51.41 42.86
N LYS LA 329 18.71 52.55 42.98
CA LYS LA 329 18.02 53.83 43.10
C LYS LA 329 17.16 54.11 41.89
N GLU LA 330 17.68 53.84 40.69
CA GLU LA 330 16.91 54.11 39.48
C GLU LA 330 15.64 53.27 39.43
N ASP LA 331 15.74 51.99 39.75
CA ASP LA 331 14.55 51.14 39.73
C ASP LA 331 13.55 51.55 40.80
N VAL LA 332 14.03 51.90 41.99
CA VAL LA 332 13.11 52.32 43.05
C VAL LA 332 12.40 53.60 42.67
N GLN LA 333 13.12 54.56 42.09
CA GLN LA 333 12.50 55.80 41.62
C GLN LA 333 11.51 55.52 40.49
N PHE LA 334 11.85 54.58 39.61
CA PHE LA 334 10.94 54.21 38.53
C PHE LA 334 9.65 53.60 39.06
N ALA LA 335 9.75 52.83 40.13
CA ALA LA 335 8.58 52.12 40.68
C ALA LA 335 7.67 53.13 41.37
N ASP LA 336 6.92 53.87 40.56
CA ASP LA 336 5.96 54.85 41.04
C ASP LA 336 4.55 54.30 40.82
N SER LA 337 3.75 54.31 41.88
CA SER LA 337 2.40 53.76 41.85
C SER LA 337 1.38 54.87 42.04
N ARG LA 338 0.25 54.74 41.35
CA ARG LA 338 -0.88 55.65 41.51
C ARG LA 338 -2.03 54.97 42.23
N ILE LA 339 -1.72 53.96 43.06
CA ILE LA 339 -2.76 53.22 43.76
C ILE LA 339 -3.32 54.07 44.89
N ARG LA 340 -4.63 53.96 45.10
CA ARG LA 340 -5.29 54.68 46.17
C ARG LA 340 -6.28 53.75 46.86
N PRO LA 341 -6.45 53.91 48.18
CA PRO LA 341 -7.50 53.14 48.87
C PRO LA 341 -8.88 53.43 48.31
N GLN LA 342 -9.09 54.62 47.75
CA GLN LA 342 -10.36 54.90 47.09
C GLN LA 342 -10.60 53.96 45.92
N THR LA 343 -9.59 53.78 45.07
CA THR LA 343 -9.75 52.85 43.95
C THR LA 343 -9.88 51.41 44.43
N ILE LA 344 -9.08 51.01 45.42
CA ILE LA 344 -9.16 49.65 45.92
C ILE LA 344 -10.54 49.37 46.48
N ALA LA 345 -11.10 50.33 47.22
CA ALA LA 345 -12.44 50.16 47.77
C ALA LA 345 -13.50 50.19 46.67
N ALA LA 346 -13.32 51.03 45.66
CA ALA LA 346 -14.29 51.10 44.58
C ALA LA 346 -14.33 49.81 43.77
N GLU LA 347 -13.23 49.07 43.76
CA GLU LA 347 -13.21 47.81 43.01
C GLU LA 347 -14.24 46.82 43.53
N ASP LA 348 -14.35 46.68 44.85
CA ASP LA 348 -15.32 45.76 45.42
C ASP LA 348 -16.75 46.18 45.08
N THR LA 349 -17.04 47.48 45.17
CA THR LA 349 -18.38 47.95 44.86
C THR LA 349 -18.70 47.76 43.38
N LEU LA 350 -17.72 47.96 42.51
CA LEU LA 350 -17.94 47.72 41.09
C LEU LA 350 -18.22 46.24 40.83
N HIS LA 351 -17.52 45.36 41.55
CA HIS LA 351 -17.82 43.94 41.46
C HIS LA 351 -19.25 43.66 41.90
N ASP LA 352 -19.68 44.28 42.99
CA ASP LA 352 -21.04 44.07 43.47
C ASP LA 352 -22.07 44.57 42.46
N MET LA 353 -21.78 45.68 41.81
CA MET LA 353 -22.69 46.24 40.83
C MET LA 353 -22.63 45.54 39.49
N GLY LA 354 -21.65 44.68 39.26
CA GLY LA 354 -21.53 44.00 38.00
C GLY LA 354 -20.80 44.78 36.94
N ILE LA 355 -20.14 45.87 37.31
CA ILE LA 355 -19.32 46.61 36.37
C ILE LA 355 -18.09 45.79 35.99
N PHE LA 356 -17.51 45.09 36.96
CA PHE LA 356 -16.41 44.17 36.68
C PHE LA 356 -17.00 42.78 36.48
N SER LA 357 -16.60 42.14 35.38
CA SER LA 357 -17.25 40.90 34.96
C SER LA 357 -16.45 39.66 35.28
N ILE LA 358 -15.13 39.74 35.37
CA ILE LA 358 -14.31 38.56 35.56
C ILE LA 358 -13.41 38.75 36.77
N THR LA 359 -13.28 37.71 37.58
CA THR LA 359 -12.30 37.67 38.65
C THR LA 359 -11.22 36.68 38.26
N SER LA 360 -9.97 37.02 38.55
CA SER LA 360 -8.86 36.15 38.20
C SER LA 360 -7.74 36.31 39.22
N SER LA 361 -6.65 35.60 38.98
CA SER LA 361 -5.53 35.58 39.91
C SER LA 361 -4.37 36.46 39.45
N ASP LA 362 -3.87 36.25 38.23
CA ASP LA 362 -2.51 36.65 37.85
C ASP LA 362 -1.51 35.94 38.76
N SER LA 363 -1.52 34.62 38.66
CA SER LA 363 -0.85 33.75 39.63
C SER LA 363 0.63 34.07 39.73
N GLN LA 364 1.10 34.21 40.98
CA GLN LA 364 2.49 34.47 41.32
C GLN LA 364 3.06 35.69 40.61
N ALA LA 365 2.20 36.53 40.04
CA ALA LA 365 2.58 37.88 39.61
C ALA LA 365 1.44 38.80 40.05
N MET LA 366 1.52 39.27 41.29
CA MET LA 366 0.46 40.08 41.90
C MET LA 366 -0.88 39.33 41.84
N GLY LA 367 -0.92 38.19 42.50
CA GLY LA 367 -2.13 37.40 42.54
C GLY LA 367 -1.90 35.97 42.99
N ARG LA 368 -2.90 35.37 43.62
CA ARG LA 368 -2.77 34.06 44.23
C ARG LA 368 -3.66 33.06 43.49
N VAL LA 369 -3.05 32.01 42.96
CA VAL LA 369 -3.76 31.11 42.04
C VAL LA 369 -4.83 30.32 42.78
N GLY LA 370 -4.57 29.96 44.03
CA GLY LA 370 -5.50 29.11 44.75
C GLY LA 370 -6.49 29.89 45.59
N GLU LA 371 -6.68 31.17 45.26
CA GLU LA 371 -7.56 32.02 46.04
C GLU LA 371 -8.56 32.79 45.18
N VAL LA 372 -8.73 32.43 43.91
CA VAL LA 372 -9.68 33.14 43.06
C VAL LA 372 -11.09 32.98 43.60
N ILE LA 373 -11.50 31.73 43.83
CA ILE LA 373 -12.86 31.46 44.30
C ILE LA 373 -13.05 31.99 45.71
N THR LA 374 -12.07 31.75 46.58
CA THR LA 374 -12.18 32.21 47.96
C THR LA 374 -12.32 33.72 48.03
N ARG LA 375 -11.52 34.44 47.25
CA ARG LA 375 -11.58 35.89 47.31
C ARG LA 375 -12.82 36.44 46.64
N THR LA 376 -13.33 35.76 45.61
CA THR LA 376 -14.61 36.14 45.05
C THR LA 376 -15.70 36.06 46.10
N TRP LA 377 -15.73 34.96 46.86
CA TRP LA 377 -16.79 34.82 47.84
C TRP LA 377 -16.57 35.70 49.06
N GLN LA 378 -15.31 36.01 49.39
CA GLN LA 378 -15.04 36.98 50.43
C GLN LA 378 -15.55 38.37 50.03
N THR LA 379 -15.33 38.75 48.77
CA THR LA 379 -15.86 40.02 48.29
C THR LA 379 -17.38 40.02 48.31
N ALA LA 380 -18.00 38.92 47.90
CA ALA LA 380 -19.45 38.83 47.94
C ALA LA 380 -19.98 38.98 49.35
N ASP LA 381 -19.36 38.29 50.31
CA ASP LA 381 -19.80 38.37 51.69
C ASP LA 381 -19.59 39.77 52.27
N LYS LA 382 -18.45 40.40 51.95
CA LYS LA 382 -18.19 41.75 52.44
C LYS LA 382 -19.20 42.74 51.88
N ASN LA 383 -19.52 42.63 50.59
CA ASN LA 383 -20.51 43.53 50.01
C ASN LA 383 -21.89 43.27 50.59
N LYS LA 384 -22.22 42.01 50.87
CA LYS LA 384 -23.50 41.71 51.50
C LYS LA 384 -23.58 42.33 52.89
N LYS LA 385 -22.50 42.24 53.65
CA LYS LA 385 -22.48 42.86 54.97
C LYS LA 385 -22.59 44.36 54.89
N GLU LA 386 -21.94 44.98 53.90
CA GLU LA 386 -21.92 46.43 53.81
C GLU LA 386 -23.24 46.99 53.28
N PHE LA 387 -23.60 46.62 52.06
CA PHE LA 387 -24.76 47.22 51.39
C PHE LA 387 -26.04 46.41 51.54
N GLY LA 388 -26.00 45.28 52.24
CA GLY LA 388 -27.21 44.50 52.39
C GLY LA 388 -27.59 43.77 51.10
N ARG LA 389 -28.82 43.28 51.09
CA ARG LA 389 -29.32 42.51 49.95
C ARG LA 389 -29.44 43.41 48.72
N LEU LA 390 -29.12 42.85 47.57
CA LEU LA 390 -29.29 43.57 46.31
C LEU LA 390 -30.76 43.81 46.04
N LYS LA 391 -31.04 44.88 45.29
CA LYS LA 391 -32.42 45.19 44.93
C LYS LA 391 -32.98 44.20 43.92
N GLU LA 392 -32.12 43.42 43.26
CA GLU LA 392 -32.57 42.45 42.28
C GLU LA 392 -32.99 41.12 42.90
N GLU LA 393 -32.90 40.98 44.21
CA GLU LA 393 -33.27 39.72 44.85
C GLU LA 393 -34.77 39.57 44.87
N LYS LA 394 -35.26 38.51 44.23
CA LYS LA 394 -36.69 38.20 44.23
C LYS LA 394 -37.02 37.16 45.29
N GLY LA 395 -36.79 37.55 46.54
CA GLY LA 395 -37.07 36.68 47.66
C GLY LA 395 -36.17 37.01 48.83
N ASP LA 396 -36.35 36.23 49.90
CA ASP LA 396 -35.55 36.41 51.11
C ASP LA 396 -34.30 35.54 51.05
N ASN LA 397 -33.52 35.74 50.00
CA ASN LA 397 -32.30 34.98 49.79
C ASN LA 397 -31.32 35.86 49.02
N ASP LA 398 -30.12 35.33 48.85
CA ASP LA 398 -29.07 36.02 48.11
C ASP LA 398 -28.78 35.34 46.77
N ASN LA 399 -29.81 34.78 46.14
CA ASN LA 399 -29.60 33.98 44.94
C ASN LA 399 -29.01 34.83 43.81
N PHE LA 400 -29.49 36.06 43.65
CA PHE LA 400 -28.98 36.90 42.57
C PHE LA 400 -27.50 37.21 42.78
N ARG LA 401 -27.12 37.57 44.01
CA ARG LA 401 -25.72 37.83 44.30
C ARG LA 401 -24.87 36.58 44.10
N ILE LA 402 -25.38 35.43 44.54
CA ILE LA 402 -24.68 34.17 44.34
C ILE LA 402 -24.41 33.95 42.86
N LYS LA 403 -25.43 34.13 42.03
CA LYS LA 403 -25.28 33.89 40.60
C LYS LA 403 -24.32 34.88 39.97
N ARG LA 404 -24.38 36.14 40.38
CA ARG LA 404 -23.47 37.14 39.83
C ARG LA 404 -22.01 36.80 40.15
N TYR LA 405 -21.73 36.54 41.41
CA TYR LA 405 -20.35 36.27 41.80
C TYR LA 405 -19.87 34.92 41.29
N LEU LA 406 -20.77 33.97 41.09
CA LEU LA 406 -20.37 32.69 40.53
C LEU LA 406 -20.08 32.81 39.04
N SER LA 407 -20.87 33.62 38.33
CA SER LA 407 -20.57 33.90 36.94
C SER LA 407 -19.23 34.58 36.80
N LYS LA 408 -18.84 35.38 37.79
CA LYS LA 408 -17.57 36.09 37.69
C LYS LA 408 -16.40 35.16 37.42
N TYR LA 409 -16.43 33.93 37.91
CA TYR LA 409 -15.33 33.02 37.66
C TYR LA 409 -15.71 31.71 36.99
N THR LA 410 -16.97 31.50 36.61
CA THR LA 410 -17.31 30.27 35.91
C THR LA 410 -17.69 30.51 34.45
N ILE LA 411 -18.71 31.29 34.17
CA ILE LA 411 -19.24 31.35 32.81
C ILE LA 411 -18.71 32.57 32.08
N ASN LA 412 -18.46 33.65 32.81
CA ASN LA 412 -17.98 34.87 32.17
C ASN LA 412 -16.60 34.71 31.56
N PRO LA 413 -15.59 34.17 32.24
CA PRO LA 413 -14.32 33.92 31.55
C PRO LA 413 -14.43 32.92 30.42
N ALA LA 414 -15.33 31.93 30.54
CA ALA LA 414 -15.53 30.99 29.45
C ALA LA 414 -16.06 31.69 28.21
N ILE LA 415 -17.03 32.59 28.38
CA ILE LA 415 -17.53 33.37 27.26
C ILE LA 415 -16.44 34.28 26.71
N ALA LA 416 -15.69 34.91 27.61
CA ALA LA 416 -14.64 35.84 27.18
C ALA LA 416 -13.61 35.15 26.31
N HIS LA 417 -13.26 33.92 26.64
CA HIS LA 417 -12.25 33.21 25.87
C HIS LA 417 -12.83 32.20 24.91
N GLY LA 418 -14.15 32.21 24.70
CA GLY LA 418 -14.70 31.41 23.63
C GLY LA 418 -14.72 29.93 23.88
N ILE LA 419 -14.73 29.50 25.14
CA ILE LA 419 -14.83 28.10 25.49
C ILE LA 419 -16.13 27.79 26.19
N SER LA 420 -17.09 28.72 26.18
CA SER LA 420 -18.35 28.50 26.87
C SER LA 420 -19.20 27.41 26.23
N GLU LA 421 -18.85 26.96 25.03
CA GLU LA 421 -19.53 25.81 24.47
C GLU LA 421 -19.17 24.53 25.20
N TYR LA 422 -17.99 24.47 25.79
CA TYR LA 422 -17.49 23.27 26.44
C TYR LA 422 -17.58 23.31 27.95
N VAL LA 423 -17.16 24.40 28.57
CA VAL LA 423 -17.02 24.48 30.01
C VAL LA 423 -17.77 25.71 30.51
N GLY LA 424 -17.73 25.92 31.83
CA GLY LA 424 -18.21 27.12 32.45
C GLY LA 424 -19.52 26.99 33.19
N SER LA 425 -20.30 25.94 32.94
CA SER LA 425 -21.57 25.81 33.62
C SER LA 425 -21.99 24.36 33.64
N VAL LA 426 -22.97 24.06 34.49
CA VAL LA 426 -23.55 22.73 34.60
C VAL LA 426 -24.75 22.70 33.66
N GLU LA 427 -24.49 22.37 32.40
CA GLU LA 427 -25.52 22.30 31.39
C GLU LA 427 -25.34 21.03 30.58
N VAL LA 428 -26.44 20.55 29.99
CA VAL LA 428 -26.39 19.33 29.20
C VAL LA 428 -25.58 19.59 27.94
N GLY LA 429 -24.63 18.69 27.66
CA GLY LA 429 -23.77 18.80 26.52
C GLY LA 429 -22.41 19.36 26.82
N LYS LA 430 -22.25 20.05 27.95
CA LYS LA 430 -20.95 20.56 28.34
C LYS LA 430 -20.10 19.45 28.95
N VAL LA 431 -18.79 19.67 28.96
CA VAL LA 431 -17.91 18.66 29.53
C VAL LA 431 -18.11 18.61 31.03
N ALA LA 432 -17.94 17.41 31.60
CA ALA LA 432 -18.23 17.19 33.01
C ALA LA 432 -17.04 17.62 33.85
N ASP LA 433 -16.87 18.93 33.96
CA ASP LA 433 -15.89 19.54 34.86
C ASP LA 433 -16.67 20.09 36.05
N LEU LA 434 -16.91 19.24 37.03
CA LEU LA 434 -17.77 19.57 38.15
C LEU LA 434 -16.97 19.59 39.44
N VAL LA 435 -17.41 20.43 40.37
CA VAL LA 435 -16.79 20.51 41.68
C VAL LA 435 -17.88 20.26 42.72
N LEU LA 436 -17.62 19.31 43.61
CA LEU LA 436 -18.51 18.94 44.69
C LEU LA 436 -18.00 19.60 45.98
N TRP LA 437 -18.82 20.47 46.54
CA TRP LA 437 -18.54 21.18 47.77
C TRP LA 437 -19.49 20.71 48.87
N SER LA 438 -19.00 20.64 50.07
CA SER LA 438 -19.96 20.63 51.15
C SER LA 438 -20.30 22.06 51.53
N PRO LA 439 -21.56 22.35 51.82
CA PRO LA 439 -21.96 23.76 52.01
C PRO LA 439 -21.21 24.46 53.13
N ALA LA 440 -20.74 23.72 54.13
CA ALA LA 440 -19.94 24.34 55.19
C ALA LA 440 -18.60 24.81 54.68
N PHE LA 441 -18.06 24.15 53.65
CA PHE LA 441 -16.76 24.49 53.10
C PHE LA 441 -16.86 25.14 51.74
N PHE LA 442 -18.03 25.64 51.38
CA PHE LA 442 -18.22 26.19 50.04
C PHE LA 442 -17.33 27.39 49.83
N GLY LA 443 -16.66 27.42 48.67
CA GLY LA 443 -15.84 28.53 48.29
C GLY LA 443 -14.41 28.47 48.78
N VAL LA 444 -14.08 27.51 49.65
CA VAL LA 444 -12.72 27.45 50.18
C VAL LA 444 -12.09 26.08 49.93
N LYS LA 445 -12.81 25.00 50.21
CA LYS LA 445 -12.26 23.65 50.11
C LYS LA 445 -13.28 22.68 49.53
N PRO LA 446 -13.13 22.25 48.29
CA PRO LA 446 -14.11 21.34 47.69
C PRO LA 446 -14.02 19.94 48.27
N ASN LA 447 -15.12 19.21 48.14
CA ASN LA 447 -15.10 17.79 48.50
C ASN LA 447 -14.38 16.99 47.43
N MET LA 448 -14.73 17.20 46.17
CA MET LA 448 -14.06 16.43 45.13
C MET LA 448 -14.21 17.12 43.79
N ILE LA 449 -13.38 16.72 42.84
CA ILE LA 449 -13.36 17.31 41.51
C ILE LA 449 -13.60 16.20 40.50
N ILE LA 450 -14.60 16.38 39.64
CA ILE LA 450 -14.90 15.45 38.56
C ILE LA 450 -14.40 16.08 37.27
N LYS LA 451 -13.44 15.42 36.63
CA LYS LA 451 -12.79 15.94 35.44
C LYS LA 451 -13.10 15.01 34.28
N GLY LA 452 -13.85 15.51 33.31
CA GLY LA 452 -14.19 14.70 32.14
C GLY LA 452 -14.97 13.45 32.45
N GLY LA 453 -15.84 13.51 33.45
CA GLY LA 453 -16.67 12.38 33.79
C GLY LA 453 -16.06 11.41 34.77
N PHE LA 454 -14.84 11.64 35.23
CA PHE LA 454 -14.17 10.78 36.18
C PHE LA 454 -13.57 11.63 37.30
N ILE LA 455 -13.51 11.05 38.50
CA ILE LA 455 -12.99 11.80 39.63
C ILE LA 455 -11.48 11.95 39.49
N ALA LA 456 -11.00 13.18 39.52
CA ALA LA 456 -9.59 13.48 39.34
C ALA LA 456 -8.88 13.88 40.61
N LEU LA 457 -9.58 14.54 41.52
CA LEU LA 457 -8.99 14.94 42.79
C LEU LA 457 -10.03 14.76 43.87
N SER LA 458 -9.58 14.37 45.06
CA SER LA 458 -10.53 14.17 46.13
C SER LA 458 -9.85 14.30 47.47
N GLN LA 459 -10.62 14.74 48.45
CA GLN LA 459 -10.19 14.62 49.84
C GLN LA 459 -10.13 13.14 50.20
N MET LA 460 -8.99 12.70 50.72
CA MET LA 460 -8.79 11.30 51.03
C MET LA 460 -8.02 11.18 52.34
N GLY LA 461 -8.36 10.16 53.09
CA GLY LA 461 -7.70 9.87 54.35
C GLY LA 461 -6.52 8.93 54.17
N ASP LA 462 -6.15 8.30 55.28
CA ASP LA 462 -5.01 7.37 55.27
C ASP LA 462 -5.26 6.24 54.28
N ALA LA 463 -4.25 5.96 53.45
CA ALA LA 463 -4.39 4.90 52.46
C ALA LA 463 -4.48 3.53 53.11
N ASN LA 464 -3.82 3.35 54.25
CA ASN LA 464 -3.84 2.10 54.98
C ASN LA 464 -5.07 1.95 55.86
N ALA LA 465 -5.94 2.96 55.90
CA ALA LA 465 -7.08 2.92 56.79
C ALA LA 465 -8.14 1.94 56.29
N SER LA 466 -9.03 1.54 57.20
CA SER LA 466 -10.13 0.66 56.86
C SER LA 466 -11.33 1.41 56.29
N ILE LA 467 -11.31 2.74 56.32
CA ILE LA 467 -12.31 3.57 55.65
C ILE LA 467 -11.61 4.79 55.08
N PRO LA 468 -12.24 5.48 54.13
CA PRO LA 468 -11.58 6.64 53.52
C PRO LA 468 -11.55 7.90 54.38
N THR LA 469 -12.32 7.96 55.46
CA THR LA 469 -12.45 9.17 56.27
C THR LA 469 -11.32 9.49 57.24
N PRO LA 470 -10.67 8.52 57.89
CA PRO LA 470 -9.78 8.86 59.00
C PRO LA 470 -8.55 9.65 58.58
N GLN LA 471 -8.04 10.40 59.55
CA GLN LA 471 -6.96 11.33 59.33
C GLN LA 471 -5.65 10.60 59.01
N PRO LA 472 -4.72 11.25 58.29
CA PRO LA 472 -4.83 12.62 57.77
C PRO LA 472 -5.57 12.68 56.44
N VAL LA 473 -6.51 13.61 56.34
CA VAL LA 473 -7.28 13.80 55.12
C VAL LA 473 -6.69 14.99 54.39
N TYR LA 474 -6.31 14.79 53.13
CA TYR LA 474 -5.92 15.92 52.30
C TYR LA 474 -6.22 15.58 50.86
N TYR LA 475 -5.91 16.53 49.98
CA TYR LA 475 -6.31 16.42 48.59
C TYR LA 475 -5.34 15.54 47.84
N ARG LA 476 -5.83 14.43 47.32
CA ARG LA 476 -5.01 13.46 46.61
C ARG LA 476 -5.53 13.30 45.20
N GLU LA 477 -4.62 13.06 44.28
CA GLU LA 477 -4.98 12.75 42.91
C GLU LA 477 -5.69 11.41 42.86
N MET LA 478 -6.75 11.35 42.07
CA MET LA 478 -7.50 10.13 41.86
C MET LA 478 -7.13 9.54 40.51
N PHE LA 479 -7.88 8.53 40.07
CA PHE LA 479 -7.47 7.75 38.92
C PHE LA 479 -7.53 8.55 37.62
N ALA LA 480 -8.42 9.54 37.52
CA ALA LA 480 -8.45 10.36 36.32
C ALA LA 480 -7.23 11.25 36.19
N HIS LA 481 -6.42 11.33 37.24
CA HIS LA 481 -5.20 12.11 37.26
C HIS LA 481 -3.98 11.36 36.75
N HIS LA 482 -4.12 10.08 36.44
CA HIS LA 482 -2.99 9.19 36.25
C HIS LA 482 -3.09 8.44 34.93
N GLY LA 483 -1.97 7.85 34.52
CA GLY LA 483 -1.88 7.00 33.37
C GLY LA 483 -2.30 7.71 32.10
N LYS LA 484 -2.98 6.97 31.24
CA LYS LA 484 -3.56 7.54 30.03
C LYS LA 484 -4.97 8.04 30.25
N ALA LA 485 -5.51 7.90 31.45
CA ALA LA 485 -6.83 8.43 31.74
C ALA LA 485 -6.84 9.96 31.71
N LYS LA 486 -5.73 10.59 32.08
CA LYS LA 486 -5.70 12.04 32.07
C LYS LA 486 -5.78 12.59 30.66
N TYR LA 487 -5.31 11.85 29.66
CA TYR LA 487 -5.45 12.29 28.28
C TYR LA 487 -6.91 12.36 27.87
N ASP LA 488 -7.72 11.39 28.30
CA ASP LA 488 -9.14 11.45 27.99
C ASP LA 488 -9.87 12.47 28.85
N ALA LA 489 -9.38 12.70 30.07
CA ALA LA 489 -10.07 13.61 30.98
C ALA LA 489 -9.83 15.07 30.64
N ASN LA 490 -8.66 15.43 30.14
CA ASN LA 490 -8.28 16.83 30.05
C ASN LA 490 -8.37 17.35 28.61
N ILE LA 491 -8.52 18.67 28.52
CA ILE LA 491 -8.69 19.36 27.24
C ILE LA 491 -7.60 20.41 27.11
N THR LA 492 -6.98 20.46 25.94
CA THR LA 492 -6.14 21.58 25.53
C THR LA 492 -6.92 22.40 24.52
N PHE LA 493 -7.09 23.68 24.81
CA PHE LA 493 -7.77 24.58 23.90
C PHE LA 493 -6.75 25.20 22.96
N VAL LA 494 -7.06 25.20 21.68
CA VAL LA 494 -6.22 25.83 20.66
C VAL LA 494 -7.12 26.70 19.80
N SER LA 495 -6.50 27.47 18.92
CA SER LA 495 -7.26 28.25 17.97
C SER LA 495 -7.85 27.34 16.89
N GLN LA 496 -8.89 27.83 16.23
CA GLN LA 496 -9.48 27.08 15.13
C GLN LA 496 -8.47 26.87 14.00
N ALA LA 497 -7.59 27.84 13.77
CA ALA LA 497 -6.59 27.69 12.72
C ALA LA 497 -5.65 26.54 13.02
N ALA LA 498 -5.14 26.47 14.25
CA ALA LA 498 -4.27 25.36 14.62
C ALA LA 498 -5.01 24.04 14.58
N TYR LA 499 -6.26 24.03 15.04
CA TYR LA 499 -7.06 22.81 15.00
C TYR LA 499 -7.24 22.31 13.58
N ASP LA 500 -7.53 23.21 12.64
CA ASP LA 500 -7.68 22.82 11.24
C ASP LA 500 -6.35 22.34 10.66
N LYS LA 501 -5.25 23.03 11.00
CA LYS LA 501 -3.94 22.59 10.52
C LYS LA 501 -3.49 21.29 11.14
N GLY LA 502 -4.17 20.81 12.18
CA GLY LA 502 -3.86 19.52 12.73
C GLY LA 502 -2.75 19.59 13.76
N ILE LA 503 -2.91 20.49 14.73
CA ILE LA 503 -1.90 20.67 15.75
C ILE LA 503 -1.75 19.43 16.60
N LYS LA 504 -2.85 18.70 16.83
CA LYS LA 504 -2.81 17.53 17.69
C LYS LA 504 -1.89 16.47 17.13
N GLU LA 505 -2.08 16.09 15.87
CA GLU LA 505 -1.22 15.08 15.25
C GLU LA 505 0.18 15.61 15.02
N GLU LA 506 0.32 16.89 14.68
CA GLU LA 506 1.64 17.45 14.42
C GLU LA 506 2.51 17.43 15.68
N LEU LA 507 1.94 17.82 16.81
CA LEU LA 507 2.68 17.85 18.06
C LEU LA 507 2.58 16.55 18.85
N GLY LA 508 1.83 15.57 18.35
CA GLY LA 508 1.70 14.31 19.05
C GLY LA 508 0.99 14.43 20.39
N LEU LA 509 0.07 15.38 20.52
CA LEU LA 509 -0.68 15.54 21.74
C LEU LA 509 -1.69 14.40 21.91
N GLU LA 510 -1.80 13.90 23.13
CA GLU LA 510 -2.76 12.85 23.43
C GLU LA 510 -4.02 13.38 24.09
N ARG LA 511 -3.99 14.58 24.65
CA ARG LA 511 -5.18 15.17 25.23
C ARG LA 511 -6.19 15.49 24.14
N GLN LA 512 -7.46 15.62 24.54
CA GLN LA 512 -8.43 16.19 23.64
C GLN LA 512 -8.00 17.59 23.28
N VAL LA 513 -8.11 17.95 22.00
CA VAL LA 513 -7.73 19.25 21.53
C VAL LA 513 -8.96 19.90 20.93
N LEU LA 514 -9.39 21.01 21.52
CA LEU LA 514 -10.62 21.63 21.08
C LEU LA 514 -10.36 23.07 20.66
N PRO LA 515 -11.04 23.55 19.61
CA PRO LA 515 -10.85 24.93 19.17
C PRO LA 515 -11.76 25.89 19.92
N VAL LA 516 -11.23 27.06 20.20
CA VAL LA 516 -12.02 28.16 20.76
C VAL LA 516 -12.81 28.82 19.63
N LYS LA 517 -13.94 29.43 19.97
CA LYS LA 517 -14.76 30.06 18.97
C LYS LA 517 -15.62 31.14 19.61
N ASN LA 518 -16.07 32.08 18.77
CA ASN LA 518 -16.93 33.19 19.21
C ASN LA 518 -16.24 34.05 20.25
N CYS LA 519 -15.02 34.50 19.93
CA CYS LA 519 -14.29 35.39 20.81
C CYS LA 519 -14.37 36.86 20.40
N ARG LA 520 -14.68 37.14 19.14
CA ARG LA 520 -14.61 38.51 18.65
C ARG LA 520 -15.95 39.22 18.69
N ASN LA 521 -17.06 38.49 18.65
CA ASN LA 521 -18.38 39.11 18.56
C ASN LA 521 -19.09 39.17 19.90
N ILE LA 522 -18.34 39.27 20.99
CA ILE LA 522 -18.92 39.36 22.32
C ILE LA 522 -18.58 40.72 22.91
N THR LA 523 -19.49 41.25 23.70
CA THR LA 523 -19.26 42.51 24.39
C THR LA 523 -19.56 42.33 25.87
N LYS LA 524 -19.55 43.44 26.62
CA LYS LA 524 -19.92 43.38 28.03
C LYS LA 524 -21.34 42.87 28.21
N LYS LA 525 -22.21 43.11 27.23
CA LYS LA 525 -23.60 42.69 27.33
C LYS LA 525 -23.75 41.18 27.36
N ASP LA 526 -22.73 40.44 26.91
CA ASP LA 526 -22.80 38.99 26.87
C ASP LA 526 -22.34 38.33 28.16
N MET LA 527 -21.80 39.10 29.10
CA MET LA 527 -21.49 38.55 30.41
C MET LA 527 -22.77 38.31 31.19
N GLN LA 528 -22.80 37.22 31.96
CA GLN LA 528 -23.98 36.84 32.71
C GLN LA 528 -23.97 37.55 34.06
N PHE LA 529 -25.05 38.26 34.37
CA PHE LA 529 -25.24 38.93 35.65
C PHE LA 529 -24.21 40.01 35.91
N ASN LA 530 -23.34 40.27 34.94
CA ASN LA 530 -22.28 41.26 35.08
C ASN LA 530 -22.17 42.08 33.81
N ASP LA 531 -23.31 42.44 33.23
CA ASP LA 531 -23.36 43.15 31.96
C ASP LA 531 -23.66 44.63 32.13
N THR LA 532 -23.44 45.16 33.32
CA THR LA 532 -23.77 46.56 33.61
C THR LA 532 -22.80 47.48 32.88
N THR LA 533 -23.29 48.20 31.89
CA THR LA 533 -22.53 49.24 31.21
C THR LA 533 -23.05 50.58 31.70
N ALA LA 534 -22.24 51.27 32.50
CA ALA LA 534 -22.61 52.56 33.04
C ALA LA 534 -21.48 53.54 32.80
N HIS LA 535 -21.84 54.79 32.49
CA HIS LA 535 -20.83 55.83 32.34
C HIS LA 535 -20.12 56.04 33.67
N ILE LA 536 -18.84 55.69 33.72
CA ILE LA 536 -18.05 55.75 34.93
C ILE LA 536 -17.32 57.09 34.92
N GLU LA 537 -17.83 58.06 35.65
CA GLU LA 537 -17.18 59.36 35.77
C GLU LA 537 -16.08 59.24 36.81
N VAL LA 538 -14.83 59.35 36.38
CA VAL LA 538 -13.69 59.29 37.27
C VAL LA 538 -13.09 60.68 37.36
N ASN LA 539 -13.15 61.27 38.55
CA ASN LA 539 -12.47 62.52 38.82
C ASN LA 539 -11.06 62.20 39.28
N PRO LA 540 -10.04 62.42 38.46
CA PRO LA 540 -8.67 62.10 38.88
C PRO LA 540 -8.08 63.12 39.83
N GLU LA 541 -8.61 64.34 39.86
CA GLU LA 541 -8.19 65.30 40.87
C GLU LA 541 -8.50 64.80 42.27
N THR LA 542 -9.65 64.17 42.43
CA THR LA 542 -10.09 63.67 43.73
C THR LA 542 -10.05 62.16 43.83
N TYR LA 543 -9.68 61.47 42.75
CA TYR LA 543 -9.70 60.01 42.71
C TYR LA 543 -11.06 59.47 43.10
N HIS LA 544 -12.11 60.12 42.59
CA HIS LA 544 -13.48 59.78 42.95
C HIS LA 544 -14.17 59.10 41.78
N VAL LA 545 -14.78 57.96 42.04
CA VAL LA 545 -15.46 57.18 41.01
C VAL LA 545 -16.95 57.32 41.22
N PHE LA 546 -17.67 57.66 40.16
CA PHE LA 546 -19.12 57.78 40.19
C PHE LA 546 -19.70 56.94 39.07
N VAL LA 547 -20.77 56.22 39.38
CA VAL LA 547 -21.56 55.51 38.38
C VAL LA 547 -22.99 56.03 38.48
N ASP LA 548 -23.52 56.55 37.36
CA ASP LA 548 -24.84 57.18 37.33
C ASP LA 548 -24.94 58.27 38.38
N GLY LA 549 -23.86 59.02 38.55
CA GLY LA 549 -23.80 60.11 39.52
C GLY LA 549 -23.38 59.72 40.92
N LYS LA 550 -23.94 58.63 41.44
CA LYS LA 550 -23.63 58.21 42.80
C LYS LA 550 -22.19 57.78 42.93
N GLU LA 551 -21.53 58.24 43.98
CA GLU LA 551 -20.15 57.85 44.26
C GLU LA 551 -20.11 56.44 44.81
N VAL LA 552 -19.03 55.73 44.47
CA VAL LA 552 -18.85 54.34 44.88
C VAL LA 552 -17.64 54.25 45.80
N THR LA 553 -17.81 53.57 46.92
CA THR LA 553 -16.74 53.37 47.88
C THR LA 553 -17.14 52.24 48.80
N SER LA 554 -16.17 51.72 49.54
CA SER LA 554 -16.44 50.68 50.52
C SER LA 554 -15.45 50.83 51.66
N LYS LA 555 -15.81 50.30 52.76
CA LYS LA 555 -14.89 50.40 53.88
C LYS LA 555 -14.02 49.15 53.97
N PRO LA 556 -12.77 49.29 54.40
CA PRO LA 556 -11.91 48.12 54.55
C PRO LA 556 -12.49 47.14 55.56
N ALA LA 557 -12.34 45.85 55.28
CA ALA LA 557 -12.85 44.80 56.14
C ALA LA 557 -11.78 44.46 57.17
N ASN LA 558 -12.14 44.50 58.45
CA ASN LA 558 -11.21 44.13 59.50
C ASN LA 558 -11.04 42.62 59.58
N LYS LA 559 -12.05 41.85 59.18
CA LYS LA 559 -12.00 40.40 59.25
C LYS LA 559 -12.88 39.83 58.16
N VAL LA 560 -12.31 39.01 57.29
CA VAL LA 560 -13.05 38.40 56.21
C VAL LA 560 -13.40 36.97 56.61
N SER LA 561 -14.39 36.40 55.92
CA SER LA 561 -14.77 35.02 56.13
C SER LA 561 -13.95 34.11 55.23
N LEU LA 562 -14.06 32.81 55.50
CA LEU LA 562 -13.38 31.78 54.72
C LEU LA 562 -11.87 31.97 54.71
N ALA LA 563 -11.31 32.57 55.76
CA ALA LA 563 -9.88 32.85 55.78
C ALA LA 563 -9.14 32.07 56.84
N GLN LA 564 -9.46 32.25 58.12
CA GLN LA 564 -8.71 31.61 59.18
C GLN LA 564 -9.43 30.46 59.83
N LEU LA 565 -10.73 30.32 59.60
CA LEU LA 565 -11.48 29.18 60.11
C LEU LA 565 -11.09 27.90 59.40
N PHE LA 566 -10.57 27.97 58.18
CA PHE LA 566 -10.44 26.81 57.33
C PHE LA 566 -9.00 26.41 57.03
N SER LA 567 -8.02 27.26 57.28
CA SER LA 567 -6.65 27.00 56.87
C SER LA 567 -5.73 27.03 58.08
N ILE LA 568 -4.86 26.03 58.18
CA ILE LA 568 -3.88 26.02 59.26
C ILE LA 568 -2.84 27.11 59.04
N PHE LA 569 -2.56 27.45 57.80
CA PHE LA 569 -1.58 28.49 57.48
C PHE LA 569 -2.13 29.47 56.45
N MET MA 1 -11.12 62.36 58.22
CA MET MA 1 -11.67 61.50 57.20
C MET MA 1 -10.56 60.81 56.42
N ASN MA 2 -9.77 60.00 57.11
CA ASN MA 2 -8.67 59.30 56.47
C ASN MA 2 -9.22 58.16 55.61
N THR MA 3 -8.88 58.19 54.32
CA THR MA 3 -9.33 57.12 53.42
C THR MA 3 -8.56 55.83 53.62
N TYR MA 4 -7.37 55.89 54.21
CA TYR MA 4 -6.59 54.70 54.48
C TYR MA 4 -7.20 53.91 55.64
N ALA MA 5 -6.94 52.61 55.65
CA ALA MA 5 -7.47 51.76 56.71
C ALA MA 5 -6.90 52.13 58.07
N GLN MA 6 -5.61 52.42 58.12
CA GLN MA 6 -4.93 52.83 59.34
C GLN MA 6 -4.26 54.19 59.13
N GLU MA 7 -3.78 54.76 60.22
CA GLU MA 7 -3.12 56.06 60.17
C GLU MA 7 -1.80 55.96 59.44
N SER MA 8 -1.50 56.97 58.62
CA SER MA 8 -0.28 56.99 57.82
C SER MA 8 0.88 57.44 58.71
N LYS MA 9 1.72 56.50 59.11
CA LYS MA 9 2.87 56.78 59.96
C LYS MA 9 4.13 56.24 59.32
N LEU MA 10 5.25 56.88 59.65
CA LEU MA 10 6.56 56.44 59.15
C LEU MA 10 7.59 56.76 60.23
N ARG MA 11 7.88 55.78 61.08
CA ARG MA 11 8.89 55.92 62.13
C ARG MA 11 10.16 55.24 61.65
N LEU MA 12 11.21 56.02 61.44
CA LEU MA 12 12.50 55.52 60.98
C LEU MA 12 13.58 55.89 61.97
N LYS MA 13 14.46 54.95 62.26
CA LYS MA 13 15.60 55.18 63.15
C LYS MA 13 16.81 54.51 62.53
N THR MA 14 17.81 55.32 62.16
CA THR MA 14 19.02 54.82 61.53
C THR MA 14 20.20 54.96 62.46
N LYS MA 15 21.13 54.00 62.36
CA LYS MA 15 22.33 53.97 63.15
C LYS MA 15 23.48 53.45 62.30
N ILE MA 16 24.70 53.53 62.83
CA ILE MA 16 25.87 53.04 62.14
C ILE MA 16 25.97 51.54 62.32
N GLY MA 17 26.08 50.81 61.22
CA GLY MA 17 26.11 49.36 61.25
C GLY MA 17 27.45 48.81 61.66
N ALA MA 18 27.52 47.47 61.71
CA ALA MA 18 28.74 46.79 62.09
C ALA MA 18 29.85 47.03 61.07
N ASP MA 19 29.50 47.04 59.78
CA ASP MA 19 30.47 47.24 58.72
C ASP MA 19 30.83 48.71 58.51
N GLY MA 20 30.33 49.61 59.36
CA GLY MA 20 30.64 51.01 59.25
C GLY MA 20 29.70 51.81 58.36
N ARG MA 21 28.79 51.15 57.66
CA ARG MA 21 27.82 51.85 56.84
C ARG MA 21 26.62 52.29 57.67
N CYS MA 22 25.85 53.22 57.12
CA CYS MA 22 24.64 53.70 57.77
C CYS MA 22 23.50 52.73 57.47
N VAL MA 23 22.98 52.08 58.51
CA VAL MA 23 21.94 51.07 58.36
C VAL MA 23 20.69 51.53 59.08
N ILE MA 24 19.57 50.92 58.72
CA ILE MA 24 18.29 51.21 59.35
C ILE MA 24 18.17 50.32 60.58
N GLU MA 25 18.28 50.93 61.77
CA GLU MA 25 18.11 50.17 62.99
C GLU MA 25 16.67 49.72 63.18
N ASP MA 26 15.72 50.61 62.93
CA ASP MA 26 14.32 50.28 63.11
C ASP MA 26 13.48 51.08 62.13
N ASN MA 27 12.35 50.51 61.72
CA ASN MA 27 11.45 51.22 60.83
C ASN MA 27 10.07 50.59 60.91
N PHE MA 28 9.05 51.46 60.88
CA PHE MA 28 7.66 51.05 60.90
C PHE MA 28 6.89 52.00 60.02
N PHE MA 29 6.31 51.49 58.93
CA PHE MA 29 5.61 52.33 57.98
C PHE MA 29 4.25 51.72 57.65
N THR MA 30 3.23 52.54 57.74
CA THR MA 30 1.90 52.22 57.27
C THR MA 30 1.67 52.91 55.92
N PRO MA 31 0.71 52.43 55.13
CA PRO MA 31 0.49 53.05 53.82
C PRO MA 31 0.11 54.51 53.98
N PRO MA 32 0.51 55.36 53.03
CA PRO MA 32 1.21 55.00 51.78
C PRO MA 32 2.73 54.96 51.92
N PHE MA 33 3.24 55.07 53.14
CA PHE MA 33 4.68 55.12 53.34
C PHE MA 33 5.31 53.75 53.14
N LYS MA 34 6.58 53.76 52.75
CA LYS MA 34 7.35 52.53 52.61
C LYS MA 34 8.83 52.87 52.68
N LEU MA 35 9.60 51.97 53.27
CA LEU MA 35 11.04 52.12 53.38
C LEU MA 35 11.74 50.91 52.80
N MET MA 36 12.69 51.14 51.90
CA MET MA 36 13.55 50.10 51.37
C MET MA 36 14.89 50.15 52.08
N ALA MA 37 15.78 49.25 51.67
CA ALA MA 37 17.13 49.26 52.22
C ALA MA 37 17.86 50.53 51.77
N PRO MA 38 18.72 51.10 52.62
CA PRO MA 38 19.47 52.28 52.21
C PRO MA 38 20.36 51.99 51.01
N PHE MA 39 20.50 52.98 50.14
CA PHE MA 39 21.39 52.89 49.00
C PHE MA 39 22.74 53.50 49.37
N TYR MA 40 23.82 52.90 48.86
CA TYR MA 40 25.18 53.31 49.19
C TYR MA 40 25.93 53.63 47.91
N PRO MA 41 25.84 54.86 47.42
CA PRO MA 41 26.68 55.27 46.29
C PRO MA 41 28.16 55.15 46.65
N LYS MA 42 28.99 55.15 45.60
CA LYS MA 42 30.40 54.84 45.78
C LYS MA 42 31.09 55.86 46.67
N ASP MA 43 30.80 57.14 46.49
CA ASP MA 43 31.50 58.20 47.21
C ASP MA 43 30.60 59.07 48.09
N ASP MA 44 29.30 59.11 47.84
CA ASP MA 44 28.43 60.04 48.55
C ASP MA 44 27.99 59.45 49.88
N LEU MA 45 27.03 60.12 50.54
CA LEU MA 45 26.47 59.66 51.79
C LEU MA 45 25.48 58.52 51.54
N ALA MA 46 25.07 57.87 52.62
CA ALA MA 46 24.08 56.81 52.47
C ALA MA 46 22.72 57.43 52.17
N GLU MA 47 22.07 56.96 51.11
CA GLU MA 47 20.84 57.57 50.63
C GLU MA 47 19.63 56.73 51.05
N ILE MA 48 18.64 57.40 51.61
CA ILE MA 48 17.36 56.77 51.98
C ILE MA 48 16.25 57.50 51.24
N MET MA 49 15.43 56.74 50.52
CA MET MA 49 14.32 57.29 49.76
C MET MA 49 13.03 57.05 50.54
N LEU MA 50 12.34 58.13 50.90
CA LEU MA 50 11.05 58.04 51.56
C LEU MA 50 10.00 57.73 50.50
N LEU MA 51 9.69 56.46 50.32
CA LEU MA 51 8.72 56.07 49.31
C LEU MA 51 7.31 56.41 49.76
N ALA MA 52 6.55 57.00 48.86
CA ALA MA 52 5.12 57.27 49.08
C ALA MA 52 4.36 56.56 47.97
N VAL MA 53 3.65 55.49 48.33
CA VAL MA 53 2.92 54.68 47.35
C VAL MA 53 1.55 55.33 47.20
N SER MA 54 1.50 56.38 46.38
CA SER MA 54 0.29 57.14 46.13
C SER MA 54 0.54 58.15 45.02
N PRO MA 55 -0.48 58.51 44.23
CA PRO MA 55 -0.30 59.59 43.26
C PRO MA 55 -0.03 60.94 43.89
N GLY MA 56 -0.37 61.10 45.16
CA GLY MA 56 -0.16 62.36 45.85
C GLY MA 56 -1.12 62.50 47.00
N MET MA 57 -0.89 63.52 47.81
CA MET MA 57 -1.73 63.76 48.97
C MET MA 57 -3.11 64.24 48.53
N MET MA 58 -4.15 63.61 49.06
CA MET MA 58 -5.53 63.94 48.74
C MET MA 58 -6.24 64.40 50.01
N ARG MA 59 -7.55 64.63 49.91
CA ARG MA 59 -8.32 65.13 51.03
C ARG MA 59 -8.31 64.12 52.18
N GLY MA 60 -8.08 64.63 53.39
CA GLY MA 60 -8.09 63.80 54.57
C GLY MA 60 -6.80 63.08 54.87
N ASP MA 61 -5.79 63.21 54.02
CA ASP MA 61 -4.50 62.59 54.28
C ASP MA 61 -3.83 63.27 55.46
N ALA MA 62 -3.36 62.46 56.41
CA ALA MA 62 -2.70 62.98 57.62
C ALA MA 62 -1.47 62.11 57.87
N GLN MA 63 -0.33 62.55 57.39
CA GLN MA 63 0.91 61.78 57.47
C GLN MA 63 1.72 62.21 58.69
N ASP MA 64 2.26 61.23 59.41
CA ASP MA 64 3.06 61.47 60.60
C ASP MA 64 4.41 60.79 60.41
N VAL MA 65 5.45 61.58 60.15
CA VAL MA 65 6.80 61.08 59.91
C VAL MA 65 7.66 61.41 61.10
N GLN MA 66 8.48 60.45 61.53
CA GLN MA 66 9.39 60.62 62.65
C GLN MA 66 10.72 59.98 62.28
N LEU MA 67 11.68 60.81 61.89
CA LEU MA 67 13.00 60.34 61.51
C LEU MA 67 13.98 60.57 62.65
N ASN MA 68 14.83 59.58 62.89
CA ASN MA 68 15.79 59.63 63.99
C ASN MA 68 17.14 59.14 63.47
N ILE MA 69 18.00 60.09 63.14
CA ILE MA 69 19.35 59.78 62.68
C ILE MA 69 20.27 59.72 63.90
N GLY MA 70 20.99 58.60 64.06
CA GLY MA 70 21.84 58.42 65.20
C GLY MA 70 23.19 59.08 65.00
N PRO MA 71 24.04 58.93 66.02
CA PRO MA 71 25.35 59.60 65.96
C PRO MA 71 26.21 59.08 64.82
N ASN MA 72 27.04 59.98 64.29
CA ASN MA 72 28.05 59.66 63.27
C ASN MA 72 27.44 59.07 62.01
N CYS MA 73 26.22 59.48 61.66
CA CYS MA 73 25.55 58.99 60.47
C CYS MA 73 25.53 60.06 59.40
N LYS MA 74 26.00 59.72 58.20
CA LYS MA 74 26.04 60.62 57.06
C LYS MA 74 24.96 60.17 56.09
N LEU MA 75 23.77 60.74 56.24
CA LEU MA 75 22.58 60.29 55.54
C LEU MA 75 21.99 61.40 54.69
N ARG MA 76 21.62 61.05 53.46
CA ARG MA 76 20.89 61.93 52.57
C ARG MA 76 19.52 61.31 52.32
N ILE MA 77 18.47 62.06 52.66
CA ILE MA 77 17.10 61.56 52.58
C ILE MA 77 16.41 62.27 51.44
N THR MA 78 16.02 61.50 50.43
CA THR MA 78 15.31 62.01 49.26
C THR MA 78 13.91 61.42 49.20
N SER MA 79 13.17 61.79 48.17
CA SER MA 79 11.83 61.25 47.93
C SER MA 79 11.79 60.62 46.54
N GLN MA 80 10.73 59.85 46.31
CA GLN MA 80 10.60 59.12 45.05
C GLN MA 80 10.42 60.07 43.87
N SER MA 81 9.51 61.03 44.01
CA SER MA 81 9.21 61.95 42.91
C SER MA 81 8.60 63.21 43.50
N PHE MA 82 8.11 64.09 42.63
CA PHE MA 82 7.49 65.34 43.07
C PHE MA 82 6.28 65.04 43.93
N GLU MA 83 6.16 65.75 45.04
CA GLU MA 83 5.02 65.59 45.94
C GLU MA 83 3.88 66.47 45.45
N LYS MA 84 2.80 65.84 44.99
CA LYS MA 84 1.67 66.55 44.42
C LYS MA 84 0.51 66.59 45.41
N ILE MA 85 0.02 67.78 45.69
CA ILE MA 85 -1.16 67.96 46.51
C ILE MA 85 -2.37 68.06 45.59
N HIS MA 86 -3.26 67.08 45.68
CA HIS MA 86 -4.41 67.02 44.79
C HIS MA 86 -5.50 67.96 45.29
N ASN MA 87 -6.58 68.04 44.52
CA ASN MA 87 -7.72 68.86 44.89
C ASN MA 87 -8.36 68.28 46.14
N THR MA 88 -8.18 68.97 47.27
CA THR MA 88 -8.88 68.64 48.51
C THR MA 88 -10.19 69.43 48.51
N GLU MA 89 -11.31 68.73 48.33
CA GLU MA 89 -12.58 69.38 48.08
C GLU MA 89 -13.01 70.28 49.23
N ASP MA 90 -13.26 69.70 50.40
CA ASP MA 90 -13.63 70.47 51.58
C ASP MA 90 -12.62 70.35 52.71
N GLY MA 91 -11.78 69.32 52.72
CA GLY MA 91 -10.78 69.11 53.74
C GLY MA 91 -9.42 69.59 53.31
N PHE MA 92 -8.39 68.95 53.88
CA PHE MA 92 -7.02 69.35 53.63
C PHE MA 92 -6.11 68.15 53.79
N ALA MA 93 -4.90 68.28 53.27
CA ALA MA 93 -3.85 67.27 53.42
C ALA MA 93 -2.79 67.84 54.36
N SER MA 94 -2.41 67.06 55.37
CA SER MA 94 -1.49 67.50 56.38
C SER MA 94 -0.33 66.52 56.52
N ARG MA 95 0.86 67.07 56.68
CA ARG MA 95 2.07 66.30 56.96
C ARG MA 95 2.74 66.87 58.20
N ASP MA 96 3.09 66.00 59.13
CA ASP MA 96 3.77 66.40 60.37
C ASP MA 96 5.04 65.57 60.48
N MET MA 97 6.19 66.21 60.26
CA MET MA 97 7.47 65.52 60.20
C MET MA 97 8.36 66.01 61.34
N HIS MA 98 8.72 65.10 62.24
CA HIS MA 98 9.63 65.38 63.34
C HIS MA 98 10.93 64.64 63.10
N ILE MA 99 12.04 65.37 63.06
CA ILE MA 99 13.35 64.83 62.78
C ILE MA 99 14.25 65.07 63.98
N VAL MA 100 15.03 64.06 64.36
CA VAL MA 100 15.98 64.16 65.47
C VAL MA 100 17.33 63.71 64.97
N VAL MA 101 18.31 64.61 64.97
CA VAL MA 101 19.66 64.34 64.50
C VAL MA 101 20.57 64.21 65.71
N GLY MA 102 21.37 63.15 65.74
CA GLY MA 102 22.27 62.91 66.85
C GLY MA 102 23.59 63.64 66.70
N GLU MA 103 24.49 63.36 67.64
CA GLU MA 103 25.78 64.01 67.67
C GLU MA 103 26.64 63.62 66.47
N ASN MA 104 27.33 64.61 65.90
CA ASN MA 104 28.26 64.39 64.80
C ASN MA 104 27.58 63.73 63.60
N ALA MA 105 26.29 63.96 63.43
CA ALA MA 105 25.51 63.35 62.37
C ALA MA 105 25.14 64.40 61.33
N PHE MA 106 25.33 64.05 60.06
CA PHE MA 106 24.98 64.91 58.95
C PHE MA 106 23.74 64.36 58.26
N LEU MA 107 22.71 65.19 58.14
CA LEU MA 107 21.48 64.84 57.44
C LEU MA 107 21.26 65.84 56.32
N ASP MA 108 21.13 65.33 55.10
CA ASP MA 108 20.84 66.15 53.92
C ASP MA 108 19.41 65.79 53.49
N PHE MA 109 18.44 66.55 53.98
CA PHE MA 109 17.04 66.32 53.65
C PHE MA 109 16.73 67.09 52.37
N ALA MA 110 16.68 66.37 51.24
CA ALA MA 110 16.50 66.98 49.92
C ALA MA 110 15.33 66.32 49.22
N PRO MA 111 14.10 66.66 49.61
CA PRO MA 111 12.93 66.13 48.92
C PRO MA 111 12.69 66.83 47.58
N PHE MA 112 11.86 66.20 46.77
CA PHE MA 112 11.51 66.77 45.48
C PHE MA 112 10.53 67.93 45.66
N PRO MA 113 10.42 68.79 44.65
CA PRO MA 113 9.53 69.95 44.78
C PRO MA 113 8.07 69.57 45.02
N LEU MA 114 7.38 70.43 45.75
CA LEU MA 114 5.96 70.24 46.04
C LEU MA 114 5.11 70.97 45.01
N ILE MA 115 4.19 70.25 44.38
CA ILE MA 115 3.33 70.79 43.33
C ILE MA 115 1.89 70.75 43.84
N PRO MA 116 1.34 71.89 44.25
CA PRO MA 116 -0.08 71.93 44.63
C PRO MA 116 -0.97 72.10 43.41
N PHE MA 117 -1.99 71.27 43.31
CA PHE MA 117 -2.93 71.33 42.19
C PHE MA 117 -3.97 72.41 42.47
N GLU MA 118 -4.97 72.51 41.61
CA GLU MA 118 -6.04 73.47 41.79
C GLU MA 118 -6.87 73.13 43.03
N ASN MA 119 -7.18 74.15 43.83
CA ASN MA 119 -7.96 74.01 45.06
C ASN MA 119 -7.30 73.02 46.02
N ALA MA 120 -5.99 73.13 46.17
CA ALA MA 120 -5.23 72.29 47.08
C ALA MA 120 -5.01 73.00 48.40
N HIS MA 121 -5.29 72.31 49.50
CA HIS MA 121 -5.08 72.84 50.84
C HIS MA 121 -4.11 71.91 51.57
N PHE MA 122 -2.93 72.43 51.89
CA PHE MA 122 -1.87 71.63 52.50
C PHE MA 122 -1.35 72.32 53.76
N LYS MA 123 -1.11 71.51 54.80
CA LYS MA 123 -0.57 71.98 56.06
C LYS MA 123 0.63 71.11 56.42
N GLY MA 124 1.83 71.65 56.28
CA GLY MA 124 3.05 70.95 56.64
C GLY MA 124 3.65 71.54 57.91
N ASN MA 125 4.10 70.66 58.80
CA ASN MA 125 4.70 71.08 60.06
C ASN MA 125 5.94 70.24 60.30
N THR MA 126 7.12 70.83 60.07
CA THR MA 126 8.39 70.16 60.23
C THR MA 126 9.09 70.70 61.47
N THR MA 127 9.48 69.80 62.35
CA THR MA 127 10.21 70.15 63.57
C THR MA 127 11.50 69.34 63.59
N ILE MA 128 12.62 70.02 63.41
CA ILE MA 128 13.94 69.39 63.40
C ILE MA 128 14.65 69.74 64.71
N SER MA 129 15.22 68.74 65.36
CA SER MA 129 15.99 68.91 66.58
C SER MA 129 17.40 68.41 66.33
N LEU MA 130 18.38 69.18 66.77
CA LEU MA 130 19.78 68.89 66.52
C LEU MA 130 20.56 68.94 67.82
N ARG MA 131 21.73 68.30 67.80
CA ARG MA 131 22.71 68.48 68.86
C ARG MA 131 23.66 69.61 68.48
N SER MA 132 24.61 69.91 69.36
CA SER MA 132 25.58 70.96 69.07
C SER MA 132 26.42 70.62 67.84
N SER MA 133 26.83 69.36 67.72
CA SER MA 133 27.69 68.93 66.62
C SER MA 133 26.92 68.46 65.40
N SER MA 134 25.59 68.40 65.47
CA SER MA 134 24.80 67.92 64.34
C SER MA 134 24.88 68.90 63.18
N GLN MA 135 24.90 68.36 61.97
CA GLN MA 135 24.85 69.15 60.75
C GLN MA 135 23.56 68.84 60.01
N LEU MA 136 22.92 69.88 59.49
CA LEU MA 136 21.66 69.75 58.78
C LEU MA 136 21.68 70.56 57.51
N LEU MA 137 21.14 69.98 56.43
CA LEU MA 137 20.97 70.67 55.15
C LEU MA 137 19.51 70.45 54.75
N TYR MA 138 18.63 71.30 55.24
CA TYR MA 138 17.21 71.18 54.98
C TYR MA 138 16.84 71.96 53.72
N SER MA 139 15.87 71.45 52.98
CA SER MA 139 15.46 72.10 51.75
C SER MA 139 13.97 71.94 51.54
N ALA MA 140 13.39 72.87 50.78
CA ALA MA 140 11.99 72.78 50.41
C ALA MA 140 11.77 73.62 49.16
N ILE MA 141 11.20 73.00 48.13
CA ILE MA 141 10.86 73.68 46.88
C ILE MA 141 9.35 73.67 46.73
N ILE MA 142 8.78 74.83 46.45
CA ILE MA 142 7.34 75.00 46.26
C ILE MA 142 7.11 75.55 44.86
N VAL MA 143 6.23 74.90 44.11
CA VAL MA 143 5.87 75.31 42.77
C VAL MA 143 4.52 76.01 42.82
N ALA MA 144 4.32 76.97 41.92
CA ALA MA 144 3.06 77.69 41.84
C ALA MA 144 1.90 76.81 41.36
N GLY MA 145 2.20 75.62 40.85
CA GLY MA 145 1.21 74.73 40.32
C GLY MA 145 1.71 74.10 39.04
N ARG MA 146 0.79 73.54 38.27
CA ARG MA 146 1.14 72.96 36.97
C ARG MA 146 1.35 74.10 35.99
N VAL MA 147 2.58 74.59 35.96
CA VAL MA 147 2.89 75.82 35.22
C VAL MA 147 2.66 75.64 33.73
N ALA MA 148 3.11 74.51 33.18
CA ALA MA 148 3.07 74.32 31.73
C ALA MA 148 1.65 74.29 31.18
N ARG MA 149 0.65 74.07 32.03
CA ARG MA 149 -0.74 74.12 31.59
C ARG MA 149 -1.49 75.32 32.17
N ASN MA 150 -0.76 76.38 32.53
CA ASN MA 150 -1.35 77.64 32.99
C ASN MA 150 -2.21 77.46 34.23
N GLU MA 151 -1.75 76.60 35.15
CA GLU MA 151 -2.38 76.44 36.46
C GLU MA 151 -1.48 77.13 37.48
N LEU MA 152 -1.66 78.43 37.63
CA LEU MA 152 -0.81 79.27 38.47
C LEU MA 152 -1.59 79.74 39.68
N PHE MA 153 -1.14 79.34 40.87
CA PHE MA 153 -1.71 79.80 42.14
C PHE MA 153 -3.21 79.54 42.19
N LYS MA 154 -3.63 78.38 41.68
CA LYS MA 154 -5.02 77.99 41.72
C LYS MA 154 -5.36 77.15 42.94
N PHE MA 155 -4.38 76.89 43.81
CA PHE MA 155 -4.61 76.10 45.00
C PHE MA 155 -5.35 76.91 46.06
N ASN MA 156 -5.91 76.19 47.04
CA ASN MA 156 -6.64 76.83 48.11
C ASN MA 156 -5.69 77.55 49.07
N ARG MA 157 -4.78 76.80 49.68
CA ARG MA 157 -3.91 77.36 50.71
C ARG MA 157 -2.74 76.42 50.96
N LEU MA 158 -1.56 76.99 51.12
CA LEU MA 158 -0.35 76.25 51.44
C LEU MA 158 0.25 76.84 52.71
N HIS MA 159 0.16 76.11 53.83
CA HIS MA 159 0.79 76.53 55.07
C HIS MA 159 1.93 75.57 55.36
N THR MA 160 3.11 76.11 55.62
CA THR MA 160 4.28 75.30 55.92
C THR MA 160 5.05 75.95 57.06
N LYS MA 161 5.12 75.27 58.18
CA LYS MA 161 5.87 75.74 59.34
C LYS MA 161 7.11 74.87 59.51
N ILE MA 162 8.26 75.52 59.69
CA ILE MA 162 9.53 74.85 59.94
C ILE MA 162 10.09 75.39 61.24
N SER MA 163 10.46 74.50 62.15
CA SER MA 163 11.03 74.88 63.43
C SER MA 163 12.28 74.06 63.67
N ILE MA 164 13.44 74.71 63.62
CA ILE MA 164 14.73 74.06 63.82
C ILE MA 164 15.27 74.49 65.18
N LEU MA 165 15.48 73.50 66.05
CA LEU MA 165 16.00 73.70 67.40
C LEU MA 165 17.36 73.05 67.50
N GLN MA 166 18.28 73.72 68.20
CA GLN MA 166 19.61 73.20 68.45
C GLN MA 166 19.85 73.17 69.95
N ASP MA 167 20.21 71.99 70.47
CA ASP MA 167 20.36 71.77 71.90
C ASP MA 167 19.11 72.19 72.66
N GLU MA 168 17.95 71.86 72.09
CA GLU MA 168 16.65 72.21 72.65
C GLU MA 168 16.50 73.71 72.83
N LYS MA 169 17.01 74.47 71.87
CA LYS MA 169 16.88 75.92 71.86
C LYS MA 169 16.54 76.34 70.43
N PRO MA 170 15.52 77.18 70.24
CA PRO MA 170 15.10 77.53 68.88
C PRO MA 170 16.17 78.34 68.16
N ILE MA 171 16.52 77.89 66.96
CA ILE MA 171 17.50 78.60 66.14
C ILE MA 171 16.96 78.99 64.78
N TYR MA 172 15.87 78.39 64.30
CA TYR MA 172 15.30 78.80 63.02
C TYR MA 172 13.80 78.64 63.05
N TYR MA 173 13.09 79.65 62.56
CA TYR MA 173 11.64 79.62 62.42
C TYR MA 173 11.28 80.05 61.02
N ASP MA 174 10.35 79.34 60.40
CA ASP MA 174 9.85 79.71 59.08
C ASP MA 174 8.35 79.43 59.02
N ASN MA 175 7.59 80.38 58.49
CA ASN MA 175 6.14 80.27 58.37
C ASN MA 175 5.76 80.74 56.97
N THR MA 176 5.75 79.81 56.01
CA THR MA 176 5.40 80.12 54.63
C THR MA 176 3.90 79.90 54.46
N ILE MA 177 3.18 80.99 54.22
CA ILE MA 177 1.74 80.92 53.96
C ILE MA 177 1.49 81.48 52.57
N LEU MA 178 0.87 80.66 51.72
CA LEU MA 178 0.50 81.05 50.37
C LEU MA 178 -1.00 80.89 50.24
N ASP MA 179 -1.72 82.01 50.21
CA ASP MA 179 -3.18 82.02 50.06
C ASP MA 179 -3.53 82.96 48.92
N PRO MA 180 -3.74 82.44 47.72
CA PRO MA 180 -4.08 83.32 46.58
C PRO MA 180 -5.37 84.08 46.79
N LYS MA 181 -6.30 83.56 47.58
CA LYS MA 181 -7.55 84.27 47.82
C LYS MA 181 -7.31 85.58 48.57
N THR MA 182 -6.43 85.56 49.57
CA THR MA 182 -6.22 86.76 50.38
C THR MA 182 -5.38 87.79 49.64
N THR MA 183 -4.40 87.35 48.87
CA THR MA 183 -3.50 88.27 48.18
C THR MA 183 -3.00 87.63 46.89
N ASP MA 184 -2.56 88.49 45.98
CA ASP MA 184 -2.01 88.03 44.71
C ASP MA 184 -0.55 87.66 44.91
N LEU MA 185 -0.25 86.36 44.86
CA LEU MA 185 1.11 85.88 45.03
C LEU MA 185 2.00 86.22 43.84
N ASN MA 186 1.44 86.72 42.75
CA ASN MA 186 2.20 87.12 41.58
C ASN MA 186 2.73 88.55 41.69
N ASN MA 187 2.52 89.22 42.82
CA ASN MA 187 2.96 90.60 42.96
C ASN MA 187 4.49 90.67 43.02
N MET MA 188 5.00 91.90 43.04
CA MET MA 188 6.43 92.14 42.98
C MET MA 188 7.17 91.70 44.24
N CYS MA 189 6.46 91.45 45.34
CA CYS MA 189 7.12 91.08 46.59
C CYS MA 189 7.00 89.60 46.93
N MET MA 190 6.05 88.87 46.33
CA MET MA 190 5.88 87.46 46.64
C MET MA 190 6.63 86.56 45.65
N PHE MA 191 6.30 86.65 44.37
CA PHE MA 191 6.93 85.78 43.38
C PHE MA 191 7.49 86.57 42.21
N ASP MA 192 6.88 87.72 41.92
CA ASP MA 192 7.34 88.60 40.84
C ASP MA 192 7.44 87.87 39.51
N GLY MA 193 6.43 87.05 39.21
CA GLY MA 193 6.38 86.32 37.96
C GLY MA 193 7.14 85.01 37.97
N TYR MA 194 7.82 84.68 39.06
CA TYR MA 194 8.48 83.38 39.17
C TYR MA 194 7.49 82.33 39.63
N THR MA 195 7.79 81.08 39.31
CA THR MA 195 6.88 79.98 39.60
C THR MA 195 7.43 78.96 40.59
N HIS MA 196 8.75 78.91 40.79
CA HIS MA 196 9.36 77.94 41.68
C HIS MA 196 10.17 78.67 42.73
N TYR MA 197 10.00 78.28 43.98
CA TYR MA 197 10.66 78.93 45.11
C TYR MA 197 11.39 77.88 45.93
N LEU MA 198 12.69 78.09 46.14
CA LEU MA 198 13.53 77.20 46.90
C LEU MA 198 13.95 77.86 48.20
N ASN MA 199 13.75 77.17 49.31
CA ASN MA 199 14.21 77.61 50.62
C ASN MA 199 15.15 76.55 51.18
N LEU MA 200 16.38 76.96 51.48
CA LEU MA 200 17.42 76.06 51.95
C LEU MA 200 17.97 76.58 53.27
N VAL MA 201 18.20 75.68 54.21
CA VAL MA 201 18.76 76.02 55.51
C VAL MA 201 19.97 75.14 55.75
N LEU MA 202 21.13 75.77 55.94
CA LEU MA 202 22.38 75.08 56.26
C LEU MA 202 22.73 75.40 57.70
N VAL MA 203 22.69 74.40 58.56
CA VAL MA 203 22.97 74.54 59.98
C VAL MA 203 24.27 73.80 60.28
N ASN MA 204 25.24 74.51 60.83
CA ASN MA 204 26.53 73.96 61.24
C ASN MA 204 27.34 73.40 60.07
N CYS MA 205 26.94 73.69 58.84
CA CYS MA 205 27.71 73.21 57.70
C CYS MA 205 29.00 74.00 57.56
N PRO MA 206 30.10 73.36 57.15
CA PRO MA 206 31.39 74.04 57.00
C PRO MA 206 31.55 74.73 55.65
N ILE MA 207 30.58 75.57 55.29
CA ILE MA 207 30.58 76.28 54.02
C ILE MA 207 30.47 77.77 54.32
N GLU MA 208 31.20 78.58 53.55
CA GLU MA 208 31.26 80.01 53.77
C GLU MA 208 30.16 80.74 53.00
N LEU MA 209 29.74 81.87 53.54
CA LEU MA 209 28.75 82.71 52.87
C LEU MA 209 29.26 83.17 51.51
N SER MA 210 30.55 83.45 51.41
CA SER MA 210 31.13 83.82 50.12
C SER MA 210 31.01 82.68 49.11
N GLY MA 211 31.28 81.45 49.54
CA GLY MA 211 31.15 80.32 48.65
C GLY MA 211 29.72 80.10 48.20
N VAL MA 212 28.77 80.19 49.13
CA VAL MA 212 27.36 80.03 48.77
C VAL MA 212 26.94 81.13 47.81
N ARG MA 213 27.37 82.36 48.05
CA ARG MA 213 27.02 83.48 47.17
C ARG MA 213 27.61 83.27 45.78
N GLU MA 214 28.84 82.78 45.69
CA GLU MA 214 29.43 82.49 44.40
C GLU MA 214 28.65 81.41 43.67
N CYS MA 215 28.22 80.36 44.39
CA CYS MA 215 27.41 79.33 43.77
C CYS MA 215 26.10 79.88 43.25
N ILE MA 216 25.42 80.72 44.04
CA ILE MA 216 24.16 81.31 43.62
C ILE MA 216 24.36 82.18 42.39
N GLU MA 217 25.43 82.99 42.39
CA GLU MA 217 25.67 83.88 41.26
C GLU MA 217 25.98 83.10 39.99
N GLU MA 218 26.79 82.05 40.09
CA GLU MA 218 27.13 81.28 38.91
C GLU MA 218 25.98 80.38 38.45
N SER MA 219 25.02 80.10 39.31
CA SER MA 219 23.83 79.38 38.88
C SER MA 219 22.99 80.26 37.96
N GLU MA 220 22.58 79.70 36.82
CA GLU MA 220 21.89 80.45 35.79
C GLU MA 220 20.38 80.28 35.89
N GLY MA 221 19.66 81.32 35.49
CA GLY MA 221 18.21 81.28 35.45
C GLY MA 221 17.53 81.39 36.80
N VAL MA 222 18.28 81.70 37.85
CA VAL MA 222 17.73 81.74 39.21
C VAL MA 222 18.05 83.09 39.82
N ASP MA 223 17.02 83.72 40.41
CA ASP MA 223 17.19 84.93 41.19
C ASP MA 223 17.23 84.51 42.66
N GLY MA 224 18.43 84.40 43.21
CA GLY MA 224 18.60 83.85 44.55
C GLY MA 224 19.51 84.72 45.40
N ALA MA 225 19.47 84.42 46.69
CA ALA MA 225 20.29 85.14 47.67
C ALA MA 225 20.49 84.26 48.89
N VAL MA 226 21.54 84.58 49.64
CA VAL MA 226 21.91 83.83 50.84
C VAL MA 226 22.28 84.83 51.93
N SER MA 227 21.81 84.57 53.15
CA SER MA 227 22.10 85.40 54.29
C SER MA 227 22.38 84.52 55.51
N GLU MA 228 22.69 85.17 56.63
CA GLU MA 228 22.96 84.50 57.89
C GLU MA 228 21.82 84.80 58.86
N THR MA 229 21.29 83.76 59.49
CA THR MA 229 20.20 83.92 60.44
C THR MA 229 20.74 84.46 61.76
N ALA MA 230 19.87 84.60 62.76
CA ALA MA 230 20.30 85.10 64.06
C ALA MA 230 21.29 84.15 64.71
N SER MA 231 21.08 82.85 64.56
CA SER MA 231 21.94 81.84 65.17
C SER MA 231 23.15 81.50 64.32
N SER MA 232 23.53 82.39 63.39
CA SER MA 232 24.74 82.24 62.58
C SER MA 232 24.72 80.95 61.77
N HIS MA 233 23.63 80.73 61.04
CA HIS MA 233 23.49 79.62 60.12
C HIS MA 233 22.93 80.14 58.80
N LEU MA 234 23.30 79.47 57.71
CA LEU MA 234 23.03 80.01 56.39
C LEU MA 234 21.59 79.74 55.96
N CYS MA 235 20.96 80.74 55.36
CA CYS MA 235 19.62 80.60 54.79
C CYS MA 235 19.65 81.11 53.37
N VAL MA 236 19.19 80.27 52.43
CA VAL MA 236 19.22 80.57 51.01
C VAL MA 236 17.78 80.62 50.51
N LYS MA 237 17.42 81.68 49.82
CA LYS MA 237 16.12 81.80 49.20
C LYS MA 237 16.31 82.10 47.72
N ALA MA 238 15.67 81.31 46.86
CA ALA MA 238 15.86 81.45 45.42
C ALA MA 238 14.52 81.33 44.72
N LEU MA 239 14.41 82.00 43.57
CA LEU MA 239 13.25 81.91 42.72
C LEU MA 239 13.69 81.56 41.31
N ALA MA 240 12.85 80.81 40.60
CA ALA MA 240 13.19 80.39 39.25
C ALA MA 240 11.91 80.12 38.48
N LYS MA 241 12.05 80.15 37.14
CA LYS MA 241 10.92 79.84 36.28
C LYS MA 241 10.62 78.36 36.26
N GLY MA 242 11.65 77.52 36.39
CA GLY MA 242 11.47 76.08 36.43
C GLY MA 242 12.22 75.48 37.60
N SER MA 243 11.89 74.22 37.88
CA SER MA 243 12.51 73.52 39.01
C SER MA 243 13.91 73.03 38.69
N GLU MA 244 14.29 72.97 37.41
CA GLU MA 244 15.63 72.51 37.06
C GLU MA 244 16.73 73.41 37.61
N PRO MA 245 16.68 74.74 37.42
CA PRO MA 245 17.73 75.57 38.04
C PRO MA 245 17.78 75.46 39.54
N LEU MA 246 16.62 75.34 40.21
CA LEU MA 246 16.60 75.24 41.65
C LEU MA 246 17.22 73.92 42.12
N LEU MA 247 16.89 72.82 41.45
CA LEU MA 247 17.47 71.54 41.82
C LEU MA 247 18.97 71.53 41.57
N HIS MA 248 19.41 72.12 40.44
CA HIS MA 248 20.83 72.20 40.17
C HIS MA 248 21.55 73.03 41.22
N LEU MA 249 20.97 74.16 41.62
CA LEU MA 249 21.58 74.98 42.66
C LEU MA 249 21.65 74.23 43.99
N ARG MA 250 20.58 73.52 44.34
CA ARG MA 250 20.58 72.76 45.58
C ARG MA 250 21.64 71.68 45.58
N GLU MA 251 21.77 70.95 44.47
CA GLU MA 251 22.78 69.91 44.42
C GLU MA 251 24.19 70.49 44.39
N LYS MA 252 24.37 71.67 43.78
CA LYS MA 252 25.66 72.33 43.81
C LYS MA 252 26.04 72.71 45.24
N ILE MA 253 25.10 73.27 45.99
CA ILE MA 253 25.37 73.65 47.38
C ILE MA 253 25.64 72.42 48.22
N ALA MA 254 24.88 71.34 47.99
CA ALA MA 254 25.09 70.11 48.74
C ALA MA 254 26.47 69.53 48.45
N ARG MA 255 26.90 69.55 47.18
CA ARG MA 255 28.24 69.08 46.85
C ARG MA 255 29.30 69.94 47.49
N LEU MA 256 29.10 71.26 47.50
CA LEU MA 256 30.06 72.15 48.14
C LEU MA 256 30.17 71.86 49.63
N VAL MA 257 29.04 71.54 50.28
CA VAL MA 257 29.07 71.21 51.70
C VAL MA 257 29.76 69.88 51.94
N THR MA 258 29.46 68.88 51.12
CA THR MA 258 29.96 67.53 51.36
C THR MA 258 31.44 67.38 50.99
N GLN MA 259 31.93 68.13 50.00
CA GLN MA 259 33.32 67.99 49.58
C GLN MA 259 34.29 68.43 50.66
N THR MA 260 33.82 69.17 51.67
CA THR MA 260 34.67 69.57 52.77
C THR MA 260 35.06 68.37 53.63
N ASP NA 30 0.01 116.72 73.52
CA ASP NA 30 -0.50 115.63 74.33
C ASP NA 30 0.08 114.30 73.87
N ASN NA 31 -0.77 113.26 73.86
CA ASN NA 31 -0.31 111.94 73.44
C ASN NA 31 0.12 111.94 71.99
N GLU NA 32 -0.67 112.58 71.11
CA GLU NA 32 -0.30 112.66 69.70
C GLU NA 32 1.00 113.44 69.50
N PHE NA 33 1.15 114.55 70.23
CA PHE NA 33 2.37 115.34 70.13
C PHE NA 33 3.59 114.54 70.57
N LEU NA 34 3.47 113.79 71.68
CA LEU NA 34 4.59 112.98 72.13
C LEU NA 34 4.90 111.85 71.15
N ILE NA 35 3.87 111.24 70.58
CA ILE NA 35 4.07 110.20 69.56
C ILE NA 35 4.84 110.78 68.38
N LEU NA 36 4.42 111.95 67.89
CA LEU NA 36 5.09 112.55 66.76
C LEU NA 36 6.53 112.91 67.10
N GLN NA 37 6.75 113.43 68.30
CA GLN NA 37 8.10 113.81 68.71
C GLN NA 37 9.03 112.60 68.77
N VAL NA 38 8.58 111.51 69.41
CA VAL NA 38 9.43 110.34 69.52
C VAL NA 38 9.64 109.68 68.16
N ASN NA 39 8.60 109.68 67.32
CA ASN NA 39 8.76 109.13 65.97
C ASN NA 39 9.78 109.92 65.17
N ASP NA 40 9.72 111.24 65.24
CA ASP NA 40 10.69 112.07 64.53
C ASP NA 40 12.10 111.89 65.09
N ALA NA 41 12.22 111.76 66.41
CA ALA NA 41 13.53 111.59 67.02
C ALA NA 41 14.11 110.20 66.77
N VAL NA 42 13.28 109.21 66.45
CA VAL NA 42 13.77 107.85 66.25
C VAL NA 42 13.99 107.55 64.77
N PHE NA 43 12.93 107.61 63.97
CA PHE NA 43 12.98 107.05 62.63
C PHE NA 43 13.74 107.94 61.64
N PRO NA 44 13.37 109.22 61.45
CA PRO NA 44 14.17 110.07 60.55
C PRO NA 44 15.60 110.25 61.02
N ILE NA 45 15.84 110.26 62.33
CA ILE NA 45 17.18 110.40 62.87
C ILE NA 45 17.90 109.06 62.84
N THR NA 49 17.15 106.27 56.14
CA THR NA 49 18.40 105.61 55.81
C THR NA 49 18.20 104.12 55.54
N HIS NA 50 17.04 103.61 55.93
CA HIS NA 50 16.70 102.20 55.75
C HIS NA 50 15.77 102.04 54.55
N SER NA 51 16.12 101.14 53.65
CA SER NA 51 15.36 100.92 52.43
C SER NA 51 14.50 99.67 52.47
N PHE NA 52 14.89 98.66 53.25
CA PHE NA 52 14.17 97.39 53.34
C PHE NA 52 14.00 96.75 51.97
N GLY NA 53 15.05 96.81 51.15
CA GLY NA 53 15.04 96.18 49.84
C GLY NA 53 14.62 97.09 48.70
N LEU NA 54 14.10 98.28 48.99
CA LEU NA 54 13.70 99.20 47.92
C LEU NA 54 14.91 99.62 47.09
N GLU NA 55 16.07 99.79 47.73
CA GLU NA 55 17.29 100.09 47.01
C GLU NA 55 17.65 98.95 46.06
N THR NA 56 17.50 97.70 46.52
CA THR NA 56 17.76 96.56 45.64
C THR NA 56 16.80 96.54 44.46
N TYR NA 57 15.52 96.84 44.71
CA TYR NA 57 14.55 96.88 43.62
C TYR NA 57 14.92 97.95 42.60
N ILE NA 58 15.32 99.13 43.07
CA ILE NA 58 15.69 100.21 42.15
C ILE NA 58 16.93 99.82 41.35
N GLN NA 59 17.93 99.24 42.04
CA GLN NA 59 19.16 98.83 41.34
C GLN NA 59 18.89 97.74 40.32
N GLN NA 60 17.95 96.85 40.60
CA GLN NA 60 17.56 95.81 39.66
C GLN NA 60 16.54 96.30 38.64
N LYS NA 61 16.12 97.57 38.76
CA LYS NA 61 15.27 98.23 37.76
C LYS NA 61 13.87 97.64 37.73
N LYS NA 62 13.36 97.24 38.91
CA LYS NA 62 11.98 96.81 39.03
C LYS NA 62 11.06 97.95 39.43
N VAL NA 63 11.58 98.96 40.12
CA VAL NA 63 10.84 100.16 40.49
C VAL NA 63 11.44 101.33 39.71
N THR NA 64 10.65 101.93 38.83
CA THR NA 64 11.15 102.97 37.95
C THR NA 64 10.32 104.24 37.99
N ASN NA 65 9.00 104.14 38.10
CA ASN NA 65 8.12 105.29 37.97
C ASN NA 65 7.06 105.24 39.07
N LYS NA 66 6.06 106.11 38.95
CA LYS NA 66 5.05 106.24 40.01
C LYS NA 66 4.24 104.96 40.16
N GLU NA 67 3.77 104.39 39.05
CA GLU NA 67 2.94 103.20 39.16
C GLU NA 67 3.73 101.99 39.66
N SER NA 68 4.98 101.85 39.21
CA SER NA 68 5.82 100.77 39.71
C SER NA 68 6.09 100.92 41.19
N ALA NA 69 6.40 102.14 41.64
CA ALA NA 69 6.63 102.38 43.07
C ALA NA 69 5.37 102.11 43.88
N LEU NA 70 4.21 102.52 43.35
CA LEU NA 70 2.95 102.26 44.04
C LEU NA 70 2.69 100.76 44.16
N GLU NA 71 2.92 100.01 43.09
CA GLU NA 71 2.74 98.56 43.15
C GLU NA 71 3.68 97.92 44.16
N TYR NA 72 4.94 98.35 44.16
CA TYR NA 72 5.89 97.80 45.12
C TYR NA 72 5.47 98.11 46.55
N LEU NA 73 5.05 99.35 46.81
CA LEU NA 73 4.66 99.73 48.15
C LEU NA 73 3.42 98.96 48.60
N LYS NA 74 2.44 98.81 47.70
CA LYS NA 74 1.24 98.05 48.06
C LYS NA 74 1.59 96.59 48.36
N ALA NA 75 2.43 95.97 47.52
CA ALA NA 75 2.81 94.59 47.77
C ALA NA 75 3.57 94.44 49.08
N ASN NA 76 4.51 95.34 49.35
CA ASN NA 76 5.30 95.26 50.58
C ASN NA 76 4.41 95.44 51.80
N LEU NA 77 3.51 96.43 51.77
CA LEU NA 77 2.61 96.65 52.89
C LEU NA 77 1.69 95.44 53.08
N SER NA 78 1.20 94.86 51.99
CA SER NA 78 0.30 93.72 52.09
C SER NA 78 0.99 92.50 52.69
N SER NA 79 2.24 92.24 52.29
CA SER NA 79 2.89 91.03 52.76
C SER NA 79 3.76 91.25 53.99
N GLN NA 80 4.85 92.00 53.83
CA GLN NA 80 5.88 91.99 54.86
C GLN NA 80 5.52 92.90 56.02
N PHE NA 81 5.11 94.12 55.73
CA PHE NA 81 4.68 95.04 56.78
C PHE NA 81 3.48 94.47 57.54
N LEU NA 82 2.55 93.84 56.83
CA LEU NA 82 1.35 93.32 57.48
C LEU NA 82 1.68 92.13 58.37
N TYR NA 83 2.45 91.17 57.87
CA TYR NA 83 2.64 89.92 58.60
C TYR NA 83 3.89 89.92 59.48
N THR NA 84 4.65 91.00 59.51
CA THR NA 84 5.83 91.08 60.36
C THR NA 84 5.82 92.26 61.32
N GLU NA 85 5.24 93.39 60.94
CA GLU NA 85 5.26 94.60 61.75
C GLU NA 85 3.92 94.90 62.39
N MET NA 86 2.84 95.00 61.61
CA MET NA 86 1.54 95.32 62.18
C MET NA 86 1.01 94.18 63.03
N LEU NA 87 1.17 92.94 62.57
CA LEU NA 87 0.72 91.80 63.36
C LEU NA 87 1.50 91.70 64.66
N SER NA 88 2.83 91.91 64.59
CA SER NA 88 3.63 91.90 65.80
C SER NA 88 3.23 93.02 66.75
N LEU NA 89 2.91 94.19 66.20
CA LEU NA 89 2.45 95.31 67.02
C LEU NA 89 1.17 94.95 67.75
N LYS NA 90 0.20 94.38 67.04
CA LYS NA 90 -1.06 93.99 67.66
C LYS NA 90 -0.84 92.92 68.73
N LEU NA 91 0.01 91.93 68.43
CA LEU NA 91 0.27 90.86 69.39
C LEU NA 91 0.94 91.40 70.64
N THR NA 92 1.91 92.31 70.48
CA THR NA 92 2.57 92.89 71.64
C THR NA 92 1.61 93.77 72.44
N TYR NA 93 0.71 94.48 71.75
CA TYR NA 93 -0.29 95.28 72.44
C TYR NA 93 -1.19 94.40 73.29
N GLU NA 94 -1.67 93.30 72.72
CA GLU NA 94 -2.52 92.37 73.49
C GLU NA 94 -1.75 91.76 74.65
N SER NA 95 -0.49 91.36 74.41
CA SER NA 95 0.29 90.73 75.46
C SER NA 95 0.60 91.70 76.59
N ALA NA 96 0.81 92.98 76.27
CA ALA NA 96 1.04 93.97 77.32
C ALA NA 96 -0.25 94.30 78.05
N LEU NA 97 -1.38 94.31 77.36
CA LEU NA 97 -2.67 94.50 78.03
C LEU NA 97 -2.92 93.36 79.01
N GLN NA 98 -2.55 92.14 78.64
CA GLN NA 98 -2.64 90.99 79.54
C GLN NA 98 -1.45 90.89 80.48
N GLN NA 99 -0.45 91.77 80.35
CA GLN NA 99 0.75 91.75 81.17
C GLN NA 99 1.50 90.43 81.04
N ASP NA 100 1.70 90.00 79.80
CA ASP NA 100 2.38 88.74 79.49
C ASP NA 100 3.78 89.05 78.97
N LEU NA 101 4.71 89.25 79.90
CA LEU NA 101 6.10 89.51 79.53
C LEU NA 101 6.70 88.31 78.81
N LYS NA 102 6.37 87.10 79.26
CA LYS NA 102 6.85 85.90 78.59
C LYS NA 102 6.34 85.82 77.16
N LYS NA 103 5.08 86.17 76.93
CA LYS NA 103 4.53 86.17 75.58
C LYS NA 103 5.21 87.22 74.72
N ILE NA 104 5.48 88.40 75.27
CA ILE NA 104 6.17 89.44 74.51
C ILE NA 104 7.56 88.95 74.10
N LEU NA 105 8.29 88.35 75.05
CA LEU NA 105 9.63 87.86 74.75
C LEU NA 105 9.60 86.74 73.73
N GLY NA 106 8.59 85.85 73.82
CA GLY NA 106 8.46 84.79 72.84
C GLY NA 106 8.17 85.32 71.45
N VAL NA 107 7.32 86.34 71.35
CA VAL NA 107 7.04 86.95 70.05
C VAL NA 107 8.31 87.58 69.49
N GLU NA 108 9.07 88.28 70.33
CA GLU NA 108 10.31 88.88 69.87
C GLU NA 108 11.30 87.83 69.39
N GLU NA 109 11.40 86.72 70.13
CA GLU NA 109 12.29 85.63 69.73
C GLU NA 109 11.86 85.03 68.40
N VAL NA 110 10.55 84.84 68.21
CA VAL NA 110 10.05 84.30 66.95
C VAL NA 110 10.39 85.23 65.80
N ILE NA 111 10.21 86.54 66.01
CA ILE NA 111 10.52 87.50 64.96
C ILE NA 111 12.00 87.45 64.62
N MET NA 112 12.86 87.43 65.65
CA MET NA 112 14.29 87.41 65.42
C MET NA 112 14.73 86.16 64.67
N LEU NA 113 14.18 85.01 65.03
CA LEU NA 113 14.58 83.76 64.40
C LEU NA 113 13.93 83.56 63.04
N SER NA 114 12.86 84.29 62.73
CA SER NA 114 12.24 84.21 61.42
C SER NA 114 12.80 85.23 60.44
N THR NA 115 13.41 86.31 60.92
CA THR NA 115 13.94 87.36 60.05
C THR NA 115 15.23 86.84 59.41
N SER NA 116 15.06 86.13 58.30
CA SER NA 116 16.22 85.59 57.57
C SER NA 116 17.16 86.66 57.05
N PRO NA 117 16.70 87.75 56.42
CA PRO NA 117 17.64 88.74 55.89
C PRO NA 117 18.43 89.43 57.00
N MET NA 118 19.76 89.40 56.87
CA MET NA 118 20.61 90.03 57.86
C MET NA 118 20.40 91.54 57.91
N GLU NA 119 20.24 92.18 56.75
CA GLU NA 119 20.01 93.62 56.72
C GLU NA 119 18.71 93.99 57.43
N LEU NA 120 17.63 93.24 57.14
CA LEU NA 120 16.36 93.51 57.79
C LEU NA 120 16.45 93.28 59.29
N ARG NA 121 17.10 92.20 59.71
CA ARG NA 121 17.24 91.93 61.13
C ARG NA 121 18.02 93.03 61.84
N LEU NA 122 19.14 93.45 61.24
CA LEU NA 122 19.96 94.50 61.84
C LEU NA 122 19.20 95.82 61.90
N ALA NA 123 18.47 96.16 60.84
CA ALA NA 123 17.70 97.39 60.83
C ALA NA 123 16.63 97.37 61.90
N ASN NA 124 15.91 96.26 62.03
CA ASN NA 124 14.86 96.18 63.05
C ASN NA 124 15.46 96.28 64.45
N GLN NA 125 16.57 95.58 64.69
CA GLN NA 125 17.19 95.64 66.02
C GLN NA 125 17.69 97.05 66.33
N LYS NA 126 18.31 97.71 65.35
CA LYS NA 126 18.80 99.06 65.57
C LYS NA 126 17.66 100.03 65.83
N LEU NA 127 16.56 99.91 65.08
CA LEU NA 127 15.42 100.80 65.30
C LEU NA 127 14.78 100.56 66.66
N GLY NA 128 14.66 99.29 67.08
CA GLY NA 128 14.11 99.01 68.39
C GLY NA 128 15.00 99.54 69.51
N ASN NA 129 16.31 99.36 69.38
CA ASN NA 129 17.23 99.89 70.38
C ASN NA 129 17.17 101.41 70.43
N ARG NA 130 17.09 102.06 69.27
CA ARG NA 130 16.97 103.52 69.24
C ARG NA 130 15.69 103.99 69.91
N PHE NA 131 14.58 103.32 69.63
CA PHE NA 131 13.31 103.68 70.26
C PHE NA 131 13.39 103.51 71.77
N ILE NA 132 13.95 102.39 72.24
CA ILE NA 132 14.06 102.15 73.67
C ILE NA 132 14.94 103.20 74.33
N LYS NA 133 16.09 103.52 73.71
CA LYS NA 133 16.98 104.52 74.28
C LYS NA 133 16.34 105.89 74.32
N THR NA 134 15.62 106.26 73.26
CA THR NA 134 14.93 107.55 73.24
C THR NA 134 13.87 107.62 74.33
N LEU NA 135 13.09 106.55 74.50
CA LEU NA 135 12.10 106.53 75.56
C LEU NA 135 12.75 106.63 76.94
N GLN NA 136 13.89 105.95 77.11
CA GLN NA 136 14.57 105.96 78.41
C GLN NA 136 15.14 107.34 78.72
N ALA NA 137 15.70 108.03 77.72
CA ALA NA 137 16.46 109.25 77.96
C ALA NA 137 15.65 110.51 77.73
N MET NA 138 15.12 110.70 76.52
CA MET NA 138 14.50 111.99 76.18
C MET NA 138 13.16 112.17 76.89
N ASN NA 139 12.35 111.11 76.96
CA ASN NA 139 11.02 111.20 77.56
C ASN NA 139 11.17 111.17 79.08
N GLU NA 140 11.32 112.37 79.67
CA GLU NA 140 11.50 112.51 81.11
C GLU NA 140 10.12 112.54 81.78
N LEU NA 141 9.47 111.38 81.78
CA LEU NA 141 8.13 111.24 82.35
C LEU NA 141 7.92 109.78 82.72
N ASP NA 142 6.88 109.54 83.52
CA ASP NA 142 6.57 108.19 83.98
C ASP NA 142 5.96 107.37 82.86
N MET NA 143 6.80 106.73 82.05
CA MET NA 143 6.30 105.90 80.95
C MET NA 143 5.50 104.72 81.47
N GLY NA 144 5.97 104.08 82.53
CA GLY NA 144 5.27 102.94 83.10
C GLY NA 144 6.20 101.89 83.64
N GLU NA 145 5.84 101.29 84.78
CA GLU NA 145 6.68 100.26 85.39
C GLU NA 145 6.80 99.05 84.48
N PHE NA 146 5.70 98.66 83.83
CA PHE NA 146 5.74 97.52 82.91
C PHE NA 146 6.68 97.78 81.74
N PHE NA 147 6.60 98.97 81.15
CA PHE NA 147 7.48 99.30 80.04
C PHE NA 147 8.94 99.36 80.48
N ASN NA 148 9.20 99.93 81.67
CA ASN NA 148 10.57 99.97 82.17
C ASN NA 148 11.12 98.58 82.40
N ALA NA 149 10.32 97.69 83.00
CA ALA NA 149 10.76 96.32 83.22
C ALA NA 149 11.00 95.60 81.89
N TYR NA 150 10.11 95.82 80.91
CA TYR NA 150 10.31 95.20 79.61
C TYR NA 150 11.59 95.68 78.95
N ALA NA 151 11.87 96.99 79.05
CA ALA NA 151 13.10 97.52 78.47
C ALA NA 151 14.33 96.96 79.17
N GLN NA 152 14.26 96.81 80.50
CA GLN NA 152 15.41 96.30 81.24
C GLN NA 152 15.60 94.79 81.06
N LYS NA 153 14.56 94.07 80.65
CA LYS NA 153 14.65 92.63 80.51
C LYS NA 153 14.75 92.16 79.06
N THR NA 154 14.49 93.01 78.09
CA THR NA 154 14.50 92.60 76.69
C THR NA 154 15.92 92.48 76.17
N LYS NA 155 16.07 91.69 75.10
CA LYS NA 155 17.36 91.50 74.45
C LYS NA 155 17.37 92.05 73.02
N ASP NA 156 16.42 91.63 72.18
CA ASP NA 156 16.36 92.02 70.79
C ASP NA 156 14.98 92.58 70.50
N PRO NA 157 14.73 93.84 70.89
CA PRO NA 157 13.39 94.43 70.72
C PRO NA 157 13.22 94.99 69.32
N THR NA 158 12.22 94.48 68.60
CA THR NA 158 11.88 95.04 67.30
C THR NA 158 11.17 96.37 67.48
N HIS NA 159 11.28 97.23 66.46
CA HIS NA 159 10.65 98.54 66.54
C HIS NA 159 9.13 98.43 66.65
N ALA NA 160 8.52 97.54 65.88
CA ALA NA 160 7.07 97.39 65.91
C ALA NA 160 6.61 96.89 67.28
N THR NA 161 7.30 95.90 67.84
CA THR NA 161 6.93 95.39 69.15
C THR NA 161 7.12 96.45 70.23
N SER NA 162 8.21 97.21 70.15
CA SER NA 162 8.45 98.29 71.11
C SER NA 162 7.36 99.34 71.04
N TYR NA 163 6.96 99.74 69.83
CA TYR NA 163 5.87 100.70 69.68
C TYR NA 163 4.57 100.13 70.21
N GLY NA 164 4.31 98.85 69.97
CA GLY NA 164 3.09 98.24 70.46
C GLY NA 164 3.01 98.23 71.97
N VAL NA 165 4.09 97.81 72.63
CA VAL NA 165 4.09 97.77 74.09
C VAL NA 165 4.03 99.19 74.65
N PHE NA 166 4.69 100.15 73.99
CA PHE NA 166 4.61 101.54 74.44
C PHE NA 166 3.18 102.07 74.36
N ALA NA 167 2.49 101.79 73.25
CA ALA NA 167 1.11 102.23 73.12
C ALA NA 167 0.22 101.55 74.14
N ALA NA 168 0.43 100.25 74.39
CA ALA NA 168 -0.38 99.53 75.36
C ALA NA 168 -0.18 100.10 76.76
N SER NA 169 1.06 100.41 77.13
CA SER NA 169 1.32 100.99 78.44
C SER NA 169 0.76 102.40 78.54
N LEU NA 170 0.80 103.17 77.45
CA LEU NA 170 0.28 104.53 77.45
C LEU NA 170 -1.23 104.58 77.32
N GLY NA 171 -1.89 103.45 77.05
CA GLY NA 171 -3.33 103.42 76.93
C GLY NA 171 -3.86 103.83 75.57
N ILE NA 172 -2.99 103.98 74.57
CA ILE NA 172 -3.42 104.40 73.24
C ILE NA 172 -4.29 103.33 72.61
N GLU NA 173 -5.23 103.76 71.78
CA GLU NA 173 -6.11 102.83 71.09
C GLU NA 173 -5.33 101.99 70.08
N LEU NA 174 -5.73 100.72 69.94
CA LEU NA 174 -5.04 99.81 69.04
C LEU NA 174 -5.11 100.28 67.60
N LYS NA 175 -6.32 100.60 67.13
CA LYS NA 175 -6.49 101.01 65.74
C LYS NA 175 -5.74 102.31 65.45
N LYS NA 176 -5.82 103.26 66.38
CA LYS NA 176 -5.10 104.52 66.20
C LYS NA 176 -3.59 104.30 66.17
N ALA NA 177 -3.07 103.47 67.07
CA ALA NA 177 -1.63 103.21 67.09
C ALA NA 177 -1.17 102.55 65.79
N LEU NA 178 -1.94 101.55 65.32
CA LEU NA 178 -1.59 100.90 64.06
C LEU NA 178 -1.63 101.88 62.91
N ALA NA 179 -2.66 102.74 62.85
CA ALA NA 179 -2.76 103.72 61.77
C ALA NA 179 -1.58 104.67 61.79
N HIS NA 180 -1.22 105.16 62.98
CA HIS NA 180 -0.10 106.10 63.08
C HIS NA 180 1.21 105.45 62.69
N TYR NA 181 1.47 104.23 63.17
CA TYR NA 181 2.71 103.54 62.83
C TYR NA 181 2.80 103.28 61.33
N LEU NA 182 1.70 102.80 60.73
CA LEU NA 182 1.69 102.53 59.30
C LEU NA 182 1.88 103.82 58.50
N ASP NA 183 1.24 104.91 58.93
CA ASP NA 183 1.38 106.17 58.23
C ASP NA 183 2.82 106.68 58.29
N ALA NA 184 3.45 106.60 59.46
CA ALA NA 184 4.83 107.06 59.58
C ALA NA 184 5.77 106.21 58.73
N GLN NA 185 5.61 104.89 58.79
CA GLN NA 185 6.48 104.02 57.99
C GLN NA 185 6.28 104.27 56.50
N THR NA 186 5.04 104.46 56.06
CA THR NA 186 4.79 104.73 54.65
C THR NA 186 5.32 106.09 54.23
N SER NA 187 5.27 107.08 55.12
CA SER NA 187 5.87 108.38 54.81
C SER NA 187 7.37 108.24 54.60
N ASN NA 188 8.04 107.50 55.49
CA ASN NA 188 9.46 107.27 55.30
C ASN NA 188 9.73 106.50 54.01
N MET NA 189 8.90 105.51 53.69
CA MET NA 189 9.08 104.73 52.48
C MET NA 189 8.92 105.60 51.23
N VAL NA 190 7.91 106.47 51.21
CA VAL NA 190 7.68 107.28 50.02
C VAL NA 190 8.77 108.34 49.86
N ILE NA 191 9.25 108.91 50.97
CA ILE NA 191 10.34 109.88 50.83
C ILE NA 191 11.62 109.19 50.37
N ASN NA 192 11.87 107.97 50.87
CA ASN NA 192 13.02 107.22 50.38
C ASN NA 192 12.90 106.92 48.89
N CYS NA 193 11.71 106.52 48.45
CA CYS NA 193 11.51 106.22 47.04
C CYS NA 193 11.68 107.46 46.17
N VAL NA 194 11.15 108.60 46.64
CA VAL NA 194 11.28 109.84 45.87
C VAL NA 194 12.73 110.30 45.84
N LYS NA 195 13.52 109.98 46.87
CA LYS NA 195 14.92 110.34 46.86
C LYS NA 195 15.74 109.42 45.96
N SER NA 196 15.39 108.13 45.92
CA SER NA 196 16.26 107.12 45.34
C SER NA 196 15.92 106.74 43.91
N VAL NA 197 14.65 106.84 43.50
CA VAL NA 197 14.26 106.38 42.16
C VAL NA 197 14.97 107.18 41.07
N PRO NA 198 14.97 108.52 41.06
CA PRO NA 198 14.25 109.50 41.89
C PRO NA 198 12.91 109.88 41.28
N LEU NA 199 11.99 110.36 42.10
CA LEU NA 199 10.70 110.85 41.66
C LEU NA 199 10.58 112.34 42.00
N SER NA 200 9.40 112.90 41.77
CA SER NA 200 9.12 114.28 42.14
C SER NA 200 8.28 114.32 43.42
N GLN NA 201 8.36 115.45 44.12
CA GLN NA 201 7.55 115.65 45.31
C GLN NA 201 6.07 115.51 45.00
N ASN NA 202 5.67 115.90 43.79
CA ASN NA 202 4.28 115.71 43.38
C ASN NA 202 3.90 114.23 43.35
N ASP NA 203 4.78 113.39 42.79
CA ASP NA 203 4.51 111.96 42.77
C ASP NA 203 4.52 111.37 44.17
N GLY NA 204 5.43 111.85 45.02
CA GLY NA 204 5.44 111.40 46.41
C GLY NA 204 4.14 111.71 47.12
N GLN NA 205 3.65 112.94 46.95
CA GLN NA 205 2.37 113.32 47.54
C GLN NA 205 1.23 112.50 46.95
N LYS NA 206 1.27 112.23 45.65
CA LYS NA 206 0.23 111.44 45.02
C LYS NA 206 0.17 110.03 45.57
N ILE NA 207 1.33 109.39 45.71
CA ILE NA 207 1.33 108.02 46.23
C ILE NA 207 1.00 108.00 47.71
N LEU NA 208 1.36 109.04 48.45
CA LEU NA 208 0.94 109.14 49.84
C LEU NA 208 -0.58 109.26 49.95
N LEU NA 209 -1.19 110.05 49.06
CA LEU NA 209 -2.63 110.29 49.13
C LEU NA 209 -3.43 109.10 48.60
N SER NA 210 -2.88 108.36 47.64
CA SER NA 210 -3.61 107.26 47.01
C SER NA 210 -3.55 105.97 47.81
N LEU NA 211 -2.86 105.94 48.94
CA LEU NA 211 -2.73 104.73 49.75
C LEU NA 211 -3.65 104.73 50.95
N GLN NA 212 -4.62 105.66 51.01
CA GLN NA 212 -5.49 105.75 52.17
C GLN NA 212 -6.39 104.52 52.30
N SER NA 213 -7.01 104.10 51.21
CA SER NA 213 -7.86 102.90 51.26
C SER NA 213 -7.08 101.65 51.61
N PRO NA 214 -5.92 101.36 51.01
CA PRO NA 214 -5.14 100.19 51.46
C PRO NA 214 -4.76 100.27 52.93
N PHE NA 215 -4.55 101.46 53.47
CA PHE NA 215 -4.28 101.59 54.91
C PHE NA 215 -5.44 101.06 55.73
N ASN NA 216 -6.65 101.49 55.40
CA ASN NA 216 -7.83 101.01 56.12
C ASN NA 216 -8.01 99.51 55.96
N GLN NA 217 -7.78 99.01 54.74
CA GLN NA 217 -7.93 97.58 54.50
C GLN NA 217 -6.91 96.77 55.31
N LEU NA 218 -5.67 97.26 55.38
CA LEU NA 218 -4.64 96.57 56.16
C LEU NA 218 -4.97 96.60 57.65
N ILE NA 219 -5.46 97.73 58.14
CA ILE NA 219 -5.85 97.80 59.55
C ILE NA 219 -7.00 96.85 59.83
N GLU NA 220 -7.96 96.75 58.92
CA GLU NA 220 -9.07 95.82 59.10
C GLU NA 220 -8.58 94.37 59.09
N LYS NA 221 -7.62 94.06 58.22
CA LYS NA 221 -7.05 92.71 58.19
C LYS NA 221 -6.33 92.40 59.49
N THR NA 222 -5.54 93.35 60.00
CA THR NA 222 -4.86 93.13 61.27
C THR NA 222 -5.85 92.99 62.41
N LEU NA 223 -7.01 93.64 62.30
CA LEU NA 223 -8.04 93.52 63.32
C LEU NA 223 -8.60 92.11 63.43
N GLU NA 224 -8.38 91.26 62.43
CA GLU NA 224 -8.85 89.88 62.47
C GLU NA 224 -7.73 88.86 62.33
N LEU NA 225 -6.48 89.28 62.17
CA LEU NA 225 -5.37 88.34 62.10
C LEU NA 225 -5.14 87.68 63.46
N ASP NA 226 -4.15 86.79 63.50
CA ASP NA 226 -3.83 86.04 64.71
C ASP NA 226 -2.35 85.70 64.70
N GLU NA 227 -1.89 85.07 65.79
CA GLU NA 227 -0.48 84.77 65.95
C GLU NA 227 0.00 83.67 65.00
N SER NA 228 -0.92 82.89 64.42
CA SER NA 228 -0.53 81.83 63.50
C SER NA 228 0.11 82.39 62.24
N HIS NA 229 -0.23 83.62 61.87
CA HIS NA 229 0.31 84.27 60.67
C HIS NA 229 1.53 85.11 60.95
N LEU NA 230 2.04 85.10 62.19
CA LEU NA 230 3.17 85.94 62.55
C LEU NA 230 4.39 85.59 61.72
N CYS NA 231 5.06 86.62 61.19
CA CYS NA 231 6.28 86.47 60.40
C CYS NA 231 6.06 85.53 59.22
N THR NA 232 4.97 85.74 58.50
CA THR NA 232 4.74 84.98 57.28
C THR NA 232 5.86 85.25 56.28
N ALA NA 233 6.41 84.18 55.73
CA ALA NA 233 7.63 84.28 54.93
C ALA NA 233 7.34 84.93 53.59
N SER NA 234 7.75 86.18 53.43
CA SER NA 234 7.81 86.80 52.12
C SER NA 234 9.00 86.26 51.36
N VAL NA 235 8.88 86.18 50.04
CA VAL NA 235 9.91 85.52 49.24
C VAL NA 235 10.78 86.52 48.49
N GLN NA 236 10.17 87.27 47.57
CA GLN NA 236 10.97 88.18 46.75
C GLN NA 236 11.50 89.34 47.57
N ASN NA 237 10.73 89.82 48.55
CA ASN NA 237 11.21 90.88 49.43
C ASN NA 237 12.44 90.43 50.20
N ASP NA 238 12.41 89.22 50.76
CA ASP NA 238 13.56 88.72 51.49
C ASP NA 238 14.74 88.46 50.57
N ILE NA 239 14.49 87.97 49.36
CA ILE NA 239 15.57 87.75 48.40
C ILE NA 239 16.25 89.07 48.04
N LYS NA 240 15.47 90.11 47.80
CA LYS NA 240 16.05 91.42 47.50
C LYS NA 240 16.79 91.99 48.70
N ALA NA 241 16.25 91.81 49.91
CA ALA NA 241 16.94 92.28 51.11
C ALA NA 241 18.28 91.59 51.29
N MET NA 242 18.34 90.29 51.00
CA MET NA 242 19.62 89.58 51.12
C MET NA 242 20.57 89.93 49.99
N GLN NA 243 20.04 90.24 48.80
CA GLN NA 243 20.89 90.69 47.70
C GLN NA 243 21.40 92.11 47.92
N HIS NA 244 20.76 92.86 48.80
CA HIS NA 244 21.24 94.19 49.16
C HIS NA 244 22.68 94.13 49.68
N GLU NA 245 23.04 93.06 50.37
CA GLU NA 245 24.43 92.90 50.81
C GLU NA 245 25.38 92.76 49.63
N SER NA 246 24.96 92.03 48.59
CA SER NA 246 25.78 91.82 47.42
C SER NA 246 25.68 92.96 46.42
N LEU NA 247 24.85 93.97 46.70
CA LEU NA 247 24.77 95.14 45.83
C LEU NA 247 26.14 95.82 45.71
N TYR NA 248 26.38 96.43 44.55
CA TYR NA 248 27.67 97.07 44.29
C TYR NA 248 27.90 98.22 45.27
N SER NA 249 27.07 99.26 45.20
CA SER NA 249 27.16 100.41 46.09
C SER NA 249 25.84 100.55 46.85
N ARG NA 250 25.93 100.60 48.17
CA ARG NA 250 24.75 100.64 49.03
C ARG NA 250 24.58 102.06 49.57
N LEU NA 251 23.60 102.78 49.02
CA LEU NA 251 23.26 104.11 49.53
C LEU NA 251 22.35 104.04 50.75
N TYR NA 252 21.86 102.86 51.11
CA TYR NA 252 21.01 102.66 52.27
C TYR NA 252 21.62 101.60 53.17
N MET NA 253 21.37 101.73 54.48
CA MET NA 253 21.95 100.82 55.45
C MET NA 253 21.45 99.40 55.24
N SER NA 254 20.16 99.24 54.96
CA SER NA 254 19.58 97.91 54.78
C SER NA 254 18.72 97.85 53.52
N MET OA 1 15.40 30.26 50.84
CA MET OA 1 16.22 29.21 51.43
C MET OA 1 16.17 27.94 50.59
N LYS OA 2 16.85 27.98 49.45
CA LYS OA 2 16.75 26.90 48.48
C LYS OA 2 17.05 25.56 49.11
N LEU OA 3 16.04 24.71 49.22
CA LEU OA 3 16.15 23.44 49.92
C LEU OA 3 16.25 22.30 48.91
N THR OA 4 17.22 21.46 49.10
CA THR OA 4 17.41 20.32 48.23
C THR OA 4 16.61 19.13 48.75
N PRO OA 5 16.34 18.15 47.88
CA PRO OA 5 15.63 16.95 48.34
C PRO OA 5 16.34 16.25 49.48
N LYS OA 6 17.68 16.27 49.48
CA LYS OA 6 18.43 15.72 50.60
C LYS OA 6 18.10 16.44 51.90
N GLU OA 7 18.01 17.78 51.83
CA GLU OA 7 17.69 18.55 53.02
C GLU OA 7 16.27 18.24 53.49
N LEU OA 8 15.33 18.06 52.58
CA LEU OA 8 13.97 17.73 52.98
C LEU OA 8 13.93 16.35 53.65
N ASP OA 9 14.65 15.38 53.11
CA ASP OA 9 14.73 14.06 53.74
C ASP OA 9 15.34 14.15 55.13
N LYS OA 10 16.42 14.92 55.27
CA LYS OA 10 17.05 15.05 56.58
C LYS OA 10 16.14 15.75 57.57
N LEU OA 11 15.33 16.71 57.12
CA LEU OA 11 14.38 17.36 58.02
C LEU OA 11 13.33 16.36 58.50
N MET OA 12 12.83 15.52 57.60
CA MET OA 12 11.89 14.48 58.02
C MET OA 12 12.53 13.55 59.02
N LEU OA 13 13.78 13.14 58.78
CA LEU OA 13 14.46 12.25 59.71
C LEU OA 13 14.68 12.92 61.06
N HIS OA 14 15.02 14.21 61.06
CA HIS OA 14 15.23 14.91 62.31
C HIS OA 14 13.95 14.96 63.12
N TYR OA 15 12.81 15.18 62.47
CA TYR OA 15 11.59 15.26 63.25
C TYR OA 15 11.06 13.89 63.66
N ALA OA 16 11.37 12.84 62.90
CA ALA OA 16 11.15 11.50 63.41
C ALA OA 16 11.98 11.24 64.66
N GLY OA 17 13.23 11.70 64.66
CA GLY OA 17 14.05 11.56 65.85
C GLY OA 17 13.53 12.37 67.02
N GLU OA 18 12.99 13.56 66.75
CA GLU OA 18 12.38 14.36 67.79
C GLU OA 18 11.17 13.66 68.39
N LEU OA 19 10.35 13.04 67.55
CA LEU OA 19 9.22 12.28 68.06
C LEU OA 19 9.68 11.12 68.92
N ALA OA 20 10.72 10.41 68.48
CA ALA OA 20 11.27 9.33 69.28
C ALA OA 20 11.77 9.83 70.63
N LYS OA 21 12.45 10.98 70.63
CA LYS OA 21 12.95 11.54 71.88
C LYS OA 21 11.82 11.92 72.82
N LYS OA 22 10.75 12.49 72.28
CA LYS OA 22 9.59 12.83 73.10
C LYS OA 22 8.96 11.58 73.71
N ARG OA 23 8.84 10.52 72.92
CA ARG OA 23 8.29 9.28 73.45
C ARG OA 23 9.19 8.70 74.54
N LYS OA 24 10.51 8.78 74.34
CA LYS OA 24 11.44 8.29 75.35
C LYS OA 24 11.31 9.10 76.64
N GLU OA 25 11.11 10.41 76.52
CA GLU OA 25 10.87 11.22 77.71
C GLU OA 25 9.58 10.83 78.40
N LYS OA 26 8.53 10.57 77.62
CA LYS OA 26 7.28 10.09 78.20
C LYS OA 26 7.44 8.73 78.87
N GLY OA 27 8.47 7.97 78.50
CA GLY OA 27 8.72 6.69 79.10
C GLY OA 27 8.31 5.50 78.28
N ILE OA 28 7.89 5.71 77.04
CA ILE OA 28 7.55 4.61 76.15
C ILE OA 28 8.84 3.94 75.70
N LYS OA 29 8.88 2.62 75.77
CA LYS OA 29 10.03 1.88 75.26
C LYS OA 29 10.06 1.98 73.74
N LEU OA 30 11.19 2.44 73.21
CA LEU OA 30 11.27 2.70 71.78
C LEU OA 30 11.27 1.41 70.98
N ASN OA 31 10.73 1.48 69.78
CA ASN OA 31 10.78 0.37 68.85
C ASN OA 31 11.96 0.57 67.89
N TYR OA 32 12.01 -0.26 66.86
CA TYR OA 32 13.14 -0.25 65.95
C TYR OA 32 13.26 1.09 65.23
N VAL OA 33 12.16 1.55 64.65
CA VAL OA 33 12.17 2.80 63.88
C VAL OA 33 12.53 3.96 64.78
N GLU OA 34 11.92 4.01 65.97
CA GLU OA 34 12.19 5.11 66.89
C GLU OA 34 13.65 5.13 67.32
N ALA OA 35 14.22 3.96 67.62
CA ALA OA 35 15.61 3.90 68.05
C ALA OA 35 16.54 4.38 66.95
N VAL OA 36 16.34 3.89 65.72
CA VAL OA 36 17.20 4.31 64.62
C VAL OA 36 17.08 5.81 64.39
N ALA OA 37 15.84 6.32 64.40
CA ALA OA 37 15.64 7.75 64.17
C ALA OA 37 16.28 8.58 65.25
N LEU OA 38 16.17 8.13 66.51
CA LEU OA 38 16.75 8.89 67.62
C LEU OA 38 18.26 8.98 67.48
N ILE OA 39 18.91 7.85 67.20
CA ILE OA 39 20.37 7.86 67.07
C ILE OA 39 20.79 8.75 65.91
N SER OA 40 20.14 8.61 64.76
CA SER OA 40 20.52 9.38 63.59
C SER OA 40 20.33 10.88 63.81
N ALA OA 41 19.19 11.26 64.40
CA ALA OA 41 18.92 12.68 64.63
C ALA OA 41 19.92 13.26 65.62
N HIS OA 42 20.27 12.50 66.66
CA HIS OA 42 21.25 13.00 67.61
C HIS OA 42 22.60 13.22 66.95
N ILE OA 43 23.02 12.28 66.10
CA ILE OA 43 24.30 12.45 65.43
C ILE OA 43 24.27 13.67 64.52
N MET OA 44 23.17 13.86 63.79
CA MET OA 44 23.08 15.02 62.91
C MET OA 44 23.15 16.32 63.69
N GLU OA 45 22.47 16.39 64.83
CA GLU OA 45 22.50 17.62 65.62
C GLU OA 45 23.90 17.88 66.17
N GLU OA 46 24.59 16.84 66.64
CA GLU OA 46 25.94 17.03 67.16
C GLU OA 46 26.89 17.51 66.07
N ALA OA 47 26.78 16.93 64.87
CA ALA OA 47 27.62 17.37 63.77
C ALA OA 47 27.34 18.82 63.40
N ARG OA 48 26.07 19.21 63.39
CA ARG OA 48 25.75 20.62 63.13
C ARG OA 48 26.33 21.53 64.19
N ALA OA 49 26.30 21.09 65.45
CA ALA OA 49 26.93 21.87 66.51
C ALA OA 49 28.41 22.04 66.23
N GLY OA 50 29.07 21.00 65.72
CA GLY OA 50 30.42 21.13 65.23
C GLY OA 50 31.51 21.16 66.27
N LYS OA 51 31.22 20.76 67.50
CA LYS OA 51 32.25 20.66 68.53
C LYS OA 51 32.89 19.29 68.59
N LYS OA 52 32.38 18.32 67.85
CA LYS OA 52 32.87 16.96 67.90
C LYS OA 52 33.36 16.51 66.53
N THR OA 53 34.24 15.52 66.54
CA THR OA 53 34.71 14.90 65.31
C THR OA 53 33.85 13.68 64.99
N ALA OA 54 34.07 13.13 63.80
CA ALA OA 54 33.32 11.95 63.39
C ALA OA 54 33.62 10.77 64.30
N ALA OA 55 34.87 10.65 64.75
CA ALA OA 55 35.21 9.58 65.70
C ALA OA 55 34.49 9.78 67.02
N GLU OA 56 34.46 11.01 67.52
CA GLU OA 56 33.73 11.28 68.76
C GLU OA 56 32.25 10.95 68.61
N LEU OA 57 31.68 11.27 67.45
CA LEU OA 57 30.27 10.97 67.23
C LEU OA 57 30.02 9.48 67.13
N MET OA 58 30.95 8.74 66.50
CA MET OA 58 30.82 7.29 66.45
C MET OA 58 30.84 6.70 67.85
N GLN OA 59 31.71 7.22 68.71
CA GLN OA 59 31.71 6.78 70.11
C GLN OA 59 30.42 7.16 70.82
N GLU OA 60 29.94 8.39 70.62
CA GLU OA 60 28.83 8.90 71.40
C GLU OA 60 27.50 8.27 71.01
N GLY OA 61 27.36 7.86 69.75
CA GLY OA 61 26.12 7.23 69.32
C GLY OA 61 25.78 5.96 70.05
N ARG OA 62 26.78 5.29 70.62
CA ARG OA 62 26.56 4.03 71.32
C ARG OA 62 26.12 4.22 72.76
N THR OA 63 26.05 5.46 73.24
CA THR OA 63 25.66 5.73 74.62
C THR OA 63 24.27 6.32 74.74
N LEU OA 64 23.56 6.51 73.62
CA LEU OA 64 22.29 7.22 73.67
C LEU OA 64 21.19 6.38 74.27
N LEU OA 65 21.13 5.10 73.92
CA LEU OA 65 20.04 4.23 74.32
C LEU OA 65 20.56 3.12 75.22
N LYS OA 66 19.97 3.00 76.40
CA LYS OA 66 20.24 1.88 77.28
C LYS OA 66 19.39 0.68 76.85
N PRO OA 67 19.80 -0.53 77.24
CA PRO OA 67 18.99 -1.70 76.87
C PRO OA 67 17.57 -1.66 77.39
N ASP OA 68 17.32 -0.96 78.49
CA ASP OA 68 15.99 -0.87 79.06
C ASP OA 68 15.14 0.23 78.42
N ASP OA 69 15.70 1.02 77.51
CA ASP OA 69 14.96 2.08 76.86
C ASP OA 69 14.24 1.62 75.59
N VAL OA 70 14.48 0.40 75.14
CA VAL OA 70 13.94 -0.08 73.88
C VAL OA 70 13.16 -1.37 74.12
N MET OA 71 12.31 -1.70 73.16
CA MET OA 71 11.55 -2.93 73.23
C MET OA 71 12.46 -4.13 73.00
N ASP OA 72 11.96 -5.31 73.35
CA ASP OA 72 12.72 -6.54 73.16
C ASP OA 72 12.88 -6.84 71.67
N GLY OA 73 14.10 -7.11 71.26
CA GLY OA 73 14.41 -7.39 69.88
C GLY OA 73 14.98 -6.22 69.11
N VAL OA 74 14.81 -5.00 69.59
CA VAL OA 74 15.31 -3.83 68.88
C VAL OA 74 16.83 -3.86 68.81
N ALA OA 75 17.48 -4.21 69.92
CA ALA OA 75 18.94 -4.25 69.94
C ALA OA 75 19.47 -5.32 68.99
N SER OA 76 18.79 -6.46 68.91
CA SER OA 76 19.18 -7.48 67.96
C SER OA 76 18.98 -7.01 66.53
N MET OA 77 17.91 -6.26 66.27
CA MET OA 77 17.61 -5.85 64.90
C MET OA 77 18.58 -4.78 64.42
N ILE OA 78 19.00 -3.89 65.30
CA ILE OA 78 19.85 -2.76 64.92
C ILE OA 78 21.30 -3.20 64.99
N HIS OA 79 21.93 -3.36 63.82
CA HIS OA 79 23.34 -3.74 63.79
C HIS OA 79 24.24 -2.52 63.68
N GLU OA 80 23.92 -1.62 62.77
CA GLU OA 80 24.66 -0.37 62.66
C GLU OA 80 23.74 0.70 62.09
N VAL OA 81 23.97 1.93 62.52
CA VAL OA 81 23.23 3.09 62.04
C VAL OA 81 24.21 4.00 61.33
N GLY OA 82 24.01 4.18 60.03
CA GLY OA 82 24.80 5.10 59.25
C GLY OA 82 24.02 6.38 59.04
N ILE OA 83 24.73 7.50 59.04
CA ILE OA 83 24.09 8.79 58.80
C ILE OA 83 25.12 9.74 58.21
N GLU OA 84 24.76 10.41 57.13
CA GLU OA 84 25.64 11.39 56.49
C GLU OA 84 25.35 12.74 57.11
N ALA OA 85 26.29 13.26 57.89
CA ALA OA 85 26.11 14.50 58.63
C ALA OA 85 27.05 15.56 58.08
N MET OA 86 26.57 16.80 58.05
CA MET OA 86 27.33 17.92 57.53
C MET OA 86 28.15 18.53 58.66
N PHE OA 87 29.44 18.28 58.65
CA PHE OA 87 30.38 18.83 59.62
C PHE OA 87 30.86 20.19 59.15
N PRO OA 88 31.63 20.91 59.98
CA PRO OA 88 32.26 22.13 59.47
C PRO OA 88 33.19 21.90 58.30
N ASP OA 89 33.66 20.68 58.11
CA ASP OA 89 34.54 20.33 56.99
C ASP OA 89 33.82 19.42 55.99
N GLY OA 90 32.54 19.65 55.78
CA GLY OA 90 31.80 18.94 54.74
C GLY OA 90 30.98 17.78 55.28
N THR OA 91 30.41 17.04 54.34
CA THR OA 91 29.56 15.91 54.68
C THR OA 91 30.39 14.65 54.90
N LYS OA 92 30.20 14.01 56.05
CA LYS OA 92 30.91 12.79 56.38
C LYS OA 92 29.92 11.75 56.85
N LEU OA 93 30.23 10.49 56.56
CA LEU OA 93 29.39 9.37 56.97
C LEU OA 93 29.82 8.90 58.35
N VAL OA 94 28.93 9.05 59.32
CA VAL OA 94 29.14 8.55 60.67
C VAL OA 94 28.42 7.23 60.80
N THR OA 95 29.13 6.18 61.16
CA THR OA 95 28.57 4.85 61.36
C THR OA 95 28.71 4.47 62.82
N VAL OA 96 27.60 4.12 63.45
CA VAL OA 96 27.56 3.66 64.83
C VAL OA 96 27.24 2.18 64.81
N HIS OA 97 28.16 1.35 65.27
CA HIS OA 97 27.95 -0.09 65.28
CA HIS OA 97 27.95 -0.09 65.28
C HIS OA 97 27.46 -0.56 66.64
N THR OA 98 26.49 -1.47 66.63
CA THR OA 98 25.84 -2.02 67.81
C THR OA 98 25.51 -0.92 68.83
N PRO OA 99 24.67 0.05 68.46
CA PRO OA 99 24.40 1.16 69.39
C PRO OA 99 23.69 0.75 70.66
N ILE OA 100 23.01 -0.40 70.68
CA ILE OA 100 22.27 -0.86 71.85
C ILE OA 100 22.70 -2.27 72.18
N GLU OA 101 22.96 -2.52 73.47
CA GLU OA 101 23.33 -3.86 73.89
C GLU OA 101 22.12 -4.79 73.86
N ALA OA 102 22.33 -6.00 73.35
CA ALA OA 102 21.23 -6.94 73.22
C ALA OA 102 20.84 -7.51 74.58
N ASN OA 103 19.53 -7.49 74.86
CA ASN OA 103 19.03 -8.09 76.09
C ASN OA 103 19.01 -9.61 76.01
N GLY OA 104 18.79 -10.17 74.82
CA GLY OA 104 18.78 -11.60 74.62
C GLY OA 104 17.43 -12.26 74.77
N LYS OA 105 16.40 -11.53 75.22
CA LYS OA 105 15.09 -12.14 75.41
C LYS OA 105 14.51 -12.62 74.08
N LEU OA 106 14.25 -11.69 73.17
CA LEU OA 106 13.66 -12.00 71.88
C LEU OA 106 14.61 -11.58 70.78
N VAL OA 107 14.88 -12.48 69.85
CA VAL OA 107 15.74 -12.22 68.70
C VAL OA 107 14.92 -12.44 67.44
N PRO OA 108 14.41 -11.39 66.83
CA PRO OA 108 13.67 -11.55 65.57
C PRO OA 108 14.55 -12.13 64.49
N GLY OA 109 13.99 -13.06 63.73
CA GLY OA 109 14.71 -13.67 62.62
C GLY OA 109 15.93 -14.45 63.03
N GLU OA 110 15.97 -14.96 64.26
CA GLU OA 110 17.16 -15.65 64.73
C GLU OA 110 17.29 -17.03 64.10
N LEU OA 111 18.52 -17.49 63.99
CA LEU OA 111 18.84 -18.78 63.38
C LEU OA 111 18.98 -19.84 64.47
N PHE OA 112 18.45 -21.02 64.20
CA PHE OA 112 18.61 -22.19 65.06
C PHE OA 112 19.40 -23.21 64.26
N LEU OA 113 20.71 -23.15 64.38
CA LEU OA 113 21.60 -23.95 63.56
C LEU OA 113 21.82 -25.33 64.18
N LYS OA 114 22.05 -26.31 63.30
CA LYS OA 114 22.51 -27.60 63.75
C LYS OA 114 23.96 -27.51 64.24
N ASN OA 115 24.32 -28.42 65.13
CA ASN OA 115 25.71 -28.49 65.60
C ASN OA 115 26.52 -29.49 64.79
N GLU OA 116 26.51 -29.33 63.47
CA GLU OA 116 27.23 -30.21 62.57
C GLU OA 116 27.97 -29.37 61.54
N ASP OA 117 29.23 -29.70 61.30
CA ASP OA 117 30.04 -28.92 60.38
C ASP OA 117 29.68 -29.23 58.93
N ILE OA 118 29.86 -28.24 58.07
CA ILE OA 118 29.62 -28.39 56.65
C ILE OA 118 30.92 -28.82 55.99
N THR OA 119 30.87 -29.91 55.23
CA THR OA 119 32.04 -30.40 54.51
C THR OA 119 31.99 -29.87 53.09
N ILE OA 120 32.87 -28.95 52.77
CA ILE OA 120 32.91 -28.34 51.44
C ILE OA 120 33.88 -29.11 50.57
N ASN OA 121 33.65 -29.05 49.26
CA ASN OA 121 34.50 -29.71 48.27
C ASN OA 121 34.65 -31.19 48.59
N GLU OA 122 33.55 -31.81 48.98
CA GLU OA 122 33.57 -33.23 49.34
C GLU OA 122 33.91 -34.08 48.13
N GLY OA 123 34.75 -35.09 48.35
CA GLY OA 123 35.18 -35.97 47.29
C GLY OA 123 36.33 -35.44 46.45
N LYS OA 124 36.90 -34.29 46.81
CA LYS OA 124 38.04 -33.73 46.11
C LYS OA 124 39.26 -33.80 47.01
N LYS OA 125 40.32 -34.44 46.53
CA LYS OA 125 41.55 -34.57 47.29
C LYS OA 125 42.41 -33.34 47.10
N ALA OA 126 42.95 -32.82 48.20
CA ALA OA 126 43.71 -31.58 48.19
C ALA OA 126 45.20 -31.87 48.27
N VAL OA 127 45.96 -31.19 47.43
CA VAL OA 127 47.41 -31.24 47.50
C VAL OA 127 47.90 -29.97 48.19
N SER OA 128 49.08 -30.06 48.78
CA SER OA 128 49.66 -28.96 49.54
C SER OA 128 50.81 -28.35 48.74
N VAL OA 129 50.84 -27.02 48.67
CA VAL OA 129 51.84 -26.29 47.92
C VAL OA 129 52.37 -25.16 48.78
N LYS OA 130 53.69 -24.97 48.78
CA LYS OA 130 54.32 -23.87 49.49
C LYS OA 130 54.48 -22.68 48.56
N VAL OA 131 53.96 -21.53 48.99
CA VAL OA 131 53.94 -20.32 48.17
C VAL OA 131 54.68 -19.23 48.93
N LYS OA 132 55.61 -18.55 48.24
CA LYS OA 132 56.30 -17.40 48.78
C LYS OA 132 55.95 -16.16 47.98
N ASN OA 133 55.71 -15.07 48.69
CA ASN OA 133 55.44 -13.77 48.08
C ASN OA 133 56.77 -13.02 48.03
N VAL OA 134 57.41 -13.01 46.86
CA VAL OA 134 58.67 -12.29 46.70
C VAL OA 134 58.45 -10.86 46.24
N GLY OA 135 57.21 -10.42 46.10
CA GLY OA 135 56.91 -9.04 45.78
C GLY OA 135 56.91 -8.16 47.01
N ASP OA 136 56.56 -6.90 46.80
CA ASP OA 136 56.57 -5.90 47.85
C ASP OA 136 55.20 -5.60 48.40
N ARG OA 137 54.15 -6.24 47.89
CA ARG OA 137 52.80 -5.97 48.34
C ARG OA 137 52.09 -7.27 48.69
N PRO OA 138 51.15 -7.25 49.63
CA PRO OA 138 50.35 -8.44 49.91
C PRO OA 138 49.47 -8.79 48.73
N VAL OA 139 49.20 -10.09 48.60
CA VAL OA 139 48.42 -10.62 47.49
C VAL OA 139 47.28 -11.46 48.05
N GLN OA 140 46.06 -11.17 47.65
CA GLN OA 140 44.90 -11.94 48.07
C GLN OA 140 44.40 -12.78 46.91
N ILE OA 141 44.20 -14.07 47.15
CA ILE OA 141 43.73 -15.00 46.13
C ILE OA 141 42.38 -15.55 46.57
N GLY OA 142 41.41 -15.47 45.67
CA GLY OA 142 40.09 -15.96 45.97
C GLY OA 142 39.99 -17.47 45.90
N SER OA 143 38.85 -17.98 46.38
CA SER OA 143 38.65 -19.42 46.45
C SER OA 143 38.57 -20.06 45.08
N HIS OA 144 38.19 -19.30 44.06
CA HIS OA 144 37.94 -19.87 42.75
C HIS OA 144 38.86 -19.34 41.67
N PHE OA 145 39.88 -18.57 42.05
CA PHE OA 145 40.90 -18.17 41.08
C PHE OA 145 41.74 -19.38 40.70
N HIS OA 146 42.02 -19.51 39.41
CA HIS OA 146 42.91 -20.57 38.92
C HIS OA 146 44.31 -20.30 39.46
N PHE OA 147 44.75 -21.11 40.42
CA PHE OA 147 45.97 -20.78 41.15
C PHE OA 147 47.20 -20.77 40.27
N PHE OA 148 47.17 -21.48 39.14
CA PHE OA 148 48.31 -21.47 38.24
C PHE OA 148 48.62 -20.07 37.72
N GLU OA 149 47.60 -19.22 37.58
CA GLU OA 149 47.74 -17.94 36.91
C GLU OA 149 47.76 -16.76 37.88
N VAL OA 150 48.07 -17.00 39.15
CA VAL OA 150 48.09 -15.93 40.15
C VAL OA 150 49.25 -15.00 39.86
N ASN OA 151 49.30 -13.88 40.57
CA ASN OA 151 50.35 -12.88 40.46
C ASN OA 151 51.71 -13.52 40.26
N ARG OA 152 52.46 -13.02 39.27
CA ARG OA 152 53.76 -13.58 38.97
C ARG OA 152 54.79 -13.31 40.06
N CYS OA 153 54.48 -12.46 41.03
CA CYS OA 153 55.36 -12.26 42.16
C CYS OA 153 55.25 -13.35 43.21
N LEU OA 154 54.26 -14.23 43.10
CA LEU OA 154 54.19 -15.40 43.98
C LEU OA 154 55.08 -16.49 43.42
N ASP OA 155 55.83 -17.15 44.29
CA ASP OA 155 56.79 -18.16 43.88
C ASP OA 155 56.36 -19.51 44.45
N PHE OA 156 56.14 -20.46 43.55
CA PHE OA 156 55.73 -21.81 43.92
C PHE OA 156 55.83 -22.67 42.66
N ASP OA 157 55.72 -23.98 42.85
CA ASP OA 157 55.77 -24.92 41.73
C ASP OA 157 54.46 -24.84 40.96
N ARG OA 158 54.43 -24.04 39.90
CA ARG OA 158 53.20 -23.83 39.16
C ARG OA 158 52.73 -25.09 38.46
N GLU OA 159 53.66 -25.97 38.09
CA GLU OA 159 53.31 -27.22 37.45
C GLU OA 159 52.40 -28.06 38.34
N LYS OA 160 52.65 -28.03 39.64
CA LYS OA 160 51.80 -28.77 40.57
C LYS OA 160 50.40 -28.20 40.64
N THR OA 161 50.26 -26.89 40.44
CA THR OA 161 49.00 -26.21 40.67
C THR OA 161 48.21 -25.93 39.39
N PHE OA 162 48.70 -26.35 38.23
CA PHE OA 162 47.91 -26.20 37.02
C PHE OA 162 46.58 -26.93 37.16
N GLY OA 163 45.49 -26.22 36.82
CA GLY OA 163 44.16 -26.79 36.88
C GLY OA 163 43.54 -26.85 38.26
N LYS OA 164 44.09 -26.13 39.24
CA LYS OA 164 43.65 -26.23 40.61
C LYS OA 164 43.27 -24.86 41.16
N ARG OA 165 42.51 -24.90 42.24
CA ARG OA 165 42.09 -23.69 42.95
C ARG OA 165 42.22 -23.95 44.45
N LEU OA 166 42.15 -22.87 45.22
CA LEU OA 166 42.28 -22.98 46.67
C LEU OA 166 41.12 -23.78 47.25
N ASP OA 167 41.44 -24.59 48.27
CA ASP OA 167 40.43 -25.40 48.94
C ASP OA 167 39.97 -24.69 50.21
N ILE OA 168 39.21 -23.62 49.99
CA ILE OA 168 38.68 -22.80 51.07
C ILE OA 168 37.20 -22.55 50.79
N ALA OA 169 36.53 -21.97 51.77
CA ALA OA 169 35.13 -21.62 51.61
C ALA OA 169 34.97 -20.64 50.46
N SER OA 170 34.03 -20.91 49.57
CA SER OA 170 33.87 -20.08 48.39
C SER OA 170 33.49 -18.67 48.80
N GLY OA 171 34.16 -17.69 48.19
CA GLY OA 171 33.99 -16.31 48.55
C GLY OA 171 35.00 -15.79 49.54
N THR OA 172 35.75 -16.67 50.20
CA THR OA 172 36.82 -16.25 51.07
C THR OA 172 38.12 -16.16 50.28
N ALA OA 173 39.14 -15.58 50.90
CA ALA OA 173 40.42 -15.36 50.22
C ALA OA 173 41.56 -15.70 51.17
N VAL OA 174 42.70 -16.02 50.57
CA VAL OA 174 43.94 -16.27 51.29
C VAL OA 174 44.90 -15.12 50.98
N ARG OA 175 45.48 -14.56 52.03
CA ARG OA 175 46.39 -13.43 51.89
C ARG OA 175 47.82 -13.88 52.11
N PHE OA 176 48.70 -13.54 51.17
CA PHE OA 176 50.13 -13.77 51.25
C PHE OA 176 50.81 -12.42 51.46
N GLU OA 177 51.38 -12.23 52.62
CA GLU OA 177 52.12 -11.00 52.90
C GLU OA 177 53.47 -11.05 52.20
N PRO OA 178 54.05 -9.89 51.88
CA PRO OA 178 55.35 -9.88 51.21
C PRO OA 178 56.42 -10.57 52.05
N GLY OA 179 57.24 -11.38 51.39
CA GLY OA 179 58.28 -12.11 52.07
C GLY OA 179 57.78 -13.34 52.80
N GLU OA 180 56.50 -13.36 53.14
CA GLU OA 180 55.93 -14.47 53.88
C GLU OA 180 55.77 -15.69 53.01
N GLU OA 181 56.02 -16.86 53.58
CA GLU OA 181 55.83 -18.13 52.90
C GLU OA 181 54.72 -18.91 53.59
N LYS OA 182 53.73 -19.33 52.81
CA LYS OA 182 52.60 -20.07 53.34
C LYS OA 182 52.44 -21.38 52.57
N SER OA 183 51.76 -22.32 53.22
CA SER OA 183 51.38 -23.58 52.59
C SER OA 183 49.87 -23.56 52.37
N VAL OA 184 49.45 -23.83 51.14
CA VAL OA 184 48.04 -23.78 50.79
C VAL OA 184 47.62 -25.15 50.27
N GLU OA 185 46.33 -25.42 50.36
CA GLU OA 185 45.74 -26.66 49.85
C GLU OA 185 44.98 -26.36 48.57
N LEU OA 186 45.21 -27.17 47.55
CA LEU OA 186 44.62 -26.95 46.24
C LEU OA 186 43.84 -28.18 45.81
N ILE OA 187 42.70 -27.95 45.16
CA ILE OA 187 41.84 -29.00 44.66
C ILE OA 187 41.58 -28.75 43.18
N ASP OA 188 41.28 -29.81 42.46
CA ASP OA 188 41.05 -29.70 41.03
C ASP OA 188 39.85 -28.81 40.74
N ILE OA 189 39.95 -28.00 39.69
CA ILE OA 189 38.81 -27.22 39.23
C ILE OA 189 37.78 -28.16 38.63
N GLY OA 190 36.51 -27.97 38.99
CA GLY OA 190 35.44 -28.85 38.59
C GLY OA 190 34.82 -28.48 37.27
N GLY OA 191 33.69 -29.13 36.99
CA GLY OA 191 32.95 -28.83 35.78
C GLY OA 191 33.69 -29.27 34.52
N ASN OA 192 33.54 -28.46 33.47
CA ASN OA 192 34.21 -28.73 32.21
C ASN OA 192 35.71 -28.50 32.26
N ARG OA 193 36.20 -27.85 33.32
CA ARG OA 193 37.63 -27.54 33.46
C ARG OA 193 38.14 -26.73 32.27
N ARG OA 194 37.34 -25.79 31.81
CA ARG OA 194 37.73 -24.86 30.77
C ARG OA 194 38.16 -23.55 31.45
N ILE OA 195 39.42 -23.21 31.32
CA ILE OA 195 39.96 -22.01 31.95
C ILE OA 195 39.96 -20.90 30.91
N PHE OA 196 39.20 -19.84 31.17
CA PHE OA 196 39.17 -18.69 30.31
C PHE OA 196 39.34 -17.44 31.15
N GLY OA 197 40.03 -16.45 30.60
CA GLY OA 197 40.31 -15.24 31.35
C GLY OA 197 41.53 -15.38 32.22
N PHE OA 198 41.46 -14.87 33.45
CA PHE OA 198 42.57 -14.87 34.40
C PHE OA 198 43.74 -14.14 33.74
N ASN OA 199 44.91 -14.74 33.61
CA ASN OA 199 46.05 -14.09 32.99
C ASN OA 199 46.25 -14.52 31.54
N ALA OA 200 45.25 -15.18 30.95
CA ALA OA 200 45.31 -15.65 29.57
C ALA OA 200 46.47 -16.60 29.34
N LEU OA 201 46.82 -17.40 30.34
CA LEU OA 201 47.87 -18.40 30.20
C LEU OA 201 47.34 -19.71 29.64
N VAL OA 202 46.07 -20.01 29.82
CA VAL OA 202 45.46 -21.24 29.34
C VAL OA 202 44.46 -20.96 28.23
N ASP OA 203 43.37 -20.26 28.54
CA ASP OA 203 42.36 -19.85 27.56
C ASP OA 203 41.83 -21.04 26.76
N ARG OA 204 41.73 -22.20 27.38
CA ARG OA 204 41.30 -23.41 26.68
C ARG OA 204 41.03 -24.49 27.73
N GLN OA 205 40.74 -25.70 27.27
CA GLN OA 205 40.51 -26.83 28.16
C GLN OA 205 41.78 -27.15 28.94
N ALA OA 206 41.62 -27.42 30.23
CA ALA OA 206 42.75 -27.71 31.11
C ALA OA 206 43.02 -29.21 31.08
N ASP OA 207 44.06 -29.61 30.35
CA ASP OA 207 44.51 -30.99 30.32
C ASP OA 207 46.03 -31.00 30.24
N ASN OA 208 46.60 -32.20 30.08
CA ASN OA 208 48.06 -32.33 30.11
C ASN OA 208 48.71 -31.66 28.91
N GLU OA 209 48.05 -31.68 27.75
CA GLU OA 209 48.63 -31.04 26.57
C GLU OA 209 48.61 -29.53 26.70
N SER OA 210 47.53 -28.97 27.25
CA SER OA 210 47.49 -27.53 27.50
C SER OA 210 48.38 -27.13 28.65
N LYS OA 211 48.75 -28.07 29.52
CA LYS OA 211 49.66 -27.76 30.62
C LYS OA 211 51.01 -27.31 30.10
N LYS OA 212 51.54 -27.98 29.08
CA LYS OA 212 52.84 -27.59 28.53
C LYS OA 212 52.80 -26.19 27.93
N ILE OA 213 51.74 -25.91 27.18
CA ILE OA 213 51.59 -24.58 26.58
C ILE OA 213 51.48 -23.53 27.66
N ALA OA 214 50.69 -23.80 28.71
CA ALA OA 214 50.54 -22.85 29.80
C ALA OA 214 51.86 -22.61 30.51
N LEU OA 215 52.64 -23.67 30.73
CA LEU OA 215 53.92 -23.52 31.39
C LEU OA 215 54.89 -22.72 30.55
N HIS OA 216 54.93 -22.97 29.24
CA HIS OA 216 55.79 -22.18 28.36
C HIS OA 216 55.37 -20.73 28.35
N ARG OA 217 54.07 -20.46 28.29
CA ARG OA 217 53.59 -19.08 28.32
C ARG OA 217 53.97 -18.41 29.63
N ALA OA 218 53.80 -19.11 30.75
CA ALA OA 218 54.13 -18.52 32.04
C ALA OA 218 55.61 -18.23 32.15
N LYS OA 219 56.45 -19.14 31.66
CA LYS OA 219 57.88 -18.90 31.67
C LYS OA 219 58.25 -17.69 30.81
N GLU OA 220 57.64 -17.58 29.64
CA GLU OA 220 57.90 -16.43 28.78
C GLU OA 220 57.46 -15.12 29.43
N ARG OA 221 56.31 -15.13 30.09
CA ARG OA 221 55.80 -13.92 30.72
C ARG OA 221 56.39 -13.67 32.09
N GLY OA 222 57.26 -14.55 32.57
CA GLY OA 222 57.99 -14.26 33.79
C GLY OA 222 57.29 -14.66 35.06
N PHE OA 223 56.39 -15.63 35.01
CA PHE OA 223 55.72 -16.10 36.21
C PHE OA 223 56.66 -16.95 37.03
N HIS OA 224 56.85 -16.56 38.29
CA HIS OA 224 57.83 -17.21 39.14
C HIS OA 224 57.44 -18.66 39.42
N GLY OA 225 58.43 -19.54 39.38
CA GLY OA 225 58.20 -20.94 39.63
C GLY OA 225 57.71 -21.73 38.45
N ALA OA 226 57.47 -21.09 37.31
CA ALA OA 226 57.04 -21.79 36.11
C ALA OA 226 58.27 -22.32 35.38
N LYS OA 227 58.41 -23.63 35.33
CA LYS OA 227 59.55 -24.27 34.70
C LYS OA 227 59.11 -24.93 33.41
N SER OA 228 59.68 -24.47 32.29
CA SER OA 228 59.44 -25.05 30.99
C SER OA 228 60.77 -25.44 30.36
N ASP OA 229 60.75 -26.51 29.59
CA ASP OA 229 61.97 -27.00 28.95
C ASP OA 229 62.50 -25.95 27.98
N ASP OA 230 63.84 -25.87 27.91
CA ASP OA 230 64.45 -24.93 26.98
C ASP OA 230 64.13 -25.27 25.53
N ASN OA 231 64.13 -26.57 25.20
CA ASN OA 231 63.79 -27.02 23.85
C ASN OA 231 62.30 -27.34 23.81
N TYR OA 232 61.50 -26.29 23.68
CA TYR OA 232 60.05 -26.39 23.67
C TYR OA 232 59.57 -26.47 22.23
N VAL OA 233 58.73 -27.44 21.94
CA VAL OA 233 58.20 -27.67 20.60
C VAL OA 233 56.82 -27.02 20.51
N LYS OA 234 56.68 -26.06 19.60
CA LYS OA 234 55.43 -25.37 19.43
C LYS OA 234 54.40 -26.25 18.73
N THR OA 235 53.14 -25.92 18.95
CA THR OA 235 52.03 -26.56 18.25
C THR OA 235 51.49 -25.62 17.19
N ILE OA 236 50.54 -26.13 16.40
CA ILE OA 236 49.98 -25.32 15.32
C ILE OA 236 49.19 -24.14 15.88
N LYS OA 237 48.51 -24.34 17.00
CA LYS OA 237 47.73 -23.29 17.65
C LYS OA 237 48.18 -23.18 19.10
N GLU OA 238 48.80 -22.05 19.45
CA GLU OA 238 49.24 -21.81 20.81
C GLU OA 238 49.64 -20.35 20.99
N MET PA 1 27.06 61.15 24.50
CA MET PA 1 27.67 60.20 25.43
C MET PA 1 27.51 60.66 26.87
N LYS PA 2 27.69 59.74 27.80
CA LYS PA 2 27.55 60.03 29.22
C LYS PA 2 28.31 58.96 29.99
N LYS PA 3 28.78 59.32 31.17
CA LYS PA 3 29.49 58.39 32.03
C LYS PA 3 28.71 58.17 33.30
N ILE PA 4 28.48 56.91 33.65
CA ILE PA 4 27.81 56.54 34.88
C ILE PA 4 28.81 55.80 35.74
N SER PA 5 28.61 55.87 37.06
CA SER PA 5 29.54 55.24 37.99
C SER PA 5 29.55 53.74 37.77
N ARG PA 6 30.73 53.13 37.94
CA ARG PA 6 30.83 51.69 37.72
C ARG PA 6 29.97 50.92 38.71
N LYS PA 7 29.82 51.41 39.94
CA LYS PA 7 28.96 50.73 40.89
C LYS PA 7 27.52 50.67 40.39
N GLU PA 8 27.01 51.80 39.90
CA GLU PA 8 25.65 51.83 39.37
C GLU PA 8 25.53 50.95 38.13
N TYR PA 9 26.53 51.01 37.24
CA TYR PA 9 26.48 50.18 36.05
C TYR PA 9 26.44 48.70 36.40
N VAL PA 10 27.26 48.29 37.37
CA VAL PA 10 27.32 46.88 37.74
C VAL PA 10 26.03 46.46 38.42
N SER PA 11 25.47 47.32 39.26
CA SER PA 11 24.18 47.00 39.87
C SER PA 11 23.11 46.83 38.82
N MET PA 12 23.15 47.63 37.75
CA MET PA 12 22.13 47.52 36.72
C MET PA 12 22.33 46.30 35.82
N TYR PA 13 23.57 46.03 35.42
CA TYR PA 13 23.82 45.07 34.36
C TYR PA 13 24.76 43.94 34.74
N GLY PA 14 25.31 43.93 35.94
CA GLY PA 14 26.30 42.95 36.30
C GLY PA 14 27.70 43.41 35.94
N PRO PA 15 28.70 42.66 36.40
CA PRO PA 15 30.09 43.10 36.20
C PRO PA 15 30.47 43.16 34.74
N THR PA 16 31.35 44.10 34.41
CA THR PA 16 31.87 44.26 33.06
C THR PA 16 33.38 44.03 33.09
N THR PA 17 34.02 44.32 31.96
CA THR PA 17 35.42 43.95 31.78
C THR PA 17 36.30 44.55 32.87
N GLY PA 18 37.14 43.72 33.46
CA GLY PA 18 38.02 44.12 34.53
C GLY PA 18 37.43 44.04 35.92
N ASP PA 19 36.12 43.79 36.03
CA ASP PA 19 35.50 43.64 37.33
C ASP PA 19 35.65 42.22 37.84
N LYS PA 20 35.81 42.11 39.15
CA LYS PA 20 36.07 40.84 39.80
C LYS PA 20 34.89 40.47 40.69
N VAL PA 21 34.63 39.17 40.80
CA VAL PA 21 33.56 38.65 41.63
C VAL PA 21 34.07 37.44 42.39
N ARG PA 22 33.77 37.38 43.67
CA ARG PA 22 34.11 36.22 44.48
C ARG PA 22 33.14 35.09 44.18
N LEU PA 23 33.68 33.88 44.04
CA LEU PA 23 32.85 32.72 43.73
C LEU PA 23 32.41 32.08 45.04
N GLY PA 24 31.11 32.18 45.33
CA GLY PA 24 30.60 31.66 46.58
C GLY PA 24 31.23 32.36 47.77
N ASP PA 25 31.39 31.62 48.85
CA ASP PA 25 32.10 32.11 50.02
C ASP PA 25 33.57 31.69 50.01
N THR PA 26 34.05 31.18 48.89
CA THR PA 26 35.43 30.74 48.76
C THR PA 26 36.35 31.95 48.62
N ASP PA 27 37.63 31.69 48.36
CA ASP PA 27 38.62 32.73 48.17
C ASP PA 27 38.95 32.93 46.70
N LEU PA 28 38.19 32.32 45.80
CA LEU PA 28 38.47 32.40 44.37
C LEU PA 28 37.80 33.64 43.77
N ILE PA 29 38.56 34.41 43.02
CA ILE PA 29 38.10 35.64 42.42
C ILE PA 29 38.15 35.48 40.91
N ALA PA 30 37.01 35.62 40.26
CA ALA PA 30 36.91 35.55 38.81
C ALA PA 30 36.84 36.96 38.25
N GLU PA 31 37.65 37.24 37.24
CA GLU PA 31 37.68 38.55 36.61
C GLU PA 31 37.06 38.44 35.22
N VAL PA 32 36.21 39.41 34.88
CA VAL PA 32 35.57 39.42 33.57
C VAL PA 32 36.64 39.78 32.54
N GLU PA 33 36.96 38.83 31.66
CA GLU PA 33 38.06 39.03 30.73
C GLU PA 33 37.67 39.99 29.59
N HIS PA 34 36.47 39.86 29.06
N HIS PA 34 36.44 39.90 29.13
CA HIS PA 34 36.01 40.79 28.04
CA HIS PA 34 35.98 40.58 27.92
C HIS PA 34 34.50 40.79 28.03
C HIS PA 34 34.47 40.74 28.00
N ASP PA 35 33.94 41.78 27.36
CA ASP PA 35 32.51 42.03 27.33
C ASP PA 35 32.06 42.22 25.89
N TYR PA 36 31.03 41.49 25.49
CA TYR PA 36 30.47 41.62 24.15
C TYR PA 36 29.47 42.76 24.03
N THR PA 37 29.00 43.30 25.15
CA THR PA 37 27.98 44.32 25.09
C THR PA 37 28.55 45.64 24.59
N ILE PA 38 27.66 46.47 24.05
CA ILE PA 38 27.97 47.84 23.69
C ILE PA 38 27.33 48.74 24.73
N TYR PA 39 28.15 49.55 25.40
CA TYR PA 39 27.67 50.34 26.52
C TYR PA 39 26.58 51.29 26.10
N GLY PA 40 25.51 51.35 26.87
CA GLY PA 40 24.34 52.14 26.53
C GLY PA 40 23.30 51.41 25.72
N GLU PA 41 23.58 50.18 25.27
CA GLU PA 41 22.63 49.40 24.50
C GLU PA 41 22.30 48.07 25.18
N GLU PA 42 22.51 47.98 26.49
CA GLU PA 42 22.31 46.71 27.19
C GLU PA 42 20.85 46.29 27.14
N LEU PA 43 20.63 44.99 27.00
CA LEU PA 43 19.29 44.43 26.99
C LEU PA 43 18.79 44.28 28.41
N LYS PA 44 17.65 44.89 28.71
CA LYS PA 44 17.03 44.78 30.01
C LYS PA 44 15.55 44.49 29.84
N PHE PA 45 15.01 43.63 30.69
CA PHE PA 45 13.59 43.34 30.69
C PHE PA 45 12.95 43.90 31.95
N GLY PA 46 11.79 44.54 31.78
CA GLY PA 46 11.10 45.11 32.91
C GLY PA 46 9.99 46.03 32.43
N GLY PA 47 9.52 46.87 33.35
CA GLY PA 47 8.42 47.78 33.05
C GLY PA 47 8.69 48.70 31.88
N GLY PA 48 9.68 49.59 32.02
CA GLY PA 48 10.03 50.48 30.94
C GLY PA 48 11.45 50.26 30.45
N LYS PA 49 11.84 48.99 30.36
CA LYS PA 49 13.19 48.64 29.99
C LYS PA 49 13.29 48.52 28.48
N THR PA 50 14.40 47.96 27.99
CA THR PA 50 14.67 48.01 26.56
C THR PA 50 14.06 46.85 25.79
N LEU PA 51 13.91 45.69 26.43
CA LEU PA 51 13.37 44.53 25.73
C LEU PA 51 11.88 44.69 25.48
N ARG PA 52 11.51 45.63 24.62
CA ARG PA 52 10.12 45.93 24.33
C ARG PA 52 9.93 45.97 22.83
N GLU PA 53 8.67 45.86 22.42
CA GLU PA 53 8.32 45.84 21.01
C GLU PA 53 8.83 47.09 20.30
N GLY PA 54 9.76 46.92 19.37
CA GLY PA 54 10.27 47.99 18.56
C GLY PA 54 11.57 48.59 19.04
N MET PA 55 11.94 48.39 20.31
CA MET PA 55 13.19 48.92 20.84
C MET PA 55 14.33 47.92 20.79
N SER PA 56 14.19 46.81 21.52
CA SER PA 56 15.16 45.72 21.46
C SER PA 56 14.57 44.43 20.95
N GLN PA 57 13.25 44.28 20.99
CA GLN PA 57 12.58 43.18 20.31
C GLN PA 57 12.23 43.66 18.90
N SER PA 58 12.81 43.01 17.91
CA SER PA 58 12.64 43.45 16.54
C SER PA 58 11.21 43.24 16.06
N ASN PA 59 10.70 44.22 15.31
CA ASN PA 59 9.45 44.04 14.60
C ASN PA 59 9.64 43.42 13.23
N ASN PA 60 10.88 43.36 12.73
CA ASN PA 60 11.22 42.63 11.51
C ASN PA 60 12.40 41.74 11.85
N PRO PA 61 12.18 40.68 12.62
CA PRO PA 61 13.30 39.87 13.08
C PRO PA 61 13.88 39.04 11.95
N SER PA 62 15.12 38.61 12.16
CA SER PA 62 15.75 37.70 11.22
C SER PA 62 15.08 36.33 11.30
N LYS PA 63 15.30 35.52 10.27
CA LYS PA 63 14.72 34.19 10.24
C LYS PA 63 15.34 33.28 11.29
N GLU PA 64 16.50 33.64 11.82
CA GLU PA 64 17.14 32.92 12.92
C GLU PA 64 16.74 33.48 14.28
N GLU PA 65 15.53 34.01 14.38
CA GLU PA 65 15.06 34.65 15.61
C GLU PA 65 15.10 33.68 16.78
N LEU PA 66 15.64 34.15 17.89
CA LEU PA 66 15.88 33.28 19.05
C LEU PA 66 14.58 32.84 19.69
N ASP PA 67 14.62 31.65 20.29
CA ASP PA 67 13.52 31.19 21.14
C ASP PA 67 13.66 31.72 22.56
N LEU PA 68 14.88 31.79 23.07
CA LEU PA 68 15.15 32.30 24.41
C LEU PA 68 16.45 33.08 24.37
N ILE PA 69 16.51 34.17 25.11
CA ILE PA 69 17.73 34.93 25.25
C ILE PA 69 18.01 35.17 26.73
N ILE PA 70 19.23 34.88 27.15
CA ILE PA 70 19.69 35.18 28.50
C ILE PA 70 20.53 36.45 28.41
N THR PA 71 20.09 37.49 29.11
CA THR PA 71 20.68 38.81 28.96
C THR PA 71 21.72 39.07 30.04
N ASN PA 72 22.85 39.65 29.63
CA ASN PA 72 23.87 40.16 30.54
C ASN PA 72 24.42 39.08 31.46
N ALA PA 73 24.59 37.88 30.93
CA ALA PA 73 25.07 36.77 31.74
C ALA PA 73 26.59 36.78 31.79
N LEU PA 74 27.13 36.47 32.97
CA LEU PA 74 28.56 36.27 33.12
C LEU PA 74 28.83 34.81 32.83
N ILE PA 75 29.27 34.52 31.60
CA ILE PA 75 29.57 33.16 31.20
C ILE PA 75 30.90 32.77 31.81
N VAL PA 76 30.89 31.72 32.61
CA VAL PA 76 32.10 31.12 33.15
C VAL PA 76 32.26 29.76 32.48
N ASP PA 77 33.28 29.64 31.65
CA ASP PA 77 33.47 28.45 30.84
C ASP PA 77 34.96 28.23 30.67
N TYR PA 78 35.33 27.01 30.25
CA TYR PA 78 36.72 26.75 29.99
C TYR PA 78 37.25 27.58 28.84
N THR PA 79 36.37 28.07 27.96
CA THR PA 79 36.78 28.94 26.87
C THR PA 79 37.02 30.38 27.32
N GLY PA 80 36.64 30.73 28.53
CA GLY PA 80 36.88 32.07 29.04
C GLY PA 80 35.80 32.49 30.01
N ILE PA 81 36.12 33.49 30.81
CA ILE PA 81 35.18 34.09 31.75
C ILE PA 81 34.86 35.47 31.20
N TYR PA 82 33.68 35.60 30.57
CA TYR PA 82 33.36 36.83 29.88
C TYR PA 82 31.89 37.15 30.10
N LYS PA 83 31.44 38.27 29.54
CA LYS PA 83 30.08 38.75 29.72
C LYS PA 83 29.40 38.83 28.36
N ALA PA 84 28.22 38.25 28.25
CA ALA PA 84 27.56 38.20 26.96
C ALA PA 84 26.08 37.89 27.13
N ASP PA 85 25.36 37.95 26.02
CA ASP PA 85 24.00 37.44 25.93
C ASP PA 85 24.03 36.09 25.23
N ILE PA 86 23.33 35.13 25.80
CA ILE PA 86 23.28 33.78 25.25
C ILE PA 86 21.94 33.59 24.56
N GLY PA 87 21.99 33.28 23.27
CA GLY PA 87 20.78 33.02 22.50
C GLY PA 87 20.60 31.51 22.34
N ILE PA 88 19.38 31.07 22.55
CA ILE PA 88 19.03 29.65 22.43
C ILE PA 88 17.93 29.52 21.39
N LYS PA 89 18.15 28.65 20.42
CA LYS PA 89 17.17 28.41 19.36
C LYS PA 89 17.13 26.93 19.05
N ASP PA 90 15.93 26.34 19.12
CA ASP PA 90 15.72 24.93 18.80
C ASP PA 90 16.56 24.02 19.69
N GLY PA 91 16.69 24.40 20.96
CA GLY PA 91 17.38 23.57 21.93
C GLY PA 91 18.88 23.63 21.87
N LYS PA 92 19.46 24.40 20.96
CA LYS PA 92 20.90 24.58 20.88
C LYS PA 92 21.25 26.02 21.22
N ILE PA 93 22.50 26.23 21.58
CA ILE PA 93 22.99 27.59 21.80
C ILE PA 93 23.18 28.22 20.43
N ALA PA 94 22.28 29.13 20.07
CA ALA PA 94 22.28 29.69 18.73
C ALA PA 94 23.37 30.75 18.56
N GLY PA 95 23.68 31.48 19.61
CA GLY PA 95 24.69 32.50 19.51
C GLY PA 95 25.12 33.05 20.85
N ILE PA 96 26.33 33.58 20.92
CA ILE PA 96 26.86 34.20 22.11
C ILE PA 96 27.44 35.55 21.71
N GLY PA 97 26.96 36.61 22.33
CA GLY PA 97 27.43 37.94 21.99
C GLY PA 97 26.41 39.00 22.31
N LYS PA 98 26.32 40.02 21.47
CA LYS PA 98 25.39 41.12 21.68
C LYS PA 98 24.09 40.83 20.94
N GLY PA 99 23.02 40.64 21.70
CA GLY PA 99 21.71 40.42 21.12
C GLY PA 99 20.90 41.69 21.10
N GLY PA 100 19.75 41.60 20.44
CA GLY PA 100 18.85 42.74 20.39
C GLY PA 100 18.16 42.95 19.06
N ASN PA 101 17.88 44.21 18.74
CA ASN PA 101 17.15 44.58 17.54
C ASN PA 101 18.11 45.27 16.59
N LYS PA 102 18.26 44.70 15.39
CA LYS PA 102 19.12 45.31 14.38
C LYS PA 102 18.59 46.63 13.87
N ASP PA 103 17.28 46.86 13.98
CA ASP PA 103 16.70 48.09 13.46
C ASP PA 103 17.08 49.30 14.32
N MET PA 104 17.36 49.09 15.60
CA MET PA 104 17.59 50.21 16.51
C MET PA 104 18.89 50.12 17.28
N GLN PA 105 19.69 49.07 17.08
CA GLN PA 105 20.97 48.92 17.77
C GLN PA 105 22.02 48.45 16.79
N ASP PA 106 23.26 48.78 17.08
CA ASP PA 106 24.38 48.40 16.23
C ASP PA 106 25.06 47.14 16.76
N GLY PA 107 25.73 46.43 15.85
CA GLY PA 107 26.48 45.25 16.23
C GLY PA 107 25.64 44.08 16.69
N VAL PA 108 24.52 43.82 16.04
CA VAL PA 108 23.65 42.70 16.36
C VAL PA 108 23.69 41.73 15.18
N LYS PA 109 24.26 40.55 15.41
CA LYS PA 109 24.34 39.55 14.35
C LYS PA 109 22.97 38.91 14.10
N ASN PA 110 22.86 38.23 12.97
CA ASN PA 110 21.58 37.63 12.60
C ASN PA 110 21.18 36.50 13.53
N ASN PA 111 22.16 35.78 14.09
CA ASN PA 111 21.86 34.67 14.97
C ASN PA 111 21.53 35.09 16.39
N LEU PA 112 21.65 36.37 16.70
CA LEU PA 112 21.30 36.89 18.02
C LEU PA 112 20.13 37.87 17.93
N SER PA 113 19.23 37.63 17.00
CA SER PA 113 18.12 38.55 16.76
C SER PA 113 16.97 38.25 17.71
N VAL PA 114 16.61 39.22 18.54
CA VAL PA 114 15.48 39.11 19.44
C VAL PA 114 14.23 39.56 18.69
N GLY PA 115 13.19 38.73 18.72
CA GLY PA 115 11.96 39.04 18.05
C GLY PA 115 10.74 38.70 18.88
N PRO PA 116 9.57 38.78 18.26
CA PRO PA 116 8.33 38.49 19.00
C PRO PA 116 8.22 37.06 19.49
N ALA PA 117 8.98 36.12 18.92
CA ALA PA 117 8.95 34.74 19.35
C ALA PA 117 9.97 34.43 20.44
N THR PA 118 10.56 35.45 21.06
CA THR PA 118 11.66 35.28 21.98
C THR PA 118 11.19 35.46 23.42
N GLU PA 119 11.54 34.51 24.27
CA GLU PA 119 11.40 34.65 25.71
C GLU PA 119 12.69 35.24 26.28
N ALA PA 120 12.55 36.01 27.33
CA ALA PA 120 13.68 36.71 27.93
C ALA PA 120 13.97 36.14 29.32
N LEU PA 121 15.25 36.03 29.64
CA LEU PA 121 15.70 35.54 30.93
C LEU PA 121 16.81 36.45 31.42
N ALA PA 122 16.58 37.11 32.55
CA ALA PA 122 17.52 38.10 33.06
C ALA PA 122 18.68 37.39 33.74
N GLY PA 123 19.84 37.42 33.10
CA GLY PA 123 21.05 36.89 33.67
C GLY PA 123 21.96 37.93 34.28
N GLU PA 124 21.52 39.17 34.42
CA GLU PA 124 22.37 40.21 34.99
C GLU PA 124 22.68 39.89 36.44
N GLY PA 125 23.96 39.93 36.78
CA GLY PA 125 24.39 39.51 38.10
C GLY PA 125 24.38 38.02 38.31
N LEU PA 126 24.25 37.23 37.23
CA LEU PA 126 24.20 35.79 37.32
C LEU PA 126 25.30 35.17 36.47
N ILE PA 127 25.87 34.09 36.98
CA ILE PA 127 26.88 33.32 36.28
C ILE PA 127 26.18 32.21 35.53
N VAL PA 128 26.63 31.96 34.30
CA VAL PA 128 26.12 30.86 33.49
C VAL PA 128 27.26 29.90 33.24
N THR PA 129 27.04 28.63 33.59
CA THR PA 129 28.00 27.59 33.28
C THR PA 129 27.29 26.48 32.51
N ALA PA 130 28.09 25.61 31.90
CA ALA PA 130 27.54 24.40 31.34
C ALA PA 130 27.13 23.46 32.47
N GLY PA 131 26.15 22.61 32.20
CA GLY PA 131 25.74 21.65 33.20
C GLY PA 131 26.85 20.66 33.49
N GLY PA 132 26.88 20.19 34.73
CA GLY PA 132 27.86 19.21 35.11
C GLY PA 132 27.64 17.88 34.41
N ILE PA 133 28.75 17.16 34.27
CA ILE PA 133 28.75 15.83 33.68
C ILE PA 133 29.40 14.90 34.70
N ASP PA 134 28.62 13.97 35.22
CA ASP PA 134 29.09 13.00 36.20
C ASP PA 134 29.20 11.65 35.53
N THR PA 135 30.40 11.09 35.51
CA THR PA 135 30.69 9.91 34.69
C THR PA 135 30.89 8.65 35.50
N HIS PA 136 30.70 8.68 36.81
CA HIS PA 136 30.90 7.52 37.65
C HIS PA 136 29.61 7.08 38.34
N ILE PA 137 28.47 7.33 37.72
CA ILE PA 137 27.20 7.19 38.42
C ILE PA 137 26.85 5.72 38.59
N HIS PA 138 26.77 5.28 39.84
CA HIS PA 138 26.17 3.98 40.16
C HIS PA 138 24.66 4.19 40.18
N PHE PA 139 23.97 3.70 39.16
CA PHE PA 139 22.53 3.89 39.11
C PHE PA 139 21.84 2.99 40.12
N ILE PA 140 21.97 3.34 41.40
CA ILE PA 140 21.42 2.51 42.47
C ILE PA 140 19.96 2.85 42.71
N SER PA 141 19.63 4.13 42.76
CA SER PA 141 18.25 4.55 42.90
C SER PA 141 17.97 5.70 41.95
N PRO PA 142 16.75 5.78 41.42
CA PRO PA 142 16.40 6.93 40.59
C PRO PA 142 16.34 8.25 41.33
N GLN PA 143 16.32 8.23 42.66
CA GLN PA 143 16.32 9.48 43.43
C GLN PA 143 17.66 10.19 43.37
N GLN PA 144 18.71 9.52 42.92
CA GLN PA 144 19.98 10.19 42.69
C GLN PA 144 19.85 11.25 41.60
N ILE PA 145 19.01 10.99 40.61
CA ILE PA 145 18.92 11.89 39.46
C ILE PA 145 18.42 13.28 39.84
N PRO PA 146 17.29 13.43 40.55
CA PRO PA 146 16.91 14.78 40.99
C PRO PA 146 17.91 15.44 41.91
N THR PA 147 18.61 14.66 42.73
CA THR PA 147 19.62 15.24 43.63
C THR PA 147 20.76 15.84 42.83
N ALA PA 148 21.30 15.10 41.86
CA ALA PA 148 22.36 15.63 41.01
C ALA PA 148 21.86 16.80 40.19
N PHE PA 149 20.63 16.71 39.67
CA PHE PA 149 20.08 17.79 38.89
C PHE PA 149 20.00 19.07 39.71
N ALA PA 150 19.53 18.98 40.95
CA ALA PA 150 19.47 20.15 41.81
C ALA PA 150 20.85 20.64 42.19
N SER PA 151 21.84 19.74 42.22
CA SER PA 151 23.20 20.18 42.49
C SER PA 151 23.83 20.88 41.30
N GLY PA 152 23.33 20.65 40.09
CA GLY PA 152 23.83 21.35 38.93
C GLY PA 152 24.45 20.45 37.89
N VAL PA 153 24.17 19.16 37.99
CA VAL PA 153 24.66 18.16 37.04
C VAL PA 153 23.54 17.88 36.04
N THR PA 154 23.85 17.99 34.76
CA THR PA 154 22.84 17.76 33.73
C THR PA 154 23.08 16.49 32.92
N THR PA 155 24.27 15.91 32.97
CA THR PA 155 24.52 14.66 32.28
C THR PA 155 25.06 13.64 33.28
N MET PA 156 24.49 12.43 33.25
CA MET PA 156 24.93 11.32 34.09
C MET PA 156 25.27 10.15 33.19
N ILE PA 157 26.53 9.75 33.21
CA ILE PA 157 27.00 8.55 32.53
C ILE PA 157 27.38 7.56 33.61
N GLY PA 158 26.82 6.37 33.53
CA GLY PA 158 27.12 5.37 34.53
C GLY PA 158 26.49 4.07 34.19
N GLY PA 159 26.34 3.23 35.21
CA GLY PA 159 25.75 1.93 35.00
C GLY PA 159 25.02 1.50 36.24
N GLY PA 160 24.22 0.45 36.09
CA GLY PA 160 23.47 -0.05 37.20
C GLY PA 160 22.08 -0.47 36.80
N THR PA 161 21.42 -1.24 37.67
CA THR PA 161 20.09 -1.74 37.40
C THR PA 161 19.20 -1.63 38.62
N GLY PA 162 19.45 -0.64 39.47
CA GLY PA 162 18.77 -0.54 40.73
C GLY PA 162 19.63 -1.07 41.85
N PRO PA 163 19.06 -1.20 43.03
CA PRO PA 163 19.89 -1.56 44.20
C PRO PA 163 20.24 -3.02 44.26
N ALA PA 164 20.67 -3.59 43.13
CA ALA PA 164 21.30 -4.89 43.15
C ALA PA 164 22.70 -4.75 43.73
N ASP PA 165 23.26 -5.86 44.22
CA ASP PA 165 24.59 -5.80 44.80
C ASP PA 165 25.64 -5.52 43.74
N GLY PA 166 25.43 -6.07 42.53
CA GLY PA 166 26.33 -5.75 41.44
C GLY PA 166 26.36 -4.28 41.12
N THR PA 167 25.22 -3.60 41.22
CA THR PA 167 25.17 -2.17 40.99
C THR PA 167 25.73 -1.40 42.18
N ASN PA 168 25.46 -1.86 43.39
CA ASN PA 168 26.02 -1.22 44.57
C ASN PA 168 27.53 -1.21 44.52
N ALA PA 169 28.13 -2.26 43.96
CA ALA PA 169 29.58 -2.31 43.85
C ALA PA 169 30.11 -1.63 42.59
N THR PA 170 29.44 -1.78 41.46
CA THR PA 170 30.01 -1.46 40.16
C THR PA 170 29.11 -0.51 39.38
N THR PA 171 29.74 0.19 38.46
CA THR PA 171 29.07 1.12 37.55
C THR PA 171 28.73 0.43 36.24
N ILE PA 172 27.98 -0.66 36.32
CA ILE PA 172 27.82 -1.59 35.20
C ILE PA 172 26.35 -1.87 34.98
N THR PA 173 25.90 -1.76 33.73
CA THR PA 173 24.59 -2.21 33.29
C THR PA 173 24.79 -3.45 32.44
N PRO PA 174 24.70 -4.64 33.00
CA PRO PA 174 25.14 -5.83 32.27
C PRO PA 174 24.09 -6.39 31.34
N GLY PA 175 24.38 -6.42 30.04
CA GLY PA 175 23.60 -7.22 29.12
C GLY PA 175 22.60 -6.39 28.33
N ARG PA 176 22.17 -6.99 27.21
CA ARG PA 176 21.23 -6.34 26.33
C ARG PA 176 19.88 -6.10 27.00
N ARG PA 177 19.39 -7.09 27.75
CA ARG PA 177 18.08 -6.95 28.39
C ARG PA 177 18.10 -5.90 29.48
N ASN PA 178 19.14 -5.89 30.31
CA ASN PA 178 19.23 -4.89 31.35
C ASN PA 178 19.45 -3.50 30.76
N LEU PA 179 20.19 -3.42 29.66
CA LEU PA 179 20.35 -2.15 28.97
C LEU PA 179 19.00 -1.66 28.45
N LYS PA 180 18.18 -2.56 27.92
CA LYS PA 180 16.85 -2.16 27.47
C LYS PA 180 16.00 -1.69 28.63
N TRP PA 181 16.06 -2.38 29.76
CA TRP PA 181 15.38 -1.94 30.97
C TRP PA 181 15.75 -0.51 31.31
N MET PA 182 17.05 -0.24 31.39
CA MET PA 182 17.52 1.07 31.81
C MET PA 182 17.20 2.15 30.78
N LEU PA 183 17.36 1.84 29.50
CA LEU PA 183 17.06 2.82 28.46
C LEU PA 183 15.59 3.18 28.45
N ARG PA 184 14.71 2.20 28.66
CA ARG PA 184 13.29 2.51 28.68
C ARG PA 184 12.88 3.20 29.98
N ALA PA 185 13.55 2.91 31.09
CA ALA PA 185 13.28 3.65 32.31
C ALA PA 185 13.78 5.08 32.21
N ALA PA 186 14.80 5.33 31.40
CA ALA PA 186 15.39 6.66 31.31
C ALA PA 186 14.43 7.70 30.78
N GLU PA 187 13.34 7.29 30.15
CA GLU PA 187 12.37 8.25 29.61
C GLU PA 187 11.75 9.12 30.70
N GLU PA 188 11.81 8.68 31.95
CA GLU PA 188 11.17 9.40 33.04
C GLU PA 188 11.93 10.64 33.48
N TYR PA 189 13.24 10.65 33.35
CA TYR PA 189 14.07 11.61 34.07
C TYR PA 189 14.46 12.79 33.21
N SER PA 190 14.65 13.94 33.87
CA SER PA 190 15.12 15.16 33.23
C SER PA 190 16.62 15.24 33.46
N MET PA 191 17.37 14.49 32.66
CA MET PA 191 18.82 14.42 32.75
C MET PA 191 19.31 13.65 31.54
N ASN PA 192 20.38 14.14 30.91
CA ASN PA 192 21.02 13.36 29.87
C ASN PA 192 21.62 12.12 30.48
N LEU PA 193 21.46 10.97 29.82
CA LEU PA 193 21.82 9.71 30.43
C LEU PA 193 22.62 8.86 29.46
N GLY PA 194 23.67 8.24 29.98
CA GLY PA 194 24.43 7.28 29.21
C GLY PA 194 24.76 6.07 30.06
N PHE PA 195 24.78 4.88 29.46
CA PHE PA 195 24.93 3.65 30.21
C PHE PA 195 26.16 2.88 29.75
N LEU PA 196 26.89 2.33 30.72
CA LEU PA 196 28.08 1.54 30.49
C LEU PA 196 27.76 0.06 30.67
N ALA PA 197 28.35 -0.77 29.83
CA ALA PA 197 28.14 -2.20 29.86
C ALA PA 197 29.20 -2.87 30.71
N LYS PA 198 29.06 -4.18 30.89
CA LYS PA 198 30.04 -4.96 31.62
C LYS PA 198 31.20 -5.30 30.72
N GLY PA 199 32.39 -4.82 31.08
CA GLY PA 199 33.57 -5.10 30.29
C GLY PA 199 34.30 -6.34 30.78
N ASN PA 200 33.96 -6.82 31.97
CA ASN PA 200 34.61 -7.98 32.56
C ASN PA 200 34.09 -9.24 31.87
N ALA PA 201 34.62 -9.49 30.68
CA ALA PA 201 34.29 -10.69 29.94
C ALA PA 201 35.38 -10.92 28.90
N SER PA 202 35.83 -12.17 28.79
CA SER PA 202 36.76 -12.55 27.75
C SER PA 202 36.05 -12.98 26.47
N ASN PA 203 34.81 -12.56 26.28
CA ASN PA 203 34.01 -12.96 25.12
C ASN PA 203 33.73 -11.71 24.27
N ASP PA 204 34.41 -11.64 23.13
CA ASP PA 204 34.22 -10.51 22.22
C ASP PA 204 32.79 -10.43 21.74
N ALA PA 205 32.14 -11.58 21.53
CA ALA PA 205 30.75 -11.57 21.09
C ALA PA 205 29.85 -10.93 22.13
N SER PA 206 30.04 -11.28 23.40
CA SER PA 206 29.21 -10.70 24.45
C SER PA 206 29.46 -9.20 24.59
N LEU PA 207 30.72 -8.78 24.55
CA LEU PA 207 31.02 -7.36 24.65
C LEU PA 207 30.41 -6.58 23.50
N ALA PA 208 30.56 -7.10 22.28
CA ALA PA 208 30.01 -6.43 21.11
C ALA PA 208 28.48 -6.41 21.18
N ASP PA 209 27.88 -7.47 21.71
CA ASP PA 209 26.43 -7.49 21.84
C ASP PA 209 25.96 -6.39 22.78
N GLN PA 210 26.67 -6.17 23.88
CA GLN PA 210 26.30 -5.09 24.78
C GLN PA 210 26.43 -3.73 24.08
N ILE PA 211 27.52 -3.51 23.34
CA ILE PA 211 27.69 -2.22 22.67
C ILE PA 211 26.57 -2.00 21.66
N GLU PA 212 26.25 -3.01 20.86
CA GLU PA 212 25.16 -2.89 19.91
C GLU PA 212 23.82 -2.75 20.60
N ALA PA 213 23.69 -3.28 21.81
CA ALA PA 213 22.48 -3.09 22.59
C ALA PA 213 22.33 -1.66 23.07
N GLY PA 214 23.43 -0.93 23.21
CA GLY PA 214 23.27 0.50 23.37
C GLY PA 214 24.18 1.17 24.37
N ALA PA 215 25.05 0.42 25.02
CA ALA PA 215 25.98 1.02 25.96
C ALA PA 215 26.94 1.96 25.24
N ILE PA 216 27.31 3.05 25.91
CA ILE PA 216 28.26 4.00 25.34
C ILE PA 216 29.69 3.66 25.68
N GLY PA 217 29.92 2.56 26.38
CA GLY PA 217 31.28 2.20 26.75
C GLY PA 217 31.24 0.99 27.66
N PHE PA 218 32.43 0.59 28.08
CA PHE PA 218 32.60 -0.56 28.96
C PHE PA 218 33.09 -0.08 30.32
N LYS PA 219 32.70 -0.82 31.36
CA LYS PA 219 33.26 -0.63 32.68
C LYS PA 219 33.86 -1.95 33.11
N ILE PA 220 35.14 -1.94 33.44
CA ILE PA 220 35.82 -3.11 33.97
C ILE PA 220 36.02 -2.86 35.46
N HIS PA 221 35.25 -3.55 36.29
CA HIS PA 221 35.28 -3.32 37.72
C HIS PA 221 35.89 -4.54 38.41
N GLU PA 222 36.67 -4.28 39.48
CA GLU PA 222 37.29 -5.37 40.20
C GLU PA 222 36.29 -6.37 40.76
N ASP PA 223 35.08 -5.92 41.10
CA ASP PA 223 34.12 -6.82 41.71
C ASP PA 223 33.57 -7.85 40.74
N TRP PA 224 33.61 -7.58 39.44
CA TRP PA 224 33.29 -8.58 38.44
C TRP PA 224 34.54 -9.28 37.91
N GLY PA 225 35.71 -8.91 38.41
CA GLY PA 225 36.95 -9.53 38.01
C GLY PA 225 37.73 -8.68 37.02
N THR PA 226 38.71 -7.92 37.51
CA THR PA 226 39.57 -7.10 36.66
C THR PA 226 40.80 -7.93 36.37
N THR PA 227 40.73 -8.71 35.32
CA THR PA 227 41.86 -9.51 34.92
C THR PA 227 42.48 -8.95 33.65
N PRO PA 228 43.78 -9.16 33.44
CA PRO PA 228 44.40 -8.66 32.20
C PRO PA 228 43.73 -9.17 30.94
N SER PA 229 43.25 -10.40 30.94
CA SER PA 229 42.55 -10.93 29.78
C SER PA 229 41.29 -10.13 29.49
N ALA PA 230 40.51 -9.83 30.53
CA ALA PA 230 39.29 -9.05 30.35
C ALA PA 230 39.62 -7.64 29.89
N ILE PA 231 40.65 -7.03 30.46
CA ILE PA 231 41.05 -5.69 30.03
C ILE PA 231 41.41 -5.69 28.55
N ASN PA 232 42.19 -6.69 28.13
CA ASN PA 232 42.62 -6.76 26.74
C ASN PA 232 41.44 -6.93 25.80
N HIS PA 233 40.54 -7.87 26.12
CA HIS PA 233 39.40 -8.12 25.24
C HIS PA 233 38.48 -6.90 25.17
N ALA PA 234 38.20 -6.28 26.31
CA ALA PA 234 37.33 -5.12 26.31
C ALA PA 234 37.94 -3.98 25.51
N LEU PA 235 39.26 -3.78 25.62
CA LEU PA 235 39.89 -2.71 24.86
C LEU PA 235 39.87 -3.01 23.37
N ASP PA 236 40.04 -4.27 22.98
CA ASP PA 236 39.94 -4.62 21.57
C ASP PA 236 38.54 -4.31 21.03
N VAL PA 237 37.51 -4.74 21.75
CA VAL PA 237 36.14 -4.51 21.28
C VAL PA 237 35.83 -3.02 21.26
N ALA PA 238 36.31 -2.28 22.25
CA ALA PA 238 36.04 -0.85 22.29
C ALA PA 238 36.78 -0.11 21.18
N ASP PA 239 37.97 -0.54 20.81
CA ASP PA 239 38.63 0.06 19.66
C ASP PA 239 37.88 -0.27 18.38
N LYS PA 240 37.25 -1.44 18.31
CA LYS PA 240 36.43 -1.78 17.15
C LYS PA 240 35.19 -0.88 17.07
N TYR PA 241 34.54 -0.62 18.20
CA TYR PA 241 33.24 0.05 18.19
C TYR PA 241 33.28 1.52 18.59
N ASP PA 242 34.46 2.09 18.84
CA ASP PA 242 34.62 3.49 19.20
C ASP PA 242 33.79 3.85 20.44
N VAL PA 243 34.09 3.19 21.55
CA VAL PA 243 33.46 3.50 22.83
C VAL PA 243 34.53 3.58 23.90
N GLN PA 244 34.26 4.36 24.94
CA GLN PA 244 35.22 4.50 26.02
C GLN PA 244 35.25 3.25 26.89
N VAL PA 245 36.40 3.03 27.54
CA VAL PA 245 36.53 2.00 28.55
C VAL PA 245 36.96 2.66 29.84
N ALA PA 246 36.22 2.41 30.91
CA ALA PA 246 36.58 2.85 32.25
C ALA PA 246 36.98 1.63 33.06
N ILE PA 247 37.89 1.84 34.01
CA ILE PA 247 38.42 0.73 34.80
C ILE PA 247 38.50 1.13 36.27
N HIS PA 248 38.12 0.20 37.12
CA HIS PA 248 38.35 0.22 38.56
C HIS PA 248 39.19 -1.02 38.86
N THR PA 249 40.49 -0.81 39.08
CA THR PA 249 41.49 -1.87 38.99
C THR PA 249 41.37 -2.84 40.16
N ASP PA 250 42.12 -3.93 40.04
CA ASP PA 250 42.10 -5.01 41.01
C ASP PA 250 42.73 -4.56 42.32
N THR PA 251 41.96 -4.61 43.40
CA THR PA 251 42.46 -4.22 44.72
C THR PA 251 43.38 -5.28 45.32
N LEU PA 252 43.14 -6.56 45.01
CA LEU PA 252 43.80 -7.64 45.71
C LEU PA 252 45.14 -8.05 45.08
N ASN PA 253 45.51 -7.49 43.94
CA ASN PA 253 46.70 -7.91 43.20
C ASN PA 253 46.65 -9.40 42.89
N GLU PA 254 45.45 -9.92 42.65
CA GLU PA 254 45.27 -11.35 42.42
C GLU PA 254 46.02 -11.80 41.18
N ALA PA 255 45.79 -11.12 40.06
CA ALA PA 255 46.41 -11.49 38.80
C ALA PA 255 47.68 -10.72 38.49
N GLY PA 256 47.90 -9.60 39.14
CA GLY PA 256 49.10 -8.83 38.90
C GLY PA 256 49.00 -7.46 39.55
N CYS PA 257 50.08 -6.70 39.40
CA CYS PA 257 50.19 -5.38 39.97
C CYS PA 257 49.85 -4.31 38.93
N VAL PA 258 50.14 -3.06 39.27
CA VAL PA 258 49.84 -1.95 38.39
C VAL PA 258 50.58 -2.09 37.08
N GLU PA 259 51.80 -2.62 37.11
CA GLU PA 259 52.54 -2.83 35.87
C GLU PA 259 51.84 -3.82 34.97
N ASP PA 260 51.29 -4.90 35.54
CA ASP PA 260 50.56 -5.87 34.73
C ASP PA 260 49.27 -5.29 34.18
N THR PA 261 48.56 -4.49 34.99
CA THR PA 261 47.37 -3.82 34.48
C THR PA 261 47.69 -2.88 33.34
N MET PA 262 48.78 -2.11 33.48
CA MET PA 262 49.18 -1.20 32.41
C MET PA 262 49.65 -1.95 31.18
N ALA PA 263 50.27 -3.12 31.36
CA ALA PA 263 50.66 -3.93 30.21
C ALA PA 263 49.44 -4.45 29.48
N ALA PA 264 48.41 -4.86 30.23
CA ALA PA 264 47.16 -5.27 29.58
C ALA PA 264 46.51 -4.10 28.84
N ILE PA 265 46.54 -2.91 29.44
CA ILE PA 265 46.00 -1.73 28.77
C ILE PA 265 46.76 -1.47 27.48
N ALA PA 266 48.09 -1.62 27.51
CA ALA PA 266 48.93 -1.58 26.31
C ALA PA 266 48.84 -0.26 25.57
N GLY PA 267 48.86 0.84 26.32
CA GLY PA 267 48.91 2.15 25.70
C GLY PA 267 47.67 2.51 24.90
N ARG PA 268 46.50 2.05 25.34
CA ARG PA 268 45.24 2.41 24.72
C ARG PA 268 44.46 3.30 25.67
N THR PA 269 43.62 4.17 25.11
CA THR PA 269 42.91 5.16 25.92
C THR PA 269 42.03 4.46 26.94
N MET PA 270 42.20 4.84 28.21
CA MET PA 270 41.47 4.23 29.30
C MET PA 270 41.14 5.29 30.34
N HIS PA 271 39.91 5.28 30.81
CA HIS PA 271 39.44 6.23 31.82
C HIS PA 271 39.46 5.51 33.16
N THR PA 272 40.25 6.00 34.10
CA THR PA 272 40.47 5.30 35.36
C THR PA 272 39.68 5.95 36.48
N PHE PA 273 38.97 5.12 37.24
CA PHE PA 273 38.31 5.54 38.46
C PHE PA 273 39.27 5.35 39.63
N HIS PA 274 39.20 6.25 40.60
CA HIS PA 274 40.03 6.18 41.79
C HIS PA 274 41.51 6.03 41.43
N THR PA 275 41.99 6.95 40.59
CA THR PA 275 43.38 6.89 40.17
C THR PA 275 44.33 7.06 41.34
N GLU PA 276 43.85 7.59 42.47
CA GLU PA 276 44.61 7.60 43.71
C GLU PA 276 44.63 6.25 44.40
N GLY PA 277 43.86 5.28 43.93
CA GLY PA 277 43.84 3.96 44.52
C GLY PA 277 42.63 3.70 45.39
N ALA PA 278 42.23 4.70 46.16
CA ALA PA 278 41.10 4.57 47.09
C ALA PA 278 41.30 3.40 48.04
N GLY PA 279 42.54 3.21 48.49
CA GLY PA 279 42.88 2.15 49.41
C GLY PA 279 43.13 0.80 48.78
N GLY PA 280 43.13 0.70 47.46
CA GLY PA 280 43.37 -0.58 46.81
C GLY PA 280 44.81 -1.02 46.90
N GLY PA 281 45.02 -2.29 46.56
CA GLY PA 281 46.38 -2.82 46.55
C GLY PA 281 47.28 -2.18 45.52
N HIS PA 282 46.71 -1.66 44.44
CA HIS PA 282 47.49 -0.92 43.47
C HIS PA 282 48.00 0.41 44.02
N ALA PA 283 47.37 0.92 45.08
CA ALA PA 283 47.85 2.12 45.72
C ALA PA 283 49.15 1.84 46.48
N PRO PA 284 50.06 2.83 46.54
CA PRO PA 284 49.93 4.13 45.90
C PRO PA 284 50.51 4.15 44.49
N ASP PA 285 50.98 2.98 44.03
CA ASP PA 285 51.63 2.91 42.73
C ASP PA 285 50.67 3.21 41.59
N ILE PA 286 49.37 3.01 41.79
CA ILE PA 286 48.42 3.31 40.72
C ILE PA 286 48.38 4.80 40.40
N ILE PA 287 48.80 5.66 41.33
CA ILE PA 287 48.91 7.07 41.03
C ILE PA 287 49.91 7.32 39.91
N LYS PA 288 50.83 6.38 39.69
CA LYS PA 288 51.81 6.54 38.62
C LYS PA 288 51.14 6.60 37.25
N VAL PA 289 50.01 5.91 37.08
CA VAL PA 289 49.36 5.89 35.78
C VAL PA 289 48.75 7.24 35.45
N ALA PA 290 48.60 8.12 36.42
CA ALA PA 290 48.07 9.46 36.16
C ALA PA 290 49.04 10.31 35.36
N GLY PA 291 50.28 9.89 35.20
CA GLY PA 291 51.22 10.58 34.35
C GLY PA 291 51.30 10.07 32.93
N GLU PA 292 50.63 8.97 32.63
CA GLU PA 292 50.64 8.43 31.28
C GLU PA 292 49.71 9.23 30.38
N HIS PA 293 50.04 9.25 29.08
CA HIS PA 293 49.21 9.97 28.13
C HIS PA 293 47.87 9.30 27.93
N ASN PA 294 47.85 7.97 27.84
CA ASN PA 294 46.65 7.26 27.45
C ASN PA 294 45.64 7.10 28.58
N ILE PA 295 45.98 7.51 29.80
CA ILE PA 295 45.11 7.35 30.94
C ILE PA 295 44.44 8.68 31.23
N LEU PA 296 43.12 8.68 31.26
CA LEU PA 296 42.36 9.82 31.73
C LEU PA 296 41.97 9.58 33.17
N PRO PA 297 42.61 10.24 34.13
CA PRO PA 297 42.37 9.92 35.54
C PRO PA 297 41.22 10.73 36.13
N ALA PA 298 40.41 10.06 36.93
CA ALA PA 298 39.34 10.71 37.66
C ALA PA 298 39.48 10.40 39.14
N SER PA 299 39.02 11.34 39.95
CA SER PA 299 39.05 11.20 41.40
C SER PA 299 37.64 11.39 41.93
N THR PA 300 37.34 10.70 43.03
CA THR PA 300 36.00 10.66 43.57
C THR PA 300 35.79 11.72 44.63
N ASN PA 301 34.52 11.99 44.90
CA ASN PA 301 34.15 12.99 45.90
C ASN PA 301 34.74 12.76 47.29
N PRO PA 302 34.61 11.58 47.91
CA PRO PA 302 34.85 11.50 49.37
C PRO PA 302 36.23 11.93 49.81
N THR PA 303 37.25 11.71 48.98
CA THR PA 303 38.62 12.00 49.38
C THR PA 303 39.07 13.40 49.03
N ILE PA 304 38.21 14.22 48.43
CA ILE PA 304 38.54 15.62 48.17
C ILE PA 304 37.45 16.51 48.75
N PRO PA 305 37.81 17.58 49.47
CA PRO PA 305 39.19 17.87 49.86
C PRO PA 305 39.61 17.06 51.09
N PHE PA 306 40.91 16.96 51.34
CA PHE PA 306 41.38 16.22 52.51
C PHE PA 306 41.09 17.02 53.77
N THR PA 307 40.30 16.44 54.67
CA THR PA 307 39.86 17.09 55.89
C THR PA 307 40.21 16.22 57.09
N VAL PA 308 39.83 16.70 58.27
CA VAL PA 308 40.13 15.99 59.51
C VAL PA 308 39.35 14.68 59.58
N ASN PA 309 38.13 14.66 59.06
CA ASN PA 309 37.25 13.51 59.16
C ASN PA 309 37.31 12.60 57.94
N THR PA 310 38.20 12.89 56.98
CA THR PA 310 38.21 12.14 55.73
C THR PA 310 38.52 10.66 55.95
N GLU PA 311 39.50 10.36 56.79
CA GLU PA 311 39.97 8.99 56.96
C GLU PA 311 39.05 8.14 57.83
N ALA PA 312 38.14 8.75 58.58
CA ALA PA 312 37.34 7.99 59.53
C ALA PA 312 36.29 7.13 58.83
N GLU PA 313 35.68 7.65 57.77
CA GLU PA 313 34.55 6.98 57.12
C GLU PA 313 34.98 6.01 56.02
N HIS PA 314 36.27 5.97 55.69
CA HIS PA 314 36.70 5.25 54.49
C HIS PA 314 36.44 3.76 54.61
N MET PA 315 36.73 3.16 55.77
CA MET PA 315 36.58 1.72 55.90
C MET PA 315 35.11 1.31 55.85
N ASP PA 316 34.23 2.07 56.49
CA ASP PA 316 32.81 1.76 56.43
C ASP PA 316 32.30 1.87 54.99
N MET PA 317 32.69 2.95 54.30
CA MET PA 317 32.26 3.09 52.91
C MET PA 317 32.79 1.94 52.06
N LEU PA 318 34.05 1.57 52.25
CA LEU PA 318 34.64 0.48 51.49
C LEU PA 318 33.90 -0.83 51.71
N MET PA 319 33.64 -1.17 52.98
CA MET PA 319 33.00 -2.44 53.28
C MET PA 319 31.59 -2.49 52.70
N VAL PA 320 30.81 -1.42 52.89
CA VAL PA 320 29.45 -1.43 52.40
C VAL PA 320 29.42 -1.45 50.87
N CYS PA 321 30.30 -0.69 50.23
CA CYS PA 321 30.33 -0.66 48.76
C CYS PA 321 30.73 -2.02 48.20
N HIS PA 322 31.75 -2.66 48.78
CA HIS PA 322 32.23 -3.93 48.25
C HIS PA 322 31.44 -5.13 48.77
N HIS PA 323 30.42 -4.89 49.61
CA HIS PA 323 29.50 -5.94 50.04
C HIS PA 323 30.23 -7.01 50.86
N LEU PA 324 30.97 -6.55 51.86
CA LEU PA 324 31.61 -7.43 52.83
C LEU PA 324 30.88 -7.27 54.16
N ASP PA 325 30.35 -8.38 54.68
CA ASP PA 325 29.58 -8.32 55.91
C ASP PA 325 30.48 -7.96 57.08
N LYS PA 326 30.06 -6.99 57.87
CA LYS PA 326 30.85 -6.54 59.01
C LYS PA 326 30.72 -7.45 60.21
N SER PA 327 29.86 -8.47 60.16
CA SER PA 327 29.71 -9.44 61.22
C SER PA 327 30.44 -10.74 60.92
N ILE PA 328 31.24 -10.78 59.85
CA ILE PA 328 31.93 -11.99 59.43
C ILE PA 328 33.43 -11.75 59.58
N LYS PA 329 34.10 -12.65 60.31
CA LYS PA 329 35.53 -12.53 60.51
C LYS PA 329 36.29 -12.59 59.20
N GLU PA 330 35.89 -13.50 58.30
CA GLU PA 330 36.58 -13.62 57.02
C GLU PA 330 36.46 -12.35 56.20
N ASP PA 331 35.26 -11.77 56.14
CA ASP PA 331 35.08 -10.55 55.36
C ASP PA 331 35.84 -9.38 55.99
N VAL PA 332 35.83 -9.28 57.31
CA VAL PA 332 36.56 -8.20 57.97
C VAL PA 332 38.05 -8.32 57.71
N GLN PA 333 38.59 -9.54 57.80
CA GLN PA 333 40.00 -9.75 57.51
C GLN PA 333 40.30 -9.46 56.05
N PHE PA 334 39.39 -9.80 55.15
CA PHE PA 334 39.57 -9.52 53.74
C PHE PA 334 39.61 -8.02 53.47
N ALA PA 335 38.80 -7.26 54.21
CA ALA PA 335 38.70 -5.81 53.99
C ALA PA 335 39.97 -5.14 54.49
N ASP PA 336 41.03 -5.25 53.69
CA ASP PA 336 42.31 -4.65 53.99
C ASP PA 336 42.54 -3.46 53.07
N SER PA 337 42.85 -2.31 53.64
CA SER PA 337 43.01 -1.07 52.89
C SER PA 337 44.45 -0.61 52.97
N ARG PA 338 44.94 -0.05 51.86
CA ARG PA 338 46.26 0.57 51.79
C ARG PA 338 46.15 2.09 51.71
N ILE PA 339 45.09 2.65 52.27
CA ILE PA 339 44.88 4.09 52.22
C ILE PA 339 45.83 4.78 53.18
N ARG PA 340 46.33 5.95 52.78
CA ARG PA 340 47.21 6.73 53.64
C ARG PA 340 46.83 8.20 53.54
N PRO PA 341 46.95 8.93 54.64
CA PRO PA 341 46.73 10.38 54.58
C PRO PA 341 47.67 11.06 53.61
N GLN PA 342 48.86 10.51 53.38
CA GLN PA 342 49.77 11.05 52.39
C GLN PA 342 49.15 11.01 51.00
N THR PA 343 48.57 9.86 50.63
CA THR PA 343 47.91 9.76 49.33
C THR PA 343 46.68 10.65 49.24
N ILE PA 344 45.87 10.67 50.31
CA ILE PA 344 44.68 11.50 50.29
C ILE PA 344 45.05 12.96 50.13
N ALA PA 345 46.10 13.41 50.81
CA ALA PA 345 46.55 14.79 50.66
C ALA PA 345 47.14 15.04 49.29
N ALA PA 346 47.88 14.07 48.75
CA ALA PA 346 48.47 14.24 47.43
C ALA PA 346 47.42 14.35 46.35
N GLU PA 347 46.25 13.76 46.58
CA GLU PA 347 45.18 13.83 45.58
C GLU PA 347 44.77 15.27 45.29
N ASP PA 348 44.60 16.08 46.35
CA ASP PA 348 44.21 17.47 46.15
C ASP PA 348 45.27 18.24 45.39
N THR PA 349 46.54 18.02 45.73
CA THR PA 349 47.61 18.72 45.03
C THR PA 349 47.71 18.30 43.58
N LEU PA 350 47.48 17.02 43.30
CA LEU PA 350 47.47 16.56 41.92
C LEU PA 350 46.34 17.21 41.14
N HIS PA 351 45.17 17.35 41.78
CA HIS PA 351 44.08 18.10 41.17
C HIS PA 351 44.49 19.53 40.86
N ASP PA 352 45.16 20.18 41.80
CA ASP PA 352 45.58 21.56 41.59
C ASP PA 352 46.59 21.65 40.45
N MET PA 353 47.49 20.68 40.34
CA MET PA 353 48.49 20.69 39.29
C MET PA 353 47.96 20.23 37.95
N GLY PA 354 46.76 19.67 37.90
CA GLY PA 354 46.20 19.21 36.66
C GLY PA 354 46.60 17.79 36.30
N ILE PA 355 47.20 17.06 37.23
CA ILE PA 355 47.50 15.66 36.98
C ILE PA 355 46.22 14.84 36.91
N PHE PA 356 45.26 15.15 37.77
CA PHE PA 356 43.96 14.51 37.72
C PHE PA 356 43.02 15.36 36.88
N SER PA 357 42.36 14.74 35.90
CA SER PA 357 41.63 15.48 34.90
C SER PA 357 40.13 15.52 35.14
N ILE PA 358 39.57 14.52 35.80
CA ILE PA 358 38.12 14.45 35.97
C ILE PA 358 37.78 14.28 37.45
N THR PA 359 36.78 15.01 37.91
CA THR PA 359 36.19 14.79 39.22
C THR PA 359 34.85 14.11 39.02
N SER PA 360 34.52 13.19 39.92
CA SER PA 360 33.25 12.47 39.81
C SER PA 360 32.80 12.07 41.19
N SER PA 361 31.67 11.35 41.22
CA SER PA 361 31.05 10.97 42.49
C SER PA 361 31.28 9.51 42.85
N ASP PA 362 30.95 8.59 41.94
CA ASP PA 362 30.67 7.20 42.31
C ASP PA 362 29.51 7.15 43.30
N SER PA 363 28.35 7.60 42.80
CA SER PA 363 27.21 7.91 43.64
C SER PA 363 26.78 6.70 44.47
N GLN PA 364 26.58 6.94 45.76
CA GLN PA 364 26.13 5.95 46.73
C GLN PA 364 26.99 4.69 46.74
N ALA PA 365 28.17 4.74 46.13
CA ALA PA 365 29.19 3.71 46.31
C ALA PA 365 30.50 4.46 46.49
N MET PA 366 30.79 4.86 47.73
CA MET PA 366 31.95 5.70 48.04
C MET PA 366 31.94 6.98 47.22
N GLY PA 367 30.91 7.78 47.44
CA GLY PA 367 30.79 9.05 46.73
C GLY PA 367 29.40 9.64 46.79
N ARG PA 368 29.32 10.96 46.76
CA ARG PA 368 28.06 11.67 46.95
C ARG PA 368 27.67 12.36 45.65
N VAL PA 369 26.49 12.01 45.12
CA VAL PA 369 26.12 12.42 43.77
C VAL PA 369 25.86 13.93 43.71
N GLY PA 370 25.35 14.50 44.79
CA GLY PA 370 24.97 15.90 44.77
C GLY PA 370 26.07 16.80 45.27
N GLU PA 371 27.31 16.32 45.28
CA GLU PA 371 28.42 17.07 45.83
C GLU PA 371 29.63 17.11 44.91
N VAL PA 372 29.49 16.72 43.63
CA VAL PA 372 30.64 16.76 42.74
C VAL PA 372 31.14 18.19 42.56
N ILE PA 373 30.23 19.10 42.21
CA ILE PA 373 30.61 20.48 41.97
C ILE PA 373 31.06 21.14 43.27
N THR PA 374 30.33 20.91 44.35
CA THR PA 374 30.67 21.53 45.62
C THR PA 374 32.05 21.08 46.08
N ARG PA 375 32.37 19.80 45.96
CA ARG PA 375 33.65 19.31 46.42
C ARG PA 375 34.77 19.71 45.49
N THR PA 376 34.50 19.83 44.19
CA THR PA 376 35.49 20.37 43.27
C THR PA 376 35.88 21.79 43.68
N TRP PA 377 34.88 22.62 43.99
CA TRP PA 377 35.19 24.00 44.35
C TRP PA 377 35.77 24.10 45.76
N GLN PA 378 35.40 23.18 46.64
CA GLN PA 378 36.06 23.12 47.95
C GLN PA 378 37.53 22.79 47.80
N THR PA 379 37.86 21.84 46.93
CA THR PA 379 39.26 21.54 46.67
C THR PA 379 39.99 22.72 46.06
N ALA PA 380 39.35 23.40 45.11
CA ALA PA 380 39.98 24.58 44.51
C ALA PA 380 40.25 25.65 45.55
N ASP PA 381 39.28 25.91 46.42
CA ASP PA 381 39.46 26.93 47.46
C ASP PA 381 40.54 26.53 48.46
N LYS PA 382 40.57 25.26 48.85
CA LYS PA 382 41.59 24.79 49.78
C LYS PA 382 42.98 24.92 49.18
N ASN PA 383 43.13 24.56 47.91
CA ASN PA 383 44.42 24.68 47.25
C ASN PA 383 44.82 26.14 47.09
N LYS PA 384 43.85 27.02 46.82
CA LYS PA 384 44.15 28.44 46.74
C LYS PA 384 44.64 28.97 48.08
N LYS PA 385 44.00 28.54 49.17
CA LYS PA 385 44.42 28.98 50.49
C LYS PA 385 45.81 28.45 50.83
N GLU PA 386 46.11 27.21 50.44
CA GLU PA 386 47.38 26.60 50.80
C GLU PA 386 48.53 27.14 49.95
N PHE PA 387 48.46 26.94 48.64
CA PHE PA 387 49.56 27.26 47.74
C PHE PA 387 49.45 28.63 47.10
N GLY PA 388 48.40 29.39 47.38
CA GLY PA 388 48.27 30.69 46.77
C GLY PA 388 47.91 30.60 45.30
N ARG PA 389 48.09 31.73 44.62
CA ARG PA 389 47.76 31.83 43.21
C ARG PA 389 48.68 30.95 42.37
N LEU PA 390 48.11 30.33 41.35
CA LEU PA 390 48.90 29.54 40.42
C LEU PA 390 49.84 30.46 39.64
N LYS PA 391 50.97 29.89 39.20
CA LYS PA 391 51.92 30.66 38.41
C LYS PA 391 51.39 30.97 37.01
N GLU PA 392 50.34 30.28 36.57
CA GLU PA 392 49.78 30.50 35.26
C GLU PA 392 48.78 31.65 35.22
N GLU PA 393 48.51 32.29 36.36
CA GLU PA 393 47.55 33.38 36.39
C GLU PA 393 48.14 34.62 35.73
N LYS PA 394 47.48 35.10 34.68
CA LYS PA 394 47.89 36.32 33.99
C LYS PA 394 47.07 37.51 34.47
N GLY PA 395 47.21 37.82 35.75
CA GLY PA 395 46.51 38.94 36.34
C GLY PA 395 46.28 38.70 37.81
N ASP PA 396 45.61 39.65 38.44
CA ASP PA 396 45.28 39.59 39.86
C ASP PA 396 43.92 38.91 40.05
N ASN PA 397 43.81 37.70 39.53
CA ASN PA 397 42.58 36.94 39.61
C ASN PA 397 42.93 35.46 39.63
N ASP PA 398 41.91 34.64 39.79
CA ASP PA 398 42.06 33.19 39.80
C ASP PA 398 41.41 32.55 38.58
N ASN PA 399 41.44 33.24 37.43
CA ASN PA 399 40.72 32.76 36.26
C ASN PA 399 41.26 31.42 35.78
N PHE PA 400 42.59 31.25 35.80
CA PHE PA 400 43.15 29.98 35.35
C PHE PA 400 42.72 28.83 36.25
N ARG PA 401 42.78 29.02 37.56
CA ARG PA 401 42.32 27.99 38.48
C ARG PA 401 40.84 27.70 38.30
N ILE PA 402 40.04 28.76 38.11
CA ILE PA 402 38.61 28.57 37.87
C ILE PA 402 38.40 27.71 36.65
N LYS PA 403 39.10 28.01 35.56
CA LYS PA 403 38.90 27.27 34.32
C LYS PA 403 39.36 25.81 34.47
N ARG PA 404 40.47 25.59 35.17
CA ARG PA 404 40.95 24.22 35.37
C ARG PA 404 39.94 23.41 36.16
N TYR PA 405 39.47 23.94 37.29
CA TYR PA 405 38.56 23.17 38.12
C TYR PA 405 37.19 23.04 37.49
N LEU PA 406 36.79 24.00 36.66
CA LEU PA 406 35.52 23.89 35.97
C LEU PA 406 35.59 22.85 34.86
N SER PA 407 36.73 22.78 34.17
CA SER PA 407 36.92 21.74 33.18
C SER PA 407 36.91 20.37 33.82
N LYS PA 408 37.35 20.27 35.08
CA LYS PA 408 37.38 18.97 35.74
C LYS PA 408 36.04 18.27 35.73
N TYR PA 409 34.93 19.02 35.73
CA TYR PA 409 33.63 18.38 35.70
C TYR PA 409 32.70 18.84 34.59
N THR PA 410 33.15 19.70 33.68
CA THR PA 410 32.29 20.09 32.57
C THR PA 410 32.77 19.54 31.23
N ILE PA 411 33.97 19.88 30.78
CA ILE PA 411 34.36 19.58 29.42
C ILE PA 411 35.23 18.33 29.38
N ASN PA 412 36.01 18.09 30.44
CA ASN PA 412 36.91 16.93 30.42
C ASN PA 412 36.15 15.61 30.43
N PRO PA 413 35.14 15.38 31.29
CA PRO PA 413 34.36 14.15 31.16
C PRO PA 413 33.61 14.05 29.83
N ALA PA 414 33.16 15.17 29.27
CA ALA PA 414 32.51 15.13 27.97
C ALA PA 414 33.46 14.65 26.90
N ILE PA 415 34.70 15.16 26.89
CA ILE PA 415 35.70 14.68 25.96
C ILE PA 415 36.00 13.20 26.21
N ALA PA 416 36.11 12.82 27.49
CA ALA PA 416 36.46 11.45 27.81
C ALA PA 416 35.42 10.48 27.29
N HIS PA 417 34.15 10.83 27.37
CA HIS PA 417 33.10 9.93 26.95
C HIS PA 417 32.53 10.27 25.58
N GLY PA 418 33.19 11.16 24.84
CA GLY PA 418 32.82 11.33 23.45
C GLY PA 418 31.53 12.06 23.22
N ILE PA 419 31.08 12.87 24.18
CA ILE PA 419 29.89 13.68 24.02
C ILE PA 419 30.20 15.16 23.96
N SER PA 420 31.48 15.52 23.82
CA SER PA 420 31.88 16.91 23.83
C SER PA 420 31.35 17.69 22.62
N GLU PA 421 30.87 16.99 21.60
CA GLU PA 421 30.23 17.68 20.48
C GLU PA 421 28.89 18.27 20.90
N TYR PA 422 28.22 17.67 21.88
CA TYR PA 422 26.89 18.07 22.29
C TYR PA 422 26.87 18.90 23.56
N VAL PA 423 27.58 18.47 24.60
CA VAL PA 423 27.49 19.07 25.91
C VAL PA 423 28.90 19.40 26.40
N GLY PA 424 28.96 20.01 27.58
CA GLY PA 424 30.21 20.23 28.28
C GLY PA 424 30.65 21.67 28.35
N SER PA 425 30.14 22.54 27.50
CA SER PA 425 30.59 23.92 27.51
C SER PA 425 29.50 24.81 26.94
N VAL PA 426 29.66 26.11 27.15
CA VAL PA 426 28.75 27.11 26.62
C VAL PA 426 29.36 27.60 25.31
N GLU PA 427 29.03 26.90 24.23
CA GLU PA 427 29.55 27.21 22.91
C GLU PA 427 28.41 27.14 21.90
N VAL PA 428 28.56 27.87 20.81
CA VAL PA 428 27.53 27.89 19.77
C VAL PA 428 27.45 26.52 19.11
N GLY PA 429 26.24 26.00 18.98
CA GLY PA 429 26.01 24.71 18.38
C GLY PA 429 25.80 23.59 19.37
N LYS PA 430 26.20 23.78 20.62
CA LYS PA 430 26.01 22.75 21.63
C LYS PA 430 24.59 22.82 22.17
N VAL PA 431 24.14 21.72 22.78
CA VAL PA 431 22.81 21.70 23.35
C VAL PA 431 22.77 22.63 24.56
N ALA PA 432 21.61 23.26 24.76
CA ALA PA 432 21.47 24.29 25.79
C ALA PA 432 21.20 23.64 27.14
N ASP PA 433 22.27 23.05 27.70
CA ASP PA 433 22.25 22.52 29.06
C ASP PA 433 23.02 23.50 29.93
N LEU PA 434 22.33 24.52 30.41
CA LEU PA 434 22.95 25.63 31.11
C LEU PA 434 22.51 25.66 32.56
N VAL PA 435 23.38 26.16 33.42
CA VAL PA 435 23.08 26.33 34.83
C VAL PA 435 23.30 27.79 35.18
N LEU PA 436 22.29 28.40 35.78
CA LEU PA 436 22.32 29.78 36.23
C LEU PA 436 22.58 29.78 37.72
N TRP PA 437 23.70 30.39 38.12
CA TRP PA 437 24.10 30.53 39.51
C TRP PA 437 24.06 31.99 39.92
N SER PA 438 23.70 32.25 41.14
CA SER PA 438 24.05 33.54 41.68
C SER PA 438 25.44 33.44 42.31
N PRO PA 439 26.29 34.45 42.11
CA PRO PA 439 27.69 34.32 42.54
C PRO PA 439 27.85 34.05 44.02
N ALA PA 440 26.92 34.50 44.85
CA ALA PA 440 26.99 34.18 46.28
C ALA PA 440 26.81 32.69 46.53
N PHE PA 441 26.06 32.01 45.66
CA PHE PA 441 25.78 30.58 45.83
C PHE PA 441 26.48 29.73 44.80
N PHE PA 442 27.51 30.27 44.14
CA PHE PA 442 28.17 29.53 43.08
C PHE PA 442 28.82 28.27 43.63
N GLY PA 443 28.61 27.16 42.95
CA GLY PA 443 29.20 25.89 43.32
C GLY PA 443 28.41 25.07 44.30
N VAL PA 444 27.35 25.62 44.90
CA VAL PA 444 26.61 24.86 45.90
C VAL PA 444 25.13 24.77 45.54
N LYS PA 445 24.50 25.88 45.19
CA LYS PA 445 23.06 25.90 44.92
C LYS PA 445 22.75 26.76 43.69
N PRO PA 446 22.40 26.16 42.57
CA PRO PA 446 22.10 26.95 41.37
C PRO PA 446 20.81 27.71 41.48
N ASN PA 447 20.71 28.77 40.68
CA ASN PA 447 19.44 29.49 40.58
C ASN PA 447 18.47 28.71 39.71
N MET PA 448 18.89 28.27 38.54
CA MET PA 448 17.97 27.51 37.71
C MET PA 448 18.74 26.69 36.69
N ILE PA 449 18.06 25.69 36.13
CA ILE PA 449 18.63 24.80 35.13
C ILE PA 449 17.85 24.95 33.85
N ILE PA 450 18.54 25.20 32.76
CA ILE PA 450 17.94 25.23 31.43
C ILE PA 450 18.34 23.95 30.73
N LYS PA 451 17.35 23.13 30.38
CA LYS PA 451 17.57 21.82 29.79
C LYS PA 451 16.99 21.82 28.39
N GLY PA 452 17.85 21.70 27.38
CA GLY PA 452 17.40 21.65 26.01
C GLY PA 452 16.66 22.90 25.58
N GLY PA 453 17.06 24.06 26.08
CA GLY PA 453 16.44 25.31 25.69
C GLY PA 453 15.24 25.71 26.51
N PHE PA 454 14.84 24.92 27.50
CA PHE PA 454 13.70 25.23 28.33
C PHE PA 454 14.08 25.02 29.79
N ILE PA 455 13.46 25.80 30.67
CA ILE PA 455 13.77 25.70 32.09
C ILE PA 455 13.19 24.40 32.63
N ALA PA 456 14.04 23.58 33.24
CA ALA PA 456 13.64 22.28 33.75
C ALA PA 456 13.57 22.22 35.26
N LEU PA 457 14.38 23.00 35.96
CA LEU PA 457 14.37 23.04 37.41
C LEU PA 457 14.61 24.46 37.85
N SER PA 458 14.00 24.84 38.97
CA SER PA 458 14.20 26.19 39.43
C SER PA 458 13.91 26.28 40.92
N GLN PA 459 14.60 27.19 41.59
CA GLN PA 459 14.19 27.56 42.93
C GLN PA 459 12.87 28.32 42.84
N MET PA 460 11.85 27.80 43.51
CA MET PA 460 10.52 28.38 43.45
C MET PA 460 9.97 28.50 44.85
N GLY PA 461 9.18 29.55 45.07
CA GLY PA 461 8.55 29.80 46.34
C GLY PA 461 7.19 29.14 46.42
N ASP PA 462 6.37 29.67 47.32
CA ASP PA 462 5.02 29.15 47.51
C ASP PA 462 4.21 29.27 46.23
N ALA PA 463 3.53 28.19 45.86
CA ALA PA 463 2.72 28.21 44.64
C ALA PA 463 1.52 29.12 44.77
N ASN PA 464 0.97 29.25 45.97
CA ASN PA 464 -0.17 30.13 46.21
C ASN PA 464 0.23 31.58 46.40
N ALA PA 465 1.53 31.89 46.37
CA ALA PA 465 1.98 33.23 46.65
C ALA PA 465 1.66 34.17 45.49
N SER PA 466 1.69 35.47 45.79
CA SER PA 466 1.46 36.48 44.77
C SER PA 466 2.72 36.82 43.98
N ILE PA 467 3.88 36.33 44.41
CA ILE PA 467 5.13 36.43 43.66
C ILE PA 467 5.90 35.14 43.83
N PRO PA 468 6.88 34.88 42.95
CA PRO PA 468 7.62 33.61 43.05
C PRO PA 468 8.64 33.54 44.19
N THR PA 469 8.99 34.67 44.81
CA THR PA 469 10.06 34.73 45.81
C THR PA 469 9.72 34.22 47.21
N PRO PA 470 8.52 34.41 47.76
CA PRO PA 470 8.31 34.17 49.19
C PRO PA 470 8.45 32.70 49.57
N GLN PA 471 8.79 32.51 50.84
CA GLN PA 471 9.11 31.20 51.38
C GLN PA 471 7.86 30.32 51.44
N PRO PA 472 8.04 28.99 51.43
CA PRO PA 472 9.32 28.29 51.33
C PRO PA 472 9.82 28.19 49.90
N VAL PA 473 11.10 28.42 49.69
CA VAL PA 473 11.73 28.36 48.38
C VAL PA 473 12.55 27.08 48.33
N TYR PA 474 12.25 26.21 47.39
CA TYR PA 474 13.10 25.05 47.17
C TYR PA 474 13.05 24.68 45.70
N TYR PA 475 13.81 23.65 45.34
CA TYR PA 475 13.99 23.31 43.94
C TYR PA 475 12.79 22.50 43.46
N ARG PA 476 12.09 23.04 42.47
CA ARG PA 476 10.91 22.41 41.90
C ARG PA 476 11.14 22.17 40.43
N GLU PA 477 10.56 21.07 39.94
CA GLU PA 477 10.56 20.78 38.53
C GLU PA 477 9.73 21.81 37.79
N MET PA 478 10.25 22.27 36.67
CA MET PA 478 9.56 23.21 35.82
C MET PA 478 8.96 22.47 34.63
N PHE PA 479 8.49 23.22 33.64
CA PHE PA 479 7.69 22.61 32.58
C PHE PA 479 8.50 21.69 31.68
N ALA PA 480 9.79 21.95 31.51
CA ALA PA 480 10.61 21.05 30.70
C ALA PA 480 10.81 19.70 31.36
N HIS PA 481 10.40 19.57 32.61
CA HIS PA 481 10.51 18.34 33.38
C HIS PA 481 9.29 17.44 33.23
N HIS PA 482 8.25 17.87 32.51
CA HIS PA 482 6.94 17.24 32.57
C HIS PA 482 6.44 16.93 31.17
N GLY PA 483 5.43 16.07 31.13
CA GLY PA 483 4.71 15.74 29.92
C GLY PA 483 5.62 15.15 28.86
N LYS PA 484 5.35 15.52 27.62
CA LYS PA 484 6.22 15.15 26.51
C LYS PA 484 7.31 16.17 26.25
N ALA PA 485 7.37 17.24 27.04
CA ALA PA 485 8.44 18.21 26.89
C ALA PA 485 9.77 17.61 27.30
N LYS PA 486 9.78 16.72 28.28
CA LYS PA 486 11.05 16.13 28.72
C LYS PA 486 11.67 15.27 27.63
N TYR PA 487 10.85 14.69 26.76
CA TYR PA 487 11.40 13.92 25.64
C TYR PA 487 12.21 14.81 24.71
N ASP PA 488 11.71 16.02 24.44
CA ASP PA 488 12.47 16.94 23.60
C ASP PA 488 13.64 17.55 24.36
N ALA PA 489 13.53 17.70 25.67
CA ALA PA 489 14.58 18.34 26.44
C ALA PA 489 15.78 17.43 26.67
N ASN PA 490 15.56 16.13 26.83
CA ASN PA 490 16.62 15.26 27.32
C ASN PA 490 17.20 14.39 26.21
N ILE PA 491 18.42 13.94 26.44
CA ILE PA 491 19.19 13.15 25.48
C ILE PA 491 19.60 11.85 26.14
N THR PA 492 19.43 10.75 25.42
CA THR PA 492 20.03 9.47 25.77
C THR PA 492 21.19 9.24 24.81
N PHE PA 493 22.37 9.01 25.36
CA PHE PA 493 23.55 8.74 24.54
C PHE PA 493 23.68 7.24 24.35
N VAL PA 494 23.96 6.84 23.11
CA VAL PA 494 24.17 5.44 22.78
C VAL PA 494 25.42 5.36 21.92
N SER PA 495 25.85 4.14 21.64
CA SER PA 495 26.96 3.96 20.73
C SER PA 495 26.52 4.19 19.30
N GLN PA 496 27.49 4.48 18.44
CA GLN PA 496 27.19 4.68 17.03
C GLN PA 496 26.61 3.42 16.42
N ALA PA 497 27.03 2.24 16.90
CA ALA PA 497 26.49 1.00 16.37
C ALA PA 497 25.01 0.86 16.68
N ALA PA 498 24.62 1.11 17.92
CA ALA PA 498 23.20 1.04 18.28
C ALA PA 498 22.41 2.12 17.55
N TYR PA 499 22.98 3.31 17.41
CA TYR PA 499 22.30 4.38 16.69
C TYR PA 499 22.05 3.99 15.24
N ASP PA 500 23.03 3.39 14.58
CA ASP PA 500 22.85 2.94 13.20
C ASP PA 500 21.83 1.81 13.12
N LYS PA 501 21.89 0.87 14.05
CA LYS PA 501 20.91 -0.21 14.07
C LYS PA 501 19.52 0.27 14.42
N GLY PA 502 19.37 1.51 14.88
CA GLY PA 502 18.05 2.05 15.10
C GLY PA 502 17.52 1.67 16.47
N ILE PA 503 18.33 1.89 17.50
CA ILE PA 503 17.93 1.56 18.86
C ILE PA 503 16.71 2.37 19.28
N LYS PA 504 16.60 3.60 18.79
CA LYS PA 504 15.50 4.46 19.20
C LYS PA 504 14.16 3.88 18.79
N GLU PA 505 14.02 3.52 17.52
CA GLU PA 505 12.78 2.94 17.05
C GLU PA 505 12.57 1.52 17.59
N GLU PA 506 13.65 0.76 17.73
CA GLU PA 506 13.52 -0.61 18.22
C GLU PA 506 13.01 -0.64 19.66
N LEU PA 507 13.53 0.23 20.52
CA LEU PA 507 13.10 0.29 21.91
C LEU PA 507 11.97 1.26 22.15
N GLY PA 508 11.51 1.97 21.11
CA GLY PA 508 10.43 2.91 21.29
C GLY PA 508 10.77 4.08 22.18
N LEU PA 509 12.01 4.55 22.14
CA LEU PA 509 12.41 5.69 22.94
C LEU PA 509 11.90 6.99 22.34
N GLU PA 510 11.40 7.87 23.20
CA GLU PA 510 10.92 9.17 22.76
C GLU PA 510 11.93 10.28 22.97
N ARG PA 511 12.93 10.07 23.81
CA ARG PA 511 13.99 11.05 23.97
C ARG PA 511 14.82 11.16 22.71
N GLN PA 512 15.52 12.29 22.56
CA GLN PA 512 16.55 12.35 21.55
C GLN PA 512 17.59 11.29 21.86
N VAL PA 513 18.05 10.60 20.83
CA VAL PA 513 19.06 9.56 20.98
C VAL PA 513 20.26 9.97 20.15
N LEU PA 514 21.40 10.16 20.80
CA LEU PA 514 22.56 10.67 20.10
C LEU PA 514 23.73 9.71 20.27
N PRO PA 515 24.53 9.52 19.22
CA PRO PA 515 25.69 8.64 19.33
C PRO PA 515 26.90 9.35 19.88
N VAL PA 516 27.67 8.62 20.69
CA VAL PA 516 28.95 9.12 21.15
C VAL PA 516 29.99 8.88 20.06
N LYS PA 517 31.03 9.70 20.04
CA LYS PA 517 32.05 9.60 19.01
C LYS PA 517 33.36 10.18 19.52
N ASN PA 518 34.45 9.74 18.90
CA ASN PA 518 35.80 10.20 19.24
C ASN PA 518 36.15 9.87 20.70
N CYS PA 519 36.03 8.60 21.05
CA CYS PA 519 36.40 8.15 22.38
C CYS PA 519 37.75 7.45 22.43
N ARG PA 520 38.20 6.87 21.30
CA ARG PA 520 39.42 6.07 21.30
C ARG PA 520 40.67 6.86 21.01
N ASN PA 521 40.56 7.98 20.29
CA ASN PA 521 41.73 8.73 19.84
C ASN PA 521 42.01 9.94 20.72
N ILE PA 522 41.67 9.87 22.01
CA ILE PA 522 41.92 10.95 22.93
C ILE PA 522 42.92 10.48 23.97
N THR PA 523 43.78 11.40 24.41
CA THR PA 523 44.73 11.11 25.47
C THR PA 523 44.62 12.16 26.56
N LYS PA 524 45.53 12.10 27.54
CA LYS PA 524 45.56 13.12 28.58
C LYS PA 524 45.80 14.50 27.99
N LYS PA 525 46.48 14.58 26.85
CA LYS PA 525 46.76 15.86 26.21
C LYS PA 525 45.50 16.57 25.75
N ASP PA 526 44.39 15.85 25.59
CA ASP PA 526 43.16 16.43 25.10
C ASP PA 526 42.28 17.00 26.21
N MET PA 527 42.64 16.78 27.48
CA MET PA 527 41.93 17.41 28.57
C MET PA 527 42.27 18.88 28.63
N GLN PA 528 41.28 19.70 28.95
CA GLN PA 528 41.45 21.15 28.99
C GLN PA 528 41.96 21.56 30.36
N PHE PA 529 43.09 22.26 30.37
CA PHE PA 529 43.69 22.81 31.59
C PHE PA 529 44.12 21.72 32.57
N ASN PA 530 43.98 20.46 32.17
CA ASN PA 530 44.33 19.33 33.02
C ASN PA 530 45.07 18.29 32.21
N ASP PA 531 45.99 18.73 31.36
CA ASP PA 531 46.74 17.85 30.46
C ASP PA 531 48.17 17.62 30.93
N THR PA 532 48.44 17.81 32.23
CA THR PA 532 49.79 17.68 32.74
C THR PA 532 50.20 16.22 32.77
N THR PA 533 51.16 15.85 31.93
CA THR PA 533 51.75 14.52 31.95
C THR PA 533 53.14 14.66 32.55
N ALA PA 534 53.31 14.17 33.77
CA ALA PA 534 54.58 14.23 34.47
C ALA PA 534 54.91 12.86 35.03
N HIS PA 535 56.18 12.50 34.99
CA HIS PA 535 56.61 11.24 35.60
C HIS PA 535 56.35 11.29 37.09
N ILE PA 536 55.41 10.49 37.56
CA ILE PA 536 55.01 10.47 38.97
C ILE PA 536 55.83 9.39 39.65
N GLU PA 537 56.87 9.80 40.35
CA GLU PA 537 57.69 8.87 41.12
C GLU PA 537 56.99 8.58 42.44
N VAL PA 538 56.52 7.35 42.61
CA VAL PA 538 55.87 6.95 43.85
C VAL PA 538 56.80 5.99 44.58
N ASN PA 539 57.25 6.41 45.77
CA ASN PA 539 57.99 5.54 46.65
C ASN PA 539 56.99 4.81 47.53
N PRO PA 540 56.77 3.51 47.34
CA PRO PA 540 55.81 2.80 48.19
C PRO PA 540 56.35 2.46 49.55
N GLU PA 541 57.67 2.42 49.72
CA GLU PA 541 58.25 2.24 51.05
C GLU PA 541 57.86 3.39 51.96
N THR PA 542 57.84 4.61 51.43
CA THR PA 542 57.52 5.80 52.20
C THR PA 542 56.16 6.39 51.85
N TYR PA 543 55.45 5.81 50.88
CA TYR PA 543 54.19 6.36 50.39
C TYR PA 543 54.35 7.82 49.99
N HIS PA 544 55.45 8.11 49.31
CA HIS PA 544 55.79 9.48 48.95
C HIS PA 544 55.61 9.68 47.46
N VAL PA 545 54.88 10.71 47.08
CA VAL PA 545 54.59 11.00 45.68
C VAL PA 545 55.40 12.22 45.28
N PHE PA 546 56.12 12.11 44.17
CA PHE PA 546 56.92 13.21 43.64
C PHE PA 546 56.54 13.41 42.18
N VAL PA 547 56.43 14.68 41.78
CA VAL PA 547 56.26 15.03 40.38
C VAL PA 547 57.39 15.98 40.01
N ASP PA 548 58.17 15.62 38.99
CA ASP PA 548 59.35 16.39 38.60
C ASP PA 548 60.29 16.58 39.78
N GLY PA 549 60.41 15.56 40.62
CA GLY PA 549 61.25 15.59 41.79
C GLY PA 549 60.61 16.12 43.06
N LYS PA 550 59.89 17.24 42.94
CA LYS PA 550 59.29 17.85 44.11
C LYS PA 550 58.19 16.96 44.69
N GLU PA 551 58.20 16.82 46.02
CA GLU PA 551 57.18 16.04 46.69
C GLU PA 551 55.88 16.81 46.77
N VAL PA 552 54.76 16.08 46.71
CA VAL PA 552 53.44 16.68 46.72
C VAL PA 552 52.72 16.24 47.99
N THR PA 553 52.15 17.22 48.69
CA THR PA 553 51.41 16.96 49.91
C THR PA 553 50.54 18.16 50.20
N SER PA 554 49.58 17.98 51.11
CA SER PA 554 48.72 19.07 51.54
C SER PA 554 48.31 18.83 52.98
N LYS PA 555 47.94 19.86 53.62
CA LYS PA 555 47.51 19.67 54.99
C LYS PA 555 46.00 19.51 55.05
N PRO PA 556 45.50 18.71 55.99
CA PRO PA 556 44.04 18.55 56.12
C PRO PA 556 43.40 19.88 56.47
N ALA PA 557 42.21 20.11 55.90
CA ALA PA 557 41.48 21.34 56.12
C ALA PA 557 40.58 21.18 57.34
N ASN PA 558 40.71 22.10 58.29
CA ASN PA 558 39.86 22.07 59.47
C ASN PA 558 38.44 22.55 59.16
N LYS PA 559 38.30 23.41 58.15
CA LYS PA 559 36.99 23.97 57.80
C LYS PA 559 37.01 24.32 56.33
N VAL PA 560 36.04 23.81 55.59
CA VAL PA 560 35.94 24.06 54.16
C VAL PA 560 34.82 25.07 53.91
N SER PA 561 34.87 25.69 52.74
CA SER PA 561 33.83 26.61 52.31
C SER PA 561 32.70 25.85 51.65
N LEU PA 562 31.58 26.55 51.45
CA LEU PA 562 30.40 26.00 50.79
C LEU PA 562 29.86 24.76 51.48
N ALA PA 563 30.05 24.64 52.79
CA ALA PA 563 29.63 23.45 53.50
C ALA PA 563 28.50 23.70 54.49
N GLN PA 564 28.72 24.55 55.50
CA GLN PA 564 27.73 24.74 56.53
C GLN PA 564 27.01 26.07 56.44
N LEU PA 565 27.55 27.02 55.69
CA LEU PA 565 26.86 28.28 55.47
C LEU PA 565 25.60 28.11 54.65
N PHE PA 566 25.52 27.07 53.83
CA PHE PA 566 24.48 26.98 52.83
C PHE PA 566 23.47 25.87 53.05
N SER PA 567 23.74 24.91 53.92
CA SER PA 567 22.91 23.73 54.06
C SER PA 567 22.42 23.60 55.50
N ILE PA 568 21.12 23.35 55.66
CA ILE PA 568 20.57 23.13 56.99
C ILE PA 568 21.03 21.80 57.55
N PHE PA 569 21.27 20.82 56.69
CA PHE PA 569 21.73 19.51 57.13
C PHE PA 569 22.92 19.03 56.29
N MET QA 1 55.89 14.41 63.82
CA MET QA 1 55.46 14.66 62.45
C MET QA 1 54.39 13.67 62.03
N ASN QA 2 53.25 13.72 62.72
CA ASN QA 2 52.15 12.82 62.42
C ASN QA 2 51.48 13.22 61.11
N THR QA 3 51.41 12.30 60.16
CA THR QA 3 50.77 12.58 58.88
C THR QA 3 49.25 12.59 59.01
N TYR QA 4 48.71 11.94 60.03
CA TYR QA 4 47.27 11.92 60.23
C TYR QA 4 46.78 13.27 60.75
N ALA QA 5 45.51 13.57 60.48
CA ALA QA 5 44.94 14.84 60.91
C ALA QA 5 44.91 14.95 62.42
N GLN QA 6 44.53 13.87 63.11
CA GLN QA 6 44.49 13.83 64.55
C GLN QA 6 45.37 12.69 65.06
N GLU QA 7 45.57 12.66 66.37
CA GLU QA 7 46.40 11.63 66.98
C GLU QA 7 45.73 10.27 66.87
N SER QA 8 46.52 9.25 66.57
CA SER QA 8 46.01 7.90 66.40
C SER QA 8 45.81 7.27 67.77
N LYS QA 9 44.56 7.17 68.19
CA LYS QA 9 44.20 6.62 69.50
C LYS QA 9 43.17 5.53 69.32
N LEU QA 10 43.16 4.59 70.27
CA LEU QA 10 42.18 3.50 70.26
C LEU QA 10 41.89 3.13 71.71
N ARG QA 11 40.83 3.71 72.27
CA ARG QA 11 40.41 3.41 73.64
C ARG QA 11 39.24 2.45 73.56
N LEU QA 12 39.44 1.23 74.04
CA LEU QA 12 38.42 0.19 74.02
C LEU QA 12 38.16 -0.29 75.44
N LYS QA 13 36.89 -0.47 75.78
CA LYS QA 13 36.49 -0.98 77.08
C LYS QA 13 35.37 -1.98 76.87
N THR QA 14 35.62 -3.24 77.23
CA THR QA 14 34.66 -4.31 77.03
C THR QA 14 34.13 -4.79 78.38
N LYS QA 15 32.86 -5.20 78.38
CA LYS QA 15 32.19 -5.72 79.56
C LYS QA 15 31.26 -6.85 79.15
N ILE QA 16 30.72 -7.54 80.14
CA ILE QA 16 29.78 -8.63 79.89
C ILE QA 16 28.40 -8.03 79.64
N GLY QA 17 27.78 -8.43 78.53
CA GLY QA 17 26.50 -7.88 78.14
C GLY QA 17 25.33 -8.50 78.90
N ALA QA 18 24.14 -8.00 78.57
CA ALA QA 18 22.92 -8.50 79.21
C ALA QA 18 22.68 -9.97 78.87
N ASP QA 19 22.94 -10.35 77.62
CA ASP QA 19 22.72 -11.73 77.19
C ASP QA 19 23.86 -12.66 77.59
N GLY QA 20 24.83 -12.18 78.36
CA GLY QA 20 25.94 -13.00 78.81
C GLY QA 20 27.13 -13.02 77.88
N ARG QA 21 27.03 -12.42 76.70
CA ARG QA 21 28.16 -12.35 75.80
C ARG QA 21 29.06 -11.17 76.13
N CYS QA 22 30.28 -11.20 75.61
CA CYS QA 22 31.24 -10.12 75.80
C CYS QA 22 30.94 -9.02 74.79
N VAL QA 23 30.54 -7.85 75.27
CA VAL QA 23 30.16 -6.74 74.40
C VAL QA 23 31.12 -5.59 74.63
N ILE QA 24 31.17 -4.69 73.66
CA ILE QA 24 32.00 -3.49 73.76
C ILE QA 24 31.20 -2.43 74.50
N GLU QA 25 31.60 -2.13 75.74
CA GLU QA 25 30.92 -1.11 76.51
C GLU QA 25 31.21 0.28 75.94
N ASP QA 26 32.46 0.56 75.60
CA ASP QA 26 32.83 1.87 75.08
C ASP QA 26 34.00 1.70 74.12
N ASN QA 27 34.05 2.58 73.12
CA ASN QA 27 35.16 2.55 72.18
C ASN QA 27 35.27 3.89 71.48
N PHE QA 28 36.50 4.35 71.32
CA PHE QA 28 36.80 5.59 70.63
C PHE QA 28 38.08 5.38 69.83
N PHE QA 29 37.99 5.46 68.50
CA PHE QA 29 39.12 5.20 67.64
C PHE QA 29 39.25 6.31 66.61
N THR QA 30 40.45 6.85 66.49
CA THR QA 30 40.84 7.75 65.42
C THR QA 30 41.64 6.97 64.38
N PRO QA 31 41.75 7.49 63.16
CA PRO QA 31 42.49 6.77 62.14
C PRO QA 31 43.93 6.59 62.57
N PRO QA 32 44.56 5.46 62.18
CA PRO QA 32 44.00 4.44 61.29
C PRO QA 32 43.23 3.35 62.03
N PHE QA 33 42.98 3.54 63.32
CA PHE QA 33 42.33 2.52 64.12
C PHE QA 33 40.83 2.44 63.80
N LYS QA 34 40.28 1.25 63.97
CA LYS QA 34 38.85 1.05 63.80
C LYS QA 34 38.44 -0.18 64.58
N LEU QA 35 37.22 -0.15 65.13
CA LEU QA 35 36.67 -1.26 65.88
C LEU QA 35 35.31 -1.63 65.31
N MET QA 36 35.11 -2.91 65.05
CA MET QA 36 33.83 -3.45 64.64
C MET QA 36 33.16 -4.15 65.82
N ALA QA 37 31.98 -4.70 65.57
CA ALA QA 37 31.30 -5.46 66.60
C ALA QA 37 32.09 -6.74 66.90
N PRO QA 38 32.12 -7.18 68.15
CA PRO QA 38 32.81 -8.43 68.48
C PRO QA 38 32.23 -9.61 67.73
N PHE QA 39 33.09 -10.54 67.35
CA PHE QA 39 32.67 -11.78 66.73
C PHE QA 39 32.54 -12.87 67.79
N TYR QA 40 31.54 -13.72 67.62
CA TYR QA 40 31.23 -14.77 68.60
C TYR QA 40 31.24 -16.12 67.90
N PRO QA 41 32.40 -16.78 67.80
CA PRO QA 41 32.43 -18.15 67.29
C PRO QA 41 31.60 -19.07 68.18
N LYS QA 42 31.27 -20.23 67.62
CA LYS QA 42 30.32 -21.13 68.28
C LYS QA 42 30.83 -21.59 69.65
N ASP QA 43 32.11 -21.94 69.73
CA ASP QA 43 32.66 -22.53 70.94
C ASP QA 43 33.78 -21.73 71.58
N ASP QA 44 34.46 -20.86 70.85
CA ASP QA 44 35.63 -20.18 71.36
C ASP QA 44 35.24 -18.93 72.15
N LEU QA 45 36.22 -18.13 72.51
CA LEU QA 45 36.01 -16.88 73.23
C LEU QA 45 35.52 -15.81 72.26
N ALA QA 46 35.03 -14.69 72.82
CA ALA QA 46 34.60 -13.60 71.97
C ALA QA 46 35.80 -12.93 71.33
N GLU QA 47 35.78 -12.77 70.01
CA GLU QA 47 36.93 -12.28 69.27
C GLU QA 47 36.74 -10.83 68.89
N ILE QA 48 37.78 -10.02 69.14
CA ILE QA 48 37.81 -8.63 68.74
C ILE QA 48 39.03 -8.42 67.85
N MET QA 49 38.80 -7.86 66.67
CA MET QA 49 39.88 -7.60 65.72
C MET QA 49 40.22 -6.11 65.76
N LEU QA 50 41.47 -5.80 66.11
CA LEU QA 50 41.95 -4.43 66.11
C LEU QA 50 42.27 -4.05 64.68
N LEU QA 51 41.32 -3.42 64.00
CA LEU QA 51 41.52 -3.05 62.60
C LEU QA 51 42.50 -1.90 62.49
N ALA QA 52 43.43 -2.00 61.55
CA ALA QA 52 44.35 -0.93 61.21
C ALA QA 52 44.16 -0.60 59.75
N VAL QA 53 43.53 0.54 59.48
CA VAL QA 53 43.22 0.93 58.09
C VAL QA 53 44.44 1.68 57.58
N SER QA 54 45.44 0.91 57.15
CA SER QA 54 46.70 1.44 56.65
C SER QA 54 47.55 0.30 56.10
N PRO QA 55 48.40 0.55 55.12
CA PRO QA 55 49.34 -0.49 54.67
C PRO QA 55 50.34 -0.89 55.73
N GLY QA 56 50.54 -0.06 56.74
CA GLY QA 56 51.49 -0.35 57.79
C GLY QA 56 52.01 0.94 58.41
N MET QA 57 52.71 0.78 59.52
CA MET QA 57 53.25 1.93 60.23
C MET QA 57 54.36 2.58 59.42
N MET QA 58 54.27 3.90 59.27
CA MET QA 58 55.24 4.69 58.51
C MET QA 58 55.89 5.70 59.45
N ARG QA 59 56.73 6.56 58.87
CA ARG QA 59 57.45 7.55 59.67
C ARG QA 59 56.48 8.51 60.34
N GLY QA 60 56.72 8.77 61.63
CA GLY QA 60 55.91 9.69 62.38
C GLY QA 60 54.64 9.10 62.96
N ASP QA 61 54.32 7.85 62.67
CA ASP QA 61 53.15 7.22 63.24
C ASP QA 61 53.35 7.03 64.74
N ALA QA 62 52.36 7.45 65.53
CA ALA QA 62 52.42 7.35 66.98
C ALA QA 62 51.06 6.87 67.45
N GLN QA 63 50.93 5.56 67.66
CA GLN QA 63 49.67 4.94 68.03
C GLN QA 63 49.58 4.79 69.54
N ASP QA 64 48.41 5.10 70.08
CA ASP QA 64 48.14 5.02 71.52
C ASP QA 64 46.91 4.14 71.73
N VAL QA 65 47.14 2.89 72.14
CA VAL QA 65 46.08 1.91 72.35
C VAL QA 65 45.87 1.72 73.85
N GLN QA 66 44.62 1.68 74.27
CA GLN QA 66 44.26 1.48 75.66
C GLN QA 66 43.09 0.52 75.72
N LEU QA 67 43.37 -0.74 76.03
CA LEU QA 67 42.35 -1.78 76.13
C LEU QA 67 42.01 -2.03 77.59
N ASN QA 68 40.72 -2.19 77.86
CA ASN QA 68 40.23 -2.41 79.23
C ASN QA 68 39.20 -3.53 79.20
N ILE QA 69 39.64 -4.73 79.53
CA ILE QA 69 38.76 -5.89 79.62
C ILE QA 69 38.18 -5.94 81.02
N GLY QA 70 36.84 -5.98 81.12
CA GLY QA 70 36.20 -6.01 82.41
C GLY QA 70 36.16 -7.40 83.01
N PRO QA 71 35.56 -7.49 84.20
CA PRO QA 71 35.52 -8.77 84.89
C PRO QA 71 34.72 -9.82 84.12
N ASN QA 72 35.16 -11.07 84.27
CA ASN QA 72 34.45 -12.23 83.73
C ASN QA 72 34.30 -12.18 82.22
N CYS QA 73 35.26 -11.56 81.53
CA CYS QA 73 35.23 -11.46 80.08
C CYS QA 73 36.27 -12.40 79.47
N LYS QA 74 35.83 -13.24 78.54
CA LYS QA 74 36.69 -14.19 77.84
C LYS QA 74 36.89 -13.67 76.42
N LEU QA 75 37.94 -12.89 76.22
CA LEU QA 75 38.16 -12.15 75.00
C LEU QA 75 39.47 -12.56 74.35
N ARG QA 76 39.43 -12.79 73.05
CA ARG QA 76 40.61 -13.01 72.23
C ARG QA 76 40.74 -11.84 71.27
N ILE QA 77 41.87 -11.13 71.35
CA ILE QA 77 42.10 -9.93 70.56
C ILE QA 77 43.14 -10.24 69.51
N THR QA 78 42.72 -10.14 68.25
CA THR QA 78 43.58 -10.41 67.10
C THR QA 78 43.73 -9.12 66.27
N SER QA 79 44.47 -9.22 65.18
CA SER QA 79 44.66 -8.12 64.25
C SER QA 79 44.20 -8.55 62.86
N GLN QA 80 44.07 -7.56 61.97
CA GLN QA 80 43.58 -7.83 60.63
C GLN QA 80 44.60 -8.65 59.82
N SER QA 81 45.86 -8.23 59.84
CA SER QA 81 46.89 -8.89 59.04
C SER QA 81 48.25 -8.60 59.68
N PHE QA 82 49.31 -9.02 59.00
CA PHE QA 82 50.66 -8.79 59.50
C PHE QA 82 50.92 -7.30 59.64
N GLU QA 83 51.51 -6.91 60.77
CA GLU QA 83 51.85 -5.51 61.01
C GLU QA 83 53.20 -5.21 60.37
N LYS QA 84 53.19 -4.37 59.34
CA LYS QA 84 54.40 -4.07 58.58
C LYS QA 84 54.90 -2.69 58.95
N ILE QA 85 56.17 -2.61 59.35
CA ILE QA 85 56.84 -1.35 59.61
C ILE QA 85 57.55 -0.93 58.33
N HIS QA 86 57.14 0.19 57.76
CA HIS QA 86 57.69 0.64 56.50
C HIS QA 86 59.01 1.39 56.73
N ASN QA 87 59.64 1.79 55.64
CA ASN QA 87 60.88 2.54 55.71
C ASN QA 87 60.61 3.90 56.36
N THR QA 88 61.04 4.06 57.60
CA THR QA 88 61.01 5.35 58.27
C THR QA 88 62.31 6.06 57.97
N GLU QA 89 62.25 7.10 57.15
CA GLU QA 89 63.44 7.72 56.59
C GLU QA 89 64.35 8.28 57.67
N ASP QA 90 63.86 9.29 58.38
CA ASP QA 90 64.61 9.88 59.48
C ASP QA 90 63.95 9.73 60.84
N GLY QA 91 62.65 9.46 60.87
CA GLY QA 91 61.90 9.30 62.09
C GLY QA 91 61.69 7.84 62.45
N PHE QA 92 60.61 7.57 63.16
CA PHE QA 92 60.32 6.22 63.64
C PHE QA 92 58.82 6.06 63.80
N ALA QA 93 58.40 4.81 63.90
CA ALA QA 93 57.02 4.45 64.18
C ALA QA 93 56.94 3.93 65.61
N SER QA 94 56.01 4.47 66.39
CA SER QA 94 55.89 4.13 67.80
C SER QA 94 54.49 3.66 68.11
N ARG QA 95 54.40 2.62 68.94
CA ARG QA 95 53.13 2.11 69.44
C ARG QA 95 53.23 2.01 70.96
N ASP QA 96 52.22 2.53 71.65
CA ASP QA 96 52.13 2.48 73.10
C ASP QA 96 50.80 1.85 73.47
N MET QA 97 50.84 0.61 73.94
CA MET QA 97 49.63 -0.15 74.21
C MET QA 97 49.55 -0.45 75.70
N HIS QA 98 48.52 0.07 76.35
CA HIS QA 98 48.27 -0.17 77.76
C HIS QA 98 47.00 -1.01 77.88
N ILE QA 99 47.12 -2.16 78.53
CA ILE QA 99 46.02 -3.10 78.68
C ILE QA 99 45.74 -3.28 80.17
N VAL QA 100 44.46 -3.30 80.53
CA VAL QA 100 44.02 -3.53 81.91
C VAL QA 100 43.00 -4.66 81.89
N VAL QA 101 43.32 -5.75 82.59
CA VAL QA 101 42.46 -6.92 82.66
C VAL QA 101 41.83 -6.96 84.05
N GLY QA 102 40.51 -7.17 84.10
CA GLY QA 102 39.80 -7.20 85.35
C GLY QA 102 39.82 -8.57 86.01
N GLU QA 103 39.08 -8.67 87.10
CA GLU QA 103 39.04 -9.90 87.89
C GLU QA 103 38.36 -11.02 87.10
N ASN QA 104 38.94 -12.21 87.19
CA ASN QA 104 38.39 -13.42 86.57
C ASN QA 104 38.20 -13.26 85.07
N ALA QA 105 39.03 -12.44 84.44
CA ALA QA 105 38.94 -12.16 83.02
C ALA QA 105 40.10 -12.81 82.28
N PHE QA 106 39.80 -13.42 81.15
CA PHE QA 106 40.80 -14.05 80.30
C PHE QA 106 40.96 -13.23 79.03
N LEU QA 107 42.19 -12.82 78.74
CA LEU QA 107 42.52 -12.09 77.52
C LEU QA 107 43.59 -12.87 76.77
N ASP QA 108 43.29 -13.22 75.52
CA ASP QA 108 44.23 -13.90 74.63
C ASP QA 108 44.62 -12.89 73.56
N PHE QA 109 45.72 -12.18 73.80
CA PHE QA 109 46.22 -11.18 72.86
C PHE QA 109 47.12 -11.88 71.86
N ALA QA 110 46.60 -12.14 70.66
CA ALA QA 110 47.31 -12.89 69.63
C ALA QA 110 47.34 -12.09 68.34
N PRO QA 111 48.19 -11.07 68.26
CA PRO QA 111 48.32 -10.31 67.01
C PRO QA 111 49.14 -11.07 65.99
N PHE QA 112 49.03 -10.60 64.75
CA PHE QA 112 49.77 -11.19 63.65
C PHE QA 112 51.25 -10.79 63.72
N PRO QA 113 52.13 -11.55 63.07
CA PRO QA 113 53.56 -11.24 63.15
C PRO QA 113 53.90 -9.86 62.63
N LEU QA 114 54.94 -9.28 63.22
CA LEU QA 114 55.43 -7.96 62.83
C LEU QA 114 56.55 -8.12 61.81
N ILE QA 115 56.40 -7.46 60.66
CA ILE QA 115 57.36 -7.54 59.56
C ILE QA 115 57.98 -6.17 59.38
N PRO QA 116 59.21 -5.96 59.84
CA PRO QA 116 59.90 -4.69 59.59
C PRO QA 116 60.56 -4.69 58.21
N PHE QA 117 60.36 -3.61 57.47
CA PHE QA 117 60.94 -3.48 56.14
C PHE QA 117 62.36 -2.94 56.27
N GLU QA 118 62.99 -2.64 55.14
CA GLU QA 118 64.33 -2.10 55.16
C GLU QA 118 64.34 -0.70 55.77
N ASN QA 119 65.32 -0.44 56.63
CA ASN QA 119 65.47 0.84 57.32
C ASN QA 119 64.23 1.19 58.13
N ALA QA 120 63.68 0.20 58.81
CA ALA QA 120 62.50 0.40 59.66
C ALA QA 120 62.95 0.63 61.10
N HIS QA 121 62.40 1.67 61.72
CA HIS QA 121 62.67 2.00 63.11
C HIS QA 121 61.35 1.97 63.86
N PHE QA 122 61.23 1.04 64.81
CA PHE QA 122 59.98 0.83 65.54
C PHE QA 122 60.25 0.83 67.03
N LYS QA 123 59.36 1.48 67.79
CA LYS QA 123 59.43 1.53 69.24
C LYS QA 123 58.06 1.13 69.79
N GLY QA 124 57.98 -0.08 70.32
CA GLY QA 124 56.75 -0.58 70.93
C GLY QA 124 56.90 -0.63 72.45
N ASN QA 125 55.85 -0.20 73.14
CA ASN QA 125 55.84 -0.19 74.60
C ASN QA 125 54.49 -0.72 75.07
N THR QA 126 54.47 -1.94 75.55
CA THR QA 126 53.25 -2.59 76.02
C THR QA 126 53.30 -2.70 77.54
N THR QA 127 52.25 -2.21 78.20
CA THR QA 127 52.12 -2.29 79.65
C THR QA 127 50.80 -2.98 79.96
N ILE QA 128 50.88 -4.21 80.48
CA ILE QA 128 49.71 -4.99 80.83
C ILE QA 128 49.59 -5.00 82.34
N SER QA 129 48.37 -4.73 82.83
CA SER QA 129 48.06 -4.76 84.25
C SER QA 129 46.98 -5.79 84.48
N LEU QA 130 47.16 -6.61 85.52
CA LEU QA 130 46.26 -7.71 85.79
C LEU QA 130 45.85 -7.68 87.26
N ARG QA 131 44.76 -8.38 87.55
CA ARG QA 131 44.38 -8.67 88.93
C ARG QA 131 44.95 -10.03 89.32
N SER QA 132 44.70 -10.43 90.57
CA SER QA 132 45.19 -11.73 91.03
C SER QA 132 44.55 -12.87 90.23
N SER QA 133 43.27 -12.77 89.93
CA SER QA 133 42.54 -13.82 89.22
C SER QA 133 42.60 -13.66 87.71
N SER QA 134 43.14 -12.56 87.20
CA SER QA 134 43.17 -12.34 85.76
C SER QA 134 44.09 -13.35 85.07
N GLN QA 135 43.68 -13.78 83.89
CA GLN QA 135 44.47 -14.66 83.05
C GLN QA 135 44.87 -13.93 81.78
N LEU QA 136 46.13 -14.08 81.39
CA LEU QA 136 46.66 -13.41 80.21
C LEU QA 136 47.45 -14.41 79.38
N LEU QA 137 47.27 -14.33 78.06
CA LEU QA 137 48.05 -15.10 77.10
C LEU QA 137 48.58 -14.10 76.08
N TYR QA 138 49.71 -13.48 76.39
CA TYR QA 138 50.30 -12.48 75.52
C TYR QA 138 51.24 -13.16 74.52
N SER QA 139 51.33 -12.59 73.33
CA SER QA 139 52.20 -13.17 72.31
C SER QA 139 52.74 -12.05 71.42
N ALA QA 140 53.89 -12.33 70.81
CA ALA QA 140 54.49 -11.41 69.86
C ALA QA 140 55.40 -12.19 68.93
N ILE QA 141 55.23 -12.00 67.64
CA ILE QA 141 56.07 -12.62 66.62
C ILE QA 141 56.82 -11.52 65.89
N ILE QA 142 58.13 -11.68 65.75
CA ILE QA 142 58.97 -10.74 65.04
C ILE QA 142 59.65 -11.48 63.90
N VAL QA 143 59.55 -10.93 62.70
CA VAL QA 143 60.18 -11.51 61.52
C VAL QA 143 61.42 -10.70 61.20
N ALA QA 144 62.41 -11.37 60.61
CA ALA QA 144 63.65 -10.70 60.22
C ALA QA 144 63.46 -9.73 59.07
N GLY QA 145 62.31 -9.75 58.42
CA GLY QA 145 62.03 -8.91 57.28
C GLY QA 145 61.32 -9.71 56.21
N ARG QA 146 61.33 -9.17 54.99
CA ARG QA 146 60.75 -9.87 53.85
C ARG QA 146 61.72 -10.96 53.44
N VAL QA 147 61.57 -12.14 54.07
CA VAL QA 147 62.56 -13.21 53.94
C VAL QA 147 62.62 -13.72 52.51
N ALA QA 148 61.46 -13.92 51.89
CA ALA QA 148 61.42 -14.55 50.57
C ALA QA 148 62.11 -13.72 49.49
N ARG QA 149 62.33 -12.44 49.73
CA ARG QA 149 63.06 -11.59 48.79
C ARG QA 149 64.44 -11.19 49.32
N ASN QA 150 65.01 -11.98 50.22
CA ASN QA 150 66.36 -11.78 50.74
C ASN QA 150 66.52 -10.41 51.41
N GLU QA 151 65.49 -9.98 52.13
CA GLU QA 151 65.55 -8.77 52.95
C GLU QA 151 65.65 -9.21 54.41
N LEU QA 152 66.86 -9.49 54.85
CA LEU QA 152 67.12 -10.03 56.18
C LEU QA 152 67.82 -8.98 57.03
N PHE QA 153 67.19 -8.58 58.13
CA PHE QA 153 67.77 -7.67 59.11
C PHE QA 153 68.26 -6.38 58.46
N LYS QA 154 67.48 -5.88 57.50
CA LYS QA 154 67.80 -4.63 56.84
C LYS QA 154 67.15 -3.43 57.50
N PHE QA 155 66.38 -3.64 58.56
CA PHE QA 155 65.69 -2.56 59.24
C PHE QA 155 66.69 -1.76 60.09
N ASN QA 156 66.25 -0.57 60.49
CA ASN QA 156 67.10 0.30 61.30
C ASN QA 156 67.21 -0.22 62.73
N ARG QA 157 66.07 -0.30 63.43
CA ARG QA 157 66.08 -0.69 64.83
C ARG QA 157 64.69 -1.11 65.26
N LEU QA 158 64.62 -2.16 66.07
CA LEU QA 158 63.37 -2.65 66.63
C LEU QA 158 63.51 -2.69 68.15
N HIS QA 159 62.86 -1.77 68.84
CA HIS QA 159 62.83 -1.77 70.29
C HIS QA 159 61.41 -2.13 70.74
N THR QA 160 61.31 -3.14 71.61
CA THR QA 160 60.02 -3.59 72.10
C THR QA 160 60.14 -3.84 73.60
N LYS QA 161 59.43 -3.06 74.39
CA LYS QA 161 59.40 -3.23 75.84
C LYS QA 161 58.04 -3.78 76.24
N ILE QA 162 58.03 -4.83 77.06
CA ILE QA 162 56.83 -5.42 77.61
C ILE QA 162 56.95 -5.41 79.12
N SER QA 163 55.92 -4.89 79.80
CA SER QA 163 55.90 -4.82 81.25
C SER QA 163 54.56 -5.36 81.73
N ILE QA 164 54.59 -6.54 82.36
CA ILE QA 164 53.38 -7.17 82.89
C ILE QA 164 53.40 -7.06 84.40
N LEU QA 165 52.38 -6.40 84.95
CA LEU QA 165 52.23 -6.18 86.38
C LEU QA 165 50.99 -6.92 86.86
N GLN QA 166 51.11 -7.56 88.02
CA GLN QA 166 49.99 -8.24 88.65
C GLN QA 166 49.74 -7.64 90.02
N ASP QA 167 48.50 -7.23 90.27
CA ASP QA 167 48.14 -6.54 91.51
C ASP QA 167 49.04 -5.34 91.76
N GLU QA 168 49.33 -4.61 90.68
CA GLU QA 168 50.21 -3.44 90.71
C GLU QA 168 51.60 -3.81 91.25
N LYS QA 169 52.08 -4.99 90.87
CA LYS QA 169 53.41 -5.45 91.24
C LYS QA 169 54.04 -6.07 89.99
N PRO QA 170 55.29 -5.71 89.67
CA PRO QA 170 55.90 -6.21 88.44
C PRO QA 170 56.13 -7.71 88.50
N ILE QA 171 55.66 -8.42 87.48
CA ILE QA 171 55.86 -9.86 87.40
C ILE QA 171 56.56 -10.27 86.11
N TYR QA 172 56.61 -9.44 85.08
CA TYR QA 172 57.32 -9.81 83.87
C TYR QA 172 57.89 -8.56 83.21
N TYR QA 173 59.16 -8.65 82.79
CA TYR QA 173 59.82 -7.59 82.04
C TYR QA 173 60.47 -8.20 80.81
N ASP QA 174 60.33 -7.53 79.68
CA ASP QA 174 60.98 -7.95 78.45
C ASP QA 174 61.46 -6.73 77.70
N ASN QA 175 62.70 -6.78 77.21
CA ASN QA 175 63.30 -5.67 76.47
C ASN QA 175 64.00 -6.26 75.24
N THR QA 176 63.25 -6.39 74.15
CA THR QA 176 63.78 -6.93 72.92
C THR QA 176 64.32 -5.78 72.07
N ILE QA 177 65.64 -5.75 71.88
CA ILE QA 177 66.29 -4.75 71.06
C ILE QA 177 66.99 -5.47 69.92
N LEU QA 178 66.63 -5.13 68.69
CA LEU QA 178 67.24 -5.68 67.48
C LEU QA 178 67.83 -4.52 66.70
N ASP QA 179 69.16 -4.42 66.71
CA ASP QA 179 69.87 -3.37 65.99
C ASP QA 179 70.95 -4.04 65.13
N PRO QA 180 70.67 -4.27 63.85
CA PRO QA 180 71.67 -4.93 63.00
C PRO QA 180 72.96 -4.13 62.87
N LYS QA 181 72.90 -2.81 63.00
CA LYS QA 181 74.11 -2.00 62.91
C LYS QA 181 75.08 -2.30 64.03
N THR QA 182 74.57 -2.46 65.26
CA THR QA 182 75.45 -2.67 66.41
C THR QA 182 76.01 -4.09 66.42
N THR QA 183 75.20 -5.08 66.07
CA THR QA 183 75.64 -6.47 66.12
C THR QA 183 74.94 -7.26 65.02
N ASP QA 184 75.53 -8.39 64.67
CA ASP QA 184 74.96 -9.27 63.66
C ASP QA 184 73.91 -10.16 64.32
N LEU QA 185 72.64 -9.91 64.02
CA LEU QA 185 71.56 -10.70 64.58
C LEU QA 185 71.51 -12.12 64.04
N ASN QA 186 72.30 -12.43 63.02
CA ASN QA 186 72.37 -13.78 62.46
C ASN QA 186 73.34 -14.68 63.20
N ASN QA 187 73.96 -14.19 64.28
CA ASN QA 187 74.95 -14.99 65.00
C ASN QA 187 74.28 -16.16 65.72
N MET QA 188 75.11 -17.01 66.31
CA MET QA 188 74.64 -18.24 66.93
C MET QA 188 73.82 -18.00 68.20
N CYS QA 189 73.86 -16.80 68.76
CA CYS QA 189 73.13 -16.51 70.00
C CYS QA 189 71.87 -15.69 69.80
N MET QA 190 71.73 -15.00 68.66
CA MET QA 190 70.54 -14.18 68.43
C MET QA 190 69.47 -14.92 67.65
N PHE QA 191 69.79 -15.35 66.43
CA PHE QA 191 68.80 -16.01 65.59
C PHE QA 191 69.30 -17.34 65.04
N ASP QA 192 70.62 -17.45 64.86
CA ASP QA 192 71.25 -18.68 64.39
C ASP QA 192 70.65 -19.15 63.06
N GLY QA 193 70.44 -18.21 62.14
CA GLY QA 193 69.91 -18.53 60.84
C GLY QA 193 68.39 -18.63 60.78
N TYR QA 194 67.71 -18.47 61.90
CA TYR QA 194 66.25 -18.42 61.89
C TYR QA 194 65.77 -17.01 61.56
N THR QA 195 64.56 -16.92 61.05
CA THR QA 195 64.00 -15.66 60.60
C THR QA 195 62.78 -15.20 61.38
N HIS QA 196 62.09 -16.09 62.08
CA HIS QA 196 60.87 -15.76 62.80
C HIS QA 196 61.05 -16.13 64.27
N TYR QA 197 60.69 -15.20 65.15
CA TYR QA 197 60.88 -15.37 66.59
C TYR QA 197 59.55 -15.15 67.30
N LEU QA 198 59.14 -16.12 68.09
CA LEU QA 198 57.92 -16.07 68.88
C LEU QA 198 58.25 -15.93 70.35
N ASN QA 199 57.65 -14.94 71.01
CA ASN QA 199 57.73 -14.77 72.45
C ASN QA 199 56.31 -14.78 73.00
N LEU QA 200 56.03 -15.72 73.89
CA LEU QA 200 54.69 -15.91 74.43
C LEU QA 200 54.77 -15.96 75.94
N VAL QA 201 53.82 -15.32 76.61
CA VAL QA 201 53.77 -15.27 78.06
C VAL QA 201 52.39 -15.75 78.51
N LEU QA 202 52.36 -16.78 79.34
CA LEU QA 202 51.14 -17.30 79.95
C LEU QA 202 51.17 -16.94 81.42
N VAL QA 203 50.21 -16.10 81.84
CA VAL QA 203 50.10 -15.65 83.22
C VAL QA 203 48.81 -16.24 83.79
N ASN QA 204 48.94 -16.97 84.90
CA ASN QA 204 47.82 -17.56 85.62
C ASN QA 204 47.04 -18.57 84.78
N CYS QA 205 47.57 -18.98 83.64
CA CYS QA 205 46.87 -19.97 82.84
C CYS QA 205 46.96 -21.35 83.49
N PRO QA 206 45.91 -22.16 83.42
CA PRO QA 206 45.90 -23.50 84.04
C PRO QA 206 46.51 -24.58 83.15
N ILE QA 207 47.73 -24.33 82.67
CA ILE QA 207 48.45 -25.25 81.80
C ILE QA 207 49.77 -25.59 82.45
N GLU QA 208 50.17 -26.86 82.34
CA GLU QA 208 51.39 -27.33 82.98
C GLU QA 208 52.59 -27.16 82.06
N LEU QA 209 53.76 -26.96 82.69
CA LEU QA 209 55.00 -26.86 81.93
C LEU QA 209 55.25 -28.12 81.13
N SER QA 210 54.87 -29.29 81.67
CA SER QA 210 55.01 -30.53 80.92
C SER QA 210 54.15 -30.51 79.65
N GLY QA 211 52.91 -30.03 79.76
CA GLY QA 211 52.06 -29.95 78.60
C GLY QA 211 52.58 -28.98 77.56
N VAL QA 212 53.06 -27.81 78.00
CA VAL QA 212 53.62 -26.85 77.06
C VAL QA 212 54.86 -27.41 76.37
N ARG QA 213 55.71 -28.11 77.14
CA ARG QA 213 56.90 -28.71 76.56
C ARG QA 213 56.55 -29.79 75.55
N GLU QA 214 55.53 -30.60 75.85
CA GLU QA 214 55.09 -31.61 74.89
C GLU QA 214 54.57 -30.96 73.61
N CYS QA 215 53.81 -29.87 73.74
CA CYS QA 215 53.33 -29.16 72.57
C CYS QA 215 54.48 -28.62 71.73
N ILE QA 216 55.48 -28.01 72.39
CA ILE QA 216 56.63 -27.47 71.66
C ILE QA 216 57.39 -28.58 70.96
N GLU QA 217 57.59 -29.71 71.64
CA GLU QA 217 58.34 -30.81 71.05
C GLU QA 217 57.59 -31.40 69.85
N GLU QA 218 56.28 -31.57 69.96
CA GLU QA 218 55.53 -32.16 68.86
C GLU QA 218 55.32 -31.17 67.71
N SER QA 219 55.46 -29.87 67.97
CA SER QA 219 55.42 -28.90 66.89
C SER QA 219 56.65 -29.04 66.00
N GLU QA 220 56.44 -29.10 64.70
CA GLU QA 220 57.50 -29.37 63.74
C GLU QA 220 58.06 -28.08 63.15
N GLY QA 221 59.34 -28.12 62.80
CA GLY QA 221 60.00 -26.99 62.17
C GLY QA 221 60.31 -25.83 63.08
N VAL QA 222 60.19 -26.01 64.39
CA VAL QA 222 60.38 -24.93 65.35
C VAL QA 222 61.40 -25.36 66.40
N ASP QA 223 62.38 -24.51 66.65
CA ASP QA 223 63.34 -24.69 67.74
C ASP QA 223 62.86 -23.81 68.88
N GLY QA 224 62.17 -24.41 69.85
CA GLY QA 224 61.51 -23.65 70.90
C GLY QA 224 61.75 -24.26 72.27
N ALA QA 225 61.41 -23.46 73.28
CA ALA QA 225 61.56 -23.89 74.66
C ALA QA 225 60.61 -23.09 75.53
N VAL QA 226 60.31 -23.63 76.71
CA VAL QA 226 59.41 -23.02 77.68
C VAL QA 226 60.01 -23.14 79.06
N SER QA 227 59.95 -22.05 79.83
CA SER QA 227 60.45 -22.03 81.19
C SER QA 227 59.47 -21.30 82.08
N GLU QA 228 59.80 -21.23 83.37
CA GLU QA 228 59.00 -20.54 84.36
C GLU QA 228 59.75 -19.29 84.81
N THR QA 229 59.06 -18.15 84.82
CA THR QA 229 59.67 -16.89 85.23
C THR QA 229 59.77 -16.85 86.74
N ALA QA 230 60.26 -15.71 87.26
CA ALA QA 230 60.39 -15.57 88.71
C ALA QA 230 59.04 -15.63 89.40
N SER QA 231 58.01 -15.03 88.79
CA SER QA 231 56.67 -14.99 89.36
C SER QA 231 55.86 -16.25 89.07
N SER QA 232 56.52 -17.35 88.70
CA SER QA 232 55.86 -18.64 88.47
C SER QA 232 54.79 -18.54 87.38
N HIS QA 233 55.18 -17.96 86.24
CA HIS QA 233 54.33 -17.89 85.06
C HIS QA 233 55.15 -18.33 83.85
N LEU QA 234 54.47 -18.90 82.87
CA LEU QA 234 55.18 -19.58 81.79
C LEU QA 234 55.64 -18.61 80.72
N CYS QA 235 56.85 -18.82 80.22
CA CYS QA 235 57.41 -18.03 79.13
C CYS QA 235 57.92 -18.99 78.06
N VAL QA 236 57.47 -18.78 76.82
CA VAL QA 236 57.83 -19.62 75.69
C VAL QA 236 58.58 -18.78 74.69
N LYS QA 237 59.74 -19.25 74.26
CA LYS QA 237 60.52 -18.62 73.22
C LYS QA 237 60.79 -19.63 72.11
N ALA QA 238 60.44 -19.27 70.88
CA ALA QA 238 60.57 -20.20 69.77
C ALA QA 238 61.18 -19.49 68.57
N LEU QA 239 61.89 -20.25 67.74
CA LEU QA 239 62.44 -19.75 66.49
C LEU QA 239 62.02 -20.68 65.36
N ALA QA 240 61.82 -20.09 64.19
CA ALA QA 240 61.38 -20.86 63.04
C ALA QA 240 61.82 -20.18 61.76
N LYS QA 241 61.85 -20.96 60.68
CA LYS QA 241 62.19 -20.41 59.37
C LYS QA 241 61.02 -19.61 58.80
N GLY QA 242 59.78 -20.02 59.10
CA GLY QA 242 58.61 -19.31 58.64
C GLY QA 242 57.65 -19.05 59.78
N SER QA 243 56.66 -18.21 59.51
CA SER QA 243 55.68 -17.86 60.53
C SER QA 243 54.60 -18.91 60.69
N GLU QA 244 54.45 -19.83 59.74
CA GLU QA 244 53.44 -20.87 59.85
C GLU QA 244 53.68 -21.79 61.05
N PRO QA 245 54.87 -22.34 61.27
CA PRO QA 245 55.06 -23.15 62.48
C PRO QA 245 54.83 -22.38 63.77
N LEU QA 246 55.25 -21.12 63.81
CA LEU QA 246 55.06 -20.33 65.03
C LEU QA 246 53.58 -20.06 65.29
N LEU QA 247 52.82 -19.72 64.26
CA LEU QA 247 51.38 -19.51 64.43
C LEU QA 247 50.69 -20.79 64.84
N HIS QA 248 51.08 -21.93 64.24
CA HIS QA 248 50.48 -23.20 64.62
C HIS QA 248 50.79 -23.54 66.07
N LEU QA 249 52.03 -23.31 66.51
CA LEU QA 249 52.38 -23.56 67.90
C LEU QA 249 51.61 -22.66 68.84
N ARG QA 250 51.47 -21.39 68.49
CA ARG QA 250 50.73 -20.46 69.34
C ARG QA 250 49.27 -20.86 69.46
N GLU QA 251 48.64 -21.24 68.34
CA GLU QA 251 47.25 -21.66 68.41
C GLU QA 251 47.10 -22.98 69.15
N LYS QA 252 48.08 -23.87 69.04
CA LYS QA 252 48.04 -25.11 69.81
C LYS QA 252 48.09 -24.82 71.31
N ILE QA 253 48.98 -23.91 71.73
CA ILE QA 253 49.08 -23.56 73.14
C ILE QA 253 47.79 -22.88 73.61
N ALA QA 254 47.24 -21.99 72.78
CA ALA QA 254 45.99 -21.32 73.14
C ALA QA 254 44.85 -22.31 73.29
N ARG QA 255 44.76 -23.30 72.39
CA ARG QA 255 43.74 -24.32 72.50
C ARG QA 255 43.93 -25.15 73.76
N LEU QA 256 45.18 -25.49 74.09
CA LEU QA 256 45.44 -26.24 75.30
C LEU QA 256 45.03 -25.45 76.54
N VAL QA 257 45.23 -24.14 76.52
CA VAL QA 257 44.83 -23.30 77.65
C VAL QA 257 43.32 -23.22 77.74
N THR QA 258 42.64 -23.04 76.61
CA THR QA 258 41.20 -22.81 76.63
C THR QA 258 40.40 -24.09 76.88
N GLN QA 259 40.91 -25.26 76.46
CA GLN QA 259 40.18 -26.50 76.65
C GLN QA 259 40.04 -26.87 78.13
N THR QA 260 40.83 -26.27 79.00
CA THR QA 260 40.70 -26.50 80.43
C THR QA 260 39.43 -25.87 80.97
N ASP RA 30 97.09 -7.15 97.79
CA ASP RA 30 96.36 -5.89 97.86
C ASP RA 30 94.94 -6.06 97.32
N ASN RA 31 94.44 -5.00 96.66
CA ASN RA 31 93.08 -5.06 96.11
C ASN RA 31 92.97 -6.14 95.05
N GLU RA 32 93.95 -6.23 94.15
CA GLU RA 32 93.92 -7.25 93.11
C GLU RA 32 94.02 -8.65 93.72
N PHE RA 33 94.86 -8.81 94.74
CA PHE RA 33 94.98 -10.11 95.39
C PHE RA 33 93.66 -10.52 96.05
N LEU RA 34 93.00 -9.59 96.72
CA LEU RA 34 91.71 -9.91 97.35
C LEU RA 34 90.65 -10.20 96.30
N ILE RA 35 90.64 -9.47 95.18
CA ILE RA 35 89.71 -9.76 94.09
C ILE RA 35 89.93 -11.17 93.58
N LEU RA 36 91.19 -11.53 93.32
CA LEU RA 36 91.49 -12.87 92.82
C LEU RA 36 91.08 -13.93 93.83
N GLN RA 37 91.34 -13.69 95.11
CA GLN RA 37 91.00 -14.66 96.14
C GLN RA 37 89.50 -14.89 96.22
N VAL RA 38 88.72 -13.81 96.24
CA VAL RA 38 87.26 -13.96 96.35
C VAL RA 38 86.69 -14.58 95.07
N ASN RA 39 87.23 -14.20 93.91
CA ASN RA 39 86.79 -14.80 92.66
C ASN RA 39 87.05 -16.29 92.63
N ASP RA 40 88.24 -16.71 93.07
CA ASP RA 40 88.56 -18.14 93.12
C ASP RA 40 87.69 -18.87 94.13
N ALA RA 41 87.41 -18.25 95.27
CA ALA RA 41 86.60 -18.90 96.29
C ALA RA 41 85.12 -18.95 95.91
N VAL RA 42 84.67 -18.09 94.99
CA VAL RA 42 83.27 -18.06 94.61
C VAL RA 42 83.00 -18.87 93.35
N PHE RA 43 83.63 -18.49 92.24
CA PHE RA 43 83.22 -18.99 90.93
C PHE RA 43 83.71 -20.42 90.67
N PRO RA 44 85.02 -20.71 90.74
CA PRO RA 44 85.44 -22.12 90.57
C PRO RA 44 84.88 -23.04 91.63
N ILE RA 45 84.70 -22.57 92.85
CA ILE RA 45 84.16 -23.38 93.92
C ILE RA 45 82.63 -23.40 93.85
N THR RA 49 80.94 -25.18 86.89
CA THR RA 49 79.80 -26.07 86.92
C THR RA 49 78.60 -25.49 86.17
N HIS RA 50 78.68 -24.20 85.87
CA HIS RA 50 77.63 -23.49 85.16
C HIS RA 50 78.02 -23.31 83.70
N SER RA 51 77.13 -23.71 82.79
CA SER RA 51 77.39 -23.65 81.36
C SER RA 51 76.70 -22.48 80.67
N PHE RA 52 75.58 -22.00 81.20
CA PHE RA 52 74.81 -20.92 80.59
C PHE RA 52 74.44 -21.24 79.14
N GLY RA 53 74.04 -22.49 78.90
CA GLY RA 53 73.60 -22.91 77.58
C GLY RA 53 74.68 -23.51 76.70
N LEU RA 54 75.94 -23.41 77.09
CA LEU RA 54 77.01 -24.01 76.28
C LEU RA 54 76.85 -25.53 76.19
N GLU RA 55 76.40 -26.15 77.28
CA GLU RA 55 76.13 -27.59 77.25
C GLU RA 55 75.02 -27.91 76.25
N THR RA 56 73.98 -27.08 76.20
CA THR RA 56 72.91 -27.29 75.23
C THR RA 56 73.43 -27.13 73.81
N TYR RA 57 74.29 -26.13 73.58
CA TYR RA 57 74.86 -25.96 72.24
C TYR RA 57 75.70 -27.17 71.84
N ILE RA 58 76.51 -27.69 72.76
CA ILE RA 58 77.34 -28.86 72.45
C ILE RA 58 76.46 -30.06 72.17
N GLN RA 59 75.42 -30.27 72.99
CA GLN RA 59 74.54 -31.42 72.79
C GLN RA 59 73.77 -31.32 71.48
N GLN RA 60 73.40 -30.11 71.07
CA GLN RA 60 72.74 -29.91 69.78
C GLN RA 60 73.73 -29.82 68.64
N LYS RA 61 75.03 -29.90 68.93
CA LYS RA 61 76.08 -30.00 67.91
C LYS RA 61 76.25 -28.71 67.14
N LYS RA 62 76.07 -27.58 67.82
CA LYS RA 62 76.35 -26.27 67.23
C LYS RA 62 77.76 -25.80 67.51
N VAL RA 63 78.36 -26.24 68.61
CA VAL RA 63 79.74 -25.94 68.96
C VAL RA 63 80.52 -27.25 68.88
N THR RA 64 81.49 -27.31 67.98
CA THR RA 64 82.23 -28.54 67.75
C THR RA 64 83.74 -28.35 67.81
N ASN RA 65 84.26 -27.23 67.32
CA ASN RA 65 85.70 -27.05 67.18
C ASN RA 65 86.07 -25.66 67.66
N LYS RA 66 87.32 -25.26 67.41
CA LYS RA 66 87.83 -24.00 67.93
C LYS RA 66 87.09 -22.80 67.35
N GLU RA 67 86.89 -22.79 66.02
CA GLU RA 67 86.24 -21.63 65.41
C GLU RA 67 84.78 -21.53 65.84
N SER RA 68 84.08 -22.67 65.93
CA SER RA 68 82.70 -22.65 66.38
C SER RA 68 82.60 -22.18 67.83
N ALA RA 69 83.49 -22.66 68.70
CA ALA RA 69 83.48 -22.21 70.08
C ALA RA 69 83.81 -20.73 70.18
N LEU RA 70 84.76 -20.25 69.37
CA LEU RA 70 85.08 -18.83 69.36
C LEU RA 70 83.89 -17.98 68.92
N GLU RA 71 83.19 -18.43 67.87
CA GLU RA 71 82.01 -17.69 67.41
C GLU RA 71 80.93 -17.67 68.48
N TYR RA 72 80.69 -18.81 69.14
CA TYR RA 72 79.69 -18.84 70.20
C TYR RA 72 80.07 -17.91 71.34
N LEU RA 73 81.34 -17.94 71.75
CA LEU RA 73 81.77 -17.09 72.86
C LEU RA 73 81.65 -15.63 72.50
N LYS RA 74 82.06 -15.26 71.28
CA LYS RA 74 81.94 -13.87 70.85
C LYS RA 74 80.48 -13.43 70.83
N ALA RA 75 79.59 -14.27 70.28
CA ALA RA 75 78.17 -13.90 70.24
C ALA RA 75 77.58 -13.77 71.64
N ASN RA 76 77.91 -14.70 72.53
CA ASN RA 76 77.37 -14.66 73.88
C ASN RA 76 77.87 -13.42 74.62
N LEU RA 77 79.16 -13.13 74.52
CA LEU RA 77 79.71 -11.94 75.16
C LEU RA 77 79.10 -10.68 74.59
N SER RA 78 78.88 -10.64 73.28
CA SER RA 78 78.32 -9.45 72.65
C SER RA 78 76.88 -9.22 73.10
N SER RA 79 76.08 -10.28 73.18
CA SER RA 79 74.67 -10.07 73.50
C SER RA 79 74.35 -10.21 74.98
N GLN RA 80 74.51 -11.43 75.51
CA GLN RA 80 73.93 -11.72 76.83
C GLN RA 80 74.81 -11.18 77.94
N PHE RA 81 76.11 -11.49 77.88
CA PHE RA 81 77.03 -10.97 78.88
C PHE RA 81 77.05 -9.44 78.87
N LEU RA 82 77.02 -8.84 77.69
CA LEU RA 82 77.09 -7.39 77.60
C LEU RA 82 75.82 -6.72 78.14
N TYR RA 83 74.65 -7.21 77.74
CA TYR RA 83 73.42 -6.53 78.07
C TYR RA 83 72.76 -7.03 79.35
N THR RA 84 73.34 -8.02 80.02
CA THR RA 84 72.78 -8.51 81.27
C THR RA 84 73.75 -8.47 82.44
N GLU RA 85 75.05 -8.66 82.20
CA GLU RA 85 76.03 -8.71 83.27
C GLU RA 85 76.90 -7.47 83.34
N MET RA 86 77.56 -7.08 82.24
CA MET RA 86 78.42 -5.91 82.27
C MET RA 86 77.60 -4.62 82.45
N LEU RA 87 76.47 -4.52 81.75
CA LEU RA 87 75.63 -3.33 81.91
C LEU RA 87 75.08 -3.25 83.32
N SER RA 88 74.64 -4.37 83.89
CA SER RA 88 74.15 -4.38 85.26
C SER RA 88 75.27 -4.02 86.24
N LEU RA 89 76.48 -4.50 85.97
CA LEU RA 89 77.62 -4.16 86.82
C LEU RA 89 77.88 -2.65 86.81
N LYS RA 90 77.89 -2.05 85.62
CA LYS RA 90 78.10 -0.62 85.51
C LYS RA 90 76.99 0.16 86.20
N LEU RA 91 75.74 -0.27 86.01
CA LEU RA 91 74.62 0.42 86.63
C LEU RA 91 74.68 0.35 88.14
N THR RA 92 75.02 -0.82 88.68
CA THR RA 92 75.15 -0.97 90.12
C THR RA 92 76.32 -0.16 90.67
N TYR RA 93 77.42 -0.09 89.90
CA TYR RA 93 78.55 0.73 90.32
C TYR RA 93 78.15 2.20 90.41
N GLU RA 94 77.45 2.70 89.39
CA GLU RA 94 77.00 4.09 89.42
C GLU RA 94 76.01 4.32 90.55
N SER RA 95 75.09 3.39 90.76
CA SER RA 95 74.08 3.56 91.80
C SER RA 95 74.71 3.53 93.19
N ALA RA 96 75.73 2.70 93.38
CA ALA RA 96 76.41 2.68 94.68
C ALA RA 96 77.28 3.91 94.87
N LEU RA 97 77.87 4.44 93.79
CA LEU RA 97 78.59 5.70 93.90
C LEU RA 97 77.65 6.83 94.28
N GLN RA 98 76.42 6.81 93.76
CA GLN RA 98 75.40 7.78 94.16
C GLN RA 98 74.69 7.40 95.44
N GLN RA 99 74.98 6.23 96.01
CA GLN RA 99 74.33 5.72 97.22
C GLN RA 99 72.82 5.58 97.02
N ASP RA 100 72.45 4.96 95.90
CA ASP RA 100 71.04 4.75 95.55
C ASP RA 100 70.69 3.28 95.77
N LEU RA 101 70.36 2.95 97.02
CA LEU RA 101 69.94 1.59 97.34
C LEU RA 101 68.65 1.23 96.62
N LYS RA 102 67.72 2.19 96.51
CA LYS RA 102 66.48 1.93 95.79
C LYS RA 102 66.76 1.62 94.33
N LYS RA 103 67.68 2.35 93.72
CA LYS RA 103 68.04 2.09 92.32
C LYS RA 103 68.70 0.71 92.18
N ILE RA 104 69.57 0.34 93.12
CA ILE RA 104 70.19 -0.98 93.06
C ILE RA 104 69.13 -2.07 93.15
N LEU RA 105 68.19 -1.92 94.09
CA LEU RA 105 67.15 -2.93 94.26
C LEU RA 105 66.24 -2.99 93.03
N GLY RA 106 65.94 -1.83 92.43
CA GLY RA 106 65.14 -1.82 91.23
C GLY RA 106 65.83 -2.51 90.06
N VAL RA 107 67.15 -2.28 89.92
CA VAL RA 107 67.90 -2.95 88.87
C VAL RA 107 67.89 -4.46 89.10
N GLU RA 108 68.08 -4.89 90.34
CA GLU RA 108 68.05 -6.32 90.64
C GLU RA 108 66.68 -6.92 90.33
N GLU RA 109 65.61 -6.20 90.68
CA GLU RA 109 64.26 -6.67 90.39
C GLU RA 109 64.03 -6.78 88.89
N VAL RA 110 64.50 -5.80 88.13
CA VAL RA 110 64.37 -5.84 86.67
C VAL RA 110 65.10 -7.05 86.11
N ILE RA 111 66.32 -7.30 86.59
CA ILE RA 111 67.09 -8.45 86.11
C ILE RA 111 66.36 -9.74 86.42
N MET RA 112 65.86 -9.87 87.65
CA MET RA 112 65.18 -11.10 88.06
C MET RA 112 63.93 -11.34 87.24
N LEU RA 113 63.14 -10.29 86.99
CA LEU RA 113 61.90 -10.44 86.24
C LEU RA 113 62.14 -10.56 84.74
N SER RA 114 63.31 -10.16 84.24
CA SER RA 114 63.62 -10.33 82.83
C SER RA 114 64.32 -11.65 82.52
N THR RA 115 64.94 -12.28 83.51
CA THR RA 115 65.65 -13.54 83.30
C THR RA 115 64.63 -14.67 83.14
N SER RA 116 64.15 -14.82 81.92
CA SER RA 116 63.19 -15.88 81.62
C SER RA 116 63.73 -17.29 81.89
N PRO RA 117 64.93 -17.66 81.46
CA PRO RA 117 65.39 -19.04 81.69
C PRO RA 117 65.55 -19.35 83.19
N MET RA 118 64.90 -20.43 83.61
CA MET RA 118 64.98 -20.83 85.01
C MET RA 118 66.41 -21.21 85.41
N GLU RA 119 67.12 -21.92 84.54
CA GLU RA 119 68.49 -22.30 84.86
C GLU RA 119 69.38 -21.07 85.01
N LEU RA 120 69.26 -20.10 84.10
CA LEU RA 120 70.06 -18.89 84.20
C LEU RA 120 69.72 -18.11 85.47
N ARG RA 121 68.42 -17.99 85.78
CA ARG RA 121 68.02 -17.27 86.98
C ARG RA 121 68.57 -17.94 88.23
N LEU RA 122 68.44 -19.27 88.31
CA LEU RA 122 68.93 -19.99 89.47
C LEU RA 122 70.44 -19.88 89.60
N ALA RA 123 71.17 -19.98 88.47
CA ALA RA 123 72.62 -19.86 88.51
C ALA RA 123 73.04 -18.47 88.99
N ASN RA 124 72.39 -17.43 88.47
CA ASN RA 124 72.74 -16.07 88.89
C ASN RA 124 72.45 -15.86 90.37
N GLN RA 125 71.29 -16.34 90.85
CA GLN RA 125 70.96 -16.19 92.26
C GLN RA 125 71.95 -16.95 93.14
N LYS RA 126 72.30 -18.17 92.75
CA LYS RA 126 73.25 -18.96 93.54
C LYS RA 126 74.61 -18.29 93.58
N LEU RA 127 75.08 -17.78 92.44
CA LEU RA 127 76.38 -17.12 92.41
C LEU RA 127 76.37 -15.85 93.24
N GLY RA 128 75.30 -15.07 93.18
CA GLY RA 128 75.22 -13.87 93.99
C GLY RA 128 75.18 -14.19 95.47
N ASN RA 129 74.41 -15.20 95.87
CA ASN RA 129 74.38 -15.61 97.27
C ASN RA 129 75.74 -16.10 97.73
N ARG RA 130 76.42 -16.87 96.89
CA ARG RA 130 77.76 -17.35 97.25
C ARG RA 130 78.74 -16.20 97.42
N PHE RA 131 78.69 -15.23 96.52
CA PHE RA 131 79.56 -14.06 96.63
C PHE RA 131 79.28 -13.28 97.91
N ILE RA 132 77.99 -13.07 98.21
CA ILE RA 132 77.63 -12.33 99.42
C ILE RA 132 78.10 -13.07 100.67
N LYS RA 133 77.88 -14.39 100.71
CA LYS RA 133 78.29 -15.17 101.87
C LYS RA 133 79.80 -15.18 102.03
N THR RA 134 80.53 -15.29 100.93
CA THR RA 134 81.99 -15.28 101.00
C THR RA 134 82.50 -13.94 101.51
N LEU RA 135 81.95 -12.84 101.01
CA LEU RA 135 82.35 -11.53 101.52
C LEU RA 135 81.99 -11.36 102.99
N GLN RA 136 80.84 -11.89 103.41
CA GLN RA 136 80.43 -11.76 104.80
C GLN RA 136 81.34 -12.56 105.73
N ALA RA 137 81.74 -13.77 105.31
CA ALA RA 137 82.41 -14.69 106.22
C ALA RA 137 83.93 -14.68 106.07
N MET RA 138 84.43 -14.96 104.87
CA MET RA 138 85.87 -15.14 104.70
C MET RA 138 86.62 -13.81 104.79
N ASN RA 139 86.08 -12.76 104.18
CA ASN RA 139 86.73 -11.46 104.15
C ASN RA 139 86.55 -10.80 105.51
N GLU RA 140 87.47 -11.07 106.43
CA GLU RA 140 87.42 -10.52 107.78
C GLU RA 140 88.06 -9.13 107.81
N LEU RA 141 87.36 -8.19 107.19
CA LEU RA 141 87.83 -6.82 107.09
C LEU RA 141 86.63 -5.90 106.88
N ASP RA 142 86.85 -4.61 107.07
CA ASP RA 142 85.78 -3.63 106.95
C ASP RA 142 85.44 -3.40 105.47
N MET RA 143 84.51 -4.22 104.95
CA MET RA 143 84.11 -4.07 103.55
C MET RA 143 83.43 -2.74 103.31
N GLY RA 144 82.57 -2.32 104.23
CA GLY RA 144 81.86 -1.05 104.08
C GLY RA 144 80.45 -1.09 104.63
N GLU RA 145 80.03 0.00 105.28
CA GLU RA 145 78.68 0.05 105.83
C GLU RA 145 77.62 -0.05 104.73
N PHE RA 146 77.86 0.62 103.60
CA PHE RA 146 76.91 0.55 102.50
C PHE RA 146 76.77 -0.87 101.97
N PHE RA 147 77.90 -1.57 101.78
CA PHE RA 147 77.84 -2.94 101.30
C PHE RA 147 77.16 -3.85 102.31
N ASN RA 148 77.44 -3.66 103.60
CA ASN RA 148 76.80 -4.48 104.62
C ASN RA 148 75.29 -4.26 104.63
N ALA RA 149 74.85 -3.00 104.53
CA ALA RA 149 73.43 -2.71 104.49
C ALA RA 149 72.78 -3.30 103.25
N TYR RA 150 73.46 -3.20 102.10
CA TYR RA 150 72.92 -3.78 100.87
C TYR RA 150 72.78 -5.29 100.99
N ALA RA 151 73.79 -5.95 101.58
CA ALA RA 151 73.71 -7.40 101.75
C ALA RA 151 72.59 -7.79 102.71
N GLN RA 152 72.39 -7.00 103.78
CA GLN RA 152 71.34 -7.31 104.74
C GLN RA 152 69.95 -6.98 104.22
N LYS RA 153 69.84 -6.11 103.22
CA LYS RA 153 68.53 -5.71 102.71
C LYS RA 153 68.17 -6.34 101.37
N THR RA 154 69.12 -6.95 100.68
CA THR RA 154 68.84 -7.50 99.35
C THR RA 154 68.09 -8.83 99.47
N LYS RA 155 67.41 -9.18 98.38
CA LYS RA 155 66.66 -10.44 98.29
C LYS RA 155 67.23 -11.37 97.24
N ASP RA 156 67.38 -10.90 96.00
CA ASP RA 156 67.85 -11.73 94.88
C ASP RA 156 69.04 -11.02 94.24
N PRO RA 157 70.22 -11.13 94.84
CA PRO RA 157 71.39 -10.41 94.32
C PRO RA 157 72.07 -11.20 93.21
N THR RA 158 72.15 -10.58 92.03
CA THR RA 158 72.90 -11.17 90.93
C THR RA 158 74.39 -11.05 91.19
N HIS RA 159 75.16 -11.98 90.62
CA HIS RA 159 76.62 -11.96 90.81
C HIS RA 159 77.24 -10.70 90.24
N ALA RA 160 76.81 -10.28 89.05
CA ALA RA 160 77.36 -9.09 88.43
C ALA RA 160 77.05 -7.84 89.26
N THR RA 161 75.81 -7.72 89.74
CA THR RA 161 75.44 -6.56 90.55
C THR RA 161 76.19 -6.57 91.87
N SER RA 162 76.36 -7.74 92.48
CA SER RA 162 77.11 -7.84 93.73
C SER RA 162 78.56 -7.42 93.53
N TYR RA 163 79.18 -7.90 92.44
CA TYR RA 163 80.56 -7.49 92.15
C TYR RA 163 80.65 -6.00 91.89
N GLY RA 164 79.66 -5.43 91.19
CA GLY RA 164 79.68 -4.01 90.91
C GLY RA 164 79.58 -3.17 92.18
N VAL RA 165 78.65 -3.51 93.07
CA VAL RA 165 78.52 -2.76 94.30
C VAL RA 165 79.75 -2.96 95.19
N PHE RA 166 80.32 -4.17 95.18
CA PHE RA 166 81.53 -4.41 95.95
C PHE RA 166 82.69 -3.55 95.45
N ALA RA 167 82.87 -3.47 94.13
CA ALA RA 167 83.92 -2.63 93.57
C ALA RA 167 83.67 -1.15 93.87
N ALA RA 168 82.41 -0.72 93.77
CA ALA RA 168 82.10 0.67 94.05
C ALA RA 168 82.40 1.03 95.50
N SER RA 169 82.05 0.13 96.44
CA SER RA 169 82.35 0.39 97.84
C SER RA 169 83.85 0.33 98.11
N LEU RA 170 84.58 -0.55 97.42
CA LEU RA 170 86.02 -0.66 97.62
C LEU RA 170 86.80 0.43 96.89
N GLY RA 171 86.15 1.21 96.04
CA GLY RA 171 86.83 2.27 95.32
C GLY RA 171 87.55 1.83 94.07
N ILE RA 172 87.32 0.60 93.61
CA ILE RA 172 87.99 0.09 92.42
C ILE RA 172 87.51 0.87 91.19
N GLU RA 173 88.41 1.01 90.21
CA GLU RA 173 88.07 1.69 88.98
C GLU RA 173 87.03 0.88 88.20
N LEU RA 174 86.11 1.60 87.56
CA LEU RA 174 85.00 0.95 86.86
C LEU RA 174 85.52 0.11 85.69
N LYS RA 175 86.40 0.68 84.87
CA LYS RA 175 86.92 -0.05 83.72
C LYS RA 175 87.72 -1.27 84.16
N LYS RA 176 88.55 -1.11 85.21
CA LYS RA 176 89.32 -2.24 85.72
C LYS RA 176 88.42 -3.34 86.25
N ALA RA 177 87.37 -2.97 86.99
CA ALA RA 177 86.45 -3.96 87.53
C ALA RA 177 85.75 -4.72 86.41
N LEU RA 178 85.30 -3.99 85.38
CA LEU RA 178 84.65 -4.65 84.24
C LEU RA 178 85.62 -5.59 83.53
N ALA RA 179 86.87 -5.14 83.32
CA ALA RA 179 87.84 -5.98 82.64
C ALA RA 179 88.12 -7.25 83.44
N HIS RA 180 88.28 -7.11 84.75
CA HIS RA 180 88.57 -8.28 85.59
C HIS RA 180 87.40 -9.25 85.60
N TYR RA 181 86.17 -8.74 85.75
CA TYR RA 181 85.00 -9.61 85.78
C TYR RA 181 84.83 -10.33 84.45
N LEU RA 182 84.98 -9.61 83.34
CA LEU RA 182 84.86 -10.23 82.02
C LEU RA 182 85.95 -11.27 81.79
N ASP RA 183 87.19 -10.97 82.21
CA ASP RA 183 88.28 -11.92 82.04
C ASP RA 183 88.03 -13.19 82.84
N ALA RA 184 87.58 -13.06 84.10
CA ALA RA 184 87.32 -14.23 84.91
C ALA RA 184 86.18 -15.07 84.33
N GLN RA 185 85.10 -14.41 83.90
CA GLN RA 185 83.98 -15.15 83.33
C GLN RA 185 84.39 -15.86 82.04
N THR RA 186 85.19 -15.20 81.21
CA THR RA 186 85.64 -15.82 79.97
C THR RA 186 86.61 -16.96 80.24
N SER RA 187 87.44 -16.85 81.27
CA SER RA 187 88.30 -17.97 81.65
C SER RA 187 87.47 -19.18 82.06
N ASN RA 188 86.44 -18.96 82.87
CA ASN RA 188 85.57 -20.06 83.24
C ASN RA 188 84.87 -20.64 82.01
N MET RA 189 84.42 -19.78 81.09
CA MET RA 189 83.74 -20.24 79.90
C MET RA 189 84.66 -21.09 79.03
N VAL RA 190 85.91 -20.65 78.84
CA VAL RA 190 86.82 -21.39 77.98
C VAL RA 190 87.23 -22.71 78.62
N ILE RA 191 87.42 -22.74 79.94
CA ILE RA 191 87.75 -24.02 80.56
C ILE RA 191 86.57 -24.98 80.50
N ASN RA 192 85.34 -24.45 80.66
CA ASN RA 192 84.17 -25.31 80.51
C ASN RA 192 84.08 -25.85 79.08
N CYS RA 193 84.34 -25.01 78.08
CA CYS RA 193 84.27 -25.45 76.69
C CYS RA 193 85.34 -26.50 76.41
N VAL RA 194 86.55 -26.30 76.92
CA VAL RA 194 87.62 -27.26 76.69
C VAL RA 194 87.34 -28.57 77.41
N LYS RA 195 86.61 -28.52 78.53
CA LYS RA 195 86.24 -29.76 79.21
C LYS RA 195 85.11 -30.49 78.50
N SER RA 196 84.16 -29.75 77.93
CA SER RA 196 82.90 -30.32 77.48
C SER RA 196 82.83 -30.64 76.00
N VAL RA 197 83.56 -29.90 75.15
CA VAL RA 197 83.43 -30.10 73.70
C VAL RA 197 83.85 -31.51 73.28
N PRO RA 198 85.03 -32.03 73.67
CA PRO RA 198 86.17 -31.43 74.37
C PRO RA 198 87.20 -30.84 73.41
N LEU RA 199 88.01 -29.90 73.89
CA LEU RA 199 89.09 -29.31 73.12
C LEU RA 199 90.42 -29.62 73.80
N SER RA 200 91.49 -29.04 73.29
CA SER RA 200 92.80 -29.15 73.89
C SER RA 200 93.14 -27.88 74.64
N GLN RA 201 94.05 -28.02 75.62
CA GLN RA 201 94.52 -26.85 76.36
C GLN RA 201 95.15 -25.81 75.44
N ASN RA 202 95.76 -26.27 74.34
CA ASN RA 202 96.29 -25.33 73.36
C ASN RA 202 95.17 -24.50 72.74
N ASP RA 203 94.06 -25.13 72.37
CA ASP RA 203 92.94 -24.38 71.82
C ASP RA 203 92.32 -23.46 72.86
N GLY RA 204 92.25 -23.91 74.11
CA GLY RA 204 91.76 -23.04 75.16
C GLY RA 204 92.60 -21.80 75.33
N GLN RA 205 93.93 -21.97 75.34
CA GLN RA 205 94.83 -20.82 75.42
C GLN RA 205 94.68 -19.92 74.19
N LYS RA 206 94.51 -20.54 73.01
CA LYS RA 206 94.36 -19.75 71.79
C LYS RA 206 93.11 -18.88 71.83
N ILE RA 207 91.98 -19.46 72.24
CA ILE RA 207 90.74 -18.69 72.28
C ILE RA 207 90.78 -17.67 73.41
N LEU RA 208 91.48 -17.97 74.50
CA LEU RA 208 91.67 -16.95 75.55
C LEU RA 208 92.49 -15.78 75.04
N LEU RA 209 93.54 -16.06 74.26
CA LEU RA 209 94.42 -15.01 73.77
C LEU RA 209 93.79 -14.20 72.64
N SER RA 210 92.93 -14.84 71.83
CA SER RA 210 92.36 -14.18 70.66
C SER RA 210 91.15 -13.33 70.97
N LEU RA 211 90.71 -13.28 72.22
CA LEU RA 211 89.54 -12.50 72.61
C LEU RA 211 89.91 -11.17 73.26
N GLN RA 212 91.17 -10.75 73.18
CA GLN RA 212 91.59 -9.52 73.84
C GLN RA 212 90.94 -8.29 73.22
N SER RA 213 90.94 -8.21 71.88
CA SER RA 213 90.30 -7.07 71.22
C SER RA 213 88.80 -7.02 71.47
N PRO RA 214 88.04 -8.10 71.35
CA PRO RA 214 86.62 -8.03 71.73
C PRO RA 214 86.39 -7.61 73.17
N PHE RA 215 87.31 -7.95 74.08
CA PHE RA 215 87.18 -7.49 75.46
C PHE RA 215 87.21 -5.96 75.53
N ASN RA 216 88.19 -5.35 74.87
CA ASN RA 216 88.29 -3.90 74.85
C ASN RA 216 87.07 -3.27 74.18
N GLN RA 217 86.61 -3.87 73.09
CA GLN RA 217 85.44 -3.34 72.39
C GLN RA 217 84.20 -3.41 73.28
N LEU RA 218 84.01 -4.52 73.99
CA LEU RA 218 82.87 -4.64 74.90
C LEU RA 218 82.95 -3.65 76.04
N ILE RA 219 84.14 -3.44 76.59
CA ILE RA 219 84.29 -2.45 77.67
C ILE RA 219 83.98 -1.06 77.14
N GLU RA 220 84.44 -0.74 75.92
CA GLU RA 220 84.12 0.56 75.34
C GLU RA 220 82.63 0.73 75.11
N LYS RA 221 81.95 -0.33 74.66
CA LYS RA 221 80.51 -0.27 74.47
C LYS RA 221 79.79 -0.05 75.80
N THR RA 222 80.21 -0.78 76.84
CA THR RA 222 79.60 -0.59 78.16
C THR RA 222 79.87 0.81 78.70
N LEU RA 223 81.00 1.41 78.32
CA LEU RA 223 81.31 2.77 78.75
C LEU RA 223 80.33 3.80 78.20
N GLU RA 224 79.56 3.45 77.17
CA GLU RA 224 78.57 4.37 76.62
C GLU RA 224 77.15 3.82 76.65
N LEU RA 225 76.95 2.61 77.15
CA LEU RA 225 75.60 2.05 77.26
C LEU RA 225 74.82 2.80 78.34
N ASP RA 226 73.56 2.40 78.54
CA ASP RA 226 72.68 3.04 79.49
C ASP RA 226 71.67 2.03 80.01
N GLU RA 227 70.84 2.46 80.95
CA GLU RA 227 69.87 1.56 81.58
C GLU RA 227 68.75 1.13 80.64
N SER RA 228 68.55 1.86 79.53
CA SER RA 228 67.49 1.48 78.60
C SER RA 228 67.76 0.14 77.95
N HIS RA 229 69.03 -0.25 77.82
CA HIS RA 229 69.42 -1.50 77.20
C HIS RA 229 69.55 -2.64 78.20
N LEU RA 230 69.22 -2.39 79.48
CA LEU RA 230 69.39 -3.40 80.50
C LEU RA 230 68.55 -4.64 80.21
N CYS RA 231 69.17 -5.81 80.34
CA CYS RA 231 68.52 -7.10 80.13
C CYS RA 231 67.87 -7.17 78.75
N THR RA 232 68.62 -6.77 77.73
CA THR RA 232 68.15 -6.92 76.36
C THR RA 232 67.93 -8.40 76.05
N ALA RA 233 66.76 -8.71 75.51
CA ALA RA 233 66.33 -10.09 75.36
C ALA RA 233 67.13 -10.79 74.27
N SER RA 234 68.03 -11.67 74.67
CA SER RA 234 68.63 -12.61 73.73
C SER RA 234 67.64 -13.72 73.42
N VAL RA 235 67.73 -14.27 72.22
CA VAL RA 235 66.72 -15.21 71.76
C VAL RA 235 67.23 -16.64 71.78
N GLN RA 236 68.25 -16.93 70.97
CA GLN RA 236 68.72 -18.30 70.86
C GLN RA 236 69.43 -18.74 72.13
N ASN RA 237 70.15 -17.83 72.79
CA ASN RA 237 70.79 -18.15 74.06
C ASN RA 237 69.76 -18.55 75.10
N ASP RA 238 68.67 -17.79 75.21
CA ASP RA 238 67.63 -18.10 76.18
C ASP RA 238 66.91 -19.40 75.80
N ILE RA 239 66.69 -19.62 74.51
CA ILE RA 239 66.04 -20.87 74.08
C ILE RA 239 66.89 -22.07 74.44
N LYS RA 240 68.20 -22.00 74.22
CA LYS RA 240 69.08 -23.09 74.59
C LYS RA 240 69.16 -23.27 76.09
N ALA RA 241 69.17 -22.16 76.84
CA ALA RA 241 69.18 -22.27 78.30
C ALA RA 241 67.93 -22.95 78.82
N MET RA 242 66.78 -22.66 78.22
CA MET RA 242 65.54 -23.30 78.65
C MET RA 242 65.46 -24.75 78.17
N GLN RA 243 66.08 -25.06 77.03
CA GLN RA 243 66.14 -26.45 76.58
C GLN RA 243 67.12 -27.27 77.40
N HIS RA 244 68.03 -26.61 78.11
CA HIS RA 244 68.94 -27.31 79.01
C HIS RA 244 68.17 -28.13 80.05
N GLU RA 245 67.00 -27.65 80.47
CA GLU RA 245 66.17 -28.43 81.39
C GLU RA 245 65.68 -29.71 80.74
N SER RA 246 65.31 -29.64 79.46
CA SER RA 246 64.82 -30.80 78.73
C SER RA 246 65.93 -31.68 78.18
N LEU RA 247 67.19 -31.28 78.36
CA LEU RA 247 68.31 -32.12 77.92
C LEU RA 247 68.27 -33.47 78.60
N TYR RA 248 68.76 -34.49 77.89
CA TYR RA 248 68.74 -35.86 78.41
C TYR RA 248 69.57 -35.97 79.68
N SER RA 249 70.88 -35.75 79.59
CA SER RA 249 71.77 -35.79 80.73
C SER RA 249 72.46 -34.44 80.86
N ARG RA 250 72.38 -33.85 82.04
CA ARG RA 250 72.93 -32.51 82.30
C ARG RA 250 74.21 -32.66 83.11
N LEU RA 251 75.36 -32.47 82.45
CA LEU RA 251 76.63 -32.45 83.14
C LEU RA 251 76.93 -31.11 83.79
N TYR RA 252 76.10 -30.09 83.54
CA TYR RA 252 76.26 -28.78 84.12
C TYR RA 252 74.99 -28.38 84.85
N MET RA 253 75.15 -27.58 85.91
CA MET RA 253 74.00 -27.18 86.72
C MET RA 253 73.01 -26.35 85.92
N SER RA 254 73.52 -25.43 85.10
CA SER RA 254 72.64 -24.57 84.31
C SER RA 254 73.10 -24.49 82.86
N MET SA 1 15.62 2.33 59.04
CA MET SA 1 14.27 2.40 59.58
C MET SA 1 13.24 2.51 58.47
N LYS SA 2 13.03 1.40 57.76
CA LYS SA 2 12.20 1.41 56.57
C LYS SA 2 10.82 2.01 56.85
N LEU SA 3 10.55 3.16 56.25
CA LEU SA 3 9.34 3.92 56.53
C LEU SA 3 8.36 3.75 55.39
N THR SA 4 7.14 3.45 55.72
CA THR SA 4 6.10 3.30 54.72
C THR SA 4 5.43 4.64 54.46
N PRO SA 5 4.76 4.77 53.30
CA PRO SA 5 4.01 6.02 53.04
C PRO SA 5 2.98 6.32 54.10
N LYS SA 6 2.36 5.29 54.67
CA LYS SA 6 1.43 5.51 55.78
C LYS SA 6 2.15 6.13 56.96
N GLU SA 7 3.36 5.65 57.27
CA GLU SA 7 4.12 6.22 58.38
C GLU SA 7 4.48 7.68 58.11
N LEU SA 8 4.85 7.99 56.87
CA LEU SA 8 5.17 9.38 56.54
C LEU SA 8 3.95 10.28 56.71
N ASP SA 9 2.78 9.82 56.25
CA ASP SA 9 1.54 10.57 56.43
C ASP SA 9 1.24 10.78 57.91
N LYS SA 10 1.38 9.73 58.71
CA LYS SA 10 1.11 9.85 60.14
C LYS SA 10 2.08 10.79 60.82
N LEU SA 11 3.34 10.83 60.38
CA LEU SA 11 4.29 11.77 60.93
C LEU SA 11 3.88 13.21 60.63
N MET SA 12 3.45 13.45 59.38
CA MET SA 12 2.95 14.78 59.06
C MET SA 12 1.75 15.15 59.92
N LEU SA 13 0.84 14.20 60.11
CA LEU SA 13 -0.34 14.47 60.95
C LEU SA 13 0.06 14.75 62.39
N HIS SA 14 1.01 13.99 62.92
CA HIS SA 14 1.45 14.20 64.29
C HIS SA 14 2.03 15.59 64.45
N TYR SA 15 2.80 16.06 63.48
CA TYR SA 15 3.40 17.37 63.68
C TYR SA 15 2.40 18.50 63.39
N ALA SA 16 1.39 18.27 62.58
CA ALA SA 16 0.27 19.20 62.52
C ALA SA 16 -0.42 19.30 63.87
N GLY SA 17 -0.62 18.17 64.52
CA GLY SA 17 -1.20 18.19 65.85
C GLY SA 17 -0.31 18.89 66.87
N GLU SA 18 1.01 18.72 66.75
CA GLU SA 18 1.94 19.42 67.62
C GLU SA 18 1.84 20.92 67.42
N LEU SA 19 1.75 21.37 66.17
CA LEU SA 19 1.59 22.79 65.91
C LEU SA 19 0.29 23.31 66.50
N ALA SA 20 -0.80 22.55 66.36
CA ALA SA 20 -2.06 22.95 66.97
C ALA SA 20 -1.96 23.04 68.49
N LYS SA 21 -1.27 22.10 69.10
CA LYS SA 21 -1.09 22.12 70.55
C LYS SA 21 -0.28 23.33 70.99
N LYS SA 22 0.78 23.67 70.25
CA LYS SA 22 1.55 24.85 70.58
C LYS SA 22 0.73 26.12 70.46
N ARG SA 23 -0.10 26.21 69.41
CA ARG SA 23 -0.96 27.38 69.27
C ARG SA 23 -1.97 27.46 70.41
N LYS SA 24 -2.53 26.32 70.80
CA LYS SA 24 -3.47 26.31 71.92
C LYS SA 24 -2.80 26.75 73.21
N GLU SA 25 -1.55 26.33 73.43
CA GLU SA 25 -0.82 26.81 74.60
C GLU SA 25 -0.57 28.30 74.53
N LYS SA 26 -0.24 28.82 73.34
CA LYS SA 26 -0.12 30.26 73.17
C LYS SA 26 -1.44 30.98 73.42
N GLY SA 27 -2.56 30.27 73.31
CA GLY SA 27 -3.85 30.87 73.56
C GLY SA 27 -4.64 31.23 72.33
N ILE SA 28 -4.15 30.87 71.15
CA ILE SA 28 -4.90 31.09 69.92
C ILE SA 28 -6.07 30.11 69.87
N LYS SA 29 -7.25 30.63 69.55
CA LYS SA 29 -8.40 29.76 69.36
C LYS SA 29 -8.22 28.93 68.10
N LEU SA 30 -8.35 27.61 68.24
CA LEU SA 30 -8.05 26.73 67.13
C LEU SA 30 -9.13 26.79 66.08
N ASN SA 31 -8.73 26.60 64.83
CA ASN SA 31 -9.67 26.51 63.73
C ASN SA 31 -9.97 25.04 63.45
N TYR SA 32 -10.66 24.79 62.34
CA TYR SA 32 -11.11 23.44 62.03
C TYR SA 32 -9.94 22.48 61.87
N VAL SA 33 -8.95 22.86 61.06
CA VAL SA 33 -7.82 21.99 60.79
C VAL SA 33 -7.03 21.73 62.07
N GLU SA 34 -6.79 22.78 62.85
CA GLU SA 34 -6.02 22.62 64.07
C GLU SA 34 -6.73 21.71 65.05
N ALA SA 35 -8.05 21.86 65.19
CA ALA SA 35 -8.79 21.02 66.12
C ALA SA 35 -8.74 19.55 65.70
N VAL SA 36 -8.98 19.28 64.42
CA VAL SA 36 -8.96 17.89 63.95
C VAL SA 36 -7.57 17.29 64.14
N ALA SA 37 -6.53 18.04 63.78
CA ALA SA 37 -5.17 17.54 63.93
C ALA SA 37 -4.82 17.29 65.39
N LEU SA 38 -5.24 18.19 66.28
CA LEU SA 38 -4.94 18.03 67.70
C LEU SA 38 -5.57 16.75 68.24
N ILE SA 39 -6.84 16.53 67.94
CA ILE SA 39 -7.51 15.33 68.44
C ILE SA 39 -6.85 14.08 67.88
N SER SA 40 -6.59 14.06 66.57
CA SER SA 40 -6.01 12.87 65.97
C SER SA 40 -4.62 12.57 66.53
N ALA SA 41 -3.78 13.60 66.67
CA ALA SA 41 -2.44 13.39 67.19
C ALA SA 41 -2.47 12.90 68.63
N HIS SA 42 -3.38 13.45 69.44
CA HIS SA 42 -3.48 12.99 70.81
C HIS SA 42 -3.88 11.51 70.86
N ILE SA 43 -4.85 11.11 70.04
CA ILE SA 43 -5.26 9.71 70.03
C ILE SA 43 -4.10 8.82 69.62
N MET SA 44 -3.36 9.22 68.59
CA MET SA 44 -2.23 8.42 68.14
C MET SA 44 -1.20 8.25 69.23
N GLU SA 45 -0.88 9.34 69.94
CA GLU SA 45 0.12 9.24 71.00
C GLU SA 45 -0.36 8.34 72.14
N GLU SA 46 -1.64 8.45 72.52
CA GLU SA 46 -2.16 7.59 73.57
C GLU SA 46 -2.11 6.12 73.17
N ALA SA 47 -2.47 5.83 71.93
CA ALA SA 47 -2.42 4.44 71.47
C ALA SA 47 -0.99 3.92 71.47
N ARG SA 48 -0.03 4.75 71.04
CA ARG SA 48 1.36 4.33 71.09
C ARG SA 48 1.81 4.07 72.51
N ALA SA 49 1.35 4.90 73.46
CA ALA SA 49 1.66 4.65 74.86
C ALA SA 49 1.12 3.29 75.29
N GLY SA 50 -0.08 2.94 74.83
CA GLY SA 50 -0.57 1.59 75.02
C GLY SA 50 -1.14 1.28 76.38
N LYS SA 51 -1.43 2.29 77.20
CA LYS SA 51 -2.09 2.06 78.48
C LYS SA 51 -3.60 2.13 78.39
N LYS SA 52 -4.16 2.51 77.25
CA LYS SA 52 -5.59 2.69 77.09
C LYS SA 52 -6.11 1.78 75.99
N THR SA 53 -7.39 1.44 76.09
CA THR SA 53 -8.06 0.70 75.04
C THR SA 53 -8.71 1.66 74.05
N ALA SA 54 -9.20 1.11 72.95
CA ALA SA 54 -9.86 1.93 71.94
C ALA SA 54 -11.10 2.60 72.50
N ALA SA 55 -11.84 1.90 73.36
CA ALA SA 55 -13.00 2.52 74.01
C ALA SA 55 -12.59 3.68 74.89
N GLU SA 56 -11.51 3.51 75.66
CA GLU SA 56 -11.02 4.59 76.50
C GLU SA 56 -10.59 5.78 75.65
N LEU SA 57 -9.96 5.52 74.51
CA LEU SA 57 -9.54 6.61 73.64
C LEU SA 57 -10.74 7.31 73.02
N MET SA 58 -11.77 6.56 72.65
CA MET SA 58 -12.99 7.18 72.13
C MET SA 58 -13.61 8.10 73.18
N GLN SA 59 -13.61 7.66 74.44
CA GLN SA 59 -14.11 8.53 75.50
C GLN SA 59 -13.22 9.75 75.68
N GLU SA 60 -11.90 9.56 75.65
CA GLU SA 60 -10.97 10.62 76.02
C GLU SA 60 -10.87 11.68 74.92
N GLY SA 61 -11.07 11.31 73.67
CA GLY SA 61 -10.98 12.28 72.59
C GLY SA 61 -12.00 13.39 72.69
N ARG SA 62 -13.10 13.16 73.39
CA ARG SA 62 -14.15 14.16 73.53
C ARG SA 62 -13.89 15.16 74.64
N THR SA 63 -12.79 15.00 75.39
CA THR SA 63 -12.47 15.90 76.48
C THR SA 63 -11.28 16.81 76.18
N LEU SA 64 -10.69 16.70 75.00
CA LEU SA 64 -9.46 17.45 74.72
C LEU SA 64 -9.73 18.93 74.55
N LEU SA 65 -10.78 19.29 73.82
CA LEU SA 65 -11.04 20.67 73.45
C LEU SA 65 -12.33 21.15 74.10
N LYS SA 66 -12.23 22.24 74.85
CA LYS SA 66 -13.40 22.92 75.37
C LYS SA 66 -14.02 23.79 74.29
N PRO SA 67 -15.30 24.15 74.43
CA PRO SA 67 -15.92 25.02 73.42
C PRO SA 67 -15.24 26.38 73.29
N ASP SA 68 -14.58 26.85 74.34
CA ASP SA 68 -13.90 28.13 74.30
C ASP SA 68 -12.49 28.05 73.72
N ASP SA 69 -12.01 26.86 73.40
CA ASP SA 69 -10.67 26.71 72.83
C ASP SA 69 -10.66 26.78 71.32
N VAL SA 70 -11.81 26.84 70.66
CA VAL SA 70 -11.89 26.81 69.21
C VAL SA 70 -12.66 28.03 68.73
N MET SA 71 -12.47 28.35 67.45
CA MET SA 71 -13.20 29.45 66.83
C MET SA 71 -14.66 29.07 66.66
N ASP SA 72 -15.49 30.08 66.39
CA ASP SA 72 -16.90 29.83 66.17
C ASP SA 72 -17.11 29.06 64.87
N GLY SA 73 -17.92 28.02 64.94
CA GLY SA 73 -18.21 27.18 63.80
C GLY SA 73 -17.41 25.90 63.74
N VAL SA 74 -16.29 25.83 64.46
CA VAL SA 74 -15.47 24.63 64.41
C VAL SA 74 -16.22 23.43 64.97
N ALA SA 75 -16.91 23.61 66.08
CA ALA SA 75 -17.64 22.51 66.69
C ALA SA 75 -18.76 22.02 65.80
N SER SA 76 -19.44 22.94 65.12
CA SER SA 76 -20.46 22.54 64.16
C SER SA 76 -19.86 21.79 62.98
N MET SA 77 -18.68 22.22 62.52
CA MET SA 77 -18.07 21.60 61.35
C MET SA 77 -17.55 20.20 61.65
N ILE SA 78 -17.05 19.99 62.86
CA ILE SA 78 -16.44 18.70 63.22
C ILE SA 78 -17.54 17.79 63.76
N HIS SA 79 -17.88 16.76 62.99
CA HIS SA 79 -18.87 15.78 63.41
C HIS SA 79 -18.22 14.56 64.05
N GLU SA 80 -17.20 13.99 63.40
CA GLU SA 80 -16.46 12.89 63.99
C GLU SA 80 -15.05 12.90 63.43
N VAL SA 81 -14.10 12.55 64.29
CA VAL SA 81 -12.70 12.43 63.93
C VAL SA 81 -12.34 10.96 63.98
N GLY SA 82 -12.00 10.38 62.85
CA GLY SA 82 -11.52 9.02 62.78
C GLY SA 82 -10.00 9.02 62.63
N ILE SA 83 -9.36 8.04 63.25
CA ILE SA 83 -7.91 7.92 63.16
C ILE SA 83 -7.53 6.46 63.36
N GLU SA 84 -6.69 5.95 62.48
CA GLU SA 84 -6.20 4.58 62.60
C GLU SA 84 -4.92 4.61 63.41
N ALA SA 85 -4.97 4.05 64.61
CA ALA SA 85 -3.86 4.09 65.55
C ALA SA 85 -3.32 2.69 65.79
N MET SA 86 -2.01 2.59 65.93
CA MET SA 86 -1.35 1.30 66.14
C MET SA 86 -1.31 1.02 67.63
N PHE SA 87 -2.13 0.09 68.07
CA PHE SA 87 -2.17 -0.34 69.47
C PHE SA 87 -1.20 -1.49 69.69
N PRO SA 88 -1.00 -1.92 70.93
CA PRO SA 88 -0.20 -3.13 71.14
C PRO SA 88 -0.76 -4.36 70.46
N ASP SA 89 -2.05 -4.37 70.12
CA ASP SA 89 -2.69 -5.48 69.43
C ASP SA 89 -3.06 -5.10 68.01
N GLY SA 90 -2.24 -4.29 67.35
CA GLY SA 90 -2.42 -3.98 65.95
C GLY SA 90 -3.09 -2.64 65.73
N THR SA 91 -3.36 -2.36 64.46
CA THR SA 91 -3.96 -1.10 64.06
C THR SA 91 -5.48 -1.17 64.21
N LYS SA 92 -6.05 -0.20 64.92
CA LYS SA 92 -7.48 -0.11 65.12
C LYS SA 92 -7.95 1.28 64.79
N LEU SA 93 -9.20 1.38 64.35
CA LEU SA 93 -9.80 2.66 64.00
C LEU SA 93 -10.50 3.22 65.23
N VAL SA 94 -10.03 4.35 65.72
CA VAL SA 94 -10.65 5.06 66.83
C VAL SA 94 -11.48 6.19 66.24
N THR SA 95 -12.76 6.22 66.56
CA THR SA 95 -13.67 7.25 66.09
C THR SA 95 -14.18 8.03 67.29
N VAL SA 96 -14.00 9.35 67.25
CA VAL SA 96 -14.48 10.25 68.28
C VAL SA 96 -15.62 11.05 67.67
N HIS SA 97 -16.82 10.90 68.21
CA HIS SA 97 -17.99 11.60 67.70
CA HIS SA 97 -17.99 11.60 67.70
C HIS SA 97 -18.25 12.85 68.51
N THR SA 98 -18.57 13.95 67.81
CA THR SA 98 -18.81 15.27 68.37
C THR SA 98 -17.78 15.61 69.45
N PRO SA 99 -16.50 15.70 69.10
CA PRO SA 99 -15.48 15.96 70.12
C PRO SA 99 -15.59 17.31 70.79
N ILE SA 100 -16.27 18.27 70.19
CA ILE SA 100 -16.41 19.62 70.76
C ILE SA 100 -17.88 19.97 70.81
N GLU SA 101 -18.30 20.55 71.94
CA GLU SA 101 -19.68 21.00 72.06
C GLU SA 101 -19.90 22.27 71.26
N ALA SA 102 -21.01 22.31 70.52
CA ALA SA 102 -21.30 23.46 69.68
C ALA SA 102 -21.71 24.67 70.52
N ASN SA 103 -21.11 25.81 70.22
CA ASN SA 103 -21.49 27.05 70.88
C ASN SA 103 -22.80 27.60 70.36
N GLY SA 104 -23.10 27.36 69.08
CA GLY SA 104 -24.34 27.80 68.47
C GLY SA 104 -24.28 29.19 67.85
N LYS SA 105 -23.19 29.92 68.02
CA LYS SA 105 -23.10 31.27 67.46
C LYS SA 105 -23.15 31.24 65.94
N LEU SA 106 -22.15 30.63 65.31
CA LEU SA 106 -22.06 30.55 63.86
C LEU SA 106 -22.05 29.09 63.43
N VAL SA 107 -22.92 28.76 62.50
CA VAL SA 107 -23.01 27.41 61.95
C VAL SA 107 -22.72 27.49 60.46
N PRO SA 108 -21.51 27.17 60.03
CA PRO SA 108 -21.22 27.15 58.60
C PRO SA 108 -22.09 26.15 57.86
N GLY SA 109 -22.59 26.56 56.71
CA GLY SA 109 -23.40 25.68 55.88
C GLY SA 109 -24.69 25.23 56.54
N GLU SA 110 -25.23 26.02 57.45
CA GLU SA 110 -26.43 25.61 58.16
C GLU SA 110 -27.66 25.72 57.26
N LEU SA 111 -28.63 24.86 57.53
CA LEU SA 111 -29.87 24.81 56.76
C LEU SA 111 -30.94 25.65 57.42
N PHE SA 112 -31.70 26.38 56.60
CA PHE SA 112 -32.85 27.15 57.06
C PHE SA 112 -34.07 26.52 56.39
N LEU SA 113 -34.67 25.56 57.08
CA LEU SA 113 -35.74 24.76 56.50
C LEU SA 113 -37.09 25.42 56.71
N LYS SA 114 -37.99 25.16 55.77
CA LYS SA 114 -39.39 25.53 55.96
C LYS SA 114 -40.03 24.63 57.02
N ASN SA 115 -41.05 25.14 57.67
CA ASN SA 115 -41.80 24.34 58.64
C ASN SA 115 -43.01 23.68 57.99
N GLU SA 116 -42.77 22.96 56.90
CA GLU SA 116 -43.82 22.28 56.16
C GLU SA 116 -43.35 20.87 55.84
N ASP SA 117 -44.22 19.89 56.09
CA ASP SA 117 -43.84 18.49 55.86
C ASP SA 117 -43.88 18.15 54.38
N ILE SA 118 -43.03 17.21 54.00
CA ILE SA 118 -42.95 16.74 52.62
C ILE SA 118 -43.90 15.55 52.47
N THR SA 119 -44.79 15.62 51.49
CA THR SA 119 -45.72 14.53 51.22
C THR SA 119 -45.12 13.65 50.12
N ILE SA 120 -44.74 12.44 50.49
CA ILE SA 120 -44.14 11.52 49.54
C ILE SA 120 -45.21 10.61 48.97
N ASN SA 121 -44.95 10.11 47.76
CA ASN SA 121 -45.86 9.20 47.07
C ASN SA 121 -47.26 9.80 46.95
N GLU SA 122 -47.31 11.09 46.65
CA GLU SA 122 -48.59 11.79 46.55
C GLU SA 122 -49.39 11.25 45.39
N GLY SA 123 -50.71 11.11 45.60
CA GLY SA 123 -51.58 10.55 44.60
C GLY SA 123 -51.63 9.05 44.55
N LYS SA 124 -50.94 8.36 45.46
CA LYS SA 124 -50.94 6.91 45.51
C LYS SA 124 -51.65 6.45 46.77
N LYS SA 125 -52.65 5.60 46.61
CA LYS SA 125 -53.40 5.09 47.75
C LYS SA 125 -52.71 3.85 48.31
N ALA SA 126 -52.60 3.81 49.63
CA ALA SA 126 -51.86 2.76 50.31
C ALA SA 126 -52.84 1.75 50.93
N VAL SA 127 -52.55 0.48 50.75
CA VAL SA 127 -53.29 -0.59 51.38
C VAL SA 127 -52.47 -1.12 52.55
N SER SA 128 -53.16 -1.70 53.53
CA SER SA 128 -52.52 -2.20 54.74
C SER SA 128 -52.48 -3.71 54.71
N VAL SA 129 -51.33 -4.28 55.04
CA VAL SA 129 -51.12 -5.72 55.03
C VAL SA 129 -50.43 -6.12 56.33
N LYS SA 130 -50.90 -7.21 56.93
CA LYS SA 130 -50.29 -7.75 58.14
C LYS SA 130 -49.25 -8.79 57.76
N VAL SA 131 -48.03 -8.61 58.25
CA VAL SA 131 -46.90 -9.46 57.90
C VAL SA 131 -46.33 -10.07 59.17
N LYS SA 132 -46.12 -11.37 59.17
CA LYS SA 132 -45.50 -12.08 60.28
C LYS SA 132 -44.19 -12.70 59.82
N ASN SA 133 -43.15 -12.54 60.63
CA ASN SA 133 -41.85 -13.16 60.37
C ASN SA 133 -41.85 -14.48 61.12
N VAL SA 134 -42.06 -15.57 60.39
CA VAL SA 134 -42.03 -16.90 61.00
C VAL SA 134 -40.64 -17.52 60.93
N GLY SA 135 -39.66 -16.80 60.40
CA GLY SA 135 -38.29 -17.27 60.41
C GLY SA 135 -37.60 -16.96 61.73
N ASP SA 136 -36.32 -17.31 61.79
CA ASP SA 136 -35.53 -17.17 63.00
C ASP SA 136 -34.65 -15.92 62.99
N ARG SA 137 -34.67 -15.14 61.93
CA ARG SA 137 -33.83 -13.96 61.83
C ARG SA 137 -34.66 -12.75 61.43
N PRO SA 138 -34.25 -11.55 61.84
CA PRO SA 138 -34.95 -10.35 61.39
C PRO SA 138 -34.76 -10.13 59.90
N VAL SA 139 -35.75 -9.47 59.30
CA VAL SA 139 -35.77 -9.23 57.86
C VAL SA 139 -36.00 -7.75 57.63
N GLN SA 140 -35.13 -7.13 56.85
CA GLN SA 140 -35.26 -5.72 56.50
C GLN SA 140 -35.67 -5.60 55.04
N ILE SA 141 -36.72 -4.82 54.79
CA ILE SA 141 -37.24 -4.62 53.44
C ILE SA 141 -37.08 -3.14 53.09
N GLY SA 142 -36.50 -2.88 51.93
CA GLY SA 142 -36.32 -1.53 51.47
C GLY SA 142 -37.59 -0.93 50.91
N SER SA 143 -37.55 0.39 50.75
CA SER SA 143 -38.72 1.13 50.29
C SER SA 143 -39.15 0.73 48.89
N HIS SA 144 -38.23 0.22 48.07
CA HIS SA 144 -38.52 -0.04 46.67
C HIS SA 144 -38.43 -1.51 46.30
N PHE SA 145 -38.24 -2.39 47.27
CA PHE SA 145 -38.31 -3.81 46.99
C PHE SA 145 -39.75 -4.19 46.65
N HIS SA 146 -39.91 -5.01 45.62
CA HIS SA 146 -41.23 -5.53 45.26
C HIS SA 146 -41.70 -6.44 46.38
N PHE SA 147 -42.70 -6.00 47.14
CA PHE SA 147 -43.03 -6.69 48.37
C PHE SA 147 -43.56 -8.09 48.15
N PHE SA 148 -44.06 -8.39 46.95
CA PHE SA 148 -44.55 -9.72 46.67
C PHE SA 148 -43.45 -10.77 46.77
N GLU SA 149 -42.20 -10.37 46.51
CA GLU SA 149 -41.10 -11.32 46.38
C GLU SA 149 -40.15 -11.28 47.58
N VAL SA 150 -40.60 -10.79 48.72
CA VAL SA 150 -39.73 -10.69 49.90
C VAL SA 150 -39.44 -12.09 50.42
N ASN SA 151 -38.51 -12.17 51.37
CA ASN SA 151 -38.13 -13.43 52.02
C ASN SA 151 -39.33 -14.34 52.25
N ARG SA 152 -39.19 -15.59 51.84
CA ARG SA 152 -40.30 -16.52 51.96
C ARG SA 152 -40.64 -16.88 53.40
N CYS SA 153 -39.79 -16.50 54.35
CA CYS SA 153 -40.12 -16.69 55.75
C CYS SA 153 -41.11 -15.65 56.27
N LEU SA 154 -41.38 -14.59 55.51
CA LEU SA 154 -42.42 -13.65 55.87
C LEU SA 154 -43.78 -14.19 55.42
N ASP SA 155 -44.77 -14.09 56.30
CA ASP SA 155 -46.08 -14.65 56.03
C ASP SA 155 -47.11 -13.52 55.93
N PHE SA 156 -47.78 -13.44 54.79
CA PHE SA 156 -48.78 -12.42 54.53
C PHE SA 156 -49.50 -12.82 53.25
N ASP SA 157 -50.61 -12.14 52.99
CA ASP SA 157 -51.39 -12.39 51.77
C ASP SA 157 -50.65 -11.79 50.59
N ARG SA 158 -49.85 -12.62 49.91
CA ARG SA 158 -49.03 -12.13 48.81
C ARG SA 158 -49.88 -11.64 47.64
N GLU SA 159 -51.05 -12.23 47.44
CA GLU SA 159 -51.93 -11.80 46.37
C GLU SA 159 -52.30 -10.34 46.52
N LYS SA 160 -52.49 -9.87 47.75
CA LYS SA 160 -52.81 -8.47 47.97
C LYS SA 160 -51.63 -7.57 47.61
N THR SA 161 -50.42 -8.05 47.75
CA THR SA 161 -49.23 -7.22 47.62
C THR SA 161 -48.52 -7.37 46.30
N PHE SA 162 -49.04 -8.17 45.37
CA PHE SA 162 -48.44 -8.23 44.05
C PHE SA 162 -48.44 -6.85 43.38
N GLY SA 163 -47.28 -6.45 42.87
CA GLY SA 163 -47.15 -5.17 42.19
C GLY SA 163 -46.99 -3.97 43.09
N LYS SA 164 -46.68 -4.17 44.37
CA LYS SA 164 -46.64 -3.08 45.34
C LYS SA 164 -45.31 -3.05 46.06
N ARG SA 165 -45.05 -1.91 46.69
CA ARG SA 165 -43.85 -1.69 47.48
C ARG SA 165 -44.23 -0.94 48.74
N LEU SA 166 -43.31 -0.90 49.69
CA LEU SA 166 -43.55 -0.23 50.96
C LEU SA 166 -43.75 1.26 50.75
N ASP SA 167 -44.68 1.84 51.49
CA ASP SA 167 -44.96 3.28 51.41
C ASP SA 167 -44.20 4.01 52.51
N ILE SA 168 -42.89 4.07 52.34
CA ILE SA 168 -42.00 4.73 53.27
C ILE SA 168 -41.06 5.64 52.48
N ALA SA 169 -40.31 6.45 53.21
CA ALA SA 169 -39.33 7.31 52.57
C ALA SA 169 -38.31 6.47 51.83
N SER SA 170 -38.04 6.83 50.58
CA SER SA 170 -37.13 6.05 49.76
C SER SA 170 -35.75 6.04 50.40
N GLY SA 171 -35.15 4.85 50.45
CA GLY SA 171 -33.88 4.66 51.10
C GLY SA 171 -33.98 4.18 52.53
N THR SA 172 -35.15 4.26 53.14
CA THR SA 172 -35.36 3.70 54.46
C THR SA 172 -35.86 2.26 54.33
N ALA SA 173 -35.90 1.57 55.47
CA ALA SA 173 -36.26 0.17 55.48
C ALA SA 173 -37.17 -0.12 56.66
N VAL SA 174 -37.92 -1.21 56.54
CA VAL SA 174 -38.80 -1.71 57.59
C VAL SA 174 -38.24 -3.04 58.07
N ARG SA 175 -38.11 -3.19 59.39
CA ARG SA 175 -37.54 -4.39 59.97
C ARG SA 175 -38.64 -5.22 60.64
N PHE SA 176 -38.69 -6.50 60.30
CA PHE SA 176 -39.59 -7.46 60.91
C PHE SA 176 -38.74 -8.40 61.77
N GLU SA 177 -38.93 -8.33 63.08
CA GLU SA 177 -38.23 -9.22 63.97
C GLU SA 177 -38.87 -10.60 63.94
N PRO SA 178 -38.11 -11.65 64.24
CA PRO SA 178 -38.68 -13.00 64.21
C PRO SA 178 -39.85 -13.13 65.16
N GLY SA 179 -40.89 -13.81 64.70
CA GLY SA 179 -42.09 -13.99 65.50
C GLY SA 179 -42.98 -12.76 65.55
N GLU SA 180 -42.40 -11.60 65.29
CA GLU SA 180 -43.15 -10.35 65.37
C GLU SA 180 -44.08 -10.19 64.18
N GLU SA 181 -45.26 -9.65 64.43
CA GLU SA 181 -46.24 -9.36 63.39
C GLU SA 181 -46.44 -7.85 63.29
N LYS SA 182 -46.30 -7.32 62.08
CA LYS SA 182 -46.42 -5.89 61.83
C LYS SA 182 -47.44 -5.65 60.72
N SER SA 183 -48.00 -4.45 60.72
CA SER SA 183 -48.86 -3.99 59.64
C SER SA 183 -48.10 -2.95 58.84
N VAL SA 184 -48.04 -3.14 57.52
CA VAL SA 184 -47.32 -2.24 56.64
C VAL SA 184 -48.28 -1.66 55.62
N GLU SA 185 -47.90 -0.51 55.08
CA GLU SA 185 -48.67 0.15 54.02
C GLU SA 185 -47.95 -0.05 52.70
N LEU SA 186 -48.69 -0.43 51.67
CA LEU SA 186 -48.13 -0.73 50.37
C LEU SA 186 -48.80 0.12 49.30
N ILE SA 187 -48.00 0.59 48.36
CA ILE SA 187 -48.47 1.41 47.25
C ILE SA 187 -48.03 0.77 45.95
N ASP SA 188 -48.75 1.07 44.88
CA ASP SA 188 -48.44 0.47 43.59
C ASP SA 188 -47.08 0.91 43.10
N ILE SA 189 -46.35 -0.02 42.47
CA ILE SA 189 -45.10 0.33 41.82
C ILE SA 189 -45.39 1.19 40.61
N GLY SA 190 -44.64 2.28 40.44
CA GLY SA 190 -44.88 3.23 39.39
C GLY SA 190 -44.14 2.90 38.11
N GLY SA 191 -44.19 3.86 37.18
CA GLY SA 191 -43.49 3.70 35.92
C GLY SA 191 -44.11 2.63 35.05
N ASN SA 192 -43.26 1.93 34.31
CA ASN SA 192 -43.72 0.87 33.42
C ASN SA 192 -44.24 -0.35 34.18
N ARG SA 193 -43.98 -0.44 35.49
CA ARG SA 193 -44.40 -1.58 36.29
C ARG SA 193 -43.86 -2.89 35.75
N ARG SA 194 -42.62 -2.85 35.27
CA ARG SA 194 -41.92 -4.05 34.82
C ARG SA 194 -41.03 -4.52 35.97
N ILE SA 195 -41.34 -5.68 36.51
CA ILE SA 195 -40.59 -6.23 37.63
C ILE SA 195 -39.54 -7.20 37.06
N PHE SA 196 -38.28 -6.88 37.26
CA PHE SA 196 -37.18 -7.74 36.84
C PHE SA 196 -36.22 -7.92 38.00
N GLY SA 197 -35.72 -9.13 38.15
CA GLY SA 197 -34.82 -9.41 39.26
C GLY SA 197 -35.58 -9.87 40.49
N PHE SA 198 -35.15 -9.39 41.66
CA PHE SA 198 -35.75 -9.76 42.95
C PHE SA 198 -35.61 -11.27 43.09
N ASN SA 199 -36.70 -12.01 43.29
CA ASN SA 199 -36.63 -13.46 43.42
C ASN SA 199 -37.00 -14.17 42.13
N ALA SA 200 -37.06 -13.44 41.01
CA ALA SA 200 -37.41 -14.00 39.70
C ALA SA 200 -38.79 -14.67 39.73
N LEU SA 201 -39.71 -14.12 40.51
CA LEU SA 201 -41.08 -14.62 40.53
C LEU SA 201 -41.93 -14.00 39.43
N VAL SA 202 -41.60 -12.81 38.96
CA VAL SA 202 -42.35 -12.13 37.91
C VAL SA 202 -41.54 -12.03 36.63
N ASP SA 203 -40.44 -11.28 36.66
CA ASP SA 203 -39.53 -11.15 35.52
C ASP SA 203 -40.26 -10.70 34.25
N ARG SA 204 -41.27 -9.86 34.40
CA ARG SA 204 -42.07 -9.41 33.27
C ARG SA 204 -42.96 -8.26 33.73
N GLN SA 205 -43.82 -7.79 32.84
CA GLN SA 205 -44.78 -6.75 33.16
C GLN SA 205 -45.73 -7.22 34.25
N ALA SA 206 -45.99 -6.36 35.22
CA ALA SA 206 -46.86 -6.69 36.36
C ALA SA 206 -48.29 -6.34 35.99
N ASP SA 207 -49.08 -7.37 35.67
CA ASP SA 207 -50.50 -7.21 35.41
C ASP SA 207 -51.23 -8.41 36.01
N ASN SA 208 -52.54 -8.47 35.80
CA ASN SA 208 -53.34 -9.53 36.40
C ASN SA 208 -52.99 -10.89 35.83
N GLU SA 209 -52.62 -10.96 34.55
CA GLU SA 209 -52.25 -12.25 33.97
C GLU SA 209 -50.92 -12.74 34.52
N SER SA 210 -49.96 -11.84 34.71
CA SER SA 210 -48.70 -12.24 35.33
C SER SA 210 -48.85 -12.49 36.82
N LYS SA 211 -49.92 -11.98 37.43
CA LYS SA 211 -50.17 -12.25 38.83
C LYS SA 211 -50.38 -13.73 39.09
N LYS SA 212 -51.15 -14.40 38.23
CA LYS SA 212 -51.38 -15.84 38.42
C LYS SA 212 -50.10 -16.63 38.28
N ILE SA 213 -49.27 -16.30 37.29
CA ILE SA 213 -48.01 -17.00 37.10
C ILE SA 213 -47.10 -16.77 38.31
N ALA SA 214 -47.05 -15.52 38.79
CA ALA SA 214 -46.22 -15.22 39.95
C ALA SA 214 -46.70 -15.98 41.19
N LEU SA 215 -48.02 -16.05 41.38
CA LEU SA 215 -48.55 -16.77 42.54
C LEU SA 215 -48.24 -18.26 42.46
N HIS SA 216 -48.38 -18.85 41.26
CA HIS SA 216 -48.05 -20.25 41.10
C HIS SA 216 -46.57 -20.50 41.36
N ARG SA 217 -45.71 -19.62 40.84
CA ARG SA 217 -44.28 -19.75 41.08
C ARG SA 217 -43.96 -19.64 42.57
N ALA SA 218 -44.58 -18.69 43.25
CA ALA SA 218 -44.31 -18.50 44.67
C ALA SA 218 -44.78 -19.69 45.49
N LYS SA 219 -45.95 -20.25 45.14
CA LYS SA 219 -46.42 -21.44 45.83
C LYS SA 219 -45.48 -22.61 45.58
N GLU SA 220 -44.99 -22.76 44.35
CA GLU SA 220 -44.06 -23.85 44.06
C GLU SA 220 -42.76 -23.69 44.83
N ARG SA 221 -42.25 -22.46 44.91
CA ARG SA 221 -40.98 -22.21 45.60
C ARG SA 221 -41.16 -22.06 47.10
N GLY SA 222 -42.37 -22.18 47.62
CA GLY SA 222 -42.57 -22.22 49.05
C GLY SA 222 -42.65 -20.89 49.74
N PHE SA 223 -43.08 -19.85 49.03
CA PHE SA 223 -43.24 -18.54 49.64
C PHE SA 223 -44.50 -18.53 50.50
N HIS SA 224 -44.34 -18.16 51.76
CA HIS SA 224 -45.44 -18.23 52.71
C HIS SA 224 -46.53 -17.24 52.35
N GLY SA 225 -47.78 -17.68 52.45
CA GLY SA 225 -48.91 -16.85 52.14
C GLY SA 225 -49.28 -16.75 50.69
N ALA SA 226 -48.52 -17.39 49.80
CA ALA SA 226 -48.85 -17.41 48.39
C ALA SA 226 -49.84 -18.53 48.12
N LYS SA 227 -51.05 -18.16 47.74
CA LYS SA 227 -52.12 -19.13 47.50
C LYS SA 227 -52.40 -19.20 46.01
N SER SA 228 -52.15 -20.36 45.42
CA SER SA 228 -52.46 -20.62 44.02
C SER SA 228 -53.39 -21.82 43.95
N ASP SA 229 -54.30 -21.77 42.97
CA ASP SA 229 -55.27 -22.86 42.81
C ASP SA 229 -54.55 -24.16 42.48
N ASP SA 230 -55.11 -25.26 42.99
CA ASP SA 230 -54.51 -26.57 42.72
C ASP SA 230 -54.56 -26.90 41.24
N ASN SA 231 -55.67 -26.60 40.56
CA ASN SA 231 -55.80 -26.85 39.13
C ASN SA 231 -55.36 -25.60 38.39
N TYR SA 232 -54.05 -25.45 38.25
CA TYR SA 232 -53.44 -24.30 37.59
C TYR SA 232 -53.19 -24.64 36.13
N VAL SA 233 -53.62 -23.75 35.25
CA VAL SA 233 -53.47 -23.94 33.81
C VAL SA 233 -52.23 -23.19 33.35
N LYS SA 234 -51.26 -23.92 32.81
CA LYS SA 234 -50.03 -23.30 32.35
C LYS SA 234 -50.26 -22.55 31.05
N THR SA 235 -49.41 -21.55 30.82
CA THR SA 235 -49.39 -20.81 29.58
C THR SA 235 -48.25 -21.30 28.69
N ILE SA 236 -48.19 -20.76 27.48
CA ILE SA 236 -47.15 -21.18 26.54
C ILE SA 236 -45.78 -20.74 27.05
N LYS SA 237 -45.70 -19.58 27.68
CA LYS SA 237 -44.45 -19.05 28.22
C LYS SA 237 -44.65 -18.72 29.69
N GLU SA 238 -43.99 -19.46 30.56
CA GLU SA 238 -44.06 -19.21 32.00
C GLU SA 238 -42.99 -20.00 32.74
N MET TA 1 38.93 -31.78 50.49
CA MET TA 1 37.74 -31.40 51.26
C MET TA 1 38.13 -30.74 52.57
N LYS TA 2 37.17 -30.02 53.15
CA LYS TA 2 37.39 -29.31 54.40
C LYS TA 2 36.04 -29.09 55.06
N LYS TA 3 36.06 -29.00 56.38
CA LYS TA 3 34.84 -28.77 57.15
C LYS TA 3 34.94 -27.42 57.84
N ILE TA 4 33.89 -26.61 57.67
CA ILE TA 4 33.80 -25.32 58.35
C ILE TA 4 32.60 -25.37 59.28
N SER TA 5 32.66 -24.57 60.34
CA SER TA 5 31.61 -24.58 61.34
C SER TA 5 30.30 -24.12 60.73
N ARG TA 6 29.20 -24.69 61.19
CA ARG TA 6 27.90 -24.34 60.63
C ARG TA 6 27.56 -22.88 60.88
N LYS TA 7 27.99 -22.32 62.01
CA LYS TA 7 27.73 -20.90 62.27
C LYS TA 7 28.40 -20.03 61.22
N GLU TA 8 29.67 -20.30 60.93
CA GLU TA 8 30.38 -19.53 59.91
C GLU TA 8 29.76 -19.74 58.54
N TYR TA 9 29.39 -20.99 58.22
CA TYR TA 9 28.78 -21.25 56.93
C TYR TA 9 27.48 -20.48 56.77
N VAL TA 10 26.65 -20.46 57.81
CA VAL TA 10 25.36 -19.80 57.72
C VAL TA 10 25.55 -18.29 57.66
N SER TA 11 26.53 -17.76 58.39
CA SER TA 11 26.82 -16.33 58.28
C SER TA 11 27.24 -15.96 56.87
N MET TA 12 28.01 -16.84 56.21
CA MET TA 12 28.47 -16.52 54.86
C MET TA 12 27.38 -16.68 53.82
N TYR TA 13 26.59 -17.75 53.91
CA TYR TA 13 25.70 -18.14 52.82
C TYR TA 13 24.23 -18.25 53.21
N GLY TA 14 23.89 -18.07 54.47
CA GLY TA 14 22.53 -18.26 54.90
C GLY TA 14 22.27 -19.69 55.31
N PRO TA 15 21.09 -19.94 55.90
CA PRO TA 15 20.82 -21.27 56.44
C PRO TA 15 20.77 -22.34 55.35
N THR TA 16 21.18 -23.54 55.72
CA THR TA 16 21.16 -24.69 54.82
C THR TA 16 20.25 -25.76 55.41
N THR TA 17 20.27 -26.94 54.80
CA THR TA 17 19.31 -27.99 55.15
C THR TA 17 19.37 -28.32 56.63
N GLY TA 18 18.19 -28.36 57.27
CA GLY TA 18 18.08 -28.65 58.67
C GLY TA 18 18.20 -27.45 59.57
N ASP TA 19 18.55 -26.28 59.03
CA ASP TA 19 18.63 -25.07 59.83
C ASP TA 19 17.27 -24.41 59.93
N LYS TA 20 17.01 -23.82 61.09
CA LYS TA 20 15.73 -23.20 61.38
C LYS TA 20 15.91 -21.71 61.54
N VAL TA 21 14.93 -20.94 61.10
CA VAL TA 21 14.93 -19.49 61.21
C VAL TA 21 13.57 -19.05 61.74
N ARG TA 22 13.57 -18.14 62.70
CA ARG TA 22 12.33 -17.56 63.19
C ARG TA 22 11.83 -16.53 62.20
N LEU TA 23 10.52 -16.54 61.96
CA LEU TA 23 9.91 -15.61 61.01
C LEU TA 23 9.49 -14.35 61.74
N GLY TA 24 10.18 -13.25 61.49
CA GLY TA 24 9.88 -12.01 62.19
C GLY TA 24 10.12 -12.16 63.67
N ASP TA 25 9.29 -11.46 64.45
CA ASP TA 25 9.29 -11.60 65.89
C ASP TA 25 8.23 -12.58 66.37
N THR TA 26 7.65 -13.35 65.46
CA THR TA 26 6.61 -14.31 65.79
C THR TA 26 7.23 -15.54 66.44
N ASP TA 27 6.41 -16.55 66.68
CA ASP TA 27 6.85 -17.82 67.24
C ASP TA 27 6.98 -18.90 66.18
N LEU TA 28 6.89 -18.54 64.90
CA LEU TA 28 6.94 -19.51 63.82
C LEU TA 28 8.38 -19.76 63.40
N ILE TA 29 8.73 -21.04 63.29
CA ILE TA 29 10.08 -21.46 62.95
C ILE TA 29 10.02 -22.22 61.63
N ALA TA 30 10.75 -21.72 60.64
CA ALA TA 30 10.81 -22.36 59.33
C ALA TA 30 12.12 -23.12 59.20
N GLU TA 31 12.03 -24.38 58.80
CA GLU TA 31 13.20 -25.23 58.64
C GLU TA 31 13.48 -25.43 57.17
N VAL TA 32 14.75 -25.28 56.79
CA VAL TA 32 15.14 -25.47 55.40
C VAL TA 32 15.01 -26.95 55.06
N GLU TA 33 14.11 -27.28 54.14
CA GLU TA 33 13.83 -28.68 53.84
C GLU TA 33 14.94 -29.30 53.00
N HIS TA 34 15.45 -28.58 52.01
N HIS TA 34 15.49 -28.55 52.06
CA HIS TA 34 16.54 -29.11 51.21
CA HIS TA 34 16.39 -29.07 51.04
C HIS TA 34 17.29 -27.95 50.58
C HIS TA 34 17.26 -27.92 50.54
N ASP TA 35 18.47 -28.24 50.06
CA ASP TA 35 19.37 -27.24 49.51
C ASP TA 35 19.85 -27.69 48.15
N TYR TA 36 19.76 -26.81 47.16
CA TYR TA 36 20.23 -27.10 45.82
C TYR TA 36 21.72 -26.84 45.64
N THR TA 37 22.36 -26.13 46.58
CA THR TA 37 23.73 -25.76 46.41
C THR TA 37 24.65 -26.96 46.60
N ILE TA 38 25.85 -26.85 46.02
CA ILE TA 38 26.93 -27.81 46.24
C ILE TA 38 27.94 -27.12 47.14
N TYR TA 39 28.20 -27.72 48.30
CA TYR TA 39 29.01 -27.07 49.32
C TYR TA 39 30.42 -26.82 48.80
N GLY TA 40 30.90 -25.60 49.01
CA GLY TA 40 32.17 -25.17 48.49
C GLY TA 40 32.11 -24.52 47.12
N GLU TA 41 30.95 -24.52 46.47
CA GLU TA 41 30.77 -23.88 45.17
C GLU TA 41 29.73 -22.77 45.22
N GLU TA 42 29.44 -22.25 46.40
CA GLU TA 42 28.39 -21.24 46.53
C GLU TA 42 28.72 -19.98 45.76
N LEU TA 43 27.69 -19.36 45.20
CA LEU TA 43 27.85 -18.12 44.46
C LEU TA 43 27.86 -16.95 45.44
N LYS TA 44 28.91 -16.14 45.38
CA LYS TA 44 29.02 -14.94 46.21
C LYS TA 44 29.49 -13.80 45.34
N PHE TA 45 28.93 -12.62 45.58
CA PHE TA 45 29.35 -11.41 44.89
C PHE TA 45 30.05 -10.47 45.85
N GLY TA 46 31.16 -9.90 45.40
CA GLY TA 46 31.91 -9.00 46.25
C GLY TA 46 33.29 -8.75 45.65
N GLY TA 47 34.19 -8.27 46.51
CA GLY TA 47 35.53 -7.92 46.08
C GLY TA 47 36.29 -9.06 45.45
N GLY TA 48 36.60 -10.09 46.23
CA GLY TA 48 37.29 -11.25 45.71
C GLY TA 48 36.46 -12.50 45.83
N LYS TA 49 35.17 -12.37 45.54
CA LYS TA 49 34.23 -13.48 45.70
C LYS TA 49 34.17 -14.28 44.41
N THR TA 50 33.20 -15.18 44.31
CA THR TA 50 33.20 -16.14 43.22
C THR TA 50 32.53 -15.62 41.96
N LEU TA 51 31.54 -14.74 42.09
CA LEU TA 51 30.83 -14.25 40.92
C LEU TA 51 31.69 -13.29 40.12
N ARG TA 52 32.72 -13.82 39.49
CA ARG TA 52 33.68 -13.01 38.75
C ARG TA 52 33.90 -13.63 37.38
N GLU TA 53 34.44 -12.82 36.47
CA GLU TA 53 34.69 -13.24 35.10
C GLU TA 53 35.61 -14.46 35.07
N GLY TA 54 35.08 -15.59 34.63
CA GLY TA 54 35.85 -16.80 34.47
C GLY TA 54 35.70 -17.79 35.60
N MET TA 55 35.25 -17.36 36.78
CA MET TA 55 35.08 -18.28 37.90
C MET TA 55 33.65 -18.79 38.02
N SER TA 56 32.70 -17.88 38.26
CA SER TA 56 31.29 -18.22 38.30
C SER TA 56 30.48 -17.52 37.23
N GLN TA 57 30.97 -16.42 36.69
CA GLN TA 57 30.40 -15.82 35.50
C GLN TA 57 31.07 -16.44 34.29
N SER TA 58 30.30 -17.17 33.49
CA SER TA 58 30.86 -17.91 32.37
C SER TA 58 31.40 -16.96 31.31
N ASN TA 59 32.55 -17.32 30.74
CA ASN TA 59 33.03 -16.65 29.55
C ASN TA 59 32.48 -17.27 28.28
N ASN TA 60 31.87 -18.45 28.37
CA ASN TA 60 31.16 -19.08 27.27
C ASN TA 60 29.79 -19.49 27.77
N PRO TA 61 28.91 -18.51 28.01
CA PRO TA 61 27.62 -18.82 28.63
C PRO TA 61 26.69 -19.55 27.66
N SER TA 62 25.71 -20.21 28.25
CA SER TA 62 24.68 -20.83 27.43
C SER TA 62 23.80 -19.74 26.80
N LYS TA 63 23.07 -20.12 25.75
CA LYS TA 63 22.20 -19.17 25.09
C LYS TA 63 21.02 -18.78 25.99
N GLU TA 64 20.75 -19.54 27.03
CA GLU TA 64 19.75 -19.19 28.03
C GLU TA 64 20.34 -18.43 29.20
N GLU TA 65 21.39 -17.64 28.94
CA GLU TA 65 22.08 -16.90 29.99
C GLU TA 65 21.12 -15.98 30.72
N LEU TA 66 21.20 -16.00 32.05
CA LEU TA 66 20.24 -15.28 32.88
C LEU TA 66 20.45 -13.78 32.77
N ASP TA 67 19.34 -13.05 32.90
CA ASP TA 67 19.41 -11.59 33.04
C ASP TA 67 19.69 -11.18 34.47
N LEU TA 68 19.15 -11.91 35.44
CA LEU TA 68 19.36 -11.62 36.84
C LEU TA 68 19.39 -12.93 37.60
N ILE TA 69 20.27 -13.03 38.60
CA ILE TA 69 20.34 -14.20 39.45
C ILE TA 69 20.32 -13.75 40.90
N ILE TA 70 19.45 -14.36 41.70
CA ILE TA 70 19.40 -14.15 43.13
C ILE TA 70 20.10 -15.32 43.80
N THR TA 71 21.19 -15.03 44.49
CA THR TA 71 22.07 -16.08 45.00
C THR TA 71 21.72 -16.43 46.44
N ASN TA 72 21.74 -17.73 46.74
CA ASN TA 72 21.64 -18.24 48.12
C ASN TA 72 20.36 -17.79 48.80
N ALA TA 73 19.27 -17.70 48.04
CA ALA TA 73 18.01 -17.24 48.60
C ALA TA 73 17.29 -18.38 49.28
N LEU TA 74 16.69 -18.10 50.44
CA LEU TA 74 15.82 -19.05 51.10
C LEU TA 74 14.43 -18.85 50.53
N ILE TA 75 14.06 -19.69 49.57
CA ILE TA 75 12.74 -19.62 48.96
C ILE TA 75 11.72 -20.20 49.94
N VAL TA 76 10.74 -19.39 50.31
CA VAL TA 76 9.61 -19.83 51.10
C VAL TA 76 8.39 -19.78 50.21
N ASP TA 77 7.84 -20.94 49.89
CA ASP TA 77 6.78 -21.05 48.92
C ASP TA 77 5.87 -22.19 49.33
N TYR TA 78 4.66 -22.21 48.77
CA TYR TA 78 3.79 -23.34 49.03
C TYR TA 78 4.36 -24.64 48.49
N THR TA 79 5.26 -24.57 47.51
CA THR TA 79 5.91 -25.76 47.00
C THR TA 79 7.02 -26.26 47.91
N GLY TA 80 7.39 -25.52 48.93
CA GLY TA 80 8.40 -25.96 49.88
C GLY TA 80 9.26 -24.81 50.34
N ILE TA 81 9.91 -25.02 51.47
CA ILE TA 81 10.84 -24.06 52.05
C ILE TA 81 12.23 -24.62 51.84
N TYR TA 82 12.96 -24.06 50.88
CA TYR TA 82 14.26 -24.62 50.53
C TYR TA 82 15.21 -23.50 50.17
N LYS TA 83 16.45 -23.86 49.85
CA LYS TA 83 17.50 -22.91 49.58
C LYS TA 83 17.98 -23.10 48.16
N ALA TA 84 18.05 -22.02 47.39
CA ALA TA 84 18.45 -22.16 45.99
C ALA TA 84 18.85 -20.80 45.43
N ASP TA 85 19.32 -20.83 44.20
CA ASP TA 85 19.52 -19.63 43.40
C ASP TA 85 18.36 -19.50 42.44
N ILE TA 86 17.82 -18.30 42.31
CA ILE TA 86 16.71 -18.03 41.40
C ILE TA 86 17.26 -17.29 40.20
N GLY TA 87 17.04 -17.84 39.01
CA GLY TA 87 17.45 -17.20 37.78
C GLY TA 87 16.23 -16.59 37.10
N ILE TA 88 16.38 -15.35 36.68
CA ILE TA 88 15.32 -14.61 36.02
C ILE TA 88 15.79 -14.24 34.62
N LYS TA 89 14.98 -14.55 33.62
CA LYS TA 89 15.31 -14.24 32.25
C LYS TA 89 14.05 -13.84 31.50
N ASP TA 90 14.10 -12.68 30.85
CA ASP TA 90 13.00 -12.16 30.04
C ASP TA 90 11.72 -12.01 30.87
N GLY TA 91 11.88 -11.58 32.11
CA GLY TA 91 10.75 -11.29 32.96
C GLY TA 91 10.11 -12.49 33.61
N LYS TA 92 10.60 -13.69 33.35
CA LYS TA 92 10.08 -14.91 33.97
C LYS TA 92 11.15 -15.52 34.85
N ILE TA 93 10.73 -16.45 35.70
CA ILE TA 93 11.67 -17.23 36.49
C ILE TA 93 12.23 -18.31 35.59
N ALA TA 94 13.49 -18.15 35.18
CA ALA TA 94 14.09 -19.04 34.20
C ALA TA 94 14.48 -20.38 34.82
N GLY TA 95 14.94 -20.37 36.06
CA GLY TA 95 15.32 -21.60 36.70
C GLY TA 95 15.52 -21.43 38.19
N ILE TA 96 15.37 -22.52 38.93
CA ILE TA 96 15.60 -22.54 40.37
C ILE TA 96 16.51 -23.71 40.68
N GLY TA 97 17.66 -23.41 41.28
CA GLY TA 97 18.61 -24.46 41.60
C GLY TA 97 20.01 -23.93 41.78
N LYS TA 98 21.00 -24.67 41.30
CA LYS TA 98 22.39 -24.27 41.40
C LYS TA 98 22.79 -23.53 40.15
N GLY TA 99 23.10 -22.24 40.28
CA GLY TA 99 23.55 -21.43 39.18
C GLY TA 99 25.05 -21.25 39.18
N GLY TA 100 25.56 -20.70 38.09
CA GLY TA 100 26.98 -20.44 38.00
C GLY TA 100 27.58 -20.72 36.65
N ASN TA 101 28.85 -21.12 36.64
CA ASN TA 101 29.61 -21.32 35.42
C ASN TA 101 29.83 -22.81 35.21
N LYS TA 102 29.32 -23.33 34.10
CA LYS TA 102 29.51 -24.73 33.78
C LYS TA 102 30.96 -25.08 33.51
N ASP TA 103 31.79 -24.10 33.13
CA ASP TA 103 33.18 -24.38 32.82
C ASP TA 103 33.99 -24.72 34.06
N MET TA 104 33.61 -24.19 35.22
CA MET TA 104 34.41 -24.34 36.42
C MET TA 104 33.65 -24.92 37.60
N GLN TA 105 32.37 -25.22 37.46
CA GLN TA 105 31.58 -25.79 38.54
C GLN TA 105 30.74 -26.93 38.00
N ASP TA 106 30.41 -27.87 38.88
CA ASP TA 106 29.62 -29.03 38.51
C ASP TA 106 28.17 -28.81 38.86
N GLY TA 107 27.29 -29.52 38.15
CA GLY TA 107 25.87 -29.46 38.42
C GLY TA 107 25.22 -28.13 38.14
N VAL TA 108 25.57 -27.50 37.03
CA VAL TA 108 24.97 -26.24 36.61
C VAL TA 108 24.19 -26.49 35.34
N LYS TA 109 22.87 -26.35 35.40
CA LYS TA 109 22.04 -26.57 34.24
C LYS TA 109 22.15 -25.41 33.26
N ASN TA 110 21.68 -25.63 32.03
CA ASN TA 110 21.78 -24.61 31.00
C ASN TA 110 20.91 -23.40 31.31
N ASN TA 111 19.80 -23.59 32.00
CA ASN TA 111 18.89 -22.49 32.29
C ASN TA 111 19.31 -21.68 33.50
N LEU TA 112 20.37 -22.08 34.21
CA LEU TA 112 20.88 -21.33 35.34
C LEU TA 112 22.30 -20.85 35.09
N SER TA 113 22.63 -20.58 33.83
CA SER TA 113 23.97 -20.19 33.45
C SER TA 113 24.17 -18.70 33.70
N VAL TA 114 25.17 -18.36 34.48
CA VAL TA 114 25.52 -16.97 34.75
C VAL TA 114 26.56 -16.55 33.73
N GLY TA 115 26.31 -15.43 33.06
CA GLY TA 115 27.22 -14.93 32.06
C GLY TA 115 27.44 -13.44 32.17
N PRO TA 116 28.11 -12.88 31.16
CA PRO TA 116 28.41 -11.43 31.20
C PRO TA 116 27.17 -10.55 31.14
N ALA TA 117 26.03 -11.07 30.73
CA ALA TA 117 24.79 -10.29 30.68
C ALA TA 117 23.98 -10.41 31.95
N THR TA 118 24.52 -11.03 33.00
CA THR TA 118 23.78 -11.35 34.20
C THR TA 118 24.07 -10.32 35.29
N GLU TA 119 23.01 -9.80 35.90
CA GLU TA 119 23.12 -9.00 37.11
C GLU TA 119 22.97 -9.93 38.32
N ALA TA 120 23.64 -9.57 39.41
CA ALA TA 120 23.68 -10.38 40.61
C ALA TA 120 22.94 -9.69 41.74
N LEU TA 121 22.18 -10.47 42.50
CA LEU TA 121 21.45 -9.98 43.65
C LEU TA 121 21.71 -10.93 44.81
N ALA TA 122 22.34 -10.43 45.86
CA ALA TA 122 22.72 -11.25 46.99
C ALA TA 122 21.50 -11.52 47.86
N GLY TA 123 20.99 -12.75 47.79
CA GLY TA 123 19.91 -13.18 48.65
C GLY TA 123 20.35 -14.00 49.85
N GLU TA 124 21.65 -14.05 50.14
CA GLU TA 124 22.13 -14.83 51.27
C GLU TA 124 21.61 -14.23 52.57
N GLY TA 125 21.00 -15.09 53.40
CA GLY TA 125 20.35 -14.60 54.59
C GLY TA 125 19.04 -13.91 54.35
N LEU TA 126 18.46 -14.04 53.16
CA LEU TA 126 17.22 -13.38 52.81
C LEU TA 126 16.20 -14.42 52.35
N ILE TA 127 14.95 -14.19 52.71
CA ILE TA 127 13.84 -15.03 52.30
C ILE TA 127 13.26 -14.44 51.03
N VAL TA 128 12.90 -15.30 50.09
CA VAL TA 128 12.24 -14.90 48.86
C VAL TA 128 10.86 -15.54 48.84
N THR TA 129 9.83 -14.73 48.67
CA THR TA 129 8.49 -15.24 48.49
C THR TA 129 7.90 -14.66 47.21
N ALA TA 130 6.79 -15.24 46.77
CA ALA TA 130 6.04 -14.63 45.69
C ALA TA 130 5.33 -13.39 46.20
N GLY TA 131 5.06 -12.45 45.30
CA GLY TA 131 4.33 -11.26 45.68
C GLY TA 131 2.92 -11.61 46.12
N GLY TA 132 2.41 -10.80 47.04
CA GLY TA 132 1.06 -11.00 47.49
C GLY TA 132 0.04 -10.69 46.41
N ILE TA 133 -1.11 -11.34 46.54
CA ILE TA 133 -2.25 -11.14 45.65
C ILE TA 133 -3.43 -10.75 46.51
N ASP TA 134 -3.92 -9.52 46.34
CA ASP TA 134 -5.04 -9.02 47.10
C ASP TA 134 -6.24 -8.92 46.18
N THR TA 135 -7.31 -9.66 46.49
CA THR TA 135 -8.41 -9.86 45.57
C THR TA 135 -9.68 -9.13 45.96
N HIS TA 136 -9.64 -8.32 47.02
CA HIS TA 136 -10.83 -7.61 47.48
C HIS TA 136 -10.65 -6.10 47.40
N ILE TA 137 -9.81 -5.63 46.50
CA ILE TA 137 -9.37 -4.24 46.54
C ILE TA 137 -10.50 -3.33 46.11
N HIS TA 138 -10.92 -2.44 47.00
CA HIS TA 138 -11.78 -1.32 46.62
C HIS TA 138 -10.89 -0.22 46.07
N PHE TA 139 -10.92 -0.02 44.76
CA PHE TA 139 -10.06 0.99 44.17
C PHE TA 139 -10.61 2.38 44.48
N ILE TA 140 -10.45 2.79 45.74
CA ILE TA 140 -10.98 4.07 46.18
C ILE TA 140 -10.01 5.19 45.87
N SER TA 141 -8.73 4.97 46.11
CA SER TA 141 -7.72 5.94 45.76
C SER TA 141 -6.50 5.23 45.17
N PRO TA 142 -5.80 5.88 44.25
CA PRO TA 142 -4.55 5.31 43.73
C PRO TA 142 -3.45 5.24 44.76
N GLN TA 143 -3.55 5.94 45.88
CA GLN TA 143 -2.53 5.86 46.91
C GLN TA 143 -2.54 4.53 47.64
N GLN TA 144 -3.59 3.72 47.46
CA GLN TA 144 -3.58 2.37 48.01
C GLN TA 144 -2.53 1.51 47.35
N ILE TA 145 -2.27 1.75 46.06
CA ILE TA 145 -1.38 0.88 45.32
C ILE TA 145 0.06 0.93 45.85
N PRO TA 146 0.68 2.10 46.03
CA PRO TA 146 2.02 2.10 46.65
C PRO TA 146 2.04 1.55 48.07
N THR TA 147 0.97 1.73 48.84
CA THR TA 147 0.94 1.19 50.19
C THR TA 147 0.96 -0.33 50.18
N ALA TA 148 0.12 -0.93 49.34
CA ALA TA 148 0.12 -2.39 49.21
C ALA TA 148 1.44 -2.88 48.65
N PHE TA 149 1.99 -2.16 47.68
CA PHE TA 149 3.28 -2.53 47.09
C PHE TA 149 4.37 -2.55 48.14
N ALA TA 150 4.41 -1.52 49.00
CA ALA TA 150 5.40 -1.50 50.06
C ALA TA 150 5.13 -2.57 51.10
N SER TA 151 3.88 -2.98 51.27
CA SER TA 151 3.59 -4.10 52.17
C SER TA 151 4.01 -5.43 51.59
N GLY TA 152 4.14 -5.53 50.27
CA GLY TA 152 4.62 -6.75 49.67
C GLY TA 152 3.61 -7.41 48.75
N VAL TA 153 2.56 -6.68 48.42
CA VAL TA 153 1.53 -7.14 47.50
C VAL TA 153 1.90 -6.68 46.11
N THR TA 154 1.93 -7.60 45.16
CA THR TA 154 2.30 -7.26 43.79
C THR TA 154 1.14 -7.39 42.81
N THR TA 155 0.06 -8.07 43.18
CA THR TA 155 -1.11 -8.14 42.32
C THR TA 155 -2.34 -7.65 43.08
N MET TA 156 -3.10 -6.77 42.46
CA MET TA 156 -4.33 -6.24 43.03
C MET TA 156 -5.47 -6.52 42.06
N ILE TA 157 -6.44 -7.30 42.50
CA ILE TA 157 -7.66 -7.55 41.76
C ILE TA 157 -8.80 -6.92 42.55
N GLY TA 158 -9.57 -6.09 41.88
CA GLY TA 158 -10.64 -5.43 42.57
C GLY TA 158 -11.47 -4.61 41.62
N GLY TA 159 -12.19 -3.66 42.18
CA GLY TA 159 -13.05 -2.81 41.37
C GLY TA 159 -13.18 -1.46 42.01
N GLY TA 160 -13.72 -0.53 41.24
CA GLY TA 160 -13.91 0.81 41.73
C GLY TA 160 -13.59 1.85 40.69
N THR TA 161 -13.99 3.08 40.96
CA THR TA 161 -13.78 4.18 40.01
C THR TA 161 -13.34 5.43 40.73
N GLY TA 162 -12.60 5.29 41.81
CA GLY TA 162 -12.26 6.42 42.65
C GLY TA 162 -13.20 6.52 43.83
N PRO TA 163 -13.14 7.61 44.56
CA PRO TA 163 -13.92 7.71 45.80
C PRO TA 163 -15.40 8.00 45.57
N ALA TA 164 -16.00 7.31 44.61
CA ALA TA 164 -17.45 7.32 44.51
C ALA TA 164 -18.04 6.49 45.64
N ASP TA 165 -19.31 6.72 45.93
CA ASP TA 165 -19.95 5.95 46.99
C ASP TA 165 -20.14 4.50 46.59
N GLY TA 166 -20.41 4.24 45.32
CA GLY TA 166 -20.47 2.87 44.84
C GLY TA 166 -19.17 2.13 45.04
N THR TA 167 -18.04 2.83 44.85
CA THR TA 167 -16.74 2.21 45.08
C THR TA 167 -16.44 2.07 46.57
N ASN TA 168 -16.81 3.08 47.36
CA ASN TA 168 -16.61 3.00 48.80
C ASN TA 168 -17.33 1.81 49.39
N ALA TA 169 -18.49 1.46 48.84
CA ALA TA 169 -19.22 0.31 49.33
C ALA TA 169 -18.78 -1.00 48.69
N THR TA 170 -18.52 -1.00 47.38
CA THR TA 170 -18.42 -2.22 46.60
C THR TA 170 -17.11 -2.29 45.85
N THR TA 171 -16.72 -3.51 45.51
CA THR TA 171 -15.52 -3.80 44.73
C THR TA 171 -15.86 -3.94 43.24
N ILE TA 172 -16.47 -2.89 42.69
CA ILE TA 172 -17.13 -2.98 41.39
C ILE TA 172 -16.66 -1.85 40.50
N THR TA 173 -16.24 -2.18 39.27
CA THR TA 173 -15.99 -1.21 38.22
C THR TA 173 -17.10 -1.37 37.19
N PRO TA 174 -18.15 -0.56 37.26
CA PRO TA 174 -19.33 -0.84 36.45
C PRO TA 174 -19.27 -0.30 35.04
N GLY TA 175 -19.37 -1.18 34.06
CA GLY TA 175 -19.64 -0.75 32.70
C GLY TA 175 -18.39 -0.65 31.85
N ARG TA 176 -18.61 -0.64 30.54
CA ARG TA 176 -17.51 -0.60 29.58
C ARG TA 176 -16.72 0.69 29.69
N ARG TA 177 -17.41 1.82 29.83
CA ARG TA 177 -16.71 3.11 29.86
C ARG TA 177 -15.86 3.25 31.13
N ASN TA 178 -16.41 2.87 32.28
CA ASN TA 178 -15.65 2.94 33.52
C ASN TA 178 -14.50 1.93 33.50
N LEU TA 179 -14.73 0.77 32.89
CA LEU TA 179 -13.63 -0.18 32.74
C LEU TA 179 -12.52 0.40 31.87
N LYS TA 180 -12.89 1.11 30.81
CA LYS TA 180 -11.87 1.76 29.99
C LYS TA 180 -11.11 2.82 30.79
N TRP TA 181 -11.83 3.62 31.57
CA TRP TA 181 -11.19 4.60 32.45
C TRP TA 181 -10.16 3.94 33.33
N MET TA 182 -10.55 2.86 34.01
CA MET TA 182 -9.64 2.22 34.97
C MET TA 182 -8.49 1.53 34.28
N LEU TA 183 -8.74 0.87 33.14
CA LEU TA 183 -7.67 0.20 32.43
C LEU TA 183 -6.64 1.19 31.91
N ARG TA 184 -7.09 2.35 31.44
CA ARG TA 184 -6.14 3.34 30.96
C ARG TA 184 -5.45 4.06 32.10
N ALA TA 185 -6.10 4.20 33.26
CA ALA TA 185 -5.40 4.75 34.41
C ALA TA 185 -4.39 3.76 34.98
N ALA TA 186 -4.60 2.46 34.76
CA ALA TA 186 -3.70 1.46 35.31
C ALA TA 186 -2.29 1.55 34.75
N GLU TA 187 -2.09 2.22 33.63
CA GLU TA 187 -0.76 2.34 33.05
C GLU TA 187 0.22 3.04 33.96
N GLU TA 188 -0.27 3.79 34.94
CA GLU TA 188 0.58 4.59 35.81
C GLU TA 188 1.30 3.76 36.86
N TYR TA 189 0.69 2.68 37.33
CA TYR TA 189 1.09 2.05 38.57
C TYR TA 189 2.00 0.84 38.35
N SER TA 190 2.84 0.60 39.34
CA SER TA 190 3.73 -0.56 39.35
C SER TA 190 3.07 -1.65 40.20
N MET TA 191 2.13 -2.35 39.58
CA MET TA 191 1.36 -3.40 40.24
C MET TA 191 0.56 -4.11 39.18
N ASN TA 192 0.49 -5.43 39.25
CA ASN TA 192 -0.43 -6.16 38.39
C ASN TA 192 -1.85 -5.83 38.79
N LEU TA 193 -2.70 -5.57 37.82
CA LEU TA 193 -4.04 -5.09 38.12
C LEU TA 193 -5.09 -5.90 37.37
N GLY TA 194 -6.18 -6.21 38.06
CA GLY TA 194 -7.32 -6.84 37.45
C GLY TA 194 -8.59 -6.19 37.95
N PHE TA 195 -9.59 -6.04 37.10
CA PHE TA 195 -10.79 -5.30 37.45
C PHE TA 195 -12.02 -6.19 37.33
N LEU TA 196 -12.93 -6.03 38.30
CA LEU TA 196 -14.17 -6.77 38.37
C LEU TA 196 -15.33 -5.87 37.96
N ALA TA 197 -16.27 -6.44 37.23
CA ALA TA 197 -17.43 -5.71 36.75
C ALA TA 197 -18.59 -5.86 37.73
N LYS TA 198 -19.68 -5.16 37.45
CA LYS TA 198 -20.88 -5.25 38.27
C LYS TA 198 -21.66 -6.50 37.88
N GLY TA 199 -21.86 -7.39 38.84
CA GLY TA 199 -22.62 -8.60 38.58
C GLY TA 199 -24.08 -8.44 38.93
N ASN TA 200 -24.42 -7.39 39.66
CA ASN TA 200 -25.79 -7.15 40.11
C ASN TA 200 -26.60 -6.62 38.94
N ALA TA 201 -26.98 -7.54 38.05
CA ALA TA 201 -27.82 -7.20 36.92
C ALA TA 201 -28.47 -8.48 36.42
N SER TA 202 -29.75 -8.39 36.11
CA SER TA 202 -30.47 -9.50 35.49
C SER TA 202 -30.43 -9.43 33.97
N ASN TA 203 -29.43 -8.76 33.40
CA ASN TA 203 -29.32 -8.57 31.97
C ASN TA 203 -28.04 -9.26 31.48
N ASP TA 204 -28.23 -10.40 30.81
CA ASP TA 204 -27.09 -11.14 30.27
C ASP TA 204 -26.29 -10.29 29.29
N ALA TA 205 -26.98 -9.47 28.50
CA ALA TA 205 -26.28 -8.62 27.54
C ALA TA 205 -25.36 -7.64 28.24
N SER TA 206 -25.84 -7.00 29.31
CA SER TA 206 -25.00 -6.05 30.04
C SER TA 206 -23.82 -6.75 30.70
N LEU TA 207 -24.05 -7.92 31.32
CA LEU TA 207 -22.96 -8.63 31.96
C LEU TA 207 -21.91 -9.05 30.94
N ALA TA 208 -22.35 -9.59 29.80
CA ALA TA 208 -21.43 -10.00 28.76
C ALA TA 208 -20.68 -8.81 28.19
N ASP TA 209 -21.34 -7.66 28.07
CA ASP TA 209 -20.67 -6.47 27.58
C ASP TA 209 -19.55 -6.05 28.51
N GLN TA 210 -19.78 -6.12 29.82
CA GLN TA 210 -18.71 -5.80 30.75
C GLN TA 210 -17.54 -6.76 30.62
N ILE TA 211 -17.82 -8.06 30.51
CA ILE TA 211 -16.73 -9.03 30.39
C ILE TA 211 -15.93 -8.78 29.12
N GLU TA 212 -16.62 -8.54 28.00
CA GLU TA 212 -15.92 -8.25 26.76
C GLU TA 212 -15.20 -6.91 26.81
N ALA TA 213 -15.66 -6.00 27.67
CA ALA TA 213 -14.97 -4.73 27.86
C ALA TA 213 -13.70 -4.90 28.67
N GLY TA 214 -13.58 -5.97 29.44
CA GLY TA 214 -12.27 -6.27 29.97
C GLY TA 214 -12.20 -6.72 31.41
N ALA TA 215 -13.33 -6.83 32.08
CA ALA TA 215 -13.33 -7.30 33.45
C ALA TA 215 -12.93 -8.77 33.51
N ILE TA 216 -12.18 -9.12 34.56
CA ILE TA 216 -11.77 -10.52 34.76
C ILE TA 216 -12.78 -11.30 35.57
N GLY TA 217 -13.89 -10.70 35.95
CA GLY TA 217 -14.88 -11.40 36.73
C GLY TA 217 -15.98 -10.45 37.14
N PHE TA 218 -16.94 -11.00 37.86
CA PHE TA 218 -18.08 -10.25 38.36
C PHE TA 218 -18.00 -10.11 39.87
N LYS TA 219 -18.51 -9.01 40.37
CA LYS TA 219 -18.71 -8.83 41.80
C LYS TA 219 -20.18 -8.57 42.04
N ILE TA 220 -20.81 -9.40 42.86
CA ILE TA 220 -22.20 -9.22 43.25
C ILE TA 220 -22.19 -8.72 44.68
N HIS TA 221 -22.45 -7.44 44.87
CA HIS TA 221 -22.39 -6.82 46.18
C HIS TA 221 -23.79 -6.48 46.67
N GLU TA 222 -24.01 -6.64 47.98
CA GLU TA 222 -25.32 -6.34 48.54
C GLU TA 222 -25.76 -4.90 48.30
N ASP TA 223 -24.82 -3.96 48.23
CA ASP TA 223 -25.20 -2.56 48.09
C ASP TA 223 -25.78 -2.23 46.73
N TRP TA 224 -25.47 -3.02 45.71
CA TRP TA 224 -26.12 -2.90 44.42
C TRP TA 224 -27.30 -3.86 44.28
N GLY TA 225 -27.57 -4.67 45.30
CA GLY TA 225 -28.67 -5.60 45.28
C GLY TA 225 -28.22 -7.01 44.99
N THR TA 226 -28.06 -7.82 46.03
CA THR TA 226 -27.67 -9.22 45.88
C THR TA 226 -28.95 -10.03 45.93
N THR TA 227 -29.53 -10.27 44.78
CA THR TA 227 -30.74 -11.05 44.69
C THR TA 227 -30.46 -12.38 44.01
N PRO TA 228 -31.26 -13.40 44.28
CA PRO TA 228 -31.04 -14.69 43.62
C PRO TA 228 -31.08 -14.60 42.10
N SER TA 229 -31.93 -13.74 41.56
CA SER TA 229 -31.97 -13.56 40.11
C SER TA 229 -30.63 -13.05 39.58
N ALA TA 230 -30.07 -12.04 40.25
CA ALA TA 230 -28.79 -11.49 39.82
C ALA TA 230 -27.68 -12.53 39.97
N ILE TA 231 -27.68 -13.28 41.07
CA ILE TA 231 -26.68 -14.31 41.26
C ILE TA 231 -26.74 -15.33 40.13
N ASN TA 232 -27.96 -15.78 39.80
CA ASN TA 232 -28.13 -16.78 38.76
C ASN TA 232 -27.65 -16.28 37.41
N HIS TA 233 -28.05 -15.05 37.04
CA HIS TA 233 -27.66 -14.51 35.75
C HIS TA 233 -26.16 -14.30 35.66
N ALA TA 234 -25.56 -13.75 36.72
CA ALA TA 234 -24.12 -13.54 36.71
C ALA TA 234 -23.38 -14.85 36.59
N LEU TA 235 -23.83 -15.89 37.30
CA LEU TA 235 -23.15 -17.17 37.20
C LEU TA 235 -23.31 -17.78 35.83
N ASP TA 236 -24.47 -17.61 35.19
CA ASP TA 236 -24.64 -18.10 33.82
C ASP TA 236 -23.66 -17.43 32.87
N VAL TA 237 -23.59 -16.10 32.91
CA VAL TA 237 -22.70 -15.38 32.01
C VAL TA 237 -21.24 -15.71 32.30
N ALA TA 238 -20.90 -15.86 33.58
CA ALA TA 238 -19.53 -16.19 33.95
C ALA TA 238 -19.14 -17.59 33.52
N ASP TA 239 -20.07 -18.54 33.57
CA ASP TA 239 -19.77 -19.85 33.02
C ASP TA 239 -19.61 -19.80 31.51
N LYS TA 240 -20.34 -18.90 30.86
CA LYS TA 240 -20.15 -18.71 29.42
C LYS TA 240 -18.76 -18.15 29.09
N TYR TA 241 -18.29 -17.19 29.88
CA TYR TA 241 -17.08 -16.45 29.54
C TYR TA 241 -15.84 -16.85 30.34
N ASP TA 242 -15.94 -17.85 31.21
CA ASP TA 242 -14.81 -18.34 32.00
C ASP TA 242 -14.17 -17.22 32.82
N VAL TA 243 -14.97 -16.61 33.69
CA VAL TA 243 -14.49 -15.59 34.61
C VAL TA 243 -15.02 -15.90 36.01
N GLN TA 244 -14.30 -15.45 37.02
CA GLN TA 244 -14.70 -15.69 38.40
C GLN TA 244 -15.88 -14.81 38.77
N VAL TA 245 -16.66 -15.27 39.74
CA VAL TA 245 -17.71 -14.48 40.37
C VAL TA 245 -17.42 -14.42 41.86
N ALA TA 246 -17.38 -13.21 42.41
CA ALA TA 246 -17.26 -12.99 43.83
C ALA TA 246 -18.56 -12.42 44.35
N ILE TA 247 -18.89 -12.74 45.60
CA ILE TA 247 -20.16 -12.32 46.17
C ILE TA 247 -19.94 -11.78 47.58
N HIS TA 248 -20.62 -10.67 47.88
CA HIS TA 248 -20.81 -10.14 49.21
C HIS TA 248 -22.32 -10.15 49.44
N THR TA 249 -22.77 -11.14 50.22
CA THR TA 249 -24.17 -11.53 50.24
C THR TA 249 -25.04 -10.47 50.91
N ASP TA 250 -26.36 -10.72 50.84
CA ASP TA 250 -27.35 -9.79 51.36
C ASP TA 250 -27.33 -9.78 52.88
N THR TA 251 -27.09 -8.61 53.46
CA THR TA 251 -27.08 -8.47 54.91
C THR TA 251 -28.49 -8.46 55.49
N LEU TA 252 -29.47 -7.95 54.76
CA LEU TA 252 -30.79 -7.71 55.32
C LEU TA 252 -31.73 -8.89 55.21
N ASN TA 253 -31.33 -9.97 54.56
CA ASN TA 253 -32.23 -11.10 54.28
C ASN TA 253 -33.48 -10.64 53.56
N GLU TA 254 -33.35 -9.64 52.68
CA GLU TA 254 -34.50 -9.08 52.01
C GLU TA 254 -35.18 -10.11 51.12
N ALA TA 255 -34.41 -10.78 50.27
CA ALA TA 255 -34.96 -11.73 49.32
C ALA TA 255 -34.85 -13.18 49.80
N GLY TA 256 -34.03 -13.45 50.81
CA GLY TA 256 -33.90 -14.80 51.30
C GLY TA 256 -32.70 -14.92 52.22
N CYS TA 257 -32.55 -16.11 52.76
CA CYS TA 257 -31.49 -16.41 53.70
C CYS TA 257 -30.31 -17.07 52.98
N VAL TA 258 -29.38 -17.60 53.77
CA VAL TA 258 -28.19 -18.24 53.23
C VAL TA 258 -28.58 -19.42 52.36
N GLU TA 259 -29.62 -20.15 52.74
CA GLU TA 259 -30.06 -21.28 51.93
C GLU TA 259 -30.54 -20.82 50.56
N ASP TA 260 -31.27 -19.71 50.51
CA ASP TA 260 -31.72 -19.19 49.23
C ASP TA 260 -30.55 -18.69 48.38
N THR TA 261 -29.58 -18.04 49.02
CA THR TA 261 -28.39 -17.63 48.28
C THR TA 261 -27.63 -18.82 47.70
N MET TA 262 -27.47 -19.87 48.51
CA MET TA 262 -26.77 -21.06 48.04
C MET TA 262 -27.57 -21.79 46.96
N ALA TA 263 -28.89 -21.76 47.04
CA ALA TA 263 -29.70 -22.34 45.98
C ALA TA 263 -29.54 -21.57 44.68
N ALA TA 264 -29.47 -20.24 44.76
CA ALA TA 264 -29.21 -19.45 43.56
C ALA TA 264 -27.84 -19.74 42.99
N ILE TA 265 -26.84 -19.91 43.86
CA ILE TA 265 -25.50 -20.27 43.40
C ILE TA 265 -25.53 -21.61 42.69
N ALA TA 266 -26.24 -22.58 43.27
CA ALA TA 266 -26.54 -23.85 42.61
C ALA TA 266 -25.28 -24.65 42.31
N GLY TA 267 -24.39 -24.76 43.29
CA GLY TA 267 -23.22 -25.59 43.16
C GLY TA 267 -22.26 -25.16 42.07
N ARG TA 268 -22.15 -23.86 41.83
CA ARG TA 268 -21.20 -23.32 40.87
C ARG TA 268 -20.11 -22.57 41.62
N THR TA 269 -18.93 -22.52 41.03
CA THR TA 269 -17.78 -21.95 41.72
C THR TA 269 -18.03 -20.47 42.01
N MET TA 270 -17.89 -20.11 43.29
CA MET TA 270 -18.16 -18.76 43.74
C MET TA 270 -17.14 -18.39 44.80
N HIS TA 271 -16.59 -17.19 44.71
CA HIS TA 271 -15.62 -16.69 45.66
C HIS TA 271 -16.34 -15.74 46.61
N THR TA 272 -16.36 -16.08 47.89
CA THR TA 272 -17.18 -15.36 48.86
C THR TA 272 -16.31 -14.42 49.69
N PHE TA 273 -16.74 -13.18 49.80
CA PHE TA 273 -16.13 -12.19 50.69
C PHE TA 273 -16.83 -12.26 52.04
N HIS TA 274 -16.07 -12.08 53.10
CA HIS TA 274 -16.60 -12.07 54.46
C HIS TA 274 -17.41 -13.34 54.72
N THR TA 275 -16.77 -14.49 54.49
CA THR TA 275 -17.47 -15.75 54.71
C THR TA 275 -17.86 -15.94 56.16
N GLU TA 276 -17.25 -15.18 57.08
CA GLU TA 276 -17.70 -15.14 58.46
C GLU TA 276 -18.95 -14.30 58.65
N GLY TA 277 -19.39 -13.57 57.62
CA GLY TA 277 -20.58 -12.76 57.71
C GLY TA 277 -20.29 -11.28 57.87
N ALA TA 278 -19.27 -10.96 58.67
CA ALA TA 278 -18.92 -9.57 58.97
C ALA TA 278 -20.11 -8.81 59.52
N GLY TA 279 -20.89 -9.47 60.37
CA GLY TA 279 -22.04 -8.86 60.99
C GLY TA 279 -23.31 -8.84 60.16
N GLY TA 280 -23.31 -9.47 58.99
CA GLY TA 280 -24.48 -9.49 58.15
C GLY TA 280 -25.57 -10.40 58.71
N GLY TA 281 -26.76 -10.26 58.13
CA GLY TA 281 -27.87 -11.10 58.53
C GLY TA 281 -27.67 -12.57 58.22
N HIS TA 282 -26.85 -12.88 57.21
CA HIS TA 282 -26.50 -14.26 56.93
C HIS TA 282 -25.63 -14.86 58.01
N ALA TA 283 -24.98 -14.03 58.82
CA ALA TA 283 -24.19 -14.54 59.92
C ALA TA 283 -25.10 -15.07 61.03
N PRO TA 284 -24.68 -16.12 61.74
CA PRO TA 284 -23.42 -16.83 61.51
C PRO TA 284 -23.57 -17.99 60.54
N ASP TA 285 -24.77 -18.15 59.98
CA ASP TA 285 -25.05 -19.30 59.12
C ASP TA 285 -24.26 -19.25 57.82
N ILE TA 286 -23.84 -18.07 57.38
CA ILE TA 286 -23.06 -17.99 56.15
C ILE TA 286 -21.71 -18.69 56.31
N ILE TA 287 -21.23 -18.86 57.54
CA ILE TA 287 -20.02 -19.64 57.75
C ILE TA 287 -20.20 -21.08 57.27
N LYS TA 288 -21.44 -21.56 57.20
CA LYS TA 288 -21.69 -22.91 56.73
C LYS TA 288 -21.23 -23.10 55.30
N VAL TA 289 -21.28 -22.05 54.48
CA VAL TA 289 -20.89 -22.20 53.08
C VAL TA 289 -19.39 -22.42 52.95
N ALA TA 290 -18.62 -22.15 53.99
CA ALA TA 290 -17.19 -22.39 53.94
C ALA TA 290 -16.85 -23.88 53.92
N GLY TA 291 -17.81 -24.75 54.16
CA GLY TA 291 -17.61 -26.17 54.02
C GLY TA 291 -17.98 -26.75 52.68
N GLU TA 292 -18.63 -25.97 51.82
CA GLU TA 292 -19.00 -26.45 50.51
C GLU TA 292 -17.80 -26.48 49.58
N HIS TA 293 -17.85 -27.38 48.60
CA HIS TA 293 -16.76 -27.50 47.65
C HIS TA 293 -16.71 -26.31 46.71
N ASN TA 294 -17.86 -25.86 46.22
CA ASN TA 294 -17.89 -24.84 45.18
C ASN TA 294 -17.60 -23.44 45.70
N ILE TA 295 -17.49 -23.25 47.01
CA ILE TA 295 -17.28 -21.94 47.60
C ILE TA 295 -15.81 -21.80 47.95
N LEU TA 296 -15.18 -20.74 47.42
CA LEU TA 296 -13.84 -20.37 47.85
C LEU TA 296 -13.98 -19.25 48.86
N PRO TA 297 -13.76 -19.50 50.15
CA PRO TA 297 -14.01 -18.48 51.16
C PRO TA 297 -12.81 -17.60 51.44
N ALA TA 298 -13.08 -16.31 51.59
CA ALA TA 298 -12.05 -15.36 51.96
C ALA TA 298 -12.49 -14.61 53.20
N SER TA 299 -11.51 -14.19 53.98
CA SER TA 299 -11.74 -13.40 55.17
C SER TA 299 -10.94 -12.12 55.10
N THR TA 300 -11.48 -11.07 55.70
CA THR TA 300 -10.89 -9.75 55.59
C THR TA 300 -9.95 -9.47 56.74
N ASN TA 301 -9.14 -8.43 56.55
CA ASN TA 301 -8.16 -8.03 57.56
C ASN TA 301 -8.74 -7.70 58.93
N PRO TA 302 -9.76 -6.83 59.06
CA PRO TA 302 -10.03 -6.24 60.38
C PRO TA 302 -10.34 -7.25 61.47
N THR TA 303 -10.95 -8.37 61.13
CA THR TA 303 -11.37 -9.33 62.14
C THR TA 303 -10.31 -10.39 62.44
N ILE TA 304 -9.16 -10.34 61.78
CA ILE TA 304 -8.07 -11.25 62.10
C ILE TA 304 -6.82 -10.45 62.40
N PRO TA 305 -6.10 -10.76 63.49
CA PRO TA 305 -6.52 -11.73 64.48
C PRO TA 305 -7.53 -11.13 65.47
N PHE TA 306 -8.25 -11.97 66.19
CA PHE TA 306 -9.21 -11.47 67.18
C PHE TA 306 -8.46 -10.90 68.38
N THR TA 307 -8.67 -9.62 68.64
CA THR TA 307 -7.98 -8.92 69.71
C THR TA 307 -8.99 -8.26 70.64
N VAL TA 308 -8.47 -7.54 71.64
CA VAL TA 308 -9.33 -6.87 72.61
C VAL TA 308 -10.11 -5.74 71.95
N ASN TA 309 -9.50 -5.05 70.99
CA ASN TA 309 -10.10 -3.88 70.37
C ASN TA 309 -10.83 -4.21 69.07
N THR TA 310 -10.96 -5.49 68.70
CA THR TA 310 -11.52 -5.84 67.41
C THR TA 310 -12.97 -5.40 67.29
N GLU TA 311 -13.77 -5.63 68.33
CA GLU TA 311 -15.20 -5.38 68.27
C GLU TA 311 -15.57 -3.91 68.37
N ALA TA 312 -14.66 -3.05 68.83
CA ALA TA 312 -15.03 -1.66 69.09
C ALA TA 312 -15.21 -0.87 67.80
N GLU TA 313 -14.38 -1.14 66.78
CA GLU TA 313 -14.38 -0.35 65.57
C GLU TA 313 -15.35 -0.85 64.51
N HIS TA 314 -15.99 -2.00 64.74
CA HIS TA 314 -16.73 -2.66 63.68
C HIS TA 314 -17.94 -1.84 63.23
N MET TA 315 -18.67 -1.25 64.18
CA MET TA 315 -19.88 -0.51 63.79
C MET TA 315 -19.53 0.75 63.02
N ASP TA 316 -18.50 1.47 63.44
CA ASP TA 316 -18.07 2.66 62.69
C ASP TA 316 -17.64 2.28 61.29
N MET TA 317 -16.83 1.22 61.16
CA MET TA 317 -16.39 0.79 59.84
C MET TA 317 -17.59 0.39 58.98
N LEU TA 318 -18.53 -0.34 59.56
CA LEU TA 318 -19.70 -0.79 58.82
C LEU TA 318 -20.53 0.38 58.32
N MET TA 319 -20.80 1.35 59.20
CA MET TA 319 -21.62 2.48 58.80
C MET TA 319 -20.95 3.30 57.71
N VAL TA 320 -19.66 3.59 57.88
CA VAL TA 320 -18.99 4.40 56.86
C VAL TA 320 -18.88 3.65 55.54
N CYS TA 321 -18.59 2.35 55.58
CA CYS TA 321 -18.48 1.57 54.35
C CYS TA 321 -19.82 1.48 53.62
N HIS TA 322 -20.91 1.24 54.36
CA HIS TA 322 -22.21 1.10 53.72
C HIS TA 322 -22.90 2.43 53.48
N HIS TA 323 -22.28 3.54 53.85
CA HIS TA 323 -22.78 4.88 53.54
C HIS TA 323 -24.11 5.14 54.23
N LEU TA 324 -24.13 4.93 55.54
CA LEU TA 324 -25.26 5.26 56.38
C LEU TA 324 -24.87 6.44 57.26
N ASP TA 325 -25.62 7.53 57.17
CA ASP TA 325 -25.30 8.73 57.94
C ASP TA 325 -25.49 8.47 59.43
N LYS TA 326 -24.49 8.83 60.23
CA LYS TA 326 -24.56 8.62 61.67
C LYS TA 326 -25.40 9.68 62.38
N SER TA 327 -25.88 10.70 61.66
CA SER TA 327 -26.73 11.72 62.23
C SER TA 327 -28.20 11.52 61.87
N ILE TA 328 -28.54 10.38 61.27
CA ILE TA 328 -29.90 10.09 60.84
C ILE TA 328 -30.43 8.92 61.65
N LYS TA 329 -31.59 9.12 62.29
CA LYS TA 329 -32.19 8.06 63.10
C LYS TA 329 -32.49 6.84 62.26
N GLU TA 330 -33.04 7.03 61.06
CA GLU TA 330 -33.39 5.90 60.20
C GLU TA 330 -32.16 5.10 59.82
N ASP TA 331 -31.08 5.78 59.43
CA ASP TA 331 -29.87 5.06 59.04
C ASP TA 331 -29.24 4.34 60.24
N VAL TA 332 -29.24 4.98 61.40
CA VAL TA 332 -28.67 4.33 62.58
C VAL TA 332 -29.49 3.09 62.96
N GLN TA 333 -30.82 3.19 62.92
CA GLN TA 333 -31.66 2.04 63.19
C GLN TA 333 -31.45 0.95 62.15
N PHE TA 334 -31.25 1.34 60.89
CA PHE TA 334 -30.98 0.37 59.84
C PHE TA 334 -29.66 -0.36 60.08
N ALA TA 335 -28.67 0.34 60.62
CA ALA TA 335 -27.34 -0.23 60.81
C ALA TA 335 -27.39 -1.22 61.97
N ASP TA 336 -27.93 -2.40 61.67
CA ASP TA 336 -28.04 -3.48 62.64
C ASP TA 336 -27.03 -4.56 62.29
N SER TA 337 -26.25 -4.99 63.28
CA SER TA 337 -25.19 -5.96 63.08
C SER TA 337 -25.48 -7.23 63.88
N ARG TA 338 -25.10 -8.36 63.30
CA ARG TA 338 -25.18 -9.65 63.98
C ARG TA 338 -23.80 -10.19 64.32
N ILE TA 339 -22.83 -9.28 64.52
CA ILE TA 339 -21.47 -9.70 64.81
C ILE TA 339 -21.39 -10.20 66.25
N ARG TA 340 -20.58 -11.24 66.46
CA ARG TA 340 -20.39 -11.78 67.79
C ARG TA 340 -18.91 -12.09 67.99
N PRO TA 341 -18.40 -11.90 69.21
CA PRO TA 341 -17.03 -12.32 69.49
C PRO TA 341 -16.82 -13.81 69.26
N GLN TA 342 -17.86 -14.62 69.39
CA GLN TA 342 -17.76 -16.04 69.08
C GLN TA 342 -17.40 -16.25 67.61
N THR TA 343 -18.09 -15.55 66.72
CA THR TA 343 -17.79 -15.67 65.29
C THR TA 343 -16.41 -15.10 64.97
N ILE TA 344 -16.08 -13.94 65.55
CA ILE TA 344 -14.77 -13.35 65.28
C ILE TA 344 -13.66 -14.29 65.73
N ALA TA 345 -13.82 -14.92 66.89
CA ALA TA 345 -12.82 -15.87 67.37
C ALA TA 345 -12.80 -17.12 66.51
N ALA TA 346 -13.97 -17.59 66.06
CA ALA TA 346 -14.00 -18.78 65.23
C ALA TA 346 -13.33 -18.56 63.89
N GLU TA 347 -13.29 -17.31 63.42
CA GLU TA 347 -12.66 -17.02 62.14
C GLU TA 347 -11.18 -17.40 62.13
N ASP TA 348 -10.46 -17.04 63.21
CA ASP TA 348 -9.04 -17.37 63.27
C ASP TA 348 -8.82 -18.87 63.32
N THR TA 349 -9.65 -19.59 64.07
CA THR TA 349 -9.50 -21.05 64.14
C THR TA 349 -9.82 -21.69 62.80
N LEU TA 350 -10.81 -21.17 62.07
CA LEU TA 350 -11.09 -21.70 60.75
C LEU TA 350 -9.93 -21.45 59.80
N HIS TA 351 -9.29 -20.29 59.93
CA HIS TA 351 -8.07 -20.03 59.16
C HIS TA 351 -7.00 -21.05 59.49
N ASP TA 352 -6.80 -21.34 60.77
CA ASP TA 352 -5.78 -22.30 61.17
C ASP TA 352 -6.09 -23.69 60.63
N MET TA 353 -7.35 -24.08 60.65
CA MET TA 353 -7.75 -25.39 60.16
C MET TA 353 -7.79 -25.47 58.64
N GLY TA 354 -7.74 -24.35 57.95
CA GLY TA 354 -7.80 -24.36 56.51
C GLY TA 354 -9.19 -24.33 55.95
N ILE TA 355 -10.20 -24.04 56.77
CA ILE TA 355 -11.56 -23.88 56.27
C ILE TA 355 -11.66 -22.62 55.43
N PHE TA 356 -10.99 -21.55 55.86
CA PHE TA 356 -10.92 -20.33 55.07
C PHE TA 356 -9.66 -20.37 54.23
N SER TA 357 -9.81 -20.09 52.94
CA SER TA 357 -8.72 -20.32 51.99
C SER TA 357 -8.01 -19.06 51.57
N ILE TA 358 -8.66 -17.90 51.59
CA ILE TA 358 -8.06 -16.67 51.10
C ILE TA 358 -8.15 -15.59 52.16
N THR TA 359 -7.06 -14.86 52.37
CA THR TA 359 -7.07 -13.66 53.18
C THR TA 359 -7.00 -12.45 52.26
N SER TA 360 -7.74 -11.40 52.60
CA SER TA 360 -7.74 -10.21 51.78
C SER TA 360 -7.98 -8.99 52.66
N SER TA 361 -8.07 -7.83 52.01
CA SER TA 361 -8.20 -6.57 52.72
C SER TA 361 -9.60 -6.01 52.69
N ASP TA 362 -10.19 -5.85 51.50
CA ASP TA 362 -11.30 -4.92 51.28
C ASP TA 362 -10.85 -3.51 51.64
N SER TA 363 -9.87 -3.04 50.87
CA SER TA 363 -9.10 -1.85 51.20
C SER TA 363 -10.01 -0.63 51.38
N GLN TA 364 -9.81 0.08 52.47
CA GLN TA 364 -10.53 1.30 52.83
C GLN TA 364 -12.04 1.12 52.81
N ALA TA 365 -12.52 -0.11 52.80
CA ALA TA 365 -13.92 -0.42 53.09
C ALA TA 365 -13.91 -1.64 54.01
N MET TA 366 -13.79 -1.38 55.31
CA MET TA 366 -13.64 -2.44 56.31
C MET TA 366 -12.46 -3.35 55.98
N GLY TA 367 -11.27 -2.75 55.97
CA GLY TA 367 -10.06 -3.49 55.68
C GLY TA 367 -8.89 -2.61 55.32
N ARG TA 368 -7.68 -3.07 55.63
CA ARG TA 368 -6.47 -2.27 55.47
C ARG TA 368 -5.60 -2.89 54.39
N VAL TA 369 -5.28 -2.11 53.36
CA VAL TA 369 -4.65 -2.67 52.18
C VAL TA 369 -3.20 -3.06 52.46
N GLY TA 370 -2.54 -2.35 53.36
CA GLY TA 370 -1.14 -2.61 53.62
C GLY TA 370 -0.91 -3.55 54.78
N GLU TA 371 -1.93 -4.32 55.14
CA GLU TA 371 -1.84 -5.20 56.30
C GLU TA 371 -2.33 -6.61 56.03
N VAL TA 372 -2.53 -6.99 54.76
CA VAL TA 372 -2.97 -8.35 54.47
C VAL TA 372 -1.94 -9.36 54.95
N ILE TA 373 -0.69 -9.18 54.54
CA ILE TA 373 0.37 -10.11 54.89
C ILE TA 373 0.64 -10.07 56.39
N THR TA 374 0.72 -8.86 56.95
CA THR TA 374 1.00 -8.73 58.37
C THR TA 374 -0.07 -9.38 59.21
N ARG TA 375 -1.33 -9.19 58.86
CA ARG TA 375 -2.40 -9.77 59.67
C ARG TA 375 -2.51 -11.27 59.45
N THR TA 376 -2.18 -11.75 58.26
CA THR TA 376 -2.11 -13.19 58.05
C THR TA 376 -1.07 -13.82 58.97
N TRP TA 377 0.10 -13.21 59.06
CA TRP TA 377 1.14 -13.79 59.92
C TRP TA 377 0.85 -13.56 61.40
N GLN TA 378 0.17 -12.48 61.74
CA GLN TA 378 -0.27 -12.30 63.11
C GLN TA 378 -1.26 -13.39 63.51
N THR TA 379 -2.20 -13.72 62.62
CA THR TA 379 -3.12 -14.82 62.89
C THR TA 379 -2.39 -16.14 63.02
N ALA TA 380 -1.42 -16.39 62.14
CA ALA TA 380 -0.66 -17.63 62.22
C ALA TA 380 0.08 -17.72 63.55
N ASP TA 381 0.71 -16.64 63.97
CA ASP TA 381 1.44 -16.64 65.24
C ASP TA 381 0.50 -16.82 66.43
N LYS TA 382 -0.66 -16.16 66.40
CA LYS TA 382 -1.61 -16.30 67.50
C LYS TA 382 -2.14 -17.73 67.58
N ASN TA 383 -2.43 -18.34 66.45
CA ASN TA 383 -2.89 -19.73 66.46
C ASN TA 383 -1.79 -20.68 66.92
N LYS TA 384 -0.54 -20.40 66.55
CA LYS TA 384 0.56 -21.22 67.04
C LYS TA 384 0.69 -21.10 68.55
N LYS TA 385 0.56 -19.89 69.09
CA LYS TA 385 0.64 -19.71 70.53
C LYS TA 385 -0.52 -20.41 71.24
N GLU TA 386 -1.71 -20.37 70.66
CA GLU TA 386 -2.87 -20.94 71.32
C GLU TA 386 -2.88 -22.46 71.23
N PHE TA 387 -2.93 -23.00 70.01
CA PHE TA 387 -3.11 -24.43 69.80
C PHE TA 387 -1.81 -25.20 69.61
N GLY TA 388 -0.67 -24.53 69.64
CA GLY TA 388 0.58 -25.23 69.45
C GLY TA 388 0.78 -25.66 68.00
N ARG TA 389 1.73 -26.57 67.83
CA ARG TA 389 2.07 -27.06 66.50
C ARG TA 389 0.93 -27.86 65.92
N LEU TA 390 0.71 -27.70 64.62
CA LEU TA 390 -0.30 -28.49 63.92
C LEU TA 390 0.10 -29.96 63.92
N LYS TA 391 -0.90 -30.84 63.84
CA LYS TA 391 -0.62 -32.26 63.79
C LYS TA 391 -0.01 -32.68 62.46
N GLU TA 392 -0.07 -31.84 61.44
CA GLU TA 392 0.49 -32.16 60.14
C GLU TA 392 1.97 -31.85 60.02
N GLU TA 393 2.59 -31.31 61.07
CA GLU TA 393 4.00 -30.97 61.02
C GLU TA 393 4.85 -32.23 61.05
N LYS TA 394 5.65 -32.43 60.01
CA LYS TA 394 6.57 -33.57 59.94
C LYS TA 394 7.97 -33.14 60.36
N GLY TA 395 8.08 -32.74 61.60
CA GLY TA 395 9.35 -32.31 62.15
C GLY TA 395 9.14 -31.29 63.26
N ASP TA 396 10.25 -30.83 63.81
CA ASP TA 396 10.23 -29.83 64.88
C ASP TA 396 10.29 -28.42 64.29
N ASN TA 397 9.33 -28.15 63.42
CA ASN TA 397 9.24 -26.86 62.76
C ASN TA 397 7.79 -26.56 62.45
N ASP TA 398 7.53 -25.36 61.96
CA ASP TA 398 6.20 -24.93 61.60
C ASP TA 398 6.02 -24.82 60.10
N ASN TA 399 6.67 -25.71 59.35
CA ASN TA 399 6.68 -25.58 57.89
C ASN TA 399 5.28 -25.71 57.31
N PHE TA 400 4.48 -26.66 57.83
CA PHE TA 400 3.14 -26.82 57.30
C PHE TA 400 2.28 -25.58 57.53
N ARG TA 401 2.35 -25.03 58.74
CA ARG TA 401 1.59 -23.81 59.03
C ARG TA 401 2.07 -22.66 58.17
N ILE TA 402 3.39 -22.54 58.00
CA ILE TA 402 3.94 -21.48 57.15
C ILE TA 402 3.38 -21.60 55.75
N LYS TA 403 3.37 -22.82 55.20
CA LYS TA 403 2.90 -23.01 53.84
C LYS TA 403 1.41 -22.73 53.72
N ARG TA 404 0.62 -23.14 54.71
CA ARG TA 404 -0.81 -22.88 54.68
C ARG TA 404 -1.10 -21.38 54.68
N TYR TA 405 -0.49 -20.67 55.63
CA TYR TA 405 -0.77 -19.24 55.73
C TYR TA 405 -0.18 -18.45 54.58
N LEU TA 406 0.91 -18.93 53.98
CA LEU TA 406 1.46 -18.27 52.82
C LEU TA 406 0.58 -18.49 51.59
N SER TA 407 0.03 -19.69 51.46
CA SER TA 407 -0.91 -19.95 50.38
C SER TA 407 -2.15 -19.09 50.52
N LYS TA 408 -2.52 -18.75 51.75
CA LYS TA 408 -3.71 -17.93 51.95
C LYS TA 408 -3.67 -16.63 51.16
N TYR TA 409 -2.48 -16.06 50.94
CA TYR TA 409 -2.42 -14.82 50.18
C TYR TA 409 -1.51 -14.85 48.96
N THR TA 410 -0.91 -15.99 48.61
CA THR TA 410 -0.10 -16.03 47.40
C THR TA 410 -0.72 -16.88 46.30
N ILE TA 411 -0.95 -18.17 46.54
CA ILE TA 411 -1.30 -19.07 45.45
C ILE TA 411 -2.81 -19.28 45.39
N ASN TA 412 -3.46 -19.26 46.55
CA ASN TA 412 -4.91 -19.50 46.57
C ASN TA 412 -5.69 -18.40 45.87
N PRO TA 413 -5.46 -17.11 46.11
CA PRO TA 413 -6.15 -16.09 45.30
C PRO TA 413 -5.79 -16.17 43.83
N ALA TA 414 -4.56 -16.54 43.49
CA ALA TA 414 -4.19 -16.69 42.09
C ALA TA 414 -5.01 -17.79 41.43
N ILE TA 415 -5.17 -18.91 42.11
CA ILE TA 415 -6.02 -19.98 41.58
C ILE TA 415 -7.46 -19.53 41.49
N ALA TA 416 -7.93 -18.82 42.52
CA ALA TA 416 -9.33 -18.41 42.54
C ALA TA 416 -9.65 -17.49 41.37
N HIS TA 417 -8.73 -16.60 41.01
CA HIS TA 417 -8.98 -15.67 39.93
C HIS TA 417 -8.30 -16.07 38.63
N GLY TA 418 -7.79 -17.29 38.54
CA GLY TA 418 -7.37 -17.80 37.26
C GLY TA 418 -6.09 -17.22 36.72
N ILE TA 419 -5.23 -16.68 37.59
CA ILE TA 419 -3.96 -16.13 37.17
C ILE TA 419 -2.80 -16.95 37.72
N SER TA 420 -3.06 -18.15 38.23
CA SER TA 420 -1.99 -18.96 38.81
C SER TA 420 -1.01 -19.45 37.78
N GLU TA 421 -1.33 -19.36 36.49
CA GLU TA 421 -0.35 -19.67 35.46
C GLU TA 421 0.76 -18.62 35.42
N TYR TA 422 0.46 -17.39 35.84
CA TYR TA 422 1.40 -16.29 35.73
C TYR TA 422 2.07 -15.94 37.05
N VAL TA 423 1.30 -15.82 38.12
CA VAL TA 423 1.79 -15.33 39.39
C VAL TA 423 1.39 -16.30 40.49
N GLY TA 424 1.78 -15.98 41.71
CA GLY TA 424 1.34 -16.69 42.89
C GLY TA 424 2.38 -17.55 43.56
N SER TA 425 3.45 -17.90 42.87
CA SER TA 425 4.45 -18.75 43.49
C SER TA 425 5.79 -18.56 42.80
N VAL TA 426 6.84 -19.03 43.45
CA VAL TA 426 8.19 -18.99 42.91
C VAL TA 426 8.40 -20.31 42.17
N GLU TA 427 7.99 -20.33 40.91
CA GLU TA 427 8.11 -21.52 40.07
C GLU TA 427 8.65 -21.11 38.72
N VAL TA 428 9.31 -22.06 38.05
CA VAL TA 428 9.88 -21.80 36.73
C VAL TA 428 8.76 -21.56 35.73
N GLY TA 429 8.89 -20.49 34.95
CA GLY TA 429 7.92 -20.12 33.96
C GLY TA 429 6.95 -19.04 34.39
N LYS TA 430 6.83 -18.81 35.70
CA LYS TA 430 5.97 -17.75 36.18
C LYS TA 430 6.68 -16.41 36.07
N VAL TA 431 5.90 -15.34 36.09
CA VAL TA 431 6.49 -14.02 36.03
C VAL TA 431 7.24 -13.74 37.33
N ALA TA 432 8.32 -12.98 37.22
CA ALA TA 432 9.22 -12.74 38.35
C ALA TA 432 8.68 -11.60 39.20
N ASP TA 433 7.61 -11.90 39.93
CA ASP TA 433 7.05 -11.00 40.93
C ASP TA 433 7.49 -11.53 42.30
N LEU TA 434 8.68 -11.13 42.72
CA LEU TA 434 9.29 -11.68 43.91
C LEU TA 434 9.43 -10.62 44.98
N VAL TA 435 9.39 -11.04 46.23
CA VAL TA 435 9.59 -10.16 47.37
C VAL TA 435 10.74 -10.71 48.19
N LEU TA 436 11.71 -9.85 48.47
CA LEU TA 436 12.87 -10.17 49.29
C LEU TA 436 12.65 -9.61 50.67
N TRP TA 437 12.63 -10.50 51.67
CA TRP TA 437 12.48 -10.16 53.07
C TRP TA 437 13.75 -10.49 53.83
N SER TA 438 14.08 -9.67 54.79
CA SER TA 438 15.00 -10.18 55.78
C SER TA 438 14.21 -10.90 56.87
N PRO TA 439 14.70 -12.04 57.36
CA PRO TA 439 13.88 -12.85 58.27
C PRO TA 439 13.48 -12.12 59.53
N ALA TA 440 14.25 -11.14 59.98
CA ALA TA 440 13.84 -10.36 61.14
C ALA TA 440 12.60 -9.53 60.86
N PHE TA 441 12.41 -9.12 59.61
CA PHE TA 441 11.30 -8.27 59.22
C PHE TA 441 10.27 -9.02 58.38
N PHE TA 442 10.32 -10.35 58.38
CA PHE TA 442 9.43 -11.11 57.52
C PHE TA 442 7.98 -10.85 57.88
N GLY TA 443 7.16 -10.64 56.87
CA GLY TA 443 5.74 -10.44 57.05
C GLY TA 443 5.33 -9.02 57.37
N VAL TA 444 6.27 -8.11 57.61
CA VAL TA 444 5.88 -6.75 57.94
C VAL TA 444 6.51 -5.74 56.99
N LYS TA 445 7.82 -5.86 56.72
CA LYS TA 445 8.52 -4.89 55.89
C LYS TA 445 9.51 -5.59 54.96
N PRO TA 446 9.25 -5.65 53.67
CA PRO TA 446 10.15 -6.34 52.75
C PRO TA 446 11.44 -5.56 52.52
N ASN TA 447 12.48 -6.29 52.14
CA ASN TA 447 13.71 -5.63 51.72
C ASN TA 447 13.55 -5.03 50.34
N MET TA 448 12.99 -5.78 49.39
CA MET TA 448 12.84 -5.21 48.07
C MET TA 448 11.81 -6.00 47.27
N ILE TA 449 11.31 -5.40 46.20
CA ILE TA 449 10.34 -6.01 45.32
C ILE TA 449 10.93 -6.08 43.93
N ILE TA 450 10.92 -7.27 43.36
CA ILE TA 450 11.31 -7.48 41.97
C ILE TA 450 10.04 -7.66 41.16
N LYS TA 451 9.82 -6.76 40.22
CA LYS TA 451 8.61 -6.73 39.42
C LYS TA 451 8.99 -7.01 37.97
N GLY TA 452 8.56 -8.16 37.45
CA GLY TA 452 8.84 -8.50 36.07
C GLY TA 452 10.32 -8.62 35.76
N GLY TA 453 11.10 -9.12 36.71
CA GLY TA 453 12.51 -9.31 36.49
C GLY TA 453 13.39 -8.11 36.78
N PHE TA 454 12.83 -7.01 37.22
CA PHE TA 454 13.58 -5.81 37.55
C PHE TA 454 13.13 -5.29 38.90
N ILE TA 455 14.05 -4.66 39.63
CA ILE TA 455 13.72 -4.14 40.94
C ILE TA 455 12.82 -2.92 40.78
N ALA TA 456 11.65 -2.96 41.40
CA ALA TA 456 10.69 -1.88 41.28
C ALA TA 456 10.56 -1.03 42.53
N LEU TA 457 10.70 -1.62 43.70
CA LEU TA 457 10.65 -0.89 44.95
C LEU TA 457 11.75 -1.39 45.85
N SER TA 458 12.33 -0.49 46.63
CA SER TA 458 13.39 -0.94 47.52
C SER TA 458 13.51 0.01 48.69
N GLN TA 459 13.96 -0.52 49.81
CA GLN TA 459 14.37 0.32 50.92
C GLN TA 459 15.68 1.01 50.54
N MET TA 460 15.66 2.34 50.54
CA MET TA 460 16.79 3.12 50.11
C MET TA 460 17.06 4.21 51.13
N GLY TA 461 18.33 4.53 51.31
CA GLY TA 461 18.76 5.58 52.19
C GLY TA 461 18.84 6.91 51.49
N ASP TA 462 19.63 7.81 52.08
CA ASP TA 462 19.80 9.15 51.53
C ASP TA 462 20.39 9.06 50.12
N ALA TA 463 19.79 9.81 49.19
CA ALA TA 463 20.27 9.79 47.81
C ALA TA 463 21.63 10.44 47.68
N ASN TA 464 21.93 11.43 48.52
CA ASN TA 464 23.21 12.10 48.51
C ASN TA 464 24.28 11.34 49.28
N ALA TA 465 23.94 10.22 49.90
CA ALA TA 465 24.88 9.50 50.71
C ALA TA 465 25.94 8.80 49.87
N SER TA 466 27.05 8.45 50.52
CA SER TA 466 28.12 7.72 49.84
C SER TA 466 27.89 6.22 49.81
N ILE TA 467 26.87 5.73 50.52
CA ILE TA 467 26.43 4.35 50.43
C ILE TA 467 24.91 4.31 50.52
N PRO TA 468 24.28 3.21 50.10
CA PRO TA 468 22.82 3.15 50.13
C PRO TA 468 22.20 2.96 51.50
N THR TA 469 22.97 2.59 52.52
CA THR TA 469 22.45 2.26 53.84
C THR TA 469 22.05 3.43 54.75
N PRO TA 470 22.78 4.56 54.76
CA PRO TA 470 22.55 5.55 55.84
C PRO TA 470 21.18 6.19 55.79
N GLN TA 471 20.76 6.66 56.95
CA GLN TA 471 19.42 7.19 57.15
C GLN TA 471 19.24 8.51 56.41
N PRO TA 472 17.99 8.88 56.09
CA PRO TA 472 16.76 8.11 56.33
C PRO TA 472 16.53 7.02 55.30
N VAL TA 473 16.13 5.85 55.74
CA VAL TA 473 15.87 4.72 54.87
C VAL TA 473 14.36 4.54 54.78
N TYR TA 474 13.82 4.58 53.58
CA TYR TA 474 12.41 4.24 53.41
C TYR TA 474 12.20 3.70 52.00
N TYR TA 475 10.97 3.33 51.70
CA TYR TA 475 10.67 2.62 50.48
C TYR TA 475 10.58 3.60 49.33
N ARG TA 476 11.44 3.44 48.34
CA ARG TA 476 11.49 4.30 47.18
C ARG TA 476 11.30 3.49 45.92
N GLU TA 477 10.63 4.11 44.96
CA GLU TA 477 10.46 3.51 43.64
C GLU TA 477 11.80 3.38 42.96
N MET TA 478 12.02 2.24 42.33
CA MET TA 478 13.25 1.99 41.59
C MET TA 478 12.98 2.13 40.10
N PHE TA 479 13.94 1.73 39.28
CA PHE TA 479 13.87 2.03 37.86
C PHE TA 479 12.75 1.28 37.15
N ALA TA 480 12.37 0.09 37.64
CA ALA TA 480 11.24 -0.61 37.04
C ALA TA 480 9.92 0.10 37.30
N HIS TA 481 9.91 1.10 38.17
CA HIS TA 481 8.74 1.87 38.51
C HIS TA 481 8.54 3.09 37.62
N HIS TA 482 9.49 3.37 36.72
CA HIS TA 482 9.53 4.65 36.01
C HIS TA 482 9.59 4.43 34.52
N GLY TA 483 9.35 5.52 33.78
CA GLY TA 483 9.50 5.56 32.35
C GLY TA 483 8.60 4.57 31.64
N LYS TA 484 9.13 3.99 30.58
CA LYS TA 484 8.45 2.90 29.88
C LYS TA 484 8.84 1.53 30.42
N ALA TA 485 9.71 1.48 31.43
CA ALA TA 485 10.05 0.21 32.04
C ALA TA 485 8.86 -0.40 32.77
N LYS TA 486 7.99 0.43 33.34
CA LYS TA 486 6.84 -0.11 34.06
C LYS TA 486 5.86 -0.79 33.11
N TYR TA 487 5.80 -0.37 31.85
CA TYR TA 487 4.94 -1.05 30.89
C TYR TA 487 5.40 -2.49 30.69
N ASP TA 488 6.71 -2.71 30.63
CA ASP TA 488 7.21 -4.06 30.49
C ASP TA 488 7.11 -4.84 31.79
N ALA TA 489 7.25 -4.14 32.92
CA ALA TA 489 7.26 -4.83 34.21
C ALA TA 489 5.88 -5.27 34.67
N ASN TA 490 4.84 -4.55 34.31
CA ASN TA 490 3.53 -4.77 34.91
C ASN TA 490 2.57 -5.45 33.96
N ILE TA 491 1.56 -6.09 34.53
CA ILE TA 491 0.57 -6.86 33.81
C ILE TA 491 -0.82 -6.34 34.14
N THR TA 492 -1.65 -6.20 33.12
CA THR TA 492 -3.08 -6.00 33.30
C THR TA 492 -3.76 -7.29 32.91
N PHE TA 493 -4.55 -7.83 33.82
CA PHE TA 493 -5.29 -9.05 33.56
C PHE TA 493 -6.67 -8.69 33.01
N VAL TA 494 -7.06 -9.35 31.93
CA VAL TA 494 -8.36 -9.16 31.32
C VAL TA 494 -8.97 -10.53 31.08
N SER TA 495 -10.23 -10.53 30.66
CA SER TA 495 -10.86 -11.78 30.28
C SER TA 495 -10.31 -12.27 28.95
N GLN TA 496 -10.46 -13.57 28.71
CA GLN TA 496 -10.06 -14.13 27.43
C GLN TA 496 -10.84 -13.50 26.28
N ALA TA 497 -12.10 -13.17 26.50
CA ALA TA 497 -12.90 -12.56 25.43
C ALA TA 497 -12.34 -11.19 25.05
N ALA TA 498 -12.03 -10.35 26.03
CA ALA TA 498 -11.44 -9.05 25.74
C ALA TA 498 -10.07 -9.22 25.09
N TYR TA 499 -9.29 -10.18 25.57
CA TYR TA 499 -7.97 -10.42 24.97
C TYR TA 499 -8.09 -10.80 23.51
N ASP TA 500 -9.03 -11.69 23.18
CA ASP TA 500 -9.25 -12.08 21.79
C ASP TA 500 -9.74 -10.91 20.95
N LYS TA 501 -10.65 -10.11 21.51
CA LYS TA 501 -11.13 -8.94 20.79
C LYS TA 501 -10.07 -7.87 20.65
N GLY TA 502 -8.95 -7.98 21.34
CA GLY TA 502 -7.87 -7.06 21.15
C GLY TA 502 -8.04 -5.81 21.98
N ILE TA 503 -8.33 -5.99 23.27
CA ILE TA 503 -8.52 -4.86 24.16
C ILE TA 503 -7.26 -4.01 24.26
N LYS TA 504 -6.09 -4.65 24.18
CA LYS TA 504 -4.84 -3.93 24.32
C LYS TA 504 -4.68 -2.87 23.23
N GLU TA 505 -4.85 -3.27 21.97
CA GLU TA 505 -4.72 -2.32 20.88
C GLU TA 505 -5.89 -1.35 20.83
N GLU TA 506 -7.09 -1.82 21.16
CA GLU TA 506 -8.26 -0.96 21.11
C GLU TA 506 -8.14 0.19 22.12
N LEU TA 507 -7.69 -0.11 23.34
CA LEU TA 507 -7.54 0.90 24.37
C LEU TA 507 -6.15 1.53 24.39
N GLY TA 508 -5.24 1.09 23.54
CA GLY TA 508 -3.92 1.65 23.52
C GLY TA 508 -3.12 1.40 24.77
N LEU TA 509 -3.33 0.26 25.42
CA LEU TA 509 -2.57 -0.09 26.61
C LEU TA 509 -1.15 -0.47 26.24
N GLU TA 510 -0.19 -0.03 27.06
CA GLU TA 510 1.20 -0.39 26.86
C GLU TA 510 1.67 -1.49 27.79
N ARG TA 511 0.96 -1.75 28.88
CA ARG TA 511 1.30 -2.86 29.76
C ARG TA 511 1.09 -4.18 29.03
N GLN TA 512 1.76 -5.22 29.52
CA GLN TA 512 1.40 -6.56 29.10
C GLN TA 512 -0.05 -6.80 29.47
N VAL TA 513 -0.79 -7.43 28.58
CA VAL TA 513 -2.20 -7.72 28.81
C VAL TA 513 -2.36 -9.22 28.72
N LEU TA 514 -2.79 -9.83 29.81
CA LEU TA 514 -2.86 -11.27 29.86
C LEU TA 514 -4.27 -11.73 30.20
N PRO TA 515 -4.74 -12.81 29.58
CA PRO TA 515 -6.08 -13.32 29.89
C PRO TA 515 -6.06 -14.27 31.08
N VAL TA 516 -7.12 -14.18 31.88
CA VAL TA 516 -7.33 -15.13 32.96
C VAL TA 516 -7.95 -16.39 32.41
N LYS TA 517 -7.70 -17.52 33.07
CA LYS TA 517 -8.21 -18.79 32.58
C LYS TA 517 -8.38 -19.76 33.74
N ASN TA 518 -9.25 -20.74 33.55
CA ASN TA 518 -9.53 -21.78 34.53
C ASN TA 518 -10.08 -21.19 35.82
N CYS TA 519 -11.13 -20.38 35.69
CA CYS TA 519 -11.81 -19.82 36.84
C CYS TA 519 -13.05 -20.60 37.25
N ARG TA 520 -13.67 -21.33 36.32
CA ARG TA 520 -14.95 -21.95 36.59
C ARG TA 520 -14.84 -23.38 37.08
N ASN TA 521 -13.78 -24.10 36.73
CA ASN TA 521 -13.65 -25.51 37.05
C ASN TA 521 -12.81 -25.76 38.28
N ILE TA 522 -12.79 -24.81 39.22
CA ILE TA 522 -12.01 -24.96 40.45
C ILE TA 522 -12.98 -25.02 41.61
N THR TA 523 -12.62 -25.78 42.64
CA THR TA 523 -13.40 -25.84 43.86
C THR TA 523 -12.51 -25.59 45.06
N LYS TA 524 -13.08 -25.76 46.26
CA LYS TA 524 -12.27 -25.64 47.47
C LYS TA 524 -11.13 -26.65 47.49
N LYS TA 525 -11.33 -27.80 46.83
CA LYS TA 525 -10.30 -28.83 46.79
C LYS TA 525 -9.04 -28.37 46.06
N ASP TA 526 -9.13 -27.33 45.24
CA ASP TA 526 -7.98 -26.87 44.48
C ASP TA 526 -7.16 -25.84 45.22
N MET TA 527 -7.61 -25.37 46.37
CA MET TA 527 -6.80 -24.50 47.20
C MET TA 527 -5.67 -25.30 47.82
N GLN TA 528 -4.49 -24.68 47.93
CA GLN TA 528 -3.32 -25.35 48.47
C GLN TA 528 -3.30 -25.22 49.98
N PHE TA 529 -3.19 -26.36 50.67
CA PHE TA 529 -3.08 -26.40 52.13
C PHE TA 529 -4.31 -25.84 52.83
N ASN TA 530 -5.32 -25.45 52.07
CA ASN TA 530 -6.53 -24.85 52.62
C ASN TA 530 -7.75 -25.43 51.93
N ASP TA 531 -7.76 -26.74 51.72
CA ASP TA 531 -8.82 -27.42 51.00
C ASP TA 531 -9.75 -28.19 51.93
N THR TA 532 -9.76 -27.85 53.21
CA THR TA 532 -10.56 -28.58 54.18
C THR TA 532 -12.04 -28.28 53.96
N THR TA 533 -12.79 -29.28 53.48
CA THR TA 533 -14.24 -29.20 53.38
C THR TA 533 -14.82 -30.04 54.51
N ALA TA 534 -15.40 -29.37 55.50
CA ALA TA 534 -16.00 -30.04 56.63
C ALA TA 534 -17.40 -29.49 56.85
N HIS TA 535 -18.32 -30.37 57.23
CA HIS TA 535 -19.67 -29.92 57.57
C HIS TA 535 -19.60 -28.99 58.77
N ILE TA 536 -19.92 -27.72 58.55
CA ILE TA 536 -19.82 -26.70 59.59
C ILE TA 536 -21.22 -26.57 60.19
N GLU TA 537 -21.40 -27.17 61.36
CA GLU TA 537 -22.67 -27.06 62.08
C GLU TA 537 -22.67 -25.73 62.83
N VAL TA 538 -23.53 -24.81 62.42
CA VAL TA 538 -23.66 -23.52 63.08
C VAL TA 538 -24.98 -23.50 63.82
N ASN TA 539 -24.91 -23.41 65.14
CA ASN TA 539 -26.09 -23.21 65.96
C ASN TA 539 -26.30 -21.71 66.09
N PRO TA 540 -27.32 -21.14 65.44
CA PRO TA 540 -27.56 -19.69 65.55
C PRO TA 540 -28.21 -19.28 66.85
N GLU TA 541 -28.88 -20.21 67.53
CA GLU TA 541 -29.40 -19.91 68.85
C GLU TA 541 -28.29 -19.59 69.83
N THR TA 542 -27.17 -20.31 69.73
CA THR TA 542 -26.04 -20.12 70.62
C THR TA 542 -24.84 -19.49 69.91
N TYR TA 543 -24.94 -19.23 68.62
CA TYR TA 543 -23.82 -18.70 67.83
C TYR TA 543 -22.60 -19.58 67.99
N HIS TA 544 -22.81 -20.89 67.95
CA HIS TA 544 -21.74 -21.86 68.19
C HIS TA 544 -21.39 -22.54 66.88
N VAL TA 545 -20.10 -22.56 66.57
CA VAL TA 545 -19.61 -23.16 65.33
C VAL TA 545 -18.90 -24.46 65.69
N PHE TA 546 -19.27 -25.53 65.00
CA PHE TA 546 -18.66 -26.84 65.18
C PHE TA 546 -18.20 -27.37 63.84
N VAL TA 547 -17.01 -27.95 63.82
CA VAL TA 547 -16.51 -28.67 62.65
C VAL TA 547 -16.19 -30.09 63.10
N ASP TA 548 -16.81 -31.07 62.44
CA ASP TA 548 -16.67 -32.48 62.82
C ASP TA 548 -17.02 -32.68 64.30
N GLY TA 549 -18.04 -31.96 64.76
CA GLY TA 549 -18.49 -32.04 66.13
C GLY TA 549 -17.81 -31.11 67.10
N LYS TA 550 -16.49 -31.01 67.03
CA LYS TA 550 -15.74 -30.18 67.97
C LYS TA 550 -16.05 -28.71 67.75
N GLU TA 551 -16.29 -27.99 68.85
CA GLU TA 551 -16.53 -26.56 68.79
C GLU TA 551 -15.23 -25.81 68.53
N VAL TA 552 -15.33 -24.71 67.80
CA VAL TA 552 -14.17 -23.90 67.44
C VAL TA 552 -14.31 -22.54 68.09
N THR TA 553 -13.23 -22.10 68.74
CA THR TA 553 -13.19 -20.80 69.38
C THR TA 553 -11.73 -20.45 69.63
N SER TA 554 -11.49 -19.18 69.93
CA SER TA 554 -10.16 -18.73 70.26
C SER TA 554 -10.25 -17.59 71.25
N LYS TA 555 -9.21 -17.38 71.95
CA LYS TA 555 -9.26 -16.28 72.90
C LYS TA 555 -8.68 -15.02 72.28
N PRO TA 556 -9.19 -13.84 72.65
CA PRO TA 556 -8.65 -12.60 72.11
C PRO TA 556 -7.19 -12.42 72.52
N ALA TA 557 -6.40 -11.85 71.61
CA ALA TA 557 -5.00 -11.62 71.85
C ALA TA 557 -4.81 -10.25 72.50
N ASN TA 558 -4.11 -10.22 73.64
CA ASN TA 558 -3.82 -8.95 74.29
C ASN TA 558 -2.69 -8.21 73.59
N LYS TA 559 -1.79 -8.93 72.91
CA LYS TA 559 -0.67 -8.32 72.22
C LYS TA 559 -0.28 -9.21 71.05
N VAL TA 560 -0.25 -8.64 69.86
CA VAL TA 560 0.13 -9.37 68.67
C VAL TA 560 1.56 -9.02 68.30
N SER TA 561 2.16 -9.88 67.48
CA SER TA 561 3.50 -9.64 66.97
C SER TA 561 3.44 -8.81 65.70
N LEU TA 562 4.60 -8.35 65.24
CA LEU TA 562 4.74 -7.58 64.01
C LEU TA 562 3.88 -6.33 64.02
N ALA TA 563 3.58 -5.77 65.19
CA ALA TA 563 2.69 -4.62 65.25
C ALA TA 563 3.39 -3.36 65.73
N GLN TA 564 3.93 -3.35 66.95
CA GLN TA 564 4.50 -2.14 67.50
C GLN TA 564 6.01 -2.14 67.51
N LEU TA 565 6.63 -3.30 67.34
CA LEU TA 565 8.08 -3.36 67.24
C LEU TA 565 8.60 -2.73 65.96
N PHE TA 566 7.78 -2.69 64.91
CA PHE TA 566 8.26 -2.38 63.58
C PHE TA 566 7.75 -1.05 63.02
N SER TA 567 6.76 -0.43 63.63
CA SER TA 567 6.12 0.74 63.06
C SER TA 567 6.15 1.89 64.04
N ILE TA 568 6.54 3.07 63.56
CA ILE TA 568 6.50 4.27 64.39
C ILE TA 568 5.07 4.69 64.66
N PHE TA 569 4.17 4.43 63.72
CA PHE TA 569 2.77 4.81 63.87
C PHE TA 569 1.85 3.65 63.50
N MET UA 1 -18.51 -16.28 82.40
CA MET UA 1 -17.98 -16.74 81.12
C MET UA 1 -18.31 -15.74 80.02
N ASN UA 2 -17.78 -14.53 80.17
CA ASN UA 2 -18.04 -13.47 79.19
C ASN UA 2 -17.27 -13.75 77.90
N THR UA 3 -18.00 -13.86 76.79
CA THR UA 3 -17.35 -14.09 75.51
C THR UA 3 -16.64 -12.87 74.96
N TYR UA 4 -17.02 -11.68 75.43
CA TYR UA 4 -16.36 -10.45 74.99
C TYR UA 4 -14.99 -10.35 75.63
N ALA UA 5 -14.10 -9.60 74.96
CA ALA UA 5 -12.74 -9.44 75.46
C ALA UA 5 -12.72 -8.70 76.79
N GLN UA 6 -13.54 -7.66 76.92
CA GLN UA 6 -13.64 -6.89 78.14
C GLN UA 6 -15.09 -6.88 78.62
N GLU UA 7 -15.30 -6.33 79.81
CA GLU UA 7 -16.64 -6.25 80.37
C GLU UA 7 -17.50 -5.27 79.59
N SER UA 8 -18.75 -5.64 79.38
CA SER UA 8 -19.69 -4.83 78.60
C SER UA 8 -20.24 -3.72 79.51
N LYS UA 9 -19.76 -2.50 79.31
CA LYS UA 9 -20.16 -1.35 80.11
C LYS UA 9 -20.63 -0.23 79.20
N LEU UA 10 -21.50 0.61 79.73
CA LEU UA 10 -21.98 1.79 79.00
C LEU UA 10 -22.26 2.87 80.03
N ARG UA 11 -21.29 3.75 80.24
CA ARG UA 11 -21.43 4.88 81.15
C ARG UA 11 -21.71 6.12 80.31
N LEU UA 12 -22.92 6.67 80.44
CA LEU UA 12 -23.32 7.85 79.69
C LEU UA 12 -23.72 8.95 80.66
N LYS UA 13 -23.30 10.18 80.36
CA LYS UA 13 -23.65 11.34 81.16
C LYS UA 13 -23.97 12.47 80.20
N THR UA 14 -25.22 12.95 80.22
CA THR UA 14 -25.68 14.01 79.34
C THR UA 14 -25.95 15.27 80.13
N LYS UA 15 -25.70 16.41 79.49
CA LYS UA 15 -25.92 17.72 80.08
C LYS UA 15 -26.44 18.66 79.01
N ILE UA 16 -26.81 19.87 79.41
CA ILE UA 16 -27.31 20.88 78.48
C ILE UA 16 -26.12 21.59 77.85
N GLY UA 17 -26.10 21.63 76.52
CA GLY UA 17 -25.00 22.23 75.79
C GLY UA 17 -25.04 23.74 75.79
N ALA UA 18 -24.01 24.32 75.18
CA ALA UA 18 -23.93 25.78 75.09
C ALA UA 18 -25.07 26.35 74.25
N ASP UA 19 -25.43 25.67 73.16
CA ASP UA 19 -26.50 26.14 72.29
C ASP UA 19 -27.89 25.81 72.82
N GLY UA 20 -27.99 25.26 74.03
CA GLY UA 20 -29.27 24.95 74.62
C GLY UA 20 -29.79 23.56 74.33
N ARG UA 21 -29.13 22.80 73.47
CA ARG UA 21 -29.56 21.44 73.17
C ARG UA 21 -28.97 20.47 74.20
N CYS UA 22 -29.56 19.29 74.27
CA CYS UA 22 -29.09 18.24 75.16
C CYS UA 22 -27.93 17.52 74.49
N VAL UA 23 -26.74 17.60 75.10
CA VAL UA 23 -25.53 17.03 74.52
C VAL UA 23 -24.98 15.98 75.48
N ILE UA 24 -24.15 15.11 74.93
CA ILE UA 24 -23.48 14.07 75.71
C ILE UA 24 -22.23 14.69 76.32
N GLU UA 25 -22.24 14.88 77.64
CA GLU UA 25 -21.07 15.41 78.32
C GLU UA 25 -19.94 14.38 78.35
N ASP UA 26 -20.28 13.12 78.65
CA ASP UA 26 -19.27 12.08 78.72
C ASP UA 26 -19.89 10.75 78.35
N ASN UA 27 -19.08 9.86 77.78
CA ASN UA 27 -19.58 8.54 77.44
C ASN UA 27 -18.41 7.58 77.28
N PHE UA 28 -18.58 6.38 77.79
CA PHE UA 28 -17.59 5.32 77.69
C PHE UA 28 -18.34 4.01 77.48
N PHE UA 29 -18.13 3.36 76.33
CA PHE UA 29 -18.83 2.14 76.00
C PHE UA 29 -17.86 1.09 75.49
N THR UA 30 -17.98 -0.11 76.02
CA THR UA 30 -17.31 -1.29 75.54
C THR UA 30 -18.30 -2.15 74.75
N PRO UA 31 -17.81 -3.04 73.89
CA PRO UA 31 -18.73 -3.86 73.10
C PRO UA 31 -19.62 -4.68 74.00
N PRO UA 32 -20.88 -4.93 73.59
CA PRO UA 32 -21.43 -4.53 72.31
C PRO UA 32 -22.07 -3.14 72.31
N PHE UA 33 -21.87 -2.40 73.38
CA PHE UA 33 -22.48 -1.08 73.50
C PHE UA 33 -21.82 -0.07 72.58
N LYS UA 34 -22.60 0.91 72.13
CA LYS UA 34 -22.08 2.00 71.34
C LYS UA 34 -23.01 3.19 71.47
N LEU UA 35 -22.43 4.39 71.42
CA LEU UA 35 -23.20 5.63 71.51
C LEU UA 35 -22.84 6.52 70.34
N MET UA 36 -23.85 7.03 69.65
CA MET UA 36 -23.67 8.00 68.60
C MET UA 36 -24.04 9.39 69.12
N ALA UA 37 -23.93 10.39 68.25
CA ALA UA 37 -24.36 11.73 68.63
C ALA UA 37 -25.88 11.74 68.82
N PRO UA 38 -26.37 12.53 69.78
CA PRO UA 38 -27.83 12.60 69.98
C PRO UA 38 -28.53 13.14 68.74
N PHE UA 39 -29.72 12.61 68.50
CA PHE UA 39 -30.57 13.10 67.41
C PHE UA 39 -31.54 14.13 67.95
N TYR UA 40 -31.79 15.17 67.16
CA TYR UA 40 -32.62 16.30 67.57
C TYR UA 40 -33.76 16.46 66.58
N PRO UA 41 -34.89 15.77 66.80
CA PRO UA 41 -36.07 16.02 65.97
C PRO UA 41 -36.54 17.46 66.10
N LYS UA 42 -37.37 17.88 65.14
CA LYS UA 42 -37.75 19.29 65.05
C LYS UA 42 -38.50 19.75 66.30
N ASP UA 43 -39.43 18.94 66.80
CA ASP UA 43 -40.30 19.35 67.89
C ASP UA 43 -40.17 18.50 69.14
N ASP UA 44 -39.66 17.28 69.05
CA ASP UA 44 -39.65 16.36 70.18
C ASP UA 44 -38.45 16.63 71.08
N LEU UA 45 -38.23 15.73 72.04
CA LEU UA 45 -37.07 15.80 72.93
C LEU UA 45 -35.84 15.29 72.21
N ALA UA 46 -34.67 15.50 72.82
CA ALA UA 46 -33.44 14.98 72.24
C ALA UA 46 -33.41 13.47 72.39
N GLU UA 47 -33.21 12.77 71.28
CA GLU UA 47 -33.28 11.31 71.26
C GLU UA 47 -31.88 10.72 71.27
N ILE UA 48 -31.67 9.75 72.17
CA ILE UA 48 -30.42 9.00 72.25
C ILE UA 48 -30.75 7.52 72.05
N MET UA 49 -30.08 6.90 71.08
CA MET UA 49 -30.28 5.49 70.79
C MET UA 49 -29.15 4.68 71.42
N LEU UA 50 -29.49 3.78 72.33
CA LEU UA 50 -28.53 2.88 72.94
C LEU UA 50 -28.24 1.76 71.96
N LEU UA 51 -27.18 1.90 71.19
CA LEU UA 51 -26.85 0.89 70.19
C LEU UA 51 -26.31 -0.36 70.86
N ALA UA 52 -26.75 -1.51 70.38
CA ALA UA 52 -26.23 -2.81 70.80
C ALA UA 52 -25.75 -3.53 69.55
N VAL UA 53 -24.43 -3.61 69.39
CA VAL UA 53 -23.85 -4.23 68.19
C VAL UA 53 -23.73 -5.72 68.50
N SER UA 54 -24.85 -6.42 68.33
CA SER UA 54 -24.95 -7.85 68.59
C SER UA 54 -26.32 -8.34 68.15
N PRO UA 55 -26.44 -9.60 67.73
CA PRO UA 55 -27.78 -10.14 67.42
C PRO UA 55 -28.68 -10.22 68.64
N GLY UA 56 -28.11 -10.19 69.83
CA GLY UA 56 -28.90 -10.29 71.04
C GLY UA 56 -28.06 -10.86 72.17
N MET UA 57 -28.64 -10.81 73.37
CA MET UA 57 -27.94 -11.31 74.54
C MET UA 57 -27.83 -12.83 74.49
N MET UA 58 -26.63 -13.34 74.72
CA MET UA 58 -26.37 -14.77 74.73
C MET UA 58 -25.86 -15.18 76.11
N ARG UA 59 -25.46 -16.45 76.23
CA ARG UA 59 -25.01 -16.96 77.52
C ARG UA 59 -23.75 -16.23 77.97
N GLY UA 60 -23.73 -15.85 79.24
CA GLY UA 60 -22.58 -15.20 79.83
C GLY UA 60 -22.52 -13.71 79.64
N ASP UA 61 -23.45 -13.13 78.88
CA ASP UA 61 -23.48 -11.68 78.70
C ASP UA 61 -23.84 -11.01 80.02
N ALA UA 62 -23.06 -10.00 80.39
CA ALA UA 62 -23.29 -9.26 81.64
C ALA UA 62 -23.09 -7.79 81.34
N GLN UA 63 -24.18 -7.08 81.07
CA GLN UA 63 -24.15 -5.69 80.66
C GLN UA 63 -24.34 -4.79 81.87
N ASP UA 64 -23.53 -3.72 81.94
CA ASP UA 64 -23.58 -2.76 83.04
C ASP UA 64 -23.79 -1.38 82.44
N VAL UA 65 -25.02 -0.87 82.53
CA VAL UA 65 -25.38 0.42 81.98
C VAL UA 65 -25.55 1.41 83.12
N GLN UA 66 -25.01 2.62 82.94
CA GLN UA 66 -25.11 3.68 83.94
C GLN UA 66 -25.40 4.98 83.20
N LEU UA 67 -26.65 5.40 83.21
CA LEU UA 67 -27.08 6.63 82.56
C LEU UA 67 -27.24 7.73 83.59
N ASN UA 68 -26.78 8.93 83.24
CA ASN UA 68 -26.83 10.08 84.13
C ASN UA 68 -27.32 11.28 83.34
N ILE UA 69 -28.60 11.58 83.47
CA ILE UA 69 -29.20 12.74 82.83
C ILE UA 69 -29.07 13.93 83.77
N GLY UA 70 -28.49 15.02 83.28
CA GLY UA 70 -28.28 16.19 84.11
C GLY UA 70 -29.51 17.05 84.20
N PRO UA 71 -29.40 18.15 84.94
CA PRO UA 71 -30.54 19.03 85.16
C PRO UA 71 -31.03 19.65 83.85
N ASN UA 72 -32.34 19.88 83.79
CA ASN UA 72 -32.99 20.58 82.69
C ASN UA 72 -32.77 19.90 81.35
N CYS UA 73 -32.65 18.57 81.34
CA CYS UA 73 -32.44 17.82 80.11
C CYS UA 73 -33.72 17.07 79.74
N LYS UA 74 -34.17 17.26 78.51
CA LYS UA 74 -35.36 16.62 77.97
C LYS UA 74 -34.92 15.55 76.99
N LEU UA 75 -34.74 14.34 77.49
CA LEU UA 75 -34.11 13.26 76.74
C LEU UA 75 -35.06 12.08 76.62
N ARG UA 76 -35.12 11.53 75.42
CA ARG UA 76 -35.83 10.27 75.15
C ARG UA 76 -34.80 9.24 74.73
N ILE UA 77 -34.72 8.15 75.47
CA ILE UA 77 -33.72 7.11 75.24
C ILE UA 77 -34.41 5.89 74.67
N THR UA 78 -34.06 5.53 73.44
CA THR UA 78 -34.61 4.38 72.74
C THR UA 78 -33.49 3.38 72.46
N SER UA 79 -33.85 2.28 71.81
CA SER UA 79 -32.90 1.26 71.42
C SER UA 79 -32.96 1.05 69.91
N GLN UA 80 -31.98 0.33 69.38
CA GLN UA 80 -31.89 0.12 67.94
C GLN UA 80 -33.03 -0.75 67.44
N SER UA 81 -33.28 -1.88 68.10
CA SER UA 81 -34.31 -2.82 67.65
C SER UA 81 -34.74 -3.65 68.85
N PHE UA 82 -35.56 -4.67 68.59
CA PHE UA 82 -36.04 -5.55 69.63
C PHE UA 82 -34.87 -6.25 70.31
N GLU UA 83 -34.89 -6.30 71.63
CA GLU UA 83 -33.84 -6.98 72.39
C GLU UA 83 -34.20 -8.46 72.48
N LYS UA 84 -33.37 -9.30 71.87
CA LYS UA 84 -33.62 -10.73 71.82
C LYS UA 84 -32.67 -11.45 72.78
N ILE UA 85 -33.24 -12.26 73.66
CA ILE UA 85 -32.46 -13.11 74.55
C ILE UA 85 -32.35 -14.47 73.88
N HIS UA 86 -31.13 -14.86 73.51
CA HIS UA 86 -30.92 -16.10 72.81
C HIS UA 86 -30.91 -17.27 73.77
N ASN UA 87 -30.78 -18.48 73.22
CA ASN UA 87 -30.73 -19.68 74.04
C ASN UA 87 -29.47 -19.67 74.89
N THR UA 88 -29.62 -19.44 76.19
CA THR UA 88 -28.53 -19.57 77.15
C THR UA 88 -28.51 -21.02 77.63
N GLU UA 89 -27.50 -21.77 77.20
CA GLU UA 89 -27.48 -23.21 77.41
C GLU UA 89 -27.51 -23.58 78.89
N ASP UA 90 -26.45 -23.22 79.62
CA ASP UA 90 -26.38 -23.47 81.05
C ASP UA 90 -26.28 -22.20 81.89
N GLY UA 91 -25.89 -21.09 81.30
CA GLY UA 91 -25.75 -19.83 81.99
C GLY UA 91 -26.96 -18.93 81.79
N PHE UA 92 -26.72 -17.63 81.86
CA PHE UA 92 -27.80 -16.65 81.76
C PHE UA 92 -27.23 -15.34 81.22
N ALA UA 93 -28.12 -14.50 80.73
CA ALA UA 93 -27.79 -13.15 80.30
C ALA UA 93 -28.32 -12.16 81.33
N SER UA 94 -27.47 -11.26 81.77
CA SER UA 94 -27.81 -10.32 82.82
C SER UA 94 -27.57 -8.89 82.36
N ARG UA 95 -28.50 -8.00 82.73
CA ARG UA 95 -28.37 -6.58 82.48
C ARG UA 95 -28.61 -5.84 83.78
N ASP UA 96 -27.72 -4.91 84.12
CA ASP UA 96 -27.84 -4.09 85.32
C ASP UA 96 -27.76 -2.64 84.89
N MET UA 97 -28.89 -1.94 84.95
CA MET UA 97 -29.00 -0.58 84.45
C MET UA 97 -29.34 0.36 85.61
N HIS UA 98 -28.42 1.28 85.89
CA HIS UA 98 -28.61 2.30 86.92
C HIS UA 98 -28.76 3.65 86.25
N ILE UA 99 -29.86 4.32 86.51
CA ILE UA 99 -30.18 5.61 85.90
C ILE UA 99 -30.30 6.65 87.00
N VAL UA 100 -29.72 7.83 86.77
CA VAL UA 100 -29.80 8.95 87.69
C VAL UA 100 -30.31 10.16 86.93
N VAL UA 101 -31.47 10.68 87.33
CA VAL UA 101 -32.09 11.82 86.70
C VAL UA 101 -31.91 13.03 87.61
N GLY UA 102 -31.46 14.14 87.04
CA GLY UA 102 -31.24 15.35 87.81
C GLY UA 102 -32.50 16.19 87.96
N GLU UA 103 -32.32 17.35 88.57
CA GLU UA 103 -33.43 18.25 88.85
C GLU UA 103 -34.04 18.79 87.57
N ASN UA 104 -35.37 18.85 87.52
CA ASN UA 104 -36.12 19.43 86.41
C ASN UA 104 -35.79 18.74 85.08
N ALA UA 105 -35.42 17.46 85.14
CA ALA UA 105 -35.03 16.71 83.96
C ALA UA 105 -36.11 15.69 83.62
N PHE UA 106 -36.43 15.58 82.34
CA PHE UA 106 -37.40 14.62 81.83
C PHE UA 106 -36.67 13.54 81.06
N LEU UA 107 -36.89 12.29 81.44
CA LEU UA 107 -36.32 11.14 80.76
C LEU UA 107 -37.46 10.22 80.32
N ASP UA 108 -37.53 9.96 79.02
CA ASP UA 108 -38.50 9.04 78.44
C ASP UA 108 -37.73 7.81 77.99
N PHE UA 109 -37.66 6.80 78.86
CA PHE UA 109 -36.95 5.56 78.56
C PHE UA 109 -37.93 4.63 77.87
N ALA UA 110 -37.80 4.50 76.54
CA ALA UA 110 -38.73 3.73 75.73
C ALA UA 110 -37.94 2.73 74.89
N PRO UA 111 -37.46 1.65 75.49
CA PRO UA 111 -36.77 0.62 74.72
C PRO UA 111 -37.75 -0.25 73.95
N PHE UA 112 -37.21 -0.96 72.97
CA PHE UA 112 -38.01 -1.87 72.16
C PHE UA 112 -38.36 -3.11 72.97
N PRO UA 113 -39.39 -3.85 72.56
CA PRO UA 113 -39.82 -5.02 73.32
C PRO UA 113 -38.74 -6.07 73.43
N LEU UA 114 -38.76 -6.80 74.53
CA LEU UA 114 -37.82 -7.89 74.78
C LEU UA 114 -38.41 -9.21 74.32
N ILE UA 115 -37.69 -9.91 73.46
CA ILE UA 115 -38.13 -11.18 72.90
C ILE UA 115 -37.22 -12.29 73.41
N PRO UA 116 -37.67 -13.07 74.38
CA PRO UA 116 -36.87 -14.23 74.83
C PRO UA 116 -37.09 -15.43 73.93
N PHE UA 117 -35.99 -16.05 73.52
CA PHE UA 117 -36.06 -17.23 72.66
C PHE UA 117 -36.26 -18.47 73.53
N GLU UA 118 -36.21 -19.64 72.90
CA GLU UA 118 -36.38 -20.89 73.64
C GLU UA 118 -35.21 -21.11 74.60
N ASN UA 119 -35.53 -21.53 75.82
CA ASN UA 119 -34.53 -21.80 76.85
C ASN UA 119 -33.68 -20.56 77.15
N ALA UA 120 -34.32 -19.41 77.21
CA ALA UA 120 -33.64 -18.15 77.50
C ALA UA 120 -33.75 -17.85 78.99
N HIS UA 121 -32.62 -17.52 79.61
CA HIS UA 121 -32.57 -17.13 81.01
C HIS UA 121 -32.02 -15.71 81.08
N PHE UA 122 -32.83 -14.78 81.55
CA PHE UA 122 -32.47 -13.37 81.61
C PHE UA 122 -32.71 -12.82 83.01
N LYS UA 123 -31.77 -12.01 83.47
CA LYS UA 123 -31.87 -11.34 84.76
C LYS UA 123 -31.60 -9.85 84.55
N GLY UA 124 -32.65 -9.05 84.64
CA GLY UA 124 -32.54 -7.60 84.49
C GLY UA 124 -32.78 -6.92 85.82
N ASN UA 125 -31.95 -5.92 86.12
CA ASN UA 125 -32.04 -5.17 87.37
C ASN UA 125 -31.89 -3.68 87.04
N THR UA 126 -32.99 -2.95 87.08
CA THR UA 126 -33.01 -1.52 86.79
C THR UA 126 -33.23 -0.76 88.09
N THR UA 127 -32.36 0.20 88.35
CA THR UA 127 -32.46 1.08 89.52
C THR UA 127 -32.45 2.52 89.03
N ILE UA 128 -33.59 3.19 89.15
CA ILE UA 128 -33.74 4.57 88.73
C ILE UA 128 -33.81 5.44 89.97
N SER UA 129 -33.02 6.51 89.97
CA SER UA 129 -33.00 7.48 91.05
C SER UA 129 -33.40 8.84 90.49
N LEU UA 130 -34.28 9.54 91.20
CA LEU UA 130 -34.84 10.80 90.73
C LEU UA 130 -34.72 11.85 91.82
N ARG UA 131 -34.82 13.11 91.40
CA ARG UA 131 -34.99 14.21 92.34
C ARG UA 131 -36.48 14.48 92.51
N SER UA 132 -36.81 15.46 93.35
CA SER UA 132 -38.21 15.83 93.55
C SER UA 132 -38.83 16.34 92.26
N SER UA 133 -38.09 17.15 91.50
CA SER UA 133 -38.60 17.74 90.27
C SER UA 133 -38.37 16.87 89.04
N SER UA 134 -37.65 15.77 89.17
CA SER UA 134 -37.38 14.91 88.03
C SER UA 134 -38.66 14.25 87.53
N GLN UA 135 -38.76 14.11 86.21
CA GLN UA 135 -39.86 13.42 85.57
C GLN UA 135 -39.34 12.18 84.87
N LEU UA 136 -40.05 11.07 85.01
CA LEU UA 136 -39.65 9.80 84.41
C LEU UA 136 -40.83 9.15 83.72
N LEU UA 137 -40.58 8.59 82.55
CA LEU UA 137 -41.55 7.80 81.81
C LEU UA 137 -40.86 6.49 81.45
N TYR UA 138 -40.89 5.54 82.38
CA TYR UA 138 -40.24 4.26 82.17
C TYR UA 138 -41.20 3.28 81.51
N SER UA 139 -40.66 2.39 80.69
CA SER UA 139 -41.50 1.41 80.00
C SER UA 139 -40.72 0.12 79.80
N ALA UA 140 -41.47 -0.97 79.68
CA ALA UA 140 -40.89 -2.27 79.38
C ALA UA 140 -41.96 -3.15 78.75
N ILE UA 141 -41.63 -3.73 77.60
CA ILE UA 141 -42.51 -4.65 76.91
C ILE UA 141 -41.84 -6.02 76.88
N ILE UA 142 -42.58 -7.05 77.28
CA ILE UA 142 -42.10 -8.42 77.30
C ILE UA 142 -42.99 -9.25 76.39
N VAL UA 143 -42.38 -9.99 75.49
CA VAL UA 143 -43.10 -10.87 74.57
C VAL UA 143 -42.96 -12.30 75.06
N ALA UA 144 -43.98 -13.11 74.79
CA ALA UA 144 -43.95 -14.52 75.17
C ALA UA 144 -42.94 -15.33 74.38
N GLY UA 145 -42.38 -14.77 73.32
CA GLY UA 145 -41.43 -15.46 72.48
C GLY UA 145 -41.73 -15.16 71.03
N ARG UA 146 -41.18 -15.98 70.15
CA ARG UA 146 -41.44 -15.84 68.71
C ARG UA 146 -42.83 -16.39 68.44
N VAL UA 147 -43.83 -15.51 68.58
CA VAL UA 147 -45.22 -15.94 68.55
C VAL UA 147 -45.60 -16.50 67.19
N ALA UA 148 -45.16 -15.84 66.11
CA ALA UA 148 -45.60 -16.23 64.78
C ALA UA 148 -45.12 -17.62 64.38
N ARG UA 149 -44.12 -18.16 65.07
CA ARG UA 149 -43.66 -19.52 64.81
C ARG UA 149 -44.00 -20.47 65.97
N ASN UA 150 -45.02 -20.14 66.76
CA ASN UA 150 -45.53 -21.00 67.84
C ASN UA 150 -44.46 -21.30 68.88
N GLU UA 151 -43.64 -20.30 69.19
CA GLU UA 151 -42.67 -20.39 70.28
C GLU UA 151 -43.21 -19.55 71.44
N LEU UA 152 -44.08 -20.17 72.25
CA LEU UA 152 -44.77 -19.48 73.32
C LEU UA 152 -44.26 -20.01 74.67
N PHE UA 153 -43.69 -19.11 75.47
CA PHE UA 153 -43.25 -19.42 76.82
C PHE UA 153 -42.31 -20.63 76.85
N LYS UA 154 -41.43 -20.70 75.86
CA LYS UA 154 -40.44 -21.76 75.78
C LYS UA 154 -39.13 -21.38 76.44
N PHE UA 155 -39.02 -20.16 76.97
CA PHE UA 155 -37.79 -19.72 77.59
C PHE UA 155 -37.62 -20.34 78.97
N ASN UA 156 -36.38 -20.26 79.48
CA ASN UA 156 -36.08 -20.82 80.78
C ASN UA 156 -36.67 -19.98 81.90
N ARG UA 157 -36.25 -18.72 81.99
CA ARG UA 157 -36.69 -17.87 83.10
C ARG UA 157 -36.40 -16.42 82.75
N LEU UA 158 -37.35 -15.54 83.10
CA LEU UA 158 -37.20 -14.10 82.92
C LEU UA 158 -37.42 -13.43 84.27
N HIS UA 159 -36.35 -12.91 84.86
CA HIS UA 159 -36.44 -12.15 86.11
C HIS UA 159 -36.14 -10.69 85.78
N THR UA 160 -37.01 -9.79 86.21
CA THR UA 160 -36.83 -8.36 85.97
C THR UA 160 -37.23 -7.61 87.23
N LYS UA 161 -36.25 -6.95 87.85
CA LYS UA 161 -36.49 -6.13 89.02
C LYS UA 161 -36.34 -4.67 88.63
N ILE UA 162 -37.31 -3.86 89.04
CA ILE UA 162 -37.29 -2.42 88.82
C ILE UA 162 -37.46 -1.73 90.17
N SER UA 163 -36.56 -0.80 90.47
CA SER UA 163 -36.58 -0.06 91.73
C SER UA 163 -36.45 1.42 91.42
N ILE UA 164 -37.52 2.17 91.64
CA ILE UA 164 -37.55 3.61 91.38
C ILE UA 164 -37.58 4.31 92.73
N LEU UA 165 -36.56 5.14 92.97
CA LEU UA 165 -36.41 5.92 94.20
C LEU UA 165 -36.51 7.40 93.85
N GLN UA 166 -37.20 8.15 94.71
CA GLN UA 166 -37.32 9.60 94.57
C GLN UA 166 -36.76 10.25 95.82
N ASP UA 167 -35.80 11.17 95.63
CA ASP UA 167 -35.10 11.81 96.74
C ASP UA 167 -34.51 10.77 97.70
N GLU UA 168 -33.94 9.72 97.12
CA GLU UA 168 -33.34 8.61 97.87
C GLU UA 168 -34.36 7.95 98.80
N LYS UA 169 -35.60 7.84 98.32
CA LYS UA 169 -36.67 7.17 99.07
C LYS UA 169 -37.41 6.28 98.08
N PRO UA 170 -37.64 5.01 98.42
CA PRO UA 170 -38.30 4.10 97.47
C PRO UA 170 -39.72 4.53 97.19
N ILE UA 171 -40.06 4.64 95.91
CA ILE UA 171 -41.40 4.98 95.49
C ILE UA 171 -42.02 3.96 94.55
N TYR UA 172 -41.24 3.09 93.92
CA TYR UA 172 -41.81 2.07 93.06
C TYR UA 172 -40.94 0.81 93.12
N TYR UA 173 -41.60 -0.34 93.26
CA TYR UA 173 -40.95 -1.63 93.22
C TYR UA 173 -41.70 -2.54 92.26
N ASP UA 174 -40.96 -3.28 91.44
CA ASP UA 174 -41.57 -4.24 90.54
C ASP UA 174 -40.67 -5.46 90.43
N ASN UA 175 -41.26 -6.64 90.52
CA ASN UA 175 -40.53 -7.90 90.45
C ASN UA 175 -41.29 -8.83 89.52
N THR UA 176 -40.97 -8.77 88.22
CA THR UA 176 -41.62 -9.60 87.22
C THR UA 176 -40.81 -10.88 87.06
N ILE UA 177 -41.41 -12.01 87.45
CA ILE UA 177 -40.78 -13.32 87.31
C ILE UA 177 -41.66 -14.16 86.41
N LEU UA 178 -41.10 -14.62 85.30
CA LEU UA 178 -41.78 -15.50 84.36
C LEU UA 178 -40.99 -16.79 84.27
N ASP UA 179 -41.54 -17.86 84.85
CA ASP UA 179 -40.92 -19.18 84.84
C ASP UA 179 -41.95 -20.19 84.36
N PRO UA 180 -41.94 -20.55 83.08
CA PRO UA 180 -42.92 -21.52 82.59
C PRO UA 180 -42.83 -22.87 83.27
N LYS UA 181 -41.64 -23.25 83.76
CA LYS UA 181 -41.50 -24.53 84.43
C LYS UA 181 -42.30 -24.58 85.72
N THR UA 182 -42.29 -23.51 86.50
CA THR UA 182 -42.97 -23.52 87.79
C THR UA 182 -44.49 -23.39 87.63
N THR UA 183 -44.94 -22.61 86.66
CA THR UA 183 -46.37 -22.37 86.48
C THR UA 183 -46.65 -22.10 85.01
N ASP UA 184 -47.91 -22.31 84.63
CA ASP UA 184 -48.35 -22.04 83.27
C ASP UA 184 -48.67 -20.55 83.15
N LEU UA 185 -47.83 -19.82 82.41
CA LEU UA 185 -48.06 -18.39 82.22
C LEU UA 185 -49.23 -18.10 81.30
N ASN UA 186 -49.80 -19.12 80.66
CA ASN UA 186 -50.97 -18.95 79.81
C ASN UA 186 -52.28 -18.99 80.58
N ASN UA 187 -52.22 -19.10 81.91
CA ASN UA 187 -53.44 -19.19 82.70
C ASN UA 187 -54.20 -17.87 82.69
N MET UA 188 -55.38 -17.89 83.30
CA MET UA 188 -56.28 -16.74 83.27
C MET UA 188 -55.77 -15.55 84.08
N CYS UA 189 -54.77 -15.75 84.94
CA CYS UA 189 -54.28 -14.66 85.78
C CYS UA 189 -52.94 -14.10 85.32
N MET UA 190 -52.19 -14.82 84.50
CA MET UA 190 -50.89 -14.33 84.05
C MET UA 190 -50.97 -13.62 82.70
N PHE UA 191 -51.42 -14.33 81.66
CA PHE UA 191 -51.46 -13.72 80.34
C PHE UA 191 -52.83 -13.89 79.69
N ASP UA 192 -53.55 -14.96 80.05
CA ASP UA 192 -54.90 -15.20 79.55
C ASP UA 192 -54.94 -15.22 78.02
N GLY UA 193 -53.96 -15.87 77.41
CA GLY UA 193 -53.89 -15.98 75.97
C GLY UA 193 -53.22 -14.83 75.26
N TYR UA 194 -52.85 -13.78 75.99
CA TYR UA 194 -52.11 -12.68 75.39
C TYR UA 194 -50.62 -13.03 75.34
N THR UA 195 -49.92 -12.40 74.39
CA THR UA 195 -48.51 -12.69 74.16
C THR UA 195 -47.58 -11.54 74.44
N HIS UA 196 -48.08 -10.31 74.49
CA HIS UA 196 -47.25 -9.12 74.72
C HIS UA 196 -47.76 -8.39 75.94
N TYR UA 197 -46.85 -8.03 76.84
CA TYR UA 197 -47.19 -7.38 78.09
C TYR UA 197 -46.39 -6.09 78.22
N LEU UA 198 -47.08 -4.98 78.43
CA LEU UA 198 -46.46 -3.68 78.59
C LEU UA 198 -46.65 -3.17 80.01
N ASN UA 199 -45.55 -2.80 80.66
CA ASN UA 199 -45.57 -2.19 81.97
C ASN UA 199 -44.93 -0.81 81.86
N LEU UA 200 -45.68 0.23 82.20
CA LEU UA 200 -45.23 1.59 82.05
C LEU UA 200 -45.43 2.33 83.37
N VAL UA 201 -44.48 3.19 83.72
CA VAL UA 201 -44.52 3.96 84.95
C VAL UA 201 -44.31 5.43 84.62
N LEU UA 202 -45.26 6.27 85.03
CA LEU UA 202 -45.17 7.71 84.89
C LEU UA 202 -44.95 8.29 86.28
N VAL UA 203 -43.79 8.90 86.49
CA VAL UA 203 -43.42 9.52 87.75
C VAL UA 203 -43.36 11.02 87.54
N ASN UA 204 -44.13 11.76 88.33
CA ASN UA 204 -44.18 13.22 88.31
C ASN UA 204 -44.62 13.80 86.98
N CYS UA 205 -45.17 12.97 86.08
CA CYS UA 205 -45.63 13.48 84.80
C CYS UA 205 -46.93 14.26 85.00
N PRO UA 206 -47.12 15.35 84.25
CA PRO UA 206 -48.32 16.19 84.38
C PRO UA 206 -49.51 15.68 83.55
N ILE UA 207 -49.85 14.41 83.73
CA ILE UA 207 -50.95 13.77 83.02
C ILE UA 207 -51.92 13.20 84.04
N GLU UA 208 -53.21 13.29 83.74
CA GLU UA 208 -54.25 12.85 84.64
C GLU UA 208 -54.61 11.39 84.41
N LEU UA 209 -55.04 10.74 85.49
CA LEU UA 209 -55.50 9.36 85.39
C LEU UA 209 -56.67 9.24 84.42
N SER UA 210 -57.53 10.24 84.39
CA SER UA 210 -58.64 10.24 83.43
C SER UA 210 -58.13 10.24 81.99
N GLY UA 211 -57.13 11.08 81.70
CA GLY UA 211 -56.57 11.11 80.36
C GLY UA 211 -55.89 9.80 79.98
N VAL UA 212 -55.13 9.23 80.91
CA VAL UA 212 -54.47 7.95 80.63
C VAL UA 212 -55.52 6.86 80.39
N ARG UA 213 -56.58 6.86 81.19
CA ARG UA 213 -57.63 5.85 81.01
C ARG UA 213 -58.34 6.03 79.69
N GLU UA 214 -58.58 7.27 79.28
CA GLU UA 214 -59.19 7.52 77.97
C GLU UA 214 -58.29 7.02 76.85
N CYS UA 215 -56.99 7.26 76.96
CA CYS UA 215 -56.05 6.76 75.96
C CYS UA 215 -56.08 5.23 75.89
N ILE UA 216 -56.07 4.58 77.05
CA ILE UA 216 -56.09 3.12 77.08
C ILE UA 216 -57.38 2.59 76.47
N GLU UA 217 -58.51 3.21 76.80
CA GLU UA 217 -59.80 2.75 76.28
C GLU UA 217 -59.88 2.94 74.77
N GLU UA 218 -59.41 4.08 74.26
CA GLU UA 218 -59.48 4.31 72.82
C GLU UA 218 -58.44 3.52 72.05
N SER UA 219 -57.39 3.03 72.72
CA SER UA 219 -56.45 2.14 72.05
C SER UA 219 -57.13 0.80 71.76
N GLU UA 220 -56.95 0.31 70.53
CA GLU UA 220 -57.64 -0.89 70.06
C GLU UA 220 -56.73 -2.11 70.16
N GLY UA 221 -57.35 -3.26 70.39
CA GLY UA 221 -56.63 -4.52 70.44
C GLY UA 221 -55.84 -4.75 71.70
N VAL UA 222 -56.04 -3.92 72.73
CA VAL UA 222 -55.24 -4.00 73.95
C VAL UA 222 -56.19 -4.09 75.14
N ASP UA 223 -55.90 -5.01 76.05
CA ASP UA 223 -56.58 -5.11 77.34
C ASP UA 223 -55.67 -4.48 78.37
N GLY UA 224 -55.94 -3.23 78.73
CA GLY UA 224 -55.03 -2.47 79.57
C GLY UA 224 -55.77 -1.74 80.68
N ALA UA 225 -54.99 -1.27 81.64
CA ALA UA 225 -55.52 -0.53 82.78
C ALA UA 225 -54.43 0.34 83.36
N VAL UA 226 -54.85 1.36 84.09
CA VAL UA 226 -53.95 2.32 84.73
C VAL UA 226 -54.43 2.59 86.14
N SER UA 227 -53.50 2.63 87.09
CA SER UA 227 -53.81 2.91 88.48
C SER UA 227 -52.77 3.85 89.05
N GLU UA 228 -52.96 4.24 90.30
CA GLU UA 228 -52.04 5.10 91.02
C GLU UA 228 -51.34 4.27 92.10
N THR UA 229 -50.02 4.37 92.16
CA THR UA 229 -49.23 3.62 93.12
C THR UA 229 -49.35 4.30 94.49
N ALA UA 230 -48.63 3.76 95.48
CA ALA UA 230 -48.67 4.34 96.82
C ALA UA 230 -48.13 5.76 96.83
N SER UA 231 -47.08 6.02 96.05
CA SER UA 231 -46.44 7.32 96.00
C SER UA 231 -47.13 8.27 95.02
N SER UA 232 -48.38 8.01 94.66
CA SER UA 232 -49.17 8.89 93.80
C SER UA 232 -48.51 9.12 92.45
N HIS UA 233 -48.10 8.03 91.81
CA HIS UA 233 -47.55 8.06 90.46
C HIS UA 233 -48.24 6.98 89.64
N LEU UA 234 -48.34 7.22 88.34
CA LEU UA 234 -49.20 6.39 87.51
C LEU UA 234 -48.48 5.12 87.07
N CYS UA 235 -49.22 4.01 87.09
CA CYS UA 235 -48.71 2.73 86.61
C CYS UA 235 -49.72 2.15 85.64
N VAL UA 236 -49.25 1.78 84.44
CA VAL UA 236 -50.08 1.26 83.37
C VAL UA 236 -49.62 -0.16 83.07
N LYS UA 237 -50.58 -1.09 83.06
CA LYS UA 237 -50.31 -2.47 82.67
C LYS UA 237 -51.25 -2.85 81.53
N ALA UA 238 -50.69 -3.34 80.44
CA ALA UA 238 -51.48 -3.66 79.27
C ALA UA 238 -51.05 -5.00 78.69
N LEU UA 239 -52.00 -5.68 78.05
CA LEU UA 239 -51.74 -6.93 77.36
C LEU UA 239 -52.27 -6.83 75.94
N ALA UA 240 -51.58 -7.49 75.02
CA ALA UA 240 -51.98 -7.44 73.62
C ALA UA 240 -51.50 -8.69 72.90
N LYS UA 241 -52.12 -8.96 71.75
CA LYS UA 241 -51.70 -10.10 70.94
C LYS UA 241 -50.41 -9.80 70.20
N GLY UA 242 -50.19 -8.53 69.81
CA GLY UA 242 -48.97 -8.14 69.14
C GLY UA 242 -48.38 -6.90 69.79
N SER UA 243 -47.13 -6.61 69.41
CA SER UA 243 -46.43 -5.47 69.99
C SER UA 243 -46.85 -4.14 69.36
N GLU UA 244 -47.52 -4.17 68.21
CA GLU UA 244 -47.96 -2.93 67.58
C GLU UA 244 -48.96 -2.15 68.43
N PRO UA 245 -50.03 -2.75 68.96
CA PRO UA 245 -50.93 -1.97 69.83
C PRO UA 245 -50.23 -1.44 71.07
N LEU UA 246 -49.31 -2.22 71.65
CA LEU UA 246 -48.61 -1.76 72.84
C LEU UA 246 -47.69 -0.58 72.54
N LEU UA 247 -46.97 -0.65 71.42
CA LEU UA 247 -46.10 0.47 71.04
C LEU UA 247 -46.92 1.71 70.71
N HIS UA 248 -48.05 1.53 70.03
CA HIS UA 248 -48.91 2.66 69.73
C HIS UA 248 -49.46 3.30 71.00
N LEU UA 249 -49.89 2.47 71.96
CA LEU UA 249 -50.36 3.00 73.24
C LEU UA 249 -49.26 3.74 73.98
N ARG UA 250 -48.06 3.18 73.99
CA ARG UA 250 -46.95 3.83 74.68
C ARG UA 250 -46.62 5.18 74.06
N GLU UA 251 -46.58 5.24 72.72
CA GLU UA 251 -46.29 6.52 72.07
C GLU UA 251 -47.43 7.50 72.25
N LYS UA 252 -48.67 7.03 72.31
CA LYS UA 252 -49.79 7.92 72.60
C LYS UA 252 -49.66 8.53 73.99
N ILE UA 253 -49.31 7.71 74.98
CA ILE UA 253 -49.15 8.22 76.34
C ILE UA 253 -47.98 9.19 76.41
N ALA UA 254 -46.88 8.86 75.72
CA ALA UA 254 -45.72 9.75 75.71
C ALA UA 254 -46.06 11.09 75.07
N ARG UA 255 -46.83 11.07 73.97
CA ARG UA 255 -47.25 12.32 73.34
C ARG UA 255 -48.16 13.12 74.26
N LEU UA 256 -49.06 12.44 74.96
CA LEU UA 256 -49.94 13.13 75.90
C LEU UA 256 -49.13 13.79 77.02
N VAL UA 257 -48.07 13.12 77.47
CA VAL UA 257 -47.23 13.69 78.52
C VAL UA 257 -46.44 14.88 77.99
N THR UA 258 -45.88 14.76 76.78
CA THR UA 258 -45.00 15.80 76.26
C THR UA 258 -45.75 17.02 75.77
N GLN UA 259 -46.98 16.85 75.28
CA GLN UA 259 -47.73 17.99 74.77
C GLN UA 259 -48.08 18.99 75.88
N THR UA 260 -47.99 18.58 77.13
CA THR UA 260 -48.25 19.49 78.25
C THR UA 260 -47.16 20.56 78.34
N ASP VA 30 -59.46 -22.60 122.44
CA ASP VA 30 -58.01 -22.46 122.56
C ASP VA 30 -57.44 -21.58 121.46
N ASN VA 31 -56.24 -21.92 121.00
CA ASN VA 31 -55.61 -21.13 119.94
C ASN VA 31 -56.43 -21.18 118.66
N GLU VA 32 -56.91 -22.37 118.28
CA GLU VA 32 -57.72 -22.49 117.07
C GLU VA 32 -59.03 -21.72 117.22
N PHE VA 33 -59.65 -21.79 118.40
CA PHE VA 33 -60.90 -21.06 118.63
C PHE VA 33 -60.68 -19.56 118.51
N LEU VA 34 -59.59 -19.04 119.10
CA LEU VA 34 -59.31 -17.61 119.00
C LEU VA 34 -58.98 -17.20 117.57
N ILE VA 35 -58.25 -18.05 116.84
CA ILE VA 35 -57.97 -17.77 115.44
C ILE VA 35 -59.27 -17.67 114.64
N LEU VA 36 -60.17 -18.64 114.85
CA LEU VA 36 -61.44 -18.61 114.13
C LEU VA 36 -62.26 -17.38 114.51
N GLN VA 37 -62.26 -17.03 115.80
CA GLN VA 37 -63.03 -15.87 116.25
C GLN VA 37 -62.52 -14.58 115.61
N VAL VA 38 -61.20 -14.37 115.63
CA VAL VA 38 -60.65 -13.14 115.06
C VAL VA 38 -60.82 -13.12 113.55
N ASN VA 39 -60.67 -14.28 112.89
CA ASN VA 39 -60.88 -14.33 111.45
C ASN VA 39 -62.32 -13.98 111.10
N ASP VA 40 -63.29 -14.52 111.85
CA ASP VA 40 -64.69 -14.21 111.59
C ASP VA 40 -64.99 -12.74 111.87
N ALA VA 41 -64.39 -12.18 112.93
CA ALA VA 41 -64.65 -10.79 113.27
C ALA VA 41 -63.96 -9.83 112.31
N VAL VA 42 -62.93 -10.27 111.59
CA VAL VA 42 -62.21 -9.38 110.69
C VAL VA 42 -62.70 -9.52 109.26
N PHE VA 43 -62.58 -10.71 108.68
CA PHE VA 43 -62.73 -10.86 107.24
C PHE VA 43 -64.20 -10.83 106.79
N PRO VA 44 -65.09 -11.69 107.31
CA PRO VA 44 -66.51 -11.56 106.93
C PRO VA 44 -67.12 -10.23 107.32
N ILE VA 45 -66.67 -9.64 108.43
CA ILE VA 45 -67.18 -8.35 108.86
C ILE VA 45 -66.43 -7.23 108.15
N THR VA 49 -66.73 -8.83 100.99
CA THR VA 49 -66.99 -7.60 100.26
C THR VA 49 -65.87 -7.27 99.30
N HIS VA 50 -64.74 -7.96 99.45
CA HIS VA 50 -63.57 -7.77 98.60
C HIS VA 50 -63.51 -8.88 97.56
N SER VA 51 -63.36 -8.48 96.29
CA SER VA 51 -63.34 -9.42 95.18
C SER VA 51 -61.94 -9.70 94.65
N PHE VA 52 -61.02 -8.75 94.77
CA PHE VA 52 -59.66 -8.88 94.25
C PHE VA 52 -59.66 -9.20 92.76
N GLY VA 53 -60.54 -8.54 92.02
CA GLY VA 53 -60.63 -8.70 90.59
C GLY VA 53 -61.60 -9.75 90.09
N LEU VA 54 -62.16 -10.56 90.99
CA LEU VA 54 -63.12 -11.57 90.57
C LEU VA 54 -64.37 -10.92 89.97
N GLU VA 55 -64.79 -9.79 90.54
CA GLU VA 55 -65.91 -9.05 89.97
C GLU VA 55 -65.60 -8.58 88.56
N THR VA 56 -64.37 -8.10 88.32
CA THR VA 56 -63.98 -7.70 86.98
C THR VA 56 -63.98 -8.89 86.02
N TYR VA 57 -63.50 -10.05 86.48
CA TYR VA 57 -63.53 -11.24 85.64
C TYR VA 57 -64.96 -11.62 85.28
N ILE VA 58 -65.87 -11.59 86.25
CA ILE VA 58 -67.26 -11.94 85.99
C ILE VA 58 -67.89 -10.94 85.02
N GLN VA 59 -67.63 -9.65 85.22
CA GLN VA 59 -68.20 -8.63 84.34
C GLN VA 59 -67.66 -8.75 82.93
N GLN VA 60 -66.39 -9.13 82.79
CA GLN VA 60 -65.80 -9.35 81.47
C GLN VA 60 -66.11 -10.74 80.92
N LYS VA 61 -66.84 -11.55 81.69
CA LYS VA 61 -67.36 -12.84 81.23
C LYS VA 61 -66.25 -13.86 81.01
N LYS VA 62 -65.21 -13.80 81.85
CA LYS VA 62 -64.16 -14.80 81.85
C LYS VA 62 -64.43 -15.93 82.82
N VAL VA 63 -65.18 -15.66 83.89
CA VAL VA 63 -65.60 -16.67 84.87
C VAL VA 63 -67.11 -16.80 84.76
N THR VA 64 -67.57 -17.98 84.37
CA THR VA 64 -68.99 -18.21 84.12
C THR VA 64 -69.56 -19.40 84.86
N ASN VA 65 -68.80 -20.49 85.00
CA ASN VA 65 -69.33 -21.73 85.53
C ASN VA 65 -68.32 -22.31 86.52
N LYS VA 66 -68.56 -23.56 86.92
CA LYS VA 66 -67.75 -24.18 87.97
C LYS VA 66 -66.30 -24.35 87.51
N GLU VA 67 -66.10 -24.87 86.29
CA GLU VA 67 -64.74 -25.12 85.84
C GLU VA 67 -63.98 -23.81 85.61
N SER VA 68 -64.65 -22.80 85.07
CA SER VA 68 -64.00 -21.50 84.89
C SER VA 68 -63.63 -20.88 86.24
N ALA VA 69 -64.53 -20.95 87.21
CA ALA VA 69 -64.23 -20.43 88.54
C ALA VA 69 -63.09 -21.19 89.19
N LEU VA 70 -63.06 -22.52 89.02
CA LEU VA 70 -61.97 -23.31 89.57
C LEU VA 70 -60.64 -22.95 88.93
N GLU VA 71 -60.63 -22.76 87.61
CA GLU VA 71 -59.39 -22.37 86.93
C GLU VA 71 -58.92 -21.00 87.41
N TYR VA 72 -59.85 -20.04 87.53
CA TYR VA 72 -59.47 -18.72 88.02
C TYR VA 72 -58.92 -18.79 89.44
N LEU VA 73 -59.57 -19.55 90.31
CA LEU VA 73 -59.12 -19.65 91.69
C LEU VA 73 -57.74 -20.30 91.77
N LYS VA 74 -57.52 -21.37 91.00
CA LYS VA 74 -56.22 -22.03 90.99
C LYS VA 74 -55.14 -21.08 90.49
N ALA VA 75 -55.42 -20.35 89.41
CA ALA VA 75 -54.42 -19.42 88.87
C ALA VA 75 -54.12 -18.30 89.86
N ASN VA 76 -55.15 -17.74 90.49
CA ASN VA 76 -54.94 -16.66 91.44
C ASN VA 76 -54.15 -17.13 92.65
N LEU VA 77 -54.50 -18.30 93.18
CA LEU VA 77 -53.76 -18.85 94.32
C LEU VA 77 -52.31 -19.14 93.94
N SER VA 78 -52.10 -19.66 92.73
CA SER VA 78 -50.73 -19.98 92.30
C SER VA 78 -49.89 -18.73 92.15
N SER VA 79 -50.45 -17.65 91.58
CA SER VA 79 -49.62 -16.48 91.33
C SER VA 79 -49.69 -15.44 92.44
N GLN VA 80 -50.87 -14.83 92.61
CA GLN VA 80 -50.93 -13.61 93.41
C GLN VA 80 -50.96 -13.93 94.90
N PHE VA 81 -51.83 -14.87 95.30
CA PHE VA 81 -51.89 -15.28 96.70
C PHE VA 81 -50.56 -15.89 97.14
N LEU VA 82 -49.94 -16.68 96.28
CA LEU VA 82 -48.69 -17.33 96.65
C LEU VA 82 -47.55 -16.34 96.80
N TYR VA 83 -47.39 -15.44 95.82
CA TYR VA 83 -46.22 -14.58 95.80
C TYR VA 83 -46.44 -13.23 96.46
N THR VA 84 -47.63 -12.97 97.01
CA THR VA 84 -47.89 -11.72 97.69
C THR VA 84 -48.40 -11.88 99.11
N GLU VA 85 -49.17 -12.92 99.40
CA GLU VA 85 -49.75 -13.12 100.72
C GLU VA 85 -49.09 -14.22 101.52
N MET VA 86 -48.98 -15.43 100.96
CA MET VA 86 -48.38 -16.53 101.71
C MET VA 86 -46.88 -16.31 101.90
N LEU VA 87 -46.18 -15.85 100.86
CA LEU VA 87 -44.76 -15.57 100.97
C LEU VA 87 -44.51 -14.46 101.98
N SER VA 88 -45.32 -13.40 101.94
CA SER VA 88 -45.18 -12.32 102.91
C SER VA 88 -45.46 -12.82 104.32
N LEU VA 89 -46.45 -13.70 104.48
CA LEU VA 89 -46.75 -14.28 105.78
C LEU VA 89 -45.56 -15.05 106.31
N LYS VA 90 -44.95 -15.90 105.48
CA LYS VA 90 -43.79 -16.67 105.91
C LYS VA 90 -42.62 -15.75 106.27
N LEU VA 91 -42.39 -14.72 105.45
CA LEU VA 91 -41.29 -13.80 105.71
C LEU VA 91 -41.50 -13.06 107.02
N THR VA 92 -42.72 -12.59 107.26
CA THR VA 92 -43.01 -11.89 108.51
C THR VA 92 -42.90 -12.82 109.71
N TYR VA 93 -43.30 -14.09 109.54
CA TYR VA 93 -43.16 -15.06 110.62
C TYR VA 93 -41.69 -15.27 110.97
N GLU VA 94 -40.84 -15.44 109.95
CA GLU VA 94 -39.42 -15.61 110.19
C GLU VA 94 -38.82 -14.36 110.83
N SER VA 95 -39.21 -13.18 110.33
CA SER VA 95 -38.65 -11.94 110.86
C SER VA 95 -39.09 -11.70 112.30
N ALA VA 96 -40.31 -12.08 112.65
CA ALA VA 96 -40.76 -11.94 114.04
C ALA VA 96 -40.09 -12.97 114.94
N LEU VA 97 -39.84 -14.18 114.43
CA LEU VA 97 -39.09 -15.17 115.19
C LEU VA 97 -37.68 -14.68 115.48
N GLN VA 98 -37.07 -14.00 114.51
CA GLN VA 98 -35.76 -13.39 114.70
C GLN VA 98 -35.83 -12.03 115.37
N GLN VA 99 -37.04 -11.52 115.63
CA GLN VA 99 -37.25 -10.20 116.25
C GLN VA 99 -36.64 -9.09 115.40
N ASP VA 100 -36.93 -9.12 114.09
CA ASP VA 100 -36.42 -8.14 113.15
C ASP VA 100 -37.56 -7.19 112.76
N LEU VA 101 -37.77 -6.18 113.60
CA LEU VA 101 -38.79 -5.17 113.31
C LEU VA 101 -38.45 -4.40 112.04
N LYS VA 102 -37.16 -4.10 111.84
CA LYS VA 102 -36.74 -3.41 110.63
C LYS VA 102 -37.04 -4.25 109.39
N LYS VA 103 -36.79 -5.56 109.47
CA LYS VA 103 -37.10 -6.43 108.34
C LYS VA 103 -38.60 -6.50 108.09
N ILE VA 104 -39.41 -6.55 109.15
CA ILE VA 104 -40.86 -6.56 108.97
C ILE VA 104 -41.32 -5.29 108.28
N LEU VA 105 -40.81 -4.13 108.74
CA LEU VA 105 -41.20 -2.86 108.14
C LEU VA 105 -40.74 -2.77 106.69
N GLY VA 106 -39.54 -3.27 106.40
CA GLY VA 106 -39.07 -3.27 105.02
C GLY VA 106 -39.90 -4.13 104.11
N VAL VA 107 -40.33 -5.31 104.60
CA VAL VA 107 -41.20 -6.18 103.83
C VAL VA 107 -42.54 -5.48 103.56
N GLU VA 108 -43.09 -4.83 104.59
CA GLU VA 108 -44.35 -4.11 104.41
C GLU VA 108 -44.20 -2.98 103.39
N GLU VA 109 -43.08 -2.26 103.45
CA GLU VA 109 -42.84 -1.18 102.49
C GLU VA 109 -42.72 -1.73 101.08
N VAL VA 110 -42.03 -2.85 100.91
CA VAL VA 110 -41.91 -3.47 99.59
C VAL VA 110 -43.27 -3.87 99.06
N ILE VA 111 -44.10 -4.47 99.91
CA ILE VA 111 -45.44 -4.87 99.49
C ILE VA 111 -46.25 -3.66 99.06
N MET VA 112 -46.21 -2.59 99.87
CA MET VA 112 -47.00 -1.40 99.57
C MET VA 112 -46.55 -0.76 98.26
N LEU VA 113 -45.23 -0.68 98.03
CA LEU VA 113 -44.72 -0.04 96.82
C LEU VA 113 -44.81 -0.94 95.60
N SER VA 114 -45.02 -2.24 95.79
CA SER VA 114 -45.20 -3.13 94.65
C SER VA 114 -46.66 -3.34 94.29
N THR VA 115 -47.58 -3.09 95.22
CA THR VA 115 -49.01 -3.28 94.96
C THR VA 115 -49.50 -2.14 94.07
N SER VA 116 -49.32 -2.32 92.76
CA SER VA 116 -49.77 -1.33 91.79
C SER VA 116 -51.27 -1.07 91.82
N PRO VA 117 -52.15 -2.08 91.84
CA PRO VA 117 -53.59 -1.78 91.83
C PRO VA 117 -54.04 -1.04 93.08
N MET VA 118 -54.72 0.09 92.86
CA MET VA 118 -55.20 0.90 93.97
C MET VA 118 -56.23 0.15 94.80
N GLU VA 119 -57.14 -0.57 94.14
CA GLU VA 119 -58.15 -1.34 94.87
C GLU VA 119 -57.51 -2.41 95.74
N LEU VA 120 -56.55 -3.15 95.20
CA LEU VA 120 -55.87 -4.17 95.98
C LEU VA 120 -55.11 -3.56 97.15
N ARG VA 121 -54.41 -2.44 96.92
CA ARG VA 121 -53.67 -1.80 97.99
C ARG VA 121 -54.60 -1.33 99.10
N LEU VA 122 -55.71 -0.68 98.72
CA LEU VA 122 -56.65 -0.19 99.70
C LEU VA 122 -57.30 -1.33 100.48
N ALA VA 123 -57.66 -2.42 99.79
CA ALA VA 123 -58.25 -3.56 100.47
C ALA VA 123 -57.27 -4.17 101.46
N ASN VA 124 -56.01 -4.34 101.05
CA ASN VA 124 -55.02 -4.92 101.96
C ASN VA 124 -54.80 -4.03 103.17
N GLN VA 125 -54.69 -2.71 102.95
CA GLN VA 125 -54.49 -1.80 104.07
C GLN VA 125 -55.68 -1.81 105.02
N LYS VA 126 -56.90 -1.81 104.46
CA LYS VA 126 -58.09 -1.84 105.30
C LYS VA 126 -58.17 -3.13 106.11
N LEU VA 127 -57.87 -4.27 105.48
CA LEU VA 127 -57.91 -5.53 106.20
C LEU VA 127 -56.85 -5.58 107.29
N GLY VA 128 -55.65 -5.09 107.01
CA GLY VA 128 -54.61 -5.07 108.04
C GLY VA 128 -54.97 -4.18 109.20
N ASN VA 129 -55.51 -2.98 108.90
CA ASN VA 129 -55.94 -2.08 109.96
C ASN VA 129 -57.05 -2.70 110.80
N ARG VA 130 -58.01 -3.37 110.13
CA ARG VA 130 -59.09 -4.02 110.86
C ARG VA 130 -58.57 -5.12 111.76
N PHE VA 131 -57.62 -5.93 111.26
CA PHE VA 131 -57.04 -6.99 112.07
C PHE VA 131 -56.31 -6.42 113.27
N ILE VA 132 -55.53 -5.35 113.07
CA ILE VA 132 -54.80 -4.74 114.17
C ILE VA 132 -55.77 -4.17 115.21
N LYS VA 133 -56.81 -3.48 114.75
CA LYS VA 133 -57.78 -2.90 115.69
C LYS VA 133 -58.52 -3.98 116.46
N THR VA 134 -58.90 -5.07 115.79
CA THR VA 134 -59.58 -6.17 116.46
C THR VA 134 -58.68 -6.81 117.51
N LEU VA 135 -57.42 -7.03 117.17
CA LEU VA 135 -56.48 -7.59 118.14
C LEU VA 135 -56.28 -6.65 119.33
N GLN VA 136 -56.22 -5.35 119.07
CA GLN VA 136 -56.02 -4.37 120.14
C GLN VA 136 -57.23 -4.30 121.06
N ALA VA 137 -58.44 -4.37 120.51
CA ALA VA 137 -59.64 -4.07 121.27
C ALA VA 137 -60.35 -5.33 121.79
N MET VA 138 -60.73 -6.23 120.89
CA MET VA 138 -61.56 -7.37 121.30
C MET VA 138 -60.77 -8.40 122.09
N ASN VA 139 -59.54 -8.69 121.66
CA ASN VA 139 -58.72 -9.71 122.30
C ASN VA 139 -58.14 -9.13 123.59
N GLU VA 140 -58.91 -9.28 124.68
CA GLU VA 140 -58.49 -8.77 125.98
C GLU VA 140 -57.59 -9.79 126.67
N LEU VA 141 -56.38 -9.90 126.13
CA LEU VA 141 -55.39 -10.84 126.64
C LEU VA 141 -54.00 -10.37 126.21
N ASP VA 142 -52.98 -10.94 126.85
CA ASP VA 142 -51.60 -10.55 126.57
C ASP VA 142 -51.14 -11.13 125.24
N MET VA 143 -51.38 -10.38 124.16
CA MET VA 143 -50.96 -10.84 122.83
C MET VA 143 -49.44 -10.94 122.74
N GLY VA 144 -48.74 -9.96 123.29
CA GLY VA 144 -47.28 -9.97 123.26
C GLY VA 144 -46.69 -8.59 123.13
N GLU VA 145 -45.58 -8.34 123.83
CA GLU VA 145 -44.93 -7.03 123.77
C GLU VA 145 -44.43 -6.73 122.37
N PHE VA 146 -43.89 -7.74 121.68
CA PHE VA 146 -43.41 -7.55 120.31
C PHE VA 146 -44.54 -7.17 119.38
N PHE VA 147 -45.69 -7.86 119.49
CA PHE VA 147 -46.83 -7.53 118.64
C PHE VA 147 -47.37 -6.15 118.96
N ASN VA 148 -47.43 -5.79 120.24
CA ASN VA 148 -47.90 -4.46 120.61
C ASN VA 148 -46.99 -3.37 120.05
N ALA VA 149 -45.67 -3.57 120.16
CA ALA VA 149 -44.74 -2.60 119.61
C ALA VA 149 -44.85 -2.50 118.10
N TYR VA 150 -45.02 -3.64 117.43
CA TYR VA 150 -45.18 -3.64 115.98
C TYR VA 150 -46.44 -2.88 115.58
N ALA VA 151 -47.55 -3.11 116.30
CA ALA VA 151 -48.79 -2.40 116.00
C ALA VA 151 -48.64 -0.91 116.24
N GLN VA 152 -47.94 -0.52 117.29
CA GLN VA 152 -47.77 0.90 117.60
C GLN VA 152 -46.78 1.58 116.66
N LYS VA 153 -45.89 0.83 116.01
CA LYS VA 153 -44.88 1.42 115.14
C LYS VA 153 -45.17 1.27 113.65
N THR VA 154 -46.12 0.41 113.27
CA THR VA 154 -46.38 0.17 111.86
C THR VA 154 -47.18 1.31 111.25
N LYS VA 155 -47.09 1.41 109.92
CA LYS VA 155 -47.82 2.41 109.15
C LYS VA 155 -48.84 1.78 108.22
N ASP VA 156 -48.42 0.86 107.35
CA ASP VA 156 -49.28 0.24 106.36
C ASP VA 156 -49.18 -1.27 106.50
N PRO VA 157 -49.87 -1.84 107.48
CA PRO VA 157 -49.76 -3.29 107.75
C PRO VA 157 -50.71 -4.07 106.83
N THR VA 158 -50.13 -4.95 106.03
CA THR VA 158 -50.95 -5.86 105.23
C THR VA 158 -51.56 -6.94 106.12
N HIS VA 159 -52.70 -7.47 105.68
CA HIS VA 159 -53.39 -8.49 106.46
C HIS VA 159 -52.54 -9.75 106.60
N ALA VA 160 -51.89 -10.17 105.51
CA ALA VA 160 -51.06 -11.37 105.58
C ALA VA 160 -49.88 -11.20 106.52
N THR VA 161 -49.21 -10.05 106.45
CA THR VA 161 -48.09 -9.79 107.35
C THR VA 161 -48.54 -9.69 108.80
N SER VA 162 -49.70 -9.06 109.04
CA SER VA 162 -50.23 -8.97 110.39
C SER VA 162 -50.55 -10.36 110.95
N TYR VA 163 -51.18 -11.21 110.14
CA TYR VA 163 -51.46 -12.57 110.58
C TYR VA 163 -50.18 -13.34 110.84
N GLY VA 164 -49.17 -13.14 110.00
CA GLY VA 164 -47.90 -13.84 110.19
C GLY VA 164 -47.22 -13.45 111.49
N VAL VA 165 -47.15 -12.15 111.76
CA VAL VA 165 -46.50 -11.70 112.99
C VAL VA 165 -47.34 -12.12 114.21
N PHE VA 166 -48.66 -12.11 114.08
CA PHE VA 166 -49.51 -12.57 115.17
C PHE VA 166 -49.27 -14.04 115.48
N ALA VA 167 -49.18 -14.87 114.44
CA ALA VA 167 -48.91 -16.29 114.65
C ALA VA 167 -47.52 -16.51 115.25
N ALA VA 168 -46.53 -15.75 114.77
CA ALA VA 168 -45.19 -15.89 115.30
C ALA VA 168 -45.13 -15.52 116.78
N SER VA 169 -45.81 -14.44 117.16
CA SER VA 169 -45.83 -14.06 118.57
C SER VA 169 -46.62 -15.04 119.41
N LEU VA 170 -47.69 -15.62 118.87
CA LEU VA 170 -48.49 -16.60 119.60
C LEU VA 170 -47.86 -17.99 119.61
N GLY VA 171 -46.80 -18.21 118.85
CA GLY VA 171 -46.15 -19.51 118.83
C GLY VA 171 -46.78 -20.52 117.91
N ILE VA 172 -47.71 -20.11 117.06
CA ILE VA 172 -48.38 -21.03 116.16
C ILE VA 172 -47.40 -21.57 115.14
N GLU VA 173 -47.63 -22.82 114.71
CA GLU VA 173 -46.78 -23.44 113.71
C GLU VA 173 -46.93 -22.73 112.36
N LEU VA 174 -45.81 -22.64 111.64
CA LEU VA 174 -45.80 -21.92 110.37
C LEU VA 174 -46.73 -22.58 109.34
N LYS VA 175 -46.59 -23.90 109.18
CA LYS VA 175 -47.41 -24.62 108.21
C LYS VA 175 -48.88 -24.54 108.57
N LYS VA 176 -49.20 -24.70 109.86
CA LYS VA 176 -50.60 -24.60 110.29
C LYS VA 176 -51.16 -23.22 110.04
N ALA VA 177 -50.39 -22.17 110.34
CA ALA VA 177 -50.86 -20.81 110.12
C ALA VA 177 -51.11 -20.56 108.64
N LEU VA 178 -50.18 -21.01 107.78
CA LEU VA 178 -50.39 -20.85 106.35
C LEU VA 178 -51.62 -21.60 105.87
N ALA VA 179 -51.81 -22.83 106.35
CA ALA VA 179 -52.98 -23.61 105.94
C ALA VA 179 -54.26 -22.94 106.36
N HIS VA 180 -54.32 -22.44 107.60
CA HIS VA 180 -55.53 -21.79 108.09
C HIS VA 180 -55.81 -20.51 107.32
N TYR VA 181 -54.79 -19.68 107.08
CA TYR VA 181 -55.00 -18.43 106.36
C TYR VA 181 -55.46 -18.70 104.92
N LEU VA 182 -54.82 -19.65 104.25
CA LEU VA 182 -55.21 -19.99 102.88
C LEU VA 182 -56.62 -20.55 102.84
N ASP VA 183 -56.97 -21.41 103.80
CA ASP VA 183 -58.32 -21.98 103.84
C ASP VA 183 -59.37 -20.90 104.05
N ALA VA 184 -59.13 -19.96 104.97
CA ALA VA 184 -60.09 -18.90 105.21
C ALA VA 184 -60.24 -18.00 103.99
N GLN VA 185 -59.12 -17.62 103.38
CA GLN VA 185 -59.20 -16.76 102.19
C GLN VA 185 -59.91 -17.46 101.05
N THR VA 186 -59.65 -18.76 100.86
CA THR VA 186 -60.33 -19.48 99.80
C THR VA 186 -61.81 -19.67 100.09
N SER VA 187 -62.18 -19.83 101.37
CA SER VA 187 -63.60 -19.88 101.72
C SER VA 187 -64.29 -18.58 101.36
N ASN VA 188 -63.66 -17.45 101.69
CA ASN VA 188 -64.24 -16.16 101.31
C ASN VA 188 -64.32 -16.03 99.79
N MET VA 189 -63.28 -16.48 99.08
CA MET VA 189 -63.28 -16.38 97.62
C MET VA 189 -64.41 -17.22 97.01
N VAL VA 190 -64.60 -18.44 97.51
CA VAL VA 190 -65.63 -19.31 96.92
C VAL VA 190 -67.02 -18.80 97.24
N ILE VA 191 -67.23 -18.26 98.46
CA ILE VA 191 -68.56 -17.72 98.75
C ILE VA 191 -68.82 -16.47 97.93
N ASN VA 192 -67.79 -15.64 97.71
CA ASN VA 192 -67.96 -14.48 96.84
C ASN VA 192 -68.29 -14.91 95.41
N CYS VA 193 -67.60 -15.94 94.91
CA CYS VA 193 -67.86 -16.43 93.56
C CYS VA 193 -69.27 -16.99 93.43
N VAL VA 194 -69.71 -17.75 94.45
CA VAL VA 194 -71.05 -18.33 94.41
C VAL VA 194 -72.12 -17.25 94.52
N LYS VA 195 -71.81 -16.13 95.18
CA LYS VA 195 -72.76 -15.04 95.26
C LYS VA 195 -72.81 -14.24 93.96
N SER VA 196 -71.66 -14.08 93.29
CA SER VA 196 -71.54 -13.10 92.21
C SER VA 196 -71.67 -13.70 90.82
N VAL VA 197 -71.31 -14.96 90.62
CA VAL VA 197 -71.34 -15.52 89.26
C VAL VA 197 -72.74 -15.53 88.66
N PRO VA 198 -73.79 -16.05 89.34
CA PRO VA 198 -73.86 -16.81 90.59
C PRO VA 198 -73.77 -18.32 90.35
N LEU VA 199 -73.36 -19.05 91.38
CA LEU VA 199 -73.31 -20.51 91.33
C LEU VA 199 -74.27 -21.06 92.40
N SER VA 200 -74.24 -22.39 92.57
CA SER VA 200 -75.01 -23.04 93.61
C SER VA 200 -74.11 -23.41 94.78
N GLN VA 201 -74.74 -23.57 95.95
CA GLN VA 201 -74.00 -24.00 97.13
C GLN VA 201 -73.32 -25.34 96.90
N ASN VA 202 -73.92 -26.20 96.08
CA ASN VA 202 -73.28 -27.47 95.74
C ASN VA 202 -71.98 -27.24 94.98
N ASP VA 203 -71.98 -26.31 94.02
CA ASP VA 203 -70.76 -26.01 93.29
C ASP VA 203 -69.71 -25.36 94.19
N GLY VA 204 -70.17 -24.50 95.10
CA GLY VA 204 -69.24 -23.91 96.06
C GLY VA 204 -68.57 -24.95 96.93
N GLN VA 205 -69.36 -25.90 97.43
CA GLN VA 205 -68.79 -27.00 98.22
C GLN VA 205 -67.85 -27.84 97.37
N LYS VA 206 -68.20 -28.08 96.11
CA LYS VA 206 -67.36 -28.89 95.24
C LYS VA 206 -66.01 -28.23 95.01
N ILE VA 207 -66.02 -26.92 94.72
CA ILE VA 207 -64.75 -26.23 94.47
C ILE VA 207 -63.95 -26.08 95.75
N LEU VA 208 -64.63 -25.96 96.90
CA LEU VA 208 -63.90 -25.96 98.17
C LEU VA 208 -63.23 -27.30 98.43
N LEU VA 209 -63.93 -28.40 98.10
CA LEU VA 209 -63.39 -29.73 98.37
C LEU VA 209 -62.31 -30.13 97.37
N SER VA 210 -62.38 -29.64 96.14
CA SER VA 210 -61.45 -30.05 95.09
C SER VA 210 -60.15 -29.27 95.12
N LEU VA 211 -59.99 -28.32 96.03
CA LEU VA 211 -58.78 -27.51 96.12
C LEU VA 211 -57.83 -27.97 97.22
N GLN VA 212 -58.07 -29.15 97.80
CA GLN VA 212 -57.24 -29.61 98.91
C GLN VA 212 -55.81 -29.89 98.47
N SER VA 213 -55.64 -30.61 97.36
CA SER VA 213 -54.30 -30.89 96.86
C SER VA 213 -53.55 -29.63 96.46
N PRO VA 214 -54.14 -28.68 95.71
CA PRO VA 214 -53.41 -27.42 95.46
C PRO VA 214 -53.03 -26.67 96.73
N PHE VA 215 -53.83 -26.79 97.79
CA PHE VA 215 -53.46 -26.16 99.05
C PHE VA 215 -52.15 -26.72 99.58
N ASN VA 216 -52.03 -28.06 99.60
CA ASN VA 216 -50.81 -28.70 100.06
C ASN VA 216 -49.64 -28.34 99.16
N GLN VA 217 -49.87 -28.30 97.85
CA GLN VA 217 -48.78 -27.95 96.92
C GLN VA 217 -48.31 -26.52 97.14
N LEU VA 218 -49.25 -25.59 97.36
CA LEU VA 218 -48.89 -24.20 97.61
C LEU VA 218 -48.12 -24.06 98.92
N ILE VA 219 -48.54 -24.78 99.96
CA ILE VA 219 -47.82 -24.73 101.23
C ILE VA 219 -46.41 -25.28 101.07
N GLU VA 220 -46.27 -26.37 100.30
CA GLU VA 220 -44.94 -26.92 100.05
C GLU VA 220 -44.08 -25.95 99.27
N LYS VA 221 -44.65 -25.25 98.29
CA LYS VA 221 -43.90 -24.25 97.55
C LYS VA 221 -43.45 -23.12 98.46
N THR VA 222 -44.34 -22.62 99.31
CA THR VA 222 -43.97 -21.58 100.25
C THR VA 222 -42.90 -22.06 101.23
N LEU VA 223 -42.91 -23.36 101.54
CA LEU VA 223 -41.89 -23.92 102.43
C LEU VA 223 -40.49 -23.84 101.84
N GLU VA 224 -40.35 -23.60 100.54
CA GLU VA 224 -39.05 -23.46 99.92
C GLU VA 224 -38.86 -22.13 99.20
N LEU VA 225 -39.86 -21.25 99.20
CA LEU VA 225 -39.71 -19.94 98.59
C LEU VA 225 -38.74 -19.07 99.40
N ASP VA 226 -38.52 -17.85 98.92
CA ASP VA 226 -37.59 -16.93 99.56
C ASP VA 226 -38.04 -15.50 99.28
N GLU VA 227 -37.31 -14.54 99.86
CA GLU VA 227 -37.68 -13.13 99.73
C GLU VA 227 -37.46 -12.59 98.32
N SER VA 228 -36.66 -13.27 97.50
CA SER VA 228 -36.42 -12.79 96.14
C SER VA 228 -37.69 -12.82 95.30
N HIS VA 229 -38.62 -13.71 95.63
CA HIS VA 229 -39.86 -13.85 94.88
C HIS VA 229 -41.00 -13.00 95.46
N LEU VA 230 -40.71 -12.20 96.49
CA LEU VA 230 -41.76 -11.42 97.14
C LEU VA 230 -42.42 -10.45 96.16
N CYS VA 231 -43.75 -10.42 96.19
CA CYS VA 231 -44.54 -9.52 95.34
C CYS VA 231 -44.20 -9.68 93.86
N THR VA 232 -44.13 -10.95 93.43
CA THR VA 232 -43.95 -11.23 92.01
C THR VA 232 -45.11 -10.67 91.23
N ALA VA 233 -44.80 -9.93 90.16
CA ALA VA 233 -45.80 -9.14 89.45
C ALA VA 233 -46.72 -10.06 88.65
N SER VA 234 -47.95 -10.21 89.12
CA SER VA 234 -49.00 -10.79 88.30
C SER VA 234 -49.47 -9.75 87.28
N VAL VA 235 -49.90 -10.23 86.12
CA VAL VA 235 -50.20 -9.31 85.02
C VAL VA 235 -51.70 -9.15 84.83
N GLN VA 236 -52.38 -10.23 84.46
CA GLN VA 236 -53.81 -10.13 84.16
C GLN VA 236 -54.61 -9.85 85.42
N ASN VA 237 -54.21 -10.42 86.55
CA ASN VA 237 -54.89 -10.16 87.80
C ASN VA 237 -54.81 -8.68 88.16
N ASP VA 238 -53.62 -8.08 88.04
CA ASP VA 238 -53.47 -6.66 88.34
C ASP VA 238 -54.23 -5.80 87.34
N ILE VA 239 -54.23 -6.19 86.07
CA ILE VA 239 -54.97 -5.43 85.06
C ILE VA 239 -56.46 -5.44 85.37
N LYS VA 240 -57.00 -6.60 85.74
CA LYS VA 240 -58.42 -6.68 86.09
C LYS VA 240 -58.71 -5.91 87.37
N ALA VA 241 -57.81 -5.96 88.35
CA ALA VA 241 -58.00 -5.20 89.57
C ALA VA 241 -58.03 -3.70 89.29
N MET VA 242 -57.19 -3.22 88.39
CA MET VA 242 -57.19 -1.81 88.05
C MET VA 242 -58.38 -1.44 87.18
N GLN VA 243 -58.87 -2.36 86.35
CA GLN VA 243 -60.08 -2.11 85.57
C GLN VA 243 -61.33 -2.14 86.44
N HIS VA 244 -61.24 -2.74 87.63
CA HIS VA 244 -62.35 -2.71 88.56
C HIS VA 244 -62.78 -1.28 88.89
N GLU VA 245 -61.83 -0.35 88.91
CA GLU VA 245 -62.19 1.06 89.11
C GLU VA 245 -63.02 1.58 87.96
N SER VA 246 -62.68 1.20 86.73
CA SER VA 246 -63.41 1.64 85.54
C SER VA 246 -64.66 0.83 85.27
N LEU VA 247 -64.94 -0.19 86.08
CA LEU VA 247 -66.17 -0.96 85.93
C LEU VA 247 -67.38 -0.06 86.08
N TYR VA 248 -68.46 -0.40 85.37
CA TYR VA 248 -69.68 0.40 85.40
C TYR VA 248 -70.27 0.45 86.80
N SER VA 249 -70.71 -0.69 87.32
CA SER VA 249 -71.26 -0.79 88.66
C SER VA 249 -70.42 -1.77 89.46
N ARG VA 250 -69.97 -1.34 90.64
CA ARG VA 250 -69.07 -2.13 91.49
C ARG VA 250 -69.87 -2.66 92.68
N LEU VA 251 -70.20 -3.95 92.65
CA LEU VA 251 -70.84 -4.60 93.77
C LEU VA 251 -69.85 -5.02 94.85
N TYR VA 252 -68.55 -4.89 94.60
CA TYR VA 252 -67.51 -5.22 95.56
C TYR VA 252 -66.60 -4.02 95.77
N MET VA 253 -66.05 -3.92 96.96
CA MET VA 253 -65.20 -2.77 97.31
C MET VA 253 -63.96 -2.72 96.43
N SER VA 254 -63.33 -3.87 96.21
CA SER VA 254 -62.10 -3.91 95.42
C SER VA 254 -62.17 -5.00 94.36
#